data_6AZ0
#
_entry.id   6AZ0
#
_cell.length_a   1
_cell.length_b   1
_cell.length_c   1
_cell.angle_alpha   90.00
_cell.angle_beta   90.00
_cell.angle_gamma   90.00
#
_symmetry.space_group_name_H-M   'P 1'
#
loop_
_entity.id
_entity.type
_entity.pdbx_description
1 polymer 'Mitochondrial inner membrane i-AAA protease supercomplex subunit YME1'
2 polymer poly(UNK)
3 non-polymer "ADENOSINE-5'-TRIPHOSPHATE"
4 non-polymer 'ZINC ION'
5 non-polymer 'MAGNESIUM ION'
6 non-polymer "ADENOSINE-5'-DIPHOSPHATE"
#
loop_
_entity_poly.entity_id
_entity_poly.type
_entity_poly.pdbx_seq_one_letter_code
_entity_poly.pdbx_strand_id
1 'polypeptide(L)'
;KFDDVCGCDEARAELEEIVDFLKDPTKYESLGGKLPKGVLLTGPPGTGKTLLARATAGEAGVDFFFMSGSEFDEVYVGVG
AKRIRDLFAQARSRAPAIIFIDQLDAIGGKRNPKDQAYAKQTLNQLLVELDGFSQTSGIIIIGATNFPEALDKALTRPGR
FDKVVNVDLPDVRGRADILKHHMKKITLADNVDPTIIARGTPGLSGAELANLVNQAAVYACQKNAVSVDMSHFEWAKDKI
LMGAERKTMVLTDAARKATAFHEAGHAIMAKYTNGATPLYKATILPRGRALGITFQLPEMDKVDITKRECQARLDVCMGG
KIAEELIYGKDNTTSGCGSDLQSATGTARAMVTQYGMSDDVGPVNLSEEWESWSNKIRDIADNEVIELLKDSEERARRLL
TKKNVELHRLAQGLIEYETLDAHEIEQVCKGEKLAKLKT
;
A,B,C,D,E,F
2 'polypeptide(L)' (UNK)(UNK)(UNK)(UNK)(UNK)(UNK)(UNK)(UNK)(UNK)(UNK) G
#
# COMPACT_ATOMS: atom_id res chain seq x y z
N LYS A 1 22.48 42.47 16.18
CA LYS A 1 23.63 43.10 15.54
C LYS A 1 24.50 42.04 14.89
N PHE A 2 24.93 42.30 13.65
CA PHE A 2 25.51 41.28 12.78
C PHE A 2 26.72 40.57 13.38
N ASP A 3 27.38 41.15 14.37
CA ASP A 3 28.46 40.45 15.03
C ASP A 3 27.94 39.37 15.96
N ASP A 4 26.65 39.38 16.28
CA ASP A 4 26.06 38.34 17.10
C ASP A 4 25.84 37.06 16.31
N VAL A 5 25.64 37.17 15.00
CA VAL A 5 25.41 35.99 14.18
C VAL A 5 26.75 35.43 13.74
N CYS A 6 27.41 34.70 14.63
CA CYS A 6 28.71 34.13 14.33
C CYS A 6 28.54 32.78 13.64
N GLY A 7 29.44 32.49 12.71
CA GLY A 7 29.24 31.37 11.83
C GLY A 7 28.33 31.77 10.69
N CYS A 8 28.31 30.99 9.61
CA CYS A 8 27.60 31.29 8.37
C CYS A 8 27.80 32.75 7.96
N ASP A 9 29.06 33.08 7.66
CA ASP A 9 29.40 34.44 7.30
C ASP A 9 28.74 34.90 6.01
N GLU A 10 28.47 33.97 5.08
CA GLU A 10 27.94 34.36 3.79
C GLU A 10 26.56 34.99 3.91
N ALA A 11 25.67 34.39 4.70
CA ALA A 11 24.35 34.97 4.91
C ALA A 11 24.46 36.37 5.51
N ARG A 12 25.40 36.57 6.43
CA ARG A 12 25.69 37.93 6.91
C ARG A 12 26.02 38.84 5.74
N ALA A 13 26.86 38.38 4.82
CA ALA A 13 27.18 39.16 3.64
C ALA A 13 25.93 39.54 2.86
N GLU A 14 25.05 38.58 2.62
CA GLU A 14 23.92 38.83 1.74
C GLU A 14 22.91 39.78 2.38
N LEU A 15 22.59 39.57 3.66
CA LEU A 15 21.64 40.50 4.28
C LEU A 15 22.25 41.88 4.45
N GLU A 16 23.56 41.97 4.67
CA GLU A 16 24.16 43.29 4.73
C GLU A 16 24.11 43.97 3.37
N GLU A 17 24.21 43.19 2.29
CA GLU A 17 23.99 43.75 0.96
C GLU A 17 22.53 44.08 0.72
N ILE A 18 21.61 43.52 1.50
CA ILE A 18 20.22 43.91 1.38
C ILE A 18 19.99 45.26 2.05
N VAL A 19 20.55 45.46 3.23
CA VAL A 19 20.51 46.79 3.84
C VAL A 19 21.22 47.79 2.93
N ASP A 20 22.28 47.37 2.25
CA ASP A 20 22.90 48.24 1.28
C ASP A 20 21.98 48.52 0.10
N PHE A 21 21.20 47.54 -0.33
CA PHE A 21 20.15 47.78 -1.33
C PHE A 21 19.24 48.90 -0.91
N LEU A 22 18.66 48.79 0.29
CA LEU A 22 17.73 49.84 0.73
C LEU A 22 18.43 51.18 0.89
N LYS A 23 19.71 51.18 1.28
CA LYS A 23 20.35 52.44 1.60
C LYS A 23 20.84 53.19 0.37
N ASP A 24 21.70 52.56 -0.43
CA ASP A 24 22.30 53.21 -1.60
C ASP A 24 21.83 52.47 -2.86
N PRO A 25 20.58 52.65 -3.26
CA PRO A 25 20.03 51.86 -4.37
C PRO A 25 20.72 52.11 -5.70
N THR A 26 20.89 53.37 -6.10
CA THR A 26 21.31 53.67 -7.47
C THR A 26 22.73 53.22 -7.78
N LYS A 27 23.52 52.83 -6.77
CA LYS A 27 24.86 52.35 -7.00
C LYS A 27 24.87 50.92 -7.55
N TYR A 28 23.71 50.34 -7.81
CA TYR A 28 23.59 48.97 -8.25
C TYR A 28 22.81 48.79 -9.54
N GLU A 29 22.46 49.86 -10.24
CA GLU A 29 21.85 49.78 -11.56
C GLU A 29 22.70 50.46 -12.61
N SER A 30 23.96 50.79 -12.28
CA SER A 30 24.82 51.46 -13.23
C SER A 30 25.21 50.58 -14.41
N LEU A 31 24.93 49.28 -14.35
CA LEU A 31 25.11 48.41 -15.49
C LEU A 31 23.78 47.95 -16.07
N GLY A 32 22.67 48.50 -15.61
CA GLY A 32 21.36 48.17 -16.13
C GLY A 32 20.58 47.15 -15.34
N GLY A 33 21.26 46.27 -14.60
CA GLY A 33 20.56 45.25 -13.85
C GLY A 33 19.69 45.81 -12.75
N LYS A 34 18.83 44.95 -12.20
CA LYS A 34 17.89 45.36 -11.18
C LYS A 34 17.92 44.38 -10.00
N LEU A 35 17.75 44.92 -8.80
CA LEU A 35 17.89 44.19 -7.55
C LEU A 35 16.59 43.55 -7.12
N PRO A 36 16.65 42.46 -6.34
CA PRO A 36 15.46 41.67 -6.07
C PRO A 36 14.57 42.28 -4.99
N LYS A 37 13.31 41.89 -5.01
CA LYS A 37 12.34 42.42 -4.06
C LYS A 37 12.30 41.63 -2.76
N GLY A 38 12.24 40.30 -2.85
CA GLY A 38 12.02 39.49 -1.66
C GLY A 38 12.95 38.31 -1.52
N VAL A 39 13.41 38.06 -0.29
CA VAL A 39 14.39 37.03 0.01
C VAL A 39 13.74 35.95 0.87
N LEU A 40 14.31 34.75 0.82
CA LEU A 40 13.72 33.57 1.45
C LEU A 40 14.81 32.84 2.21
N LEU A 41 14.81 32.97 3.53
CA LEU A 41 15.76 32.26 4.38
C LEU A 41 15.31 30.83 4.60
N THR A 42 16.21 29.88 4.40
CA THR A 42 15.94 28.47 4.58
C THR A 42 16.87 27.93 5.67
N GLY A 43 16.87 26.62 5.85
CA GLY A 43 17.81 26.00 6.75
C GLY A 43 17.16 25.25 7.90
N PRO A 44 17.87 24.26 8.42
CA PRO A 44 17.30 23.36 9.42
C PRO A 44 16.90 24.08 10.69
N PRO A 45 16.30 23.38 11.65
CA PRO A 45 15.81 24.04 12.87
C PRO A 45 16.96 24.60 13.70
N GLY A 46 16.77 25.82 14.20
CA GLY A 46 17.73 26.41 15.11
C GLY A 46 19.10 26.62 14.54
N THR A 47 19.25 27.44 13.50
CA THR A 47 20.55 27.74 12.92
C THR A 47 20.78 29.21 12.67
N GLY A 48 19.78 30.06 12.88
CA GLY A 48 20.01 31.49 12.82
C GLY A 48 19.05 32.29 11.98
N LYS A 49 17.92 31.71 11.58
CA LYS A 49 16.99 32.43 10.74
C LYS A 49 16.36 33.60 11.48
N THR A 50 15.63 33.33 12.56
CA THR A 50 15.05 34.43 13.33
C THR A 50 16.12 35.33 13.92
N LEU A 51 17.28 34.77 14.23
CA LEU A 51 18.38 35.58 14.73
C LEU A 51 18.84 36.57 13.68
N LEU A 52 19.02 36.11 12.43
CA LEU A 52 19.35 37.05 11.36
C LEU A 52 18.24 38.06 11.14
N ALA A 53 16.98 37.66 11.35
CA ALA A 53 15.89 38.62 11.26
C ALA A 53 16.09 39.76 12.26
N ARG A 54 16.34 39.43 13.53
CA ARG A 54 16.61 40.49 14.50
C ARG A 54 17.87 41.26 14.14
N ALA A 55 18.85 40.57 13.57
CA ALA A 55 20.11 41.22 13.20
C ALA A 55 19.89 42.30 12.13
N THR A 56 18.98 42.08 11.19
CA THR A 56 18.58 43.15 10.30
C THR A 56 17.69 44.16 10.99
N ALA A 57 16.94 43.75 12.01
CA ALA A 57 16.12 44.69 12.76
C ALA A 57 16.97 45.77 13.41
N GLY A 58 18.14 45.39 13.92
CA GLY A 58 19.01 46.35 14.57
C GLY A 58 20.03 46.99 13.65
N GLU A 59 20.72 46.15 12.87
CA GLU A 59 21.73 46.66 11.95
C GLU A 59 21.10 47.53 10.87
N ALA A 60 19.83 47.29 10.54
CA ALA A 60 19.22 47.99 9.41
C ALA A 60 19.04 49.47 9.70
N GLY A 61 18.63 49.82 10.91
CA GLY A 61 18.35 51.22 11.22
C GLY A 61 17.25 51.80 10.36
N VAL A 62 16.15 51.04 10.18
CA VAL A 62 15.05 51.44 9.32
C VAL A 62 13.78 50.82 9.90
N ASP A 63 12.63 51.27 9.38
CA ASP A 63 11.36 50.72 9.82
C ASP A 63 11.30 49.23 9.53
N PHE A 64 10.83 48.46 10.52
CA PHE A 64 10.84 47.01 10.42
C PHE A 64 9.50 46.48 10.90
N PHE A 65 8.88 45.61 10.10
CA PHE A 65 7.55 45.08 10.39
C PHE A 65 7.62 43.56 10.32
N PHE A 66 7.15 42.90 11.38
CA PHE A 66 7.16 41.45 11.44
C PHE A 66 5.78 40.94 11.82
N MET A 67 5.45 39.75 11.32
CA MET A 67 4.21 39.07 11.64
C MET A 67 4.37 37.59 11.31
N SER A 68 4.14 36.74 12.29
CA SER A 68 4.34 35.31 12.16
C SER A 68 3.34 34.73 11.15
N GLY A 69 3.65 33.54 10.67
CA GLY A 69 2.85 32.95 9.61
C GLY A 69 1.47 32.51 10.03
N SER A 70 1.29 32.01 11.25
CA SER A 70 0.02 31.48 11.69
C SER A 70 -0.83 32.51 12.42
N GLU A 71 -0.50 33.79 12.29
CA GLU A 71 -1.21 34.83 13.01
C GLU A 71 -2.14 35.62 12.10
N PHE A 72 -2.73 34.97 11.10
CA PHE A 72 -3.56 35.61 10.10
C PHE A 72 -5.01 35.15 10.11
N ASP A 73 -5.24 33.85 10.19
CA ASP A 73 -6.57 33.28 10.05
C ASP A 73 -7.21 33.11 11.42
N GLU A 74 -8.45 33.60 11.55
CA GLU A 74 -9.25 33.23 12.71
C GLU A 74 -10.67 32.91 12.28
N VAL A 75 -11.58 32.78 13.25
CA VAL A 75 -12.87 32.14 13.07
C VAL A 75 -13.68 32.66 11.90
N TYR A 76 -13.50 33.90 11.49
CA TYR A 76 -14.30 34.45 10.41
C TYR A 76 -13.57 34.31 9.09
N VAL A 77 -14.23 34.74 8.02
CA VAL A 77 -13.73 34.53 6.66
C VAL A 77 -13.19 35.85 6.13
N GLY A 78 -12.21 35.77 5.24
CA GLY A 78 -11.60 36.94 4.65
C GLY A 78 -10.72 37.74 5.57
N VAL A 79 -10.37 37.21 6.75
CA VAL A 79 -9.56 37.97 7.70
C VAL A 79 -8.10 37.95 7.30
N GLY A 80 -7.63 36.85 6.70
CA GLY A 80 -6.22 36.76 6.32
C GLY A 80 -5.81 37.83 5.32
N ALA A 81 -6.46 37.84 4.15
CA ALA A 81 -6.16 38.85 3.15
C ALA A 81 -6.41 40.26 3.67
N LYS A 82 -7.37 40.40 4.59
CA LYS A 82 -7.56 41.67 5.28
C LYS A 82 -6.27 42.10 5.97
N ARG A 83 -5.77 41.27 6.88
CA ARG A 83 -4.62 41.66 7.67
C ARG A 83 -3.35 41.78 6.84
N ILE A 84 -3.27 41.05 5.72
CA ILE A 84 -2.14 41.25 4.82
C ILE A 84 -2.25 42.61 4.14
N ARG A 85 -3.45 42.95 3.64
CA ARG A 85 -3.67 44.28 3.08
C ARG A 85 -3.27 45.36 4.05
N ASP A 86 -3.62 45.20 5.32
CA ASP A 86 -3.28 46.22 6.30
C ASP A 86 -1.81 46.21 6.65
N LEU A 87 -1.16 45.05 6.58
CA LEU A 87 0.28 44.98 6.80
C LEU A 87 1.03 45.79 5.74
N PHE A 88 0.82 45.45 4.46
CA PHE A 88 1.44 46.24 3.40
C PHE A 88 0.97 47.68 3.41
N ALA A 89 -0.24 47.95 3.91
CA ALA A 89 -0.69 49.33 4.05
C ALA A 89 0.19 50.10 5.02
N GLN A 90 0.51 49.51 6.17
CA GLN A 90 1.46 50.14 7.06
C GLN A 90 2.83 50.28 6.42
N ALA A 91 3.25 49.25 5.66
CA ALA A 91 4.58 49.25 5.05
C ALA A 91 4.74 50.41 4.08
N ARG A 92 3.91 50.47 3.05
CA ARG A 92 3.98 51.59 2.11
C ARG A 92 3.67 52.90 2.81
N SER A 93 2.87 52.85 3.88
CA SER A 93 2.51 54.07 4.60
C SER A 93 3.73 54.75 5.18
N ARG A 94 4.43 54.08 6.11
CA ARG A 94 5.40 54.79 6.94
C ARG A 94 6.61 55.22 6.14
N ALA A 95 7.34 54.28 5.56
CA ALA A 95 8.59 54.66 4.92
C ALA A 95 9.13 53.50 4.08
N PRO A 96 10.29 53.64 3.45
CA PRO A 96 10.97 52.47 2.88
C PRO A 96 11.42 51.56 4.01
N ALA A 97 10.73 50.44 4.17
CA ALA A 97 10.91 49.58 5.32
C ALA A 97 10.97 48.14 4.86
N ILE A 98 11.09 47.22 5.81
CA ILE A 98 11.21 45.80 5.53
C ILE A 98 10.08 45.06 6.23
N ILE A 99 9.48 44.11 5.52
CA ILE A 99 8.46 43.25 6.09
C ILE A 99 9.10 41.90 6.40
N PHE A 100 8.67 41.28 7.48
CA PHE A 100 9.21 39.99 7.91
C PHE A 100 8.08 39.06 8.27
N ILE A 101 8.04 37.91 7.60
CA ILE A 101 7.06 36.86 7.88
C ILE A 101 7.81 35.64 8.38
N ASP A 102 7.54 35.27 9.62
CA ASP A 102 8.15 34.09 10.22
C ASP A 102 7.14 32.95 10.18
N GLN A 103 7.66 31.74 9.99
CA GLN A 103 6.81 30.56 9.81
C GLN A 103 5.96 30.73 8.56
N LEU A 104 6.65 31.05 7.45
CA LEU A 104 5.94 31.41 6.22
C LEU A 104 5.13 30.25 5.66
N ASP A 105 5.63 29.01 5.79
CA ASP A 105 4.93 27.87 5.20
C ASP A 105 3.60 27.58 5.89
N ALA A 106 3.27 28.32 6.94
CA ALA A 106 1.91 28.28 7.46
C ALA A 106 0.90 28.76 6.44
N ILE A 107 1.21 29.84 5.71
CA ILE A 107 0.25 30.40 4.77
C ILE A 107 0.67 30.07 3.34
N GLY A 108 1.96 30.13 3.07
CA GLY A 108 2.46 29.83 1.74
C GLY A 108 2.67 28.37 1.46
N GLY A 109 1.97 27.49 2.17
CA GLY A 109 2.16 26.07 1.96
C GLY A 109 1.78 25.67 0.54
N LYS A 110 2.25 24.50 0.13
CA LYS A 110 1.93 23.99 -1.19
C LYS A 110 0.42 23.82 -1.32
N ARG A 111 -0.13 24.23 -2.46
CA ARG A 111 -1.56 24.08 -2.66
C ARG A 111 -1.90 22.65 -3.06
N ASN A 112 -2.50 21.92 -2.14
CA ASN A 112 -2.92 20.55 -2.40
C ASN A 112 -4.31 20.57 -3.02
N PRO A 113 -4.70 19.55 -3.78
CA PRO A 113 -6.03 19.59 -4.39
C PRO A 113 -7.11 19.11 -3.45
N LYS A 114 -6.73 18.41 -2.39
CA LYS A 114 -7.70 17.60 -1.65
C LYS A 114 -8.72 18.48 -0.93
N ASP A 115 -8.27 19.26 0.04
CA ASP A 115 -9.20 19.83 1.02
C ASP A 115 -9.22 21.34 1.05
N GLN A 116 -8.69 22.02 0.03
CA GLN A 116 -8.79 23.47 0.00
C GLN A 116 -10.24 23.90 -0.17
N ALA A 117 -10.71 24.75 0.74
CA ALA A 117 -12.01 25.39 0.56
C ALA A 117 -11.82 26.89 0.39
N TYR A 118 -11.23 27.54 1.41
CA TYR A 118 -10.92 28.96 1.37
C TYR A 118 -9.48 29.25 1.75
N ALA A 119 -8.61 28.25 1.66
CA ALA A 119 -7.24 28.41 2.13
C ALA A 119 -6.52 29.50 1.34
N LYS A 120 -6.31 29.26 0.04
CA LYS A 120 -5.51 30.16 -0.77
C LYS A 120 -6.13 31.55 -0.88
N GLN A 121 -7.39 31.70 -0.46
CA GLN A 121 -8.03 33.01 -0.36
C GLN A 121 -7.21 34.00 0.45
N THR A 122 -6.35 33.53 1.37
CA THR A 122 -5.39 34.44 1.98
C THR A 122 -4.13 34.53 1.12
N LEU A 123 -3.57 33.37 0.75
CA LEU A 123 -2.31 33.32 0.01
C LEU A 123 -2.37 34.15 -1.27
N ASN A 124 -3.48 34.04 -2.01
CA ASN A 124 -3.64 34.82 -3.24
C ASN A 124 -3.42 36.29 -2.99
N GLN A 125 -4.02 36.83 -1.92
CA GLN A 125 -3.84 38.24 -1.59
C GLN A 125 -2.36 38.56 -1.46
N LEU A 126 -1.60 37.71 -0.77
CA LEU A 126 -0.16 37.93 -0.65
C LEU A 126 0.49 38.02 -2.01
N LEU A 127 0.16 37.09 -2.91
CA LEU A 127 0.74 37.11 -4.24
C LEU A 127 0.40 38.42 -4.95
N VAL A 128 -0.84 38.89 -4.77
CA VAL A 128 -1.23 40.17 -5.36
C VAL A 128 -0.31 41.27 -4.85
N GLU A 129 -0.02 41.27 -3.55
CA GLU A 129 0.87 42.28 -2.99
C GLU A 129 2.24 42.22 -3.63
N LEU A 130 2.72 41.00 -3.93
CA LEU A 130 4.06 40.89 -4.49
C LEU A 130 4.08 41.33 -5.95
N ASP A 131 2.90 41.42 -6.57
CA ASP A 131 2.84 42.02 -7.90
C ASP A 131 2.47 43.48 -7.81
N GLY A 132 2.03 43.93 -6.64
CA GLY A 132 1.87 45.35 -6.41
C GLY A 132 3.17 46.08 -6.24
N PHE A 133 4.28 45.34 -6.15
CA PHE A 133 5.62 45.92 -6.02
C PHE A 133 6.53 45.54 -7.17
N SER A 134 6.03 45.60 -8.42
CA SER A 134 6.92 45.51 -9.57
C SER A 134 7.74 46.79 -9.71
N GLN A 135 7.28 47.87 -9.09
CA GLN A 135 8.04 49.11 -9.05
C GLN A 135 8.87 49.18 -7.77
N THR A 136 9.42 50.36 -7.50
CA THR A 136 10.23 50.59 -6.31
C THR A 136 9.43 51.43 -5.31
N SER A 137 9.42 50.99 -4.05
CA SER A 137 8.84 51.75 -2.96
C SER A 137 9.70 51.67 -1.70
N GLY A 138 10.96 51.30 -1.85
CA GLY A 138 11.82 51.16 -0.69
C GLY A 138 11.41 50.05 0.24
N ILE A 139 10.58 49.12 -0.24
CA ILE A 139 10.07 48.01 0.56
C ILE A 139 10.72 46.72 0.09
N ILE A 140 11.21 45.93 1.04
CA ILE A 140 11.74 44.61 0.80
C ILE A 140 11.09 43.66 1.80
N ILE A 141 10.90 42.40 1.40
CA ILE A 141 10.19 41.42 2.19
C ILE A 141 11.06 40.20 2.41
N ILE A 142 11.15 39.75 3.66
CA ILE A 142 11.97 38.62 4.07
C ILE A 142 11.05 37.52 4.57
N GLY A 143 11.24 36.30 4.08
CA GLY A 143 10.42 35.19 4.52
C GLY A 143 11.24 33.98 4.91
N ALA A 144 11.09 33.52 6.14
CA ALA A 144 11.90 32.43 6.67
C ALA A 144 11.06 31.18 6.87
N THR A 145 11.58 30.05 6.38
CA THR A 145 10.99 28.74 6.62
C THR A 145 12.10 27.71 6.68
N ASN A 146 11.75 26.53 7.17
CA ASN A 146 12.65 25.39 7.16
C ASN A 146 12.11 24.22 6.35
N PHE A 147 11.06 24.44 5.55
CA PHE A 147 10.56 23.46 4.58
C PHE A 147 10.46 24.12 3.22
N PRO A 148 11.59 24.53 2.62
CA PRO A 148 11.50 25.23 1.33
C PRO A 148 10.94 24.38 0.21
N GLU A 149 10.94 23.06 0.36
CA GLU A 149 10.36 22.17 -0.64
C GLU A 149 8.84 22.21 -0.62
N ALA A 150 8.23 22.35 0.55
CA ALA A 150 6.78 22.29 0.68
C ALA A 150 6.09 23.63 0.48
N LEU A 151 6.82 24.66 0.05
CA LEU A 151 6.14 25.89 -0.29
C LEU A 151 5.38 25.76 -1.60
N ASP A 152 4.68 26.83 -1.95
CA ASP A 152 4.07 26.90 -3.27
C ASP A 152 5.07 27.40 -4.30
N LYS A 153 5.03 26.82 -5.49
CA LYS A 153 5.99 27.17 -6.53
C LYS A 153 5.88 28.61 -6.98
N ALA A 154 4.68 29.22 -6.89
CA ALA A 154 4.51 30.61 -7.29
C ALA A 154 5.37 31.56 -6.46
N LEU A 155 5.75 31.16 -5.25
CA LEU A 155 6.61 32.00 -4.43
C LEU A 155 8.07 31.90 -4.81
N THR A 156 8.39 31.11 -5.85
CA THR A 156 9.76 31.00 -6.34
C THR A 156 9.93 31.65 -7.72
N ARG A 157 9.22 32.74 -7.99
CA ARG A 157 9.42 33.41 -9.27
C ARG A 157 9.92 34.83 -9.06
N PRO A 158 10.68 35.35 -10.02
CA PRO A 158 11.27 36.68 -9.87
C PRO A 158 10.22 37.75 -9.72
N GLY A 159 10.54 38.77 -8.94
CA GLY A 159 9.60 39.76 -8.46
C GLY A 159 8.99 39.31 -7.14
N ARG A 160 8.81 38.01 -7.00
CA ARG A 160 8.36 37.35 -5.78
C ARG A 160 9.58 36.92 -4.99
N PHE A 161 9.42 36.02 -4.02
CA PHE A 161 10.55 35.54 -3.24
C PHE A 161 11.53 34.83 -4.17
N ASP A 162 12.64 35.49 -4.49
CA ASP A 162 13.55 35.02 -5.51
C ASP A 162 14.95 34.74 -4.99
N LYS A 163 15.42 35.48 -4.01
CA LYS A 163 16.78 35.36 -3.49
C LYS A 163 16.72 34.45 -2.26
N VAL A 164 17.11 33.20 -2.44
CA VAL A 164 17.16 32.25 -1.33
C VAL A 164 18.47 32.44 -0.60
N VAL A 165 18.46 32.17 0.71
CA VAL A 165 19.65 32.29 1.56
C VAL A 165 19.75 31.02 2.39
N ASN A 166 20.67 30.14 2.04
CA ASN A 166 20.74 28.79 2.60
C ASN A 166 21.58 28.80 3.87
N VAL A 167 20.93 29.05 5.00
CA VAL A 167 21.60 28.95 6.30
C VAL A 167 21.77 27.48 6.64
N ASP A 168 23.01 27.01 6.64
CA ASP A 168 23.34 25.61 6.86
C ASP A 168 24.01 25.45 8.22
N LEU A 169 24.10 24.20 8.68
CA LEU A 169 24.70 23.92 9.97
C LEU A 169 26.18 24.31 9.97
N PRO A 170 26.66 24.94 11.04
CA PRO A 170 28.06 25.38 11.05
C PRO A 170 29.02 24.21 11.09
N ASP A 171 30.15 24.39 10.41
CA ASP A 171 31.24 23.45 10.42
C ASP A 171 32.08 23.67 11.67
N VAL A 172 33.26 23.06 11.75
CA VAL A 172 34.01 23.00 13.02
C VAL A 172 34.37 24.39 13.49
N ARG A 173 35.04 25.19 12.65
CA ARG A 173 35.41 26.52 13.07
C ARG A 173 34.20 27.41 13.26
N GLY A 174 33.07 27.08 12.61
CA GLY A 174 31.82 27.72 12.97
C GLY A 174 31.40 27.40 14.39
N ARG A 175 31.52 26.13 14.78
CA ARG A 175 31.16 25.74 16.14
C ARG A 175 32.06 26.43 17.16
N ALA A 176 33.36 26.44 16.92
CA ALA A 176 34.27 27.14 17.83
C ALA A 176 33.94 28.62 17.90
N ASP A 177 33.59 29.23 16.77
CA ASP A 177 33.22 30.63 16.77
C ASP A 177 31.98 30.89 17.62
N ILE A 178 30.93 30.08 17.43
CA ILE A 178 29.69 30.27 18.17
C ILE A 178 29.92 30.07 19.65
N LEU A 179 30.66 29.03 20.03
CA LEU A 179 31.04 28.82 21.42
C LEU A 179 31.77 30.03 21.98
N LYS A 180 32.64 30.65 21.19
CA LYS A 180 33.31 31.85 21.69
C LYS A 180 32.30 32.96 21.96
N HIS A 181 31.43 33.23 21.00
CA HIS A 181 30.47 34.32 21.19
C HIS A 181 29.58 34.11 22.40
N HIS A 182 29.15 32.87 22.65
CA HIS A 182 28.31 32.66 23.83
C HIS A 182 29.12 32.64 25.12
N MET A 183 30.37 32.17 25.07
CA MET A 183 31.25 32.29 26.23
C MET A 183 31.58 33.73 26.57
N LYS A 184 31.37 34.66 25.64
CA LYS A 184 31.61 36.08 25.92
C LYS A 184 30.78 36.62 27.07
N LYS A 185 29.70 35.96 27.49
CA LYS A 185 28.90 36.46 28.61
C LYS A 185 28.79 35.48 29.78
N ILE A 186 29.88 34.81 30.14
CA ILE A 186 29.97 34.05 31.39
C ILE A 186 31.38 34.20 31.93
N THR A 187 31.61 33.69 33.14
CA THR A 187 32.90 33.87 33.82
C THR A 187 33.76 32.63 33.61
N LEU A 188 34.76 32.74 32.75
CA LEU A 188 35.52 31.59 32.27
C LEU A 188 36.79 31.36 33.06
N ALA A 189 37.33 30.15 32.92
CA ALA A 189 38.64 29.80 33.41
C ALA A 189 39.66 30.13 32.34
N ASP A 190 40.89 29.62 32.49
CA ASP A 190 41.96 29.96 31.57
C ASP A 190 42.49 28.77 30.77
N ASN A 191 42.02 27.56 31.04
CA ASN A 191 42.37 26.39 30.24
C ASN A 191 41.27 26.04 29.23
N VAL A 192 40.33 26.95 29.00
CA VAL A 192 39.18 26.67 28.14
C VAL A 192 39.68 26.63 26.70
N ASP A 193 39.66 25.44 26.10
CA ASP A 193 40.02 25.27 24.70
C ASP A 193 38.75 25.00 23.91
N PRO A 194 38.12 26.03 23.33
CA PRO A 194 36.88 25.80 22.57
C PRO A 194 37.03 24.84 21.42
N THR A 195 38.22 24.77 20.81
CA THR A 195 38.40 23.87 19.67
C THR A 195 38.30 22.41 20.10
N ILE A 196 38.56 22.11 21.37
CA ILE A 196 38.42 20.74 21.82
C ILE A 196 36.94 20.36 21.89
N ILE A 197 36.12 21.27 22.41
CA ILE A 197 34.68 21.03 22.41
C ILE A 197 34.16 20.92 20.98
N ALA A 198 34.50 21.89 20.13
CA ALA A 198 34.02 21.89 18.76
C ALA A 198 34.45 20.64 18.00
N ARG A 199 35.67 20.17 18.26
CA ARG A 199 36.09 18.89 17.71
C ARG A 199 35.23 17.75 18.23
N GLY A 200 34.91 17.79 19.52
CA GLY A 200 34.29 16.63 20.14
C GLY A 200 32.84 16.45 19.78
N THR A 201 32.18 17.52 19.34
CA THR A 201 30.74 17.49 19.16
C THR A 201 30.36 17.70 17.70
N PRO A 202 30.55 16.73 16.83
CA PRO A 202 30.25 16.93 15.41
C PRO A 202 28.77 16.84 15.10
N GLY A 203 28.16 17.93 14.69
CA GLY A 203 26.79 17.91 14.21
C GLY A 203 25.81 18.82 14.90
N LEU A 204 26.23 19.53 15.95
CA LEU A 204 25.29 20.37 16.68
C LEU A 204 25.07 21.68 15.94
N SER A 205 24.11 22.46 16.45
CA SER A 205 23.76 23.74 15.86
C SER A 205 24.06 24.86 16.86
N GLY A 206 23.67 26.08 16.51
CA GLY A 206 23.93 27.21 17.38
C GLY A 206 23.18 27.13 18.68
N ALA A 207 21.88 26.84 18.59
CA ALA A 207 21.05 26.76 19.79
C ALA A 207 21.53 25.67 20.73
N GLU A 208 21.99 24.53 20.19
CA GLU A 208 22.53 23.49 21.04
C GLU A 208 23.81 23.92 21.72
N LEU A 209 24.64 24.69 21.06
CA LEU A 209 25.87 25.15 21.71
C LEU A 209 25.57 26.14 22.81
N ALA A 210 24.67 27.09 22.56
CA ALA A 210 24.23 28.00 23.61
C ALA A 210 23.64 27.23 24.79
N ASN A 211 22.86 26.19 24.51
CA ASN A 211 22.36 25.32 25.57
C ASN A 211 23.49 24.69 26.35
N LEU A 212 24.52 24.21 25.66
CA LEU A 212 25.64 23.57 26.35
C LEU A 212 26.34 24.54 27.30
N VAL A 213 26.63 25.74 26.82
CA VAL A 213 27.28 26.74 27.66
C VAL A 213 26.42 27.09 28.87
N ASN A 214 25.11 27.22 28.66
CA ASN A 214 24.25 27.55 29.79
C ASN A 214 24.21 26.42 30.82
N GLN A 215 24.10 25.18 30.34
CA GLN A 215 24.10 24.03 31.24
C GLN A 215 25.37 24.00 32.08
N ALA A 216 26.53 24.16 31.44
CA ALA A 216 27.77 24.11 32.19
C ALA A 216 27.93 25.29 33.13
N ALA A 217 27.34 26.44 32.78
CA ALA A 217 27.38 27.58 33.70
C ALA A 217 26.59 27.29 34.96
N VAL A 218 25.36 26.82 34.81
CA VAL A 218 24.54 26.55 35.99
C VAL A 218 25.12 25.39 36.79
N TYR A 219 25.77 24.42 36.13
CA TYR A 219 26.43 23.37 36.89
C TYR A 219 27.63 23.89 37.65
N ALA A 220 28.40 24.81 37.05
CA ALA A 220 29.54 25.37 37.77
C ALA A 220 29.09 26.14 38.99
N CYS A 221 28.10 27.03 38.83
CA CYS A 221 27.57 27.74 39.98
C CYS A 221 26.85 26.82 40.95
N GLN A 222 26.50 25.62 40.51
CA GLN A 222 25.90 24.63 41.40
C GLN A 222 26.84 24.27 42.54
N LYS A 223 28.13 24.15 42.26
CA LYS A 223 29.07 23.58 43.22
C LYS A 223 29.94 24.63 43.89
N ASN A 224 29.57 25.90 43.83
CA ASN A 224 30.31 26.96 44.51
C ASN A 224 31.71 27.12 43.96
N ALA A 225 31.92 26.76 42.70
CA ALA A 225 33.20 27.03 42.05
C ALA A 225 33.25 28.50 41.64
N VAL A 226 34.46 29.02 41.50
CA VAL A 226 34.65 30.44 41.23
C VAL A 226 34.65 30.77 39.74
N SER A 227 34.76 29.78 38.87
CA SER A 227 34.77 30.01 37.43
C SER A 227 34.43 28.71 36.73
N VAL A 228 34.56 28.72 35.40
CA VAL A 228 34.12 27.63 34.54
C VAL A 228 35.34 27.05 33.84
N ASP A 229 35.78 25.87 34.27
CA ASP A 229 36.90 25.19 33.64
C ASP A 229 36.39 24.13 32.67
N MET A 230 37.31 23.45 31.98
CA MET A 230 36.93 22.48 30.98
C MET A 230 36.23 21.25 31.54
N SER A 231 36.35 20.98 32.83
CA SER A 231 35.60 19.85 33.39
C SER A 231 34.10 20.13 33.36
N HIS A 232 33.71 21.39 33.52
CA HIS A 232 32.29 21.72 33.44
C HIS A 232 31.77 21.56 32.03
N PHE A 233 32.56 21.96 31.03
CA PHE A 233 32.12 21.83 29.65
C PHE A 233 32.10 20.38 29.19
N GLU A 234 33.07 19.58 29.65
CA GLU A 234 33.02 18.15 29.35
C GLU A 234 31.81 17.51 30.03
N TRP A 235 31.50 17.94 31.25
CA TRP A 235 30.30 17.45 31.93
C TRP A 235 29.06 17.76 31.10
N ALA A 236 28.80 19.04 30.86
CA ALA A 236 27.59 19.44 30.15
C ALA A 236 27.51 18.82 28.77
N LYS A 237 28.63 18.73 28.06
CA LYS A 237 28.58 18.19 26.71
C LYS A 237 28.29 16.70 26.73
N ASP A 238 28.95 15.94 27.59
CA ASP A 238 28.66 14.52 27.67
C ASP A 238 27.25 14.27 28.19
N LYS A 239 26.71 15.17 29.00
CA LYS A 239 25.33 15.02 29.45
C LYS A 239 24.34 15.29 28.33
N ILE A 240 24.57 16.36 27.56
CA ILE A 240 23.67 16.68 26.45
C ILE A 240 23.68 15.56 25.42
N LEU A 241 24.85 14.97 25.17
CA LEU A 241 24.91 13.91 24.17
C LEU A 241 24.34 12.60 24.70
N MET A 242 24.99 12.02 25.70
CA MET A 242 24.68 10.67 26.16
C MET A 242 23.52 10.58 27.12
N GLY A 243 23.47 11.44 28.13
CA GLY A 243 22.40 11.43 29.11
C GLY A 243 22.93 11.63 30.52
N ALA A 244 21.98 11.88 31.42
CA ALA A 244 22.34 12.14 32.80
C ALA A 244 22.97 10.91 33.43
N GLU A 245 23.73 11.14 34.50
CA GLU A 245 24.43 10.05 35.18
C GLU A 245 23.49 9.34 36.14
N ARG A 246 23.41 8.03 36.00
CA ARG A 246 22.52 7.23 36.85
C ARG A 246 23.31 6.83 38.10
N LYS A 247 23.29 7.73 39.08
CA LYS A 247 24.09 7.57 40.28
C LYS A 247 23.46 6.63 41.30
N THR A 248 22.15 6.50 41.29
CA THR A 248 21.44 5.70 42.29
C THR A 248 21.59 4.20 42.07
N MET A 249 22.23 3.77 40.98
CA MET A 249 22.37 2.35 40.71
C MET A 249 23.30 1.70 41.71
N VAL A 250 22.93 0.50 42.15
CA VAL A 250 23.81 -0.37 42.92
C VAL A 250 24.14 -1.55 42.03
N LEU A 251 25.42 -1.78 41.80
CA LEU A 251 25.88 -2.79 40.86
C LEU A 251 26.94 -3.67 41.51
N THR A 252 26.78 -4.98 41.34
CA THR A 252 27.66 -5.93 41.97
C THR A 252 29.05 -5.87 41.35
N ASP A 253 30.07 -6.20 42.16
CA ASP A 253 31.44 -6.02 41.72
C ASP A 253 31.84 -6.99 40.60
N ALA A 254 31.14 -8.11 40.47
CA ALA A 254 31.44 -9.03 39.36
C ALA A 254 31.14 -8.39 38.02
N ALA A 255 29.92 -7.87 37.84
CA ALA A 255 29.57 -7.25 36.58
C ALA A 255 30.31 -5.93 36.37
N ARG A 256 30.68 -5.27 37.46
CA ARG A 256 31.54 -4.10 37.34
C ARG A 256 32.90 -4.49 36.76
N LYS A 257 33.44 -5.62 37.21
CA LYS A 257 34.67 -6.13 36.63
C LYS A 257 34.49 -6.46 35.15
N ALA A 258 33.42 -7.17 34.80
CA ALA A 258 33.21 -7.54 33.39
C ALA A 258 33.08 -6.31 32.51
N THR A 259 32.30 -5.33 32.94
CA THR A 259 32.21 -4.07 32.21
C THR A 259 33.58 -3.43 32.06
N ALA A 260 34.40 -3.50 33.11
CA ALA A 260 35.77 -3.01 33.02
C ALA A 260 36.53 -3.69 31.89
N PHE A 261 36.45 -5.01 31.78
CA PHE A 261 37.17 -5.70 30.71
C PHE A 261 36.65 -5.30 29.35
N HIS A 262 35.33 -5.13 29.21
CA HIS A 262 34.76 -4.70 27.93
C HIS A 262 35.34 -3.35 27.51
N GLU A 263 35.31 -2.37 28.41
CA GLU A 263 35.82 -1.06 28.05
C GLU A 263 37.32 -1.06 27.83
N ALA A 264 38.05 -1.89 28.57
CA ALA A 264 39.48 -2.04 28.29
C ALA A 264 39.70 -2.57 26.89
N GLY A 265 38.86 -3.51 26.43
CA GLY A 265 38.96 -3.97 25.06
C GLY A 265 38.75 -2.86 24.06
N HIS A 266 37.68 -2.07 24.23
CA HIS A 266 37.44 -0.98 23.29
C HIS A 266 38.59 0.02 23.29
N ALA A 267 39.10 0.38 24.47
CA ALA A 267 40.12 1.42 24.53
C ALA A 267 41.44 0.93 23.94
N ILE A 268 41.86 -0.28 24.29
CA ILE A 268 43.13 -0.76 23.79
C ILE A 268 43.07 -1.06 22.30
N MET A 269 41.92 -1.50 21.77
CA MET A 269 41.85 -1.69 20.33
C MET A 269 41.96 -0.38 19.57
N ALA A 270 41.44 0.71 20.12
CA ALA A 270 41.46 1.98 19.44
C ALA A 270 42.73 2.78 19.69
N LYS A 271 43.81 2.13 20.11
CA LYS A 271 45.04 2.83 20.44
C LYS A 271 46.27 2.19 19.84
N TYR A 272 46.18 0.93 19.40
CA TYR A 272 47.30 0.26 18.75
C TYR A 272 46.95 -0.17 17.33
N THR A 273 45.92 0.44 16.73
CA THR A 273 45.58 0.21 15.34
C THR A 273 45.86 1.49 14.55
N ASN A 274 46.21 1.32 13.30
CA ASN A 274 46.42 2.47 12.42
C ASN A 274 45.08 3.00 11.93
N GLY A 275 45.01 4.31 11.79
CA GLY A 275 43.82 4.93 11.25
C GLY A 275 42.70 5.14 12.24
N ALA A 276 42.67 4.41 13.34
CA ALA A 276 41.65 4.63 14.35
C ALA A 276 41.71 6.07 14.86
N THR A 277 40.55 6.67 15.03
CA THR A 277 40.47 8.02 15.53
C THR A 277 41.09 8.08 16.92
N PRO A 278 41.82 9.16 17.25
CA PRO A 278 42.62 9.16 18.49
C PRO A 278 41.77 8.97 19.74
N LEU A 279 42.25 8.10 20.62
CA LEU A 279 41.57 7.83 21.88
C LEU A 279 41.49 9.09 22.72
N TYR A 280 40.36 9.29 23.40
CA TYR A 280 40.15 10.49 24.18
C TYR A 280 39.79 10.23 25.64
N LYS A 281 39.00 9.21 25.92
CA LYS A 281 38.60 8.96 27.30
C LYS A 281 37.86 7.65 27.40
N ALA A 282 38.00 6.99 28.55
CA ALA A 282 37.26 5.78 28.89
C ALA A 282 36.64 5.98 30.26
N THR A 283 35.53 5.29 30.52
CA THR A 283 34.80 5.51 31.76
C THR A 283 33.84 4.35 32.01
N ILE A 284 33.43 4.23 33.27
CA ILE A 284 32.49 3.18 33.68
C ILE A 284 31.32 3.84 34.40
N LEU A 285 31.41 5.14 34.61
CA LEU A 285 30.30 5.91 35.17
C LEU A 285 29.05 5.72 34.31
N PRO A 286 28.06 4.98 34.81
CA PRO A 286 26.91 4.64 33.97
C PRO A 286 26.06 5.85 33.63
N ARG A 287 25.65 5.90 32.37
CA ARG A 287 24.79 6.95 31.83
C ARG A 287 23.49 6.33 31.33
N GLY A 288 22.74 7.08 30.53
CA GLY A 288 21.34 6.77 30.24
C GLY A 288 21.01 5.30 30.05
N ARG A 289 21.67 4.63 29.10
CA ARG A 289 21.49 3.20 28.96
C ARG A 289 22.82 2.45 28.89
N ALA A 290 23.85 3.03 28.28
CA ALA A 290 25.11 2.32 28.16
C ALA A 290 25.82 2.25 29.49
N LEU A 291 26.48 1.12 29.74
CA LEU A 291 27.19 0.93 31.00
C LEU A 291 28.56 1.60 30.96
N GLY A 292 29.28 1.46 29.86
CA GLY A 292 30.57 2.11 29.72
C GLY A 292 30.67 2.73 28.34
N ILE A 293 31.48 3.79 28.24
CA ILE A 293 31.63 4.51 26.99
C ILE A 293 33.11 4.82 26.78
N THR A 294 33.52 4.83 25.51
CA THR A 294 34.86 5.24 25.15
C THR A 294 34.81 6.40 24.16
N PHE A 295 35.21 7.56 24.64
CA PHE A 295 35.16 8.79 23.85
C PHE A 295 36.41 8.88 23.00
N GLN A 296 36.23 9.27 21.74
CA GLN A 296 37.28 9.20 20.75
C GLN A 296 37.16 10.40 19.82
N LEU A 297 38.26 11.13 19.65
CA LEU A 297 38.20 12.52 19.21
C LEU A 297 38.81 12.68 17.83
N PRO A 298 38.08 13.18 16.84
CA PRO A 298 38.67 13.35 15.50
C PRO A 298 39.41 14.68 15.39
N GLU A 299 40.08 14.86 14.25
CA GLU A 299 40.95 16.01 14.06
C GLU A 299 40.21 17.17 13.41
N MET A 300 38.95 16.95 13.01
CA MET A 300 37.95 17.91 12.50
C MET A 300 38.36 18.65 11.23
N ASP A 301 39.54 18.43 10.69
CA ASP A 301 39.95 19.12 9.48
C ASP A 301 39.79 18.28 8.23
N LYS A 302 38.96 17.24 8.29
CA LYS A 302 38.80 16.29 7.18
C LYS A 302 37.46 15.60 7.32
N VAL A 303 36.72 15.55 6.21
CA VAL A 303 35.45 14.85 6.17
C VAL A 303 35.47 13.87 5.00
N ASP A 304 36.03 12.69 5.25
CA ASP A 304 35.95 11.53 4.36
C ASP A 304 36.77 10.40 5.00
N ILE A 305 36.52 9.16 4.61
CA ILE A 305 37.04 8.01 5.35
C ILE A 305 37.79 7.11 4.38
N THR A 306 39.09 7.03 4.54
CA THR A 306 39.86 6.09 3.75
C THR A 306 39.46 4.67 4.08
N LYS A 307 39.92 3.73 3.26
CA LYS A 307 39.57 2.33 3.48
C LYS A 307 40.22 1.80 4.75
N ARG A 308 41.47 2.19 5.01
CA ARG A 308 42.16 1.75 6.21
C ARG A 308 41.47 2.25 7.48
N GLU A 309 40.90 3.46 7.44
CA GLU A 309 40.22 3.98 8.62
C GLU A 309 38.92 3.23 8.86
N CYS A 310 38.24 2.83 7.78
CA CYS A 310 37.10 1.94 7.93
C CYS A 310 37.50 0.66 8.64
N GLN A 311 38.54 -0.01 8.15
CA GLN A 311 38.92 -1.27 8.77
C GLN A 311 39.39 -1.07 10.21
N ALA A 312 39.96 0.09 10.51
CA ALA A 312 40.27 0.40 11.90
C ALA A 312 38.99 0.49 12.72
N ARG A 313 37.94 1.09 12.17
CA ARG A 313 36.68 1.18 12.89
C ARG A 313 36.10 -0.21 13.16
N LEU A 314 36.11 -1.08 12.15
CA LEU A 314 35.65 -2.45 12.37
C LEU A 314 36.53 -3.17 13.38
N ASP A 315 37.81 -2.80 13.48
CA ASP A 315 38.67 -3.44 14.45
C ASP A 315 38.44 -2.90 15.85
N VAL A 316 37.86 -1.70 15.96
CA VAL A 316 37.52 -1.19 17.28
C VAL A 316 36.19 -1.78 17.75
N CYS A 317 35.27 -2.01 16.82
CA CYS A 317 33.95 -2.51 17.21
C CYS A 317 33.99 -3.93 17.77
N MET A 318 35.03 -4.71 17.47
CA MET A 318 35.13 -6.06 17.97
C MET A 318 35.88 -6.16 19.30
N GLY A 319 36.35 -5.02 19.82
CA GLY A 319 37.23 -5.06 20.97
C GLY A 319 36.59 -5.60 22.23
N GLY A 320 35.44 -5.05 22.62
CA GLY A 320 34.81 -5.50 23.84
C GLY A 320 34.43 -6.97 23.80
N LYS A 321 33.80 -7.40 22.71
CA LYS A 321 33.47 -8.80 22.54
C LYS A 321 34.69 -9.69 22.69
N ILE A 322 35.76 -9.40 21.95
CA ILE A 322 36.92 -10.28 21.99
C ILE A 322 37.58 -10.28 23.36
N ALA A 323 37.58 -9.13 24.05
CA ALA A 323 38.15 -9.10 25.39
C ALA A 323 37.35 -9.96 26.35
N GLU A 324 36.02 -9.87 26.30
CA GLU A 324 35.21 -10.67 27.20
C GLU A 324 35.34 -12.15 26.90
N GLU A 325 35.45 -12.56 25.64
CA GLU A 325 35.57 -13.99 25.39
C GLU A 325 36.97 -14.48 25.72
N LEU A 326 37.98 -13.63 25.57
CA LEU A 326 39.33 -14.04 25.94
C LEU A 326 39.47 -14.20 27.43
N ILE A 327 38.81 -13.34 28.21
CA ILE A 327 38.98 -13.42 29.65
C ILE A 327 38.04 -14.47 30.25
N TYR A 328 36.88 -14.69 29.65
CA TYR A 328 35.85 -15.51 30.27
C TYR A 328 35.54 -16.80 29.51
N GLY A 329 35.97 -16.94 28.27
CA GLY A 329 35.55 -18.04 27.44
C GLY A 329 34.23 -17.74 26.75
N LYS A 330 33.91 -18.56 25.75
CA LYS A 330 32.73 -18.28 24.94
C LYS A 330 31.44 -18.38 25.74
N ASP A 331 31.27 -19.45 26.51
CA ASP A 331 30.01 -19.70 27.18
C ASP A 331 29.73 -18.74 28.33
N ASN A 332 30.56 -17.72 28.54
CA ASN A 332 30.21 -16.61 29.41
C ASN A 332 30.11 -15.31 28.62
N THR A 333 30.04 -15.41 27.29
CA THR A 333 29.78 -14.25 26.45
C THR A 333 28.39 -13.72 26.77
N THR A 334 28.24 -12.40 26.76
CA THR A 334 26.95 -11.83 27.11
C THR A 334 26.24 -11.34 25.85
N SER A 335 25.03 -10.82 26.04
CA SER A 335 24.28 -10.18 24.98
C SER A 335 24.53 -8.68 24.92
N GLY A 336 25.41 -8.15 25.77
CA GLY A 336 25.70 -6.74 25.75
C GLY A 336 26.47 -6.28 24.53
N CYS A 337 27.02 -7.22 23.77
CA CYS A 337 27.78 -6.88 22.57
C CYS A 337 26.90 -6.83 21.33
N GLY A 338 25.62 -6.50 21.48
CA GLY A 338 24.77 -6.39 20.31
C GLY A 338 24.96 -5.08 19.57
N SER A 339 24.91 -3.96 20.31
CA SER A 339 25.02 -2.65 19.68
C SER A 339 26.37 -2.44 19.02
N ASP A 340 27.41 -3.14 19.46
CA ASP A 340 28.69 -3.06 18.77
C ASP A 340 28.60 -3.72 17.40
N LEU A 341 28.05 -4.93 17.36
CA LEU A 341 27.96 -5.67 16.10
C LEU A 341 27.02 -4.98 15.12
N GLN A 342 26.01 -4.28 15.63
CA GLN A 342 25.09 -3.58 14.76
C GLN A 342 25.81 -2.50 13.94
N SER A 343 26.47 -1.59 14.64
CA SER A 343 27.24 -0.55 13.97
C SER A 343 28.33 -1.15 13.08
N ALA A 344 28.98 -2.22 13.55
CA ALA A 344 30.00 -2.86 12.74
C ALA A 344 29.43 -3.32 11.40
N THR A 345 28.29 -4.02 11.43
CA THR A 345 27.67 -4.47 10.18
C THR A 345 27.31 -3.28 9.31
N GLY A 346 26.85 -2.19 9.92
CA GLY A 346 26.57 -0.98 9.14
C GLY A 346 27.78 -0.50 8.36
N THR A 347 28.91 -0.36 9.04
CA THR A 347 30.12 0.11 8.36
C THR A 347 30.57 -0.88 7.30
N ALA A 348 30.37 -2.18 7.53
CA ALA A 348 30.85 -3.14 6.56
C ALA A 348 30.04 -3.08 5.26
N ARG A 349 28.71 -3.08 5.37
CA ARG A 349 27.92 -2.95 4.15
C ARG A 349 28.16 -1.61 3.48
N ALA A 350 28.38 -0.55 4.27
CA ALA A 350 28.80 0.71 3.67
C ALA A 350 30.07 0.55 2.85
N MET A 351 31.08 -0.12 3.40
CA MET A 351 32.30 -0.39 2.67
C MET A 351 32.07 -1.12 1.35
N VAL A 352 31.28 -2.18 1.34
CA VAL A 352 31.22 -3.11 0.22
C VAL A 352 30.24 -2.65 -0.86
N THR A 353 29.11 -2.08 -0.45
CA THR A 353 28.06 -1.84 -1.43
C THR A 353 27.99 -0.39 -1.92
N GLN A 354 28.64 0.55 -1.26
CA GLN A 354 28.57 1.94 -1.69
C GLN A 354 29.92 2.50 -2.09
N TYR A 355 30.94 2.39 -1.26
CA TYR A 355 32.20 3.06 -1.54
C TYR A 355 33.07 2.27 -2.50
N GLY A 356 32.60 1.15 -3.01
CA GLY A 356 33.38 0.38 -3.96
C GLY A 356 34.70 -0.14 -3.42
N MET A 357 34.76 -0.44 -2.13
CA MET A 357 36.00 -0.93 -1.52
C MET A 357 36.04 -2.45 -1.48
N SER A 358 35.74 -3.11 -2.59
CA SER A 358 35.76 -4.57 -2.62
C SER A 358 36.15 -5.03 -4.02
N ASP A 359 37.21 -5.81 -4.11
CA ASP A 359 37.70 -6.29 -5.40
C ASP A 359 36.93 -7.50 -5.91
N ASP A 360 36.09 -8.12 -5.08
CA ASP A 360 35.34 -9.29 -5.48
C ASP A 360 33.98 -8.93 -6.06
N VAL A 361 33.35 -7.88 -5.56
CA VAL A 361 32.20 -7.32 -6.26
C VAL A 361 32.66 -6.56 -7.49
N GLY A 362 33.48 -5.55 -7.30
CA GLY A 362 33.93 -4.70 -8.39
C GLY A 362 33.69 -3.26 -8.06
N PRO A 363 33.93 -2.38 -9.02
CA PRO A 363 33.77 -0.94 -8.80
C PRO A 363 32.34 -0.46 -9.06
N VAL A 364 31.38 -1.10 -8.41
CA VAL A 364 29.96 -0.88 -8.71
C VAL A 364 29.25 -0.40 -7.45
N ASN A 365 28.23 0.42 -7.63
CA ASN A 365 27.40 0.92 -6.53
C ASN A 365 26.16 0.05 -6.43
N LEU A 366 26.04 -0.70 -5.34
CA LEU A 366 24.88 -1.54 -5.11
C LEU A 366 23.91 -0.92 -4.11
N SER A 367 24.08 0.36 -3.77
CA SER A 367 23.30 0.94 -2.67
C SER A 367 21.85 1.11 -3.04
N GLU A 368 21.55 1.97 -3.99
CA GLU A 368 20.16 2.28 -4.30
C GLU A 368 19.58 1.22 -5.22
N GLU A 369 18.27 1.01 -5.12
CA GLU A 369 17.58 -0.18 -5.63
C GLU A 369 18.41 -1.44 -5.38
N TRP A 370 18.63 -1.71 -4.10
CA TRP A 370 19.32 -2.92 -3.68
C TRP A 370 18.62 -4.17 -4.20
N GLU A 371 17.29 -4.14 -4.27
CA GLU A 371 16.56 -5.34 -4.63
C GLU A 371 16.43 -5.53 -6.13
N SER A 372 16.69 -4.51 -6.95
CA SER A 372 16.55 -4.68 -8.38
C SER A 372 17.68 -5.51 -8.99
N TRP A 373 18.73 -5.80 -8.23
CA TRP A 373 19.82 -6.64 -8.73
C TRP A 373 19.37 -8.09 -8.71
N SER A 374 20.29 -9.01 -8.97
CA SER A 374 19.95 -10.42 -9.04
C SER A 374 20.13 -11.08 -7.68
N ASN A 375 20.11 -12.40 -7.65
CA ASN A 375 20.42 -13.15 -6.44
C ASN A 375 21.82 -13.74 -6.46
N LYS A 376 22.63 -13.42 -7.47
CA LYS A 376 23.96 -13.99 -7.56
C LYS A 376 25.01 -13.01 -7.07
N ILE A 377 25.03 -11.81 -7.66
CA ILE A 377 25.95 -10.80 -7.16
C ILE A 377 25.59 -10.40 -5.74
N ARG A 378 24.32 -10.56 -5.34
CA ARG A 378 23.97 -10.26 -3.96
C ARG A 378 24.58 -11.28 -3.00
N ASP A 379 24.58 -12.55 -3.38
CA ASP A 379 25.30 -13.54 -2.60
C ASP A 379 26.78 -13.20 -2.51
N ILE A 380 27.38 -12.77 -3.62
CA ILE A 380 28.78 -12.40 -3.58
C ILE A 380 29.00 -11.22 -2.64
N ALA A 381 28.11 -10.24 -2.68
CA ALA A 381 28.27 -9.05 -1.85
C ALA A 381 28.18 -9.38 -0.37
N ASP A 382 27.07 -10.01 0.04
CA ASP A 382 26.89 -10.32 1.45
C ASP A 382 27.96 -11.29 1.95
N ASN A 383 28.42 -12.20 1.09
CA ASN A 383 29.57 -13.01 1.44
C ASN A 383 30.78 -12.15 1.76
N GLU A 384 31.07 -11.16 0.92
CA GLU A 384 32.23 -10.30 1.18
C GLU A 384 32.06 -9.54 2.48
N VAL A 385 30.82 -9.13 2.80
CA VAL A 385 30.58 -8.45 4.06
C VAL A 385 30.93 -9.36 5.23
N ILE A 386 30.41 -10.59 5.20
CA ILE A 386 30.69 -11.52 6.30
C ILE A 386 32.18 -11.78 6.43
N GLU A 387 32.89 -11.85 5.30
CA GLU A 387 34.33 -12.06 5.41
C GLU A 387 35.05 -10.86 5.98
N LEU A 388 34.59 -9.64 5.68
CA LEU A 388 35.20 -8.48 6.32
C LEU A 388 35.04 -8.54 7.83
N LEU A 389 33.82 -8.83 8.31
CA LEU A 389 33.63 -8.87 9.75
C LEU A 389 34.43 -9.98 10.42
N LYS A 390 34.47 -11.18 9.81
CA LYS A 390 35.27 -12.26 10.40
C LYS A 390 36.74 -11.88 10.46
N ASP A 391 37.26 -11.26 9.39
CA ASP A 391 38.65 -10.84 9.40
C ASP A 391 38.92 -9.85 10.52
N SER A 392 38.04 -8.86 10.68
CA SER A 392 38.22 -7.90 11.77
C SER A 392 38.22 -8.59 13.13
N GLU A 393 37.28 -9.52 13.35
CA GLU A 393 37.27 -10.27 14.60
C GLU A 393 38.60 -10.96 14.83
N GLU A 394 39.17 -11.54 13.78
CA GLU A 394 40.45 -12.22 13.95
C GLU A 394 41.57 -11.26 14.28
N ARG A 395 41.57 -10.06 13.70
CA ARG A 395 42.63 -9.12 14.03
C ARG A 395 42.53 -8.65 15.47
N ALA A 396 41.32 -8.37 15.95
CA ALA A 396 41.19 -8.03 17.37
C ALA A 396 41.62 -9.19 18.27
N ARG A 397 41.25 -10.42 17.90
CA ARG A 397 41.66 -11.56 18.70
C ARG A 397 43.17 -11.74 18.69
N ARG A 398 43.84 -11.31 17.63
CA ARG A 398 45.29 -11.46 17.60
C ARG A 398 45.99 -10.29 18.27
N LEU A 399 45.28 -9.16 18.45
CA LEU A 399 45.92 -8.01 19.07
C LEU A 399 45.70 -7.97 20.57
N LEU A 400 44.60 -8.53 21.05
CA LEU A 400 44.39 -8.53 22.49
C LEU A 400 45.15 -9.67 23.17
N THR A 401 45.53 -10.69 22.40
CA THR A 401 46.38 -11.72 22.98
C THR A 401 47.84 -11.28 22.97
N LYS A 402 48.27 -10.60 21.91
CA LYS A 402 49.63 -10.06 21.90
C LYS A 402 49.80 -8.98 22.93
N LYS A 403 48.70 -8.35 23.35
CA LYS A 403 48.73 -7.18 24.22
C LYS A 403 47.97 -7.43 25.51
N ASN A 404 48.19 -8.58 26.15
CA ASN A 404 47.37 -9.00 27.27
C ASN A 404 47.54 -8.10 28.48
N VAL A 405 48.78 -7.96 28.97
CA VAL A 405 49.01 -7.44 30.32
C VAL A 405 48.48 -6.01 30.45
N GLU A 406 48.55 -5.24 29.36
CA GLU A 406 48.02 -3.89 29.40
C GLU A 406 46.50 -3.90 29.47
N LEU A 407 45.88 -5.00 29.05
CA LEU A 407 44.44 -5.13 29.18
C LEU A 407 44.03 -5.26 30.63
N HIS A 408 44.68 -6.15 31.37
CA HIS A 408 44.45 -6.23 32.81
C HIS A 408 44.79 -4.92 33.51
N ARG A 409 45.90 -4.29 33.11
CA ARG A 409 46.29 -3.03 33.75
C ARG A 409 45.22 -1.95 33.54
N LEU A 410 44.77 -1.77 32.30
CA LEU A 410 43.78 -0.72 32.05
C LEU A 410 42.45 -1.04 32.70
N ALA A 411 42.05 -2.31 32.71
CA ALA A 411 40.80 -2.68 33.35
C ALA A 411 40.85 -2.39 34.85
N GLN A 412 41.89 -2.87 35.52
CA GLN A 412 42.04 -2.58 36.94
C GLN A 412 42.15 -1.08 37.18
N GLY A 413 42.72 -0.34 36.23
CA GLY A 413 42.71 1.10 36.33
C GLY A 413 41.32 1.68 36.30
N LEU A 414 40.43 1.09 35.52
CA LEU A 414 39.05 1.56 35.52
C LEU A 414 38.32 1.15 36.79
N ILE A 415 38.75 0.06 37.42
CA ILE A 415 38.03 -0.40 38.63
C ILE A 415 38.18 0.61 39.76
N GLU A 416 39.39 1.13 39.99
CA GLU A 416 39.57 2.12 41.04
C GLU A 416 39.27 3.54 40.55
N TYR A 417 39.80 3.89 39.38
CA TYR A 417 39.50 5.16 38.74
C TYR A 417 38.37 4.94 37.76
N GLU A 418 37.23 5.58 37.99
CA GLU A 418 36.06 5.28 37.17
C GLU A 418 36.12 6.03 35.84
N THR A 419 37.19 6.79 35.60
CA THR A 419 37.33 7.57 34.39
C THR A 419 38.80 7.80 34.11
N LEU A 420 39.17 7.87 32.84
CA LEU A 420 40.56 8.05 32.46
C LEU A 420 40.64 8.76 31.11
N ASP A 421 41.37 9.86 31.07
CA ASP A 421 41.62 10.52 29.81
C ASP A 421 42.77 9.82 29.09
N ALA A 422 43.25 10.41 27.99
CA ALA A 422 44.27 9.75 27.18
C ALA A 422 45.57 9.58 27.95
N HIS A 423 46.07 10.65 28.57
CA HIS A 423 47.34 10.58 29.28
C HIS A 423 47.27 9.60 30.44
N GLU A 424 46.28 9.75 31.31
CA GLU A 424 46.10 8.84 32.43
C GLU A 424 45.96 7.39 31.97
N ILE A 425 45.23 7.15 30.88
CA ILE A 425 45.17 5.81 30.32
C ILE A 425 46.56 5.32 29.96
N GLU A 426 47.34 6.17 29.28
CA GLU A 426 48.60 5.69 28.75
C GLU A 426 49.58 5.37 29.86
N GLN A 427 49.63 6.18 30.91
CA GLN A 427 50.58 5.88 31.97
C GLN A 427 50.05 4.80 32.91
N VAL A 428 48.73 4.65 33.03
CA VAL A 428 48.19 3.51 33.76
C VAL A 428 48.51 2.22 33.03
N CYS A 429 48.59 2.26 31.70
CA CYS A 429 48.97 1.07 30.96
C CYS A 429 50.43 0.72 31.18
N LYS A 430 51.30 1.72 31.37
CA LYS A 430 52.71 1.49 31.59
C LYS A 430 53.05 1.25 33.05
N GLY A 431 52.08 0.84 33.85
CA GLY A 431 52.35 0.45 35.22
C GLY A 431 52.86 1.55 36.11
N GLU A 432 52.61 2.80 35.76
CA GLU A 432 53.01 3.92 36.59
C GLU A 432 51.97 4.11 37.69
N LYS A 433 52.05 5.22 38.41
CA LYS A 433 51.12 5.51 39.48
C LYS A 433 50.53 6.89 39.26
N LEU A 434 49.21 6.97 39.23
CA LEU A 434 48.53 8.21 38.90
C LEU A 434 48.24 9.04 40.14
N ALA A 435 48.42 10.36 40.00
CA ALA A 435 48.28 11.28 41.11
C ALA A 435 46.91 11.96 41.09
N LYS A 436 45.92 11.22 41.60
CA LYS A 436 44.57 11.72 41.76
C LYS A 436 43.84 10.79 42.73
N LEU A 437 42.56 11.07 42.96
CA LEU A 437 41.81 10.39 44.00
C LEU A 437 41.14 9.13 43.47
N LYS A 438 41.38 8.02 44.17
CA LYS A 438 40.74 6.77 43.80
C LYS A 438 39.23 6.84 44.02
N THR A 439 38.51 6.02 43.26
CA THR A 439 37.06 6.03 43.13
C THR A 439 36.43 7.42 43.14
N LYS B 1 3.79 15.86 46.99
CA LYS B 1 5.08 16.51 46.75
C LYS B 1 6.14 15.51 46.34
N PHE B 2 7.37 16.01 46.16
CA PHE B 2 8.47 15.22 45.61
C PHE B 2 8.80 14.00 46.45
N ASP B 3 8.37 13.93 47.70
CA ASP B 3 8.56 12.70 48.45
C ASP B 3 7.59 11.62 48.01
N ASP B 4 6.50 12.00 47.33
CA ASP B 4 5.52 11.02 46.89
C ASP B 4 5.95 10.33 45.61
N VAL B 5 6.92 10.89 44.89
CA VAL B 5 7.38 10.27 43.66
C VAL B 5 8.53 9.32 43.99
N CYS B 6 8.19 8.13 44.47
CA CYS B 6 9.23 7.19 44.90
C CYS B 6 9.67 6.32 43.73
N GLY B 7 10.98 6.22 43.53
CA GLY B 7 11.51 5.68 42.31
C GLY B 7 11.81 6.80 41.34
N CYS B 8 12.63 6.48 40.34
CA CYS B 8 13.14 7.44 39.35
C CYS B 8 13.63 8.73 40.01
N ASP B 9 14.65 8.62 40.85
CA ASP B 9 15.17 9.80 41.54
C ASP B 9 15.90 10.72 40.57
N GLU B 10 16.40 10.16 39.48
CA GLU B 10 17.21 10.93 38.54
C GLU B 10 16.39 12.02 37.87
N ALA B 11 15.12 11.72 37.58
CA ALA B 11 14.25 12.71 36.96
C ALA B 11 13.65 13.65 37.99
N ARG B 12 13.57 13.21 39.24
CA ARG B 12 13.08 14.09 40.29
C ARG B 12 14.10 15.16 40.62
N ALA B 13 15.39 14.83 40.53
CA ALA B 13 16.42 15.83 40.75
C ALA B 13 16.31 16.97 39.74
N GLU B 14 16.12 16.65 38.46
CA GLU B 14 16.15 17.67 37.42
C GLU B 14 14.96 18.61 37.50
N LEU B 15 13.95 18.26 38.30
CA LEU B 15 12.88 19.19 38.60
C LEU B 15 13.08 19.89 39.93
N GLU B 16 13.73 19.23 40.89
CA GLU B 16 14.07 19.91 42.13
C GLU B 16 15.04 21.06 41.88
N GLU B 17 15.90 20.94 40.87
CA GLU B 17 16.81 22.04 40.58
C GLU B 17 16.06 23.21 39.94
N ILE B 18 14.96 22.94 39.25
CA ILE B 18 14.16 24.02 38.71
C ILE B 18 13.39 24.73 39.82
N VAL B 19 12.80 23.97 40.72
CA VAL B 19 12.12 24.57 41.87
C VAL B 19 13.10 25.40 42.70
N ASP B 20 14.28 24.84 42.96
CA ASP B 20 15.27 25.58 43.72
C ASP B 20 15.77 26.81 42.97
N PHE B 21 15.94 26.72 41.65
CA PHE B 21 16.29 27.92 40.90
C PHE B 21 15.24 28.99 41.07
N LEU B 22 13.97 28.58 41.16
CA LEU B 22 12.90 29.55 41.32
C LEU B 22 12.82 30.13 42.71
N LYS B 23 13.20 29.39 43.75
CA LYS B 23 13.17 29.94 45.11
C LYS B 23 14.14 31.10 45.25
N ASP B 24 15.43 30.84 45.07
CA ASP B 24 16.46 31.87 45.21
C ASP B 24 17.49 31.74 44.08
N PRO B 25 17.47 32.64 43.10
CA PRO B 25 18.40 32.54 41.98
C PRO B 25 19.85 32.86 42.34
N THR B 26 20.12 33.37 43.54
CA THR B 26 21.48 33.76 43.90
C THR B 26 22.44 32.58 43.89
N LYS B 27 21.98 31.41 44.31
CA LYS B 27 22.84 30.22 44.36
C LYS B 27 23.17 29.69 42.99
N TYR B 28 22.54 30.22 41.94
CA TYR B 28 22.63 29.66 40.59
C TYR B 28 23.02 30.67 39.52
N GLU B 29 22.53 31.90 39.59
CA GLU B 29 22.81 32.93 38.58
C GLU B 29 24.13 33.65 38.83
N SER B 30 24.95 33.16 39.75
CA SER B 30 26.16 33.89 40.12
C SER B 30 27.17 33.96 38.99
N LEU B 31 27.18 32.99 38.09
CA LEU B 31 28.13 32.95 37.00
C LEU B 31 27.48 33.20 35.64
N GLY B 32 26.30 33.80 35.63
CA GLY B 32 25.64 34.12 34.38
C GLY B 32 24.77 33.02 33.81
N GLY B 33 24.56 31.92 34.54
CA GLY B 33 23.59 30.94 34.10
C GLY B 33 22.18 31.46 34.26
N LYS B 34 21.24 30.80 33.58
CA LYS B 34 19.85 31.24 33.56
C LYS B 34 18.93 30.03 33.46
N LEU B 35 17.65 30.28 33.68
CA LEU B 35 16.67 29.21 33.70
C LEU B 35 16.61 28.50 32.36
N PRO B 36 16.18 27.24 32.33
CA PRO B 36 15.84 26.61 31.06
C PRO B 36 14.56 27.20 30.51
N LYS B 37 14.30 26.91 29.24
CA LYS B 37 13.06 27.35 28.61
C LYS B 37 12.05 26.22 28.50
N GLY B 38 12.17 25.19 29.32
CA GLY B 38 11.19 24.12 29.28
C GLY B 38 11.78 22.83 29.82
N VAL B 39 10.95 21.80 29.80
CA VAL B 39 11.31 20.45 30.19
C VAL B 39 10.41 19.52 29.39
N LEU B 40 10.94 18.38 28.97
CA LEU B 40 10.16 17.41 28.21
C LEU B 40 10.25 16.06 28.92
N LEU B 41 9.12 15.59 29.43
CA LEU B 41 9.07 14.35 30.21
C LEU B 41 8.61 13.23 29.28
N THR B 42 9.55 12.45 28.78
CA THR B 42 9.25 11.31 27.94
C THR B 42 9.25 10.03 28.79
N GLY B 43 8.74 8.94 28.21
CA GLY B 43 8.76 7.66 28.87
C GLY B 43 7.53 6.83 28.56
N PRO B 44 7.56 5.55 28.94
CA PRO B 44 6.47 4.64 28.63
C PRO B 44 5.20 5.01 29.38
N PRO B 45 4.14 4.23 29.22
CA PRO B 45 2.87 4.56 29.88
C PRO B 45 2.85 4.11 31.34
N GLY B 46 2.51 5.04 32.23
CA GLY B 46 2.32 4.74 33.63
C GLY B 46 3.54 4.87 34.50
N THR B 47 4.62 5.46 34.01
CA THR B 47 5.87 5.50 34.75
C THR B 47 5.94 6.63 35.77
N GLY B 48 5.07 7.62 35.69
CA GLY B 48 5.03 8.64 36.71
C GLY B 48 5.29 10.06 36.25
N LYS B 49 4.87 10.40 35.03
CA LYS B 49 5.15 11.72 34.50
C LYS B 49 4.22 12.78 35.08
N THR B 50 2.91 12.62 34.88
CA THR B 50 1.97 13.57 35.46
C THR B 50 2.03 13.59 36.97
N LEU B 51 2.53 12.53 37.58
CA LEU B 51 2.84 12.60 39.01
C LEU B 51 3.94 13.62 39.28
N LEU B 52 4.90 13.75 38.37
CA LEU B 52 5.93 14.77 38.54
C LEU B 52 5.41 16.15 38.17
N ALA B 53 4.45 16.25 37.26
CA ALA B 53 3.82 17.53 37.01
C ALA B 53 3.03 17.98 38.23
N ARG B 54 2.27 17.07 38.84
CA ARG B 54 1.50 17.41 40.02
C ARG B 54 2.39 17.73 41.20
N ALA B 55 3.43 16.91 41.43
CA ALA B 55 4.38 17.20 42.49
C ALA B 55 5.06 18.54 42.27
N THR B 56 5.46 18.82 41.03
CA THR B 56 6.07 20.10 40.70
C THR B 56 5.14 21.25 41.03
N ALA B 57 3.86 21.12 40.69
CA ALA B 57 2.91 22.18 41.04
C ALA B 57 2.69 22.25 42.54
N GLY B 58 3.01 21.18 43.27
CA GLY B 58 2.83 21.23 44.71
C GLY B 58 3.85 22.11 45.41
N GLU B 59 5.10 22.03 44.99
CA GLU B 59 6.20 22.73 45.66
C GLU B 59 6.81 23.79 44.77
N ALA B 60 5.99 24.53 44.03
CA ALA B 60 6.54 25.53 43.13
C ALA B 60 6.39 26.94 43.70
N GLY B 61 5.25 27.22 44.31
CA GLY B 61 5.01 28.55 44.84
C GLY B 61 4.70 29.60 43.81
N VAL B 62 4.67 29.25 42.52
CA VAL B 62 4.41 30.19 41.45
C VAL B 62 3.14 29.79 40.73
N ASP B 63 2.66 30.69 39.87
CA ASP B 63 1.42 30.43 39.15
C ASP B 63 1.62 29.31 38.14
N PHE B 64 0.90 28.20 38.36
CA PHE B 64 1.03 27.00 37.54
C PHE B 64 -0.19 26.89 36.66
N PHE B 65 0.02 26.76 35.36
CA PHE B 65 -1.04 26.58 34.39
C PHE B 65 -0.95 25.19 33.79
N PHE B 66 -2.05 24.71 33.20
CA PHE B 66 -2.03 23.39 32.59
C PHE B 66 -3.21 23.21 31.67
N MET B 67 -2.94 22.60 30.52
CA MET B 67 -3.97 22.11 29.62
C MET B 67 -3.47 20.81 29.01
N SER B 68 -4.15 20.34 27.97
CA SER B 68 -3.74 19.14 27.27
C SER B 68 -3.67 19.45 25.78
N GLY B 69 -3.10 18.53 25.01
CA GLY B 69 -3.01 18.72 23.59
C GLY B 69 -4.34 18.66 22.87
N SER B 70 -5.35 18.06 23.49
CA SER B 70 -6.63 17.87 22.85
C SER B 70 -7.70 18.81 23.37
N GLU B 71 -7.32 20.00 23.85
CA GLU B 71 -8.27 21.00 24.29
C GLU B 71 -8.18 22.28 23.48
N PHE B 72 -7.35 22.30 22.44
CA PHE B 72 -7.11 23.50 21.66
C PHE B 72 -7.93 23.52 20.38
N ASP B 73 -7.74 22.53 19.52
CA ASP B 73 -8.47 22.49 18.26
C ASP B 73 -9.96 22.34 18.51
N GLU B 74 -10.78 22.96 17.68
CA GLU B 74 -12.21 22.78 17.80
C GLU B 74 -12.84 23.20 16.48
N VAL B 75 -14.16 23.45 16.48
CA VAL B 75 -14.96 23.44 15.26
C VAL B 75 -14.42 24.42 14.23
N TYR B 76 -14.01 25.60 14.68
CA TYR B 76 -13.71 26.70 13.77
C TYR B 76 -12.22 26.76 13.47
N VAL B 77 -11.88 27.56 12.48
CA VAL B 77 -10.50 27.61 11.99
C VAL B 77 -9.70 28.58 12.84
N GLY B 78 -8.46 28.20 13.15
CA GLY B 78 -7.62 29.06 13.95
C GLY B 78 -8.15 29.36 15.33
N VAL B 79 -8.70 28.37 16.00
CA VAL B 79 -9.14 28.55 17.38
C VAL B 79 -8.10 28.05 18.38
N GLY B 80 -7.45 26.92 18.08
CA GLY B 80 -6.34 26.50 18.91
C GLY B 80 -5.23 27.51 18.94
N ALA B 81 -5.00 28.19 17.81
CA ALA B 81 -3.99 29.24 17.77
C ALA B 81 -4.30 30.34 18.78
N LYS B 82 -5.49 30.95 18.69
CA LYS B 82 -5.78 32.08 19.57
C LYS B 82 -5.94 31.63 21.00
N ARG B 83 -6.30 30.36 21.23
CA ARG B 83 -6.27 29.85 22.58
C ARG B 83 -4.85 29.71 23.11
N ILE B 84 -3.87 29.45 22.26
CA ILE B 84 -2.49 29.48 22.70
C ILE B 84 -2.04 30.92 22.97
N ARG B 85 -2.38 31.85 22.07
CA ARG B 85 -2.02 33.25 22.29
C ARG B 85 -2.63 33.77 23.59
N ASP B 86 -3.84 33.34 23.91
CA ASP B 86 -4.43 33.71 25.19
C ASP B 86 -3.72 33.03 26.34
N LEU B 87 -3.35 31.75 26.18
CA LEU B 87 -2.67 31.03 27.25
C LEU B 87 -1.38 31.72 27.66
N PHE B 88 -0.47 31.91 26.70
CA PHE B 88 0.77 32.59 27.05
C PHE B 88 0.57 34.06 27.35
N ALA B 89 -0.49 34.68 26.83
CA ALA B 89 -0.78 36.05 27.21
C ALA B 89 -1.05 36.16 28.70
N GLN B 90 -1.93 35.31 29.24
CA GLN B 90 -2.16 35.33 30.68
C GLN B 90 -0.92 34.88 31.44
N ALA B 91 -0.22 33.86 30.94
CA ALA B 91 0.92 33.33 31.67
C ALA B 91 2.02 34.37 31.85
N ARG B 92 2.48 34.98 30.75
CA ARG B 92 3.48 36.02 30.88
C ARG B 92 2.93 37.23 31.61
N SER B 93 1.66 37.59 31.35
CA SER B 93 1.11 38.79 31.94
C SER B 93 1.06 38.70 33.46
N ARG B 94 0.91 37.50 34.01
CA ARG B 94 0.80 37.41 35.46
C ARG B 94 2.15 37.54 36.15
N ALA B 95 3.06 36.60 35.92
CA ALA B 95 4.27 36.51 36.72
C ALA B 95 5.23 35.55 36.05
N PRO B 96 6.41 35.33 36.63
CA PRO B 96 7.23 34.18 36.20
C PRO B 96 6.50 32.89 36.49
N ALA B 97 6.10 32.17 35.45
CA ALA B 97 5.11 31.13 35.59
C ALA B 97 5.60 29.83 34.99
N ILE B 98 4.80 28.78 35.20
CA ILE B 98 5.02 27.46 34.63
C ILE B 98 3.76 27.06 33.90
N ILE B 99 3.91 26.33 32.80
CA ILE B 99 2.81 25.88 31.98
C ILE B 99 3.02 24.42 31.63
N PHE B 100 2.01 23.61 31.91
CA PHE B 100 2.07 22.17 31.68
C PHE B 100 1.08 21.80 30.60
N ILE B 101 1.59 21.39 29.44
CA ILE B 101 0.77 20.94 28.33
C ILE B 101 0.92 19.43 28.27
N ASP B 102 -0.09 18.72 28.74
CA ASP B 102 -0.03 17.26 28.79
C ASP B 102 -0.51 16.68 27.47
N GLN B 103 0.09 15.56 27.08
CA GLN B 103 -0.21 14.92 25.80
C GLN B 103 0.12 15.85 24.63
N LEU B 104 1.42 16.14 24.47
CA LEU B 104 1.85 16.95 23.33
C LEU B 104 1.56 16.31 21.98
N ASP B 105 1.28 15.01 21.92
CA ASP B 105 1.08 14.36 20.63
C ASP B 105 -0.09 14.94 19.85
N ALA B 106 -1.09 15.48 20.52
CA ALA B 106 -2.20 16.09 19.80
C ALA B 106 -1.81 17.41 19.15
N ILE B 107 -0.90 18.16 19.76
CA ILE B 107 -0.43 19.41 19.20
C ILE B 107 0.84 19.23 18.38
N GLY B 108 1.76 18.42 18.86
CA GLY B 108 3.01 18.19 18.15
C GLY B 108 2.78 17.30 16.94
N GLY B 109 3.72 16.42 16.67
CA GLY B 109 3.51 15.61 15.47
C GLY B 109 4.12 16.25 14.24
N LYS B 110 4.78 15.42 13.45
CA LYS B 110 5.62 15.93 12.37
C LYS B 110 4.77 16.57 11.27
N ARG B 111 5.31 17.63 10.68
CA ARG B 111 4.74 18.16 9.45
C ARG B 111 5.14 17.28 8.27
N ASN B 112 4.17 16.94 7.44
CA ASN B 112 4.47 16.28 6.18
C ASN B 112 3.70 16.97 5.06
N PRO B 113 4.14 16.82 3.81
CA PRO B 113 3.47 17.50 2.70
C PRO B 113 2.06 17.01 2.42
N LYS B 114 1.61 15.94 3.07
CA LYS B 114 0.25 15.45 2.91
C LYS B 114 -0.72 16.11 3.89
N ASP B 115 -0.37 17.28 4.42
CA ASP B 115 -1.21 17.94 5.41
C ASP B 115 -2.25 18.82 4.74
N GLN B 116 -3.48 18.72 5.24
CA GLN B 116 -4.52 19.64 4.86
C GLN B 116 -4.10 21.07 5.21
N ALA B 117 -4.70 22.03 4.53
CA ALA B 117 -4.54 23.41 4.96
C ALA B 117 -5.11 23.57 6.37
N TYR B 118 -4.44 24.39 7.17
CA TYR B 118 -4.87 24.73 8.53
C TYR B 118 -4.57 23.63 9.53
N ALA B 119 -3.99 22.51 9.07
CA ALA B 119 -3.80 21.37 9.97
C ALA B 119 -2.73 21.64 11.01
N LYS B 120 -1.77 22.52 10.72
CA LYS B 120 -0.63 22.78 11.57
C LYS B 120 -0.51 24.25 11.88
N GLN B 121 -1.62 24.86 12.29
CA GLN B 121 -1.59 26.25 12.72
C GLN B 121 -1.41 26.37 14.23
N THR B 122 -1.90 25.40 14.99
CA THR B 122 -1.64 25.38 16.42
C THR B 122 -0.18 25.06 16.71
N LEU B 123 0.38 24.07 15.99
CA LEU B 123 1.79 23.76 16.12
C LEU B 123 2.67 24.95 15.80
N ASN B 124 2.45 25.57 14.64
CA ASN B 124 3.26 26.74 14.26
C ASN B 124 3.06 27.88 15.25
N GLN B 125 1.84 28.09 15.73
CA GLN B 125 1.64 29.15 16.72
C GLN B 125 2.41 28.87 17.99
N LEU B 126 2.49 27.60 18.41
CA LEU B 126 3.29 27.28 19.59
C LEU B 126 4.77 27.52 19.33
N LEU B 127 5.26 27.10 18.16
CA LEU B 127 6.67 27.32 17.83
C LEU B 127 7.01 28.80 17.86
N VAL B 128 6.10 29.64 17.37
CA VAL B 128 6.33 31.08 17.45
C VAL B 128 6.26 31.55 18.88
N GLU B 129 5.49 30.87 19.72
CA GLU B 129 5.30 31.33 21.08
C GLU B 129 6.44 30.95 22.02
N LEU B 130 7.19 29.91 21.71
CA LEU B 130 8.28 29.50 22.60
C LEU B 130 9.59 30.20 22.27
N ASP B 131 9.92 30.33 20.99
CA ASP B 131 11.20 30.85 20.54
C ASP B 131 10.97 31.82 19.39
N GLY B 132 10.07 32.78 19.61
CA GLY B 132 9.68 33.70 18.57
C GLY B 132 10.62 34.87 18.40
N PHE B 133 10.07 35.94 17.82
CA PHE B 133 10.85 37.13 17.52
C PHE B 133 10.92 38.06 18.71
N SER B 134 10.09 37.83 19.73
CA SER B 134 10.02 38.77 20.85
C SER B 134 11.07 38.47 21.91
N GLN B 135 11.20 37.20 22.29
CA GLN B 135 12.27 36.76 23.19
C GLN B 135 12.06 37.25 24.63
N THR B 136 10.83 37.61 24.96
CA THR B 136 10.53 37.95 26.35
C THR B 136 10.43 36.67 27.18
N SER B 137 11.18 36.66 28.27
CA SER B 137 11.41 35.45 29.05
C SER B 137 10.63 35.50 30.34
N GLY B 138 10.88 34.50 31.20
CA GLY B 138 10.20 34.37 32.46
C GLY B 138 9.16 33.27 32.51
N ILE B 139 9.14 32.36 31.54
CA ILE B 139 8.15 31.31 31.45
C ILE B 139 8.85 29.98 31.23
N ILE B 140 8.35 28.93 31.88
CA ILE B 140 8.89 27.59 31.79
C ILE B 140 7.75 26.66 31.42
N ILE B 141 7.80 26.09 30.23
CA ILE B 141 6.75 25.20 29.75
C ILE B 141 7.23 23.78 29.98
N ILE B 142 6.36 22.95 30.53
CA ILE B 142 6.65 21.53 30.69
C ILE B 142 5.79 20.76 29.71
N GLY B 143 6.32 19.66 29.19
CA GLY B 143 5.59 18.82 28.26
C GLY B 143 5.75 17.35 28.64
N ALA B 144 4.73 16.57 28.35
CA ALA B 144 4.72 15.16 28.70
C ALA B 144 4.23 14.36 27.51
N THR B 145 5.11 13.55 26.95
CA THR B 145 4.75 12.72 25.81
C THR B 145 5.45 11.38 25.94
N ASN B 146 4.73 10.32 25.57
CA ASN B 146 5.30 8.97 25.57
C ASN B 146 5.73 8.53 24.18
N PHE B 147 5.52 9.37 23.16
CA PHE B 147 6.05 9.16 21.82
C PHE B 147 7.00 10.30 21.49
N PRO B 148 8.24 10.24 21.95
CA PRO B 148 9.17 11.36 21.72
C PRO B 148 9.49 11.55 20.25
N GLU B 149 9.41 10.46 19.48
CA GLU B 149 9.78 10.48 18.08
C GLU B 149 8.70 11.07 17.18
N ALA B 150 7.43 10.90 17.53
CA ALA B 150 6.36 11.46 16.73
C ALA B 150 6.34 12.98 16.73
N LEU B 151 7.05 13.62 17.66
CA LEU B 151 7.13 15.06 17.69
C LEU B 151 8.03 15.57 16.58
N ASP B 152 7.63 16.67 15.96
CA ASP B 152 8.48 17.30 14.98
C ASP B 152 9.73 17.84 15.65
N LYS B 153 10.80 18.01 14.88
CA LYS B 153 12.05 18.49 15.45
C LYS B 153 12.15 20.00 15.49
N ALA B 154 11.02 20.71 15.36
CA ALA B 154 11.04 22.14 15.60
C ALA B 154 10.63 22.48 17.02
N LEU B 155 9.82 21.63 17.65
CA LEU B 155 9.54 21.80 19.07
C LEU B 155 10.68 21.28 19.93
N THR B 156 11.06 20.03 19.72
CA THR B 156 12.02 19.38 20.62
C THR B 156 13.46 19.71 20.24
N ARG B 157 13.77 20.99 20.06
CA ARG B 157 15.16 21.41 19.91
C ARG B 157 15.54 22.26 21.09
N PRO B 158 16.82 22.33 21.42
CA PRO B 158 17.24 23.19 22.53
C PRO B 158 16.92 24.63 22.25
N GLY B 159 16.68 25.38 23.31
CA GLY B 159 16.15 26.71 23.21
C GLY B 159 14.64 26.78 23.25
N ARG B 160 13.96 25.68 23.00
CA ARG B 160 12.53 25.57 23.22
C ARG B 160 12.17 24.64 24.36
N PHE B 161 12.91 23.56 24.54
CA PHE B 161 12.75 22.72 25.72
C PHE B 161 14.00 22.64 26.58
N ASP B 162 15.17 22.47 26.00
CA ASP B 162 16.42 22.58 26.75
C ASP B 162 16.65 21.43 27.72
N LYS B 163 15.74 20.46 27.78
CA LYS B 163 15.83 19.46 28.84
C LYS B 163 14.94 18.29 28.45
N VAL B 164 15.55 17.13 28.22
CA VAL B 164 14.82 15.90 27.91
C VAL B 164 15.01 14.95 29.08
N VAL B 165 13.93 14.67 29.80
CA VAL B 165 13.98 13.92 31.06
C VAL B 165 13.35 12.56 30.85
N ASN B 166 14.16 11.58 30.51
CA ASN B 166 13.69 10.24 30.22
C ASN B 166 13.20 9.59 31.51
N VAL B 167 11.88 9.58 31.72
CA VAL B 167 11.27 9.01 32.91
C VAL B 167 11.00 7.54 32.62
N ASP B 168 12.00 6.70 32.87
CA ASP B 168 11.99 5.36 32.32
C ASP B 168 11.41 4.36 33.31
N LEU B 169 11.14 3.16 32.81
CA LEU B 169 10.45 2.12 33.57
C LEU B 169 11.29 1.71 34.77
N PRO B 170 10.69 1.57 35.96
CA PRO B 170 11.49 1.41 37.18
C PRO B 170 12.25 0.11 37.23
N ASP B 171 13.34 0.11 38.01
CA ASP B 171 14.09 -1.10 38.28
C ASP B 171 13.77 -1.63 39.68
N VAL B 172 14.48 -2.68 40.07
CA VAL B 172 14.10 -3.49 41.23
C VAL B 172 14.07 -2.65 42.51
N ARG B 173 15.13 -1.87 42.76
CA ARG B 173 15.22 -1.19 44.04
C ARG B 173 14.24 -0.03 44.14
N GLY B 174 14.12 0.75 43.08
CA GLY B 174 13.12 1.80 43.04
C GLY B 174 11.74 1.21 43.10
N ARG B 175 11.60 0.01 42.53
CA ARG B 175 10.34 -0.73 42.61
C ARG B 175 9.96 -0.98 44.06
N ALA B 176 10.90 -1.54 44.83
CA ALA B 176 10.68 -1.73 46.25
C ALA B 176 10.35 -0.43 46.95
N ASP B 177 10.97 0.67 46.53
CA ASP B 177 10.61 1.97 47.10
C ASP B 177 9.16 2.33 46.81
N ILE B 178 8.68 2.01 45.61
CA ILE B 178 7.30 2.31 45.26
C ILE B 178 6.36 1.50 46.14
N LEU B 179 6.58 0.19 46.23
CA LEU B 179 5.72 -0.66 47.06
C LEU B 179 5.75 -0.20 48.51
N LYS B 180 6.93 0.12 49.04
CA LYS B 180 7.00 0.66 50.39
C LYS B 180 6.27 1.98 50.50
N HIS B 181 6.13 2.72 49.39
CA HIS B 181 5.40 3.97 49.46
C HIS B 181 3.89 3.77 49.47
N HIS B 182 3.39 2.80 48.69
CA HIS B 182 1.95 2.57 48.68
C HIS B 182 1.50 1.72 49.85
N MET B 183 2.41 1.05 50.54
CA MET B 183 2.06 0.28 51.73
C MET B 183 1.89 1.15 52.97
N LYS B 184 1.72 2.45 52.82
CA LYS B 184 1.54 3.34 53.96
C LYS B 184 0.10 3.72 54.19
N LYS B 185 -0.76 3.56 53.19
CA LYS B 185 -2.18 3.85 53.33
C LYS B 185 -3.00 2.65 53.80
N ILE B 186 -2.35 1.52 54.09
CA ILE B 186 -3.05 0.30 54.45
C ILE B 186 -2.47 -0.24 55.75
N THR B 187 -3.11 -1.29 56.25
CA THR B 187 -2.73 -1.92 57.52
C THR B 187 -1.93 -3.19 57.24
N LEU B 188 -0.62 -3.06 57.24
CA LEU B 188 0.27 -4.10 56.74
C LEU B 188 0.56 -5.14 57.80
N ALA B 189 0.91 -6.35 57.35
CA ALA B 189 1.33 -7.43 58.24
C ALA B 189 2.82 -7.27 58.54
N ASP B 190 3.43 -8.30 59.12
CA ASP B 190 4.80 -8.19 59.60
C ASP B 190 5.78 -9.10 58.88
N ASN B 191 5.32 -10.12 58.19
CA ASN B 191 6.20 -10.98 57.40
C ASN B 191 6.44 -10.45 56.00
N VAL B 192 6.25 -9.15 55.77
CA VAL B 192 6.29 -8.58 54.44
C VAL B 192 7.72 -8.22 54.07
N ASP B 193 8.15 -8.65 52.89
CA ASP B 193 9.47 -8.33 52.37
C ASP B 193 9.31 -7.74 50.98
N PRO B 194 9.17 -6.41 50.84
CA PRO B 194 9.01 -5.81 49.52
C PRO B 194 10.10 -6.18 48.52
N THR B 195 11.27 -6.59 48.97
CA THR B 195 12.26 -7.13 48.05
C THR B 195 11.75 -8.38 47.36
N ILE B 196 10.94 -9.19 48.06
CA ILE B 196 10.48 -10.44 47.48
C ILE B 196 9.45 -10.17 46.39
N ILE B 197 8.55 -9.22 46.61
CA ILE B 197 7.58 -8.87 45.59
C ILE B 197 8.25 -8.15 44.44
N ALA B 198 9.19 -7.26 44.76
CA ALA B 198 9.87 -6.50 43.72
C ALA B 198 10.71 -7.39 42.83
N ARG B 199 11.37 -8.40 43.39
CA ARG B 199 12.09 -9.35 42.55
C ARG B 199 11.14 -10.13 41.66
N GLY B 200 9.89 -10.29 42.08
CA GLY B 200 8.92 -11.07 41.34
C GLY B 200 8.01 -10.29 40.43
N THR B 201 8.25 -9.01 40.21
CA THR B 201 7.45 -8.20 39.31
C THR B 201 8.37 -7.59 38.25
N PRO B 202 8.92 -8.40 37.35
CA PRO B 202 9.84 -7.88 36.33
C PRO B 202 9.12 -6.99 35.32
N GLY B 203 9.38 -5.70 35.39
CA GLY B 203 8.95 -4.78 34.36
C GLY B 203 7.57 -4.18 34.57
N LEU B 204 7.28 -3.74 35.78
CA LEU B 204 6.01 -3.10 36.08
C LEU B 204 6.25 -1.66 36.52
N SER B 205 5.39 -0.77 36.04
CA SER B 205 5.50 0.65 36.34
C SER B 205 4.94 0.92 37.73
N GLY B 206 4.72 2.20 38.05
CA GLY B 206 4.10 2.51 39.33
C GLY B 206 2.64 2.16 39.39
N ALA B 207 1.92 2.35 38.28
CA ALA B 207 0.48 2.10 38.28
C ALA B 207 0.17 0.64 38.59
N GLU B 208 0.93 -0.29 38.00
CA GLU B 208 0.67 -1.70 38.26
C GLU B 208 0.92 -2.07 39.71
N LEU B 209 1.93 -1.46 40.35
CA LEU B 209 2.23 -1.78 41.72
C LEU B 209 1.18 -1.19 42.67
N ALA B 210 0.72 0.02 42.38
CA ALA B 210 -0.39 0.58 43.15
C ALA B 210 -1.63 -0.30 43.03
N ASN B 211 -1.92 -0.75 41.80
CA ASN B 211 -3.01 -1.69 41.59
C ASN B 211 -2.82 -2.95 42.43
N LEU B 212 -1.58 -3.44 42.49
CA LEU B 212 -1.31 -4.66 43.24
C LEU B 212 -1.61 -4.48 44.71
N VAL B 213 -1.11 -3.41 45.31
CA VAL B 213 -1.37 -3.16 46.73
C VAL B 213 -2.85 -3.00 47.00
N ASN B 214 -3.55 -2.24 46.15
CA ASN B 214 -4.97 -2.00 46.36
C ASN B 214 -5.76 -3.29 46.33
N GLN B 215 -5.58 -4.09 45.29
CA GLN B 215 -6.30 -5.37 45.21
C GLN B 215 -5.93 -6.29 46.36
N ALA B 216 -4.69 -6.22 46.85
CA ALA B 216 -4.35 -7.00 48.04
C ALA B 216 -5.15 -6.54 49.25
N ALA B 217 -5.33 -5.23 49.42
CA ALA B 217 -6.08 -4.74 50.56
C ALA B 217 -7.55 -5.16 50.49
N VAL B 218 -8.20 -4.92 49.35
CA VAL B 218 -9.62 -5.29 49.23
C VAL B 218 -9.79 -6.80 49.36
N TYR B 219 -8.88 -7.58 48.77
CA TYR B 219 -9.00 -9.02 48.92
C TYR B 219 -8.84 -9.47 50.36
N ALA B 220 -7.86 -8.91 51.07
CA ALA B 220 -7.72 -9.26 52.49
C ALA B 220 -8.97 -8.92 53.28
N CYS B 221 -9.52 -7.72 53.09
CA CYS B 221 -10.64 -7.32 53.93
C CYS B 221 -11.95 -7.98 53.53
N GLN B 222 -12.04 -8.54 52.33
CA GLN B 222 -13.26 -9.27 52.01
C GLN B 222 -13.30 -10.60 52.76
N LYS B 223 -12.15 -11.17 53.11
CA LYS B 223 -12.08 -12.29 54.03
C LYS B 223 -12.00 -11.85 55.48
N ASN B 224 -12.49 -10.63 55.78
CA ASN B 224 -12.60 -10.02 57.12
C ASN B 224 -11.42 -10.35 58.04
N ALA B 225 -10.21 -10.16 57.53
CA ALA B 225 -9.01 -10.34 58.34
C ALA B 225 -8.67 -9.03 59.05
N VAL B 226 -7.49 -8.99 59.65
CA VAL B 226 -7.01 -7.82 60.37
C VAL B 226 -5.82 -7.18 59.67
N SER B 227 -4.94 -7.99 59.09
CA SER B 227 -3.73 -7.49 58.46
C SER B 227 -3.73 -7.86 56.98
N VAL B 228 -2.61 -7.62 56.32
CA VAL B 228 -2.43 -7.94 54.92
C VAL B 228 -1.16 -8.78 54.84
N ASP B 229 -1.33 -10.10 54.85
CA ASP B 229 -0.19 -10.99 54.97
C ASP B 229 0.56 -11.09 53.65
N MET B 230 1.68 -11.81 53.69
CA MET B 230 2.44 -12.05 52.46
C MET B 230 1.64 -12.86 51.47
N SER B 231 0.86 -13.83 51.96
CA SER B 231 0.02 -14.64 51.07
C SER B 231 -0.94 -13.79 50.26
N HIS B 232 -1.45 -12.70 50.83
CA HIS B 232 -2.34 -11.83 50.08
C HIS B 232 -1.60 -11.16 48.94
N PHE B 233 -0.40 -10.66 49.19
CA PHE B 233 0.39 -10.05 48.13
C PHE B 233 0.74 -11.07 47.06
N GLU B 234 0.97 -12.32 47.44
CA GLU B 234 1.16 -13.34 46.42
C GLU B 234 -0.10 -13.54 45.60
N TRP B 235 -1.27 -13.51 46.25
CA TRP B 235 -2.52 -13.68 45.52
C TRP B 235 -2.72 -12.58 44.50
N ALA B 236 -2.69 -11.32 44.94
CA ALA B 236 -2.86 -10.22 44.00
C ALA B 236 -1.78 -10.23 42.93
N LYS B 237 -0.55 -10.60 43.30
CA LYS B 237 0.52 -10.65 42.32
C LYS B 237 0.23 -11.64 41.20
N ASP B 238 0.07 -12.91 41.53
CA ASP B 238 -0.11 -13.89 40.47
C ASP B 238 -1.49 -13.78 39.83
N LYS B 239 -2.40 -13.00 40.41
CA LYS B 239 -3.63 -12.67 39.69
C LYS B 239 -3.39 -11.58 38.66
N ILE B 240 -2.50 -10.64 38.96
CA ILE B 240 -2.12 -9.64 37.98
C ILE B 240 -1.35 -10.28 36.82
N LEU B 241 -0.39 -11.15 37.14
CA LEU B 241 0.50 -11.69 36.11
C LEU B 241 -0.24 -12.66 35.19
N MET B 242 -0.78 -13.74 35.74
CA MET B 242 -1.26 -14.83 34.91
C MET B 242 -2.76 -14.73 34.60
N GLY B 243 -3.58 -14.47 35.59
CA GLY B 243 -5.00 -14.33 35.36
C GLY B 243 -5.79 -14.88 36.54
N ALA B 244 -7.10 -14.71 36.46
CA ALA B 244 -7.96 -15.13 37.55
C ALA B 244 -7.98 -16.64 37.66
N GLU B 245 -8.49 -17.12 38.79
CA GLU B 245 -8.64 -18.56 39.02
C GLU B 245 -9.90 -19.06 38.34
N ARG B 246 -9.88 -20.32 37.92
CA ARG B 246 -11.07 -20.96 37.37
C ARG B 246 -11.67 -21.83 38.46
N LYS B 247 -12.49 -21.20 39.31
CA LYS B 247 -13.17 -21.96 40.35
C LYS B 247 -14.13 -22.97 39.75
N THR B 248 -14.79 -22.60 38.66
CA THR B 248 -15.77 -23.46 38.00
C THR B 248 -15.10 -24.08 36.78
N MET B 249 -14.44 -25.22 37.00
CA MET B 249 -13.87 -25.97 35.88
C MET B 249 -13.64 -27.40 36.36
N VAL B 250 -14.39 -28.33 35.80
CA VAL B 250 -14.29 -29.74 36.18
C VAL B 250 -13.25 -30.41 35.30
N LEU B 251 -12.52 -31.36 35.87
CA LEU B 251 -11.46 -32.06 35.18
C LEU B 251 -11.53 -33.55 35.50
N THR B 252 -11.04 -34.36 34.58
CA THR B 252 -10.93 -35.80 34.82
C THR B 252 -9.69 -36.04 35.68
N ASP B 253 -9.27 -37.29 35.78
CA ASP B 253 -8.00 -37.59 36.41
C ASP B 253 -6.87 -37.82 35.40
N ALA B 254 -7.21 -38.25 34.19
CA ALA B 254 -6.19 -38.31 33.15
C ALA B 254 -5.67 -36.92 32.80
N ALA B 255 -6.55 -35.93 32.75
CA ALA B 255 -6.11 -34.56 32.48
C ALA B 255 -5.18 -34.05 33.58
N ARG B 256 -5.59 -34.16 34.83
CA ARG B 256 -4.76 -33.70 35.94
C ARG B 256 -3.44 -34.44 36.01
N LYS B 257 -3.44 -35.73 35.68
CA LYS B 257 -2.17 -36.44 35.63
C LYS B 257 -1.28 -35.89 34.51
N ALA B 258 -1.88 -35.60 33.36
CA ALA B 258 -1.12 -35.06 32.24
C ALA B 258 -0.48 -33.72 32.61
N THR B 259 -1.27 -32.76 33.08
CA THR B 259 -0.69 -31.47 33.47
C THR B 259 0.32 -31.63 34.58
N ALA B 260 0.11 -32.60 35.47
CA ALA B 260 1.11 -32.87 36.49
C ALA B 260 2.45 -33.24 35.87
N PHE B 261 2.44 -34.07 34.82
CA PHE B 261 3.70 -34.43 34.20
C PHE B 261 4.30 -33.31 33.37
N HIS B 262 3.48 -32.49 32.70
CA HIS B 262 4.00 -31.33 31.99
C HIS B 262 4.71 -30.38 32.94
N GLU B 263 4.00 -29.93 33.97
CA GLU B 263 4.60 -29.02 34.95
C GLU B 263 5.77 -29.66 35.67
N ALA B 264 5.75 -30.98 35.86
CA ALA B 264 6.91 -31.65 36.43
C ALA B 264 8.09 -31.57 35.48
N GLY B 265 7.85 -31.62 34.18
CA GLY B 265 8.93 -31.47 33.23
C GLY B 265 9.57 -30.10 33.32
N HIS B 266 8.75 -29.04 33.20
CA HIS B 266 9.30 -27.70 33.33
C HIS B 266 10.01 -27.50 34.66
N ALA B 267 9.45 -28.06 35.73
CA ALA B 267 9.98 -27.78 37.07
C ALA B 267 11.27 -28.52 37.33
N ILE B 268 11.44 -29.71 36.74
CA ILE B 268 12.72 -30.40 36.91
C ILE B 268 13.78 -29.81 36.00
N MET B 269 13.41 -29.36 34.81
CA MET B 269 14.42 -28.75 33.97
C MET B 269 14.93 -27.43 34.53
N ALA B 270 14.16 -26.76 35.38
CA ALA B 270 14.57 -25.50 35.98
C ALA B 270 15.21 -25.69 37.34
N LYS B 271 15.73 -26.88 37.63
CA LYS B 271 16.30 -27.19 38.92
C LYS B 271 17.62 -27.92 38.85
N TYR B 272 17.93 -28.56 37.72
CA TYR B 272 19.13 -29.37 37.57
C TYR B 272 20.02 -28.90 36.43
N THR B 273 19.64 -27.82 35.73
CA THR B 273 20.46 -27.28 34.65
C THR B 273 21.16 -26.02 35.13
N ASN B 274 22.39 -25.81 34.64
CA ASN B 274 23.18 -24.67 35.06
C ASN B 274 22.66 -23.39 34.44
N GLY B 275 22.67 -22.32 35.22
CA GLY B 275 22.29 -21.02 34.72
C GLY B 275 20.81 -20.74 34.73
N ALA B 276 19.97 -21.77 34.80
CA ALA B 276 18.54 -21.56 34.88
C ALA B 276 18.18 -20.77 36.13
N THR B 277 17.38 -19.72 35.94
CA THR B 277 16.92 -18.92 37.07
C THR B 277 16.18 -19.82 38.05
N PRO B 278 16.31 -19.59 39.36
CA PRO B 278 15.85 -20.57 40.34
C PRO B 278 14.35 -20.78 40.27
N LEU B 279 13.92 -21.96 40.73
CA LEU B 279 12.49 -22.19 40.91
C LEU B 279 11.89 -21.23 41.92
N TYR B 280 10.63 -20.89 41.69
CA TYR B 280 9.84 -20.15 42.67
C TYR B 280 8.66 -20.98 43.16
N LYS B 281 7.83 -21.50 42.26
CA LYS B 281 6.77 -22.40 42.65
C LYS B 281 6.09 -22.96 41.42
N ALA B 282 5.56 -24.18 41.56
CA ALA B 282 4.86 -24.89 40.51
C ALA B 282 3.42 -25.11 40.92
N THR B 283 2.54 -25.25 39.93
CA THR B 283 1.11 -25.27 40.19
C THR B 283 0.37 -26.02 39.10
N ILE B 284 -0.61 -26.81 39.51
CA ILE B 284 -1.58 -27.40 38.59
C ILE B 284 -2.88 -26.62 38.53
N LEU B 285 -3.19 -25.83 39.56
CA LEU B 285 -4.38 -24.98 39.63
C LEU B 285 -4.52 -24.14 38.37
N PRO B 286 -5.50 -24.45 37.52
CA PRO B 286 -5.61 -23.77 36.22
C PRO B 286 -5.96 -22.31 36.41
N ARG B 287 -5.19 -21.43 35.78
CA ARG B 287 -5.39 -20.00 35.92
C ARG B 287 -6.29 -19.49 34.79
N GLY B 288 -6.36 -18.16 34.66
CA GLY B 288 -7.33 -17.57 33.76
C GLY B 288 -7.07 -17.83 32.29
N ARG B 289 -5.87 -18.28 31.94
CA ARG B 289 -5.57 -18.47 30.53
C ARG B 289 -5.02 -19.86 30.24
N ALA B 290 -4.19 -20.39 31.14
CA ALA B 290 -3.56 -21.69 30.96
C ALA B 290 -3.72 -22.52 32.21
N LEU B 291 -3.72 -23.83 32.04
CA LEU B 291 -3.83 -24.78 33.13
C LEU B 291 -2.43 -25.31 33.43
N GLY B 292 -1.97 -25.12 34.65
CA GLY B 292 -0.60 -25.47 34.96
C GLY B 292 0.35 -24.32 34.67
N ILE B 293 1.14 -23.98 35.68
CA ILE B 293 2.11 -22.89 35.58
C ILE B 293 3.33 -23.26 36.42
N THR B 294 4.51 -22.89 35.93
CA THR B 294 5.72 -22.94 36.72
C THR B 294 6.33 -21.54 36.75
N PHE B 295 6.91 -21.20 37.89
CA PHE B 295 7.45 -19.87 38.12
C PHE B 295 8.94 -19.94 38.37
N GLN B 296 9.71 -19.13 37.65
CA GLN B 296 11.11 -18.94 37.95
C GLN B 296 11.29 -17.54 38.51
N LEU B 297 12.30 -17.37 39.37
CA LEU B 297 12.56 -16.10 40.01
C LEU B 297 13.93 -15.60 39.59
N PRO B 298 14.03 -14.60 38.72
CA PRO B 298 15.33 -14.00 38.42
C PRO B 298 15.94 -13.46 39.69
N GLU B 299 17.25 -13.72 39.86
CA GLU B 299 17.86 -13.40 41.14
C GLU B 299 17.79 -11.91 41.42
N MET B 300 18.61 -11.11 40.73
CA MET B 300 18.42 -9.68 40.52
C MET B 300 19.64 -9.14 39.78
N ASP B 301 19.48 -8.01 39.10
CA ASP B 301 20.57 -7.24 38.49
C ASP B 301 21.14 -7.88 37.23
N LYS B 302 20.74 -9.10 36.85
CA LYS B 302 21.33 -9.75 35.69
C LYS B 302 20.72 -9.19 34.41
N VAL B 303 21.11 -7.95 34.10
CA VAL B 303 20.50 -7.24 32.98
C VAL B 303 20.86 -7.88 31.66
N ASP B 304 22.13 -8.23 31.47
CA ASP B 304 22.62 -8.87 30.26
C ASP B 304 22.79 -10.36 30.52
N ILE B 305 22.09 -11.17 29.73
CA ILE B 305 22.08 -12.61 29.89
C ILE B 305 23.13 -13.22 28.97
N THR B 306 23.97 -14.07 29.55
CA THR B 306 25.03 -14.70 28.78
C THR B 306 24.46 -15.77 27.86
N LYS B 307 25.35 -16.52 27.22
CA LYS B 307 24.94 -17.62 26.36
C LYS B 307 24.40 -18.77 27.17
N ARG B 308 25.10 -19.12 28.26
CA ARG B 308 24.69 -20.27 29.07
C ARG B 308 23.29 -20.09 29.63
N GLU B 309 22.93 -18.87 30.02
CA GLU B 309 21.59 -18.62 30.50
C GLU B 309 20.56 -18.78 29.38
N CYS B 310 20.89 -18.34 28.17
CA CYS B 310 20.00 -18.55 27.03
C CYS B 310 19.75 -20.03 26.79
N GLN B 311 20.82 -20.80 26.60
CA GLN B 311 20.63 -22.23 26.33
C GLN B 311 19.92 -22.93 27.47
N ALA B 312 20.16 -22.51 28.72
CA ALA B 312 19.36 -23.04 29.81
C ALA B 312 17.89 -22.71 29.62
N ARG B 313 17.59 -21.52 29.08
CA ARG B 313 16.20 -21.15 28.85
C ARG B 313 15.56 -22.03 27.78
N LEU B 314 16.29 -22.30 26.69
CA LEU B 314 15.79 -23.23 25.69
C LEU B 314 15.55 -24.60 26.29
N ASP B 315 16.42 -25.07 27.17
CA ASP B 315 16.21 -26.39 27.76
C ASP B 315 14.99 -26.41 28.65
N VAL B 316 14.78 -25.34 29.42
CA VAL B 316 13.59 -25.28 30.26
C VAL B 316 12.32 -25.27 29.41
N CYS B 317 12.38 -24.72 28.21
CA CYS B 317 11.20 -24.71 27.36
C CYS B 317 10.99 -26.00 26.58
N MET B 318 11.55 -27.12 27.01
CA MET B 318 11.40 -28.38 26.29
C MET B 318 10.98 -29.54 27.19
N GLY B 319 11.11 -29.40 28.51
CA GLY B 319 10.68 -30.44 29.41
C GLY B 319 9.21 -30.76 29.34
N GLY B 320 8.40 -29.86 28.80
CA GLY B 320 7.00 -30.17 28.58
C GLY B 320 6.81 -31.33 27.62
N LYS B 321 7.13 -31.12 26.35
CA LYS B 321 6.89 -32.18 25.38
C LYS B 321 7.84 -33.36 25.59
N ILE B 322 9.02 -33.10 26.18
CA ILE B 322 9.89 -34.23 26.45
C ILE B 322 9.33 -35.10 27.57
N ALA B 323 8.71 -34.48 28.57
CA ALA B 323 8.06 -35.26 29.62
C ALA B 323 6.88 -36.03 29.07
N GLU B 324 6.03 -35.37 28.29
CA GLU B 324 4.90 -36.06 27.68
C GLU B 324 5.36 -37.22 26.80
N GLU B 325 6.48 -37.07 26.09
CA GLU B 325 6.97 -38.17 25.28
C GLU B 325 7.47 -39.31 26.15
N LEU B 326 8.30 -39.01 27.14
CA LEU B 326 8.91 -40.07 27.93
C LEU B 326 7.86 -40.84 28.72
N ILE B 327 6.76 -40.20 29.11
CA ILE B 327 5.75 -40.92 29.87
C ILE B 327 4.74 -41.59 28.94
N TYR B 328 4.18 -40.84 28.00
CA TYR B 328 3.02 -41.27 27.23
C TYR B 328 3.36 -41.69 25.81
N GLY B 329 4.63 -41.90 25.49
CA GLY B 329 5.01 -42.30 24.15
C GLY B 329 4.94 -41.15 23.16
N LYS B 330 5.60 -41.35 22.02
CA LYS B 330 5.79 -40.28 21.07
C LYS B 330 4.49 -39.84 20.39
N ASP B 331 3.52 -40.73 20.28
CA ASP B 331 2.29 -40.43 19.56
C ASP B 331 1.20 -39.84 20.44
N ASN B 332 1.55 -39.21 21.56
CA ASN B 332 0.55 -38.62 22.45
C ASN B 332 0.94 -37.22 22.88
N THR B 333 1.80 -36.55 22.13
CA THR B 333 2.18 -35.17 22.46
C THR B 333 1.10 -34.22 21.96
N THR B 334 0.38 -33.60 22.88
CA THR B 334 -0.75 -32.76 22.54
C THR B 334 -0.27 -31.47 21.88
N SER B 335 -1.23 -30.61 21.55
CA SER B 335 -0.91 -29.29 21.03
C SER B 335 -0.61 -28.29 22.14
N GLY B 336 -0.72 -28.70 23.41
CA GLY B 336 -0.42 -27.80 24.50
C GLY B 336 1.02 -27.34 24.53
N CYS B 337 1.92 -28.06 23.86
CA CYS B 337 3.30 -27.66 23.79
C CYS B 337 3.59 -26.78 22.59
N GLY B 338 2.60 -26.04 22.11
CA GLY B 338 2.88 -25.05 21.06
C GLY B 338 3.37 -23.73 21.63
N SER B 339 2.74 -23.27 22.69
CA SER B 339 3.17 -22.03 23.33
C SER B 339 4.57 -22.15 23.93
N ASP B 340 5.07 -23.37 24.12
CA ASP B 340 6.46 -23.55 24.48
C ASP B 340 7.36 -23.31 23.27
N LEU B 341 6.98 -23.86 22.11
CA LEU B 341 7.79 -23.73 20.92
C LEU B 341 7.83 -22.28 20.44
N GLN B 342 6.79 -21.50 20.78
CA GLN B 342 6.80 -20.07 20.51
C GLN B 342 8.03 -19.41 21.10
N SER B 343 8.13 -19.44 22.43
CA SER B 343 9.18 -18.70 23.11
C SER B 343 10.54 -19.36 22.92
N ALA B 344 10.58 -20.69 22.85
CA ALA B 344 11.84 -21.35 22.56
C ALA B 344 12.40 -20.92 21.22
N THR B 345 11.55 -20.91 20.19
CA THR B 345 12.01 -20.46 18.88
C THR B 345 12.44 -19.01 18.90
N GLY B 346 11.66 -18.15 19.56
CA GLY B 346 12.06 -16.76 19.64
C GLY B 346 13.41 -16.57 20.30
N THR B 347 13.67 -17.31 21.38
CA THR B 347 14.95 -17.23 22.05
C THR B 347 16.08 -17.66 21.12
N ALA B 348 15.91 -18.79 20.44
CA ALA B 348 17.00 -19.28 19.59
C ALA B 348 17.30 -18.31 18.45
N ARG B 349 16.28 -17.81 17.78
CA ARG B 349 16.54 -16.82 16.72
C ARG B 349 17.18 -15.57 17.26
N ALA B 350 16.77 -15.11 18.45
CA ALA B 350 17.45 -13.97 19.04
C ALA B 350 18.91 -14.26 19.29
N MET B 351 19.24 -15.49 19.71
CA MET B 351 20.64 -15.87 19.84
C MET B 351 21.39 -15.76 18.53
N VAL B 352 20.93 -16.44 17.48
CA VAL B 352 21.69 -16.56 16.25
C VAL B 352 21.81 -15.22 15.52
N THR B 353 20.71 -14.47 15.39
CA THR B 353 20.77 -13.27 14.57
C THR B 353 21.33 -12.08 15.33
N GLN B 354 20.63 -11.64 16.38
CA GLN B 354 21.00 -10.38 17.02
C GLN B 354 22.30 -10.49 17.80
N TYR B 355 22.32 -11.37 18.81
CA TYR B 355 23.39 -11.32 19.80
C TYR B 355 24.73 -11.72 19.21
N GLY B 356 24.74 -12.54 18.17
CA GLY B 356 25.99 -12.99 17.60
C GLY B 356 26.63 -14.11 18.37
N MET B 357 25.87 -15.17 18.64
CA MET B 357 26.35 -16.29 19.42
C MET B 357 26.58 -17.55 18.59
N SER B 358 26.53 -17.46 17.27
CA SER B 358 26.71 -18.63 16.41
C SER B 358 28.02 -18.52 15.67
N ASP B 359 28.71 -19.65 15.53
CA ASP B 359 30.05 -19.63 14.95
C ASP B 359 29.99 -19.65 13.43
N ASP B 360 28.82 -19.91 12.86
CA ASP B 360 28.73 -20.05 11.42
C ASP B 360 28.34 -18.74 10.74
N VAL B 361 27.34 -18.04 11.28
CA VAL B 361 27.02 -16.73 10.73
C VAL B 361 28.13 -15.75 11.00
N GLY B 362 28.72 -15.81 12.19
CA GLY B 362 29.82 -14.96 12.54
C GLY B 362 29.44 -13.83 13.49
N PRO B 363 30.21 -12.76 13.46
CA PRO B 363 29.96 -11.64 14.37
C PRO B 363 28.94 -10.65 13.82
N VAL B 364 28.18 -11.05 12.87
CA VAL B 364 27.36 -10.11 12.12
C VAL B 364 25.97 -10.01 12.71
N ASN B 365 25.36 -8.84 12.58
CA ASN B 365 23.97 -8.62 12.94
C ASN B 365 23.08 -8.91 11.74
N LEU B 366 21.98 -9.63 11.97
CA LEU B 366 21.01 -9.90 10.92
C LEU B 366 19.60 -9.56 11.34
N SER B 367 19.39 -8.93 12.49
CA SER B 367 18.03 -8.67 12.96
C SER B 367 17.37 -7.61 12.11
N GLU B 368 17.91 -6.39 12.15
CA GLU B 368 17.32 -5.29 11.42
C GLU B 368 17.55 -5.50 9.93
N GLU B 369 16.50 -5.30 9.13
CA GLU B 369 16.51 -5.61 7.71
C GLU B 369 16.81 -7.09 7.50
N TRP B 370 15.99 -7.92 8.15
CA TRP B 370 16.11 -9.36 7.95
C TRP B 370 15.79 -9.77 6.52
N GLU B 371 14.96 -8.98 5.84
CA GLU B 371 14.52 -9.32 4.50
C GLU B 371 15.33 -8.61 3.42
N SER B 372 16.49 -8.05 3.77
CA SER B 372 17.37 -7.45 2.80
C SER B 372 18.66 -8.24 2.61
N TRP B 373 18.89 -9.27 3.41
CA TRP B 373 20.03 -10.15 3.25
C TRP B 373 19.76 -11.16 2.13
N SER B 374 20.80 -11.86 1.74
CA SER B 374 20.70 -12.77 0.60
C SER B 374 19.92 -14.02 1.02
N ASN B 375 19.94 -15.04 0.16
CA ASN B 375 19.28 -16.29 0.50
C ASN B 375 20.24 -17.40 0.87
N LYS B 376 21.54 -17.12 0.92
CA LYS B 376 22.49 -18.10 1.44
C LYS B 376 22.70 -17.87 2.93
N ILE B 377 22.82 -16.60 3.33
CA ILE B 377 22.99 -16.28 4.73
C ILE B 377 21.77 -16.65 5.53
N ARG B 378 20.58 -16.24 5.07
CA ARG B 378 19.33 -16.60 5.74
C ARG B 378 19.19 -18.11 5.89
N ASP B 379 19.68 -18.86 4.91
CA ASP B 379 19.57 -20.31 4.98
C ASP B 379 20.54 -20.88 6.00
N ILE B 380 21.76 -20.35 6.05
CA ILE B 380 22.71 -20.81 7.06
C ILE B 380 22.20 -20.50 8.46
N ALA B 381 21.68 -19.29 8.66
CA ALA B 381 21.21 -18.91 9.99
C ALA B 381 20.01 -19.75 10.42
N ASP B 382 19.08 -20.01 9.52
CA ASP B 382 17.94 -20.82 9.91
C ASP B 382 18.35 -22.26 10.23
N ASN B 383 19.22 -22.84 9.41
CA ASN B 383 19.73 -24.17 9.75
C ASN B 383 20.42 -24.17 11.10
N GLU B 384 21.11 -23.09 11.43
CA GLU B 384 21.75 -23.00 12.74
C GLU B 384 20.72 -22.98 13.86
N VAL B 385 19.63 -22.24 13.67
CA VAL B 385 18.57 -22.20 14.67
C VAL B 385 18.01 -23.59 14.92
N ILE B 386 17.64 -24.28 13.85
CA ILE B 386 17.02 -25.60 14.01
C ILE B 386 17.98 -26.58 14.67
N GLU B 387 19.28 -26.49 14.33
CA GLU B 387 20.23 -27.35 15.02
C GLU B 387 20.30 -27.03 16.51
N LEU B 388 20.20 -25.75 16.85
CA LEU B 388 20.27 -25.35 18.25
C LEU B 388 19.10 -25.92 19.04
N LEU B 389 17.88 -25.80 18.50
CA LEU B 389 16.72 -26.38 19.17
C LEU B 389 16.81 -27.90 19.28
N LYS B 390 17.24 -28.58 18.21
CA LYS B 390 17.36 -30.03 18.28
C LYS B 390 18.31 -30.47 19.39
N ASP B 391 19.46 -29.81 19.50
CA ASP B 391 20.35 -30.09 20.61
C ASP B 391 19.66 -29.85 21.95
N SER B 392 18.82 -28.81 22.03
CA SER B 392 18.12 -28.54 23.27
C SER B 392 17.22 -29.71 23.68
N GLU B 393 16.36 -30.18 22.77
CA GLU B 393 15.48 -31.27 23.14
C GLU B 393 16.29 -32.52 23.44
N GLU B 394 17.46 -32.67 22.83
CA GLU B 394 18.29 -33.83 23.16
C GLU B 394 18.74 -33.77 24.61
N ARG B 395 19.26 -32.62 25.05
CA ARG B 395 19.67 -32.51 26.45
C ARG B 395 18.50 -32.77 27.39
N ALA B 396 17.32 -32.23 27.07
CA ALA B 396 16.17 -32.52 27.93
C ALA B 396 15.86 -34.01 27.96
N ARG B 397 16.05 -34.70 26.84
CA ARG B 397 15.85 -36.15 26.82
C ARG B 397 16.75 -36.85 27.81
N ARG B 398 18.06 -36.59 27.73
CA ARG B 398 18.97 -37.31 28.61
C ARG B 398 18.71 -36.94 30.08
N LEU B 399 18.51 -35.65 30.35
CA LEU B 399 18.30 -35.22 31.73
C LEU B 399 17.07 -35.87 32.34
N LEU B 400 15.92 -35.76 31.68
CA LEU B 400 14.73 -36.39 32.25
C LEU B 400 14.81 -37.91 32.23
N THR B 401 15.64 -38.48 31.36
CA THR B 401 15.79 -39.94 31.40
C THR B 401 16.59 -40.39 32.61
N LYS B 402 17.50 -39.55 33.12
CA LYS B 402 18.23 -39.98 34.31
C LYS B 402 17.63 -39.43 35.60
N LYS B 403 16.60 -38.60 35.50
CA LYS B 403 15.93 -38.08 36.69
C LYS B 403 14.48 -38.54 36.74
N ASN B 404 14.25 -39.80 36.43
CA ASN B 404 12.89 -40.31 36.27
C ASN B 404 12.17 -40.40 37.62
N VAL B 405 12.89 -40.85 38.65
CA VAL B 405 12.30 -41.05 39.97
C VAL B 405 11.71 -39.76 40.50
N GLU B 406 12.49 -38.69 40.49
CA GLU B 406 11.98 -37.39 40.90
C GLU B 406 10.83 -36.92 40.02
N LEU B 407 10.79 -37.36 38.76
CA LEU B 407 9.72 -36.93 37.87
C LEU B 407 8.39 -37.52 38.30
N HIS B 408 8.35 -38.83 38.52
CA HIS B 408 7.10 -39.42 39.04
C HIS B 408 6.78 -38.90 40.42
N ARG B 409 7.79 -38.78 41.28
CA ARG B 409 7.56 -38.36 42.66
C ARG B 409 6.98 -36.96 42.72
N LEU B 410 7.46 -36.06 41.86
CA LEU B 410 6.98 -34.69 41.84
C LEU B 410 5.66 -34.55 41.12
N ALA B 411 5.42 -35.35 40.07
CA ALA B 411 4.10 -35.33 39.44
C ALA B 411 3.03 -35.75 40.45
N GLN B 412 3.28 -36.83 41.19
CA GLN B 412 2.34 -37.22 42.23
C GLN B 412 2.21 -36.13 43.30
N GLY B 413 3.33 -35.54 43.70
CA GLY B 413 3.27 -34.44 44.65
C GLY B 413 2.39 -33.29 44.19
N LEU B 414 2.33 -33.04 42.88
CA LEU B 414 1.42 -32.03 42.39
C LEU B 414 -0.02 -32.54 42.30
N ILE B 415 -0.22 -33.83 42.06
CA ILE B 415 -1.59 -34.33 42.02
C ILE B 415 -2.25 -34.24 43.38
N GLU B 416 -1.51 -34.59 44.45
CA GLU B 416 -2.11 -34.61 45.77
C GLU B 416 -2.06 -33.23 46.43
N TYR B 417 -0.90 -32.58 46.41
CA TYR B 417 -0.79 -31.18 46.78
C TYR B 417 -0.81 -30.34 45.51
N GLU B 418 -1.79 -29.44 45.42
CA GLU B 418 -2.08 -28.84 44.12
C GLU B 418 -1.00 -27.86 43.69
N THR B 419 -0.20 -27.37 44.64
CA THR B 419 0.82 -26.38 44.34
C THR B 419 1.97 -26.53 45.32
N LEU B 420 3.15 -26.06 44.92
CA LEU B 420 4.32 -26.23 45.75
C LEU B 420 5.31 -25.10 45.48
N ASP B 421 6.19 -24.83 46.44
CA ASP B 421 7.27 -23.88 46.25
C ASP B 421 8.60 -24.64 46.17
N ALA B 422 9.69 -23.90 45.97
CA ALA B 422 11.00 -24.52 45.80
C ALA B 422 11.39 -25.36 47.01
N HIS B 423 11.03 -24.91 48.21
CA HIS B 423 11.33 -25.70 49.40
C HIS B 423 10.52 -26.99 49.40
N GLU B 424 9.20 -26.88 49.39
CA GLU B 424 8.33 -28.05 49.38
C GLU B 424 8.62 -28.96 48.19
N ILE B 425 8.94 -28.40 47.03
CA ILE B 425 9.40 -29.22 45.92
C ILE B 425 10.67 -29.96 46.31
N GLU B 426 11.55 -29.29 47.07
CA GLU B 426 12.79 -29.94 47.49
C GLU B 426 12.51 -31.15 48.37
N GLN B 427 11.66 -31.01 49.39
CA GLN B 427 11.28 -32.19 50.16
C GLN B 427 10.60 -33.25 49.32
N VAL B 428 9.63 -32.87 48.48
CA VAL B 428 8.86 -33.87 47.75
C VAL B 428 9.74 -34.66 46.80
N CYS B 429 10.79 -34.04 46.28
CA CYS B 429 11.66 -34.74 45.34
C CYS B 429 12.59 -35.73 46.03
N LYS B 430 12.99 -35.47 47.27
CA LYS B 430 13.92 -36.34 47.95
C LYS B 430 13.25 -37.52 48.65
N GLY B 431 11.94 -37.64 48.55
CA GLY B 431 11.24 -38.76 49.14
C GLY B 431 10.59 -38.49 50.47
N GLU B 432 10.83 -37.33 51.07
CA GLU B 432 10.23 -36.99 52.35
C GLU B 432 8.75 -36.69 52.17
N LYS B 433 8.03 -36.73 53.28
CA LYS B 433 6.62 -36.40 53.31
C LYS B 433 6.44 -35.07 54.06
N LEU B 434 6.12 -34.02 53.32
CA LEU B 434 5.88 -32.72 53.95
C LEU B 434 4.52 -32.78 54.64
N ALA B 435 4.53 -32.70 55.98
CA ALA B 435 3.29 -32.75 56.73
C ALA B 435 2.66 -31.38 56.90
N LYS B 436 3.39 -30.32 56.62
CA LYS B 436 2.90 -28.96 56.84
C LYS B 436 1.67 -28.64 56.01
N LEU B 437 1.62 -29.05 54.75
CA LEU B 437 0.44 -28.89 53.94
C LEU B 437 -0.50 -30.08 54.12
N LYS B 438 -1.78 -29.84 53.90
CA LYS B 438 -2.76 -30.92 53.81
C LYS B 438 -3.22 -31.05 52.37
N THR B 439 -3.49 -32.30 51.97
CA THR B 439 -3.84 -32.60 50.59
C THR B 439 -5.10 -31.87 50.12
N LYS C 1 -30.90 -8.62 35.67
CA LYS C 1 -30.17 -8.65 36.93
C LYS C 1 -29.29 -9.89 37.02
N PHE C 2 -28.36 -9.89 37.99
CA PHE C 2 -27.23 -10.82 38.01
C PHE C 2 -27.63 -12.29 38.02
N ASP C 3 -28.88 -12.63 38.28
CA ASP C 3 -29.29 -14.02 38.18
C ASP C 3 -29.63 -14.42 36.75
N ASP C 4 -29.69 -13.47 35.83
CA ASP C 4 -29.99 -13.75 34.44
C ASP C 4 -28.76 -14.12 33.62
N VAL C 5 -27.57 -14.10 34.21
CA VAL C 5 -26.35 -14.36 33.47
C VAL C 5 -25.77 -15.70 33.88
N CYS C 6 -26.20 -16.77 33.21
CA CYS C 6 -25.80 -18.11 33.56
C CYS C 6 -24.55 -18.51 32.79
N GLY C 7 -23.55 -18.99 33.51
CA GLY C 7 -22.24 -19.19 32.94
C GLY C 7 -21.39 -17.95 33.12
N CYS C 8 -20.08 -18.10 32.86
CA CYS C 8 -19.06 -17.08 33.08
C CYS C 8 -19.24 -16.42 34.45
N ASP C 9 -19.01 -17.22 35.48
CA ASP C 9 -19.22 -16.77 36.85
C ASP C 9 -18.07 -15.92 37.39
N GLU C 10 -16.94 -15.83 36.68
CA GLU C 10 -15.85 -14.98 37.15
C GLU C 10 -16.13 -13.52 36.91
N ALA C 11 -16.41 -13.15 35.66
CA ALA C 11 -16.84 -11.77 35.36
C ALA C 11 -18.01 -11.38 36.24
N ARG C 12 -19.00 -12.25 36.33
CA ARG C 12 -20.13 -12.04 37.23
C ARG C 12 -19.67 -11.81 38.66
N ALA C 13 -18.64 -12.53 39.09
CA ALA C 13 -18.14 -12.31 40.45
C ALA C 13 -17.51 -10.94 40.60
N GLU C 14 -16.76 -10.51 39.58
CA GLU C 14 -16.11 -9.20 39.65
C GLU C 14 -17.14 -8.07 39.74
N LEU C 15 -18.13 -8.09 38.86
CA LEU C 15 -19.11 -7.01 38.90
C LEU C 15 -20.00 -7.11 40.13
N GLU C 16 -20.35 -8.33 40.55
CA GLU C 16 -21.09 -8.49 41.80
C GLU C 16 -20.33 -7.88 42.96
N GLU C 17 -19.01 -8.05 43.01
CA GLU C 17 -18.28 -7.47 44.13
C GLU C 17 -18.08 -5.97 43.98
N ILE C 18 -18.12 -5.45 42.75
CA ILE C 18 -18.09 -3.98 42.62
C ILE C 18 -19.37 -3.38 43.18
N VAL C 19 -20.52 -3.88 42.73
CA VAL C 19 -21.79 -3.37 43.26
C VAL C 19 -21.88 -3.62 44.76
N ASP C 20 -21.31 -4.74 45.22
CA ASP C 20 -21.20 -4.98 46.64
C ASP C 20 -20.27 -3.99 47.32
N PHE C 21 -19.36 -3.38 46.58
CA PHE C 21 -18.58 -2.28 47.14
C PHE C 21 -19.44 -1.03 47.27
N LEU C 22 -20.29 -0.77 46.28
CA LEU C 22 -21.15 0.40 46.35
C LEU C 22 -22.28 0.23 47.37
N LYS C 23 -22.56 -0.99 47.80
CA LYS C 23 -23.59 -1.17 48.83
C LYS C 23 -23.05 -0.83 50.21
N ASP C 24 -22.06 -1.57 50.68
CA ASP C 24 -21.52 -1.43 52.03
C ASP C 24 -20.00 -1.27 51.92
N PRO C 25 -19.50 -0.05 51.83
CA PRO C 25 -18.04 0.13 51.69
C PRO C 25 -17.27 -0.39 52.89
N THR C 26 -17.86 -0.35 54.09
CA THR C 26 -17.10 -0.65 55.29
C THR C 26 -16.62 -2.09 55.37
N LYS C 27 -17.23 -3.01 54.61
CA LYS C 27 -16.69 -4.36 54.57
C LYS C 27 -15.41 -4.40 53.75
N TYR C 28 -15.11 -3.34 53.01
CA TYR C 28 -13.98 -3.29 52.10
C TYR C 28 -13.03 -2.13 52.33
N GLU C 29 -13.51 -1.01 52.88
CA GLU C 29 -12.65 0.12 53.20
C GLU C 29 -12.10 0.05 54.62
N SER C 30 -11.96 -1.15 55.17
CA SER C 30 -11.39 -1.30 56.50
C SER C 30 -9.87 -1.23 56.45
N LEU C 31 -9.25 -2.07 55.64
CA LEU C 31 -7.80 -2.11 55.50
C LEU C 31 -7.29 -1.06 54.52
N GLY C 32 -8.16 -0.22 53.99
CA GLY C 32 -7.72 0.88 53.15
C GLY C 32 -7.91 0.70 51.66
N GLY C 33 -8.63 -0.34 51.23
CA GLY C 33 -8.89 -0.52 49.82
C GLY C 33 -9.84 0.55 49.29
N LYS C 34 -9.73 0.83 48.00
CA LYS C 34 -10.64 1.75 47.33
C LYS C 34 -11.08 1.12 46.02
N LEU C 35 -12.11 1.71 45.41
CA LEU C 35 -12.78 1.04 44.30
C LEU C 35 -11.84 0.86 43.13
N PRO C 36 -12.13 -0.11 42.26
CA PRO C 36 -11.45 -0.15 40.97
C PRO C 36 -11.86 1.03 40.13
N LYS C 37 -10.90 1.61 39.41
CA LYS C 37 -11.20 2.76 38.57
C LYS C 37 -11.78 2.37 37.23
N GLY C 38 -11.82 1.08 36.91
CA GLY C 38 -12.30 0.66 35.61
C GLY C 38 -12.30 -0.83 35.41
N VAL C 39 -13.29 -1.32 34.66
CA VAL C 39 -13.40 -2.73 34.33
C VAL C 39 -13.60 -2.85 32.83
N LEU C 40 -12.70 -3.57 32.16
CA LEU C 40 -12.83 -3.85 30.74
C LEU C 40 -13.36 -5.26 30.56
N LEU C 41 -14.05 -5.49 29.45
CA LEU C 41 -14.75 -6.76 29.19
C LEU C 41 -14.39 -7.23 27.79
N THR C 42 -13.67 -8.34 27.68
CA THR C 42 -13.25 -8.81 26.38
C THR C 42 -13.74 -10.23 26.15
N GLY C 43 -14.04 -10.54 24.89
CA GLY C 43 -14.47 -11.87 24.51
C GLY C 43 -15.15 -11.91 23.17
N PRO C 44 -15.33 -13.10 22.61
CA PRO C 44 -15.89 -13.23 21.27
C PRO C 44 -17.31 -12.73 21.20
N PRO C 45 -17.90 -12.65 20.01
CA PRO C 45 -19.25 -12.12 19.89
C PRO C 45 -20.28 -13.06 20.50
N GLY C 46 -21.17 -12.49 21.29
CA GLY C 46 -22.33 -13.19 21.77
C GLY C 46 -22.17 -13.87 23.10
N THR C 47 -21.12 -13.59 23.86
CA THR C 47 -20.86 -14.34 25.07
C THR C 47 -21.37 -13.65 26.33
N GLY C 48 -22.05 -12.52 26.22
CA GLY C 48 -22.69 -11.93 27.38
C GLY C 48 -21.97 -10.77 28.02
N LYS C 49 -21.51 -9.81 27.21
CA LYS C 49 -20.83 -8.63 27.71
C LYS C 49 -21.77 -7.46 27.93
N THR C 50 -22.50 -7.06 26.89
CA THR C 50 -23.54 -6.05 27.06
C THR C 50 -24.60 -6.54 28.03
N LEU C 51 -24.76 -7.86 28.17
CA LEU C 51 -25.67 -8.41 29.16
C LEU C 51 -25.19 -8.12 30.57
N LEU C 52 -23.92 -8.41 30.87
CA LEU C 52 -23.39 -8.08 32.18
C LEU C 52 -23.46 -6.58 32.43
N ALA C 53 -23.27 -5.77 31.39
CA ALA C 53 -23.44 -4.33 31.56
C ALA C 53 -24.87 -3.99 31.96
N ARG C 54 -25.86 -4.63 31.33
CA ARG C 54 -27.24 -4.40 31.74
C ARG C 54 -27.48 -4.82 33.17
N ALA C 55 -26.92 -5.95 33.58
CA ALA C 55 -27.12 -6.43 34.94
C ALA C 55 -26.55 -5.44 35.96
N THR C 56 -25.29 -5.03 35.77
CA THR C 56 -24.70 -4.07 36.70
C THR C 56 -25.45 -2.75 36.69
N ALA C 57 -25.94 -2.32 35.53
CA ALA C 57 -26.73 -1.09 35.53
C ALA C 57 -28.03 -1.27 36.27
N GLY C 58 -28.59 -2.48 36.25
CA GLY C 58 -29.89 -2.68 36.86
C GLY C 58 -29.82 -2.84 38.36
N GLU C 59 -28.72 -3.38 38.87
CA GLU C 59 -28.61 -3.64 40.30
C GLU C 59 -27.71 -2.66 41.04
N ALA C 60 -26.91 -1.87 40.34
CA ALA C 60 -25.95 -1.00 41.03
C ALA C 60 -26.65 0.05 41.87
N GLY C 61 -27.89 0.39 41.55
CA GLY C 61 -28.60 1.38 42.32
C GLY C 61 -27.98 2.75 42.31
N VAL C 62 -27.40 3.16 41.18
CA VAL C 62 -26.78 4.46 41.03
C VAL C 62 -26.85 4.84 39.56
N ASP C 63 -26.52 6.10 39.26
CA ASP C 63 -26.56 6.57 37.88
C ASP C 63 -25.68 5.72 36.99
N PHE C 64 -26.02 5.68 35.71
CA PHE C 64 -25.34 4.82 34.76
C PHE C 64 -25.45 5.42 33.37
N PHE C 65 -24.40 6.13 32.95
CA PHE C 65 -24.36 6.77 31.64
C PHE C 65 -23.80 5.76 30.66
N PHE C 66 -24.46 5.58 29.53
CA PHE C 66 -24.00 4.64 28.53
C PHE C 66 -23.88 5.32 27.18
N MET C 67 -22.83 4.98 26.44
CA MET C 67 -22.69 5.42 25.06
C MET C 67 -21.99 4.32 24.28
N SER C 68 -21.87 4.55 22.98
CA SER C 68 -21.16 3.65 22.10
C SER C 68 -19.90 4.34 21.62
N GLY C 69 -18.99 3.56 21.05
CA GLY C 69 -17.77 4.15 20.54
C GLY C 69 -17.99 5.01 19.32
N SER C 70 -19.18 4.91 18.73
CA SER C 70 -19.49 5.60 17.49
C SER C 70 -20.32 6.86 17.69
N GLU C 71 -20.85 7.10 18.89
CA GLU C 71 -21.65 8.29 19.13
C GLU C 71 -20.80 9.54 19.30
N PHE C 72 -19.52 9.46 19.01
CA PHE C 72 -18.60 10.58 18.98
C PHE C 72 -18.36 10.96 17.51
N ASP C 73 -17.44 11.88 17.27
CA ASP C 73 -16.83 12.05 15.95
C ASP C 73 -17.84 12.37 14.86
N GLU C 74 -18.46 13.54 14.95
CA GLU C 74 -19.24 14.03 13.81
C GLU C 74 -18.35 14.90 12.92
N VAL C 75 -18.98 15.69 12.05
CA VAL C 75 -18.32 16.21 10.85
C VAL C 75 -17.12 17.07 11.20
N TYR C 76 -17.24 17.95 12.17
CA TYR C 76 -16.29 19.01 12.39
C TYR C 76 -15.18 18.57 13.34
N VAL C 77 -14.11 19.35 13.38
CA VAL C 77 -12.92 18.97 14.11
C VAL C 77 -13.10 19.29 15.60
N GLY C 78 -12.72 18.35 16.45
CA GLY C 78 -12.77 18.58 17.88
C GLY C 78 -14.14 18.48 18.49
N VAL C 79 -15.07 17.77 17.85
CA VAL C 79 -16.39 17.57 18.44
C VAL C 79 -16.40 16.34 19.31
N GLY C 80 -15.65 15.30 18.95
CA GLY C 80 -15.61 14.11 19.77
C GLY C 80 -15.01 14.36 21.14
N ALA C 81 -13.83 15.01 21.17
CA ALA C 81 -13.25 15.40 22.44
C ALA C 81 -14.20 16.28 23.24
N LYS C 82 -14.88 17.20 22.57
CA LYS C 82 -15.83 18.06 23.27
C LYS C 82 -16.92 17.23 23.95
N ARG C 83 -17.48 16.26 23.24
CA ARG C 83 -18.49 15.42 23.84
C ARG C 83 -17.95 14.56 24.97
N ILE C 84 -16.68 14.18 24.92
CA ILE C 84 -16.12 13.44 26.05
C ILE C 84 -15.98 14.35 27.26
N ARG C 85 -15.53 15.58 27.06
CA ARG C 85 -15.42 16.52 28.17
C ARG C 85 -16.78 16.77 28.82
N ASP C 86 -17.82 16.95 28.00
CA ASP C 86 -19.15 17.15 28.56
C ASP C 86 -19.68 15.89 29.24
N LEU C 87 -19.36 14.72 28.69
CA LEU C 87 -19.81 13.48 29.31
C LEU C 87 -19.24 13.31 30.70
N PHE C 88 -17.94 13.58 30.86
CA PHE C 88 -17.38 13.46 32.20
C PHE C 88 -17.71 14.66 33.08
N ALA C 89 -18.12 15.78 32.48
CA ALA C 89 -18.62 16.88 33.30
C ALA C 89 -19.96 16.53 33.93
N GLN C 90 -20.87 15.97 33.14
CA GLN C 90 -22.11 15.45 33.71
C GLN C 90 -21.83 14.32 34.69
N ALA C 91 -20.87 13.46 34.38
CA ALA C 91 -20.57 12.34 35.27
C ALA C 91 -20.08 12.84 36.62
N ARG C 92 -19.09 13.74 36.63
CA ARG C 92 -18.65 14.33 37.89
C ARG C 92 -19.78 15.07 38.58
N SER C 93 -20.61 15.77 37.80
CA SER C 93 -21.67 16.59 38.37
C SER C 93 -22.69 15.73 39.13
N ARG C 94 -23.08 14.60 38.57
CA ARG C 94 -24.21 13.87 39.14
C ARG C 94 -23.86 13.22 40.48
N ALA C 95 -22.94 12.28 40.47
CA ALA C 95 -22.78 11.47 41.67
C ALA C 95 -21.57 10.58 41.53
N PRO C 96 -21.30 9.71 42.50
CA PRO C 96 -20.49 8.53 42.19
C PRO C 96 -21.22 7.71 41.14
N ALA C 97 -20.72 7.66 39.91
CA ALA C 97 -21.50 7.16 38.79
C ALA C 97 -20.69 6.14 38.00
N ILE C 98 -21.36 5.52 37.04
CA ILE C 98 -20.75 4.51 36.17
C ILE C 98 -20.96 4.96 34.74
N ILE C 99 -20.01 4.60 33.88
CA ILE C 99 -20.00 5.02 32.48
C ILE C 99 -19.61 3.83 31.63
N PHE C 100 -20.42 3.51 30.64
CA PHE C 100 -20.24 2.32 29.82
C PHE C 100 -20.04 2.74 28.38
N ILE C 101 -18.79 2.75 27.92
CA ILE C 101 -18.48 3.02 26.53
C ILE C 101 -18.42 1.67 25.83
N ASP C 102 -19.56 1.26 25.28
CA ASP C 102 -19.64 0.03 24.50
C ASP C 102 -18.94 0.23 23.17
N GLN C 103 -18.33 -0.85 22.67
CA GLN C 103 -17.62 -0.83 21.39
C GLN C 103 -16.47 0.17 21.43
N LEU C 104 -15.48 -0.10 22.27
CA LEU C 104 -14.28 0.72 22.30
C LEU C 104 -13.36 0.51 21.11
N ASP C 105 -13.72 -0.37 20.17
CA ASP C 105 -12.87 -0.55 19.00
C ASP C 105 -12.76 0.75 18.22
N ALA C 106 -13.80 1.58 18.23
CA ALA C 106 -13.80 2.81 17.45
C ALA C 106 -12.76 3.78 17.97
N ILE C 107 -12.91 4.24 19.21
CA ILE C 107 -12.06 5.31 19.73
C ILE C 107 -10.78 4.80 20.37
N GLY C 108 -10.66 3.51 20.67
CA GLY C 108 -9.49 3.01 21.34
C GLY C 108 -8.45 2.47 20.38
N GLY C 109 -8.31 3.11 19.24
CA GLY C 109 -7.39 2.60 18.24
C GLY C 109 -5.94 2.86 18.58
N LYS C 110 -5.09 1.95 18.12
CA LYS C 110 -3.67 2.04 18.37
C LYS C 110 -3.09 3.31 17.74
N ARG C 111 -2.19 3.98 18.45
CA ARG C 111 -1.51 5.12 17.86
C ARG C 111 -0.30 4.67 17.07
N ASN C 112 -0.05 5.34 15.96
CA ASN C 112 1.05 5.01 15.07
C ASN C 112 1.58 6.28 14.43
N PRO C 113 2.78 6.23 13.88
CA PRO C 113 3.38 7.45 13.32
C PRO C 113 2.68 7.96 12.06
N LYS C 114 1.85 7.15 11.42
CA LYS C 114 1.26 7.52 10.14
C LYS C 114 -0.22 7.91 10.25
N ASP C 115 -0.70 8.28 11.43
CA ASP C 115 -2.07 8.78 11.55
C ASP C 115 -2.13 10.21 11.05
N GLN C 116 -3.30 10.62 10.57
CA GLN C 116 -3.43 11.91 9.89
C GLN C 116 -3.85 13.04 10.83
N ALA C 117 -3.13 13.13 11.95
CA ALA C 117 -3.04 14.37 12.73
C ALA C 117 -4.31 14.80 13.46
N TYR C 118 -5.45 14.18 13.15
CA TYR C 118 -6.72 14.52 13.78
C TYR C 118 -7.48 13.29 14.24
N ALA C 119 -7.03 12.09 13.86
CA ALA C 119 -7.74 10.88 14.25
C ALA C 119 -7.74 10.71 15.76
N LYS C 120 -6.59 10.88 16.39
CA LYS C 120 -6.42 10.52 17.78
C LYS C 120 -6.56 11.71 18.72
N GLN C 121 -7.50 12.61 18.46
CA GLN C 121 -7.76 13.70 19.39
C GLN C 121 -8.81 13.28 20.42
N THR C 122 -9.85 12.59 19.96
CA THR C 122 -10.83 12.03 20.89
C THR C 122 -10.18 11.08 21.88
N LEU C 123 -9.33 10.18 21.39
CA LEU C 123 -8.64 9.25 22.28
C LEU C 123 -7.78 9.97 23.31
N ASN C 124 -6.99 10.95 22.87
CA ASN C 124 -6.17 11.70 23.81
C ASN C 124 -7.02 12.39 24.87
N GLN C 125 -8.18 12.95 24.48
CA GLN C 125 -9.04 13.54 25.49
C GLN C 125 -9.55 12.49 26.47
N LEU C 126 -9.91 11.31 25.98
CA LEU C 126 -10.32 10.24 26.87
C LEU C 126 -9.21 9.87 27.83
N LEU C 127 -7.96 10.00 27.42
CA LEU C 127 -6.85 9.68 28.31
C LEU C 127 -6.59 10.79 29.33
N VAL C 128 -6.73 12.07 28.97
CA VAL C 128 -6.49 13.10 29.97
C VAL C 128 -7.69 13.26 30.88
N GLU C 129 -8.81 12.63 30.53
CA GLU C 129 -9.95 12.63 31.44
C GLU C 129 -9.94 11.45 32.40
N LEU C 130 -9.47 10.30 31.94
CA LEU C 130 -9.22 9.15 32.80
C LEU C 130 -7.78 9.23 33.28
N ASP C 131 -7.58 9.59 34.54
CA ASP C 131 -6.24 9.66 35.11
C ASP C 131 -5.40 10.74 34.42
N GLY C 132 -5.88 11.98 34.55
CA GLY C 132 -5.18 13.13 34.01
C GLY C 132 -4.46 13.93 35.09
N PHE C 133 -4.53 15.25 35.02
CA PHE C 133 -3.87 16.08 36.02
C PHE C 133 -4.77 16.33 37.22
N SER C 134 -5.97 16.83 36.99
CA SER C 134 -6.92 17.07 38.09
C SER C 134 -7.59 15.76 38.44
N GLN C 135 -6.95 14.98 39.29
CA GLN C 135 -7.55 13.72 39.72
C GLN C 135 -8.72 13.95 40.66
N THR C 136 -9.65 13.00 40.63
CA THR C 136 -10.84 13.02 41.46
C THR C 136 -11.16 11.59 41.86
N SER C 137 -12.41 11.35 42.25
CA SER C 137 -12.84 10.01 42.58
C SER C 137 -14.35 9.95 42.53
N GLY C 138 -14.88 8.77 42.22
CA GLY C 138 -16.30 8.53 42.19
C GLY C 138 -16.84 8.08 40.85
N ILE C 139 -16.03 8.13 39.80
CA ILE C 139 -16.48 7.73 38.46
C ILE C 139 -15.83 6.38 38.12
N ILE C 140 -16.66 5.43 37.75
CA ILE C 140 -16.20 4.12 37.28
C ILE C 140 -16.55 4.00 35.80
N ILE C 141 -15.69 3.35 35.04
CA ILE C 141 -15.85 3.23 33.60
C ILE C 141 -15.78 1.76 33.22
N ILE C 142 -16.69 1.33 32.35
CA ILE C 142 -16.75 -0.05 31.88
C ILE C 142 -16.67 -0.02 30.36
N GLY C 143 -15.94 -0.98 29.78
CA GLY C 143 -15.78 -1.02 28.35
C GLY C 143 -15.80 -2.45 27.84
N ALA C 144 -16.29 -2.59 26.61
CA ALA C 144 -16.42 -3.88 25.96
C ALA C 144 -15.79 -3.81 24.58
N THR C 145 -14.92 -4.75 24.27
CA THR C 145 -14.31 -4.88 22.95
C THR C 145 -14.08 -6.34 22.63
N ASN C 146 -14.21 -6.67 21.36
CA ASN C 146 -13.86 -8.01 20.89
C ASN C 146 -12.38 -8.16 20.63
N PHE C 147 -11.67 -7.05 20.47
CA PHE C 147 -10.32 -7.01 19.91
C PHE C 147 -9.41 -6.35 20.93
N PRO C 148 -9.09 -7.04 22.03
CA PRO C 148 -8.30 -6.39 23.09
C PRO C 148 -6.93 -5.96 22.65
N GLU C 149 -6.23 -6.75 21.84
CA GLU C 149 -4.90 -6.36 21.39
C GLU C 149 -4.94 -5.21 20.41
N ALA C 150 -6.08 -4.94 19.79
CA ALA C 150 -6.23 -3.82 18.88
C ALA C 150 -6.45 -2.51 19.59
N LEU C 151 -6.24 -2.44 20.90
CA LEU C 151 -6.42 -1.23 21.68
C LEU C 151 -5.08 -0.59 22.00
N ASP C 152 -5.13 0.72 22.22
CA ASP C 152 -3.92 1.44 22.59
C ASP C 152 -3.45 0.96 23.96
N LYS C 153 -2.18 1.23 24.26
CA LYS C 153 -1.61 0.76 25.51
C LYS C 153 -1.85 1.68 26.68
N ALA C 154 -2.34 2.90 26.44
CA ALA C 154 -2.62 3.81 27.53
C ALA C 154 -4.06 3.75 28.00
N LEU C 155 -4.95 3.08 27.25
CA LEU C 155 -6.26 2.78 27.79
C LEU C 155 -6.22 1.60 28.75
N THR C 156 -5.44 0.59 28.42
CA THR C 156 -5.41 -0.62 29.23
C THR C 156 -4.51 -0.49 30.45
N ARG C 157 -3.79 0.61 30.58
CA ARG C 157 -2.88 0.80 31.69
C ARG C 157 -3.62 0.91 33.01
N PRO C 158 -3.38 0.02 33.98
CA PRO C 158 -3.99 0.16 35.31
C PRO C 158 -3.80 1.56 35.88
N GLY C 159 -4.81 2.03 36.59
CA GLY C 159 -4.99 3.45 36.78
C GLY C 159 -6.09 3.91 35.86
N ARG C 160 -6.12 3.31 34.67
CA ARG C 160 -7.23 3.40 33.74
C ARG C 160 -7.62 1.97 33.41
N PHE C 161 -8.85 1.57 33.74
CA PHE C 161 -9.24 0.18 33.51
C PHE C 161 -8.37 -0.77 34.33
N ASP C 162 -8.56 -0.70 35.65
CA ASP C 162 -7.82 -1.58 36.55
C ASP C 162 -8.01 -3.05 36.18
N LYS C 163 -9.24 -3.53 36.17
CA LYS C 163 -9.50 -4.95 35.98
C LYS C 163 -9.77 -5.25 34.51
N VAL C 164 -9.08 -6.25 33.97
CA VAL C 164 -9.33 -6.75 32.64
C VAL C 164 -10.06 -8.07 32.75
N VAL C 165 -11.36 -8.06 32.49
CA VAL C 165 -12.24 -9.20 32.69
C VAL C 165 -12.46 -9.88 31.35
N ASN C 166 -12.49 -11.21 31.37
CA ASN C 166 -12.43 -12.02 30.16
C ASN C 166 -13.65 -12.92 30.12
N VAL C 167 -14.67 -12.51 29.37
CA VAL C 167 -15.83 -13.35 29.09
C VAL C 167 -15.47 -14.29 27.94
N ASP C 168 -15.93 -15.53 28.03
CA ASP C 168 -15.54 -16.51 27.03
C ASP C 168 -16.63 -17.56 26.89
N LEU C 169 -16.55 -18.33 25.80
CA LEU C 169 -17.57 -19.32 25.48
C LEU C 169 -17.68 -20.36 26.59
N PRO C 170 -18.90 -20.74 26.98
CA PRO C 170 -19.06 -21.61 28.13
C PRO C 170 -18.63 -23.04 27.84
N ASP C 171 -18.42 -23.79 28.92
CA ASP C 171 -18.20 -25.23 28.85
C ASP C 171 -19.54 -25.94 29.02
N VAL C 172 -19.52 -27.25 29.28
CA VAL C 172 -20.76 -28.03 29.26
C VAL C 172 -21.73 -27.55 30.33
N ARG C 173 -21.26 -27.44 31.57
CA ARG C 173 -22.14 -27.03 32.66
C ARG C 173 -22.69 -25.63 32.42
N GLY C 174 -21.87 -24.73 31.88
CA GLY C 174 -22.35 -23.40 31.56
C GLY C 174 -23.50 -23.44 30.56
N ARG C 175 -23.34 -24.22 29.49
CA ARG C 175 -24.43 -24.36 28.54
C ARG C 175 -25.68 -24.95 29.17
N ALA C 176 -25.55 -25.92 30.07
CA ALA C 176 -26.70 -26.42 30.80
C ALA C 176 -27.40 -25.29 31.56
N ASP C 177 -26.63 -24.44 32.24
CA ASP C 177 -27.26 -23.34 32.98
C ASP C 177 -27.93 -22.33 32.07
N ILE C 178 -27.31 -22.01 30.93
CA ILE C 178 -27.94 -21.07 30.01
C ILE C 178 -29.25 -21.62 29.50
N LEU C 179 -29.26 -22.89 29.08
CA LEU C 179 -30.48 -23.48 28.57
C LEU C 179 -31.56 -23.53 29.65
N LYS C 180 -31.21 -23.96 30.87
CA LYS C 180 -32.19 -23.97 31.94
C LYS C 180 -32.73 -22.58 32.21
N HIS C 181 -31.92 -21.55 32.07
CA HIS C 181 -32.44 -20.20 32.25
C HIS C 181 -33.43 -19.85 31.15
N HIS C 182 -33.04 -20.00 29.90
CA HIS C 182 -33.90 -19.55 28.81
C HIS C 182 -35.16 -20.38 28.65
N MET C 183 -35.20 -21.59 29.16
CA MET C 183 -36.41 -22.41 29.05
C MET C 183 -37.49 -22.01 30.04
N LYS C 184 -37.24 -21.03 30.89
CA LYS C 184 -38.25 -20.64 31.88
C LYS C 184 -39.43 -19.92 31.28
N LYS C 185 -39.38 -19.53 30.00
CA LYS C 185 -40.49 -18.90 29.33
C LYS C 185 -41.20 -19.84 28.36
N ILE C 186 -40.72 -21.06 28.21
CA ILE C 186 -41.24 -22.02 27.26
C ILE C 186 -42.15 -23.00 27.99
N THR C 187 -43.35 -23.19 27.47
CA THR C 187 -44.28 -24.18 28.03
C THR C 187 -43.74 -25.55 27.70
N LEU C 188 -43.07 -26.18 28.66
CA LEU C 188 -42.27 -27.36 28.44
C LEU C 188 -43.08 -28.64 28.63
N ALA C 189 -42.61 -29.71 27.99
CA ALA C 189 -43.10 -31.04 28.25
C ALA C 189 -42.26 -31.67 29.36
N ASP C 190 -42.41 -32.96 29.59
CA ASP C 190 -41.67 -33.65 30.63
C ASP C 190 -40.53 -34.50 30.10
N ASN C 191 -40.37 -34.58 28.78
CA ASN C 191 -39.25 -35.27 28.17
C ASN C 191 -38.11 -34.31 27.81
N VAL C 192 -37.93 -33.25 28.59
CA VAL C 192 -36.90 -32.25 28.31
C VAL C 192 -35.81 -32.36 29.35
N ASP C 193 -34.58 -32.57 28.89
CA ASP C 193 -33.41 -32.63 29.76
C ASP C 193 -32.33 -31.74 29.17
N PRO C 194 -32.13 -30.53 29.70
CA PRO C 194 -31.18 -29.61 29.08
C PRO C 194 -29.75 -30.11 29.09
N THR C 195 -29.39 -31.03 29.98
CA THR C 195 -28.04 -31.59 29.96
C THR C 195 -27.74 -32.27 28.64
N ILE C 196 -28.74 -32.92 28.07
CA ILE C 196 -28.57 -33.58 26.77
C ILE C 196 -28.18 -32.56 25.72
N ILE C 197 -28.93 -31.47 25.61
CA ILE C 197 -28.68 -30.48 24.57
C ILE C 197 -27.35 -29.79 24.81
N ALA C 198 -27.05 -29.49 26.07
CA ALA C 198 -25.75 -28.89 26.39
C ALA C 198 -24.61 -29.80 25.96
N ARG C 199 -24.76 -31.10 26.15
CA ARG C 199 -23.77 -32.02 25.62
C ARG C 199 -23.84 -32.14 24.11
N GLY C 200 -24.91 -31.68 23.49
CA GLY C 200 -25.04 -31.76 22.04
C GLY C 200 -24.50 -30.58 21.25
N THR C 201 -24.26 -29.43 21.89
CA THR C 201 -23.86 -28.21 21.21
C THR C 201 -22.47 -27.79 21.69
N PRO C 202 -21.43 -28.49 21.28
CA PRO C 202 -20.08 -28.16 21.75
C PRO C 202 -19.42 -27.04 20.97
N GLY C 203 -19.64 -25.80 21.38
CA GLY C 203 -18.96 -24.68 20.75
C GLY C 203 -19.84 -23.48 20.50
N LEU C 204 -21.09 -23.56 20.96
CA LEU C 204 -22.04 -22.49 20.75
C LEU C 204 -21.97 -21.48 21.87
N SER C 205 -22.17 -20.21 21.53
CA SER C 205 -22.18 -19.14 22.51
C SER C 205 -23.51 -19.13 23.23
N GLY C 206 -23.78 -18.06 23.98
CA GLY C 206 -25.07 -17.95 24.65
C GLY C 206 -26.20 -17.55 23.73
N ALA C 207 -25.93 -16.65 22.78
CA ALA C 207 -26.98 -16.19 21.88
C ALA C 207 -27.47 -17.31 20.98
N GLU C 208 -26.57 -18.15 20.47
CA GLU C 208 -26.99 -19.24 19.62
C GLU C 208 -27.88 -20.22 20.36
N LEU C 209 -27.59 -20.49 21.63
CA LEU C 209 -28.48 -21.34 22.42
C LEU C 209 -29.81 -20.64 22.68
N ALA C 210 -29.78 -19.32 22.86
CA ALA C 210 -31.02 -18.57 23.01
C ALA C 210 -31.93 -18.76 21.81
N ASN C 211 -31.45 -18.44 20.61
CA ASN C 211 -32.38 -18.59 19.49
C ASN C 211 -32.59 -20.04 19.10
N LEU C 212 -31.73 -20.96 19.55
CA LEU C 212 -32.08 -22.37 19.45
C LEU C 212 -33.37 -22.64 20.19
N VAL C 213 -33.44 -22.20 21.45
CA VAL C 213 -34.65 -22.39 22.23
C VAL C 213 -35.84 -21.68 21.59
N ASN C 214 -35.62 -20.46 21.10
CA ASN C 214 -36.71 -19.70 20.48
C ASN C 214 -37.27 -20.43 19.26
N GLN C 215 -36.40 -20.84 18.34
CA GLN C 215 -36.89 -21.52 17.16
C GLN C 215 -37.53 -22.85 17.50
N ALA C 216 -37.03 -23.54 18.53
CA ALA C 216 -37.69 -24.76 18.96
C ALA C 216 -39.11 -24.49 19.42
N ALA C 217 -39.32 -23.41 20.17
CA ALA C 217 -40.66 -23.06 20.60
C ALA C 217 -41.56 -22.72 19.42
N VAL C 218 -41.08 -21.86 18.51
CA VAL C 218 -41.93 -21.44 17.38
C VAL C 218 -42.28 -22.63 16.50
N TYR C 219 -41.31 -23.51 16.25
CA TYR C 219 -41.61 -24.73 15.52
C TYR C 219 -42.60 -25.61 16.26
N ALA C 220 -42.50 -25.67 17.59
CA ALA C 220 -43.51 -26.40 18.36
C ALA C 220 -44.89 -25.85 18.11
N CYS C 221 -45.01 -24.53 18.00
CA CYS C 221 -46.32 -23.92 17.83
C CYS C 221 -46.81 -23.96 16.39
N GLN C 222 -45.95 -24.21 15.41
CA GLN C 222 -46.46 -24.44 14.06
C GLN C 222 -47.18 -25.77 13.96
N LYS C 223 -46.69 -26.79 14.66
CA LYS C 223 -47.26 -28.12 14.58
C LYS C 223 -48.51 -28.31 15.42
N ASN C 224 -49.11 -27.21 15.91
CA ASN C 224 -50.33 -27.29 16.72
C ASN C 224 -50.08 -28.09 17.99
N ALA C 225 -48.86 -28.02 18.52
CA ALA C 225 -48.51 -28.80 19.69
C ALA C 225 -48.98 -28.10 20.96
N VAL C 226 -48.82 -28.81 22.08
CA VAL C 226 -49.27 -28.29 23.37
C VAL C 226 -48.10 -27.88 24.25
N SER C 227 -46.94 -28.52 24.05
CA SER C 227 -45.76 -28.21 24.85
C SER C 227 -44.52 -28.57 24.07
N VAL C 228 -43.51 -27.72 24.18
CA VAL C 228 -42.22 -27.93 23.52
C VAL C 228 -41.57 -29.14 24.15
N ASP C 229 -41.17 -30.10 23.32
CA ASP C 229 -40.62 -31.36 23.81
C ASP C 229 -39.27 -31.66 23.14
N MET C 230 -38.69 -32.80 23.51
CA MET C 230 -37.31 -33.09 23.16
C MET C 230 -37.09 -33.20 21.66
N SER C 231 -38.07 -33.76 20.93
CA SER C 231 -37.91 -33.89 19.48
C SER C 231 -37.78 -32.52 18.81
N HIS C 232 -38.41 -31.49 19.38
CA HIS C 232 -38.31 -30.17 18.79
C HIS C 232 -36.92 -29.59 18.99
N PHE C 233 -36.37 -29.71 20.20
CA PHE C 233 -34.99 -29.32 20.44
C PHE C 233 -34.04 -30.08 19.52
N GLU C 234 -34.32 -31.36 19.27
CA GLU C 234 -33.51 -32.10 18.30
C GLU C 234 -33.61 -31.46 16.93
N TRP C 235 -34.81 -31.11 16.51
CA TRP C 235 -35.00 -30.50 15.20
C TRP C 235 -34.20 -29.22 15.06
N ALA C 236 -34.36 -28.29 16.00
CA ALA C 236 -33.69 -27.00 15.89
C ALA C 236 -32.18 -27.13 16.03
N LYS C 237 -31.71 -27.98 16.95
CA LYS C 237 -30.28 -28.18 17.08
C LYS C 237 -29.70 -28.74 15.79
N ASP C 238 -30.41 -29.67 15.15
CA ASP C 238 -29.95 -30.14 13.84
C ASP C 238 -29.98 -29.04 12.80
N LYS C 239 -30.99 -28.17 12.84
CA LYS C 239 -31.04 -27.07 11.89
C LYS C 239 -29.84 -26.14 12.03
N ILE C 240 -29.43 -25.85 13.26
CA ILE C 240 -28.31 -24.95 13.46
C ILE C 240 -26.98 -25.62 13.14
N LEU C 241 -26.82 -26.89 13.52
CA LEU C 241 -25.56 -27.56 13.28
C LEU C 241 -25.35 -27.92 11.82
N MET C 242 -26.42 -28.10 11.05
CA MET C 242 -26.26 -28.55 9.68
C MET C 242 -26.92 -27.65 8.65
N GLY C 243 -28.05 -27.05 8.98
CA GLY C 243 -28.76 -26.19 8.05
C GLY C 243 -30.15 -26.71 7.73
N ALA C 244 -30.88 -25.91 6.96
CA ALA C 244 -32.24 -26.27 6.60
C ALA C 244 -32.25 -27.55 5.77
N GLU C 245 -33.45 -28.12 5.60
CA GLU C 245 -33.54 -29.47 5.08
C GLU C 245 -33.66 -29.47 3.55
N ARG C 246 -34.38 -28.51 2.98
CA ARG C 246 -34.55 -28.41 1.54
C ARG C 246 -35.20 -29.68 0.98
N LYS C 247 -36.46 -29.90 1.36
CA LYS C 247 -37.16 -31.11 0.99
C LYS C 247 -37.32 -31.24 -0.52
N THR C 248 -37.64 -30.14 -1.20
CA THR C 248 -38.02 -30.19 -2.61
C THR C 248 -36.79 -30.15 -3.53
N MET C 249 -36.26 -31.33 -3.80
CA MET C 249 -35.21 -31.50 -4.80
C MET C 249 -35.43 -32.77 -5.60
N VAL C 250 -35.23 -32.66 -6.91
CA VAL C 250 -35.25 -33.80 -7.82
C VAL C 250 -33.85 -34.41 -7.84
N LEU C 251 -33.78 -35.72 -7.61
CA LEU C 251 -32.50 -36.39 -7.44
C LEU C 251 -32.50 -37.66 -8.27
N THR C 252 -31.68 -37.71 -9.31
CA THR C 252 -31.50 -38.93 -10.06
C THR C 252 -30.96 -40.02 -9.13
N ASP C 253 -31.41 -41.26 -9.34
CA ASP C 253 -30.98 -42.34 -8.45
C ASP C 253 -29.47 -42.57 -8.51
N ALA C 254 -28.84 -42.32 -9.65
CA ALA C 254 -27.39 -42.41 -9.71
C ALA C 254 -26.74 -41.37 -8.82
N ALA C 255 -27.29 -40.16 -8.80
CA ALA C 255 -26.75 -39.11 -7.93
C ALA C 255 -26.80 -39.52 -6.47
N ARG C 256 -28.00 -39.80 -5.95
CA ARG C 256 -28.12 -40.13 -4.54
C ARG C 256 -27.45 -41.46 -4.19
N LYS C 257 -27.27 -42.35 -5.17
CA LYS C 257 -26.41 -43.50 -4.95
C LYS C 257 -24.97 -43.07 -4.68
N ALA C 258 -24.41 -42.27 -5.59
CA ALA C 258 -23.03 -41.83 -5.43
C ALA C 258 -22.83 -41.09 -4.11
N THR C 259 -23.79 -40.24 -3.76
CA THR C 259 -23.72 -39.54 -2.48
C THR C 259 -23.70 -40.51 -1.32
N ALA C 260 -24.62 -41.48 -1.32
CA ALA C 260 -24.65 -42.46 -0.24
C ALA C 260 -23.34 -43.22 -0.14
N PHE C 261 -22.63 -43.42 -1.25
CA PHE C 261 -21.31 -44.03 -1.13
C PHE C 261 -20.28 -43.07 -0.56
N HIS C 262 -20.37 -41.78 -0.87
CA HIS C 262 -19.40 -40.84 -0.30
C HIS C 262 -19.53 -40.78 1.22
N GLU C 263 -20.72 -40.42 1.73
CA GLU C 263 -20.90 -40.41 3.18
C GLU C 263 -20.77 -41.79 3.80
N ALA C 264 -21.02 -42.86 3.05
CA ALA C 264 -20.68 -44.18 3.55
C ALA C 264 -19.18 -44.27 3.81
N GLY C 265 -18.36 -43.75 2.90
CA GLY C 265 -16.93 -43.76 3.11
C GLY C 265 -16.51 -42.98 4.34
N HIS C 266 -17.00 -41.73 4.48
CA HIS C 266 -16.68 -40.97 5.68
C HIS C 266 -17.10 -41.70 6.95
N ALA C 267 -18.31 -42.26 6.95
CA ALA C 267 -18.81 -42.92 8.16
C ALA C 267 -17.97 -44.12 8.54
N ILE C 268 -17.58 -44.93 7.56
CA ILE C 268 -16.75 -46.08 7.92
C ILE C 268 -15.37 -45.66 8.37
N MET C 269 -14.78 -44.66 7.72
CA MET C 269 -13.47 -44.21 8.18
C MET C 269 -13.53 -43.59 9.57
N ALA C 270 -14.67 -43.04 9.96
CA ALA C 270 -14.83 -42.53 11.31
C ALA C 270 -15.33 -43.59 12.29
N LYS C 271 -15.65 -44.78 11.81
CA LYS C 271 -16.18 -45.82 12.68
C LYS C 271 -15.10 -46.72 13.23
N TYR C 272 -14.19 -47.19 12.36
CA TYR C 272 -13.20 -48.19 12.74
C TYR C 272 -11.78 -47.62 12.77
N THR C 273 -11.64 -46.32 12.98
CA THR C 273 -10.34 -45.67 13.02
C THR C 273 -10.00 -45.30 14.45
N ASN C 274 -8.79 -45.65 14.87
CA ASN C 274 -8.38 -45.40 16.25
C ASN C 274 -8.28 -43.90 16.50
N GLY C 275 -8.88 -43.46 17.60
CA GLY C 275 -8.79 -42.07 17.99
C GLY C 275 -9.79 -41.13 17.36
N ALA C 276 -10.48 -41.56 16.31
CA ALA C 276 -11.43 -40.69 15.63
C ALA C 276 -12.56 -40.30 16.57
N THR C 277 -13.13 -39.13 16.32
CA THR C 277 -14.17 -38.62 17.19
C THR C 277 -15.42 -39.46 17.04
N PRO C 278 -16.14 -39.77 18.13
CA PRO C 278 -17.29 -40.66 18.04
C PRO C 278 -18.36 -40.13 17.11
N LEU C 279 -19.03 -41.06 16.43
CA LEU C 279 -19.87 -40.74 15.29
C LEU C 279 -21.29 -40.41 15.71
N TYR C 280 -21.77 -39.27 15.26
CA TYR C 280 -23.15 -38.84 15.38
C TYR C 280 -23.86 -39.24 14.09
N LYS C 281 -25.07 -38.73 13.87
CA LYS C 281 -25.85 -39.17 12.72
C LYS C 281 -25.19 -38.80 11.40
N ALA C 282 -25.43 -39.62 10.40
CA ALA C 282 -24.85 -39.42 9.06
C ALA C 282 -25.98 -39.55 8.04
N THR C 283 -26.30 -38.46 7.38
CA THR C 283 -27.45 -38.39 6.48
C THR C 283 -27.00 -38.09 5.06
N ILE C 284 -27.95 -38.21 4.12
CA ILE C 284 -27.69 -37.79 2.74
C ILE C 284 -28.86 -36.93 2.28
N LEU C 285 -29.72 -36.54 3.18
CA LEU C 285 -30.74 -35.57 2.84
C LEU C 285 -30.07 -34.23 2.60
N PRO C 286 -30.41 -33.53 1.53
CA PRO C 286 -29.62 -32.36 1.14
C PRO C 286 -29.80 -31.17 2.05
N ARG C 287 -29.05 -31.12 3.15
CA ARG C 287 -29.10 -30.01 4.08
C ARG C 287 -28.36 -28.81 3.52
N GLY C 288 -28.98 -27.63 3.60
CA GLY C 288 -28.30 -26.38 3.32
C GLY C 288 -27.67 -26.27 1.94
N ARG C 289 -26.34 -26.19 1.88
CA ARG C 289 -25.65 -26.15 0.61
C ARG C 289 -24.85 -27.41 0.29
N ALA C 290 -24.83 -28.40 1.18
CA ALA C 290 -24.15 -29.65 0.93
C ALA C 290 -25.15 -30.72 0.53
N LEU C 291 -24.66 -31.71 -0.21
CA LEU C 291 -25.51 -32.79 -0.70
C LEU C 291 -25.47 -34.01 0.22
N GLY C 292 -25.35 -33.81 1.51
CA GLY C 292 -25.21 -34.90 2.45
C GLY C 292 -23.99 -34.68 3.30
N ILE C 293 -24.04 -35.02 4.58
CA ILE C 293 -22.93 -34.75 5.47
C ILE C 293 -22.94 -35.77 6.61
N THR C 294 -21.80 -36.37 6.86
CA THR C 294 -21.59 -37.11 8.11
C THR C 294 -21.03 -36.15 9.15
N PHE C 295 -21.58 -36.23 10.35
CA PHE C 295 -21.28 -35.22 11.36
C PHE C 295 -20.78 -35.91 12.62
N GLN C 296 -19.49 -35.78 12.89
CA GLN C 296 -18.89 -36.32 14.09
C GLN C 296 -19.23 -35.46 15.30
N LEU C 297 -18.93 -35.97 16.48
CA LEU C 297 -19.26 -35.24 17.70
C LEU C 297 -18.44 -35.70 18.89
N PRO C 298 -17.79 -34.80 19.61
CA PRO C 298 -16.90 -35.19 20.70
C PRO C 298 -17.68 -35.58 21.95
N GLU C 299 -16.93 -35.88 23.01
CA GLU C 299 -17.52 -36.27 24.29
C GLU C 299 -17.08 -35.38 25.45
N MET C 300 -15.78 -35.10 25.59
CA MET C 300 -15.29 -34.47 26.80
C MET C 300 -14.72 -33.08 26.54
N ASP C 301 -15.06 -32.48 25.40
CA ASP C 301 -14.75 -31.12 24.91
C ASP C 301 -13.37 -30.62 25.31
N LYS C 302 -12.33 -31.45 25.25
CA LYS C 302 -10.99 -31.00 25.60
C LYS C 302 -10.51 -29.96 24.60
N VAL C 303 -9.44 -29.24 24.94
CA VAL C 303 -8.90 -28.22 24.06
C VAL C 303 -7.68 -28.74 23.32
N ASP C 304 -6.92 -29.61 23.97
CA ASP C 304 -5.75 -30.19 23.31
C ASP C 304 -6.19 -31.18 22.25
N ILE C 305 -5.23 -31.58 21.41
CA ILE C 305 -5.47 -32.58 20.39
C ILE C 305 -4.17 -33.36 20.19
N THR C 306 -4.20 -34.65 20.46
CA THR C 306 -3.00 -35.46 20.36
C THR C 306 -2.65 -35.64 18.88
N LYS C 307 -1.58 -36.37 18.61
CA LYS C 307 -1.17 -36.64 17.24
C LYS C 307 -1.95 -37.80 16.64
N ARG C 308 -2.33 -38.77 17.48
CA ARG C 308 -3.22 -39.84 17.06
C ARG C 308 -4.54 -39.30 16.54
N GLU C 309 -5.15 -38.37 17.28
CA GLU C 309 -6.43 -37.83 16.85
C GLU C 309 -6.30 -37.01 15.57
N CYS C 310 -5.18 -36.31 15.41
CA CYS C 310 -4.97 -35.54 14.18
C CYS C 310 -4.90 -36.46 12.97
N GLN C 311 -4.08 -37.50 13.04
CA GLN C 311 -4.04 -38.43 11.92
C GLN C 311 -5.39 -39.09 11.70
N ALA C 312 -6.15 -39.31 12.77
CA ALA C 312 -7.52 -39.79 12.61
C ALA C 312 -8.36 -38.83 11.78
N ARG C 313 -8.22 -37.52 12.04
CA ARG C 313 -8.93 -36.52 11.24
C ARG C 313 -8.52 -36.54 9.78
N LEU C 314 -7.23 -36.68 9.49
CA LEU C 314 -6.80 -36.76 8.10
C LEU C 314 -7.42 -37.97 7.40
N ASP C 315 -7.40 -39.13 8.05
CA ASP C 315 -7.96 -40.32 7.43
C ASP C 315 -9.46 -40.16 7.19
N VAL C 316 -10.16 -39.58 8.17
CA VAL C 316 -11.59 -39.34 8.01
C VAL C 316 -11.86 -38.41 6.84
N CYS C 317 -10.93 -37.51 6.54
CA CYS C 317 -11.12 -36.65 5.38
C CYS C 317 -10.84 -37.38 4.07
N MET C 318 -9.91 -38.34 4.06
CA MET C 318 -9.59 -39.05 2.82
C MET C 318 -10.57 -40.17 2.50
N GLY C 319 -11.35 -40.63 3.48
CA GLY C 319 -12.21 -41.77 3.26
C GLY C 319 -13.23 -41.62 2.14
N GLY C 320 -13.71 -40.40 1.91
CA GLY C 320 -14.73 -40.22 0.89
C GLY C 320 -14.20 -40.49 -0.52
N LYS C 321 -13.17 -39.74 -0.91
CA LYS C 321 -12.56 -39.97 -2.23
C LYS C 321 -12.04 -41.38 -2.36
N ILE C 322 -11.53 -41.97 -1.27
CA ILE C 322 -11.11 -43.35 -1.38
C ILE C 322 -12.31 -44.26 -1.63
N ALA C 323 -13.48 -43.90 -1.12
CA ALA C 323 -14.67 -44.69 -1.39
C ALA C 323 -15.04 -44.61 -2.86
N GLU C 324 -15.16 -43.39 -3.41
CA GLU C 324 -15.47 -43.26 -4.83
C GLU C 324 -14.43 -43.95 -5.71
N GLU C 325 -13.17 -43.92 -5.30
CA GLU C 325 -12.14 -44.62 -6.08
C GLU C 325 -12.33 -46.13 -6.03
N LEU C 326 -12.65 -46.67 -4.86
CA LEU C 326 -12.80 -48.12 -4.75
C LEU C 326 -14.03 -48.61 -5.51
N ILE C 327 -15.09 -47.81 -5.58
CA ILE C 327 -16.31 -48.26 -6.25
C ILE C 327 -16.29 -47.94 -7.74
N TYR C 328 -16.21 -46.67 -8.08
CA TYR C 328 -16.43 -46.22 -9.45
C TYR C 328 -15.15 -46.17 -10.27
N GLY C 329 -14.10 -46.89 -9.87
CA GLY C 329 -12.83 -46.82 -10.56
C GLY C 329 -12.18 -45.46 -10.40
N LYS C 330 -10.94 -45.36 -10.86
CA LYS C 330 -10.18 -44.14 -10.60
C LYS C 330 -10.61 -42.98 -11.48
N ASP C 331 -10.97 -43.25 -12.74
CA ASP C 331 -11.32 -42.17 -13.64
C ASP C 331 -12.61 -41.47 -13.26
N ASN C 332 -13.43 -42.08 -12.41
CA ASN C 332 -14.74 -41.52 -12.06
C ASN C 332 -14.72 -40.79 -10.72
N THR C 333 -13.63 -40.09 -10.42
CA THR C 333 -13.56 -39.26 -9.23
C THR C 333 -14.10 -37.88 -9.55
N THR C 334 -14.94 -37.36 -8.69
CA THR C 334 -15.59 -36.09 -8.95
C THR C 334 -14.77 -34.94 -8.36
N SER C 335 -15.34 -33.74 -8.37
CA SER C 335 -14.70 -32.57 -7.83
C SER C 335 -15.24 -32.17 -6.46
N GLY C 336 -16.26 -32.86 -5.95
CA GLY C 336 -16.73 -32.57 -4.60
C GLY C 336 -15.66 -32.82 -3.56
N CYS C 337 -14.81 -33.81 -3.80
CA CYS C 337 -13.70 -34.15 -2.93
C CYS C 337 -12.81 -32.97 -2.56
N GLY C 338 -12.76 -31.95 -3.43
CA GLY C 338 -12.02 -30.76 -3.10
C GLY C 338 -12.40 -30.17 -1.76
N SER C 339 -13.70 -30.06 -1.48
CA SER C 339 -14.14 -29.55 -0.19
C SER C 339 -13.67 -30.39 0.98
N ASP C 340 -13.40 -31.68 0.74
CA ASP C 340 -12.74 -32.48 1.78
C ASP C 340 -11.27 -32.13 1.89
N LEU C 341 -10.55 -32.14 0.76
CA LEU C 341 -9.10 -31.94 0.80
C LEU C 341 -8.73 -30.63 1.45
N GLN C 342 -9.46 -29.56 1.11
CA GLN C 342 -9.18 -28.24 1.65
C GLN C 342 -9.21 -28.21 3.17
N SER C 343 -10.00 -29.08 3.80
CA SER C 343 -9.96 -29.14 5.25
C SER C 343 -8.74 -29.93 5.72
N ALA C 344 -8.51 -31.10 5.14
CA ALA C 344 -7.46 -31.99 5.62
C ALA C 344 -6.10 -31.32 5.57
N THR C 345 -5.78 -30.68 4.44
CA THR C 345 -4.52 -29.95 4.31
C THR C 345 -4.31 -29.00 5.46
N GLY C 346 -5.37 -28.28 5.85
CA GLY C 346 -5.25 -27.39 6.99
C GLY C 346 -4.71 -28.09 8.22
N THR C 347 -5.36 -29.18 8.61
CA THR C 347 -4.90 -29.95 9.76
C THR C 347 -3.46 -30.39 9.58
N ALA C 348 -3.10 -30.82 8.37
CA ALA C 348 -1.75 -31.31 8.14
C ALA C 348 -0.73 -30.23 8.45
N ARG C 349 -1.00 -28.99 8.04
CA ARG C 349 -0.04 -27.94 8.31
C ARG C 349 0.09 -27.69 9.80
N ALA C 350 -1.02 -27.73 10.53
CA ALA C 350 -0.93 -27.56 11.97
C ALA C 350 -0.14 -28.68 12.62
N MET C 351 -0.05 -29.84 12.00
CA MET C 351 0.73 -30.90 12.57
C MET C 351 2.23 -30.67 12.42
N VAL C 352 2.64 -29.86 11.44
CA VAL C 352 4.02 -29.74 11.06
C VAL C 352 4.58 -28.37 11.41
N THR C 353 3.85 -27.32 11.07
CA THR C 353 4.37 -26.00 11.35
C THR C 353 4.30 -25.63 12.82
N GLN C 354 3.13 -25.64 13.43
CA GLN C 354 2.97 -25.05 14.75
C GLN C 354 2.85 -26.05 15.89
N TYR C 355 2.16 -27.18 15.71
CA TYR C 355 2.04 -28.09 16.83
C TYR C 355 3.34 -28.81 17.15
N GLY C 356 4.31 -28.79 16.25
CA GLY C 356 5.56 -29.50 16.49
C GLY C 356 5.37 -30.99 16.56
N MET C 357 5.04 -31.62 15.42
CA MET C 357 4.77 -33.05 15.38
C MET C 357 5.49 -33.70 14.22
N SER C 358 6.68 -33.21 13.87
CA SER C 358 7.43 -33.76 12.76
C SER C 358 8.85 -34.09 13.21
N ASP C 359 9.55 -34.86 12.38
CA ASP C 359 10.90 -35.30 12.70
C ASP C 359 11.96 -34.60 11.89
N ASP C 360 11.69 -34.27 10.63
CA ASP C 360 12.70 -33.59 9.83
C ASP C 360 12.65 -32.09 10.06
N VAL C 361 11.45 -31.53 10.20
CA VAL C 361 11.32 -30.11 10.52
C VAL C 361 11.96 -29.82 11.86
N GLY C 362 11.48 -30.47 12.90
CA GLY C 362 12.06 -30.33 14.22
C GLY C 362 11.05 -29.88 15.25
N PRO C 363 11.51 -29.59 16.47
CA PRO C 363 10.66 -29.04 17.52
C PRO C 363 10.55 -27.52 17.48
N VAL C 364 10.39 -26.97 16.29
CA VAL C 364 10.47 -25.54 16.07
C VAL C 364 9.15 -25.04 15.54
N ASN C 365 8.81 -23.80 15.89
CA ASN C 365 7.57 -23.18 15.44
C ASN C 365 7.84 -22.37 14.19
N LEU C 366 7.45 -22.90 13.05
CA LEU C 366 7.55 -22.23 11.77
C LEU C 366 6.31 -21.42 11.42
N SER C 367 5.39 -21.24 12.37
CA SER C 367 4.08 -20.68 12.04
C SER C 367 4.12 -19.18 11.92
N GLU C 368 4.41 -18.48 13.02
CA GLU C 368 4.41 -17.03 12.98
C GLU C 368 5.58 -16.53 12.15
N GLU C 369 5.29 -15.59 11.24
CA GLU C 369 6.24 -15.14 10.23
C GLU C 369 6.67 -16.33 9.36
N TRP C 370 5.70 -16.85 8.63
CA TRP C 370 5.98 -17.92 7.68
C TRP C 370 6.78 -17.43 6.49
N GLU C 371 6.65 -16.15 6.14
CA GLU C 371 7.33 -15.59 4.98
C GLU C 371 8.73 -15.09 5.30
N SER C 372 9.22 -15.34 6.50
CA SER C 372 10.52 -14.84 6.91
C SER C 372 11.58 -15.93 7.01
N TRP C 373 11.19 -17.19 7.07
CA TRP C 373 12.17 -18.26 7.11
C TRP C 373 12.81 -18.41 5.73
N SER C 374 13.72 -19.36 5.60
CA SER C 374 14.47 -19.52 4.36
C SER C 374 13.60 -20.22 3.31
N ASN C 375 14.23 -20.68 2.25
CA ASN C 375 13.56 -21.51 1.26
C ASN C 375 13.86 -22.98 1.43
N LYS C 376 14.81 -23.34 2.30
CA LYS C 376 15.16 -24.75 2.46
C LYS C 376 14.24 -25.43 3.46
N ILE C 377 14.07 -24.82 4.64
CA ILE C 377 13.18 -25.40 5.63
C ILE C 377 11.73 -25.38 5.21
N ARG C 378 11.32 -24.43 4.36
CA ARG C 378 9.95 -24.51 3.86
C ARG C 378 9.79 -25.64 2.87
N ASP C 379 10.83 -25.95 2.09
CA ASP C 379 10.78 -27.15 1.26
C ASP C 379 10.65 -28.39 2.13
N ILE C 380 11.44 -28.47 3.20
CA ILE C 380 11.37 -29.63 4.07
C ILE C 380 9.98 -29.74 4.71
N ALA C 381 9.42 -28.62 5.15
CA ALA C 381 8.12 -28.66 5.78
C ALA C 381 7.05 -29.12 4.81
N ASP C 382 6.99 -28.52 3.62
CA ASP C 382 5.94 -28.90 2.68
C ASP C 382 6.09 -30.34 2.23
N ASN C 383 7.33 -30.82 2.08
CA ASN C 383 7.51 -32.24 1.79
C ASN C 383 6.95 -33.09 2.93
N GLU C 384 7.14 -32.64 4.18
CA GLU C 384 6.57 -33.37 5.31
C GLU C 384 5.05 -33.41 5.25
N VAL C 385 4.42 -32.27 4.96
CA VAL C 385 2.96 -32.23 4.87
C VAL C 385 2.45 -33.17 3.79
N ILE C 386 3.04 -33.08 2.60
CA ILE C 386 2.61 -33.94 1.50
C ILE C 386 2.75 -35.40 1.87
N GLU C 387 3.82 -35.75 2.59
CA GLU C 387 3.93 -37.14 3.04
C GLU C 387 2.83 -37.52 4.03
N LEU C 388 2.48 -36.62 4.95
CA LEU C 388 1.38 -36.90 5.86
C LEU C 388 0.10 -37.21 5.11
N LEU C 389 -0.23 -36.37 4.11
CA LEU C 389 -1.48 -36.59 3.39
C LEU C 389 -1.44 -37.89 2.59
N LYS C 390 -0.34 -38.17 1.89
CA LYS C 390 -0.29 -39.40 1.10
C LYS C 390 -0.42 -40.63 1.98
N ASP C 391 0.34 -40.71 3.07
CA ASP C 391 0.18 -41.84 3.98
C ASP C 391 -1.23 -41.94 4.50
N SER C 392 -1.85 -40.79 4.77
CA SER C 392 -3.25 -40.79 5.19
C SER C 392 -4.13 -41.50 4.18
N GLU C 393 -4.06 -41.09 2.90
CA GLU C 393 -4.99 -41.70 1.96
C GLU C 393 -4.70 -43.17 1.73
N GLU C 394 -3.44 -43.60 1.84
CA GLU C 394 -3.21 -45.04 1.64
C GLU C 394 -3.75 -45.85 2.80
N ARG C 395 -3.55 -45.38 4.05
CA ARG C 395 -4.22 -46.01 5.18
C ARG C 395 -5.71 -46.12 4.96
N ALA C 396 -6.34 -45.03 4.53
CA ALA C 396 -7.76 -45.06 4.24
C ALA C 396 -8.11 -46.08 3.17
N ARG C 397 -7.25 -46.25 2.15
CA ARG C 397 -7.65 -47.16 1.09
C ARG C 397 -7.59 -48.62 1.53
N ARG C 398 -6.57 -49.03 2.28
CA ARG C 398 -6.67 -50.43 2.70
C ARG C 398 -7.69 -50.64 3.81
N LEU C 399 -7.93 -49.62 4.66
CA LEU C 399 -9.00 -49.78 5.64
C LEU C 399 -10.35 -50.00 4.96
N LEU C 400 -10.69 -49.18 3.95
CA LEU C 400 -11.91 -49.44 3.21
C LEU C 400 -11.82 -50.68 2.33
N THR C 401 -10.63 -51.21 2.08
CA THR C 401 -10.56 -52.50 1.40
C THR C 401 -10.99 -53.63 2.33
N LYS C 402 -10.50 -53.63 3.58
CA LYS C 402 -10.90 -54.69 4.50
C LYS C 402 -12.37 -54.62 4.87
N LYS C 403 -12.96 -53.43 4.92
CA LYS C 403 -14.35 -53.29 5.37
C LYS C 403 -15.29 -53.10 4.20
N ASN C 404 -15.06 -53.82 3.10
CA ASN C 404 -15.84 -53.62 1.89
C ASN C 404 -17.30 -53.99 2.10
N VAL C 405 -17.54 -55.11 2.77
CA VAL C 405 -18.90 -55.60 2.97
C VAL C 405 -19.74 -54.57 3.71
N GLU C 406 -19.21 -54.05 4.82
CA GLU C 406 -19.90 -52.99 5.54
C GLU C 406 -20.07 -51.74 4.70
N LEU C 407 -19.16 -51.48 3.78
CA LEU C 407 -19.29 -50.29 2.93
C LEU C 407 -20.51 -50.40 2.03
N HIS C 408 -20.64 -51.52 1.31
CA HIS C 408 -21.86 -51.70 0.52
C HIS C 408 -23.10 -51.75 1.40
N ARG C 409 -22.97 -52.33 2.59
CA ARG C 409 -24.12 -52.52 3.46
C ARG C 409 -24.65 -51.18 3.96
N LEU C 410 -23.75 -50.26 4.30
CA LEU C 410 -24.18 -48.95 4.77
C LEU C 410 -24.58 -48.04 3.62
N ALA C 411 -23.92 -48.15 2.47
CA ALA C 411 -24.36 -47.39 1.30
C ALA C 411 -25.79 -47.75 0.95
N GLN C 412 -26.09 -49.04 0.87
CA GLN C 412 -27.47 -49.46 0.62
C GLN C 412 -28.37 -49.07 1.78
N GLY C 413 -27.84 -49.05 2.99
CA GLY C 413 -28.62 -48.62 4.14
C GLY C 413 -28.84 -47.12 4.21
N LEU C 414 -28.21 -46.35 3.32
CA LEU C 414 -28.48 -44.93 3.20
C LEU C 414 -29.33 -44.58 1.99
N ILE C 415 -29.21 -45.32 0.88
CA ILE C 415 -30.14 -45.12 -0.22
C ILE C 415 -31.56 -45.37 0.25
N GLU C 416 -31.74 -46.39 1.08
CA GLU C 416 -32.91 -46.58 1.91
C GLU C 416 -32.65 -45.89 3.24
N TYR C 417 -33.70 -45.56 3.97
CA TYR C 417 -33.54 -45.04 5.33
C TYR C 417 -32.68 -43.77 5.36
N GLU C 418 -33.25 -42.67 4.86
CA GLU C 418 -32.55 -41.40 4.94
C GLU C 418 -32.13 -41.11 6.38
N THR C 419 -30.99 -40.43 6.51
CA THR C 419 -30.46 -39.93 7.80
C THR C 419 -30.48 -40.98 8.91
N LEU C 420 -29.64 -42.01 8.76
CA LEU C 420 -29.43 -42.94 9.87
C LEU C 420 -28.80 -42.24 11.06
N ASP C 421 -28.93 -42.87 12.23
CA ASP C 421 -28.28 -42.44 13.47
C ASP C 421 -27.14 -43.41 13.80
N ALA C 422 -26.28 -42.98 14.73
CA ALA C 422 -25.06 -43.73 15.03
C ALA C 422 -25.36 -45.15 15.48
N HIS C 423 -26.28 -45.30 16.45
CA HIS C 423 -26.73 -46.63 16.84
C HIS C 423 -27.33 -47.35 15.64
N GLU C 424 -28.23 -46.68 14.92
CA GLU C 424 -28.82 -47.26 13.71
C GLU C 424 -27.77 -47.58 12.67
N ILE C 425 -26.72 -46.76 12.58
CA ILE C 425 -25.62 -47.07 11.67
C ILE C 425 -24.97 -48.39 12.07
N GLU C 426 -24.75 -48.61 13.36
CA GLU C 426 -24.13 -49.85 13.75
C GLU C 426 -25.05 -51.05 13.54
N GLN C 427 -26.36 -50.87 13.71
CA GLN C 427 -27.26 -51.95 13.36
C GLN C 427 -27.24 -52.25 11.87
N VAL C 428 -27.16 -51.21 11.03
CA VAL C 428 -27.15 -51.44 9.58
C VAL C 428 -25.84 -52.10 9.15
N CYS C 429 -24.75 -51.82 9.86
CA CYS C 429 -23.46 -52.39 9.46
C CYS C 429 -23.29 -53.83 9.88
N LYS C 430 -24.29 -54.46 10.49
CA LYS C 430 -24.24 -55.89 10.77
C LYS C 430 -25.27 -56.70 10.00
N GLY C 431 -26.42 -56.12 9.70
CA GLY C 431 -27.47 -56.81 8.99
C GLY C 431 -28.82 -56.80 9.66
N GLU C 432 -28.98 -56.09 10.77
CA GLU C 432 -30.29 -56.01 11.40
C GLU C 432 -31.24 -55.19 10.56
N LYS C 433 -32.50 -55.17 10.96
CA LYS C 433 -33.50 -54.32 10.34
C LYS C 433 -33.98 -53.30 11.36
N LEU C 434 -34.15 -52.06 10.90
CA LEU C 434 -34.43 -50.96 11.81
C LEU C 434 -35.92 -50.93 12.16
N ALA C 435 -36.20 -50.51 13.38
CA ALA C 435 -37.58 -50.36 13.85
C ALA C 435 -38.18 -49.04 13.40
N LYS C 436 -38.15 -48.80 12.08
CA LYS C 436 -38.75 -47.62 11.49
C LYS C 436 -38.99 -47.90 10.02
N LEU C 437 -39.98 -47.22 9.47
CA LEU C 437 -40.36 -47.41 8.08
C LEU C 437 -39.26 -46.89 7.16
N LYS C 438 -39.31 -47.33 5.90
CA LYS C 438 -38.48 -46.76 4.87
C LYS C 438 -39.20 -45.55 4.28
N THR C 439 -38.46 -44.70 3.57
CA THR C 439 -39.03 -43.50 2.99
C THR C 439 -39.74 -43.81 1.68
N LYS D 1 -46.82 -9.71 -4.21
CA LYS D 1 -47.47 -10.87 -3.62
C LYS D 1 -46.55 -12.07 -3.63
N PHE D 2 -46.64 -12.91 -2.60
CA PHE D 2 -45.74 -14.05 -2.49
C PHE D 2 -45.94 -15.07 -3.60
N ASP D 3 -47.06 -15.03 -4.31
CA ASP D 3 -47.24 -15.95 -5.42
C ASP D 3 -46.33 -15.61 -6.59
N ASP D 4 -45.81 -14.38 -6.65
CA ASP D 4 -44.95 -13.96 -7.75
C ASP D 4 -43.53 -14.49 -7.64
N VAL D 5 -43.21 -15.25 -6.60
CA VAL D 5 -41.87 -15.78 -6.42
C VAL D 5 -41.97 -17.29 -6.57
N CYS D 6 -41.89 -17.75 -7.82
CA CYS D 6 -42.11 -19.15 -8.15
C CYS D 6 -40.78 -19.88 -8.27
N GLY D 7 -40.62 -20.93 -7.47
CA GLY D 7 -39.32 -21.49 -7.20
C GLY D 7 -38.77 -20.86 -5.93
N CYS D 8 -37.77 -21.52 -5.36
CA CYS D 8 -37.23 -21.11 -4.07
C CYS D 8 -38.32 -21.14 -3.00
N ASP D 9 -38.85 -22.34 -2.78
CA ASP D 9 -39.97 -22.47 -1.84
C ASP D 9 -39.53 -22.28 -0.40
N GLU D 10 -38.31 -22.72 -0.06
CA GLU D 10 -37.88 -22.62 1.33
C GLU D 10 -37.71 -21.17 1.77
N ALA D 11 -37.12 -20.33 0.91
CA ALA D 11 -36.92 -18.94 1.27
C ALA D 11 -38.25 -18.20 1.36
N ARG D 12 -39.12 -18.40 0.38
CA ARG D 12 -40.45 -17.79 0.42
C ARG D 12 -41.21 -18.20 1.66
N ALA D 13 -41.13 -19.48 2.04
CA ALA D 13 -41.68 -19.91 3.31
C ALA D 13 -41.08 -19.10 4.45
N GLU D 14 -39.77 -19.19 4.63
CA GLU D 14 -39.09 -18.66 5.80
C GLU D 14 -39.17 -17.14 5.92
N LEU D 15 -39.64 -16.42 4.90
CA LEU D 15 -40.17 -15.09 5.15
C LEU D 15 -41.66 -15.10 5.40
N GLU D 16 -42.36 -16.09 4.89
CA GLU D 16 -43.81 -16.10 5.02
C GLU D 16 -44.24 -16.38 6.45
N GLU D 17 -43.48 -17.21 7.19
CA GLU D 17 -43.77 -17.36 8.61
C GLU D 17 -43.54 -16.07 9.38
N ILE D 18 -42.64 -15.22 8.91
CA ILE D 18 -42.48 -13.92 9.55
C ILE D 18 -43.71 -13.05 9.29
N VAL D 19 -44.20 -13.04 8.06
CA VAL D 19 -45.36 -12.21 7.74
C VAL D 19 -46.57 -12.67 8.54
N ASP D 20 -46.93 -13.95 8.45
CA ASP D 20 -48.10 -14.38 9.19
C ASP D 20 -47.85 -14.44 10.69
N PHE D 21 -46.59 -14.38 11.14
CA PHE D 21 -46.34 -14.13 12.54
C PHE D 21 -46.76 -12.72 12.90
N LEU D 22 -46.50 -11.76 12.02
CA LEU D 22 -46.96 -10.41 12.29
C LEU D 22 -48.48 -10.30 12.27
N LYS D 23 -49.17 -11.04 11.38
CA LYS D 23 -50.59 -10.78 11.23
C LYS D 23 -51.40 -11.26 12.44
N ASP D 24 -51.17 -12.48 12.91
CA ASP D 24 -51.85 -12.99 14.10
C ASP D 24 -50.84 -13.62 15.05
N PRO D 25 -50.33 -12.84 16.01
CA PRO D 25 -49.25 -13.36 16.85
C PRO D 25 -49.63 -14.56 17.69
N THR D 26 -50.85 -14.62 18.21
CA THR D 26 -51.19 -15.65 19.19
C THR D 26 -51.22 -17.04 18.60
N LYS D 27 -51.34 -17.18 17.28
CA LYS D 27 -51.26 -18.50 16.67
C LYS D 27 -49.85 -19.07 16.72
N TYR D 28 -48.85 -18.27 17.09
CA TYR D 28 -47.45 -18.64 17.07
C TYR D 28 -46.78 -18.42 18.43
N GLU D 29 -47.11 -17.32 19.09
CA GLU D 29 -46.45 -16.93 20.33
C GLU D 29 -47.15 -17.49 21.56
N SER D 30 -47.84 -18.61 21.43
CA SER D 30 -48.51 -19.20 22.58
C SER D 30 -47.52 -19.86 23.53
N LEU D 31 -46.63 -20.69 23.00
CA LEU D 31 -45.69 -21.45 23.82
C LEU D 31 -44.47 -20.63 24.21
N GLY D 32 -44.47 -19.33 23.93
CA GLY D 32 -43.38 -18.48 24.32
C GLY D 32 -42.51 -18.01 23.18
N GLY D 33 -42.77 -18.44 21.96
CA GLY D 33 -42.01 -17.95 20.84
C GLY D 33 -42.21 -16.47 20.62
N LYS D 34 -41.25 -15.87 19.91
CA LYS D 34 -41.27 -14.44 19.67
C LYS D 34 -40.63 -14.15 18.32
N LEU D 35 -40.75 -12.90 17.87
CA LEU D 35 -40.31 -12.53 16.53
C LEU D 35 -38.82 -12.78 16.35
N PRO D 36 -38.39 -13.24 15.19
CA PRO D 36 -36.96 -13.24 14.89
C PRO D 36 -36.49 -11.82 14.60
N LYS D 37 -35.32 -11.49 15.13
CA LYS D 37 -34.81 -10.14 15.05
C LYS D 37 -34.24 -9.81 13.68
N GLY D 38 -33.97 -10.81 12.85
CA GLY D 38 -33.41 -10.54 11.55
C GLY D 38 -33.22 -11.73 10.63
N VAL D 39 -33.50 -11.51 9.35
CA VAL D 39 -33.26 -12.49 8.30
C VAL D 39 -32.17 -11.95 7.38
N LEU D 40 -31.22 -12.80 7.04
CA LEU D 40 -30.23 -12.46 6.03
C LEU D 40 -30.57 -13.22 4.75
N LEU D 41 -30.25 -12.62 3.60
CA LEU D 41 -30.52 -13.22 2.31
C LEU D 41 -29.23 -13.23 1.50
N THR D 42 -28.77 -14.41 1.13
CA THR D 42 -27.51 -14.55 0.40
C THR D 42 -27.71 -15.39 -0.84
N GLY D 43 -26.93 -15.10 -1.88
CA GLY D 43 -27.01 -15.85 -3.09
C GLY D 43 -26.51 -15.11 -4.32
N PRO D 44 -26.39 -15.81 -5.43
CA PRO D 44 -25.80 -15.23 -6.65
C PRO D 44 -26.64 -14.08 -7.18
N PRO D 45 -26.18 -13.43 -8.25
CA PRO D 45 -26.92 -12.27 -8.78
C PRO D 45 -28.09 -12.70 -9.65
N GLY D 46 -29.26 -12.15 -9.36
CA GLY D 46 -30.45 -12.43 -10.12
C GLY D 46 -31.18 -13.70 -9.78
N THR D 47 -31.59 -13.89 -8.54
CA THR D 47 -32.28 -15.10 -8.13
C THR D 47 -33.59 -14.84 -7.40
N GLY D 48 -33.79 -13.65 -6.84
CA GLY D 48 -35.05 -13.36 -6.19
C GLY D 48 -34.92 -12.72 -4.84
N LYS D 49 -33.72 -12.27 -4.48
CA LYS D 49 -33.51 -11.69 -3.16
C LYS D 49 -34.29 -10.38 -3.01
N THR D 50 -33.96 -9.38 -3.82
CA THR D 50 -34.71 -8.14 -3.80
C THR D 50 -36.18 -8.36 -4.12
N LEU D 51 -36.47 -9.37 -4.94
CA LEU D 51 -37.86 -9.71 -5.22
C LEU D 51 -38.57 -10.16 -3.95
N LEU D 52 -38.01 -11.14 -3.25
CA LEU D 52 -38.59 -11.60 -1.98
C LEU D 52 -38.77 -10.46 -1.01
N ALA D 53 -37.82 -9.52 -0.95
CA ALA D 53 -37.98 -8.39 -0.04
C ALA D 53 -39.14 -7.51 -0.46
N ARG D 54 -39.30 -7.27 -1.77
CA ARG D 54 -40.40 -6.45 -2.22
C ARG D 54 -41.74 -7.14 -2.00
N ALA D 55 -41.75 -8.47 -2.02
CA ALA D 55 -42.97 -9.21 -1.72
C ALA D 55 -43.32 -9.13 -0.25
N THR D 56 -42.32 -9.24 0.62
CA THR D 56 -42.56 -9.05 2.05
C THR D 56 -43.09 -7.66 2.33
N ALA D 57 -42.54 -6.64 1.68
CA ALA D 57 -43.06 -5.30 1.87
C ALA D 57 -44.45 -5.15 1.28
N GLY D 58 -44.81 -6.02 0.33
CA GLY D 58 -46.14 -5.93 -0.25
C GLY D 58 -47.22 -6.64 0.54
N GLU D 59 -46.88 -7.70 1.25
CA GLU D 59 -47.87 -8.50 1.95
C GLU D 59 -47.83 -8.37 3.47
N ALA D 60 -47.05 -7.44 4.01
CA ALA D 60 -46.84 -7.43 5.46
C ALA D 60 -47.86 -6.54 6.17
N GLY D 61 -48.10 -5.35 5.64
CA GLY D 61 -49.03 -4.44 6.29
C GLY D 61 -48.41 -3.50 7.30
N VAL D 62 -47.13 -3.64 7.61
CA VAL D 62 -46.46 -2.74 8.54
C VAL D 62 -45.60 -1.77 7.75
N ASP D 63 -45.14 -0.71 8.41
CA ASP D 63 -44.29 0.26 7.75
C ASP D 63 -42.95 -0.38 7.37
N PHE D 64 -42.50 -0.09 6.16
CA PHE D 64 -41.35 -0.75 5.58
C PHE D 64 -40.36 0.31 5.12
N PHE D 65 -39.17 0.32 5.69
CA PHE D 65 -38.13 1.28 5.37
C PHE D 65 -37.07 0.55 4.56
N PHE D 66 -36.67 1.12 3.42
CA PHE D 66 -35.62 0.51 2.62
C PHE D 66 -34.50 1.50 2.38
N MET D 67 -33.27 1.00 2.39
CA MET D 67 -32.11 1.82 2.06
C MET D 67 -31.09 0.92 1.38
N SER D 68 -30.34 1.51 0.45
CA SER D 68 -29.23 0.76 -0.08
C SER D 68 -28.11 0.71 0.95
N GLY D 69 -27.14 -0.17 0.71
CA GLY D 69 -26.00 -0.19 1.60
C GLY D 69 -24.98 0.88 1.33
N SER D 70 -25.31 1.87 0.53
CA SER D 70 -24.35 2.89 0.11
C SER D 70 -24.85 4.31 0.32
N GLU D 71 -26.02 4.47 0.92
CA GLU D 71 -26.59 5.78 1.17
C GLU D 71 -26.11 6.37 2.49
N PHE D 72 -24.99 5.90 3.01
CA PHE D 72 -24.55 6.23 4.35
C PHE D 72 -23.33 7.14 4.36
N ASP D 73 -22.24 6.72 3.74
CA ASP D 73 -20.95 7.40 3.90
C ASP D 73 -20.83 8.49 2.84
N GLU D 74 -21.26 9.69 3.20
CA GLU D 74 -20.90 10.86 2.41
C GLU D 74 -19.57 11.36 2.94
N VAL D 75 -19.02 12.38 2.30
CA VAL D 75 -17.61 12.68 2.51
C VAL D 75 -17.36 13.59 3.71
N TYR D 76 -17.38 13.00 4.90
CA TYR D 76 -16.84 13.55 6.14
C TYR D 76 -16.53 12.37 7.05
N VAL D 77 -16.33 12.64 8.33
CA VAL D 77 -16.09 11.57 9.30
C VAL D 77 -17.26 11.56 10.28
N GLY D 78 -17.97 10.45 10.36
CA GLY D 78 -19.11 10.32 11.22
C GLY D 78 -20.44 10.70 10.62
N VAL D 79 -20.57 10.66 9.30
CA VAL D 79 -21.85 10.96 8.68
C VAL D 79 -22.71 9.72 8.54
N GLY D 80 -22.08 8.57 8.30
CA GLY D 80 -22.84 7.34 8.25
C GLY D 80 -23.47 6.97 9.58
N ALA D 81 -22.72 7.11 10.66
CA ALA D 81 -23.25 6.75 11.97
C ALA D 81 -24.47 7.60 12.31
N LYS D 82 -24.44 8.86 11.96
CA LYS D 82 -25.59 9.72 12.21
C LYS D 82 -26.80 9.24 11.44
N ARG D 83 -26.60 8.76 10.22
CA ARG D 83 -27.73 8.31 9.42
C ARG D 83 -28.26 6.96 9.86
N ILE D 84 -27.44 6.14 10.51
CA ILE D 84 -28.00 4.94 11.12
C ILE D 84 -28.75 5.29 12.40
N ARG D 85 -28.23 6.23 13.19
CA ARG D 85 -28.94 6.66 14.37
C ARG D 85 -30.31 7.24 14.02
N ASP D 86 -30.38 8.03 12.94
CA ASP D 86 -31.68 8.57 12.55
C ASP D 86 -32.55 7.54 11.84
N LEU D 87 -31.94 6.62 11.08
CA LEU D 87 -32.72 5.56 10.46
C LEU D 87 -33.44 4.72 11.50
N PHE D 88 -32.70 4.09 12.42
CA PHE D 88 -33.36 3.33 13.47
C PHE D 88 -34.14 4.22 14.42
N ALA D 89 -33.81 5.50 14.51
CA ALA D 89 -34.61 6.41 15.32
C ALA D 89 -36.03 6.52 14.77
N GLN D 90 -36.15 6.82 13.47
CA GLN D 90 -37.46 6.79 12.83
C GLN D 90 -38.09 5.40 12.89
N ALA D 91 -37.26 4.36 12.79
CA ALA D 91 -37.78 3.00 12.76
C ALA D 91 -38.50 2.65 14.05
N ARG D 92 -37.82 2.73 15.18
CA ARG D 92 -38.47 2.38 16.44
C ARG D 92 -39.46 3.42 16.90
N SER D 93 -39.57 4.56 16.20
CA SER D 93 -40.53 5.59 16.60
C SER D 93 -41.96 5.25 16.25
N ARG D 94 -42.20 4.07 15.70
CA ARG D 94 -43.54 3.63 15.36
C ARG D 94 -43.64 2.13 15.59
N ALA D 95 -44.71 1.54 15.08
CA ALA D 95 -45.13 0.17 15.34
C ALA D 95 -44.08 -0.82 14.86
N PRO D 96 -44.30 -2.14 15.01
CA PRO D 96 -43.36 -3.11 14.43
C PRO D 96 -43.14 -2.87 12.95
N ALA D 97 -41.92 -2.48 12.60
CA ALA D 97 -41.54 -2.14 11.25
C ALA D 97 -40.53 -3.13 10.72
N ILE D 98 -40.13 -2.94 9.47
CA ILE D 98 -39.13 -3.77 8.83
C ILE D 98 -38.16 -2.84 8.11
N ILE D 99 -36.87 -3.17 8.17
CA ILE D 99 -35.82 -2.30 7.65
C ILE D 99 -34.96 -3.13 6.70
N PHE D 100 -35.15 -2.91 5.41
CA PHE D 100 -34.45 -3.65 4.37
C PHE D 100 -33.26 -2.82 3.90
N ILE D 101 -32.06 -3.27 4.25
CA ILE D 101 -30.83 -2.66 3.78
C ILE D 101 -30.27 -3.55 2.68
N ASP D 102 -30.30 -3.06 1.45
CA ASP D 102 -29.89 -3.83 0.30
C ASP D 102 -28.41 -3.55 0.01
N GLN D 103 -27.74 -4.55 -0.55
CA GLN D 103 -26.31 -4.47 -0.78
C GLN D 103 -25.58 -4.22 0.54
N LEU D 104 -25.71 -5.19 1.43
CA LEU D 104 -25.12 -5.09 2.76
C LEU D 104 -23.62 -5.29 2.75
N ASP D 105 -23.02 -5.54 1.58
CA ASP D 105 -21.57 -5.59 1.47
C ASP D 105 -20.95 -4.24 1.74
N ALA D 106 -21.63 -3.17 1.34
CA ALA D 106 -21.00 -1.85 1.35
C ALA D 106 -20.83 -1.31 2.76
N ILE D 107 -21.47 -1.91 3.76
CA ILE D 107 -21.24 -1.49 5.13
C ILE D 107 -21.01 -2.70 6.03
N GLY D 108 -20.75 -3.85 5.43
CA GLY D 108 -20.59 -5.08 6.18
C GLY D 108 -19.20 -5.67 6.14
N GLY D 109 -18.21 -4.97 5.61
CA GLY D 109 -16.87 -5.54 5.55
C GLY D 109 -16.31 -5.75 6.94
N LYS D 110 -15.72 -6.91 7.15
CA LYS D 110 -15.16 -7.24 8.46
C LYS D 110 -14.03 -6.28 8.81
N ARG D 111 -13.98 -5.88 10.08
CA ARG D 111 -12.95 -4.98 10.56
C ARG D 111 -11.74 -5.77 11.03
N ASN D 112 -10.57 -5.39 10.52
CA ASN D 112 -9.31 -6.06 10.81
C ASN D 112 -8.35 -5.13 11.52
N PRO D 113 -7.88 -5.47 12.71
CA PRO D 113 -7.05 -4.56 13.51
C PRO D 113 -5.67 -4.34 12.90
N LYS D 114 -5.64 -3.75 11.70
CA LYS D 114 -4.38 -3.34 11.12
C LYS D 114 -4.45 -1.88 10.69
N ASP D 115 -5.63 -1.45 10.23
CA ASP D 115 -5.86 -0.06 9.86
C ASP D 115 -7.23 0.46 10.24
N GLN D 116 -7.88 -0.11 11.25
CA GLN D 116 -9.24 0.28 11.56
C GLN D 116 -9.27 1.73 12.00
N ALA D 117 -10.19 2.49 11.41
CA ALA D 117 -10.21 3.94 11.51
C ALA D 117 -11.65 4.43 11.42
N TYR D 118 -11.81 5.69 11.02
CA TYR D 118 -13.12 6.24 10.69
C TYR D 118 -13.92 5.34 9.73
N ALA D 119 -13.24 4.52 8.94
CA ALA D 119 -13.91 3.66 7.97
C ALA D 119 -14.97 2.78 8.62
N LYS D 120 -14.62 2.04 9.66
CA LYS D 120 -15.52 1.12 10.32
C LYS D 120 -16.35 1.76 11.41
N GLN D 121 -16.59 3.07 11.32
CA GLN D 121 -17.39 3.74 12.36
C GLN D 121 -18.88 3.56 12.11
N THR D 122 -19.26 3.22 10.88
CA THR D 122 -20.67 2.98 10.60
C THR D 122 -21.08 1.59 11.02
N LEU D 123 -20.22 0.60 10.77
CA LEU D 123 -20.54 -0.77 11.14
C LEU D 123 -20.74 -0.92 12.64
N ASN D 124 -19.87 -0.30 13.44
CA ASN D 124 -20.02 -0.40 14.88
C ASN D 124 -21.33 0.22 15.35
N GLN D 125 -21.76 1.30 14.71
CA GLN D 125 -23.03 1.90 15.07
C GLN D 125 -24.19 0.99 14.72
N LEU D 126 -24.15 0.34 13.55
CA LEU D 126 -25.18 -0.62 13.22
C LEU D 126 -25.21 -1.76 14.21
N LEU D 127 -24.03 -2.25 14.63
CA LEU D 127 -23.97 -3.32 15.61
C LEU D 127 -24.57 -2.90 16.94
N VAL D 128 -24.34 -1.67 17.35
CA VAL D 128 -24.91 -1.20 18.61
C VAL D 128 -26.41 -0.96 18.48
N GLU D 129 -26.89 -0.74 17.25
CA GLU D 129 -28.31 -0.51 17.08
C GLU D 129 -29.11 -1.80 16.99
N LEU D 130 -28.57 -2.83 16.35
CA LEU D 130 -29.30 -4.09 16.24
C LEU D 130 -29.50 -4.74 17.61
N ASP D 131 -28.43 -4.83 18.40
CA ASP D 131 -28.45 -5.48 19.72
C ASP D 131 -27.51 -4.71 20.63
N GLY D 132 -28.03 -3.71 21.34
CA GLY D 132 -27.21 -2.85 22.16
C GLY D 132 -27.58 -2.88 23.63
N PHE D 133 -27.41 -1.75 24.31
CA PHE D 133 -27.75 -1.69 25.73
C PHE D 133 -29.25 -1.55 25.92
N SER D 134 -29.89 -0.77 25.08
CA SER D 134 -31.32 -0.51 25.19
C SER D 134 -32.07 -1.48 24.30
N GLN D 135 -32.85 -2.37 24.90
CA GLN D 135 -33.59 -3.37 24.16
C GLN D 135 -34.94 -2.84 23.73
N THR D 136 -35.08 -2.58 22.44
CA THR D 136 -36.36 -2.31 21.82
C THR D 136 -36.90 -3.60 21.22
N SER D 137 -38.18 -3.58 20.88
CA SER D 137 -38.79 -4.72 20.21
C SER D 137 -39.66 -4.21 19.07
N GLY D 138 -40.09 -5.15 18.23
CA GLY D 138 -40.96 -4.85 17.14
C GLY D 138 -40.25 -4.58 15.83
N ILE D 139 -38.96 -4.26 15.86
CA ILE D 139 -38.23 -3.96 14.64
C ILE D 139 -37.62 -5.24 14.09
N ILE D 140 -37.88 -5.51 12.81
CA ILE D 140 -37.25 -6.60 12.07
C ILE D 140 -36.37 -5.98 11.01
N ILE D 141 -35.26 -6.63 10.71
CA ILE D 141 -34.32 -6.11 9.72
C ILE D 141 -34.01 -7.20 8.70
N ILE D 142 -33.98 -6.82 7.43
CA ILE D 142 -33.72 -7.74 6.33
C ILE D 142 -32.65 -7.13 5.45
N GLY D 143 -31.62 -7.89 5.14
CA GLY D 143 -30.51 -7.40 4.34
C GLY D 143 -30.04 -8.48 3.38
N ALA D 144 -29.75 -8.08 2.15
CA ALA D 144 -29.36 -8.99 1.09
C ALA D 144 -27.91 -8.75 0.70
N THR D 145 -27.30 -9.74 0.04
CA THR D 145 -25.90 -9.61 -0.32
C THR D 145 -25.47 -10.77 -1.22
N ASN D 146 -24.61 -10.47 -2.18
CA ASN D 146 -24.03 -11.51 -3.01
C ASN D 146 -22.89 -12.24 -2.33
N PHE D 147 -22.37 -11.68 -1.24
CA PHE D 147 -21.09 -12.10 -0.65
C PHE D 147 -21.29 -12.38 0.83
N PRO D 148 -21.68 -13.60 1.20
CA PRO D 148 -21.91 -13.87 2.63
C PRO D 148 -20.65 -13.84 3.46
N GLU D 149 -19.51 -14.22 2.89
CA GLU D 149 -18.30 -14.39 3.68
C GLU D 149 -17.54 -13.08 3.90
N ALA D 150 -17.76 -12.07 3.07
CA ALA D 150 -17.14 -10.78 3.32
C ALA D 150 -17.74 -10.07 4.52
N LEU D 151 -18.91 -10.50 4.98
CA LEU D 151 -19.57 -9.82 6.07
C LEU D 151 -18.88 -10.11 7.39
N ASP D 152 -18.99 -9.16 8.30
CA ASP D 152 -18.38 -9.29 9.62
C ASP D 152 -18.97 -10.49 10.35
N LYS D 153 -18.28 -10.93 11.41
CA LYS D 153 -18.85 -11.96 12.27
C LYS D 153 -19.80 -11.38 13.31
N ALA D 154 -19.69 -10.10 13.61
CA ALA D 154 -20.61 -9.50 14.57
C ALA D 154 -21.94 -9.12 13.95
N LEU D 155 -22.04 -9.10 12.63
CA LEU D 155 -23.35 -8.92 11.99
C LEU D 155 -24.11 -10.21 11.90
N THR D 156 -23.46 -11.27 11.44
CA THR D 156 -24.11 -12.55 11.22
C THR D 156 -24.35 -13.33 12.51
N ARG D 157 -24.24 -12.68 13.65
CA ARG D 157 -24.47 -13.35 14.92
C ARG D 157 -25.98 -13.46 15.17
N PRO D 158 -26.42 -14.56 15.79
CA PRO D 158 -27.81 -14.61 16.26
C PRO D 158 -28.08 -13.47 17.22
N GLY D 159 -29.34 -13.06 17.30
CA GLY D 159 -29.70 -11.87 18.02
C GLY D 159 -29.64 -10.60 17.20
N ARG D 160 -28.86 -10.58 16.13
CA ARG D 160 -28.87 -9.51 15.15
C ARG D 160 -29.42 -9.94 13.80
N PHE D 161 -29.05 -11.13 13.35
CA PHE D 161 -29.48 -11.73 12.10
C PHE D 161 -29.87 -13.18 12.35
N ASP D 162 -30.86 -13.37 13.22
CA ASP D 162 -31.35 -14.65 13.73
C ASP D 162 -31.31 -15.80 12.73
N LYS D 163 -31.77 -15.60 11.50
CA LYS D 163 -31.75 -16.71 10.56
C LYS D 163 -31.18 -16.29 9.22
N VAL D 164 -30.42 -17.19 8.61
CA VAL D 164 -29.77 -16.98 7.32
C VAL D 164 -30.50 -17.80 6.27
N VAL D 165 -30.78 -17.17 5.14
CA VAL D 165 -31.56 -17.78 4.06
C VAL D 165 -30.79 -17.58 2.76
N ASN D 166 -30.51 -18.67 2.07
CA ASN D 166 -29.75 -18.62 0.83
C ASN D 166 -30.66 -18.91 -0.36
N VAL D 167 -30.70 -17.97 -1.30
CA VAL D 167 -31.49 -18.07 -2.51
C VAL D 167 -30.53 -18.26 -3.67
N ASP D 168 -30.57 -19.44 -4.29
CA ASP D 168 -29.62 -19.80 -5.34
C ASP D 168 -30.37 -20.24 -6.58
N LEU D 169 -29.61 -20.75 -7.55
CA LEU D 169 -30.17 -21.03 -8.86
C LEU D 169 -31.17 -22.17 -8.78
N PRO D 170 -32.24 -22.12 -9.56
CA PRO D 170 -33.26 -23.18 -9.49
C PRO D 170 -32.86 -24.40 -10.29
N ASP D 171 -33.57 -25.48 -10.03
CA ASP D 171 -33.46 -26.73 -10.77
C ASP D 171 -34.57 -26.78 -11.82
N VAL D 172 -34.75 -27.94 -12.46
CA VAL D 172 -35.63 -28.02 -13.62
C VAL D 172 -37.08 -27.73 -13.22
N ARG D 173 -37.52 -28.28 -12.09
CA ARG D 173 -38.90 -28.08 -11.68
C ARG D 173 -39.19 -26.61 -11.40
N GLY D 174 -38.42 -25.99 -10.51
CA GLY D 174 -38.61 -24.58 -10.23
C GLY D 174 -38.39 -23.71 -11.45
N ARG D 175 -37.49 -24.12 -12.33
CA ARG D 175 -37.26 -23.39 -13.57
C ARG D 175 -38.53 -23.35 -14.42
N ALA D 176 -39.15 -24.52 -14.63
CA ALA D 176 -40.41 -24.57 -15.34
C ALA D 176 -41.50 -23.80 -14.61
N ASP D 177 -41.41 -23.70 -13.28
CA ASP D 177 -42.35 -22.84 -12.56
C ASP D 177 -42.15 -21.38 -12.93
N ILE D 178 -40.90 -20.92 -12.99
CA ILE D 178 -40.64 -19.54 -13.33
C ILE D 178 -41.14 -19.23 -14.73
N LEU D 179 -40.85 -20.11 -15.69
CA LEU D 179 -41.34 -19.89 -17.04
C LEU D 179 -42.86 -19.89 -17.08
N LYS D 180 -43.51 -20.80 -16.35
CA LYS D 180 -44.97 -20.79 -16.29
C LYS D 180 -45.49 -19.48 -15.73
N HIS D 181 -44.74 -18.85 -14.81
CA HIS D 181 -45.21 -17.58 -14.28
C HIS D 181 -45.02 -16.45 -15.29
N HIS D 182 -43.90 -16.43 -16.00
CA HIS D 182 -43.68 -15.35 -16.95
C HIS D 182 -44.33 -15.59 -18.30
N MET D 183 -44.74 -16.81 -18.60
CA MET D 183 -45.56 -17.04 -19.79
C MET D 183 -46.98 -16.54 -19.61
N LYS D 184 -47.37 -16.15 -18.41
CA LYS D 184 -48.57 -15.36 -18.24
C LYS D 184 -48.37 -14.02 -18.91
N LYS D 185 -49.47 -13.26 -19.01
CA LYS D 185 -49.49 -11.90 -19.56
C LYS D 185 -48.79 -11.76 -20.91
N ILE D 186 -48.73 -12.85 -21.68
CA ILE D 186 -48.31 -12.79 -23.07
C ILE D 186 -49.19 -13.73 -23.86
N THR D 187 -49.63 -13.27 -25.01
CA THR D 187 -50.65 -13.98 -25.79
C THR D 187 -50.01 -15.21 -26.40
N LEU D 188 -49.88 -16.25 -25.59
CA LEU D 188 -49.31 -17.50 -26.07
C LEU D 188 -50.21 -18.14 -27.10
N ALA D 189 -49.62 -19.02 -27.91
CA ALA D 189 -50.38 -19.90 -28.78
C ALA D 189 -50.52 -21.24 -28.07
N ASP D 190 -50.97 -22.27 -28.78
CA ASP D 190 -50.71 -23.63 -28.38
C ASP D 190 -49.26 -23.96 -28.72
N ASN D 191 -48.89 -25.24 -28.72
CA ASN D 191 -47.55 -25.71 -29.04
C ASN D 191 -46.53 -25.39 -27.94
N VAL D 192 -46.89 -24.54 -26.99
CA VAL D 192 -45.94 -24.03 -26.00
C VAL D 192 -46.02 -24.91 -24.76
N ASP D 193 -44.93 -25.60 -24.47
CA ASP D 193 -44.80 -26.44 -23.28
C ASP D 193 -43.57 -25.98 -22.52
N PRO D 194 -43.74 -25.29 -21.39
CA PRO D 194 -42.57 -24.74 -20.69
C PRO D 194 -41.64 -25.80 -20.12
N THR D 195 -42.10 -27.03 -19.94
CA THR D 195 -41.19 -28.08 -19.50
C THR D 195 -40.11 -28.33 -20.54
N ILE D 196 -40.43 -28.17 -21.82
CA ILE D 196 -39.44 -28.38 -22.87
C ILE D 196 -38.36 -27.31 -22.80
N ILE D 197 -38.76 -26.05 -22.59
CA ILE D 197 -37.77 -25.00 -22.45
C ILE D 197 -36.95 -25.21 -21.19
N ALA D 198 -37.58 -25.67 -20.12
CA ALA D 198 -36.87 -25.89 -18.87
C ALA D 198 -35.85 -27.01 -19.00
N ARG D 199 -36.14 -28.05 -19.79
CA ARG D 199 -35.17 -29.12 -19.96
C ARG D 199 -33.94 -28.66 -20.72
N GLY D 200 -34.05 -27.58 -21.49
CA GLY D 200 -32.97 -27.15 -22.35
C GLY D 200 -32.26 -25.88 -21.93
N THR D 201 -32.43 -25.43 -20.70
CA THR D 201 -31.74 -24.24 -20.20
C THR D 201 -31.07 -24.55 -18.87
N PRO D 202 -30.04 -25.40 -18.88
CA PRO D 202 -29.33 -25.70 -17.63
C PRO D 202 -28.52 -24.49 -17.18
N GLY D 203 -28.70 -24.11 -15.93
CA GLY D 203 -27.91 -23.04 -15.36
C GLY D 203 -28.37 -21.64 -15.72
N LEU D 204 -29.67 -21.38 -15.68
CA LEU D 204 -30.20 -20.04 -15.88
C LEU D 204 -30.92 -19.58 -14.63
N SER D 205 -30.82 -18.30 -14.36
CA SER D 205 -31.43 -17.69 -13.18
C SER D 205 -32.88 -17.36 -13.47
N GLY D 206 -33.52 -16.60 -12.57
CA GLY D 206 -34.85 -16.11 -12.85
C GLY D 206 -34.85 -14.91 -13.77
N ALA D 207 -33.85 -14.03 -13.62
CA ALA D 207 -33.76 -12.85 -14.47
C ALA D 207 -33.52 -13.23 -15.92
N GLU D 208 -32.75 -14.29 -16.16
CA GLU D 208 -32.47 -14.70 -17.53
C GLU D 208 -33.64 -15.43 -18.17
N LEU D 209 -34.40 -16.21 -17.39
CA LEU D 209 -35.60 -16.80 -17.93
C LEU D 209 -36.63 -15.74 -18.28
N ALA D 210 -36.88 -14.80 -17.36
CA ALA D 210 -37.84 -13.73 -17.61
C ALA D 210 -37.42 -12.88 -18.81
N ASN D 211 -36.13 -12.61 -18.94
CA ASN D 211 -35.64 -11.91 -20.11
C ASN D 211 -35.89 -12.72 -21.37
N LEU D 212 -35.69 -14.03 -21.30
CA LEU D 212 -36.02 -14.93 -22.40
C LEU D 212 -37.44 -14.71 -22.88
N VAL D 213 -38.40 -14.82 -21.96
CA VAL D 213 -39.81 -14.66 -22.34
C VAL D 213 -40.07 -13.28 -22.92
N ASN D 214 -39.48 -12.24 -22.32
CA ASN D 214 -39.74 -10.89 -22.78
C ASN D 214 -39.27 -10.68 -24.21
N GLN D 215 -37.98 -10.88 -24.48
CA GLN D 215 -37.49 -10.62 -25.83
C GLN D 215 -38.02 -11.62 -26.84
N ALA D 216 -38.45 -12.79 -26.41
CA ALA D 216 -39.19 -13.67 -27.31
C ALA D 216 -40.52 -13.05 -27.70
N ALA D 217 -41.23 -12.43 -26.75
CA ALA D 217 -42.48 -11.77 -27.09
C ALA D 217 -42.25 -10.62 -28.06
N VAL D 218 -41.25 -9.78 -27.79
CA VAL D 218 -40.99 -8.65 -28.67
C VAL D 218 -40.60 -9.12 -30.06
N TYR D 219 -39.79 -10.17 -30.15
CA TYR D 219 -39.48 -10.74 -31.46
C TYR D 219 -40.71 -11.30 -32.13
N ALA D 220 -41.66 -11.83 -31.36
CA ALA D 220 -42.90 -12.28 -31.95
C ALA D 220 -43.66 -11.13 -32.59
N CYS D 221 -43.94 -10.08 -31.82
CA CYS D 221 -44.64 -8.92 -32.37
C CYS D 221 -43.91 -8.28 -33.53
N GLN D 222 -42.59 -8.38 -33.58
CA GLN D 222 -41.86 -7.70 -34.65
C GLN D 222 -41.94 -8.44 -35.98
N LYS D 223 -42.22 -9.74 -35.96
CA LYS D 223 -42.51 -10.50 -37.17
C LYS D 223 -43.96 -10.36 -37.61
N ASN D 224 -44.71 -9.45 -37.00
CA ASN D 224 -46.10 -9.20 -37.36
C ASN D 224 -47.00 -10.40 -37.05
N ALA D 225 -46.52 -11.31 -36.22
CA ALA D 225 -47.26 -12.52 -35.91
C ALA D 225 -48.45 -12.21 -35.00
N VAL D 226 -49.14 -13.26 -34.59
CA VAL D 226 -50.34 -13.12 -33.78
C VAL D 226 -50.23 -13.80 -32.43
N SER D 227 -49.40 -14.83 -32.30
CA SER D 227 -49.20 -15.52 -31.04
C SER D 227 -47.74 -15.96 -30.97
N VAL D 228 -47.29 -16.27 -29.76
CA VAL D 228 -45.90 -16.65 -29.51
C VAL D 228 -45.83 -18.18 -29.51
N ASP D 229 -44.76 -18.72 -30.09
CA ASP D 229 -44.64 -20.15 -30.34
C ASP D 229 -43.20 -20.60 -30.17
N MET D 230 -43.01 -21.92 -30.18
CA MET D 230 -41.73 -22.52 -29.83
C MET D 230 -40.58 -22.10 -30.73
N SER D 231 -40.86 -21.65 -31.96
CA SER D 231 -39.77 -21.13 -32.78
C SER D 231 -39.22 -19.86 -32.18
N HIS D 232 -40.08 -19.02 -31.62
CA HIS D 232 -39.62 -17.76 -31.04
C HIS D 232 -38.85 -18.01 -29.75
N PHE D 233 -39.41 -18.81 -28.84
CA PHE D 233 -38.71 -19.17 -27.61
C PHE D 233 -37.39 -19.86 -27.91
N GLU D 234 -37.34 -20.66 -28.97
CA GLU D 234 -36.09 -21.27 -29.37
C GLU D 234 -35.11 -20.22 -29.87
N TRP D 235 -35.60 -19.24 -30.63
CA TRP D 235 -34.74 -18.17 -31.10
C TRP D 235 -34.12 -17.39 -29.95
N ALA D 236 -34.97 -16.88 -29.05
CA ALA D 236 -34.45 -16.10 -27.92
C ALA D 236 -33.56 -16.94 -27.02
N LYS D 237 -33.90 -18.21 -26.84
CA LYS D 237 -33.03 -19.09 -26.08
C LYS D 237 -31.64 -19.14 -26.69
N ASP D 238 -31.57 -19.24 -28.02
CA ASP D 238 -30.26 -19.17 -28.67
C ASP D 238 -29.62 -17.80 -28.50
N LYS D 239 -30.42 -16.73 -28.41
CA LYS D 239 -29.82 -15.42 -28.22
C LYS D 239 -29.30 -15.24 -26.80
N ILE D 240 -29.72 -16.09 -25.88
CA ILE D 240 -29.19 -16.02 -24.52
C ILE D 240 -28.00 -16.95 -24.34
N LEU D 241 -28.09 -18.16 -24.91
CA LEU D 241 -27.04 -19.14 -24.67
C LEU D 241 -25.81 -18.86 -25.51
N MET D 242 -25.99 -18.28 -26.69
CA MET D 242 -24.86 -18.12 -27.60
C MET D 242 -24.52 -16.66 -27.86
N GLY D 243 -25.49 -15.87 -28.30
CA GLY D 243 -25.29 -14.46 -28.56
C GLY D 243 -26.02 -14.03 -29.81
N ALA D 244 -26.22 -12.73 -29.95
CA ALA D 244 -26.94 -12.20 -31.10
C ALA D 244 -26.14 -12.38 -32.38
N GLU D 245 -26.77 -12.91 -33.41
CA GLU D 245 -26.10 -13.25 -34.66
C GLU D 245 -26.02 -12.00 -35.52
N ARG D 246 -25.30 -12.11 -36.64
CA ARG D 246 -24.98 -10.98 -37.49
C ARG D 246 -24.85 -11.44 -38.93
N LYS D 247 -25.93 -11.34 -39.69
CA LYS D 247 -25.97 -11.75 -41.08
C LYS D 247 -25.46 -10.61 -41.96
N THR D 248 -24.25 -10.14 -41.67
CA THR D 248 -23.55 -9.08 -42.37
C THR D 248 -22.06 -9.36 -42.25
N MET D 249 -21.23 -8.34 -42.38
CA MET D 249 -19.78 -8.51 -42.25
C MET D 249 -19.24 -9.42 -43.36
N VAL D 250 -19.33 -8.90 -44.59
CA VAL D 250 -18.84 -9.63 -45.75
C VAL D 250 -17.38 -10.00 -45.56
N LEU D 251 -17.04 -11.24 -45.91
CA LEU D 251 -15.70 -11.76 -45.72
C LEU D 251 -15.35 -12.78 -46.79
N THR D 252 -14.06 -12.92 -47.09
CA THR D 252 -13.61 -13.70 -48.23
C THR D 252 -13.95 -15.17 -48.06
N ASP D 253 -13.54 -15.98 -49.04
CA ASP D 253 -13.83 -17.41 -48.98
C ASP D 253 -12.74 -18.17 -48.26
N ALA D 254 -11.50 -17.71 -48.35
CA ALA D 254 -10.43 -18.39 -47.63
C ALA D 254 -10.64 -18.27 -46.12
N ALA D 255 -11.10 -17.11 -45.66
CA ALA D 255 -11.34 -16.93 -44.23
C ALA D 255 -12.46 -17.84 -43.76
N ARG D 256 -13.65 -17.76 -44.37
CA ARG D 256 -14.76 -18.58 -43.93
C ARG D 256 -14.49 -20.06 -44.08
N LYS D 257 -13.67 -20.46 -45.06
CA LYS D 257 -13.24 -21.85 -45.10
C LYS D 257 -12.37 -22.20 -43.90
N ALA D 258 -11.45 -21.29 -43.55
CA ALA D 258 -10.60 -21.53 -42.39
C ALA D 258 -11.41 -21.70 -41.12
N THR D 259 -12.36 -20.79 -40.86
CA THR D 259 -13.22 -20.94 -39.69
C THR D 259 -14.02 -22.23 -39.77
N ALA D 260 -14.49 -22.59 -40.96
CA ALA D 260 -15.18 -23.85 -41.15
C ALA D 260 -14.33 -25.01 -40.65
N PHE D 261 -13.02 -24.99 -40.92
CA PHE D 261 -12.17 -26.06 -40.40
C PHE D 261 -11.94 -25.93 -38.90
N HIS D 262 -11.94 -24.71 -38.36
CA HIS D 262 -11.74 -24.57 -36.93
C HIS D 262 -12.91 -25.17 -36.15
N GLU D 263 -14.09 -24.59 -36.32
CA GLU D 263 -15.28 -25.14 -35.68
C GLU D 263 -15.56 -26.57 -36.07
N ALA D 264 -15.23 -26.98 -37.30
CA ALA D 264 -15.27 -28.39 -37.62
C ALA D 264 -14.37 -29.17 -36.67
N GLY D 265 -13.19 -28.62 -36.37
CA GLY D 265 -12.28 -29.29 -35.46
C GLY D 265 -12.87 -29.45 -34.08
N HIS D 266 -13.43 -28.37 -33.52
CA HIS D 266 -14.07 -28.51 -32.22
C HIS D 266 -15.21 -29.52 -32.25
N ALA D 267 -16.03 -29.51 -33.30
CA ALA D 267 -17.19 -30.39 -33.34
C ALA D 267 -16.76 -31.85 -33.39
N ILE D 268 -15.93 -32.21 -34.36
CA ILE D 268 -15.49 -33.60 -34.48
C ILE D 268 -14.73 -34.04 -33.24
N MET D 269 -13.93 -33.14 -32.66
CA MET D 269 -13.23 -33.53 -31.44
C MET D 269 -14.19 -33.74 -30.29
N ALA D 270 -15.33 -33.03 -30.28
CA ALA D 270 -16.25 -33.10 -29.16
C ALA D 270 -17.29 -34.18 -29.35
N LYS D 271 -17.40 -34.74 -30.54
CA LYS D 271 -18.47 -35.69 -30.81
C LYS D 271 -18.02 -37.13 -30.73
N TYR D 272 -16.71 -37.39 -30.74
CA TYR D 272 -16.17 -38.74 -30.69
C TYR D 272 -15.27 -38.97 -29.49
N THR D 273 -15.40 -38.17 -28.44
CA THR D 273 -14.56 -38.31 -27.25
C THR D 273 -15.42 -38.75 -26.08
N ASN D 274 -15.07 -39.88 -25.49
CA ASN D 274 -15.83 -40.41 -24.36
C ASN D 274 -15.79 -39.45 -23.18
N GLY D 275 -16.95 -38.95 -22.79
CA GLY D 275 -17.05 -38.05 -21.67
C GLY D 275 -17.44 -36.63 -22.00
N ALA D 276 -17.33 -36.22 -23.25
CA ALA D 276 -17.69 -34.86 -23.60
C ALA D 276 -19.17 -34.63 -23.38
N THR D 277 -19.55 -33.35 -23.21
CA THR D 277 -20.94 -33.03 -23.03
C THR D 277 -21.68 -33.17 -24.35
N PRO D 278 -23.00 -33.34 -24.30
CA PRO D 278 -23.77 -33.43 -25.54
C PRO D 278 -23.63 -32.16 -26.36
N LEU D 279 -23.72 -32.32 -27.67
CA LEU D 279 -23.44 -31.21 -28.57
C LEU D 279 -24.70 -30.41 -28.86
N TYR D 280 -24.50 -29.21 -29.37
CA TYR D 280 -25.60 -28.29 -29.67
C TYR D 280 -25.22 -27.62 -30.99
N LYS D 281 -25.82 -26.50 -31.35
CA LYS D 281 -25.55 -25.86 -32.62
C LYS D 281 -24.05 -25.55 -32.77
N ALA D 282 -23.61 -25.49 -34.02
CA ALA D 282 -22.20 -25.26 -34.34
C ALA D 282 -22.15 -24.47 -35.63
N THR D 283 -22.06 -23.16 -35.54
CA THR D 283 -22.18 -22.26 -36.67
C THR D 283 -20.84 -21.65 -37.02
N ILE D 284 -20.82 -20.88 -38.11
CA ILE D 284 -19.75 -19.93 -38.37
C ILE D 284 -20.26 -18.53 -38.65
N LEU D 285 -21.55 -18.27 -38.47
CA LEU D 285 -22.03 -16.92 -38.46
C LEU D 285 -21.43 -16.18 -37.27
N PRO D 286 -20.87 -15.02 -37.48
CA PRO D 286 -20.23 -14.33 -36.35
C PRO D 286 -21.29 -13.84 -35.37
N ARG D 287 -21.45 -14.56 -34.26
CA ARG D 287 -22.47 -14.24 -33.29
C ARG D 287 -21.83 -13.97 -31.94
N GLY D 288 -22.15 -12.80 -31.39
CA GLY D 288 -21.46 -12.32 -30.22
C GLY D 288 -20.23 -11.53 -30.61
N ARG D 289 -19.15 -11.79 -29.88
CA ARG D 289 -17.86 -11.21 -30.17
C ARG D 289 -16.92 -12.22 -30.81
N ALA D 290 -17.41 -13.41 -31.12
CA ALA D 290 -16.61 -14.49 -31.66
C ALA D 290 -16.92 -14.67 -33.14
N LEU D 291 -16.06 -15.43 -33.81
CA LEU D 291 -16.16 -15.68 -35.25
C LEU D 291 -16.69 -17.07 -35.54
N GLY D 292 -17.70 -17.50 -34.79
CA GLY D 292 -18.20 -18.85 -34.88
C GLY D 292 -17.96 -19.56 -33.57
N ILE D 293 -18.92 -20.36 -33.11
CA ILE D 293 -18.83 -20.99 -31.80
C ILE D 293 -19.58 -22.31 -31.82
N THR D 294 -18.94 -23.34 -31.29
CA THR D 294 -19.54 -24.65 -31.16
C THR D 294 -20.00 -24.83 -29.72
N PHE D 295 -21.30 -24.73 -29.51
CA PHE D 295 -21.87 -24.70 -28.17
C PHE D 295 -22.23 -26.11 -27.75
N GLN D 296 -22.12 -26.38 -26.45
CA GLN D 296 -22.41 -27.70 -25.88
C GLN D 296 -23.40 -27.48 -24.74
N LEU D 297 -24.41 -28.34 -24.66
CA LEU D 297 -25.46 -28.12 -23.68
C LEU D 297 -25.70 -29.39 -22.87
N PRO D 298 -25.43 -29.36 -21.57
CA PRO D 298 -25.71 -30.55 -20.74
C PRO D 298 -27.20 -30.74 -20.56
N GLU D 299 -27.60 -31.91 -20.04
CA GLU D 299 -29.03 -32.15 -19.85
C GLU D 299 -29.37 -32.37 -18.37
N MET D 300 -28.50 -33.05 -17.64
CA MET D 300 -28.74 -33.38 -16.24
C MET D 300 -28.20 -32.34 -15.28
N ASP D 301 -27.80 -31.17 -15.79
CA ASP D 301 -27.30 -29.99 -15.07
C ASP D 301 -26.51 -30.34 -13.81
N LYS D 302 -25.43 -31.08 -14.00
CA LYS D 302 -24.59 -31.54 -12.89
C LYS D 302 -24.03 -30.38 -12.10
N VAL D 303 -23.68 -30.66 -10.85
CA VAL D 303 -22.97 -29.70 -10.00
C VAL D 303 -21.50 -30.05 -9.84
N ASP D 304 -21.16 -31.33 -9.83
CA ASP D 304 -19.78 -31.79 -9.73
C ASP D 304 -19.23 -32.02 -11.13
N ILE D 305 -18.08 -32.68 -11.19
CA ILE D 305 -17.41 -32.95 -12.46
C ILE D 305 -16.41 -34.07 -12.24
N THR D 306 -16.44 -35.08 -13.09
CA THR D 306 -15.57 -36.23 -12.94
C THR D 306 -14.19 -35.89 -13.50
N LYS D 307 -13.32 -36.89 -13.64
CA LYS D 307 -12.02 -36.67 -14.24
C LYS D 307 -12.05 -36.89 -15.74
N ARG D 308 -12.77 -37.92 -16.18
CA ARG D 308 -12.94 -38.16 -17.61
C ARG D 308 -13.61 -36.99 -18.31
N GLU D 309 -14.55 -36.32 -17.63
CA GLU D 309 -15.17 -35.16 -18.25
C GLU D 309 -14.21 -34.00 -18.34
N CYS D 310 -13.32 -33.86 -17.36
CA CYS D 310 -12.32 -32.79 -17.42
C CYS D 310 -11.34 -33.04 -18.55
N GLN D 311 -10.88 -34.27 -18.74
CA GLN D 311 -10.01 -34.54 -19.85
C GLN D 311 -10.72 -34.37 -21.19
N ALA D 312 -11.98 -34.78 -21.27
CA ALA D 312 -12.72 -34.62 -22.51
C ALA D 312 -12.87 -33.15 -22.86
N ARG D 313 -13.21 -32.31 -21.89
CA ARG D 313 -13.25 -30.87 -22.13
C ARG D 313 -11.89 -30.35 -22.55
N LEU D 314 -10.84 -30.83 -21.89
CA LEU D 314 -9.49 -30.39 -22.19
C LEU D 314 -9.08 -30.78 -23.61
N ASP D 315 -9.71 -31.82 -24.17
CA ASP D 315 -9.47 -32.19 -25.56
C ASP D 315 -10.33 -31.39 -26.51
N VAL D 316 -11.55 -31.04 -26.11
CA VAL D 316 -12.40 -30.21 -26.95
C VAL D 316 -11.78 -28.84 -27.14
N CYS D 317 -11.06 -28.34 -26.15
CA CYS D 317 -10.49 -26.99 -26.27
C CYS D 317 -9.23 -26.93 -27.12
N MET D 318 -8.93 -27.94 -27.93
CA MET D 318 -7.77 -27.88 -28.80
C MET D 318 -8.03 -28.39 -30.22
N GLY D 319 -9.25 -28.85 -30.51
CA GLY D 319 -9.53 -29.37 -31.83
C GLY D 319 -9.41 -28.35 -32.93
N GLY D 320 -9.48 -27.07 -32.60
CA GLY D 320 -9.31 -26.05 -33.62
C GLY D 320 -7.86 -25.87 -33.98
N LYS D 321 -7.02 -25.73 -32.95
CA LYS D 321 -5.59 -25.62 -33.16
C LYS D 321 -5.04 -26.84 -33.90
N ILE D 322 -5.42 -28.05 -33.44
CA ILE D 322 -4.91 -29.23 -34.11
C ILE D 322 -5.55 -29.41 -35.48
N ALA D 323 -6.80 -29.00 -35.64
CA ALA D 323 -7.45 -29.10 -36.94
C ALA D 323 -6.71 -28.27 -37.99
N GLU D 324 -6.66 -26.95 -37.79
CA GLU D 324 -6.01 -26.13 -38.80
C GLU D 324 -4.52 -26.37 -38.86
N GLU D 325 -3.92 -26.91 -37.80
CA GLU D 325 -2.52 -27.30 -37.87
C GLU D 325 -2.33 -28.57 -38.67
N LEU D 326 -3.37 -29.39 -38.82
CA LEU D 326 -3.26 -30.56 -39.69
C LEU D 326 -3.67 -30.27 -41.11
N ILE D 327 -4.43 -29.21 -41.35
CA ILE D 327 -4.77 -28.88 -42.74
C ILE D 327 -3.73 -27.92 -43.31
N TYR D 328 -3.61 -26.73 -42.72
CA TYR D 328 -2.83 -25.67 -43.32
C TYR D 328 -1.35 -25.78 -43.07
N GLY D 329 -0.85 -26.89 -42.56
CA GLY D 329 0.54 -26.99 -42.18
C GLY D 329 0.83 -26.22 -40.90
N LYS D 330 2.01 -26.49 -40.34
CA LYS D 330 2.30 -26.02 -38.99
C LYS D 330 2.62 -24.52 -38.95
N ASP D 331 3.32 -24.01 -39.95
CA ASP D 331 3.72 -22.60 -39.96
C ASP D 331 2.60 -21.65 -40.33
N ASN D 332 1.35 -22.10 -40.36
CA ASN D 332 0.23 -21.23 -40.70
C ASN D 332 -0.83 -21.19 -39.62
N THR D 333 -0.54 -21.75 -38.44
CA THR D 333 -1.44 -21.62 -37.31
C THR D 333 -1.55 -20.16 -36.92
N THR D 334 -2.78 -19.65 -36.85
CA THR D 334 -3.01 -18.26 -36.54
C THR D 334 -2.87 -18.02 -35.04
N SER D 335 -3.28 -16.84 -34.59
CA SER D 335 -3.23 -16.50 -33.18
C SER D 335 -4.59 -16.48 -32.51
N GLY D 336 -5.67 -16.71 -33.25
CA GLY D 336 -6.98 -16.77 -32.63
C GLY D 336 -7.12 -17.92 -31.66
N CYS D 337 -6.53 -19.07 -32.00
CA CYS D 337 -6.59 -20.26 -31.16
C CYS D 337 -6.24 -19.96 -29.72
N GLY D 338 -5.23 -19.13 -29.49
CA GLY D 338 -4.81 -18.79 -28.13
C GLY D 338 -5.94 -18.45 -27.20
N SER D 339 -6.98 -17.77 -27.71
CA SER D 339 -8.13 -17.43 -26.89
C SER D 339 -8.72 -18.66 -26.21
N ASP D 340 -9.19 -19.64 -26.99
CA ASP D 340 -9.76 -20.82 -26.34
C ASP D 340 -8.68 -21.61 -25.64
N LEU D 341 -7.45 -21.49 -26.14
CA LEU D 341 -6.31 -22.10 -25.46
C LEU D 341 -6.24 -21.64 -24.02
N GLN D 342 -6.48 -20.34 -23.80
CA GLN D 342 -6.58 -19.75 -22.47
C GLN D 342 -7.42 -20.61 -21.54
N SER D 343 -8.65 -20.89 -21.96
CA SER D 343 -9.58 -21.58 -21.08
C SER D 343 -9.05 -22.96 -20.71
N ALA D 344 -8.41 -23.64 -21.67
CA ALA D 344 -7.90 -24.99 -21.38
C ALA D 344 -6.96 -24.95 -20.19
N THR D 345 -6.10 -23.92 -20.12
CA THR D 345 -5.16 -23.81 -19.03
C THR D 345 -5.87 -23.81 -17.70
N GLY D 346 -6.94 -23.01 -17.58
CA GLY D 346 -7.69 -22.96 -16.32
C GLY D 346 -8.12 -24.33 -15.88
N THR D 347 -8.71 -25.11 -16.80
CA THR D 347 -9.18 -26.43 -16.45
C THR D 347 -8.05 -27.28 -15.90
N ALA D 348 -6.90 -27.25 -16.57
CA ALA D 348 -5.79 -28.10 -16.14
C ALA D 348 -5.35 -27.73 -14.75
N ARG D 349 -5.34 -26.44 -14.41
CA ARG D 349 -4.92 -26.06 -13.07
C ARG D 349 -5.89 -26.60 -12.02
N ALA D 350 -7.19 -26.54 -12.30
CA ALA D 350 -8.14 -27.05 -11.34
C ALA D 350 -8.00 -28.56 -11.20
N MET D 351 -7.50 -29.23 -12.23
CA MET D 351 -7.33 -30.66 -12.11
C MET D 351 -6.15 -31.02 -11.22
N VAL D 352 -5.24 -30.10 -10.96
CA VAL D 352 -4.04 -30.41 -10.21
C VAL D 352 -4.08 -29.80 -8.82
N THR D 353 -4.46 -28.54 -8.71
CA THR D 353 -4.43 -27.84 -7.44
C THR D 353 -5.69 -28.07 -6.63
N GLN D 354 -6.84 -27.64 -7.15
CA GLN D 354 -8.07 -27.70 -6.36
C GLN D 354 -8.58 -29.13 -6.23
N TYR D 355 -8.95 -29.76 -7.33
CA TYR D 355 -9.73 -30.99 -7.30
C TYR D 355 -8.90 -32.20 -6.93
N GLY D 356 -7.59 -32.14 -7.12
CA GLY D 356 -6.70 -33.21 -6.69
C GLY D 356 -6.69 -34.42 -7.58
N MET D 357 -6.34 -34.25 -8.85
CA MET D 357 -6.45 -35.31 -9.84
C MET D 357 -5.10 -35.69 -10.44
N SER D 358 -4.00 -35.45 -9.73
CA SER D 358 -2.67 -35.80 -10.22
C SER D 358 -1.97 -36.64 -9.17
N ASP D 359 -1.51 -37.83 -9.57
CA ASP D 359 -0.82 -38.70 -8.64
C ASP D 359 0.60 -38.27 -8.37
N ASP D 360 1.21 -37.51 -9.27
CA ASP D 360 2.57 -37.03 -9.02
C ASP D 360 2.60 -35.97 -7.93
N VAL D 361 1.57 -35.13 -7.85
CA VAL D 361 1.52 -34.07 -6.85
C VAL D 361 1.03 -34.66 -5.54
N GLY D 362 -0.19 -35.19 -5.53
CA GLY D 362 -0.78 -35.75 -4.34
C GLY D 362 -2.19 -35.27 -4.14
N PRO D 363 -2.84 -35.72 -3.07
CA PRO D 363 -4.19 -35.26 -2.74
C PRO D 363 -4.20 -34.05 -1.82
N VAL D 364 -3.58 -32.97 -2.28
CA VAL D 364 -3.38 -31.77 -1.47
C VAL D 364 -4.01 -30.59 -2.18
N ASN D 365 -4.38 -29.57 -1.43
CA ASN D 365 -5.05 -28.39 -1.99
C ASN D 365 -4.08 -27.22 -2.00
N LEU D 366 -3.40 -27.02 -3.13
CA LEU D 366 -2.52 -25.87 -3.31
C LEU D 366 -3.25 -24.62 -3.76
N SER D 367 -4.58 -24.63 -3.73
CA SER D 367 -5.31 -23.55 -4.39
C SER D 367 -5.22 -22.26 -3.62
N GLU D 368 -5.79 -22.21 -2.42
CA GLU D 368 -5.74 -20.99 -1.65
C GLU D 368 -4.40 -20.87 -0.95
N GLU D 369 -3.98 -19.62 -0.74
CA GLU D 369 -2.60 -19.26 -0.42
C GLU D 369 -1.63 -20.04 -1.29
N TRP D 370 -1.76 -19.83 -2.60
CA TRP D 370 -0.80 -20.33 -3.56
C TRP D 370 0.57 -19.71 -3.35
N GLU D 371 0.63 -18.56 -2.71
CA GLU D 371 1.87 -17.86 -2.47
C GLU D 371 2.52 -18.22 -1.14
N SER D 372 1.94 -19.17 -0.41
CA SER D 372 2.54 -19.62 0.83
C SER D 372 3.36 -20.89 0.68
N TRP D 373 3.12 -21.67 -0.37
CA TRP D 373 3.89 -22.86 -0.61
C TRP D 373 5.29 -22.49 -1.09
N SER D 374 6.21 -23.43 -0.96
CA SER D 374 7.59 -23.19 -1.36
C SER D 374 7.68 -23.25 -2.88
N ASN D 375 8.90 -23.32 -3.41
CA ASN D 375 9.09 -23.32 -4.84
C ASN D 375 9.23 -24.70 -5.45
N LYS D 376 9.55 -25.73 -4.65
CA LYS D 376 9.66 -27.07 -5.21
C LYS D 376 8.29 -27.62 -5.57
N ILE D 377 7.35 -27.58 -4.62
CA ILE D 377 6.04 -28.15 -4.86
C ILE D 377 5.31 -27.40 -5.96
N ARG D 378 5.53 -26.10 -6.10
CA ARG D 378 4.95 -25.38 -7.22
C ARG D 378 5.61 -25.74 -8.55
N ASP D 379 6.90 -26.07 -8.54
CA ASP D 379 7.53 -26.56 -9.76
C ASP D 379 6.89 -27.88 -10.20
N ILE D 380 6.69 -28.79 -9.25
CA ILE D 380 6.07 -30.06 -9.61
C ILE D 380 4.64 -29.84 -10.09
N ALA D 381 3.90 -28.94 -9.42
CA ALA D 381 2.52 -28.68 -9.82
C ALA D 381 2.46 -28.15 -11.25
N ASP D 382 3.19 -27.06 -11.54
CA ASP D 382 3.11 -26.48 -12.88
C ASP D 382 3.61 -27.44 -13.95
N ASN D 383 4.66 -28.20 -13.66
CA ASN D 383 5.09 -29.23 -14.61
C ASN D 383 3.97 -30.22 -14.89
N GLU D 384 3.24 -30.62 -13.85
CA GLU D 384 2.11 -31.53 -14.06
C GLU D 384 1.04 -30.90 -14.95
N VAL D 385 0.77 -29.61 -14.75
CA VAL D 385 -0.21 -28.90 -15.58
C VAL D 385 0.19 -28.98 -17.05
N ILE D 386 1.43 -28.60 -17.35
CA ILE D 386 1.86 -28.59 -18.75
C ILE D 386 1.84 -29.99 -19.35
N GLU D 387 2.20 -31.00 -18.56
CA GLU D 387 2.09 -32.36 -19.05
C GLU D 387 0.65 -32.72 -19.41
N LEU D 388 -0.31 -32.30 -18.60
CA LEU D 388 -1.71 -32.53 -18.94
C LEU D 388 -2.05 -31.90 -20.28
N LEU D 389 -1.66 -30.65 -20.47
CA LEU D 389 -2.03 -29.97 -21.71
C LEU D 389 -1.46 -30.65 -22.94
N LYS D 390 -0.15 -30.90 -22.95
CA LYS D 390 0.40 -31.49 -24.17
C LYS D 390 -0.04 -32.94 -24.37
N ASP D 391 -0.31 -33.68 -23.30
CA ASP D 391 -0.91 -35.00 -23.49
C ASP D 391 -2.26 -34.89 -24.17
N SER D 392 -3.08 -33.93 -23.73
CA SER D 392 -4.38 -33.75 -24.37
C SER D 392 -4.22 -33.37 -25.84
N GLU D 393 -3.23 -32.56 -26.17
CA GLU D 393 -2.99 -32.25 -27.57
C GLU D 393 -2.66 -33.51 -28.36
N GLU D 394 -1.80 -34.36 -27.81
CA GLU D 394 -1.43 -35.58 -28.52
C GLU D 394 -2.64 -36.47 -28.76
N ARG D 395 -3.50 -36.64 -27.75
CA ARG D 395 -4.74 -37.38 -27.97
C ARG D 395 -5.56 -36.75 -29.07
N ALA D 396 -5.63 -35.42 -29.09
CA ALA D 396 -6.45 -34.74 -30.08
C ALA D 396 -5.98 -35.02 -31.49
N ARG D 397 -4.67 -34.93 -31.74
CA ARG D 397 -4.23 -35.19 -33.11
C ARG D 397 -4.32 -36.67 -33.47
N ARG D 398 -4.05 -37.57 -32.51
CA ARG D 398 -4.24 -39.00 -32.78
C ARG D 398 -5.67 -39.29 -33.19
N LEU D 399 -6.63 -38.52 -32.66
CA LEU D 399 -8.02 -38.77 -33.05
C LEU D 399 -8.38 -38.08 -34.36
N LEU D 400 -7.90 -36.85 -34.58
CA LEU D 400 -8.25 -36.16 -35.82
C LEU D 400 -7.48 -36.66 -37.02
N THR D 401 -6.51 -37.56 -36.83
CA THR D 401 -5.91 -38.18 -38.01
C THR D 401 -6.70 -39.38 -38.50
N LYS D 402 -7.47 -40.03 -37.62
CA LYS D 402 -8.27 -41.16 -38.02
C LYS D 402 -9.71 -40.78 -38.38
N LYS D 403 -10.08 -39.51 -38.22
CA LYS D 403 -11.42 -39.04 -38.57
C LYS D 403 -11.32 -37.95 -39.61
N ASN D 404 -10.41 -38.12 -40.57
CA ASN D 404 -10.17 -37.08 -41.55
C ASN D 404 -11.37 -36.88 -42.46
N VAL D 405 -12.06 -37.96 -42.81
CA VAL D 405 -13.17 -37.87 -43.75
C VAL D 405 -14.33 -37.10 -43.15
N GLU D 406 -14.71 -37.42 -41.92
CA GLU D 406 -15.74 -36.64 -41.24
C GLU D 406 -15.33 -35.18 -41.09
N LEU D 407 -14.04 -34.93 -40.92
CA LEU D 407 -13.57 -33.55 -40.80
C LEU D 407 -13.83 -32.78 -42.08
N HIS D 408 -13.42 -33.32 -43.24
CA HIS D 408 -13.65 -32.60 -44.48
C HIS D 408 -15.12 -32.49 -44.81
N ARG D 409 -15.86 -33.59 -44.65
CA ARG D 409 -17.28 -33.58 -45.01
C ARG D 409 -18.05 -32.59 -44.16
N LEU D 410 -17.76 -32.54 -42.86
CA LEU D 410 -18.41 -31.58 -41.99
C LEU D 410 -17.94 -30.16 -42.26
N ALA D 411 -16.68 -29.99 -42.67
CA ALA D 411 -16.22 -28.67 -43.08
C ALA D 411 -17.04 -28.14 -44.24
N GLN D 412 -17.20 -28.96 -45.29
CA GLN D 412 -18.05 -28.55 -46.40
C GLN D 412 -19.48 -28.34 -45.96
N GLY D 413 -19.95 -29.13 -44.99
CA GLY D 413 -21.28 -28.91 -44.44
C GLY D 413 -21.43 -27.53 -43.81
N LEU D 414 -20.43 -27.07 -43.07
CA LEU D 414 -20.49 -25.75 -42.48
C LEU D 414 -20.19 -24.65 -43.48
N ILE D 415 -19.61 -24.98 -44.64
CA ILE D 415 -19.33 -23.94 -45.61
C ILE D 415 -20.49 -23.73 -46.58
N GLU D 416 -21.27 -24.79 -46.87
CA GLU D 416 -22.46 -24.66 -47.69
C GLU D 416 -23.61 -24.07 -46.88
N TYR D 417 -24.04 -24.78 -45.85
CA TYR D 417 -24.94 -24.20 -44.86
C TYR D 417 -24.14 -23.25 -43.98
N GLU D 418 -24.83 -22.48 -43.15
CA GLU D 418 -24.11 -21.64 -42.20
C GLU D 418 -24.14 -22.21 -40.79
N THR D 419 -25.21 -22.91 -40.43
CA THR D 419 -25.36 -23.52 -39.12
C THR D 419 -25.68 -25.00 -39.29
N LEU D 420 -25.76 -25.69 -38.16
CA LEU D 420 -26.15 -27.09 -38.14
C LEU D 420 -26.69 -27.44 -36.77
N ASP D 421 -27.72 -28.28 -36.74
CA ASP D 421 -28.26 -28.80 -35.50
C ASP D 421 -27.33 -29.90 -34.99
N ALA D 422 -27.81 -30.70 -34.04
CA ALA D 422 -27.02 -31.83 -33.59
C ALA D 422 -27.10 -32.99 -34.58
N HIS D 423 -28.30 -33.54 -34.77
CA HIS D 423 -28.45 -34.65 -35.70
C HIS D 423 -28.17 -34.21 -37.12
N GLU D 424 -28.29 -32.91 -37.39
CA GLU D 424 -27.83 -32.39 -38.68
C GLU D 424 -26.33 -32.55 -38.82
N ILE D 425 -25.57 -32.35 -37.74
CA ILE D 425 -24.15 -32.64 -37.76
C ILE D 425 -23.91 -34.12 -38.00
N GLU D 426 -24.70 -34.97 -37.34
CA GLU D 426 -24.52 -36.40 -37.54
C GLU D 426 -24.75 -36.82 -38.99
N GLN D 427 -25.87 -36.41 -39.57
CA GLN D 427 -26.15 -36.77 -40.94
C GLN D 427 -25.17 -36.14 -41.92
N VAL D 428 -24.75 -34.90 -41.67
CA VAL D 428 -23.73 -34.31 -42.54
C VAL D 428 -22.44 -35.10 -42.45
N CYS D 429 -22.16 -35.72 -41.30
CA CYS D 429 -21.03 -36.63 -41.25
C CYS D 429 -21.30 -37.88 -42.07
N LYS D 430 -22.52 -38.42 -42.00
CA LYS D 430 -22.84 -39.61 -42.79
C LYS D 430 -22.93 -39.33 -44.28
N GLY D 431 -23.58 -38.24 -44.68
CA GLY D 431 -23.54 -37.81 -46.07
C GLY D 431 -24.88 -37.54 -46.73
N GLU D 432 -25.99 -37.80 -46.06
CA GLU D 432 -27.30 -37.54 -46.63
C GLU D 432 -27.68 -36.07 -46.48
N LYS D 433 -27.99 -35.44 -47.61
CA LYS D 433 -28.27 -34.00 -47.62
C LYS D 433 -29.50 -33.68 -46.81
N LEU D 434 -29.53 -32.47 -46.26
CA LEU D 434 -30.58 -32.08 -45.33
C LEU D 434 -31.66 -31.26 -46.04
N ALA D 435 -32.88 -31.35 -45.52
CA ALA D 435 -34.01 -30.60 -46.07
C ALA D 435 -33.97 -29.15 -45.58
N LYS D 436 -33.19 -28.34 -46.28
CA LYS D 436 -33.08 -26.92 -45.97
C LYS D 436 -32.34 -26.22 -47.10
N LEU D 437 -32.11 -24.93 -46.94
CA LEU D 437 -31.57 -24.08 -47.99
C LEU D 437 -30.06 -23.97 -47.87
N LYS D 438 -29.35 -24.27 -48.96
CA LYS D 438 -27.92 -24.01 -49.03
C LYS D 438 -27.72 -22.52 -49.26
N THR D 439 -27.43 -21.78 -48.20
CA THR D 439 -27.27 -20.34 -48.28
C THR D 439 -26.14 -19.92 -49.21
N LYS E 1 -29.87 12.52 -35.86
CA LYS E 1 -30.68 11.65 -36.71
C LYS E 1 -29.93 10.38 -37.08
N PHE E 2 -30.66 9.28 -37.25
CA PHE E 2 -30.05 8.00 -37.62
C PHE E 2 -29.29 8.06 -38.93
N ASP E 3 -29.61 9.00 -39.82
CA ASP E 3 -28.80 9.15 -41.03
C ASP E 3 -27.39 9.63 -40.71
N ASP E 4 -27.22 10.39 -39.62
CA ASP E 4 -25.92 10.94 -39.30
C ASP E 4 -24.90 9.87 -38.95
N VAL E 5 -25.35 8.69 -38.54
CA VAL E 5 -24.46 7.57 -38.25
C VAL E 5 -24.37 6.71 -39.50
N CYS E 6 -23.45 7.06 -40.38
CA CYS E 6 -23.24 6.34 -41.63
C CYS E 6 -22.24 5.22 -41.42
N GLY E 7 -22.64 4.00 -41.75
CA GLY E 7 -21.97 2.81 -41.28
C GLY E 7 -22.68 2.25 -40.07
N CYS E 8 -22.39 0.99 -39.75
CA CYS E 8 -23.07 0.30 -38.66
C CYS E 8 -24.57 0.23 -38.93
N ASP E 9 -24.90 -0.49 -40.01
CA ASP E 9 -26.29 -0.59 -40.43
C ASP E 9 -27.12 -1.49 -39.52
N GLU E 10 -26.55 -2.59 -39.06
CA GLU E 10 -27.35 -3.56 -38.31
C GLU E 10 -27.56 -3.14 -36.87
N ALA E 11 -26.51 -2.65 -36.19
CA ALA E 11 -26.69 -2.12 -34.85
C ALA E 11 -27.65 -0.94 -34.86
N ARG E 12 -27.48 -0.02 -35.80
CA ARG E 12 -28.43 1.08 -35.93
C ARG E 12 -29.83 0.56 -36.20
N ALA E 13 -29.95 -0.56 -36.92
CA ALA E 13 -31.24 -1.22 -37.05
C ALA E 13 -31.77 -1.60 -35.67
N GLU E 14 -30.90 -2.10 -34.80
CA GLU E 14 -31.33 -2.51 -33.48
C GLU E 14 -31.87 -1.34 -32.68
N LEU E 15 -31.14 -0.23 -32.57
CA LEU E 15 -31.68 0.91 -31.84
C LEU E 15 -32.90 1.53 -32.52
N GLU E 16 -32.96 1.49 -33.85
CA GLU E 16 -34.18 1.86 -34.56
C GLU E 16 -35.36 1.06 -34.05
N GLU E 17 -35.16 -0.21 -33.73
CA GLU E 17 -36.25 -0.99 -33.13
C GLU E 17 -36.76 -0.39 -31.83
N ILE E 18 -35.85 0.06 -30.96
CA ILE E 18 -36.29 0.65 -29.69
C ILE E 18 -37.02 1.96 -29.92
N VAL E 19 -36.49 2.82 -30.79
CA VAL E 19 -37.19 4.07 -31.06
C VAL E 19 -38.58 3.78 -31.64
N ASP E 20 -38.69 2.76 -32.47
CA ASP E 20 -39.99 2.35 -32.96
C ASP E 20 -40.89 1.87 -31.82
N PHE E 21 -40.31 1.24 -30.80
CA PHE E 21 -41.10 0.87 -29.64
C PHE E 21 -41.64 2.10 -28.94
N LEU E 22 -40.80 3.12 -28.76
CA LEU E 22 -41.23 4.34 -28.08
C LEU E 22 -42.31 5.08 -28.87
N LYS E 23 -42.20 5.12 -30.19
CA LYS E 23 -43.08 5.99 -30.96
C LYS E 23 -44.51 5.47 -31.02
N ASP E 24 -44.71 4.16 -30.92
CA ASP E 24 -46.06 3.59 -30.85
C ASP E 24 -46.02 2.28 -30.09
N PRO E 25 -46.32 2.30 -28.80
CA PRO E 25 -46.16 1.09 -28.00
C PRO E 25 -47.07 -0.05 -28.40
N THR E 26 -48.28 0.25 -28.88
CA THR E 26 -49.31 -0.76 -29.06
C THR E 26 -48.96 -1.82 -30.09
N LYS E 27 -48.15 -1.49 -31.10
CA LYS E 27 -47.77 -2.51 -32.07
C LYS E 27 -46.89 -3.58 -31.45
N TYR E 28 -46.06 -3.22 -30.48
CA TYR E 28 -45.16 -4.14 -29.81
C TYR E 28 -45.68 -4.63 -28.47
N GLU E 29 -46.50 -3.83 -27.79
CA GLU E 29 -47.06 -4.27 -26.52
C GLU E 29 -48.37 -5.01 -26.68
N SER E 30 -48.65 -5.62 -27.83
CA SER E 30 -49.90 -6.30 -28.03
C SER E 30 -49.84 -7.77 -27.67
N LEU E 31 -48.63 -8.33 -27.53
CA LEU E 31 -48.45 -9.71 -27.11
C LEU E 31 -47.77 -9.82 -25.76
N GLY E 32 -47.40 -8.70 -25.15
CA GLY E 32 -46.81 -8.73 -23.83
C GLY E 32 -45.36 -8.32 -23.75
N GLY E 33 -44.85 -7.62 -24.75
CA GLY E 33 -43.48 -7.16 -24.69
C GLY E 33 -43.34 -5.91 -23.87
N LYS E 34 -42.09 -5.55 -23.56
CA LYS E 34 -41.80 -4.35 -22.81
C LYS E 34 -40.45 -3.78 -23.26
N LEU E 35 -40.25 -2.52 -22.96
CA LEU E 35 -38.99 -1.87 -23.28
C LEU E 35 -37.82 -2.60 -22.63
N PRO E 36 -36.72 -2.78 -23.33
CA PRO E 36 -35.50 -3.26 -22.66
C PRO E 36 -35.03 -2.23 -21.66
N LYS E 37 -34.81 -2.69 -20.43
CA LYS E 37 -34.42 -1.78 -19.37
C LYS E 37 -32.98 -1.30 -19.53
N GLY E 38 -32.18 -2.00 -20.34
CA GLY E 38 -30.79 -1.62 -20.49
C GLY E 38 -30.18 -2.22 -21.74
N VAL E 39 -29.35 -1.40 -22.39
CA VAL E 39 -28.65 -1.79 -23.61
C VAL E 39 -27.19 -1.41 -23.48
N LEU E 40 -26.30 -2.32 -23.87
CA LEU E 40 -24.86 -2.17 -23.68
C LEU E 40 -24.18 -2.18 -25.04
N LEU E 41 -23.51 -1.09 -25.37
CA LEU E 41 -22.79 -0.95 -26.63
C LEU E 41 -21.34 -1.37 -26.42
N THR E 42 -20.82 -2.19 -27.32
CA THR E 42 -19.42 -2.62 -27.25
C THR E 42 -18.70 -2.27 -28.54
N GLY E 43 -17.40 -2.01 -28.42
CA GLY E 43 -16.59 -1.68 -29.55
C GLY E 43 -15.40 -0.83 -29.17
N PRO E 44 -14.41 -0.76 -30.05
CA PRO E 44 -13.17 -0.02 -29.75
C PRO E 44 -13.44 1.47 -29.67
N PRO E 45 -12.45 2.26 -29.26
CA PRO E 45 -12.68 3.69 -29.06
C PRO E 45 -13.00 4.41 -30.35
N GLY E 46 -13.85 5.43 -30.23
CA GLY E 46 -14.16 6.28 -31.37
C GLY E 46 -14.74 5.56 -32.56
N THR E 47 -15.70 4.67 -32.35
CA THR E 47 -16.42 4.04 -33.45
C THR E 47 -17.84 4.56 -33.57
N GLY E 48 -18.16 5.64 -32.88
CA GLY E 48 -19.49 6.19 -32.95
C GLY E 48 -20.50 5.46 -32.09
N LYS E 49 -20.31 5.49 -30.78
CA LYS E 49 -21.27 4.93 -29.84
C LYS E 49 -22.13 6.02 -29.20
N THR E 50 -21.52 7.10 -28.72
CA THR E 50 -22.32 8.22 -28.24
C THR E 50 -23.12 8.84 -29.36
N LEU E 51 -22.62 8.76 -30.58
CA LEU E 51 -23.38 9.24 -31.73
C LEU E 51 -24.69 8.48 -31.87
N LEU E 52 -24.65 7.16 -31.68
CA LEU E 52 -25.88 6.36 -31.75
C LEU E 52 -26.83 6.73 -30.62
N ALA E 53 -26.30 6.88 -29.41
CA ALA E 53 -27.16 7.24 -28.28
C ALA E 53 -27.84 8.57 -28.50
N ARG E 54 -27.10 9.58 -28.98
CA ARG E 54 -27.75 10.84 -29.31
C ARG E 54 -28.66 10.70 -30.51
N ALA E 55 -28.45 9.67 -31.34
CA ALA E 55 -29.38 9.42 -32.42
C ALA E 55 -30.74 8.98 -31.88
N THR E 56 -30.76 7.96 -31.02
CA THR E 56 -32.02 7.53 -30.44
C THR E 56 -32.65 8.63 -29.58
N ALA E 57 -31.86 9.24 -28.72
CA ALA E 57 -32.40 10.25 -27.80
C ALA E 57 -32.93 11.45 -28.57
N GLY E 58 -32.06 12.12 -29.34
CA GLY E 58 -32.48 13.27 -30.10
C GLY E 58 -33.47 12.97 -31.20
N GLU E 59 -33.64 11.70 -31.55
CA GLU E 59 -34.56 11.35 -32.62
C GLU E 59 -35.94 11.00 -32.08
N ALA E 60 -36.01 10.47 -30.87
CA ALA E 60 -37.27 9.99 -30.32
C ALA E 60 -37.95 11.00 -29.41
N GLY E 61 -37.31 12.14 -29.15
CA GLY E 61 -37.95 13.17 -28.33
C GLY E 61 -37.98 12.86 -26.85
N VAL E 62 -36.83 12.57 -26.26
CA VAL E 62 -36.71 12.29 -24.84
C VAL E 62 -35.42 12.92 -24.35
N ASP E 63 -35.39 13.24 -23.05
CA ASP E 63 -34.25 13.94 -22.50
C ASP E 63 -33.03 13.02 -22.45
N PHE E 64 -31.89 13.54 -22.87
CA PHE E 64 -30.64 12.81 -22.91
C PHE E 64 -29.76 13.28 -21.78
N PHE E 65 -29.32 12.33 -20.94
CA PHE E 65 -28.51 12.62 -19.77
C PHE E 65 -27.16 11.93 -19.90
N PHE E 66 -26.10 12.71 -20.07
CA PHE E 66 -24.78 12.17 -20.32
C PHE E 66 -24.04 12.03 -19.00
N MET E 67 -23.29 10.94 -18.86
CA MET E 67 -22.40 10.76 -17.72
C MET E 67 -21.28 9.82 -18.09
N SER E 68 -20.06 10.18 -17.70
CA SER E 68 -18.87 9.43 -18.06
C SER E 68 -18.34 8.68 -16.85
N GLY E 69 -17.79 7.49 -17.10
CA GLY E 69 -17.24 6.68 -16.02
C GLY E 69 -15.84 7.09 -15.62
N SER E 70 -15.04 7.59 -16.54
CA SER E 70 -13.70 8.07 -16.25
C SER E 70 -13.69 9.47 -15.67
N GLU E 71 -14.85 10.00 -15.33
CA GLU E 71 -14.98 11.30 -14.69
C GLU E 71 -15.04 11.20 -13.17
N PHE E 72 -15.33 10.02 -12.63
CA PHE E 72 -15.46 9.83 -11.19
C PHE E 72 -14.08 9.84 -10.56
N ASP E 73 -13.73 10.96 -9.95
CA ASP E 73 -12.40 11.22 -9.40
C ASP E 73 -11.98 10.18 -8.37
N GLU E 74 -12.87 9.81 -7.46
CA GLU E 74 -12.57 8.81 -6.44
C GLU E 74 -11.47 9.31 -5.52
N VAL E 75 -11.53 10.59 -5.18
CA VAL E 75 -10.61 11.18 -4.22
C VAL E 75 -11.17 11.11 -2.81
N TYR E 76 -12.49 11.22 -2.67
CA TYR E 76 -13.16 11.14 -1.40
C TYR E 76 -13.92 9.83 -1.26
N VAL E 77 -14.77 9.75 -0.24
CA VAL E 77 -15.48 8.53 0.06
C VAL E 77 -16.89 8.54 -0.51
N GLY E 78 -17.58 9.66 -0.44
CA GLY E 78 -19.01 9.66 -0.66
C GLY E 78 -19.46 10.04 -2.05
N VAL E 79 -18.86 11.07 -2.63
CA VAL E 79 -19.26 11.49 -3.97
C VAL E 79 -18.98 10.36 -4.96
N GLY E 80 -19.63 10.46 -6.11
CA GLY E 80 -19.70 9.31 -6.99
C GLY E 80 -21.01 8.61 -6.80
N ALA E 81 -21.23 8.02 -5.63
CA ALA E 81 -22.56 7.51 -5.32
C ALA E 81 -23.58 8.65 -5.25
N LYS E 82 -23.18 9.79 -4.69
CA LYS E 82 -24.07 10.94 -4.64
C LYS E 82 -24.37 11.46 -6.03
N ARG E 83 -23.39 11.41 -6.94
CA ARG E 83 -23.63 11.79 -8.32
C ARG E 83 -24.65 10.89 -8.99
N ILE E 84 -24.59 9.59 -8.70
CA ILE E 84 -25.53 8.66 -9.31
C ILE E 84 -26.93 8.87 -8.75
N ARG E 85 -27.05 9.00 -7.42
CA ARG E 85 -28.36 9.22 -6.84
C ARG E 85 -28.96 10.53 -7.32
N ASP E 86 -28.15 11.57 -7.49
CA ASP E 86 -28.69 12.82 -8.04
C ASP E 86 -29.08 12.64 -9.50
N LEU E 87 -28.26 11.95 -10.28
CA LEU E 87 -28.53 11.81 -11.71
C LEU E 87 -29.83 11.03 -11.95
N PHE E 88 -29.93 9.83 -11.41
CA PHE E 88 -31.19 9.09 -11.48
C PHE E 88 -32.34 9.86 -10.86
N ALA E 89 -32.09 10.54 -9.75
CA ALA E 89 -33.15 11.34 -9.12
C ALA E 89 -33.70 12.39 -10.05
N GLN E 90 -32.84 13.01 -10.87
CA GLN E 90 -33.32 14.02 -11.80
C GLN E 90 -33.91 13.41 -13.05
N ALA E 91 -33.43 12.23 -13.45
CA ALA E 91 -33.99 11.53 -14.60
C ALA E 91 -35.40 11.03 -14.35
N ARG E 92 -35.73 10.62 -13.13
CA ARG E 92 -37.08 10.14 -12.88
C ARG E 92 -38.12 11.25 -13.01
N SER E 93 -37.72 12.51 -12.88
CA SER E 93 -38.66 13.61 -13.03
C SER E 93 -38.97 13.94 -14.49
N ARG E 94 -38.37 13.20 -15.43
CA ARG E 94 -38.51 13.42 -16.86
C ARG E 94 -38.74 12.09 -17.57
N ALA E 95 -39.77 11.38 -17.09
CA ALA E 95 -40.02 9.95 -17.16
C ALA E 95 -39.51 9.22 -18.41
N PRO E 96 -39.77 9.71 -19.62
CA PRO E 96 -39.31 8.97 -20.80
C PRO E 96 -37.85 9.19 -21.15
N ALA E 97 -37.05 9.64 -20.19
CA ALA E 97 -35.69 10.08 -20.46
C ALA E 97 -34.79 8.92 -20.90
N ILE E 98 -33.56 9.27 -21.26
CA ILE E 98 -32.50 8.33 -21.60
C ILE E 98 -31.26 8.71 -20.83
N ILE E 99 -30.56 7.73 -20.28
CA ILE E 99 -29.34 7.96 -19.52
C ILE E 99 -28.21 7.22 -20.21
N PHE E 100 -27.22 7.97 -20.68
CA PHE E 100 -26.05 7.39 -21.34
C PHE E 100 -24.86 7.40 -20.40
N ILE E 101 -24.29 6.22 -20.17
CA ILE E 101 -23.14 6.04 -19.29
C ILE E 101 -21.99 5.58 -20.17
N ASP E 102 -20.98 6.43 -20.31
CA ASP E 102 -19.85 6.15 -21.19
C ASP E 102 -18.68 5.63 -20.37
N GLN E 103 -18.02 4.60 -20.90
CA GLN E 103 -16.87 3.99 -20.24
C GLN E 103 -17.26 3.43 -18.86
N LEU E 104 -18.15 2.44 -18.92
CA LEU E 104 -18.49 1.66 -17.74
C LEU E 104 -17.29 0.99 -17.08
N ASP E 105 -16.30 0.59 -17.87
CA ASP E 105 -15.22 -0.24 -17.30
C ASP E 105 -14.28 0.57 -16.42
N ALA E 106 -14.58 1.85 -16.17
CA ALA E 106 -13.82 2.66 -15.25
C ALA E 106 -14.39 2.66 -13.85
N ILE E 107 -15.69 2.47 -13.70
CA ILE E 107 -16.35 2.43 -12.40
C ILE E 107 -16.92 1.05 -12.12
N GLY E 108 -17.45 0.39 -13.14
CA GLY E 108 -17.98 -0.95 -12.96
C GLY E 108 -16.99 -2.03 -13.32
N GLY E 109 -16.24 -2.53 -12.33
CA GLY E 109 -15.28 -3.58 -12.57
C GLY E 109 -15.56 -4.78 -11.69
N LYS E 110 -14.58 -5.68 -11.63
CA LYS E 110 -14.72 -6.87 -10.81
C LYS E 110 -14.76 -6.50 -9.33
N ARG E 111 -15.85 -6.88 -8.67
CA ARG E 111 -16.00 -6.67 -7.24
C ARG E 111 -15.17 -7.71 -6.51
N ASN E 112 -13.87 -7.46 -6.46
CA ASN E 112 -12.99 -8.30 -5.67
C ASN E 112 -13.42 -8.24 -4.20
N PRO E 113 -13.75 -9.36 -3.58
CA PRO E 113 -14.19 -9.28 -2.17
C PRO E 113 -13.12 -8.78 -1.23
N LYS E 114 -11.84 -8.84 -1.61
CA LYS E 114 -10.79 -8.33 -0.75
C LYS E 114 -10.42 -6.90 -1.11
N ASP E 115 -11.45 -6.06 -1.23
CA ASP E 115 -11.25 -4.62 -1.33
C ASP E 115 -11.82 -3.97 -0.08
N GLN E 116 -11.05 -3.09 0.56
CA GLN E 116 -11.27 -2.81 1.97
C GLN E 116 -12.62 -2.18 2.28
N ALA E 117 -12.85 -0.94 1.87
CA ALA E 117 -14.14 -0.34 2.19
C ALA E 117 -14.79 0.37 1.02
N TYR E 118 -14.00 1.12 0.25
CA TYR E 118 -14.53 2.24 -0.53
C TYR E 118 -14.35 2.11 -2.03
N ALA E 119 -13.65 1.08 -2.51
CA ALA E 119 -13.48 0.92 -3.93
C ALA E 119 -14.80 0.65 -4.64
N LYS E 120 -15.73 -0.04 -3.99
CA LYS E 120 -16.97 -0.47 -4.62
C LYS E 120 -18.20 0.07 -3.92
N GLN E 121 -18.21 1.34 -3.53
CA GLN E 121 -19.45 1.97 -3.09
C GLN E 121 -20.21 2.54 -4.27
N THR E 122 -19.48 3.05 -5.27
CA THR E 122 -20.11 3.59 -6.47
C THR E 122 -20.80 2.48 -7.26
N LEU E 123 -20.13 1.35 -7.41
CA LEU E 123 -20.71 0.25 -8.17
C LEU E 123 -21.96 -0.29 -7.48
N ASN E 124 -21.94 -0.38 -6.16
CA ASN E 124 -23.11 -0.87 -5.45
C ASN E 124 -24.27 0.11 -5.56
N GLN E 125 -23.99 1.41 -5.42
CA GLN E 125 -25.05 2.39 -5.61
C GLN E 125 -25.63 2.31 -7.02
N LEU E 126 -24.76 2.09 -8.01
CA LEU E 126 -25.25 1.96 -9.38
C LEU E 126 -26.15 0.74 -9.53
N LEU E 127 -25.73 -0.40 -8.96
CA LEU E 127 -26.56 -1.60 -9.02
C LEU E 127 -27.92 -1.36 -8.39
N VAL E 128 -27.96 -0.68 -7.25
CA VAL E 128 -29.24 -0.45 -6.58
C VAL E 128 -30.07 0.55 -7.34
N GLU E 129 -29.45 1.40 -8.16
CA GLU E 129 -30.25 2.33 -8.95
C GLU E 129 -30.84 1.65 -10.17
N LEU E 130 -30.07 0.80 -10.84
CA LEU E 130 -30.58 0.16 -12.04
C LEU E 130 -31.74 -0.79 -11.74
N ASP E 131 -31.57 -1.69 -10.78
CA ASP E 131 -32.55 -2.75 -10.50
C ASP E 131 -32.77 -2.91 -9.00
N GLY E 132 -33.05 -1.80 -8.32
CA GLY E 132 -33.20 -1.84 -6.88
C GLY E 132 -34.61 -2.14 -6.42
N PHE E 133 -34.90 -1.70 -5.20
CA PHE E 133 -36.20 -1.98 -4.59
C PHE E 133 -37.32 -1.26 -5.32
N SER E 134 -37.32 0.07 -5.26
CA SER E 134 -38.34 0.87 -5.92
C SER E 134 -38.12 0.85 -7.42
N GLN E 135 -39.19 0.59 -8.17
CA GLN E 135 -39.06 0.40 -9.61
C GLN E 135 -39.05 1.73 -10.35
N THR E 136 -38.43 1.71 -11.52
CA THR E 136 -38.30 2.86 -12.39
C THR E 136 -39.13 2.64 -13.65
N SER E 137 -39.67 3.72 -14.21
CA SER E 137 -40.60 3.63 -15.33
C SER E 137 -40.17 4.58 -16.43
N GLY E 138 -40.02 4.04 -17.65
CA GLY E 138 -39.79 4.89 -18.81
C GLY E 138 -38.36 5.33 -19.00
N ILE E 139 -37.44 4.85 -18.18
CA ILE E 139 -36.03 5.20 -18.28
C ILE E 139 -35.32 4.10 -19.04
N ILE E 140 -34.44 4.48 -19.96
CA ILE E 140 -33.60 3.55 -20.69
C ILE E 140 -32.15 3.92 -20.43
N ILE E 141 -31.34 2.92 -20.09
CA ILE E 141 -29.93 3.13 -19.80
C ILE E 141 -29.11 2.55 -20.94
N ILE E 142 -28.23 3.35 -21.51
CA ILE E 142 -27.34 2.92 -22.59
C ILE E 142 -25.93 3.06 -22.07
N GLY E 143 -25.23 1.93 -21.93
CA GLY E 143 -23.88 1.91 -21.41
C GLY E 143 -22.89 1.51 -22.51
N ALA E 144 -21.91 2.38 -22.73
CA ALA E 144 -20.92 2.18 -23.77
C ALA E 144 -19.60 1.79 -23.11
N THR E 145 -19.10 0.61 -23.44
CA THR E 145 -17.87 0.10 -22.85
C THR E 145 -16.98 -0.50 -23.92
N ASN E 146 -15.68 -0.43 -23.67
CA ASN E 146 -14.69 -0.94 -24.61
C ASN E 146 -14.25 -2.37 -24.32
N PHE E 147 -14.33 -2.79 -23.07
CA PHE E 147 -13.88 -4.12 -22.66
C PHE E 147 -15.03 -4.84 -21.97
N PRO E 148 -15.89 -5.54 -22.71
CA PRO E 148 -17.01 -6.23 -22.06
C PRO E 148 -16.57 -7.33 -21.12
N GLU E 149 -15.37 -7.87 -21.32
CA GLU E 149 -14.91 -8.98 -20.49
C GLU E 149 -14.36 -8.49 -19.16
N ALA E 150 -14.32 -7.18 -18.95
CA ALA E 150 -13.81 -6.65 -17.71
C ALA E 150 -14.92 -6.30 -16.74
N LEU E 151 -16.14 -6.09 -17.24
CA LEU E 151 -17.26 -5.80 -16.35
C LEU E 151 -17.55 -7.01 -15.49
N ASP E 152 -18.20 -6.78 -14.35
CA ASP E 152 -18.49 -7.86 -13.42
C ASP E 152 -19.79 -8.57 -13.78
N LYS E 153 -20.01 -9.72 -13.13
CA LYS E 153 -21.16 -10.55 -13.45
C LYS E 153 -22.46 -9.90 -13.02
N ALA E 154 -22.41 -9.05 -11.99
CA ALA E 154 -23.63 -8.51 -11.41
C ALA E 154 -24.17 -7.34 -12.22
N LEU E 155 -23.28 -6.60 -12.88
CA LEU E 155 -23.71 -5.38 -13.57
C LEU E 155 -24.18 -5.68 -14.99
N THR E 156 -23.77 -6.82 -15.54
CA THR E 156 -24.19 -7.18 -16.88
C THR E 156 -25.26 -8.25 -16.81
N ARG E 157 -26.12 -8.14 -15.83
CA ARG E 157 -27.16 -9.14 -15.60
C ARG E 157 -28.39 -8.81 -16.44
N PRO E 158 -29.01 -9.81 -17.06
CA PRO E 158 -30.25 -9.55 -17.79
C PRO E 158 -31.33 -9.06 -16.85
N GLY E 159 -31.66 -7.78 -16.99
CA GLY E 159 -32.49 -7.06 -16.03
C GLY E 159 -31.95 -5.68 -15.72
N ARG E 160 -30.64 -5.52 -15.76
CA ARG E 160 -29.99 -4.22 -15.71
C ARG E 160 -29.58 -3.77 -17.10
N PHE E 161 -28.80 -4.58 -17.80
CA PHE E 161 -28.41 -4.34 -19.18
C PHE E 161 -28.93 -5.50 -20.02
N ASP E 162 -30.09 -5.29 -20.64
CA ASP E 162 -30.78 -6.35 -21.36
C ASP E 162 -29.99 -6.80 -22.59
N LYS E 163 -29.77 -5.90 -23.53
CA LYS E 163 -29.15 -6.30 -24.79
C LYS E 163 -27.69 -5.89 -24.86
N VAL E 164 -26.96 -6.50 -25.78
CA VAL E 164 -25.54 -6.23 -25.99
C VAL E 164 -25.34 -5.97 -27.48
N VAL E 165 -25.44 -4.72 -27.88
CA VAL E 165 -25.22 -4.31 -29.27
C VAL E 165 -23.73 -4.17 -29.47
N ASN E 166 -23.22 -4.76 -30.55
CA ASN E 166 -21.79 -4.76 -30.85
C ASN E 166 -21.55 -3.84 -32.03
N VAL E 167 -20.87 -2.73 -31.79
CA VAL E 167 -20.53 -1.76 -32.83
C VAL E 167 -19.04 -1.92 -33.11
N ASP E 168 -18.71 -2.74 -34.10
CA ASP E 168 -17.32 -3.04 -34.38
C ASP E 168 -16.73 -2.04 -35.37
N LEU E 169 -15.44 -2.18 -35.60
CA LEU E 169 -14.70 -1.18 -36.36
C LEU E 169 -15.07 -1.29 -37.83
N PRO E 170 -15.23 -0.17 -38.53
CA PRO E 170 -15.86 -0.21 -39.86
C PRO E 170 -14.96 -0.86 -40.89
N ASP E 171 -15.59 -1.45 -41.91
CA ASP E 171 -14.86 -2.01 -43.04
C ASP E 171 -14.85 -1.03 -44.22
N VAL E 172 -14.43 -1.53 -45.37
CA VAL E 172 -14.15 -0.66 -46.50
C VAL E 172 -15.42 -0.02 -47.05
N ARG E 173 -16.48 -0.82 -47.20
CA ARG E 173 -17.73 -0.24 -47.69
C ARG E 173 -18.35 0.68 -46.65
N GLY E 174 -18.02 0.48 -45.37
CA GLY E 174 -18.47 1.42 -44.36
C GLY E 174 -17.66 2.70 -44.37
N ARG E 175 -16.34 2.58 -44.45
CA ARG E 175 -15.49 3.77 -44.48
C ARG E 175 -15.81 4.63 -45.68
N ALA E 176 -16.13 4.01 -46.81
CA ALA E 176 -16.60 4.78 -47.97
C ALA E 176 -17.86 5.57 -47.61
N ASP E 177 -18.74 5.00 -46.79
CA ASP E 177 -19.96 5.70 -46.42
C ASP E 177 -19.68 6.86 -45.47
N ILE E 178 -18.77 6.66 -44.51
CA ILE E 178 -18.42 7.76 -43.61
C ILE E 178 -17.78 8.90 -44.39
N LEU E 179 -16.81 8.57 -45.26
CA LEU E 179 -16.15 9.60 -46.05
C LEU E 179 -17.14 10.32 -46.95
N LYS E 180 -18.06 9.58 -47.57
CA LYS E 180 -19.09 10.24 -48.37
C LYS E 180 -19.91 11.20 -47.51
N HIS E 181 -20.24 10.78 -46.30
CA HIS E 181 -21.09 11.59 -45.44
C HIS E 181 -20.40 12.89 -45.02
N HIS E 182 -19.13 12.81 -44.62
CA HIS E 182 -18.48 14.01 -44.12
C HIS E 182 -17.98 14.89 -45.27
N MET E 183 -17.61 14.29 -46.40
CA MET E 183 -17.33 15.09 -47.58
C MET E 183 -18.57 15.83 -48.03
N LYS E 184 -19.74 15.25 -47.81
CA LYS E 184 -21.00 15.87 -48.22
C LYS E 184 -21.19 17.22 -47.57
N LYS E 185 -20.71 17.38 -46.33
CA LYS E 185 -20.88 18.66 -45.64
C LYS E 185 -20.07 19.76 -46.31
N ILE E 186 -18.93 19.40 -46.91
CA ILE E 186 -18.19 20.36 -47.70
C ILE E 186 -19.02 20.74 -48.92
N THR E 187 -18.92 22.01 -49.33
CA THR E 187 -19.73 22.47 -50.45
C THR E 187 -19.02 22.20 -51.78
N LEU E 188 -17.75 21.82 -51.74
CA LEU E 188 -16.89 21.81 -52.92
C LEU E 188 -15.91 20.63 -52.86
N ALA E 189 -15.97 19.78 -53.88
CA ALA E 189 -14.95 18.78 -54.14
C ALA E 189 -14.88 18.53 -55.65
N ASP E 190 -13.67 18.64 -56.20
CA ASP E 190 -13.54 18.68 -57.66
C ASP E 190 -13.81 17.34 -58.32
N ASN E 191 -12.97 16.35 -58.04
CA ASN E 191 -13.18 15.00 -58.54
C ASN E 191 -12.42 14.04 -57.62
N VAL E 192 -13.16 13.37 -56.74
CA VAL E 192 -12.56 12.58 -55.67
C VAL E 192 -13.32 11.27 -55.54
N ASP E 193 -12.59 10.16 -55.62
CA ASP E 193 -13.17 8.84 -55.52
C ASP E 193 -13.10 8.36 -54.08
N PRO E 194 -14.21 8.34 -53.34
CA PRO E 194 -14.13 7.96 -51.93
C PRO E 194 -13.62 6.55 -51.71
N THR E 195 -13.84 5.65 -52.66
CA THR E 195 -13.36 4.28 -52.50
C THR E 195 -11.84 4.21 -52.54
N ILE E 196 -11.21 5.22 -53.14
CA ILE E 196 -9.75 5.30 -53.12
C ILE E 196 -9.26 5.45 -51.69
N ILE E 197 -9.73 6.48 -51.00
CA ILE E 197 -9.30 6.72 -49.63
C ILE E 197 -9.79 5.62 -48.71
N ALA E 198 -10.95 5.04 -49.04
CA ALA E 198 -11.49 3.98 -48.21
C ALA E 198 -10.63 2.72 -48.28
N ARG E 199 -10.25 2.32 -49.49
CA ARG E 199 -9.38 1.16 -49.63
C ARG E 199 -7.97 1.49 -49.17
N GLY E 200 -7.63 2.77 -49.10
CA GLY E 200 -6.27 3.15 -48.77
C GLY E 200 -5.99 3.09 -47.28
N THR E 201 -6.99 3.33 -46.45
CA THR E 201 -6.78 3.43 -45.02
C THR E 201 -7.50 2.31 -44.30
N PRO E 202 -6.92 1.12 -44.22
CA PRO E 202 -7.54 0.08 -43.40
C PRO E 202 -7.27 0.30 -41.93
N GLY E 203 -8.25 0.03 -41.07
CA GLY E 203 -8.04 0.11 -39.65
C GLY E 203 -8.50 1.40 -39.00
N LEU E 204 -8.63 2.49 -39.75
CA LEU E 204 -9.08 3.74 -39.15
C LEU E 204 -10.54 3.63 -38.74
N SER E 205 -11.00 4.58 -37.95
CA SER E 205 -12.36 4.58 -37.43
C SER E 205 -13.12 5.81 -37.90
N GLY E 206 -14.33 5.99 -37.37
CA GLY E 206 -15.17 7.07 -37.83
C GLY E 206 -14.59 8.44 -37.53
N ALA E 207 -14.09 8.64 -36.31
CA ALA E 207 -13.54 9.93 -35.95
C ALA E 207 -12.34 10.29 -36.81
N GLU E 208 -11.41 9.35 -36.98
CA GLU E 208 -10.21 9.63 -37.76
C GLU E 208 -10.54 9.91 -39.22
N LEU E 209 -11.64 9.36 -39.72
CA LEU E 209 -12.10 9.74 -41.06
C LEU E 209 -12.64 11.16 -41.06
N ALA E 210 -13.43 11.52 -40.04
CA ALA E 210 -13.98 12.85 -39.97
C ALA E 210 -12.90 13.92 -39.90
N ASN E 211 -11.90 13.74 -39.06
CA ASN E 211 -10.85 14.75 -39.02
C ASN E 211 -9.88 14.59 -40.18
N LEU E 212 -9.86 13.44 -40.84
CA LEU E 212 -9.19 13.37 -42.13
C LEU E 212 -9.80 14.38 -43.09
N VAL E 213 -11.12 14.32 -43.26
CA VAL E 213 -11.79 15.23 -44.18
C VAL E 213 -11.61 16.68 -43.72
N ASN E 214 -11.79 16.95 -42.42
CA ASN E 214 -11.70 18.32 -41.95
C ASN E 214 -10.28 18.87 -42.12
N GLN E 215 -9.28 18.06 -41.82
CA GLN E 215 -7.90 18.51 -42.01
C GLN E 215 -7.58 18.75 -43.48
N ALA E 216 -8.18 17.97 -44.38
CA ALA E 216 -7.98 18.25 -45.79
C ALA E 216 -8.63 19.57 -46.18
N ALA E 217 -9.80 19.88 -45.65
CA ALA E 217 -10.44 21.15 -45.98
C ALA E 217 -9.64 22.33 -45.45
N VAL E 218 -9.20 22.24 -44.18
CA VAL E 218 -8.39 23.30 -43.60
C VAL E 218 -7.10 23.47 -44.39
N TYR E 219 -6.44 22.35 -44.74
CA TYR E 219 -5.21 22.43 -45.51
C TYR E 219 -5.44 23.05 -46.88
N ALA E 220 -6.60 22.80 -47.48
CA ALA E 220 -6.92 23.50 -48.72
C ALA E 220 -7.14 24.99 -48.48
N CYS E 221 -7.58 25.35 -47.28
CA CYS E 221 -7.74 26.76 -46.95
C CYS E 221 -6.39 27.44 -46.79
N GLN E 222 -5.43 26.80 -46.10
CA GLN E 222 -4.16 27.44 -45.82
C GLN E 222 -3.41 27.81 -47.08
N LYS E 223 -3.33 26.89 -48.04
CA LYS E 223 -2.62 27.11 -49.29
C LYS E 223 -3.38 28.03 -50.23
N ASN E 224 -4.53 28.57 -49.81
CA ASN E 224 -5.35 29.45 -50.64
C ASN E 224 -5.79 28.73 -51.91
N ALA E 225 -6.01 27.43 -51.80
CA ALA E 225 -6.48 26.65 -52.93
C ALA E 225 -7.87 27.10 -53.35
N VAL E 226 -8.32 26.56 -54.47
CA VAL E 226 -9.64 26.92 -55.00
C VAL E 226 -10.69 25.89 -54.59
N SER E 227 -10.26 24.68 -54.27
CA SER E 227 -11.17 23.57 -54.02
C SER E 227 -10.55 22.60 -53.02
N VAL E 228 -11.07 21.38 -53.00
CA VAL E 228 -10.54 20.30 -52.18
C VAL E 228 -10.27 19.11 -53.09
N ASP E 229 -9.01 18.94 -53.49
CA ASP E 229 -8.62 17.91 -54.44
C ASP E 229 -7.88 16.78 -53.74
N MET E 230 -7.53 15.77 -54.52
CA MET E 230 -7.06 14.51 -53.95
C MET E 230 -5.70 14.64 -53.27
N SER E 231 -4.83 15.54 -53.73
CA SER E 231 -3.55 15.71 -53.08
C SER E 231 -3.71 16.18 -51.65
N HIS E 232 -4.74 16.99 -51.37
CA HIS E 232 -5.03 17.38 -50.01
C HIS E 232 -5.38 16.17 -49.15
N PHE E 233 -6.28 15.33 -49.66
CA PHE E 233 -6.61 14.08 -48.98
C PHE E 233 -5.38 13.21 -48.74
N GLU E 234 -4.39 13.26 -49.64
CA GLU E 234 -3.18 12.50 -49.41
C GLU E 234 -2.33 13.12 -48.30
N TRP E 235 -2.25 14.45 -48.25
CA TRP E 235 -1.53 15.08 -47.16
C TRP E 235 -2.15 14.73 -45.81
N ALA E 236 -3.46 14.95 -45.68
CA ALA E 236 -4.13 14.64 -44.41
C ALA E 236 -4.06 13.17 -44.08
N LYS E 237 -4.15 12.30 -45.08
CA LYS E 237 -4.06 10.87 -44.82
C LYS E 237 -2.70 10.50 -44.24
N ASP E 238 -1.62 10.93 -44.90
CA ASP E 238 -0.30 10.64 -44.36
C ASP E 238 -0.10 11.28 -43.00
N LYS E 239 -0.71 12.45 -42.77
CA LYS E 239 -0.65 13.07 -41.45
C LYS E 239 -1.26 12.17 -40.39
N ILE E 240 -2.44 11.61 -40.65
CA ILE E 240 -3.12 10.83 -39.63
C ILE E 240 -2.45 9.48 -39.43
N LEU E 241 -2.01 8.84 -40.52
CA LEU E 241 -1.38 7.53 -40.38
C LEU E 241 0.01 7.64 -39.77
N MET E 242 0.89 8.43 -40.38
CA MET E 242 2.30 8.42 -40.03
C MET E 242 2.66 9.40 -38.92
N GLY E 243 1.87 10.45 -38.71
CA GLY E 243 2.20 11.42 -37.69
C GLY E 243 2.37 12.80 -38.27
N ALA E 244 2.07 13.83 -37.47
CA ALA E 244 2.14 15.19 -37.97
C ALA E 244 3.58 15.57 -38.32
N GLU E 245 3.77 16.10 -39.52
CA GLU E 245 5.11 16.51 -39.93
C GLU E 245 5.58 17.69 -39.09
N ARG E 246 6.90 17.77 -38.91
CA ARG E 246 7.53 18.84 -38.18
C ARG E 246 8.52 19.55 -39.09
N LYS E 247 8.53 20.88 -39.02
CA LYS E 247 9.43 21.66 -39.86
C LYS E 247 10.88 21.29 -39.58
N THR E 248 11.64 21.07 -40.64
CA THR E 248 13.02 20.58 -40.53
C THR E 248 13.89 21.68 -39.93
N MET E 249 14.25 21.51 -38.65
CA MET E 249 15.15 22.47 -38.03
C MET E 249 16.52 22.48 -38.71
N VAL E 250 17.24 21.37 -38.64
CA VAL E 250 18.62 21.32 -39.09
C VAL E 250 19.04 19.87 -39.26
N LEU E 251 20.10 19.64 -40.02
CA LEU E 251 20.70 18.33 -40.16
C LEU E 251 22.11 18.50 -40.69
N THR E 252 22.86 17.41 -40.66
CA THR E 252 24.22 17.36 -41.20
C THR E 252 24.31 16.16 -42.15
N ASP E 253 25.38 16.11 -42.92
CA ASP E 253 25.56 14.98 -43.83
C ASP E 253 25.72 13.69 -43.05
N ALA E 254 26.31 13.77 -41.86
CA ALA E 254 26.52 12.57 -41.06
C ALA E 254 25.22 12.06 -40.48
N ALA E 255 24.47 12.93 -39.78
CA ALA E 255 23.19 12.52 -39.21
C ALA E 255 22.22 12.08 -40.30
N ARG E 256 22.11 12.87 -41.37
CA ARG E 256 21.21 12.52 -42.46
C ARG E 256 21.62 11.21 -43.11
N LYS E 257 22.92 10.97 -43.25
CA LYS E 257 23.38 9.70 -43.81
C LYS E 257 22.99 8.53 -42.93
N ALA E 258 23.32 8.61 -41.63
CA ALA E 258 23.04 7.50 -40.72
C ALA E 258 21.55 7.21 -40.65
N THR E 259 20.73 8.26 -40.57
CA THR E 259 19.28 8.04 -40.61
C THR E 259 18.86 7.37 -41.89
N ALA E 260 19.36 7.84 -43.04
CA ALA E 260 19.00 7.22 -44.30
C ALA E 260 19.38 5.75 -44.34
N PHE E 261 20.45 5.37 -43.66
CA PHE E 261 20.77 3.95 -43.56
C PHE E 261 19.83 3.21 -42.63
N HIS E 262 19.35 3.86 -41.57
CA HIS E 262 18.38 3.21 -40.68
C HIS E 262 17.09 2.89 -41.42
N GLU E 263 16.41 3.93 -41.92
CA GLU E 263 15.17 3.68 -42.66
C GLU E 263 15.40 2.90 -43.95
N ALA E 264 16.61 2.99 -44.52
CA ALA E 264 16.95 2.09 -45.60
C ALA E 264 16.90 0.64 -45.13
N GLY E 265 17.38 0.39 -43.91
CA GLY E 265 17.33 -0.96 -43.36
C GLY E 265 15.91 -1.45 -43.15
N HIS E 266 15.09 -0.65 -42.47
CA HIS E 266 13.70 -1.04 -42.26
C HIS E 266 12.99 -1.28 -43.59
N ALA E 267 13.25 -0.44 -44.59
CA ALA E 267 12.53 -0.55 -45.85
C ALA E 267 12.96 -1.79 -46.63
N ILE E 268 14.26 -2.04 -46.73
CA ILE E 268 14.72 -3.21 -47.47
C ILE E 268 14.23 -4.49 -46.79
N MET E 269 14.31 -4.54 -45.46
CA MET E 269 13.77 -5.69 -44.73
C MET E 269 12.27 -5.84 -44.99
N ALA E 270 11.56 -4.71 -45.09
CA ALA E 270 10.13 -4.77 -45.35
C ALA E 270 9.84 -5.36 -46.72
N LYS E 271 10.63 -4.99 -47.72
CA LYS E 271 10.38 -5.49 -49.07
C LYS E 271 10.72 -6.97 -49.19
N TYR E 272 11.99 -7.31 -49.01
CA TYR E 272 12.45 -8.60 -49.49
C TYR E 272 12.10 -9.76 -48.56
N THR E 273 11.66 -9.50 -47.34
CA THR E 273 11.29 -10.60 -46.46
C THR E 273 9.97 -11.20 -46.92
N ASN E 274 9.65 -12.37 -46.38
CA ASN E 274 8.45 -13.10 -46.76
C ASN E 274 7.44 -13.03 -45.63
N GLY E 275 6.19 -12.78 -46.00
CA GLY E 275 5.12 -12.69 -45.03
C GLY E 275 4.82 -11.30 -44.51
N ALA E 276 5.77 -10.38 -44.63
CA ALA E 276 5.58 -9.04 -44.10
C ALA E 276 4.43 -8.34 -44.80
N THR E 277 3.83 -7.38 -44.12
CA THR E 277 2.82 -6.56 -44.77
C THR E 277 3.46 -5.72 -45.86
N PRO E 278 2.67 -5.23 -46.81
CA PRO E 278 3.23 -4.36 -47.85
C PRO E 278 3.80 -3.08 -47.27
N LEU E 279 4.57 -2.39 -48.09
CA LEU E 279 5.25 -1.17 -47.70
C LEU E 279 4.51 0.06 -48.24
N TYR E 280 4.53 1.14 -47.47
CA TYR E 280 3.80 2.33 -47.84
C TYR E 280 4.70 3.51 -48.15
N LYS E 281 5.56 3.93 -47.23
CA LYS E 281 6.48 5.02 -47.48
C LYS E 281 7.71 4.86 -46.59
N ALA E 282 8.81 5.38 -47.08
CA ALA E 282 10.01 5.60 -46.28
C ALA E 282 10.28 7.09 -46.29
N THR E 283 10.72 7.60 -45.15
CA THR E 283 10.90 9.04 -44.98
C THR E 283 12.18 9.31 -44.20
N ILE E 284 12.87 10.38 -44.57
CA ILE E 284 14.05 10.82 -43.86
C ILE E 284 13.80 12.10 -43.07
N LEU E 285 12.54 12.51 -42.94
CA LEU E 285 12.23 13.75 -42.26
C LEU E 285 11.92 13.50 -40.79
N PRO E 286 11.93 14.53 -39.97
CA PRO E 286 11.50 14.37 -38.58
C PRO E 286 9.99 14.44 -38.46
N ARG E 287 9.32 13.32 -38.71
CA ARG E 287 7.86 13.26 -38.71
C ARG E 287 7.35 12.83 -37.34
N GLY E 288 6.45 13.62 -36.78
CA GLY E 288 5.80 13.27 -35.53
C GLY E 288 6.73 13.26 -34.34
N ARG E 289 7.03 12.07 -33.82
CA ARG E 289 7.91 11.88 -32.67
C ARG E 289 8.97 10.84 -33.01
N ALA E 290 9.64 11.01 -34.15
CA ALA E 290 10.69 10.09 -34.53
C ALA E 290 11.51 10.70 -35.65
N LEU E 291 12.73 10.20 -35.79
CA LEU E 291 13.64 10.66 -36.84
C LEU E 291 13.46 9.75 -38.05
N GLY E 292 12.51 10.09 -38.90
CA GLY E 292 12.22 9.28 -40.06
C GLY E 292 11.45 8.03 -39.70
N ILE E 293 10.60 7.54 -40.60
CA ILE E 293 9.75 6.39 -40.30
C ILE E 293 9.37 5.69 -41.59
N THR E 294 9.54 4.37 -41.60
CA THR E 294 9.12 3.54 -42.72
C THR E 294 7.81 2.89 -42.34
N PHE E 295 6.71 3.37 -42.93
CA PHE E 295 5.38 2.95 -42.54
C PHE E 295 4.90 1.84 -43.45
N GLN E 296 4.55 0.70 -42.86
CA GLN E 296 3.90 -0.39 -43.58
C GLN E 296 2.39 -0.25 -43.42
N LEU E 297 1.65 -0.93 -44.29
CA LEU E 297 0.21 -0.81 -44.30
C LEU E 297 -0.39 -1.98 -45.06
N PRO E 298 -1.27 -2.76 -44.44
CA PRO E 298 -1.78 -3.96 -45.11
C PRO E 298 -2.72 -3.61 -46.25
N GLU E 299 -2.78 -4.48 -47.25
CA GLU E 299 -3.79 -4.33 -48.30
C GLU E 299 -5.16 -4.73 -47.80
N MET E 300 -5.28 -5.92 -47.24
CA MET E 300 -6.51 -6.41 -46.65
C MET E 300 -6.42 -6.26 -45.13
N ASP E 301 -7.57 -6.21 -44.49
CA ASP E 301 -7.65 -6.12 -43.03
C ASP E 301 -7.69 -7.53 -42.46
N LYS E 302 -6.74 -7.84 -41.59
CA LYS E 302 -6.61 -9.15 -40.98
C LYS E 302 -7.05 -9.05 -39.52
N VAL E 303 -7.57 -10.16 -39.00
CA VAL E 303 -8.00 -10.17 -37.60
C VAL E 303 -6.85 -10.62 -36.70
N ASP E 304 -6.01 -11.51 -37.20
CA ASP E 304 -4.97 -12.15 -36.41
C ASP E 304 -3.84 -12.64 -37.31
N ILE E 305 -2.60 -12.41 -36.86
CA ILE E 305 -1.42 -12.78 -37.62
C ILE E 305 -1.09 -14.23 -37.34
N THR E 306 -0.54 -14.92 -38.32
CA THR E 306 -0.08 -16.28 -38.13
C THR E 306 1.35 -16.24 -37.58
N LYS E 307 2.02 -17.38 -37.61
CA LYS E 307 3.40 -17.43 -37.12
C LYS E 307 4.36 -16.80 -38.12
N ARG E 308 4.10 -16.94 -39.42
CA ARG E 308 5.02 -16.39 -40.41
C ARG E 308 4.96 -14.87 -40.43
N GLU E 309 3.77 -14.30 -40.25
CA GLU E 309 3.68 -12.84 -40.20
C GLU E 309 4.46 -12.28 -39.00
N CYS E 310 4.27 -12.86 -37.82
CA CYS E 310 4.93 -12.31 -36.65
C CYS E 310 6.44 -12.51 -36.69
N GLN E 311 6.91 -13.69 -37.14
CA GLN E 311 8.33 -13.81 -37.40
C GLN E 311 8.81 -12.78 -38.41
N ALA E 312 7.97 -12.44 -39.39
CA ALA E 312 8.32 -11.36 -40.30
C ALA E 312 8.46 -10.03 -39.58
N ARG E 313 7.60 -9.75 -38.60
CA ARG E 313 7.76 -8.54 -37.80
C ARG E 313 9.09 -8.54 -37.06
N LEU E 314 9.43 -9.65 -36.40
CA LEU E 314 10.70 -9.74 -35.71
C LEU E 314 11.87 -9.53 -36.66
N ASP E 315 11.75 -9.98 -37.91
CA ASP E 315 12.83 -9.75 -38.85
C ASP E 315 12.87 -8.31 -39.33
N VAL E 316 11.71 -7.65 -39.40
CA VAL E 316 11.69 -6.28 -39.91
C VAL E 316 12.25 -5.31 -38.87
N CYS E 317 12.09 -5.63 -37.58
CA CYS E 317 12.53 -4.68 -36.56
C CYS E 317 14.01 -4.80 -36.21
N MET E 318 14.80 -5.50 -37.01
CA MET E 318 16.24 -5.61 -36.79
C MET E 318 17.05 -4.90 -37.87
N GLY E 319 16.38 -4.38 -38.91
CA GLY E 319 17.07 -3.74 -40.00
C GLY E 319 17.83 -2.50 -39.59
N GLY E 320 17.34 -1.76 -38.60
CA GLY E 320 18.07 -0.59 -38.15
C GLY E 320 19.42 -0.95 -37.57
N LYS E 321 19.42 -1.72 -36.49
CA LYS E 321 20.66 -2.05 -35.80
C LYS E 321 21.59 -2.86 -36.69
N ILE E 322 21.04 -3.82 -37.45
CA ILE E 322 21.91 -4.63 -38.29
C ILE E 322 22.49 -3.81 -39.45
N ALA E 323 21.70 -2.92 -40.04
CA ALA E 323 22.22 -2.07 -41.11
C ALA E 323 23.32 -1.16 -40.58
N GLU E 324 23.08 -0.51 -39.45
CA GLU E 324 24.11 0.36 -38.90
C GLU E 324 25.35 -0.41 -38.45
N GLU E 325 25.25 -1.70 -38.14
CA GLU E 325 26.49 -2.40 -37.81
C GLU E 325 27.20 -2.88 -39.07
N LEU E 326 26.45 -3.17 -40.14
CA LEU E 326 27.11 -3.50 -41.40
C LEU E 326 27.85 -2.29 -41.96
N ILE E 327 27.27 -1.11 -41.85
CA ILE E 327 27.90 0.08 -42.40
C ILE E 327 28.90 0.68 -41.42
N TYR E 328 28.40 1.15 -40.28
CA TYR E 328 29.23 1.91 -39.33
C TYR E 328 29.96 1.02 -38.34
N GLY E 329 30.09 -0.27 -38.61
CA GLY E 329 30.80 -1.17 -37.73
C GLY E 329 30.07 -1.38 -36.41
N LYS E 330 30.60 -2.33 -35.64
CA LYS E 330 29.95 -2.73 -34.40
C LYS E 330 29.98 -1.61 -33.36
N ASP E 331 31.13 -0.93 -33.24
CA ASP E 331 31.35 0.05 -32.19
C ASP E 331 30.66 1.38 -32.43
N ASN E 332 29.77 1.48 -33.43
CA ASN E 332 29.10 2.73 -33.72
C ASN E 332 27.59 2.60 -33.70
N THR E 333 27.08 1.45 -33.29
CA THR E 333 25.64 1.24 -33.15
C THR E 333 25.09 2.26 -32.17
N THR E 334 24.20 3.13 -32.64
CA THR E 334 23.71 4.23 -31.82
C THR E 334 22.72 3.70 -30.80
N SER E 335 22.12 4.60 -30.04
CA SER E 335 21.12 4.22 -29.06
C SER E 335 19.70 4.56 -29.50
N GLY E 336 19.52 4.98 -30.74
CA GLY E 336 18.19 5.20 -31.27
C GLY E 336 17.45 3.93 -31.61
N CYS E 337 18.10 2.78 -31.46
CA CYS E 337 17.46 1.51 -31.75
C CYS E 337 16.79 0.91 -30.52
N GLY E 338 16.31 1.74 -29.60
CA GLY E 338 15.64 1.22 -28.42
C GLY E 338 14.19 0.88 -28.69
N SER E 339 13.51 1.70 -29.49
CA SER E 339 12.12 1.44 -29.80
C SER E 339 11.97 0.16 -30.62
N ASP E 340 12.92 -0.10 -31.52
CA ASP E 340 12.88 -1.32 -32.31
C ASP E 340 12.92 -2.54 -31.41
N LEU E 341 13.78 -2.53 -30.40
CA LEU E 341 13.90 -3.68 -29.52
C LEU E 341 12.73 -3.75 -28.55
N GLN E 342 12.15 -2.60 -28.20
CA GLN E 342 10.93 -2.61 -27.41
C GLN E 342 9.80 -3.31 -28.15
N SER E 343 9.53 -2.87 -29.38
CA SER E 343 8.46 -3.47 -30.17
C SER E 343 8.73 -4.95 -30.46
N ALA E 344 9.93 -5.27 -30.93
CA ALA E 344 10.26 -6.66 -31.24
C ALA E 344 10.12 -7.54 -30.00
N THR E 345 10.56 -7.03 -28.84
CA THR E 345 10.37 -7.75 -27.60
C THR E 345 8.90 -8.05 -27.35
N GLY E 346 8.04 -7.04 -27.50
CA GLY E 346 6.62 -7.27 -27.33
C GLY E 346 6.08 -8.35 -28.25
N THR E 347 6.47 -8.31 -29.53
CA THR E 347 5.96 -9.29 -30.47
C THR E 347 6.38 -10.70 -30.11
N ALA E 348 7.67 -10.90 -29.80
CA ALA E 348 8.11 -12.25 -29.50
C ALA E 348 7.47 -12.77 -28.22
N ARG E 349 7.38 -11.92 -27.21
CA ARG E 349 6.85 -12.38 -25.94
C ARG E 349 5.36 -12.68 -26.03
N ALA E 350 4.63 -11.99 -26.91
CA ALA E 350 3.26 -12.40 -27.16
C ALA E 350 3.17 -13.64 -28.03
N MET E 351 4.17 -13.89 -28.88
CA MET E 351 4.22 -15.16 -29.59
C MET E 351 4.36 -16.36 -28.66
N VAL E 352 5.26 -16.30 -27.70
CA VAL E 352 5.59 -17.44 -26.85
C VAL E 352 4.49 -17.72 -25.84
N THR E 353 4.06 -16.71 -25.10
CA THR E 353 3.15 -16.95 -23.99
C THR E 353 1.71 -17.04 -24.44
N GLN E 354 1.16 -15.96 -24.99
CA GLN E 354 -0.27 -15.95 -25.33
C GLN E 354 -0.58 -16.88 -26.49
N TYR E 355 -0.03 -16.60 -27.66
CA TYR E 355 -0.47 -17.23 -28.89
C TYR E 355 -0.15 -18.72 -28.92
N GLY E 356 0.80 -19.19 -28.11
CA GLY E 356 1.10 -20.59 -28.03
C GLY E 356 1.86 -21.13 -29.22
N MET E 357 2.90 -20.42 -29.65
CA MET E 357 3.61 -20.73 -30.89
C MET E 357 5.01 -21.28 -30.63
N SER E 358 5.19 -21.97 -29.51
CA SER E 358 6.48 -22.56 -29.20
C SER E 358 6.28 -23.99 -28.72
N ASP E 359 7.22 -24.85 -29.11
CA ASP E 359 7.07 -26.28 -28.87
C ASP E 359 7.63 -26.74 -27.54
N ASP E 360 8.83 -26.30 -27.15
CA ASP E 360 9.37 -26.75 -25.88
C ASP E 360 8.62 -26.17 -24.69
N VAL E 361 8.02 -24.99 -24.85
CA VAL E 361 7.13 -24.48 -23.81
C VAL E 361 5.87 -25.32 -23.74
N GLY E 362 5.12 -25.36 -24.83
CA GLY E 362 3.90 -26.13 -24.90
C GLY E 362 2.70 -25.32 -25.31
N PRO E 363 1.57 -25.98 -25.48
CA PRO E 363 0.30 -25.30 -25.81
C PRO E 363 -0.42 -24.79 -24.58
N VAL E 364 0.16 -23.78 -23.94
CA VAL E 364 -0.37 -23.27 -22.68
C VAL E 364 -0.34 -21.74 -22.74
N ASN E 365 -1.24 -21.12 -22.00
CA ASN E 365 -1.34 -19.67 -21.92
C ASN E 365 -0.70 -19.23 -20.60
N LEU E 366 0.40 -18.49 -20.71
CA LEU E 366 1.17 -18.03 -19.56
C LEU E 366 1.07 -16.54 -19.35
N SER E 367 0.33 -15.84 -20.22
CA SER E 367 0.34 -14.38 -20.18
C SER E 367 -0.35 -13.88 -18.92
N GLU E 368 -1.64 -14.12 -18.79
CA GLU E 368 -2.31 -13.75 -17.56
C GLU E 368 -1.83 -14.66 -16.44
N GLU E 369 -1.94 -14.16 -15.21
CA GLU E 369 -1.49 -14.90 -14.05
C GLU E 369 0.02 -15.11 -14.12
N TRP E 370 0.75 -14.11 -14.60
CA TRP E 370 2.18 -14.26 -14.79
C TRP E 370 2.90 -14.41 -13.47
N GLU E 371 2.31 -13.93 -12.37
CA GLU E 371 2.98 -14.05 -11.07
C GLU E 371 2.89 -15.47 -10.52
N SER E 372 1.79 -16.17 -10.80
CA SER E 372 1.55 -17.43 -10.12
C SER E 372 2.52 -18.51 -10.55
N TRP E 373 2.86 -18.54 -11.85
CA TRP E 373 3.70 -19.60 -12.37
C TRP E 373 5.08 -19.58 -11.72
N SER E 374 5.70 -20.73 -11.66
CA SER E 374 6.96 -20.87 -10.94
C SER E 374 8.11 -20.31 -11.77
N ASN E 375 9.33 -20.61 -11.33
CA ASN E 375 10.51 -20.03 -11.95
C ASN E 375 11.07 -20.96 -13.03
N LYS E 376 10.81 -22.25 -12.92
CA LYS E 376 11.20 -23.19 -13.97
C LYS E 376 10.59 -22.80 -15.31
N ILE E 377 9.27 -22.66 -15.33
CA ILE E 377 8.56 -22.34 -16.56
C ILE E 377 8.94 -20.96 -17.07
N ARG E 378 9.11 -19.99 -16.18
CA ARG E 378 9.58 -18.68 -16.63
C ARG E 378 10.96 -18.76 -17.25
N ASP E 379 11.84 -19.61 -16.71
CA ASP E 379 13.16 -19.76 -17.29
C ASP E 379 13.07 -20.32 -18.71
N ILE E 380 12.24 -21.35 -18.91
CA ILE E 380 12.10 -21.89 -20.26
C ILE E 380 11.52 -20.86 -21.21
N ALA E 381 10.43 -20.20 -20.80
CA ALA E 381 9.77 -19.25 -21.67
C ALA E 381 10.71 -18.12 -22.06
N ASP E 382 11.33 -17.46 -21.08
CA ASP E 382 12.25 -16.38 -21.40
C ASP E 382 13.43 -16.86 -22.22
N ASN E 383 13.86 -18.10 -22.00
CA ASN E 383 14.89 -18.67 -22.85
C ASN E 383 14.46 -18.69 -24.31
N GLU E 384 13.19 -19.00 -24.57
CA GLU E 384 12.78 -19.09 -25.97
C GLU E 384 12.45 -17.73 -26.55
N VAL E 385 12.03 -16.78 -25.73
CA VAL E 385 11.89 -15.41 -26.22
C VAL E 385 13.24 -14.87 -26.68
N ILE E 386 14.25 -14.99 -25.82
CA ILE E 386 15.57 -14.48 -26.18
C ILE E 386 16.16 -15.24 -27.35
N GLU E 387 16.05 -16.57 -27.35
CA GLU E 387 16.55 -17.35 -28.48
C GLU E 387 15.88 -16.95 -29.78
N LEU E 388 14.58 -16.64 -29.72
CA LEU E 388 13.84 -16.28 -30.92
C LEU E 388 14.30 -14.93 -31.45
N LEU E 389 14.52 -13.95 -30.57
CA LEU E 389 15.03 -12.66 -31.02
C LEU E 389 16.44 -12.78 -31.62
N LYS E 390 17.33 -13.52 -30.93
CA LYS E 390 18.67 -13.71 -31.47
C LYS E 390 18.62 -14.34 -32.86
N ASP E 391 17.79 -15.35 -33.04
CA ASP E 391 17.62 -15.93 -34.37
C ASP E 391 17.13 -14.89 -35.37
N SER E 392 16.21 -14.01 -34.96
CA SER E 392 15.70 -12.99 -35.87
C SER E 392 16.80 -12.06 -36.36
N GLU E 393 17.62 -11.54 -35.45
CA GLU E 393 18.71 -10.67 -35.88
C GLU E 393 19.70 -11.44 -36.74
N GLU E 394 19.82 -12.74 -36.51
CA GLU E 394 20.63 -13.56 -37.40
C GLU E 394 20.11 -13.52 -38.83
N ARG E 395 18.79 -13.73 -39.01
CA ARG E 395 18.24 -13.68 -40.36
C ARG E 395 18.39 -12.30 -40.98
N ALA E 396 18.14 -11.24 -40.22
CA ALA E 396 18.25 -9.91 -40.79
C ALA E 396 19.68 -9.59 -41.22
N ARG E 397 20.67 -10.02 -40.44
CA ARG E 397 22.06 -9.87 -40.87
C ARG E 397 22.33 -10.64 -42.15
N ARG E 398 21.95 -11.92 -42.20
CA ARG E 398 22.28 -12.73 -43.36
C ARG E 398 21.58 -12.23 -44.62
N LEU E 399 20.45 -11.54 -44.48
CA LEU E 399 19.83 -10.99 -45.67
C LEU E 399 20.44 -9.65 -46.07
N LEU E 400 20.68 -8.76 -45.10
CA LEU E 400 21.27 -7.50 -45.48
C LEU E 400 22.73 -7.61 -45.90
N THR E 401 23.35 -8.78 -45.79
CA THR E 401 24.62 -8.95 -46.48
C THR E 401 24.44 -9.26 -47.96
N LYS E 402 23.24 -9.62 -48.39
CA LYS E 402 22.98 -9.93 -49.79
C LYS E 402 22.41 -8.76 -50.57
N LYS E 403 22.22 -7.62 -49.94
CA LYS E 403 21.51 -6.51 -50.57
C LYS E 403 22.26 -5.20 -50.36
N ASN E 404 23.58 -5.25 -50.53
CA ASN E 404 24.40 -4.06 -50.34
C ASN E 404 24.08 -3.00 -51.38
N VAL E 405 23.97 -3.40 -52.64
CA VAL E 405 23.75 -2.43 -53.71
C VAL E 405 22.38 -1.79 -53.57
N GLU E 406 21.34 -2.59 -53.35
CA GLU E 406 20.00 -2.05 -53.11
C GLU E 406 19.99 -1.16 -51.88
N LEU E 407 20.70 -1.56 -50.82
CA LEU E 407 20.74 -0.76 -49.61
C LEU E 407 21.31 0.63 -49.89
N HIS E 408 22.49 0.69 -50.51
CA HIS E 408 23.11 2.00 -50.76
C HIS E 408 22.31 2.81 -51.76
N ARG E 409 21.72 2.16 -52.77
CA ARG E 409 20.86 2.87 -53.71
C ARG E 409 19.70 3.54 -52.99
N LEU E 410 18.91 2.75 -52.27
CA LEU E 410 17.73 3.29 -51.62
C LEU E 410 18.08 4.33 -50.57
N ALA E 411 19.20 4.13 -49.87
CA ALA E 411 19.62 5.12 -48.88
C ALA E 411 20.02 6.42 -49.56
N GLN E 412 20.74 6.34 -50.67
CA GLN E 412 21.18 7.56 -51.34
C GLN E 412 20.00 8.33 -51.92
N GLY E 413 19.14 7.65 -52.69
CA GLY E 413 17.94 8.30 -53.19
C GLY E 413 17.06 8.81 -52.09
N LEU E 414 17.06 8.13 -50.94
CA LEU E 414 16.30 8.61 -49.80
C LEU E 414 16.90 9.88 -49.22
N ILE E 415 18.22 10.04 -49.32
CA ILE E 415 18.83 11.32 -48.99
C ILE E 415 18.39 12.39 -49.97
N GLU E 416 18.41 12.05 -51.26
CA GLU E 416 18.13 13.04 -52.30
C GLU E 416 16.68 13.47 -52.36
N TYR E 417 15.75 12.65 -51.87
CA TYR E 417 14.33 12.92 -52.03
C TYR E 417 13.57 13.10 -50.72
N GLU E 418 14.03 12.50 -49.63
CA GLU E 418 13.47 12.73 -48.30
C GLU E 418 12.10 12.11 -48.10
N THR E 419 11.59 11.40 -49.09
CA THR E 419 10.26 10.78 -49.00
C THR E 419 10.07 9.89 -50.20
N LEU E 420 9.44 8.74 -50.01
CA LEU E 420 9.28 7.77 -51.08
C LEU E 420 8.09 6.87 -50.80
N ASP E 421 7.21 6.73 -51.78
CA ASP E 421 6.17 5.71 -51.68
C ASP E 421 6.65 4.42 -52.34
N ALA E 422 5.94 3.33 -52.05
CA ALA E 422 6.45 1.98 -52.31
C ALA E 422 6.82 1.77 -53.77
N HIS E 423 6.07 2.38 -54.69
CA HIS E 423 6.43 2.27 -56.10
C HIS E 423 7.77 2.94 -56.37
N GLU E 424 7.99 4.13 -55.83
CA GLU E 424 9.25 4.83 -56.05
C GLU E 424 10.42 4.05 -55.47
N ILE E 425 10.22 3.40 -54.32
CA ILE E 425 11.26 2.51 -53.80
C ILE E 425 11.49 1.36 -54.76
N GLU E 426 10.42 0.82 -55.35
CA GLU E 426 10.58 -0.28 -56.29
C GLU E 426 11.41 0.14 -57.50
N GLN E 427 11.25 1.38 -57.95
CA GLN E 427 12.10 1.86 -59.03
C GLN E 427 13.53 2.10 -58.57
N VAL E 428 13.71 2.75 -57.43
CA VAL E 428 15.05 3.12 -56.97
C VAL E 428 15.89 1.89 -56.72
N CYS E 429 15.28 0.80 -56.25
CA CYS E 429 16.04 -0.41 -55.98
C CYS E 429 16.67 -1.01 -57.23
N LYS E 430 16.14 -0.70 -58.41
CA LYS E 430 16.71 -1.20 -59.66
C LYS E 430 17.49 -0.13 -60.40
N GLY E 431 17.88 0.94 -59.73
CA GLY E 431 18.68 1.96 -60.38
C GLY E 431 17.99 2.68 -61.51
N GLU E 432 16.76 3.11 -61.31
CA GLU E 432 16.00 3.82 -62.33
C GLU E 432 15.64 5.22 -61.82
N LYS E 433 15.44 6.13 -62.75
CA LYS E 433 15.08 7.50 -62.41
C LYS E 433 13.61 7.59 -62.03
N LEU E 434 13.29 8.55 -61.17
CA LEU E 434 11.94 8.67 -60.63
C LEU E 434 11.12 9.80 -61.24
N ALA E 435 11.76 10.71 -61.97
CA ALA E 435 11.06 11.82 -62.61
C ALA E 435 10.39 12.73 -61.59
N LYS E 436 11.21 13.30 -60.72
CA LYS E 436 10.78 14.32 -59.78
C LYS E 436 11.99 15.15 -59.36
N LEU E 437 11.78 16.06 -58.42
CA LEU E 437 12.81 17.05 -58.10
C LEU E 437 13.60 16.67 -56.85
N LYS E 438 14.92 16.83 -56.95
CA LYS E 438 15.80 16.59 -55.82
C LYS E 438 15.44 17.50 -54.64
N THR E 439 15.64 16.98 -53.44
CA THR E 439 15.43 17.74 -52.19
C THR E 439 14.06 18.41 -52.11
N LYS F 1 4.78 41.14 -31.04
CA LYS F 1 4.85 40.32 -32.25
C LYS F 1 5.71 39.08 -31.99
N PHE F 2 5.90 38.26 -33.02
CA PHE F 2 6.69 37.03 -32.91
C PHE F 2 8.19 37.27 -32.85
N ASP F 3 8.64 38.53 -32.87
CA ASP F 3 10.05 38.81 -32.65
C ASP F 3 10.39 38.84 -31.17
N ASP F 4 9.45 39.26 -30.33
CA ASP F 4 9.73 39.44 -28.90
C ASP F 4 9.90 38.12 -28.16
N VAL F 5 9.17 37.08 -28.56
CA VAL F 5 9.35 35.76 -27.97
C VAL F 5 10.60 35.16 -28.60
N CYS F 6 11.34 34.38 -27.83
CA CYS F 6 12.62 33.85 -28.26
C CYS F 6 12.69 32.38 -27.94
N GLY F 7 13.07 31.58 -28.92
CA GLY F 7 12.90 30.15 -28.82
C GLY F 7 11.44 29.77 -28.99
N CYS F 8 11.17 28.48 -28.78
CA CYS F 8 9.83 27.88 -28.85
C CYS F 8 9.19 28.10 -30.22
N ASP F 9 9.84 27.55 -31.24
CA ASP F 9 9.38 27.74 -32.62
C ASP F 9 8.26 26.78 -33.01
N GLU F 10 8.29 25.55 -32.49
CA GLU F 10 7.28 24.55 -32.82
C GLU F 10 5.90 24.90 -32.29
N ALA F 11 5.79 25.79 -31.30
CA ALA F 11 4.50 26.37 -30.93
C ALA F 11 4.20 27.63 -31.72
N ARG F 12 5.23 28.38 -32.10
CA ARG F 12 5.02 29.61 -32.85
C ARG F 12 4.47 29.34 -34.24
N ALA F 13 4.83 28.18 -34.82
CA ALA F 13 4.36 27.82 -36.17
C ALA F 13 2.85 27.59 -36.20
N GLU F 14 2.34 26.76 -35.29
CA GLU F 14 0.90 26.56 -35.23
C GLU F 14 0.19 27.82 -34.78
N LEU F 15 0.87 28.68 -34.01
CA LEU F 15 0.24 29.96 -33.73
C LEU F 15 0.16 30.88 -34.94
N GLU F 16 1.08 30.79 -35.91
CA GLU F 16 0.88 31.62 -37.09
C GLU F 16 -0.15 31.00 -38.04
N GLU F 17 -0.40 29.69 -37.96
CA GLU F 17 -1.49 29.19 -38.80
C GLU F 17 -2.86 29.48 -38.17
N ILE F 18 -2.96 29.43 -36.85
CA ILE F 18 -4.25 29.81 -36.26
C ILE F 18 -4.46 31.31 -36.39
N VAL F 19 -3.38 32.09 -36.43
CA VAL F 19 -3.60 33.52 -36.64
C VAL F 19 -3.90 33.78 -38.11
N ASP F 20 -3.49 32.87 -39.00
CA ASP F 20 -3.93 32.92 -40.38
C ASP F 20 -5.43 32.70 -40.48
N PHE F 21 -5.99 31.91 -39.56
CA PHE F 21 -7.45 31.99 -39.40
C PHE F 21 -7.87 33.35 -38.84
N LEU F 22 -7.09 33.91 -37.91
CA LEU F 22 -7.59 35.05 -37.13
C LEU F 22 -7.69 36.35 -37.91
N LYS F 23 -6.88 36.57 -38.95
CA LYS F 23 -7.05 37.85 -39.62
C LYS F 23 -7.92 37.74 -40.87
N ASP F 24 -8.38 36.54 -41.19
CA ASP F 24 -9.23 36.31 -42.37
C ASP F 24 -10.06 35.05 -42.20
N PRO F 25 -11.24 35.14 -41.59
CA PRO F 25 -12.00 33.90 -41.29
C PRO F 25 -12.77 33.35 -42.48
N THR F 26 -13.24 34.23 -43.38
CA THR F 26 -14.23 33.84 -44.38
C THR F 26 -13.67 32.91 -45.43
N LYS F 27 -12.36 32.96 -45.67
CA LYS F 27 -11.71 32.00 -46.56
C LYS F 27 -11.80 30.58 -46.00
N TYR F 28 -11.51 30.42 -44.71
CA TYR F 28 -11.63 29.10 -44.11
C TYR F 28 -13.08 28.70 -43.90
N GLU F 29 -13.99 29.67 -43.88
CA GLU F 29 -15.39 29.34 -43.66
C GLU F 29 -16.07 28.94 -44.95
N SER F 30 -15.65 29.50 -46.10
CA SER F 30 -16.38 29.31 -47.34
C SER F 30 -16.24 27.91 -47.91
N LEU F 31 -15.13 27.22 -47.61
CA LEU F 31 -14.96 25.85 -48.09
C LEU F 31 -15.53 24.82 -47.13
N GLY F 32 -15.81 25.19 -45.89
CA GLY F 32 -16.29 24.27 -44.90
C GLY F 32 -15.24 23.79 -43.93
N GLY F 33 -14.10 24.46 -43.86
CA GLY F 33 -13.09 24.09 -42.89
C GLY F 33 -13.42 24.63 -41.51
N LYS F 34 -13.19 23.78 -40.51
CA LYS F 34 -13.44 24.15 -39.12
C LYS F 34 -12.20 23.84 -38.29
N LEU F 35 -11.91 24.71 -37.35
CA LEU F 35 -10.79 24.66 -36.43
C LEU F 35 -11.31 24.95 -35.02
N PRO F 36 -10.65 24.45 -33.95
CA PRO F 36 -11.31 24.38 -32.65
C PRO F 36 -11.61 25.74 -32.02
N LYS F 37 -12.44 25.69 -30.98
CA LYS F 37 -12.91 26.91 -30.33
C LYS F 37 -11.82 27.53 -29.47
N GLY F 38 -11.05 26.69 -28.79
CA GLY F 38 -9.99 27.21 -27.94
C GLY F 38 -8.85 26.24 -27.79
N VAL F 39 -7.64 26.76 -27.78
CA VAL F 39 -6.46 25.90 -27.76
C VAL F 39 -5.86 25.93 -26.37
N LEU F 40 -5.07 24.91 -26.05
CA LEU F 40 -4.57 24.69 -24.70
C LEU F 40 -3.06 24.75 -24.71
N LEU F 41 -2.50 25.65 -23.92
CA LEU F 41 -1.05 25.83 -23.80
C LEU F 41 -0.57 25.14 -22.54
N THR F 42 0.30 24.15 -22.70
CA THR F 42 0.83 23.36 -21.60
C THR F 42 2.35 23.53 -21.53
N GLY F 43 2.98 22.73 -20.68
CA GLY F 43 4.42 22.71 -20.59
C GLY F 43 4.94 23.04 -19.20
N PRO F 44 6.26 23.20 -19.08
CA PRO F 44 6.87 23.57 -17.79
C PRO F 44 6.49 24.98 -17.38
N PRO F 45 6.62 25.31 -16.10
CA PRO F 45 6.18 26.63 -15.65
C PRO F 45 7.12 27.73 -16.06
N GLY F 46 6.54 28.83 -16.55
CA GLY F 46 7.30 30.02 -16.90
C GLY F 46 8.26 29.86 -18.05
N THR F 47 7.77 29.50 -19.23
CA THR F 47 8.60 29.40 -20.43
C THR F 47 8.18 30.39 -21.50
N GLY F 48 7.60 31.52 -21.11
CA GLY F 48 7.22 32.53 -22.08
C GLY F 48 5.95 32.19 -22.83
N LYS F 49 4.85 32.10 -22.09
CA LYS F 49 3.56 31.63 -22.62
C LYS F 49 2.58 32.76 -22.83
N THR F 50 2.47 33.63 -21.82
CA THR F 50 1.72 34.88 -21.95
C THR F 50 2.30 35.77 -23.05
N LEU F 51 3.61 35.68 -23.28
CA LEU F 51 4.20 36.41 -24.40
C LEU F 51 3.90 35.76 -25.74
N LEU F 52 3.55 34.47 -25.74
CA LEU F 52 3.09 33.85 -26.99
C LEU F 52 1.68 34.30 -27.33
N ALA F 53 0.80 34.39 -26.34
CA ALA F 53 -0.55 34.85 -26.63
C ALA F 53 -0.57 36.36 -26.93
N ARG F 54 0.19 37.15 -26.17
CA ARG F 54 0.33 38.56 -26.47
C ARG F 54 1.09 38.80 -27.76
N ALA F 55 1.94 37.84 -28.16
CA ALA F 55 2.68 37.99 -29.40
C ALA F 55 1.78 37.72 -30.60
N THR F 56 0.95 36.69 -30.51
CA THR F 56 -0.03 36.41 -31.56
C THR F 56 -1.02 37.55 -31.71
N ALA F 57 -1.64 37.97 -30.59
CA ALA F 57 -2.62 39.03 -30.62
C ALA F 57 -1.99 40.37 -30.99
N GLY F 58 -0.71 40.55 -30.69
CA GLY F 58 -0.05 41.81 -31.00
C GLY F 58 0.37 41.91 -32.45
N GLU F 59 0.76 40.78 -33.05
CA GLU F 59 1.18 40.84 -34.45
C GLU F 59 -0.02 40.86 -35.38
N ALA F 60 -1.15 40.27 -34.95
CA ALA F 60 -2.38 40.45 -35.70
C ALA F 60 -3.04 41.75 -35.26
N GLY F 61 -4.01 42.20 -36.04
CA GLY F 61 -4.81 43.29 -35.54
C GLY F 61 -6.06 42.76 -34.88
N VAL F 62 -5.96 42.51 -33.58
CA VAL F 62 -7.07 41.96 -32.80
C VAL F 62 -6.98 42.55 -31.40
N ASP F 63 -7.93 42.19 -30.54
CA ASP F 63 -7.93 42.61 -29.15
C ASP F 63 -7.57 41.41 -28.29
N PHE F 64 -6.91 41.67 -27.17
CA PHE F 64 -6.39 40.64 -26.28
C PHE F 64 -7.11 40.72 -24.95
N PHE F 65 -8.12 39.88 -24.76
CA PHE F 65 -8.88 39.85 -23.52
C PHE F 65 -8.22 38.90 -22.54
N PHE F 66 -7.43 39.45 -21.62
CA PHE F 66 -6.72 38.68 -20.62
C PHE F 66 -7.58 38.53 -19.38
N MET F 67 -7.61 37.32 -18.82
CA MET F 67 -8.17 37.13 -17.49
C MET F 67 -7.55 35.90 -16.83
N SER F 68 -7.32 36.01 -15.53
CA SER F 68 -6.71 34.96 -14.73
C SER F 68 -7.80 34.10 -14.10
N GLY F 69 -7.43 32.88 -13.74
CA GLY F 69 -8.34 31.98 -13.07
C GLY F 69 -8.24 32.06 -11.55
N SER F 70 -7.03 32.28 -11.07
CA SER F 70 -6.76 32.26 -9.63
C SER F 70 -7.43 33.44 -8.92
N GLU F 71 -7.70 34.52 -9.66
CA GLU F 71 -8.42 35.65 -9.08
C GLU F 71 -9.87 35.32 -8.75
N PHE F 72 -10.41 34.21 -9.23
CA PHE F 72 -11.73 33.77 -8.79
C PHE F 72 -11.70 33.09 -7.44
N ASP F 73 -10.51 32.87 -6.86
CA ASP F 73 -10.46 32.40 -5.48
C ASP F 73 -10.26 33.52 -4.48
N GLU F 74 -10.16 34.77 -4.95
CA GLU F 74 -10.01 35.90 -4.04
C GLU F 74 -11.29 36.16 -3.25
N VAL F 75 -12.46 35.94 -3.87
CA VAL F 75 -13.73 36.25 -3.24
C VAL F 75 -14.65 35.04 -3.32
N TYR F 76 -15.73 35.10 -2.55
CA TYR F 76 -16.91 34.28 -2.79
C TYR F 76 -17.44 34.58 -4.20
N VAL F 77 -17.81 33.53 -4.93
CA VAL F 77 -18.20 33.76 -6.32
C VAL F 77 -19.67 33.43 -6.56
N GLY F 78 -20.10 33.64 -7.81
CA GLY F 78 -21.48 33.87 -8.16
C GLY F 78 -21.50 35.17 -8.95
N VAL F 79 -20.62 36.09 -8.54
CA VAL F 79 -20.34 37.30 -9.31
C VAL F 79 -19.30 37.06 -10.39
N GLY F 80 -18.43 36.04 -10.22
CA GLY F 80 -17.45 35.72 -11.23
C GLY F 80 -18.07 35.25 -12.53
N ALA F 81 -19.20 34.55 -12.44
CA ALA F 81 -19.99 34.21 -13.62
C ALA F 81 -20.48 35.47 -14.33
N LYS F 82 -20.87 36.49 -13.57
CA LYS F 82 -21.36 37.73 -14.16
C LYS F 82 -20.24 38.48 -14.86
N ARG F 83 -19.01 38.43 -14.33
CA ARG F 83 -17.94 39.09 -15.07
C ARG F 83 -17.48 38.24 -16.24
N ILE F 84 -17.69 36.91 -16.19
CA ILE F 84 -17.41 36.08 -17.36
C ILE F 84 -18.36 36.42 -18.50
N ARG F 85 -19.66 36.54 -18.22
CA ARG F 85 -20.59 36.86 -19.29
C ARG F 85 -20.43 38.32 -19.73
N ASP F 86 -19.94 39.19 -18.83
CA ASP F 86 -19.47 40.50 -19.26
C ASP F 86 -18.30 40.40 -20.22
N LEU F 87 -17.38 39.46 -19.97
CA LEU F 87 -16.17 39.35 -20.77
C LEU F 87 -16.48 38.81 -22.16
N PHE F 88 -17.25 37.72 -22.24
CA PHE F 88 -17.58 37.14 -23.53
C PHE F 88 -18.58 37.98 -24.31
N ALA F 89 -19.49 38.68 -23.62
CA ALA F 89 -20.37 39.61 -24.31
C ALA F 89 -19.58 40.77 -24.92
N GLN F 90 -18.61 41.28 -24.16
CA GLN F 90 -17.71 42.31 -24.69
C GLN F 90 -16.85 41.75 -25.83
N ALA F 91 -16.55 40.46 -25.80
CA ALA F 91 -15.79 39.84 -26.88
C ALA F 91 -16.65 39.68 -28.13
N ARG F 92 -17.95 39.51 -27.96
CA ARG F 92 -18.84 39.50 -29.12
C ARG F 92 -19.14 40.92 -29.61
N SER F 93 -18.88 41.94 -28.79
CA SER F 93 -18.93 43.30 -29.31
C SER F 93 -17.75 43.57 -30.25
N ARG F 94 -16.53 43.20 -29.83
CA ARG F 94 -15.33 43.39 -30.63
C ARG F 94 -14.98 42.04 -31.24
N ALA F 95 -15.55 41.75 -32.41
CA ALA F 95 -15.51 40.42 -33.00
C ALA F 95 -14.12 39.92 -33.45
N PRO F 96 -13.20 40.75 -34.00
CA PRO F 96 -11.83 40.23 -34.16
C PRO F 96 -11.01 40.31 -32.87
N ALA F 97 -11.13 39.32 -31.99
CA ALA F 97 -10.36 39.32 -30.75
C ALA F 97 -10.08 37.88 -30.33
N ILE F 98 -9.17 37.73 -29.36
CA ILE F 98 -8.93 36.44 -28.73
C ILE F 98 -8.88 36.63 -27.22
N ILE F 99 -9.18 35.55 -26.50
CA ILE F 99 -9.48 35.59 -25.09
C ILE F 99 -8.52 34.64 -24.38
N PHE F 100 -7.52 35.19 -23.70
CA PHE F 100 -6.53 34.38 -23.01
C PHE F 100 -6.91 34.24 -21.55
N ILE F 101 -6.85 33.00 -21.04
CA ILE F 101 -7.20 32.69 -19.66
C ILE F 101 -6.00 32.02 -19.00
N ASP F 102 -5.48 32.67 -17.97
CA ASP F 102 -4.29 32.25 -17.25
C ASP F 102 -4.67 31.44 -16.02
N GLN F 103 -3.95 30.34 -15.82
CA GLN F 103 -4.12 29.42 -14.70
C GLN F 103 -5.57 28.93 -14.62
N LEU F 104 -5.91 28.13 -15.63
CA LEU F 104 -7.27 27.62 -15.82
C LEU F 104 -7.68 26.60 -14.76
N ASP F 105 -6.72 26.09 -13.98
CA ASP F 105 -7.01 25.08 -12.97
C ASP F 105 -7.92 25.60 -11.87
N ALA F 106 -7.80 26.89 -11.53
CA ALA F 106 -8.56 27.45 -10.43
C ALA F 106 -10.04 27.62 -10.77
N ILE F 107 -10.35 27.82 -12.06
CA ILE F 107 -11.74 27.84 -12.48
C ILE F 107 -12.33 26.44 -12.43
N GLY F 108 -11.59 25.45 -12.93
CA GLY F 108 -12.10 24.10 -12.91
C GLY F 108 -11.83 23.41 -11.60
N GLY F 109 -11.21 22.24 -11.63
CA GLY F 109 -10.89 21.53 -10.42
C GLY F 109 -11.99 20.56 -9.99
N LYS F 110 -11.60 19.61 -9.15
CA LYS F 110 -12.48 18.54 -8.67
C LYS F 110 -12.52 18.67 -7.14
N ARG F 111 -13.58 19.26 -6.61
CA ARG F 111 -13.60 19.71 -5.22
C ARG F 111 -14.88 19.26 -4.51
N ASN F 112 -14.94 19.59 -3.22
CA ASN F 112 -16.05 19.19 -2.35
C ASN F 112 -17.32 19.97 -2.68
N PRO F 113 -18.49 19.33 -2.53
CA PRO F 113 -19.75 19.93 -3.05
C PRO F 113 -20.16 21.23 -2.38
N LYS F 114 -19.67 21.51 -1.17
CA LYS F 114 -19.91 22.79 -0.51
C LYS F 114 -19.35 23.95 -1.31
N ASP F 115 -18.27 23.72 -2.07
CA ASP F 115 -17.74 24.71 -2.97
C ASP F 115 -17.78 24.28 -4.43
N GLN F 116 -18.02 22.99 -4.71
CA GLN F 116 -18.28 22.55 -6.07
C GLN F 116 -19.67 22.97 -6.54
N ALA F 117 -20.56 23.37 -5.63
CA ALA F 117 -21.86 23.91 -6.05
C ALA F 117 -21.71 25.21 -6.84
N TYR F 118 -21.22 26.26 -6.20
CA TYR F 118 -21.10 27.54 -6.90
C TYR F 118 -19.81 27.65 -7.72
N ALA F 119 -18.77 26.90 -7.34
CA ALA F 119 -17.61 26.76 -8.22
C ALA F 119 -18.01 26.06 -9.51
N LYS F 120 -18.90 25.08 -9.41
CA LYS F 120 -19.49 24.50 -10.60
C LYS F 120 -20.41 25.49 -11.29
N GLN F 121 -20.98 26.46 -10.58
CA GLN F 121 -21.83 27.45 -11.25
C GLN F 121 -21.01 28.38 -12.13
N THR F 122 -19.87 28.87 -11.62
CA THR F 122 -19.00 29.69 -12.47
C THR F 122 -18.36 28.84 -13.58
N LEU F 123 -18.01 27.60 -13.25
CA LEU F 123 -17.40 26.69 -14.21
C LEU F 123 -18.34 26.39 -15.37
N ASN F 124 -19.60 26.02 -15.08
CA ASN F 124 -20.49 25.73 -16.19
C ASN F 124 -21.10 26.99 -16.78
N GLN F 125 -20.92 28.15 -16.12
CA GLN F 125 -21.15 29.39 -16.85
C GLN F 125 -20.13 29.54 -17.97
N LEU F 126 -18.86 29.22 -17.66
CA LEU F 126 -17.85 29.18 -18.71
C LEU F 126 -18.16 28.11 -19.76
N LEU F 127 -18.65 26.95 -19.31
CA LEU F 127 -18.94 25.85 -20.24
C LEU F 127 -20.11 26.19 -21.16
N VAL F 128 -21.15 26.84 -20.63
CA VAL F 128 -22.25 27.27 -21.46
C VAL F 128 -21.79 28.33 -22.44
N GLU F 129 -21.02 29.31 -21.97
CA GLU F 129 -20.72 30.40 -22.89
C GLU F 129 -19.49 30.13 -23.75
N LEU F 130 -18.89 28.93 -23.65
CA LEU F 130 -18.06 28.42 -24.73
C LEU F 130 -18.88 27.85 -25.87
N ASP F 131 -20.18 27.64 -25.65
CA ASP F 131 -21.07 27.09 -26.67
C ASP F 131 -21.99 28.14 -27.26
N GLY F 132 -22.13 29.29 -26.63
CA GLY F 132 -23.07 30.30 -27.06
C GLY F 132 -22.53 31.26 -28.09
N PHE F 133 -21.75 30.75 -29.05
CA PHE F 133 -21.33 31.54 -30.19
C PHE F 133 -21.10 30.62 -31.37
N SER F 134 -21.47 31.09 -32.55
CA SER F 134 -21.09 30.42 -33.78
C SER F 134 -19.59 30.61 -34.01
N GLN F 135 -18.93 29.51 -34.38
CA GLN F 135 -17.50 29.52 -34.66
C GLN F 135 -17.16 30.39 -35.86
N THR F 136 -18.10 30.55 -36.80
CA THR F 136 -17.90 31.33 -38.01
C THR F 136 -17.70 32.80 -37.70
N SER F 137 -16.58 33.37 -38.18
CA SER F 137 -16.24 34.79 -38.05
C SER F 137 -16.19 35.24 -36.60
N GLY F 138 -15.71 34.36 -35.73
CA GLY F 138 -15.79 34.56 -34.30
C GLY F 138 -14.44 34.74 -33.64
N ILE F 139 -14.33 34.14 -32.46
CA ILE F 139 -13.25 34.39 -31.52
C ILE F 139 -12.67 33.05 -31.10
N ILE F 140 -11.37 33.01 -30.85
CA ILE F 140 -10.73 31.77 -30.39
C ILE F 140 -10.26 31.98 -28.95
N ILE F 141 -10.70 31.10 -28.06
CA ILE F 141 -10.30 31.18 -26.66
C ILE F 141 -9.00 30.41 -26.50
N ILE F 142 -8.00 31.07 -25.92
CA ILE F 142 -6.73 30.42 -25.59
C ILE F 142 -6.68 30.24 -24.09
N GLY F 143 -6.48 29.01 -23.64
CA GLY F 143 -6.38 28.71 -22.23
C GLY F 143 -5.00 28.17 -21.92
N ALA F 144 -4.47 28.51 -20.75
CA ALA F 144 -3.11 28.10 -20.41
C ALA F 144 -3.02 27.60 -18.98
N THR F 145 -2.47 26.40 -18.82
CA THR F 145 -2.01 25.93 -17.52
C THR F 145 -0.89 24.94 -17.72
N ASN F 146 -0.03 24.86 -16.71
CA ASN F 146 1.09 23.94 -16.70
C ASN F 146 0.76 22.59 -16.08
N PHE F 147 -0.45 22.45 -15.53
CA PHE F 147 -0.95 21.20 -14.96
C PHE F 147 -2.06 20.67 -15.83
N PRO F 148 -1.78 19.78 -16.79
CA PRO F 148 -2.88 19.16 -17.56
C PRO F 148 -3.71 18.21 -16.74
N GLU F 149 -3.20 17.74 -15.62
CA GLU F 149 -3.93 16.85 -14.73
C GLU F 149 -5.05 17.57 -13.98
N ALA F 150 -4.81 18.81 -13.55
CA ALA F 150 -5.73 19.50 -12.65
C ALA F 150 -6.95 20.07 -13.36
N LEU F 151 -7.01 19.99 -14.70
CA LEU F 151 -8.14 20.57 -15.42
C LEU F 151 -9.38 19.73 -15.25
N ASP F 152 -10.53 20.40 -15.27
CA ASP F 152 -11.81 19.73 -15.19
C ASP F 152 -12.05 18.91 -16.46
N LYS F 153 -12.66 17.73 -16.28
CA LYS F 153 -12.81 16.81 -17.39
C LYS F 153 -13.81 17.26 -18.43
N ALA F 154 -14.99 17.73 -18.01
CA ALA F 154 -16.04 18.14 -18.93
C ALA F 154 -15.66 19.36 -19.76
N LEU F 155 -14.73 20.17 -19.26
CA LEU F 155 -14.24 21.31 -20.02
C LEU F 155 -13.32 20.89 -21.16
N THR F 156 -12.76 19.68 -21.10
CA THR F 156 -11.84 19.20 -22.11
C THR F 156 -12.52 18.35 -23.17
N ARG F 157 -13.85 18.39 -23.24
CA ARG F 157 -14.58 17.53 -24.15
C ARG F 157 -14.51 18.07 -25.58
N PRO F 158 -14.69 17.19 -26.57
CA PRO F 158 -14.91 17.68 -27.94
C PRO F 158 -16.21 18.45 -28.03
N GLY F 159 -16.15 19.59 -28.72
CA GLY F 159 -17.15 20.62 -28.58
C GLY F 159 -16.71 21.76 -27.69
N ARG F 160 -15.51 21.67 -27.15
CA ARG F 160 -14.85 22.61 -26.24
C ARG F 160 -13.37 22.52 -26.57
N PHE F 161 -12.49 22.83 -25.62
CA PHE F 161 -11.04 22.84 -25.85
C PHE F 161 -10.49 21.55 -26.45
N ASP F 162 -10.04 21.62 -27.71
CA ASP F 162 -9.68 20.44 -28.49
C ASP F 162 -8.20 20.33 -28.81
N LYS F 163 -7.62 21.33 -29.48
CA LYS F 163 -6.26 21.20 -29.95
C LYS F 163 -5.32 21.58 -28.82
N VAL F 164 -4.48 20.64 -28.41
CA VAL F 164 -3.57 20.82 -27.29
C VAL F 164 -2.18 20.97 -27.86
N VAL F 165 -1.51 22.07 -27.52
CA VAL F 165 -0.16 22.35 -27.98
C VAL F 165 0.75 22.44 -26.76
N ASN F 166 2.00 22.07 -26.92
CA ASN F 166 2.96 22.03 -25.84
C ASN F 166 4.00 23.12 -26.04
N VAL F 167 4.34 23.81 -24.96
CA VAL F 167 5.38 24.82 -24.94
C VAL F 167 6.46 24.29 -24.00
N ASP F 168 7.53 23.72 -24.55
CA ASP F 168 8.48 23.00 -23.71
C ASP F 168 9.76 23.80 -23.48
N LEU F 169 10.70 23.17 -22.80
CA LEU F 169 11.97 23.80 -22.51
C LEU F 169 12.80 23.92 -23.78
N PRO F 170 13.45 25.06 -24.01
CA PRO F 170 14.10 25.30 -25.31
C PRO F 170 15.37 24.50 -25.48
N ASP F 171 15.86 24.51 -26.72
CA ASP F 171 17.10 23.84 -27.11
C ASP F 171 18.24 24.87 -26.99
N VAL F 172 19.41 24.55 -27.56
CA VAL F 172 20.63 25.32 -27.32
C VAL F 172 20.54 26.69 -27.96
N ARG F 173 20.15 26.74 -29.23
CA ARG F 173 20.02 28.04 -29.90
C ARG F 173 18.83 28.83 -29.38
N GLY F 174 17.83 28.14 -28.82
CA GLY F 174 16.76 28.83 -28.13
C GLY F 174 17.25 29.58 -26.92
N ARG F 175 18.03 28.91 -26.06
CA ARG F 175 18.62 29.57 -24.91
C ARG F 175 19.65 30.61 -25.31
N ALA F 176 20.31 30.44 -26.45
CA ALA F 176 21.22 31.46 -26.95
C ALA F 176 20.45 32.73 -27.31
N ASP F 177 19.27 32.57 -27.91
CA ASP F 177 18.54 33.76 -28.34
C ASP F 177 17.79 34.39 -27.18
N ILE F 178 17.39 33.60 -26.18
CA ILE F 178 16.80 34.17 -24.97
C ILE F 178 17.84 34.97 -24.21
N LEU F 179 19.03 34.38 -24.03
CA LEU F 179 20.12 35.07 -23.38
C LEU F 179 20.54 36.32 -24.13
N LYS F 180 20.52 36.30 -25.47
CA LYS F 180 20.83 37.52 -26.21
C LYS F 180 19.75 38.57 -26.02
N HIS F 181 18.47 38.15 -26.01
CA HIS F 181 17.38 39.10 -25.82
C HIS F 181 17.43 39.76 -24.45
N HIS F 182 17.91 39.06 -23.43
CA HIS F 182 18.14 39.74 -22.17
C HIS F 182 19.47 40.47 -22.10
N MET F 183 20.43 40.13 -22.94
CA MET F 183 21.64 40.93 -23.06
C MET F 183 21.40 42.25 -23.75
N LYS F 184 20.27 42.43 -24.44
CA LYS F 184 19.97 43.68 -25.15
C LYS F 184 19.58 44.83 -24.23
N LYS F 185 19.78 44.73 -22.92
CA LYS F 185 19.37 45.78 -22.00
C LYS F 185 20.50 46.24 -21.09
N ILE F 186 21.54 45.44 -20.89
CA ILE F 186 22.62 45.81 -19.98
C ILE F 186 23.87 46.17 -20.79
N THR F 187 24.91 46.66 -20.10
CA THR F 187 26.13 47.13 -20.73
C THR F 187 27.13 45.98 -20.82
N LEU F 188 27.32 45.46 -22.04
CA LEU F 188 28.27 44.38 -22.25
C LEU F 188 29.67 44.93 -22.45
N ALA F 189 30.65 44.02 -22.53
CA ALA F 189 32.06 44.38 -22.46
C ALA F 189 32.82 44.13 -23.74
N ASP F 190 32.81 42.90 -24.25
CA ASP F 190 33.70 42.48 -25.32
C ASP F 190 32.96 41.45 -26.15
N ASN F 191 33.70 40.57 -26.82
CA ASN F 191 33.09 39.43 -27.52
C ASN F 191 32.57 38.48 -26.45
N VAL F 192 31.34 38.77 -26.00
CA VAL F 192 30.67 37.98 -24.98
C VAL F 192 29.88 36.91 -25.72
N ASP F 193 30.42 35.71 -25.78
CA ASP F 193 29.79 34.61 -26.49
C ASP F 193 28.57 34.13 -25.71
N PRO F 194 27.35 34.25 -26.25
CA PRO F 194 26.19 33.71 -25.54
C PRO F 194 26.06 32.21 -25.71
N THR F 195 26.73 31.62 -26.70
CA THR F 195 26.58 30.20 -26.98
C THR F 195 27.52 29.34 -26.15
N ILE F 196 28.49 29.93 -25.45
CA ILE F 196 29.34 29.14 -24.58
C ILE F 196 28.70 28.97 -23.21
N ILE F 197 27.72 29.82 -22.88
CA ILE F 197 26.96 29.60 -21.66
C ILE F 197 25.54 29.18 -21.99
N ALA F 198 25.16 29.24 -23.26
CA ALA F 198 23.86 28.71 -23.66
C ALA F 198 23.85 27.21 -23.52
N ARG F 199 24.75 26.53 -24.21
CA ARG F 199 25.11 25.19 -23.76
C ARG F 199 25.91 25.37 -22.48
N GLY F 200 25.68 24.53 -21.49
CA GLY F 200 26.26 24.78 -20.18
C GLY F 200 25.18 24.90 -19.12
N THR F 201 23.98 25.26 -19.55
CA THR F 201 22.76 25.16 -18.74
C THR F 201 21.80 24.21 -19.44
N PRO F 202 21.99 22.90 -19.30
CA PRO F 202 21.16 21.96 -20.05
C PRO F 202 19.77 21.81 -19.43
N GLY F 203 18.76 22.20 -20.20
CA GLY F 203 17.38 22.03 -19.76
C GLY F 203 16.98 22.92 -18.62
N LEU F 204 17.05 24.23 -18.80
CA LEU F 204 16.55 25.19 -17.82
C LEU F 204 15.75 26.27 -18.53
N SER F 205 14.91 26.95 -17.77
CA SER F 205 13.83 27.77 -18.34
C SER F 205 14.35 29.12 -18.82
N GLY F 206 13.44 30.03 -19.13
CA GLY F 206 13.81 31.36 -19.61
C GLY F 206 13.89 32.39 -18.51
N ALA F 207 12.97 32.30 -17.54
CA ALA F 207 12.97 33.23 -16.43
C ALA F 207 14.19 33.06 -15.54
N GLU F 208 14.72 31.84 -15.44
CA GLU F 208 15.98 31.66 -14.72
C GLU F 208 17.15 32.24 -15.50
N LEU F 209 17.05 32.31 -16.83
CA LEU F 209 18.07 33.01 -17.60
C LEU F 209 17.98 34.51 -17.39
N ALA F 210 16.77 35.03 -17.16
CA ALA F 210 16.66 36.41 -16.71
C ALA F 210 17.26 36.60 -15.32
N ASN F 211 17.18 35.58 -14.46
CA ASN F 211 17.90 35.67 -13.20
C ASN F 211 19.41 35.57 -13.39
N LEU F 212 19.87 34.88 -14.43
CA LEU F 212 21.30 34.75 -14.65
C LEU F 212 21.89 36.08 -15.12
N VAL F 213 21.26 36.67 -16.13
CA VAL F 213 21.70 37.96 -16.64
C VAL F 213 21.52 39.04 -15.58
N ASN F 214 20.44 38.97 -14.82
CA ASN F 214 20.15 40.02 -13.86
C ASN F 214 21.10 39.97 -12.67
N GLN F 215 21.30 38.79 -12.09
CA GLN F 215 22.23 38.67 -10.97
C GLN F 215 23.68 38.86 -11.39
N ALA F 216 24.01 38.51 -12.64
CA ALA F 216 25.37 38.77 -13.12
C ALA F 216 25.61 40.26 -13.31
N ALA F 217 24.61 41.00 -13.78
CA ALA F 217 24.76 42.44 -13.91
C ALA F 217 24.82 43.13 -12.55
N VAL F 218 24.11 42.59 -11.56
CA VAL F 218 24.27 43.09 -10.19
C VAL F 218 25.69 42.86 -9.70
N TYR F 219 26.22 41.64 -9.90
CA TYR F 219 27.55 41.30 -9.39
C TYR F 219 28.64 42.09 -10.07
N ALA F 220 28.50 42.39 -11.36
CA ALA F 220 29.46 43.29 -12.00
C ALA F 220 29.27 44.71 -11.50
N CYS F 221 28.03 45.08 -11.15
CA CYS F 221 27.78 46.45 -10.78
C CYS F 221 28.25 46.78 -9.37
N GLN F 222 28.42 45.80 -8.48
CA GLN F 222 28.93 46.19 -7.16
C GLN F 222 30.45 46.21 -7.12
N LYS F 223 31.13 45.64 -8.11
CA LYS F 223 32.57 45.68 -8.13
C LYS F 223 33.13 47.00 -8.65
N ASN F 224 32.25 47.92 -9.07
CA ASN F 224 32.61 49.19 -9.71
C ASN F 224 33.47 48.96 -10.95
N ALA F 225 33.12 47.93 -11.71
CA ALA F 225 33.84 47.63 -12.94
C ALA F 225 33.21 48.39 -14.10
N VAL F 226 33.82 48.26 -15.27
CA VAL F 226 33.39 49.03 -16.44
C VAL F 226 32.12 48.43 -17.02
N SER F 227 32.16 47.15 -17.36
CA SER F 227 31.06 46.49 -18.03
C SER F 227 30.98 45.06 -17.53
N VAL F 228 30.24 44.22 -18.25
CA VAL F 228 29.96 42.85 -17.84
C VAL F 228 30.65 41.91 -18.82
N ASP F 229 31.74 41.29 -18.39
CA ASP F 229 32.50 40.39 -19.24
C ASP F 229 32.00 38.96 -19.07
N MET F 230 32.80 38.00 -19.57
CA MET F 230 32.42 36.59 -19.47
C MET F 230 32.52 36.07 -18.04
N SER F 231 33.40 36.67 -17.23
CA SER F 231 33.63 36.18 -15.87
C SER F 231 32.40 36.38 -14.98
N HIS F 232 31.65 37.45 -15.22
CA HIS F 232 30.44 37.67 -14.43
C HIS F 232 29.34 36.69 -14.80
N PHE F 233 29.16 36.46 -16.10
CA PHE F 233 28.16 35.51 -16.58
C PHE F 233 28.46 34.09 -16.13
N GLU F 234 29.71 33.66 -16.20
CA GLU F 234 30.01 32.31 -15.72
C GLU F 234 30.04 32.26 -14.19
N TRP F 235 30.24 33.42 -13.54
CA TRP F 235 30.11 33.45 -12.09
C TRP F 235 28.67 33.18 -11.65
N ALA F 236 27.72 33.95 -12.20
CA ALA F 236 26.33 33.77 -11.82
C ALA F 236 25.77 32.45 -12.34
N LYS F 237 26.32 31.95 -13.45
CA LYS F 237 25.97 30.60 -13.90
C LYS F 237 26.41 29.56 -12.88
N ASP F 238 27.65 29.68 -12.40
CA ASP F 238 28.13 28.73 -11.41
C ASP F 238 27.56 28.98 -10.01
N LYS F 239 26.82 30.07 -9.82
CA LYS F 239 26.02 30.18 -8.60
C LYS F 239 24.67 29.50 -8.74
N ILE F 240 23.94 29.80 -9.82
CA ILE F 240 22.59 29.27 -9.97
C ILE F 240 22.63 27.76 -10.26
N LEU F 241 23.69 27.27 -10.90
CA LEU F 241 23.74 25.86 -11.26
C LEU F 241 24.06 25.00 -10.04
N MET F 242 25.21 25.22 -9.40
CA MET F 242 25.63 24.41 -8.26
C MET F 242 25.35 25.08 -6.92
N GLY F 243 25.94 26.24 -6.68
CA GLY F 243 25.79 26.88 -5.39
C GLY F 243 26.86 27.94 -5.18
N ALA F 244 26.81 28.53 -3.99
CA ALA F 244 27.63 29.68 -3.66
C ALA F 244 29.09 29.29 -3.46
N GLU F 245 29.90 30.29 -3.10
CA GLU F 245 31.33 30.11 -2.95
C GLU F 245 31.72 30.28 -1.49
N ARG F 246 32.53 29.35 -0.98
CA ARG F 246 32.97 29.41 0.41
C ARG F 246 34.36 30.04 0.46
N LYS F 247 34.40 31.33 0.82
CA LYS F 247 35.67 32.01 1.01
C LYS F 247 36.22 31.83 2.42
N THR F 248 35.52 31.09 3.28
CA THR F 248 35.88 30.96 4.68
C THR F 248 36.43 29.59 5.02
N MET F 249 36.76 28.77 4.04
CA MET F 249 37.23 27.42 4.30
C MET F 249 38.73 27.39 4.51
N VAL F 250 39.16 26.90 5.67
CA VAL F 250 40.56 26.70 5.99
C VAL F 250 40.83 25.21 5.96
N LEU F 251 41.70 24.78 5.05
CA LEU F 251 41.93 23.37 4.78
C LEU F 251 43.42 23.11 4.60
N THR F 252 43.82 21.88 4.84
CA THR F 252 45.23 21.50 4.90
C THR F 252 45.80 21.43 3.48
N ASP F 253 47.06 21.03 3.36
CA ASP F 253 47.67 20.88 2.04
C ASP F 253 47.59 19.46 1.52
N ALA F 254 47.50 18.47 2.41
CA ALA F 254 47.26 17.10 1.98
C ALA F 254 45.89 16.95 1.32
N ALA F 255 44.89 17.66 1.83
CA ALA F 255 43.57 17.62 1.22
C ALA F 255 43.56 18.32 -0.13
N ARG F 256 44.25 19.47 -0.23
CA ARG F 256 44.33 20.18 -1.50
C ARG F 256 45.08 19.40 -2.55
N LYS F 257 46.12 18.67 -2.16
CA LYS F 257 46.80 17.87 -3.17
C LYS F 257 46.02 16.60 -3.49
N ALA F 258 45.23 16.10 -2.54
CA ALA F 258 44.42 14.92 -2.82
C ALA F 258 43.31 15.23 -3.82
N THR F 259 42.55 16.30 -3.58
CA THR F 259 41.57 16.72 -4.56
C THR F 259 42.21 17.24 -5.84
N ALA F 260 43.45 17.72 -5.77
CA ALA F 260 44.17 18.06 -6.99
C ALA F 260 44.43 16.84 -7.84
N PHE F 261 44.79 15.70 -7.23
CA PHE F 261 44.96 14.49 -8.03
C PHE F 261 43.62 13.91 -8.48
N HIS F 262 42.53 14.17 -7.75
CA HIS F 262 41.22 13.73 -8.21
C HIS F 262 40.81 14.47 -9.47
N GLU F 263 40.84 15.80 -9.43
CA GLU F 263 40.45 16.60 -10.59
C GLU F 263 41.45 16.46 -11.73
N ALA F 264 42.73 16.22 -11.43
CA ALA F 264 43.69 15.96 -12.48
C ALA F 264 43.45 14.61 -13.14
N GLY F 265 42.94 13.63 -12.40
CA GLY F 265 42.59 12.36 -13.00
C GLY F 265 41.41 12.48 -13.94
N HIS F 266 40.32 13.12 -13.47
CA HIS F 266 39.16 13.35 -14.35
C HIS F 266 39.52 14.21 -15.56
N ALA F 267 40.41 15.20 -15.37
CA ALA F 267 40.73 16.10 -16.48
C ALA F 267 41.59 15.42 -17.52
N ILE F 268 42.57 14.61 -17.09
CA ILE F 268 43.42 13.93 -18.05
C ILE F 268 42.66 12.87 -18.82
N MET F 269 42.01 11.93 -18.14
CA MET F 269 41.44 10.89 -18.97
C MET F 269 40.05 11.27 -19.45
N ALA F 270 39.57 12.45 -19.08
CA ALA F 270 38.54 13.09 -19.87
C ALA F 270 39.11 13.75 -21.11
N LYS F 271 40.40 14.07 -21.09
CA LYS F 271 41.01 14.79 -22.21
C LYS F 271 41.52 13.85 -23.30
N TYR F 272 42.13 12.73 -22.91
CA TYR F 272 42.85 11.91 -23.87
C TYR F 272 42.06 10.70 -24.35
N THR F 273 40.77 10.61 -24.03
CA THR F 273 40.03 9.38 -24.29
C THR F 273 39.21 9.53 -25.56
N ASN F 274 39.22 8.48 -26.39
CA ASN F 274 38.62 8.50 -27.72
C ASN F 274 37.10 8.58 -27.62
N GLY F 275 36.54 9.74 -27.93
CA GLY F 275 35.11 9.89 -28.05
C GLY F 275 34.45 10.77 -27.02
N ALA F 276 35.17 11.23 -26.00
CA ALA F 276 34.56 11.93 -24.89
C ALA F 276 34.09 13.33 -25.30
N THR F 277 33.16 13.86 -24.51
CA THR F 277 32.86 15.28 -24.56
C THR F 277 34.11 16.07 -24.20
N PRO F 278 34.47 17.09 -24.98
CA PRO F 278 35.73 17.81 -24.75
C PRO F 278 35.75 18.56 -23.43
N LEU F 279 36.97 18.89 -23.02
CA LEU F 279 37.27 19.37 -21.70
C LEU F 279 36.97 20.87 -21.58
N TYR F 280 36.75 21.34 -20.37
CA TYR F 280 36.47 22.74 -20.12
C TYR F 280 37.05 23.07 -18.74
N LYS F 281 36.57 24.17 -18.15
CA LYS F 281 37.06 24.73 -16.90
C LYS F 281 37.00 23.73 -15.74
N ALA F 282 38.18 23.34 -15.28
CA ALA F 282 38.35 22.50 -14.10
C ALA F 282 38.80 23.37 -12.94
N THR F 283 38.40 22.98 -11.73
CA THR F 283 38.72 23.78 -10.55
C THR F 283 38.83 22.86 -9.35
N ILE F 284 39.26 23.43 -8.22
CA ILE F 284 39.21 22.73 -6.94
C ILE F 284 38.53 23.61 -5.92
N LEU F 285 37.79 24.62 -6.37
CA LEU F 285 37.01 25.44 -5.46
C LEU F 285 35.86 24.64 -4.85
N PRO F 286 35.61 24.78 -3.55
CA PRO F 286 34.38 24.24 -2.98
C PRO F 286 33.19 25.11 -3.36
N ARG F 287 32.64 24.84 -4.55
CA ARG F 287 31.55 25.65 -5.10
C ARG F 287 30.22 25.25 -4.48
N GLY F 288 30.10 25.35 -3.17
CA GLY F 288 28.82 25.03 -2.57
C GLY F 288 28.74 23.54 -2.29
N ARG F 289 28.11 22.83 -3.24
CA ARG F 289 27.92 21.39 -3.14
C ARG F 289 29.24 20.63 -3.09
N ALA F 290 30.00 20.68 -4.17
CA ALA F 290 31.12 19.77 -4.34
C ALA F 290 32.44 20.41 -3.94
N LEU F 291 33.50 19.61 -3.98
CA LEU F 291 34.86 20.06 -3.71
C LEU F 291 35.71 19.68 -4.92
N GLY F 292 35.75 20.56 -5.90
CA GLY F 292 36.45 20.27 -7.13
C GLY F 292 35.53 19.74 -8.20
N ILE F 293 35.42 20.45 -9.32
CA ILE F 293 34.51 20.09 -10.40
C ILE F 293 35.29 20.17 -11.70
N THR F 294 35.06 19.19 -12.58
CA THR F 294 35.43 19.31 -13.99
C THR F 294 34.18 19.63 -14.79
N PHE F 295 34.27 20.64 -15.64
CA PHE F 295 33.18 21.00 -16.54
C PHE F 295 33.43 20.39 -17.91
N GLN F 296 32.35 20.04 -18.60
CA GLN F 296 32.42 19.51 -19.95
C GLN F 296 31.28 20.13 -20.77
N LEU F 297 31.57 20.53 -22.00
CA LEU F 297 30.61 21.22 -22.84
C LEU F 297 30.34 20.46 -24.13
N PRO F 298 29.22 19.74 -24.23
CA PRO F 298 28.86 19.11 -25.50
C PRO F 298 27.95 19.99 -26.32
N GLU F 299 27.82 19.71 -27.63
CA GLU F 299 26.69 20.25 -28.39
C GLU F 299 26.30 19.30 -29.51
N MET F 300 25.42 18.35 -29.21
CA MET F 300 24.70 17.45 -30.11
C MET F 300 23.36 17.12 -29.44
N ASP F 301 22.69 16.09 -29.93
CA ASP F 301 21.56 15.49 -29.22
C ASP F 301 22.11 14.32 -28.40
N LYS F 302 21.32 13.88 -27.42
CA LYS F 302 21.70 12.67 -26.68
C LYS F 302 21.33 11.42 -27.48
N VAL F 303 20.57 11.57 -28.57
CA VAL F 303 20.31 10.46 -29.48
C VAL F 303 21.59 10.09 -30.22
N ASP F 304 22.51 11.04 -30.36
CA ASP F 304 23.81 10.74 -30.98
C ASP F 304 24.79 10.13 -29.97
N ILE F 305 24.32 9.65 -28.81
CA ILE F 305 25.20 8.86 -27.97
C ILE F 305 25.38 7.50 -28.65
N THR F 306 26.52 6.86 -28.39
CA THR F 306 26.89 5.67 -29.15
C THR F 306 27.50 4.72 -28.14
N LYS F 307 28.18 3.66 -28.62
CA LYS F 307 28.91 2.82 -27.69
C LYS F 307 30.25 3.44 -27.34
N ARG F 308 30.80 4.24 -28.27
CA ARG F 308 32.09 4.86 -28.03
C ARG F 308 31.99 6.01 -27.04
N GLU F 309 30.90 6.77 -27.08
CA GLU F 309 30.69 7.80 -26.08
C GLU F 309 30.29 7.24 -24.73
N CYS F 310 29.56 6.13 -24.70
CA CYS F 310 29.19 5.52 -23.43
C CYS F 310 30.42 4.94 -22.72
N GLN F 311 31.25 4.19 -23.46
CA GLN F 311 32.51 3.76 -22.85
C GLN F 311 33.45 4.92 -22.56
N ALA F 312 33.32 6.03 -23.29
CA ALA F 312 34.10 7.21 -22.98
C ALA F 312 33.72 7.79 -21.63
N ARG F 313 32.41 7.93 -21.35
CA ARG F 313 32.05 8.52 -20.06
C ARG F 313 32.20 7.53 -18.92
N LEU F 314 32.18 6.22 -19.21
CA LEU F 314 32.59 5.27 -18.19
C LEU F 314 34.08 5.38 -17.89
N ASP F 315 34.88 5.78 -18.87
CA ASP F 315 36.29 5.99 -18.56
C ASP F 315 36.51 7.34 -17.87
N VAL F 316 35.63 8.31 -18.11
CA VAL F 316 35.71 9.57 -17.38
C VAL F 316 35.38 9.35 -15.91
N CYS F 317 34.44 8.45 -15.62
CA CYS F 317 34.07 8.24 -14.21
C CYS F 317 35.01 7.31 -13.44
N MET F 318 36.23 7.03 -13.91
CA MET F 318 37.17 6.23 -13.13
C MET F 318 38.49 6.92 -12.90
N GLY F 319 38.65 8.15 -13.38
CA GLY F 319 39.92 8.85 -13.23
C GLY F 319 40.22 9.24 -11.81
N GLY F 320 39.19 9.47 -11.01
CA GLY F 320 39.43 9.86 -9.63
C GLY F 320 39.88 8.69 -8.77
N LYS F 321 39.17 7.58 -8.87
CA LYS F 321 39.51 6.38 -8.11
C LYS F 321 40.84 5.81 -8.55
N ILE F 322 41.10 5.80 -9.86
CA ILE F 322 42.37 5.26 -10.35
C ILE F 322 43.53 6.23 -10.09
N ALA F 323 43.28 7.54 -10.13
CA ALA F 323 44.33 8.50 -9.78
C ALA F 323 44.74 8.36 -8.32
N GLU F 324 43.75 8.31 -7.42
CA GLU F 324 44.06 8.13 -6.00
C GLU F 324 44.62 6.75 -5.69
N GLU F 325 44.36 5.74 -6.53
CA GLU F 325 45.06 4.48 -6.33
C GLU F 325 46.52 4.58 -6.74
N LEU F 326 46.79 5.13 -7.92
CA LEU F 326 48.15 5.09 -8.45
C LEU F 326 49.08 6.04 -7.74
N ILE F 327 48.58 7.09 -7.11
CA ILE F 327 49.50 7.96 -6.40
C ILE F 327 49.67 7.48 -4.96
N TYR F 328 48.59 7.46 -4.20
CA TYR F 328 48.64 7.27 -2.75
C TYR F 328 48.60 5.81 -2.33
N GLY F 329 48.95 4.88 -3.20
CA GLY F 329 48.85 3.48 -2.86
C GLY F 329 47.41 2.98 -2.89
N LYS F 330 47.23 1.74 -2.43
CA LYS F 330 45.91 1.13 -2.53
C LYS F 330 45.02 1.41 -1.33
N ASP F 331 45.58 1.33 -0.11
CA ASP F 331 44.80 1.43 1.10
C ASP F 331 44.52 2.86 1.53
N ASN F 332 44.57 3.82 0.61
CA ASN F 332 44.31 5.20 0.96
C ASN F 332 43.27 5.82 0.04
N THR F 333 42.45 5.01 -0.61
CA THR F 333 41.36 5.52 -1.42
C THR F 333 40.26 6.09 -0.54
N THR F 334 39.73 7.24 -0.93
CA THR F 334 38.73 7.93 -0.14
C THR F 334 37.35 7.37 -0.45
N SER F 335 36.32 8.07 0.00
CA SER F 335 34.95 7.64 -0.19
C SER F 335 34.17 8.48 -1.19
N GLY F 336 34.58 9.74 -1.40
CA GLY F 336 33.88 10.60 -2.34
C GLY F 336 33.91 10.11 -3.76
N CYS F 337 34.96 9.35 -4.12
CA CYS F 337 35.04 8.69 -5.42
C CYS F 337 33.88 7.74 -5.66
N GLY F 338 33.35 7.16 -4.58
CA GLY F 338 32.18 6.30 -4.69
C GLY F 338 30.96 7.01 -5.24
N SER F 339 30.84 8.31 -4.98
CA SER F 339 29.76 9.10 -5.59
C SER F 339 29.84 9.07 -7.10
N ASP F 340 31.07 9.21 -7.65
CA ASP F 340 31.28 9.13 -9.09
C ASP F 340 30.83 7.78 -9.63
N LEU F 341 30.98 6.73 -8.81
CA LEU F 341 30.62 5.38 -9.22
C LEU F 341 29.17 5.25 -9.60
N GLN F 342 28.27 6.00 -8.95
CA GLN F 342 26.85 5.78 -9.23
C GLN F 342 26.52 6.27 -10.63
N SER F 343 27.20 7.34 -11.10
CA SER F 343 26.98 7.80 -12.46
C SER F 343 27.43 6.74 -13.44
N ALA F 344 28.57 6.10 -13.15
CA ALA F 344 29.08 5.03 -13.99
C ALA F 344 28.08 3.90 -14.08
N THR F 345 27.48 3.53 -12.93
CA THR F 345 26.58 2.39 -12.90
C THR F 345 25.35 2.67 -13.73
N GLY F 346 24.88 3.92 -13.70
CA GLY F 346 23.71 4.29 -14.48
C GLY F 346 23.93 4.08 -15.95
N THR F 347 25.08 4.56 -16.44
CA THR F 347 25.40 4.44 -17.85
C THR F 347 25.59 2.99 -18.23
N ALA F 348 26.16 2.20 -17.30
CA ALA F 348 26.44 0.81 -17.60
C ALA F 348 25.16 0.03 -17.78
N ARG F 349 24.11 0.36 -17.02
CA ARG F 349 22.89 -0.42 -17.17
C ARG F 349 22.19 -0.06 -18.46
N ALA F 350 22.34 1.19 -18.91
CA ALA F 350 21.77 1.56 -20.19
C ALA F 350 22.51 0.88 -21.33
N MET F 351 23.75 0.45 -21.11
CA MET F 351 24.41 -0.26 -22.18
C MET F 351 24.00 -1.72 -22.27
N VAL F 352 23.25 -2.24 -21.30
CA VAL F 352 22.89 -3.65 -21.27
C VAL F 352 21.38 -3.85 -21.30
N THR F 353 20.65 -3.09 -20.49
CA THR F 353 19.23 -3.34 -20.32
C THR F 353 18.35 -2.45 -21.15
N GLN F 354 18.89 -1.65 -22.07
CA GLN F 354 18.01 -0.95 -22.99
C GLN F 354 18.47 -1.05 -24.43
N TYR F 355 19.76 -1.19 -24.66
CA TYR F 355 20.30 -1.08 -25.99
C TYR F 355 20.78 -2.47 -26.41
N GLY F 356 21.41 -2.55 -27.57
CA GLY F 356 21.92 -3.84 -27.99
C GLY F 356 23.41 -3.95 -27.82
N MET F 357 23.96 -3.27 -26.82
CA MET F 357 25.39 -3.14 -26.69
C MET F 357 26.03 -4.25 -25.87
N SER F 358 25.37 -5.39 -25.73
CA SER F 358 25.95 -6.53 -25.04
C SER F 358 25.58 -7.80 -25.78
N ASP F 359 26.60 -8.53 -26.24
CA ASP F 359 26.40 -9.71 -27.08
C ASP F 359 26.04 -10.96 -26.29
N ASP F 360 25.96 -10.88 -24.97
CA ASP F 360 25.63 -12.05 -24.17
C ASP F 360 24.18 -12.04 -23.71
N VAL F 361 23.59 -10.86 -23.53
CA VAL F 361 22.16 -10.79 -23.25
C VAL F 361 21.36 -11.04 -24.51
N GLY F 362 21.58 -10.23 -25.54
CA GLY F 362 20.80 -10.28 -26.75
C GLY F 362 20.11 -8.95 -26.94
N PRO F 363 19.61 -8.68 -28.13
CA PRO F 363 18.95 -7.39 -28.36
C PRO F 363 17.55 -7.34 -27.77
N VAL F 364 17.40 -6.70 -26.62
CA VAL F 364 16.12 -6.64 -25.90
C VAL F 364 16.01 -5.33 -25.16
N ASN F 365 14.78 -4.99 -24.79
CA ASN F 365 14.50 -3.93 -23.83
C ASN F 365 14.13 -4.62 -22.53
N LEU F 366 15.11 -4.82 -21.66
CA LEU F 366 14.87 -5.36 -20.33
C LEU F 366 14.43 -4.31 -19.33
N SER F 367 14.13 -3.09 -19.76
CA SER F 367 14.02 -2.02 -18.78
C SER F 367 12.57 -1.71 -18.43
N GLU F 368 11.64 -1.90 -19.35
CA GLU F 368 10.30 -1.40 -19.10
C GLU F 368 9.48 -2.35 -18.24
N GLU F 369 9.81 -3.64 -18.25
CA GLU F 369 9.24 -4.58 -17.30
C GLU F 369 10.38 -5.41 -16.72
N TRP F 370 11.05 -4.85 -15.70
CA TRP F 370 12.21 -5.54 -15.14
C TRP F 370 11.79 -6.68 -14.22
N GLU F 371 10.66 -6.52 -13.53
CA GLU F 371 10.25 -7.55 -12.57
C GLU F 371 9.67 -8.77 -13.27
N SER F 372 9.31 -8.64 -14.55
CA SER F 372 8.65 -9.74 -15.24
C SER F 372 9.64 -10.85 -15.58
N TRP F 373 10.90 -10.49 -15.84
CA TRP F 373 11.87 -11.46 -16.30
C TRP F 373 12.34 -12.33 -15.13
N SER F 374 12.85 -13.50 -15.45
CA SER F 374 13.25 -14.42 -14.39
C SER F 374 14.68 -14.14 -13.97
N ASN F 375 15.23 -15.06 -13.17
CA ASN F 375 16.47 -14.76 -12.49
C ASN F 375 17.69 -15.02 -13.37
N LYS F 376 17.57 -15.92 -14.35
CA LYS F 376 18.74 -16.28 -15.14
C LYS F 376 19.14 -15.14 -16.08
N ILE F 377 18.17 -14.49 -16.70
CA ILE F 377 18.46 -13.35 -17.54
C ILE F 377 18.96 -12.16 -16.73
N ARG F 378 18.45 -11.96 -15.52
CA ARG F 378 19.00 -10.90 -14.67
C ARG F 378 20.40 -11.22 -14.20
N ASP F 379 20.75 -12.51 -14.07
CA ASP F 379 22.14 -12.86 -13.74
C ASP F 379 23.07 -12.56 -14.89
N ILE F 380 22.65 -12.86 -16.12
CA ILE F 380 23.49 -12.59 -17.27
C ILE F 380 23.61 -11.09 -17.50
N ALA F 381 22.51 -10.35 -17.33
CA ALA F 381 22.52 -8.91 -17.52
C ALA F 381 23.38 -8.20 -16.48
N ASP F 382 23.16 -8.52 -15.20
CA ASP F 382 23.94 -7.89 -14.14
C ASP F 382 25.41 -8.29 -14.19
N ASN F 383 25.68 -9.50 -14.66
CA ASN F 383 27.07 -9.93 -14.81
C ASN F 383 27.75 -9.12 -15.90
N GLU F 384 27.05 -8.87 -17.01
CA GLU F 384 27.63 -8.04 -18.08
C GLU F 384 27.85 -6.61 -17.63
N VAL F 385 27.01 -6.10 -16.73
CA VAL F 385 27.25 -4.77 -16.17
C VAL F 385 28.52 -4.77 -15.31
N ILE F 386 28.73 -5.84 -14.55
CA ILE F 386 29.92 -5.93 -13.69
C ILE F 386 31.20 -5.98 -14.52
N GLU F 387 31.25 -6.86 -15.54
CA GLU F 387 32.48 -6.89 -16.34
C GLU F 387 32.64 -5.65 -17.21
N LEU F 388 31.54 -4.94 -17.47
CA LEU F 388 31.66 -3.66 -18.17
C LEU F 388 32.39 -2.63 -17.31
N LEU F 389 32.02 -2.52 -16.01
CA LEU F 389 32.72 -1.57 -15.16
C LEU F 389 34.14 -2.01 -14.82
N LYS F 390 34.39 -3.32 -14.70
CA LYS F 390 35.76 -3.79 -14.47
C LYS F 390 36.65 -3.48 -15.66
N ASP F 391 36.14 -3.67 -16.88
CA ASP F 391 36.94 -3.35 -18.06
C ASP F 391 37.18 -1.84 -18.17
N SER F 392 36.21 -1.05 -17.71
CA SER F 392 36.40 0.40 -17.69
C SER F 392 37.52 0.80 -16.74
N GLU F 393 37.59 0.20 -15.54
CA GLU F 393 38.66 0.61 -14.63
C GLU F 393 40.00 0.04 -15.06
N GLU F 394 40.00 -1.03 -15.85
CA GLU F 394 41.28 -1.53 -16.36
C GLU F 394 41.86 -0.59 -17.41
N ARG F 395 41.01 -0.11 -18.33
CA ARG F 395 41.46 0.87 -19.32
C ARG F 395 41.89 2.17 -18.65
N ALA F 396 41.17 2.59 -17.60
CA ALA F 396 41.58 3.77 -16.85
C ALA F 396 42.91 3.56 -16.13
N ARG F 397 43.17 2.34 -15.68
CA ARG F 397 44.43 2.04 -15.02
C ARG F 397 45.61 2.17 -15.96
N ARG F 398 45.47 1.66 -17.20
CA ARG F 398 46.63 1.75 -18.08
C ARG F 398 46.79 3.14 -18.67
N LEU F 399 45.70 3.83 -18.98
CA LEU F 399 45.87 5.15 -19.59
C LEU F 399 46.26 6.19 -18.54
N LEU F 400 46.06 5.91 -17.26
CA LEU F 400 46.74 6.76 -16.29
C LEU F 400 48.07 6.18 -15.79
N THR F 401 48.45 4.98 -16.20
CA THR F 401 49.78 4.54 -15.82
C THR F 401 50.81 4.96 -16.86
N LYS F 402 50.36 5.36 -18.05
CA LYS F 402 51.33 5.85 -19.03
C LYS F 402 51.27 7.36 -19.25
N LYS F 403 50.53 8.10 -18.43
CA LYS F 403 50.48 9.56 -18.54
C LYS F 403 50.77 10.20 -17.19
N ASN F 404 51.77 9.69 -16.48
CA ASN F 404 52.00 10.14 -15.10
C ASN F 404 52.56 11.56 -15.05
N VAL F 405 53.29 11.96 -16.10
CA VAL F 405 53.99 13.23 -16.10
C VAL F 405 52.99 14.38 -16.15
N GLU F 406 52.00 14.27 -17.03
CA GLU F 406 50.92 15.25 -17.08
C GLU F 406 50.06 15.20 -15.82
N LEU F 407 50.05 14.08 -15.11
CA LEU F 407 49.29 13.99 -13.88
C LEU F 407 49.95 14.82 -12.78
N HIS F 408 51.28 14.79 -12.71
CA HIS F 408 51.92 15.62 -11.70
C HIS F 408 51.96 17.09 -12.12
N ARG F 409 52.13 17.36 -13.43
CA ARG F 409 52.15 18.75 -13.89
C ARG F 409 50.79 19.41 -13.71
N LEU F 410 49.73 18.74 -14.16
CA LEU F 410 48.37 19.26 -13.98
C LEU F 410 47.97 19.27 -12.51
N ALA F 411 48.53 18.34 -11.72
CA ALA F 411 48.22 18.30 -10.30
C ALA F 411 48.75 19.54 -9.58
N GLN F 412 50.06 19.78 -9.65
CA GLN F 412 50.60 20.94 -8.94
C GLN F 412 50.25 22.24 -9.65
N GLY F 413 49.88 22.16 -10.93
CA GLY F 413 49.28 23.31 -11.57
C GLY F 413 47.93 23.68 -10.98
N LEU F 414 47.12 22.68 -10.63
CA LEU F 414 45.87 22.96 -9.94
C LEU F 414 46.10 23.37 -8.50
N ILE F 415 47.23 22.98 -7.90
CA ILE F 415 47.53 23.47 -6.56
C ILE F 415 47.91 24.95 -6.62
N GLU F 416 48.67 25.34 -7.64
CA GLU F 416 49.20 26.70 -7.70
C GLU F 416 48.22 27.70 -8.30
N TYR F 417 47.41 27.30 -9.28
CA TYR F 417 46.56 28.23 -10.01
C TYR F 417 45.07 28.08 -9.74
N GLU F 418 44.64 26.89 -9.28
CA GLU F 418 43.29 26.50 -8.82
C GLU F 418 42.12 26.83 -9.74
N THR F 419 42.37 27.16 -11.00
CA THR F 419 41.33 27.33 -12.01
C THR F 419 42.00 27.27 -13.37
N LEU F 420 41.60 26.33 -14.22
CA LEU F 420 42.29 26.13 -15.49
C LEU F 420 41.27 25.92 -16.60
N ASP F 421 41.51 26.56 -17.75
CA ASP F 421 40.77 26.31 -18.98
C ASP F 421 41.47 25.19 -19.75
N ALA F 422 40.77 24.65 -20.76
CA ALA F 422 41.31 23.55 -21.56
C ALA F 422 42.54 23.97 -22.34
N HIS F 423 42.54 25.21 -22.83
CA HIS F 423 43.76 25.81 -23.38
C HIS F 423 44.85 25.90 -22.33
N GLU F 424 44.48 26.32 -21.11
CA GLU F 424 45.45 26.44 -20.04
C GLU F 424 45.87 25.08 -19.51
N ILE F 425 44.97 24.09 -19.52
CA ILE F 425 45.36 22.72 -19.17
C ILE F 425 46.37 22.18 -20.19
N GLU F 426 46.18 22.52 -21.46
CA GLU F 426 47.16 22.15 -22.47
C GLU F 426 48.48 22.87 -22.25
N GLN F 427 48.46 24.12 -21.77
CA GLN F 427 49.71 24.79 -21.46
C GLN F 427 50.39 24.20 -20.22
N VAL F 428 49.62 23.69 -19.26
CA VAL F 428 50.23 23.09 -18.08
C VAL F 428 50.83 21.73 -18.41
N CYS F 429 50.15 20.94 -19.23
CA CYS F 429 50.63 19.59 -19.52
C CYS F 429 51.85 19.57 -20.44
N LYS F 430 52.20 20.69 -21.07
CA LYS F 430 53.41 20.78 -21.86
C LYS F 430 54.61 21.30 -21.09
N GLY F 431 54.42 21.65 -19.81
CA GLY F 431 55.51 22.23 -19.05
C GLY F 431 55.79 23.67 -19.37
N GLU F 432 54.77 24.43 -19.76
CA GLU F 432 54.96 25.81 -20.17
C GLU F 432 54.44 26.78 -19.11
N LYS F 433 55.17 27.87 -18.93
CA LYS F 433 54.67 28.96 -18.11
C LYS F 433 53.49 29.63 -18.81
N LEU F 434 52.52 30.08 -18.04
CA LEU F 434 51.20 30.32 -18.62
C LEU F 434 50.68 31.73 -18.38
N ALA F 435 51.51 32.61 -17.82
CA ALA F 435 51.31 34.07 -17.79
C ALA F 435 50.02 34.45 -17.06
N LYS F 436 50.01 34.16 -15.76
CA LYS F 436 48.84 34.37 -14.93
C LYS F 436 49.28 34.49 -13.47
N LEU F 437 48.57 35.31 -12.70
CA LEU F 437 48.86 35.45 -11.29
C LEU F 437 48.44 34.20 -10.52
N LYS F 438 49.35 33.66 -9.72
CA LYS F 438 49.08 32.46 -8.96
C LYS F 438 48.19 32.76 -7.77
N THR F 439 47.80 31.70 -7.06
CA THR F 439 47.04 31.84 -5.83
C THR F 439 47.41 30.73 -4.85
N UNK G 1 -10.90 8.63 1.69
CA UNK G 1 -10.32 9.18 2.90
C UNK G 1 -11.16 10.33 3.44
N UNK G 2 -11.93 10.07 4.49
CA UNK G 2 -12.80 11.07 5.07
C UNK G 2 -11.99 12.21 5.69
N UNK G 3 -12.60 13.38 5.73
CA UNK G 3 -11.95 14.59 6.22
C UNK G 3 -12.88 15.33 7.16
N UNK G 4 -12.42 15.57 8.38
CA UNK G 4 -13.12 16.49 9.26
C UNK G 4 -12.92 17.92 8.76
N UNK G 5 -14.00 18.70 8.76
CA UNK G 5 -14.03 19.93 7.96
C UNK G 5 -13.30 21.08 8.65
N UNK G 6 -13.76 21.50 9.82
CA UNK G 6 -13.33 22.75 10.45
C UNK G 6 -13.69 23.95 9.58
N UNK G 7 -15.00 24.18 9.48
CA UNK G 7 -15.55 25.20 8.61
C UNK G 7 -15.48 26.57 9.28
N UNK G 8 -14.96 27.56 8.55
CA UNK G 8 -14.92 28.93 9.03
C UNK G 8 -16.31 29.56 8.93
N UNK G 9 -16.69 30.30 9.97
CA UNK G 9 -18.02 30.90 10.05
C UNK G 9 -18.04 32.21 9.27
N UNK G 10 -18.74 32.20 8.12
CA UNK G 10 -18.89 33.40 7.31
C UNK G 10 -19.85 34.39 7.97
N LYS A 1 22.77 42.73 16.17
CA LYS A 1 23.80 43.20 15.27
C LYS A 1 24.59 42.03 14.71
N PHE A 2 25.06 42.15 13.47
CA PHE A 2 25.59 40.99 12.74
C PHE A 2 26.82 40.39 13.41
N ASP A 3 27.46 41.11 14.34
CA ASP A 3 28.54 40.50 15.10
C ASP A 3 28.01 39.42 16.02
N ASP A 4 26.71 39.45 16.35
CA ASP A 4 26.13 38.37 17.14
C ASP A 4 25.97 37.10 16.32
N VAL A 5 25.50 37.22 15.08
CA VAL A 5 25.40 36.06 14.22
C VAL A 5 26.79 35.63 13.79
N CYS A 6 27.30 34.57 14.43
CA CYS A 6 28.64 34.09 14.13
C CYS A 6 28.53 32.71 13.52
N GLY A 7 29.48 32.37 12.67
CA GLY A 7 29.50 31.07 12.04
C GLY A 7 28.69 30.96 10.77
N CYS A 8 27.91 31.97 10.42
CA CYS A 8 27.25 32.07 9.12
C CYS A 8 27.78 33.33 8.45
N ASP A 9 28.92 33.19 7.76
CA ASP A 9 29.56 34.36 7.17
C ASP A 9 28.89 34.74 5.86
N GLU A 10 28.58 33.76 5.02
CA GLU A 10 28.05 34.06 3.69
C GLU A 10 26.66 34.66 3.78
N ALA A 11 25.75 33.99 4.48
CA ALA A 11 24.39 34.50 4.62
C ALA A 11 24.37 35.88 5.26
N ARG A 12 25.22 36.10 6.26
CA ARG A 12 25.34 37.43 6.83
C ARG A 12 25.79 38.43 5.78
N ALA A 13 26.71 38.02 4.91
CA ALA A 13 27.14 38.88 3.81
C ALA A 13 25.97 39.26 2.92
N GLU A 14 25.23 38.27 2.42
CA GLU A 14 24.14 38.54 1.49
C GLU A 14 23.08 39.44 2.12
N LEU A 15 22.71 39.15 3.37
CA LEU A 15 21.69 40.00 3.98
C LEU A 15 22.20 41.42 4.20
N GLU A 16 23.49 41.57 4.52
CA GLU A 16 24.01 42.93 4.70
C GLU A 16 24.04 43.67 3.37
N GLU A 17 24.28 42.96 2.27
CA GLU A 17 24.08 43.57 0.96
C GLU A 17 22.63 43.90 0.69
N ILE A 18 21.69 43.17 1.29
CA ILE A 18 20.30 43.55 1.18
C ILE A 18 20.05 44.89 1.85
N VAL A 19 20.58 45.07 3.06
CA VAL A 19 20.41 46.36 3.72
C VAL A 19 21.13 47.45 2.94
N ASP A 20 22.24 47.12 2.28
CA ASP A 20 22.89 48.13 1.45
C ASP A 20 22.05 48.49 0.24
N PHE A 21 21.41 47.50 -0.41
CA PHE A 21 20.42 47.78 -1.44
C PHE A 21 19.38 48.78 -0.95
N LEU A 22 18.80 48.52 0.22
CA LEU A 22 17.80 49.44 0.73
C LEU A 22 18.40 50.81 1.06
N LYS A 23 19.70 50.86 1.35
CA LYS A 23 20.33 52.12 1.74
C LYS A 23 20.69 52.97 0.53
N ASP A 24 21.59 52.45 -0.32
CA ASP A 24 22.10 53.18 -1.49
C ASP A 24 21.63 52.46 -2.74
N PRO A 25 20.34 52.58 -3.08
CA PRO A 25 19.79 51.71 -4.13
C PRO A 25 20.39 51.91 -5.51
N THR A 26 20.41 53.14 -6.03
CA THR A 26 20.79 53.37 -7.42
C THR A 26 22.23 52.98 -7.70
N LYS A 27 23.06 52.87 -6.66
CA LYS A 27 24.47 52.54 -6.84
C LYS A 27 24.66 51.19 -7.51
N TYR A 28 23.68 50.29 -7.39
CA TYR A 28 23.79 48.94 -7.91
C TYR A 28 23.20 48.77 -9.31
N GLU A 29 22.48 49.75 -9.84
CA GLU A 29 21.89 49.63 -11.17
C GLU A 29 22.65 50.46 -12.21
N SER A 30 23.94 50.68 -12.01
CA SER A 30 24.72 51.42 -13.00
C SER A 30 25.18 50.54 -14.16
N LEU A 31 24.59 49.37 -14.33
CA LEU A 31 24.86 48.51 -15.48
C LEU A 31 23.58 47.99 -16.11
N GLY A 32 22.42 48.52 -15.71
CA GLY A 32 21.15 48.08 -16.23
C GLY A 32 20.44 47.05 -15.38
N GLY A 33 21.16 46.24 -14.62
CA GLY A 33 20.55 45.21 -13.81
C GLY A 33 19.70 45.77 -12.69
N LYS A 34 18.81 44.93 -12.18
CA LYS A 34 17.86 45.33 -11.16
C LYS A 34 17.91 44.35 -9.99
N LEU A 35 17.80 44.89 -8.78
CA LEU A 35 17.92 44.22 -7.50
C LEU A 35 16.61 43.55 -7.10
N PRO A 36 16.69 42.43 -6.36
CA PRO A 36 15.48 41.68 -6.02
C PRO A 36 14.71 42.31 -4.89
N LYS A 37 13.42 41.98 -4.81
CA LYS A 37 12.55 42.55 -3.81
C LYS A 37 12.19 41.58 -2.70
N GLY A 38 12.39 40.27 -2.90
CA GLY A 38 12.02 39.29 -1.90
C GLY A 38 13.15 38.35 -1.54
N VAL A 39 13.34 38.11 -0.23
CA VAL A 39 14.39 37.24 0.27
C VAL A 39 13.74 36.10 1.04
N LEU A 40 14.30 34.91 0.89
CA LEU A 40 13.74 33.69 1.48
C LEU A 40 14.84 32.95 2.23
N LEU A 41 14.78 32.97 3.56
CA LEU A 41 15.74 32.25 4.38
C LEU A 41 15.30 30.82 4.60
N THR A 42 16.21 29.88 4.42
CA THR A 42 15.94 28.46 4.62
C THR A 42 16.88 27.93 5.69
N GLY A 43 16.88 26.61 5.85
CA GLY A 43 17.83 25.98 6.75
C GLY A 43 17.18 25.24 7.90
N PRO A 44 17.88 24.25 8.42
CA PRO A 44 17.30 23.35 9.43
C PRO A 44 16.90 24.08 10.70
N PRO A 45 16.30 23.39 11.66
CA PRO A 45 15.82 24.07 12.87
C PRO A 45 16.97 24.61 13.71
N GLY A 46 16.79 25.82 14.22
CA GLY A 46 17.76 26.40 15.11
C GLY A 46 19.13 26.61 14.53
N THR A 47 19.26 27.43 13.49
CA THR A 47 20.55 27.72 12.90
C THR A 47 20.78 29.20 12.63
N GLY A 48 19.78 30.05 12.87
CA GLY A 48 20.01 31.47 12.82
C GLY A 48 19.06 32.28 11.96
N LYS A 49 17.92 31.70 11.59
CA LYS A 49 16.99 32.43 10.74
C LYS A 49 16.35 33.59 11.50
N THR A 50 15.61 33.29 12.57
CA THR A 50 15.02 34.37 13.34
C THR A 50 16.08 35.25 13.98
N LEU A 51 17.26 34.71 14.23
CA LEU A 51 18.34 35.54 14.74
C LEU A 51 18.79 36.56 13.69
N LEU A 52 19.00 36.12 12.45
CA LEU A 52 19.34 37.06 11.39
C LEU A 52 18.23 38.08 11.18
N ALA A 53 16.98 37.67 11.36
CA ALA A 53 15.90 38.63 11.31
C ALA A 53 16.05 39.70 12.38
N ARG A 54 16.30 39.29 13.63
CA ARG A 54 16.47 40.29 14.68
C ARG A 54 17.69 41.15 14.44
N ALA A 55 18.73 40.59 13.82
CA ALA A 55 19.90 41.40 13.50
C ALA A 55 19.56 42.46 12.47
N THR A 56 18.82 42.07 11.43
CA THR A 56 18.34 43.03 10.44
C THR A 56 17.53 44.14 11.08
N ALA A 57 16.61 43.78 11.98
CA ALA A 57 15.85 44.81 12.67
C ALA A 57 16.75 45.68 13.53
N GLY A 58 17.81 45.12 14.08
CA GLY A 58 18.66 45.84 14.99
C GLY A 58 19.51 46.89 14.31
N GLU A 59 20.27 46.50 13.30
CA GLU A 59 21.20 47.41 12.65
C GLU A 59 20.89 47.61 11.17
N ALA A 60 19.65 47.91 10.81
CA ALA A 60 19.35 48.36 9.46
C ALA A 60 18.92 49.83 9.45
N GLY A 61 18.60 50.40 10.61
CA GLY A 61 18.16 51.78 10.65
C GLY A 61 16.94 52.07 9.82
N VAL A 62 16.01 51.12 9.73
CA VAL A 62 14.84 51.23 8.86
C VAL A 62 13.63 50.77 9.65
N ASP A 63 12.45 51.25 9.28
CA ASP A 63 11.21 50.74 9.84
C ASP A 63 11.10 49.25 9.55
N PHE A 64 10.89 48.45 10.58
CA PHE A 64 10.88 47.00 10.46
C PHE A 64 9.53 46.48 10.93
N PHE A 65 8.84 45.77 10.06
CA PHE A 65 7.51 45.24 10.34
C PHE A 65 7.57 43.72 10.26
N PHE A 66 7.17 43.05 11.33
CA PHE A 66 7.17 41.60 11.38
C PHE A 66 5.80 41.12 11.84
N MET A 67 5.34 40.02 11.26
CA MET A 67 4.12 39.35 11.70
C MET A 67 4.14 37.94 11.16
N SER A 68 4.22 36.97 12.07
CA SER A 68 4.43 35.58 11.69
C SER A 68 3.20 35.04 10.98
N GLY A 69 3.37 33.93 10.28
CA GLY A 69 2.23 33.17 9.81
C GLY A 69 1.42 32.65 10.98
N SER A 70 0.23 32.14 10.65
CA SER A 70 -0.71 31.59 11.63
C SER A 70 -1.35 32.65 12.50
N GLU A 71 -0.98 33.91 12.31
CA GLU A 71 -1.65 35.02 12.98
C GLU A 71 -2.63 35.71 12.06
N PHE A 72 -2.88 35.15 10.88
CA PHE A 72 -3.70 35.76 9.84
C PHE A 72 -5.12 35.22 9.81
N ASP A 73 -5.32 34.00 10.28
CA ASP A 73 -6.60 33.32 10.09
C ASP A 73 -7.25 33.12 11.44
N GLU A 74 -8.41 33.73 11.66
CA GLU A 74 -9.22 33.33 12.80
C GLU A 74 -10.63 32.99 12.34
N VAL A 75 -11.55 32.80 13.28
CA VAL A 75 -12.83 32.13 13.05
C VAL A 75 -13.62 32.65 11.87
N TYR A 76 -13.50 33.91 11.51
CA TYR A 76 -14.30 34.46 10.43
C TYR A 76 -13.57 34.31 9.11
N VAL A 77 -14.22 34.77 8.04
CA VAL A 77 -13.72 34.57 6.68
C VAL A 77 -13.19 35.89 6.15
N GLY A 78 -12.19 35.80 5.27
CA GLY A 78 -11.58 36.98 4.70
C GLY A 78 -10.70 37.78 5.64
N VAL A 79 -10.39 37.25 6.83
CA VAL A 79 -9.59 38.00 7.78
C VAL A 79 -8.12 37.97 7.41
N GLY A 80 -7.64 36.86 6.84
CA GLY A 80 -6.24 36.78 6.48
C GLY A 80 -5.83 37.80 5.43
N ALA A 81 -6.47 37.77 4.26
CA ALA A 81 -6.20 38.76 3.22
C ALA A 81 -6.43 40.17 3.73
N LYS A 82 -7.41 40.35 4.62
CA LYS A 82 -7.59 41.63 5.29
C LYS A 82 -6.31 42.08 5.98
N ARG A 83 -5.79 41.25 6.87
CA ARG A 83 -4.63 41.65 7.66
C ARG A 83 -3.36 41.73 6.84
N ILE A 84 -3.29 41.04 5.71
CA ILE A 84 -2.15 41.24 4.81
C ILE A 84 -2.25 42.60 4.13
N ARG A 85 -3.43 42.92 3.59
CA ARG A 85 -3.64 44.24 2.99
C ARG A 85 -3.32 45.34 3.99
N ASP A 86 -3.69 45.15 5.25
CA ASP A 86 -3.39 46.16 6.26
C ASP A 86 -1.94 46.11 6.70
N LEU A 87 -1.25 44.99 6.50
CA LEU A 87 0.18 44.95 6.78
C LEU A 87 0.94 45.79 5.76
N PHE A 88 0.75 45.50 4.47
CA PHE A 88 1.35 46.35 3.45
C PHE A 88 0.86 47.78 3.53
N ALA A 89 -0.38 47.99 3.99
CA ALA A 89 -0.83 49.35 4.23
C ALA A 89 -0.01 50.03 5.30
N GLN A 90 0.32 49.31 6.39
CA GLN A 90 1.22 49.88 7.38
C GLN A 90 2.62 50.07 6.83
N ALA A 91 2.97 49.33 5.77
CA ALA A 91 4.32 49.43 5.22
C ALA A 91 4.50 50.60 4.29
N ARG A 92 3.68 50.70 3.23
CA ARG A 92 3.96 51.66 2.17
C ARG A 92 3.86 53.11 2.62
N SER A 93 3.29 53.37 3.80
CA SER A 93 3.36 54.72 4.34
C SER A 93 4.81 55.13 4.57
N ARG A 94 5.57 54.30 5.28
CA ARG A 94 6.99 54.52 5.52
C ARG A 94 7.76 53.65 4.53
N ALA A 95 7.93 54.18 3.31
CA ALA A 95 8.39 53.47 2.13
C ALA A 95 9.65 52.64 2.33
N PRO A 96 10.71 53.14 2.96
CA PRO A 96 11.94 52.36 3.07
C PRO A 96 11.85 51.11 3.94
N ALA A 97 10.74 50.92 4.64
CA ALA A 97 10.62 49.87 5.65
C ALA A 97 10.75 48.49 5.03
N ILE A 98 10.92 47.50 5.91
CA ILE A 98 11.07 46.09 5.52
C ILE A 98 9.99 45.29 6.21
N ILE A 99 9.47 44.28 5.52
CA ILE A 99 8.44 43.38 6.04
C ILE A 99 9.11 42.05 6.36
N PHE A 100 8.61 41.37 7.40
CA PHE A 100 9.16 40.09 7.82
C PHE A 100 8.01 39.19 8.23
N ILE A 101 7.82 38.09 7.49
CA ILE A 101 6.77 37.11 7.77
C ILE A 101 7.46 35.81 8.13
N ASP A 102 7.45 35.46 9.41
CA ASP A 102 8.05 34.22 9.86
C ASP A 102 7.03 33.09 9.77
N GLN A 103 7.55 31.86 9.69
CA GLN A 103 6.71 30.67 9.60
C GLN A 103 5.84 30.71 8.34
N LEU A 104 6.50 30.75 7.19
CA LEU A 104 5.77 30.80 5.92
C LEU A 104 5.10 29.49 5.55
N ASP A 105 5.27 28.43 6.32
CA ASP A 105 4.45 27.25 6.04
C ASP A 105 3.02 27.42 6.51
N ALA A 106 2.73 28.47 7.29
CA ALA A 106 1.35 28.70 7.72
C ALA A 106 0.52 29.23 6.56
N ILE A 107 0.85 30.41 6.06
CA ILE A 107 0.24 30.94 4.84
C ILE A 107 1.30 30.87 3.76
N GLY A 108 1.02 30.10 2.71
CA GLY A 108 2.00 29.94 1.65
C GLY A 108 2.40 28.49 1.45
N GLY A 109 1.66 27.57 2.03
CA GLY A 109 1.94 26.16 1.84
C GLY A 109 1.68 25.74 0.41
N LYS A 110 1.82 24.44 0.18
CA LYS A 110 1.57 23.90 -1.14
C LYS A 110 0.08 23.72 -1.37
N ARG A 111 -0.32 23.65 -2.63
CA ARG A 111 -1.73 23.49 -2.97
C ARG A 111 -2.07 22.01 -3.06
N ASN A 112 -3.10 21.58 -2.31
CA ASN A 112 -3.54 20.19 -2.24
C ASN A 112 -4.98 20.05 -2.70
N PRO A 113 -5.47 18.83 -2.90
CA PRO A 113 -6.85 18.65 -3.39
C PRO A 113 -7.91 18.79 -2.31
N LYS A 114 -7.55 18.68 -1.03
CA LYS A 114 -8.55 18.64 0.04
C LYS A 114 -9.38 19.92 0.11
N ASP A 115 -8.73 21.07 0.16
CA ASP A 115 -9.42 22.35 0.12
C ASP A 115 -8.43 23.40 -0.37
N GLN A 116 -8.92 24.35 -1.17
CA GLN A 116 -8.06 25.38 -1.72
C GLN A 116 -8.72 26.75 -1.78
N ALA A 117 -9.84 26.96 -1.09
CA ALA A 117 -10.60 28.19 -1.25
C ALA A 117 -10.01 29.33 -0.43
N TYR A 118 -10.01 29.20 0.89
CA TYR A 118 -9.87 30.37 1.74
C TYR A 118 -8.47 30.52 2.30
N ALA A 119 -7.84 29.44 2.74
CA ALA A 119 -6.41 29.49 3.00
C ALA A 119 -5.67 30.03 1.79
N LYS A 120 -6.04 29.54 0.61
CA LYS A 120 -5.40 30.02 -0.59
C LYS A 120 -5.99 31.34 -1.06
N GLN A 121 -7.06 31.84 -0.41
CA GLN A 121 -7.43 33.22 -0.70
C GLN A 121 -6.52 34.17 0.09
N THR A 122 -6.11 33.77 1.29
CA THR A 122 -5.06 34.53 1.96
C THR A 122 -3.76 34.48 1.16
N LEU A 123 -3.38 33.27 0.71
CA LEU A 123 -2.18 33.13 -0.12
C LEU A 123 -2.23 34.02 -1.36
N ASN A 124 -3.23 33.82 -2.22
CA ASN A 124 -3.24 34.57 -3.47
C ASN A 124 -3.49 36.06 -3.23
N GLN A 125 -4.06 36.41 -2.09
CA GLN A 125 -4.01 37.80 -1.67
C GLN A 125 -2.58 38.26 -1.48
N LEU A 126 -1.74 37.41 -0.88
CA LEU A 126 -0.33 37.77 -0.74
C LEU A 126 0.32 37.97 -2.10
N LEU A 127 0.19 36.99 -2.99
CA LEU A 127 0.85 37.07 -4.28
C LEU A 127 0.36 38.27 -5.08
N VAL A 128 -0.93 38.55 -5.01
CA VAL A 128 -1.46 39.78 -5.61
C VAL A 128 -0.82 41.00 -4.97
N GLU A 129 -0.57 40.93 -3.67
CA GLU A 129 -0.01 42.10 -2.98
C GLU A 129 1.41 42.40 -3.44
N LEU A 130 2.28 41.40 -3.44
CA LEU A 130 3.67 41.68 -3.81
C LEU A 130 3.82 41.91 -5.31
N ASP A 131 3.06 41.17 -6.13
CA ASP A 131 3.08 41.43 -7.56
C ASP A 131 2.52 42.83 -7.86
N GLY A 132 1.64 43.32 -7.00
CA GLY A 132 0.98 44.58 -7.28
C GLY A 132 1.94 45.76 -7.32
N PHE A 133 2.49 46.12 -6.16
CA PHE A 133 3.35 47.29 -6.11
C PHE A 133 4.69 46.99 -6.77
N SER A 134 5.24 47.99 -7.45
CA SER A 134 6.59 47.89 -7.99
C SER A 134 7.62 48.31 -6.93
N GLN A 135 8.84 48.55 -7.40
CA GLN A 135 9.88 49.06 -6.52
C GLN A 135 9.59 50.47 -6.03
N THR A 136 8.63 51.16 -6.66
CA THR A 136 8.31 52.54 -6.32
C THR A 136 8.00 52.71 -4.84
N SER A 137 7.46 51.68 -4.20
CA SER A 137 7.22 51.75 -2.76
C SER A 137 8.52 51.61 -1.97
N GLY A 138 9.59 51.15 -2.63
CA GLY A 138 10.87 51.01 -1.95
C GLY A 138 10.84 50.07 -0.76
N ILE A 139 10.06 49.00 -0.86
CA ILE A 139 9.89 48.05 0.23
C ILE A 139 10.48 46.72 -0.18
N ILE A 140 11.12 46.04 0.78
CA ILE A 140 11.61 44.68 0.59
C ILE A 140 10.96 43.80 1.65
N ILE A 141 10.88 42.50 1.35
CA ILE A 141 10.19 41.55 2.21
C ILE A 141 11.08 40.33 2.44
N ILE A 142 11.19 39.91 3.70
CA ILE A 142 11.99 38.76 4.11
C ILE A 142 11.04 37.69 4.62
N GLY A 143 11.32 36.44 4.29
CA GLY A 143 10.50 35.35 4.78
C GLY A 143 11.30 34.10 5.07
N ALA A 144 11.19 33.60 6.30
CA ALA A 144 11.94 32.43 6.74
C ALA A 144 11.03 31.20 6.76
N THR A 145 11.65 30.02 6.65
CA THR A 145 10.90 28.78 6.60
C THR A 145 11.85 27.62 6.76
N ASN A 146 11.29 26.48 7.17
CA ASN A 146 12.05 25.23 7.30
C ASN A 146 11.92 24.33 6.09
N PHE A 147 10.83 24.46 5.34
CA PHE A 147 10.54 23.57 4.22
C PHE A 147 10.53 24.35 2.92
N PRO A 148 11.68 24.60 2.30
CA PRO A 148 11.68 25.21 0.97
C PRO A 148 11.02 24.33 -0.07
N GLU A 149 10.96 23.02 0.16
CA GLU A 149 10.32 22.11 -0.78
C GLU A 149 8.80 22.15 -0.69
N ALA A 150 8.23 22.31 0.50
CA ALA A 150 6.80 22.24 0.69
C ALA A 150 6.13 23.61 0.56
N LEU A 151 6.81 24.59 -0.01
CA LEU A 151 6.17 25.85 -0.29
C LEU A 151 5.33 25.73 -1.56
N ASP A 152 4.78 26.86 -2.00
CA ASP A 152 4.13 26.94 -3.30
C ASP A 152 5.12 27.47 -4.33
N LYS A 153 5.07 26.88 -5.52
CA LYS A 153 6.02 27.26 -6.57
C LYS A 153 5.88 28.71 -7.01
N ALA A 154 4.69 29.30 -6.88
CA ALA A 154 4.48 30.69 -7.26
C ALA A 154 5.33 31.66 -6.45
N LEU A 155 5.85 31.22 -5.31
CA LEU A 155 6.73 32.04 -4.50
C LEU A 155 8.19 31.92 -4.90
N THR A 156 8.48 31.25 -6.01
CA THR A 156 9.86 31.12 -6.51
C THR A 156 10.02 31.77 -7.88
N ARG A 157 9.44 32.94 -8.07
CA ARG A 157 9.51 33.67 -9.33
C ARG A 157 10.19 35.02 -9.13
N PRO A 158 10.78 35.57 -10.18
CA PRO A 158 11.15 36.98 -10.15
C PRO A 158 9.90 37.85 -10.04
N GLY A 159 10.04 38.95 -9.31
CA GLY A 159 8.86 39.67 -8.83
C GLY A 159 8.20 39.02 -7.65
N ARG A 160 8.75 37.91 -7.16
CA ARG A 160 8.26 37.16 -6.02
C ARG A 160 9.44 37.08 -5.07
N PHE A 161 9.37 36.16 -4.10
CA PHE A 161 10.57 35.88 -3.32
C PHE A 161 11.65 35.38 -4.27
N ASP A 162 12.63 36.25 -4.55
CA ASP A 162 13.58 35.97 -5.63
C ASP A 162 14.70 35.06 -5.18
N LYS A 163 15.50 35.52 -4.23
CA LYS A 163 16.75 34.87 -3.88
C LYS A 163 16.64 34.16 -2.54
N VAL A 164 17.07 32.90 -2.51
CA VAL A 164 17.09 32.10 -1.31
C VAL A 164 18.42 32.33 -0.61
N VAL A 165 18.41 32.23 0.72
CA VAL A 165 19.60 32.41 1.53
C VAL A 165 19.75 31.18 2.40
N ASN A 166 20.60 30.25 1.99
CA ASN A 166 20.72 28.96 2.64
C ASN A 166 21.58 29.08 3.90
N VAL A 167 20.96 28.86 5.06
CA VAL A 167 21.67 28.85 6.33
C VAL A 167 21.94 27.40 6.71
N ASP A 168 23.17 26.94 6.52
CA ASP A 168 23.48 25.53 6.57
C ASP A 168 24.14 25.16 7.90
N LEU A 169 23.97 23.90 8.29
CA LEU A 169 24.22 23.43 9.65
C LEU A 169 25.66 23.08 10.03
N PRO A 170 26.31 22.16 9.31
CA PRO A 170 27.25 21.24 10.00
C PRO A 170 28.43 21.89 10.69
N ASP A 171 29.03 22.92 10.10
CA ASP A 171 30.14 23.61 10.74
C ASP A 171 29.71 24.92 11.35
N VAL A 172 28.47 24.99 11.84
CA VAL A 172 28.12 26.06 12.75
C VAL A 172 28.94 25.94 14.03
N ARG A 173 29.30 24.71 14.41
CA ARG A 173 30.28 24.48 15.46
C ARG A 173 31.70 24.71 14.98
N GLY A 174 32.07 24.12 13.83
CA GLY A 174 33.41 24.28 13.27
C GLY A 174 33.77 25.73 13.04
N ARG A 175 32.77 26.56 12.76
CA ARG A 175 32.85 27.97 13.05
C ARG A 175 32.66 28.13 14.55
N ALA A 176 33.76 27.99 15.31
CA ALA A 176 33.70 27.97 16.77
C ALA A 176 33.48 29.35 17.36
N ASP A 177 33.12 30.33 16.54
CA ASP A 177 32.68 31.62 17.05
C ASP A 177 31.34 31.55 17.77
N ILE A 178 30.59 30.46 17.58
CA ILE A 178 29.38 30.25 18.37
C ILE A 178 29.75 30.17 19.85
N LEU A 179 30.55 29.16 20.20
CA LEU A 179 30.97 28.98 21.58
C LEU A 179 31.72 30.18 22.11
N LYS A 180 32.52 30.85 21.29
CA LYS A 180 33.21 32.03 21.79
C LYS A 180 32.23 33.14 22.12
N HIS A 181 31.34 33.45 21.17
CA HIS A 181 30.36 34.50 21.40
C HIS A 181 29.49 34.24 22.61
N HIS A 182 29.05 33.01 22.82
CA HIS A 182 28.24 32.73 23.99
C HIS A 182 29.05 32.66 25.27
N MET A 183 30.30 32.22 25.21
CA MET A 183 31.20 32.32 26.35
C MET A 183 31.53 33.75 26.70
N LYS A 184 31.26 34.70 25.81
CA LYS A 184 31.46 36.11 26.14
C LYS A 184 30.50 36.58 27.23
N LYS A 185 29.46 35.82 27.53
CA LYS A 185 28.43 36.23 28.48
C LYS A 185 28.48 35.48 29.81
N ILE A 186 29.57 34.77 30.10
CA ILE A 186 29.69 34.08 31.38
C ILE A 186 31.08 34.35 31.94
N THR A 187 31.23 34.13 33.24
CA THR A 187 32.50 34.31 33.94
C THR A 187 33.42 33.16 33.55
N LEU A 188 33.96 33.25 32.34
CA LEU A 188 34.72 32.17 31.74
C LEU A 188 36.11 32.11 32.35
N ALA A 189 36.61 30.90 32.54
CA ALA A 189 37.89 30.70 33.20
C ALA A 189 39.04 30.98 32.23
N ASP A 190 40.24 30.55 32.62
CA ASP A 190 41.42 30.65 31.77
C ASP A 190 41.96 29.29 31.38
N ASN A 191 41.14 28.25 31.44
CA ASN A 191 41.55 26.89 31.12
C ASN A 191 40.83 26.36 29.88
N VAL A 192 39.84 27.10 29.39
CA VAL A 192 38.93 26.59 28.36
C VAL A 192 39.70 26.36 27.07
N ASP A 193 39.08 25.65 26.16
CA ASP A 193 39.66 25.32 24.85
C ASP A 193 38.50 25.04 23.91
N PRO A 194 37.90 26.07 23.33
CA PRO A 194 36.75 25.85 22.45
C PRO A 194 37.01 24.91 21.29
N THR A 195 38.25 24.75 20.87
CA THR A 195 38.53 23.84 19.75
C THR A 195 38.24 22.40 20.15
N ILE A 196 38.45 22.04 21.40
CA ILE A 196 38.21 20.66 21.80
C ILE A 196 36.73 20.35 21.82
N ILE A 197 35.94 21.23 22.42
CA ILE A 197 34.49 21.07 22.41
C ILE A 197 33.98 21.05 20.97
N ALA A 198 34.44 21.99 20.15
CA ALA A 198 34.04 22.06 18.77
C ALA A 198 34.53 20.87 17.96
N ARG A 199 35.51 20.13 18.45
CA ARG A 199 35.95 18.90 17.80
C ARG A 199 35.15 17.70 18.26
N GLY A 200 34.61 17.72 19.46
CA GLY A 200 33.94 16.56 19.99
C GLY A 200 32.44 16.56 19.91
N THR A 201 31.83 17.53 19.22
CA THR A 201 30.37 17.63 19.11
C THR A 201 29.94 17.65 17.66
N PRO A 202 30.26 16.62 16.88
CA PRO A 202 30.03 16.70 15.43
C PRO A 202 28.56 16.72 15.06
N GLY A 203 28.07 17.85 14.55
CA GLY A 203 26.74 17.91 14.01
C GLY A 203 25.75 18.77 14.76
N LEU A 204 26.23 19.49 15.77
CA LEU A 204 25.34 20.32 16.57
C LEU A 204 25.14 21.68 15.90
N SER A 205 24.17 22.41 16.41
CA SER A 205 23.76 23.68 15.85
C SER A 205 24.07 24.81 16.82
N GLY A 206 23.67 26.02 16.48
CA GLY A 206 23.96 27.16 17.34
C GLY A 206 23.19 27.09 18.65
N ALA A 207 21.91 26.76 18.56
CA ALA A 207 21.08 26.69 19.76
C ALA A 207 21.57 25.62 20.71
N GLU A 208 22.01 24.48 20.20
CA GLU A 208 22.55 23.46 21.07
C GLU A 208 23.83 23.90 21.75
N LEU A 209 24.65 24.69 21.07
CA LEU A 209 25.86 25.18 21.72
C LEU A 209 25.54 26.19 22.81
N ALA A 210 24.62 27.12 22.55
CA ALA A 210 24.19 28.03 23.59
C ALA A 210 23.63 27.29 24.79
N ASN A 211 22.82 26.27 24.54
CA ASN A 211 22.37 25.37 25.60
C ASN A 211 23.53 24.73 26.36
N LEU A 212 24.54 24.23 25.65
CA LEU A 212 25.68 23.59 26.32
C LEU A 212 26.36 24.56 27.29
N VAL A 213 26.66 25.77 26.81
CA VAL A 213 27.31 26.77 27.65
C VAL A 213 26.44 27.11 28.85
N ASN A 214 25.14 27.25 28.64
CA ASN A 214 24.28 27.63 29.75
C ASN A 214 24.22 26.55 30.81
N GLN A 215 23.99 25.29 30.40
CA GLN A 215 23.91 24.22 31.38
C GLN A 215 25.23 24.03 32.12
N ALA A 216 26.37 24.19 31.43
CA ALA A 216 27.64 24.09 32.13
C ALA A 216 27.83 25.26 33.10
N ALA A 217 27.31 26.43 32.76
CA ALA A 217 27.41 27.55 33.68
C ALA A 217 26.62 27.29 34.95
N VAL A 218 25.39 26.80 34.83
CA VAL A 218 24.60 26.54 36.03
C VAL A 218 25.21 25.40 36.84
N TYR A 219 25.72 24.37 36.18
CA TYR A 219 26.39 23.30 36.90
C TYR A 219 27.59 23.81 37.67
N ALA A 220 28.39 24.69 37.05
CA ALA A 220 29.51 25.27 37.78
C ALA A 220 29.03 26.06 38.98
N CYS A 221 27.98 26.86 38.80
CA CYS A 221 27.52 27.70 39.90
C CYS A 221 26.85 26.89 41.01
N GLN A 222 26.45 25.64 40.75
CA GLN A 222 25.95 24.82 41.86
C GLN A 222 27.03 24.49 42.86
N LYS A 223 28.20 24.05 42.40
CA LYS A 223 29.21 23.51 43.29
C LYS A 223 30.07 24.59 43.94
N ASN A 224 29.67 25.85 43.86
CA ASN A 224 30.38 26.93 44.53
C ASN A 224 31.77 27.12 43.97
N ALA A 225 31.98 26.75 42.71
CA ALA A 225 33.24 27.06 42.05
C ALA A 225 33.26 28.52 41.63
N VAL A 226 34.47 29.05 41.46
CA VAL A 226 34.63 30.47 41.18
C VAL A 226 34.65 30.80 39.70
N SER A 227 34.76 29.80 38.83
CA SER A 227 34.80 30.02 37.39
C SER A 227 34.43 28.72 36.71
N VAL A 228 34.60 28.70 35.38
CA VAL A 228 34.11 27.60 34.54
C VAL A 228 35.31 27.01 33.82
N ASP A 229 35.80 25.87 34.30
CA ASP A 229 36.93 25.21 33.65
C ASP A 229 36.40 24.14 32.68
N MET A 230 37.31 23.47 31.99
CA MET A 230 36.91 22.48 30.98
C MET A 230 36.19 21.28 31.56
N SER A 231 36.35 20.99 32.85
CA SER A 231 35.59 19.88 33.42
C SER A 231 34.10 20.17 33.38
N HIS A 232 33.71 21.43 33.53
CA HIS A 232 32.29 21.75 33.47
C HIS A 232 31.75 21.61 32.06
N PHE A 233 32.46 22.15 31.06
CA PHE A 233 32.00 22.04 29.68
C PHE A 233 31.98 20.59 29.22
N GLU A 234 32.96 19.79 29.63
CA GLU A 234 32.95 18.40 29.24
C GLU A 234 31.85 17.64 29.95
N TRP A 235 31.55 18.02 31.19
CA TRP A 235 30.38 17.49 31.87
C TRP A 235 29.12 17.75 31.07
N ALA A 236 28.81 19.03 30.83
CA ALA A 236 27.58 19.39 30.15
C ALA A 236 27.50 18.78 28.76
N LYS A 237 28.63 18.65 28.07
CA LYS A 237 28.59 18.10 26.72
C LYS A 237 28.33 16.61 26.75
N ASP A 238 29.05 15.87 27.60
CA ASP A 238 28.77 14.44 27.73
C ASP A 238 27.36 14.18 28.25
N LYS A 239 26.79 15.10 29.03
CA LYS A 239 25.42 14.95 29.48
C LYS A 239 24.42 15.18 28.36
N ILE A 240 24.55 16.31 27.66
CA ILE A 240 23.59 16.65 26.62
C ILE A 240 23.63 15.63 25.50
N LEU A 241 24.80 15.06 25.22
CA LEU A 241 24.86 14.06 24.16
C LEU A 241 24.32 12.72 24.62
N MET A 242 24.96 12.13 25.63
CA MET A 242 24.70 10.73 25.97
C MET A 242 23.60 10.55 27.01
N GLY A 243 23.51 11.46 27.98
CA GLY A 243 22.45 11.36 28.97
C GLY A 243 22.94 11.67 30.37
N ALA A 244 22.01 11.81 31.31
CA ALA A 244 22.35 12.17 32.67
C ALA A 244 22.95 10.97 33.41
N GLU A 245 23.90 11.25 34.28
CA GLU A 245 24.53 10.21 35.08
C GLU A 245 23.52 9.53 35.99
N ARG A 246 23.70 8.24 36.19
CA ARG A 246 22.76 7.42 36.96
C ARG A 246 23.44 7.06 38.28
N LYS A 247 23.27 7.92 39.28
CA LYS A 247 23.96 7.71 40.55
C LYS A 247 23.28 6.70 41.44
N THR A 248 21.95 6.66 41.45
CA THR A 248 21.23 5.72 42.29
C THR A 248 21.52 4.27 41.94
N MET A 249 21.90 3.98 40.70
CA MET A 249 22.17 2.61 40.28
C MET A 249 23.28 2.00 41.10
N VAL A 250 23.01 0.85 41.71
CA VAL A 250 24.01 0.12 42.47
C VAL A 250 24.51 -1.03 41.60
N LEU A 251 25.78 -1.40 41.78
CA LEU A 251 26.44 -2.33 40.90
C LEU A 251 27.18 -3.38 41.71
N THR A 252 27.12 -4.62 41.23
CA THR A 252 27.84 -5.71 41.88
C THR A 252 29.26 -5.78 41.34
N ASP A 253 30.17 -6.23 42.20
CA ASP A 253 31.59 -6.19 41.86
C ASP A 253 31.94 -7.06 40.67
N ALA A 254 31.28 -8.22 40.52
CA ALA A 254 31.52 -9.06 39.36
C ALA A 254 31.19 -8.35 38.06
N ALA A 255 30.04 -7.67 38.00
CA ALA A 255 29.65 -6.97 36.79
C ALA A 255 30.52 -5.75 36.51
N ARG A 256 30.98 -5.04 37.55
CA ARG A 256 31.92 -3.97 37.29
C ARG A 256 33.24 -4.50 36.78
N LYS A 257 33.65 -5.68 37.22
CA LYS A 257 34.83 -6.30 36.63
C LYS A 257 34.60 -6.60 35.14
N ALA A 258 33.48 -7.23 34.81
CA ALA A 258 33.21 -7.58 33.41
C ALA A 258 33.13 -6.34 32.54
N THR A 259 32.35 -5.34 32.95
CA THR A 259 32.27 -4.10 32.20
C THR A 259 33.64 -3.45 32.05
N ALA A 260 34.46 -3.51 33.11
CA ALA A 260 35.82 -3.02 33.02
C ALA A 260 36.59 -3.70 31.90
N PHE A 261 36.48 -5.03 31.81
CA PHE A 261 37.19 -5.73 30.73
C PHE A 261 36.67 -5.33 29.37
N HIS A 262 35.35 -5.13 29.23
CA HIS A 262 34.78 -4.72 27.95
C HIS A 262 35.36 -3.38 27.51
N GLU A 263 35.34 -2.40 28.41
CA GLU A 263 35.87 -1.08 28.05
C GLU A 263 37.37 -1.10 27.83
N ALA A 264 38.10 -1.91 28.59
CA ALA A 264 39.53 -2.08 28.31
C ALA A 264 39.74 -2.63 26.90
N GLY A 265 38.87 -3.53 26.46
CA GLY A 265 38.95 -4.00 25.08
C GLY A 265 38.75 -2.88 24.08
N HIS A 266 37.71 -2.06 24.27
CA HIS A 266 37.49 -0.98 23.30
C HIS A 266 38.65 0.00 23.31
N ALA A 267 39.12 0.41 24.48
CA ALA A 267 40.17 1.43 24.53
C ALA A 267 41.50 0.91 24.00
N ILE A 268 41.93 -0.25 24.46
CA ILE A 268 43.21 -0.79 24.00
C ILE A 268 43.15 -1.12 22.52
N MET A 269 41.98 -1.47 22.02
CA MET A 269 41.87 -1.72 20.59
C MET A 269 41.84 -0.40 19.83
N ALA A 270 41.43 0.67 20.50
CA ALA A 270 41.28 1.96 19.83
C ALA A 270 42.64 2.59 19.54
N LYS A 271 43.60 2.38 20.43
CA LYS A 271 44.99 2.69 20.17
C LYS A 271 45.70 1.43 19.72
N TYR A 272 46.89 1.59 19.15
CA TYR A 272 47.73 0.54 18.60
C TYR A 272 47.24 0.05 17.24
N THR A 273 46.11 0.54 16.73
CA THR A 273 45.68 0.27 15.38
C THR A 273 45.88 1.53 14.56
N ASN A 274 46.22 1.36 13.29
CA ASN A 274 46.40 2.50 12.41
C ASN A 274 45.05 3.03 11.94
N GLY A 275 44.95 4.34 11.82
CA GLY A 275 43.75 4.95 11.30
C GLY A 275 42.64 5.17 12.29
N ALA A 276 42.61 4.39 13.38
CA ALA A 276 41.59 4.60 14.40
C ALA A 276 41.69 6.02 14.95
N THR A 277 40.53 6.65 15.16
CA THR A 277 40.51 7.99 15.70
C THR A 277 41.05 7.97 17.12
N PRO A 278 41.85 8.96 17.51
CA PRO A 278 42.59 8.87 18.78
C PRO A 278 41.68 8.80 19.99
N LEU A 279 42.14 8.10 21.01
CA LEU A 279 41.42 8.06 22.28
C LEU A 279 41.29 9.43 22.88
N TYR A 280 40.17 9.67 23.55
CA TYR A 280 39.99 10.88 24.34
C TYR A 280 39.75 10.54 25.80
N LYS A 281 38.94 9.53 26.11
CA LYS A 281 38.87 8.99 27.46
C LYS A 281 38.01 7.75 27.46
N ALA A 282 38.08 7.01 28.56
CA ALA A 282 37.28 5.83 28.79
C ALA A 282 36.71 5.92 30.20
N THR A 283 35.48 5.45 30.38
CA THR A 283 34.82 5.58 31.67
C THR A 283 33.83 4.44 31.83
N ILE A 284 33.51 4.13 33.09
CA ILE A 284 32.52 3.11 33.38
C ILE A 284 31.42 3.71 34.25
N LEU A 285 31.36 5.03 34.30
CA LEU A 285 30.29 5.70 35.01
C LEU A 285 28.98 5.46 34.28
N PRO A 286 28.01 4.80 34.89
CA PRO A 286 26.72 4.56 34.21
C PRO A 286 26.03 5.85 33.82
N ARG A 287 25.86 6.06 32.52
CA ARG A 287 25.36 7.32 31.97
C ARG A 287 24.35 6.99 30.88
N GLY A 288 23.08 7.20 31.15
CA GLY A 288 22.04 6.96 30.14
C GLY A 288 21.50 5.54 30.23
N ARG A 289 21.86 4.71 29.25
CA ARG A 289 21.54 3.29 29.31
C ARG A 289 22.69 2.42 28.84
N ALA A 290 23.92 2.92 28.87
CA ALA A 290 25.10 2.14 28.55
C ALA A 290 25.96 2.07 29.81
N LEU A 291 26.57 0.91 30.04
CA LEU A 291 27.35 0.72 31.25
C LEU A 291 28.74 1.33 31.12
N GLY A 292 29.28 1.34 29.91
CA GLY A 292 30.58 1.93 29.67
C GLY A 292 30.65 2.66 28.35
N ILE A 293 31.49 3.69 28.26
CA ILE A 293 31.59 4.50 27.07
C ILE A 293 33.05 4.81 26.81
N THR A 294 33.42 4.89 25.52
CA THR A 294 34.74 5.35 25.12
C THR A 294 34.58 6.51 24.15
N PHE A 295 35.36 7.57 24.38
CA PHE A 295 35.26 8.80 23.61
C PHE A 295 36.44 8.90 22.67
N GLN A 296 36.19 9.44 21.47
CA GLN A 296 37.21 9.60 20.45
C GLN A 296 36.85 10.81 19.61
N LEU A 297 37.82 11.68 19.36
CA LEU A 297 37.54 12.92 18.69
C LEU A 297 38.35 13.04 17.41
N PRO A 298 37.70 13.28 16.27
CA PRO A 298 38.43 13.36 15.00
C PRO A 298 39.45 14.50 15.02
N GLU A 299 40.42 14.41 14.11
CA GLU A 299 41.59 15.29 14.21
C GLU A 299 41.21 16.76 14.06
N MET A 300 40.89 17.19 12.84
CA MET A 300 40.18 18.45 12.61
C MET A 300 39.90 18.59 11.12
N ASP A 301 38.70 19.02 10.76
CA ASP A 301 38.32 19.17 9.36
C ASP A 301 38.42 17.84 8.62
N LYS A 302 38.25 16.73 9.35
CA LYS A 302 38.38 15.39 8.79
C LYS A 302 37.03 14.91 8.26
N VAL A 303 36.95 14.75 6.94
CA VAL A 303 35.81 14.17 6.26
C VAL A 303 36.37 13.14 5.30
N ASP A 304 35.50 12.39 4.61
CA ASP A 304 35.97 11.47 3.59
C ASP A 304 36.87 10.38 4.17
N ILE A 305 36.27 9.49 4.96
CA ILE A 305 36.98 8.36 5.55
C ILE A 305 37.65 7.54 4.46
N THR A 306 38.90 7.17 4.69
CA THR A 306 39.58 6.29 3.75
C THR A 306 39.18 4.85 4.01
N LYS A 307 39.91 3.93 3.39
CA LYS A 307 39.63 2.51 3.59
C LYS A 307 40.31 2.01 4.84
N ARG A 308 41.44 2.62 5.20
CA ARG A 308 42.15 2.21 6.41
C ARG A 308 41.41 2.63 7.67
N GLU A 309 40.74 3.79 7.65
CA GLU A 309 39.91 4.14 8.79
C GLU A 309 38.70 3.22 8.90
N CYS A 310 38.22 2.70 7.78
CA CYS A 310 37.13 1.73 7.84
C CYS A 310 37.60 0.44 8.49
N GLN A 311 38.76 -0.07 8.06
CA GLN A 311 39.30 -1.26 8.71
C GLN A 311 39.51 -1.04 10.19
N ALA A 312 40.07 0.12 10.56
CA ALA A 312 40.29 0.42 11.97
C ALA A 312 38.98 0.48 12.73
N ARG A 313 37.94 1.02 12.10
CA ARG A 313 36.66 1.14 12.80
C ARG A 313 36.04 -0.24 13.03
N LEU A 314 36.11 -1.13 12.03
CA LEU A 314 35.64 -2.48 12.27
C LEU A 314 36.51 -3.19 13.30
N ASP A 315 37.77 -2.78 13.46
CA ASP A 315 38.62 -3.42 14.45
C ASP A 315 38.34 -2.88 15.85
N VAL A 316 37.85 -1.66 15.97
CA VAL A 316 37.49 -1.14 17.27
C VAL A 316 36.13 -1.62 17.70
N CYS A 317 35.19 -1.74 16.75
CA CYS A 317 33.83 -2.14 17.09
C CYS A 317 33.74 -3.54 17.66
N MET A 318 34.75 -4.37 17.44
CA MET A 318 34.76 -5.75 17.93
C MET A 318 35.86 -5.94 18.96
N GLY A 319 36.05 -4.96 19.82
CA GLY A 319 37.08 -5.03 20.84
C GLY A 319 36.56 -5.57 22.15
N GLY A 320 35.42 -5.06 22.61
CA GLY A 320 34.88 -5.51 23.88
C GLY A 320 34.49 -6.98 23.85
N LYS A 321 33.85 -7.40 22.77
CA LYS A 321 33.46 -8.80 22.61
C LYS A 321 34.65 -9.73 22.76
N ILE A 322 35.78 -9.39 22.13
CA ILE A 322 36.93 -10.28 22.16
C ILE A 322 37.62 -10.22 23.51
N ALA A 323 37.52 -9.10 24.24
CA ALA A 323 38.09 -9.05 25.57
C ALA A 323 37.31 -9.93 26.53
N GLU A 324 35.98 -9.79 26.53
CA GLU A 324 35.15 -10.66 27.36
C GLU A 324 35.31 -12.12 26.98
N GLU A 325 35.50 -12.41 25.70
CA GLU A 325 35.70 -13.79 25.30
C GLU A 325 37.05 -14.33 25.75
N LEU A 326 38.11 -13.54 25.60
CA LEU A 326 39.43 -14.01 25.98
C LEU A 326 39.53 -14.20 27.48
N ILE A 327 38.90 -13.33 28.25
CA ILE A 327 39.01 -13.43 29.70
C ILE A 327 38.06 -14.48 30.26
N TYR A 328 36.76 -14.33 29.99
CA TYR A 328 35.74 -15.14 30.62
C TYR A 328 35.46 -16.44 29.87
N GLY A 329 36.38 -16.92 29.08
CA GLY A 329 36.05 -18.05 28.26
C GLY A 329 35.07 -17.63 27.18
N LYS A 330 34.53 -18.63 26.49
CA LYS A 330 33.66 -18.30 25.37
C LYS A 330 32.18 -18.42 25.71
N ASP A 331 31.81 -19.41 26.52
CA ASP A 331 30.41 -19.63 26.83
C ASP A 331 29.90 -18.73 27.95
N ASN A 332 30.70 -17.77 28.39
CA ASN A 332 30.21 -16.69 29.25
C ASN A 332 30.11 -15.38 28.50
N THR A 333 30.06 -15.44 27.17
CA THR A 333 29.77 -14.26 26.37
C THR A 333 28.40 -13.73 26.73
N THR A 334 28.25 -12.42 26.74
CA THR A 334 26.97 -11.85 27.10
C THR A 334 26.23 -11.36 25.86
N SER A 335 25.03 -10.83 26.09
CA SER A 335 24.27 -10.21 25.03
C SER A 335 24.52 -8.71 24.94
N GLY A 336 25.38 -8.16 25.79
CA GLY A 336 25.65 -6.74 25.77
C GLY A 336 26.43 -6.28 24.56
N CYS A 337 27.00 -7.21 23.80
CA CYS A 337 27.75 -6.86 22.61
C CYS A 337 26.89 -6.79 21.36
N GLY A 338 25.59 -6.50 21.50
CA GLY A 338 24.75 -6.40 20.33
C GLY A 338 24.95 -5.10 19.57
N SER A 339 24.89 -3.97 20.27
CA SER A 339 24.99 -2.67 19.61
C SER A 339 26.36 -2.45 18.98
N ASP A 340 27.39 -3.16 19.44
CA ASP A 340 28.68 -3.08 18.78
C ASP A 340 28.60 -3.74 17.40
N LEU A 341 28.05 -4.96 17.36
CA LEU A 341 27.96 -5.69 16.10
C LEU A 341 27.02 -4.99 15.13
N GLN A 342 26.02 -4.28 15.65
CA GLN A 342 25.09 -3.57 14.78
C GLN A 342 25.80 -2.50 13.96
N SER A 343 26.47 -1.58 14.66
CA SER A 343 27.23 -0.53 13.98
C SER A 343 28.32 -1.13 13.10
N ALA A 344 28.97 -2.21 13.57
CA ALA A 344 30.00 -2.85 12.75
C ALA A 344 29.43 -3.32 11.42
N THR A 345 28.29 -4.02 11.44
CA THR A 345 27.67 -4.44 10.20
C THR A 345 27.30 -3.26 9.32
N GLY A 346 26.84 -2.17 9.93
CA GLY A 346 26.56 -0.98 9.15
C GLY A 346 27.75 -0.49 8.36
N THR A 347 28.90 -0.35 9.04
CA THR A 347 30.09 0.12 8.36
C THR A 347 30.55 -0.87 7.30
N ALA A 348 30.35 -2.16 7.54
CA ALA A 348 30.82 -3.15 6.57
C ALA A 348 30.01 -3.08 5.28
N ARG A 349 28.69 -3.05 5.38
CA ARG A 349 27.91 -2.94 4.15
C ARG A 349 28.16 -1.60 3.47
N ALA A 350 28.36 -0.54 4.25
CA ALA A 350 28.75 0.73 3.65
C ALA A 350 30.04 0.59 2.85
N MET A 351 31.02 -0.15 3.38
CA MET A 351 32.25 -0.39 2.64
C MET A 351 31.99 -1.11 1.33
N VAL A 352 31.28 -2.22 1.36
CA VAL A 352 31.23 -3.15 0.23
C VAL A 352 30.26 -2.67 -0.85
N THR A 353 29.14 -2.08 -0.46
CA THR A 353 28.09 -1.82 -1.43
C THR A 353 28.03 -0.38 -1.92
N GLN A 354 28.69 0.56 -1.26
CA GLN A 354 28.62 1.96 -1.68
C GLN A 354 29.97 2.51 -2.09
N TYR A 355 31.00 2.38 -1.25
CA TYR A 355 32.25 3.06 -1.52
C TYR A 355 33.14 2.29 -2.49
N GLY A 356 32.69 1.15 -3.00
CA GLY A 356 33.52 0.38 -3.89
C GLY A 356 34.80 -0.12 -3.28
N MET A 357 34.78 -0.48 -1.99
CA MET A 357 35.97 -0.95 -1.31
C MET A 357 36.31 -2.39 -1.62
N SER A 358 35.45 -3.12 -2.33
CA SER A 358 35.62 -4.55 -2.50
C SER A 358 36.07 -4.89 -3.91
N ASP A 359 37.05 -5.78 -4.02
CA ASP A 359 37.56 -6.20 -5.31
C ASP A 359 36.83 -7.42 -5.85
N ASP A 360 36.03 -8.10 -5.04
CA ASP A 360 35.30 -9.27 -5.48
C ASP A 360 33.94 -8.92 -6.06
N VAL A 361 33.31 -7.87 -5.56
CA VAL A 361 32.17 -7.29 -6.27
C VAL A 361 32.66 -6.54 -7.49
N GLY A 362 33.50 -5.55 -7.29
CA GLY A 362 33.95 -4.70 -8.37
C GLY A 362 33.70 -3.25 -8.05
N PRO A 363 33.92 -2.38 -9.03
CA PRO A 363 33.75 -0.94 -8.80
C PRO A 363 32.31 -0.48 -9.05
N VAL A 364 31.37 -1.13 -8.40
CA VAL A 364 29.95 -0.91 -8.68
C VAL A 364 29.25 -0.43 -7.42
N ASN A 365 28.22 0.38 -7.61
CA ASN A 365 27.39 0.90 -6.51
C ASN A 365 26.14 0.04 -6.41
N LEU A 366 26.05 -0.76 -5.35
CA LEU A 366 24.90 -1.60 -5.12
C LEU A 366 23.92 -0.98 -4.11
N SER A 367 24.08 0.30 -3.79
CA SER A 367 23.32 0.88 -2.69
C SER A 367 21.86 1.08 -3.05
N GLU A 368 21.58 1.95 -4.01
CA GLU A 368 20.19 2.27 -4.32
C GLU A 368 19.61 1.22 -5.24
N GLU A 369 18.30 1.03 -5.13
CA GLU A 369 17.60 -0.15 -5.63
C GLU A 369 18.42 -1.41 -5.40
N TRP A 370 18.70 -1.65 -4.11
CA TRP A 370 19.35 -2.89 -3.71
C TRP A 370 18.59 -4.11 -4.16
N GLU A 371 17.27 -4.01 -4.26
CA GLU A 371 16.46 -5.18 -4.58
C GLU A 371 16.46 -5.49 -6.07
N SER A 372 16.65 -4.50 -6.93
CA SER A 372 16.53 -4.73 -8.37
C SER A 372 17.66 -5.56 -8.94
N TRP A 373 18.72 -5.79 -8.18
CA TRP A 373 19.80 -6.65 -8.66
C TRP A 373 19.34 -8.10 -8.64
N SER A 374 20.26 -8.99 -8.96
CA SER A 374 19.95 -10.41 -9.01
C SER A 374 20.17 -11.03 -7.63
N ASN A 375 20.18 -12.36 -7.56
CA ASN A 375 20.53 -13.04 -6.33
C ASN A 375 21.99 -13.46 -6.28
N LYS A 376 22.61 -13.68 -7.44
CA LYS A 376 24.00 -14.08 -7.50
C LYS A 376 24.93 -12.94 -7.09
N ILE A 377 24.68 -11.76 -7.63
CA ILE A 377 25.49 -10.59 -7.31
C ILE A 377 25.51 -10.35 -5.80
N ARG A 378 24.34 -10.37 -5.17
CA ARG A 378 24.33 -10.01 -3.75
C ARG A 378 24.58 -11.20 -2.84
N ASP A 379 24.56 -12.44 -3.36
CA ASP A 379 25.24 -13.50 -2.64
C ASP A 379 26.73 -13.19 -2.54
N ILE A 380 27.35 -12.75 -3.65
CA ILE A 380 28.74 -12.37 -3.57
C ILE A 380 28.95 -11.19 -2.64
N ALA A 381 28.05 -10.20 -2.69
CA ALA A 381 28.18 -9.03 -1.84
C ALA A 381 28.13 -9.40 -0.36
N ASP A 382 27.06 -10.07 0.06
CA ASP A 382 26.93 -10.43 1.46
C ASP A 382 28.03 -11.36 1.93
N ASN A 383 28.48 -12.29 1.09
CA ASN A 383 29.66 -13.07 1.43
C ASN A 383 30.85 -12.17 1.73
N GLU A 384 31.10 -11.18 0.89
CA GLU A 384 32.24 -10.30 1.14
C GLU A 384 32.08 -9.54 2.45
N VAL A 385 30.85 -9.12 2.76
CA VAL A 385 30.60 -8.42 4.02
C VAL A 385 30.99 -9.29 5.20
N ILE A 386 30.46 -10.51 5.24
CA ILE A 386 30.76 -11.37 6.38
C ILE A 386 32.24 -11.71 6.45
N GLU A 387 32.92 -11.82 5.31
CA GLU A 387 34.35 -12.05 5.41
C GLU A 387 35.09 -10.85 5.96
N LEU A 388 34.63 -9.63 5.66
CA LEU A 388 35.23 -8.46 6.30
C LEU A 388 35.09 -8.53 7.81
N LEU A 389 33.88 -8.82 8.31
CA LEU A 389 33.71 -8.84 9.76
C LEU A 389 34.52 -9.95 10.42
N LYS A 390 34.52 -11.16 9.86
CA LYS A 390 35.31 -12.25 10.43
C LYS A 390 36.78 -11.89 10.48
N ASP A 391 37.32 -11.33 9.40
CA ASP A 391 38.70 -10.88 9.42
C ASP A 391 38.93 -9.86 10.53
N SER A 392 37.99 -8.94 10.72
CA SER A 392 38.14 -7.95 11.77
C SER A 392 38.24 -8.59 13.15
N GLU A 393 37.34 -9.53 13.48
CA GLU A 393 37.43 -10.12 14.80
C GLU A 393 38.70 -10.92 14.95
N GLU A 394 39.21 -11.47 13.85
CA GLU A 394 40.49 -12.16 13.96
C GLU A 394 41.61 -11.20 14.33
N ARG A 395 41.65 -10.01 13.70
CA ARG A 395 42.70 -9.07 14.05
C ARG A 395 42.56 -8.57 15.48
N ALA A 396 41.34 -8.30 15.94
CA ALA A 396 41.18 -7.91 17.33
C ALA A 396 41.61 -9.01 18.28
N ARG A 397 41.31 -10.26 17.94
CA ARG A 397 41.76 -11.38 18.75
C ARG A 397 43.27 -11.44 18.85
N ARG A 398 43.96 -11.24 17.73
CA ARG A 398 45.41 -11.26 17.77
C ARG A 398 45.96 -10.12 18.60
N LEU A 399 45.39 -8.92 18.45
CA LEU A 399 45.99 -7.78 19.12
C LEU A 399 45.70 -7.78 20.62
N LEU A 400 44.56 -8.31 21.04
CA LEU A 400 44.32 -8.42 22.46
C LEU A 400 45.00 -9.61 23.09
N THR A 401 45.20 -10.69 22.33
CA THR A 401 46.01 -11.79 22.84
C THR A 401 47.48 -11.40 22.89
N LYS A 402 47.87 -10.37 22.15
CA LYS A 402 49.24 -9.86 22.23
C LYS A 402 49.40 -8.83 23.34
N LYS A 403 48.35 -8.04 23.60
CA LYS A 403 48.40 -6.92 24.54
C LYS A 403 47.72 -7.24 25.86
N ASN A 404 47.91 -8.46 26.37
CA ASN A 404 47.18 -8.91 27.54
C ASN A 404 47.44 -8.03 28.76
N VAL A 405 48.72 -7.79 29.08
CA VAL A 405 49.08 -7.18 30.35
C VAL A 405 48.53 -5.76 30.44
N GLU A 406 48.64 -4.99 29.35
CA GLU A 406 47.97 -3.70 29.31
C GLU A 406 46.47 -3.84 29.45
N LEU A 407 45.90 -4.97 29.04
CA LEU A 407 44.46 -5.16 29.18
C LEU A 407 44.07 -5.28 30.64
N HIS A 408 44.76 -6.15 31.39
CA HIS A 408 44.47 -6.23 32.82
C HIS A 408 44.77 -4.91 33.52
N ARG A 409 45.89 -4.26 33.16
CA ARG A 409 46.24 -3.00 33.81
C ARG A 409 45.18 -1.94 33.60
N LEU A 410 44.75 -1.74 32.37
CA LEU A 410 43.72 -0.75 32.11
C LEU A 410 42.39 -1.12 32.74
N ALA A 411 42.07 -2.41 32.80
CA ALA A 411 40.85 -2.83 33.48
C ALA A 411 40.86 -2.43 34.94
N GLN A 412 41.89 -2.84 35.68
CA GLN A 412 41.97 -2.46 37.09
C GLN A 412 42.05 -0.95 37.25
N GLY A 413 42.68 -0.26 36.30
CA GLY A 413 42.67 1.18 36.32
C GLY A 413 41.27 1.75 36.25
N LEU A 414 40.40 1.15 35.45
CA LEU A 414 39.02 1.60 35.43
C LEU A 414 38.26 1.21 36.68
N ILE A 415 38.57 0.08 37.30
CA ILE A 415 37.83 -0.32 38.49
C ILE A 415 38.18 0.59 39.66
N GLU A 416 39.44 1.03 39.74
CA GLU A 416 39.83 1.92 40.81
C GLU A 416 39.44 3.36 40.50
N TYR A 417 39.87 3.86 39.35
CA TYR A 417 39.50 5.16 38.85
C TYR A 417 38.38 4.97 37.83
N GLU A 418 37.21 5.55 38.09
CA GLU A 418 36.08 5.27 37.22
C GLU A 418 36.15 6.03 35.91
N THR A 419 37.23 6.74 35.63
CA THR A 419 37.36 7.51 34.40
C THR A 419 38.84 7.76 34.14
N LEU A 420 39.21 7.84 32.87
CA LEU A 420 40.61 8.01 32.51
C LEU A 420 40.69 8.73 31.16
N ASP A 421 41.40 9.85 31.12
CA ASP A 421 41.60 10.55 29.86
C ASP A 421 42.70 9.85 29.08
N ALA A 422 43.16 10.49 28.01
CA ALA A 422 44.17 9.87 27.16
C ALA A 422 45.50 9.68 27.89
N HIS A 423 45.97 10.73 28.56
CA HIS A 423 47.26 10.66 29.24
C HIS A 423 47.23 9.65 30.38
N GLU A 424 46.24 9.78 31.27
CA GLU A 424 46.11 8.87 32.40
C GLU A 424 46.03 7.43 31.96
N ILE A 425 45.33 7.14 30.86
CA ILE A 425 45.39 5.80 30.29
C ILE A 425 46.82 5.48 29.86
N GLU A 426 47.48 6.47 29.23
CA GLU A 426 48.81 6.26 28.68
C GLU A 426 49.80 5.83 29.74
N GLN A 427 49.64 6.30 30.97
CA GLN A 427 50.60 5.91 32.00
C GLN A 427 50.07 4.81 32.90
N VAL A 428 48.73 4.66 33.02
CA VAL A 428 48.19 3.52 33.74
C VAL A 428 48.51 2.23 33.01
N CYS A 429 48.60 2.28 31.69
CA CYS A 429 49.00 1.09 30.94
C CYS A 429 50.47 0.78 31.14
N LYS A 430 51.30 1.80 31.36
CA LYS A 430 52.72 1.62 31.59
C LYS A 430 53.04 1.24 33.03
N GLY A 431 52.04 0.85 33.82
CA GLY A 431 52.30 0.39 35.17
C GLY A 431 52.84 1.46 36.09
N GLU A 432 52.60 2.72 35.78
CA GLU A 432 53.02 3.83 36.63
C GLU A 432 51.96 4.06 37.70
N LYS A 433 52.07 5.16 38.43
CA LYS A 433 51.14 5.47 39.51
C LYS A 433 50.54 6.84 39.27
N LEU A 434 49.22 6.91 39.26
CA LEU A 434 48.53 8.14 38.92
C LEU A 434 48.21 8.97 40.15
N ALA A 435 48.40 10.28 40.02
CA ALA A 435 48.23 11.22 41.13
C ALA A 435 46.86 11.90 41.03
N LYS A 436 45.84 11.16 41.42
CA LYS A 436 44.50 11.68 41.53
C LYS A 436 43.78 10.88 42.61
N LEU A 437 42.47 11.02 42.67
CA LEU A 437 41.70 10.46 43.78
C LEU A 437 40.96 9.21 43.35
N LYS A 438 40.67 8.36 44.34
CA LYS A 438 39.96 7.12 44.12
C LYS A 438 38.45 7.38 44.06
N THR A 439 37.69 6.35 43.72
CA THR A 439 36.24 6.43 43.65
C THR A 439 35.69 6.65 45.06
N LYS B 1 4.08 16.49 47.26
CA LYS B 1 5.49 16.43 47.67
C LYS B 1 6.31 15.58 46.71
N PHE B 2 7.52 16.04 46.41
CA PHE B 2 8.49 15.23 45.68
C PHE B 2 8.82 13.94 46.40
N ASP B 3 8.61 13.87 47.72
CA ASP B 3 8.81 12.63 48.43
C ASP B 3 7.80 11.57 48.02
N ASP B 4 6.66 11.99 47.47
CA ASP B 4 5.62 11.09 47.02
C ASP B 4 5.88 10.55 45.62
N VAL B 5 7.08 10.77 45.07
CA VAL B 5 7.43 10.18 43.79
C VAL B 5 8.58 9.21 44.01
N CYS B 6 8.26 7.97 44.33
CA CYS B 6 9.27 7.02 44.76
C CYS B 6 9.76 6.19 43.58
N GLY B 7 11.07 6.17 43.40
CA GLY B 7 11.64 5.63 42.19
C GLY B 7 11.91 6.77 41.23
N CYS B 8 12.68 6.51 40.17
CA CYS B 8 13.12 7.51 39.20
C CYS B 8 13.62 8.78 39.88
N ASP B 9 14.70 8.63 40.64
CA ASP B 9 15.25 9.76 41.38
C ASP B 9 15.91 10.79 40.47
N GLU B 10 16.26 10.40 39.24
CA GLU B 10 16.99 11.32 38.36
C GLU B 10 16.10 12.43 37.85
N ALA B 11 14.92 12.09 37.33
CA ALA B 11 13.99 13.13 36.91
C ALA B 11 13.56 13.99 38.09
N ARG B 12 13.36 13.37 39.25
CA ARG B 12 12.98 14.13 40.44
C ARG B 12 14.08 15.13 40.81
N ALA B 13 15.33 14.77 40.60
CA ALA B 13 16.40 15.75 40.77
C ALA B 13 16.32 16.84 39.72
N GLU B 14 16.12 16.45 38.46
CA GLU B 14 16.07 17.40 37.35
C GLU B 14 14.96 18.42 37.51
N LEU B 15 13.93 18.13 38.30
CA LEU B 15 12.89 19.09 38.59
C LEU B 15 13.08 19.81 39.91
N GLU B 16 13.69 19.14 40.91
CA GLU B 16 14.05 19.83 42.13
C GLU B 16 15.02 20.97 41.86
N GLU B 17 15.88 20.82 40.85
CA GLU B 17 16.78 21.93 40.54
C GLU B 17 16.03 23.10 39.92
N ILE B 18 14.94 22.83 39.20
CA ILE B 18 14.16 23.93 38.65
C ILE B 18 13.39 24.65 39.74
N VAL B 19 12.75 23.89 40.62
CA VAL B 19 12.04 24.51 41.74
C VAL B 19 12.99 25.32 42.60
N ASP B 20 14.13 24.74 42.93
CA ASP B 20 15.10 25.46 43.75
C ASP B 20 15.66 26.67 43.02
N PHE B 21 15.86 26.57 41.71
CA PHE B 21 16.27 27.74 40.95
C PHE B 21 15.23 28.84 41.09
N LEU B 22 13.96 28.47 41.12
CA LEU B 22 12.90 29.48 41.23
C LEU B 22 12.85 30.10 42.62
N LYS B 23 13.14 29.31 43.66
CA LYS B 23 13.05 29.86 45.02
C LYS B 23 14.14 30.90 45.27
N ASP B 24 15.40 30.47 45.24
CA ASP B 24 16.53 31.35 45.59
C ASP B 24 17.53 31.34 44.46
N PRO B 25 17.49 32.33 43.57
CA PRO B 25 18.34 32.27 42.37
C PRO B 25 19.79 32.63 42.61
N THR B 26 20.13 33.17 43.78
CA THR B 26 21.51 33.62 44.01
C THR B 26 22.49 32.45 43.96
N LYS B 27 22.04 31.25 44.33
CA LYS B 27 22.92 30.09 44.32
C LYS B 27 23.29 29.67 42.91
N TYR B 28 22.58 30.19 41.92
CA TYR B 28 22.62 29.65 40.57
C TYR B 28 23.00 30.67 39.50
N GLU B 29 22.49 31.89 39.58
CA GLU B 29 22.76 32.92 38.58
C GLU B 29 24.05 33.66 38.84
N SER B 30 24.91 33.16 39.71
CA SER B 30 26.11 33.92 40.09
C SER B 30 27.09 34.02 38.93
N LEU B 31 27.19 32.97 38.12
CA LEU B 31 28.12 32.95 37.00
C LEU B 31 27.45 33.21 35.66
N GLY B 32 26.20 33.64 35.66
CA GLY B 32 25.52 33.98 34.43
C GLY B 32 24.68 32.89 33.83
N GLY B 33 24.35 31.85 34.59
CA GLY B 33 23.40 30.86 34.11
C GLY B 33 21.98 31.39 34.18
N LYS B 34 21.08 30.76 33.42
CA LYS B 34 19.71 31.22 33.33
C LYS B 34 18.74 30.04 33.43
N LEU B 35 17.46 30.36 33.49
CA LEU B 35 16.44 29.34 33.63
C LEU B 35 16.49 28.40 32.43
N PRO B 36 16.19 27.12 32.61
CA PRO B 36 15.90 26.26 31.48
C PRO B 36 14.49 26.51 31.00
N LYS B 37 14.37 27.07 29.81
CA LYS B 37 13.08 27.49 29.29
C LYS B 37 12.36 26.30 28.65
N GLY B 38 11.91 25.36 29.48
CA GLY B 38 11.19 24.22 28.99
C GLY B 38 11.77 22.88 29.40
N VAL B 39 10.90 21.91 29.70
CA VAL B 39 11.29 20.57 30.08
C VAL B 39 10.37 19.59 29.39
N LEU B 40 10.91 18.46 28.96
CA LEU B 40 10.14 17.46 28.24
C LEU B 40 10.25 16.10 28.93
N LEU B 41 9.15 15.68 29.55
CA LEU B 41 9.07 14.40 30.25
C LEU B 41 8.61 13.34 29.26
N THR B 42 9.49 12.42 28.89
CA THR B 42 9.20 11.37 27.93
C THR B 42 9.46 10.01 28.54
N GLY B 43 8.49 9.10 28.40
CA GLY B 43 8.66 7.74 28.88
C GLY B 43 7.47 6.87 28.55
N PRO B 44 7.54 5.59 28.93
CA PRO B 44 6.45 4.66 28.63
C PRO B 44 5.18 5.01 29.37
N PRO B 45 4.12 4.22 29.21
CA PRO B 45 2.85 4.55 29.86
C PRO B 45 2.82 4.11 31.31
N GLY B 46 2.49 5.05 32.20
CA GLY B 46 2.29 4.75 33.59
C GLY B 46 3.51 4.88 34.48
N THR B 47 4.58 5.48 34.00
CA THR B 47 5.84 5.50 34.75
C THR B 47 5.91 6.63 35.77
N GLY B 48 5.03 7.62 35.69
CA GLY B 48 5.02 8.65 36.71
C GLY B 48 5.29 10.06 36.26
N LYS B 49 4.86 10.42 35.05
CA LYS B 49 5.14 11.75 34.52
C LYS B 49 4.20 12.79 35.11
N THR B 50 2.90 12.63 34.89
CA THR B 50 1.95 13.59 35.45
C THR B 50 1.98 13.60 36.97
N LEU B 51 2.50 12.54 37.59
CA LEU B 51 2.80 12.61 39.02
C LEU B 51 3.86 13.66 39.29
N LEU B 52 4.87 13.74 38.43
CA LEU B 52 5.89 14.78 38.58
C LEU B 52 5.34 16.16 38.24
N ALA B 53 4.38 16.24 37.33
CA ALA B 53 3.73 17.52 37.08
C ALA B 53 2.92 17.96 38.30
N ARG B 54 2.17 17.04 38.89
CA ARG B 54 1.40 17.36 40.10
C ARG B 54 2.30 17.76 41.24
N ALA B 55 3.38 17.00 41.47
CA ALA B 55 4.31 17.33 42.54
C ALA B 55 4.98 18.67 42.30
N THR B 56 5.47 18.89 41.07
CA THR B 56 6.08 20.16 40.70
C THR B 56 5.15 21.32 40.98
N ALA B 57 3.88 21.18 40.59
CA ALA B 57 2.93 22.23 40.93
C ALA B 57 2.64 22.29 42.41
N GLY B 58 2.96 21.23 43.16
CA GLY B 58 2.73 21.26 44.59
C GLY B 58 3.78 22.07 45.33
N GLU B 59 5.05 21.87 45.00
CA GLU B 59 6.13 22.56 45.68
C GLU B 59 6.76 23.65 44.83
N ALA B 60 5.98 24.39 44.05
CA ALA B 60 6.56 25.38 43.16
C ALA B 60 6.44 26.78 43.74
N GLY B 61 5.30 27.10 44.34
CA GLY B 61 5.09 28.44 44.87
C GLY B 61 4.76 29.49 43.83
N VAL B 62 4.80 29.15 42.55
CA VAL B 62 4.53 30.09 41.47
C VAL B 62 3.22 29.70 40.79
N ASP B 63 2.73 30.58 39.93
CA ASP B 63 1.47 30.32 39.26
C ASP B 63 1.64 29.24 38.19
N PHE B 64 0.83 28.20 38.29
CA PHE B 64 0.98 26.99 37.48
C PHE B 64 -0.24 26.88 36.56
N PHE B 65 0.02 26.74 35.26
CA PHE B 65 -1.03 26.63 34.26
C PHE B 65 -0.93 25.30 33.56
N PHE B 66 -2.06 24.62 33.36
CA PHE B 66 -2.06 23.31 32.72
C PHE B 66 -3.23 23.20 31.76
N MET B 67 -2.97 22.58 30.62
CA MET B 67 -4.01 22.15 29.70
C MET B 67 -3.57 20.85 29.06
N SER B 68 -4.43 20.31 28.21
CA SER B 68 -4.11 19.12 27.44
C SER B 68 -3.75 19.50 26.01
N GLY B 69 -3.26 18.53 25.26
CA GLY B 69 -3.05 18.74 23.85
C GLY B 69 -4.32 18.65 23.03
N SER B 70 -5.36 18.06 23.57
CA SER B 70 -6.61 17.87 22.86
C SER B 70 -7.70 18.83 23.32
N GLU B 71 -7.32 19.98 23.89
CA GLU B 71 -8.27 20.99 24.30
C GLU B 71 -8.17 22.26 23.49
N PHE B 72 -7.31 22.27 22.47
CA PHE B 72 -7.06 23.47 21.68
C PHE B 72 -7.91 23.49 20.42
N ASP B 73 -7.72 22.50 19.55
CA ASP B 73 -8.45 22.48 18.29
C ASP B 73 -9.94 22.32 18.54
N GLU B 74 -10.75 22.97 17.72
CA GLU B 74 -12.20 22.78 17.83
C GLU B 74 -12.83 23.23 16.50
N VAL B 75 -14.14 23.45 16.51
CA VAL B 75 -14.95 23.44 15.28
C VAL B 75 -14.41 24.42 14.25
N TYR B 76 -13.96 25.57 14.69
CA TYR B 76 -13.68 26.68 13.78
C TYR B 76 -12.19 26.76 13.47
N VAL B 77 -11.85 27.65 12.54
CA VAL B 77 -10.51 27.73 12.00
C VAL B 77 -9.66 28.65 12.86
N GLY B 78 -8.44 28.23 13.17
CA GLY B 78 -7.58 29.04 13.99
C GLY B 78 -8.12 29.33 15.37
N VAL B 79 -8.75 28.35 16.02
CA VAL B 79 -9.19 28.56 17.38
C VAL B 79 -8.15 28.06 18.37
N GLY B 80 -7.50 26.94 18.07
CA GLY B 80 -6.38 26.52 18.90
C GLY B 80 -5.28 27.55 18.92
N ALA B 81 -5.07 28.25 17.79
CA ALA B 81 -4.06 29.30 17.76
C ALA B 81 -4.37 30.39 18.77
N LYS B 82 -5.58 30.97 18.70
CA LYS B 82 -5.90 32.05 19.63
C LYS B 82 -5.97 31.56 21.06
N ARG B 83 -6.30 30.29 21.27
CA ARG B 83 -6.27 29.77 22.64
C ARG B 83 -4.83 29.65 23.14
N ILE B 84 -3.87 29.43 22.24
CA ILE B 84 -2.48 29.44 22.66
C ILE B 84 -2.00 30.86 22.92
N ARG B 85 -2.34 31.80 22.04
CA ARG B 85 -1.97 33.19 22.29
C ARG B 85 -2.57 33.70 23.59
N ASP B 86 -3.78 33.27 23.91
CA ASP B 86 -4.38 33.64 25.19
C ASP B 86 -3.68 32.96 26.35
N LEU B 87 -3.33 31.67 26.20
CA LEU B 87 -2.64 30.96 27.27
C LEU B 87 -1.34 31.65 27.64
N PHE B 88 -0.47 31.88 26.65
CA PHE B 88 0.78 32.55 26.93
C PHE B 88 0.61 34.02 27.27
N ALA B 89 -0.49 34.65 26.86
CA ALA B 89 -0.73 36.02 27.31
C ALA B 89 -1.02 36.07 28.80
N GLN B 90 -1.96 35.26 29.26
CA GLN B 90 -2.25 35.20 30.69
C GLN B 90 -1.08 34.67 31.48
N ALA B 91 -0.21 33.88 30.86
CA ALA B 91 0.99 33.45 31.56
C ALA B 91 2.00 34.57 31.68
N ARG B 92 2.21 35.33 30.60
CA ARG B 92 3.17 36.42 30.65
C ARG B 92 2.73 37.51 31.62
N SER B 93 1.42 37.68 31.78
CA SER B 93 0.93 38.68 32.74
C SER B 93 1.40 38.35 34.15
N ARG B 94 1.60 37.08 34.46
CA ARG B 94 2.32 36.68 35.66
C ARG B 94 3.81 36.65 35.36
N ALA B 95 4.62 37.17 36.27
CA ALA B 95 6.04 37.30 35.96
C ALA B 95 6.76 35.95 35.91
N PRO B 96 6.97 35.22 37.02
CA PRO B 96 7.50 33.86 36.88
C PRO B 96 6.35 32.86 36.80
N ALA B 97 6.33 32.02 35.78
CA ALA B 97 5.19 31.13 35.57
C ALA B 97 5.64 29.80 35.03
N ILE B 98 4.77 28.81 35.14
CA ILE B 98 4.98 27.48 34.59
C ILE B 98 3.72 27.08 33.86
N ILE B 99 3.89 26.36 32.75
CA ILE B 99 2.78 25.90 31.93
C ILE B 99 3.02 24.43 31.63
N PHE B 100 2.00 23.61 31.87
CA PHE B 100 2.08 22.18 31.66
C PHE B 100 1.09 21.79 30.58
N ILE B 101 1.60 21.24 29.49
CA ILE B 101 0.79 20.78 28.37
C ILE B 101 0.92 19.27 28.31
N ASP B 102 -0.07 18.57 28.86
CA ASP B 102 -0.04 17.12 28.91
C ASP B 102 -0.58 16.54 27.63
N GLN B 103 -0.13 15.32 27.31
CA GLN B 103 -0.46 14.68 26.04
C GLN B 103 -0.07 15.59 24.88
N LEU B 104 1.24 15.82 24.78
CA LEU B 104 1.77 16.77 23.83
C LEU B 104 1.72 16.28 22.39
N ASP B 105 1.29 15.04 22.15
CA ASP B 105 1.22 14.52 20.79
C ASP B 105 0.00 15.05 20.04
N ALA B 106 -1.06 15.42 20.75
CA ALA B 106 -2.28 15.85 20.08
C ALA B 106 -2.07 17.10 19.23
N ILE B 107 -1.08 17.92 19.53
CA ILE B 107 -0.77 19.09 18.72
C ILE B 107 0.67 19.10 18.23
N GLY B 108 1.54 18.25 18.74
CA GLY B 108 2.87 18.11 18.18
C GLY B 108 2.78 17.28 16.92
N GLY B 109 3.68 16.32 16.75
CA GLY B 109 3.60 15.48 15.59
C GLY B 109 4.19 16.13 14.36
N LYS B 110 4.84 15.34 13.51
CA LYS B 110 5.69 15.90 12.47
C LYS B 110 4.87 16.64 11.42
N ARG B 111 5.37 17.79 11.00
CA ARG B 111 4.78 18.48 9.86
C ARG B 111 4.98 17.65 8.60
N ASN B 112 3.95 17.59 7.77
CA ASN B 112 3.90 16.67 6.65
C ASN B 112 3.41 17.41 5.42
N PRO B 113 4.05 17.23 4.26
CA PRO B 113 3.48 17.76 3.02
C PRO B 113 2.22 17.04 2.56
N LYS B 114 1.74 16.05 3.31
CA LYS B 114 0.46 15.41 3.08
C LYS B 114 -0.67 16.07 3.86
N ASP B 115 -0.41 17.23 4.45
CA ASP B 115 -1.34 17.83 5.40
C ASP B 115 -2.38 18.70 4.71
N GLN B 116 -3.60 18.64 5.24
CA GLN B 116 -4.64 19.58 4.88
C GLN B 116 -4.16 21.00 5.20
N ALA B 117 -4.79 21.97 4.56
CA ALA B 117 -4.61 23.35 4.99
C ALA B 117 -5.15 23.51 6.40
N TYR B 118 -4.50 24.35 7.19
CA TYR B 118 -4.88 24.68 8.57
C TYR B 118 -4.52 23.59 9.55
N ALA B 119 -4.02 22.45 9.08
CA ALA B 119 -3.78 21.32 9.96
C ALA B 119 -2.72 21.60 11.01
N LYS B 120 -1.78 22.51 10.73
CA LYS B 120 -0.66 22.76 11.62
C LYS B 120 -0.54 24.24 11.98
N GLN B 121 -1.63 24.84 12.43
CA GLN B 121 -1.62 26.23 12.84
C GLN B 121 -1.41 26.40 14.34
N THR B 122 -1.90 25.48 15.16
CA THR B 122 -1.58 25.51 16.57
C THR B 122 -0.14 25.07 16.83
N LEU B 123 0.35 24.10 16.05
CA LEU B 123 1.76 23.74 16.14
C LEU B 123 2.66 24.93 15.83
N ASN B 124 2.40 25.62 14.73
CA ASN B 124 3.22 26.78 14.37
C ASN B 124 3.07 27.90 15.40
N GLN B 125 1.85 28.17 15.84
CA GLN B 125 1.67 29.23 16.82
C GLN B 125 2.38 28.90 18.13
N LEU B 126 2.50 27.62 18.46
CA LEU B 126 3.30 27.24 19.63
C LEU B 126 4.78 27.46 19.37
N LEU B 127 5.26 27.03 18.19
CA LEU B 127 6.66 27.25 17.86
C LEU B 127 7.04 28.72 17.90
N VAL B 128 6.08 29.60 17.63
CA VAL B 128 6.34 31.03 17.73
C VAL B 128 6.30 31.48 19.18
N GLU B 129 5.32 31.00 19.94
CA GLU B 129 5.20 31.47 21.32
C GLU B 129 6.38 31.02 22.18
N LEU B 130 7.01 29.91 21.82
CA LEU B 130 8.14 29.44 22.63
C LEU B 130 9.41 30.21 22.34
N ASP B 131 9.82 30.25 21.07
CA ASP B 131 11.05 30.91 20.66
C ASP B 131 10.78 31.71 19.38
N GLY B 132 10.35 32.95 19.53
CA GLY B 132 10.00 33.76 18.39
C GLY B 132 10.84 35.02 18.28
N PHE B 133 10.26 36.01 17.61
CA PHE B 133 10.97 37.27 17.38
C PHE B 133 10.93 38.16 18.63
N SER B 134 10.19 37.76 19.65
CA SER B 134 10.03 38.62 20.83
C SER B 134 11.10 38.32 21.87
N GLN B 135 11.25 37.06 22.27
CA GLN B 135 12.30 36.64 23.20
C GLN B 135 12.08 37.20 24.60
N THR B 136 10.84 37.14 25.08
CA THR B 136 10.54 37.58 26.43
C THR B 136 10.50 36.39 27.39
N SER B 137 11.46 36.35 28.31
CA SER B 137 11.62 35.21 29.19
C SER B 137 10.69 35.32 30.39
N GLY B 138 10.94 34.46 31.37
CA GLY B 138 10.11 34.36 32.54
C GLY B 138 9.08 33.26 32.52
N ILE B 139 9.14 32.38 31.52
CA ILE B 139 8.16 31.30 31.36
C ILE B 139 8.91 29.99 31.24
N ILE B 140 8.39 28.95 31.88
CA ILE B 140 8.92 27.60 31.81
C ILE B 140 7.79 26.67 31.46
N ILE B 141 7.83 26.11 30.26
CA ILE B 141 6.79 25.21 29.78
C ILE B 141 7.28 23.79 29.98
N ILE B 142 6.40 22.92 30.46
CA ILE B 142 6.67 21.50 30.65
C ILE B 142 5.79 20.73 29.67
N GLY B 143 6.26 19.58 29.22
CA GLY B 143 5.43 18.78 28.35
C GLY B 143 5.71 17.30 28.46
N ALA B 144 4.68 16.49 28.71
CA ALA B 144 4.81 15.05 28.83
C ALA B 144 4.37 14.40 27.52
N THR B 145 5.02 13.31 27.16
CA THR B 145 4.65 12.63 25.92
C THR B 145 5.13 11.20 25.94
N ASN B 146 4.27 10.29 25.47
CA ASN B 146 4.64 8.89 25.37
C ASN B 146 5.62 8.66 24.22
N PHE B 147 5.41 9.35 23.11
CA PHE B 147 6.17 9.14 21.88
C PHE B 147 7.13 10.30 21.69
N PRO B 148 8.36 10.20 22.18
CA PRO B 148 9.29 11.32 22.03
C PRO B 148 9.63 11.60 20.59
N GLU B 149 9.73 10.55 19.78
CA GLU B 149 10.17 10.68 18.39
C GLU B 149 9.08 11.15 17.44
N ALA B 150 7.81 10.94 17.78
CA ALA B 150 6.73 11.36 16.90
C ALA B 150 6.54 12.87 16.86
N LEU B 151 7.21 13.62 17.74
CA LEU B 151 7.15 15.06 17.69
C LEU B 151 8.03 15.58 16.56
N ASP B 152 7.62 16.70 15.98
CA ASP B 152 8.44 17.33 14.96
C ASP B 152 9.73 17.84 15.60
N LYS B 153 10.83 17.79 14.85
CA LYS B 153 12.12 18.15 15.43
C LYS B 153 12.31 19.65 15.58
N ALA B 154 11.37 20.46 15.11
CA ALA B 154 11.44 21.89 15.32
C ALA B 154 10.83 22.32 16.64
N LEU B 155 10.13 21.42 17.33
CA LEU B 155 9.49 21.74 18.61
C LEU B 155 10.25 21.20 19.80
N THR B 156 11.24 20.34 19.57
CA THR B 156 12.04 19.77 20.65
C THR B 156 13.52 20.15 20.54
N ARG B 157 13.82 21.22 19.84
CA ARG B 157 15.20 21.67 19.75
C ARG B 157 15.48 22.68 20.84
N PRO B 158 16.71 22.72 21.36
CA PRO B 158 17.01 23.59 22.50
C PRO B 158 16.70 25.05 22.23
N GLY B 159 16.45 25.78 23.32
CA GLY B 159 15.73 27.03 23.27
C GLY B 159 14.24 26.83 23.35
N ARG B 160 13.78 25.63 23.02
CA ARG B 160 12.43 25.15 23.26
C ARG B 160 12.57 23.77 23.87
N PHE B 161 12.11 23.60 25.10
CA PHE B 161 12.32 22.34 25.82
C PHE B 161 13.82 22.07 25.98
N ASP B 162 14.45 22.90 26.81
CA ASP B 162 15.89 22.84 27.01
C ASP B 162 16.34 21.46 27.49
N LYS B 163 15.58 20.84 28.38
CA LYS B 163 15.95 19.55 28.96
C LYS B 163 15.01 18.45 28.50
N VAL B 164 15.57 17.32 28.10
CA VAL B 164 14.80 16.13 27.77
C VAL B 164 15.03 15.09 28.85
N VAL B 165 14.04 14.91 29.71
CA VAL B 165 14.10 13.98 30.83
C VAL B 165 13.26 12.76 30.48
N ASN B 166 13.82 11.58 30.65
CA ASN B 166 13.09 10.35 30.45
C ASN B 166 12.86 9.66 31.80
N VAL B 167 11.65 9.14 31.99
CA VAL B 167 11.20 8.61 33.26
C VAL B 167 10.93 7.12 33.11
N ASP B 168 11.81 6.44 32.37
CA ASP B 168 11.68 5.03 32.04
C ASP B 168 11.35 4.17 33.25
N LEU B 169 10.70 3.02 33.01
CA LEU B 169 10.09 2.28 34.09
C LEU B 169 11.14 1.71 35.03
N PRO B 170 10.85 1.63 36.33
CA PRO B 170 11.91 1.47 37.32
C PRO B 170 12.49 0.07 37.35
N ASP B 171 13.63 -0.03 38.00
CA ASP B 171 14.31 -1.30 38.25
C ASP B 171 13.87 -1.84 39.60
N VAL B 172 14.56 -2.90 40.07
CA VAL B 172 14.11 -3.65 41.24
C VAL B 172 14.00 -2.75 42.47
N ARG B 173 15.04 -1.97 42.74
CA ARG B 173 15.05 -1.17 43.95
C ARG B 173 14.03 -0.04 43.89
N GLY B 174 13.78 0.50 42.70
CA GLY B 174 12.69 1.44 42.53
C GLY B 174 11.34 0.81 42.82
N ARG B 175 11.15 -0.43 42.35
CA ARG B 175 9.94 -1.17 42.72
C ARG B 175 9.81 -1.27 44.23
N ALA B 176 10.93 -1.56 44.91
CA ALA B 176 10.94 -1.63 46.36
C ALA B 176 10.45 -0.32 46.97
N ASP B 177 10.97 0.80 46.49
CA ASP B 177 10.57 2.08 47.07
C ASP B 177 9.10 2.38 46.78
N ILE B 178 8.63 2.02 45.58
CA ILE B 178 7.23 2.29 45.24
C ILE B 178 6.31 1.48 46.15
N LEU B 179 6.54 0.17 46.24
CA LEU B 179 5.70 -0.68 47.08
C LEU B 179 5.76 -0.23 48.53
N LYS B 180 6.95 0.08 49.04
CA LYS B 180 7.04 0.61 50.39
C LYS B 180 6.31 1.92 50.52
N HIS B 181 6.12 2.65 49.42
CA HIS B 181 5.40 3.91 49.52
C HIS B 181 3.89 3.70 49.53
N HIS B 182 3.38 2.81 48.70
CA HIS B 182 1.94 2.57 48.71
C HIS B 182 1.49 1.72 49.88
N MET B 183 2.42 1.04 50.56
CA MET B 183 2.07 0.28 51.74
C MET B 183 1.92 1.14 52.98
N LYS B 184 1.74 2.45 52.82
CA LYS B 184 1.56 3.33 53.95
C LYS B 184 0.11 3.72 54.19
N LYS B 185 -0.77 3.41 53.25
CA LYS B 185 -2.20 3.67 53.39
C LYS B 185 -2.97 2.44 53.82
N ILE B 186 -2.32 1.29 53.93
CA ILE B 186 -3.00 0.06 54.29
C ILE B 186 -2.46 -0.44 55.63
N THR B 187 -3.06 -1.50 56.15
CA THR B 187 -2.69 -2.07 57.45
C THR B 187 -1.87 -3.33 57.24
N LEU B 188 -0.59 -3.25 57.55
CA LEU B 188 0.37 -4.25 57.12
C LEU B 188 0.52 -5.39 58.13
N ALA B 189 0.89 -6.56 57.61
CA ALA B 189 1.37 -7.65 58.42
C ALA B 189 2.86 -7.44 58.70
N ASP B 190 3.53 -8.47 59.21
CA ASP B 190 4.91 -8.31 59.63
C ASP B 190 5.89 -9.19 58.88
N ASN B 191 5.43 -10.20 58.15
CA ASN B 191 6.30 -11.02 57.34
C ASN B 191 6.50 -10.47 55.93
N VAL B 192 6.26 -9.17 55.74
CA VAL B 192 6.28 -8.56 54.41
C VAL B 192 7.72 -8.22 54.04
N ASP B 193 8.13 -8.65 52.85
CA ASP B 193 9.46 -8.37 52.32
C ASP B 193 9.31 -7.78 50.93
N PRO B 194 9.19 -6.45 50.81
CA PRO B 194 9.05 -5.83 49.49
C PRO B 194 10.14 -6.20 48.51
N THR B 195 11.31 -6.63 48.98
CA THR B 195 12.31 -7.16 48.06
C THR B 195 11.82 -8.40 47.33
N ILE B 196 10.97 -9.20 47.97
CA ILE B 196 10.50 -10.43 47.33
C ILE B 196 9.51 -10.10 46.23
N ILE B 197 8.52 -9.25 46.53
CA ILE B 197 7.55 -8.86 45.52
C ILE B 197 8.24 -8.11 44.39
N ALA B 198 9.18 -7.24 44.73
CA ALA B 198 9.90 -6.48 43.71
C ALA B 198 10.73 -7.40 42.82
N ARG B 199 11.39 -8.40 43.42
CA ARG B 199 12.09 -9.39 42.60
C ARG B 199 11.10 -10.17 41.73
N GLY B 200 9.86 -10.32 42.18
CA GLY B 200 8.90 -11.10 41.44
C GLY B 200 8.01 -10.33 40.50
N THR B 201 8.28 -9.05 40.27
CA THR B 201 7.48 -8.23 39.36
C THR B 201 8.38 -7.60 38.31
N PRO B 202 9.00 -8.41 37.45
CA PRO B 202 9.93 -7.84 36.46
C PRO B 202 9.23 -7.06 35.37
N GLY B 203 9.31 -5.75 35.44
CA GLY B 203 8.85 -4.90 34.34
C GLY B 203 7.54 -4.20 34.57
N LEU B 204 7.22 -3.87 35.81
CA LEU B 204 5.97 -3.18 36.14
C LEU B 204 6.26 -1.73 36.51
N SER B 205 5.38 -0.85 36.08
CA SER B 205 5.51 0.58 36.33
C SER B 205 4.95 0.89 37.71
N GLY B 206 4.73 2.17 38.01
CA GLY B 206 4.12 2.53 39.26
C GLY B 206 2.66 2.16 39.35
N ALA B 207 1.92 2.36 38.25
CA ALA B 207 0.48 2.10 38.26
C ALA B 207 0.18 0.64 38.58
N GLU B 208 0.94 -0.29 38.00
CA GLU B 208 0.68 -1.70 38.26
C GLU B 208 0.94 -2.07 39.71
N LEU B 209 1.95 -1.46 40.33
CA LEU B 209 2.25 -1.79 41.72
C LEU B 209 1.21 -1.19 42.66
N ALA B 210 0.75 0.03 42.36
CA ALA B 210 -0.36 0.58 43.14
C ALA B 210 -1.60 -0.30 43.02
N ASN B 211 -1.90 -0.75 41.80
CA ASN B 211 -2.99 -1.69 41.58
C ASN B 211 -2.80 -2.95 42.42
N LEU B 212 -1.57 -3.46 42.48
CA LEU B 212 -1.30 -4.68 43.22
C LEU B 212 -1.60 -4.50 44.70
N VAL B 213 -1.09 -3.43 45.30
CA VAL B 213 -1.35 -3.18 46.72
C VAL B 213 -2.83 -3.01 46.99
N ASN B 214 -3.52 -2.25 46.14
CA ASN B 214 -4.94 -2.00 46.36
C ASN B 214 -5.74 -3.30 46.33
N GLN B 215 -5.56 -4.09 45.28
CA GLN B 215 -6.29 -5.35 45.20
C GLN B 215 -5.94 -6.27 46.36
N ALA B 216 -4.70 -6.23 46.83
CA ALA B 216 -4.37 -7.02 48.01
C ALA B 216 -5.15 -6.54 49.24
N ALA B 217 -5.32 -5.23 49.38
CA ALA B 217 -6.05 -4.73 50.53
C ALA B 217 -7.53 -5.11 50.49
N VAL B 218 -8.18 -4.94 49.34
CA VAL B 218 -9.60 -5.30 49.25
C VAL B 218 -9.78 -6.81 49.43
N TYR B 219 -8.91 -7.60 48.79
CA TYR B 219 -9.02 -9.05 48.94
C TYR B 219 -8.84 -9.50 50.37
N ALA B 220 -7.84 -8.96 51.08
CA ALA B 220 -7.72 -9.27 52.49
C ALA B 220 -8.97 -8.85 53.25
N CYS B 221 -9.53 -7.69 52.92
CA CYS B 221 -10.67 -7.20 53.67
C CYS B 221 -11.95 -7.96 53.38
N GLN B 222 -11.95 -8.83 52.35
CA GLN B 222 -13.07 -9.75 52.19
C GLN B 222 -12.96 -10.95 53.13
N LYS B 223 -11.75 -11.44 53.38
CA LYS B 223 -11.52 -12.62 54.21
C LYS B 223 -11.70 -12.34 55.70
N ASN B 224 -12.21 -11.16 56.07
CA ASN B 224 -12.42 -10.80 57.47
C ASN B 224 -11.11 -10.64 58.22
N ALA B 225 -10.00 -10.55 57.50
CA ALA B 225 -8.69 -10.52 58.12
C ALA B 225 -8.49 -9.19 58.86
N VAL B 226 -7.36 -9.08 59.56
CA VAL B 226 -6.99 -7.87 60.26
C VAL B 226 -5.78 -7.20 59.62
N SER B 227 -4.87 -7.98 59.07
CA SER B 227 -3.67 -7.49 58.44
C SER B 227 -3.67 -7.87 56.96
N VAL B 228 -2.55 -7.64 56.30
CA VAL B 228 -2.37 -7.99 54.90
C VAL B 228 -1.16 -8.90 54.83
N ASP B 229 -1.41 -10.21 54.87
CA ASP B 229 -0.35 -11.20 54.91
C ASP B 229 0.44 -11.19 53.60
N MET B 230 1.65 -11.75 53.65
CA MET B 230 2.41 -11.97 52.43
C MET B 230 1.64 -12.83 51.44
N SER B 231 0.87 -13.80 51.94
CA SER B 231 0.06 -14.64 51.06
C SER B 231 -0.92 -13.80 50.24
N HIS B 232 -1.43 -12.72 50.82
CA HIS B 232 -2.32 -11.84 50.08
C HIS B 232 -1.59 -11.17 48.92
N PHE B 233 -0.38 -10.66 49.18
CA PHE B 233 0.40 -10.06 48.12
C PHE B 233 0.74 -11.07 47.03
N GLU B 234 0.97 -12.33 47.41
CA GLU B 234 1.16 -13.33 46.39
C GLU B 234 -0.10 -13.54 45.57
N TRP B 235 -1.27 -13.52 46.23
CA TRP B 235 -2.53 -13.68 45.52
C TRP B 235 -2.74 -12.59 44.49
N ALA B 236 -2.68 -11.33 44.91
CA ALA B 236 -2.85 -10.24 43.96
C ALA B 236 -1.78 -10.28 42.89
N LYS B 237 -0.54 -10.63 43.26
CA LYS B 237 0.54 -10.67 42.29
C LYS B 237 0.26 -11.67 41.18
N ASP B 238 0.16 -12.96 41.51
CA ASP B 238 -0.01 -13.94 40.44
C ASP B 238 -1.37 -13.80 39.76
N LYS B 239 -2.35 -13.20 40.43
CA LYS B 239 -3.59 -12.87 39.74
C LYS B 239 -3.34 -11.87 38.62
N ILE B 240 -2.60 -10.80 38.91
CA ILE B 240 -2.32 -9.79 37.89
C ILE B 240 -1.44 -10.38 36.79
N LEU B 241 -0.49 -11.24 37.14
CA LEU B 241 0.42 -11.77 36.14
C LEU B 241 -0.24 -12.79 35.23
N MET B 242 -0.76 -13.88 35.80
CA MET B 242 -1.19 -15.02 34.99
C MET B 242 -2.69 -15.10 34.80
N GLY B 243 -3.46 -14.16 35.32
CA GLY B 243 -4.90 -14.17 35.12
C GLY B 243 -5.65 -14.70 36.31
N ALA B 244 -6.96 -14.47 36.29
CA ALA B 244 -7.80 -14.84 37.41
C ALA B 244 -7.88 -16.35 37.54
N GLU B 245 -8.07 -16.82 38.77
CA GLU B 245 -8.29 -18.24 39.00
C GLU B 245 -9.72 -18.62 38.64
N ARG B 246 -9.88 -19.80 38.07
CA ARG B 246 -11.20 -20.31 37.70
C ARG B 246 -11.62 -21.40 38.65
N LYS B 247 -12.78 -21.23 39.26
CA LYS B 247 -13.31 -22.16 40.24
C LYS B 247 -14.20 -23.23 39.62
N THR B 248 -14.65 -23.04 38.38
CA THR B 248 -15.67 -23.87 37.79
C THR B 248 -15.11 -24.98 36.91
N MET B 249 -13.85 -24.89 36.50
CA MET B 249 -13.27 -25.87 35.59
C MET B 249 -13.30 -27.26 36.23
N VAL B 250 -14.07 -28.17 35.63
CA VAL B 250 -14.19 -29.54 36.09
C VAL B 250 -13.24 -30.40 35.26
N LEU B 251 -12.34 -31.10 35.92
CA LEU B 251 -11.31 -31.89 35.26
C LEU B 251 -11.45 -33.36 35.61
N THR B 252 -11.02 -34.21 34.69
CA THR B 252 -11.00 -35.64 34.94
C THR B 252 -9.79 -35.99 35.81
N ASP B 253 -9.48 -37.28 35.92
CA ASP B 253 -8.25 -37.69 36.56
C ASP B 253 -7.19 -38.15 35.58
N ALA B 254 -7.44 -38.01 34.27
CA ALA B 254 -6.37 -38.22 33.31
C ALA B 254 -5.76 -36.89 32.89
N ALA B 255 -6.59 -35.85 32.73
CA ALA B 255 -6.08 -34.53 32.42
C ALA B 255 -5.16 -34.02 33.52
N ARG B 256 -5.56 -34.17 34.78
CA ARG B 256 -4.73 -33.70 35.89
C ARG B 256 -3.41 -34.45 35.94
N LYS B 257 -3.41 -35.73 35.60
CA LYS B 257 -2.16 -36.46 35.60
C LYS B 257 -1.25 -35.98 34.48
N ALA B 258 -1.83 -35.73 33.30
CA ALA B 258 -1.04 -35.21 32.19
C ALA B 258 -0.43 -33.87 32.53
N THR B 259 -1.22 -32.94 33.06
CA THR B 259 -0.70 -31.63 33.41
C THR B 259 0.39 -31.74 34.48
N ALA B 260 0.17 -32.63 35.45
CA ALA B 260 1.18 -32.85 36.47
C ALA B 260 2.51 -33.28 35.86
N PHE B 261 2.47 -34.19 34.89
CA PHE B 261 3.73 -34.62 34.30
C PHE B 261 4.36 -33.52 33.43
N HIS B 262 3.55 -32.75 32.71
CA HIS B 262 4.08 -31.66 31.89
C HIS B 262 4.84 -30.65 32.75
N GLU B 263 4.18 -30.13 33.78
CA GLU B 263 4.85 -29.07 34.52
C GLU B 263 5.80 -29.60 35.58
N ALA B 264 5.73 -30.89 35.89
CA ALA B 264 6.87 -31.53 36.54
C ALA B 264 8.07 -31.55 35.61
N GLY B 265 7.83 -31.69 34.31
CA GLY B 265 8.93 -31.59 33.36
C GLY B 265 9.57 -30.22 33.38
N HIS B 266 8.76 -29.17 33.22
CA HIS B 266 9.32 -27.81 33.31
C HIS B 266 10.05 -27.61 34.63
N ALA B 267 9.47 -28.05 35.73
CA ALA B 267 10.06 -27.79 37.05
C ALA B 267 11.40 -28.48 37.20
N ILE B 268 11.52 -29.75 36.81
CA ILE B 268 12.79 -30.44 36.95
C ILE B 268 13.84 -29.82 36.03
N MET B 269 13.47 -29.52 34.79
CA MET B 269 14.44 -28.85 33.92
C MET B 269 14.89 -27.52 34.46
N ALA B 270 14.03 -26.79 35.16
CA ALA B 270 14.43 -25.53 35.79
C ALA B 270 15.02 -25.72 37.16
N LYS B 271 15.16 -26.96 37.60
CA LYS B 271 15.78 -27.26 38.90
C LYS B 271 17.18 -27.81 38.77
N TYR B 272 17.45 -28.64 37.75
CA TYR B 272 18.73 -29.32 37.65
C TYR B 272 19.63 -28.83 36.52
N THR B 273 19.20 -27.85 35.72
CA THR B 273 20.03 -27.39 34.62
C THR B 273 20.96 -26.27 35.09
N ASN B 274 22.19 -26.29 34.60
CA ASN B 274 23.20 -25.34 35.04
C ASN B 274 22.96 -23.99 34.39
N GLY B 275 22.65 -22.99 35.19
CA GLY B 275 22.44 -21.64 34.70
C GLY B 275 21.01 -21.20 34.69
N ALA B 276 20.06 -22.11 34.87
CA ALA B 276 18.65 -21.74 34.83
C ALA B 276 18.31 -20.82 35.99
N THR B 277 17.42 -19.88 35.74
CA THR B 277 16.94 -18.99 36.78
C THR B 277 16.31 -19.83 37.90
N PRO B 278 16.52 -19.48 39.17
CA PRO B 278 16.12 -20.36 40.26
C PRO B 278 14.63 -20.64 40.26
N LEU B 279 14.28 -21.90 40.51
CA LEU B 279 12.88 -22.28 40.57
C LEU B 279 12.21 -21.60 41.75
N TYR B 280 10.92 -21.30 41.61
CA TYR B 280 10.20 -20.57 42.64
C TYR B 280 8.87 -21.21 43.00
N LYS B 281 8.15 -21.81 42.06
CA LYS B 281 6.82 -22.29 42.34
C LYS B 281 6.32 -23.14 41.19
N ALA B 282 5.55 -24.17 41.53
CA ALA B 282 4.92 -25.05 40.56
C ALA B 282 3.45 -25.18 40.93
N THR B 283 2.59 -25.18 39.92
CA THR B 283 1.16 -25.09 40.16
C THR B 283 0.40 -25.95 39.17
N ILE B 284 -0.50 -26.79 39.68
CA ILE B 284 -1.44 -27.49 38.83
C ILE B 284 -2.78 -26.76 38.76
N LEU B 285 -2.99 -25.78 39.61
CA LEU B 285 -4.22 -25.01 39.61
C LEU B 285 -4.30 -24.16 38.35
N PRO B 286 -5.35 -24.30 37.55
CA PRO B 286 -5.43 -23.55 36.30
C PRO B 286 -5.71 -22.08 36.50
N ARG B 287 -4.83 -21.21 36.01
CA ARG B 287 -5.07 -19.78 35.98
C ARG B 287 -6.11 -19.46 34.92
N GLY B 288 -6.25 -18.15 34.65
CA GLY B 288 -7.27 -17.71 33.71
C GLY B 288 -7.03 -18.14 32.28
N ARG B 289 -5.79 -18.49 31.95
CA ARG B 289 -5.49 -18.77 30.55
C ARG B 289 -4.86 -20.15 30.36
N ALA B 290 -4.10 -20.63 31.34
CA ALA B 290 -3.38 -21.89 31.19
C ALA B 290 -3.84 -22.87 32.26
N LEU B 291 -3.51 -24.14 32.03
CA LEU B 291 -3.89 -25.18 32.98
C LEU B 291 -2.95 -25.22 34.17
N GLY B 292 -1.68 -24.92 33.96
CA GLY B 292 -0.73 -24.84 35.04
C GLY B 292 0.37 -23.85 34.72
N ILE B 293 1.22 -23.61 35.70
CA ILE B 293 2.30 -22.65 35.55
C ILE B 293 3.50 -23.11 36.36
N THR B 294 4.69 -22.88 35.82
CA THR B 294 5.93 -22.96 36.57
C THR B 294 6.49 -21.56 36.68
N PHE B 295 6.98 -21.21 37.87
CA PHE B 295 7.47 -19.87 38.15
C PHE B 295 8.97 -19.86 38.32
N GLN B 296 9.64 -19.05 37.52
CA GLN B 296 11.05 -18.76 37.67
C GLN B 296 11.19 -17.44 38.42
N LEU B 297 12.19 -17.35 39.28
CA LEU B 297 12.44 -16.12 40.00
C LEU B 297 13.82 -15.59 39.63
N PRO B 298 13.90 -14.54 38.81
CA PRO B 298 15.21 -13.95 38.50
C PRO B 298 15.88 -13.47 39.78
N GLU B 299 17.21 -13.62 39.81
CA GLU B 299 17.93 -13.52 41.07
C GLU B 299 17.79 -12.14 41.69
N MET B 300 18.41 -11.13 41.08
CA MET B 300 18.57 -9.84 41.73
C MET B 300 19.00 -8.85 40.66
N ASP B 301 19.68 -7.78 41.07
CA ASP B 301 20.40 -6.93 40.14
C ASP B 301 21.14 -7.80 39.13
N LYS B 302 20.70 -7.74 37.88
CA LYS B 302 21.07 -8.74 36.89
C LYS B 302 21.76 -8.09 35.70
N VAL B 303 22.91 -8.64 35.34
CA VAL B 303 23.64 -8.25 34.15
C VAL B 303 22.91 -8.85 32.96
N ASP B 304 23.28 -8.44 31.75
CA ASP B 304 22.71 -9.01 30.54
C ASP B 304 22.91 -10.53 30.54
N ILE B 305 21.97 -11.22 29.93
CA ILE B 305 22.00 -12.67 29.90
C ILE B 305 23.15 -13.15 29.02
N THR B 306 23.89 -14.12 29.51
CA THR B 306 25.01 -14.68 28.77
C THR B 306 24.49 -15.75 27.81
N LYS B 307 25.39 -16.54 27.23
CA LYS B 307 24.96 -17.64 26.38
C LYS B 307 24.42 -18.80 27.19
N ARG B 308 25.09 -19.14 28.28
CA ARG B 308 24.68 -20.27 29.09
C ARG B 308 23.28 -20.08 29.67
N GLU B 309 22.92 -18.84 30.01
CA GLU B 309 21.56 -18.60 30.49
C GLU B 309 20.56 -18.80 29.36
N CYS B 310 20.88 -18.32 28.15
CA CYS B 310 19.99 -18.52 27.02
C CYS B 310 19.75 -20.00 26.75
N GLN B 311 20.82 -20.77 26.58
CA GLN B 311 20.63 -22.19 26.33
C GLN B 311 19.93 -22.88 27.50
N ALA B 312 20.13 -22.41 28.73
CA ALA B 312 19.32 -22.92 29.82
C ALA B 312 17.85 -22.66 29.58
N ARG B 313 17.49 -21.49 29.04
CA ARG B 313 16.09 -21.21 28.77
C ARG B 313 15.54 -22.09 27.65
N LEU B 314 16.36 -22.33 26.61
CA LEU B 314 15.93 -23.28 25.58
C LEU B 314 15.74 -24.68 26.14
N ASP B 315 16.45 -25.03 27.21
CA ASP B 315 16.23 -26.34 27.80
C ASP B 315 14.97 -26.37 28.65
N VAL B 316 14.71 -25.31 29.41
CA VAL B 316 13.51 -25.27 30.23
C VAL B 316 12.27 -25.27 29.36
N CYS B 317 12.34 -24.69 28.17
CA CYS B 317 11.16 -24.67 27.31
C CYS B 317 10.95 -25.96 26.54
N MET B 318 11.56 -27.06 26.95
CA MET B 318 11.40 -28.33 26.27
C MET B 318 11.04 -29.46 27.22
N GLY B 319 11.10 -29.21 28.54
CA GLY B 319 10.84 -30.26 29.51
C GLY B 319 9.41 -30.74 29.53
N GLY B 320 8.46 -29.93 29.05
CA GLY B 320 7.09 -30.38 28.99
C GLY B 320 6.91 -31.37 27.86
N LYS B 321 7.34 -30.96 26.67
CA LYS B 321 7.31 -31.83 25.50
C LYS B 321 8.03 -33.14 25.78
N ILE B 322 9.29 -33.07 26.20
CA ILE B 322 10.05 -34.28 26.47
C ILE B 322 9.46 -35.06 27.64
N ALA B 323 8.88 -34.37 28.61
CA ALA B 323 8.30 -35.04 29.76
C ALA B 323 7.15 -35.95 29.35
N GLU B 324 6.09 -35.36 28.79
CA GLU B 324 4.95 -36.18 28.39
C GLU B 324 5.30 -37.14 27.28
N GLU B 325 6.33 -36.86 26.48
CA GLU B 325 6.79 -37.87 25.52
C GLU B 325 7.37 -39.08 26.23
N LEU B 326 8.27 -38.87 27.20
CA LEU B 326 8.86 -39.99 27.92
C LEU B 326 7.80 -40.79 28.65
N ILE B 327 6.83 -40.12 29.28
CA ILE B 327 5.85 -40.83 30.08
C ILE B 327 4.84 -41.54 29.19
N TYR B 328 4.16 -40.79 28.33
CA TYR B 328 3.00 -41.32 27.62
C TYR B 328 3.30 -41.89 26.24
N GLY B 329 4.37 -41.44 25.59
CA GLY B 329 4.68 -41.98 24.28
C GLY B 329 4.75 -40.93 23.20
N LYS B 330 5.45 -41.24 22.09
CA LYS B 330 5.71 -40.22 21.08
C LYS B 330 4.45 -39.82 20.35
N ASP B 331 3.46 -40.71 20.27
CA ASP B 331 2.23 -40.42 19.56
C ASP B 331 1.15 -39.82 20.44
N ASN B 332 1.50 -39.22 21.57
CA ASN B 332 0.52 -38.63 22.47
C ASN B 332 0.90 -37.21 22.88
N THR B 333 1.81 -36.57 22.16
CA THR B 333 2.15 -35.19 22.48
C THR B 333 1.08 -34.26 21.94
N THR B 334 0.42 -33.56 22.84
CA THR B 334 -0.71 -32.72 22.52
C THR B 334 -0.23 -31.42 21.88
N SER B 335 -1.16 -30.53 21.59
CA SER B 335 -0.84 -29.21 21.07
C SER B 335 -0.52 -28.21 22.16
N GLY B 336 -0.52 -28.64 23.43
CA GLY B 336 -0.24 -27.70 24.51
C GLY B 336 1.17 -27.17 24.47
N CYS B 337 2.08 -27.92 23.86
CA CYS B 337 3.49 -27.52 23.82
C CYS B 337 3.76 -26.42 22.81
N GLY B 338 2.79 -26.13 21.92
CA GLY B 338 3.01 -25.10 20.92
C GLY B 338 3.36 -23.75 21.53
N SER B 339 2.69 -23.39 22.61
CA SER B 339 3.04 -22.16 23.31
C SER B 339 4.42 -22.23 23.93
N ASP B 340 4.99 -23.42 24.09
CA ASP B 340 6.39 -23.53 24.46
C ASP B 340 7.30 -23.30 23.26
N LEU B 341 6.93 -23.88 22.11
CA LEU B 341 7.76 -23.74 20.92
C LEU B 341 7.81 -22.29 20.46
N GLN B 342 6.78 -21.51 20.78
CA GLN B 342 6.80 -20.07 20.54
C GLN B 342 8.04 -19.44 21.16
N SER B 343 8.14 -19.50 22.49
CA SER B 343 9.19 -18.79 23.19
C SER B 343 10.55 -19.42 22.94
N ALA B 344 10.61 -20.75 22.85
CA ALA B 344 11.88 -21.40 22.55
C ALA B 344 12.41 -20.95 21.21
N THR B 345 11.55 -20.93 20.19
CA THR B 345 12.00 -20.48 18.87
C THR B 345 12.43 -19.02 18.89
N GLY B 346 11.66 -18.16 19.56
CA GLY B 346 12.05 -16.77 19.65
C GLY B 346 13.40 -16.58 20.29
N THR B 347 13.66 -17.32 21.38
CA THR B 347 14.96 -17.24 22.03
C THR B 347 16.08 -17.65 21.09
N ALA B 348 15.91 -18.79 20.41
CA ALA B 348 16.99 -19.26 19.55
C ALA B 348 17.28 -18.29 18.41
N ARG B 349 16.24 -17.80 17.73
CA ARG B 349 16.48 -16.80 16.69
C ARG B 349 17.15 -15.56 17.25
N ALA B 350 16.75 -15.11 18.45
CA ALA B 350 17.45 -13.98 19.04
C ALA B 350 18.92 -14.27 19.27
N MET B 351 19.25 -15.49 19.69
CA MET B 351 20.65 -15.86 19.82
C MET B 351 21.39 -15.76 18.50
N VAL B 352 20.92 -16.44 17.47
CA VAL B 352 21.68 -16.58 16.24
C VAL B 352 21.81 -15.27 15.49
N THR B 353 20.77 -14.43 15.47
CA THR B 353 20.83 -13.23 14.64
C THR B 353 21.33 -12.01 15.42
N GLN B 354 20.61 -11.60 16.47
CA GLN B 354 20.95 -10.36 17.14
C GLN B 354 22.23 -10.48 17.95
N TYR B 355 22.22 -11.33 18.97
CA TYR B 355 23.29 -11.31 19.95
C TYR B 355 24.60 -11.87 19.43
N GLY B 356 24.61 -12.44 18.24
CA GLY B 356 25.82 -12.95 17.64
C GLY B 356 26.46 -14.07 18.45
N MET B 357 25.78 -15.21 18.55
CA MET B 357 26.26 -16.32 19.36
C MET B 357 26.44 -17.59 18.54
N SER B 358 26.53 -17.48 17.23
CA SER B 358 26.71 -18.64 16.39
C SER B 358 28.02 -18.52 15.61
N ASP B 359 28.70 -19.64 15.45
CA ASP B 359 30.04 -19.65 14.90
C ASP B 359 30.08 -19.86 13.40
N ASP B 360 28.93 -20.08 12.76
CA ASP B 360 28.86 -20.21 11.32
C ASP B 360 28.32 -18.96 10.64
N VAL B 361 27.36 -18.29 11.26
CA VAL B 361 26.94 -16.99 10.74
C VAL B 361 28.04 -15.96 10.93
N GLY B 362 28.67 -15.98 12.09
CA GLY B 362 29.75 -15.06 12.38
C GLY B 362 29.32 -13.97 13.33
N PRO B 363 30.16 -12.97 13.50
CA PRO B 363 29.85 -11.84 14.39
C PRO B 363 29.14 -10.71 13.66
N VAL B 364 27.93 -10.97 13.20
CA VAL B 364 27.20 -10.05 12.34
C VAL B 364 25.78 -9.89 12.87
N ASN B 365 25.19 -8.72 12.64
CA ASN B 365 23.83 -8.43 13.08
C ASN B 365 22.87 -8.67 11.93
N LEU B 366 22.24 -9.84 11.91
CA LEU B 366 21.29 -10.17 10.86
C LEU B 366 19.87 -9.75 11.19
N SER B 367 19.64 -9.13 12.36
CA SER B 367 18.29 -8.90 12.81
C SER B 367 17.58 -7.81 12.05
N GLU B 368 18.07 -6.58 12.11
CA GLU B 368 17.42 -5.46 11.47
C GLU B 368 17.64 -5.57 9.97
N GLU B 369 16.58 -5.32 9.19
CA GLU B 369 16.57 -5.60 7.76
C GLU B 369 16.84 -7.09 7.51
N TRP B 370 16.01 -7.91 8.13
CA TRP B 370 16.10 -9.35 7.93
C TRP B 370 15.78 -9.74 6.50
N GLU B 371 14.98 -8.94 5.80
CA GLU B 371 14.54 -9.27 4.46
C GLU B 371 15.37 -8.58 3.38
N SER B 372 16.49 -7.99 3.75
CA SER B 372 17.41 -7.41 2.79
C SER B 372 18.68 -8.22 2.62
N TRP B 373 18.87 -9.27 3.41
CA TRP B 373 20.00 -10.15 3.24
C TRP B 373 19.71 -11.16 2.14
N SER B 374 20.76 -11.86 1.71
CA SER B 374 20.64 -12.81 0.61
C SER B 374 19.93 -14.06 1.07
N ASN B 375 19.97 -15.11 0.26
CA ASN B 375 19.35 -16.37 0.64
C ASN B 375 20.33 -17.39 1.20
N LYS B 376 21.61 -17.32 0.82
CA LYS B 376 22.58 -18.23 1.39
C LYS B 376 22.74 -17.96 2.88
N ILE B 377 22.80 -16.68 3.25
CA ILE B 377 22.98 -16.32 4.66
C ILE B 377 21.76 -16.71 5.47
N ARG B 378 20.57 -16.30 5.02
CA ARG B 378 19.33 -16.69 5.71
C ARG B 378 19.20 -18.19 5.83
N ASP B 379 19.68 -18.93 4.83
CA ASP B 379 19.66 -20.39 4.93
C ASP B 379 20.58 -20.88 6.03
N ILE B 380 21.80 -20.34 6.12
CA ILE B 380 22.71 -20.78 7.16
C ILE B 380 22.17 -20.45 8.53
N ALA B 381 21.68 -19.24 8.73
CA ALA B 381 21.19 -18.83 10.04
C ALA B 381 20.00 -19.67 10.47
N ASP B 382 19.06 -19.94 9.57
CA ASP B 382 17.92 -20.78 9.94
C ASP B 382 18.37 -22.20 10.29
N ASN B 383 19.30 -22.76 9.52
CA ASN B 383 19.81 -24.06 9.89
C ASN B 383 20.43 -24.05 11.28
N GLU B 384 21.09 -22.95 11.65
CA GLU B 384 21.66 -22.86 12.99
C GLU B 384 20.58 -22.83 14.06
N VAL B 385 19.49 -22.09 13.81
CA VAL B 385 18.38 -22.07 14.77
C VAL B 385 17.86 -23.48 15.01
N ILE B 386 17.55 -24.20 13.93
CA ILE B 386 17.01 -25.54 14.10
C ILE B 386 18.00 -26.46 14.78
N GLU B 387 19.30 -26.28 14.54
CA GLU B 387 20.25 -27.12 15.24
C GLU B 387 20.28 -26.82 16.74
N LEU B 388 20.16 -25.55 17.12
CA LEU B 388 20.10 -25.23 18.55
C LEU B 388 18.88 -25.88 19.20
N LEU B 389 17.71 -25.81 18.55
CA LEU B 389 16.54 -26.43 19.16
C LEU B 389 16.67 -27.94 19.26
N LYS B 390 17.17 -28.61 18.21
CA LYS B 390 17.33 -30.05 18.28
C LYS B 390 18.26 -30.47 19.41
N ASP B 391 19.40 -29.80 19.53
CA ASP B 391 20.29 -30.09 20.66
C ASP B 391 19.60 -29.84 21.99
N SER B 392 18.75 -28.82 22.07
CA SER B 392 18.04 -28.56 23.32
C SER B 392 17.14 -29.73 23.71
N GLU B 393 16.30 -30.20 22.79
CA GLU B 393 15.44 -31.32 23.14
C GLU B 393 16.26 -32.55 23.46
N GLU B 394 17.43 -32.69 22.84
CA GLU B 394 18.27 -33.83 23.17
C GLU B 394 18.72 -33.79 24.62
N ARG B 395 19.23 -32.63 25.06
CA ARG B 395 19.64 -32.52 26.46
C ARG B 395 18.48 -32.78 27.41
N ALA B 396 17.30 -32.25 27.10
CA ALA B 396 16.15 -32.55 27.95
C ALA B 396 15.84 -34.04 27.97
N ARG B 397 16.04 -34.74 26.85
CA ARG B 397 15.85 -36.19 26.82
C ARG B 397 16.75 -36.87 27.81
N ARG B 398 18.07 -36.61 27.73
CA ARG B 398 18.98 -37.32 28.62
C ARG B 398 18.71 -36.96 30.08
N LEU B 399 18.52 -35.67 30.36
CA LEU B 399 18.30 -35.25 31.75
C LEU B 399 17.08 -35.89 32.36
N LEU B 400 15.92 -35.78 31.69
CA LEU B 400 14.73 -36.40 32.25
C LEU B 400 14.81 -37.92 32.23
N THR B 401 15.65 -38.50 31.38
CA THR B 401 15.80 -39.95 31.40
C THR B 401 16.59 -40.41 32.62
N LYS B 402 17.50 -39.57 33.13
CA LYS B 402 18.23 -39.99 34.32
C LYS B 402 17.63 -39.43 35.61
N LYS B 403 16.59 -38.62 35.51
CA LYS B 403 15.92 -38.09 36.69
C LYS B 403 14.47 -38.56 36.75
N ASN B 404 14.25 -39.83 36.44
CA ASN B 404 12.89 -40.32 36.31
C ASN B 404 12.18 -40.40 37.66
N VAL B 405 12.91 -40.85 38.69
CA VAL B 405 12.32 -41.06 40.00
C VAL B 405 11.72 -39.76 40.54
N GLU B 406 12.51 -38.69 40.50
CA GLU B 406 11.99 -37.39 40.91
C GLU B 406 10.84 -36.93 40.03
N LEU B 407 10.78 -37.38 38.78
CA LEU B 407 9.71 -36.94 37.89
C LEU B 407 8.39 -37.53 38.32
N HIS B 408 8.34 -38.84 38.54
CA HIS B 408 7.11 -39.43 39.05
C HIS B 408 6.79 -38.92 40.44
N ARG B 409 7.81 -38.79 41.29
CA ARG B 409 7.59 -38.37 42.66
C ARG B 409 7.01 -36.96 42.72
N LEU B 410 7.47 -36.08 41.83
CA LEU B 410 6.99 -34.71 41.83
C LEU B 410 5.66 -34.55 41.11
N ALA B 411 5.42 -35.32 40.05
CA ALA B 411 4.11 -35.30 39.44
C ALA B 411 3.04 -35.74 40.43
N GLN B 412 3.30 -36.83 41.14
CA GLN B 412 2.39 -37.25 42.19
C GLN B 412 2.27 -36.20 43.28
N GLY B 413 3.38 -35.55 43.63
CA GLY B 413 3.32 -34.46 44.58
C GLY B 413 2.38 -33.34 44.14
N LEU B 414 2.32 -33.07 42.84
CA LEU B 414 1.39 -32.06 42.37
C LEU B 414 -0.04 -32.56 42.29
N ILE B 415 -0.25 -33.86 42.06
CA ILE B 415 -1.62 -34.37 42.08
C ILE B 415 -2.18 -34.30 43.48
N GLU B 416 -1.39 -34.70 44.48
CA GLU B 416 -1.86 -34.68 45.86
C GLU B 416 -1.96 -33.26 46.39
N TYR B 417 -0.84 -32.56 46.42
CA TYR B 417 -0.79 -31.14 46.75
C TYR B 417 -0.82 -30.35 45.46
N GLU B 418 -1.81 -29.47 45.33
CA GLU B 418 -2.08 -28.83 44.05
C GLU B 418 -0.96 -27.88 43.64
N THR B 419 -0.21 -27.37 44.60
CA THR B 419 0.83 -26.40 44.33
C THR B 419 1.97 -26.55 45.32
N LEU B 420 3.15 -26.05 44.93
CA LEU B 420 4.33 -26.21 45.76
C LEU B 420 5.29 -25.06 45.48
N ASP B 421 6.13 -24.74 46.46
CA ASP B 421 7.21 -23.80 46.28
C ASP B 421 8.54 -24.55 46.17
N ALA B 422 9.64 -23.80 46.06
CA ALA B 422 10.94 -24.42 45.86
C ALA B 422 11.33 -25.32 47.03
N HIS B 423 11.04 -24.90 48.26
CA HIS B 423 11.39 -25.75 49.39
C HIS B 423 10.56 -27.02 49.41
N GLU B 424 9.23 -26.88 49.35
CA GLU B 424 8.37 -28.05 49.34
C GLU B 424 8.64 -28.96 48.16
N ILE B 425 8.96 -28.39 46.99
CA ILE B 425 9.41 -29.21 45.86
C ILE B 425 10.67 -29.97 46.24
N GLU B 426 11.58 -29.29 46.95
CA GLU B 426 12.82 -29.95 47.36
C GLU B 426 12.54 -31.16 48.24
N GLN B 427 11.67 -31.00 49.24
CA GLN B 427 11.33 -32.13 50.08
C GLN B 427 10.61 -33.23 49.30
N VAL B 428 9.65 -32.86 48.45
CA VAL B 428 8.89 -33.87 47.74
C VAL B 428 9.77 -34.67 46.80
N CYS B 429 10.83 -34.06 46.28
CA CYS B 429 11.68 -34.76 45.34
C CYS B 429 12.63 -35.74 46.01
N LYS B 430 12.99 -35.50 47.27
CA LYS B 430 13.94 -36.37 47.97
C LYS B 430 13.26 -37.55 48.65
N GLY B 431 11.94 -37.66 48.57
CA GLY B 431 11.25 -38.78 49.15
C GLY B 431 10.64 -38.53 50.51
N GLU B 432 10.79 -37.33 51.06
CA GLU B 432 10.22 -37.01 52.35
C GLU B 432 8.72 -36.72 52.21
N LYS B 433 8.04 -36.75 53.34
CA LYS B 433 6.63 -36.41 53.40
C LYS B 433 6.46 -35.08 54.11
N LEU B 434 6.15 -34.03 53.35
CA LEU B 434 5.89 -32.73 53.94
C LEU B 434 4.52 -32.77 54.61
N ALA B 435 4.51 -32.76 55.94
CA ALA B 435 3.26 -32.82 56.67
C ALA B 435 2.61 -31.46 56.84
N LYS B 436 3.36 -30.37 56.60
CA LYS B 436 2.84 -29.04 56.82
C LYS B 436 1.63 -28.70 55.97
N LEU B 437 1.60 -29.14 54.72
CA LEU B 437 0.41 -28.96 53.91
C LEU B 437 -0.55 -30.13 54.10
N LYS B 438 -1.83 -29.86 53.86
CA LYS B 438 -2.83 -30.90 53.77
C LYS B 438 -3.26 -31.06 52.32
N THR B 439 -3.59 -32.29 51.95
CA THR B 439 -3.93 -32.63 50.58
C THR B 439 -5.15 -31.86 50.09
N LYS C 1 -30.91 -8.65 35.63
CA LYS C 1 -30.16 -8.66 36.88
C LYS C 1 -29.32 -9.93 37.00
N PHE C 2 -28.35 -9.90 37.92
CA PHE C 2 -27.23 -10.84 37.97
C PHE C 2 -27.64 -12.30 38.02
N ASP C 3 -28.89 -12.64 38.27
CA ASP C 3 -29.29 -14.04 38.18
C ASP C 3 -29.62 -14.45 36.75
N ASP C 4 -29.66 -13.50 35.82
CA ASP C 4 -29.95 -13.79 34.43
C ASP C 4 -28.72 -14.16 33.62
N VAL C 5 -27.53 -14.03 34.18
CA VAL C 5 -26.29 -14.28 33.45
C VAL C 5 -25.78 -15.65 33.89
N CYS C 6 -26.24 -16.69 33.21
CA CYS C 6 -25.87 -18.05 33.57
C CYS C 6 -24.62 -18.46 32.81
N GLY C 7 -23.59 -18.86 33.54
CA GLY C 7 -22.27 -19.03 32.96
C GLY C 7 -21.48 -17.75 33.07
N CYS C 8 -20.17 -17.86 32.92
CA CYS C 8 -19.27 -16.74 33.16
C CYS C 8 -19.41 -16.25 34.60
N ASP C 9 -19.05 -17.13 35.53
CA ASP C 9 -19.19 -16.81 36.94
C ASP C 9 -18.06 -15.95 37.48
N GLU C 10 -16.91 -15.93 36.80
CA GLU C 10 -15.83 -15.05 37.23
C GLU C 10 -16.17 -13.59 36.97
N ALA C 11 -16.56 -13.27 35.73
CA ALA C 11 -16.96 -11.91 35.41
C ALA C 11 -18.10 -11.44 36.31
N ARG C 12 -19.13 -12.28 36.47
CA ARG C 12 -20.22 -11.91 37.37
C ARG C 12 -19.72 -11.78 38.79
N ALA C 13 -18.68 -12.52 39.18
CA ALA C 13 -18.12 -12.33 40.50
C ALA C 13 -17.48 -10.95 40.64
N GLU C 14 -16.74 -10.52 39.61
CA GLU C 14 -16.10 -9.22 39.68
C GLU C 14 -17.12 -8.09 39.75
N LEU C 15 -18.12 -8.11 38.87
CA LEU C 15 -19.08 -7.02 38.90
C LEU C 15 -19.97 -7.09 40.14
N GLU C 16 -20.34 -8.29 40.57
CA GLU C 16 -21.08 -8.42 41.82
C GLU C 16 -20.30 -7.81 42.97
N GLU C 17 -18.99 -8.04 43.03
CA GLU C 17 -18.26 -7.45 44.15
C GLU C 17 -18.06 -5.96 43.98
N ILE C 18 -18.09 -5.44 42.75
CA ILE C 18 -18.06 -3.99 42.61
C ILE C 18 -19.34 -3.37 43.16
N VAL C 19 -20.50 -3.88 42.75
CA VAL C 19 -21.75 -3.33 43.27
C VAL C 19 -21.84 -3.54 44.77
N ASP C 20 -21.31 -4.67 45.26
CA ASP C 20 -21.21 -4.88 46.69
C ASP C 20 -20.31 -3.83 47.33
N PHE C 21 -19.32 -3.33 46.59
CA PHE C 21 -18.52 -2.24 47.13
C PHE C 21 -19.33 -0.95 47.16
N LEU C 22 -20.30 -0.81 46.26
CA LEU C 22 -21.11 0.39 46.28
C LEU C 22 -22.26 0.34 47.28
N LYS C 23 -22.64 -0.83 47.77
CA LYS C 23 -23.70 -0.86 48.76
C LYS C 23 -23.19 -0.75 50.20
N ASP C 24 -22.14 -1.48 50.57
CA ASP C 24 -21.62 -1.47 51.93
C ASP C 24 -20.11 -1.39 51.86
N PRO C 25 -19.55 -0.20 51.69
CA PRO C 25 -18.10 -0.08 51.53
C PRO C 25 -17.31 -0.47 52.76
N THR C 26 -17.90 -0.38 53.96
CA THR C 26 -17.15 -0.63 55.18
C THR C 26 -16.71 -2.09 55.31
N LYS C 27 -17.33 -3.01 54.57
CA LYS C 27 -16.84 -4.39 54.56
C LYS C 27 -15.58 -4.51 53.73
N TYR C 28 -15.21 -3.44 53.02
CA TYR C 28 -14.08 -3.44 52.11
C TYR C 28 -13.07 -2.32 52.38
N GLU C 29 -13.52 -1.17 52.86
CA GLU C 29 -12.64 -0.04 53.15
C GLU C 29 -12.10 -0.06 54.57
N SER C 30 -11.98 -1.24 55.17
CA SER C 30 -11.42 -1.34 56.51
C SER C 30 -9.89 -1.25 56.46
N LEU C 31 -9.27 -2.08 55.64
CA LEU C 31 -7.82 -2.12 55.52
C LEU C 31 -7.28 -1.07 54.56
N GLY C 32 -8.12 -0.13 54.12
CA GLY C 32 -7.66 1.01 53.38
C GLY C 32 -7.88 0.98 51.88
N GLY C 33 -7.81 -0.20 51.26
CA GLY C 33 -8.00 -0.27 49.82
C GLY C 33 -9.37 0.21 49.40
N LYS C 34 -9.44 0.82 48.21
CA LYS C 34 -10.67 1.40 47.72
C LYS C 34 -10.96 0.87 46.31
N LEU C 35 -12.15 1.22 45.81
CA LEU C 35 -12.71 0.53 44.67
C LEU C 35 -11.90 0.79 43.40
N PRO C 36 -12.04 -0.07 42.40
CA PRO C 36 -11.27 0.08 41.17
C PRO C 36 -11.73 1.30 40.38
N LYS C 37 -10.95 1.65 39.37
CA LYS C 37 -11.27 2.77 38.52
C LYS C 37 -11.81 2.36 37.16
N GLY C 38 -11.82 1.07 36.85
CA GLY C 38 -12.24 0.62 35.55
C GLY C 38 -12.26 -0.87 35.37
N VAL C 39 -13.25 -1.35 34.64
CA VAL C 39 -13.39 -2.77 34.31
C VAL C 39 -13.58 -2.89 32.81
N LEU C 40 -12.68 -3.61 32.15
CA LEU C 40 -12.79 -3.89 30.73
C LEU C 40 -13.32 -5.30 30.53
N LEU C 41 -14.07 -5.51 29.45
CA LEU C 41 -14.75 -6.77 29.20
C LEU C 41 -14.41 -7.24 27.78
N THR C 42 -13.72 -8.37 27.66
CA THR C 42 -13.30 -8.84 26.36
C THR C 42 -13.79 -10.27 26.13
N GLY C 43 -14.09 -10.58 24.87
CA GLY C 43 -14.51 -11.91 24.51
C GLY C 43 -15.11 -11.95 23.13
N PRO C 44 -15.32 -13.16 22.60
CA PRO C 44 -15.83 -13.31 21.23
C PRO C 44 -17.22 -12.74 21.10
N PRO C 45 -17.77 -12.70 19.89
CA PRO C 45 -19.08 -12.07 19.69
C PRO C 45 -20.19 -12.86 20.37
N GLY C 46 -20.93 -12.18 21.22
CA GLY C 46 -22.13 -12.74 21.80
C GLY C 46 -21.92 -13.73 22.93
N THR C 47 -21.18 -13.36 23.96
CA THR C 47 -21.02 -14.22 25.12
C THR C 47 -21.47 -13.57 26.42
N GLY C 48 -22.13 -12.43 26.36
CA GLY C 48 -22.70 -11.84 27.56
C GLY C 48 -21.94 -10.65 28.11
N LYS C 49 -21.49 -9.76 27.23
CA LYS C 49 -20.78 -8.57 27.68
C LYS C 49 -21.73 -7.40 27.89
N THR C 50 -22.47 -7.02 26.86
CA THR C 50 -23.53 -6.04 27.02
C THR C 50 -24.57 -6.52 28.02
N LEU C 51 -24.72 -7.85 28.14
CA LEU C 51 -25.64 -8.40 29.13
C LEU C 51 -25.15 -8.14 30.54
N LEU C 52 -23.89 -8.44 30.83
CA LEU C 52 -23.35 -8.11 32.14
C LEU C 52 -23.40 -6.61 32.39
N ALA C 53 -23.28 -5.81 31.35
CA ALA C 53 -23.43 -4.36 31.54
C ALA C 53 -24.84 -4.01 31.94
N ARG C 54 -25.84 -4.63 31.31
CA ARG C 54 -27.22 -4.34 31.69
C ARG C 54 -27.53 -4.82 33.11
N ALA C 55 -26.99 -5.97 33.50
CA ALA C 55 -27.18 -6.43 34.87
C ALA C 55 -26.56 -5.45 35.86
N THR C 56 -25.30 -5.07 35.62
CA THR C 56 -24.62 -4.12 36.49
C THR C 56 -25.36 -2.81 36.58
N ALA C 57 -25.96 -2.35 35.49
CA ALA C 57 -26.74 -1.13 35.56
C ALA C 57 -28.05 -1.34 36.29
N GLY C 58 -28.62 -2.54 36.20
CA GLY C 58 -29.90 -2.79 36.82
C GLY C 58 -29.81 -2.91 38.33
N GLU C 59 -28.68 -3.38 38.85
CA GLU C 59 -28.58 -3.62 40.28
C GLU C 59 -27.68 -2.64 41.02
N ALA C 60 -26.93 -1.80 40.31
CA ALA C 60 -25.94 -0.97 40.99
C ALA C 60 -26.60 0.07 41.89
N GLY C 61 -27.67 0.68 41.43
CA GLY C 61 -28.36 1.68 42.23
C GLY C 61 -27.82 3.07 42.12
N VAL C 62 -26.73 3.28 41.39
CA VAL C 62 -26.20 4.61 41.13
C VAL C 62 -26.44 4.89 39.65
N ASP C 63 -26.22 6.14 39.27
CA ASP C 63 -26.44 6.55 37.88
C ASP C 63 -25.58 5.73 36.95
N PHE C 64 -25.97 5.67 35.69
CA PHE C 64 -25.32 4.81 34.71
C PHE C 64 -25.44 5.43 33.33
N PHE C 65 -24.39 6.13 32.90
CA PHE C 65 -24.35 6.79 31.61
C PHE C 65 -23.75 5.84 30.59
N PHE C 66 -24.50 5.50 29.55
CA PHE C 66 -24.02 4.58 28.53
C PHE C 66 -23.90 5.30 27.20
N MET C 67 -22.84 4.98 26.46
CA MET C 67 -22.66 5.46 25.11
C MET C 67 -21.89 4.43 24.32
N SER C 68 -22.10 4.43 23.01
CA SER C 68 -21.34 3.57 22.12
C SER C 68 -20.09 4.29 21.68
N GLY C 69 -19.13 3.52 21.16
CA GLY C 69 -17.90 4.13 20.69
C GLY C 69 -18.08 5.00 19.47
N SER C 70 -19.22 4.90 18.80
CA SER C 70 -19.46 5.61 17.56
C SER C 70 -20.31 6.86 17.74
N GLU C 71 -20.82 7.12 18.93
CA GLU C 71 -21.64 8.31 19.15
C GLU C 71 -20.79 9.57 19.32
N PHE C 72 -19.50 9.49 19.07
CA PHE C 72 -18.60 10.63 19.04
C PHE C 72 -18.37 10.99 17.57
N ASP C 73 -17.45 11.90 17.30
CA ASP C 73 -16.86 12.06 15.97
C ASP C 73 -17.90 12.38 14.89
N GLU C 74 -18.49 13.55 14.97
CA GLU C 74 -19.26 14.02 13.83
C GLU C 74 -18.37 14.88 12.94
N VAL C 75 -18.98 15.67 12.06
CA VAL C 75 -18.31 16.20 10.88
C VAL C 75 -17.11 17.06 11.25
N TYR C 76 -17.29 17.99 12.17
CA TYR C 76 -16.30 19.04 12.37
C TYR C 76 -15.19 18.57 13.30
N VAL C 77 -14.14 19.38 13.41
CA VAL C 77 -12.95 19.01 14.15
C VAL C 77 -13.14 19.31 15.62
N GLY C 78 -12.76 18.36 16.47
CA GLY C 78 -12.82 18.56 17.90
C GLY C 78 -14.21 18.45 18.49
N VAL C 79 -15.14 17.79 17.82
CA VAL C 79 -16.46 17.60 18.40
C VAL C 79 -16.48 16.38 19.31
N GLY C 80 -15.80 15.30 18.91
CA GLY C 80 -15.79 14.12 19.74
C GLY C 80 -15.10 14.34 21.07
N ALA C 81 -13.97 15.02 21.05
CA ALA C 81 -13.31 15.40 22.30
C ALA C 81 -14.24 16.20 23.18
N LYS C 82 -14.92 17.20 22.63
CA LYS C 82 -15.79 18.02 23.46
C LYS C 82 -16.93 17.22 24.05
N ARG C 83 -17.46 16.26 23.28
CA ARG C 83 -18.47 15.39 23.84
C ARG C 83 -17.92 14.53 24.97
N ILE C 84 -16.66 14.12 24.90
CA ILE C 84 -16.11 13.39 26.02
C ILE C 84 -15.97 14.29 27.25
N ARG C 85 -15.54 15.54 27.05
CA ARG C 85 -15.43 16.45 28.17
C ARG C 85 -16.77 16.70 28.83
N ASP C 86 -17.83 16.83 28.03
CA ASP C 86 -19.15 17.04 28.62
C ASP C 86 -19.69 15.77 29.27
N LEU C 87 -19.37 14.61 28.73
CA LEU C 87 -19.80 13.36 29.36
C LEU C 87 -19.18 13.21 30.74
N PHE C 88 -17.87 13.38 30.85
CA PHE C 88 -17.25 13.30 32.15
C PHE C 88 -17.59 14.48 33.04
N ALA C 89 -18.03 15.60 32.46
CA ALA C 89 -18.48 16.72 33.28
C ALA C 89 -19.82 16.42 33.93
N GLN C 90 -20.78 15.91 33.16
CA GLN C 90 -22.03 15.46 33.76
C GLN C 90 -21.79 14.33 34.74
N ALA C 91 -20.85 13.44 34.43
CA ALA C 91 -20.56 12.34 35.34
C ALA C 91 -20.01 12.85 36.67
N ARG C 92 -19.04 13.76 36.63
CA ARG C 92 -18.52 14.32 37.86
C ARG C 92 -19.60 15.08 38.63
N SER C 93 -20.29 15.99 37.95
CA SER C 93 -21.25 16.85 38.63
C SER C 93 -22.40 16.05 39.21
N ARG C 94 -22.69 14.89 38.62
CA ARG C 94 -23.91 14.20 39.00
C ARG C 94 -23.72 13.38 40.26
N ALA C 95 -22.76 12.48 40.27
CA ALA C 95 -22.82 11.43 41.27
C ALA C 95 -21.53 10.62 41.34
N PRO C 96 -21.49 9.56 42.14
CA PRO C 96 -20.45 8.53 41.95
C PRO C 96 -20.68 7.62 40.75
N ALA C 97 -21.49 8.06 39.79
CA ALA C 97 -22.05 7.26 38.70
C ALA C 97 -21.05 6.45 37.90
N ILE C 98 -21.56 5.51 37.10
CA ILE C 98 -20.79 4.62 36.24
C ILE C 98 -20.97 5.06 34.80
N ILE C 99 -20.03 4.72 33.95
CA ILE C 99 -20.02 5.13 32.54
C ILE C 99 -19.61 3.95 31.69
N PHE C 100 -20.48 3.51 30.79
CA PHE C 100 -20.26 2.33 29.97
C PHE C 100 -20.05 2.75 28.53
N ILE C 101 -18.84 2.57 28.03
CA ILE C 101 -18.52 2.80 26.63
C ILE C 101 -18.50 1.44 25.96
N ASP C 102 -19.48 1.22 25.08
CA ASP C 102 -19.62 -0.02 24.36
C ASP C 102 -18.96 0.10 22.99
N GLN C 103 -18.31 -0.97 22.56
CA GLN C 103 -17.56 -0.97 21.31
C GLN C 103 -16.44 0.07 21.34
N LEU C 104 -15.47 -0.16 22.24
CA LEU C 104 -14.28 0.68 22.29
C LEU C 104 -13.36 0.51 21.09
N ASP C 105 -13.69 -0.35 20.14
CA ASP C 105 -12.85 -0.47 18.96
C ASP C 105 -12.77 0.85 18.21
N ALA C 106 -13.83 1.64 18.26
CA ALA C 106 -13.85 2.89 17.49
C ALA C 106 -12.86 3.91 18.06
N ILE C 107 -13.07 4.37 19.30
CA ILE C 107 -12.25 5.44 19.85
C ILE C 107 -10.94 4.93 20.43
N GLY C 108 -10.81 3.63 20.67
CA GLY C 108 -9.54 3.09 21.10
C GLY C 108 -8.61 2.95 19.93
N GLY C 109 -7.80 1.91 19.90
CA GLY C 109 -6.99 1.68 18.72
C GLY C 109 -5.64 2.36 18.78
N LYS C 110 -4.63 1.72 18.20
CA LYS C 110 -3.24 2.13 18.40
C LYS C 110 -3.01 3.56 17.95
N ARG C 111 -1.95 4.15 18.46
CA ARG C 111 -1.41 5.39 17.93
C ARG C 111 -0.07 5.08 17.27
N ASN C 112 0.17 5.72 16.14
CA ASN C 112 1.41 5.53 15.40
C ASN C 112 1.42 6.47 14.22
N PRO C 113 2.59 6.76 13.67
CA PRO C 113 2.64 7.47 12.38
C PRO C 113 1.88 6.69 11.32
N LYS C 114 1.61 7.36 10.20
CA LYS C 114 0.65 6.97 9.16
C LYS C 114 -0.77 7.38 9.55
N ASP C 115 -0.99 7.87 10.76
CA ASP C 115 -2.27 8.51 11.08
C ASP C 115 -2.24 9.95 10.65
N GLN C 116 -3.41 10.54 10.46
CA GLN C 116 -3.45 11.91 9.99
C GLN C 116 -3.79 12.87 11.12
N ALA C 117 -3.75 14.16 10.79
CA ALA C 117 -4.05 15.18 11.78
C ALA C 117 -5.50 15.07 12.24
N TYR C 118 -5.71 15.35 13.52
CA TYR C 118 -7.01 15.38 14.19
C TYR C 118 -7.59 13.98 14.37
N ALA C 119 -6.87 12.92 13.98
CA ALA C 119 -7.45 11.59 14.06
C ALA C 119 -7.58 11.11 15.50
N LYS C 120 -6.49 11.14 16.26
CA LYS C 120 -6.46 10.62 17.60
C LYS C 120 -6.64 11.70 18.65
N GLN C 121 -7.53 12.67 18.40
CA GLN C 121 -7.78 13.72 19.37
C GLN C 121 -8.81 13.28 20.40
N THR C 122 -9.84 12.56 19.95
CA THR C 122 -10.83 12.01 20.87
C THR C 122 -10.19 11.05 21.85
N LEU C 123 -9.32 10.16 21.37
CA LEU C 123 -8.65 9.23 22.26
C LEU C 123 -7.79 9.94 23.29
N ASN C 124 -7.01 10.94 22.85
CA ASN C 124 -6.18 11.68 23.80
C ASN C 124 -7.03 12.35 24.85
N GLN C 125 -8.19 12.91 24.46
CA GLN C 125 -9.05 13.51 25.47
C GLN C 125 -9.57 12.47 26.45
N LEU C 126 -9.89 11.28 25.95
CA LEU C 126 -10.32 10.21 26.84
C LEU C 126 -9.23 9.87 27.84
N LEU C 127 -7.97 9.86 27.40
CA LEU C 127 -6.88 9.55 28.31
C LEU C 127 -6.69 10.67 29.33
N VAL C 128 -6.95 11.91 28.94
CA VAL C 128 -6.74 13.01 29.88
C VAL C 128 -7.86 13.08 30.89
N GLU C 129 -9.06 12.63 30.52
CA GLU C 129 -10.14 12.64 31.50
C GLU C 129 -10.04 11.45 32.45
N LEU C 130 -9.55 10.32 31.97
CA LEU C 130 -9.25 9.18 32.81
C LEU C 130 -7.83 9.29 33.34
N ASP C 131 -7.69 9.74 34.58
CA ASP C 131 -6.36 9.87 35.20
C ASP C 131 -5.50 10.89 34.48
N GLY C 132 -5.93 12.16 34.50
CA GLY C 132 -5.15 13.26 33.97
C GLY C 132 -4.40 13.99 35.06
N PHE C 133 -4.36 15.31 34.93
CA PHE C 133 -3.65 16.09 35.93
C PHE C 133 -4.47 16.27 37.20
N SER C 134 -5.61 16.93 37.08
CA SER C 134 -6.51 17.12 38.21
C SER C 134 -7.37 15.88 38.37
N GLN C 135 -6.89 14.90 39.11
CA GLN C 135 -7.60 13.64 39.25
C GLN C 135 -8.44 13.69 40.51
N THR C 136 -9.75 13.50 40.34
CA THR C 136 -10.72 13.52 41.42
C THR C 136 -11.57 12.26 41.34
N SER C 137 -11.72 11.58 42.48
CA SER C 137 -12.36 10.27 42.51
C SER C 137 -13.86 10.38 42.33
N GLY C 138 -14.51 9.23 42.14
CA GLY C 138 -15.95 9.15 42.09
C GLY C 138 -16.54 8.39 40.91
N ILE C 139 -15.81 8.24 39.81
CA ILE C 139 -16.37 7.73 38.56
C ILE C 139 -15.77 6.37 38.27
N ILE C 140 -16.60 5.43 37.83
CA ILE C 140 -16.17 4.12 37.36
C ILE C 140 -16.52 4.00 35.89
N ILE C 141 -15.68 3.34 35.13
CA ILE C 141 -15.84 3.23 33.68
C ILE C 141 -15.77 1.76 33.29
N ILE C 142 -16.80 1.29 32.62
CA ILE C 142 -16.88 -0.05 32.08
C ILE C 142 -16.92 0.05 30.57
N GLY C 143 -16.04 -0.66 29.89
CA GLY C 143 -16.03 -0.61 28.45
C GLY C 143 -15.95 -1.98 27.84
N ALA C 144 -16.59 -2.20 26.70
CA ALA C 144 -16.63 -3.52 26.10
C ALA C 144 -15.98 -3.52 24.73
N THR C 145 -15.24 -4.58 24.41
CA THR C 145 -14.58 -4.69 23.11
C THR C 145 -14.28 -6.14 22.79
N ASN C 146 -14.30 -6.45 21.50
CA ASN C 146 -13.97 -7.79 21.03
C ASN C 146 -12.49 -8.00 20.76
N PHE C 147 -11.77 -6.93 20.47
CA PHE C 147 -10.41 -6.98 19.93
C PHE C 147 -9.47 -6.36 20.93
N PRO C 148 -9.19 -7.05 22.04
CA PRO C 148 -8.42 -6.42 23.11
C PRO C 148 -6.99 -6.08 22.71
N GLU C 149 -6.39 -6.84 21.81
CA GLU C 149 -5.03 -6.53 21.39
C GLU C 149 -4.97 -5.34 20.46
N ALA C 150 -6.08 -4.99 19.82
CA ALA C 150 -6.13 -3.86 18.91
C ALA C 150 -6.41 -2.54 19.62
N LEU C 151 -6.17 -2.48 20.92
CA LEU C 151 -6.35 -1.25 21.69
C LEU C 151 -5.00 -0.63 22.02
N ASP C 152 -5.05 0.68 22.27
CA ASP C 152 -3.84 1.38 22.62
C ASP C 152 -3.35 0.95 23.99
N LYS C 153 -2.05 1.11 24.22
CA LYS C 153 -1.48 0.63 25.48
C LYS C 153 -1.78 1.55 26.65
N ALA C 154 -2.29 2.75 26.38
CA ALA C 154 -2.55 3.68 27.47
C ALA C 154 -4.01 3.64 27.93
N LEU C 155 -4.90 3.02 27.16
CA LEU C 155 -6.24 2.76 27.69
C LEU C 155 -6.22 1.57 28.64
N THR C 156 -5.58 0.47 28.24
CA THR C 156 -5.59 -0.75 29.02
C THR C 156 -4.71 -0.67 30.25
N ARG C 157 -4.06 0.46 30.48
CA ARG C 157 -3.15 0.58 31.61
C ARG C 157 -3.91 0.62 32.93
N PRO C 158 -3.45 -0.09 33.95
CA PRO C 158 -4.00 0.12 35.29
C PRO C 158 -3.86 1.56 35.72
N GLY C 159 -4.73 1.99 36.62
CA GLY C 159 -4.96 3.38 36.87
C GLY C 159 -6.07 3.97 36.03
N ARG C 160 -6.34 3.39 34.86
CA ARG C 160 -7.45 3.77 34.02
C ARG C 160 -8.47 2.64 33.92
N PHE C 161 -8.04 1.46 33.51
CA PHE C 161 -8.83 0.23 33.44
C PHE C 161 -8.13 -0.79 34.32
N ASP C 162 -8.50 -0.81 35.61
CA ASP C 162 -7.81 -1.68 36.55
C ASP C 162 -8.00 -3.15 36.19
N LYS C 163 -9.23 -3.62 36.10
CA LYS C 163 -9.51 -5.04 35.93
C LYS C 163 -9.78 -5.33 34.45
N VAL C 164 -9.18 -6.40 33.95
CA VAL C 164 -9.47 -6.92 32.62
C VAL C 164 -10.17 -8.26 32.79
N VAL C 165 -11.42 -8.33 32.35
CA VAL C 165 -12.26 -9.49 32.57
C VAL C 165 -12.55 -10.16 31.25
N ASN C 166 -12.51 -11.49 31.23
CA ASN C 166 -12.74 -12.29 30.04
C ASN C 166 -14.09 -12.95 30.13
N VAL C 167 -14.76 -13.07 28.98
CA VAL C 167 -16.00 -13.83 28.87
C VAL C 167 -15.87 -14.75 27.67
N ASP C 168 -15.90 -16.05 27.90
CA ASP C 168 -15.64 -17.02 26.85
C ASP C 168 -16.83 -17.94 26.66
N LEU C 169 -16.78 -18.69 25.57
CA LEU C 169 -17.82 -19.67 25.28
C LEU C 169 -17.85 -20.70 26.42
N PRO C 170 -19.02 -20.99 26.97
CA PRO C 170 -19.07 -21.73 28.24
C PRO C 170 -18.60 -23.17 28.11
N ASP C 171 -18.51 -23.83 29.26
CA ASP C 171 -18.21 -25.25 29.31
C ASP C 171 -19.45 -26.06 29.01
N VAL C 172 -19.39 -27.36 29.32
CA VAL C 172 -20.57 -28.18 29.23
C VAL C 172 -21.54 -27.84 30.35
N ARG C 173 -21.02 -27.54 31.54
CA ARG C 173 -21.89 -27.42 32.70
C ARG C 173 -22.57 -26.07 32.78
N GLY C 174 -21.90 -25.01 32.30
CA GLY C 174 -22.53 -23.71 32.28
C GLY C 174 -23.50 -23.54 31.14
N ARG C 175 -23.26 -24.22 30.03
CA ARG C 175 -24.17 -24.16 28.89
C ARG C 175 -25.53 -24.76 29.23
N ALA C 176 -25.55 -25.83 30.04
CA ALA C 176 -26.83 -26.31 30.56
C ALA C 176 -27.51 -25.26 31.44
N ASP C 177 -26.73 -24.42 32.13
CA ASP C 177 -27.34 -23.34 32.90
C ASP C 177 -27.94 -22.27 32.01
N ILE C 178 -27.29 -21.94 30.90
CA ILE C 178 -27.89 -21.02 29.95
C ILE C 178 -29.21 -21.58 29.45
N LEU C 179 -29.21 -22.84 29.04
CA LEU C 179 -30.43 -23.44 28.53
C LEU C 179 -31.53 -23.46 29.57
N LYS C 180 -31.21 -23.86 30.81
CA LYS C 180 -32.21 -23.81 31.87
C LYS C 180 -32.77 -22.41 32.06
N HIS C 181 -31.90 -21.39 32.01
CA HIS C 181 -32.43 -20.04 32.20
C HIS C 181 -33.36 -19.64 31.06
N HIS C 182 -33.04 -20.01 29.83
CA HIS C 182 -33.89 -19.56 28.74
C HIS C 182 -35.13 -20.40 28.55
N MET C 183 -35.20 -21.59 29.14
CA MET C 183 -36.40 -22.40 29.03
C MET C 183 -37.48 -22.01 30.03
N LYS C 184 -37.24 -21.01 30.87
CA LYS C 184 -38.24 -20.64 31.86
C LYS C 184 -39.43 -19.90 31.26
N LYS C 185 -39.38 -19.53 29.99
CA LYS C 185 -40.51 -18.90 29.32
C LYS C 185 -41.21 -19.84 28.35
N ILE C 186 -40.72 -21.06 28.21
CA ILE C 186 -41.24 -22.02 27.26
C ILE C 186 -42.16 -23.00 27.99
N THR C 187 -43.36 -23.19 27.47
CA THR C 187 -44.28 -24.17 28.03
C THR C 187 -43.74 -25.55 27.70
N LEU C 188 -43.08 -26.17 28.67
CA LEU C 188 -42.27 -27.36 28.43
C LEU C 188 -43.08 -28.63 28.62
N ALA C 189 -42.61 -29.70 27.98
CA ALA C 189 -43.11 -31.04 28.24
C ALA C 189 -42.27 -31.66 29.35
N ASP C 190 -42.44 -32.96 29.58
CA ASP C 190 -41.71 -33.65 30.64
C ASP C 190 -40.56 -34.49 30.12
N ASN C 191 -40.38 -34.57 28.81
CA ASN C 191 -39.26 -35.25 28.21
C ASN C 191 -38.14 -34.31 27.83
N VAL C 192 -37.93 -33.24 28.59
CA VAL C 192 -36.94 -32.22 28.29
C VAL C 192 -35.84 -32.31 29.34
N ASP C 193 -34.64 -32.69 28.92
CA ASP C 193 -33.46 -32.70 29.79
C ASP C 193 -32.43 -31.78 29.18
N PRO C 194 -32.19 -30.59 29.75
CA PRO C 194 -31.28 -29.64 29.10
C PRO C 194 -29.86 -30.12 28.99
N THR C 195 -29.37 -30.97 29.89
CA THR C 195 -28.00 -31.43 29.79
C THR C 195 -27.77 -32.30 28.58
N ILE C 196 -28.82 -32.95 28.07
CA ILE C 196 -28.69 -33.74 26.86
C ILE C 196 -28.26 -32.85 25.69
N ILE C 197 -29.10 -31.88 25.35
CA ILE C 197 -28.78 -31.00 24.23
C ILE C 197 -27.58 -30.12 24.54
N ALA C 198 -27.34 -29.79 25.81
CA ALA C 198 -26.13 -29.04 26.14
C ALA C 198 -24.88 -29.84 25.80
N ARG C 199 -24.87 -31.13 26.12
CA ARG C 199 -23.78 -31.98 25.68
C ARG C 199 -23.80 -32.21 24.17
N GLY C 200 -24.95 -32.00 23.53
CA GLY C 200 -25.04 -32.24 22.10
C GLY C 200 -24.60 -31.08 21.24
N THR C 201 -24.33 -29.92 21.81
CA THR C 201 -24.02 -28.72 21.04
C THR C 201 -22.73 -28.07 21.53
N PRO C 202 -21.57 -28.61 21.16
CA PRO C 202 -20.32 -28.07 21.66
C PRO C 202 -19.84 -26.86 20.86
N GLY C 203 -19.22 -25.93 21.58
CA GLY C 203 -18.48 -24.84 20.95
C GLY C 203 -19.30 -23.69 20.42
N LEU C 204 -20.45 -23.39 21.00
CA LEU C 204 -21.26 -22.28 20.54
C LEU C 204 -21.73 -21.44 21.72
N SER C 205 -21.96 -20.17 21.46
CA SER C 205 -22.07 -19.14 22.48
C SER C 205 -23.43 -19.20 23.16
N GLY C 206 -23.76 -18.15 23.92
CA GLY C 206 -25.04 -18.09 24.59
C GLY C 206 -26.18 -17.61 23.72
N ALA C 207 -25.91 -16.70 22.79
CA ALA C 207 -26.96 -16.21 21.92
C ALA C 207 -27.46 -17.32 20.99
N GLU C 208 -26.56 -18.15 20.48
CA GLU C 208 -27.01 -19.24 19.61
C GLU C 208 -27.89 -20.23 20.36
N LEU C 209 -27.62 -20.46 21.64
CA LEU C 209 -28.52 -21.30 22.42
C LEU C 209 -29.83 -20.59 22.68
N ALA C 210 -29.80 -19.27 22.87
CA ALA C 210 -31.03 -18.52 23.01
C ALA C 210 -31.94 -18.72 21.81
N ASN C 211 -31.46 -18.41 20.60
CA ASN C 211 -32.38 -18.57 19.49
C ASN C 211 -32.60 -20.02 19.11
N LEU C 212 -31.74 -20.94 19.55
CA LEU C 212 -32.08 -22.35 19.44
C LEU C 212 -33.37 -22.63 20.19
N VAL C 213 -33.44 -22.19 21.45
CA VAL C 213 -34.66 -22.38 22.24
C VAL C 213 -35.83 -21.67 21.58
N ASN C 214 -35.62 -20.45 21.09
CA ASN C 214 -36.70 -19.70 20.47
C ASN C 214 -37.27 -20.43 19.27
N GLN C 215 -36.41 -20.82 18.33
CA GLN C 215 -36.88 -21.52 17.15
C GLN C 215 -37.53 -22.85 17.50
N ALA C 216 -37.03 -23.52 18.53
CA ALA C 216 -37.70 -24.75 18.96
C ALA C 216 -39.12 -24.48 19.42
N ALA C 217 -39.32 -23.39 20.16
CA ALA C 217 -40.67 -23.04 20.60
C ALA C 217 -41.57 -22.71 19.41
N VAL C 218 -41.10 -21.86 18.51
CA VAL C 218 -41.93 -21.44 17.38
C VAL C 218 -42.28 -22.63 16.50
N TYR C 219 -41.31 -23.50 16.24
CA TYR C 219 -41.59 -24.72 15.51
C TYR C 219 -42.59 -25.59 16.25
N ALA C 220 -42.50 -25.65 17.58
CA ALA C 220 -43.49 -26.40 18.34
C ALA C 220 -44.89 -25.86 18.11
N CYS C 221 -45.01 -24.54 17.99
CA CYS C 221 -46.33 -23.95 17.83
C CYS C 221 -46.81 -23.95 16.39
N GLN C 222 -45.94 -24.24 15.41
CA GLN C 222 -46.45 -24.46 14.06
C GLN C 222 -47.16 -25.80 13.94
N LYS C 223 -46.71 -26.81 14.66
CA LYS C 223 -47.28 -28.15 14.55
C LYS C 223 -48.55 -28.33 15.38
N ASN C 224 -49.18 -27.23 15.81
CA ASN C 224 -50.41 -27.29 16.59
C ASN C 224 -50.21 -28.06 17.90
N ALA C 225 -48.99 -28.04 18.43
CA ALA C 225 -48.70 -28.75 19.66
C ALA C 225 -49.04 -27.87 20.86
N VAL C 226 -48.86 -28.44 22.05
CA VAL C 226 -49.14 -27.71 23.28
C VAL C 226 -47.97 -27.68 24.25
N SER C 227 -46.95 -28.50 24.06
CA SER C 227 -45.78 -28.50 24.93
C SER C 227 -44.53 -28.76 24.12
N VAL C 228 -43.58 -27.85 24.21
CA VAL C 228 -42.30 -27.98 23.52
C VAL C 228 -41.57 -29.19 24.10
N ASP C 229 -41.35 -30.21 23.27
CA ASP C 229 -40.79 -31.46 23.74
C ASP C 229 -39.40 -31.70 23.16
N MET C 230 -38.82 -32.85 23.49
CA MET C 230 -37.40 -33.08 23.19
C MET C 230 -37.13 -33.17 21.70
N SER C 231 -38.05 -33.76 20.94
CA SER C 231 -37.85 -33.89 19.51
C SER C 231 -37.77 -32.54 18.82
N HIS C 232 -38.39 -31.52 19.39
CA HIS C 232 -38.31 -30.18 18.82
C HIS C 232 -36.92 -29.59 19.00
N PHE C 233 -36.37 -29.71 20.21
CA PHE C 233 -34.99 -29.32 20.45
C PHE C 233 -34.04 -30.06 19.53
N GLU C 234 -34.31 -31.35 19.29
CA GLU C 234 -33.52 -32.09 18.33
C GLU C 234 -33.61 -31.47 16.95
N TRP C 235 -34.83 -31.10 16.52
CA TRP C 235 -35.02 -30.50 15.21
C TRP C 235 -34.21 -29.21 15.07
N ALA C 236 -34.31 -28.32 16.06
CA ALA C 236 -33.63 -27.04 15.95
C ALA C 236 -32.13 -27.18 16.05
N LYS C 237 -31.63 -27.98 16.99
CA LYS C 237 -30.19 -28.20 17.07
C LYS C 237 -29.66 -28.79 15.77
N ASP C 238 -30.40 -29.71 15.17
CA ASP C 238 -30.00 -30.22 13.86
C ASP C 238 -30.05 -29.13 12.81
N LYS C 239 -31.01 -28.21 12.91
CA LYS C 239 -31.08 -27.13 11.94
C LYS C 239 -29.86 -26.23 12.02
N ILE C 240 -29.34 -26.01 13.23
CA ILE C 240 -28.18 -25.13 13.37
C ILE C 240 -26.90 -25.86 12.96
N LEU C 241 -26.68 -27.06 13.47
CA LEU C 241 -25.47 -27.80 13.13
C LEU C 241 -25.47 -28.20 11.66
N MET C 242 -26.51 -28.90 11.22
CA MET C 242 -26.60 -29.33 9.83
C MET C 242 -26.75 -28.15 8.89
N GLY C 243 -27.75 -27.31 9.13
CA GLY C 243 -28.31 -26.40 8.15
C GLY C 243 -29.75 -26.77 7.82
N ALA C 244 -30.45 -25.81 7.21
CA ALA C 244 -31.86 -26.05 6.93
C ALA C 244 -32.03 -27.10 5.84
N GLU C 245 -32.97 -28.01 6.05
CA GLU C 245 -33.20 -29.12 5.13
C GLU C 245 -33.95 -28.59 3.92
N ARG C 246 -33.63 -29.13 2.75
CA ARG C 246 -34.30 -28.77 1.51
C ARG C 246 -35.07 -29.97 1.00
N LYS C 247 -36.37 -30.00 1.24
CA LYS C 247 -37.19 -31.15 0.93
C LYS C 247 -37.55 -31.27 -0.54
N THR C 248 -37.77 -30.16 -1.24
CA THR C 248 -38.26 -30.18 -2.61
C THR C 248 -37.10 -30.10 -3.60
N MET C 249 -36.21 -31.08 -3.50
CA MET C 249 -35.07 -31.17 -4.40
C MET C 249 -35.16 -32.47 -5.17
N VAL C 250 -35.27 -32.37 -6.49
CA VAL C 250 -35.41 -33.54 -7.36
C VAL C 250 -34.03 -34.13 -7.60
N LEU C 251 -33.92 -35.45 -7.43
CA LEU C 251 -32.64 -36.12 -7.44
C LEU C 251 -32.71 -37.35 -8.35
N THR C 252 -31.68 -37.51 -9.18
CA THR C 252 -31.57 -38.68 -10.02
C THR C 252 -31.19 -39.86 -9.12
N ASP C 253 -31.32 -41.08 -9.62
CA ASP C 253 -30.93 -42.26 -8.85
C ASP C 253 -29.43 -42.39 -8.74
N ALA C 254 -28.70 -42.17 -9.84
CA ALA C 254 -27.26 -42.31 -9.81
C ALA C 254 -26.62 -41.30 -8.86
N ALA C 255 -27.17 -40.09 -8.81
CA ALA C 255 -26.67 -39.07 -7.89
C ALA C 255 -26.76 -39.55 -6.45
N ARG C 256 -27.94 -40.03 -6.04
CA ARG C 256 -28.12 -40.45 -4.66
C ARG C 256 -27.29 -41.69 -4.34
N LYS C 257 -27.08 -42.57 -5.31
CA LYS C 257 -26.17 -43.69 -5.06
C LYS C 257 -24.76 -43.19 -4.78
N ALA C 258 -24.25 -42.31 -5.65
CA ALA C 258 -22.90 -41.77 -5.45
C ALA C 258 -22.78 -41.07 -4.11
N THR C 259 -23.77 -40.27 -3.74
CA THR C 259 -23.71 -39.55 -2.47
C THR C 259 -23.70 -40.52 -1.30
N ALA C 260 -24.59 -41.51 -1.32
CA ALA C 260 -24.61 -42.48 -0.24
C ALA C 260 -23.29 -43.24 -0.13
N PHE C 261 -22.58 -43.41 -1.24
CA PHE C 261 -21.25 -44.02 -1.11
C PHE C 261 -20.22 -43.07 -0.54
N HIS C 262 -20.29 -41.77 -0.86
CA HIS C 262 -19.34 -40.83 -0.27
C HIS C 262 -19.49 -40.77 1.24
N GLU C 263 -20.68 -40.41 1.72
CA GLU C 263 -20.89 -40.40 3.18
C GLU C 263 -20.77 -41.78 3.79
N ALA C 264 -20.98 -42.85 3.01
CA ALA C 264 -20.67 -44.18 3.51
C ALA C 264 -19.20 -44.31 3.84
N GLY C 265 -18.33 -43.82 2.96
CA GLY C 265 -16.90 -43.87 3.24
C GLY C 265 -16.53 -43.08 4.48
N HIS C 266 -16.98 -41.82 4.55
CA HIS C 266 -16.71 -41.00 5.74
C HIS C 266 -17.16 -41.71 7.01
N ALA C 267 -18.38 -42.27 7.00
CA ALA C 267 -18.90 -42.92 8.21
C ALA C 267 -18.07 -44.13 8.59
N ILE C 268 -17.71 -44.95 7.61
CA ILE C 268 -16.97 -46.18 7.93
C ILE C 268 -15.62 -45.84 8.54
N MET C 269 -14.76 -45.16 7.79
CA MET C 269 -13.43 -45.01 8.35
C MET C 269 -13.37 -43.90 9.38
N ALA C 270 -14.46 -43.18 9.60
CA ALA C 270 -14.62 -42.41 10.82
C ALA C 270 -15.22 -43.25 11.94
N LYS C 271 -15.49 -44.52 11.68
CA LYS C 271 -15.98 -45.41 12.71
C LYS C 271 -14.94 -46.42 13.15
N TYR C 272 -14.02 -46.82 12.29
CA TYR C 272 -13.06 -47.87 12.62
C TYR C 272 -11.63 -47.38 12.78
N THR C 273 -11.38 -46.08 12.88
CA THR C 273 -10.05 -45.61 13.23
C THR C 273 -9.98 -45.31 14.73
N ASN C 274 -8.76 -45.24 15.24
CA ASN C 274 -8.56 -45.24 16.69
C ASN C 274 -8.98 -43.92 17.33
N GLY C 275 -8.29 -42.84 16.99
CA GLY C 275 -8.56 -41.61 17.69
C GLY C 275 -9.75 -40.83 17.22
N ALA C 276 -10.43 -41.30 16.19
CA ALA C 276 -11.51 -40.53 15.57
C ALA C 276 -12.62 -40.26 16.57
N THR C 277 -13.17 -39.05 16.51
CA THR C 277 -14.21 -38.67 17.45
C THR C 277 -15.45 -39.51 17.22
N PRO C 278 -16.21 -39.80 18.27
CA PRO C 278 -17.33 -40.74 18.14
C PRO C 278 -18.38 -40.24 17.16
N LEU C 279 -18.92 -41.17 16.39
CA LEU C 279 -19.80 -40.84 15.30
C LEU C 279 -21.14 -40.34 15.79
N TYR C 280 -21.82 -39.57 14.95
CA TYR C 280 -23.15 -39.07 15.17
C TYR C 280 -23.94 -39.36 13.89
N LYS C 281 -25.15 -38.82 13.78
CA LYS C 281 -26.00 -39.17 12.66
C LYS C 281 -25.41 -38.74 11.34
N ALA C 282 -25.34 -39.67 10.40
CA ALA C 282 -24.90 -39.42 9.04
C ALA C 282 -26.10 -39.47 8.11
N THR C 283 -26.17 -38.56 7.15
CA THR C 283 -27.35 -38.45 6.30
C THR C 283 -26.92 -38.25 4.85
N ILE C 284 -27.89 -38.40 3.95
CA ILE C 284 -27.74 -37.97 2.57
C ILE C 284 -28.90 -37.11 2.10
N LEU C 285 -29.84 -36.80 2.99
CA LEU C 285 -30.88 -35.84 2.64
C LEU C 285 -30.22 -34.52 2.27
N PRO C 286 -30.69 -33.84 1.24
CA PRO C 286 -30.01 -32.63 0.79
C PRO C 286 -30.16 -31.52 1.81
N ARG C 287 -29.08 -31.26 2.53
CA ARG C 287 -29.06 -30.33 3.65
C ARG C 287 -28.86 -28.92 3.08
N GLY C 288 -28.42 -27.98 3.92
CA GLY C 288 -28.43 -26.57 3.53
C GLY C 288 -27.69 -26.27 2.24
N ARG C 289 -26.40 -26.59 2.18
CA ARG C 289 -25.67 -26.28 0.95
C ARG C 289 -24.98 -27.53 0.38
N ALA C 290 -24.77 -28.54 1.21
CA ALA C 290 -24.18 -29.78 0.72
C ALA C 290 -25.25 -30.82 0.45
N LEU C 291 -24.93 -31.75 -0.43
CA LEU C 291 -25.88 -32.80 -0.80
C LEU C 291 -25.81 -34.01 0.11
N GLY C 292 -25.08 -33.91 1.20
CA GLY C 292 -24.99 -34.98 2.17
C GLY C 292 -23.95 -34.62 3.20
N ILE C 293 -24.23 -34.88 4.47
CA ILE C 293 -23.31 -34.55 5.54
C ILE C 293 -23.22 -35.72 6.49
N THR C 294 -22.06 -35.86 7.12
CA THR C 294 -21.85 -36.87 8.14
C THR C 294 -20.91 -36.31 9.20
N PHE C 295 -21.44 -35.60 10.18
CA PHE C 295 -20.56 -34.92 11.11
C PHE C 295 -20.53 -35.70 12.42
N GLN C 296 -19.35 -35.74 13.02
CA GLN C 296 -19.08 -36.54 14.20
C GLN C 296 -18.83 -35.64 15.40
N LEU C 297 -19.56 -35.92 16.47
CA LEU C 297 -19.65 -35.05 17.62
C LEU C 297 -18.80 -35.57 18.77
N PRO C 298 -18.04 -34.71 19.44
CA PRO C 298 -17.18 -35.17 20.53
C PRO C 298 -17.98 -35.66 21.72
N GLU C 299 -17.27 -36.10 22.74
CA GLU C 299 -17.89 -36.57 23.98
C GLU C 299 -17.41 -35.80 25.20
N MET C 300 -16.17 -35.33 25.18
CA MET C 300 -15.61 -34.53 26.26
C MET C 300 -14.87 -33.35 25.66
N ASP C 301 -15.42 -32.15 25.84
CA ASP C 301 -14.80 -30.97 25.25
C ASP C 301 -13.44 -30.70 25.88
N LYS C 302 -12.45 -30.41 25.05
CA LYS C 302 -11.11 -30.14 25.54
C LYS C 302 -10.42 -29.24 24.53
N VAL C 303 -9.31 -28.64 24.96
CA VAL C 303 -8.67 -27.60 24.16
C VAL C 303 -7.67 -28.15 23.16
N ASP C 304 -6.86 -29.13 23.56
CA ASP C 304 -5.76 -29.60 22.73
C ASP C 304 -6.07 -30.96 22.14
N ILE C 305 -5.23 -31.38 21.20
CA ILE C 305 -5.46 -32.56 20.39
C ILE C 305 -4.15 -33.31 20.23
N THR C 306 -4.19 -34.62 20.42
CA THR C 306 -2.98 -35.42 20.34
C THR C 306 -2.60 -35.63 18.88
N LYS C 307 -1.62 -36.51 18.65
CA LYS C 307 -1.23 -36.84 17.28
C LYS C 307 -2.07 -37.96 16.72
N ARG C 308 -2.49 -38.90 17.57
CA ARG C 308 -3.39 -39.96 17.14
C ARG C 308 -4.68 -39.39 16.58
N GLU C 309 -5.25 -38.40 17.28
CA GLU C 309 -6.51 -37.82 16.83
C GLU C 309 -6.34 -37.05 15.54
N CYS C 310 -5.18 -36.43 15.32
CA CYS C 310 -4.96 -35.73 14.07
C CYS C 310 -4.84 -36.70 12.91
N GLN C 311 -4.11 -37.81 13.11
CA GLN C 311 -4.12 -38.87 12.12
C GLN C 311 -5.54 -39.29 11.79
N ALA C 312 -6.38 -39.46 12.82
CA ALA C 312 -7.77 -39.82 12.59
C ALA C 312 -8.49 -38.80 11.74
N ARG C 313 -8.27 -37.50 12.01
CA ARG C 313 -8.95 -36.47 11.22
C ARG C 313 -8.53 -36.51 9.76
N LEU C 314 -7.24 -36.70 9.49
CA LEU C 314 -6.81 -36.79 8.10
C LEU C 314 -7.45 -37.98 7.40
N ASP C 315 -7.48 -39.15 8.06
CA ASP C 315 -8.07 -40.32 7.41
C ASP C 315 -9.55 -40.12 7.15
N VAL C 316 -10.26 -39.55 8.13
CA VAL C 316 -11.69 -39.29 7.94
C VAL C 316 -11.91 -38.33 6.79
N CYS C 317 -10.96 -37.43 6.54
CA CYS C 317 -11.11 -36.57 5.38
C CYS C 317 -10.84 -37.31 4.07
N MET C 318 -9.91 -38.27 4.06
CA MET C 318 -9.64 -39.02 2.83
C MET C 318 -10.69 -40.10 2.55
N GLY C 319 -11.58 -40.36 3.49
CA GLY C 319 -12.50 -41.48 3.35
C GLY C 319 -13.37 -41.42 2.11
N GLY C 320 -14.05 -40.30 1.88
CA GLY C 320 -15.01 -40.25 0.79
C GLY C 320 -14.36 -40.43 -0.57
N LYS C 321 -13.30 -39.65 -0.84
CA LYS C 321 -12.55 -39.79 -2.07
C LYS C 321 -12.09 -41.22 -2.28
N ILE C 322 -11.54 -41.86 -1.24
CA ILE C 322 -11.11 -43.23 -1.43
C ILE C 322 -12.29 -44.17 -1.68
N ALA C 323 -13.47 -43.84 -1.16
CA ALA C 323 -14.64 -44.67 -1.43
C ALA C 323 -15.02 -44.61 -2.90
N GLU C 324 -15.17 -43.39 -3.44
CA GLU C 324 -15.47 -43.25 -4.86
C GLU C 324 -14.40 -43.92 -5.72
N GLU C 325 -13.14 -43.86 -5.30
CA GLU C 325 -12.10 -44.57 -6.06
C GLU C 325 -12.30 -46.07 -6.03
N LEU C 326 -12.64 -46.62 -4.86
CA LEU C 326 -12.79 -48.06 -4.77
C LEU C 326 -14.01 -48.58 -5.53
N ILE C 327 -15.08 -47.78 -5.60
CA ILE C 327 -16.29 -48.25 -6.27
C ILE C 327 -16.28 -47.92 -7.74
N TYR C 328 -16.23 -46.64 -8.09
CA TYR C 328 -16.43 -46.19 -9.45
C TYR C 328 -15.16 -46.15 -10.28
N GLY C 329 -14.11 -46.87 -9.88
CA GLY C 329 -12.85 -46.81 -10.57
C GLY C 329 -12.19 -45.44 -10.42
N LYS C 330 -10.93 -45.38 -10.82
CA LYS C 330 -10.16 -44.17 -10.55
C LYS C 330 -10.57 -43.00 -11.44
N ASP C 331 -10.97 -43.26 -12.69
CA ASP C 331 -11.29 -42.16 -13.59
C ASP C 331 -12.58 -41.46 -13.25
N ASN C 332 -13.38 -41.98 -12.31
CA ASN C 332 -14.70 -41.43 -12.03
C ASN C 332 -14.75 -40.68 -10.71
N THR C 333 -13.61 -40.30 -10.15
CA THR C 333 -13.62 -39.51 -8.93
C THR C 333 -14.01 -38.09 -9.28
N THR C 334 -14.96 -37.54 -8.56
CA THR C 334 -15.53 -36.26 -8.92
C THR C 334 -14.72 -35.12 -8.33
N SER C 335 -15.18 -33.90 -8.61
CA SER C 335 -14.61 -32.71 -8.00
C SER C 335 -15.22 -32.40 -6.65
N GLY C 336 -16.20 -33.18 -6.20
CA GLY C 336 -16.79 -32.95 -4.90
C GLY C 336 -15.83 -33.14 -3.75
N CYS C 337 -14.82 -33.98 -3.93
CA CYS C 337 -13.87 -34.24 -2.87
C CYS C 337 -12.95 -33.07 -2.58
N GLY C 338 -12.93 -32.05 -3.42
CA GLY C 338 -12.06 -30.91 -3.19
C GLY C 338 -12.33 -30.23 -1.86
N SER C 339 -13.61 -30.00 -1.54
CA SER C 339 -13.96 -29.44 -0.25
C SER C 339 -13.56 -30.31 0.92
N ASP C 340 -13.30 -31.60 0.71
CA ASP C 340 -12.69 -32.39 1.76
C ASP C 340 -11.21 -32.06 1.88
N LEU C 341 -10.50 -32.06 0.75
CA LEU C 341 -9.03 -32.01 0.77
C LEU C 341 -8.52 -30.81 1.54
N GLN C 342 -9.07 -29.62 1.27
CA GLN C 342 -8.56 -28.42 1.93
C GLN C 342 -8.63 -28.54 3.45
N SER C 343 -9.74 -29.06 3.97
CA SER C 343 -9.85 -29.22 5.42
C SER C 343 -8.73 -30.11 5.92
N ALA C 344 -8.52 -31.25 5.26
CA ALA C 344 -7.44 -32.13 5.63
C ALA C 344 -6.11 -31.39 5.59
N THR C 345 -5.87 -30.64 4.51
CA THR C 345 -4.61 -29.92 4.38
C THR C 345 -4.39 -29.00 5.56
N GLY C 346 -5.47 -28.34 6.02
CA GLY C 346 -5.36 -27.47 7.17
C GLY C 346 -4.75 -28.20 8.36
N THR C 347 -5.35 -29.33 8.73
CA THR C 347 -4.84 -30.10 9.85
C THR C 347 -3.40 -30.48 9.63
N ALA C 348 -3.05 -30.87 8.39
CA ALA C 348 -1.70 -31.32 8.12
C ALA C 348 -0.70 -30.24 8.44
N ARG C 349 -0.99 -28.99 8.05
CA ARG C 349 -0.04 -27.93 8.32
C ARG C 349 0.08 -27.68 9.81
N ALA C 350 -1.03 -27.75 10.54
CA ALA C 350 -0.94 -27.57 11.97
C ALA C 350 -0.14 -28.68 12.63
N MET C 351 -0.03 -29.84 11.99
CA MET C 351 0.76 -30.90 12.57
C MET C 351 2.24 -30.66 12.41
N VAL C 352 2.65 -29.84 11.44
CA VAL C 352 4.05 -29.74 11.03
C VAL C 352 4.61 -28.36 11.33
N THR C 353 3.82 -27.32 11.11
CA THR C 353 4.35 -25.99 11.38
C THR C 353 4.28 -25.62 12.84
N GLN C 354 3.11 -25.67 13.47
CA GLN C 354 2.95 -25.06 14.78
C GLN C 354 2.80 -26.06 15.92
N TYR C 355 2.18 -27.21 15.72
CA TYR C 355 2.06 -28.12 16.85
C TYR C 355 3.37 -28.83 17.17
N GLY C 356 4.38 -28.74 16.31
CA GLY C 356 5.65 -29.38 16.60
C GLY C 356 5.65 -30.88 16.46
N MET C 357 4.79 -31.43 15.60
CA MET C 357 4.68 -32.87 15.42
C MET C 357 5.44 -33.36 14.19
N SER C 358 6.74 -33.12 14.11
CA SER C 358 7.49 -33.51 12.92
C SER C 358 8.86 -34.03 13.32
N ASP C 359 9.59 -34.57 12.34
CA ASP C 359 10.89 -35.15 12.63
C ASP C 359 12.01 -34.46 11.87
N ASP C 360 11.82 -34.20 10.59
CA ASP C 360 12.84 -33.45 9.86
C ASP C 360 12.80 -31.98 10.23
N VAL C 361 11.60 -31.43 10.37
CA VAL C 361 11.41 -30.15 11.03
C VAL C 361 11.36 -30.42 12.52
N GLY C 362 12.33 -29.90 13.26
CA GLY C 362 12.46 -30.23 14.67
C GLY C 362 11.33 -29.67 15.51
N PRO C 363 11.59 -29.47 16.79
CA PRO C 363 10.60 -28.83 17.65
C PRO C 363 10.50 -27.33 17.44
N VAL C 364 10.31 -26.89 16.21
CA VAL C 364 10.41 -25.48 15.84
C VAL C 364 9.02 -24.98 15.55
N ASN C 365 8.78 -23.70 15.80
CA ASN C 365 7.52 -23.07 15.44
C ASN C 365 7.74 -22.25 14.18
N LEU C 366 7.53 -22.89 13.04
CA LEU C 366 7.61 -22.24 11.73
C LEU C 366 6.35 -21.46 11.40
N SER C 367 5.42 -21.32 12.33
CA SER C 367 4.11 -20.77 11.98
C SER C 367 4.13 -19.25 11.94
N GLU C 368 4.42 -18.61 13.06
CA GLU C 368 4.48 -17.16 13.10
C GLU C 368 5.62 -16.66 12.22
N GLU C 369 5.31 -15.68 11.36
CA GLU C 369 6.24 -15.23 10.34
C GLU C 369 6.68 -16.38 9.43
N TRP C 370 5.69 -16.88 8.68
CA TRP C 370 5.98 -17.94 7.72
C TRP C 370 6.76 -17.41 6.54
N GLU C 371 6.65 -16.12 6.24
CA GLU C 371 7.26 -15.55 5.06
C GLU C 371 8.68 -15.09 5.32
N SER C 372 9.21 -15.32 6.52
CA SER C 372 10.54 -14.85 6.87
C SER C 372 11.57 -15.96 6.96
N TRP C 373 11.14 -17.21 7.01
CA TRP C 373 12.10 -18.31 7.04
C TRP C 373 12.72 -18.47 5.65
N SER C 374 13.67 -19.38 5.54
CA SER C 374 14.42 -19.54 4.30
C SER C 374 13.57 -20.26 3.27
N ASN C 375 14.21 -20.69 2.19
CA ASN C 375 13.53 -21.53 1.20
C ASN C 375 13.83 -23.00 1.39
N LYS C 376 14.80 -23.34 2.22
CA LYS C 376 15.11 -24.75 2.45
C LYS C 376 14.22 -25.33 3.54
N ILE C 377 14.03 -24.58 4.62
CA ILE C 377 13.18 -25.04 5.71
C ILE C 377 11.75 -25.21 5.21
N ARG C 378 11.28 -24.29 4.37
CA ARG C 378 9.91 -24.43 3.89
C ARG C 378 9.78 -25.59 2.91
N ASP C 379 10.83 -25.89 2.15
CA ASP C 379 10.79 -27.09 1.31
C ASP C 379 10.67 -28.34 2.17
N ILE C 380 11.47 -28.43 3.23
CA ILE C 380 11.39 -29.59 4.11
C ILE C 380 10.00 -29.70 4.73
N ALA C 381 9.46 -28.57 5.17
CA ALA C 381 8.13 -28.59 5.78
C ALA C 381 7.07 -29.09 4.81
N ASP C 382 7.01 -28.51 3.61
CA ASP C 382 5.96 -28.90 2.68
C ASP C 382 6.12 -30.34 2.22
N ASN C 383 7.35 -30.82 2.08
CA ASN C 383 7.53 -32.25 1.82
C ASN C 383 6.97 -33.08 2.96
N GLU C 384 7.15 -32.62 4.20
CA GLU C 384 6.57 -33.32 5.33
C GLU C 384 5.05 -33.38 5.24
N VAL C 385 4.41 -32.23 4.97
CA VAL C 385 2.96 -32.21 4.87
C VAL C 385 2.46 -33.15 3.79
N ILE C 386 3.04 -33.06 2.60
CA ILE C 386 2.61 -33.92 1.50
C ILE C 386 2.76 -35.39 1.88
N GLU C 387 3.83 -35.74 2.59
CA GLU C 387 3.94 -37.11 3.05
C GLU C 387 2.85 -37.50 4.03
N LEU C 388 2.48 -36.61 4.96
CA LEU C 388 1.39 -36.90 5.87
C LEU C 388 0.11 -37.20 5.11
N LEU C 389 -0.21 -36.38 4.11
CA LEU C 389 -1.46 -36.59 3.39
C LEU C 389 -1.43 -37.89 2.59
N LYS C 390 -0.32 -38.18 1.89
CA LYS C 390 -0.28 -39.41 1.11
C LYS C 390 -0.39 -40.65 1.98
N ASP C 391 0.36 -40.71 3.08
CA ASP C 391 0.20 -41.84 3.99
C ASP C 391 -1.22 -41.94 4.51
N SER C 392 -1.84 -40.79 4.76
CA SER C 392 -3.24 -40.78 5.18
C SER C 392 -4.12 -41.50 4.17
N GLU C 393 -4.04 -41.12 2.90
CA GLU C 393 -4.96 -41.75 1.96
C GLU C 393 -4.64 -43.21 1.74
N GLU C 394 -3.38 -43.64 1.86
CA GLU C 394 -3.13 -45.07 1.68
C GLU C 394 -3.69 -45.88 2.85
N ARG C 395 -3.53 -45.38 4.09
CA ARG C 395 -4.23 -46.02 5.22
C ARG C 395 -5.73 -46.12 4.95
N ALA C 396 -6.32 -45.03 4.45
CA ALA C 396 -7.75 -45.02 4.16
C ALA C 396 -8.11 -46.10 3.16
N ARG C 397 -7.32 -46.25 2.08
CA ARG C 397 -7.71 -47.22 1.06
C ARG C 397 -7.56 -48.64 1.55
N ARG C 398 -6.54 -48.95 2.32
CA ARG C 398 -6.46 -50.33 2.80
C ARG C 398 -7.53 -50.62 3.84
N LEU C 399 -7.87 -49.65 4.70
CA LEU C 399 -8.97 -49.88 5.65
C LEU C 399 -10.27 -50.12 4.91
N LEU C 400 -10.63 -49.25 3.97
CA LEU C 400 -11.87 -49.48 3.22
C LEU C 400 -11.77 -50.72 2.33
N THR C 401 -10.58 -51.24 2.09
CA THR C 401 -10.49 -52.55 1.45
C THR C 401 -10.90 -53.66 2.42
N LYS C 402 -10.42 -53.61 3.67
CA LYS C 402 -10.78 -54.65 4.62
C LYS C 402 -12.27 -54.64 4.93
N LYS C 403 -12.89 -53.46 4.96
CA LYS C 403 -14.27 -53.29 5.40
C LYS C 403 -15.23 -53.10 4.24
N ASN C 404 -15.02 -53.82 3.13
CA ASN C 404 -15.81 -53.59 1.93
C ASN C 404 -17.28 -53.95 2.14
N VAL C 405 -17.54 -55.06 2.81
CA VAL C 405 -18.90 -55.55 2.99
C VAL C 405 -19.73 -54.52 3.74
N GLU C 406 -19.20 -54.01 4.84
CA GLU C 406 -19.90 -52.97 5.58
C GLU C 406 -20.07 -51.71 4.76
N LEU C 407 -19.12 -51.42 3.87
CA LEU C 407 -19.24 -50.23 3.02
C LEU C 407 -20.46 -50.33 2.11
N HIS C 408 -20.63 -51.45 1.42
CA HIS C 408 -21.84 -51.62 0.61
C HIS C 408 -23.08 -51.62 1.50
N ARG C 409 -23.02 -52.35 2.61
CA ARG C 409 -24.18 -52.52 3.47
C ARG C 409 -24.70 -51.19 3.99
N LEU C 410 -23.80 -50.29 4.41
CA LEU C 410 -24.22 -48.96 4.81
C LEU C 410 -24.57 -48.09 3.62
N ALA C 411 -24.02 -48.40 2.44
CA ALA C 411 -24.39 -47.65 1.25
C ALA C 411 -25.87 -47.82 0.94
N GLN C 412 -26.33 -49.06 0.79
CA GLN C 412 -27.77 -49.27 0.66
C GLN C 412 -28.52 -48.87 1.91
N GLY C 413 -27.93 -49.01 3.09
CA GLY C 413 -28.56 -48.52 4.29
C GLY C 413 -28.90 -47.05 4.26
N LEU C 414 -28.09 -46.25 3.58
CA LEU C 414 -28.42 -44.83 3.40
C LEU C 414 -29.29 -44.57 2.19
N ILE C 415 -29.21 -45.42 1.16
CA ILE C 415 -30.07 -45.18 0.00
C ILE C 415 -31.52 -45.46 0.36
N GLU C 416 -31.76 -46.44 1.23
CA GLU C 416 -33.13 -46.80 1.59
C GLU C 416 -33.67 -45.89 2.70
N TYR C 417 -33.07 -45.94 3.87
CA TYR C 417 -33.45 -45.11 5.01
C TYR C 417 -32.74 -43.77 4.84
N GLU C 418 -33.25 -42.74 5.50
CA GLU C 418 -32.52 -41.48 5.52
C GLU C 418 -32.14 -41.12 6.95
N THR C 419 -30.97 -40.50 7.09
CA THR C 419 -30.54 -39.95 8.37
C THR C 419 -30.44 -41.04 9.44
N LEU C 420 -29.50 -41.94 9.22
CA LEU C 420 -29.18 -42.94 10.22
C LEU C 420 -28.45 -42.30 11.39
N ASP C 421 -28.81 -42.72 12.61
CA ASP C 421 -28.08 -42.34 13.81
C ASP C 421 -26.95 -43.34 14.03
N ALA C 422 -26.02 -42.99 14.93
CA ALA C 422 -24.84 -43.82 15.16
C ALA C 422 -25.22 -45.22 15.62
N HIS C 423 -26.18 -45.32 16.54
CA HIS C 423 -26.70 -46.62 16.92
C HIS C 423 -27.28 -47.35 15.72
N GLU C 424 -28.16 -46.68 14.98
CA GLU C 424 -28.76 -47.27 13.79
C GLU C 424 -27.71 -47.62 12.76
N ILE C 425 -26.64 -46.82 12.66
CA ILE C 425 -25.55 -47.16 11.76
C ILE C 425 -24.90 -48.47 12.17
N GLU C 426 -24.72 -48.67 13.48
CA GLU C 426 -24.16 -49.95 13.91
C GLU C 426 -25.12 -51.10 13.64
N GLN C 427 -26.43 -50.88 13.76
CA GLN C 427 -27.35 -51.95 13.41
C GLN C 427 -27.37 -52.23 11.92
N VAL C 428 -27.06 -51.24 11.08
CA VAL C 428 -27.07 -51.46 9.65
C VAL C 428 -25.77 -52.13 9.19
N CYS C 429 -24.67 -51.85 9.86
CA CYS C 429 -23.39 -52.42 9.44
C CYS C 429 -23.23 -53.88 9.86
N LYS C 430 -24.22 -54.46 10.52
CA LYS C 430 -24.18 -55.87 10.89
C LYS C 430 -25.16 -56.74 10.13
N GLY C 431 -26.11 -56.13 9.43
CA GLY C 431 -27.18 -56.87 8.78
C GLY C 431 -28.49 -56.87 9.52
N GLU C 432 -28.53 -56.24 10.69
CA GLU C 432 -29.77 -56.17 11.46
C GLU C 432 -30.72 -55.17 10.83
N LYS C 433 -32.00 -55.51 10.77
CA LYS C 433 -32.98 -54.61 10.20
C LYS C 433 -33.43 -53.60 11.24
N LEU C 434 -33.74 -52.39 10.80
CA LEU C 434 -34.11 -51.31 11.69
C LEU C 434 -35.61 -51.29 11.90
N ALA C 435 -36.03 -50.91 13.11
CA ALA C 435 -37.45 -50.85 13.46
C ALA C 435 -37.93 -49.41 13.25
N LYS C 436 -38.05 -49.03 11.98
CA LYS C 436 -38.62 -47.76 11.60
C LYS C 436 -39.06 -47.81 10.15
N LEU C 437 -39.78 -46.78 9.73
CA LEU C 437 -40.31 -46.71 8.38
C LEU C 437 -39.17 -46.71 7.36
N LYS C 438 -39.46 -47.19 6.16
CA LYS C 438 -38.53 -47.15 5.05
C LYS C 438 -39.03 -46.15 4.02
N THR C 439 -38.32 -45.03 3.90
CA THR C 439 -38.66 -43.99 2.93
C THR C 439 -38.66 -44.54 1.50
N LYS D 1 -46.82 -9.73 -4.19
CA LYS D 1 -47.46 -10.89 -3.60
C LYS D 1 -46.54 -12.10 -3.62
N PHE D 2 -46.61 -12.93 -2.59
CA PHE D 2 -45.72 -14.08 -2.51
C PHE D 2 -45.94 -15.10 -3.61
N ASP D 3 -47.06 -15.04 -4.32
CA ASP D 3 -47.23 -15.96 -5.43
C ASP D 3 -46.33 -15.61 -6.61
N ASP D 4 -45.82 -14.38 -6.65
CA ASP D 4 -44.96 -13.96 -7.74
C ASP D 4 -43.54 -14.49 -7.62
N VAL D 5 -43.21 -15.20 -6.56
CA VAL D 5 -41.87 -15.74 -6.38
C VAL D 5 -41.99 -17.25 -6.55
N CYS D 6 -41.90 -17.71 -7.80
CA CYS D 6 -42.13 -19.10 -8.14
C CYS D 6 -40.81 -19.85 -8.26
N GLY D 7 -40.66 -20.89 -7.44
CA GLY D 7 -39.37 -21.44 -7.15
C GLY D 7 -38.85 -20.85 -5.85
N CYS D 8 -37.84 -21.50 -5.28
CA CYS D 8 -37.31 -21.10 -3.99
C CYS D 8 -38.39 -21.21 -2.90
N ASP D 9 -39.02 -22.39 -2.85
CA ASP D 9 -40.12 -22.57 -1.91
C ASP D 9 -39.64 -22.54 -0.46
N GLU D 10 -38.38 -22.90 -0.20
CA GLU D 10 -37.92 -22.89 1.18
C GLU D 10 -37.57 -21.49 1.65
N ALA D 11 -37.15 -20.63 0.73
CA ALA D 11 -36.79 -19.26 1.11
C ALA D 11 -38.02 -18.36 1.12
N ARG D 12 -39.11 -18.80 0.48
CA ARG D 12 -40.37 -18.08 0.59
C ARG D 12 -41.15 -18.55 1.80
N ALA D 13 -41.35 -19.86 1.94
CA ALA D 13 -42.05 -20.37 3.10
C ALA D 13 -41.27 -20.12 4.37
N GLU D 14 -39.94 -20.05 4.25
CA GLU D 14 -39.10 -19.74 5.39
C GLU D 14 -39.19 -18.27 5.78
N LEU D 15 -39.81 -17.44 4.95
CA LEU D 15 -39.98 -16.02 5.21
C LEU D 15 -41.44 -15.57 5.15
N GLU D 16 -42.37 -16.47 4.81
CA GLU D 16 -43.77 -16.18 5.04
C GLU D 16 -44.14 -16.31 6.50
N GLU D 17 -43.37 -17.10 7.25
CA GLU D 17 -43.64 -17.31 8.66
C GLU D 17 -43.53 -16.01 9.45
N ILE D 18 -42.77 -15.04 8.94
CA ILE D 18 -42.62 -13.78 9.63
C ILE D 18 -43.83 -12.89 9.40
N VAL D 19 -44.31 -12.82 8.16
CA VAL D 19 -45.52 -12.06 7.87
C VAL D 19 -46.71 -12.67 8.60
N ASP D 20 -46.89 -13.98 8.50
CA ASP D 20 -47.95 -14.64 9.24
C ASP D 20 -47.77 -14.51 10.75
N PHE D 21 -46.53 -14.40 11.22
CA PHE D 21 -46.31 -14.13 12.64
C PHE D 21 -46.80 -12.74 12.99
N LEU D 22 -46.69 -11.80 12.05
CA LEU D 22 -47.14 -10.44 12.33
C LEU D 22 -48.65 -10.34 12.27
N LYS D 23 -49.31 -11.13 11.44
CA LYS D 23 -50.74 -10.94 11.26
C LYS D 23 -51.54 -11.39 12.48
N ASP D 24 -51.30 -12.61 12.95
CA ASP D 24 -51.95 -13.13 14.17
C ASP D 24 -50.89 -13.69 15.09
N PRO D 25 -50.39 -12.88 16.03
CA PRO D 25 -49.26 -13.33 16.86
C PRO D 25 -49.57 -14.55 17.71
N THR D 26 -50.81 -14.71 18.15
CA THR D 26 -51.11 -15.78 19.11
C THR D 26 -51.13 -17.14 18.44
N LYS D 27 -51.11 -17.18 17.10
CA LYS D 27 -50.99 -18.45 16.40
C LYS D 27 -49.62 -19.07 16.63
N TYR D 28 -48.65 -18.28 17.08
CA TYR D 28 -47.29 -18.77 17.30
C TYR D 28 -46.76 -18.51 18.70
N GLU D 29 -47.06 -17.35 19.28
CA GLU D 29 -46.47 -16.93 20.54
C GLU D 29 -47.18 -17.51 21.75
N SER D 30 -47.91 -18.60 21.59
CA SER D 30 -48.56 -19.22 22.74
C SER D 30 -47.53 -19.90 23.64
N LEU D 31 -46.71 -20.76 23.07
CA LEU D 31 -45.72 -21.51 23.84
C LEU D 31 -44.51 -20.68 24.22
N GLY D 32 -44.48 -19.39 23.91
CA GLY D 32 -43.39 -18.53 24.31
C GLY D 32 -42.51 -18.04 23.18
N GLY D 33 -42.76 -18.48 21.96
CA GLY D 33 -41.99 -17.98 20.84
C GLY D 33 -42.20 -16.50 20.62
N LYS D 34 -41.26 -15.89 19.90
CA LYS D 34 -41.29 -14.46 19.64
C LYS D 34 -40.62 -14.19 18.30
N LEU D 35 -40.82 -12.97 17.82
CA LEU D 35 -40.34 -12.58 16.49
C LEU D 35 -38.84 -12.76 16.37
N PRO D 36 -38.33 -13.13 15.20
CA PRO D 36 -36.88 -13.12 15.00
C PRO D 36 -36.37 -11.70 14.79
N LYS D 37 -35.16 -11.45 15.28
CA LYS D 37 -34.60 -10.11 15.18
C LYS D 37 -34.26 -9.75 13.75
N GLY D 38 -33.99 -10.74 12.90
CA GLY D 38 -33.66 -10.47 11.53
C GLY D 38 -33.32 -11.68 10.70
N VAL D 39 -33.58 -11.58 9.41
CA VAL D 39 -33.29 -12.63 8.45
C VAL D 39 -32.35 -12.06 7.39
N LEU D 40 -31.32 -12.81 7.05
CA LEU D 40 -30.38 -12.42 6.01
C LEU D 40 -30.66 -13.20 4.74
N LEU D 41 -30.28 -12.64 3.60
CA LEU D 41 -30.53 -13.23 2.30
C LEU D 41 -29.24 -13.24 1.50
N THR D 42 -28.82 -14.40 1.03
CA THR D 42 -27.57 -14.54 0.30
C THR D 42 -27.82 -15.25 -1.02
N GLY D 43 -26.87 -15.10 -1.95
CA GLY D 43 -26.95 -15.83 -3.19
C GLY D 43 -26.52 -15.06 -4.42
N PRO D 44 -26.40 -15.76 -5.54
CA PRO D 44 -25.79 -15.20 -6.74
C PRO D 44 -26.61 -14.06 -7.32
N PRO D 45 -26.18 -13.47 -8.43
CA PRO D 45 -26.89 -12.33 -9.01
C PRO D 45 -28.18 -12.76 -9.70
N GLY D 46 -29.27 -12.08 -9.36
CA GLY D 46 -30.54 -12.32 -10.02
C GLY D 46 -31.16 -13.66 -9.74
N THR D 47 -31.59 -13.88 -8.50
CA THR D 47 -32.27 -15.10 -8.13
C THR D 47 -33.58 -14.87 -7.39
N GLY D 48 -33.82 -13.66 -6.89
CA GLY D 48 -35.07 -13.39 -6.21
C GLY D 48 -34.90 -12.85 -4.81
N LYS D 49 -33.77 -12.20 -4.54
CA LYS D 49 -33.54 -11.64 -3.22
C LYS D 49 -34.30 -10.33 -3.05
N THR D 50 -33.95 -9.33 -3.86
CA THR D 50 -34.67 -8.06 -3.83
C THR D 50 -36.15 -8.27 -4.16
N LEU D 51 -36.44 -9.20 -5.08
CA LEU D 51 -37.82 -9.54 -5.38
C LEU D 51 -38.55 -9.98 -4.13
N LEU D 52 -38.04 -11.00 -3.47
CA LEU D 52 -38.66 -11.55 -2.27
C LEU D 52 -38.84 -10.49 -1.19
N ALA D 53 -37.87 -9.60 -1.04
CA ALA D 53 -38.04 -8.52 -0.07
C ALA D 53 -39.17 -7.58 -0.47
N ARG D 54 -39.30 -7.29 -1.77
CA ARG D 54 -40.40 -6.46 -2.23
C ARG D 54 -41.74 -7.16 -2.00
N ALA D 55 -41.77 -8.50 -2.10
CA ALA D 55 -42.98 -9.24 -1.79
C ALA D 55 -43.31 -9.13 -0.31
N THR D 56 -42.30 -9.17 0.56
CA THR D 56 -42.56 -8.95 1.97
C THR D 56 -43.13 -7.57 2.22
N ALA D 57 -42.64 -6.57 1.50
CA ALA D 57 -43.25 -5.25 1.59
C ALA D 57 -44.70 -5.26 1.17
N GLY D 58 -45.04 -6.05 0.14
CA GLY D 58 -46.41 -6.04 -0.34
C GLY D 58 -47.38 -6.74 0.59
N GLU D 59 -46.97 -7.86 1.19
CA GLU D 59 -47.87 -8.69 1.95
C GLU D 59 -47.84 -8.44 3.45
N ALA D 60 -47.03 -7.51 3.95
CA ALA D 60 -46.80 -7.46 5.38
C ALA D 60 -47.82 -6.59 6.10
N GLY D 61 -48.12 -5.42 5.55
CA GLY D 61 -49.01 -4.50 6.21
C GLY D 61 -48.37 -3.59 7.23
N VAL D 62 -47.05 -3.68 7.42
CA VAL D 62 -46.34 -2.79 8.32
C VAL D 62 -45.45 -1.87 7.49
N ASP D 63 -44.73 -0.98 8.15
CA ASP D 63 -43.94 0.03 7.46
C ASP D 63 -42.59 -0.52 7.03
N PHE D 64 -42.35 -0.62 5.73
CA PHE D 64 -40.99 -0.79 5.24
C PHE D 64 -40.22 0.51 5.25
N PHE D 65 -38.96 0.42 5.67
CA PHE D 65 -37.94 1.41 5.38
C PHE D 65 -36.89 0.68 4.54
N PHE D 66 -36.58 1.20 3.37
CA PHE D 66 -35.56 0.59 2.53
C PHE D 66 -34.43 1.57 2.27
N MET D 67 -33.21 1.07 2.32
CA MET D 67 -32.03 1.84 2.01
C MET D 67 -31.00 0.93 1.36
N SER D 68 -30.26 1.48 0.41
CA SER D 68 -29.13 0.72 -0.10
C SER D 68 -28.03 0.69 0.94
N GLY D 69 -27.07 -0.19 0.73
CA GLY D 69 -25.93 -0.18 1.61
C GLY D 69 -24.90 0.90 1.33
N SER D 70 -25.27 1.90 0.54
CA SER D 70 -24.33 2.92 0.09
C SER D 70 -24.83 4.33 0.33
N GLU D 71 -26.00 4.49 0.93
CA GLU D 71 -26.57 5.80 1.19
C GLU D 71 -26.12 6.37 2.51
N PHE D 72 -24.97 5.91 3.02
CA PHE D 72 -24.54 6.24 4.38
C PHE D 72 -23.31 7.15 4.39
N ASP D 73 -22.23 6.74 3.77
CA ASP D 73 -20.97 7.45 3.89
C ASP D 73 -20.90 8.59 2.87
N GLU D 74 -20.68 9.80 3.34
CA GLU D 74 -20.26 10.88 2.46
C GLU D 74 -18.91 11.40 2.90
N VAL D 75 -18.48 12.53 2.33
CA VAL D 75 -17.09 12.95 2.40
C VAL D 75 -16.60 13.12 3.83
N TYR D 76 -17.47 13.47 4.75
CA TYR D 76 -17.07 13.82 6.11
C TYR D 76 -16.94 12.55 6.95
N VAL D 77 -16.72 12.73 8.25
CA VAL D 77 -16.27 11.60 9.06
C VAL D 77 -17.37 10.88 9.84
N GLY D 78 -18.40 11.59 10.29
CA GLY D 78 -19.38 10.94 11.14
C GLY D 78 -20.80 11.03 10.62
N VAL D 79 -20.95 10.95 9.30
CA VAL D 79 -22.28 11.01 8.70
C VAL D 79 -22.94 9.64 8.61
N GLY D 80 -22.17 8.58 8.34
CA GLY D 80 -22.76 7.26 8.32
C GLY D 80 -23.41 6.89 9.63
N ALA D 81 -22.67 7.05 10.73
CA ALA D 81 -23.24 6.72 12.04
C ALA D 81 -24.47 7.56 12.34
N LYS D 82 -24.44 8.84 11.96
CA LYS D 82 -25.58 9.70 12.21
C LYS D 82 -26.79 9.23 11.44
N ARG D 83 -26.59 8.75 10.21
CA ARG D 83 -27.73 8.31 9.42
C ARG D 83 -28.26 6.96 9.89
N ILE D 84 -27.42 6.09 10.45
CA ILE D 84 -27.98 4.89 11.05
C ILE D 84 -28.77 5.24 12.31
N ARG D 85 -28.25 6.15 13.13
CA ARG D 85 -28.99 6.55 14.32
C ARG D 85 -30.34 7.17 13.96
N ASP D 86 -30.40 8.02 12.95
CA ASP D 86 -31.70 8.57 12.58
C ASP D 86 -32.60 7.55 11.91
N LEU D 87 -32.03 6.67 11.08
CA LEU D 87 -32.83 5.59 10.49
C LEU D 87 -33.52 4.75 11.55
N PHE D 88 -32.75 4.15 12.45
CA PHE D 88 -33.37 3.35 13.49
C PHE D 88 -34.18 4.19 14.45
N ALA D 89 -33.91 5.49 14.54
CA ALA D 89 -34.76 6.34 15.35
C ALA D 89 -36.16 6.43 14.78
N GLN D 90 -36.27 6.74 13.48
CA GLN D 90 -37.57 6.69 12.81
C GLN D 90 -38.19 5.31 12.92
N ALA D 91 -37.37 4.27 12.84
CA ALA D 91 -37.90 2.92 12.95
C ALA D 91 -38.55 2.68 14.31
N ARG D 92 -37.89 3.13 15.39
CA ARG D 92 -38.49 3.02 16.71
C ARG D 92 -39.78 3.81 16.80
N SER D 93 -39.78 5.04 16.28
CA SER D 93 -40.91 5.95 16.54
C SER D 93 -42.21 5.38 16.02
N ARG D 94 -42.18 4.67 14.91
CA ARG D 94 -43.37 4.03 14.40
C ARG D 94 -43.52 2.63 14.96
N ALA D 95 -44.44 1.89 14.39
CA ALA D 95 -44.96 0.64 14.91
C ALA D 95 -43.91 -0.46 14.77
N PRO D 96 -44.22 -1.71 15.11
CA PRO D 96 -43.34 -2.80 14.66
C PRO D 96 -43.18 -2.75 13.15
N ALA D 97 -41.95 -2.43 12.73
CA ALA D 97 -41.66 -2.12 11.34
C ALA D 97 -40.61 -3.09 10.83
N ILE D 98 -40.21 -2.88 9.59
CA ILE D 98 -39.18 -3.69 8.95
C ILE D 98 -38.23 -2.76 8.23
N ILE D 99 -36.96 -3.12 8.20
CA ILE D 99 -35.91 -2.30 7.60
C ILE D 99 -35.15 -3.19 6.63
N PHE D 100 -35.10 -2.79 5.38
CA PHE D 100 -34.43 -3.58 4.34
C PHE D 100 -33.23 -2.79 3.84
N ILE D 101 -32.05 -3.21 4.25
CA ILE D 101 -30.79 -2.63 3.78
C ILE D 101 -30.26 -3.53 2.68
N ASP D 102 -30.29 -3.04 1.46
CA ASP D 102 -29.90 -3.81 0.29
C ASP D 102 -28.43 -3.56 -0.01
N GLN D 103 -27.77 -4.57 -0.57
CA GLN D 103 -26.33 -4.52 -0.81
C GLN D 103 -25.59 -4.25 0.50
N LEU D 104 -25.73 -5.19 1.42
CA LEU D 104 -25.10 -5.10 2.72
C LEU D 104 -23.61 -5.40 2.66
N ASP D 105 -23.08 -5.66 1.47
CA ASP D 105 -21.63 -5.81 1.30
C ASP D 105 -20.90 -4.55 1.73
N ALA D 106 -21.48 -3.39 1.42
CA ALA D 106 -20.77 -2.13 1.60
C ALA D 106 -20.45 -1.88 3.06
N ILE D 107 -21.48 -1.71 3.89
CA ILE D 107 -21.24 -1.31 5.27
C ILE D 107 -20.92 -2.51 6.14
N GLY D 108 -20.81 -3.69 5.56
CA GLY D 108 -20.61 -4.88 6.37
C GLY D 108 -19.30 -5.60 6.16
N GLY D 109 -18.23 -4.86 5.87
CA GLY D 109 -16.94 -5.51 5.71
C GLY D 109 -16.34 -5.89 7.05
N LYS D 110 -15.47 -6.89 7.03
CA LYS D 110 -14.84 -7.37 8.26
C LYS D 110 -14.07 -6.26 8.95
N ARG D 111 -13.93 -6.38 10.26
CA ARG D 111 -13.17 -5.41 11.02
C ARG D 111 -11.77 -5.95 11.29
N ASN D 112 -10.84 -5.65 10.40
CA ASN D 112 -9.45 -5.99 10.61
C ASN D 112 -8.70 -4.78 11.14
N PRO D 113 -7.81 -4.94 12.11
CA PRO D 113 -6.95 -3.82 12.50
C PRO D 113 -6.09 -3.41 11.33
N LYS D 114 -5.63 -2.16 11.38
CA LYS D 114 -4.95 -1.35 10.37
C LYS D 114 -5.93 -0.62 9.44
N ASP D 115 -7.24 -0.75 9.63
CA ASP D 115 -8.20 -0.22 8.67
C ASP D 115 -8.57 1.21 9.04
N GLN D 116 -7.56 2.02 9.34
CA GLN D 116 -7.68 3.48 9.26
C GLN D 116 -8.54 4.10 10.36
N ALA D 117 -9.18 3.25 11.17
CA ALA D 117 -9.81 3.63 12.44
C ALA D 117 -11.12 4.40 12.33
N TYR D 118 -11.53 4.80 11.13
CA TYR D 118 -12.83 5.47 11.00
C TYR D 118 -13.66 4.87 9.89
N ALA D 119 -13.06 3.99 9.07
CA ALA D 119 -13.82 3.36 8.01
C ALA D 119 -14.92 2.48 8.58
N LYS D 120 -14.72 1.95 9.79
CA LYS D 120 -15.67 1.06 10.42
C LYS D 120 -16.41 1.70 11.57
N GLN D 121 -16.73 2.99 11.47
CA GLN D 121 -17.57 3.63 12.49
C GLN D 121 -19.04 3.39 12.20
N THR D 122 -19.42 3.41 10.93
CA THR D 122 -20.79 3.10 10.56
C THR D 122 -21.16 1.69 10.97
N LEU D 123 -20.28 0.73 10.69
CA LEU D 123 -20.56 -0.66 11.03
C LEU D 123 -20.74 -0.83 12.54
N ASN D 124 -19.85 -0.24 13.34
CA ASN D 124 -20.01 -0.34 14.79
C ASN D 124 -21.32 0.28 15.24
N GLN D 125 -21.73 1.38 14.62
CA GLN D 125 -23.00 1.98 15.02
C GLN D 125 -24.16 1.03 14.71
N LEU D 126 -24.13 0.38 13.55
CA LEU D 126 -25.18 -0.58 13.23
C LEU D 126 -25.17 -1.74 14.22
N LEU D 127 -23.97 -2.22 14.58
CA LEU D 127 -23.87 -3.33 15.53
C LEU D 127 -24.48 -2.95 16.87
N VAL D 128 -24.27 -1.72 17.32
CA VAL D 128 -24.83 -1.33 18.62
C VAL D 128 -26.29 -0.96 18.47
N GLU D 129 -26.77 -0.82 17.24
CA GLU D 129 -28.19 -0.55 17.06
C GLU D 129 -29.02 -1.82 16.99
N LEU D 130 -28.55 -2.86 16.31
CA LEU D 130 -29.30 -4.11 16.23
C LEU D 130 -29.46 -4.76 17.58
N ASP D 131 -28.39 -4.79 18.39
CA ASP D 131 -28.45 -5.43 19.70
C ASP D 131 -27.47 -4.69 20.62
N GLY D 132 -27.98 -3.71 21.35
CA GLY D 132 -27.15 -2.87 22.18
C GLY D 132 -27.53 -2.87 23.63
N PHE D 133 -27.30 -1.75 24.33
CA PHE D 133 -27.70 -1.67 25.73
C PHE D 133 -29.20 -1.48 25.85
N SER D 134 -29.80 -0.78 24.91
CA SER D 134 -31.22 -0.51 24.91
C SER D 134 -31.95 -1.58 24.12
N GLN D 135 -32.93 -2.22 24.74
CA GLN D 135 -33.68 -3.29 24.08
C GLN D 135 -35.03 -2.75 23.64
N THR D 136 -35.08 -2.29 22.38
CA THR D 136 -36.32 -1.87 21.76
C THR D 136 -36.77 -2.97 20.81
N SER D 137 -37.89 -3.60 21.12
CA SER D 137 -38.41 -4.69 20.31
C SER D 137 -39.39 -4.17 19.28
N GLY D 138 -39.83 -5.05 18.39
CA GLY D 138 -40.78 -4.72 17.37
C GLY D 138 -40.18 -4.46 16.01
N ILE D 139 -38.87 -4.24 15.94
CA ILE D 139 -38.20 -3.94 14.67
C ILE D 139 -37.60 -5.22 14.10
N ILE D 140 -37.70 -5.36 12.78
CA ILE D 140 -37.09 -6.46 12.04
C ILE D 140 -36.21 -5.87 10.94
N ILE D 141 -35.04 -6.45 10.73
CA ILE D 141 -34.14 -6.06 9.65
C ILE D 141 -34.01 -7.21 8.68
N ILE D 142 -33.93 -6.88 7.39
CA ILE D 142 -33.73 -7.83 6.32
C ILE D 142 -32.62 -7.30 5.44
N GLY D 143 -31.57 -8.09 5.24
CA GLY D 143 -30.45 -7.63 4.46
C GLY D 143 -30.04 -8.62 3.38
N ALA D 144 -29.69 -8.13 2.20
CA ALA D 144 -29.35 -8.99 1.08
C ALA D 144 -27.90 -8.75 0.69
N THR D 145 -27.31 -9.74 0.02
CA THR D 145 -25.90 -9.62 -0.34
C THR D 145 -25.48 -10.77 -1.25
N ASN D 146 -24.62 -10.46 -2.22
CA ASN D 146 -24.04 -11.50 -3.06
C ASN D 146 -22.88 -12.22 -2.38
N PHE D 147 -22.33 -11.63 -1.32
CA PHE D 147 -21.07 -12.06 -0.72
C PHE D 147 -21.32 -12.33 0.76
N PRO D 148 -21.74 -13.53 1.12
CA PRO D 148 -22.03 -13.80 2.53
C PRO D 148 -20.80 -13.86 3.41
N GLU D 149 -19.64 -14.18 2.83
CA GLU D 149 -18.45 -14.39 3.66
C GLU D 149 -17.64 -13.12 3.87
N ALA D 150 -17.82 -12.08 3.06
CA ALA D 150 -17.16 -10.82 3.32
C ALA D 150 -17.74 -10.10 4.51
N LEU D 151 -18.92 -10.50 4.95
CA LEU D 151 -19.58 -9.80 6.04
C LEU D 151 -18.88 -10.09 7.36
N ASP D 152 -18.96 -9.11 8.27
CA ASP D 152 -18.37 -9.26 9.59
C ASP D 152 -19.00 -10.46 10.30
N LYS D 153 -18.30 -10.97 11.30
CA LYS D 153 -18.84 -12.10 12.05
C LYS D 153 -19.61 -11.68 13.29
N ALA D 154 -19.40 -10.47 13.79
CA ALA D 154 -20.27 -9.93 14.81
C ALA D 154 -21.55 -9.35 14.22
N LEU D 155 -21.61 -9.24 12.90
CA LEU D 155 -22.80 -8.73 12.23
C LEU D 155 -23.76 -9.83 11.83
N THR D 156 -23.26 -11.04 11.64
CA THR D 156 -24.09 -12.17 11.26
C THR D 156 -24.25 -13.18 12.38
N ARG D 157 -24.39 -12.71 13.61
CA ARG D 157 -24.58 -13.64 14.70
C ARG D 157 -26.05 -13.73 15.08
N PRO D 158 -26.41 -14.74 15.84
CA PRO D 158 -27.83 -15.01 16.11
C PRO D 158 -28.53 -14.02 17.01
N GLY D 159 -27.88 -12.94 17.40
CA GLY D 159 -28.58 -11.94 18.17
C GLY D 159 -29.08 -10.82 17.30
N ARG D 160 -28.46 -10.68 16.14
CA ARG D 160 -28.75 -9.57 15.23
C ARG D 160 -29.46 -10.02 13.97
N PHE D 161 -28.90 -10.96 13.23
CA PHE D 161 -29.57 -11.63 12.13
C PHE D 161 -29.86 -13.07 12.57
N ASP D 162 -31.09 -13.34 12.96
CA ASP D 162 -31.43 -14.66 13.49
C ASP D 162 -31.30 -15.73 12.42
N LYS D 163 -31.84 -15.49 11.23
CA LYS D 163 -31.88 -16.51 10.19
C LYS D 163 -30.95 -16.16 9.05
N VAL D 164 -30.52 -17.18 8.33
CA VAL D 164 -29.70 -17.01 7.13
C VAL D 164 -30.33 -17.83 6.01
N VAL D 165 -30.90 -17.15 5.04
CA VAL D 165 -31.63 -17.77 3.95
C VAL D 165 -30.81 -17.60 2.68
N ASN D 166 -30.51 -18.71 2.01
CA ASN D 166 -29.73 -18.68 0.79
C ASN D 166 -30.64 -18.95 -0.40
N VAL D 167 -30.69 -17.99 -1.32
CA VAL D 167 -31.50 -18.06 -2.53
C VAL D 167 -30.56 -18.24 -3.70
N ASP D 168 -30.58 -19.44 -4.30
CA ASP D 168 -29.63 -19.79 -5.35
C ASP D 168 -30.37 -20.25 -6.58
N LEU D 169 -29.61 -20.76 -7.55
CA LEU D 169 -30.17 -21.04 -8.87
C LEU D 169 -31.18 -22.17 -8.80
N PRO D 170 -32.25 -22.12 -9.56
CA PRO D 170 -33.26 -23.16 -9.50
C PRO D 170 -32.86 -24.39 -10.30
N ASP D 171 -33.55 -25.49 -9.99
CA ASP D 171 -33.41 -26.73 -10.73
C ASP D 171 -34.48 -26.77 -11.83
N VAL D 172 -34.68 -27.95 -12.43
CA VAL D 172 -35.54 -28.05 -13.61
C VAL D 172 -36.98 -27.65 -13.28
N ARG D 173 -37.56 -28.27 -12.26
CA ARG D 173 -38.93 -27.95 -11.91
C ARG D 173 -39.08 -26.49 -11.50
N GLY D 174 -38.08 -25.94 -10.81
CA GLY D 174 -38.14 -24.54 -10.44
C GLY D 174 -38.22 -23.63 -11.63
N ARG D 175 -37.27 -23.75 -12.56
CA ARG D 175 -37.28 -22.88 -13.72
C ARG D 175 -38.48 -23.12 -14.61
N ALA D 176 -39.02 -24.35 -14.62
CA ALA D 176 -40.30 -24.58 -15.28
C ALA D 176 -41.40 -23.76 -14.62
N ASP D 177 -41.36 -23.64 -13.29
CA ASP D 177 -42.35 -22.79 -12.62
C ASP D 177 -42.14 -21.33 -12.96
N ILE D 178 -40.90 -20.88 -13.03
CA ILE D 178 -40.64 -19.48 -13.36
C ILE D 178 -41.14 -19.15 -14.75
N LEU D 179 -40.87 -20.04 -15.71
CA LEU D 179 -41.36 -19.82 -17.06
C LEU D 179 -42.88 -19.84 -17.09
N LYS D 180 -43.51 -20.75 -16.36
CA LYS D 180 -44.96 -20.74 -16.29
C LYS D 180 -45.48 -19.43 -15.73
N HIS D 181 -44.72 -18.79 -14.85
CA HIS D 181 -45.19 -17.52 -14.29
C HIS D 181 -45.00 -16.37 -15.27
N HIS D 182 -43.85 -16.29 -15.94
CA HIS D 182 -43.63 -15.18 -16.84
C HIS D 182 -44.33 -15.33 -18.18
N MET D 183 -45.08 -16.40 -18.37
CA MET D 183 -45.96 -16.54 -19.53
C MET D 183 -47.39 -16.15 -19.19
N LYS D 184 -47.64 -15.65 -17.98
CA LYS D 184 -49.00 -15.25 -17.63
C LYS D 184 -49.48 -14.09 -18.47
N LYS D 185 -48.58 -13.24 -18.94
CA LYS D 185 -48.96 -12.00 -19.60
C LYS D 185 -48.45 -11.92 -21.03
N ILE D 186 -48.42 -13.05 -21.73
CA ILE D 186 -48.19 -13.06 -23.17
C ILE D 186 -49.20 -14.01 -23.80
N THR D 187 -49.18 -14.14 -25.12
CA THR D 187 -50.16 -14.94 -25.85
C THR D 187 -49.49 -16.19 -26.39
N LEU D 188 -50.11 -17.34 -26.12
CA LEU D 188 -49.51 -18.64 -26.41
C LEU D 188 -50.51 -19.48 -27.19
N ALA D 189 -50.11 -19.97 -28.36
CA ALA D 189 -51.05 -20.71 -29.21
C ALA D 189 -50.67 -22.17 -29.40
N ASP D 190 -49.50 -22.46 -29.98
CA ASP D 190 -49.20 -23.83 -30.36
C ASP D 190 -48.78 -24.64 -29.15
N ASN D 191 -48.12 -25.77 -29.38
CA ASN D 191 -47.69 -26.64 -28.30
C ASN D 191 -46.49 -26.08 -27.55
N VAL D 192 -46.61 -24.88 -27.00
CA VAL D 192 -45.56 -24.38 -26.14
C VAL D 192 -45.61 -25.13 -24.81
N ASP D 193 -44.51 -25.78 -24.48
CA ASP D 193 -44.48 -26.54 -23.26
C ASP D 193 -43.32 -26.05 -22.41
N PRO D 194 -43.59 -25.37 -21.30
CA PRO D 194 -42.50 -24.84 -20.47
C PRO D 194 -41.55 -25.90 -19.95
N THR D 195 -41.99 -27.15 -19.82
CA THR D 195 -41.06 -28.20 -19.41
C THR D 195 -39.98 -28.44 -20.45
N ILE D 196 -40.22 -28.13 -21.72
CA ILE D 196 -39.20 -28.32 -22.74
C ILE D 196 -38.13 -27.25 -22.61
N ILE D 197 -38.54 -25.99 -22.55
CA ILE D 197 -37.59 -24.90 -22.36
C ILE D 197 -36.83 -25.08 -21.06
N ALA D 198 -37.52 -25.57 -20.02
CA ALA D 198 -36.85 -25.86 -18.76
C ALA D 198 -35.83 -26.97 -18.91
N ARG D 199 -36.16 -28.03 -19.67
CA ARG D 199 -35.17 -29.07 -19.87
C ARG D 199 -34.01 -28.62 -20.75
N GLY D 200 -34.18 -27.55 -21.52
CA GLY D 200 -33.15 -27.10 -22.43
C GLY D 200 -32.37 -25.87 -21.99
N THR D 201 -32.47 -25.46 -20.73
CA THR D 201 -31.78 -24.28 -20.23
C THR D 201 -31.17 -24.58 -18.87
N PRO D 202 -30.13 -25.42 -18.83
CA PRO D 202 -29.51 -25.73 -17.55
C PRO D 202 -28.53 -24.62 -17.16
N GLY D 203 -28.74 -24.04 -15.99
CA GLY D 203 -27.87 -23.01 -15.49
C GLY D 203 -28.33 -21.60 -15.78
N LEU D 204 -29.64 -21.37 -15.70
CA LEU D 204 -30.18 -20.04 -15.89
C LEU D 204 -30.89 -19.59 -14.62
N SER D 205 -30.83 -18.29 -14.37
CA SER D 205 -31.45 -17.70 -13.19
C SER D 205 -32.92 -17.38 -13.48
N GLY D 206 -33.54 -16.64 -12.57
CA GLY D 206 -34.88 -16.13 -12.85
C GLY D 206 -34.86 -14.94 -13.77
N ALA D 207 -33.86 -14.08 -13.62
CA ALA D 207 -33.78 -12.89 -14.47
C ALA D 207 -33.53 -13.26 -15.92
N GLU D 208 -32.75 -14.31 -16.17
CA GLU D 208 -32.48 -14.71 -17.54
C GLU D 208 -33.65 -15.45 -18.17
N LEU D 209 -34.40 -16.23 -17.40
CA LEU D 209 -35.62 -16.82 -17.94
C LEU D 209 -36.64 -15.75 -18.28
N ALA D 210 -36.87 -14.81 -17.37
CA ALA D 210 -37.82 -13.73 -17.62
C ALA D 210 -37.41 -12.89 -18.81
N ASN D 211 -36.11 -12.59 -18.95
CA ASN D 211 -35.64 -11.91 -20.14
C ASN D 211 -35.91 -12.73 -21.39
N LEU D 212 -35.69 -14.04 -21.30
CA LEU D 212 -36.03 -14.95 -22.40
C LEU D 212 -37.45 -14.74 -22.89
N VAL D 213 -38.41 -14.84 -21.96
CA VAL D 213 -39.81 -14.67 -22.34
C VAL D 213 -40.07 -13.29 -22.93
N ASN D 214 -39.48 -12.26 -22.32
CA ASN D 214 -39.75 -10.90 -22.79
C ASN D 214 -39.28 -10.70 -24.23
N GLN D 215 -37.99 -10.91 -24.50
CA GLN D 215 -37.51 -10.65 -25.84
C GLN D 215 -38.05 -11.66 -26.85
N ALA D 216 -38.48 -12.84 -26.40
CA ALA D 216 -39.24 -13.71 -27.29
C ALA D 216 -40.54 -13.06 -27.69
N ALA D 217 -41.25 -12.44 -26.75
CA ALA D 217 -42.49 -11.76 -27.11
C ALA D 217 -42.23 -10.62 -28.09
N VAL D 218 -41.24 -9.78 -27.80
CA VAL D 218 -40.98 -8.64 -28.68
C VAL D 218 -40.58 -9.10 -30.07
N TYR D 219 -39.75 -10.15 -30.16
CA TYR D 219 -39.44 -10.71 -31.46
C TYR D 219 -40.68 -11.29 -32.13
N ALA D 220 -41.62 -11.81 -31.35
CA ALA D 220 -42.87 -12.26 -31.94
C ALA D 220 -43.63 -11.11 -32.60
N CYS D 221 -43.93 -10.05 -31.85
CA CYS D 221 -44.64 -8.93 -32.43
C CYS D 221 -43.88 -8.25 -33.56
N GLN D 222 -42.56 -8.35 -33.58
CA GLN D 222 -41.83 -7.68 -34.65
C GLN D 222 -41.87 -8.43 -35.96
N LYS D 223 -42.17 -9.73 -35.93
CA LYS D 223 -42.42 -10.51 -37.14
C LYS D 223 -43.86 -10.41 -37.60
N ASN D 224 -44.63 -9.51 -36.99
CA ASN D 224 -46.03 -9.27 -37.37
C ASN D 224 -46.91 -10.49 -37.06
N ALA D 225 -46.44 -11.38 -36.20
CA ALA D 225 -47.18 -12.59 -35.90
C ALA D 225 -48.40 -12.26 -35.05
N VAL D 226 -49.15 -13.28 -34.65
CA VAL D 226 -50.40 -13.10 -33.93
C VAL D 226 -50.36 -13.67 -32.52
N SER D 227 -49.52 -14.66 -32.25
CA SER D 227 -49.42 -15.27 -30.93
C SER D 227 -48.06 -15.92 -30.81
N VAL D 228 -47.45 -15.79 -29.65
CA VAL D 228 -46.08 -16.25 -29.43
C VAL D 228 -46.07 -17.77 -29.41
N ASP D 229 -45.19 -18.36 -30.20
CA ASP D 229 -45.10 -19.81 -30.34
C ASP D 229 -43.70 -20.29 -30.01
N MET D 230 -43.49 -21.60 -30.22
CA MET D 230 -42.28 -22.24 -29.72
C MET D 230 -41.03 -21.70 -30.40
N SER D 231 -41.06 -21.58 -31.73
CA SER D 231 -39.86 -21.25 -32.47
C SER D 231 -39.30 -19.89 -32.06
N HIS D 232 -40.17 -18.96 -31.70
CA HIS D 232 -39.71 -17.72 -31.10
C HIS D 232 -38.88 -18.00 -29.86
N PHE D 233 -39.29 -18.99 -29.06
CA PHE D 233 -38.58 -19.27 -27.83
C PHE D 233 -37.25 -19.98 -28.09
N GLU D 234 -37.18 -20.81 -29.14
CA GLU D 234 -35.86 -21.30 -29.52
C GLU D 234 -34.97 -20.16 -29.98
N TRP D 235 -35.56 -19.18 -30.68
CA TRP D 235 -34.77 -18.03 -31.13
C TRP D 235 -34.17 -17.28 -29.95
N ALA D 236 -35.02 -16.82 -29.03
CA ALA D 236 -34.51 -16.05 -27.90
C ALA D 236 -33.60 -16.89 -27.03
N LYS D 237 -33.93 -18.17 -26.86
CA LYS D 237 -33.06 -19.05 -26.09
C LYS D 237 -31.67 -19.12 -26.69
N ASP D 238 -31.57 -19.16 -28.01
CA ASP D 238 -30.26 -19.14 -28.64
C ASP D 238 -29.61 -17.78 -28.51
N LYS D 239 -30.40 -16.72 -28.46
CA LYS D 239 -29.82 -15.40 -28.25
C LYS D 239 -29.29 -15.23 -26.84
N ILE D 240 -29.73 -16.09 -25.91
CA ILE D 240 -29.23 -16.00 -24.55
C ILE D 240 -28.07 -16.95 -24.33
N LEU D 241 -28.14 -18.16 -24.90
CA LEU D 241 -27.16 -19.17 -24.57
C LEU D 241 -25.82 -18.89 -25.24
N MET D 242 -25.81 -18.71 -26.56
CA MET D 242 -24.55 -18.62 -27.29
C MET D 242 -24.16 -17.17 -27.58
N GLY D 243 -25.11 -16.31 -27.93
CA GLY D 243 -24.75 -14.91 -28.11
C GLY D 243 -25.67 -14.21 -29.07
N ALA D 244 -25.53 -12.89 -29.11
CA ALA D 244 -26.37 -12.08 -29.97
C ALA D 244 -26.14 -12.42 -31.43
N GLU D 245 -27.23 -12.62 -32.16
CA GLU D 245 -27.12 -12.96 -33.56
C GLU D 245 -26.46 -11.84 -34.35
N ARG D 246 -25.71 -12.20 -35.38
CA ARG D 246 -24.98 -11.24 -36.19
C ARG D 246 -25.06 -11.65 -37.64
N LYS D 247 -24.83 -10.69 -38.53
CA LYS D 247 -25.05 -10.89 -39.96
C LYS D 247 -24.37 -9.77 -40.72
N THR D 248 -24.20 -9.96 -42.02
CA THR D 248 -23.65 -8.99 -42.97
C THR D 248 -22.13 -8.95 -42.85
N MET D 249 -21.52 -9.80 -42.02
CA MET D 249 -20.06 -9.90 -42.02
C MET D 249 -19.58 -10.40 -43.37
N VAL D 250 -18.94 -9.52 -44.13
CA VAL D 250 -18.46 -9.82 -45.47
C VAL D 250 -17.11 -10.51 -45.35
N LEU D 251 -17.07 -11.80 -45.66
CA LEU D 251 -15.88 -12.61 -45.48
C LEU D 251 -15.45 -13.22 -46.80
N THR D 252 -14.16 -13.12 -47.08
CA THR D 252 -13.59 -13.81 -48.23
C THR D 252 -13.73 -15.32 -48.05
N ASP D 253 -13.61 -16.06 -49.16
CA ASP D 253 -13.87 -17.49 -49.10
C ASP D 253 -12.77 -18.23 -48.36
N ALA D 254 -11.53 -17.76 -48.47
CA ALA D 254 -10.46 -18.43 -47.73
C ALA D 254 -10.66 -18.30 -46.23
N ALA D 255 -11.08 -17.12 -45.77
CA ALA D 255 -11.30 -16.90 -44.35
C ALA D 255 -12.40 -17.81 -43.82
N ARG D 256 -13.60 -17.73 -44.41
CA ARG D 256 -14.70 -18.55 -43.93
C ARG D 256 -14.43 -20.04 -44.11
N LYS D 257 -13.59 -20.41 -45.07
CA LYS D 257 -13.18 -21.81 -45.14
C LYS D 257 -12.33 -22.20 -43.94
N ALA D 258 -11.33 -21.39 -43.61
CA ALA D 258 -10.50 -21.68 -42.45
C ALA D 258 -11.33 -21.75 -41.18
N THR D 259 -12.26 -20.82 -41.01
CA THR D 259 -13.21 -20.89 -39.89
C THR D 259 -13.95 -22.21 -39.88
N ALA D 260 -14.51 -22.60 -41.03
CA ALA D 260 -15.23 -23.86 -41.13
C ALA D 260 -14.38 -25.03 -40.66
N PHE D 261 -13.09 -25.02 -40.98
CA PHE D 261 -12.23 -26.09 -40.49
C PHE D 261 -12.01 -25.99 -38.98
N HIS D 262 -11.93 -24.77 -38.45
CA HIS D 262 -11.71 -24.64 -37.01
C HIS D 262 -12.88 -25.22 -36.23
N GLU D 263 -14.07 -24.67 -36.42
CA GLU D 263 -15.24 -25.20 -35.73
C GLU D 263 -15.55 -26.63 -36.10
N ALA D 264 -15.22 -27.04 -37.33
CA ALA D 264 -15.28 -28.47 -37.64
C ALA D 264 -14.38 -29.25 -36.71
N GLY D 265 -13.23 -28.68 -36.35
CA GLY D 265 -12.34 -29.37 -35.44
C GLY D 265 -12.90 -29.49 -34.04
N HIS D 266 -13.41 -28.37 -33.49
CA HIS D 266 -14.03 -28.45 -32.17
C HIS D 266 -15.18 -29.46 -32.17
N ALA D 267 -16.02 -29.44 -33.21
CA ALA D 267 -17.16 -30.34 -33.25
C ALA D 267 -16.73 -31.80 -33.32
N ILE D 268 -15.78 -32.12 -34.20
CA ILE D 268 -15.36 -33.51 -34.34
C ILE D 268 -14.69 -33.99 -33.06
N MET D 269 -13.86 -33.16 -32.44
CA MET D 269 -13.27 -33.56 -31.16
C MET D 269 -14.34 -33.77 -30.09
N ALA D 270 -15.33 -32.90 -30.05
CA ALA D 270 -16.37 -32.98 -29.01
C ALA D 270 -17.35 -34.12 -29.26
N LYS D 271 -17.38 -34.66 -30.46
CA LYS D 271 -18.40 -35.64 -30.80
C LYS D 271 -17.93 -37.08 -30.61
N TYR D 272 -16.62 -37.31 -30.47
CA TYR D 272 -16.07 -38.65 -30.47
C TYR D 272 -15.23 -38.96 -29.24
N THR D 273 -15.22 -38.08 -28.24
CA THR D 273 -14.44 -38.29 -27.03
C THR D 273 -15.36 -38.74 -25.91
N ASN D 274 -15.03 -39.88 -25.32
CA ASN D 274 -15.84 -40.47 -24.25
C ASN D 274 -15.83 -39.54 -23.05
N GLY D 275 -16.96 -38.88 -22.80
CA GLY D 275 -17.09 -37.97 -21.67
C GLY D 275 -17.47 -36.56 -22.02
N ALA D 276 -17.37 -36.15 -23.27
CA ALA D 276 -17.75 -34.79 -23.63
C ALA D 276 -19.23 -34.57 -23.41
N THR D 277 -19.62 -33.30 -23.40
CA THR D 277 -21.04 -32.99 -23.28
C THR D 277 -21.69 -32.96 -24.66
N PRO D 278 -23.00 -33.16 -24.72
CA PRO D 278 -23.66 -33.25 -26.02
C PRO D 278 -23.60 -31.94 -26.78
N LEU D 279 -23.40 -32.05 -28.09
CA LEU D 279 -23.41 -30.86 -28.94
C LEU D 279 -24.79 -30.23 -28.94
N TYR D 280 -24.82 -28.92 -29.19
CA TYR D 280 -26.06 -28.20 -29.36
C TYR D 280 -26.16 -27.61 -30.77
N LYS D 281 -25.19 -26.81 -31.18
CA LYS D 281 -25.15 -26.27 -32.53
C LYS D 281 -23.72 -25.95 -32.90
N ALA D 282 -23.44 -25.99 -34.19
CA ALA D 282 -22.18 -25.51 -34.73
C ALA D 282 -22.47 -24.41 -35.73
N THR D 283 -21.55 -23.47 -35.85
CA THR D 283 -21.79 -22.26 -36.64
C THR D 283 -20.48 -21.66 -37.07
N ILE D 284 -20.42 -21.15 -38.31
CA ILE D 284 -19.38 -20.22 -38.71
C ILE D 284 -19.90 -18.82 -38.88
N LEU D 285 -21.20 -18.64 -38.92
CA LEU D 285 -21.78 -17.31 -38.85
C LEU D 285 -21.36 -16.66 -37.54
N PRO D 286 -21.05 -15.37 -37.54
CA PRO D 286 -20.66 -14.71 -36.30
C PRO D 286 -21.79 -14.72 -35.29
N ARG D 287 -21.44 -14.82 -34.02
CA ARG D 287 -22.41 -14.83 -32.94
C ARG D 287 -21.86 -14.09 -31.74
N GLY D 288 -22.13 -12.78 -31.67
CA GLY D 288 -21.89 -12.08 -30.43
C GLY D 288 -20.44 -11.94 -30.01
N ARG D 289 -19.70 -11.06 -30.67
CA ARG D 289 -18.36 -10.63 -30.23
C ARG D 289 -17.29 -11.63 -30.62
N ALA D 290 -17.69 -12.75 -31.24
CA ALA D 290 -16.76 -13.77 -31.66
C ALA D 290 -17.11 -14.21 -33.07
N LEU D 291 -16.24 -15.05 -33.63
CA LEU D 291 -16.56 -15.75 -34.86
C LEU D 291 -17.49 -16.92 -34.52
N GLY D 292 -17.60 -17.85 -35.46
CA GLY D 292 -18.36 -19.06 -35.21
C GLY D 292 -17.98 -19.74 -33.91
N ILE D 293 -18.91 -20.47 -33.30
CA ILE D 293 -18.67 -21.13 -32.03
C ILE D 293 -19.51 -22.39 -31.96
N THR D 294 -18.85 -23.52 -31.70
CA THR D 294 -19.60 -24.73 -31.41
C THR D 294 -19.97 -24.74 -29.93
N PHE D 295 -21.25 -24.96 -29.67
CA PHE D 295 -21.80 -24.82 -28.33
C PHE D 295 -22.25 -26.17 -27.82
N GLN D 296 -22.07 -26.40 -26.53
CA GLN D 296 -22.40 -27.68 -25.89
C GLN D 296 -23.38 -27.42 -24.75
N LEU D 297 -24.47 -28.16 -24.75
CA LEU D 297 -25.50 -27.99 -23.73
C LEU D 297 -25.75 -29.32 -23.02
N PRO D 298 -25.37 -29.45 -21.76
CA PRO D 298 -25.53 -30.73 -21.07
C PRO D 298 -26.96 -30.95 -20.63
N GLU D 299 -27.23 -32.19 -20.24
CA GLU D 299 -28.51 -32.55 -19.65
C GLU D 299 -28.24 -33.08 -18.24
N MET D 300 -29.27 -33.10 -17.41
CA MET D 300 -29.28 -33.54 -16.02
C MET D 300 -28.68 -32.48 -15.10
N ASP D 301 -28.08 -31.41 -15.62
CA ASP D 301 -27.72 -30.22 -14.85
C ASP D 301 -26.80 -30.57 -13.68
N LYS D 302 -25.62 -31.04 -14.03
CA LYS D 302 -24.68 -31.52 -13.02
C LYS D 302 -24.10 -30.37 -12.21
N VAL D 303 -23.71 -30.68 -10.97
CA VAL D 303 -23.04 -29.72 -10.11
C VAL D 303 -21.57 -30.06 -9.91
N ASP D 304 -21.21 -31.33 -9.94
CA ASP D 304 -19.82 -31.78 -9.82
C ASP D 304 -19.25 -32.06 -11.21
N ILE D 305 -18.07 -32.66 -11.24
CA ILE D 305 -17.40 -32.95 -12.50
C ILE D 305 -16.39 -34.05 -12.25
N THR D 306 -16.42 -35.07 -13.10
CA THR D 306 -15.51 -36.20 -12.93
C THR D 306 -14.14 -35.83 -13.51
N LYS D 307 -13.27 -36.81 -13.63
CA LYS D 307 -11.97 -36.60 -14.26
C LYS D 307 -12.01 -36.83 -15.76
N ARG D 308 -12.72 -37.88 -16.17
CA ARG D 308 -12.93 -38.16 -17.59
C ARG D 308 -13.58 -36.98 -18.31
N GLU D 309 -14.52 -36.32 -17.66
CA GLU D 309 -15.16 -35.16 -18.27
C GLU D 309 -14.19 -33.99 -18.39
N CYS D 310 -13.29 -33.84 -17.41
CA CYS D 310 -12.31 -32.77 -17.50
C CYS D 310 -11.35 -33.01 -18.66
N GLN D 311 -10.85 -34.23 -18.79
CA GLN D 311 -9.97 -34.52 -19.92
C GLN D 311 -10.69 -34.34 -21.25
N ALA D 312 -11.95 -34.78 -21.34
CA ALA D 312 -12.71 -34.59 -22.57
C ALA D 312 -12.84 -33.11 -22.91
N ARG D 313 -13.17 -32.29 -21.92
CA ARG D 313 -13.25 -30.85 -22.15
C ARG D 313 -11.92 -30.28 -22.63
N LEU D 314 -10.83 -30.76 -22.06
CA LEU D 314 -9.50 -30.31 -22.45
C LEU D 314 -9.22 -30.64 -23.91
N ASP D 315 -9.59 -31.85 -24.34
CA ASP D 315 -9.43 -32.22 -25.74
C ASP D 315 -10.28 -31.35 -26.64
N VAL D 316 -11.51 -31.08 -26.23
CA VAL D 316 -12.38 -30.20 -27.02
C VAL D 316 -11.75 -28.84 -27.19
N CYS D 317 -11.00 -28.37 -26.20
CA CYS D 317 -10.32 -27.10 -26.36
C CYS D 317 -9.07 -27.18 -27.24
N MET D 318 -8.42 -28.34 -27.34
CA MET D 318 -7.26 -28.44 -28.21
C MET D 318 -7.60 -28.73 -29.67
N GLY D 319 -8.78 -29.29 -29.94
CA GLY D 319 -9.14 -29.64 -31.30
C GLY D 319 -9.16 -28.47 -32.26
N GLY D 320 -9.29 -27.25 -31.75
CA GLY D 320 -9.31 -26.10 -32.63
C GLY D 320 -8.01 -25.89 -33.37
N LYS D 321 -6.91 -25.74 -32.65
CA LYS D 321 -5.63 -25.57 -33.31
C LYS D 321 -5.10 -26.87 -33.89
N ILE D 322 -5.39 -28.02 -33.28
CA ILE D 322 -4.92 -29.25 -33.90
C ILE D 322 -5.64 -29.51 -35.21
N ALA D 323 -6.84 -28.97 -35.37
CA ALA D 323 -7.54 -29.12 -36.65
C ALA D 323 -6.80 -28.39 -37.75
N GLU D 324 -6.65 -27.07 -37.62
CA GLU D 324 -6.03 -26.32 -38.69
C GLU D 324 -4.52 -26.46 -38.74
N GLU D 325 -3.92 -27.21 -37.83
CA GLU D 325 -2.51 -27.53 -37.99
C GLU D 325 -2.31 -28.77 -38.85
N LEU D 326 -3.36 -29.55 -39.06
CA LEU D 326 -3.27 -30.73 -39.92
C LEU D 326 -3.76 -30.47 -41.33
N ILE D 327 -4.09 -29.22 -41.66
CA ILE D 327 -4.53 -28.87 -42.99
C ILE D 327 -3.58 -27.83 -43.58
N TYR D 328 -3.51 -26.68 -42.91
CA TYR D 328 -2.75 -25.55 -43.43
C TYR D 328 -1.26 -25.66 -43.14
N GLY D 329 -0.78 -26.78 -42.62
CA GLY D 329 0.60 -26.88 -42.22
C GLY D 329 0.88 -26.14 -40.92
N LYS D 330 2.03 -26.44 -40.34
CA LYS D 330 2.30 -25.98 -38.98
C LYS D 330 2.63 -24.50 -38.92
N ASP D 331 3.33 -23.98 -39.92
CA ASP D 331 3.73 -22.57 -39.94
C ASP D 331 2.60 -21.63 -40.33
N ASN D 332 1.36 -22.08 -40.34
CA ASN D 332 0.23 -21.22 -40.68
C ASN D 332 -0.82 -21.18 -39.59
N THR D 333 -0.53 -21.74 -38.42
CA THR D 333 -1.44 -21.61 -37.30
C THR D 333 -1.56 -20.14 -36.91
N THR D 334 -2.78 -19.64 -36.84
CA THR D 334 -3.02 -18.25 -36.52
C THR D 334 -2.91 -18.02 -35.03
N SER D 335 -3.37 -16.85 -34.56
CA SER D 335 -3.34 -16.53 -33.15
C SER D 335 -4.70 -16.54 -32.49
N GLY D 336 -5.76 -16.86 -33.23
CA GLY D 336 -7.06 -17.00 -32.60
C GLY D 336 -7.12 -18.15 -31.63
N CYS D 337 -6.45 -19.26 -31.95
CA CYS D 337 -6.44 -20.44 -31.10
C CYS D 337 -6.04 -20.14 -29.67
N GLY D 338 -5.24 -19.09 -29.46
CA GLY D 338 -4.86 -18.70 -28.12
C GLY D 338 -6.02 -18.57 -27.16
N SER D 339 -7.13 -17.99 -27.63
CA SER D 339 -8.31 -17.88 -26.77
C SER D 339 -8.75 -19.25 -26.26
N ASP D 340 -8.87 -20.24 -27.16
CA ASP D 340 -9.15 -21.60 -26.74
C ASP D 340 -8.16 -22.05 -25.69
N LEU D 341 -6.86 -21.92 -25.97
CA LEU D 341 -5.83 -22.32 -25.02
C LEU D 341 -6.05 -21.67 -23.68
N GLN D 342 -6.48 -20.41 -23.69
CA GLN D 342 -6.85 -19.68 -22.49
C GLN D 342 -7.67 -20.53 -21.54
N SER D 343 -8.86 -20.92 -22.00
CA SER D 343 -9.75 -21.65 -21.10
C SER D 343 -9.14 -22.97 -20.70
N ALA D 344 -8.47 -23.64 -21.65
CA ALA D 344 -7.90 -24.96 -21.36
C ALA D 344 -6.96 -24.89 -20.17
N THR D 345 -6.15 -23.82 -20.11
CA THR D 345 -5.20 -23.72 -19.02
C THR D 345 -5.90 -23.74 -17.68
N GLY D 346 -6.96 -22.96 -17.54
CA GLY D 346 -7.70 -22.93 -16.29
C GLY D 346 -8.13 -24.32 -15.86
N THR D 347 -8.70 -25.08 -16.79
CA THR D 347 -9.18 -26.42 -16.47
C THR D 347 -8.04 -27.26 -15.93
N ALA D 348 -6.90 -27.23 -16.61
CA ALA D 348 -5.80 -28.09 -16.19
C ALA D 348 -5.34 -27.73 -14.78
N ARG D 349 -5.32 -26.44 -14.45
CA ARG D 349 -4.89 -26.07 -13.11
C ARG D 349 -5.84 -26.61 -12.07
N ALA D 350 -7.14 -26.53 -12.32
CA ALA D 350 -8.08 -27.06 -11.35
C ALA D 350 -7.95 -28.56 -11.21
N MET D 351 -7.47 -29.24 -12.24
CA MET D 351 -7.32 -30.68 -12.12
C MET D 351 -6.15 -31.05 -11.23
N VAL D 352 -5.23 -30.13 -10.99
CA VAL D 352 -4.02 -30.42 -10.22
C VAL D 352 -4.09 -29.80 -8.84
N THR D 353 -4.41 -28.51 -8.77
CA THR D 353 -4.38 -27.83 -7.48
C THR D 353 -5.65 -28.10 -6.69
N GLN D 354 -6.80 -27.67 -7.20
CA GLN D 354 -8.03 -27.73 -6.39
C GLN D 354 -8.52 -29.16 -6.22
N TYR D 355 -8.92 -29.81 -7.30
CA TYR D 355 -9.67 -31.05 -7.17
C TYR D 355 -8.77 -32.25 -6.90
N GLY D 356 -7.46 -32.09 -7.02
CA GLY D 356 -6.53 -33.15 -6.69
C GLY D 356 -6.63 -34.38 -7.58
N MET D 357 -6.28 -34.23 -8.85
CA MET D 357 -6.40 -35.31 -9.82
C MET D 357 -5.06 -35.72 -10.42
N SER D 358 -3.95 -35.44 -9.74
CA SER D 358 -2.64 -35.83 -10.22
C SER D 358 -1.96 -36.70 -9.17
N ASP D 359 -1.50 -37.87 -9.60
CA ASP D 359 -0.95 -38.85 -8.67
C ASP D 359 0.45 -38.52 -8.20
N ASP D 360 1.21 -37.73 -8.96
CA ASP D 360 2.56 -37.42 -8.55
C ASP D 360 2.66 -36.09 -7.80
N VAL D 361 1.56 -35.36 -7.66
CA VAL D 361 1.54 -34.17 -6.80
C VAL D 361 0.96 -34.57 -5.45
N GLY D 362 -0.12 -35.33 -5.46
CA GLY D 362 -0.73 -35.79 -4.24
C GLY D 362 -2.16 -35.30 -4.10
N PRO D 363 -2.83 -35.73 -3.04
CA PRO D 363 -4.20 -35.27 -2.75
C PRO D 363 -4.22 -34.04 -1.85
N VAL D 364 -3.55 -32.99 -2.28
CA VAL D 364 -3.36 -31.79 -1.47
C VAL D 364 -3.98 -30.62 -2.20
N ASN D 365 -4.42 -29.61 -1.45
CA ASN D 365 -5.04 -28.41 -2.02
C ASN D 365 -4.03 -27.27 -2.00
N LEU D 366 -3.39 -27.02 -3.15
CA LEU D 366 -2.49 -25.90 -3.30
C LEU D 366 -3.20 -24.63 -3.75
N SER D 367 -4.52 -24.63 -3.77
CA SER D 367 -5.23 -23.53 -4.42
C SER D 367 -5.17 -22.26 -3.59
N GLU D 368 -5.76 -22.28 -2.41
CA GLU D 368 -5.78 -21.09 -1.59
C GLU D 368 -4.42 -20.90 -0.93
N GLU D 369 -4.04 -19.65 -0.74
CA GLU D 369 -2.68 -19.24 -0.43
C GLU D 369 -1.67 -20.02 -1.28
N TRP D 370 -1.81 -19.82 -2.59
CA TRP D 370 -0.84 -20.34 -3.55
C TRP D 370 0.56 -19.80 -3.31
N GLU D 371 0.68 -18.67 -2.62
CA GLU D 371 1.97 -18.08 -2.36
C GLU D 371 2.66 -18.65 -1.12
N SER D 372 1.89 -19.12 -0.14
CA SER D 372 2.50 -19.66 1.07
C SER D 372 3.31 -20.91 0.80
N TRP D 373 3.02 -21.65 -0.27
CA TRP D 373 3.81 -22.82 -0.57
C TRP D 373 5.18 -22.42 -1.08
N SER D 374 6.13 -23.34 -0.97
CA SER D 374 7.49 -23.09 -1.40
C SER D 374 7.58 -23.16 -2.92
N ASN D 375 8.79 -23.23 -3.44
CA ASN D 375 8.98 -23.23 -4.88
C ASN D 375 9.12 -24.64 -5.45
N LYS D 376 9.56 -25.60 -4.65
CA LYS D 376 9.70 -26.96 -5.16
C LYS D 376 8.34 -27.56 -5.53
N ILE D 377 7.41 -27.56 -4.58
CA ILE D 377 6.11 -28.15 -4.84
C ILE D 377 5.37 -27.41 -5.94
N ARG D 378 5.56 -26.10 -6.07
CA ARG D 378 4.96 -25.38 -7.19
C ARG D 378 5.62 -25.73 -8.51
N ASP D 379 6.93 -26.03 -8.51
CA ASP D 379 7.55 -26.52 -9.74
C ASP D 379 6.93 -27.84 -10.18
N ILE D 380 6.71 -28.74 -9.22
CA ILE D 380 6.09 -30.02 -9.58
C ILE D 380 4.67 -29.81 -10.07
N ALA D 381 3.92 -28.92 -9.41
CA ALA D 381 2.54 -28.67 -9.83
C ALA D 381 2.49 -28.13 -11.25
N ASP D 382 3.20 -27.03 -11.53
CA ASP D 382 3.13 -26.45 -12.87
C ASP D 382 3.65 -27.40 -13.94
N ASN D 383 4.70 -28.16 -13.64
CA ASN D 383 5.13 -29.19 -14.58
C ASN D 383 4.02 -30.18 -14.87
N GLU D 384 3.26 -30.55 -13.84
CA GLU D 384 2.14 -31.46 -14.06
C GLU D 384 1.09 -30.85 -14.97
N VAL D 385 0.77 -29.57 -14.77
CA VAL D 385 -0.20 -28.87 -15.61
C VAL D 385 0.22 -28.95 -17.07
N ILE D 386 1.45 -28.51 -17.36
CA ILE D 386 1.91 -28.50 -18.74
C ILE D 386 1.91 -29.90 -19.32
N GLU D 387 2.23 -30.91 -18.50
CA GLU D 387 2.15 -32.29 -18.99
C GLU D 387 0.73 -32.64 -19.40
N LEU D 388 -0.26 -32.24 -18.61
CA LEU D 388 -1.65 -32.50 -18.99
C LEU D 388 -1.98 -31.89 -20.33
N LEU D 389 -1.60 -30.63 -20.55
CA LEU D 389 -1.95 -29.99 -21.80
C LEU D 389 -1.27 -30.65 -22.99
N LYS D 390 0.00 -31.02 -22.86
CA LYS D 390 0.66 -31.69 -23.98
C LYS D 390 0.03 -33.03 -24.30
N ASP D 391 -0.26 -33.84 -23.28
CA ASP D 391 -0.92 -35.12 -23.53
C ASP D 391 -2.26 -34.93 -24.21
N SER D 392 -3.02 -33.92 -23.78
CA SER D 392 -4.27 -33.60 -24.45
C SER D 392 -4.06 -33.29 -25.92
N GLU D 393 -3.02 -32.53 -26.24
CA GLU D 393 -2.74 -32.25 -27.63
C GLU D 393 -2.44 -33.52 -28.41
N GLU D 394 -1.71 -34.45 -27.81
CA GLU D 394 -1.42 -35.70 -28.51
C GLU D 394 -2.71 -36.46 -28.83
N ARG D 395 -3.59 -36.60 -27.84
CA ARG D 395 -4.85 -37.30 -28.07
C ARG D 395 -5.65 -36.63 -29.20
N ALA D 396 -5.67 -35.30 -29.22
CA ALA D 396 -6.38 -34.62 -30.30
C ALA D 396 -5.75 -34.93 -31.65
N ARG D 397 -4.41 -35.00 -31.72
CA ARG D 397 -3.76 -35.35 -32.98
C ARG D 397 -4.19 -36.71 -33.47
N ARG D 398 -4.10 -37.72 -32.61
CA ARG D 398 -4.48 -39.07 -33.02
C ARG D 398 -5.94 -39.12 -33.49
N LEU D 399 -6.84 -38.53 -32.70
CA LEU D 399 -8.25 -38.59 -33.05
C LEU D 399 -8.54 -37.89 -34.38
N LEU D 400 -8.09 -36.64 -34.54
CA LEU D 400 -8.39 -35.94 -35.78
C LEU D 400 -7.62 -36.50 -36.96
N THR D 401 -6.61 -37.33 -36.72
CA THR D 401 -5.94 -37.94 -37.86
C THR D 401 -6.60 -39.24 -38.27
N LYS D 402 -7.33 -39.90 -37.37
CA LYS D 402 -8.12 -41.05 -37.80
C LYS D 402 -9.55 -40.70 -38.17
N LYS D 403 -9.87 -39.42 -38.34
CA LYS D 403 -11.21 -38.99 -38.72
C LYS D 403 -11.14 -37.91 -39.80
N ASN D 404 -10.22 -38.05 -40.74
CA ASN D 404 -9.96 -36.98 -41.70
C ASN D 404 -11.15 -36.78 -42.62
N VAL D 405 -11.77 -37.88 -43.07
CA VAL D 405 -12.87 -37.79 -44.02
C VAL D 405 -14.05 -37.05 -43.41
N GLU D 406 -14.44 -37.42 -42.20
CA GLU D 406 -15.55 -36.74 -41.55
C GLU D 406 -15.22 -35.28 -41.26
N LEU D 407 -13.95 -34.99 -41.00
CA LEU D 407 -13.54 -33.60 -40.84
C LEU D 407 -13.81 -32.80 -42.10
N HIS D 408 -13.39 -33.31 -43.25
CA HIS D 408 -13.63 -32.56 -44.49
C HIS D 408 -15.12 -32.46 -44.80
N ARG D 409 -15.84 -33.56 -44.65
CA ARG D 409 -17.26 -33.58 -44.99
C ARG D 409 -18.03 -32.58 -44.14
N LEU D 410 -17.74 -32.56 -42.84
CA LEU D 410 -18.39 -31.60 -41.96
C LEU D 410 -17.93 -30.18 -42.26
N ALA D 411 -16.68 -30.01 -42.67
CA ALA D 411 -16.22 -28.68 -43.07
C ALA D 411 -17.04 -28.14 -44.23
N GLN D 412 -17.22 -28.94 -45.27
CA GLN D 412 -18.07 -28.52 -46.38
C GLN D 412 -19.49 -28.32 -45.93
N GLY D 413 -19.96 -29.11 -44.96
CA GLY D 413 -21.29 -28.90 -44.42
C GLY D 413 -21.44 -27.52 -43.79
N LEU D 414 -20.44 -27.08 -43.05
CA LEU D 414 -20.50 -25.74 -42.48
C LEU D 414 -20.21 -24.65 -43.48
N ILE D 415 -19.57 -24.96 -44.61
CA ILE D 415 -19.32 -23.93 -45.60
C ILE D 415 -20.51 -23.72 -46.53
N GLU D 416 -21.33 -24.75 -46.76
CA GLU D 416 -22.56 -24.60 -47.53
C GLU D 416 -23.68 -24.05 -46.66
N TYR D 417 -24.07 -24.81 -45.64
CA TYR D 417 -25.02 -24.33 -44.63
C TYR D 417 -24.23 -23.50 -43.62
N GLU D 418 -24.79 -22.37 -43.21
CA GLU D 418 -24.08 -21.55 -42.25
C GLU D 418 -24.12 -22.12 -40.84
N THR D 419 -25.08 -22.99 -40.55
CA THR D 419 -25.35 -23.48 -39.21
C THR D 419 -25.63 -24.97 -39.28
N LEU D 420 -25.47 -25.67 -38.17
CA LEU D 420 -25.88 -27.06 -38.08
C LEU D 420 -26.38 -27.39 -36.69
N ASP D 421 -27.51 -28.08 -36.63
CA ASP D 421 -28.04 -28.66 -35.42
C ASP D 421 -27.19 -29.86 -35.02
N ALA D 422 -27.59 -30.57 -33.97
CA ALA D 422 -26.83 -31.74 -33.56
C ALA D 422 -26.98 -32.88 -34.56
N HIS D 423 -28.21 -33.38 -34.74
CA HIS D 423 -28.40 -34.51 -35.63
C HIS D 423 -28.14 -34.11 -37.07
N GLU D 424 -28.26 -32.81 -37.38
CA GLU D 424 -27.79 -32.34 -38.68
C GLU D 424 -26.30 -32.53 -38.83
N ILE D 425 -25.54 -32.34 -37.75
CA ILE D 425 -24.12 -32.66 -37.77
C ILE D 425 -23.92 -34.16 -38.00
N GLU D 426 -24.75 -34.98 -37.36
CA GLU D 426 -24.63 -36.42 -37.56
C GLU D 426 -24.85 -36.80 -39.02
N GLN D 427 -25.94 -36.33 -39.61
CA GLN D 427 -26.21 -36.66 -41.01
C GLN D 427 -25.15 -36.09 -41.94
N VAL D 428 -24.71 -34.85 -41.71
CA VAL D 428 -23.67 -34.28 -42.56
C VAL D 428 -22.40 -35.10 -42.46
N CYS D 429 -22.14 -35.72 -41.32
CA CYS D 429 -21.02 -36.65 -41.24
C CYS D 429 -21.29 -37.91 -42.04
N LYS D 430 -22.52 -38.44 -41.98
CA LYS D 430 -22.83 -39.65 -42.75
C LYS D 430 -22.92 -39.36 -44.24
N GLY D 431 -23.68 -38.33 -44.63
CA GLY D 431 -23.71 -37.95 -46.03
C GLY D 431 -25.07 -37.51 -46.54
N GLU D 432 -26.12 -37.75 -45.76
CA GLU D 432 -27.46 -37.38 -46.19
C GLU D 432 -27.59 -35.87 -46.32
N LYS D 433 -28.21 -35.42 -47.41
CA LYS D 433 -28.44 -34.00 -47.59
C LYS D 433 -29.60 -33.55 -46.74
N LEU D 434 -29.50 -32.33 -46.21
CA LEU D 434 -30.50 -31.85 -45.26
C LEU D 434 -31.58 -31.06 -45.97
N ALA D 435 -32.82 -31.30 -45.52
CA ALA D 435 -33.98 -30.59 -46.08
C ALA D 435 -33.98 -29.15 -45.57
N LYS D 436 -33.22 -28.32 -46.28
CA LYS D 436 -33.11 -26.91 -45.94
C LYS D 436 -32.37 -26.20 -47.07
N LEU D 437 -32.15 -24.89 -46.89
CA LEU D 437 -31.64 -24.03 -47.94
C LEU D 437 -30.12 -23.90 -47.83
N LYS D 438 -29.43 -24.15 -48.94
CA LYS D 438 -28.00 -23.86 -49.03
C LYS D 438 -27.82 -22.36 -49.19
N THR D 439 -27.48 -21.67 -48.11
CA THR D 439 -27.33 -20.23 -48.15
C THR D 439 -26.20 -19.80 -49.10
N LYS E 1 -29.88 12.50 -35.85
CA LYS E 1 -30.70 11.64 -36.69
C LYS E 1 -29.94 10.37 -37.06
N PHE E 2 -30.68 9.27 -37.28
CA PHE E 2 -30.06 8.00 -37.62
C PHE E 2 -29.30 8.06 -38.94
N ASP E 3 -29.62 9.00 -39.82
CA ASP E 3 -28.81 9.17 -41.03
C ASP E 3 -27.39 9.62 -40.70
N ASP E 4 -27.21 10.35 -39.60
CA ASP E 4 -25.90 10.90 -39.28
C ASP E 4 -24.90 9.81 -38.92
N VAL E 5 -25.36 8.61 -38.58
CA VAL E 5 -24.46 7.50 -38.26
C VAL E 5 -24.36 6.62 -39.51
N CYS E 6 -23.39 6.93 -40.35
CA CYS E 6 -23.19 6.21 -41.60
C CYS E 6 -22.24 5.05 -41.40
N GLY E 7 -22.71 3.85 -41.73
CA GLY E 7 -22.09 2.63 -41.28
C GLY E 7 -22.84 2.09 -40.08
N CYS E 8 -22.52 0.87 -39.69
CA CYS E 8 -23.19 0.21 -38.58
C CYS E 8 -24.69 0.09 -38.85
N ASP E 9 -25.01 -0.69 -39.88
CA ASP E 9 -26.39 -0.84 -40.30
C ASP E 9 -27.19 -1.68 -39.30
N GLU E 10 -26.60 -2.76 -38.80
CA GLU E 10 -27.28 -3.53 -37.75
C GLU E 10 -27.30 -2.77 -36.42
N ALA E 11 -26.16 -2.21 -36.03
CA ALA E 11 -26.11 -1.37 -34.85
C ALA E 11 -27.09 -0.20 -34.93
N ARG E 12 -27.39 0.29 -36.13
CA ARG E 12 -28.50 1.21 -36.28
C ARG E 12 -29.83 0.48 -36.15
N ALA E 13 -29.85 -0.80 -36.56
CA ALA E 13 -31.10 -1.53 -36.61
C ALA E 13 -31.68 -1.75 -35.22
N GLU E 14 -30.89 -2.31 -34.31
CA GLU E 14 -31.46 -2.62 -33.01
C GLU E 14 -31.44 -1.46 -32.04
N LEU E 15 -31.34 -0.23 -32.53
CA LEU E 15 -31.81 0.94 -31.80
C LEU E 15 -32.98 1.61 -32.51
N GLU E 16 -33.02 1.55 -33.83
CA GLU E 16 -34.26 1.90 -34.54
C GLU E 16 -35.44 1.09 -34.01
N GLU E 17 -35.21 -0.17 -33.66
CA GLU E 17 -36.27 -0.97 -33.06
C GLU E 17 -36.78 -0.38 -31.76
N ILE E 18 -35.88 0.15 -30.93
CA ILE E 18 -36.30 0.73 -29.66
C ILE E 18 -37.04 2.04 -29.88
N VAL E 19 -36.52 2.90 -30.76
CA VAL E 19 -37.21 4.16 -31.03
C VAL E 19 -38.59 3.88 -31.60
N ASP E 20 -38.70 2.86 -32.46
CA ASP E 20 -40.00 2.46 -32.97
C ASP E 20 -40.88 1.89 -31.87
N PHE E 21 -40.29 1.29 -30.85
CA PHE E 21 -41.05 0.86 -29.69
C PHE E 21 -41.61 2.05 -28.93
N LEU E 22 -40.84 3.14 -28.85
CA LEU E 22 -41.29 4.32 -28.12
C LEU E 22 -42.36 5.06 -28.88
N LYS E 23 -42.26 5.11 -30.21
CA LYS E 23 -43.14 5.99 -30.96
C LYS E 23 -44.57 5.46 -31.06
N ASP E 24 -44.76 4.15 -30.97
CA ASP E 24 -46.09 3.56 -30.91
C ASP E 24 -46.04 2.26 -30.12
N PRO E 25 -46.34 2.31 -28.83
CA PRO E 25 -46.16 1.11 -28.00
C PRO E 25 -47.06 -0.04 -28.39
N THR E 26 -48.27 0.25 -28.90
CA THR E 26 -49.28 -0.78 -29.07
C THR E 26 -48.92 -1.83 -30.10
N LYS E 27 -48.10 -1.50 -31.11
CA LYS E 27 -47.74 -2.51 -32.10
C LYS E 27 -46.88 -3.60 -31.49
N TYR E 28 -46.08 -3.28 -30.48
CA TYR E 28 -45.22 -4.25 -29.83
C TYR E 28 -45.83 -4.84 -28.56
N GLU E 29 -46.58 -4.04 -27.80
CA GLU E 29 -47.13 -4.52 -26.55
C GLU E 29 -48.41 -5.30 -26.72
N SER E 30 -48.77 -5.69 -27.95
CA SER E 30 -50.03 -6.38 -28.15
C SER E 30 -49.97 -7.82 -27.66
N LEU E 31 -48.81 -8.46 -27.78
CA LEU E 31 -48.62 -9.83 -27.30
C LEU E 31 -47.94 -9.87 -25.94
N GLY E 32 -47.83 -8.74 -25.26
CA GLY E 32 -46.97 -8.65 -24.11
C GLY E 32 -45.76 -7.82 -24.44
N GLY E 33 -44.64 -8.21 -23.84
CA GLY E 33 -43.37 -7.58 -24.17
C GLY E 33 -43.29 -6.16 -23.64
N LYS E 34 -42.07 -5.75 -23.35
CA LYS E 34 -41.85 -4.45 -22.73
C LYS E 34 -40.55 -3.86 -23.23
N LEU E 35 -40.43 -2.55 -23.04
CA LEU E 35 -39.23 -1.86 -23.46
C LEU E 35 -38.04 -2.37 -22.67
N PRO E 36 -36.89 -2.58 -23.31
CA PRO E 36 -35.71 -3.04 -22.57
C PRO E 36 -35.29 -2.02 -21.54
N LYS E 37 -34.91 -2.52 -20.36
CA LYS E 37 -34.51 -1.61 -19.29
C LYS E 37 -33.21 -0.91 -19.62
N GLY E 38 -32.20 -1.64 -20.09
CA GLY E 38 -30.94 -1.03 -20.43
C GLY E 38 -30.19 -1.82 -21.48
N VAL E 39 -29.48 -1.09 -22.32
CA VAL E 39 -28.76 -1.66 -23.46
C VAL E 39 -27.29 -1.30 -23.36
N LEU E 40 -26.43 -2.26 -23.75
CA LEU E 40 -24.98 -2.12 -23.63
C LEU E 40 -24.36 -2.11 -25.03
N LEU E 41 -23.48 -1.15 -25.27
CA LEU E 41 -22.79 -1.01 -26.55
C LEU E 41 -21.34 -1.41 -26.39
N THR E 42 -20.83 -2.21 -27.31
CA THR E 42 -19.44 -2.63 -27.26
C THR E 42 -18.72 -2.28 -28.55
N GLY E 43 -17.43 -2.01 -28.44
CA GLY E 43 -16.61 -1.70 -29.59
C GLY E 43 -15.42 -0.84 -29.24
N PRO E 44 -14.44 -0.76 -30.14
CA PRO E 44 -13.21 -0.01 -29.85
C PRO E 44 -13.49 1.47 -29.71
N PRO E 45 -12.48 2.24 -29.30
CA PRO E 45 -12.70 3.67 -29.06
C PRO E 45 -13.03 4.41 -30.35
N GLY E 46 -13.88 5.42 -30.23
CA GLY E 46 -14.18 6.29 -31.35
C GLY E 46 -14.76 5.58 -32.55
N THR E 47 -15.72 4.68 -32.36
CA THR E 47 -16.43 4.05 -33.45
C THR E 47 -17.86 4.56 -33.58
N GLY E 48 -18.19 5.63 -32.87
CA GLY E 48 -19.52 6.18 -32.95
C GLY E 48 -20.53 5.47 -32.07
N LYS E 49 -20.29 5.47 -30.77
CA LYS E 49 -21.26 4.92 -29.82
C LYS E 49 -22.11 6.01 -29.19
N THR E 50 -21.50 7.10 -28.72
CA THR E 50 -22.30 8.22 -28.24
C THR E 50 -23.10 8.84 -29.36
N LEU E 51 -22.59 8.77 -30.59
CA LEU E 51 -23.35 9.23 -31.73
C LEU E 51 -24.65 8.44 -31.87
N LEU E 52 -24.58 7.12 -31.70
CA LEU E 52 -25.80 6.31 -31.77
C LEU E 52 -26.77 6.68 -30.67
N ALA E 53 -26.27 6.86 -29.45
CA ALA E 53 -27.17 7.22 -28.36
C ALA E 53 -27.84 8.56 -28.60
N ARG E 54 -27.06 9.58 -29.01
CA ARG E 54 -27.69 10.86 -29.32
C ARG E 54 -28.58 10.78 -30.54
N ALA E 55 -28.42 9.76 -31.38
CA ALA E 55 -29.39 9.54 -32.45
C ALA E 55 -30.68 8.97 -31.91
N THR E 56 -30.60 8.06 -30.95
CA THR E 56 -31.82 7.56 -30.30
C THR E 56 -32.54 8.69 -29.58
N ALA E 57 -31.89 9.27 -28.56
CA ALA E 57 -32.53 10.32 -27.78
C ALA E 57 -32.84 11.56 -28.60
N GLY E 58 -32.11 11.79 -29.69
CA GLY E 58 -32.41 12.92 -30.54
C GLY E 58 -33.61 12.68 -31.43
N GLU E 59 -33.75 11.45 -31.94
CA GLU E 59 -34.79 11.14 -32.91
C GLU E 59 -36.03 10.54 -32.26
N ALA E 60 -36.06 10.41 -30.93
CA ALA E 60 -37.22 9.86 -30.26
C ALA E 60 -37.98 10.89 -29.43
N GLY E 61 -37.36 12.02 -29.11
CA GLY E 61 -38.04 13.05 -28.35
C GLY E 61 -38.00 12.86 -26.87
N VAL E 62 -36.82 12.57 -26.31
CA VAL E 62 -36.67 12.27 -24.89
C VAL E 62 -35.39 12.94 -24.41
N ASP E 63 -35.34 13.20 -23.11
CA ASP E 63 -34.20 13.92 -22.54
C ASP E 63 -32.99 13.01 -22.48
N PHE E 64 -31.84 13.56 -22.87
CA PHE E 64 -30.59 12.82 -22.91
C PHE E 64 -29.70 13.27 -21.76
N PHE E 65 -29.25 12.33 -20.96
CA PHE E 65 -28.43 12.60 -19.78
C PHE E 65 -27.09 11.91 -19.92
N PHE E 66 -26.03 12.70 -19.96
CA PHE E 66 -24.69 12.18 -20.22
C PHE E 66 -23.92 12.09 -18.91
N MET E 67 -23.07 11.08 -18.81
CA MET E 67 -22.23 10.89 -17.63
C MET E 67 -21.11 9.93 -17.99
N SER E 68 -19.89 10.30 -17.66
CA SER E 68 -18.72 9.51 -18.02
C SER E 68 -18.25 8.66 -16.85
N GLY E 69 -17.71 7.48 -17.17
CA GLY E 69 -17.19 6.61 -16.13
C GLY E 69 -15.81 7.02 -15.66
N SER E 70 -14.99 7.57 -16.56
CA SER E 70 -13.66 8.04 -16.22
C SER E 70 -13.67 9.46 -15.68
N GLU E 71 -14.83 9.96 -15.28
CA GLU E 71 -14.99 11.27 -14.67
C GLU E 71 -15.07 11.20 -13.15
N PHE E 72 -15.29 10.03 -12.59
CA PHE E 72 -15.44 9.87 -11.15
C PHE E 72 -14.08 9.92 -10.49
N ASP E 73 -13.79 11.05 -9.85
CA ASP E 73 -12.48 11.36 -9.29
C ASP E 73 -12.00 10.35 -8.26
N GLU E 74 -12.88 9.91 -7.36
CA GLU E 74 -12.55 8.88 -6.38
C GLU E 74 -11.50 9.41 -5.39
N VAL E 75 -11.50 10.72 -5.19
CA VAL E 75 -10.64 11.36 -4.20
C VAL E 75 -11.25 11.29 -2.82
N TYR E 76 -12.58 11.32 -2.75
CA TYR E 76 -13.31 11.30 -1.50
C TYR E 76 -13.96 9.94 -1.29
N VAL E 77 -14.77 9.83 -0.25
CA VAL E 77 -15.40 8.56 0.10
C VAL E 77 -16.85 8.52 -0.37
N GLY E 78 -17.52 9.66 -0.35
CA GLY E 78 -18.96 9.67 -0.56
C GLY E 78 -19.41 9.98 -1.96
N VAL E 79 -18.84 11.01 -2.59
CA VAL E 79 -19.29 11.41 -3.91
C VAL E 79 -19.00 10.29 -4.91
N GLY E 80 -19.62 10.40 -6.06
CA GLY E 80 -19.70 9.27 -6.98
C GLY E 80 -21.04 8.58 -6.82
N ALA E 81 -21.27 7.94 -5.67
CA ALA E 81 -22.61 7.45 -5.41
C ALA E 81 -23.60 8.59 -5.24
N LYS E 82 -23.14 9.71 -4.68
CA LYS E 82 -24.04 10.84 -4.49
C LYS E 82 -24.52 11.43 -5.81
N ARG E 83 -23.66 11.46 -6.84
CA ARG E 83 -24.10 12.04 -8.10
C ARG E 83 -24.80 11.00 -8.97
N ILE E 84 -24.72 9.72 -8.60
CA ILE E 84 -25.59 8.74 -9.23
C ILE E 84 -26.99 8.83 -8.65
N ARG E 85 -27.10 8.97 -7.33
CA ARG E 85 -28.41 9.21 -6.75
C ARG E 85 -29.02 10.50 -7.28
N ASP E 86 -28.23 11.57 -7.34
CA ASP E 86 -28.72 12.81 -7.91
C ASP E 86 -29.07 12.64 -9.38
N LEU E 87 -28.25 11.89 -10.12
CA LEU E 87 -28.50 11.74 -11.55
C LEU E 87 -29.82 11.04 -11.82
N PHE E 88 -30.01 9.85 -11.24
CA PHE E 88 -31.27 9.16 -11.49
C PHE E 88 -32.44 9.88 -10.86
N ALA E 89 -32.24 10.57 -9.74
CA ALA E 89 -33.30 11.42 -9.21
C ALA E 89 -33.68 12.50 -10.21
N GLN E 90 -32.72 13.01 -10.96
CA GLN E 90 -32.99 14.00 -11.98
C GLN E 90 -33.73 13.39 -13.16
N ALA E 91 -33.37 12.16 -13.55
CA ALA E 91 -34.02 11.53 -14.69
C ALA E 91 -35.46 11.14 -14.39
N ARG E 92 -35.73 10.63 -13.20
CA ARG E 92 -37.09 10.18 -12.90
C ARG E 92 -38.07 11.33 -12.85
N SER E 93 -37.59 12.56 -12.66
CA SER E 93 -38.49 13.71 -12.61
C SER E 93 -38.96 14.15 -13.98
N ARG E 94 -38.72 13.37 -15.02
CA ARG E 94 -39.06 13.76 -16.37
C ARG E 94 -39.75 12.60 -17.10
N ALA E 95 -39.96 12.79 -18.39
CA ALA E 95 -40.58 11.84 -19.29
C ALA E 95 -39.70 10.59 -19.42
N PRO E 96 -40.08 9.61 -20.23
CA PRO E 96 -39.13 8.54 -20.55
C PRO E 96 -37.83 9.13 -21.09
N ALA E 97 -36.76 8.97 -20.32
CA ALA E 97 -35.50 9.64 -20.60
C ALA E 97 -34.50 8.59 -21.08
N ILE E 98 -33.32 9.06 -21.45
CA ILE E 98 -32.22 8.20 -21.85
C ILE E 98 -30.98 8.61 -21.08
N ILE E 99 -30.48 7.72 -20.24
CA ILE E 99 -29.27 7.98 -19.46
C ILE E 99 -28.13 7.23 -20.12
N PHE E 100 -27.22 7.95 -20.76
CA PHE E 100 -26.08 7.34 -21.41
C PHE E 100 -24.88 7.35 -20.47
N ILE E 101 -24.33 6.17 -20.21
CA ILE E 101 -23.18 6.00 -19.33
C ILE E 101 -22.02 5.55 -20.19
N ASP E 102 -21.03 6.41 -20.35
CA ASP E 102 -19.89 6.14 -21.21
C ASP E 102 -18.71 5.62 -20.40
N GLN E 103 -18.05 4.59 -20.91
CA GLN E 103 -16.89 3.99 -20.25
C GLN E 103 -17.29 3.44 -18.87
N LEU E 104 -18.16 2.44 -18.92
CA LEU E 104 -18.50 1.66 -17.74
C LEU E 104 -17.30 1.01 -17.08
N ASP E 105 -16.32 0.55 -17.86
CA ASP E 105 -15.24 -0.23 -17.29
C ASP E 105 -14.30 0.58 -16.40
N ALA E 106 -14.61 1.85 -16.16
CA ALA E 106 -13.81 2.66 -15.23
C ALA E 106 -14.40 2.62 -13.83
N ILE E 107 -15.72 2.51 -13.72
CA ILE E 107 -16.35 2.47 -12.40
C ILE E 107 -16.93 1.10 -12.12
N GLY E 108 -17.43 0.42 -13.15
CA GLY E 108 -18.01 -0.89 -12.99
C GLY E 108 -17.03 -1.98 -13.39
N GLY E 109 -16.33 -2.52 -12.40
CA GLY E 109 -15.39 -3.59 -12.66
C GLY E 109 -15.64 -4.75 -11.73
N LYS E 110 -14.70 -5.68 -11.71
CA LYS E 110 -14.82 -6.84 -10.84
C LYS E 110 -14.81 -6.41 -9.38
N ARG E 111 -15.92 -6.68 -8.68
CA ARG E 111 -15.97 -6.47 -7.24
C ARG E 111 -15.12 -7.56 -6.61
N ASN E 112 -13.86 -7.26 -6.40
CA ASN E 112 -12.98 -8.21 -5.72
C ASN E 112 -13.54 -8.46 -4.33
N PRO E 113 -14.02 -9.67 -4.03
CA PRO E 113 -14.56 -9.94 -2.69
C PRO E 113 -13.50 -9.72 -1.64
N LYS E 114 -13.93 -9.23 -0.49
CA LYS E 114 -12.99 -8.90 0.57
C LYS E 114 -12.32 -10.17 1.07
N ASP E 115 -11.09 -10.02 1.57
CA ASP E 115 -10.47 -8.72 1.78
C ASP E 115 -9.49 -8.39 0.65
N GLN E 116 -9.11 -7.13 0.39
CA GLN E 116 -9.65 -5.84 0.88
C GLN E 116 -8.75 -4.79 0.22
N ALA E 117 -9.13 -3.51 0.20
CA ALA E 117 -10.42 -2.95 0.60
C ALA E 117 -10.59 -1.70 -0.27
N TYR E 118 -11.71 -0.98 -0.21
CA TYR E 118 -12.88 -1.27 0.60
C TYR E 118 -14.07 -1.48 -0.33
N ALA E 119 -15.27 -1.55 0.25
CA ALA E 119 -16.47 -1.83 -0.52
C ALA E 119 -16.65 -0.82 -1.65
N LYS E 120 -16.82 -1.34 -2.87
CA LYS E 120 -16.98 -0.49 -4.03
C LYS E 120 -18.33 0.21 -3.92
N GLN E 121 -18.31 1.45 -3.45
CA GLN E 121 -19.55 2.11 -3.08
C GLN E 121 -20.28 2.65 -4.30
N THR E 122 -19.54 3.14 -5.30
CA THR E 122 -20.19 3.66 -6.50
C THR E 122 -20.81 2.53 -7.32
N LEU E 123 -20.13 1.39 -7.41
CA LEU E 123 -20.68 0.27 -8.16
C LEU E 123 -21.92 -0.29 -7.48
N ASN E 124 -21.93 -0.36 -6.16
CA ASN E 124 -23.10 -0.86 -5.46
C ASN E 124 -24.26 0.11 -5.58
N GLN E 125 -23.98 1.41 -5.45
CA GLN E 125 -25.05 2.39 -5.66
C GLN E 125 -25.61 2.28 -7.07
N LEU E 126 -24.74 2.03 -8.05
CA LEU E 126 -25.22 1.90 -9.41
C LEU E 126 -26.09 0.66 -9.57
N LEU E 127 -25.68 -0.46 -8.98
CA LEU E 127 -26.49 -1.67 -9.04
C LEU E 127 -27.86 -1.43 -8.43
N VAL E 128 -27.90 -0.78 -7.26
CA VAL E 128 -29.18 -0.55 -6.59
C VAL E 128 -30.02 0.46 -7.34
N GLU E 129 -29.38 1.27 -8.18
CA GLU E 129 -30.14 2.23 -8.97
C GLU E 129 -30.74 1.61 -10.23
N LEU E 130 -29.96 0.86 -11.00
CA LEU E 130 -30.47 0.25 -12.22
C LEU E 130 -31.60 -0.73 -11.94
N ASP E 131 -31.48 -1.53 -10.89
CA ASP E 131 -32.49 -2.55 -10.59
C ASP E 131 -32.51 -2.78 -9.08
N GLY E 132 -33.44 -2.13 -8.39
CA GLY E 132 -33.49 -2.24 -6.95
C GLY E 132 -34.90 -2.40 -6.40
N PHE E 133 -35.14 -1.82 -5.23
CA PHE E 133 -36.44 -2.00 -4.58
C PHE E 133 -37.53 -1.20 -5.28
N SER E 134 -37.40 0.12 -5.29
CA SER E 134 -38.36 0.96 -5.97
C SER E 134 -38.10 0.91 -7.47
N GLN E 135 -39.17 0.70 -8.24
CA GLN E 135 -39.06 0.48 -9.68
C GLN E 135 -39.11 1.79 -10.44
N THR E 136 -38.41 1.81 -11.57
CA THR E 136 -38.38 2.95 -12.48
C THR E 136 -39.35 2.72 -13.64
N SER E 137 -39.63 3.80 -14.36
CA SER E 137 -40.58 3.72 -15.46
C SER E 137 -40.15 4.69 -16.56
N GLY E 138 -40.02 4.17 -17.77
CA GLY E 138 -39.70 5.01 -18.91
C GLY E 138 -38.24 5.32 -19.11
N ILE E 139 -37.38 4.95 -18.17
CA ILE E 139 -35.95 5.23 -18.28
C ILE E 139 -35.30 4.11 -19.06
N ILE E 140 -34.40 4.48 -19.99
CA ILE E 140 -33.61 3.52 -20.73
C ILE E 140 -32.14 3.87 -20.51
N ILE E 141 -31.38 2.91 -20.02
CA ILE E 141 -29.97 3.13 -19.73
C ILE E 141 -29.14 2.56 -20.85
N ILE E 142 -28.28 3.39 -21.44
CA ILE E 142 -27.36 2.95 -22.49
C ILE E 142 -25.95 3.11 -21.95
N GLY E 143 -25.21 2.02 -21.91
CA GLY E 143 -23.85 2.01 -21.41
C GLY E 143 -22.88 1.58 -22.50
N ALA E 144 -21.87 2.41 -22.74
CA ALA E 144 -20.89 2.16 -23.79
C ALA E 144 -19.58 1.77 -23.14
N THR E 145 -19.08 0.58 -23.46
CA THR E 145 -17.86 0.08 -22.88
C THR E 145 -16.98 -0.53 -23.95
N ASN E 146 -15.67 -0.45 -23.75
CA ASN E 146 -14.69 -0.98 -24.67
C ASN E 146 -14.24 -2.38 -24.32
N PHE E 147 -14.50 -2.82 -23.09
CA PHE E 147 -13.91 -4.03 -22.52
C PHE E 147 -15.04 -4.83 -21.90
N PRO E 148 -15.87 -5.48 -22.72
CA PRO E 148 -17.06 -6.16 -22.19
C PRO E 148 -16.72 -7.29 -21.24
N GLU E 149 -15.61 -7.99 -21.46
CA GLU E 149 -15.24 -9.11 -20.61
C GLU E 149 -14.57 -8.68 -19.32
N ALA E 150 -14.40 -7.37 -19.11
CA ALA E 150 -13.81 -6.84 -17.89
C ALA E 150 -14.82 -6.11 -17.02
N LEU E 151 -16.11 -6.37 -17.22
CA LEU E 151 -17.12 -5.82 -16.35
C LEU E 151 -17.53 -6.85 -15.30
N ASP E 152 -18.30 -6.39 -14.33
CA ASP E 152 -18.79 -7.24 -13.26
C ASP E 152 -19.78 -8.26 -13.80
N LYS E 153 -19.99 -9.33 -13.05
CA LYS E 153 -21.03 -10.31 -13.38
C LYS E 153 -22.40 -9.91 -12.88
N ALA E 154 -22.50 -8.99 -11.93
CA ALA E 154 -23.78 -8.53 -11.43
C ALA E 154 -24.24 -7.24 -12.08
N LEU E 155 -23.38 -6.62 -12.88
CA LEU E 155 -23.75 -5.40 -13.58
C LEU E 155 -24.18 -5.67 -15.01
N THR E 156 -23.87 -6.84 -15.54
CA THR E 156 -24.22 -7.20 -16.90
C THR E 156 -25.20 -8.37 -16.95
N ARG E 157 -26.02 -8.51 -15.95
CA ARG E 157 -27.04 -9.54 -16.08
C ARG E 157 -28.28 -8.93 -16.73
N PRO E 158 -29.17 -9.78 -17.25
CA PRO E 158 -30.46 -9.27 -17.70
C PRO E 158 -31.19 -8.60 -16.56
N GLY E 159 -32.06 -7.65 -16.90
CA GLY E 159 -32.71 -6.85 -15.89
C GLY E 159 -32.06 -5.50 -15.76
N ARG E 160 -30.73 -5.45 -15.86
CA ARG E 160 -30.00 -4.19 -15.85
C ARG E 160 -29.53 -3.80 -17.25
N PHE E 161 -28.73 -4.65 -17.88
CA PHE E 161 -28.27 -4.48 -19.26
C PHE E 161 -28.68 -5.74 -20.00
N ASP E 162 -29.84 -5.70 -20.65
CA ASP E 162 -30.46 -6.93 -21.12
C ASP E 162 -30.02 -7.31 -22.53
N LYS E 163 -29.66 -6.33 -23.35
CA LYS E 163 -29.21 -6.62 -24.70
C LYS E 163 -27.88 -5.94 -24.99
N VAL E 164 -27.03 -6.65 -25.74
CA VAL E 164 -25.68 -6.24 -26.03
C VAL E 164 -25.55 -6.00 -27.53
N VAL E 165 -25.43 -4.75 -27.93
CA VAL E 165 -25.20 -4.37 -29.32
C VAL E 165 -23.71 -4.21 -29.53
N ASN E 166 -23.21 -4.76 -30.63
CA ASN E 166 -21.79 -4.75 -30.92
C ASN E 166 -21.52 -3.82 -32.09
N VAL E 167 -20.74 -2.77 -31.84
CA VAL E 167 -20.36 -1.79 -32.86
C VAL E 167 -18.85 -1.87 -33.05
N ASP E 168 -18.43 -2.53 -34.13
CA ASP E 168 -17.02 -2.77 -34.39
C ASP E 168 -16.54 -1.86 -35.52
N LEU E 169 -15.24 -1.90 -35.77
CA LEU E 169 -14.62 -0.99 -36.73
C LEU E 169 -15.20 -1.20 -38.12
N PRO E 170 -15.36 -0.14 -38.90
CA PRO E 170 -16.06 -0.27 -40.18
C PRO E 170 -15.21 -1.02 -41.19
N ASP E 171 -15.90 -1.62 -42.16
CA ASP E 171 -15.24 -2.24 -43.29
C ASP E 171 -15.01 -1.21 -44.40
N VAL E 172 -14.64 -1.71 -45.58
CA VAL E 172 -14.28 -0.81 -46.67
C VAL E 172 -15.50 -0.02 -47.14
N ARG E 173 -16.61 -0.71 -47.39
CA ARG E 173 -17.82 0.01 -47.79
C ARG E 173 -18.30 0.91 -46.67
N GLY E 174 -18.10 0.51 -45.42
CA GLY E 174 -18.45 1.39 -44.31
C GLY E 174 -17.65 2.68 -44.31
N ARG E 175 -16.33 2.56 -44.40
CA ARG E 175 -15.50 3.76 -44.44
C ARG E 175 -15.83 4.62 -45.64
N ALA E 176 -16.11 4.00 -46.78
CA ALA E 176 -16.56 4.76 -47.93
C ALA E 176 -17.86 5.50 -47.62
N ASP E 177 -18.73 4.92 -46.80
CA ASP E 177 -19.96 5.61 -46.45
C ASP E 177 -19.69 6.77 -45.51
N ILE E 178 -18.77 6.61 -44.56
CA ILE E 178 -18.45 7.71 -43.65
C ILE E 178 -17.84 8.87 -44.42
N LEU E 179 -16.85 8.58 -45.27
CA LEU E 179 -16.25 9.64 -46.07
C LEU E 179 -17.28 10.30 -46.98
N LYS E 180 -18.11 9.49 -47.64
CA LYS E 180 -19.17 10.04 -48.48
C LYS E 180 -20.11 10.91 -47.68
N HIS E 181 -20.21 10.67 -46.37
CA HIS E 181 -21.08 11.49 -45.54
C HIS E 181 -20.42 12.79 -45.15
N HIS E 182 -19.20 12.76 -44.63
CA HIS E 182 -18.56 13.99 -44.18
C HIS E 182 -18.01 14.84 -45.30
N MET E 183 -17.96 14.33 -46.53
CA MET E 183 -17.53 15.17 -47.64
C MET E 183 -18.63 16.12 -48.08
N LYS E 184 -19.86 15.89 -47.63
CA LYS E 184 -20.97 16.75 -48.03
C LYS E 184 -20.82 18.15 -47.47
N LYS E 185 -20.17 18.28 -46.32
CA LYS E 185 -20.11 19.57 -45.65
C LYS E 185 -18.93 20.40 -46.16
N ILE E 186 -17.90 19.73 -46.68
CA ILE E 186 -16.78 20.45 -47.27
C ILE E 186 -17.12 20.82 -48.71
N THR E 187 -16.57 21.95 -49.17
CA THR E 187 -16.96 22.54 -50.44
C THR E 187 -15.71 22.91 -51.23
N LEU E 188 -15.40 22.12 -52.25
CA LEU E 188 -16.14 20.89 -52.49
C LEU E 188 -15.20 19.80 -52.96
N ALA E 189 -15.61 18.55 -52.76
CA ALA E 189 -14.93 17.40 -53.34
C ALA E 189 -15.29 17.36 -54.82
N ASP E 190 -14.42 17.95 -55.63
CA ASP E 190 -14.78 18.22 -57.03
C ASP E 190 -14.46 17.05 -57.96
N ASN E 191 -13.34 16.37 -57.73
CA ASN E 191 -12.95 15.25 -58.59
C ASN E 191 -12.41 14.05 -57.81
N VAL E 192 -13.03 13.68 -56.69
CA VAL E 192 -12.44 12.70 -55.79
C VAL E 192 -13.32 11.46 -55.71
N ASP E 193 -12.66 10.30 -55.72
CA ASP E 193 -13.30 9.00 -55.60
C ASP E 193 -13.20 8.52 -54.16
N PRO E 194 -14.30 8.43 -53.41
CA PRO E 194 -14.19 8.08 -51.99
C PRO E 194 -13.61 6.69 -51.76
N THR E 195 -13.94 5.72 -52.61
CA THR E 195 -13.45 4.36 -52.42
C THR E 195 -11.93 4.28 -52.50
N ILE E 196 -11.29 5.23 -53.17
CA ILE E 196 -9.83 5.27 -53.17
C ILE E 196 -9.30 5.44 -51.75
N ILE E 197 -9.72 6.53 -51.08
CA ILE E 197 -9.29 6.76 -49.71
C ILE E 197 -9.79 5.66 -48.80
N ALA E 198 -10.96 5.09 -49.10
CA ALA E 198 -11.51 4.05 -48.25
C ALA E 198 -10.65 2.80 -48.28
N ARG E 199 -10.26 2.34 -49.47
CA ARG E 199 -9.37 1.19 -49.54
C ARG E 199 -7.96 1.54 -49.11
N GLY E 200 -7.58 2.81 -49.13
CA GLY E 200 -6.24 3.19 -48.82
C GLY E 200 -5.92 3.36 -47.35
N THR E 201 -6.92 3.20 -46.48
CA THR E 201 -6.76 3.41 -45.04
C THR E 201 -7.50 2.32 -44.29
N PRO E 202 -6.95 1.13 -44.19
CA PRO E 202 -7.56 0.09 -43.35
C PRO E 202 -7.27 0.37 -41.88
N GLY E 203 -8.23 0.01 -41.04
CA GLY E 203 -8.05 0.08 -39.61
C GLY E 203 -8.50 1.37 -38.96
N LEU E 204 -8.61 2.46 -39.72
CA LEU E 204 -9.06 3.72 -39.12
C LEU E 204 -10.54 3.60 -38.74
N SER E 205 -10.99 4.55 -37.92
CA SER E 205 -12.35 4.57 -37.43
C SER E 205 -13.07 5.84 -37.89
N GLY E 206 -14.34 5.95 -37.50
CA GLY E 206 -15.14 7.06 -37.98
C GLY E 206 -14.62 8.41 -37.55
N ALA E 207 -14.21 8.52 -36.28
CA ALA E 207 -13.69 9.78 -35.79
C ALA E 207 -12.45 10.20 -36.56
N GLU E 208 -11.50 9.29 -36.75
CA GLU E 208 -10.30 9.59 -37.51
C GLU E 208 -10.61 9.93 -38.97
N LEU E 209 -11.67 9.36 -39.54
CA LEU E 209 -12.05 9.71 -40.90
C LEU E 209 -12.56 11.13 -40.99
N ALA E 210 -13.49 11.51 -40.10
CA ALA E 210 -13.94 12.89 -40.08
C ALA E 210 -12.79 13.85 -39.82
N ASN E 211 -11.83 13.43 -38.99
CA ASN E 211 -10.62 14.21 -38.83
C ASN E 211 -9.89 14.36 -40.16
N LEU E 212 -9.82 13.28 -40.95
CA LEU E 212 -9.17 13.34 -42.25
C LEU E 212 -9.82 14.37 -43.14
N VAL E 213 -11.13 14.29 -43.31
CA VAL E 213 -11.84 15.21 -44.18
C VAL E 213 -11.66 16.65 -43.72
N ASN E 214 -11.85 16.90 -42.43
CA ASN E 214 -11.75 18.28 -41.96
C ASN E 214 -10.33 18.82 -42.12
N GLN E 215 -9.33 18.00 -41.86
CA GLN E 215 -7.95 18.44 -42.03
C GLN E 215 -7.64 18.74 -43.49
N ALA E 216 -8.20 17.98 -44.41
CA ALA E 216 -8.01 18.31 -45.83
C ALA E 216 -8.69 19.62 -46.19
N ALA E 217 -9.87 19.89 -45.65
CA ALA E 217 -10.53 21.15 -45.94
C ALA E 217 -9.72 22.33 -45.41
N VAL E 218 -9.27 22.24 -44.15
CA VAL E 218 -8.45 23.30 -43.59
C VAL E 218 -7.16 23.47 -44.39
N TYR E 219 -6.56 22.35 -44.81
CA TYR E 219 -5.30 22.44 -45.54
C TYR E 219 -5.49 23.11 -46.89
N ALA E 220 -6.57 22.78 -47.60
CA ALA E 220 -6.86 23.50 -48.84
C ALA E 220 -7.17 24.97 -48.57
N CYS E 221 -7.70 25.29 -47.40
CA CYS E 221 -7.89 26.68 -47.04
C CYS E 221 -6.55 27.40 -46.87
N GLN E 222 -5.58 26.77 -46.21
CA GLN E 222 -4.30 27.43 -45.98
C GLN E 222 -3.61 27.77 -47.28
N LYS E 223 -3.43 26.79 -48.16
CA LYS E 223 -2.77 27.02 -49.44
C LYS E 223 -3.57 27.89 -50.38
N ASN E 224 -4.81 28.25 -50.03
CA ASN E 224 -5.64 29.13 -50.84
C ASN E 224 -5.98 28.47 -52.18
N ALA E 225 -6.34 27.20 -52.12
CA ALA E 225 -6.77 26.49 -53.32
C ALA E 225 -8.20 26.88 -53.67
N VAL E 226 -8.75 26.22 -54.68
CA VAL E 226 -10.09 26.53 -55.15
C VAL E 226 -11.08 25.44 -54.75
N SER E 227 -10.62 24.20 -54.68
CA SER E 227 -11.46 23.06 -54.34
C SER E 227 -10.65 22.15 -53.42
N VAL E 228 -11.08 20.91 -53.28
CA VAL E 228 -10.41 19.93 -52.43
C VAL E 228 -10.19 18.66 -53.26
N ASP E 229 -8.95 18.46 -53.69
CA ASP E 229 -8.58 17.29 -54.50
C ASP E 229 -7.62 16.41 -53.72
N MET E 230 -7.32 15.24 -54.29
CA MET E 230 -6.64 14.18 -53.56
C MET E 230 -5.19 14.50 -53.20
N SER E 231 -4.64 15.63 -53.63
CA SER E 231 -3.38 16.06 -53.03
C SER E 231 -3.61 16.43 -51.56
N HIS E 232 -4.70 17.14 -51.30
CA HIS E 232 -5.06 17.46 -49.92
C HIS E 232 -5.36 16.20 -49.13
N PHE E 233 -6.26 15.36 -49.64
CA PHE E 233 -6.59 14.11 -48.98
C PHE E 233 -5.38 13.23 -48.75
N GLU E 234 -4.40 13.28 -49.65
CA GLU E 234 -3.18 12.51 -49.44
C GLU E 234 -2.35 13.10 -48.32
N TRP E 235 -2.24 14.44 -48.27
CA TRP E 235 -1.51 15.07 -47.18
C TRP E 235 -2.13 14.72 -45.83
N ALA E 236 -3.44 14.94 -45.68
CA ALA E 236 -4.09 14.66 -44.41
C ALA E 236 -4.03 13.17 -44.07
N LYS E 237 -4.14 12.30 -45.08
CA LYS E 237 -4.06 10.87 -44.82
C LYS E 237 -2.70 10.50 -44.24
N ASP E 238 -1.61 10.92 -44.89
CA ASP E 238 -0.29 10.64 -44.34
C ASP E 238 -0.10 11.29 -42.98
N LYS E 239 -0.71 12.46 -42.76
CA LYS E 239 -0.66 13.09 -41.45
C LYS E 239 -1.27 12.19 -40.38
N ILE E 240 -2.42 11.59 -40.67
CA ILE E 240 -3.11 10.82 -39.64
C ILE E 240 -2.44 9.46 -39.44
N LEU E 241 -1.92 8.86 -40.50
CA LEU E 241 -1.24 7.58 -40.35
C LEU E 241 0.18 7.77 -39.85
N MET E 242 0.99 8.53 -40.60
CA MET E 242 2.41 8.66 -40.28
C MET E 242 2.62 9.38 -38.96
N GLY E 243 2.12 10.62 -38.87
CA GLY E 243 2.38 11.47 -37.72
C GLY E 243 2.45 12.92 -38.18
N ALA E 244 2.47 13.86 -37.25
CA ALA E 244 2.56 15.26 -37.61
C ALA E 244 3.94 15.60 -38.14
N GLU E 245 3.98 16.30 -39.27
CA GLU E 245 5.26 16.72 -39.83
C GLU E 245 5.88 17.83 -38.96
N ARG E 246 7.21 17.95 -39.05
CA ARG E 246 7.98 18.82 -38.17
C ARG E 246 8.88 19.70 -39.04
N LYS E 247 8.43 20.92 -39.30
CA LYS E 247 9.15 21.83 -40.19
C LYS E 247 10.46 22.33 -39.61
N THR E 248 10.69 22.14 -38.31
CA THR E 248 11.92 22.58 -37.68
C THR E 248 12.92 21.42 -37.62
N MET E 249 14.00 21.62 -36.86
CA MET E 249 15.02 20.59 -36.64
C MET E 249 15.69 20.19 -37.96
N VAL E 250 16.40 21.15 -38.53
CA VAL E 250 17.26 20.88 -39.66
C VAL E 250 18.63 20.45 -39.14
N LEU E 251 19.16 19.35 -39.68
CA LEU E 251 20.35 18.72 -39.15
C LEU E 251 21.50 18.78 -40.14
N THR E 252 22.62 18.19 -39.73
CA THR E 252 23.85 18.17 -40.50
C THR E 252 23.80 17.10 -41.59
N ASP E 253 24.94 16.79 -42.18
CA ASP E 253 25.02 15.77 -43.21
C ASP E 253 25.13 14.36 -42.65
N ALA E 254 26.05 14.12 -41.71
CA ALA E 254 26.24 12.79 -41.17
C ALA E 254 24.98 12.25 -40.53
N ALA E 255 24.20 13.13 -39.89
CA ALA E 255 22.91 12.73 -39.36
C ALA E 255 22.00 12.18 -40.45
N ARG E 256 21.86 12.92 -41.54
CA ARG E 256 21.04 12.45 -42.66
C ARG E 256 21.57 11.13 -43.22
N LYS E 257 22.88 10.93 -43.24
CA LYS E 257 23.42 9.67 -43.72
C LYS E 257 22.99 8.52 -42.80
N ALA E 258 23.25 8.65 -41.50
CA ALA E 258 22.92 7.58 -40.57
C ALA E 258 21.43 7.26 -40.58
N THR E 259 20.59 8.30 -40.58
CA THR E 259 19.15 8.08 -40.68
C THR E 259 18.81 7.33 -41.96
N ALA E 260 19.28 7.82 -43.10
CA ALA E 260 18.96 7.18 -44.37
C ALA E 260 19.39 5.72 -44.40
N PHE E 261 20.46 5.37 -43.69
CA PHE E 261 20.82 3.96 -43.58
C PHE E 261 19.87 3.21 -42.66
N HIS E 262 19.35 3.87 -41.63
CA HIS E 262 18.42 3.21 -40.72
C HIS E 262 17.13 2.86 -41.45
N GLU E 263 16.40 3.87 -41.96
CA GLU E 263 15.17 3.58 -42.68
C GLU E 263 15.41 2.81 -43.96
N ALA E 264 16.60 2.96 -44.55
CA ALA E 264 16.96 2.07 -45.64
C ALA E 264 16.96 0.62 -45.17
N GLY E 265 17.43 0.37 -43.95
CA GLY E 265 17.42 -0.98 -43.41
C GLY E 265 16.01 -1.51 -43.18
N HIS E 266 15.18 -0.71 -42.49
CA HIS E 266 13.80 -1.14 -42.26
C HIS E 266 13.09 -1.42 -43.58
N ALA E 267 13.17 -0.49 -44.53
CA ALA E 267 12.44 -0.65 -45.78
C ALA E 267 12.94 -1.84 -46.58
N ILE E 268 14.27 -2.05 -46.63
CA ILE E 268 14.79 -3.13 -47.46
C ILE E 268 14.50 -4.48 -46.82
N MET E 269 14.36 -4.54 -45.50
CA MET E 269 13.93 -5.82 -44.95
C MET E 269 12.42 -6.00 -44.99
N ALA E 270 11.67 -4.91 -45.13
CA ALA E 270 10.22 -5.04 -45.27
C ALA E 270 9.83 -5.32 -46.71
N LYS E 271 10.76 -5.14 -47.65
CA LYS E 271 10.49 -5.39 -49.06
C LYS E 271 10.71 -6.83 -49.47
N TYR E 272 11.69 -7.52 -48.90
CA TYR E 272 12.10 -8.82 -49.39
C TYR E 272 11.86 -9.94 -48.39
N THR E 273 11.11 -9.67 -47.33
CA THR E 273 10.87 -10.66 -46.29
C THR E 273 9.51 -11.31 -46.53
N ASN E 274 9.50 -12.64 -46.57
CA ASN E 274 8.26 -13.35 -46.86
C ASN E 274 7.25 -13.16 -45.74
N GLY E 275 6.01 -12.88 -46.13
CA GLY E 275 4.93 -12.73 -45.18
C GLY E 275 4.76 -11.34 -44.60
N ALA E 276 5.71 -10.44 -44.81
CA ALA E 276 5.64 -9.12 -44.22
C ALA E 276 4.45 -8.34 -44.76
N THR E 277 4.05 -7.34 -44.00
CA THR E 277 3.04 -6.41 -44.48
C THR E 277 3.59 -5.65 -45.69
N PRO E 278 2.76 -5.30 -46.65
CA PRO E 278 3.24 -4.51 -47.79
C PRO E 278 3.73 -3.15 -47.35
N LEU E 279 4.65 -2.60 -48.13
CA LEU E 279 5.30 -1.35 -47.78
C LEU E 279 4.53 -0.15 -48.33
N TYR E 280 4.60 0.97 -47.59
CA TYR E 280 3.84 2.16 -47.95
C TYR E 280 4.74 3.34 -48.29
N LYS E 281 5.62 3.77 -47.38
CA LYS E 281 6.52 4.86 -47.65
C LYS E 281 7.84 4.64 -46.93
N ALA E 282 8.64 5.71 -46.90
CA ALA E 282 9.88 5.75 -46.17
C ALA E 282 10.37 7.20 -46.22
N THR E 283 10.96 7.64 -45.13
CA THR E 283 11.31 9.05 -44.98
C THR E 283 12.43 9.21 -43.98
N ILE E 284 13.35 10.13 -44.29
CA ILE E 284 14.30 10.65 -43.33
C ILE E 284 13.85 11.95 -42.73
N LEU E 285 12.81 12.56 -43.27
CA LEU E 285 12.24 13.77 -42.70
C LEU E 285 11.69 13.45 -41.31
N PRO E 286 11.58 14.45 -40.44
CA PRO E 286 11.12 14.20 -39.07
C PRO E 286 9.62 14.00 -38.93
N ARG E 287 8.95 13.60 -40.02
CA ARG E 287 7.54 13.20 -39.98
C ARG E 287 7.24 12.34 -38.76
N GLY E 288 6.35 12.83 -37.91
CA GLY E 288 5.95 12.10 -36.72
C GLY E 288 6.79 12.43 -35.51
N ARG E 289 6.78 11.51 -34.55
CA ARG E 289 7.54 11.67 -33.33
C ARG E 289 9.02 11.39 -33.55
N ALA E 290 9.34 10.22 -34.06
CA ALA E 290 10.73 9.82 -34.20
C ALA E 290 11.39 10.56 -35.36
N LEU E 291 12.67 10.29 -35.57
CA LEU E 291 13.40 10.93 -36.65
C LEU E 291 12.82 10.55 -38.01
N GLY E 292 12.92 9.29 -38.39
CA GLY E 292 12.34 8.85 -39.64
C GLY E 292 11.42 7.67 -39.47
N ILE E 293 10.37 7.59 -40.28
CA ILE E 293 9.38 6.53 -40.12
C ILE E 293 9.16 5.85 -41.48
N THR E 294 9.33 4.53 -41.49
CA THR E 294 9.06 3.69 -42.65
C THR E 294 7.77 2.92 -42.39
N PHE E 295 6.65 3.56 -42.71
CA PHE E 295 5.34 3.02 -42.37
C PHE E 295 4.88 2.06 -43.46
N GLN E 296 4.17 1.00 -43.06
CA GLN E 296 3.69 0.01 -44.00
C GLN E 296 2.29 -0.47 -43.63
N LEU E 297 1.37 -0.31 -44.57
CA LEU E 297 -0.04 -0.68 -44.43
C LEU E 297 -0.28 -2.07 -44.98
N PRO E 298 -1.23 -2.81 -44.43
CA PRO E 298 -1.66 -4.06 -45.08
C PRO E 298 -2.57 -3.74 -46.26
N GLU E 299 -2.55 -4.62 -47.26
CA GLU E 299 -3.49 -4.48 -48.36
C GLU E 299 -4.90 -4.85 -47.93
N MET E 300 -5.04 -5.97 -47.24
CA MET E 300 -6.31 -6.44 -46.71
C MET E 300 -6.29 -6.29 -45.20
N ASP E 301 -7.49 -6.25 -44.61
CA ASP E 301 -7.64 -6.19 -43.17
C ASP E 301 -7.94 -7.59 -42.66
N LYS E 302 -7.11 -8.08 -41.73
CA LYS E 302 -7.29 -9.38 -41.11
C LYS E 302 -7.16 -9.22 -39.61
N VAL E 303 -7.85 -10.08 -38.87
CA VAL E 303 -7.93 -9.90 -37.41
C VAL E 303 -6.75 -10.58 -36.72
N ASP E 304 -6.38 -11.77 -37.17
CA ASP E 304 -5.33 -12.53 -36.51
C ASP E 304 -4.17 -12.81 -37.45
N ILE E 305 -2.96 -12.81 -36.91
CA ILE E 305 -1.74 -12.98 -37.68
C ILE E 305 -1.17 -14.34 -37.37
N THR E 306 -0.67 -15.02 -38.40
CA THR E 306 -0.13 -16.36 -38.20
C THR E 306 1.26 -16.28 -37.62
N LYS E 307 1.95 -17.41 -37.63
CA LYS E 307 3.31 -17.46 -37.09
C LYS E 307 4.29 -16.80 -38.05
N ARG E 308 4.10 -16.97 -39.35
CA ARG E 308 5.05 -16.41 -40.29
C ARG E 308 4.97 -14.90 -40.35
N GLU E 309 3.78 -14.32 -40.20
CA GLU E 309 3.72 -12.86 -40.08
C GLU E 309 4.45 -12.38 -38.85
N CYS E 310 4.36 -13.09 -37.73
CA CYS E 310 5.05 -12.67 -36.52
C CYS E 310 6.56 -12.71 -36.71
N GLN E 311 7.08 -13.84 -37.18
CA GLN E 311 8.50 -13.93 -37.45
C GLN E 311 8.96 -12.87 -38.45
N ALA E 312 8.12 -12.56 -39.44
CA ALA E 312 8.49 -11.50 -40.37
C ALA E 312 8.53 -10.14 -39.70
N ARG E 313 7.65 -9.90 -38.73
CA ARG E 313 7.68 -8.62 -38.03
C ARG E 313 8.92 -8.50 -37.17
N LEU E 314 9.29 -9.57 -36.47
CA LEU E 314 10.56 -9.59 -35.76
C LEU E 314 11.72 -9.31 -36.70
N ASP E 315 11.72 -9.93 -37.89
CA ASP E 315 12.81 -9.68 -38.83
C ASP E 315 12.81 -8.23 -39.29
N VAL E 316 11.65 -7.62 -39.47
CA VAL E 316 11.62 -6.24 -39.94
C VAL E 316 12.17 -5.30 -38.87
N CYS E 317 11.94 -5.62 -37.60
CA CYS E 317 12.38 -4.70 -36.55
C CYS E 317 13.85 -4.82 -36.21
N MET E 318 14.60 -5.70 -36.87
CA MET E 318 16.04 -5.80 -36.69
C MET E 318 16.82 -5.19 -37.84
N GLY E 319 16.20 -4.30 -38.62
CA GLY E 319 16.88 -3.76 -39.78
C GLY E 319 17.78 -2.59 -39.45
N GLY E 320 17.34 -1.74 -38.53
CA GLY E 320 18.14 -0.57 -38.19
C GLY E 320 19.49 -0.94 -37.61
N LYS E 321 19.47 -1.69 -36.50
CA LYS E 321 20.71 -2.00 -35.80
C LYS E 321 21.66 -2.82 -36.66
N ILE E 322 21.13 -3.76 -37.45
CA ILE E 322 22.00 -4.58 -38.28
C ILE E 322 22.53 -3.79 -39.47
N ALA E 323 21.73 -2.91 -40.04
CA ALA E 323 22.23 -2.05 -41.11
C ALA E 323 23.36 -1.16 -40.60
N GLU E 324 23.14 -0.49 -39.47
CA GLU E 324 24.17 0.37 -38.93
C GLU E 324 25.39 -0.40 -38.45
N GLU E 325 25.28 -1.70 -38.16
CA GLU E 325 26.53 -2.39 -37.86
C GLU E 325 27.22 -2.86 -39.12
N LEU E 326 26.47 -3.16 -40.19
CA LEU E 326 27.12 -3.49 -41.44
C LEU E 326 27.84 -2.30 -42.03
N ILE E 327 27.28 -1.10 -41.86
CA ILE E 327 27.92 0.09 -42.41
C ILE E 327 28.93 0.67 -41.43
N TYR E 328 28.45 1.13 -40.28
CA TYR E 328 29.29 1.87 -39.35
C TYR E 328 30.05 0.97 -38.37
N GLY E 329 30.10 -0.33 -38.60
CA GLY E 329 30.77 -1.23 -37.70
C GLY E 329 30.05 -1.35 -36.37
N LYS E 330 30.48 -2.34 -35.59
CA LYS E 330 29.79 -2.64 -34.34
C LYS E 330 29.95 -1.53 -33.30
N ASP E 331 31.13 -0.91 -33.23
CA ASP E 331 31.39 0.10 -32.23
C ASP E 331 30.67 1.42 -32.48
N ASN E 332 29.88 1.52 -33.53
CA ASN E 332 29.21 2.77 -33.87
C ASN E 332 27.69 2.63 -33.89
N THR E 333 27.18 1.52 -33.36
CA THR E 333 25.75 1.39 -33.14
C THR E 333 25.29 2.50 -32.22
N THR E 334 24.14 3.09 -32.52
CA THR E 334 23.63 4.19 -31.71
C THR E 334 22.62 3.67 -30.69
N SER E 335 21.95 4.59 -30.01
CA SER E 335 20.91 4.21 -29.09
C SER E 335 19.51 4.47 -29.64
N GLY E 336 19.40 4.91 -30.89
CA GLY E 336 18.09 5.05 -31.51
C GLY E 336 17.38 3.74 -31.73
N CYS E 337 18.08 2.61 -31.57
CA CYS E 337 17.47 1.31 -31.77
C CYS E 337 16.78 0.79 -30.52
N GLY E 338 16.33 1.68 -29.63
CA GLY E 338 15.64 1.24 -28.44
C GLY E 338 14.19 0.89 -28.70
N SER E 339 13.50 1.73 -29.49
CA SER E 339 12.11 1.45 -29.80
C SER E 339 11.96 0.18 -30.62
N ASP E 340 12.90 -0.07 -31.53
CA ASP E 340 12.87 -1.29 -32.33
C ASP E 340 12.90 -2.51 -31.43
N LEU E 341 13.79 -2.51 -30.44
CA LEU E 341 13.93 -3.67 -29.58
C LEU E 341 12.78 -3.76 -28.58
N GLN E 342 12.20 -2.62 -28.23
CA GLN E 342 11.00 -2.63 -27.40
C GLN E 342 9.84 -3.32 -28.12
N SER E 343 9.55 -2.87 -29.34
CA SER E 343 8.48 -3.47 -30.12
C SER E 343 8.75 -4.95 -30.41
N ALA E 344 9.93 -5.27 -30.90
CA ALA E 344 10.26 -6.66 -31.22
C ALA E 344 10.14 -7.54 -29.98
N THR E 345 10.57 -7.03 -28.83
CA THR E 345 10.38 -7.76 -27.58
C THR E 345 8.91 -8.07 -27.34
N GLY E 346 8.06 -7.05 -27.49
CA GLY E 346 6.62 -7.26 -27.32
C GLY E 346 6.09 -8.35 -28.24
N THR E 347 6.49 -8.33 -29.51
CA THR E 347 6.00 -9.34 -30.43
C THR E 347 6.44 -10.73 -30.03
N ALA E 348 7.72 -10.90 -29.63
CA ALA E 348 8.19 -12.25 -29.31
C ALA E 348 7.50 -12.79 -28.07
N ARG E 349 7.42 -11.97 -27.02
CA ARG E 349 6.75 -12.42 -25.81
C ARG E 349 5.27 -12.71 -26.03
N ALA E 350 4.62 -12.00 -26.95
CA ALA E 350 3.25 -12.35 -27.28
C ALA E 350 3.15 -13.61 -28.11
N MET E 351 4.18 -13.93 -28.89
CA MET E 351 4.20 -15.20 -29.60
C MET E 351 4.33 -16.37 -28.65
N VAL E 352 5.26 -16.29 -27.69
CA VAL E 352 5.59 -17.43 -26.85
C VAL E 352 4.49 -17.73 -25.83
N THR E 353 4.06 -16.71 -25.08
CA THR E 353 3.15 -16.96 -23.97
C THR E 353 1.70 -17.06 -24.44
N GLN E 354 1.16 -15.97 -24.98
CA GLN E 354 -0.26 -15.95 -25.33
C GLN E 354 -0.56 -16.88 -26.49
N TYR E 355 -0.02 -16.60 -27.66
CA TYR E 355 -0.46 -17.23 -28.88
C TYR E 355 -0.14 -18.72 -28.92
N GLY E 356 0.81 -19.18 -28.12
CA GLY E 356 1.13 -20.59 -28.04
C GLY E 356 1.86 -21.12 -29.25
N MET E 357 2.94 -20.45 -29.65
CA MET E 357 3.65 -20.75 -30.88
C MET E 357 5.04 -21.30 -30.63
N SER E 358 5.24 -21.98 -29.51
CA SER E 358 6.53 -22.56 -29.20
C SER E 358 6.36 -23.98 -28.68
N ASP E 359 7.14 -24.90 -29.23
CA ASP E 359 6.99 -26.31 -28.88
C ASP E 359 7.69 -26.68 -27.57
N ASP E 360 8.82 -26.06 -27.26
CA ASP E 360 9.53 -26.40 -26.03
C ASP E 360 8.75 -25.96 -24.81
N VAL E 361 8.01 -24.86 -24.90
CA VAL E 361 7.12 -24.45 -23.82
C VAL E 361 5.90 -25.35 -23.78
N GLY E 362 5.10 -25.32 -24.85
CA GLY E 362 3.91 -26.12 -24.92
C GLY E 362 2.70 -25.33 -25.33
N PRO E 363 1.56 -26.00 -25.46
CA PRO E 363 0.31 -25.31 -25.82
C PRO E 363 -0.42 -24.78 -24.59
N VAL E 364 0.18 -23.81 -23.92
CA VAL E 364 -0.35 -23.28 -22.68
C VAL E 364 -0.33 -21.76 -22.74
N ASN E 365 -1.22 -21.13 -22.00
CA ASN E 365 -1.32 -19.67 -21.93
C ASN E 365 -0.70 -19.21 -20.63
N LEU E 366 0.39 -18.46 -20.72
CA LEU E 366 1.15 -18.00 -19.56
C LEU E 366 1.04 -16.50 -19.36
N SER E 367 0.26 -15.81 -20.18
CA SER E 367 0.32 -14.34 -20.16
C SER E 367 -0.29 -13.79 -18.88
N GLU E 368 -1.59 -13.96 -18.72
CA GLU E 368 -2.25 -13.62 -17.47
C GLU E 368 -1.74 -14.57 -16.41
N GLU E 369 -1.84 -14.16 -15.15
CA GLU E 369 -1.36 -14.97 -14.04
C GLU E 369 0.16 -15.12 -14.11
N TRP E 370 0.83 -14.11 -14.67
CA TRP E 370 2.24 -14.25 -15.02
C TRP E 370 3.12 -14.52 -13.81
N GLU E 371 2.77 -13.95 -12.66
CA GLU E 371 3.54 -14.22 -11.46
C GLU E 371 3.06 -15.46 -10.71
N SER E 372 1.86 -15.95 -11.01
CA SER E 372 1.36 -17.11 -10.30
C SER E 372 2.10 -18.39 -10.66
N TRP E 373 2.83 -18.40 -11.78
CA TRP E 373 3.57 -19.58 -12.18
C TRP E 373 4.85 -19.69 -11.36
N SER E 374 5.61 -20.73 -11.63
CA SER E 374 6.86 -20.99 -10.91
C SER E 374 8.00 -20.33 -11.67
N ASN E 375 9.22 -20.68 -11.31
CA ASN E 375 10.40 -20.11 -11.95
C ASN E 375 10.99 -21.02 -13.00
N LYS E 376 10.73 -22.33 -12.93
CA LYS E 376 11.32 -23.23 -13.91
C LYS E 376 10.74 -22.98 -15.30
N ILE E 377 9.42 -23.14 -15.45
CA ILE E 377 8.84 -22.93 -16.77
C ILE E 377 8.97 -21.49 -17.18
N ARG E 378 9.04 -20.56 -16.23
CA ARG E 378 9.27 -19.18 -16.61
C ARG E 378 10.66 -19.01 -17.23
N ASP E 379 11.67 -19.68 -16.66
CA ASP E 379 12.99 -19.70 -17.28
C ASP E 379 12.92 -20.27 -18.68
N ILE E 380 12.16 -21.35 -18.86
CA ILE E 380 12.05 -21.94 -20.19
C ILE E 380 11.44 -20.94 -21.17
N ALA E 381 10.38 -20.25 -20.75
CA ALA E 381 9.73 -19.30 -21.64
C ALA E 381 10.68 -18.18 -22.04
N ASP E 382 11.37 -17.57 -21.07
CA ASP E 382 12.28 -16.48 -21.40
C ASP E 382 13.43 -16.96 -22.28
N ASN E 383 13.87 -18.19 -22.10
CA ASN E 383 14.84 -18.76 -23.02
C ASN E 383 14.28 -18.82 -24.44
N GLU E 384 12.99 -19.16 -24.56
CA GLU E 384 12.39 -19.20 -25.89
C GLU E 384 12.34 -17.82 -26.53
N VAL E 385 11.96 -16.80 -25.75
CA VAL E 385 11.87 -15.44 -26.28
C VAL E 385 13.23 -14.96 -26.75
N ILE E 386 14.25 -15.09 -25.89
CA ILE E 386 15.59 -14.66 -26.28
C ILE E 386 16.09 -15.44 -27.49
N GLU E 387 15.79 -16.73 -27.57
CA GLU E 387 16.21 -17.51 -28.72
C GLU E 387 15.56 -16.98 -29.99
N LEU E 388 14.28 -16.60 -29.91
CA LEU E 388 13.61 -16.03 -31.08
C LEU E 388 14.27 -14.74 -31.53
N LEU E 389 14.56 -13.82 -30.60
CA LEU E 389 15.13 -12.54 -31.04
C LEU E 389 16.54 -12.69 -31.57
N LYS E 390 17.38 -13.52 -30.91
CA LYS E 390 18.72 -13.75 -31.45
C LYS E 390 18.65 -14.34 -32.85
N ASP E 391 17.82 -15.37 -33.05
CA ASP E 391 17.68 -15.92 -34.39
C ASP E 391 17.18 -14.87 -35.38
N SER E 392 16.32 -13.96 -34.93
CA SER E 392 15.81 -12.92 -35.81
C SER E 392 16.92 -12.00 -36.29
N GLU E 393 17.78 -11.52 -35.38
CA GLU E 393 18.91 -10.73 -35.86
C GLU E 393 19.82 -11.54 -36.76
N GLU E 394 19.87 -12.86 -36.55
CA GLU E 394 20.65 -13.68 -37.47
C GLU E 394 20.11 -13.61 -38.89
N ARG E 395 18.78 -13.74 -39.04
CA ARG E 395 18.21 -13.65 -40.37
C ARG E 395 18.37 -12.27 -40.97
N ALA E 396 18.21 -11.21 -40.17
CA ALA E 396 18.38 -9.86 -40.71
C ALA E 396 19.81 -9.63 -41.18
N ARG E 397 20.79 -10.08 -40.40
CA ARG E 397 22.19 -9.94 -40.82
C ARG E 397 22.46 -10.73 -42.08
N ARG E 398 21.99 -11.98 -42.15
CA ARG E 398 22.27 -12.77 -43.35
C ARG E 398 21.50 -12.27 -44.55
N LEU E 399 20.46 -11.46 -44.36
CA LEU E 399 19.81 -10.87 -45.52
C LEU E 399 20.53 -9.62 -45.98
N LEU E 400 20.75 -8.67 -45.09
CA LEU E 400 21.42 -7.43 -45.50
C LEU E 400 22.89 -7.62 -45.81
N THR E 401 23.48 -8.80 -45.55
CA THR E 401 24.78 -9.07 -46.13
C THR E 401 24.69 -9.15 -47.64
N LYS E 402 23.55 -9.64 -48.15
CA LYS E 402 23.17 -9.45 -49.54
C LYS E 402 22.63 -8.05 -49.69
N LYS E 403 22.17 -7.70 -50.89
CA LYS E 403 21.33 -6.52 -51.08
C LYS E 403 22.07 -5.23 -50.76
N ASN E 404 23.41 -5.29 -50.66
CA ASN E 404 24.16 -4.15 -50.16
C ASN E 404 24.16 -3.00 -51.16
N VAL E 405 24.35 -3.31 -52.43
CA VAL E 405 24.23 -2.29 -53.46
C VAL E 405 22.82 -1.71 -53.48
N GLU E 406 21.81 -2.55 -53.26
CA GLU E 406 20.44 -2.06 -53.14
C GLU E 406 20.28 -1.23 -51.88
N LEU E 407 20.96 -1.60 -50.80
CA LEU E 407 20.92 -0.80 -49.58
C LEU E 407 21.44 0.61 -49.83
N HIS E 408 22.67 0.74 -50.31
CA HIS E 408 23.23 2.06 -50.59
C HIS E 408 22.39 2.81 -51.61
N ARG E 409 21.84 2.09 -52.59
CA ARG E 409 21.02 2.71 -53.62
C ARG E 409 19.80 3.39 -53.00
N LEU E 410 19.04 2.63 -52.22
CA LEU E 410 17.86 3.19 -51.57
C LEU E 410 18.22 4.30 -50.61
N ALA E 411 19.27 4.12 -49.81
CA ALA E 411 19.65 5.13 -48.83
C ALA E 411 20.01 6.44 -49.50
N GLN E 412 20.80 6.38 -50.57
CA GLN E 412 21.07 7.59 -51.33
C GLN E 412 19.79 8.18 -51.91
N GLY E 413 18.85 7.32 -52.31
CA GLY E 413 17.55 7.81 -52.73
C GLY E 413 16.88 8.65 -51.66
N LEU E 414 16.91 8.18 -50.42
CA LEU E 414 16.34 8.97 -49.34
C LEU E 414 17.11 10.26 -49.12
N ILE E 415 18.44 10.23 -49.22
CA ILE E 415 19.21 11.45 -49.01
C ILE E 415 18.88 12.48 -50.08
N GLU E 416 18.49 12.02 -51.27
CA GLU E 416 18.21 12.95 -52.36
C GLU E 416 16.75 13.41 -52.38
N TYR E 417 15.81 12.60 -51.89
CA TYR E 417 14.40 12.90 -52.06
C TYR E 417 13.64 13.09 -50.75
N GLU E 418 14.10 12.51 -49.64
CA GLU E 418 13.54 12.75 -48.31
C GLU E 418 12.18 12.12 -48.11
N THR E 419 11.67 11.40 -49.12
CA THR E 419 10.36 10.77 -49.00
C THR E 419 10.17 9.86 -50.19
N LEU E 420 9.52 8.71 -49.98
CA LEU E 420 9.34 7.73 -51.04
C LEU E 420 8.11 6.89 -50.75
N ASP E 421 7.23 6.77 -51.73
CA ASP E 421 6.19 5.76 -51.62
C ASP E 421 6.72 4.42 -52.11
N ALA E 422 5.85 3.41 -52.08
CA ALA E 422 6.30 2.05 -52.37
C ALA E 422 6.76 1.92 -53.81
N HIS E 423 6.01 2.49 -54.75
CA HIS E 423 6.38 2.36 -56.16
C HIS E 423 7.71 3.03 -56.45
N GLU E 424 7.87 4.28 -56.00
CA GLU E 424 9.14 4.97 -56.19
C GLU E 424 10.31 4.21 -55.57
N ILE E 425 10.07 3.51 -54.47
CA ILE E 425 11.12 2.69 -53.88
C ILE E 425 11.42 1.49 -54.77
N GLU E 426 10.38 0.89 -55.35
CA GLU E 426 10.61 -0.23 -56.25
C GLU E 426 11.43 0.19 -57.45
N GLN E 427 11.18 1.37 -57.98
CA GLN E 427 12.03 1.87 -59.06
C GLN E 427 13.44 2.13 -58.56
N VAL E 428 13.59 2.98 -57.54
CA VAL E 428 14.91 3.42 -57.08
C VAL E 428 15.79 2.29 -56.57
N CYS E 429 15.21 1.14 -56.23
CA CYS E 429 16.04 0.00 -55.89
C CYS E 429 16.72 -0.62 -57.10
N LYS E 430 16.43 -0.15 -58.32
CA LYS E 430 17.04 -0.67 -59.52
C LYS E 430 17.78 0.41 -60.30
N GLY E 431 18.16 1.50 -59.65
CA GLY E 431 18.88 2.57 -60.30
C GLY E 431 18.07 3.42 -61.26
N GLU E 432 16.81 3.05 -61.52
CA GLU E 432 15.99 3.79 -62.46
C GLU E 432 15.65 5.17 -61.89
N LYS E 433 15.44 6.12 -62.80
CA LYS E 433 15.09 7.48 -62.41
C LYS E 433 13.62 7.55 -62.02
N LEU E 434 13.30 8.53 -61.16
CA LEU E 434 11.96 8.60 -60.60
C LEU E 434 11.11 9.72 -61.19
N ALA E 435 11.71 10.67 -61.91
CA ALA E 435 10.95 11.73 -62.58
C ALA E 435 10.29 12.67 -61.57
N LYS E 436 11.06 13.12 -60.59
CA LYS E 436 10.66 14.18 -59.68
C LYS E 436 11.87 15.04 -59.35
N LEU E 437 11.71 15.93 -58.38
CA LEU E 437 12.72 16.95 -58.10
C LEU E 437 13.48 16.66 -56.81
N LYS E 438 14.78 16.94 -56.84
CA LYS E 438 15.62 16.78 -55.67
C LYS E 438 15.17 17.70 -54.55
N THR E 439 15.71 17.47 -53.35
CA THR E 439 15.42 18.28 -52.17
C THR E 439 13.93 18.39 -51.86
N LYS F 1 4.68 41.36 -31.10
CA LYS F 1 4.79 40.47 -32.25
C LYS F 1 5.71 39.30 -31.96
N PHE F 2 5.88 38.42 -32.94
CA PHE F 2 6.70 37.22 -32.78
C PHE F 2 8.20 37.49 -32.79
N ASP F 3 8.63 38.74 -32.92
CA ASP F 3 10.04 39.05 -32.72
C ASP F 3 10.43 38.94 -31.25
N ASP F 4 9.53 39.32 -30.34
CA ASP F 4 9.84 39.35 -28.92
C ASP F 4 9.93 37.95 -28.31
N VAL F 5 9.30 36.97 -28.92
CA VAL F 5 9.34 35.59 -28.43
C VAL F 5 10.63 34.96 -28.92
N CYS F 6 11.39 34.39 -27.99
CA CYS F 6 12.69 33.83 -28.29
C CYS F 6 12.71 32.35 -27.95
N GLY F 7 13.06 31.53 -28.93
CA GLY F 7 12.89 30.09 -28.80
C GLY F 7 11.44 29.70 -29.00
N CYS F 8 11.19 28.40 -28.83
CA CYS F 8 9.85 27.78 -28.89
C CYS F 8 9.20 28.02 -30.25
N ASP F 9 9.81 27.42 -31.27
CA ASP F 9 9.38 27.66 -32.65
C ASP F 9 8.19 26.80 -33.08
N GLU F 10 7.88 25.73 -32.35
CA GLU F 10 6.72 24.91 -32.67
C GLU F 10 5.43 25.70 -32.46
N ALA F 11 5.29 26.27 -31.25
CA ALA F 11 4.19 27.16 -30.95
C ALA F 11 4.21 28.40 -31.81
N ARG F 12 5.39 28.85 -32.24
CA ARG F 12 5.49 29.93 -33.19
C ARG F 12 4.81 29.56 -34.50
N ALA F 13 5.05 28.35 -34.99
CA ALA F 13 4.50 27.94 -36.28
C ALA F 13 2.98 27.74 -36.21
N GLU F 14 2.50 26.98 -35.21
CA GLU F 14 1.07 26.71 -35.18
C GLU F 14 0.28 27.94 -34.77
N LEU F 15 0.86 28.81 -33.93
CA LEU F 15 0.17 30.07 -33.69
C LEU F 15 0.22 31.00 -34.89
N GLU F 16 1.23 30.87 -35.76
CA GLU F 16 1.19 31.58 -37.04
C GLU F 16 0.03 31.11 -37.91
N GLU F 17 -0.26 29.81 -37.93
CA GLU F 17 -1.35 29.39 -38.81
C GLU F 17 -2.72 29.73 -38.21
N ILE F 18 -2.83 29.77 -36.88
CA ILE F 18 -4.13 30.22 -36.37
C ILE F 18 -4.25 31.74 -36.49
N VAL F 19 -3.11 32.45 -36.57
CA VAL F 19 -3.15 33.86 -36.99
C VAL F 19 -3.67 33.98 -38.41
N ASP F 20 -3.29 33.02 -39.27
CA ASP F 20 -3.86 32.99 -40.62
C ASP F 20 -5.35 32.71 -40.60
N PHE F 21 -5.85 32.01 -39.58
CA PHE F 21 -7.30 32.04 -39.39
C PHE F 21 -7.76 33.41 -38.91
N LEU F 22 -6.95 34.10 -38.12
CA LEU F 22 -7.41 35.31 -37.45
C LEU F 22 -7.61 36.50 -38.39
N LYS F 23 -6.72 36.73 -39.36
CA LYS F 23 -6.89 37.94 -40.13
C LYS F 23 -7.93 37.79 -41.23
N ASP F 24 -8.31 36.56 -41.57
CA ASP F 24 -9.35 36.30 -42.57
C ASP F 24 -10.10 35.02 -42.27
N PRO F 25 -11.23 35.10 -41.58
CA PRO F 25 -12.03 33.88 -41.33
C PRO F 25 -12.78 33.39 -42.55
N THR F 26 -12.95 34.24 -43.56
CA THR F 26 -13.86 33.95 -44.66
C THR F 26 -13.33 32.85 -45.57
N LYS F 27 -12.02 32.85 -45.88
CA LYS F 27 -11.48 31.81 -46.74
C LYS F 27 -11.49 30.45 -46.07
N TYR F 28 -11.41 30.40 -44.73
CA TYR F 28 -11.58 29.15 -44.00
C TYR F 28 -13.03 28.75 -43.87
N GLU F 29 -13.95 29.71 -43.95
CA GLU F 29 -15.35 29.37 -43.74
C GLU F 29 -16.06 28.98 -45.03
N SER F 30 -15.66 29.55 -46.17
CA SER F 30 -16.43 29.35 -47.40
C SER F 30 -16.19 27.96 -47.99
N LEU F 31 -15.00 27.40 -47.80
CA LEU F 31 -14.75 26.05 -48.29
C LEU F 31 -15.42 24.99 -47.42
N GLY F 32 -15.75 25.32 -46.19
CA GLY F 32 -16.33 24.37 -45.27
C GLY F 32 -15.38 23.84 -44.22
N GLY F 33 -14.18 24.41 -44.09
CA GLY F 33 -13.26 23.96 -43.09
C GLY F 33 -13.57 24.57 -41.72
N LYS F 34 -13.34 23.77 -40.69
CA LYS F 34 -13.50 24.23 -39.32
C LYS F 34 -12.24 23.91 -38.53
N LEU F 35 -11.68 24.91 -37.90
CA LEU F 35 -10.56 24.63 -37.02
C LEU F 35 -11.08 24.46 -35.60
N PRO F 36 -10.35 23.77 -34.71
CA PRO F 36 -10.80 23.64 -33.32
C PRO F 36 -10.89 24.98 -32.62
N LYS F 37 -11.91 25.11 -31.76
CA LYS F 37 -12.21 26.42 -31.20
C LYS F 37 -11.70 26.58 -29.78
N GLY F 38 -10.84 25.70 -29.31
CA GLY F 38 -10.20 25.88 -28.03
C GLY F 38 -8.77 25.38 -28.08
N VAL F 39 -7.85 26.22 -27.62
CA VAL F 39 -6.42 25.94 -27.68
C VAL F 39 -5.86 25.89 -26.26
N LEU F 40 -5.17 24.81 -25.94
CA LEU F 40 -4.56 24.63 -24.62
C LEU F 40 -3.05 24.71 -24.72
N LEU F 41 -2.47 25.70 -24.05
CA LEU F 41 -1.02 25.82 -23.95
C LEU F 41 -0.55 25.08 -22.70
N THR F 42 0.27 24.06 -22.89
CA THR F 42 0.80 23.29 -21.78
C THR F 42 2.30 23.49 -21.67
N GLY F 43 2.92 22.77 -20.74
CA GLY F 43 4.35 22.77 -20.61
C GLY F 43 4.85 23.16 -19.23
N PRO F 44 6.17 23.21 -19.06
CA PRO F 44 6.76 23.56 -17.77
C PRO F 44 6.51 25.02 -17.40
N PRO F 45 6.62 25.38 -16.13
CA PRO F 45 6.33 26.76 -15.73
C PRO F 45 7.42 27.73 -16.13
N GLY F 46 7.00 28.96 -16.40
CA GLY F 46 7.95 30.02 -16.68
C GLY F 46 8.65 29.92 -18.02
N THR F 47 7.94 29.50 -19.07
CA THR F 47 8.50 29.48 -20.41
C THR F 47 7.87 30.51 -21.33
N GLY F 48 7.08 31.43 -20.79
CA GLY F 48 6.55 32.53 -21.57
C GLY F 48 5.36 32.16 -22.43
N LYS F 49 4.29 31.69 -21.80
CA LYS F 49 3.07 31.40 -22.53
C LYS F 49 2.26 32.68 -22.77
N THR F 50 2.27 33.57 -21.77
CA THR F 50 1.56 34.84 -21.86
C THR F 50 2.12 35.70 -22.98
N LEU F 51 3.44 35.66 -23.18
CA LEU F 51 4.05 36.39 -24.27
C LEU F 51 3.73 35.76 -25.63
N LEU F 52 3.48 34.45 -25.65
CA LEU F 52 3.04 33.80 -26.89
C LEU F 52 1.63 34.23 -27.26
N ALA F 53 0.76 34.40 -26.26
CA ALA F 53 -0.61 34.83 -26.60
C ALA F 53 -0.66 36.31 -26.95
N ARG F 54 0.11 37.14 -26.23
CA ARG F 54 0.17 38.56 -26.56
C ARG F 54 0.80 38.78 -27.93
N ALA F 55 1.85 38.01 -28.24
CA ALA F 55 2.49 38.13 -29.54
C ALA F 55 1.64 37.55 -30.66
N THR F 56 0.81 36.56 -30.33
CA THR F 56 -0.15 36.03 -31.29
C THR F 56 -1.19 37.07 -31.64
N ALA F 57 -1.75 37.73 -30.63
CA ALA F 57 -2.80 38.73 -30.87
C ALA F 57 -2.25 39.96 -31.56
N GLY F 58 -1.16 40.53 -31.04
CA GLY F 58 -0.57 41.70 -31.66
C GLY F 58 0.09 41.43 -33.00
N GLU F 59 0.47 40.18 -33.27
CA GLU F 59 1.01 39.85 -34.57
C GLU F 59 -0.11 39.59 -35.57
N ALA F 60 -1.28 39.17 -35.10
CA ALA F 60 -2.43 38.99 -35.96
C ALA F 60 -3.08 40.31 -36.35
N GLY F 61 -2.93 41.35 -35.53
CA GLY F 61 -3.63 42.59 -35.80
C GLY F 61 -4.99 42.67 -35.13
N VAL F 62 -5.17 41.94 -34.04
CA VAL F 62 -6.37 42.02 -33.21
C VAL F 62 -5.94 42.33 -31.79
N ASP F 63 -6.81 42.99 -31.03
CA ASP F 63 -6.53 43.19 -29.61
C ASP F 63 -7.30 42.19 -28.77
N PHE F 64 -6.66 41.72 -27.70
CA PHE F 64 -7.11 40.54 -26.99
C PHE F 64 -7.73 40.91 -25.65
N PHE F 65 -8.19 39.89 -24.93
CA PHE F 65 -8.78 40.06 -23.61
C PHE F 65 -8.11 39.10 -22.64
N PHE F 66 -7.59 39.64 -21.55
CA PHE F 66 -6.86 38.86 -20.56
C PHE F 66 -7.63 38.85 -19.25
N MET F 67 -7.72 37.67 -18.63
CA MET F 67 -8.26 37.53 -17.29
C MET F 67 -7.73 36.22 -16.70
N SER F 68 -7.50 36.21 -15.40
CA SER F 68 -6.84 35.09 -14.74
C SER F 68 -7.85 34.19 -14.06
N GLY F 69 -7.48 32.92 -13.93
CA GLY F 69 -8.34 31.94 -13.29
C GLY F 69 -8.22 31.85 -11.79
N SER F 70 -7.20 32.47 -11.20
CA SER F 70 -6.98 32.44 -9.77
C SER F 70 -7.69 33.58 -9.04
N GLU F 71 -8.39 34.43 -9.78
CA GLU F 71 -9.12 35.56 -9.21
C GLU F 71 -10.46 35.14 -8.60
N PHE F 72 -10.99 34.00 -8.97
CA PHE F 72 -12.43 33.73 -8.84
C PHE F 72 -12.71 33.15 -7.45
N ASP F 73 -13.25 33.99 -6.58
CA ASP F 73 -13.59 33.64 -5.21
C ASP F 73 -15.10 33.40 -5.07
N GLU F 74 -15.58 33.35 -3.83
CA GLU F 74 -17.01 33.21 -3.57
C GLU F 74 -17.78 34.49 -3.85
N VAL F 75 -17.14 35.65 -3.70
CA VAL F 75 -17.81 36.90 -4.00
C VAL F 75 -17.79 37.13 -5.50
N TYR F 76 -16.85 36.46 -6.20
CA TYR F 76 -16.96 36.34 -7.64
C TYR F 76 -18.20 35.57 -8.06
N VAL F 77 -18.52 34.47 -7.36
CA VAL F 77 -19.77 33.77 -7.59
C VAL F 77 -20.96 34.69 -7.30
N GLY F 78 -20.79 35.58 -6.32
CA GLY F 78 -21.73 36.68 -6.15
C GLY F 78 -21.84 37.62 -7.34
N VAL F 79 -20.77 37.77 -8.14
CA VAL F 79 -20.81 38.77 -9.21
C VAL F 79 -20.58 38.20 -10.62
N GLY F 80 -19.65 37.24 -10.77
CA GLY F 80 -18.96 37.01 -12.03
C GLY F 80 -19.67 36.36 -13.18
N ALA F 81 -20.97 36.07 -13.06
CA ALA F 81 -21.77 35.88 -14.27
C ALA F 81 -21.80 37.16 -15.08
N LYS F 82 -21.77 38.31 -14.40
CA LYS F 82 -21.63 39.60 -15.06
C LYS F 82 -20.22 39.80 -15.59
N ARG F 83 -19.22 39.09 -15.06
CA ARG F 83 -17.87 39.31 -15.54
C ARG F 83 -17.56 38.44 -16.75
N ILE F 84 -17.98 37.18 -16.74
CA ILE F 84 -17.84 36.36 -17.94
C ILE F 84 -18.79 36.86 -19.02
N ARG F 85 -20.01 37.24 -18.63
CA ARG F 85 -20.97 37.81 -19.58
C ARG F 85 -20.48 39.13 -20.14
N ASP F 86 -19.84 39.94 -19.30
CA ASP F 86 -19.13 41.13 -19.74
C ASP F 86 -18.00 40.82 -20.69
N LEU F 87 -17.23 39.76 -20.42
CA LEU F 87 -16.05 39.45 -21.21
C LEU F 87 -16.43 38.98 -22.60
N PHE F 88 -17.27 37.94 -22.69
CA PHE F 88 -17.62 37.46 -24.02
C PHE F 88 -18.64 38.34 -24.70
N ALA F 89 -19.37 39.18 -23.95
CA ALA F 89 -20.16 40.23 -24.57
C ALA F 89 -19.25 41.24 -25.28
N GLN F 90 -18.14 41.59 -24.64
CA GLN F 90 -17.13 42.39 -25.32
C GLN F 90 -16.51 41.65 -26.49
N ALA F 91 -16.42 40.31 -26.41
CA ALA F 91 -15.90 39.54 -27.53
C ALA F 91 -16.83 39.57 -28.73
N ARG F 92 -18.14 39.47 -28.51
CA ARG F 92 -19.06 39.59 -29.64
C ARG F 92 -19.22 41.03 -30.08
N SER F 93 -18.80 42.00 -29.27
CA SER F 93 -18.79 43.38 -29.74
C SER F 93 -17.51 43.70 -30.49
N ARG F 94 -16.36 43.36 -29.90
CA ARG F 94 -15.05 43.73 -30.45
C ARG F 94 -14.47 42.67 -31.36
N ALA F 95 -15.31 41.87 -32.01
CA ALA F 95 -14.86 40.72 -32.78
C ALA F 95 -14.11 41.17 -34.03
N PRO F 96 -13.10 40.39 -34.47
CA PRO F 96 -12.49 39.19 -33.88
C PRO F 96 -11.53 39.55 -32.76
N ALA F 97 -11.25 38.61 -31.86
CA ALA F 97 -10.30 38.84 -30.78
C ALA F 97 -9.77 37.51 -30.28
N ILE F 98 -8.87 37.60 -29.31
CA ILE F 98 -8.31 36.46 -28.61
C ILE F 98 -8.67 36.63 -27.14
N ILE F 99 -9.05 35.56 -26.47
CA ILE F 99 -9.41 35.65 -25.07
C ILE F 99 -8.52 34.66 -24.32
N PHE F 100 -7.49 35.17 -23.66
CA PHE F 100 -6.51 34.32 -22.98
C PHE F 100 -6.95 34.08 -21.55
N ILE F 101 -6.74 32.86 -21.07
CA ILE F 101 -7.14 32.46 -19.72
C ILE F 101 -5.90 31.97 -18.99
N ASP F 102 -5.51 32.69 -17.94
CA ASP F 102 -4.31 32.34 -17.18
C ASP F 102 -4.70 31.50 -15.97
N GLN F 103 -3.96 30.41 -15.78
CA GLN F 103 -4.11 29.47 -14.67
C GLN F 103 -5.54 28.91 -14.65
N LEU F 104 -5.83 28.13 -15.69
CA LEU F 104 -7.12 27.48 -15.85
C LEU F 104 -7.39 26.41 -14.80
N ASP F 105 -6.34 25.87 -14.17
CA ASP F 105 -6.48 24.86 -13.13
C ASP F 105 -7.19 25.41 -11.90
N ALA F 106 -7.10 26.72 -11.67
CA ALA F 106 -7.60 27.31 -10.43
C ALA F 106 -9.12 27.29 -10.35
N ILE F 107 -9.80 27.19 -11.48
CA ILE F 107 -11.24 26.93 -11.48
C ILE F 107 -11.59 25.60 -12.10
N GLY F 108 -10.71 25.00 -12.88
CA GLY F 108 -11.00 23.72 -13.49
C GLY F 108 -10.71 22.55 -12.59
N GLY F 109 -11.29 22.55 -11.39
CA GLY F 109 -11.13 21.42 -10.50
C GLY F 109 -12.45 21.05 -9.86
N LYS F 110 -12.35 20.53 -8.64
CA LYS F 110 -13.53 20.20 -7.85
C LYS F 110 -13.13 20.25 -6.39
N ARG F 111 -13.62 21.29 -5.71
CA ARG F 111 -13.00 21.86 -4.51
C ARG F 111 -13.38 21.12 -3.24
N ASN F 112 -14.66 21.15 -2.86
CA ASN F 112 -15.30 20.38 -1.83
C ASN F 112 -16.80 20.41 -2.06
N PRO F 113 -17.57 19.39 -1.64
CA PRO F 113 -18.99 19.35 -2.00
C PRO F 113 -19.86 20.42 -1.36
N LYS F 114 -19.35 21.19 -0.40
CA LYS F 114 -20.12 22.35 0.07
C LYS F 114 -20.10 23.50 -0.91
N ASP F 115 -18.96 23.77 -1.54
CA ASP F 115 -18.75 25.02 -2.27
C ASP F 115 -18.76 24.87 -3.78
N GLN F 116 -18.34 23.72 -4.31
CA GLN F 116 -18.18 23.58 -5.76
C GLN F 116 -19.52 23.66 -6.48
N ALA F 117 -20.62 23.39 -5.76
CA ALA F 117 -21.96 23.54 -6.32
C ALA F 117 -22.26 24.98 -6.71
N TYR F 118 -21.63 25.97 -6.08
CA TYR F 118 -21.74 27.32 -6.63
C TYR F 118 -20.49 27.68 -7.43
N ALA F 119 -19.38 26.95 -7.23
CA ALA F 119 -18.22 27.20 -8.08
C ALA F 119 -18.46 26.66 -9.48
N LYS F 120 -19.28 25.60 -9.59
CA LYS F 120 -19.81 25.20 -10.88
C LYS F 120 -20.64 26.32 -11.51
N GLN F 121 -21.26 27.17 -10.68
CA GLN F 121 -21.91 28.39 -11.14
C GLN F 121 -20.98 29.29 -11.94
N THR F 122 -19.67 29.28 -11.66
CA THR F 122 -18.75 29.87 -12.63
C THR F 122 -18.58 28.95 -13.84
N LEU F 123 -18.19 27.70 -13.57
CA LEU F 123 -17.74 26.77 -14.61
C LEU F 123 -18.79 26.52 -15.67
N ASN F 124 -20.03 26.21 -15.25
CA ASN F 124 -21.08 25.94 -16.23
C ASN F 124 -21.39 27.17 -17.05
N GLN F 125 -21.25 28.36 -16.44
CA GLN F 125 -21.37 29.61 -17.18
C GLN F 125 -20.34 29.67 -18.30
N LEU F 126 -19.09 29.32 -17.97
CA LEU F 126 -18.07 29.16 -18.99
C LEU F 126 -18.47 28.05 -19.96
N LEU F 127 -19.00 26.95 -19.44
CA LEU F 127 -19.46 25.86 -20.30
C LEU F 127 -20.73 26.25 -21.05
N VAL F 128 -21.43 27.29 -20.62
CA VAL F 128 -22.48 27.82 -21.48
C VAL F 128 -21.87 28.54 -22.66
N GLU F 129 -20.84 29.36 -22.41
CA GLU F 129 -20.50 30.36 -23.40
C GLU F 129 -19.31 29.93 -24.26
N LEU F 130 -18.79 28.71 -24.05
CA LEU F 130 -17.84 28.17 -25.01
C LEU F 130 -18.54 27.71 -26.28
N ASP F 131 -19.61 26.93 -26.12
CA ASP F 131 -20.45 26.53 -27.23
C ASP F 131 -21.65 27.45 -27.40
N GLY F 132 -21.62 28.64 -26.79
CA GLY F 132 -22.73 29.57 -26.93
C GLY F 132 -22.58 30.48 -28.12
N PHE F 133 -21.63 30.18 -29.00
CA PHE F 133 -21.46 30.89 -30.26
C PHE F 133 -21.15 29.92 -31.38
N SER F 134 -21.65 30.24 -32.57
CA SER F 134 -21.07 29.78 -33.82
C SER F 134 -19.92 30.72 -34.10
N GLN F 135 -18.75 30.17 -34.45
CA GLN F 135 -17.55 31.00 -34.42
C GLN F 135 -17.51 31.94 -35.62
N THR F 136 -17.17 31.39 -36.79
CA THR F 136 -17.46 31.86 -38.14
C THR F 136 -16.80 33.19 -38.52
N SER F 137 -16.47 34.03 -37.54
CA SER F 137 -15.87 35.32 -37.85
C SER F 137 -15.01 35.84 -36.71
N GLY F 138 -14.55 34.98 -35.80
CA GLY F 138 -14.45 35.50 -34.45
C GLY F 138 -13.68 34.83 -33.34
N ILE F 139 -14.41 34.58 -32.26
CA ILE F 139 -14.08 34.68 -30.84
C ILE F 139 -12.72 34.13 -30.39
N ILE F 140 -12.11 33.23 -31.18
CA ILE F 140 -11.34 32.08 -30.71
C ILE F 140 -10.53 32.27 -29.43
N ILE F 141 -10.78 31.37 -28.48
CA ILE F 141 -10.27 31.40 -27.11
C ILE F 141 -8.85 30.82 -27.12
N ILE F 142 -8.06 31.12 -26.09
CA ILE F 142 -6.82 30.42 -25.79
C ILE F 142 -6.78 30.16 -24.29
N GLY F 143 -6.50 28.91 -23.90
CA GLY F 143 -6.31 28.55 -22.50
C GLY F 143 -4.89 28.08 -22.26
N ALA F 144 -4.46 28.15 -21.00
CA ALA F 144 -3.10 27.79 -20.64
C ALA F 144 -3.00 27.40 -19.17
N THR F 145 -2.30 26.30 -18.91
CA THR F 145 -1.98 25.89 -17.54
C THR F 145 -0.75 25.00 -17.56
N ASN F 146 -0.15 24.83 -16.39
CA ASN F 146 1.01 23.97 -16.24
C ASN F 146 0.66 22.53 -15.92
N PHE F 147 -0.57 22.29 -15.49
CA PHE F 147 -1.03 20.99 -15.01
C PHE F 147 -2.12 20.47 -15.94
N PRO F 148 -1.78 19.70 -16.97
CA PRO F 148 -2.84 19.14 -17.83
C PRO F 148 -3.64 18.06 -17.13
N GLU F 149 -3.10 17.44 -16.08
CA GLU F 149 -3.81 16.41 -15.36
C GLU F 149 -4.95 16.97 -14.51
N ALA F 150 -4.74 18.11 -13.87
CA ALA F 150 -5.69 18.59 -12.87
C ALA F 150 -6.78 19.47 -13.45
N LEU F 151 -6.88 19.60 -14.76
CA LEU F 151 -7.97 20.39 -15.33
C LEU F 151 -9.28 19.64 -15.23
N ASP F 152 -10.37 20.40 -15.25
CA ASP F 152 -11.71 19.82 -15.24
C ASP F 152 -11.94 19.04 -16.52
N LYS F 153 -12.61 17.90 -16.38
CA LYS F 153 -12.81 17.01 -17.52
C LYS F 153 -13.80 17.57 -18.52
N ALA F 154 -14.78 18.36 -18.05
CA ALA F 154 -15.82 18.89 -18.94
C ALA F 154 -15.24 19.84 -19.97
N LEU F 155 -14.24 20.64 -19.59
CA LEU F 155 -13.52 21.47 -20.54
C LEU F 155 -12.76 20.65 -21.58
N THR F 156 -12.35 19.44 -21.24
CA THR F 156 -11.52 18.66 -22.15
C THR F 156 -12.32 17.96 -23.24
N ARG F 157 -13.64 18.09 -23.25
CA ARG F 157 -14.46 17.39 -24.21
C ARG F 157 -14.30 17.99 -25.61
N PRO F 158 -14.53 17.19 -26.65
CA PRO F 158 -14.58 17.75 -28.01
C PRO F 158 -15.77 18.66 -28.18
N GLY F 159 -15.57 19.71 -28.97
CA GLY F 159 -16.49 20.83 -28.99
C GLY F 159 -16.22 21.86 -27.93
N ARG F 160 -15.08 21.76 -27.25
CA ARG F 160 -14.61 22.59 -26.14
C ARG F 160 -13.09 22.59 -26.28
N PHE F 161 -12.34 22.74 -25.19
CA PHE F 161 -10.88 22.80 -25.30
C PHE F 161 -10.32 21.47 -25.79
N ASP F 162 -10.12 21.38 -27.10
CA ASP F 162 -9.84 20.11 -27.76
C ASP F 162 -8.50 20.06 -28.48
N LYS F 163 -7.95 21.17 -28.94
CA LYS F 163 -6.60 21.18 -29.46
C LYS F 163 -5.61 21.50 -28.35
N VAL F 164 -4.62 20.63 -28.19
CA VAL F 164 -3.62 20.75 -27.15
C VAL F 164 -2.27 20.97 -27.80
N VAL F 165 -1.55 22.00 -27.35
CA VAL F 165 -0.22 22.32 -27.87
C VAL F 165 0.71 22.46 -26.67
N ASN F 166 1.98 22.13 -26.87
CA ASN F 166 2.96 22.06 -25.81
C ASN F 166 4.01 23.15 -26.02
N VAL F 167 4.35 23.82 -24.92
CA VAL F 167 5.40 24.84 -24.90
C VAL F 167 6.48 24.28 -23.98
N ASP F 168 7.53 23.72 -24.56
CA ASP F 168 8.49 22.99 -23.75
C ASP F 168 9.76 23.79 -23.49
N LEU F 169 10.70 23.16 -22.79
CA LEU F 169 11.97 23.79 -22.48
C LEU F 169 12.81 23.92 -23.75
N PRO F 170 13.44 25.07 -23.98
CA PRO F 170 14.07 25.34 -25.28
C PRO F 170 15.35 24.53 -25.48
N ASP F 171 15.85 24.60 -26.72
CA ASP F 171 17.06 23.92 -27.14
C ASP F 171 18.23 24.92 -26.99
N VAL F 172 19.38 24.60 -27.59
CA VAL F 172 20.61 25.37 -27.37
C VAL F 172 20.52 26.74 -28.01
N ARG F 173 20.08 26.79 -29.27
CA ARG F 173 19.93 28.09 -29.94
C ARG F 173 18.75 28.87 -29.38
N GLY F 174 17.77 28.16 -28.81
CA GLY F 174 16.71 28.85 -28.09
C GLY F 174 17.23 29.60 -26.88
N ARG F 175 18.06 28.93 -26.07
CA ARG F 175 18.66 29.59 -24.92
C ARG F 175 19.67 30.65 -25.34
N ALA F 176 20.29 30.48 -26.51
CA ALA F 176 21.17 31.51 -27.04
C ALA F 176 20.40 32.77 -27.37
N ASP F 177 19.21 32.62 -27.94
CA ASP F 177 18.47 33.81 -28.34
C ASP F 177 17.72 34.42 -27.16
N ILE F 178 17.35 33.61 -26.17
CA ILE F 178 16.77 34.16 -24.94
C ILE F 178 17.81 34.96 -24.18
N LEU F 179 19.00 34.37 -24.00
CA LEU F 179 20.09 35.08 -23.32
C LEU F 179 20.53 36.31 -24.09
N LYS F 180 20.49 36.28 -25.42
CA LYS F 180 20.81 37.49 -26.19
C LYS F 180 19.75 38.56 -26.00
N HIS F 181 18.47 38.16 -26.00
CA HIS F 181 17.40 39.13 -25.82
C HIS F 181 17.44 39.78 -24.45
N HIS F 182 17.90 39.07 -23.42
CA HIS F 182 18.11 39.74 -22.15
C HIS F 182 19.45 40.46 -22.07
N MET F 183 20.42 40.11 -22.93
CA MET F 183 21.63 40.92 -23.03
C MET F 183 21.38 42.26 -23.71
N LYS F 184 20.28 42.40 -24.42
CA LYS F 184 19.99 43.67 -25.12
C LYS F 184 19.61 44.83 -24.18
N LYS F 185 19.77 44.76 -22.86
CA LYS F 185 19.37 45.83 -21.98
C LYS F 185 20.51 46.32 -21.08
N ILE F 186 21.48 45.48 -20.77
CA ILE F 186 22.57 45.84 -19.87
C ILE F 186 23.80 46.25 -20.67
N THR F 187 24.76 46.86 -19.98
CA THR F 187 26.00 47.33 -20.60
C THR F 187 26.99 46.17 -20.63
N LEU F 188 27.31 45.71 -21.84
CA LEU F 188 28.14 44.52 -22.01
C LEU F 188 29.58 44.87 -22.32
N ALA F 189 30.43 43.87 -22.26
CA ALA F 189 31.80 43.93 -22.75
C ALA F 189 31.82 43.48 -24.20
N ASP F 190 33.00 43.22 -24.75
CA ASP F 190 33.12 42.73 -26.11
C ASP F 190 33.75 41.35 -26.20
N ASN F 191 34.22 40.79 -25.09
CA ASN F 191 34.63 39.40 -25.04
C ASN F 191 33.47 38.53 -24.52
N VAL F 192 32.31 38.68 -25.15
CA VAL F 192 31.07 38.06 -24.70
C VAL F 192 30.64 37.05 -25.75
N ASP F 193 30.29 35.85 -25.29
CA ASP F 193 29.69 34.85 -26.15
C ASP F 193 28.53 34.21 -25.42
N PRO F 194 27.29 34.42 -25.88
CA PRO F 194 26.15 33.75 -25.25
C PRO F 194 26.04 32.29 -25.59
N THR F 195 26.75 31.82 -26.62
CA THR F 195 26.59 30.43 -27.06
C THR F 195 27.25 29.46 -26.08
N ILE F 196 28.35 29.87 -25.46
CA ILE F 196 29.10 28.96 -24.60
C ILE F 196 28.36 28.71 -23.29
N ILE F 197 27.64 29.70 -22.78
CA ILE F 197 26.85 29.47 -21.57
C ILE F 197 25.45 28.98 -21.95
N ALA F 198 25.03 29.27 -23.17
CA ALA F 198 23.76 28.73 -23.67
C ALA F 198 23.83 27.22 -23.78
N ARG F 199 24.92 26.68 -24.33
CA ARG F 199 25.10 25.24 -24.28
C ARG F 199 25.71 24.83 -22.94
N GLY F 200 26.12 25.80 -22.13
CA GLY F 200 26.60 25.57 -20.78
C GLY F 200 25.54 25.27 -19.75
N THR F 201 24.29 25.65 -20.00
CA THR F 201 23.19 25.43 -19.06
C THR F 201 22.17 24.47 -19.68
N PRO F 202 22.28 23.17 -19.41
CA PRO F 202 21.32 22.22 -19.99
C PRO F 202 20.01 22.21 -19.23
N GLY F 203 18.92 22.44 -19.94
CA GLY F 203 17.59 22.19 -19.41
C GLY F 203 17.13 23.12 -18.30
N LEU F 204 16.88 24.38 -18.64
CA LEU F 204 16.28 25.32 -17.70
C LEU F 204 15.41 26.30 -18.47
N SER F 205 14.59 27.05 -17.74
CA SER F 205 13.55 27.87 -18.33
C SER F 205 14.13 29.18 -18.86
N GLY F 206 13.26 30.10 -19.24
CA GLY F 206 13.69 31.41 -19.70
C GLY F 206 13.85 32.40 -18.57
N ALA F 207 12.98 32.29 -17.57
CA ALA F 207 13.06 33.19 -16.42
C ALA F 207 14.31 32.93 -15.58
N GLU F 208 14.77 31.68 -15.53
CA GLU F 208 16.01 31.40 -14.83
C GLU F 208 17.22 31.94 -15.59
N LEU F 209 17.13 32.00 -16.92
CA LEU F 209 18.13 32.72 -17.70
C LEU F 209 18.07 34.22 -17.41
N ALA F 210 16.88 34.76 -17.18
CA ALA F 210 16.77 36.16 -16.80
C ALA F 210 17.33 36.42 -15.40
N ASN F 211 17.28 35.42 -14.52
CA ASN F 211 17.98 35.56 -13.25
C ASN F 211 19.48 35.43 -13.41
N LEU F 212 19.93 34.69 -14.43
CA LEU F 212 21.37 34.59 -14.68
C LEU F 212 21.92 35.95 -15.14
N VAL F 213 21.26 36.56 -16.13
CA VAL F 213 21.68 37.86 -16.62
C VAL F 213 21.52 38.93 -15.55
N ASN F 214 20.41 38.89 -14.82
CA ASN F 214 20.12 39.94 -13.86
C ASN F 214 21.07 39.88 -12.66
N GLN F 215 21.28 38.68 -12.10
CA GLN F 215 22.22 38.57 -10.98
C GLN F 215 23.66 38.77 -11.43
N ALA F 216 23.97 38.47 -12.69
CA ALA F 216 25.32 38.75 -13.18
C ALA F 216 25.57 40.24 -13.31
N ALA F 217 24.56 40.99 -13.76
CA ALA F 217 24.71 42.45 -13.84
C ALA F 217 24.75 43.09 -12.46
N VAL F 218 24.03 42.51 -11.49
CA VAL F 218 24.14 42.98 -10.10
C VAL F 218 25.56 42.74 -9.58
N TYR F 219 26.15 41.59 -9.92
CA TYR F 219 27.49 41.30 -9.43
C TYR F 219 28.55 42.16 -10.10
N ALA F 220 28.40 42.46 -11.39
CA ALA F 220 29.38 43.31 -12.06
C ALA F 220 29.25 44.76 -11.61
N CYS F 221 28.02 45.24 -11.45
CA CYS F 221 27.80 46.59 -10.97
C CYS F 221 28.10 46.71 -9.48
N GLN F 222 28.24 45.58 -8.78
CA GLN F 222 28.53 45.56 -7.36
C GLN F 222 29.95 46.04 -7.06
N LYS F 223 30.90 45.79 -7.96
CA LYS F 223 32.29 46.10 -7.66
C LYS F 223 32.81 47.34 -8.38
N ASN F 224 31.92 48.17 -8.92
CA ASN F 224 32.26 49.40 -9.64
C ASN F 224 33.16 49.11 -10.84
N ALA F 225 32.87 48.05 -11.56
CA ALA F 225 33.63 47.72 -12.75
C ALA F 225 33.06 48.46 -13.95
N VAL F 226 33.67 48.26 -15.11
CA VAL F 226 33.30 49.01 -16.30
C VAL F 226 32.06 48.41 -16.95
N SER F 227 32.15 47.14 -17.36
CA SER F 227 31.08 46.48 -18.08
C SER F 227 30.99 45.05 -17.56
N VAL F 228 30.27 44.21 -18.30
CA VAL F 228 29.98 42.84 -17.89
C VAL F 228 30.68 41.91 -18.87
N ASP F 229 31.76 41.26 -18.45
CA ASP F 229 32.49 40.34 -19.29
C ASP F 229 32.00 38.91 -19.04
N MET F 230 32.75 37.93 -19.55
CA MET F 230 32.32 36.54 -19.39
C MET F 230 32.61 36.02 -17.98
N SER F 231 33.43 36.74 -17.20
CA SER F 231 33.66 36.34 -15.83
C SER F 231 32.41 36.49 -14.96
N HIS F 232 31.58 37.49 -15.26
CA HIS F 232 30.39 37.71 -14.44
C HIS F 232 29.28 36.74 -14.80
N PHE F 233 29.05 36.55 -16.11
CA PHE F 233 28.11 35.54 -16.58
C PHE F 233 28.53 34.14 -16.14
N GLU F 234 29.84 33.89 -16.12
CA GLU F 234 30.34 32.62 -15.63
C GLU F 234 30.13 32.47 -14.13
N TRP F 235 30.27 33.59 -13.40
CA TRP F 235 30.09 33.56 -11.95
C TRP F 235 28.63 33.26 -11.59
N ALA F 236 27.70 34.02 -12.16
CA ALA F 236 26.30 33.81 -11.84
C ALA F 236 25.77 32.51 -12.42
N LYS F 237 26.38 32.03 -13.51
CA LYS F 237 26.05 30.71 -14.03
C LYS F 237 26.43 29.63 -13.03
N ASP F 238 27.65 29.69 -12.52
CA ASP F 238 28.07 28.71 -11.53
C ASP F 238 27.48 28.97 -10.15
N LYS F 239 26.76 30.07 -9.95
CA LYS F 239 26.02 30.27 -8.71
C LYS F 239 24.62 29.66 -8.81
N ILE F 240 23.90 29.94 -9.88
CA ILE F 240 22.53 29.42 -10.00
C ILE F 240 22.56 27.92 -10.34
N LEU F 241 23.55 27.48 -11.10
CA LEU F 241 23.60 26.07 -11.49
C LEU F 241 23.99 25.18 -10.31
N MET F 242 25.13 25.46 -9.68
CA MET F 242 25.72 24.56 -8.70
C MET F 242 26.08 25.30 -7.43
N GLY F 243 25.20 25.24 -6.44
CA GLY F 243 25.56 25.65 -5.09
C GLY F 243 25.70 27.15 -4.94
N ALA F 244 26.85 27.57 -4.44
CA ALA F 244 27.17 28.97 -4.17
C ALA F 244 28.68 29.10 -4.03
N GLU F 245 29.10 30.26 -3.53
CA GLU F 245 30.51 30.53 -3.31
C GLU F 245 30.83 30.39 -1.82
N ARG F 246 31.93 29.70 -1.51
CA ARG F 246 32.35 29.45 -0.13
C ARG F 246 33.79 29.89 0.03
N LYS F 247 33.99 31.07 0.63
CA LYS F 247 35.27 31.73 0.71
C LYS F 247 35.96 31.56 2.06
N THR F 248 35.35 30.83 2.99
CA THR F 248 35.83 30.80 4.37
C THR F 248 36.37 29.44 4.78
N MET F 249 36.74 28.59 3.83
CA MET F 249 37.22 27.25 4.16
C MET F 249 38.73 27.28 4.42
N VAL F 250 39.15 26.59 5.49
CA VAL F 250 40.57 26.44 5.80
C VAL F 250 40.96 24.99 5.51
N LEU F 251 41.95 24.81 4.66
CA LEU F 251 42.32 23.50 4.14
C LEU F 251 43.75 23.14 4.51
N THR F 252 43.94 21.88 4.89
CA THR F 252 45.28 21.32 4.99
C THR F 252 45.77 21.02 3.56
N ASP F 253 47.08 20.90 3.39
CA ASP F 253 47.63 20.71 2.05
C ASP F 253 47.58 19.28 1.56
N ALA F 254 47.47 18.31 2.47
CA ALA F 254 47.27 16.93 2.04
C ALA F 254 45.90 16.76 1.37
N ALA F 255 44.87 17.45 1.87
CA ALA F 255 43.57 17.41 1.24
C ALA F 255 43.58 18.13 -0.10
N ARG F 256 44.31 19.24 -0.18
CA ARG F 256 44.38 19.98 -1.44
C ARG F 256 45.14 19.22 -2.50
N LYS F 257 46.16 18.45 -2.13
CA LYS F 257 46.83 17.67 -3.16
C LYS F 257 46.05 16.40 -3.48
N ALA F 258 45.22 15.94 -2.54
CA ALA F 258 44.37 14.78 -2.83
C ALA F 258 43.29 15.14 -3.85
N THR F 259 42.55 16.23 -3.59
CA THR F 259 41.57 16.69 -4.56
C THR F 259 42.21 17.19 -5.84
N ALA F 260 43.45 17.69 -5.78
CA ALA F 260 44.19 18.01 -6.99
C ALA F 260 44.44 16.77 -7.82
N PHE F 261 44.73 15.64 -7.18
CA PHE F 261 44.90 14.40 -7.94
C PHE F 261 43.57 13.88 -8.49
N HIS F 262 42.47 14.13 -7.78
CA HIS F 262 41.16 13.72 -8.28
C HIS F 262 40.81 14.48 -9.55
N GLU F 263 40.96 15.81 -9.53
CA GLU F 263 40.61 16.60 -10.70
C GLU F 263 41.60 16.43 -11.82
N ALA F 264 42.86 16.17 -11.51
CA ALA F 264 43.83 15.89 -12.56
C ALA F 264 43.55 14.55 -13.21
N GLY F 265 43.02 13.58 -12.46
CA GLY F 265 42.63 12.31 -13.06
C GLY F 265 41.44 12.45 -14.00
N HIS F 266 40.37 13.10 -13.51
CA HIS F 266 39.19 13.35 -14.35
C HIS F 266 39.51 14.21 -15.56
N ALA F 267 40.40 15.19 -15.42
CA ALA F 267 40.70 16.07 -16.53
C ALA F 267 41.56 15.38 -17.58
N ILE F 268 42.58 14.63 -17.13
CA ILE F 268 43.46 13.96 -18.09
C ILE F 268 42.72 12.88 -18.85
N MET F 269 42.04 11.96 -18.17
CA MET F 269 41.39 10.98 -19.01
C MET F 269 39.99 11.42 -19.41
N ALA F 270 39.63 12.67 -19.13
CA ALA F 270 38.55 13.29 -19.86
C ALA F 270 39.03 13.83 -21.21
N LYS F 271 40.29 14.21 -21.33
CA LYS F 271 40.73 14.75 -22.61
C LYS F 271 41.51 13.76 -23.48
N TYR F 272 42.21 12.79 -22.92
CA TYR F 272 43.02 11.89 -23.72
C TYR F 272 42.28 10.63 -24.15
N THR F 273 41.03 10.45 -23.76
CA THR F 273 40.38 9.16 -23.93
C THR F 273 40.00 8.97 -25.40
N ASN F 274 40.47 7.86 -25.97
CA ASN F 274 40.37 7.61 -27.40
C ASN F 274 38.93 7.29 -27.77
N GLY F 275 38.12 8.33 -27.82
CA GLY F 275 36.68 8.20 -27.85
C GLY F 275 36.11 9.57 -28.12
N ALA F 276 35.08 9.97 -27.37
CA ALA F 276 34.45 11.26 -27.64
C ALA F 276 33.87 11.80 -26.34
N THR F 277 34.47 12.87 -25.84
CA THR F 277 33.99 13.69 -24.75
C THR F 277 34.76 15.00 -24.77
N PRO F 278 34.15 16.13 -24.42
CA PRO F 278 34.89 17.40 -24.45
C PRO F 278 35.54 17.72 -23.10
N LEU F 279 36.28 18.83 -23.03
CA LEU F 279 36.88 19.28 -21.78
C LEU F 279 36.90 20.80 -21.76
N TYR F 280 36.31 21.40 -20.74
CA TYR F 280 36.17 22.84 -20.70
C TYR F 280 36.94 23.49 -19.56
N LYS F 281 36.68 23.17 -18.30
CA LYS F 281 37.24 23.95 -17.21
C LYS F 281 37.30 23.13 -15.93
N ALA F 282 38.47 22.64 -15.57
CA ALA F 282 38.66 22.01 -14.28
C ALA F 282 38.80 23.07 -13.20
N THR F 283 38.55 22.68 -11.95
CA THR F 283 38.77 23.57 -10.83
C THR F 283 39.01 22.76 -9.56
N ILE F 284 39.30 23.46 -8.47
CA ILE F 284 39.46 22.84 -7.16
C ILE F 284 38.67 23.57 -6.09
N LEU F 285 38.09 24.72 -6.41
CA LEU F 285 37.40 25.55 -5.44
C LEU F 285 36.12 24.90 -4.96
N PRO F 286 35.83 24.92 -3.65
CA PRO F 286 34.57 24.33 -3.16
C PRO F 286 33.39 25.21 -3.51
N ARG F 287 32.53 24.71 -4.41
CA ARG F 287 31.35 25.44 -4.86
C ARG F 287 30.19 25.10 -3.93
N GLY F 288 30.17 25.73 -2.76
CA GLY F 288 29.11 25.48 -1.81
C GLY F 288 29.31 24.21 -1.01
N ARG F 289 29.05 23.06 -1.63
CA ARG F 289 29.35 21.78 -0.99
C ARG F 289 30.28 20.91 -1.83
N ALA F 290 30.06 20.81 -3.14
CA ALA F 290 30.89 19.99 -4.00
C ALA F 290 32.20 20.70 -4.29
N LEU F 291 33.27 20.22 -3.65
CA LEU F 291 34.62 20.68 -3.94
C LEU F 291 35.20 19.77 -5.00
N GLY F 292 35.96 20.36 -5.93
CA GLY F 292 36.53 19.53 -6.97
C GLY F 292 35.67 19.32 -8.21
N ILE F 293 35.39 20.37 -8.98
CA ILE F 293 34.53 20.20 -10.15
C ILE F 293 35.35 20.16 -11.42
N THR F 294 34.94 19.30 -12.36
CA THR F 294 35.29 19.45 -13.77
C THR F 294 34.04 19.86 -14.53
N PHE F 295 34.23 20.61 -15.61
CA PHE F 295 33.12 20.99 -16.48
C PHE F 295 33.39 20.46 -17.88
N GLN F 296 32.32 20.08 -18.56
CA GLN F 296 32.38 19.58 -19.93
C GLN F 296 31.26 20.20 -20.73
N LEU F 297 31.52 20.48 -22.01
CA LEU F 297 30.59 21.20 -22.86
C LEU F 297 30.19 20.39 -24.08
N PRO F 298 29.09 19.67 -24.05
CA PRO F 298 28.71 18.83 -25.19
C PRO F 298 27.78 19.52 -26.17
N GLU F 299 27.89 19.16 -27.45
CA GLU F 299 26.97 19.56 -28.52
C GLU F 299 27.24 18.66 -29.73
N MET F 300 26.19 18.24 -30.44
CA MET F 300 24.79 18.51 -30.12
C MET F 300 24.17 17.31 -29.42
N ASP F 301 23.05 17.56 -28.74
CA ASP F 301 22.44 16.60 -27.81
C ASP F 301 21.54 15.65 -28.61
N LYS F 302 22.16 14.86 -29.48
CA LYS F 302 21.43 13.96 -30.36
C LYS F 302 21.01 12.70 -29.60
N VAL F 303 20.26 11.86 -30.29
CA VAL F 303 19.63 10.69 -29.69
C VAL F 303 20.61 9.52 -29.77
N ASP F 304 21.78 9.76 -30.35
CA ASP F 304 22.67 8.67 -30.74
C ASP F 304 24.02 8.74 -30.03
N ILE F 305 24.02 8.87 -28.71
CA ILE F 305 25.25 8.59 -27.96
C ILE F 305 25.61 7.12 -28.17
N THR F 306 26.78 6.90 -28.72
CA THR F 306 27.13 5.64 -29.36
C THR F 306 27.71 4.73 -28.29
N LYS F 307 28.30 3.59 -28.66
CA LYS F 307 29.09 2.86 -27.67
C LYS F 307 30.39 3.59 -27.34
N ARG F 308 30.91 4.36 -28.29
CA ARG F 308 32.19 5.03 -28.07
C ARG F 308 32.05 6.16 -27.05
N GLU F 309 30.97 6.93 -27.13
CA GLU F 309 30.70 7.95 -26.11
C GLU F 309 30.31 7.35 -24.78
N CYS F 310 29.67 6.18 -24.76
CA CYS F 310 29.29 5.58 -23.49
C CYS F 310 30.49 5.03 -22.75
N GLN F 311 31.33 4.25 -23.43
CA GLN F 311 32.55 3.75 -22.80
C GLN F 311 33.52 4.89 -22.49
N ALA F 312 33.51 5.95 -23.29
CA ALA F 312 34.28 7.12 -22.94
C ALA F 312 33.73 7.79 -21.69
N ARG F 313 32.41 7.72 -21.47
CA ARG F 313 31.83 8.33 -20.28
C ARG F 313 32.16 7.50 -19.03
N LEU F 314 32.19 6.18 -19.17
CA LEU F 314 32.64 5.34 -18.06
C LEU F 314 34.11 5.55 -17.77
N ASP F 315 34.91 5.86 -18.78
CA ASP F 315 36.32 6.12 -18.52
C ASP F 315 36.52 7.50 -17.90
N VAL F 316 35.63 8.44 -18.18
CA VAL F 316 35.67 9.70 -17.46
C VAL F 316 35.33 9.49 -16.00
N CYS F 317 34.35 8.63 -15.71
CA CYS F 317 33.92 8.53 -14.31
C CYS F 317 34.79 7.60 -13.45
N MET F 318 36.04 7.27 -13.83
CA MET F 318 36.90 6.50 -12.94
C MET F 318 38.32 7.03 -12.86
N GLY F 319 38.60 8.20 -13.43
CA GLY F 319 39.91 8.80 -13.30
C GLY F 319 40.25 9.22 -11.89
N GLY F 320 39.25 9.49 -11.07
CA GLY F 320 39.52 9.89 -9.70
C GLY F 320 39.93 8.73 -8.83
N LYS F 321 39.17 7.64 -8.88
CA LYS F 321 39.50 6.44 -8.13
C LYS F 321 40.82 5.84 -8.60
N ILE F 322 41.06 5.86 -9.90
CA ILE F 322 42.32 5.31 -10.39
C ILE F 322 43.50 6.25 -10.13
N ALA F 323 43.28 7.56 -10.13
CA ALA F 323 44.35 8.49 -9.77
C ALA F 323 44.76 8.32 -8.32
N GLU F 324 43.78 8.30 -7.41
CA GLU F 324 44.08 8.10 -5.99
C GLU F 324 44.61 6.72 -5.69
N GLU F 325 44.31 5.71 -6.50
CA GLU F 325 44.97 4.42 -6.32
C GLU F 325 46.43 4.50 -6.75
N LEU F 326 46.69 5.03 -7.94
CA LEU F 326 48.04 4.96 -8.49
C LEU F 326 49.01 5.90 -7.80
N ILE F 327 48.55 6.89 -7.07
CA ILE F 327 49.50 7.70 -6.32
C ILE F 327 49.68 7.17 -4.90
N TYR F 328 48.59 6.97 -4.17
CA TYR F 328 48.64 6.76 -2.73
C TYR F 328 48.55 5.30 -2.32
N GLY F 329 48.53 4.36 -3.26
CA GLY F 329 48.32 2.97 -2.93
C GLY F 329 46.85 2.64 -2.77
N LYS F 330 46.56 1.34 -2.73
CA LYS F 330 45.16 0.91 -2.72
C LYS F 330 44.50 1.15 -1.36
N ASP F 331 45.29 1.23 -0.29
CA ASP F 331 44.73 1.41 1.04
C ASP F 331 44.53 2.87 1.40
N ASN F 332 44.32 3.72 0.40
CA ASN F 332 44.00 5.12 0.64
C ASN F 332 42.86 5.60 -0.26
N THR F 333 42.04 4.68 -0.76
CA THR F 333 40.85 5.06 -1.51
C THR F 333 39.85 5.73 -0.57
N THR F 334 39.48 6.96 -0.89
CA THR F 334 38.66 7.75 0.03
C THR F 334 37.21 7.29 0.00
N SER F 335 36.42 7.88 0.90
CA SER F 335 34.97 7.69 0.91
C SER F 335 34.27 8.56 -0.12
N GLY F 336 35.02 9.31 -0.91
CA GLY F 336 34.53 9.81 -2.18
C GLY F 336 34.55 8.69 -3.20
N CYS F 337 34.44 9.11 -4.48
CA CYS F 337 34.25 8.23 -5.64
C CYS F 337 33.16 7.18 -5.42
N GLY F 338 32.09 7.58 -4.73
CA GLY F 338 30.89 6.79 -4.68
C GLY F 338 29.87 7.50 -5.55
N SER F 339 29.91 8.82 -5.48
CA SER F 339 29.10 9.68 -6.34
C SER F 339 29.53 9.63 -7.79
N ASP F 340 30.73 9.11 -8.08
CA ASP F 340 31.13 8.85 -9.45
C ASP F 340 30.71 7.46 -9.90
N LEU F 341 30.79 6.48 -9.01
CA LEU F 341 30.35 5.13 -9.32
C LEU F 341 28.85 5.05 -9.51
N GLN F 342 28.09 6.00 -8.96
CA GLN F 342 26.65 6.02 -9.16
C GLN F 342 26.30 6.28 -10.62
N SER F 343 26.95 7.27 -11.24
CA SER F 343 26.71 7.55 -12.64
C SER F 343 27.39 6.55 -13.55
N ALA F 344 28.50 5.94 -13.11
CA ALA F 344 29.09 4.85 -13.88
C ALA F 344 28.16 3.65 -13.94
N THR F 345 27.49 3.33 -12.82
CA THR F 345 26.54 2.23 -12.80
C THR F 345 25.31 2.54 -13.63
N GLY F 346 24.81 3.79 -13.54
CA GLY F 346 23.66 4.18 -14.35
C GLY F 346 23.91 4.08 -15.84
N THR F 347 25.08 4.55 -16.28
CA THR F 347 25.43 4.45 -17.69
C THR F 347 25.65 3.00 -18.12
N ALA F 348 26.23 2.16 -17.26
CA ALA F 348 26.48 0.79 -17.67
C ALA F 348 25.18 -0.01 -17.76
N ARG F 349 24.26 0.18 -16.81
CA ARG F 349 22.98 -0.50 -16.87
C ARG F 349 22.14 -0.03 -18.05
N ALA F 350 22.24 1.25 -18.39
CA ALA F 350 21.59 1.70 -19.62
C ALA F 350 22.23 1.08 -20.85
N MET F 351 23.52 0.78 -20.81
CA MET F 351 24.14 0.10 -21.94
C MET F 351 23.66 -1.32 -22.09
N VAL F 352 23.51 -2.06 -21.00
CA VAL F 352 23.17 -3.48 -21.15
C VAL F 352 21.67 -3.69 -21.29
N THR F 353 20.84 -2.98 -20.52
CA THR F 353 19.41 -3.29 -20.54
C THR F 353 18.70 -2.66 -21.72
N GLN F 354 18.69 -1.33 -21.80
CA GLN F 354 17.85 -0.66 -22.79
C GLN F 354 18.39 -0.82 -24.21
N TYR F 355 19.57 -0.28 -24.47
CA TYR F 355 20.12 -0.35 -25.82
C TYR F 355 20.68 -1.74 -26.04
N GLY F 356 20.86 -2.12 -27.29
CA GLY F 356 21.30 -3.47 -27.54
C GLY F 356 22.81 -3.64 -27.57
N MET F 357 23.50 -3.05 -26.60
CA MET F 357 24.94 -2.89 -26.68
C MET F 357 25.71 -4.02 -26.01
N SER F 358 25.05 -5.06 -25.53
CA SER F 358 25.74 -6.18 -24.90
C SER F 358 25.44 -7.45 -25.66
N ASP F 359 26.49 -8.15 -26.07
CA ASP F 359 26.33 -9.22 -27.05
C ASP F 359 26.08 -10.58 -26.40
N ASP F 360 25.90 -10.62 -25.09
CA ASP F 360 25.60 -11.88 -24.43
C ASP F 360 24.20 -11.92 -23.85
N VAL F 361 23.60 -10.77 -23.57
CA VAL F 361 22.18 -10.72 -23.28
C VAL F 361 21.36 -10.95 -24.54
N GLY F 362 21.51 -10.04 -25.49
CA GLY F 362 20.82 -10.14 -26.76
C GLY F 362 20.35 -8.78 -27.23
N PRO F 363 19.45 -8.76 -28.19
CA PRO F 363 18.83 -7.48 -28.59
C PRO F 363 17.63 -7.06 -27.76
N VAL F 364 17.48 -7.60 -26.57
CA VAL F 364 16.27 -7.45 -25.77
C VAL F 364 16.28 -6.11 -25.03
N ASN F 365 15.09 -5.50 -24.92
CA ASN F 365 14.85 -4.35 -24.06
C ASN F 365 14.36 -4.88 -22.72
N LEU F 366 15.25 -4.92 -21.72
CA LEU F 366 14.94 -5.45 -20.41
C LEU F 366 14.51 -4.39 -19.40
N SER F 367 14.09 -3.21 -19.84
CA SER F 367 14.04 -2.11 -18.89
C SER F 367 12.63 -1.68 -18.56
N GLU F 368 11.68 -1.83 -19.48
CA GLU F 368 10.35 -1.33 -19.20
C GLU F 368 9.57 -2.27 -18.31
N GLU F 369 10.07 -3.49 -18.13
CA GLU F 369 9.59 -4.38 -17.08
C GLU F 369 10.83 -5.08 -16.51
N TRP F 370 11.41 -4.50 -15.46
CA TRP F 370 12.59 -5.13 -14.89
C TRP F 370 12.20 -6.32 -14.03
N GLU F 371 11.02 -6.25 -13.43
CA GLU F 371 10.39 -7.45 -12.91
C GLU F 371 9.82 -8.25 -14.07
N SER F 372 9.14 -9.34 -13.73
CA SER F 372 8.47 -10.26 -14.65
C SER F 372 9.41 -10.96 -15.61
N TRP F 373 10.73 -10.87 -15.44
CA TRP F 373 11.67 -11.72 -16.15
C TRP F 373 12.18 -12.78 -15.19
N SER F 374 12.82 -13.80 -15.74
CA SER F 374 13.35 -14.86 -14.91
C SER F 374 14.60 -14.40 -14.19
N ASN F 375 15.13 -15.27 -13.35
CA ASN F 375 16.30 -14.89 -12.56
C ASN F 375 17.57 -15.06 -13.37
N LYS F 376 17.59 -16.00 -14.31
CA LYS F 376 18.79 -16.30 -15.07
C LYS F 376 19.17 -15.16 -16.00
N ILE F 377 18.17 -14.49 -16.56
CA ILE F 377 18.44 -13.38 -17.47
C ILE F 377 18.94 -12.17 -16.70
N ARG F 378 18.44 -11.97 -15.48
CA ARG F 378 18.95 -10.90 -14.64
C ARG F 378 20.37 -11.20 -14.17
N ASP F 379 20.70 -12.48 -13.99
CA ASP F 379 22.08 -12.84 -13.66
C ASP F 379 23.03 -12.54 -14.81
N ILE F 380 22.62 -12.85 -16.04
CA ILE F 380 23.47 -12.57 -17.19
C ILE F 380 23.59 -11.08 -17.43
N ALA F 381 22.48 -10.34 -17.27
CA ALA F 381 22.51 -8.89 -17.48
C ALA F 381 23.38 -8.18 -16.44
N ASP F 382 23.21 -8.52 -15.16
CA ASP F 382 23.99 -7.87 -14.13
C ASP F 382 25.45 -8.28 -14.19
N ASN F 383 25.72 -9.51 -14.65
CA ASN F 383 27.10 -9.92 -14.84
C ASN F 383 27.76 -9.12 -15.95
N GLU F 384 27.01 -8.81 -17.01
CA GLU F 384 27.58 -7.97 -18.08
C GLU F 384 27.83 -6.55 -17.60
N VAL F 385 26.94 -6.01 -16.76
CA VAL F 385 27.15 -4.66 -16.23
C VAL F 385 28.42 -4.59 -15.39
N ILE F 386 28.62 -5.59 -14.53
CA ILE F 386 29.82 -5.61 -13.70
C ILE F 386 31.08 -5.80 -14.53
N GLU F 387 31.01 -6.58 -15.60
CA GLU F 387 32.19 -6.73 -16.45
C GLU F 387 32.52 -5.45 -17.21
N LEU F 388 31.51 -4.66 -17.57
CA LEU F 388 31.80 -3.38 -18.23
C LEU F 388 32.42 -2.38 -17.25
N LEU F 389 32.00 -2.39 -15.99
CA LEU F 389 32.70 -1.52 -15.04
C LEU F 389 34.11 -1.99 -14.74
N LYS F 390 34.35 -3.31 -14.75
CA LYS F 390 35.70 -3.79 -14.49
C LYS F 390 36.67 -3.45 -15.62
N ASP F 391 36.30 -3.71 -16.88
CA ASP F 391 37.28 -3.41 -17.92
C ASP F 391 37.38 -1.92 -18.19
N SER F 392 36.32 -1.14 -17.88
CA SER F 392 36.50 0.31 -17.86
C SER F 392 37.52 0.73 -16.81
N GLU F 393 37.54 0.06 -15.65
CA GLU F 393 38.56 0.36 -14.65
C GLU F 393 39.94 -0.01 -15.14
N GLU F 394 40.05 -1.11 -15.89
CA GLU F 394 41.36 -1.53 -16.38
C GLU F 394 41.90 -0.57 -17.43
N ARG F 395 41.03 -0.08 -18.32
CA ARG F 395 41.47 0.91 -19.30
C ARG F 395 41.89 2.21 -18.63
N ALA F 396 41.16 2.63 -17.59
CA ALA F 396 41.57 3.81 -16.84
C ALA F 396 42.90 3.60 -16.13
N ARG F 397 43.16 2.37 -15.70
CA ARG F 397 44.41 2.04 -15.03
C ARG F 397 45.60 2.15 -15.96
N ARG F 398 45.47 1.67 -17.19
CA ARG F 398 46.64 1.74 -18.06
C ARG F 398 46.81 3.14 -18.67
N LEU F 399 45.71 3.84 -18.97
CA LEU F 399 45.89 5.15 -19.57
C LEU F 399 46.28 6.19 -18.53
N LEU F 400 46.10 5.89 -17.25
CA LEU F 400 46.79 6.75 -16.28
C LEU F 400 48.11 6.18 -15.78
N THR F 401 48.48 4.94 -16.14
CA THR F 401 49.81 4.51 -15.75
C THR F 401 50.83 4.89 -16.81
N LYS F 402 50.37 5.26 -18.01
CA LYS F 402 51.34 5.67 -19.02
C LYS F 402 51.39 7.17 -19.27
N LYS F 403 50.69 7.98 -18.47
CA LYS F 403 50.75 9.44 -18.61
C LYS F 403 50.86 10.09 -17.24
N ASN F 404 51.81 9.62 -16.44
CA ASN F 404 51.98 10.12 -15.08
C ASN F 404 52.52 11.54 -15.06
N VAL F 405 53.23 11.94 -16.12
CA VAL F 405 53.94 13.22 -16.12
C VAL F 405 52.96 14.37 -16.18
N GLU F 406 51.97 14.29 -17.06
CA GLU F 406 50.90 15.27 -17.10
C GLU F 406 50.04 15.23 -15.84
N LEU F 407 50.02 14.09 -15.14
CA LEU F 407 49.27 14.01 -13.89
C LEU F 407 49.93 14.86 -12.82
N HIS F 408 51.26 14.83 -12.75
CA HIS F 408 51.90 15.69 -11.77
C HIS F 408 51.94 17.15 -12.21
N ARG F 409 52.09 17.41 -13.52
CA ARG F 409 52.12 18.79 -14.00
C ARG F 409 50.78 19.47 -13.83
N LEU F 410 49.71 18.82 -14.29
CA LEU F 410 48.35 19.34 -14.10
C LEU F 410 47.96 19.36 -12.64
N ALA F 411 48.50 18.43 -11.85
CA ALA F 411 48.20 18.39 -10.42
C ALA F 411 48.73 19.63 -9.71
N GLN F 412 50.04 19.85 -9.78
CA GLN F 412 50.59 21.01 -9.07
C GLN F 412 50.28 22.30 -9.79
N GLY F 413 49.87 22.23 -11.05
CA GLY F 413 49.25 23.38 -11.68
C GLY F 413 47.93 23.74 -11.02
N LEU F 414 47.13 22.73 -10.68
CA LEU F 414 45.89 22.97 -9.94
C LEU F 414 46.13 23.33 -8.49
N ILE F 415 47.30 23.04 -7.94
CA ILE F 415 47.59 23.49 -6.59
C ILE F 415 48.05 24.95 -6.59
N GLU F 416 48.94 25.30 -7.51
CA GLU F 416 49.50 26.64 -7.54
C GLU F 416 48.49 27.66 -8.05
N TYR F 417 47.68 27.28 -9.04
CA TYR F 417 46.57 28.09 -9.51
C TYR F 417 45.27 27.54 -8.94
N GLU F 418 44.17 28.09 -9.42
CA GLU F 418 42.86 27.46 -9.42
C GLU F 418 42.21 27.74 -10.76
N THR F 419 41.24 26.90 -11.12
CA THR F 419 40.30 27.14 -12.24
C THR F 419 41.05 27.27 -13.57
N LEU F 420 41.63 26.17 -13.99
CA LEU F 420 42.23 26.09 -15.32
C LEU F 420 41.16 25.77 -16.35
N ASP F 421 41.38 26.19 -17.58
CA ASP F 421 40.54 25.74 -18.69
C ASP F 421 41.39 25.00 -19.72
N ALA F 422 40.75 24.60 -20.83
CA ALA F 422 41.33 23.61 -21.73
C ALA F 422 42.58 24.13 -22.45
N HIS F 423 42.61 25.41 -22.78
CA HIS F 423 43.83 26.04 -23.27
C HIS F 423 44.91 26.01 -22.20
N GLU F 424 44.57 26.42 -20.98
CA GLU F 424 45.54 26.45 -19.90
C GLU F 424 45.89 25.05 -19.41
N ILE F 425 44.95 24.09 -19.47
CA ILE F 425 45.30 22.71 -19.17
C ILE F 425 46.27 22.18 -20.21
N GLU F 426 46.08 22.57 -21.48
CA GLU F 426 46.98 22.16 -22.54
C GLU F 426 48.38 22.76 -22.35
N GLN F 427 48.46 24.00 -21.89
CA GLN F 427 49.78 24.58 -21.65
C GLN F 427 50.44 24.05 -20.38
N VAL F 428 49.67 23.75 -19.34
CA VAL F 428 50.24 23.23 -18.10
C VAL F 428 50.72 21.80 -18.30
N CYS F 429 50.03 21.02 -19.12
CA CYS F 429 50.45 19.65 -19.34
C CYS F 429 51.67 19.53 -20.25
N LYS F 430 52.16 20.63 -20.81
CA LYS F 430 53.34 20.61 -21.66
C LYS F 430 54.55 21.29 -21.04
N GLY F 431 54.51 21.59 -19.74
CA GLY F 431 55.63 22.22 -19.09
C GLY F 431 55.82 23.68 -19.44
N GLU F 432 54.85 24.31 -20.09
CA GLU F 432 54.96 25.71 -20.47
C GLU F 432 54.48 26.59 -19.33
N LYS F 433 55.20 27.68 -19.12
CA LYS F 433 54.80 28.65 -18.10
C LYS F 433 53.54 29.38 -18.57
N LEU F 434 52.63 29.60 -17.64
CA LEU F 434 51.24 29.86 -18.00
C LEU F 434 50.92 31.35 -18.08
N ALA F 435 51.77 32.21 -17.49
CA ALA F 435 51.64 33.68 -17.50
C ALA F 435 50.32 34.13 -16.91
N LYS F 436 50.20 33.86 -15.60
CA LYS F 436 48.99 34.15 -14.85
C LYS F 436 49.37 34.32 -13.39
N LEU F 437 48.61 35.14 -12.67
CA LEU F 437 48.86 35.37 -11.25
C LEU F 437 48.51 34.13 -10.44
N LYS F 438 49.43 33.68 -9.60
CA LYS F 438 49.22 32.49 -8.80
C LYS F 438 48.24 32.78 -7.66
N THR F 439 47.85 31.73 -6.95
CA THR F 439 47.03 31.86 -5.76
C THR F 439 47.34 30.77 -4.75
N UNK G 1 -11.01 8.63 1.74
CA UNK G 1 -10.45 9.13 2.98
C UNK G 1 -11.25 10.32 3.50
N UNK G 2 -12.08 10.10 4.51
CA UNK G 2 -12.93 11.14 5.07
C UNK G 2 -12.09 12.24 5.70
N UNK G 3 -12.66 13.44 5.75
CA UNK G 3 -11.96 14.62 6.25
C UNK G 3 -12.88 15.38 7.19
N UNK G 4 -12.43 15.58 8.42
CA UNK G 4 -13.11 16.51 9.30
C UNK G 4 -12.92 17.94 8.79
N UNK G 5 -14.01 18.71 8.78
CA UNK G 5 -14.04 19.93 7.98
C UNK G 5 -13.31 21.09 8.64
N UNK G 6 -13.75 21.51 9.82
CA UNK G 6 -13.32 22.75 10.46
C UNK G 6 -13.69 23.96 9.59
N UNK G 7 -15.00 24.16 9.47
CA UNK G 7 -15.54 25.20 8.61
C UNK G 7 -15.48 26.56 9.27
N UNK G 8 -14.96 27.55 8.54
CA UNK G 8 -14.92 28.92 9.02
C UNK G 8 -16.31 29.56 8.93
N UNK G 9 -16.68 30.30 9.96
CA UNK G 9 -18.01 30.90 10.05
C UNK G 9 -18.04 32.20 9.26
N UNK G 10 -18.73 32.21 8.13
CA UNK G 10 -18.89 33.40 7.31
C UNK G 10 -19.85 34.39 7.97
N LYS A 1 22.32 42.78 15.43
CA LYS A 1 23.72 43.17 15.42
C LYS A 1 24.56 42.05 14.85
N PHE A 2 25.00 42.23 13.60
CA PHE A 2 25.57 41.13 12.81
C PHE A 2 26.78 40.48 13.45
N ASP A 3 27.44 41.15 14.40
CA ASP A 3 28.54 40.51 15.11
C ASP A 3 28.03 39.43 16.04
N ASP A 4 26.72 39.40 16.33
CA ASP A 4 26.15 38.31 17.11
C ASP A 4 26.01 37.05 16.28
N VAL A 5 25.52 37.16 15.05
CA VAL A 5 25.43 36.00 14.18
C VAL A 5 26.82 35.56 13.77
N CYS A 6 27.30 34.46 14.36
CA CYS A 6 28.65 33.99 14.09
C CYS A 6 28.58 32.54 13.65
N GLY A 7 29.34 32.21 12.62
CA GLY A 7 29.41 30.86 12.12
C GLY A 7 28.76 30.63 10.78
N CYS A 8 27.96 31.57 10.29
CA CYS A 8 27.44 31.57 8.93
C CYS A 8 27.80 32.92 8.31
N ASP A 9 28.97 32.98 7.67
CA ASP A 9 29.48 34.25 7.20
C ASP A 9 28.81 34.68 5.91
N GLU A 10 28.54 33.73 5.00
CA GLU A 10 28.03 34.09 3.69
C GLU A 10 26.63 34.68 3.78
N ALA A 11 25.72 34.01 4.49
CA ALA A 11 24.36 34.51 4.62
C ALA A 11 24.35 35.88 5.27
N ARG A 12 25.19 36.10 6.27
CA ARG A 12 25.34 37.43 6.83
C ARG A 12 25.79 38.44 5.78
N ALA A 13 26.71 38.02 4.90
CA ALA A 13 27.13 38.90 3.81
C ALA A 13 25.96 39.29 2.93
N GLU A 14 25.20 38.29 2.45
CA GLU A 14 24.10 38.56 1.52
C GLU A 14 23.05 39.46 2.15
N LEU A 15 22.69 39.19 3.39
CA LEU A 15 21.68 40.03 4.01
C LEU A 15 22.21 41.45 4.21
N GLU A 16 23.50 41.60 4.52
CA GLU A 16 24.03 42.94 4.69
C GLU A 16 24.04 43.69 3.36
N GLU A 17 24.27 42.97 2.26
CA GLU A 17 24.06 43.59 0.95
C GLU A 17 22.61 43.93 0.70
N ILE A 18 21.67 43.20 1.29
CA ILE A 18 20.27 43.58 1.20
C ILE A 18 20.04 44.93 1.87
N VAL A 19 20.59 45.11 3.07
CA VAL A 19 20.43 46.40 3.73
C VAL A 19 21.13 47.49 2.94
N ASP A 20 22.28 47.18 2.32
CA ASP A 20 22.94 48.19 1.50
C ASP A 20 22.09 48.58 0.28
N PHE A 21 21.52 47.59 -0.41
CA PHE A 21 20.57 47.87 -1.49
C PHE A 21 19.47 48.80 -1.03
N LEU A 22 18.88 48.53 0.14
CA LEU A 22 17.84 49.42 0.61
C LEU A 22 18.39 50.79 0.99
N LYS A 23 19.70 50.89 1.26
CA LYS A 23 20.28 52.16 1.67
C LYS A 23 20.49 53.09 0.48
N ASP A 24 21.32 52.68 -0.48
CA ASP A 24 21.65 53.50 -1.65
C ASP A 24 21.41 52.68 -2.91
N PRO A 25 20.15 52.59 -3.37
CA PRO A 25 19.85 51.69 -4.49
C PRO A 25 20.47 52.12 -5.80
N THR A 26 20.29 53.38 -6.19
CA THR A 26 20.46 53.82 -7.56
C THR A 26 21.88 53.72 -8.09
N LYS A 27 22.86 53.33 -7.28
CA LYS A 27 24.21 53.18 -7.80
C LYS A 27 24.52 51.74 -8.19
N TYR A 28 23.55 50.84 -8.17
CA TYR A 28 23.77 49.44 -8.46
C TYR A 28 22.98 48.94 -9.65
N GLU A 29 22.05 49.75 -10.17
CA GLU A 29 21.40 49.49 -11.45
C GLU A 29 22.17 50.12 -12.59
N SER A 30 23.40 50.58 -12.35
CA SER A 30 24.14 51.30 -13.37
C SER A 30 24.37 50.45 -14.61
N LEU A 31 24.68 49.17 -14.42
CA LEU A 31 24.79 48.29 -15.58
C LEU A 31 23.42 47.85 -16.09
N GLY A 32 22.34 48.24 -15.44
CA GLY A 32 21.01 47.91 -15.89
C GLY A 32 20.34 46.78 -15.16
N GLY A 33 20.93 46.29 -14.06
CA GLY A 33 20.34 45.18 -13.34
C GLY A 33 19.23 45.62 -12.41
N LYS A 34 18.43 44.65 -11.98
CA LYS A 34 17.30 44.91 -11.09
C LYS A 34 17.64 44.40 -9.69
N LEU A 35 16.79 44.74 -8.74
CA LEU A 35 17.07 44.31 -7.38
C LEU A 35 15.98 43.36 -6.87
N PRO A 36 16.37 42.32 -6.14
CA PRO A 36 15.37 41.36 -5.66
C PRO A 36 14.44 42.00 -4.63
N LYS A 37 13.14 41.75 -4.80
CA LYS A 37 12.16 42.33 -3.90
C LYS A 37 12.08 41.56 -2.59
N GLY A 38 12.23 40.24 -2.63
CA GLY A 38 12.07 39.43 -1.44
C GLY A 38 13.20 38.44 -1.30
N VAL A 39 13.48 38.10 -0.04
CA VAL A 39 14.49 37.11 0.30
C VAL A 39 13.81 35.98 1.05
N LEU A 40 14.36 34.78 0.90
CA LEU A 40 13.77 33.58 1.48
C LEU A 40 14.84 32.80 2.25
N LEU A 41 14.81 32.91 3.57
CA LEU A 41 15.78 32.22 4.41
C LEU A 41 15.33 30.77 4.64
N THR A 42 16.23 29.83 4.43
CA THR A 42 15.96 28.42 4.62
C THR A 42 16.90 27.87 5.70
N GLY A 43 16.89 26.55 5.85
CA GLY A 43 17.83 25.91 6.73
C GLY A 43 17.18 25.25 7.93
N PRO A 44 17.77 24.15 8.38
CA PRO A 44 17.13 23.30 9.39
C PRO A 44 16.93 24.02 10.71
N PRO A 45 16.29 23.38 11.69
CA PRO A 45 15.87 24.10 12.89
C PRO A 45 17.04 24.60 13.70
N GLY A 46 16.88 25.80 14.24
CA GLY A 46 17.85 26.34 15.18
C GLY A 46 19.22 26.59 14.62
N THR A 47 19.32 27.22 13.44
CA THR A 47 20.61 27.54 12.85
C THR A 47 20.84 29.03 12.68
N GLY A 48 19.84 29.86 12.94
CA GLY A 48 20.08 31.29 12.97
C GLY A 48 19.28 32.11 11.98
N LYS A 49 18.09 31.64 11.61
CA LYS A 49 17.30 32.41 10.66
C LYS A 49 16.45 33.48 11.34
N THR A 50 15.71 33.14 12.39
CA THR A 50 15.04 34.20 13.14
C THR A 50 16.07 35.13 13.77
N LEU A 51 17.25 34.61 14.09
CA LEU A 51 18.30 35.45 14.64
C LEU A 51 18.78 36.46 13.60
N LEU A 52 19.03 36.00 12.37
CA LEU A 52 19.41 36.93 11.31
C LEU A 52 18.32 37.95 11.06
N ALA A 53 17.06 37.56 11.17
CA ALA A 53 15.99 38.54 11.05
C ALA A 53 16.09 39.61 12.12
N ARG A 54 16.23 39.21 13.38
CA ARG A 54 16.27 40.19 14.46
C ARG A 54 17.53 41.06 14.37
N ALA A 55 18.64 40.49 13.93
CA ALA A 55 19.83 41.29 13.65
C ALA A 55 19.57 42.30 12.55
N THR A 56 18.79 41.92 11.53
CA THR A 56 18.39 42.86 10.50
C THR A 56 17.57 44.00 11.10
N ALA A 57 16.67 43.68 12.02
CA ALA A 57 15.91 44.74 12.68
C ALA A 57 16.82 45.68 13.46
N GLY A 58 17.86 45.15 14.10
CA GLY A 58 18.73 46.01 14.87
C GLY A 58 19.66 46.87 14.05
N GLU A 59 20.19 46.32 12.96
CA GLU A 59 21.23 46.97 12.18
C GLU A 59 20.70 47.79 11.02
N ALA A 60 19.45 47.61 10.63
CA ALA A 60 18.96 48.25 9.41
C ALA A 60 18.84 49.76 9.54
N GLY A 61 18.51 50.26 10.73
CA GLY A 61 18.17 51.68 10.82
C GLY A 61 17.00 52.03 9.95
N VAL A 62 16.02 51.13 9.87
CA VAL A 62 14.89 51.22 8.95
C VAL A 62 13.66 50.75 9.70
N ASP A 63 12.50 51.25 9.28
CA ASP A 63 11.24 50.73 9.79
C ASP A 63 11.15 49.23 9.52
N PHE A 64 10.81 48.47 10.55
CA PHE A 64 10.81 47.02 10.47
C PHE A 64 9.48 46.49 10.96
N PHE A 65 8.74 45.84 10.07
CA PHE A 65 7.43 45.29 10.37
C PHE A 65 7.49 43.78 10.25
N PHE A 66 6.97 43.09 11.26
CA PHE A 66 7.01 41.63 11.29
C PHE A 66 5.68 41.09 11.75
N MET A 67 5.31 39.91 11.27
CA MET A 67 4.15 39.18 11.73
C MET A 67 4.26 37.74 11.26
N SER A 68 4.14 36.80 12.20
CA SER A 68 4.36 35.40 11.88
C SER A 68 3.28 34.87 10.94
N GLY A 69 3.46 33.64 10.48
CA GLY A 69 2.58 33.12 9.44
C GLY A 69 1.25 32.62 9.97
N SER A 70 1.19 32.25 11.25
CA SER A 70 -0.02 31.65 11.77
C SER A 70 -0.92 32.68 12.42
N GLU A 71 -0.51 33.95 12.41
CA GLU A 71 -1.29 34.96 13.11
C GLU A 71 -2.36 35.58 12.23
N PHE A 72 -2.44 35.16 10.98
CA PHE A 72 -3.41 35.77 10.06
C PHE A 72 -4.78 35.15 10.20
N ASP A 73 -4.90 33.85 9.94
CA ASP A 73 -6.20 33.22 9.87
C ASP A 73 -6.86 33.14 11.24
N GLU A 74 -8.15 33.42 11.28
CA GLU A 74 -8.93 33.25 12.50
C GLU A 74 -10.34 32.88 12.07
N VAL A 75 -11.29 32.98 13.01
CA VAL A 75 -12.57 32.31 12.88
C VAL A 75 -13.30 32.74 11.61
N TYR A 76 -13.54 34.02 11.45
CA TYR A 76 -14.38 34.52 10.36
C TYR A 76 -13.64 34.40 9.03
N VAL A 77 -14.34 34.77 7.95
CA VAL A 77 -13.78 34.58 6.63
C VAL A 77 -13.16 35.87 6.12
N GLY A 78 -12.15 35.75 5.28
CA GLY A 78 -11.48 36.90 4.70
C GLY A 78 -10.68 37.73 5.68
N VAL A 79 -10.47 37.26 6.91
CA VAL A 79 -9.76 38.05 7.90
C VAL A 79 -8.27 38.09 7.58
N GLY A 80 -7.70 36.95 7.22
CA GLY A 80 -6.27 36.90 6.97
C GLY A 80 -5.82 37.78 5.83
N ALA A 81 -6.54 37.71 4.70
CA ALA A 81 -6.17 38.51 3.54
C ALA A 81 -6.24 40.00 3.87
N LYS A 82 -7.26 40.42 4.60
CA LYS A 82 -7.36 41.84 4.92
C LYS A 82 -6.26 42.24 5.89
N ARG A 83 -5.84 41.34 6.77
CA ARG A 83 -4.71 41.66 7.65
C ARG A 83 -3.43 41.77 6.85
N ILE A 84 -3.31 41.03 5.75
CA ILE A 84 -2.16 41.22 4.87
C ILE A 84 -2.22 42.60 4.22
N ARG A 85 -3.39 42.96 3.67
CA ARG A 85 -3.53 44.27 3.05
C ARG A 85 -3.21 45.38 4.03
N ASP A 86 -3.58 45.21 5.29
CA ASP A 86 -3.29 46.23 6.28
C ASP A 86 -1.83 46.20 6.70
N LEU A 87 -1.18 45.04 6.60
CA LEU A 87 0.25 44.96 6.82
C LEU A 87 1.00 45.79 5.78
N PHE A 88 0.76 45.51 4.50
CA PHE A 88 1.41 46.30 3.47
C PHE A 88 0.93 47.74 3.47
N ALA A 89 -0.26 48.02 3.98
CA ALA A 89 -0.68 49.41 4.14
C ALA A 89 0.20 50.12 5.15
N GLN A 90 0.43 49.50 6.31
CA GLN A 90 1.37 50.05 7.28
C GLN A 90 2.76 50.18 6.68
N ALA A 91 3.13 49.28 5.75
CA ALA A 91 4.45 49.34 5.16
C ALA A 91 4.60 50.54 4.23
N ARG A 92 3.80 50.57 3.15
CA ARG A 92 3.93 51.64 2.17
C ARG A 92 3.62 52.99 2.80
N SER A 93 2.75 53.01 3.80
CA SER A 93 2.42 54.27 4.46
C SER A 93 3.67 54.89 5.09
N ARG A 94 4.57 54.05 5.59
CA ARG A 94 5.81 54.57 6.17
C ARG A 94 6.84 54.85 5.09
N ALA A 95 8.07 55.07 5.52
CA ALA A 95 9.23 55.25 4.68
C ALA A 95 9.64 53.92 4.06
N PRO A 96 10.71 53.85 3.25
CA PRO A 96 11.22 52.55 2.82
C PRO A 96 11.55 51.66 4.00
N ALA A 97 10.83 50.55 4.14
CA ALA A 97 10.91 49.70 5.31
C ALA A 97 10.94 48.24 4.86
N ILE A 98 11.16 47.35 5.82
CA ILE A 98 11.29 45.92 5.55
C ILE A 98 10.18 45.19 6.29
N ILE A 99 9.68 44.12 5.70
CA ILE A 99 8.62 43.31 6.27
C ILE A 99 9.13 41.90 6.46
N PHE A 100 8.71 41.26 7.54
CA PHE A 100 9.22 39.95 7.93
C PHE A 100 8.05 39.07 8.33
N ILE A 101 7.92 37.93 7.64
CA ILE A 101 6.87 36.96 7.91
C ILE A 101 7.55 35.66 8.31
N ASP A 102 7.51 35.34 9.60
CA ASP A 102 8.12 34.12 10.10
C ASP A 102 7.11 32.99 10.05
N GLN A 103 7.62 31.76 9.97
CA GLN A 103 6.78 30.57 9.84
C GLN A 103 5.93 30.67 8.57
N LEU A 104 6.63 30.72 7.44
CA LEU A 104 5.95 30.99 6.19
C LEU A 104 5.17 29.79 5.67
N ASP A 105 5.47 28.59 6.15
CA ASP A 105 4.76 27.40 5.69
C ASP A 105 3.27 27.53 5.90
N ALA A 106 2.86 28.16 7.01
CA ALA A 106 1.44 28.32 7.31
C ALA A 106 0.69 29.03 6.21
N ILE A 107 1.40 29.86 5.43
CA ILE A 107 0.79 30.48 4.26
C ILE A 107 1.23 29.82 2.96
N GLY A 108 2.40 29.21 2.92
CA GLY A 108 3.00 28.81 1.67
C GLY A 108 2.71 27.39 1.21
N GLY A 109 1.70 26.73 1.77
CA GLY A 109 1.47 25.33 1.43
C GLY A 109 1.14 25.16 -0.04
N LYS A 110 1.50 23.99 -0.58
CA LYS A 110 1.24 23.68 -1.97
C LYS A 110 -0.26 23.72 -2.25
N ARG A 111 -0.60 24.00 -3.50
CA ARG A 111 -1.99 23.86 -3.91
C ARG A 111 -2.31 22.38 -4.06
N ASN A 112 -3.35 21.94 -3.37
CA ASN A 112 -3.71 20.53 -3.38
C ASN A 112 -5.23 20.43 -3.32
N PRO A 113 -5.79 19.29 -3.71
CA PRO A 113 -7.23 19.11 -3.54
C PRO A 113 -7.57 18.94 -2.08
N LYS A 114 -8.87 18.87 -1.80
CA LYS A 114 -9.44 18.64 -0.49
C LYS A 114 -9.42 19.86 0.41
N ASP A 115 -8.74 20.95 0.03
CA ASP A 115 -8.33 21.92 1.03
C ASP A 115 -9.52 22.67 1.65
N GLN A 116 -10.06 23.67 0.96
CA GLN A 116 -11.32 24.39 1.22
C GLN A 116 -11.37 25.63 0.34
N ALA A 117 -12.48 26.37 0.40
CA ALA A 117 -12.48 27.75 -0.11
C ALA A 117 -11.63 28.64 0.79
N TYR A 118 -11.41 28.21 2.03
CA TYR A 118 -10.63 28.99 2.96
C TYR A 118 -9.14 28.85 2.71
N ALA A 119 -8.78 28.00 1.73
CA ALA A 119 -7.41 27.52 1.62
C ALA A 119 -6.45 28.63 1.23
N LYS A 120 -6.75 29.35 0.14
CA LYS A 120 -5.70 30.17 -0.46
C LYS A 120 -6.16 31.59 -0.71
N GLN A 121 -7.15 32.06 0.05
CA GLN A 121 -7.54 33.47 -0.04
C GLN A 121 -6.41 34.37 0.44
N THR A 122 -5.87 34.09 1.63
CA THR A 122 -4.75 34.88 2.13
C THR A 122 -3.52 34.71 1.24
N LEU A 123 -3.28 33.50 0.75
CA LEU A 123 -2.14 33.27 -0.13
C LEU A 123 -2.22 34.12 -1.39
N ASN A 124 -3.26 33.94 -2.20
CA ASN A 124 -3.30 34.65 -3.47
C ASN A 124 -3.49 36.14 -3.26
N GLN A 125 -4.04 36.55 -2.10
CA GLN A 125 -3.95 37.96 -1.73
C GLN A 125 -2.49 38.38 -1.60
N LEU A 126 -1.67 37.55 -0.96
CA LEU A 126 -0.25 37.86 -0.83
C LEU A 126 0.41 38.00 -2.20
N LEU A 127 0.24 37.00 -3.07
CA LEU A 127 0.89 37.04 -4.38
C LEU A 127 0.39 38.21 -5.21
N VAL A 128 -0.90 38.56 -5.06
CA VAL A 128 -1.40 39.79 -5.67
C VAL A 128 -0.61 40.99 -5.18
N GLU A 129 -0.29 41.02 -3.88
CA GLU A 129 0.44 42.16 -3.36
C GLU A 129 1.88 42.21 -3.88
N LEU A 130 2.59 41.07 -3.85
CA LEU A 130 3.96 41.04 -4.36
C LEU A 130 4.02 41.44 -5.81
N ASP A 131 3.18 40.84 -6.67
CA ASP A 131 3.15 41.27 -8.07
C ASP A 131 2.73 42.71 -8.19
N GLY A 132 1.95 43.22 -7.22
CA GLY A 132 1.71 44.64 -7.11
C GLY A 132 2.92 45.45 -6.69
N PHE A 133 3.98 44.78 -6.25
CA PHE A 133 5.27 45.43 -5.96
C PHE A 133 6.29 45.22 -7.06
N SER A 134 5.87 45.28 -8.32
CA SER A 134 6.82 45.27 -9.44
C SER A 134 7.53 46.61 -9.61
N GLN A 135 7.19 47.60 -8.80
CA GLN A 135 7.84 48.90 -8.84
C GLN A 135 8.83 49.02 -7.68
N THR A 136 9.41 50.20 -7.55
CA THR A 136 10.31 50.52 -6.43
C THR A 136 9.59 51.45 -5.48
N SER A 137 9.42 51.02 -4.23
CA SER A 137 8.89 51.91 -3.20
C SER A 137 9.61 51.69 -1.86
N GLY A 138 10.88 51.33 -1.88
CA GLY A 138 11.64 51.16 -0.66
C GLY A 138 11.18 50.00 0.20
N ILE A 139 10.38 49.09 -0.34
CA ILE A 139 9.87 47.96 0.41
C ILE A 139 10.63 46.71 0.02
N ILE A 140 11.05 45.94 1.01
CA ILE A 140 11.63 44.61 0.82
C ILE A 140 10.95 43.67 1.82
N ILE A 141 10.83 42.41 1.45
CA ILE A 141 10.13 41.42 2.27
C ILE A 141 11.03 40.21 2.48
N ILE A 142 11.14 39.79 3.74
CA ILE A 142 11.97 38.66 4.14
C ILE A 142 11.06 37.56 4.66
N GLY A 143 11.30 36.33 4.23
CA GLY A 143 10.49 35.22 4.69
C GLY A 143 11.30 34.00 5.04
N ALA A 144 11.19 33.53 6.28
CA ALA A 144 11.93 32.39 6.76
C ALA A 144 11.04 31.16 6.76
N THR A 145 11.68 29.98 6.65
CA THR A 145 10.94 28.73 6.56
C THR A 145 11.90 27.57 6.76
N ASN A 146 11.34 26.43 7.15
CA ASN A 146 12.09 25.19 7.27
C ASN A 146 11.95 24.30 6.04
N PHE A 147 10.86 24.44 5.30
CA PHE A 147 10.53 23.56 4.19
C PHE A 147 10.51 24.37 2.89
N PRO A 148 11.67 24.59 2.27
CA PRO A 148 11.67 25.19 0.94
C PRO A 148 10.98 24.33 -0.10
N GLU A 149 10.85 23.03 0.15
CA GLU A 149 10.17 22.13 -0.77
C GLU A 149 8.66 22.19 -0.63
N ALA A 150 8.13 22.35 0.59
CA ALA A 150 6.70 22.34 0.82
C ALA A 150 6.05 23.68 0.55
N LEU A 151 6.81 24.66 0.07
CA LEU A 151 6.21 25.92 -0.32
C LEU A 151 5.43 25.74 -1.63
N ASP A 152 4.90 26.85 -2.13
CA ASP A 152 4.29 26.86 -3.44
C ASP A 152 5.25 27.47 -4.46
N LYS A 153 5.23 26.92 -5.67
CA LYS A 153 6.11 27.40 -6.73
C LYS A 153 5.83 28.85 -7.13
N ALA A 154 4.61 29.36 -6.91
CA ALA A 154 4.33 30.76 -7.19
C ALA A 154 5.20 31.70 -6.37
N LEU A 155 5.71 31.24 -5.23
CA LEU A 155 6.60 32.06 -4.41
C LEU A 155 8.06 31.91 -4.81
N THR A 156 8.35 31.17 -5.88
CA THR A 156 9.72 31.00 -6.36
C THR A 156 9.92 31.60 -7.75
N ARG A 157 9.24 32.69 -8.07
CA ARG A 157 9.42 33.37 -9.34
C ARG A 157 9.92 34.79 -9.12
N PRO A 158 10.65 35.34 -10.08
CA PRO A 158 11.18 36.70 -9.94
C PRO A 158 10.06 37.71 -9.78
N GLY A 159 10.42 38.86 -9.18
CA GLY A 159 9.44 39.77 -8.65
C GLY A 159 8.79 39.28 -7.38
N ARG A 160 9.31 38.22 -6.78
CA ARG A 160 8.73 37.53 -5.64
C ARG A 160 9.87 36.97 -4.81
N PHE A 161 9.60 35.96 -4.00
CA PHE A 161 10.63 35.32 -3.18
C PHE A 161 11.56 34.55 -4.12
N ASP A 162 12.50 35.30 -4.69
CA ASP A 162 13.44 34.78 -5.68
C ASP A 162 14.82 34.49 -5.12
N LYS A 163 15.31 35.34 -4.22
CA LYS A 163 16.66 35.22 -3.68
C LYS A 163 16.61 34.39 -2.41
N VAL A 164 17.08 33.15 -2.50
CA VAL A 164 17.12 32.25 -1.35
C VAL A 164 18.44 32.46 -0.62
N VAL A 165 18.43 32.17 0.68
CA VAL A 165 19.62 32.28 1.51
C VAL A 165 19.72 31.03 2.37
N ASN A 166 20.67 30.16 2.03
CA ASN A 166 20.72 28.82 2.59
C ASN A 166 21.58 28.83 3.86
N VAL A 167 20.93 29.06 5.00
CA VAL A 167 21.59 28.95 6.29
C VAL A 167 21.77 27.48 6.63
N ASP A 168 23.02 27.03 6.68
CA ASP A 168 23.33 25.63 6.90
C ASP A 168 24.02 25.46 8.24
N LEU A 169 24.12 24.21 8.69
CA LEU A 169 24.72 23.92 9.99
C LEU A 169 26.19 24.31 10.00
N PRO A 170 26.67 24.95 11.06
CA PRO A 170 28.06 25.37 11.10
C PRO A 170 29.01 24.20 11.17
N ASP A 171 30.20 24.41 10.60
CA ASP A 171 31.27 23.42 10.63
C ASP A 171 32.17 23.66 11.84
N VAL A 172 33.32 22.99 11.86
CA VAL A 172 34.16 22.94 13.08
C VAL A 172 34.57 24.33 13.52
N ARG A 173 35.20 25.08 12.61
CA ARG A 173 35.58 26.45 12.96
C ARG A 173 34.36 27.31 13.24
N GLY A 174 33.24 27.00 12.59
CA GLY A 174 32.00 27.68 12.94
C GLY A 174 31.55 27.37 14.35
N ARG A 175 31.60 26.10 14.75
CA ARG A 175 31.20 25.72 16.10
C ARG A 175 32.09 26.40 17.13
N ALA A 176 33.40 26.39 16.91
CA ALA A 176 34.30 27.10 17.82
C ALA A 176 33.97 28.59 17.88
N ASP A 177 33.60 29.17 16.74
CA ASP A 177 33.21 30.58 16.74
C ASP A 177 31.99 30.82 17.61
N ILE A 178 30.94 30.01 17.43
CA ILE A 178 29.70 30.21 18.18
C ILE A 178 29.93 30.02 19.66
N LEU A 179 30.65 28.96 20.03
CA LEU A 179 31.04 28.76 21.42
C LEU A 179 31.78 29.97 21.97
N LYS A 180 32.64 30.59 21.16
CA LYS A 180 33.31 31.79 21.64
C LYS A 180 32.31 32.90 21.94
N HIS A 181 31.43 33.20 20.98
CA HIS A 181 30.49 34.29 21.17
C HIS A 181 29.61 34.08 22.40
N HIS A 182 29.18 32.85 22.65
CA HIS A 182 28.36 32.63 23.82
C HIS A 182 29.16 32.59 25.11
N MET A 183 30.39 32.08 25.07
CA MET A 183 31.27 32.16 26.22
C MET A 183 31.59 33.59 26.60
N LYS A 184 31.44 34.54 25.69
CA LYS A 184 31.69 35.94 26.04
C LYS A 184 30.61 36.53 26.95
N LYS A 185 29.68 35.72 27.46
CA LYS A 185 28.63 36.20 28.34
C LYS A 185 28.67 35.54 29.72
N ILE A 186 29.61 34.62 29.96
CA ILE A 186 29.81 34.02 31.28
C ILE A 186 31.26 34.24 31.68
N THR A 187 31.54 34.00 32.96
CA THR A 187 32.86 34.27 33.53
C THR A 187 33.69 33.00 33.47
N LEU A 188 34.45 32.84 32.40
CA LEU A 188 35.18 31.60 32.15
C LEU A 188 36.31 31.39 33.14
N ALA A 189 36.84 30.18 33.12
CA ALA A 189 38.16 29.95 33.69
C ALA A 189 39.21 30.49 32.74
N ASP A 190 40.48 30.18 33.01
CA ASP A 190 41.53 30.75 32.20
C ASP A 190 41.96 29.80 31.08
N ASN A 191 42.05 28.51 31.37
CA ASN A 191 42.53 27.53 30.40
C ASN A 191 41.34 26.70 29.91
N VAL A 192 40.67 27.22 28.89
CA VAL A 192 39.55 26.57 28.23
C VAL A 192 39.59 26.93 26.76
N ASP A 193 39.84 25.93 25.91
CA ASP A 193 39.85 26.17 24.48
C ASP A 193 38.56 25.67 23.86
N PRO A 194 37.85 26.50 23.11
CA PRO A 194 36.63 26.01 22.46
C PRO A 194 36.90 24.93 21.43
N THR A 195 38.12 24.81 20.94
CA THR A 195 38.41 23.90 19.84
C THR A 195 38.19 22.45 20.20
N ILE A 196 38.43 22.08 21.46
CA ILE A 196 38.22 20.68 21.83
C ILE A 196 36.74 20.36 21.85
N ILE A 197 35.92 21.25 22.41
CA ILE A 197 34.48 21.06 22.39
C ILE A 197 33.96 21.02 20.97
N ALA A 198 34.40 21.96 20.14
CA ALA A 198 33.97 22.00 18.75
C ALA A 198 34.39 20.75 18.01
N ARG A 199 35.54 20.19 18.34
CA ARG A 199 35.97 18.92 17.76
C ARG A 199 35.13 17.75 18.26
N GLY A 200 34.58 17.85 19.46
CA GLY A 200 33.82 16.75 20.04
C GLY A 200 32.33 16.80 19.85
N THR A 201 31.79 17.85 19.21
CA THR A 201 30.37 17.99 18.99
C THR A 201 30.07 18.01 17.50
N PRO A 202 30.24 16.88 16.83
CA PRO A 202 30.11 16.87 15.37
C PRO A 202 28.67 16.78 14.90
N GLY A 203 28.00 17.92 14.79
CA GLY A 203 26.67 17.95 14.23
C GLY A 203 25.75 18.92 14.92
N LEU A 204 26.18 19.48 16.04
CA LEU A 204 25.32 20.38 16.80
C LEU A 204 25.09 21.67 16.02
N SER A 205 24.16 22.47 16.53
CA SER A 205 23.79 23.73 15.91
C SER A 205 24.06 24.86 16.88
N GLY A 206 23.67 26.08 16.50
CA GLY A 206 23.91 27.22 17.37
C GLY A 206 23.16 27.12 18.68
N ALA A 207 21.86 26.81 18.60
CA ALA A 207 21.03 26.72 19.79
C ALA A 207 21.53 25.63 20.73
N GLU A 208 22.00 24.51 20.20
CA GLU A 208 22.55 23.48 21.05
C GLU A 208 23.82 23.93 21.73
N LEU A 209 24.65 24.72 21.07
CA LEU A 209 25.88 25.17 21.71
C LEU A 209 25.57 26.17 22.82
N ALA A 210 24.66 27.12 22.56
CA ALA A 210 24.22 28.01 23.62
C ALA A 210 23.64 27.25 24.80
N ASN A 211 22.85 26.20 24.51
CA ASN A 211 22.36 25.34 25.57
C ASN A 211 23.49 24.70 26.36
N LEU A 212 24.52 24.22 25.68
CA LEU A 212 25.64 23.57 26.36
C LEU A 212 26.33 24.53 27.32
N VAL A 213 26.61 25.75 26.84
CA VAL A 213 27.27 26.74 27.67
C VAL A 213 26.43 27.07 28.90
N ASN A 214 25.11 27.23 28.71
CA ASN A 214 24.27 27.57 29.85
C ASN A 214 24.22 26.43 30.86
N GLN A 215 24.08 25.20 30.36
CA GLN A 215 24.10 24.03 31.24
C GLN A 215 25.36 24.01 32.10
N ALA A 216 26.53 24.16 31.47
CA ALA A 216 27.77 24.15 32.24
C ALA A 216 27.89 25.32 33.19
N ALA A 217 27.31 26.47 32.85
CA ALA A 217 27.34 27.60 33.77
C ALA A 217 26.57 27.28 35.03
N VAL A 218 25.34 26.80 34.89
CA VAL A 218 24.55 26.50 36.08
C VAL A 218 25.17 25.37 36.88
N TYR A 219 25.72 24.36 36.20
CA TYR A 219 26.40 23.29 36.93
C TYR A 219 27.58 23.80 37.71
N ALA A 220 28.35 24.73 37.13
CA ALA A 220 29.46 25.29 37.88
C ALA A 220 28.97 26.07 39.09
N CYS A 221 27.87 26.80 38.95
CA CYS A 221 27.37 27.58 40.08
C CYS A 221 26.79 26.70 41.17
N GLN A 222 26.36 25.48 40.85
CA GLN A 222 25.88 24.59 41.91
C GLN A 222 26.98 24.26 42.91
N LYS A 223 28.18 23.96 42.44
CA LYS A 223 29.23 23.45 43.30
C LYS A 223 30.07 24.53 43.94
N ASN A 224 29.66 25.80 43.82
CA ASN A 224 30.37 26.88 44.49
C ASN A 224 31.77 27.07 43.93
N ALA A 225 31.95 26.72 42.67
CA ALA A 225 33.20 27.03 41.99
C ALA A 225 33.22 28.52 41.65
N VAL A 226 34.42 29.03 41.37
CA VAL A 226 34.60 30.46 41.19
C VAL A 226 34.65 30.81 39.71
N SER A 227 34.70 29.80 38.85
CA SER A 227 34.77 30.02 37.41
C SER A 227 34.44 28.71 36.72
N VAL A 228 34.60 28.69 35.40
CA VAL A 228 34.14 27.59 34.56
C VAL A 228 35.34 27.01 33.81
N ASP A 229 35.82 25.85 34.24
CA ASP A 229 36.92 25.21 33.56
C ASP A 229 36.39 24.08 32.66
N MET A 230 37.29 23.42 31.94
CA MET A 230 36.91 22.40 30.97
C MET A 230 36.17 21.22 31.58
N SER A 231 36.29 20.99 32.89
CA SER A 231 35.51 19.92 33.49
C SER A 231 34.03 20.23 33.41
N HIS A 232 33.64 21.50 33.56
CA HIS A 232 32.24 21.84 33.44
C HIS A 232 31.75 21.63 32.02
N PHE A 233 32.47 22.16 31.04
CA PHE A 233 32.03 22.06 29.65
C PHE A 233 32.01 20.62 29.18
N GLU A 234 32.94 19.79 29.65
CA GLU A 234 32.93 18.40 29.23
C GLU A 234 31.83 17.63 29.95
N TRP A 235 31.55 17.98 31.21
CA TRP A 235 30.36 17.46 31.87
C TRP A 235 29.11 17.74 31.05
N ALA A 236 28.82 19.02 30.81
CA ALA A 236 27.61 19.41 30.09
C ALA A 236 27.56 18.80 28.70
N LYS A 237 28.70 18.72 28.01
CA LYS A 237 28.71 18.14 26.67
C LYS A 237 28.31 16.67 26.73
N ASP A 238 28.92 15.91 27.63
CA ASP A 238 28.56 14.51 27.73
C ASP A 238 27.11 14.33 28.18
N LYS A 239 26.62 15.18 29.07
CA LYS A 239 25.23 15.07 29.50
C LYS A 239 24.28 15.34 28.35
N ILE A 240 24.58 16.35 27.53
CA ILE A 240 23.69 16.67 26.42
C ILE A 240 23.71 15.56 25.38
N LEU A 241 24.90 15.12 24.98
CA LEU A 241 24.95 14.11 23.93
C LEU A 241 24.53 12.74 24.44
N MET A 242 25.32 12.17 25.35
CA MET A 242 25.07 10.84 25.89
C MET A 242 24.45 10.89 27.28
N GLY A 243 25.02 11.68 28.17
CA GLY A 243 24.64 11.71 29.56
C GLY A 243 25.82 11.98 30.47
N ALA A 244 25.53 11.96 31.77
CA ALA A 244 26.44 12.35 32.83
C ALA A 244 26.32 11.33 33.95
N GLU A 245 26.74 11.70 35.14
CA GLU A 245 26.85 10.75 36.24
C GLU A 245 25.46 10.27 36.77
N ARG A 246 24.38 10.53 36.02
CA ARG A 246 22.99 10.39 36.44
C ARG A 246 22.75 9.27 37.45
N LYS A 247 23.24 8.07 37.16
CA LYS A 247 22.76 6.89 37.84
C LYS A 247 23.21 6.86 39.30
N THR A 248 22.26 6.52 40.17
CA THR A 248 22.52 6.12 41.55
C THR A 248 22.33 4.62 41.72
N MET A 249 22.56 3.86 40.65
CA MET A 249 22.40 2.42 40.69
C MET A 249 23.41 1.79 41.64
N VAL A 250 23.14 0.56 42.03
CA VAL A 250 24.07 -0.24 42.81
C VAL A 250 24.56 -1.38 41.91
N LEU A 251 25.86 -1.59 41.89
CA LEU A 251 26.49 -2.46 40.92
C LEU A 251 27.28 -3.55 41.65
N THR A 252 26.94 -4.80 41.38
CA THR A 252 27.70 -5.90 41.93
C THR A 252 29.10 -5.92 41.33
N ASP A 253 30.07 -6.26 42.17
CA ASP A 253 31.48 -6.10 41.77
C ASP A 253 31.86 -7.05 40.64
N ALA A 254 31.15 -8.17 40.50
CA ALA A 254 31.44 -9.08 39.39
C ALA A 254 31.16 -8.42 38.06
N ALA A 255 29.96 -7.88 37.88
CA ALA A 255 29.62 -7.23 36.62
C ALA A 255 30.39 -5.93 36.42
N ARG A 256 30.70 -5.21 37.49
CA ARG A 256 31.56 -4.04 37.35
C ARG A 256 32.92 -4.44 36.79
N LYS A 257 33.48 -5.54 37.29
CA LYS A 257 34.70 -6.08 36.69
C LYS A 257 34.48 -6.41 35.21
N ALA A 258 33.35 -7.04 34.88
CA ALA A 258 33.09 -7.45 33.50
C ALA A 258 33.07 -6.24 32.56
N THR A 259 32.27 -5.24 32.87
CA THR A 259 32.23 -4.06 32.01
C THR A 259 33.59 -3.36 32.00
N ALA A 260 34.35 -3.45 33.09
CA ALA A 260 35.73 -3.00 33.05
C ALA A 260 36.50 -3.66 31.93
N PHE A 261 36.44 -4.99 31.84
CA PHE A 261 37.15 -5.68 30.77
C PHE A 261 36.64 -5.28 29.39
N HIS A 262 35.32 -5.09 29.25
CA HIS A 262 34.77 -4.69 27.96
C HIS A 262 35.36 -3.36 27.51
N GLU A 263 35.34 -2.37 28.39
CA GLU A 263 35.88 -1.07 28.03
C GLU A 263 37.38 -1.12 27.82
N ALA A 264 38.10 -1.92 28.59
CA ALA A 264 39.51 -2.13 28.32
C ALA A 264 39.75 -2.67 26.92
N GLY A 265 38.87 -3.55 26.45
CA GLY A 265 38.96 -4.01 25.08
C GLY A 265 38.79 -2.88 24.08
N HIS A 266 37.75 -2.07 24.25
CA HIS A 266 37.54 -0.98 23.30
C HIS A 266 38.71 0.00 23.29
N ALA A 267 39.17 0.43 24.47
CA ALA A 267 40.24 1.41 24.52
C ALA A 267 41.56 0.85 24.01
N ILE A 268 41.90 -0.37 24.40
CA ILE A 268 43.16 -0.96 23.96
C ILE A 268 43.11 -1.27 22.46
N MET A 269 41.91 -1.35 21.88
CA MET A 269 41.85 -1.49 20.42
C MET A 269 41.99 -0.14 19.73
N ALA A 270 41.28 0.88 20.23
CA ALA A 270 41.31 2.18 19.58
C ALA A 270 42.69 2.80 19.62
N LYS A 271 43.49 2.42 20.59
CA LYS A 271 44.92 2.68 20.58
C LYS A 271 45.62 1.43 20.08
N TYR A 272 46.81 1.61 19.52
CA TYR A 272 47.65 0.54 19.00
C TYR A 272 47.17 -0.01 17.66
N THR A 273 45.99 0.38 17.19
CA THR A 273 45.49 -0.02 15.89
C THR A 273 45.81 1.09 14.91
N ASN A 274 46.40 0.73 13.78
CA ASN A 274 46.93 1.73 12.87
C ASN A 274 45.81 2.39 12.08
N GLY A 275 45.55 3.65 12.38
CA GLY A 275 44.59 4.40 11.60
C GLY A 275 43.21 4.44 12.19
N ALA A 276 43.11 4.68 13.50
CA ALA A 276 41.85 4.92 14.16
C ALA A 276 41.89 6.33 14.74
N THR A 277 40.72 6.93 14.91
CA THR A 277 40.68 8.29 15.45
C THR A 277 41.24 8.28 16.87
N PRO A 278 41.88 9.37 17.30
CA PRO A 278 42.64 9.32 18.55
C PRO A 278 41.76 9.05 19.77
N LEU A 279 42.31 8.28 20.69
CA LEU A 279 41.62 7.96 21.93
C LEU A 279 41.54 9.18 22.82
N TYR A 280 40.35 9.43 23.36
CA TYR A 280 40.13 10.63 24.18
C TYR A 280 39.96 10.30 25.65
N LYS A 281 39.04 9.37 25.98
CA LYS A 281 38.97 8.88 27.35
C LYS A 281 38.05 7.67 27.41
N ALA A 282 38.13 6.96 28.53
CA ALA A 282 37.30 5.81 28.81
C ALA A 282 36.69 5.99 30.19
N THR A 283 35.60 5.27 30.46
CA THR A 283 34.87 5.46 31.70
C THR A 283 33.88 4.33 31.89
N ILE A 284 33.55 4.04 33.15
CA ILE A 284 32.52 3.09 33.47
C ILE A 284 31.41 3.71 34.31
N LEU A 285 31.40 5.02 34.42
CA LEU A 285 30.30 5.73 35.05
C LEU A 285 29.02 5.50 34.24
N PRO A 286 28.04 4.76 34.75
CA PRO A 286 26.85 4.46 33.95
C PRO A 286 26.02 5.70 33.67
N ARG A 287 25.47 5.76 32.47
CA ARG A 287 24.64 6.89 32.06
C ARG A 287 23.79 6.49 30.86
N GLY A 288 22.49 6.74 30.96
CA GLY A 288 21.59 6.43 29.87
C GLY A 288 21.32 4.96 29.72
N ARG A 289 21.70 4.38 28.58
CA ARG A 289 21.43 2.97 28.31
C ARG A 289 22.67 2.10 28.43
N ALA A 290 23.87 2.69 28.47
CA ALA A 290 25.11 1.93 28.42
C ALA A 290 25.83 2.06 29.75
N LEU A 291 26.48 0.97 30.16
CA LEU A 291 27.22 0.90 31.40
C LEU A 291 28.68 1.28 31.23
N GLY A 292 29.04 1.93 30.14
CA GLY A 292 30.41 2.31 29.89
C GLY A 292 30.63 2.79 28.48
N ILE A 293 31.42 3.84 28.30
CA ILE A 293 31.56 4.52 27.03
C ILE A 293 33.04 4.76 26.77
N THR A 294 33.42 4.86 25.49
CA THR A 294 34.78 5.19 25.10
C THR A 294 34.73 6.30 24.07
N PHE A 295 35.34 7.43 24.38
CA PHE A 295 35.23 8.64 23.58
C PHE A 295 36.39 8.73 22.59
N GLN A 296 36.06 8.82 21.31
CA GLN A 296 37.04 9.07 20.27
C GLN A 296 37.02 10.54 19.93
N LEU A 297 38.16 11.07 19.47
CA LEU A 297 38.26 12.49 19.15
C LEU A 297 38.70 12.67 17.71
N PRO A 298 37.80 13.05 16.81
CA PRO A 298 38.18 13.16 15.39
C PRO A 298 39.23 14.22 15.16
N GLU A 299 40.02 14.01 14.10
CA GLU A 299 41.21 14.84 13.88
C GLU A 299 40.86 16.30 13.63
N MET A 300 40.23 16.59 12.51
CA MET A 300 40.09 17.99 12.11
C MET A 300 39.07 18.13 10.99
N ASP A 301 39.09 19.27 10.31
CA ASP A 301 37.95 19.84 9.60
C ASP A 301 37.38 18.88 8.55
N LYS A 302 38.06 18.65 7.44
CA LYS A 302 37.38 18.73 6.14
C LYS A 302 36.34 17.61 6.01
N VAL A 303 36.70 16.43 5.52
CA VAL A 303 36.01 15.14 5.64
C VAL A 303 36.84 14.15 4.83
N ASP A 304 36.93 12.91 5.31
CA ASP A 304 37.02 11.71 4.46
C ASP A 304 37.14 10.46 5.32
N ILE A 305 36.98 9.30 4.71
CA ILE A 305 37.17 8.02 5.39
C ILE A 305 37.87 7.08 4.43
N THR A 306 39.18 6.96 4.56
CA THR A 306 39.89 6.02 3.71
C THR A 306 39.52 4.60 4.11
N LYS A 307 40.09 3.63 3.39
CA LYS A 307 39.85 2.25 3.77
C LYS A 307 40.49 1.93 5.11
N ARG A 308 41.59 2.61 5.44
CA ARG A 308 42.24 2.40 6.72
C ARG A 308 41.32 2.73 7.89
N GLU A 309 40.67 3.90 7.85
CA GLU A 309 39.78 4.26 8.95
C GLU A 309 38.61 3.29 9.06
N CYS A 310 38.15 2.75 7.94
CA CYS A 310 37.07 1.76 8.01
C CYS A 310 37.54 0.49 8.70
N GLN A 311 38.67 -0.06 8.26
CA GLN A 311 39.18 -1.27 8.89
C GLN A 311 39.43 -1.06 10.38
N ALA A 312 40.04 0.07 10.74
CA ALA A 312 40.24 0.37 12.15
C ALA A 312 38.93 0.47 12.89
N ARG A 313 37.91 1.02 12.25
CA ARG A 313 36.62 1.15 12.92
C ARG A 313 36.01 -0.21 13.20
N LEU A 314 36.10 -1.14 12.24
CA LEU A 314 35.62 -2.49 12.51
C LEU A 314 36.41 -3.13 13.66
N ASP A 315 37.72 -2.94 13.68
CA ASP A 315 38.52 -3.55 14.74
C ASP A 315 38.13 -3.01 16.11
N VAL A 316 37.91 -1.70 16.20
CA VAL A 316 37.46 -1.11 17.46
C VAL A 316 36.10 -1.66 17.84
N CYS A 317 35.27 -1.98 16.85
CA CYS A 317 33.96 -2.54 17.18
C CYS A 317 34.07 -3.95 17.72
N MET A 318 35.02 -4.75 17.23
CA MET A 318 35.18 -6.10 17.74
C MET A 318 35.98 -6.18 19.03
N GLY A 319 36.57 -5.05 19.45
CA GLY A 319 37.44 -5.07 20.61
C GLY A 319 36.78 -5.61 21.87
N GLY A 320 35.68 -5.01 22.29
CA GLY A 320 35.10 -5.37 23.57
C GLY A 320 34.63 -6.81 23.63
N LYS A 321 33.88 -7.24 22.61
CA LYS A 321 33.48 -8.63 22.48
C LYS A 321 34.66 -9.57 22.62
N ILE A 322 35.74 -9.32 21.87
CA ILE A 322 36.88 -10.21 21.97
C ILE A 322 37.55 -10.16 23.34
N ALA A 323 37.50 -9.03 24.04
CA ALA A 323 38.09 -8.98 25.37
C ALA A 323 37.32 -9.85 26.34
N GLU A 324 36.00 -9.70 26.40
CA GLU A 324 35.20 -10.55 27.28
C GLU A 324 35.33 -12.02 26.91
N GLU A 325 35.46 -12.33 25.62
CA GLU A 325 35.66 -13.72 25.24
C GLU A 325 37.00 -14.25 25.72
N LEU A 326 38.07 -13.48 25.54
CA LEU A 326 39.38 -13.96 25.94
C LEU A 326 39.48 -14.14 27.44
N ILE A 327 38.88 -13.24 28.21
CA ILE A 327 39.00 -13.35 29.65
C ILE A 327 38.05 -14.40 30.20
N TYR A 328 36.75 -14.20 30.00
CA TYR A 328 35.73 -15.03 30.64
C TYR A 328 35.42 -16.31 29.89
N GLY A 329 36.32 -16.78 29.03
CA GLY A 329 35.99 -17.90 28.18
C GLY A 329 34.99 -17.49 27.13
N LYS A 330 34.47 -18.48 26.41
CA LYS A 330 33.50 -18.15 25.38
C LYS A 330 32.06 -18.26 25.85
N ASP A 331 31.70 -19.34 26.55
CA ASP A 331 30.31 -19.57 26.93
C ASP A 331 29.84 -18.67 28.04
N ASN A 332 30.67 -17.71 28.48
CA ASN A 332 30.21 -16.62 29.33
C ASN A 332 30.08 -15.32 28.55
N THR A 333 30.05 -15.41 27.23
CA THR A 333 29.77 -14.25 26.40
C THR A 333 28.38 -13.71 26.74
N THR A 334 28.24 -12.39 26.75
CA THR A 334 26.94 -11.83 27.10
C THR A 334 26.23 -11.35 25.84
N SER A 335 25.02 -10.83 26.04
CA SER A 335 24.28 -10.18 24.98
C SER A 335 24.54 -8.68 24.92
N GLY A 336 25.39 -8.16 25.80
CA GLY A 336 25.70 -6.74 25.78
C GLY A 336 26.46 -6.29 24.57
N CYS A 337 27.03 -7.21 23.80
CA CYS A 337 27.78 -6.87 22.60
C CYS A 337 26.90 -6.80 21.36
N GLY A 338 25.61 -6.50 21.51
CA GLY A 338 24.76 -6.39 20.34
C GLY A 338 24.98 -5.10 19.57
N SER A 339 24.91 -3.97 20.27
CA SER A 339 25.02 -2.68 19.60
C SER A 339 26.37 -2.46 18.97
N ASP A 340 27.42 -3.15 19.44
CA ASP A 340 28.70 -3.07 18.76
C ASP A 340 28.63 -3.73 17.40
N LEU A 341 28.11 -4.97 17.36
CA LEU A 341 28.00 -5.69 16.10
C LEU A 341 27.05 -4.98 15.14
N GLN A 342 26.06 -4.26 15.67
CA GLN A 342 25.11 -3.58 14.82
C GLN A 342 25.81 -2.53 13.95
N SER A 343 26.45 -1.56 14.59
CA SER A 343 27.17 -0.53 13.83
C SER A 343 28.31 -1.13 13.03
N ALA A 344 28.95 -2.19 13.53
CA ALA A 344 29.98 -2.85 12.73
C ALA A 344 29.41 -3.33 11.39
N THR A 345 28.28 -4.05 11.43
CA THR A 345 27.66 -4.47 10.18
C THR A 345 27.29 -3.30 9.32
N GLY A 346 26.84 -2.20 9.94
CA GLY A 346 26.55 -0.99 9.16
C GLY A 346 27.75 -0.51 8.36
N THR A 347 28.89 -0.39 9.01
CA THR A 347 30.09 0.08 8.31
C THR A 347 30.53 -0.91 7.24
N ALA A 348 30.36 -2.20 7.48
CA ALA A 348 30.82 -3.16 6.49
C ALA A 348 29.97 -3.13 5.23
N ARG A 349 28.64 -3.18 5.37
CA ARG A 349 27.79 -3.08 4.19
C ARG A 349 28.01 -1.76 3.48
N ALA A 350 28.08 -0.66 4.22
CA ALA A 350 28.37 0.62 3.61
C ALA A 350 29.72 0.63 2.90
N MET A 351 30.66 -0.20 3.34
CA MET A 351 31.98 -0.23 2.77
C MET A 351 32.09 -1.14 1.55
N VAL A 352 31.15 -2.05 1.35
CA VAL A 352 31.18 -2.98 0.22
C VAL A 352 30.19 -2.60 -0.87
N THR A 353 29.04 -2.04 -0.49
CA THR A 353 28.01 -1.81 -1.48
C THR A 353 27.93 -0.37 -1.96
N GLN A 354 28.62 0.56 -1.32
CA GLN A 354 28.55 1.96 -1.73
C GLN A 354 29.91 2.54 -2.12
N TYR A 355 30.94 2.26 -1.34
CA TYR A 355 32.22 2.93 -1.51
C TYR A 355 33.11 2.24 -2.53
N GLY A 356 32.67 1.14 -3.12
CA GLY A 356 33.49 0.44 -4.08
C GLY A 356 34.79 -0.08 -3.51
N MET A 357 34.83 -0.37 -2.21
CA MET A 357 36.04 -0.86 -1.57
C MET A 357 36.16 -2.38 -1.59
N SER A 358 35.53 -3.02 -2.57
CA SER A 358 35.62 -4.46 -2.74
C SER A 358 36.51 -4.81 -3.92
N ASP A 359 36.78 -6.10 -4.08
CA ASP A 359 37.46 -6.59 -5.26
C ASP A 359 36.72 -7.77 -5.85
N ASP A 360 36.05 -8.54 -4.98
CA ASP A 360 35.18 -9.61 -5.47
C ASP A 360 33.97 -9.04 -6.19
N VAL A 361 33.37 -8.00 -5.64
CA VAL A 361 32.51 -7.11 -6.41
C VAL A 361 33.38 -6.06 -7.07
N GLY A 362 33.07 -5.70 -8.31
CA GLY A 362 33.83 -4.70 -9.00
C GLY A 362 33.66 -3.33 -8.40
N PRO A 363 33.92 -2.30 -9.19
CA PRO A 363 33.75 -0.92 -8.72
C PRO A 363 32.33 -0.41 -8.93
N VAL A 364 31.36 -1.17 -8.44
CA VAL A 364 29.96 -0.88 -8.72
C VAL A 364 29.26 -0.44 -7.45
N ASN A 365 28.26 0.41 -7.62
CA ASN A 365 27.41 0.88 -6.54
C ASN A 365 26.19 -0.03 -6.46
N LEU A 366 26.02 -0.70 -5.32
CA LEU A 366 24.87 -1.55 -5.10
C LEU A 366 23.89 -0.96 -4.10
N SER A 367 24.03 0.32 -3.77
CA SER A 367 23.26 0.88 -2.68
C SER A 367 21.81 1.06 -3.06
N GLU A 368 21.52 1.95 -4.00
CA GLU A 368 20.14 2.28 -4.32
C GLU A 368 19.57 1.22 -5.25
N GLU A 369 18.25 1.02 -5.16
CA GLU A 369 17.58 -0.17 -5.66
C GLU A 369 18.41 -1.42 -5.41
N TRP A 370 18.66 -1.68 -4.13
CA TRP A 370 19.33 -2.91 -3.72
C TRP A 370 18.57 -4.14 -4.19
N GLU A 371 17.25 -4.03 -4.32
CA GLU A 371 16.45 -5.21 -4.62
C GLU A 371 16.48 -5.53 -6.11
N SER A 372 16.70 -4.52 -6.95
CA SER A 372 16.55 -4.74 -8.39
C SER A 372 17.66 -5.61 -8.95
N TRP A 373 18.77 -5.73 -8.22
CA TRP A 373 19.84 -6.60 -8.65
C TRP A 373 19.42 -8.04 -8.56
N SER A 374 20.30 -8.94 -8.98
CA SER A 374 19.95 -10.35 -8.97
C SER A 374 20.18 -10.96 -7.60
N ASN A 375 20.17 -12.30 -7.57
CA ASN A 375 20.48 -13.00 -6.33
C ASN A 375 21.92 -13.45 -6.29
N LYS A 376 22.52 -13.66 -7.46
CA LYS A 376 23.90 -14.13 -7.52
C LYS A 376 24.87 -13.05 -7.07
N ILE A 377 24.73 -11.86 -7.66
CA ILE A 377 25.58 -10.74 -7.28
C ILE A 377 25.38 -10.39 -5.82
N ARG A 378 24.17 -10.54 -5.29
CA ARG A 378 23.95 -10.23 -3.89
C ARG A 378 24.52 -11.29 -2.97
N ASP A 379 24.51 -12.56 -3.37
CA ASP A 379 25.24 -13.56 -2.61
C ASP A 379 26.72 -13.21 -2.52
N ILE A 380 27.31 -12.78 -3.63
CA ILE A 380 28.72 -12.39 -3.59
C ILE A 380 28.92 -11.21 -2.66
N ALA A 381 28.04 -10.22 -2.73
CA ALA A 381 28.19 -9.03 -1.88
C ALA A 381 28.13 -9.40 -0.40
N ASP A 382 27.03 -10.03 0.03
CA ASP A 382 26.88 -10.32 1.45
C ASP A 382 27.96 -11.28 1.96
N ASN A 383 28.34 -12.25 1.13
CA ASN A 383 29.50 -13.08 1.47
C ASN A 383 30.72 -12.24 1.80
N GLU A 384 31.06 -11.29 0.91
CA GLU A 384 32.24 -10.49 1.20
C GLU A 384 32.05 -9.64 2.45
N VAL A 385 30.82 -9.23 2.74
CA VAL A 385 30.58 -8.48 3.98
C VAL A 385 30.96 -9.31 5.19
N ILE A 386 30.38 -10.50 5.33
CA ILE A 386 30.68 -11.24 6.56
C ILE A 386 32.13 -11.70 6.57
N GLU A 387 32.76 -11.84 5.41
CA GLU A 387 34.20 -12.09 5.47
C GLU A 387 34.97 -10.90 6.01
N LEU A 388 34.55 -9.67 5.67
CA LEU A 388 35.19 -8.51 6.29
C LEU A 388 35.06 -8.55 7.80
N LEU A 389 33.86 -8.82 8.31
CA LEU A 389 33.69 -8.83 9.76
C LEU A 389 34.50 -9.93 10.43
N LYS A 390 34.50 -11.15 9.87
CA LYS A 390 35.28 -12.23 10.46
C LYS A 390 36.76 -11.87 10.50
N ASP A 391 37.29 -11.30 9.41
CA ASP A 391 38.68 -10.86 9.42
C ASP A 391 38.92 -9.85 10.53
N SER A 392 37.99 -8.90 10.70
CA SER A 392 38.14 -7.90 11.75
C SER A 392 38.25 -8.53 13.13
N GLU A 393 37.33 -9.43 13.48
CA GLU A 393 37.40 -10.01 14.82
C GLU A 393 38.65 -10.85 14.97
N GLU A 394 39.15 -11.41 13.88
CA GLU A 394 40.41 -12.13 14.00
C GLU A 394 41.55 -11.18 14.35
N ARG A 395 41.62 -10.01 13.72
CA ARG A 395 42.70 -9.08 14.05
C ARG A 395 42.57 -8.57 15.49
N ALA A 396 41.36 -8.27 15.94
CA ALA A 396 41.20 -7.87 17.34
C ALA A 396 41.62 -8.99 18.28
N ARG A 397 41.32 -10.24 17.93
CA ARG A 397 41.74 -11.37 18.75
C ARG A 397 43.26 -11.44 18.85
N ARG A 398 43.95 -11.24 17.74
CA ARG A 398 45.41 -11.26 17.78
C ARG A 398 45.96 -10.12 18.62
N LEU A 399 45.42 -8.91 18.46
CA LEU A 399 46.00 -7.76 19.13
C LEU A 399 45.70 -7.78 20.62
N LEU A 400 44.59 -8.38 21.02
CA LEU A 400 44.32 -8.46 22.45
C LEU A 400 45.00 -9.66 23.10
N THR A 401 45.19 -10.76 22.37
CA THR A 401 46.01 -11.83 22.92
C THR A 401 47.49 -11.51 22.85
N LYS A 402 47.86 -10.41 22.20
CA LYS A 402 49.23 -9.91 22.27
C LYS A 402 49.39 -8.86 23.37
N LYS A 403 48.36 -8.06 23.62
CA LYS A 403 48.40 -6.96 24.56
C LYS A 403 47.72 -7.28 25.88
N ASN A 404 47.90 -8.51 26.37
CA ASN A 404 47.15 -8.99 27.53
C ASN A 404 47.42 -8.13 28.76
N VAL A 405 48.68 -8.01 29.16
CA VAL A 405 49.02 -7.42 30.45
C VAL A 405 48.53 -5.98 30.55
N GLU A 406 48.59 -5.23 29.46
CA GLU A 406 48.03 -3.89 29.47
C GLU A 406 46.52 -3.92 29.49
N LEU A 407 45.91 -4.99 29.01
CA LEU A 407 44.46 -5.14 29.13
C LEU A 407 44.07 -5.27 30.60
N HIS A 408 44.76 -6.13 31.35
CA HIS A 408 44.48 -6.22 32.78
C HIS A 408 44.78 -4.90 33.48
N ARG A 409 45.90 -4.27 33.15
CA ARG A 409 46.26 -3.01 33.80
C ARG A 409 45.20 -1.95 33.59
N LEU A 410 44.76 -1.74 32.34
CA LEU A 410 43.75 -0.73 32.09
C LEU A 410 42.42 -1.11 32.72
N ALA A 411 42.10 -2.40 32.79
CA ALA A 411 40.88 -2.82 33.45
C ALA A 411 40.87 -2.42 34.92
N GLN A 412 41.89 -2.84 35.66
CA GLN A 412 41.96 -2.45 37.07
C GLN A 412 42.03 -0.95 37.23
N GLY A 413 42.69 -0.26 36.29
CA GLY A 413 42.68 1.20 36.31
C GLY A 413 41.28 1.76 36.25
N LEU A 414 40.40 1.16 35.44
CA LEU A 414 39.02 1.60 35.43
C LEU A 414 38.25 1.17 36.66
N ILE A 415 38.58 0.05 37.28
CA ILE A 415 37.84 -0.35 38.47
C ILE A 415 38.17 0.56 39.64
N GLU A 416 39.40 1.08 39.68
CA GLU A 416 39.77 1.98 40.77
C GLU A 416 39.36 3.42 40.46
N TYR A 417 39.56 3.85 39.23
CA TYR A 417 39.23 5.19 38.77
C TYR A 417 38.06 5.07 37.80
N GLU A 418 36.98 5.80 38.06
CA GLU A 418 35.81 5.68 37.19
C GLU A 418 36.13 6.10 35.76
N THR A 419 36.98 7.10 35.57
CA THR A 419 37.27 7.61 34.25
C THR A 419 38.78 7.68 34.05
N LEU A 420 39.20 7.88 32.81
CA LEU A 420 40.60 8.01 32.47
C LEU A 420 40.71 8.73 31.13
N ASP A 421 41.40 9.86 31.10
CA ASP A 421 41.61 10.55 29.84
C ASP A 421 42.73 9.86 29.06
N ALA A 422 43.18 10.49 27.98
CA ALA A 422 44.19 9.86 27.14
C ALA A 422 45.51 9.69 27.88
N HIS A 423 45.99 10.73 28.56
CA HIS A 423 47.27 10.66 29.24
C HIS A 423 47.23 9.65 30.39
N GLU A 424 46.24 9.78 31.27
CA GLU A 424 46.11 8.87 32.40
C GLU A 424 46.03 7.42 31.95
N ILE A 425 45.31 7.14 30.86
CA ILE A 425 45.39 5.81 30.27
C ILE A 425 46.81 5.49 29.86
N GLU A 426 47.48 6.47 29.23
CA GLU A 426 48.80 6.25 28.68
C GLU A 426 49.80 5.81 29.73
N GLN A 427 49.64 6.30 30.97
CA GLN A 427 50.60 5.90 31.99
C GLN A 427 50.06 4.80 32.90
N VAL A 428 48.73 4.66 33.02
CA VAL A 428 48.19 3.52 33.74
C VAL A 428 48.51 2.22 33.02
N CYS A 429 48.59 2.27 31.68
CA CYS A 429 48.99 1.08 30.95
C CYS A 429 50.47 0.78 31.15
N LYS A 430 51.30 1.79 31.37
CA LYS A 430 52.72 1.61 31.61
C LYS A 430 53.03 1.24 33.04
N GLY A 431 52.04 0.85 33.83
CA GLY A 431 52.29 0.40 35.19
C GLY A 431 52.83 1.47 36.10
N GLU A 432 52.56 2.73 35.80
CA GLU A 432 53.00 3.84 36.65
C GLU A 432 51.93 4.08 37.72
N LYS A 433 52.06 5.18 38.44
CA LYS A 433 51.13 5.52 39.51
C LYS A 433 50.57 6.90 39.26
N LEU A 434 49.26 7.05 39.40
CA LEU A 434 48.58 8.26 38.98
C LEU A 434 48.31 9.19 40.16
N ALA A 435 48.46 10.49 39.91
CA ALA A 435 48.34 11.51 40.94
C ALA A 435 46.93 12.12 40.92
N LYS A 436 45.98 11.30 41.35
CA LYS A 436 44.60 11.72 41.56
C LYS A 436 44.00 10.79 42.60
N LEU A 437 42.73 11.01 42.90
CA LEU A 437 42.12 10.28 44.01
C LEU A 437 41.31 9.09 43.50
N LYS A 438 41.23 8.06 44.33
CA LYS A 438 40.46 6.87 44.04
C LYS A 438 38.98 7.22 43.96
N THR A 439 38.17 6.23 43.60
CA THR A 439 36.73 6.41 43.45
C THR A 439 36.06 6.79 44.76
N LYS B 1 3.71 15.80 46.73
CA LYS B 1 5.02 16.44 46.78
C LYS B 1 6.12 15.47 46.36
N PHE B 2 7.33 16.00 46.19
CA PHE B 2 8.44 15.23 45.65
C PHE B 2 8.79 14.01 46.48
N ASP B 3 8.37 13.95 47.75
CA ASP B 3 8.59 12.73 48.49
C ASP B 3 7.66 11.62 48.06
N ASP B 4 6.56 11.96 47.40
CA ASP B 4 5.62 10.95 46.94
C ASP B 4 6.01 10.32 45.62
N VAL B 5 6.96 10.90 44.89
CA VAL B 5 7.39 10.32 43.60
C VAL B 5 8.54 9.37 43.94
N CYS B 6 8.17 8.19 44.40
CA CYS B 6 9.15 7.22 44.87
C CYS B 6 9.62 6.33 43.72
N GLY B 7 10.93 6.28 43.52
CA GLY B 7 11.49 5.75 42.31
C GLY B 7 11.83 6.87 41.34
N CYS B 8 12.65 6.53 40.34
CA CYS B 8 13.17 7.46 39.33
C CYS B 8 13.70 8.75 39.96
N ASP B 9 14.75 8.59 40.76
CA ASP B 9 15.29 9.71 41.52
C ASP B 9 15.96 10.77 40.67
N GLU B 10 16.40 10.42 39.46
CA GLU B 10 17.08 11.39 38.59
C GLU B 10 16.10 12.44 38.08
N ALA B 11 15.02 11.99 37.43
CA ALA B 11 14.01 12.91 36.94
C ALA B 11 13.43 13.76 38.06
N ARG B 12 13.35 13.23 39.28
CA ARG B 12 12.94 14.07 40.38
C ARG B 12 14.04 15.07 40.73
N ALA B 13 15.30 14.67 40.56
CA ALA B 13 16.39 15.58 40.86
C ALA B 13 16.37 16.81 39.97
N GLU B 14 16.12 16.62 38.67
CA GLU B 14 16.19 17.76 37.76
C GLU B 14 15.07 18.76 38.02
N LEU B 15 13.84 18.26 38.18
CA LEU B 15 12.74 19.14 38.55
C LEU B 15 12.95 19.80 39.91
N GLU B 16 13.58 19.10 40.85
CA GLU B 16 13.96 19.77 42.09
C GLU B 16 14.93 20.91 41.83
N GLU B 17 15.84 20.74 40.87
CA GLU B 17 16.76 21.82 40.55
C GLU B 17 16.02 23.01 39.96
N ILE B 18 14.97 22.76 39.18
CA ILE B 18 14.20 23.87 38.64
C ILE B 18 13.47 24.60 39.75
N VAL B 19 12.81 23.86 40.65
CA VAL B 19 12.06 24.50 41.72
C VAL B 19 12.98 25.29 42.63
N ASP B 20 14.09 24.68 43.05
CA ASP B 20 15.04 25.38 43.90
C ASP B 20 15.63 26.57 43.17
N PHE B 21 15.83 26.46 41.87
CA PHE B 21 16.28 27.61 41.09
C PHE B 21 15.27 28.74 41.18
N LEU B 22 13.98 28.40 41.26
CA LEU B 22 12.95 29.44 41.33
C LEU B 22 12.86 30.04 42.72
N LYS B 23 13.24 29.29 43.75
CA LYS B 23 13.18 29.84 45.11
C LYS B 23 14.16 31.01 45.26
N ASP B 24 15.46 30.73 45.15
CA ASP B 24 16.51 31.75 45.30
C ASP B 24 17.51 31.64 44.16
N PRO B 25 17.47 32.57 43.20
CA PRO B 25 18.37 32.45 42.05
C PRO B 25 19.82 32.76 42.36
N THR B 26 20.13 33.29 43.54
CA THR B 26 21.49 33.72 43.84
C THR B 26 22.46 32.55 43.81
N LYS B 27 22.02 31.36 44.21
CA LYS B 27 22.91 30.22 44.26
C LYS B 27 23.39 29.83 42.87
N TYR B 28 22.59 30.09 41.84
CA TYR B 28 22.80 29.49 40.54
C TYR B 28 23.21 30.49 39.46
N GLU B 29 22.68 31.71 39.48
CA GLU B 29 22.92 32.66 38.40
C GLU B 29 24.06 33.61 38.69
N SER B 30 25.04 33.21 39.50
CA SER B 30 26.12 34.13 39.83
C SER B 30 27.17 34.18 38.73
N LEU B 31 27.13 33.24 37.80
CA LEU B 31 28.08 33.21 36.70
C LEU B 31 27.43 33.40 35.35
N GLY B 32 26.16 33.77 35.31
CA GLY B 32 25.46 33.97 34.07
C GLY B 32 24.60 32.82 33.61
N GLY B 33 24.41 31.81 34.45
CA GLY B 33 23.42 30.79 34.14
C GLY B 33 22.01 31.35 34.22
N LYS B 34 21.07 30.63 33.63
CA LYS B 34 19.70 31.11 33.52
C LYS B 34 18.72 29.94 33.57
N LEU B 35 17.44 30.28 33.65
CA LEU B 35 16.40 29.27 33.67
C LEU B 35 16.49 28.41 32.41
N PRO B 36 16.10 27.15 32.48
CA PRO B 36 15.80 26.42 31.25
C PRO B 36 14.46 26.88 30.70
N LYS B 37 14.41 27.01 29.38
CA LYS B 37 13.18 27.43 28.74
C LYS B 37 12.15 26.33 28.64
N GLY B 38 12.48 25.11 29.08
CA GLY B 38 11.51 24.04 29.04
C GLY B 38 12.04 22.67 29.41
N VAL B 39 11.14 21.84 29.92
CA VAL B 39 11.42 20.45 30.25
C VAL B 39 10.50 19.59 29.40
N LEU B 40 10.94 18.39 29.05
CA LEU B 40 10.13 17.45 28.27
C LEU B 40 10.21 16.09 28.93
N LEU B 41 9.10 15.64 29.50
CA LEU B 41 9.05 14.40 30.26
C LEU B 41 8.60 13.29 29.31
N THR B 42 9.55 12.52 28.81
CA THR B 42 9.25 11.38 27.96
C THR B 42 9.30 10.09 28.77
N GLY B 43 8.75 9.02 28.19
CA GLY B 43 8.80 7.72 28.82
C GLY B 43 7.59 6.87 28.49
N PRO B 44 7.63 5.61 28.91
CA PRO B 44 6.52 4.69 28.63
C PRO B 44 5.26 5.09 29.37
N PRO B 45 4.18 4.31 29.24
CA PRO B 45 2.93 4.69 29.90
C PRO B 45 2.83 4.14 31.30
N GLY B 46 2.53 5.02 32.25
CA GLY B 46 2.33 4.63 33.63
C GLY B 46 3.54 4.83 34.52
N THR B 47 4.60 5.45 34.02
CA THR B 47 5.86 5.50 34.76
C THR B 47 5.93 6.63 35.78
N GLY B 48 5.04 7.62 35.70
CA GLY B 48 5.00 8.63 36.73
C GLY B 48 5.26 10.05 36.28
N LYS B 49 4.85 10.41 35.07
CA LYS B 49 5.13 11.74 34.56
C LYS B 49 4.19 12.79 35.14
N THR B 50 2.88 12.64 34.93
CA THR B 50 1.94 13.58 35.51
C THR B 50 2.00 13.60 37.03
N LEU B 51 2.50 12.53 37.65
CA LEU B 51 2.80 12.59 39.07
C LEU B 51 3.88 13.64 39.34
N LEU B 52 4.87 13.73 38.47
CA LEU B 52 5.88 14.77 38.61
C LEU B 52 5.31 16.15 38.28
N ALA B 53 4.32 16.21 37.40
CA ALA B 53 3.67 17.49 37.14
C ALA B 53 2.91 17.96 38.37
N ARG B 54 2.12 17.10 39.01
CA ARG B 54 1.42 17.49 40.22
C ARG B 54 2.40 17.81 41.34
N ALA B 55 3.45 16.99 41.49
CA ALA B 55 4.45 17.26 42.51
C ALA B 55 5.09 18.63 42.30
N THR B 56 5.51 18.92 41.08
CA THR B 56 6.06 20.23 40.76
C THR B 56 5.07 21.33 41.09
N ALA B 57 3.79 21.11 40.82
CA ALA B 57 2.79 22.11 41.16
C ALA B 57 2.70 22.30 42.67
N GLY B 58 3.01 21.25 43.44
CA GLY B 58 2.94 21.39 44.87
C GLY B 58 4.13 22.14 45.44
N GLU B 59 5.33 21.73 45.06
CA GLU B 59 6.54 22.35 45.60
C GLU B 59 6.83 23.72 45.01
N ALA B 60 6.25 24.06 43.86
CA ALA B 60 6.70 25.23 43.11
C ALA B 60 6.37 26.53 43.83
N GLY B 61 5.15 26.64 44.34
CA GLY B 61 4.72 27.91 44.89
C GLY B 61 4.66 29.03 43.88
N VAL B 62 4.39 28.71 42.61
CA VAL B 62 4.40 29.68 41.53
C VAL B 62 3.14 29.46 40.71
N ASP B 63 2.73 30.49 39.97
CA ASP B 63 1.54 30.39 39.15
C ASP B 63 1.67 29.28 38.13
N PHE B 64 0.88 28.22 38.30
CA PHE B 64 0.99 27.02 37.50
C PHE B 64 -0.24 26.90 36.63
N PHE B 65 -0.03 26.86 35.31
CA PHE B 65 -1.12 26.77 34.34
C PHE B 65 -1.04 25.43 33.65
N PHE B 66 -2.09 24.62 33.78
CA PHE B 66 -2.09 23.29 33.18
C PHE B 66 -3.18 23.19 32.14
N MET B 67 -2.88 22.52 31.04
CA MET B 67 -3.86 22.21 30.03
C MET B 67 -3.35 21.03 29.23
N SER B 68 -4.26 20.32 28.56
CA SER B 68 -3.84 19.18 27.78
C SER B 68 -3.64 19.58 26.32
N GLY B 69 -3.28 18.59 25.50
CA GLY B 69 -3.04 18.86 24.10
C GLY B 69 -4.26 18.73 23.22
N SER B 70 -5.29 18.05 23.69
CA SER B 70 -6.51 17.88 22.92
C SER B 70 -7.62 18.82 23.36
N GLU B 71 -7.28 20.01 23.84
CA GLU B 71 -8.25 21.01 24.25
C GLU B 71 -8.12 22.29 23.43
N PHE B 72 -7.24 22.29 22.44
CA PHE B 72 -7.00 23.48 21.63
C PHE B 72 -7.91 23.50 20.40
N ASP B 73 -7.76 22.51 19.52
CA ASP B 73 -8.48 22.49 18.27
C ASP B 73 -9.98 22.36 18.52
N GLU B 74 -10.77 22.91 17.62
CA GLU B 74 -12.22 22.80 17.76
C GLU B 74 -12.84 23.19 16.43
N VAL B 75 -14.16 23.44 16.43
CA VAL B 75 -14.95 23.46 15.20
C VAL B 75 -14.39 24.45 14.19
N TYR B 76 -14.05 25.64 14.65
CA TYR B 76 -13.73 26.74 13.76
C TYR B 76 -12.22 26.78 13.50
N VAL B 77 -11.84 27.51 12.46
CA VAL B 77 -10.46 27.50 11.98
C VAL B 77 -9.67 28.53 12.75
N GLY B 78 -8.44 28.18 13.11
CA GLY B 78 -7.62 29.09 13.90
C GLY B 78 -8.16 29.38 15.27
N VAL B 79 -8.69 28.38 15.96
CA VAL B 79 -9.13 28.57 17.34
C VAL B 79 -8.10 28.06 18.33
N GLY B 80 -7.45 26.93 18.03
CA GLY B 80 -6.33 26.51 18.86
C GLY B 80 -5.22 27.55 18.89
N ALA B 81 -5.02 28.24 17.77
CA ALA B 81 -4.03 29.30 17.75
C ALA B 81 -4.35 30.39 18.77
N LYS B 82 -5.55 30.96 18.70
CA LYS B 82 -5.88 32.05 19.62
C LYS B 82 -5.95 31.56 21.05
N ARG B 83 -6.27 30.28 21.26
CA ARG B 83 -6.24 29.76 22.62
C ARG B 83 -4.82 29.62 23.12
N ILE B 84 -3.84 29.44 22.23
CA ILE B 84 -2.44 29.47 22.67
C ILE B 84 -2.00 30.91 22.95
N ARG B 85 -2.31 31.83 22.03
CA ARG B 85 -1.98 33.23 22.28
C ARG B 85 -2.61 33.74 23.57
N ASP B 86 -3.80 33.29 23.90
CA ASP B 86 -4.42 33.64 25.17
C ASP B 86 -3.78 32.91 26.34
N LEU B 87 -3.32 31.67 26.14
CA LEU B 87 -2.65 30.97 27.23
C LEU B 87 -1.38 31.69 27.65
N PHE B 88 -0.47 31.90 26.69
CA PHE B 88 0.77 32.59 27.02
C PHE B 88 0.55 34.04 27.39
N ALA B 89 -0.42 34.72 26.76
CA ALA B 89 -0.74 36.07 27.19
C ALA B 89 -1.21 36.09 28.63
N GLN B 90 -1.94 35.06 29.07
CA GLN B 90 -2.26 34.90 30.47
C GLN B 90 -1.00 34.73 31.31
N ALA B 91 -0.10 33.85 30.87
CA ALA B 91 1.06 33.54 31.69
C ALA B 91 2.07 34.67 31.74
N ARG B 92 2.26 35.40 30.64
CA ARG B 92 3.24 36.46 30.62
C ARG B 92 2.93 37.57 31.62
N SER B 93 1.66 37.77 31.93
CA SER B 93 1.28 38.75 32.94
C SER B 93 1.60 38.29 34.36
N ARG B 94 2.13 37.09 34.53
CA ARG B 94 2.70 36.63 35.79
C ARG B 94 4.20 36.53 35.57
N ALA B 95 4.99 36.98 36.53
CA ALA B 95 6.42 37.03 36.23
C ALA B 95 7.01 35.62 36.30
N PRO B 96 6.97 34.94 37.45
CA PRO B 96 7.37 33.53 37.44
C PRO B 96 6.19 32.67 37.05
N ALA B 97 6.33 31.83 36.03
CA ALA B 97 5.19 31.09 35.55
C ALA B 97 5.64 29.74 35.02
N ILE B 98 4.73 28.77 35.11
CA ILE B 98 4.96 27.44 34.57
C ILE B 98 3.71 27.03 33.82
N ILE B 99 3.88 26.31 32.72
CA ILE B 99 2.79 25.84 31.88
C ILE B 99 3.04 24.38 31.58
N PHE B 100 2.03 23.55 31.83
CA PHE B 100 2.12 22.11 31.62
C PHE B 100 1.12 21.72 30.56
N ILE B 101 1.61 21.33 29.41
CA ILE B 101 0.78 20.87 28.30
C ILE B 101 0.89 19.35 28.28
N ASP B 102 -0.14 18.67 28.78
CA ASP B 102 -0.08 17.22 28.86
C ASP B 102 -0.62 16.60 27.59
N GLN B 103 -0.15 15.38 27.31
CA GLN B 103 -0.46 14.71 26.05
C GLN B 103 -0.07 15.59 24.87
N LEU B 104 1.23 15.83 24.77
CA LEU B 104 1.77 16.77 23.82
C LEU B 104 1.71 16.29 22.38
N ASP B 105 1.26 15.05 22.14
CA ASP B 105 1.20 14.53 20.79
C ASP B 105 0.06 15.12 19.98
N ALA B 106 -1.06 15.46 20.61
CA ALA B 106 -2.17 16.01 19.86
C ALA B 106 -1.83 17.33 19.20
N ILE B 107 -0.89 18.09 19.74
CA ILE B 107 -0.48 19.35 19.17
C ILE B 107 0.81 19.22 18.38
N GLY B 108 1.77 18.47 18.91
CA GLY B 108 3.04 18.28 18.22
C GLY B 108 2.88 17.32 17.08
N GLY B 109 3.81 16.41 16.91
CA GLY B 109 3.64 15.52 15.79
C GLY B 109 4.17 16.11 14.50
N LYS B 110 4.83 15.27 13.72
CA LYS B 110 5.60 15.75 12.58
C LYS B 110 4.69 16.37 11.54
N ARG B 111 5.01 17.60 11.15
CA ARG B 111 4.33 18.25 10.06
C ARG B 111 5.03 17.95 8.76
N ASN B 112 4.25 17.89 7.70
CA ASN B 112 4.75 17.49 6.40
C ASN B 112 3.70 17.84 5.34
N PRO B 113 3.94 17.55 4.07
CA PRO B 113 2.83 17.52 3.11
C PRO B 113 1.85 16.41 3.43
N LYS B 114 0.86 16.19 2.56
CA LYS B 114 -0.17 15.16 2.78
C LYS B 114 -1.18 15.61 3.84
N ASP B 115 -1.26 16.92 4.07
CA ASP B 115 -2.18 17.45 5.07
C ASP B 115 -2.73 18.80 4.62
N GLN B 116 -3.91 19.13 5.14
CA GLN B 116 -4.61 20.33 4.74
C GLN B 116 -3.84 21.58 5.15
N ALA B 117 -4.22 22.71 4.59
CA ALA B 117 -3.54 23.96 4.95
C ALA B 117 -4.26 24.68 6.09
N TYR B 118 -4.65 23.94 7.12
CA TYR B 118 -4.95 24.53 8.41
C TYR B 118 -4.59 23.57 9.53
N ALA B 119 -4.01 22.40 9.21
CA ALA B 119 -3.80 21.36 10.20
C ALA B 119 -2.69 21.71 11.18
N LYS B 120 -1.72 22.52 10.77
CA LYS B 120 -0.57 22.81 11.61
C LYS B 120 -0.47 24.29 11.92
N GLN B 121 -1.59 24.90 12.30
CA GLN B 121 -1.58 26.28 12.75
C GLN B 121 -1.40 26.39 14.25
N THR B 122 -1.88 25.40 15.00
CA THR B 122 -1.63 25.36 16.44
C THR B 122 -0.17 25.04 16.72
N LEU B 123 0.38 24.05 16.01
CA LEU B 123 1.80 23.74 16.13
C LEU B 123 2.66 24.96 15.83
N ASN B 124 2.38 25.65 14.73
CA ASN B 124 3.16 26.82 14.38
C ASN B 124 3.03 27.92 15.41
N GLN B 125 1.80 28.22 15.85
CA GLN B 125 1.64 29.27 16.84
C GLN B 125 2.37 28.94 18.14
N LEU B 126 2.43 27.66 18.51
CA LEU B 126 3.25 27.29 19.65
C LEU B 126 4.71 27.54 19.37
N LEU B 127 5.18 27.16 18.17
CA LEU B 127 6.59 27.34 17.84
C LEU B 127 6.99 28.81 17.89
N VAL B 128 6.08 29.72 17.57
CA VAL B 128 6.43 31.12 17.70
C VAL B 128 6.17 31.65 19.10
N GLU B 129 5.46 30.90 19.93
CA GLU B 129 5.31 31.34 21.31
C GLU B 129 6.47 30.93 22.19
N LEU B 130 7.12 29.81 21.90
CA LEU B 130 8.28 29.40 22.71
C LEU B 130 9.46 30.34 22.53
N ASP B 131 9.87 30.61 21.29
CA ASP B 131 10.86 31.66 21.03
C ASP B 131 10.68 32.15 19.59
N GLY B 132 10.07 33.31 19.45
CA GLY B 132 9.91 33.96 18.18
C GLY B 132 10.77 35.20 18.09
N PHE B 133 10.20 36.23 17.49
CA PHE B 133 10.91 37.49 17.34
C PHE B 133 10.93 38.30 18.65
N SER B 134 10.13 37.91 19.65
CA SER B 134 10.01 38.74 20.85
C SER B 134 11.10 38.42 21.86
N GLN B 135 11.25 37.15 22.24
CA GLN B 135 12.30 36.71 23.15
C GLN B 135 12.11 37.29 24.55
N THR B 136 10.93 37.09 25.12
CA THR B 136 10.59 37.55 26.46
C THR B 136 10.54 36.35 27.39
N SER B 137 11.54 36.22 28.26
CA SER B 137 11.68 35.07 29.12
C SER B 137 10.75 35.22 30.33
N GLY B 138 10.92 34.34 31.31
CA GLY B 138 10.09 34.32 32.50
C GLY B 138 9.06 33.22 32.52
N ILE B 139 9.01 32.36 31.51
CA ILE B 139 7.99 31.32 31.41
C ILE B 139 8.67 29.99 31.14
N ILE B 140 8.37 29.00 31.96
CA ILE B 140 8.88 27.65 31.81
C ILE B 140 7.74 26.74 31.43
N ILE B 141 7.83 26.12 30.27
CA ILE B 141 6.80 25.20 29.79
C ILE B 141 7.28 23.78 30.00
N ILE B 142 6.37 22.90 30.40
CA ILE B 142 6.65 21.48 30.60
C ILE B 142 5.77 20.71 29.64
N GLY B 143 6.25 19.57 29.19
CA GLY B 143 5.47 18.72 28.31
C GLY B 143 5.73 17.25 28.58
N ALA B 144 4.71 16.44 28.37
CA ALA B 144 4.78 15.01 28.61
C ALA B 144 4.36 14.28 27.34
N THR B 145 5.06 13.19 27.04
CA THR B 145 4.84 12.52 25.76
C THR B 145 5.21 11.05 25.88
N ASN B 146 4.30 10.19 25.43
CA ASN B 146 4.62 8.78 25.32
C ASN B 146 5.57 8.53 24.15
N PHE B 147 5.41 9.28 23.07
CA PHE B 147 6.12 9.06 21.82
C PHE B 147 7.06 10.23 21.56
N PRO B 148 8.30 10.16 22.04
CA PRO B 148 9.22 11.28 21.84
C PRO B 148 9.55 11.49 20.38
N GLU B 149 9.43 10.43 19.59
CA GLU B 149 9.83 10.47 18.19
C GLU B 149 8.76 11.04 17.28
N ALA B 150 7.49 10.91 17.62
CA ALA B 150 6.44 11.45 16.79
C ALA B 150 6.44 12.97 16.74
N LEU B 151 7.10 13.63 17.68
CA LEU B 151 7.16 15.08 17.68
C LEU B 151 8.07 15.56 16.56
N ASP B 152 7.71 16.69 15.97
CA ASP B 152 8.56 17.31 14.97
C ASP B 152 9.82 17.85 15.62
N LYS B 153 10.88 18.03 14.82
CA LYS B 153 12.14 18.48 15.40
C LYS B 153 12.16 19.98 15.67
N ALA B 154 11.07 20.69 15.35
CA ALA B 154 11.06 22.12 15.59
C ALA B 154 10.62 22.45 17.01
N LEU B 155 9.83 21.59 17.65
CA LEU B 155 9.51 21.80 19.06
C LEU B 155 10.64 21.32 19.95
N THR B 156 11.12 20.10 19.74
CA THR B 156 12.03 19.48 20.68
C THR B 156 13.47 19.94 20.53
N ARG B 157 13.74 21.00 19.79
CA ARG B 157 15.11 21.45 19.70
C ARG B 157 15.47 22.24 20.95
N PRO B 158 16.75 22.28 21.30
CA PRO B 158 17.15 23.08 22.45
C PRO B 158 16.86 24.55 22.22
N GLY B 159 16.65 25.26 23.31
CA GLY B 159 16.14 26.61 23.22
C GLY B 159 14.63 26.71 23.27
N ARG B 160 13.93 25.60 23.04
CA ARG B 160 12.50 25.49 23.30
C ARG B 160 12.22 24.52 24.43
N PHE B 161 12.71 23.29 24.33
CA PHE B 161 12.69 22.32 25.41
C PHE B 161 14.14 22.06 25.79
N ASP B 162 14.62 22.82 26.77
CA ASP B 162 16.04 22.76 27.11
C ASP B 162 16.45 21.43 27.69
N LYS B 163 15.60 20.77 28.47
CA LYS B 163 15.93 19.50 29.08
C LYS B 163 14.99 18.41 28.59
N VAL B 164 15.56 17.25 28.25
CA VAL B 164 14.79 16.07 27.89
C VAL B 164 14.99 15.03 28.98
N VAL B 165 13.94 14.81 29.77
CA VAL B 165 13.98 13.92 30.91
C VAL B 165 13.34 12.59 30.51
N ASN B 166 14.05 11.50 30.75
CA ASN B 166 13.63 10.17 30.35
C ASN B 166 13.12 9.44 31.59
N VAL B 167 11.81 9.47 31.80
CA VAL B 167 11.20 8.87 32.99
C VAL B 167 10.87 7.41 32.64
N ASP B 168 11.82 6.53 32.86
CA ASP B 168 11.77 5.16 32.37
C ASP B 168 11.27 4.22 33.47
N LEU B 169 10.96 2.98 33.06
CA LEU B 169 10.44 1.98 33.98
C LEU B 169 11.42 1.76 35.13
N PRO B 170 10.93 1.67 36.35
CA PRO B 170 11.84 1.52 37.50
C PRO B 170 12.46 0.14 37.52
N ASP B 171 13.63 0.07 38.15
CA ASP B 171 14.33 -1.18 38.35
C ASP B 171 13.93 -1.77 39.71
N VAL B 172 14.60 -2.86 40.11
CA VAL B 172 14.15 -3.65 41.25
C VAL B 172 14.07 -2.82 42.52
N ARG B 173 15.13 -2.09 42.84
CA ARG B 173 15.12 -1.31 44.07
C ARG B 173 14.14 -0.15 43.99
N GLY B 174 13.93 0.39 42.79
CA GLY B 174 12.88 1.37 42.62
C GLY B 174 11.51 0.80 42.90
N ARG B 175 11.25 -0.42 42.39
CA ARG B 175 9.99 -1.09 42.71
C ARG B 175 9.85 -1.29 44.22
N ALA B 176 10.95 -1.62 44.89
CA ALA B 176 10.93 -1.71 46.34
C ALA B 176 10.46 -0.40 46.96
N ASP B 177 11.02 0.72 46.51
CA ASP B 177 10.62 2.01 47.09
C ASP B 177 9.17 2.34 46.79
N ILE B 178 8.68 2.00 45.59
CA ILE B 178 7.29 2.29 45.26
C ILE B 178 6.36 1.49 46.16
N LEU B 179 6.58 0.17 46.24
CA LEU B 179 5.73 -0.66 47.08
C LEU B 179 5.77 -0.20 48.53
N LYS B 180 6.96 0.12 49.04
CA LYS B 180 7.04 0.66 50.39
C LYS B 180 6.30 1.98 50.51
N HIS B 181 6.14 2.70 49.40
CA HIS B 181 5.42 3.96 49.46
C HIS B 181 3.91 3.75 49.48
N HIS B 182 3.40 2.81 48.69
CA HIS B 182 1.96 2.58 48.68
C HIS B 182 1.51 1.73 49.86
N MET B 183 2.43 1.05 50.55
CA MET B 183 2.07 0.29 51.73
C MET B 183 1.91 1.15 52.96
N LYS B 184 1.72 2.45 52.82
CA LYS B 184 1.56 3.34 53.96
C LYS B 184 0.12 3.73 54.19
N LYS B 185 -0.76 3.51 53.21
CA LYS B 185 -2.18 3.80 53.34
C LYS B 185 -2.97 2.60 53.81
N ILE B 186 -2.33 1.46 54.03
CA ILE B 186 -3.04 0.25 54.40
C ILE B 186 -2.49 -0.29 55.71
N THR B 187 -3.13 -1.32 56.25
CA THR B 187 -2.75 -1.94 57.53
C THR B 187 -1.95 -3.20 57.25
N LEU B 188 -0.63 -3.09 57.30
CA LEU B 188 0.24 -4.12 56.78
C LEU B 188 0.56 -5.16 57.85
N ALA B 189 0.89 -6.37 57.39
CA ALA B 189 1.32 -7.46 58.25
C ALA B 189 2.81 -7.29 58.56
N ASP B 190 3.44 -8.33 59.13
CA ASP B 190 4.81 -8.21 59.59
C ASP B 190 5.80 -9.11 58.87
N ASN B 191 5.35 -10.14 58.17
CA ASN B 191 6.23 -10.98 57.39
C ASN B 191 6.47 -10.45 55.98
N VAL B 192 6.25 -9.15 55.77
CA VAL B 192 6.29 -8.56 54.44
C VAL B 192 7.73 -8.21 54.07
N ASP B 193 8.15 -8.62 52.88
CA ASP B 193 9.48 -8.32 52.35
C ASP B 193 9.31 -7.74 50.97
N PRO B 194 9.18 -6.41 50.83
CA PRO B 194 9.02 -5.81 49.50
C PRO B 194 10.11 -6.17 48.52
N THR B 195 11.28 -6.60 48.97
CA THR B 195 12.26 -7.14 48.04
C THR B 195 11.74 -8.40 47.36
N ILE B 196 10.93 -9.19 48.07
CA ILE B 196 10.46 -10.45 47.49
C ILE B 196 9.44 -10.19 46.40
N ILE B 197 8.56 -9.22 46.61
CA ILE B 197 7.59 -8.87 45.58
C ILE B 197 8.27 -8.16 44.43
N ALA B 198 9.21 -7.26 44.74
CA ALA B 198 9.89 -6.51 43.71
C ALA B 198 10.73 -7.42 42.82
N ARG B 199 11.39 -8.42 43.40
CA ARG B 199 12.09 -9.39 42.56
C ARG B 199 11.12 -10.16 41.68
N GLY B 200 9.87 -10.30 42.12
CA GLY B 200 8.88 -11.06 41.38
C GLY B 200 7.99 -10.28 40.45
N THR B 201 8.24 -8.99 40.25
CA THR B 201 7.46 -8.16 39.34
C THR B 201 8.42 -7.62 38.28
N PRO B 202 8.95 -8.48 37.41
CA PRO B 202 9.96 -8.01 36.45
C PRO B 202 9.38 -7.17 35.34
N GLY B 203 9.23 -5.87 35.56
CA GLY B 203 8.90 -4.96 34.48
C GLY B 203 7.59 -4.21 34.65
N LEU B 204 7.18 -3.95 35.88
CA LEU B 204 5.96 -3.21 36.15
C LEU B 204 6.28 -1.77 36.50
N SER B 205 5.41 -0.87 36.06
CA SER B 205 5.55 0.55 36.34
C SER B 205 5.00 0.85 37.72
N GLY B 206 4.79 2.14 38.02
CA GLY B 206 4.21 2.48 39.31
C GLY B 206 2.73 2.14 39.39
N ALA B 207 2.00 2.36 38.30
CA ALA B 207 0.56 2.12 38.30
C ALA B 207 0.23 0.68 38.60
N GLU B 208 0.96 -0.26 38.01
CA GLU B 208 0.68 -1.67 38.26
C GLU B 208 0.94 -2.05 39.71
N LEU B 209 1.95 -1.45 40.33
CA LEU B 209 2.24 -1.78 41.72
C LEU B 209 1.21 -1.18 42.65
N ALA B 210 0.75 0.04 42.37
CA ALA B 210 -0.35 0.59 43.14
C ALA B 210 -1.59 -0.29 43.01
N ASN B 211 -1.89 -0.74 41.79
CA ASN B 211 -2.99 -1.68 41.58
C ASN B 211 -2.80 -2.93 42.42
N LEU B 212 -1.56 -3.43 42.49
CA LEU B 212 -1.29 -4.66 43.23
C LEU B 212 -1.61 -4.48 44.71
N VAL B 213 -1.10 -3.41 45.31
CA VAL B 213 -1.35 -3.16 46.72
C VAL B 213 -2.84 -2.99 46.99
N ASN B 214 -3.53 -2.24 46.14
CA ASN B 214 -4.95 -1.98 46.35
C ASN B 214 -5.75 -3.28 46.32
N GLN B 215 -5.55 -4.08 45.27
CA GLN B 215 -6.28 -5.34 45.20
C GLN B 215 -5.94 -6.26 46.35
N ALA B 216 -4.70 -6.22 46.84
CA ALA B 216 -4.38 -7.01 48.02
C ALA B 216 -5.17 -6.53 49.25
N ALA B 217 -5.33 -5.22 49.40
CA ALA B 217 -6.07 -4.72 50.54
C ALA B 217 -7.54 -5.11 50.48
N VAL B 218 -8.19 -4.92 49.33
CA VAL B 218 -9.60 -5.28 49.24
C VAL B 218 -9.78 -6.79 49.40
N TYR B 219 -8.90 -7.58 48.79
CA TYR B 219 -9.02 -9.02 48.92
C TYR B 219 -8.86 -9.47 50.35
N ALA B 220 -7.86 -8.97 51.07
CA ALA B 220 -7.75 -9.29 52.48
C ALA B 220 -9.00 -8.86 53.24
N CYS B 221 -9.53 -7.68 52.95
CA CYS B 221 -10.66 -7.18 53.71
C CYS B 221 -11.95 -7.93 53.41
N GLN B 222 -12.01 -8.70 52.33
CA GLN B 222 -13.16 -9.58 52.14
C GLN B 222 -13.17 -10.70 53.16
N LYS B 223 -12.03 -11.33 53.43
CA LYS B 223 -11.98 -12.51 54.27
C LYS B 223 -11.93 -12.20 55.76
N ASN B 224 -12.36 -10.99 56.15
CA ASN B 224 -12.51 -10.63 57.55
C ASN B 224 -11.19 -10.49 58.28
N ALA B 225 -10.09 -10.46 57.53
CA ALA B 225 -8.77 -10.43 58.13
C ALA B 225 -8.54 -9.12 58.87
N VAL B 226 -7.41 -9.03 59.56
CA VAL B 226 -7.00 -7.84 60.27
C VAL B 226 -5.78 -7.19 59.63
N SER B 227 -4.89 -7.99 59.06
CA SER B 227 -3.67 -7.50 58.44
C SER B 227 -3.68 -7.87 56.96
N VAL B 228 -2.55 -7.64 56.31
CA VAL B 228 -2.37 -7.99 54.90
C VAL B 228 -1.16 -8.90 54.82
N ASP B 229 -1.40 -10.20 54.87
CA ASP B 229 -0.34 -11.19 54.90
C ASP B 229 0.44 -11.18 53.60
N MET B 230 1.64 -11.75 53.64
CA MET B 230 2.41 -11.98 52.41
C MET B 230 1.63 -12.83 51.42
N SER B 231 0.86 -13.80 51.93
CA SER B 231 0.05 -14.63 51.05
C SER B 231 -0.93 -13.79 50.24
N HIS B 232 -1.44 -12.72 50.81
CA HIS B 232 -2.33 -11.83 50.08
C HIS B 232 -1.60 -11.16 48.94
N PHE B 233 -0.39 -10.67 49.20
CA PHE B 233 0.39 -10.04 48.15
C PHE B 233 0.72 -11.02 47.04
N GLU B 234 0.95 -12.28 47.38
CA GLU B 234 1.17 -13.26 46.32
C GLU B 234 -0.11 -13.52 45.55
N TRP B 235 -1.26 -13.50 46.21
CA TRP B 235 -2.53 -13.68 45.52
C TRP B 235 -2.75 -12.57 44.50
N ALA B 236 -2.70 -11.31 44.95
CA ALA B 236 -2.87 -10.21 44.02
C ALA B 236 -1.81 -10.22 42.93
N LYS B 237 -0.58 -10.59 43.28
CA LYS B 237 0.49 -10.60 42.29
C LYS B 237 0.21 -11.60 41.19
N ASP B 238 0.07 -12.88 41.53
CA ASP B 238 -0.09 -13.86 40.48
C ASP B 238 -1.46 -13.75 39.81
N LYS B 239 -2.41 -13.05 40.42
CA LYS B 239 -3.62 -12.71 39.68
C LYS B 239 -3.32 -11.66 38.61
N ILE B 240 -2.52 -10.65 38.95
CA ILE B 240 -2.13 -9.65 37.95
C ILE B 240 -1.34 -10.28 36.81
N LEU B 241 -0.40 -11.16 37.13
CA LEU B 241 0.48 -11.70 36.09
C LEU B 241 -0.23 -12.68 35.18
N MET B 242 -0.73 -13.78 35.72
CA MET B 242 -1.19 -14.88 34.90
C MET B 242 -2.68 -14.87 34.62
N GLY B 243 -3.50 -14.34 35.52
CA GLY B 243 -4.93 -14.26 35.26
C GLY B 243 -5.75 -14.75 36.42
N ALA B 244 -7.06 -14.53 36.36
CA ALA B 244 -7.92 -14.95 37.45
C ALA B 244 -7.93 -16.47 37.57
N GLU B 245 -8.21 -16.94 38.79
CA GLU B 245 -8.32 -18.37 39.04
C GLU B 245 -9.76 -18.80 38.82
N ARG B 246 -9.96 -19.75 37.92
CA ARG B 246 -11.30 -20.20 37.60
C ARG B 246 -11.70 -21.36 38.52
N LYS B 247 -12.76 -21.13 39.29
CA LYS B 247 -13.23 -22.09 40.29
C LYS B 247 -14.13 -23.16 39.70
N THR B 248 -14.66 -22.97 38.50
CA THR B 248 -15.74 -23.80 38.00
C THR B 248 -15.27 -24.99 37.20
N MET B 249 -14.08 -24.93 36.61
CA MET B 249 -13.67 -25.94 35.65
C MET B 249 -13.50 -27.30 36.31
N VAL B 250 -14.20 -28.30 35.78
CA VAL B 250 -14.11 -29.68 36.22
C VAL B 250 -13.11 -30.41 35.33
N LEU B 251 -12.41 -31.37 35.90
CA LEU B 251 -11.31 -32.05 35.22
C LEU B 251 -11.34 -33.54 35.45
N THR B 252 -11.04 -34.31 34.42
CA THR B 252 -10.84 -35.73 34.53
C THR B 252 -9.49 -36.01 35.20
N ASP B 253 -9.39 -37.16 35.86
CA ASP B 253 -8.13 -37.50 36.50
C ASP B 253 -7.01 -37.74 35.50
N ALA B 254 -7.33 -38.23 34.29
CA ALA B 254 -6.29 -38.36 33.27
C ALA B 254 -5.73 -36.99 32.88
N ALA B 255 -6.62 -36.00 32.72
CA ALA B 255 -6.18 -34.65 32.41
C ALA B 255 -5.24 -34.11 33.47
N ARG B 256 -5.63 -34.21 34.75
CA ARG B 256 -4.78 -33.70 35.82
C ARG B 256 -3.47 -34.47 35.91
N LYS B 257 -3.48 -35.75 35.56
CA LYS B 257 -2.21 -36.46 35.58
C LYS B 257 -1.29 -35.94 34.49
N ALA B 258 -1.82 -35.76 33.27
CA ALA B 258 -1.00 -35.24 32.19
C ALA B 258 -0.45 -33.85 32.52
N THR B 259 -1.32 -32.96 33.01
CA THR B 259 -0.86 -31.62 33.39
C THR B 259 0.22 -31.70 34.46
N ALA B 260 0.05 -32.62 35.42
CA ALA B 260 1.08 -32.81 36.43
C ALA B 260 2.42 -33.19 35.81
N PHE B 261 2.41 -34.05 34.79
CA PHE B 261 3.70 -34.44 34.22
C PHE B 261 4.31 -33.33 33.36
N HIS B 262 3.46 -32.51 32.71
CA HIS B 262 4.00 -31.37 31.96
C HIS B 262 4.70 -30.40 32.91
N GLU B 263 3.98 -29.94 33.94
CA GLU B 263 4.57 -29.01 34.89
C GLU B 263 5.79 -29.60 35.59
N ALA B 264 5.74 -30.89 35.93
CA ALA B 264 6.91 -31.53 36.51
C ALA B 264 8.08 -31.53 35.55
N GLY B 265 7.81 -31.63 34.24
CA GLY B 265 8.87 -31.51 33.27
C GLY B 265 9.55 -30.16 33.33
N HIS B 266 8.76 -29.08 33.22
CA HIS B 266 9.35 -27.75 33.30
C HIS B 266 10.13 -27.56 34.59
N ALA B 267 9.56 -28.00 35.72
CA ALA B 267 10.19 -27.76 37.02
C ALA B 267 11.52 -28.49 37.13
N ILE B 268 11.54 -29.79 36.82
CA ILE B 268 12.80 -30.53 36.93
C ILE B 268 13.84 -29.98 35.97
N MET B 269 13.42 -29.55 34.79
CA MET B 269 14.40 -28.89 33.95
C MET B 269 14.87 -27.56 34.53
N ALA B 270 14.07 -26.93 35.40
CA ALA B 270 14.47 -25.63 35.93
C ALA B 270 15.38 -25.76 37.14
N LYS B 271 15.33 -26.89 37.84
CA LYS B 271 16.14 -26.97 39.05
C LYS B 271 17.49 -27.62 38.81
N TYR B 272 17.64 -28.42 37.76
CA TYR B 272 18.85 -29.23 37.60
C TYR B 272 19.77 -28.81 36.47
N THR B 273 19.48 -27.73 35.75
CA THR B 273 20.36 -27.26 34.68
C THR B 273 21.13 -26.03 35.14
N ASN B 274 22.34 -25.86 34.62
CA ASN B 274 23.17 -24.76 35.05
C ASN B 274 22.68 -23.45 34.47
N GLY B 275 22.72 -22.39 35.27
CA GLY B 275 22.36 -21.08 34.81
C GLY B 275 20.87 -20.82 34.72
N ALA B 276 20.04 -21.86 34.78
CA ALA B 276 18.60 -21.66 34.81
C ALA B 276 18.21 -20.79 36.00
N THR B 277 17.36 -19.82 35.73
CA THR B 277 16.88 -18.94 36.78
C THR B 277 16.22 -19.78 37.87
N PRO B 278 16.55 -19.55 39.14
CA PRO B 278 16.15 -20.49 40.19
C PRO B 278 14.64 -20.64 40.29
N LEU B 279 14.19 -21.86 40.52
CA LEU B 279 12.77 -22.15 40.53
C LEU B 279 12.07 -21.43 41.68
N TYR B 280 10.82 -21.05 41.46
CA TYR B 280 10.08 -20.33 42.48
C TYR B 280 8.89 -21.11 43.02
N LYS B 281 7.98 -21.57 42.16
CA LYS B 281 6.91 -22.45 42.64
C LYS B 281 6.18 -23.01 41.43
N ALA B 282 5.71 -24.24 41.59
CA ALA B 282 4.97 -24.96 40.57
C ALA B 282 3.51 -25.05 40.96
N THR B 283 2.63 -25.05 39.96
CA THR B 283 1.20 -24.99 40.20
C THR B 283 0.50 -25.87 39.17
N ILE B 284 -0.60 -26.51 39.57
CA ILE B 284 -1.34 -27.35 38.65
C ILE B 284 -2.80 -26.94 38.54
N LEU B 285 -3.25 -25.96 39.31
CA LEU B 285 -4.62 -25.52 39.22
C LEU B 285 -4.74 -24.47 38.12
N PRO B 286 -5.68 -24.61 37.21
CA PRO B 286 -5.68 -23.77 36.01
C PRO B 286 -6.01 -22.32 36.31
N ARG B 287 -5.18 -21.40 35.81
CA ARG B 287 -5.48 -19.98 35.94
C ARG B 287 -6.20 -19.50 34.70
N GLY B 288 -6.24 -18.18 34.51
CA GLY B 288 -7.17 -17.58 33.56
C GLY B 288 -7.03 -18.08 32.14
N ARG B 289 -5.82 -18.47 31.73
CA ARG B 289 -5.64 -18.98 30.38
C ARG B 289 -5.05 -20.38 30.31
N ALA B 290 -4.04 -20.67 31.13
CA ALA B 290 -3.30 -21.92 31.04
C ALA B 290 -3.74 -22.86 32.15
N LEU B 291 -3.41 -24.14 31.97
CA LEU B 291 -3.76 -25.15 32.95
C LEU B 291 -2.74 -25.21 34.08
N GLY B 292 -1.48 -25.44 33.75
CA GLY B 292 -0.41 -25.47 34.71
C GLY B 292 0.48 -24.26 34.55
N ILE B 293 1.29 -24.00 35.57
CA ILE B 293 2.22 -22.87 35.57
C ILE B 293 3.42 -23.23 36.43
N THR B 294 4.60 -22.77 35.99
CA THR B 294 5.80 -22.81 36.80
C THR B 294 6.39 -21.41 36.84
N PHE B 295 6.93 -21.02 37.99
CA PHE B 295 7.55 -19.71 38.15
C PHE B 295 9.05 -19.87 38.31
N GLN B 296 9.79 -18.86 37.84
CA GLN B 296 11.21 -18.74 38.11
C GLN B 296 11.46 -17.33 38.61
N LEU B 297 12.53 -17.15 39.38
CA LEU B 297 12.74 -15.89 40.07
C LEU B 297 14.14 -15.36 39.84
N PRO B 298 14.35 -14.50 38.87
CA PRO B 298 15.67 -13.88 38.68
C PRO B 298 16.05 -13.05 39.90
N GLU B 299 17.27 -13.21 40.42
CA GLU B 299 17.56 -12.68 41.75
C GLU B 299 17.50 -11.16 41.78
N MET B 300 18.56 -10.52 41.29
CA MET B 300 18.62 -9.08 41.03
C MET B 300 19.77 -8.91 40.05
N ASP B 301 19.44 -8.80 38.76
CA ASP B 301 20.41 -9.12 37.72
C ASP B 301 20.33 -8.11 36.59
N LYS B 302 21.47 -7.90 35.95
CA LYS B 302 21.54 -7.04 34.78
C LYS B 302 20.94 -7.74 33.58
N VAL B 303 20.38 -6.94 32.67
CA VAL B 303 19.65 -7.50 31.54
C VAL B 303 20.57 -8.31 30.64
N ASP B 304 21.84 -7.93 30.59
CA ASP B 304 22.79 -8.64 29.75
C ASP B 304 22.98 -10.06 30.26
N ILE B 305 22.37 -11.01 29.55
CA ILE B 305 22.34 -12.40 29.96
C ILE B 305 23.22 -13.21 29.00
N THR B 306 24.06 -14.08 29.56
CA THR B 306 25.08 -14.73 28.77
C THR B 306 24.48 -15.78 27.86
N LYS B 307 25.37 -16.52 27.19
CA LYS B 307 24.94 -17.63 26.35
C LYS B 307 24.44 -18.79 27.19
N ARG B 308 25.12 -19.06 28.31
CA ARG B 308 24.72 -20.13 29.21
C ARG B 308 23.27 -19.98 29.66
N GLU B 309 22.88 -18.76 30.03
CA GLU B 309 21.51 -18.54 30.47
C GLU B 309 20.52 -18.73 29.33
N CYS B 310 20.88 -18.31 28.11
CA CYS B 310 20.03 -18.54 26.96
C CYS B 310 19.78 -20.03 26.76
N GLN B 311 20.84 -20.81 26.59
CA GLN B 311 20.66 -22.23 26.33
C GLN B 311 19.93 -22.92 27.48
N ALA B 312 20.17 -22.49 28.71
CA ALA B 312 19.36 -23.02 29.80
C ALA B 312 17.89 -22.69 29.62
N ARG B 313 17.59 -21.51 29.07
CA ARG B 313 16.20 -21.13 28.83
C ARG B 313 15.57 -22.02 27.76
N LEU B 314 16.30 -22.27 26.67
CA LEU B 314 15.81 -23.24 25.67
C LEU B 314 15.55 -24.60 26.29
N ASP B 315 16.43 -25.04 27.19
CA ASP B 315 16.22 -26.35 27.79
C ASP B 315 14.98 -26.37 28.66
N VAL B 316 14.75 -25.31 29.43
CA VAL B 316 13.54 -25.25 30.25
C VAL B 316 12.30 -25.25 29.38
N CYS B 317 12.37 -24.70 28.18
CA CYS B 317 11.19 -24.70 27.32
C CYS B 317 10.99 -25.99 26.55
N MET B 318 11.52 -27.12 27.00
CA MET B 318 11.37 -28.38 26.29
C MET B 318 10.98 -29.53 27.19
N GLY B 319 11.08 -29.36 28.51
CA GLY B 319 10.73 -30.43 29.42
C GLY B 319 9.27 -30.81 29.39
N GLY B 320 8.42 -29.93 28.84
CA GLY B 320 7.03 -30.28 28.68
C GLY B 320 6.84 -31.43 27.72
N LYS B 321 7.11 -31.21 26.43
CA LYS B 321 6.88 -32.27 25.46
C LYS B 321 7.87 -33.41 25.66
N ILE B 322 9.06 -33.13 26.17
CA ILE B 322 9.97 -34.24 26.43
C ILE B 322 9.45 -35.10 27.56
N ALA B 323 8.86 -34.49 28.59
CA ALA B 323 8.27 -35.27 29.68
C ALA B 323 7.13 -36.13 29.17
N GLU B 324 6.12 -35.51 28.55
CA GLU B 324 4.97 -36.30 28.14
C GLU B 324 5.31 -37.25 26.99
N GLU B 325 6.45 -37.06 26.30
CA GLU B 325 6.92 -38.10 25.40
C GLU B 325 7.49 -39.28 26.16
N LEU B 326 8.37 -39.01 27.13
CA LEU B 326 9.02 -40.09 27.86
C LEU B 326 8.01 -40.94 28.59
N ILE B 327 6.90 -40.35 29.02
CA ILE B 327 5.95 -41.08 29.83
C ILE B 327 4.75 -41.56 29.02
N TYR B 328 4.23 -40.74 28.11
CA TYR B 328 3.02 -41.09 27.38
C TYR B 328 3.27 -41.49 25.93
N GLY B 329 4.51 -41.81 25.58
CA GLY B 329 4.82 -42.24 24.23
C GLY B 329 4.82 -41.10 23.24
N LYS B 330 5.53 -41.32 22.13
CA LYS B 330 5.74 -40.25 21.15
C LYS B 330 4.46 -39.85 20.42
N ASP B 331 3.50 -40.74 20.30
CA ASP B 331 2.28 -40.44 19.58
C ASP B 331 1.18 -39.83 20.45
N ASN B 332 1.52 -39.24 21.58
CA ASN B 332 0.53 -38.64 22.46
C ASN B 332 0.91 -37.22 22.89
N THR B 333 1.78 -36.56 22.13
CA THR B 333 2.17 -35.20 22.46
C THR B 333 1.09 -34.25 21.97
N THR B 334 0.37 -33.63 22.89
CA THR B 334 -0.75 -32.78 22.54
C THR B 334 -0.26 -31.49 21.90
N SER B 335 -1.20 -30.61 21.57
CA SER B 335 -0.86 -29.28 21.10
C SER B 335 -0.61 -28.31 22.23
N GLY B 336 -0.70 -28.76 23.49
CA GLY B 336 -0.43 -27.89 24.61
C GLY B 336 1.00 -27.38 24.66
N CYS B 337 1.90 -28.02 23.93
CA CYS B 337 3.28 -27.56 23.86
C CYS B 337 3.50 -26.63 22.68
N GLY B 338 2.50 -25.85 22.29
CA GLY B 338 2.69 -24.88 21.23
C GLY B 338 3.35 -23.61 21.73
N SER B 339 2.88 -23.08 22.86
CA SER B 339 3.47 -21.88 23.43
C SER B 339 4.94 -22.09 23.75
N ASP B 340 5.29 -23.30 24.21
CA ASP B 340 6.68 -23.61 24.49
C ASP B 340 7.53 -23.45 23.24
N LEU B 341 7.04 -23.92 22.09
CA LEU B 341 7.80 -23.76 20.87
C LEU B 341 7.82 -22.32 20.41
N GLN B 342 6.78 -21.56 20.74
CA GLN B 342 6.79 -20.12 20.54
C GLN B 342 8.00 -19.48 21.19
N SER B 343 8.07 -19.56 22.51
CA SER B 343 9.12 -18.84 23.22
C SER B 343 10.50 -19.42 22.94
N ALA B 344 10.60 -20.75 22.86
CA ALA B 344 11.89 -21.37 22.57
C ALA B 344 12.41 -20.92 21.22
N THR B 345 11.55 -20.91 20.20
CA THR B 345 11.99 -20.46 18.88
C THR B 345 12.41 -19.01 18.90
N GLY B 346 11.63 -18.16 19.58
CA GLY B 346 12.02 -16.77 19.67
C GLY B 346 13.38 -16.57 20.30
N THR B 347 13.64 -17.31 21.38
CA THR B 347 14.94 -17.22 22.03
C THR B 347 16.05 -17.63 21.09
N ALA B 348 15.90 -18.76 20.40
CA ALA B 348 16.98 -19.24 19.56
C ALA B 348 17.27 -18.29 18.41
N ARG B 349 16.23 -17.79 17.74
CA ARG B 349 16.47 -16.79 16.69
C ARG B 349 17.12 -15.55 17.25
N ALA B 350 16.76 -15.14 18.47
CA ALA B 350 17.43 -13.99 19.07
C ALA B 350 18.91 -14.27 19.26
N MET B 351 19.25 -15.48 19.70
CA MET B 351 20.65 -15.86 19.82
C MET B 351 21.39 -15.78 18.51
N VAL B 352 20.90 -16.44 17.46
CA VAL B 352 21.68 -16.60 16.24
C VAL B 352 21.84 -15.28 15.49
N THR B 353 20.79 -14.47 15.44
CA THR B 353 20.82 -13.28 14.60
C THR B 353 21.31 -12.04 15.35
N GLN B 354 20.61 -11.61 16.39
CA GLN B 354 20.96 -10.36 17.03
C GLN B 354 22.25 -10.45 17.84
N TYR B 355 22.27 -11.30 18.86
CA TYR B 355 23.34 -11.28 19.85
C TYR B 355 24.68 -11.66 19.27
N GLY B 356 24.69 -12.50 18.24
CA GLY B 356 25.92 -12.92 17.63
C GLY B 356 26.59 -14.02 18.41
N MET B 357 25.86 -15.10 18.66
CA MET B 357 26.37 -16.19 19.46
C MET B 357 26.65 -17.45 18.65
N SER B 358 26.41 -17.44 17.35
CA SER B 358 26.63 -18.62 16.56
C SER B 358 27.91 -18.51 15.76
N ASP B 359 28.62 -19.62 15.65
CA ASP B 359 29.95 -19.66 15.06
C ASP B 359 29.93 -19.72 13.54
N ASP B 360 28.84 -20.17 12.93
CA ASP B 360 28.83 -20.30 11.48
C ASP B 360 28.33 -19.04 10.79
N VAL B 361 27.42 -18.29 11.41
CA VAL B 361 27.03 -17.01 10.84
C VAL B 361 28.12 -15.97 11.03
N GLY B 362 28.69 -15.90 12.22
CA GLY B 362 29.77 -15.00 12.50
C GLY B 362 29.38 -13.87 13.43
N PRO B 363 30.23 -12.87 13.54
CA PRO B 363 29.94 -11.69 14.39
C PRO B 363 29.18 -10.60 13.63
N VAL B 364 27.95 -10.90 13.26
CA VAL B 364 27.19 -10.01 12.39
C VAL B 364 25.75 -9.93 12.87
N ASN B 365 25.11 -8.79 12.61
CA ASN B 365 23.75 -8.51 13.02
C ASN B 365 22.82 -8.70 11.82
N LEU B 366 22.06 -9.77 11.82
CA LEU B 366 21.11 -10.02 10.75
C LEU B 366 19.69 -9.63 11.12
N SER B 367 19.51 -8.71 12.06
CA SER B 367 18.17 -8.53 12.62
C SER B 367 17.54 -7.22 12.17
N GLU B 368 18.37 -6.25 11.76
CA GLU B 368 17.81 -4.98 11.31
C GLU B 368 16.91 -5.18 10.11
N GLU B 369 17.44 -5.73 9.02
CA GLU B 369 16.65 -6.03 7.83
C GLU B 369 16.83 -7.50 7.51
N TRP B 370 15.89 -8.32 7.99
CA TRP B 370 15.98 -9.75 7.75
C TRP B 370 15.72 -10.08 6.28
N GLU B 371 15.16 -9.12 5.53
CA GLU B 371 14.88 -9.38 4.13
C GLU B 371 15.90 -8.69 3.22
N SER B 372 16.64 -7.73 3.76
CA SER B 372 17.71 -7.12 2.98
C SER B 372 18.81 -8.13 2.67
N TRP B 373 18.97 -9.13 3.51
CA TRP B 373 20.04 -10.10 3.31
C TRP B 373 19.68 -11.10 2.23
N SER B 374 20.68 -11.78 1.70
CA SER B 374 20.49 -12.71 0.61
C SER B 374 19.82 -13.99 1.06
N ASN B 375 19.76 -14.99 0.19
CA ASN B 375 19.26 -16.31 0.56
C ASN B 375 20.34 -17.30 0.88
N LYS B 376 21.60 -17.00 0.55
CA LYS B 376 22.67 -17.90 0.90
C LYS B 376 22.98 -17.82 2.38
N ILE B 377 22.60 -16.72 3.02
CA ILE B 377 22.88 -16.50 4.44
C ILE B 377 21.73 -16.99 5.31
N ARG B 378 20.50 -16.65 4.95
CA ARG B 378 19.36 -17.03 5.78
C ARG B 378 19.22 -18.54 5.86
N ASP B 379 19.73 -19.27 4.87
CA ASP B 379 19.80 -20.72 5.01
C ASP B 379 20.71 -21.12 6.17
N ILE B 380 21.88 -20.50 6.26
CA ILE B 380 22.81 -20.84 7.32
C ILE B 380 22.25 -20.46 8.68
N ALA B 381 21.69 -19.25 8.78
CA ALA B 381 21.15 -18.81 10.07
C ALA B 381 19.99 -19.69 10.52
N ASP B 382 19.06 -19.98 9.62
CA ASP B 382 17.93 -20.81 10.02
C ASP B 382 18.38 -22.23 10.36
N ASN B 383 19.31 -22.78 9.61
CA ASN B 383 19.84 -24.09 9.98
C ASN B 383 20.47 -24.06 11.36
N GLU B 384 21.11 -22.95 11.73
CA GLU B 384 21.67 -22.85 13.06
C GLU B 384 20.59 -22.82 14.12
N VAL B 385 19.49 -22.11 13.86
CA VAL B 385 18.37 -22.10 14.79
C VAL B 385 17.88 -23.52 15.04
N ILE B 386 17.57 -24.24 13.96
CA ILE B 386 17.04 -25.58 14.12
C ILE B 386 18.04 -26.51 14.81
N GLU B 387 19.34 -26.28 14.60
CA GLU B 387 20.30 -27.12 15.31
C GLU B 387 20.31 -26.81 16.80
N LEU B 388 20.16 -25.54 17.17
CA LEU B 388 20.09 -25.22 18.59
C LEU B 388 18.88 -25.88 19.24
N LEU B 389 17.72 -25.82 18.58
CA LEU B 389 16.54 -26.44 19.17
C LEU B 389 16.67 -27.96 19.27
N LYS B 390 17.17 -28.62 18.23
CA LYS B 390 17.33 -30.07 18.30
C LYS B 390 18.27 -30.47 19.42
N ASP B 391 19.41 -29.79 19.55
CA ASP B 391 20.28 -30.08 20.68
C ASP B 391 19.60 -29.83 22.01
N SER B 392 18.73 -28.82 22.08
CA SER B 392 18.02 -28.55 23.33
C SER B 392 17.12 -29.73 23.72
N GLU B 393 16.28 -30.20 22.80
CA GLU B 393 15.42 -31.32 23.16
C GLU B 393 16.25 -32.56 23.46
N GLU B 394 17.42 -32.68 22.85
CA GLU B 394 18.26 -33.82 23.17
C GLU B 394 18.72 -33.78 24.63
N ARG B 395 19.22 -32.62 25.07
CA ARG B 395 19.64 -32.51 26.46
C ARG B 395 18.47 -32.78 27.42
N ALA B 396 17.28 -32.25 27.10
CA ALA B 396 16.15 -32.56 27.96
C ALA B 396 15.82 -34.05 27.98
N ARG B 397 16.03 -34.74 26.85
CA ARG B 397 15.85 -36.19 26.84
C ARG B 397 16.78 -36.87 27.82
N ARG B 398 18.08 -36.60 27.72
CA ARG B 398 19.00 -37.30 28.60
C ARG B 398 18.76 -36.95 30.05
N LEU B 399 18.51 -35.67 30.34
CA LEU B 399 18.31 -35.26 31.72
C LEU B 399 17.08 -35.92 32.33
N LEU B 400 15.93 -35.82 31.68
CA LEU B 400 14.73 -36.43 32.27
C LEU B 400 14.82 -37.95 32.28
N THR B 401 15.55 -38.56 31.34
CA THR B 401 15.75 -40.00 31.45
C THR B 401 16.62 -40.35 32.64
N LYS B 402 17.47 -39.41 33.09
CA LYS B 402 18.30 -39.69 34.25
C LYS B 402 17.61 -39.34 35.56
N LYS B 403 16.59 -38.49 35.52
CA LYS B 403 15.92 -38.04 36.73
C LYS B 403 14.47 -38.53 36.76
N ASN B 404 14.26 -39.81 36.42
CA ASN B 404 12.90 -40.31 36.29
C ASN B 404 12.20 -40.40 37.64
N VAL B 405 12.91 -40.85 38.68
CA VAL B 405 12.32 -41.05 40.00
C VAL B 405 11.73 -39.76 40.53
N GLU B 406 12.52 -38.67 40.49
CA GLU B 406 12.00 -37.38 40.91
C GLU B 406 10.85 -36.92 40.03
N LEU B 407 10.79 -37.37 38.78
CA LEU B 407 9.73 -36.94 37.90
C LEU B 407 8.38 -37.54 38.32
N HIS B 408 8.34 -38.85 38.53
CA HIS B 408 7.10 -39.44 39.04
C HIS B 408 6.79 -38.92 40.44
N ARG B 409 7.81 -38.79 41.28
CA ARG B 409 7.59 -38.37 42.66
C ARG B 409 7.00 -36.96 42.70
N LEU B 410 7.45 -36.10 41.80
CA LEU B 410 6.98 -34.71 41.82
C LEU B 410 5.65 -34.55 41.11
N ALA B 411 5.42 -35.33 40.05
CA ALA B 411 4.09 -35.31 39.45
C ALA B 411 3.04 -35.75 40.44
N GLN B 412 3.30 -36.86 41.15
CA GLN B 412 2.38 -37.26 42.21
C GLN B 412 2.27 -36.20 43.30
N GLY B 413 3.39 -35.55 43.63
CA GLY B 413 3.34 -34.45 44.58
C GLY B 413 2.41 -33.33 44.16
N LEU B 414 2.32 -33.08 42.85
CA LEU B 414 1.38 -32.07 42.38
C LEU B 414 -0.05 -32.57 42.30
N ILE B 415 -0.25 -33.86 42.07
CA ILE B 415 -1.62 -34.37 42.10
C ILE B 415 -2.18 -34.30 43.51
N GLU B 416 -1.40 -34.72 44.50
CA GLU B 416 -1.86 -34.69 45.89
C GLU B 416 -1.95 -33.25 46.39
N TYR B 417 -0.82 -32.56 46.43
CA TYR B 417 -0.79 -31.15 46.76
C TYR B 417 -0.82 -30.35 45.45
N GLU B 418 -1.81 -29.47 45.33
CA GLU B 418 -2.08 -28.83 44.05
C GLU B 418 -0.95 -27.90 43.64
N THR B 419 -0.21 -27.38 44.60
CA THR B 419 0.84 -26.40 44.32
C THR B 419 1.98 -26.56 45.31
N LEU B 420 3.15 -26.06 44.94
CA LEU B 420 4.33 -26.22 45.77
C LEU B 420 5.29 -25.07 45.51
N ASP B 421 6.11 -24.76 46.51
CA ASP B 421 7.18 -23.80 46.31
C ASP B 421 8.52 -24.54 46.19
N ALA B 422 9.61 -23.79 46.08
CA ALA B 422 10.91 -24.41 45.87
C ALA B 422 11.30 -25.32 47.03
N HIS B 423 11.03 -24.90 48.26
CA HIS B 423 11.39 -25.75 49.40
C HIS B 423 10.56 -27.02 49.41
N GLU B 424 9.23 -26.89 49.36
CA GLU B 424 8.37 -28.05 49.35
C GLU B 424 8.64 -28.96 48.16
N ILE B 425 8.96 -28.40 46.99
CA ILE B 425 9.40 -29.21 45.87
C ILE B 425 10.67 -29.97 46.24
N GLU B 426 11.58 -29.29 46.95
CA GLU B 426 12.81 -29.94 47.36
C GLU B 426 12.54 -31.16 48.24
N GLN B 427 11.67 -31.00 49.24
CA GLN B 427 11.33 -32.14 50.07
C GLN B 427 10.62 -33.23 49.30
N VAL B 428 9.66 -32.87 48.44
CA VAL B 428 8.88 -33.88 47.73
C VAL B 428 9.77 -34.68 46.79
N CYS B 429 10.83 -34.06 46.28
CA CYS B 429 11.69 -34.77 45.34
C CYS B 429 12.63 -35.74 46.02
N LYS B 430 12.99 -35.51 47.29
CA LYS B 430 13.93 -36.38 47.97
C LYS B 430 13.26 -37.56 48.65
N GLY B 431 11.94 -37.66 48.58
CA GLY B 431 11.24 -38.79 49.17
C GLY B 431 10.62 -38.52 50.52
N GLU B 432 10.79 -37.33 51.08
CA GLU B 432 10.20 -37.00 52.36
C GLU B 432 8.72 -36.71 52.21
N LYS B 433 8.02 -36.72 53.34
CA LYS B 433 6.62 -36.37 53.38
C LYS B 433 6.46 -35.04 54.10
N LEU B 434 6.11 -34.00 53.35
CA LEU B 434 5.86 -32.69 53.95
C LEU B 434 4.50 -32.72 54.62
N ALA B 435 4.50 -32.80 55.95
CA ALA B 435 3.25 -32.85 56.70
C ALA B 435 2.61 -31.48 56.87
N LYS B 436 3.35 -30.41 56.58
CA LYS B 436 2.84 -29.06 56.83
C LYS B 436 1.64 -28.72 55.97
N LEU B 437 1.62 -29.14 54.72
CA LEU B 437 0.43 -28.95 53.90
C LEU B 437 -0.54 -30.10 54.12
N LYS B 438 -1.80 -29.85 53.77
CA LYS B 438 -2.81 -30.89 53.72
C LYS B 438 -3.28 -31.05 52.28
N THR B 439 -3.57 -32.29 51.91
CA THR B 439 -3.93 -32.64 50.54
C THR B 439 -5.17 -31.88 50.06
N LYS C 1 -30.73 -8.27 36.17
CA LYS C 1 -30.36 -8.85 37.45
C LYS C 1 -29.36 -9.98 37.26
N PHE C 2 -28.36 -10.08 38.14
CA PHE C 2 -27.25 -11.00 37.94
C PHE C 2 -27.65 -12.46 37.93
N ASP C 3 -28.88 -12.81 38.27
CA ASP C 3 -29.29 -14.20 38.12
C ASP C 3 -29.62 -14.54 36.68
N ASP C 4 -29.71 -13.54 35.81
CA ASP C 4 -29.99 -13.76 34.40
C ASP C 4 -28.76 -14.12 33.59
N VAL C 5 -27.58 -14.09 34.19
CA VAL C 5 -26.35 -14.35 33.47
C VAL C 5 -25.77 -15.70 33.88
N CYS C 6 -26.18 -16.75 33.20
CA CYS C 6 -25.79 -18.10 33.57
C CYS C 6 -24.56 -18.53 32.78
N GLY C 7 -23.56 -19.03 33.49
CA GLY C 7 -22.25 -19.25 32.90
C GLY C 7 -21.40 -18.01 33.07
N CYS C 8 -20.10 -18.17 32.82
CA CYS C 8 -19.08 -17.14 33.04
C CYS C 8 -19.26 -16.49 34.42
N ASP C 9 -19.04 -17.31 35.44
CA ASP C 9 -19.25 -16.85 36.81
C ASP C 9 -18.10 -15.99 37.32
N GLU C 10 -16.93 -16.04 36.70
CA GLU C 10 -15.84 -15.18 37.11
C GLU C 10 -16.10 -13.72 36.84
N ALA C 11 -16.58 -13.37 35.65
CA ALA C 11 -16.93 -11.98 35.40
C ALA C 11 -18.02 -11.50 36.34
N ARG C 12 -19.09 -12.30 36.48
CA ARG C 12 -20.16 -11.91 37.37
C ARG C 12 -19.69 -11.79 38.82
N ALA C 13 -18.64 -12.52 39.18
CA ALA C 13 -18.08 -12.33 40.51
C ALA C 13 -17.45 -10.95 40.63
N GLU C 14 -16.71 -10.52 39.61
CA GLU C 14 -16.07 -9.21 39.67
C GLU C 14 -17.10 -8.10 39.74
N LEU C 15 -18.09 -8.12 38.86
CA LEU C 15 -19.06 -7.03 38.90
C LEU C 15 -19.96 -7.11 40.12
N GLU C 16 -20.34 -8.31 40.55
CA GLU C 16 -21.08 -8.44 41.80
C GLU C 16 -20.31 -7.84 42.96
N GLU C 17 -18.99 -8.02 43.01
CA GLU C 17 -18.26 -7.44 44.13
C GLU C 17 -18.06 -5.95 43.96
N ILE C 18 -18.07 -5.43 42.75
CA ILE C 18 -18.05 -3.96 42.60
C ILE C 18 -19.33 -3.36 43.16
N VAL C 19 -20.48 -3.88 42.72
CA VAL C 19 -21.74 -3.34 43.25
C VAL C 19 -21.84 -3.58 44.74
N ASP C 20 -21.32 -4.71 45.22
CA ASP C 20 -21.23 -4.93 46.65
C ASP C 20 -20.30 -3.95 47.32
N PHE C 21 -19.37 -3.35 46.58
CA PHE C 21 -18.58 -2.27 47.14
C PHE C 21 -19.43 -1.01 47.26
N LEU C 22 -20.26 -0.75 46.26
CA LEU C 22 -21.12 0.43 46.33
C LEU C 22 -22.25 0.28 47.33
N LYS C 23 -22.55 -0.93 47.79
CA LYS C 23 -23.57 -1.07 48.82
C LYS C 23 -22.99 -0.77 50.20
N ASP C 24 -22.03 -1.57 50.64
CA ASP C 24 -21.47 -1.48 51.99
C ASP C 24 -19.97 -1.29 51.88
N PRO C 25 -19.50 -0.05 51.82
CA PRO C 25 -18.05 0.18 51.69
C PRO C 25 -17.26 -0.35 52.86
N THR C 26 -17.77 -0.21 54.09
CA THR C 26 -17.03 -0.57 55.28
C THR C 26 -16.67 -2.05 55.36
N LYS C 27 -17.38 -2.90 54.62
CA LYS C 27 -16.96 -4.30 54.54
C LYS C 27 -15.65 -4.44 53.78
N TYR C 28 -15.26 -3.42 53.02
CA TYR C 28 -14.08 -3.46 52.18
C TYR C 28 -13.08 -2.34 52.45
N GLU C 29 -13.53 -1.16 52.91
CA GLU C 29 -12.65 -0.03 53.18
C GLU C 29 -12.08 -0.07 54.59
N SER C 30 -11.99 -1.24 55.20
CA SER C 30 -11.40 -1.33 56.53
C SER C 30 -9.88 -1.24 56.46
N LEU C 31 -9.26 -2.08 55.65
CA LEU C 31 -7.81 -2.10 55.51
C LEU C 31 -7.29 -1.07 54.52
N GLY C 32 -8.18 -0.23 53.98
CA GLY C 32 -7.75 0.89 53.17
C GLY C 32 -7.95 0.75 51.68
N GLY C 33 -8.47 -0.38 51.20
CA GLY C 33 -8.73 -0.52 49.78
C GLY C 33 -9.74 0.48 49.29
N LYS C 34 -9.69 0.77 48.00
CA LYS C 34 -10.63 1.67 47.35
C LYS C 34 -11.06 1.05 46.03
N LEU C 35 -12.09 1.64 45.42
CA LEU C 35 -12.78 0.95 44.34
C LEU C 35 -11.88 0.75 43.13
N PRO C 36 -12.16 -0.25 42.31
CA PRO C 36 -11.52 -0.32 40.99
C PRO C 36 -11.95 0.87 40.16
N LYS C 37 -10.99 1.49 39.49
CA LYS C 37 -11.27 2.66 38.67
C LYS C 37 -11.50 2.25 37.22
N GLY C 38 -12.34 1.24 37.04
CA GLY C 38 -12.67 0.85 35.69
C GLY C 38 -12.54 -0.64 35.49
N VAL C 39 -13.35 -1.18 34.59
CA VAL C 39 -13.38 -2.61 34.28
C VAL C 39 -13.46 -2.76 32.77
N LEU C 40 -12.60 -3.60 32.21
CA LEU C 40 -12.65 -3.92 30.79
C LEU C 40 -13.33 -5.27 30.61
N LEU C 41 -13.92 -5.50 29.44
CA LEU C 41 -14.67 -6.72 29.16
C LEU C 41 -14.34 -7.19 27.75
N THR C 42 -13.71 -8.35 27.64
CA THR C 42 -13.28 -8.82 26.33
C THR C 42 -13.75 -10.25 26.10
N GLY C 43 -14.06 -10.56 24.85
CA GLY C 43 -14.46 -11.89 24.48
C GLY C 43 -15.16 -11.93 23.14
N PRO C 44 -15.32 -13.13 22.58
CA PRO C 44 -15.89 -13.26 21.23
C PRO C 44 -17.31 -12.75 21.17
N PRO C 45 -17.89 -12.67 19.98
CA PRO C 45 -19.24 -12.12 19.87
C PRO C 45 -20.27 -13.05 20.48
N GLY C 46 -21.16 -12.47 21.26
CA GLY C 46 -22.33 -13.19 21.75
C GLY C 46 -22.17 -13.90 23.06
N THR C 47 -21.16 -13.56 23.86
CA THR C 47 -20.92 -14.30 25.09
C THR C 47 -21.40 -13.59 26.34
N GLY C 48 -22.11 -12.47 26.21
CA GLY C 48 -22.74 -11.88 27.36
C GLY C 48 -21.99 -10.73 28.00
N LYS C 49 -21.52 -9.78 27.19
CA LYS C 49 -20.82 -8.60 27.70
C LYS C 49 -21.75 -7.42 27.91
N THR C 50 -22.49 -7.02 26.87
CA THR C 50 -23.53 -6.03 27.05
C THR C 50 -24.58 -6.51 28.04
N LEU C 51 -24.74 -7.83 28.17
CA LEU C 51 -25.65 -8.39 29.15
C LEU C 51 -25.16 -8.12 30.57
N LEU C 52 -23.89 -8.41 30.85
CA LEU C 52 -23.35 -8.08 32.16
C LEU C 52 -23.41 -6.60 32.43
N ALA C 53 -23.26 -5.78 31.39
CA ALA C 53 -23.43 -4.34 31.58
C ALA C 53 -24.85 -3.99 31.99
N ARG C 54 -25.85 -4.63 31.36
CA ARG C 54 -27.23 -4.38 31.75
C ARG C 54 -27.49 -4.82 33.17
N ALA C 55 -26.97 -5.98 33.57
CA ALA C 55 -27.15 -6.43 34.93
C ALA C 55 -26.54 -5.45 35.92
N THR C 56 -25.30 -5.03 35.67
CA THR C 56 -24.66 -4.06 36.55
C THR C 56 -25.44 -2.78 36.65
N ALA C 57 -25.95 -2.27 35.53
CA ALA C 57 -26.74 -1.05 35.60
C ALA C 57 -28.04 -1.28 36.36
N GLY C 58 -28.62 -2.47 36.22
CA GLY C 58 -29.90 -2.74 36.84
C GLY C 58 -29.82 -2.89 38.34
N GLU C 59 -28.71 -3.40 38.86
CA GLU C 59 -28.62 -3.61 40.29
C GLU C 59 -27.72 -2.64 41.03
N ALA C 60 -26.90 -1.87 40.33
CA ALA C 60 -25.95 -1.00 41.02
C ALA C 60 -26.66 0.09 41.81
N GLY C 61 -27.88 0.43 41.41
CA GLY C 61 -28.62 1.46 42.11
C GLY C 61 -27.97 2.83 42.08
N VAL C 62 -27.24 3.13 41.02
CA VAL C 62 -26.56 4.41 40.86
C VAL C 62 -26.70 4.80 39.40
N ASP C 63 -26.50 6.09 39.13
CA ASP C 63 -26.56 6.60 37.77
C ASP C 63 -25.65 5.80 36.86
N PHE C 64 -26.03 5.70 35.59
CA PHE C 64 -25.36 4.82 34.65
C PHE C 64 -25.45 5.41 33.26
N PHE C 65 -24.43 6.16 32.86
CA PHE C 65 -24.37 6.81 31.56
C PHE C 65 -23.77 5.83 30.57
N PHE C 66 -24.49 5.52 29.50
CA PHE C 66 -24.01 4.59 28.50
C PHE C 66 -23.88 5.31 27.17
N MET C 67 -22.83 4.99 26.43
CA MET C 67 -22.64 5.46 25.07
C MET C 67 -21.88 4.43 24.28
N SER C 68 -22.16 4.36 22.98
CA SER C 68 -21.38 3.53 22.10
C SER C 68 -20.12 4.27 21.69
N GLY C 69 -19.15 3.52 21.18
CA GLY C 69 -17.92 4.13 20.72
C GLY C 69 -18.10 5.02 19.51
N SER C 70 -19.22 4.91 18.81
CA SER C 70 -19.44 5.63 17.58
C SER C 70 -20.28 6.88 17.74
N GLU C 71 -20.80 7.15 18.95
CA GLU C 71 -21.61 8.35 19.16
C GLU C 71 -20.77 9.60 19.34
N PHE C 72 -19.47 9.51 19.10
CA PHE C 72 -18.55 10.62 19.06
C PHE C 72 -18.29 10.96 17.59
N ASP C 73 -17.33 11.83 17.34
CA ASP C 73 -16.72 11.98 16.01
C ASP C 73 -17.75 12.33 14.94
N GLU C 74 -18.33 13.50 15.06
CA GLU C 74 -19.19 13.96 13.99
C GLU C 74 -18.36 14.85 13.05
N VAL C 75 -19.01 15.64 12.20
CA VAL C 75 -18.40 16.14 10.98
C VAL C 75 -17.19 17.01 11.26
N TYR C 76 -17.29 17.94 12.21
CA TYR C 76 -16.31 18.98 12.38
C TYR C 76 -15.19 18.53 13.31
N VAL C 77 -14.14 19.34 13.38
CA VAL C 77 -12.94 18.96 14.12
C VAL C 77 -13.12 19.27 15.59
N GLY C 78 -12.74 18.33 16.45
CA GLY C 78 -12.77 18.57 17.87
C GLY C 78 -14.14 18.48 18.49
N VAL C 79 -15.08 17.77 17.86
CA VAL C 79 -16.39 17.58 18.44
C VAL C 79 -16.41 16.35 19.33
N GLY C 80 -15.70 15.30 18.94
CA GLY C 80 -15.68 14.09 19.75
C GLY C 80 -15.09 14.31 21.13
N ALA C 81 -13.96 15.02 21.20
CA ALA C 81 -13.39 15.36 22.49
C ALA C 81 -14.38 16.12 23.34
N LYS C 82 -15.02 17.14 22.77
CA LYS C 82 -15.97 17.94 23.54
C LYS C 82 -17.10 17.10 24.09
N ARG C 83 -17.65 16.20 23.27
CA ARG C 83 -18.66 15.29 23.80
C ARG C 83 -18.08 14.43 24.92
N ILE C 84 -16.78 14.12 24.86
CA ILE C 84 -16.19 13.34 25.94
C ILE C 84 -16.17 14.12 27.25
N ARG C 85 -15.60 15.33 27.25
CA ARG C 85 -15.50 16.01 28.53
C ARG C 85 -16.82 16.59 28.98
N ASP C 86 -17.83 16.62 28.12
CA ASP C 86 -19.17 16.88 28.63
C ASP C 86 -19.78 15.62 29.22
N LEU C 87 -19.45 14.45 28.69
CA LEU C 87 -19.86 13.21 29.33
C LEU C 87 -19.28 13.09 30.73
N PHE C 88 -17.99 13.40 30.87
CA PHE C 88 -17.36 13.34 32.18
C PHE C 88 -17.72 14.52 33.06
N ALA C 89 -18.06 15.67 32.47
CA ALA C 89 -18.52 16.79 33.30
C ALA C 89 -19.87 16.49 33.90
N GLN C 90 -20.81 15.97 33.09
CA GLN C 90 -22.06 15.49 33.66
C GLN C 90 -21.83 14.34 34.62
N ALA C 91 -20.83 13.49 34.33
CA ALA C 91 -20.61 12.31 35.14
C ALA C 91 -20.16 12.67 36.54
N ARG C 92 -19.00 13.32 36.66
CA ARG C 92 -18.55 13.75 37.97
C ARG C 92 -19.46 14.79 38.60
N SER C 93 -20.06 15.65 37.78
CA SER C 93 -21.02 16.61 38.31
C SER C 93 -22.24 15.95 38.93
N ARG C 94 -22.61 14.76 38.48
CA ARG C 94 -23.86 14.17 38.92
C ARG C 94 -23.70 13.45 40.26
N ALA C 95 -22.86 12.44 40.31
CA ALA C 95 -22.83 11.59 41.48
C ALA C 95 -21.65 10.63 41.41
N PRO C 96 -21.51 9.70 42.35
CA PRO C 96 -20.60 8.57 42.14
C PRO C 96 -21.14 7.65 41.05
N ALA C 97 -21.01 8.04 39.80
CA ALA C 97 -21.73 7.40 38.70
C ALA C 97 -20.89 6.32 38.04
N ILE C 98 -21.42 5.77 36.95
CA ILE C 98 -20.76 4.75 36.15
C ILE C 98 -20.97 5.10 34.69
N ILE C 99 -20.03 4.72 33.84
CA ILE C 99 -20.00 5.13 32.44
C ILE C 99 -19.60 3.93 31.60
N PHE C 100 -20.51 3.47 30.76
CA PHE C 100 -20.27 2.28 29.93
C PHE C 100 -20.06 2.73 28.49
N ILE C 101 -18.83 2.63 28.03
CA ILE C 101 -18.50 2.93 26.63
C ILE C 101 -18.45 1.60 25.90
N ASP C 102 -19.57 1.22 25.32
CA ASP C 102 -19.66 0.01 24.52
C ASP C 102 -18.94 0.22 23.20
N GLN C 103 -18.35 -0.86 22.69
CA GLN C 103 -17.65 -0.83 21.41
C GLN C 103 -16.48 0.17 21.44
N LEU C 104 -15.50 -0.13 22.29
CA LEU C 104 -14.29 0.69 22.33
C LEU C 104 -13.39 0.49 21.14
N ASP C 105 -13.72 -0.39 20.20
CA ASP C 105 -12.88 -0.57 19.04
C ASP C 105 -12.75 0.73 18.25
N ALA C 106 -13.81 1.55 18.26
CA ALA C 106 -13.80 2.77 17.46
C ALA C 106 -12.77 3.77 17.98
N ILE C 107 -12.93 4.22 19.22
CA ILE C 107 -12.10 5.30 19.75
C ILE C 107 -10.84 4.81 20.44
N GLY C 108 -10.68 3.51 20.63
CA GLY C 108 -9.52 3.01 21.31
C GLY C 108 -8.45 2.47 20.38
N GLY C 109 -8.32 3.11 19.22
CA GLY C 109 -7.41 2.60 18.22
C GLY C 109 -5.96 2.84 18.57
N LYS C 110 -5.11 1.91 18.17
CA LYS C 110 -3.68 1.99 18.39
C LYS C 110 -3.12 3.25 17.74
N ARG C 111 -2.25 3.95 18.46
CA ARG C 111 -1.57 5.10 17.88
C ARG C 111 -0.38 4.65 17.05
N ASN C 112 -0.36 5.05 15.79
CA ASN C 112 0.78 4.78 14.95
C ASN C 112 1.28 6.08 14.35
N PRO C 113 2.59 6.26 14.20
CA PRO C 113 3.14 7.53 13.75
C PRO C 113 2.90 7.85 12.28
N LYS C 114 2.06 7.09 11.58
CA LYS C 114 1.79 7.33 10.17
C LYS C 114 0.41 7.93 9.91
N ASP C 115 -0.48 7.91 10.90
CA ASP C 115 -1.85 8.32 10.65
C ASP C 115 -1.98 9.84 10.60
N GLN C 116 -3.08 10.28 10.02
CA GLN C 116 -3.33 11.68 9.69
C GLN C 116 -3.64 12.50 10.94
N ALA C 117 -3.50 13.81 10.80
CA ALA C 117 -3.77 14.73 11.90
C ALA C 117 -5.25 14.71 12.26
N TYR C 118 -5.56 15.20 13.45
CA TYR C 118 -6.94 15.33 13.95
C TYR C 118 -7.60 14.00 14.25
N ALA C 119 -6.90 12.88 14.04
CA ALA C 119 -7.50 11.56 14.16
C ALA C 119 -7.59 11.10 15.61
N LYS C 120 -6.48 11.13 16.33
CA LYS C 120 -6.41 10.62 17.70
C LYS C 120 -6.58 11.72 18.73
N GLN C 121 -7.45 12.67 18.45
CA GLN C 121 -7.75 13.74 19.40
C GLN C 121 -8.82 13.31 20.41
N THR C 122 -9.83 12.60 19.95
CA THR C 122 -10.82 12.03 20.85
C THR C 122 -10.16 11.08 21.85
N LEU C 123 -9.33 10.17 21.37
CA LEU C 123 -8.66 9.24 22.26
C LEU C 123 -7.80 9.95 23.29
N ASN C 124 -6.99 10.92 22.85
CA ASN C 124 -6.18 11.67 23.80
C ASN C 124 -7.03 12.35 24.85
N GLN C 125 -8.17 12.94 24.46
CA GLN C 125 -9.04 13.55 25.46
C GLN C 125 -9.55 12.51 26.44
N LEU C 126 -9.86 11.31 25.96
CA LEU C 126 -10.32 10.27 26.87
C LEU C 126 -9.23 9.92 27.87
N LEU C 127 -7.98 9.88 27.42
CA LEU C 127 -6.89 9.57 28.32
C LEU C 127 -6.66 10.69 29.31
N VAL C 128 -7.00 11.92 28.96
CA VAL C 128 -6.78 13.04 29.88
C VAL C 128 -7.90 13.11 30.90
N GLU C 129 -9.09 12.62 30.55
CA GLU C 129 -10.17 12.64 31.53
C GLU C 129 -10.06 11.47 32.50
N LEU C 130 -9.56 10.34 32.03
CA LEU C 130 -9.24 9.21 32.90
C LEU C 130 -7.78 9.31 33.32
N ASP C 131 -7.54 9.64 34.60
CA ASP C 131 -6.18 9.70 35.12
C ASP C 131 -5.37 10.80 34.45
N GLY C 132 -5.85 12.04 34.56
CA GLY C 132 -5.16 13.20 34.04
C GLY C 132 -4.45 13.97 35.14
N PHE C 133 -4.62 15.30 35.09
CA PHE C 133 -3.99 16.15 36.09
C PHE C 133 -4.95 16.46 37.23
N SER C 134 -6.24 16.56 36.94
CA SER C 134 -7.24 16.82 37.95
C SER C 134 -7.82 15.51 38.46
N GLN C 135 -7.30 15.04 39.59
CA GLN C 135 -7.71 13.78 40.17
C GLN C 135 -9.05 13.95 40.86
N THR C 136 -9.88 12.92 40.79
CA THR C 136 -11.18 12.92 41.46
C THR C 136 -11.47 11.51 41.93
N SER C 137 -12.72 11.28 42.31
CA SER C 137 -13.17 9.96 42.69
C SER C 137 -14.66 9.83 42.41
N GLY C 138 -15.11 8.58 42.33
CA GLY C 138 -16.52 8.32 42.19
C GLY C 138 -17.00 8.01 40.79
N ILE C 139 -16.12 8.03 39.80
CA ILE C 139 -16.49 7.68 38.43
C ILE C 139 -15.84 6.36 38.07
N ILE C 140 -16.66 5.38 37.75
CA ILE C 140 -16.18 4.08 37.27
C ILE C 140 -16.54 3.98 35.81
N ILE C 141 -15.68 3.34 35.02
CA ILE C 141 -15.84 3.23 33.58
C ILE C 141 -15.74 1.79 33.18
N ILE C 142 -16.71 1.32 32.41
CA ILE C 142 -16.77 -0.06 31.94
C ILE C 142 -16.67 -0.05 30.41
N GLY C 143 -15.84 -0.96 29.87
CA GLY C 143 -15.68 -1.04 28.44
C GLY C 143 -15.86 -2.45 27.95
N ALA C 144 -16.16 -2.57 26.66
CA ALA C 144 -16.40 -3.87 26.04
C ALA C 144 -15.79 -3.85 24.65
N THR C 145 -14.92 -4.81 24.36
CA THR C 145 -14.32 -4.92 23.04
C THR C 145 -14.11 -6.39 22.70
N ASN C 146 -14.20 -6.70 21.41
CA ASN C 146 -13.84 -8.03 20.93
C ASN C 146 -12.35 -8.17 20.67
N PHE C 147 -11.66 -7.06 20.48
CA PHE C 147 -10.32 -7.01 19.91
C PHE C 147 -9.40 -6.35 20.92
N PRO C 148 -9.09 -7.02 22.03
CA PRO C 148 -8.31 -6.38 23.08
C PRO C 148 -6.92 -5.96 22.64
N GLU C 149 -6.24 -6.76 21.83
CA GLU C 149 -4.91 -6.38 21.38
C GLU C 149 -4.94 -5.22 20.41
N ALA C 150 -6.08 -4.95 19.77
CA ALA C 150 -6.20 -3.82 18.88
C ALA C 150 -6.43 -2.51 19.60
N LEU C 151 -6.24 -2.46 20.92
CA LEU C 151 -6.41 -1.24 21.69
C LEU C 151 -5.06 -0.62 22.00
N ASP C 152 -5.10 0.69 22.26
CA ASP C 152 -3.88 1.39 22.61
C ASP C 152 -3.40 0.95 23.98
N LYS C 153 -2.10 1.13 24.22
CA LYS C 153 -1.51 0.68 25.46
C LYS C 153 -1.81 1.58 26.65
N ALA C 154 -2.30 2.79 26.42
CA ALA C 154 -2.62 3.69 27.52
C ALA C 154 -4.07 3.65 27.94
N LEU C 155 -4.95 3.02 27.16
CA LEU C 155 -6.29 2.76 27.67
C LEU C 155 -6.30 1.57 28.62
N THR C 156 -5.56 0.53 28.29
CA THR C 156 -5.54 -0.70 29.07
C THR C 156 -4.63 -0.59 30.28
N ARG C 157 -4.31 0.62 30.69
CA ARG C 157 -3.27 0.84 31.69
C ARG C 157 -3.91 0.81 33.08
N PRO C 158 -3.44 -0.03 33.99
CA PRO C 158 -3.94 0.02 35.37
C PRO C 158 -3.75 1.40 35.96
N GLY C 159 -4.83 1.94 36.52
CA GLY C 159 -4.96 3.36 36.78
C GLY C 159 -6.04 4.00 35.95
N ARG C 160 -6.28 3.48 34.75
CA ARG C 160 -7.42 3.84 33.93
C ARG C 160 -8.44 2.71 33.80
N PHE C 161 -7.97 1.50 33.53
CA PHE C 161 -8.78 0.28 33.44
C PHE C 161 -8.09 -0.76 34.31
N ASP C 162 -8.45 -0.81 35.59
CA ASP C 162 -7.72 -1.64 36.54
C ASP C 162 -7.77 -3.11 36.15
N LYS C 163 -8.95 -3.69 36.10
CA LYS C 163 -9.09 -5.13 35.90
C LYS C 163 -9.68 -5.43 34.52
N VAL C 164 -9.05 -6.36 33.82
CA VAL C 164 -9.48 -6.82 32.52
C VAL C 164 -10.23 -8.13 32.72
N VAL C 165 -11.53 -8.10 32.51
CA VAL C 165 -12.41 -9.24 32.70
C VAL C 165 -12.61 -9.94 31.36
N ASN C 166 -12.55 -11.25 31.38
CA ASN C 166 -12.45 -12.06 30.18
C ASN C 166 -13.68 -12.96 30.09
N VAL C 167 -14.70 -12.50 29.39
CA VAL C 167 -15.86 -13.32 29.08
C VAL C 167 -15.52 -14.25 27.94
N ASP C 168 -15.93 -15.50 28.04
CA ASP C 168 -15.54 -16.47 27.04
C ASP C 168 -16.62 -17.52 26.87
N LEU C 169 -16.53 -18.28 25.78
CA LEU C 169 -17.56 -19.25 25.45
C LEU C 169 -17.67 -20.30 26.55
N PRO C 170 -18.87 -20.69 26.93
CA PRO C 170 -19.03 -21.58 28.08
C PRO C 170 -18.53 -22.98 27.82
N ASP C 171 -18.67 -23.84 28.81
CA ASP C 171 -18.42 -25.27 28.71
C ASP C 171 -19.73 -26.00 29.00
N VAL C 172 -19.64 -27.32 29.19
CA VAL C 172 -20.84 -28.15 29.25
C VAL C 172 -21.80 -27.68 30.34
N ARG C 173 -21.29 -27.50 31.56
CA ARG C 173 -22.14 -27.05 32.65
C ARG C 173 -22.74 -25.69 32.37
N GLY C 174 -21.92 -24.76 31.88
CA GLY C 174 -22.41 -23.44 31.55
C GLY C 174 -23.52 -23.47 30.53
N ARG C 175 -23.37 -24.28 29.48
CA ARG C 175 -24.45 -24.39 28.51
C ARG C 175 -25.71 -24.97 29.15
N ALA C 176 -25.56 -25.91 30.07
CA ALA C 176 -26.72 -26.41 30.80
C ALA C 176 -27.42 -25.27 31.55
N ASP C 177 -26.66 -24.40 32.21
CA ASP C 177 -27.29 -23.32 32.97
C ASP C 177 -27.94 -22.30 32.05
N ILE C 178 -27.32 -22.00 30.91
CA ILE C 178 -27.94 -21.05 29.98
C ILE C 178 -29.26 -21.61 29.48
N LEU C 179 -29.26 -22.88 29.07
CA LEU C 179 -30.48 -23.48 28.56
C LEU C 179 -31.56 -23.51 29.63
N LYS C 180 -31.22 -23.90 30.85
CA LYS C 180 -32.20 -23.86 31.93
C LYS C 180 -32.76 -22.46 32.12
N HIS C 181 -31.93 -21.43 32.03
CA HIS C 181 -32.44 -20.09 32.21
C HIS C 181 -33.40 -19.70 31.09
N HIS C 182 -33.06 -20.02 29.85
CA HIS C 182 -33.91 -19.57 28.77
C HIS C 182 -35.17 -20.41 28.60
N MET C 183 -35.21 -21.61 29.14
CA MET C 183 -36.42 -22.42 29.04
C MET C 183 -37.49 -22.02 30.04
N LYS C 184 -37.25 -21.01 30.87
CA LYS C 184 -38.25 -20.64 31.86
C LYS C 184 -39.44 -19.90 31.26
N LYS C 185 -39.38 -19.53 29.99
CA LYS C 185 -40.51 -18.90 29.32
C LYS C 185 -41.21 -19.84 28.35
N ILE C 186 -40.74 -21.07 28.22
CA ILE C 186 -41.25 -22.04 27.26
C ILE C 186 -42.16 -23.02 27.99
N THR C 187 -43.36 -23.20 27.48
CA THR C 187 -44.29 -24.19 28.03
C THR C 187 -43.74 -25.57 27.70
N LEU C 188 -43.08 -26.19 28.67
CA LEU C 188 -42.27 -27.37 28.42
C LEU C 188 -43.07 -28.65 28.58
N ALA C 189 -42.56 -29.71 27.96
CA ALA C 189 -43.05 -31.06 28.19
C ALA C 189 -42.27 -31.66 29.34
N ASP C 190 -42.39 -32.97 29.55
CA ASP C 190 -41.76 -33.61 30.68
C ASP C 190 -40.52 -34.42 30.33
N ASN C 191 -40.27 -34.69 29.04
CA ASN C 191 -39.06 -35.38 28.62
C ASN C 191 -37.98 -34.42 28.14
N VAL C 192 -37.89 -33.24 28.74
CA VAL C 192 -36.90 -32.24 28.37
C VAL C 192 -35.79 -32.26 29.41
N ASP C 193 -34.59 -32.67 28.98
CA ASP C 193 -33.41 -32.69 29.83
C ASP C 193 -32.36 -31.79 29.20
N PRO C 194 -32.16 -30.58 29.71
CA PRO C 194 -31.22 -29.65 29.06
C PRO C 194 -29.80 -30.16 29.01
N THR C 195 -29.40 -31.04 29.92
CA THR C 195 -28.05 -31.61 29.85
C THR C 195 -27.84 -32.36 28.55
N ILE C 196 -28.88 -33.04 28.06
CA ILE C 196 -28.78 -33.77 26.80
C ILE C 196 -28.43 -32.82 25.67
N ILE C 197 -28.97 -31.61 25.72
CA ILE C 197 -28.74 -30.66 24.65
C ILE C 197 -27.39 -29.99 24.80
N ALA C 198 -27.03 -29.64 26.04
CA ALA C 198 -25.73 -29.01 26.28
C ALA C 198 -24.60 -29.93 25.87
N ARG C 199 -24.73 -31.23 26.13
CA ARG C 199 -23.67 -32.13 25.70
C ARG C 199 -23.66 -32.34 24.20
N GLY C 200 -24.72 -31.98 23.51
CA GLY C 200 -24.74 -32.08 22.07
C GLY C 200 -24.43 -30.80 21.33
N THR C 201 -24.08 -29.73 22.05
CA THR C 201 -23.90 -28.40 21.46
C THR C 201 -22.53 -27.86 21.81
N PRO C 202 -21.45 -28.42 21.23
CA PRO C 202 -20.12 -27.91 21.52
C PRO C 202 -19.79 -26.67 20.71
N GLY C 203 -19.19 -25.69 21.39
CA GLY C 203 -18.68 -24.50 20.73
C GLY C 203 -19.68 -23.40 20.47
N LEU C 204 -20.90 -23.50 20.97
CA LEU C 204 -21.90 -22.47 20.76
C LEU C 204 -21.90 -21.47 21.92
N SER C 205 -22.12 -20.21 21.58
CA SER C 205 -22.15 -19.15 22.56
C SER C 205 -23.49 -19.16 23.27
N GLY C 206 -23.79 -18.10 24.03
CA GLY C 206 -25.08 -18.02 24.68
C GLY C 206 -26.18 -17.55 23.76
N ALA C 207 -25.87 -16.64 22.84
CA ALA C 207 -26.89 -16.14 21.94
C ALA C 207 -27.41 -17.23 21.02
N GLU C 208 -26.53 -18.10 20.54
CA GLU C 208 -26.98 -19.17 19.66
C GLU C 208 -27.86 -20.17 20.39
N LEU C 209 -27.61 -20.40 21.68
CA LEU C 209 -28.47 -21.30 22.44
C LEU C 209 -29.81 -20.67 22.73
N ALA C 210 -29.82 -19.37 23.05
CA ALA C 210 -31.09 -18.67 23.19
C ALA C 210 -31.91 -18.75 21.91
N ASN C 211 -31.25 -18.56 20.76
CA ASN C 211 -31.96 -18.67 19.49
C ASN C 211 -32.47 -20.07 19.25
N LEU C 212 -31.65 -21.08 19.58
CA LEU C 212 -32.10 -22.47 19.46
C LEU C 212 -33.40 -22.68 20.23
N VAL C 213 -33.45 -22.21 21.47
CA VAL C 213 -34.67 -22.37 22.25
C VAL C 213 -35.83 -21.62 21.59
N ASN C 214 -35.57 -20.41 21.12
CA ASN C 214 -36.63 -19.60 20.50
C ASN C 214 -37.26 -20.34 19.32
N GLN C 215 -36.47 -20.63 18.29
CA GLN C 215 -37.07 -21.20 17.11
C GLN C 215 -37.51 -22.64 17.33
N ALA C 216 -36.98 -23.32 18.35
CA ALA C 216 -37.55 -24.60 18.73
C ALA C 216 -38.98 -24.42 19.23
N ALA C 217 -39.21 -23.40 20.05
CA ALA C 217 -40.57 -23.13 20.53
C ALA C 217 -41.50 -22.75 19.38
N VAL C 218 -41.03 -21.86 18.49
CA VAL C 218 -41.88 -21.45 17.37
C VAL C 218 -42.22 -22.63 16.48
N TYR C 219 -41.25 -23.50 16.24
CA TYR C 219 -41.55 -24.73 15.50
C TYR C 219 -42.54 -25.59 16.24
N ALA C 220 -42.45 -25.66 17.56
CA ALA C 220 -43.44 -26.40 18.33
C ALA C 220 -44.84 -25.85 18.09
N CYS C 221 -44.97 -24.54 17.97
CA CYS C 221 -46.28 -23.95 17.81
C CYS C 221 -46.77 -23.96 16.37
N GLN C 222 -45.90 -24.23 15.39
CA GLN C 222 -46.42 -24.45 14.04
C GLN C 222 -47.15 -25.78 13.94
N LYS C 223 -46.69 -26.79 14.66
CA LYS C 223 -47.26 -28.13 14.57
C LYS C 223 -48.54 -28.30 15.39
N ASN C 224 -49.18 -27.21 15.81
CA ASN C 224 -50.41 -27.28 16.60
C ASN C 224 -50.21 -28.04 17.90
N ALA C 225 -49.00 -28.04 18.43
CA ALA C 225 -48.71 -28.75 19.66
C ALA C 225 -49.03 -27.88 20.86
N VAL C 226 -48.87 -28.45 22.05
CA VAL C 226 -49.13 -27.72 23.29
C VAL C 226 -47.95 -27.72 24.25
N SER C 227 -46.97 -28.60 24.08
CA SER C 227 -45.80 -28.62 24.94
C SER C 227 -44.57 -28.86 24.09
N VAL C 228 -43.54 -28.03 24.29
CA VAL C 228 -42.31 -28.11 23.53
C VAL C 228 -41.54 -29.32 24.04
N ASP C 229 -41.52 -30.39 23.26
CA ASP C 229 -40.93 -31.64 23.69
C ASP C 229 -39.50 -31.78 23.16
N MET C 230 -38.86 -32.91 23.44
CA MET C 230 -37.44 -33.08 23.13
C MET C 230 -37.17 -33.16 21.64
N SER C 231 -38.07 -33.78 20.87
CA SER C 231 -37.87 -33.89 19.43
C SER C 231 -37.79 -32.52 18.77
N HIS C 232 -38.44 -31.51 19.34
CA HIS C 232 -38.34 -30.17 18.80
C HIS C 232 -36.95 -29.58 18.98
N PHE C 233 -36.40 -29.71 20.19
CA PHE C 233 -35.02 -29.31 20.42
C PHE C 233 -34.06 -30.08 19.51
N GLU C 234 -34.33 -31.36 19.25
CA GLU C 234 -33.52 -32.08 18.28
C GLU C 234 -33.61 -31.45 16.91
N TRP C 235 -34.81 -31.11 16.46
CA TRP C 235 -35.00 -30.49 15.16
C TRP C 235 -34.21 -29.19 15.05
N ALA C 236 -34.39 -28.29 16.02
CA ALA C 236 -33.74 -26.99 15.94
C ALA C 236 -32.23 -27.10 16.06
N LYS C 237 -31.75 -27.96 16.94
CA LYS C 237 -30.30 -28.15 17.05
C LYS C 237 -29.73 -28.68 15.75
N ASP C 238 -30.42 -29.63 15.12
CA ASP C 238 -29.97 -30.12 13.81
C ASP C 238 -29.98 -29.01 12.77
N LYS C 239 -31.01 -28.16 12.80
CA LYS C 239 -31.04 -27.02 11.88
C LYS C 239 -29.86 -26.11 12.08
N ILE C 240 -29.46 -25.88 13.33
CA ILE C 240 -28.35 -24.98 13.60
C ILE C 240 -27.02 -25.59 13.17
N LEU C 241 -26.84 -26.88 13.42
CA LEU C 241 -25.57 -27.52 13.11
C LEU C 241 -25.40 -27.87 11.64
N MET C 242 -26.48 -28.05 10.90
CA MET C 242 -26.38 -28.54 9.53
C MET C 242 -26.96 -27.59 8.49
N GLY C 243 -28.15 -27.05 8.72
CA GLY C 243 -28.91 -26.37 7.70
C GLY C 243 -30.34 -26.86 7.69
N ALA C 244 -31.13 -26.30 6.77
CA ALA C 244 -32.57 -26.50 6.83
C ALA C 244 -33.07 -27.30 5.63
N GLU C 245 -32.92 -28.63 5.72
CA GLU C 245 -33.76 -29.64 5.08
C GLU C 245 -34.36 -29.27 3.73
N ARG C 246 -33.55 -28.96 2.72
CA ARG C 246 -34.14 -28.57 1.45
C ARG C 246 -34.85 -29.76 0.84
N LYS C 247 -36.18 -29.71 0.84
CA LYS C 247 -37.02 -30.84 0.51
C LYS C 247 -37.37 -30.94 -0.97
N THR C 248 -37.77 -29.84 -1.60
CA THR C 248 -38.13 -29.86 -3.02
C THR C 248 -36.84 -29.98 -3.83
N MET C 249 -36.31 -31.20 -3.87
CA MET C 249 -35.02 -31.50 -4.46
C MET C 249 -35.15 -32.73 -5.34
N VAL C 250 -35.00 -32.55 -6.64
CA VAL C 250 -35.09 -33.66 -7.60
C VAL C 250 -33.73 -34.33 -7.68
N LEU C 251 -33.69 -35.61 -7.31
CA LEU C 251 -32.45 -36.36 -7.24
C LEU C 251 -32.52 -37.56 -8.17
N THR C 252 -31.69 -37.56 -9.19
CA THR C 252 -31.54 -38.74 -10.02
C THR C 252 -31.05 -39.90 -9.17
N ASP C 253 -31.38 -41.12 -9.59
CA ASP C 253 -30.97 -42.30 -8.83
C ASP C 253 -29.45 -42.41 -8.74
N ALA C 254 -28.75 -42.17 -9.86
CA ALA C 254 -27.30 -42.29 -9.83
C ALA C 254 -26.67 -41.29 -8.88
N ALA C 255 -27.20 -40.07 -8.83
CA ALA C 255 -26.70 -39.07 -7.90
C ALA C 255 -26.80 -39.55 -6.46
N ARG C 256 -27.97 -40.02 -6.05
CA ARG C 256 -28.13 -40.46 -4.67
C ARG C 256 -27.30 -41.69 -4.35
N LYS C 257 -27.08 -42.58 -5.34
CA LYS C 257 -26.17 -43.68 -5.09
C LYS C 257 -24.76 -43.17 -4.82
N ALA C 258 -24.25 -42.29 -5.68
CA ALA C 258 -22.91 -41.76 -5.50
C ALA C 258 -22.77 -41.06 -4.15
N THR C 259 -23.76 -40.25 -3.79
CA THR C 259 -23.71 -39.55 -2.52
C THR C 259 -23.67 -40.53 -1.35
N ALA C 260 -24.60 -41.48 -1.34
CA ALA C 260 -24.61 -42.47 -0.26
C ALA C 260 -23.31 -43.25 -0.18
N PHE C 261 -22.58 -43.40 -1.28
CA PHE C 261 -21.26 -44.00 -1.15
C PHE C 261 -20.22 -43.06 -0.59
N HIS C 262 -20.31 -41.76 -0.89
CA HIS C 262 -19.35 -40.82 -0.30
C HIS C 262 -19.51 -40.77 1.23
N GLU C 263 -20.70 -40.40 1.71
CA GLU C 263 -20.89 -40.43 3.15
C GLU C 263 -20.87 -41.83 3.73
N ALA C 264 -21.02 -42.86 2.90
CA ALA C 264 -20.73 -44.20 3.37
C ALA C 264 -19.26 -44.33 3.73
N GLY C 265 -18.37 -43.79 2.89
CA GLY C 265 -16.96 -43.86 3.20
C GLY C 265 -16.60 -43.08 4.46
N HIS C 266 -17.03 -41.82 4.54
CA HIS C 266 -16.79 -41.05 5.75
C HIS C 266 -17.32 -41.76 6.98
N ALA C 267 -18.57 -42.24 6.92
CA ALA C 267 -19.20 -42.82 8.09
C ALA C 267 -18.51 -44.09 8.52
N ILE C 268 -18.04 -44.89 7.57
CA ILE C 268 -17.32 -46.11 7.93
C ILE C 268 -16.01 -45.77 8.59
N MET C 269 -15.17 -45.01 7.91
CA MET C 269 -13.79 -44.86 8.35
C MET C 269 -13.65 -43.84 9.48
N ALA C 270 -14.73 -43.19 9.89
CA ALA C 270 -14.75 -42.46 11.14
C ALA C 270 -15.24 -43.33 12.28
N LYS C 271 -15.22 -44.65 12.11
CA LYS C 271 -15.81 -45.57 13.05
C LYS C 271 -14.84 -46.68 13.46
N TYR C 272 -14.00 -47.11 12.53
CA TYR C 272 -13.02 -48.16 12.78
C TYR C 272 -11.61 -47.60 12.88
N THR C 273 -11.46 -46.28 12.86
CA THR C 273 -10.17 -45.63 12.94
C THR C 273 -9.89 -45.22 14.38
N ASN C 274 -8.73 -45.62 14.89
CA ASN C 274 -8.40 -45.37 16.28
C ASN C 274 -8.26 -43.88 16.55
N GLY C 275 -8.95 -43.40 17.56
CA GLY C 275 -8.85 -42.01 17.96
C GLY C 275 -9.87 -41.09 17.35
N ALA C 276 -10.56 -41.50 16.30
CA ALA C 276 -11.52 -40.63 15.63
C ALA C 276 -12.64 -40.25 16.58
N THR C 277 -13.28 -39.13 16.28
CA THR C 277 -14.35 -38.64 17.12
C THR C 277 -15.65 -39.37 16.78
N PRO C 278 -16.43 -39.80 17.77
CA PRO C 278 -17.56 -40.68 17.48
C PRO C 278 -18.63 -40.02 16.63
N LEU C 279 -19.16 -40.77 15.67
CA LEU C 279 -20.23 -40.30 14.80
C LEU C 279 -21.45 -39.88 15.58
N TYR C 280 -22.21 -38.95 15.02
CA TYR C 280 -23.49 -38.59 15.57
C TYR C 280 -24.63 -39.04 14.66
N LYS C 281 -24.57 -38.72 13.38
CA LYS C 281 -25.53 -39.25 12.43
C LYS C 281 -25.09 -38.90 11.03
N ALA C 282 -25.32 -39.84 10.11
CA ALA C 282 -25.03 -39.66 8.69
C ALA C 282 -26.34 -39.45 7.96
N THR C 283 -26.29 -38.66 6.88
CA THR C 283 -27.46 -38.42 6.06
C THR C 283 -27.05 -38.29 4.61
N ILE C 284 -28.06 -38.36 3.72
CA ILE C 284 -27.88 -37.97 2.34
C ILE C 284 -28.99 -37.06 1.86
N LEU C 285 -29.95 -36.72 2.70
CA LEU C 285 -30.83 -35.61 2.42
C LEU C 285 -30.00 -34.36 2.18
N PRO C 286 -30.46 -33.41 1.35
CA PRO C 286 -29.58 -32.30 0.97
C PRO C 286 -29.03 -31.48 2.14
N ARG C 287 -29.90 -30.89 2.96
CA ARG C 287 -29.49 -30.30 4.23
C ARG C 287 -28.50 -29.14 4.02
N GLY C 288 -29.02 -28.05 3.46
CA GLY C 288 -28.23 -26.84 3.40
C GLY C 288 -27.63 -26.56 2.04
N ARG C 289 -26.34 -26.24 2.00
CA ARG C 289 -25.65 -26.11 0.72
C ARG C 289 -24.88 -27.35 0.34
N ALA C 290 -24.74 -28.32 1.24
CA ALA C 290 -24.06 -29.56 0.91
C ALA C 290 -25.07 -30.58 0.37
N LEU C 291 -24.57 -31.71 -0.10
CA LEU C 291 -25.42 -32.74 -0.67
C LEU C 291 -25.38 -33.99 0.19
N GLY C 292 -25.43 -33.82 1.49
CA GLY C 292 -25.30 -34.93 2.41
C GLY C 292 -24.11 -34.66 3.29
N ILE C 293 -24.27 -34.90 4.58
CA ILE C 293 -23.25 -34.59 5.57
C ILE C 293 -23.19 -35.69 6.59
N THR C 294 -21.99 -35.99 7.05
CA THR C 294 -21.77 -36.87 8.18
C THR C 294 -20.92 -36.14 9.20
N PHE C 295 -21.43 -35.98 10.42
CA PHE C 295 -20.64 -35.27 11.40
C PHE C 295 -20.64 -36.04 12.71
N GLN C 296 -19.75 -35.63 13.59
CA GLN C 296 -19.32 -36.47 14.69
C GLN C 296 -18.92 -35.61 15.87
N LEU C 297 -19.75 -35.64 16.92
CA LEU C 297 -19.51 -34.79 18.08
C LEU C 297 -18.74 -35.54 19.16
N PRO C 298 -17.78 -34.90 19.79
CA PRO C 298 -16.88 -35.61 20.71
C PRO C 298 -17.52 -35.87 22.06
N GLU C 299 -16.82 -36.69 22.85
CA GLU C 299 -17.31 -37.06 24.18
C GLU C 299 -17.26 -35.86 25.12
N MET C 300 -16.06 -35.36 25.40
CA MET C 300 -15.85 -34.26 26.32
C MET C 300 -15.06 -33.18 25.61
N ASP C 301 -15.45 -31.92 25.85
CA ASP C 301 -14.82 -30.78 25.20
C ASP C 301 -13.48 -30.48 25.84
N LYS C 302 -12.42 -30.50 25.03
CA LYS C 302 -11.07 -30.22 25.50
C LYS C 302 -10.39 -29.31 24.49
N VAL C 303 -9.30 -28.69 24.93
CA VAL C 303 -8.68 -27.65 24.13
C VAL C 303 -7.66 -28.20 23.13
N ASP C 304 -6.83 -29.15 23.54
CA ASP C 304 -5.73 -29.63 22.72
C ASP C 304 -6.00 -31.04 22.23
N ILE C 305 -5.30 -31.45 21.19
CA ILE C 305 -5.55 -32.71 20.52
C ILE C 305 -4.23 -33.40 20.27
N THR C 306 -4.20 -34.72 20.51
CA THR C 306 -2.97 -35.48 20.38
C THR C 306 -2.63 -35.67 18.91
N LYS C 307 -1.61 -36.47 18.65
CA LYS C 307 -1.23 -36.77 17.28
C LYS C 307 -2.09 -37.88 16.69
N ARG C 308 -2.47 -38.85 17.52
CA ARG C 308 -3.36 -39.90 17.09
C ARG C 308 -4.67 -39.33 16.56
N GLU C 309 -5.23 -38.35 17.26
CA GLU C 309 -6.50 -37.79 16.82
C GLU C 309 -6.32 -36.99 15.54
N CYS C 310 -5.19 -36.31 15.37
CA CYS C 310 -4.95 -35.56 14.14
C CYS C 310 -4.91 -36.48 12.94
N GLN C 311 -4.09 -37.53 13.02
CA GLN C 311 -4.07 -38.48 11.91
C GLN C 311 -5.43 -39.12 11.69
N ALA C 312 -6.21 -39.28 12.75
CA ALA C 312 -7.60 -39.68 12.60
C ALA C 312 -8.37 -38.71 11.70
N ARG C 313 -8.23 -37.41 11.95
CA ARG C 313 -8.91 -36.43 11.11
C ARG C 313 -8.48 -36.52 9.65
N LEU C 314 -7.18 -36.67 9.42
CA LEU C 314 -6.72 -36.78 8.03
C LEU C 314 -7.34 -37.97 7.34
N ASP C 315 -7.36 -39.13 8.00
CA ASP C 315 -7.96 -40.30 7.38
C ASP C 315 -9.43 -40.06 7.09
N VAL C 316 -10.18 -39.57 8.09
CA VAL C 316 -11.62 -39.34 7.93
C VAL C 316 -11.89 -38.38 6.79
N CYS C 317 -10.94 -37.48 6.49
CA CYS C 317 -11.13 -36.62 5.33
C CYS C 317 -10.83 -37.36 4.02
N MET C 318 -9.89 -38.30 4.02
CA MET C 318 -9.57 -39.01 2.78
C MET C 318 -10.58 -40.10 2.42
N GLY C 319 -11.41 -40.52 3.37
CA GLY C 319 -12.26 -41.67 3.13
C GLY C 319 -13.29 -41.50 2.04
N GLY C 320 -13.79 -40.29 1.81
CA GLY C 320 -14.79 -40.11 0.78
C GLY C 320 -14.24 -40.39 -0.61
N LYS C 321 -13.18 -39.68 -0.98
CA LYS C 321 -12.56 -39.91 -2.27
C LYS C 321 -12.08 -41.33 -2.40
N ILE C 322 -11.57 -41.92 -1.32
CA ILE C 322 -11.18 -43.32 -1.44
C ILE C 322 -12.38 -44.22 -1.70
N ALA C 323 -13.54 -43.90 -1.14
CA ALA C 323 -14.73 -44.70 -1.44
C ALA C 323 -15.07 -44.60 -2.92
N GLU C 324 -15.12 -43.38 -3.45
CA GLU C 324 -15.41 -43.24 -4.88
C GLU C 324 -14.39 -43.96 -5.76
N GLU C 325 -13.11 -43.99 -5.36
CA GLU C 325 -12.15 -44.74 -6.14
C GLU C 325 -12.39 -46.23 -6.09
N LEU C 326 -12.62 -46.77 -4.90
CA LEU C 326 -12.83 -48.20 -4.78
C LEU C 326 -14.09 -48.66 -5.48
N ILE C 327 -15.11 -47.81 -5.58
CA ILE C 327 -16.35 -48.25 -6.23
C ILE C 327 -16.32 -47.95 -7.71
N TYR C 328 -16.24 -46.66 -8.06
CA TYR C 328 -16.42 -46.21 -9.43
C TYR C 328 -15.14 -46.17 -10.24
N GLY C 329 -14.09 -46.86 -9.80
CA GLY C 329 -12.84 -46.84 -10.51
C GLY C 329 -12.16 -45.48 -10.42
N LYS C 330 -10.92 -45.44 -10.88
CA LYS C 330 -10.11 -44.24 -10.70
C LYS C 330 -10.63 -43.05 -11.50
N ASP C 331 -10.94 -43.25 -12.78
CA ASP C 331 -11.31 -42.12 -13.63
C ASP C 331 -12.63 -41.46 -13.24
N ASN C 332 -13.43 -42.09 -12.39
CA ASN C 332 -14.74 -41.56 -12.04
C ASN C 332 -14.73 -40.81 -10.71
N THR C 333 -13.65 -40.10 -10.41
CA THR C 333 -13.58 -39.26 -9.23
C THR C 333 -14.10 -37.88 -9.56
N THR C 334 -14.92 -37.33 -8.68
CA THR C 334 -15.55 -36.04 -8.94
C THR C 334 -14.74 -34.91 -8.34
N SER C 335 -15.23 -33.69 -8.55
CA SER C 335 -14.66 -32.51 -7.93
C SER C 335 -15.26 -32.25 -6.56
N GLY C 336 -16.23 -33.06 -6.12
CA GLY C 336 -16.76 -32.91 -4.78
C GLY C 336 -15.73 -33.16 -3.70
N CYS C 337 -14.70 -33.95 -4.00
CA CYS C 337 -13.66 -34.24 -3.04
C CYS C 337 -12.89 -33.00 -2.61
N GLY C 338 -12.90 -31.95 -3.42
CA GLY C 338 -12.08 -30.78 -3.13
C GLY C 338 -12.37 -30.19 -1.76
N SER C 339 -13.64 -29.96 -1.45
CA SER C 339 -14.01 -29.44 -0.13
C SER C 339 -13.57 -30.33 1.01
N ASP C 340 -13.32 -31.62 0.76
CA ASP C 340 -12.69 -32.45 1.77
C ASP C 340 -11.21 -32.11 1.86
N LEU C 341 -10.49 -32.22 0.73
CA LEU C 341 -9.03 -32.13 0.74
C LEU C 341 -8.54 -30.88 1.43
N GLN C 342 -9.14 -29.74 1.07
CA GLN C 342 -8.87 -28.45 1.69
C GLN C 342 -8.78 -28.54 3.20
N SER C 343 -9.87 -28.98 3.83
CA SER C 343 -9.88 -29.05 5.29
C SER C 343 -8.77 -29.95 5.81
N ALA C 344 -8.58 -31.10 5.16
CA ALA C 344 -7.53 -32.01 5.59
C ALA C 344 -6.18 -31.32 5.54
N THR C 345 -5.90 -30.59 4.46
CA THR C 345 -4.62 -29.91 4.34
C THR C 345 -4.39 -28.98 5.52
N GLY C 346 -5.45 -28.29 5.95
CA GLY C 346 -5.32 -27.42 7.10
C GLY C 346 -4.75 -28.14 8.29
N THR C 347 -5.36 -29.26 8.67
CA THR C 347 -4.88 -30.04 9.80
C THR C 347 -3.43 -30.43 9.60
N ALA C 348 -3.08 -30.84 8.38
CA ALA C 348 -1.72 -31.30 8.13
C ALA C 348 -0.71 -30.22 8.44
N ARG C 349 -1.00 -28.98 8.05
CA ARG C 349 -0.04 -27.93 8.32
C ARG C 349 0.08 -27.66 9.81
N ALA C 350 -1.03 -27.74 10.53
CA ALA C 350 -0.94 -27.55 11.97
C ALA C 350 -0.14 -28.66 12.62
N MET C 351 -0.05 -29.82 11.99
CA MET C 351 0.75 -30.89 12.57
C MET C 351 2.24 -30.63 12.42
N VAL C 352 2.64 -29.84 11.44
CA VAL C 352 4.04 -29.74 11.04
C VAL C 352 4.61 -28.37 11.34
N THR C 353 3.83 -27.31 11.09
CA THR C 353 4.36 -26.00 11.37
C THR C 353 4.28 -25.65 12.85
N GLN C 354 3.09 -25.63 13.44
CA GLN C 354 2.93 -25.02 14.75
C GLN C 354 2.80 -26.03 15.89
N TYR C 355 2.13 -27.16 15.71
CA TYR C 355 2.02 -28.06 16.84
C TYR C 355 3.33 -28.78 17.17
N GLY C 356 4.32 -28.70 16.31
CA GLY C 356 5.56 -29.41 16.57
C GLY C 356 5.41 -30.91 16.58
N MET C 357 5.10 -31.52 15.44
CA MET C 357 4.90 -32.95 15.36
C MET C 357 5.67 -33.58 14.21
N SER C 358 6.75 -32.95 13.75
CA SER C 358 7.52 -33.44 12.62
C SER C 358 8.84 -34.04 13.10
N ASP C 359 9.63 -34.58 12.18
CA ASP C 359 10.91 -35.15 12.56
C ASP C 359 12.05 -34.49 11.79
N ASP C 360 11.86 -34.22 10.51
CA ASP C 360 12.88 -33.46 9.79
C ASP C 360 12.83 -31.99 10.20
N VAL C 361 11.64 -31.44 10.32
CA VAL C 361 11.42 -30.16 10.99
C VAL C 361 11.38 -30.43 12.48
N GLY C 362 12.35 -29.90 13.21
CA GLY C 362 12.48 -30.21 14.62
C GLY C 362 11.34 -29.69 15.46
N PRO C 363 11.60 -29.47 16.74
CA PRO C 363 10.59 -28.85 17.60
C PRO C 363 10.50 -27.35 17.41
N VAL C 364 10.32 -26.89 16.18
CA VAL C 364 10.40 -25.48 15.84
C VAL C 364 9.01 -24.98 15.56
N ASN C 365 8.78 -23.69 15.81
CA ASN C 365 7.51 -23.07 15.45
C ASN C 365 7.73 -22.23 14.20
N LEU C 366 7.48 -22.85 13.05
CA LEU C 366 7.54 -22.20 11.77
C LEU C 366 6.28 -21.41 11.43
N SER C 367 5.37 -21.22 12.40
CA SER C 367 4.05 -20.73 12.05
C SER C 367 4.03 -19.21 11.90
N GLU C 368 4.30 -18.48 12.96
CA GLU C 368 4.26 -17.03 12.88
C GLU C 368 5.40 -16.53 12.02
N GLU C 369 5.11 -15.48 11.23
CA GLU C 369 5.95 -15.00 10.14
C GLU C 369 6.47 -16.16 9.30
N TRP C 370 5.56 -16.85 8.63
CA TRP C 370 5.92 -17.91 7.71
C TRP C 370 6.77 -17.42 6.55
N GLU C 371 6.66 -16.15 6.18
CA GLU C 371 7.46 -15.58 5.12
C GLU C 371 8.83 -15.15 5.59
N SER C 372 9.13 -15.34 6.87
CA SER C 372 10.42 -14.94 7.41
C SER C 372 11.48 -15.99 7.16
N TRP C 373 11.11 -17.26 7.13
CA TRP C 373 12.08 -18.33 7.08
C TRP C 373 12.64 -18.46 5.67
N SER C 374 13.62 -19.35 5.51
CA SER C 374 14.30 -19.50 4.25
C SER C 374 13.46 -20.31 3.27
N ASN C 375 14.11 -20.78 2.21
CA ASN C 375 13.44 -21.67 1.27
C ASN C 375 13.74 -23.12 1.55
N LYS C 376 14.90 -23.43 2.13
CA LYS C 376 15.21 -24.82 2.43
C LYS C 376 14.30 -25.36 3.52
N ILE C 377 14.09 -24.59 4.58
CA ILE C 377 13.23 -25.02 5.66
C ILE C 377 11.79 -25.19 5.18
N ARG C 378 11.31 -24.27 4.35
CA ARG C 378 9.94 -24.42 3.87
C ARG C 378 9.81 -25.57 2.90
N ASP C 379 10.84 -25.86 2.12
CA ASP C 379 10.79 -27.06 1.29
C ASP C 379 10.68 -28.31 2.14
N ILE C 380 11.48 -28.41 3.20
CA ILE C 380 11.40 -29.57 4.07
C ILE C 380 10.02 -29.68 4.71
N ALA C 381 9.47 -28.55 5.15
CA ALA C 381 8.16 -28.58 5.78
C ALA C 381 7.09 -29.09 4.80
N ASP C 382 7.03 -28.50 3.61
CA ASP C 382 5.96 -28.89 2.70
C ASP C 382 6.11 -30.32 2.22
N ASN C 383 7.35 -30.80 2.07
CA ASN C 383 7.54 -32.22 1.79
C ASN C 383 6.97 -33.06 2.93
N GLU C 384 7.16 -32.61 4.18
CA GLU C 384 6.59 -33.32 5.31
C GLU C 384 5.06 -33.36 5.23
N VAL C 385 4.41 -32.23 4.96
CA VAL C 385 2.96 -32.20 4.88
C VAL C 385 2.47 -33.15 3.80
N ILE C 386 3.04 -33.05 2.60
CA ILE C 386 2.62 -33.91 1.50
C ILE C 386 2.75 -35.38 1.88
N GLU C 387 3.82 -35.73 2.59
CA GLU C 387 3.95 -37.10 3.04
C GLU C 387 2.85 -37.49 4.03
N LEU C 388 2.49 -36.60 4.95
CA LEU C 388 1.39 -36.89 5.87
C LEU C 388 0.12 -37.19 5.10
N LEU C 389 -0.22 -36.36 4.12
CA LEU C 389 -1.46 -36.59 3.39
C LEU C 389 -1.43 -37.89 2.59
N LYS C 390 -0.32 -38.18 1.89
CA LYS C 390 -0.28 -39.41 1.11
C LYS C 390 -0.40 -40.65 1.99
N ASP C 391 0.36 -40.71 3.08
CA ASP C 391 0.20 -41.85 3.99
C ASP C 391 -1.22 -41.94 4.51
N SER C 392 -1.84 -40.80 4.78
CA SER C 392 -3.24 -40.79 5.19
C SER C 392 -4.12 -41.50 4.17
N GLU C 393 -4.05 -41.11 2.90
CA GLU C 393 -4.96 -41.73 1.96
C GLU C 393 -4.66 -43.20 1.73
N GLU C 394 -3.40 -43.63 1.85
CA GLU C 394 -3.19 -45.06 1.65
C GLU C 394 -3.75 -45.88 2.81
N ARG C 395 -3.56 -45.39 4.06
CA ARG C 395 -4.23 -46.04 5.19
C ARG C 395 -5.72 -46.14 4.96
N ALA C 396 -6.33 -45.04 4.51
CA ALA C 396 -7.76 -45.05 4.23
C ALA C 396 -8.11 -46.09 3.18
N ARG C 397 -7.27 -46.26 2.15
CA ARG C 397 -7.67 -47.18 1.11
C ARG C 397 -7.60 -48.63 1.56
N ARG C 398 -6.58 -49.03 2.32
CA ARG C 398 -6.68 -50.43 2.75
C ARG C 398 -7.70 -50.65 3.85
N LEU C 399 -7.97 -49.64 4.69
CA LEU C 399 -9.05 -49.82 5.65
C LEU C 399 -10.39 -50.02 4.95
N LEU C 400 -10.70 -49.20 3.95
CA LEU C 400 -11.92 -49.45 3.19
C LEU C 400 -11.82 -50.68 2.31
N THR C 401 -10.64 -51.24 2.10
CA THR C 401 -10.56 -52.52 1.43
C THR C 401 -10.99 -53.65 2.36
N LYS C 402 -10.50 -53.65 3.60
CA LYS C 402 -10.88 -54.72 4.52
C LYS C 402 -12.35 -54.66 4.89
N LYS C 403 -12.95 -53.47 4.94
CA LYS C 403 -14.33 -53.30 5.38
C LYS C 403 -15.27 -53.10 4.21
N ASN C 404 -15.06 -53.84 3.12
CA ASN C 404 -15.84 -53.61 1.91
C ASN C 404 -17.30 -53.98 2.11
N VAL C 405 -17.56 -55.10 2.79
CA VAL C 405 -18.92 -55.58 2.99
C VAL C 405 -19.75 -54.54 3.74
N GLU C 406 -19.21 -54.02 4.83
CA GLU C 406 -19.90 -52.98 5.58
C GLU C 406 -20.08 -51.72 4.75
N LEU C 407 -19.15 -51.45 3.84
CA LEU C 407 -19.28 -50.27 2.99
C LEU C 407 -20.50 -50.37 2.09
N HIS C 408 -20.66 -51.50 1.38
CA HIS C 408 -21.86 -51.65 0.58
C HIS C 408 -23.10 -51.70 1.45
N ARG C 409 -23.00 -52.33 2.61
CA ARG C 409 -24.18 -52.50 3.47
C ARG C 409 -24.70 -51.17 3.97
N LEU C 410 -23.81 -50.30 4.45
CA LEU C 410 -24.22 -48.97 4.87
C LEU C 410 -24.61 -48.09 3.69
N ALA C 411 -24.00 -48.32 2.53
CA ALA C 411 -24.44 -47.57 1.35
C ALA C 411 -25.89 -47.85 1.03
N GLN C 412 -26.30 -49.12 1.07
CA GLN C 412 -27.72 -49.43 0.90
C GLN C 412 -28.53 -48.84 2.04
N GLY C 413 -28.04 -48.98 3.28
CA GLY C 413 -28.72 -48.42 4.43
C GLY C 413 -29.01 -46.94 4.32
N LEU C 414 -28.17 -46.19 3.62
CA LEU C 414 -28.44 -44.78 3.39
C LEU C 414 -29.30 -44.54 2.15
N ILE C 415 -29.20 -45.40 1.14
CA ILE C 415 -30.03 -45.20 -0.05
C ILE C 415 -31.49 -45.48 0.29
N GLU C 416 -31.74 -46.36 1.25
CA GLU C 416 -33.10 -46.74 1.59
C GLU C 416 -33.68 -45.83 2.67
N TYR C 417 -33.07 -45.82 3.84
CA TYR C 417 -33.46 -44.97 4.95
C TYR C 417 -32.75 -43.62 4.80
N GLU C 418 -33.21 -42.64 5.55
CA GLU C 418 -32.55 -41.34 5.55
C GLU C 418 -32.23 -40.91 6.97
N THR C 419 -31.13 -40.16 7.12
CA THR C 419 -30.72 -39.64 8.42
C THR C 419 -30.51 -40.80 9.40
N LEU C 420 -29.54 -41.62 9.06
CA LEU C 420 -29.27 -42.85 9.78
C LEU C 420 -28.42 -42.53 11.01
N ASP C 421 -29.03 -42.64 12.19
CA ASP C 421 -28.36 -42.34 13.46
C ASP C 421 -27.23 -43.33 13.72
N ALA C 422 -26.36 -42.97 14.66
CA ALA C 422 -25.15 -43.74 14.92
C ALA C 422 -25.44 -45.17 15.34
N HIS C 423 -26.26 -45.33 16.37
CA HIS C 423 -26.68 -46.67 16.76
C HIS C 423 -27.31 -47.41 15.60
N GLU C 424 -28.22 -46.75 14.89
CA GLU C 424 -28.79 -47.30 13.66
C GLU C 424 -27.72 -47.59 12.62
N ILE C 425 -26.63 -46.82 12.60
CA ILE C 425 -25.53 -47.12 11.70
C ILE C 425 -24.91 -48.46 12.07
N GLU C 426 -24.76 -48.74 13.36
CA GLU C 426 -24.21 -50.02 13.75
C GLU C 426 -25.17 -51.16 13.41
N GLN C 427 -26.45 -50.99 13.69
CA GLN C 427 -27.43 -52.02 13.31
C GLN C 427 -27.41 -52.27 11.82
N VAL C 428 -27.22 -51.23 11.01
CA VAL C 428 -27.19 -51.43 9.56
C VAL C 428 -25.90 -52.09 9.13
N CYS C 429 -24.79 -51.83 9.85
CA CYS C 429 -23.53 -52.43 9.47
C CYS C 429 -23.42 -53.89 9.89
N LYS C 430 -24.12 -54.32 10.92
CA LYS C 430 -24.08 -55.73 11.27
C LYS C 430 -25.07 -56.58 10.49
N GLY C 431 -26.09 -55.97 9.90
CA GLY C 431 -27.09 -56.68 9.13
C GLY C 431 -28.47 -56.73 9.74
N GLU C 432 -28.66 -56.14 10.92
CA GLU C 432 -29.99 -56.13 11.52
C GLU C 432 -30.93 -55.28 10.69
N LYS C 433 -32.22 -55.49 10.88
CA LYS C 433 -33.22 -54.56 10.41
C LYS C 433 -33.68 -53.71 11.58
N LEU C 434 -33.95 -52.44 11.31
CA LEU C 434 -34.23 -51.48 12.36
C LEU C 434 -35.68 -51.04 12.32
N ALA C 435 -36.22 -50.75 13.50
CA ALA C 435 -37.66 -50.55 13.68
C ALA C 435 -38.04 -49.11 13.37
N LYS C 436 -38.18 -48.84 12.08
CA LYS C 436 -38.81 -47.61 11.61
C LYS C 436 -39.14 -47.80 10.14
N LEU C 437 -40.12 -47.04 9.68
CA LEU C 437 -40.57 -47.17 8.30
C LEU C 437 -39.46 -46.80 7.33
N LYS C 438 -39.56 -47.30 6.12
CA LYS C 438 -38.65 -46.97 5.03
C LYS C 438 -39.25 -45.82 4.24
N THR C 439 -38.39 -44.91 3.77
CA THR C 439 -38.86 -43.70 3.12
C THR C 439 -39.70 -43.99 1.88
N LYS D 1 -46.76 -9.71 -4.20
CA LYS D 1 -47.38 -10.81 -3.47
C LYS D 1 -46.54 -12.08 -3.58
N PHE D 2 -46.62 -12.94 -2.55
CA PHE D 2 -45.70 -14.08 -2.49
C PHE D 2 -45.93 -15.08 -3.60
N ASP D 3 -47.05 -15.04 -4.29
CA ASP D 3 -47.23 -15.95 -5.41
C ASP D 3 -46.34 -15.61 -6.59
N ASP D 4 -45.80 -14.39 -6.64
CA ASP D 4 -44.95 -13.97 -7.74
C ASP D 4 -43.53 -14.51 -7.63
N VAL D 5 -43.21 -15.25 -6.57
CA VAL D 5 -41.86 -15.77 -6.40
C VAL D 5 -41.96 -17.28 -6.56
N CYS D 6 -41.87 -17.74 -7.80
CA CYS D 6 -42.08 -19.14 -8.12
C CYS D 6 -40.76 -19.88 -8.25
N GLY D 7 -40.62 -20.94 -7.47
CA GLY D 7 -39.31 -21.49 -7.19
C GLY D 7 -38.81 -20.85 -5.92
N CYS D 8 -37.79 -21.48 -5.32
CA CYS D 8 -37.29 -21.05 -4.02
C CYS D 8 -38.40 -21.15 -2.97
N ASP D 9 -38.89 -22.37 -2.78
CA ASP D 9 -39.98 -22.58 -1.83
C ASP D 9 -39.52 -22.35 -0.40
N GLU D 10 -38.35 -22.86 -0.04
CA GLU D 10 -37.88 -22.72 1.33
C GLU D 10 -37.58 -21.27 1.67
N ALA D 11 -36.95 -20.55 0.76
CA ALA D 11 -36.62 -19.15 1.01
C ALA D 11 -37.86 -18.29 1.12
N ARG D 12 -38.96 -18.70 0.47
CA ARG D 12 -40.21 -17.97 0.63
C ARG D 12 -40.93 -18.38 1.90
N ALA D 13 -40.70 -19.62 2.36
CA ALA D 13 -41.40 -20.10 3.54
C ALA D 13 -40.98 -19.36 4.80
N GLU D 14 -39.73 -18.94 4.89
CA GLU D 14 -39.29 -18.30 6.13
C GLU D 14 -39.79 -16.86 6.21
N LEU D 15 -39.61 -16.08 5.15
CA LEU D 15 -40.22 -14.75 5.12
C LEU D 15 -41.74 -14.83 5.27
N GLU D 16 -42.36 -15.89 4.75
CA GLU D 16 -43.80 -15.99 4.89
C GLU D 16 -44.21 -16.34 6.32
N GLU D 17 -43.41 -17.16 7.01
CA GLU D 17 -43.66 -17.41 8.42
C GLU D 17 -43.49 -16.14 9.24
N ILE D 18 -42.59 -15.26 8.84
CA ILE D 18 -42.47 -13.99 9.54
C ILE D 18 -43.71 -13.14 9.31
N VAL D 19 -44.20 -13.08 8.06
CA VAL D 19 -45.36 -12.25 7.77
C VAL D 19 -46.58 -12.74 8.55
N ASP D 20 -46.91 -14.02 8.44
CA ASP D 20 -48.07 -14.49 9.18
C ASP D 20 -47.81 -14.60 10.68
N PHE D 21 -46.56 -14.46 11.13
CA PHE D 21 -46.33 -14.20 12.53
C PHE D 21 -46.80 -12.80 12.89
N LEU D 22 -46.55 -11.83 12.00
CA LEU D 22 -47.03 -10.48 12.29
C LEU D 22 -48.55 -10.39 12.22
N LYS D 23 -49.20 -11.18 11.37
CA LYS D 23 -50.64 -10.95 11.19
C LYS D 23 -51.44 -11.40 12.41
N ASP D 24 -51.16 -12.59 12.96
CA ASP D 24 -51.82 -13.06 14.16
C ASP D 24 -50.79 -13.66 15.12
N PRO D 25 -50.31 -12.89 16.09
CA PRO D 25 -49.22 -13.40 16.94
C PRO D 25 -49.58 -14.63 17.73
N THR D 26 -50.81 -14.74 18.22
CA THR D 26 -51.17 -15.84 19.10
C THR D 26 -51.21 -17.19 18.39
N LYS D 27 -51.16 -17.22 17.06
CA LYS D 27 -51.01 -18.50 16.37
C LYS D 27 -49.65 -19.10 16.59
N TYR D 28 -48.68 -18.30 17.01
CA TYR D 28 -47.31 -18.73 17.28
C TYR D 28 -46.81 -18.33 18.66
N GLU D 29 -47.23 -17.18 19.18
CA GLU D 29 -46.71 -16.60 20.40
C GLU D 29 -47.11 -17.36 21.66
N SER D 30 -48.02 -18.34 21.55
CA SER D 30 -48.60 -18.95 22.73
C SER D 30 -47.59 -19.71 23.57
N LEU D 31 -46.72 -20.50 22.96
CA LEU D 31 -45.78 -21.32 23.72
C LEU D 31 -44.53 -20.57 24.13
N GLY D 32 -44.48 -19.26 23.94
CA GLY D 32 -43.35 -18.48 24.37
C GLY D 32 -42.46 -17.99 23.25
N GLY D 33 -42.59 -18.52 22.06
CA GLY D 33 -41.81 -18.05 20.94
C GLY D 33 -42.11 -16.60 20.62
N LYS D 34 -41.21 -15.98 19.87
CA LYS D 34 -41.36 -14.58 19.53
C LYS D 34 -40.64 -14.28 18.22
N LEU D 35 -40.84 -13.07 17.73
CA LEU D 35 -40.34 -12.67 16.42
C LEU D 35 -38.83 -12.85 16.32
N PRO D 36 -38.31 -13.24 15.17
CA PRO D 36 -36.87 -13.21 14.96
C PRO D 36 -36.39 -11.77 14.79
N LYS D 37 -35.12 -11.56 15.16
CA LYS D 37 -34.56 -10.22 15.10
C LYS D 37 -34.21 -9.82 13.67
N GLY D 38 -33.92 -10.77 12.80
CA GLY D 38 -33.55 -10.42 11.45
C GLY D 38 -33.32 -11.64 10.59
N VAL D 39 -33.50 -11.44 9.30
CA VAL D 39 -33.25 -12.44 8.26
C VAL D 39 -32.17 -11.90 7.35
N LEU D 40 -31.18 -12.72 7.05
CA LEU D 40 -30.21 -12.40 6.01
C LEU D 40 -30.55 -13.18 4.75
N LEU D 41 -30.24 -12.60 3.60
CA LEU D 41 -30.51 -13.22 2.31
C LEU D 41 -29.23 -13.23 1.50
N THR D 42 -28.75 -14.42 1.14
CA THR D 42 -27.50 -14.55 0.42
C THR D 42 -27.73 -15.32 -0.86
N GLY D 43 -26.88 -15.11 -1.86
CA GLY D 43 -26.97 -15.85 -3.09
C GLY D 43 -26.53 -15.09 -4.32
N PRO D 44 -26.40 -15.80 -5.44
CA PRO D 44 -25.81 -15.22 -6.65
C PRO D 44 -26.64 -14.07 -7.19
N PRO D 45 -26.18 -13.43 -8.25
CA PRO D 45 -26.91 -12.27 -8.79
C PRO D 45 -28.08 -12.70 -9.66
N GLY D 46 -29.25 -12.15 -9.38
CA GLY D 46 -30.44 -12.43 -10.15
C GLY D 46 -31.18 -13.69 -9.80
N THR D 47 -31.52 -13.91 -8.54
CA THR D 47 -32.24 -15.11 -8.14
C THR D 47 -33.55 -14.84 -7.42
N GLY D 48 -33.74 -13.63 -6.90
CA GLY D 48 -35.01 -13.32 -6.25
C GLY D 48 -34.88 -12.74 -4.88
N LYS D 49 -33.70 -12.25 -4.51
CA LYS D 49 -33.52 -11.69 -3.18
C LYS D 49 -34.30 -10.39 -3.02
N THR D 50 -33.97 -9.38 -3.81
CA THR D 50 -34.72 -8.14 -3.79
C THR D 50 -36.18 -8.36 -4.11
N LEU D 51 -36.48 -9.35 -4.95
CA LEU D 51 -37.86 -9.71 -5.23
C LEU D 51 -38.57 -10.14 -3.96
N LEU D 52 -38.00 -11.11 -3.23
CA LEU D 52 -38.59 -11.56 -1.98
C LEU D 52 -38.80 -10.42 -1.01
N ALA D 53 -37.83 -9.51 -0.93
CA ALA D 53 -37.99 -8.37 -0.03
C ALA D 53 -39.17 -7.50 -0.45
N ARG D 54 -39.30 -7.22 -1.74
CA ARG D 54 -40.45 -6.45 -2.20
C ARG D 54 -41.76 -7.20 -1.98
N ALA D 55 -41.72 -8.53 -1.94
CA ALA D 55 -42.92 -9.32 -1.67
C ALA D 55 -43.34 -9.21 -0.21
N THR D 56 -42.39 -9.32 0.73
CA THR D 56 -42.74 -9.08 2.12
C THR D 56 -43.24 -7.65 2.33
N ALA D 57 -42.68 -6.68 1.60
CA ALA D 57 -43.24 -5.34 1.66
C ALA D 57 -44.68 -5.32 1.19
N GLY D 58 -45.01 -6.10 0.15
CA GLY D 58 -46.37 -6.07 -0.35
C GLY D 58 -47.35 -6.74 0.57
N GLU D 59 -46.96 -7.84 1.21
CA GLU D 59 -47.89 -8.65 1.98
C GLU D 59 -47.85 -8.38 3.48
N ALA D 60 -46.96 -7.52 3.95
CA ALA D 60 -46.75 -7.45 5.39
C ALA D 60 -47.79 -6.60 6.09
N GLY D 61 -48.08 -5.42 5.57
CA GLY D 61 -48.99 -4.50 6.22
C GLY D 61 -48.34 -3.58 7.24
N VAL D 62 -47.03 -3.67 7.44
CA VAL D 62 -46.32 -2.78 8.33
C VAL D 62 -45.43 -1.87 7.51
N ASP D 63 -44.70 -0.98 8.15
CA ASP D 63 -43.91 0.03 7.46
C ASP D 63 -42.56 -0.53 7.03
N PHE D 64 -42.31 -0.56 5.72
CA PHE D 64 -40.95 -0.74 5.24
C PHE D 64 -40.16 0.55 5.26
N PHE D 65 -38.89 0.43 5.65
CA PHE D 65 -37.87 1.45 5.43
C PHE D 65 -36.77 0.77 4.62
N PHE D 66 -36.65 1.12 3.35
CA PHE D 66 -35.62 0.51 2.52
C PHE D 66 -34.50 1.50 2.29
N MET D 67 -33.27 1.01 2.33
CA MET D 67 -32.09 1.79 2.02
C MET D 67 -31.10 0.89 1.31
N SER D 68 -30.26 1.48 0.48
CA SER D 68 -29.14 0.74 -0.07
C SER D 68 -28.03 0.71 0.96
N GLY D 69 -27.07 -0.19 0.75
CA GLY D 69 -25.94 -0.24 1.64
C GLY D 69 -24.98 0.91 1.42
N SER D 70 -25.21 1.72 0.40
CA SER D 70 -24.26 2.74 0.00
C SER D 70 -24.73 4.15 0.31
N GLU D 71 -25.91 4.32 0.88
CA GLU D 71 -26.45 5.65 1.08
C GLU D 71 -25.97 6.32 2.34
N PHE D 72 -24.92 5.82 2.98
CA PHE D 72 -24.57 6.34 4.29
C PHE D 72 -23.35 7.24 4.25
N ASP D 73 -22.22 6.73 3.77
CA ASP D 73 -20.94 7.41 3.90
C ASP D 73 -20.82 8.50 2.84
N GLU D 74 -20.84 9.75 3.28
CA GLU D 74 -20.33 10.84 2.45
C GLU D 74 -18.96 11.27 2.97
N VAL D 75 -18.48 12.39 2.45
CA VAL D 75 -17.07 12.75 2.62
C VAL D 75 -16.71 12.94 4.08
N TYR D 76 -17.56 13.62 4.84
CA TYR D 76 -17.19 14.06 6.17
C TYR D 76 -17.37 12.92 7.17
N VAL D 77 -16.33 12.68 7.98
CA VAL D 77 -16.32 11.51 8.84
C VAL D 77 -17.40 11.63 9.91
N GLY D 78 -18.11 10.53 10.15
CA GLY D 78 -19.17 10.51 11.12
C GLY D 78 -20.55 10.80 10.58
N VAL D 79 -20.75 10.73 9.26
CA VAL D 79 -22.08 10.95 8.71
C VAL D 79 -22.85 9.64 8.64
N GLY D 80 -22.15 8.54 8.33
CA GLY D 80 -22.83 7.26 8.29
C GLY D 80 -23.44 6.89 9.62
N ALA D 81 -22.69 7.04 10.70
CA ALA D 81 -23.23 6.72 12.02
C ALA D 81 -24.44 7.57 12.33
N LYS D 82 -24.41 8.84 11.94
CA LYS D 82 -25.55 9.71 12.18
C LYS D 82 -26.77 9.22 11.42
N ARG D 83 -26.57 8.77 10.19
CA ARG D 83 -27.71 8.36 9.39
C ARG D 83 -28.27 7.03 9.87
N ILE D 84 -27.44 6.18 10.49
CA ILE D 84 -28.01 4.98 11.11
C ILE D 84 -28.77 5.34 12.37
N ARG D 85 -28.23 6.26 13.18
CA ARG D 85 -28.95 6.69 14.37
C ARG D 85 -30.32 7.26 14.02
N ASP D 86 -30.40 8.09 12.98
CA ASP D 86 -31.71 8.62 12.61
C ASP D 86 -32.58 7.58 11.93
N LEU D 87 -31.99 6.69 11.14
CA LEU D 87 -32.75 5.60 10.52
C LEU D 87 -33.49 4.78 11.57
N PHE D 88 -32.76 4.22 12.53
CA PHE D 88 -33.45 3.44 13.54
C PHE D 88 -34.21 4.32 14.52
N ALA D 89 -33.90 5.61 14.58
CA ALA D 89 -34.73 6.51 15.37
C ALA D 89 -36.15 6.56 14.82
N GLN D 90 -36.29 6.83 13.52
CA GLN D 90 -37.59 6.74 12.88
C GLN D 90 -38.17 5.34 13.02
N ALA D 91 -37.33 4.33 12.80
CA ALA D 91 -37.80 2.95 12.78
C ALA D 91 -38.46 2.55 14.08
N ARG D 92 -37.73 2.59 15.18
CA ARG D 92 -38.36 2.24 16.46
C ARG D 92 -39.36 3.30 16.88
N SER D 93 -39.27 4.49 16.30
CA SER D 93 -40.18 5.56 16.71
C SER D 93 -41.61 5.26 16.28
N ARG D 94 -41.84 5.07 14.99
CA ARG D 94 -43.22 5.14 14.55
C ARG D 94 -44.01 3.87 14.84
N ALA D 95 -43.46 2.67 14.65
CA ALA D 95 -44.29 1.49 14.81
C ALA D 95 -43.40 0.26 14.87
N PRO D 96 -43.99 -0.93 15.01
CA PRO D 96 -43.27 -2.17 14.68
C PRO D 96 -43.08 -2.27 13.19
N ALA D 97 -41.84 -2.13 12.72
CA ALA D 97 -41.57 -1.93 11.31
C ALA D 97 -40.57 -2.96 10.82
N ILE D 98 -40.12 -2.77 9.58
CA ILE D 98 -39.11 -3.61 8.95
C ILE D 98 -38.16 -2.71 8.19
N ILE D 99 -36.88 -3.07 8.18
CA ILE D 99 -35.82 -2.24 7.63
C ILE D 99 -35.00 -3.09 6.68
N PHE D 100 -35.08 -2.79 5.39
CA PHE D 100 -34.41 -3.57 4.36
C PHE D 100 -33.18 -2.81 3.88
N ILE D 101 -32.01 -3.41 4.07
CA ILE D 101 -30.75 -2.87 3.58
C ILE D 101 -30.24 -3.82 2.50
N ASP D 102 -29.99 -3.26 1.31
CA ASP D 102 -30.00 -4.03 0.08
C ASP D 102 -28.62 -4.51 -0.35
N GLN D 103 -27.56 -3.87 0.11
CA GLN D 103 -26.22 -4.24 -0.29
C GLN D 103 -25.30 -4.25 0.93
N LEU D 104 -25.67 -4.99 1.98
CA LEU D 104 -24.87 -5.00 3.21
C LEU D 104 -23.41 -5.40 3.03
N ASP D 105 -23.04 -5.94 1.88
CA ASP D 105 -21.62 -6.15 1.61
C ASP D 105 -20.87 -4.83 1.51
N ALA D 106 -21.58 -3.72 1.31
CA ALA D 106 -20.95 -2.42 1.38
C ALA D 106 -20.58 -2.07 2.81
N ILE D 107 -21.59 -1.89 3.68
CA ILE D 107 -21.31 -1.54 5.06
C ILE D 107 -21.05 -2.76 5.93
N GLY D 108 -20.97 -3.94 5.35
CA GLY D 108 -20.51 -5.11 6.07
C GLY D 108 -19.00 -5.07 6.13
N GLY D 109 -18.38 -6.17 5.73
CA GLY D 109 -16.94 -6.10 5.62
C GLY D 109 -16.31 -6.27 6.99
N LYS D 110 -15.34 -7.17 7.06
CA LYS D 110 -14.77 -7.56 8.34
C LYS D 110 -14.05 -6.38 8.99
N ARG D 111 -13.82 -6.50 10.30
CA ARG D 111 -13.07 -5.48 11.03
C ARG D 111 -11.68 -6.03 11.30
N ASN D 112 -10.76 -5.73 10.41
CA ASN D 112 -9.37 -6.12 10.65
C ASN D 112 -8.68 -5.07 11.50
N PRO D 113 -8.00 -5.45 12.58
CA PRO D 113 -7.31 -4.44 13.40
C PRO D 113 -6.29 -3.65 12.62
N LYS D 114 -5.61 -4.29 11.66
CA LYS D 114 -4.75 -3.57 10.76
C LYS D 114 -5.58 -2.73 9.81
N ASP D 115 -4.95 -1.70 9.24
CA ASP D 115 -5.62 -0.77 8.34
C ASP D 115 -6.79 -0.09 9.05
N GLN D 116 -6.53 0.29 10.29
CA GLN D 116 -7.51 0.98 11.10
C GLN D 116 -7.78 2.35 10.50
N ALA D 117 -9.00 2.84 10.71
CA ALA D 117 -9.36 4.17 10.25
C ALA D 117 -10.78 4.51 10.69
N TYR D 118 -11.21 5.69 10.28
CA TYR D 118 -12.58 6.18 10.35
C TYR D 118 -13.60 5.23 9.71
N ALA D 119 -13.14 4.29 8.88
CA ALA D 119 -14.01 3.54 7.99
C ALA D 119 -15.07 2.73 8.74
N LYS D 120 -14.71 2.06 9.83
CA LYS D 120 -15.63 1.15 10.48
C LYS D 120 -16.41 1.79 11.62
N GLN D 121 -16.70 3.08 11.52
CA GLN D 121 -17.57 3.71 12.51
C GLN D 121 -19.03 3.45 12.19
N THR D 122 -19.37 3.44 10.90
CA THR D 122 -20.74 3.13 10.51
C THR D 122 -21.11 1.72 10.89
N LEU D 123 -20.23 0.76 10.64
CA LEU D 123 -20.52 -0.63 10.99
C LEU D 123 -20.73 -0.79 12.48
N ASN D 124 -19.82 -0.26 13.30
CA ASN D 124 -20.00 -0.35 14.75
C ASN D 124 -21.30 0.30 15.20
N GLN D 125 -21.67 1.42 14.59
CA GLN D 125 -22.95 2.01 14.95
C GLN D 125 -24.11 1.10 14.59
N LEU D 126 -24.00 0.36 13.49
CA LEU D 126 -25.04 -0.60 13.16
C LEU D 126 -25.08 -1.74 14.17
N LEU D 127 -23.91 -2.19 14.62
CA LEU D 127 -23.87 -3.32 15.55
C LEU D 127 -24.49 -2.93 16.88
N VAL D 128 -24.24 -1.72 17.35
CA VAL D 128 -24.78 -1.33 18.65
C VAL D 128 -26.24 -0.93 18.54
N GLU D 129 -26.82 -0.96 17.35
CA GLU D 129 -28.22 -0.65 17.16
C GLU D 129 -29.09 -1.89 17.04
N LEU D 130 -28.62 -2.92 16.37
CA LEU D 130 -29.36 -4.18 16.28
C LEU D 130 -29.50 -4.86 17.63
N ASP D 131 -28.44 -4.86 18.44
CA ASP D 131 -28.46 -5.49 19.76
C ASP D 131 -27.47 -4.73 20.64
N GLY D 132 -27.99 -3.74 21.37
CA GLY D 132 -27.15 -2.89 22.19
C GLY D 132 -27.55 -2.87 23.64
N PHE D 133 -27.30 -1.75 24.33
CA PHE D 133 -27.74 -1.63 25.72
C PHE D 133 -29.22 -1.33 25.78
N SER D 134 -29.68 -0.41 24.93
CA SER D 134 -31.08 -0.04 24.88
C SER D 134 -31.84 -1.14 24.17
N GLN D 135 -32.34 -2.11 24.93
CA GLN D 135 -32.97 -3.28 24.34
C GLN D 135 -34.42 -2.95 23.99
N THR D 136 -34.69 -2.84 22.70
CA THR D 136 -36.02 -2.54 22.19
C THR D 136 -36.66 -3.81 21.64
N SER D 137 -37.81 -3.65 21.01
CA SER D 137 -38.46 -4.75 20.33
C SER D 137 -39.44 -4.20 19.32
N GLY D 138 -39.89 -5.07 18.41
CA GLY D 138 -40.84 -4.71 17.40
C GLY D 138 -40.25 -4.37 16.06
N ILE D 139 -38.93 -4.37 15.94
CA ILE D 139 -38.26 -4.05 14.67
C ILE D 139 -37.66 -5.32 14.09
N ILE D 140 -37.87 -5.52 12.79
CA ILE D 140 -37.25 -6.60 12.04
C ILE D 140 -36.37 -5.98 10.98
N ILE D 141 -35.24 -6.63 10.71
CA ILE D 141 -34.30 -6.12 9.71
C ILE D 141 -34.01 -7.21 8.71
N ILE D 142 -34.01 -6.85 7.43
CA ILE D 142 -33.77 -7.77 6.32
C ILE D 142 -32.75 -7.11 5.41
N GLY D 143 -31.65 -7.80 5.16
CA GLY D 143 -30.59 -7.26 4.32
C GLY D 143 -30.04 -8.33 3.41
N ALA D 144 -29.74 -7.93 2.18
CA ALA D 144 -29.33 -8.88 1.15
C ALA D 144 -27.89 -8.63 0.73
N THR D 145 -27.26 -9.63 0.12
CA THR D 145 -25.88 -9.47 -0.34
C THR D 145 -25.46 -10.66 -1.18
N ASN D 146 -24.63 -10.39 -2.19
CA ASN D 146 -24.08 -11.46 -3.01
C ASN D 146 -22.93 -12.19 -2.33
N PHE D 147 -22.35 -11.60 -1.29
CA PHE D 147 -21.09 -12.04 -0.71
C PHE D 147 -21.32 -12.32 0.77
N PRO D 148 -21.75 -13.52 1.12
CA PRO D 148 -22.05 -13.80 2.54
C PRO D 148 -20.81 -13.87 3.41
N GLU D 149 -19.64 -14.19 2.84
CA GLU D 149 -18.46 -14.40 3.65
C GLU D 149 -17.65 -13.13 3.88
N ALA D 150 -17.84 -12.10 3.06
CA ALA D 150 -17.16 -10.83 3.31
C ALA D 150 -17.75 -10.10 4.50
N LEU D 151 -18.90 -10.52 5.00
CA LEU D 151 -19.56 -9.83 6.09
C LEU D 151 -18.87 -10.12 7.41
N ASP D 152 -18.95 -9.16 8.31
CA ASP D 152 -18.36 -9.31 9.63
C ASP D 152 -19.01 -10.49 10.34
N LYS D 153 -18.32 -11.01 11.37
CA LYS D 153 -18.91 -12.06 12.18
C LYS D 153 -19.71 -11.54 13.34
N ALA D 154 -19.39 -10.37 13.88
CA ALA D 154 -20.24 -9.74 14.86
C ALA D 154 -21.55 -9.23 14.27
N LEU D 155 -21.63 -9.18 12.94
CA LEU D 155 -22.83 -8.70 12.26
C LEU D 155 -23.75 -9.82 11.84
N THR D 156 -23.23 -11.00 11.57
CA THR D 156 -24.06 -12.11 11.14
C THR D 156 -24.25 -13.15 12.23
N ARG D 157 -24.40 -12.74 13.48
CA ARG D 157 -24.59 -13.70 14.54
C ARG D 157 -25.98 -13.55 15.15
N PRO D 158 -26.49 -14.60 15.79
CA PRO D 158 -27.84 -14.58 16.31
C PRO D 158 -28.06 -13.45 17.29
N GLY D 159 -29.30 -13.02 17.42
CA GLY D 159 -29.61 -11.81 18.12
C GLY D 159 -29.60 -10.56 17.27
N ARG D 160 -28.80 -10.56 16.20
CA ARG D 160 -28.82 -9.50 15.21
C ARG D 160 -29.44 -9.94 13.90
N PHE D 161 -28.94 -11.00 13.28
CA PHE D 161 -29.62 -11.66 12.17
C PHE D 161 -29.89 -13.10 12.58
N ASP D 162 -31.12 -13.38 12.97
CA ASP D 162 -31.45 -14.71 13.49
C ASP D 162 -31.34 -15.78 12.42
N LYS D 163 -31.86 -15.50 11.22
CA LYS D 163 -31.91 -16.52 10.18
C LYS D 163 -30.97 -16.16 9.04
N VAL D 164 -30.51 -17.19 8.33
CA VAL D 164 -29.72 -17.03 7.13
C VAL D 164 -30.36 -17.85 6.02
N VAL D 165 -30.89 -17.16 5.01
CA VAL D 165 -31.64 -17.79 3.93
C VAL D 165 -30.80 -17.65 2.67
N ASN D 166 -30.55 -18.76 2.00
CA ASN D 166 -29.78 -18.75 0.77
C ASN D 166 -30.68 -19.05 -0.42
N VAL D 167 -30.62 -18.18 -1.42
CA VAL D 167 -31.44 -18.27 -2.62
C VAL D 167 -30.51 -18.64 -3.77
N ASP D 168 -30.80 -19.75 -4.45
CA ASP D 168 -29.87 -20.32 -5.42
C ASP D 168 -30.50 -20.41 -6.80
N LEU D 169 -29.78 -21.05 -7.70
CA LEU D 169 -30.27 -21.26 -9.05
C LEU D 169 -31.38 -22.32 -9.03
N PRO D 170 -32.46 -22.12 -9.75
CA PRO D 170 -33.51 -23.14 -9.80
C PRO D 170 -33.01 -24.41 -10.47
N ASP D 171 -33.58 -25.55 -10.08
CA ASP D 171 -33.06 -26.81 -10.60
C ASP D 171 -33.68 -27.20 -11.93
N VAL D 172 -34.93 -27.68 -11.93
CA VAL D 172 -35.67 -27.85 -13.18
C VAL D 172 -37.11 -27.38 -13.01
N ARG D 173 -37.81 -28.00 -12.07
CA ARG D 173 -39.21 -27.71 -11.83
C ARG D 173 -39.39 -26.26 -11.43
N GLY D 174 -38.49 -25.76 -10.58
CA GLY D 174 -38.49 -24.34 -10.28
C GLY D 174 -38.26 -23.50 -11.52
N ARG D 175 -37.41 -24.00 -12.41
CA ARG D 175 -37.21 -23.32 -13.68
C ARG D 175 -38.51 -23.35 -14.50
N ALA D 176 -39.14 -24.52 -14.57
CA ALA D 176 -40.33 -24.70 -15.38
C ALA D 176 -41.48 -23.83 -14.92
N ASP D 177 -41.60 -23.59 -13.62
CA ASP D 177 -42.70 -22.73 -13.18
C ASP D 177 -42.29 -21.27 -13.01
N ILE D 178 -41.00 -20.94 -13.00
CA ILE D 178 -40.63 -19.57 -13.30
C ILE D 178 -41.12 -19.21 -14.69
N LEU D 179 -40.82 -20.07 -15.68
CA LEU D 179 -41.32 -19.83 -17.02
C LEU D 179 -42.84 -19.83 -17.06
N LYS D 180 -43.49 -20.77 -16.36
CA LYS D 180 -44.94 -20.75 -16.31
C LYS D 180 -45.48 -19.45 -15.74
N HIS D 181 -44.75 -18.84 -14.80
CA HIS D 181 -45.21 -17.55 -14.27
C HIS D 181 -45.02 -16.44 -15.28
N HIS D 182 -43.90 -16.42 -15.99
CA HIS D 182 -43.68 -15.35 -16.94
C HIS D 182 -44.35 -15.60 -18.29
N MET D 183 -44.76 -16.83 -18.59
CA MET D 183 -45.58 -17.06 -19.76
C MET D 183 -47.01 -16.56 -19.57
N LYS D 184 -47.40 -16.20 -18.36
CA LYS D 184 -48.59 -15.40 -18.18
C LYS D 184 -48.40 -14.05 -18.88
N LYS D 185 -49.48 -13.31 -19.01
CA LYS D 185 -49.54 -12.03 -19.70
C LYS D 185 -48.85 -12.06 -21.06
N ILE D 186 -48.87 -13.20 -21.74
CA ILE D 186 -48.23 -13.39 -23.04
C ILE D 186 -49.17 -14.27 -23.86
N THR D 187 -49.71 -13.71 -24.94
CA THR D 187 -50.69 -14.44 -25.73
C THR D 187 -49.98 -15.58 -26.42
N LEU D 188 -49.98 -16.74 -25.78
CA LEU D 188 -49.23 -17.88 -26.26
C LEU D 188 -49.96 -18.58 -27.40
N ALA D 189 -49.21 -19.43 -28.09
CA ALA D 189 -49.79 -20.35 -29.07
C ALA D 189 -50.39 -21.53 -28.30
N ASP D 190 -50.72 -22.61 -29.01
CA ASP D 190 -51.18 -23.82 -28.38
C ASP D 190 -50.30 -25.02 -28.70
N ASN D 191 -48.99 -24.79 -28.78
CA ASN D 191 -48.02 -25.87 -28.74
C ASN D 191 -46.94 -25.64 -27.70
N VAL D 192 -46.94 -24.47 -27.05
CA VAL D 192 -45.85 -24.10 -26.15
C VAL D 192 -45.92 -24.94 -24.90
N ASP D 193 -44.81 -25.58 -24.56
CA ASP D 193 -44.69 -26.37 -23.34
C ASP D 193 -43.48 -25.89 -22.56
N PRO D 194 -43.67 -25.22 -21.42
CA PRO D 194 -42.53 -24.69 -20.68
C PRO D 194 -41.63 -25.77 -20.10
N THR D 195 -42.10 -27.00 -19.96
CA THR D 195 -41.23 -28.06 -19.49
C THR D 195 -40.09 -28.34 -20.45
N ILE D 196 -40.31 -28.09 -21.74
CA ILE D 196 -39.26 -28.32 -22.72
C ILE D 196 -38.18 -27.25 -22.59
N ILE D 197 -38.59 -25.98 -22.54
CA ILE D 197 -37.63 -24.90 -22.37
C ILE D 197 -36.88 -25.07 -21.05
N ALA D 198 -37.56 -25.55 -20.01
CA ALA D 198 -36.88 -25.84 -18.76
C ALA D 198 -35.87 -26.96 -18.92
N ARG D 199 -36.20 -27.99 -19.69
CA ARG D 199 -35.21 -29.05 -19.92
C ARG D 199 -34.02 -28.56 -20.72
N GLY D 200 -34.21 -27.52 -21.55
CA GLY D 200 -33.15 -27.08 -22.43
C GLY D 200 -32.39 -25.85 -22.00
N THR D 201 -32.47 -25.44 -20.73
CA THR D 201 -31.76 -24.26 -20.23
C THR D 201 -31.08 -24.60 -18.90
N PRO D 202 -30.06 -25.44 -18.92
CA PRO D 202 -29.36 -25.75 -17.67
C PRO D 202 -28.52 -24.56 -17.22
N GLY D 203 -28.76 -24.12 -16.00
CA GLY D 203 -27.96 -23.07 -15.42
C GLY D 203 -28.41 -21.66 -15.77
N LEU D 204 -29.70 -21.39 -15.66
CA LEU D 204 -30.21 -20.05 -15.86
C LEU D 204 -30.93 -19.57 -14.61
N SER D 205 -30.84 -18.27 -14.35
CA SER D 205 -31.44 -17.67 -13.18
C SER D 205 -32.90 -17.35 -13.47
N GLY D 206 -33.54 -16.59 -12.58
CA GLY D 206 -34.87 -16.09 -12.86
C GLY D 206 -34.85 -14.91 -13.79
N ALA D 207 -33.87 -14.02 -13.63
CA ALA D 207 -33.76 -12.85 -14.48
C ALA D 207 -33.52 -13.23 -15.93
N GLU D 208 -32.77 -14.30 -16.17
CA GLU D 208 -32.49 -14.70 -17.55
C GLU D 208 -33.66 -15.44 -18.17
N LEU D 209 -34.43 -16.19 -17.39
CA LEU D 209 -35.64 -16.79 -17.95
C LEU D 209 -36.66 -15.72 -18.30
N ALA D 210 -36.90 -14.78 -17.38
CA ALA D 210 -37.85 -13.70 -17.65
C ALA D 210 -37.42 -12.87 -18.85
N ASN D 211 -36.12 -12.58 -18.96
CA ASN D 211 -35.62 -11.90 -20.14
C ASN D 211 -35.88 -12.71 -21.39
N LEU D 212 -35.69 -14.02 -21.32
CA LEU D 212 -36.03 -14.92 -22.41
C LEU D 212 -37.45 -14.68 -22.91
N VAL D 213 -38.41 -14.76 -22.00
CA VAL D 213 -39.81 -14.58 -22.40
C VAL D 213 -40.04 -13.20 -23.00
N ASN D 214 -39.46 -12.16 -22.41
CA ASN D 214 -39.68 -10.82 -22.93
C ASN D 214 -39.18 -10.67 -24.36
N GLN D 215 -37.91 -11.04 -24.61
CA GLN D 215 -37.39 -10.90 -25.96
C GLN D 215 -38.12 -11.80 -26.95
N ALA D 216 -38.63 -12.93 -26.49
CA ALA D 216 -39.49 -13.73 -27.37
C ALA D 216 -40.73 -12.97 -27.75
N ALA D 217 -41.40 -12.31 -26.80
CA ALA D 217 -42.60 -11.57 -27.15
C ALA D 217 -42.30 -10.44 -28.13
N VAL D 218 -41.25 -9.65 -27.86
CA VAL D 218 -40.95 -8.54 -28.76
C VAL D 218 -40.56 -9.05 -30.14
N TYR D 219 -39.80 -10.14 -30.21
CA TYR D 219 -39.47 -10.72 -31.50
C TYR D 219 -40.71 -11.22 -32.22
N ALA D 220 -41.69 -11.72 -31.48
CA ALA D 220 -42.95 -12.08 -32.13
C ALA D 220 -43.62 -10.86 -32.73
N CYS D 221 -43.71 -9.76 -31.97
CA CYS D 221 -44.36 -8.57 -32.51
C CYS D 221 -43.62 -8.00 -33.71
N GLN D 222 -42.31 -8.19 -33.80
CA GLN D 222 -41.60 -7.67 -34.96
C GLN D 222 -41.88 -8.49 -36.22
N LYS D 223 -42.11 -9.78 -36.07
CA LYS D 223 -42.45 -10.64 -37.20
C LYS D 223 -43.93 -10.55 -37.56
N ASN D 224 -44.68 -9.64 -36.93
CA ASN D 224 -46.07 -9.39 -37.26
C ASN D 224 -46.96 -10.59 -36.95
N ALA D 225 -46.50 -11.48 -36.08
CA ALA D 225 -47.25 -12.70 -35.78
C ALA D 225 -48.46 -12.38 -34.91
N VAL D 226 -49.18 -13.42 -34.51
CA VAL D 226 -50.38 -13.26 -33.71
C VAL D 226 -50.25 -13.89 -32.33
N SER D 227 -49.46 -14.94 -32.18
CA SER D 227 -49.20 -15.54 -30.89
C SER D 227 -47.75 -15.99 -30.86
N VAL D 228 -47.24 -16.25 -29.67
CA VAL D 228 -45.86 -16.64 -29.47
C VAL D 228 -45.78 -18.16 -29.47
N ASP D 229 -44.72 -18.70 -30.07
CA ASP D 229 -44.63 -20.13 -30.33
C ASP D 229 -43.18 -20.60 -30.19
N MET D 230 -43.00 -21.92 -30.19
CA MET D 230 -41.73 -22.53 -29.83
C MET D 230 -40.58 -22.11 -30.74
N SER D 231 -40.85 -21.67 -31.95
CA SER D 231 -39.76 -21.15 -32.78
C SER D 231 -39.20 -19.87 -32.17
N HIS D 232 -40.06 -19.04 -31.61
CA HIS D 232 -39.60 -17.79 -31.01
C HIS D 232 -38.81 -18.05 -29.73
N PHE D 233 -39.39 -18.84 -28.82
CA PHE D 233 -38.68 -19.21 -27.60
C PHE D 233 -37.36 -19.90 -27.92
N GLU D 234 -37.33 -20.69 -28.99
CA GLU D 234 -36.07 -21.29 -29.40
C GLU D 234 -35.09 -20.25 -29.89
N TRP D 235 -35.58 -19.24 -30.62
CA TRP D 235 -34.70 -18.17 -31.08
C TRP D 235 -34.09 -17.41 -29.92
N ALA D 236 -34.93 -16.85 -29.04
CA ALA D 236 -34.44 -16.09 -27.91
C ALA D 236 -33.56 -16.93 -27.00
N LYS D 237 -33.92 -18.20 -26.80
CA LYS D 237 -33.06 -19.09 -26.04
C LYS D 237 -31.69 -19.18 -26.66
N ASP D 238 -31.63 -19.28 -27.99
CA ASP D 238 -30.34 -19.28 -28.65
C ASP D 238 -29.56 -18.01 -28.39
N LYS D 239 -30.20 -16.85 -28.53
CA LYS D 239 -29.44 -15.62 -28.35
C LYS D 239 -29.20 -15.29 -26.89
N ILE D 240 -29.69 -16.12 -25.96
CA ILE D 240 -29.25 -16.01 -24.57
C ILE D 240 -28.11 -16.97 -24.28
N LEU D 241 -28.13 -18.15 -24.90
CA LEU D 241 -27.10 -19.14 -24.62
C LEU D 241 -25.84 -18.90 -25.46
N MET D 242 -25.98 -18.33 -26.65
CA MET D 242 -24.85 -18.21 -27.55
C MET D 242 -24.46 -16.77 -27.83
N GLY D 243 -25.38 -15.94 -28.27
CA GLY D 243 -25.09 -14.54 -28.55
C GLY D 243 -25.94 -14.03 -29.69
N ALA D 244 -26.02 -12.71 -29.79
CA ALA D 244 -26.84 -12.09 -30.82
C ALA D 244 -26.27 -12.38 -32.20
N GLU D 245 -27.06 -13.03 -33.05
CA GLU D 245 -26.58 -13.40 -34.37
C GLU D 245 -26.28 -12.16 -35.20
N ARG D 246 -25.17 -12.20 -35.92
CA ARG D 246 -24.69 -11.08 -36.71
C ARG D 246 -24.54 -11.50 -38.16
N LYS D 247 -25.23 -10.80 -39.05
CA LYS D 247 -25.08 -11.00 -40.47
C LYS D 247 -24.64 -9.70 -41.11
N THR D 248 -24.62 -9.69 -42.45
CA THR D 248 -24.34 -8.50 -43.25
C THR D 248 -22.85 -8.17 -43.26
N MET D 249 -22.04 -8.87 -42.47
CA MET D 249 -20.61 -8.65 -42.54
C MET D 249 -20.01 -9.58 -43.59
N VAL D 250 -19.21 -8.99 -44.49
CA VAL D 250 -18.74 -9.67 -45.68
C VAL D 250 -17.37 -10.27 -45.42
N LEU D 251 -17.19 -11.53 -45.81
CA LEU D 251 -15.95 -12.25 -45.58
C LEU D 251 -15.54 -13.00 -46.84
N THR D 252 -14.23 -13.01 -47.09
CA THR D 252 -13.70 -13.74 -48.23
C THR D 252 -13.93 -15.24 -48.07
N ASP D 253 -13.61 -16.00 -49.11
CA ASP D 253 -13.86 -17.43 -49.06
C ASP D 253 -12.75 -18.17 -48.34
N ALA D 254 -11.52 -17.67 -48.40
CA ALA D 254 -10.45 -18.32 -47.66
C ALA D 254 -10.70 -18.23 -46.16
N ALA D 255 -11.15 -17.08 -45.67
CA ALA D 255 -11.44 -16.95 -44.25
C ALA D 255 -12.59 -17.86 -43.83
N ARG D 256 -13.69 -17.88 -44.60
CA ARG D 256 -14.80 -18.73 -44.25
C ARG D 256 -14.40 -20.21 -44.29
N LYS D 257 -13.54 -20.61 -45.21
CA LYS D 257 -13.10 -21.99 -45.22
C LYS D 257 -12.27 -22.30 -43.98
N ALA D 258 -11.30 -21.44 -43.66
CA ALA D 258 -10.46 -21.69 -42.48
C ALA D 258 -11.30 -21.77 -41.21
N THR D 259 -12.23 -20.84 -41.03
CA THR D 259 -13.12 -20.87 -39.87
C THR D 259 -13.94 -22.16 -39.84
N ALA D 260 -14.44 -22.56 -41.00
CA ALA D 260 -15.18 -23.82 -41.09
C ALA D 260 -14.35 -24.99 -40.61
N PHE D 261 -13.04 -24.97 -40.89
CA PHE D 261 -12.20 -26.05 -40.37
C PHE D 261 -11.95 -25.93 -38.88
N HIS D 262 -11.87 -24.70 -38.35
CA HIS D 262 -11.70 -24.58 -36.90
C HIS D 262 -12.90 -25.16 -36.17
N GLU D 263 -14.09 -24.60 -36.40
CA GLU D 263 -15.27 -25.15 -35.74
C GLU D 263 -15.56 -26.58 -36.12
N ALA D 264 -15.19 -27.01 -37.33
CA ALA D 264 -15.28 -28.41 -37.65
C ALA D 264 -14.40 -29.22 -36.71
N GLY D 265 -13.25 -28.67 -36.34
CA GLY D 265 -12.35 -29.37 -35.44
C GLY D 265 -12.91 -29.49 -34.04
N HIS D 266 -13.39 -28.38 -33.47
CA HIS D 266 -14.05 -28.48 -32.17
C HIS D 266 -15.22 -29.45 -32.23
N ALA D 267 -16.02 -29.37 -33.29
CA ALA D 267 -17.22 -30.19 -33.39
C ALA D 267 -16.87 -31.67 -33.39
N ILE D 268 -16.14 -32.14 -34.40
CA ILE D 268 -15.90 -33.57 -34.49
C ILE D 268 -14.83 -34.04 -33.53
N MET D 269 -14.24 -33.13 -32.76
CA MET D 269 -13.47 -33.54 -31.59
C MET D 269 -14.36 -33.74 -30.38
N ALA D 270 -15.50 -33.05 -30.34
CA ALA D 270 -16.35 -33.09 -29.17
C ALA D 270 -17.37 -34.21 -29.21
N LYS D 271 -17.57 -34.86 -30.35
CA LYS D 271 -18.58 -35.89 -30.46
C LYS D 271 -17.99 -37.29 -30.61
N TYR D 272 -16.68 -37.42 -30.53
CA TYR D 272 -16.02 -38.72 -30.60
C TYR D 272 -15.16 -39.02 -29.38
N THR D 273 -15.24 -38.20 -28.35
CA THR D 273 -14.46 -38.39 -27.13
C THR D 273 -15.38 -38.81 -26.00
N ASN D 274 -15.06 -39.92 -25.35
CA ASN D 274 -15.86 -40.45 -24.26
C ASN D 274 -15.87 -39.47 -23.10
N GLY D 275 -17.03 -38.89 -22.81
CA GLY D 275 -17.18 -38.00 -21.68
C GLY D 275 -17.51 -36.56 -22.02
N ALA D 276 -17.49 -36.19 -23.30
CA ALA D 276 -17.74 -34.81 -23.65
C ALA D 276 -19.19 -34.44 -23.38
N THR D 277 -19.45 -33.14 -23.36
CA THR D 277 -20.81 -32.65 -23.24
C THR D 277 -21.51 -32.77 -24.60
N PRO D 278 -22.80 -33.07 -24.61
CA PRO D 278 -23.50 -33.22 -25.89
C PRO D 278 -23.53 -31.91 -26.68
N LEU D 279 -23.39 -32.03 -27.99
CA LEU D 279 -23.43 -30.87 -28.86
C LEU D 279 -24.81 -30.22 -28.84
N TYR D 280 -24.84 -28.92 -29.10
CA TYR D 280 -26.10 -28.22 -29.29
C TYR D 280 -26.20 -27.66 -30.71
N LYS D 281 -25.23 -26.86 -31.12
CA LYS D 281 -25.18 -26.32 -32.47
C LYS D 281 -23.76 -26.00 -32.83
N ALA D 282 -23.44 -26.15 -34.11
CA ALA D 282 -22.19 -25.66 -34.67
C ALA D 282 -22.51 -24.56 -35.65
N THR D 283 -21.75 -23.48 -35.61
CA THR D 283 -22.07 -22.30 -36.39
C THR D 283 -20.82 -21.69 -36.99
N ILE D 284 -20.84 -21.48 -38.31
CA ILE D 284 -19.83 -20.68 -38.96
C ILE D 284 -20.18 -19.20 -38.99
N LEU D 285 -21.45 -18.86 -38.83
CA LEU D 285 -21.86 -17.46 -38.76
C LEU D 285 -21.33 -16.85 -37.45
N PRO D 286 -21.03 -15.57 -37.46
CA PRO D 286 -20.55 -14.93 -36.23
C PRO D 286 -21.66 -14.71 -35.22
N ARG D 287 -21.38 -14.99 -33.94
CA ARG D 287 -22.40 -14.79 -32.92
C ARG D 287 -21.86 -13.93 -31.78
N GLY D 288 -22.01 -12.62 -31.94
CA GLY D 288 -21.51 -11.69 -30.95
C GLY D 288 -20.06 -11.33 -31.17
N ARG D 289 -19.21 -11.60 -30.18
CA ARG D 289 -17.79 -11.31 -30.29
C ARG D 289 -16.97 -12.55 -30.61
N ALA D 290 -17.61 -13.63 -31.05
CA ALA D 290 -16.93 -14.92 -31.10
C ALA D 290 -16.45 -15.25 -32.51
N LEU D 291 -17.19 -14.82 -33.52
CA LEU D 291 -16.85 -15.14 -34.91
C LEU D 291 -16.90 -16.66 -35.13
N GLY D 292 -18.07 -17.22 -34.89
CA GLY D 292 -18.27 -18.64 -35.04
C GLY D 292 -17.86 -19.39 -33.78
N ILE D 293 -18.79 -20.20 -33.26
CA ILE D 293 -18.55 -20.99 -32.06
C ILE D 293 -19.42 -22.23 -32.05
N THR D 294 -18.85 -23.35 -31.64
CA THR D 294 -19.60 -24.57 -31.44
C THR D 294 -20.02 -24.66 -29.98
N PHE D 295 -21.32 -24.68 -29.76
CA PHE D 295 -21.87 -24.61 -28.41
C PHE D 295 -22.46 -25.95 -28.06
N GLN D 296 -22.17 -26.42 -26.86
CA GLN D 296 -22.64 -27.72 -26.41
C GLN D 296 -23.26 -27.61 -25.02
N LEU D 297 -24.43 -28.21 -24.86
CA LEU D 297 -25.31 -27.97 -23.73
C LEU D 297 -25.44 -29.22 -22.89
N PRO D 298 -25.28 -29.13 -21.57
CA PRO D 298 -25.32 -30.34 -20.74
C PRO D 298 -26.71 -30.96 -20.73
N GLU D 299 -26.75 -32.28 -20.66
CA GLU D 299 -28.03 -32.97 -20.68
C GLU D 299 -28.79 -32.73 -19.38
N MET D 300 -28.25 -33.19 -18.26
CA MET D 300 -28.86 -32.98 -16.95
C MET D 300 -27.90 -32.18 -16.09
N ASP D 301 -28.35 -30.99 -15.67
CA ASP D 301 -27.46 -30.05 -14.99
C ASP D 301 -26.94 -30.64 -13.68
N LYS D 302 -25.63 -30.69 -13.55
CA LYS D 302 -25.00 -31.20 -12.34
C LYS D 302 -23.96 -30.20 -11.86
N VAL D 303 -23.46 -30.45 -10.65
CA VAL D 303 -22.57 -29.51 -9.97
C VAL D 303 -21.14 -29.99 -9.91
N ASP D 304 -20.89 -31.29 -9.92
CA ASP D 304 -19.55 -31.85 -9.89
C ASP D 304 -19.14 -32.26 -11.30
N ILE D 305 -17.86 -32.58 -11.48
CA ILE D 305 -17.35 -33.07 -12.75
C ILE D 305 -16.27 -34.10 -12.48
N THR D 306 -16.39 -35.25 -13.12
CA THR D 306 -15.44 -36.34 -12.94
C THR D 306 -14.11 -35.97 -13.57
N LYS D 307 -13.16 -36.89 -13.55
CA LYS D 307 -11.87 -36.64 -14.20
C LYS D 307 -11.97 -36.85 -15.70
N ARG D 308 -12.70 -37.89 -16.11
CA ARG D 308 -12.90 -38.17 -17.53
C ARG D 308 -13.55 -37.00 -18.26
N GLU D 309 -14.50 -36.32 -17.62
CA GLU D 309 -15.12 -35.17 -18.26
C GLU D 309 -14.15 -34.01 -18.37
N CYS D 310 -13.25 -33.86 -17.40
CA CYS D 310 -12.26 -32.80 -17.49
C CYS D 310 -11.30 -33.05 -18.64
N GLN D 311 -10.76 -34.26 -18.73
CA GLN D 311 -9.88 -34.56 -19.86
C GLN D 311 -10.61 -34.43 -21.19
N ALA D 312 -11.88 -34.84 -21.26
CA ALA D 312 -12.65 -34.64 -22.48
C ALA D 312 -12.77 -33.15 -22.80
N ARG D 313 -12.88 -32.31 -21.78
CA ARG D 313 -13.00 -30.88 -22.05
C ARG D 313 -11.69 -30.30 -22.57
N LEU D 314 -10.56 -30.73 -21.99
CA LEU D 314 -9.27 -30.34 -22.56
C LEU D 314 -9.15 -30.79 -24.00
N ASP D 315 -9.60 -31.99 -24.33
CA ASP D 315 -9.50 -32.46 -25.70
C ASP D 315 -10.41 -31.66 -26.62
N VAL D 316 -11.51 -31.14 -26.08
CA VAL D 316 -12.39 -30.32 -26.91
C VAL D 316 -11.78 -28.94 -27.16
N CYS D 317 -11.01 -28.43 -26.21
CA CYS D 317 -10.48 -27.07 -26.36
C CYS D 317 -9.22 -27.01 -27.22
N MET D 318 -8.91 -28.00 -28.06
CA MET D 318 -7.75 -27.91 -28.93
C MET D 318 -7.99 -28.40 -30.34
N GLY D 319 -9.19 -28.91 -30.64
CA GLY D 319 -9.47 -29.39 -31.97
C GLY D 319 -9.38 -28.33 -33.04
N GLY D 320 -9.52 -27.06 -32.67
CA GLY D 320 -9.33 -26.02 -33.65
C GLY D 320 -7.87 -25.84 -33.97
N LYS D 321 -7.06 -25.75 -32.91
CA LYS D 321 -5.62 -25.57 -33.08
C LYS D 321 -5.02 -26.68 -33.91
N ILE D 322 -5.17 -27.94 -33.48
CA ILE D 322 -4.56 -29.01 -34.25
C ILE D 322 -5.38 -29.38 -35.48
N ALA D 323 -6.64 -28.95 -35.57
CA ALA D 323 -7.36 -29.12 -36.82
C ALA D 323 -6.72 -28.30 -37.92
N GLU D 324 -6.69 -26.97 -37.75
CA GLU D 324 -6.10 -26.17 -38.80
C GLU D 324 -4.59 -26.38 -38.88
N GLU D 325 -3.98 -26.92 -37.82
CA GLU D 325 -2.57 -27.25 -37.90
C GLU D 325 -2.35 -28.55 -38.66
N LEU D 326 -3.38 -29.39 -38.78
CA LEU D 326 -3.25 -30.56 -39.65
C LEU D 326 -3.68 -30.28 -41.07
N ILE D 327 -4.44 -29.22 -41.32
CA ILE D 327 -4.76 -28.88 -42.70
C ILE D 327 -3.69 -27.97 -43.28
N TYR D 328 -3.55 -26.77 -42.72
CA TYR D 328 -2.75 -25.73 -43.34
C TYR D 328 -1.25 -25.87 -43.06
N GLY D 329 -0.81 -26.93 -42.42
CA GLY D 329 0.57 -27.06 -42.05
C GLY D 329 0.91 -26.26 -40.79
N LYS D 330 2.09 -26.55 -40.25
CA LYS D 330 2.46 -26.05 -38.93
C LYS D 330 2.70 -24.55 -38.90
N ASP D 331 3.38 -24.01 -39.91
CA ASP D 331 3.74 -22.60 -39.91
C ASP D 331 2.62 -21.66 -40.32
N ASN D 332 1.37 -22.12 -40.32
CA ASN D 332 0.25 -21.27 -40.68
C ASN D 332 -0.82 -21.23 -39.61
N THR D 333 -0.54 -21.79 -38.43
CA THR D 333 -1.44 -21.64 -37.31
C THR D 333 -1.56 -20.18 -36.94
N THR D 334 -2.78 -19.68 -36.84
CA THR D 334 -3.01 -18.28 -36.55
C THR D 334 -2.86 -18.03 -35.05
N SER D 335 -3.28 -16.86 -34.59
CA SER D 335 -3.16 -16.49 -33.21
C SER D 335 -4.50 -16.39 -32.48
N GLY D 336 -5.60 -16.28 -33.22
CA GLY D 336 -6.90 -16.24 -32.57
C GLY D 336 -7.19 -17.49 -31.77
N CYS D 337 -6.78 -18.65 -32.30
CA CYS D 337 -7.01 -19.93 -31.63
C CYS D 337 -6.50 -19.90 -30.20
N GLY D 338 -5.39 -19.22 -29.95
CA GLY D 338 -4.83 -19.16 -28.61
C GLY D 338 -5.81 -18.75 -27.54
N SER D 339 -6.79 -17.91 -27.89
CA SER D 339 -7.80 -17.50 -26.92
C SER D 339 -8.46 -18.70 -26.26
N ASP D 340 -8.93 -19.67 -27.06
CA ASP D 340 -9.62 -20.79 -26.44
C ASP D 340 -8.67 -21.66 -25.65
N LEU D 341 -7.39 -21.74 -26.04
CA LEU D 341 -6.50 -22.53 -25.21
C LEU D 341 -6.29 -21.90 -23.86
N GLN D 342 -6.50 -20.58 -23.75
CA GLN D 342 -6.60 -19.91 -22.46
C GLN D 342 -7.48 -20.71 -21.52
N SER D 343 -8.70 -20.98 -21.97
CA SER D 343 -9.65 -21.73 -21.15
C SER D 343 -9.09 -23.07 -20.74
N ALA D 344 -8.45 -23.78 -21.68
CA ALA D 344 -7.90 -25.09 -21.36
C ALA D 344 -6.95 -25.00 -20.18
N THR D 345 -6.13 -23.95 -20.13
CA THR D 345 -5.18 -23.80 -19.03
C THR D 345 -5.89 -23.81 -17.70
N GLY D 346 -6.95 -23.01 -17.58
CA GLY D 346 -7.69 -22.96 -16.32
C GLY D 346 -8.14 -24.33 -15.88
N THR D 347 -8.72 -25.11 -16.80
CA THR D 347 -9.20 -26.44 -16.47
C THR D 347 -8.07 -27.28 -15.92
N ALA D 348 -6.92 -27.26 -16.59
CA ALA D 348 -5.81 -28.10 -16.17
C ALA D 348 -5.37 -27.75 -14.77
N ARG D 349 -5.33 -26.45 -14.45
CA ARG D 349 -4.90 -26.08 -13.11
C ARG D 349 -5.86 -26.60 -12.07
N ALA D 350 -7.16 -26.51 -12.32
CA ALA D 350 -8.10 -27.04 -11.34
C ALA D 350 -8.00 -28.55 -11.22
N MET D 351 -7.53 -29.23 -12.26
CA MET D 351 -7.38 -30.66 -12.14
C MET D 351 -6.22 -31.03 -11.26
N VAL D 352 -5.26 -30.14 -11.07
CA VAL D 352 -4.02 -30.45 -10.39
C VAL D 352 -4.00 -29.84 -8.99
N THR D 353 -4.35 -28.57 -8.88
CA THR D 353 -4.22 -27.93 -7.58
C THR D 353 -5.40 -28.26 -6.67
N GLN D 354 -6.61 -27.85 -7.06
CA GLN D 354 -7.72 -27.89 -6.11
C GLN D 354 -8.49 -29.21 -6.20
N TYR D 355 -8.97 -29.60 -7.38
CA TYR D 355 -9.78 -30.80 -7.47
C TYR D 355 -9.01 -32.06 -7.12
N GLY D 356 -7.68 -32.04 -7.22
CA GLY D 356 -6.84 -33.11 -6.73
C GLY D 356 -6.79 -34.35 -7.59
N MET D 357 -6.37 -34.21 -8.84
CA MET D 357 -6.45 -35.29 -9.82
C MET D 357 -5.10 -35.67 -10.40
N SER D 358 -4.00 -35.42 -9.70
CA SER D 358 -2.67 -35.79 -10.18
C SER D 358 -2.00 -36.68 -9.15
N ASP D 359 -1.50 -37.83 -9.60
CA ASP D 359 -0.97 -38.83 -8.68
C ASP D 359 0.44 -38.51 -8.21
N ASP D 360 1.21 -37.74 -8.98
CA ASP D 360 2.56 -37.42 -8.56
C ASP D 360 2.65 -36.10 -7.79
N VAL D 361 1.55 -35.35 -7.69
CA VAL D 361 1.53 -34.20 -6.80
C VAL D 361 0.96 -34.57 -5.45
N GLY D 362 -0.14 -35.34 -5.44
CA GLY D 362 -0.75 -35.77 -4.22
C GLY D 362 -2.18 -35.30 -4.08
N PRO D 363 -2.85 -35.71 -3.02
CA PRO D 363 -4.21 -35.25 -2.74
C PRO D 363 -4.24 -34.00 -1.85
N VAL D 364 -3.54 -32.97 -2.28
CA VAL D 364 -3.36 -31.77 -1.47
C VAL D 364 -3.99 -30.59 -2.20
N ASN D 365 -4.41 -29.60 -1.44
CA ASN D 365 -5.06 -28.41 -1.99
C ASN D 365 -4.07 -27.25 -1.99
N LEU D 366 -3.38 -27.05 -3.11
CA LEU D 366 -2.48 -25.92 -3.29
C LEU D 366 -3.21 -24.66 -3.72
N SER D 367 -4.53 -24.69 -3.77
CA SER D 367 -5.25 -23.60 -4.42
C SER D 367 -5.14 -22.30 -3.67
N GLU D 368 -5.70 -22.24 -2.47
CA GLU D 368 -5.64 -21.01 -1.71
C GLU D 368 -4.39 -21.02 -0.84
N GLU D 369 -3.89 -19.82 -0.57
CA GLU D 369 -2.53 -19.66 -0.08
C GLU D 369 -1.55 -20.23 -1.09
N TRP D 370 -1.80 -19.88 -2.36
CA TRP D 370 -0.92 -20.29 -3.43
C TRP D 370 0.49 -19.73 -3.28
N GLU D 371 0.65 -18.66 -2.51
CA GLU D 371 1.95 -18.09 -2.27
C GLU D 371 2.64 -18.68 -1.05
N SER D 372 1.87 -19.17 -0.06
CA SER D 372 2.49 -19.71 1.13
C SER D 372 3.31 -20.96 0.84
N TRP D 373 2.99 -21.68 -0.22
CA TRP D 373 3.78 -22.86 -0.55
C TRP D 373 5.15 -22.44 -1.06
N SER D 374 6.10 -23.36 -0.96
CA SER D 374 7.46 -23.07 -1.38
C SER D 374 7.59 -23.14 -2.89
N ASN D 375 8.81 -23.18 -3.39
CA ASN D 375 9.02 -23.18 -4.82
C ASN D 375 9.27 -24.56 -5.39
N LYS D 376 9.42 -25.58 -4.56
CA LYS D 376 9.64 -26.93 -5.08
C LYS D 376 8.32 -27.58 -5.47
N ILE D 377 7.42 -27.73 -4.52
CA ILE D 377 6.13 -28.34 -4.79
C ILE D 377 5.37 -27.54 -5.84
N ARG D 378 5.57 -26.23 -5.87
CA ARG D 378 4.91 -25.42 -6.89
C ARG D 378 5.52 -25.66 -8.26
N ASP D 379 6.82 -25.96 -8.33
CA ASP D 379 7.42 -26.43 -9.58
C ASP D 379 6.78 -27.72 -10.04
N ILE D 380 6.62 -28.69 -9.14
CA ILE D 380 6.04 -29.96 -9.56
C ILE D 380 4.61 -29.77 -10.03
N ALA D 381 3.86 -28.90 -9.36
CA ALA D 381 2.48 -28.63 -9.79
C ALA D 381 2.45 -28.07 -11.21
N ASP D 382 3.20 -26.99 -11.46
CA ASP D 382 3.14 -26.39 -12.80
C ASP D 382 3.64 -27.34 -13.88
N ASN D 383 4.67 -28.12 -13.60
CA ASN D 383 5.11 -29.13 -14.56
C ASN D 383 3.99 -30.12 -14.85
N GLU D 384 3.25 -30.53 -13.83
CA GLU D 384 2.14 -31.44 -14.05
C GLU D 384 1.09 -30.82 -14.97
N VAL D 385 0.76 -29.54 -14.74
CA VAL D 385 -0.20 -28.84 -15.58
C VAL D 385 0.22 -28.90 -17.04
N ILE D 386 1.45 -28.47 -17.32
CA ILE D 386 1.90 -28.44 -18.71
C ILE D 386 1.91 -29.83 -19.32
N GLU D 387 2.20 -30.85 -18.51
CA GLU D 387 2.11 -32.21 -19.01
C GLU D 387 0.69 -32.55 -19.46
N LEU D 388 -0.31 -32.20 -18.64
CA LEU D 388 -1.69 -32.46 -19.03
C LEU D 388 -2.04 -31.78 -20.34
N LEU D 389 -1.60 -30.54 -20.53
CA LEU D 389 -1.95 -29.89 -21.79
C LEU D 389 -1.26 -30.55 -22.98
N LYS D 390 0.01 -30.93 -22.84
CA LYS D 390 0.70 -31.55 -23.97
C LYS D 390 0.06 -32.87 -24.36
N ASP D 391 -0.09 -33.80 -23.42
CA ASP D 391 -0.65 -35.08 -23.84
C ASP D 391 -2.12 -34.98 -24.21
N SER D 392 -2.84 -33.99 -23.70
CA SER D 392 -4.16 -33.68 -24.27
C SER D 392 -4.06 -33.37 -25.75
N GLU D 393 -3.13 -32.49 -26.12
CA GLU D 393 -2.93 -32.17 -27.52
C GLU D 393 -2.57 -33.41 -28.33
N GLU D 394 -1.82 -34.34 -27.74
CA GLU D 394 -1.48 -35.54 -28.50
C GLU D 394 -2.71 -36.38 -28.76
N ARG D 395 -3.51 -36.65 -27.72
CA ARG D 395 -4.74 -37.45 -27.89
C ARG D 395 -5.61 -36.86 -28.98
N ALA D 396 -5.87 -35.56 -28.90
CA ALA D 396 -6.66 -34.93 -29.96
C ALA D 396 -5.98 -35.06 -31.31
N ARG D 397 -4.65 -35.05 -31.33
CA ARG D 397 -3.92 -35.16 -32.60
C ARG D 397 -4.24 -36.45 -33.31
N ARG D 398 -4.01 -37.59 -32.65
CA ARG D 398 -4.28 -38.85 -33.33
C ARG D 398 -5.76 -39.04 -33.59
N LEU D 399 -6.64 -38.50 -32.73
CA LEU D 399 -8.06 -38.63 -33.02
C LEU D 399 -8.44 -37.91 -34.30
N LEU D 400 -8.04 -36.65 -34.47
CA LEU D 400 -8.34 -35.96 -35.72
C LEU D 400 -7.63 -36.58 -36.91
N THR D 401 -6.47 -37.20 -36.72
CA THR D 401 -5.84 -37.82 -37.88
C THR D 401 -6.54 -39.12 -38.26
N LYS D 402 -7.30 -39.72 -37.35
CA LYS D 402 -8.06 -40.91 -37.73
C LYS D 402 -9.42 -40.58 -38.32
N LYS D 403 -10.00 -39.44 -37.98
CA LYS D 403 -11.34 -39.09 -38.44
C LYS D 403 -11.30 -38.03 -39.53
N ASN D 404 -10.38 -38.15 -40.48
CA ASN D 404 -10.15 -37.09 -41.46
C ASN D 404 -11.38 -36.87 -42.33
N VAL D 405 -12.07 -37.95 -42.70
CA VAL D 405 -13.15 -37.85 -43.67
C VAL D 405 -14.33 -37.08 -43.09
N GLU D 406 -14.74 -37.40 -41.86
CA GLU D 406 -15.79 -36.62 -41.22
C GLU D 406 -15.37 -35.17 -41.06
N LEU D 407 -14.08 -34.92 -40.87
CA LEU D 407 -13.60 -33.54 -40.78
C LEU D 407 -13.87 -32.79 -42.07
N HIS D 408 -13.47 -33.35 -43.22
CA HIS D 408 -13.70 -32.64 -44.47
C HIS D 408 -15.18 -32.51 -44.79
N ARG D 409 -15.94 -33.59 -44.61
CA ARG D 409 -17.37 -33.52 -44.87
C ARG D 409 -18.04 -32.44 -44.05
N LEU D 410 -17.78 -32.43 -42.75
CA LEU D 410 -18.39 -31.43 -41.90
C LEU D 410 -17.91 -30.03 -42.22
N ALA D 411 -16.65 -29.90 -42.66
CA ALA D 411 -16.17 -28.60 -43.11
C ALA D 411 -17.01 -28.10 -44.27
N GLN D 412 -17.24 -28.95 -45.28
CA GLN D 412 -18.07 -28.53 -46.39
C GLN D 412 -19.49 -28.26 -45.95
N GLY D 413 -19.99 -29.02 -44.96
CA GLY D 413 -21.32 -28.76 -44.46
C GLY D 413 -21.46 -27.40 -43.81
N LEU D 414 -20.44 -26.97 -43.05
CA LEU D 414 -20.48 -25.64 -42.46
C LEU D 414 -20.17 -24.55 -43.48
N ILE D 415 -19.54 -24.89 -44.60
CA ILE D 415 -19.29 -23.86 -45.61
C ILE D 415 -20.47 -23.67 -46.55
N GLU D 416 -21.28 -24.71 -46.78
CA GLU D 416 -22.50 -24.58 -47.57
C GLU D 416 -23.65 -24.02 -46.75
N TYR D 417 -24.06 -24.75 -45.72
CA TYR D 417 -25.00 -24.28 -44.73
C TYR D 417 -24.22 -23.43 -43.74
N GLU D 418 -24.84 -22.39 -43.20
CA GLU D 418 -24.12 -21.58 -42.23
C GLU D 418 -24.16 -22.17 -40.83
N THR D 419 -25.13 -23.03 -40.55
CA THR D 419 -25.38 -23.54 -39.21
C THR D 419 -25.73 -25.03 -39.31
N LEU D 420 -25.45 -25.77 -38.25
CA LEU D 420 -25.93 -27.14 -38.15
C LEU D 420 -26.40 -27.43 -36.73
N ASP D 421 -27.58 -28.04 -36.64
CA ASP D 421 -28.09 -28.62 -35.41
C ASP D 421 -27.25 -29.84 -35.03
N ALA D 422 -27.58 -30.48 -33.92
CA ALA D 422 -26.83 -31.66 -33.51
C ALA D 422 -26.98 -32.79 -34.52
N HIS D 423 -28.20 -33.31 -34.69
CA HIS D 423 -28.36 -34.44 -35.58
C HIS D 423 -28.10 -34.05 -37.03
N GLU D 424 -28.24 -32.77 -37.37
CA GLU D 424 -27.78 -32.32 -38.67
C GLU D 424 -26.27 -32.50 -38.80
N ILE D 425 -25.53 -32.28 -37.71
CA ILE D 425 -24.11 -32.59 -37.71
C ILE D 425 -23.90 -34.09 -37.89
N GLU D 426 -24.76 -34.90 -37.30
CA GLU D 426 -24.62 -36.34 -37.49
C GLU D 426 -24.81 -36.73 -38.95
N GLN D 427 -25.86 -36.23 -39.60
CA GLN D 427 -26.10 -36.61 -40.99
C GLN D 427 -25.03 -36.04 -41.91
N VAL D 428 -24.70 -34.76 -41.76
CA VAL D 428 -23.64 -34.17 -42.58
C VAL D 428 -22.35 -34.93 -42.43
N CYS D 429 -22.03 -35.36 -41.21
CA CYS D 429 -20.88 -36.23 -41.02
C CYS D 429 -21.15 -37.65 -41.51
N LYS D 430 -22.38 -37.98 -41.91
CA LYS D 430 -22.70 -39.30 -42.39
C LYS D 430 -22.85 -39.38 -43.91
N GLY D 431 -23.37 -38.34 -44.54
CA GLY D 431 -23.32 -38.26 -45.99
C GLY D 431 -24.61 -37.87 -46.70
N GLU D 432 -25.72 -37.79 -45.99
CA GLU D 432 -27.01 -37.51 -46.62
C GLU D 432 -27.40 -36.05 -46.43
N LYS D 433 -27.85 -35.42 -47.52
CA LYS D 433 -28.18 -34.01 -47.48
C LYS D 433 -29.36 -33.76 -46.54
N LEU D 434 -29.42 -32.54 -46.00
CA LEU D 434 -30.37 -32.26 -44.93
C LEU D 434 -31.72 -31.83 -45.48
N ALA D 435 -31.73 -31.17 -46.63
CA ALA D 435 -32.94 -30.68 -47.27
C ALA D 435 -33.65 -29.65 -46.42
N LYS D 436 -32.92 -28.78 -45.72
CA LYS D 436 -33.53 -27.61 -45.10
C LYS D 436 -33.44 -26.42 -46.05
N LEU D 437 -32.22 -26.01 -46.39
CA LEU D 437 -31.94 -24.99 -47.40
C LEU D 437 -30.44 -24.84 -47.46
N LYS D 438 -29.92 -24.53 -48.64
CA LYS D 438 -28.48 -24.43 -48.85
C LYS D 438 -28.13 -23.02 -49.28
N THR D 439 -27.79 -22.17 -48.31
CA THR D 439 -27.56 -20.74 -48.53
C THR D 439 -26.55 -20.42 -49.63
N LYS E 1 -29.79 12.53 -35.84
CA LYS E 1 -30.63 11.67 -36.67
C LYS E 1 -29.89 10.40 -37.07
N PHE E 2 -30.63 9.30 -37.23
CA PHE E 2 -30.04 8.02 -37.60
C PHE E 2 -29.28 8.07 -38.91
N ASP E 3 -29.62 9.00 -39.81
CA ASP E 3 -28.83 9.17 -41.00
C ASP E 3 -27.40 9.60 -40.69
N ASP E 4 -27.21 10.34 -39.58
CA ASP E 4 -25.90 10.88 -39.28
C ASP E 4 -24.89 9.80 -38.93
N VAL E 5 -25.35 8.61 -38.57
CA VAL E 5 -24.45 7.50 -38.26
C VAL E 5 -24.37 6.62 -39.51
N CYS E 6 -23.30 6.81 -40.28
CA CYS E 6 -23.12 6.12 -41.54
C CYS E 6 -22.14 4.97 -41.38
N GLY E 7 -22.60 3.78 -41.75
CA GLY E 7 -21.98 2.56 -41.31
C GLY E 7 -22.73 2.05 -40.10
N CYS E 8 -22.44 0.81 -39.71
CA CYS E 8 -23.15 0.17 -38.60
C CYS E 8 -24.65 0.11 -38.89
N ASP E 9 -24.99 -0.66 -39.92
CA ASP E 9 -26.39 -0.74 -40.33
C ASP E 9 -27.23 -1.50 -39.31
N GLU E 10 -26.93 -2.78 -39.10
CA GLU E 10 -27.71 -3.53 -38.11
C GLU E 10 -27.40 -3.06 -36.70
N ALA E 11 -26.16 -2.66 -36.45
CA ALA E 11 -25.77 -2.10 -35.17
C ALA E 11 -26.65 -0.91 -34.78
N ARG E 12 -27.17 -0.17 -35.75
CA ARG E 12 -28.17 0.83 -35.43
C ARG E 12 -29.57 0.28 -35.64
N ALA E 13 -29.68 -0.90 -36.26
CA ALA E 13 -30.99 -1.52 -36.38
C ALA E 13 -31.57 -1.86 -35.01
N GLU E 14 -30.76 -2.43 -34.13
CA GLU E 14 -31.29 -2.74 -32.81
C GLU E 14 -31.35 -1.54 -31.87
N LEU E 15 -31.25 -0.32 -32.39
CA LEU E 15 -31.72 0.86 -31.67
C LEU E 15 -32.90 1.51 -32.37
N GLU E 16 -32.93 1.45 -33.70
CA GLU E 16 -34.11 1.87 -34.44
C GLU E 16 -35.34 1.10 -33.97
N GLU E 17 -35.17 -0.18 -33.66
CA GLU E 17 -36.29 -0.94 -33.12
C GLU E 17 -36.79 -0.38 -31.80
N ILE E 18 -35.89 0.07 -30.94
CA ILE E 18 -36.31 0.67 -29.67
C ILE E 18 -37.03 1.98 -29.90
N VAL E 19 -36.50 2.85 -30.75
CA VAL E 19 -37.19 4.10 -31.04
C VAL E 19 -38.56 3.83 -31.63
N ASP E 20 -38.67 2.79 -32.45
CA ASP E 20 -39.98 2.39 -32.96
C ASP E 20 -40.88 1.87 -31.85
N PHE E 21 -40.29 1.29 -30.81
CA PHE E 21 -41.09 0.90 -29.65
C PHE E 21 -41.66 2.13 -28.95
N LEU E 22 -40.81 3.13 -28.69
CA LEU E 22 -41.25 4.33 -28.01
C LEU E 22 -42.30 5.08 -28.82
N LYS E 23 -42.09 5.23 -30.12
CA LYS E 23 -42.96 6.05 -30.94
C LYS E 23 -44.35 5.44 -31.14
N ASP E 24 -44.51 4.16 -30.82
CA ASP E 24 -45.75 3.44 -31.12
C ASP E 24 -45.83 2.21 -30.24
N PRO E 25 -46.24 2.38 -28.99
CA PRO E 25 -46.19 1.25 -28.04
C PRO E 25 -47.08 0.09 -28.43
N THR E 26 -48.29 0.36 -28.94
CA THR E 26 -49.31 -0.66 -29.08
C THR E 26 -48.95 -1.77 -30.07
N LYS E 27 -48.16 -1.47 -31.10
CA LYS E 27 -47.79 -2.53 -32.04
C LYS E 27 -46.94 -3.60 -31.37
N TYR E 28 -46.17 -3.23 -30.34
CA TYR E 28 -45.36 -4.19 -29.61
C TYR E 28 -46.00 -4.65 -28.31
N GLU E 29 -46.77 -3.78 -27.65
CA GLU E 29 -47.43 -4.13 -26.41
C GLU E 29 -48.72 -4.90 -26.62
N SER E 30 -48.90 -5.53 -27.78
CA SER E 30 -50.10 -6.32 -28.02
C SER E 30 -49.90 -7.79 -27.69
N LEU E 31 -48.65 -8.25 -27.57
CA LEU E 31 -48.37 -9.62 -27.22
C LEU E 31 -47.76 -9.78 -25.83
N GLY E 32 -47.34 -8.70 -25.20
CA GLY E 32 -46.80 -8.78 -23.85
C GLY E 32 -45.34 -8.36 -23.73
N GLY E 33 -44.84 -7.64 -24.73
CA GLY E 33 -43.47 -7.17 -24.68
C GLY E 33 -43.34 -5.92 -23.85
N LYS E 34 -42.09 -5.55 -23.56
CA LYS E 34 -41.81 -4.35 -22.80
C LYS E 34 -40.48 -3.79 -23.25
N LEU E 35 -40.28 -2.49 -22.98
CA LEU E 35 -39.02 -1.85 -23.26
C LEU E 35 -37.87 -2.57 -22.56
N PRO E 36 -36.73 -2.69 -23.21
CA PRO E 36 -35.54 -3.17 -22.50
C PRO E 36 -35.14 -2.18 -21.43
N LYS E 37 -34.71 -2.71 -20.29
CA LYS E 37 -34.15 -1.85 -19.25
C LYS E 37 -32.85 -1.22 -19.72
N GLY E 38 -31.97 -2.00 -20.33
CA GLY E 38 -30.67 -1.49 -20.68
C GLY E 38 -30.03 -2.08 -21.92
N VAL E 39 -29.21 -1.26 -22.58
CA VAL E 39 -28.47 -1.65 -23.76
C VAL E 39 -26.99 -1.37 -23.50
N LEU E 40 -26.14 -2.30 -23.91
CA LEU E 40 -24.71 -2.20 -23.70
C LEU E 40 -24.02 -2.19 -25.06
N LEU E 41 -23.39 -1.08 -25.41
CA LEU E 41 -22.72 -0.91 -26.69
C LEU E 41 -21.25 -1.29 -26.53
N THR E 42 -20.79 -2.25 -27.32
CA THR E 42 -19.41 -2.68 -27.24
C THR E 42 -18.68 -2.33 -28.54
N GLY E 43 -17.38 -2.06 -28.42
CA GLY E 43 -16.56 -1.74 -29.56
C GLY E 43 -15.39 -0.86 -29.18
N PRO E 44 -14.40 -0.78 -30.06
CA PRO E 44 -13.18 -0.03 -29.75
C PRO E 44 -13.45 1.46 -29.68
N PRO E 45 -12.47 2.25 -29.27
CA PRO E 45 -12.71 3.68 -29.07
C PRO E 45 -13.04 4.40 -30.36
N GLY E 46 -13.88 5.43 -30.24
CA GLY E 46 -14.18 6.28 -31.36
C GLY E 46 -14.78 5.59 -32.56
N THR E 47 -15.71 4.66 -32.36
CA THR E 47 -16.41 4.02 -33.46
C THR E 47 -17.85 4.52 -33.60
N GLY E 48 -18.20 5.60 -32.93
CA GLY E 48 -19.54 6.12 -33.02
C GLY E 48 -20.53 5.39 -32.13
N LYS E 49 -20.29 5.43 -30.83
CA LYS E 49 -21.23 4.90 -29.84
C LYS E 49 -22.05 5.99 -29.19
N THR E 50 -21.40 7.06 -28.73
CA THR E 50 -22.15 8.23 -28.26
C THR E 50 -23.01 8.81 -29.37
N LEU E 51 -22.52 8.75 -30.61
CA LEU E 51 -23.32 9.20 -31.74
C LEU E 51 -24.59 8.38 -31.88
N LEU E 52 -24.50 7.06 -31.69
CA LEU E 52 -25.69 6.21 -31.75
C LEU E 52 -26.70 6.57 -30.69
N ALA E 53 -26.24 6.72 -29.44
CA ALA E 53 -27.17 7.04 -28.37
C ALA E 53 -27.82 8.39 -28.59
N ARG E 54 -27.03 9.43 -28.85
CA ARG E 54 -27.61 10.74 -29.05
C ARG E 54 -28.48 10.79 -30.29
N ALA E 55 -28.24 9.92 -31.27
CA ALA E 55 -29.16 9.78 -32.38
C ALA E 55 -30.46 9.11 -31.93
N THR E 56 -30.39 8.19 -30.97
CA THR E 56 -31.61 7.63 -30.39
C THR E 56 -32.42 8.71 -29.72
N ALA E 57 -31.78 9.55 -28.90
CA ALA E 57 -32.51 10.62 -28.24
C ALA E 57 -33.07 11.62 -29.23
N GLY E 58 -32.29 12.01 -30.23
CA GLY E 58 -32.78 12.94 -31.22
C GLY E 58 -33.92 12.39 -32.05
N GLU E 59 -33.91 11.09 -32.31
CA GLU E 59 -34.97 10.48 -33.11
C GLU E 59 -36.24 10.27 -32.30
N ALA E 60 -36.12 9.98 -31.00
CA ALA E 60 -37.30 9.64 -30.22
C ALA E 60 -37.96 10.86 -29.61
N GLY E 61 -37.19 11.83 -29.13
CA GLY E 61 -37.78 12.98 -28.48
C GLY E 61 -37.82 12.89 -26.97
N VAL E 62 -36.72 12.51 -26.34
CA VAL E 62 -36.64 12.32 -24.91
C VAL E 62 -35.37 12.97 -24.41
N ASP E 63 -35.33 13.23 -23.10
CA ASP E 63 -34.18 13.92 -22.52
C ASP E 63 -32.97 13.01 -22.49
N PHE E 64 -31.82 13.57 -22.84
CA PHE E 64 -30.56 12.83 -22.88
C PHE E 64 -29.67 13.29 -21.74
N PHE E 65 -29.23 12.34 -20.93
CA PHE E 65 -28.41 12.62 -19.75
C PHE E 65 -27.07 11.93 -19.89
N PHE E 66 -26.01 12.70 -20.00
CA PHE E 66 -24.68 12.16 -20.25
C PHE E 66 -23.96 11.99 -18.93
N MET E 67 -23.20 10.91 -18.81
CA MET E 67 -22.33 10.71 -17.66
C MET E 67 -21.21 9.77 -18.04
N SER E 68 -19.99 10.09 -17.63
CA SER E 68 -18.81 9.38 -18.08
C SER E 68 -18.28 8.42 -17.02
N GLY E 69 -17.54 7.42 -17.48
CA GLY E 69 -16.89 6.49 -16.57
C GLY E 69 -15.80 7.17 -15.77
N SER E 70 -14.96 7.95 -16.44
CA SER E 70 -14.18 8.95 -15.73
C SER E 70 -15.11 10.08 -15.31
N GLU E 71 -14.53 11.13 -14.72
CA GLU E 71 -15.16 12.09 -13.83
C GLU E 71 -15.25 11.55 -12.41
N PHE E 72 -15.00 10.26 -12.20
CA PHE E 72 -15.08 9.73 -10.86
C PHE E 72 -13.68 9.62 -10.27
N ASP E 73 -13.20 10.75 -9.78
CA ASP E 73 -11.84 10.91 -9.27
C ASP E 73 -11.54 9.99 -8.11
N GLU E 74 -12.53 9.66 -7.28
CA GLU E 74 -12.34 8.70 -6.20
C GLU E 74 -11.39 9.25 -5.14
N VAL E 75 -11.28 10.57 -5.09
CA VAL E 75 -10.48 11.24 -4.07
C VAL E 75 -11.17 11.23 -2.72
N TYR E 76 -12.50 11.28 -2.72
CA TYR E 76 -13.29 11.29 -1.51
C TYR E 76 -13.89 9.92 -1.26
N VAL E 77 -14.80 9.84 -0.29
CA VAL E 77 -15.41 8.57 0.06
C VAL E 77 -16.87 8.51 -0.39
N GLY E 78 -17.55 9.65 -0.39
CA GLY E 78 -18.99 9.65 -0.60
C GLY E 78 -19.42 9.98 -2.01
N VAL E 79 -18.85 11.04 -2.59
CA VAL E 79 -19.27 11.45 -3.93
C VAL E 79 -18.96 10.34 -4.93
N GLY E 80 -19.60 10.43 -6.09
CA GLY E 80 -19.68 9.29 -6.97
C GLY E 80 -21.00 8.59 -6.78
N ALA E 81 -21.22 8.01 -5.61
CA ALA E 81 -22.55 7.50 -5.31
C ALA E 81 -23.56 8.64 -5.25
N LYS E 82 -23.17 9.79 -4.70
CA LYS E 82 -24.06 10.93 -4.68
C LYS E 82 -24.32 11.45 -6.09
N ARG E 83 -23.32 11.36 -6.97
CA ARG E 83 -23.53 11.69 -8.37
C ARG E 83 -24.62 10.83 -8.98
N ILE E 84 -24.60 9.53 -8.69
CA ILE E 84 -25.56 8.62 -9.30
C ILE E 84 -26.94 8.82 -8.71
N ARG E 85 -27.04 8.98 -7.39
CA ARG E 85 -28.34 9.24 -6.79
C ARG E 85 -28.95 10.52 -7.33
N ASP E 86 -28.14 11.59 -7.45
CA ASP E 86 -28.67 12.82 -8.01
C ASP E 86 -29.05 12.66 -9.47
N LEU E 87 -28.25 11.92 -10.25
CA LEU E 87 -28.52 11.78 -11.67
C LEU E 87 -29.81 11.01 -11.90
N PHE E 88 -29.93 9.82 -11.33
CA PHE E 88 -31.18 9.08 -11.42
C PHE E 88 -32.37 9.83 -10.84
N ALA E 89 -32.18 10.54 -9.73
CA ALA E 89 -33.27 11.37 -9.21
C ALA E 89 -33.68 12.42 -10.22
N GLN E 90 -32.72 12.96 -10.96
CA GLN E 90 -33.02 13.95 -11.99
C GLN E 90 -33.71 13.31 -13.18
N ALA E 91 -33.44 12.05 -13.45
CA ALA E 91 -34.02 11.38 -14.62
C ALA E 91 -35.45 10.92 -14.35
N ARG E 92 -35.68 10.12 -13.31
CA ARG E 92 -37.03 9.61 -13.12
C ARG E 92 -37.98 10.71 -12.67
N SER E 93 -37.46 11.88 -12.30
CA SER E 93 -38.31 13.03 -12.06
C SER E 93 -38.69 13.76 -13.33
N ARG E 94 -38.57 13.09 -14.48
CA ARG E 94 -38.78 13.72 -15.77
C ARG E 94 -39.58 12.72 -16.61
N ALA E 95 -39.72 13.01 -17.89
CA ALA E 95 -40.44 12.19 -18.86
C ALA E 95 -39.67 10.89 -19.10
N PRO E 96 -40.11 10.03 -20.01
CA PRO E 96 -39.24 8.94 -20.46
C PRO E 96 -37.92 9.51 -20.98
N ALA E 97 -36.84 9.15 -20.31
CA ALA E 97 -35.54 9.74 -20.59
C ALA E 97 -34.56 8.67 -21.04
N ILE E 98 -33.36 9.11 -21.40
CA ILE E 98 -32.27 8.22 -21.79
C ILE E 98 -31.05 8.64 -21.00
N ILE E 99 -30.43 7.67 -20.32
CA ILE E 99 -29.23 7.93 -19.53
C ILE E 99 -28.08 7.20 -20.20
N PHE E 100 -27.13 7.96 -20.73
CA PHE E 100 -25.96 7.39 -21.38
C PHE E 100 -24.79 7.39 -20.42
N ILE E 101 -24.26 6.20 -20.15
CA ILE E 101 -23.11 6.01 -19.28
C ILE E 101 -21.96 5.55 -20.16
N ASP E 102 -20.96 6.41 -20.32
CA ASP E 102 -19.83 6.14 -21.20
C ASP E 102 -18.66 5.60 -20.38
N GLN E 103 -18.02 4.56 -20.89
CA GLN E 103 -16.87 3.95 -20.24
C GLN E 103 -17.25 3.39 -18.87
N LEU E 104 -18.17 2.42 -18.92
CA LEU E 104 -18.51 1.64 -17.75
C LEU E 104 -17.31 0.96 -17.11
N ASP E 105 -16.32 0.55 -17.88
CA ASP E 105 -15.24 -0.26 -17.33
C ASP E 105 -14.30 0.54 -16.44
N ALA E 106 -14.61 1.82 -16.19
CA ALA E 106 -13.83 2.62 -15.26
C ALA E 106 -14.41 2.58 -13.86
N ILE E 107 -15.72 2.36 -13.75
CA ILE E 107 -16.35 2.29 -12.43
C ILE E 107 -16.94 0.92 -12.18
N GLY E 108 -17.29 0.22 -13.24
CA GLY E 108 -17.77 -1.15 -13.13
C GLY E 108 -16.63 -2.12 -13.00
N GLY E 109 -16.85 -3.34 -13.43
CA GLY E 109 -15.75 -4.30 -13.48
C GLY E 109 -15.68 -5.17 -12.24
N LYS E 110 -15.13 -6.37 -12.42
CA LYS E 110 -14.96 -7.31 -11.32
C LYS E 110 -14.07 -6.69 -10.25
N ARG E 111 -14.49 -6.81 -8.99
CA ARG E 111 -13.68 -6.39 -7.87
C ARG E 111 -13.94 -7.30 -6.67
N ASN E 112 -12.88 -7.53 -5.90
CA ASN E 112 -12.86 -8.62 -4.93
C ASN E 112 -13.79 -8.31 -3.76
N PRO E 113 -14.21 -9.31 -2.99
CA PRO E 113 -14.69 -9.03 -1.63
C PRO E 113 -13.56 -8.69 -0.67
N LYS E 114 -12.31 -8.93 -1.05
CA LYS E 114 -11.20 -8.74 -0.12
C LYS E 114 -10.64 -7.34 -0.19
N ASP E 115 -10.92 -6.61 -1.26
CA ASP E 115 -10.48 -5.23 -1.43
C ASP E 115 -11.63 -4.36 -1.91
N GLN E 116 -12.79 -4.52 -1.27
CA GLN E 116 -13.98 -3.76 -1.63
C GLN E 116 -14.47 -2.86 -0.50
N ALA E 117 -13.58 -2.44 0.40
CA ALA E 117 -14.01 -1.64 1.54
C ALA E 117 -14.63 -0.31 1.09
N TYR E 118 -13.81 0.58 0.53
CA TYR E 118 -14.24 1.92 0.17
C TYR E 118 -14.34 2.15 -1.32
N ALA E 119 -13.91 1.19 -2.13
CA ALA E 119 -13.81 1.36 -3.58
C ALA E 119 -15.12 1.10 -4.27
N LYS E 120 -15.82 0.02 -3.90
CA LYS E 120 -17.04 -0.33 -4.59
C LYS E 120 -18.28 0.29 -3.98
N GLN E 121 -18.17 1.46 -3.36
CA GLN E 121 -19.36 2.14 -2.90
C GLN E 121 -20.07 2.82 -4.07
N THR E 122 -19.41 2.90 -5.21
CA THR E 122 -20.06 3.48 -6.39
C THR E 122 -20.76 2.40 -7.21
N LEU E 123 -20.09 1.27 -7.42
CA LEU E 123 -20.68 0.19 -8.18
C LEU E 123 -21.93 -0.35 -7.51
N ASN E 124 -21.94 -0.40 -6.18
CA ASN E 124 -23.13 -0.89 -5.48
C ASN E 124 -24.29 0.07 -5.61
N GLN E 125 -24.02 1.38 -5.46
CA GLN E 125 -25.08 2.36 -5.67
C GLN E 125 -25.62 2.27 -7.08
N LEU E 126 -24.75 2.03 -8.06
CA LEU E 126 -25.23 1.89 -9.43
C LEU E 126 -26.11 0.66 -9.58
N LEU E 127 -25.70 -0.46 -8.99
CA LEU E 127 -26.52 -1.67 -9.07
C LEU E 127 -27.89 -1.44 -8.46
N VAL E 128 -27.94 -0.77 -7.31
CA VAL E 128 -29.21 -0.52 -6.64
C VAL E 128 -30.04 0.50 -7.39
N GLU E 129 -29.43 1.34 -8.21
CA GLU E 129 -30.20 2.26 -9.02
C GLU E 129 -30.78 1.62 -10.27
N LEU E 130 -29.98 0.88 -11.02
CA LEU E 130 -30.49 0.22 -12.23
C LEU E 130 -31.61 -0.76 -11.93
N ASP E 131 -31.48 -1.58 -10.88
CA ASP E 131 -32.49 -2.58 -10.56
C ASP E 131 -32.48 -2.80 -9.04
N GLY E 132 -33.36 -2.11 -8.34
CA GLY E 132 -33.39 -2.15 -6.90
C GLY E 132 -34.81 -2.39 -6.39
N PHE E 133 -35.10 -1.78 -5.25
CA PHE E 133 -36.39 -2.00 -4.60
C PHE E 133 -37.49 -1.23 -5.33
N SER E 134 -37.41 0.09 -5.33
CA SER E 134 -38.38 0.90 -6.05
C SER E 134 -38.09 0.84 -7.54
N GLN E 135 -39.16 0.81 -8.33
CA GLN E 135 -39.06 0.58 -9.76
C GLN E 135 -39.10 1.88 -10.55
N THR E 136 -38.44 1.86 -11.70
CA THR E 136 -38.38 3.01 -12.60
C THR E 136 -39.42 2.85 -13.71
N SER E 137 -40.03 3.96 -14.11
CA SER E 137 -41.16 3.88 -15.03
C SER E 137 -40.69 3.76 -16.48
N GLY E 138 -40.02 4.79 -17.00
CA GLY E 138 -39.73 4.82 -18.42
C GLY E 138 -38.32 5.25 -18.78
N ILE E 139 -37.36 4.89 -17.96
CA ILE E 139 -35.97 5.25 -18.20
C ILE E 139 -35.31 4.15 -19.00
N ILE E 140 -34.45 4.53 -19.92
CA ILE E 140 -33.63 3.59 -20.69
C ILE E 140 -32.16 3.95 -20.45
N ILE E 141 -31.37 2.95 -20.04
CA ILE E 141 -29.97 3.15 -19.75
C ILE E 141 -29.16 2.55 -20.88
N ILE E 142 -28.30 3.35 -21.48
CA ILE E 142 -27.40 2.90 -22.55
C ILE E 142 -25.99 3.02 -22.02
N GLY E 143 -25.27 1.90 -22.00
CA GLY E 143 -23.93 1.92 -21.47
C GLY E 143 -22.89 1.51 -22.48
N ALA E 144 -21.95 2.40 -22.77
CA ALA E 144 -20.94 2.17 -23.79
C ALA E 144 -19.63 1.77 -23.13
N THR E 145 -19.10 0.61 -23.49
CA THR E 145 -17.86 0.13 -22.90
C THR E 145 -16.99 -0.49 -23.97
N ASN E 146 -15.69 -0.42 -23.75
CA ASN E 146 -14.71 -0.97 -24.69
C ASN E 146 -14.26 -2.36 -24.33
N PHE E 147 -14.50 -2.80 -23.10
CA PHE E 147 -13.90 -4.00 -22.52
C PHE E 147 -15.02 -4.82 -21.89
N PRO E 148 -15.87 -5.45 -22.70
CA PRO E 148 -17.02 -6.18 -22.14
C PRO E 148 -16.62 -7.31 -21.23
N GLU E 149 -15.48 -7.94 -21.46
CA GLU E 149 -15.05 -9.06 -20.65
C GLU E 149 -14.44 -8.63 -19.32
N ALA E 150 -14.35 -7.34 -19.07
CA ALA E 150 -13.76 -6.81 -17.85
C ALA E 150 -14.78 -6.15 -16.94
N LEU E 151 -16.07 -6.28 -17.21
CA LEU E 151 -17.06 -5.75 -16.30
C LEU E 151 -17.45 -6.79 -15.26
N ASP E 152 -18.37 -6.40 -14.38
CA ASP E 152 -18.83 -7.24 -13.29
C ASP E 152 -19.79 -8.29 -13.84
N LYS E 153 -20.00 -9.35 -13.04
CA LYS E 153 -21.00 -10.35 -13.41
C LYS E 153 -22.38 -9.95 -12.94
N ALA E 154 -22.48 -9.04 -11.98
CA ALA E 154 -23.77 -8.58 -11.49
C ALA E 154 -24.20 -7.28 -12.13
N LEU E 155 -23.33 -6.63 -12.90
CA LEU E 155 -23.68 -5.42 -13.59
C LEU E 155 -24.13 -5.68 -15.02
N THR E 156 -23.63 -6.74 -15.64
CA THR E 156 -24.06 -7.16 -16.95
C THR E 156 -25.17 -8.20 -16.88
N ARG E 157 -25.99 -8.14 -15.84
CA ARG E 157 -27.07 -9.10 -15.68
C ARG E 157 -28.29 -8.66 -16.48
N PRO E 158 -29.05 -9.59 -17.05
CA PRO E 158 -30.35 -9.22 -17.59
C PRO E 158 -31.21 -8.58 -16.52
N GLY E 159 -32.10 -7.70 -16.93
CA GLY E 159 -32.80 -6.85 -16.00
C GLY E 159 -32.12 -5.53 -15.74
N ARG E 160 -30.81 -5.44 -15.97
CA ARG E 160 -30.10 -4.18 -15.87
C ARG E 160 -29.58 -3.72 -17.23
N PHE E 161 -28.79 -4.56 -17.91
CA PHE E 161 -28.45 -4.32 -19.30
C PHE E 161 -28.99 -5.49 -20.10
N ASP E 162 -30.18 -5.29 -20.65
CA ASP E 162 -30.90 -6.38 -21.30
C ASP E 162 -30.17 -6.87 -22.53
N LYS E 163 -29.79 -5.98 -23.43
CA LYS E 163 -29.29 -6.43 -24.72
C LYS E 163 -27.93 -5.80 -25.00
N VAL E 164 -27.10 -6.56 -25.70
CA VAL E 164 -25.72 -6.18 -25.98
C VAL E 164 -25.57 -5.94 -27.48
N VAL E 165 -25.44 -4.69 -27.87
CA VAL E 165 -25.22 -4.31 -29.26
C VAL E 165 -23.72 -4.17 -29.47
N ASN E 166 -23.23 -4.73 -30.57
CA ASN E 166 -21.80 -4.74 -30.86
C ASN E 166 -21.53 -3.84 -32.04
N VAL E 167 -20.74 -2.78 -31.81
CA VAL E 167 -20.38 -1.81 -32.83
C VAL E 167 -18.88 -1.93 -33.05
N ASP E 168 -18.47 -2.57 -34.14
CA ASP E 168 -17.08 -2.82 -34.43
C ASP E 168 -16.58 -1.88 -35.53
N LEU E 169 -15.27 -1.92 -35.78
CA LEU E 169 -14.66 -1.00 -36.72
C LEU E 169 -15.22 -1.21 -38.13
N PRO E 170 -15.36 -0.15 -38.91
CA PRO E 170 -16.06 -0.28 -40.19
C PRO E 170 -15.22 -1.05 -41.19
N ASP E 171 -15.91 -1.62 -42.17
CA ASP E 171 -15.27 -2.28 -43.30
C ASP E 171 -15.03 -1.26 -44.41
N VAL E 172 -14.65 -1.74 -45.59
CA VAL E 172 -14.29 -0.82 -46.67
C VAL E 172 -15.50 -0.04 -47.14
N ARG E 173 -16.61 -0.72 -47.39
CA ARG E 173 -17.81 0.01 -47.78
C ARG E 173 -18.30 0.91 -46.67
N GLY E 174 -18.10 0.51 -45.41
CA GLY E 174 -18.46 1.38 -44.31
C GLY E 174 -17.66 2.66 -44.31
N ARG E 175 -16.33 2.56 -44.39
CA ARG E 175 -15.50 3.75 -44.43
C ARG E 175 -15.84 4.61 -45.63
N ALA E 176 -16.11 3.99 -46.78
CA ALA E 176 -16.57 4.75 -47.94
C ALA E 176 -17.84 5.50 -47.62
N ASP E 177 -18.72 4.92 -46.80
CA ASP E 177 -19.95 5.61 -46.45
C ASP E 177 -19.69 6.77 -45.51
N ILE E 178 -18.77 6.60 -44.55
CA ILE E 178 -18.45 7.69 -43.64
C ILE E 178 -17.84 8.85 -44.40
N LEU E 179 -16.86 8.57 -45.27
CA LEU E 179 -16.25 9.63 -46.06
C LEU E 179 -17.28 10.29 -46.97
N LYS E 180 -18.11 9.47 -47.63
CA LYS E 180 -19.17 10.04 -48.47
C LYS E 180 -20.11 10.91 -47.66
N HIS E 181 -20.21 10.66 -46.36
CA HIS E 181 -21.07 11.48 -45.53
C HIS E 181 -20.41 12.80 -45.15
N HIS E 182 -19.20 12.75 -44.60
CA HIS E 182 -18.57 13.97 -44.14
C HIS E 182 -18.01 14.83 -45.26
N MET E 183 -17.92 14.32 -46.48
CA MET E 183 -17.52 15.17 -47.60
C MET E 183 -18.62 16.12 -48.05
N LYS E 184 -19.83 15.96 -47.54
CA LYS E 184 -20.93 16.82 -47.97
C LYS E 184 -20.75 18.26 -47.50
N LYS E 185 -20.34 18.45 -46.24
CA LYS E 185 -20.08 19.79 -45.74
C LYS E 185 -18.85 20.42 -46.37
N ILE E 186 -18.00 19.63 -47.02
CA ILE E 186 -16.85 20.15 -47.75
C ILE E 186 -17.34 20.67 -49.09
N THR E 187 -17.39 21.99 -49.23
CA THR E 187 -18.09 22.60 -50.36
C THR E 187 -17.38 22.43 -51.69
N LEU E 188 -16.20 21.82 -51.70
CA LEU E 188 -15.34 21.86 -52.86
C LEU E 188 -14.64 20.52 -53.08
N ALA E 189 -15.36 19.43 -52.82
CA ALA E 189 -14.83 18.06 -52.91
C ALA E 189 -15.37 17.32 -54.12
N ASP E 190 -15.48 17.96 -55.28
CA ASP E 190 -16.19 17.40 -56.42
C ASP E 190 -15.28 16.98 -57.57
N ASN E 191 -14.14 16.33 -57.27
CA ASN E 191 -13.31 15.74 -58.31
C ASN E 191 -12.70 14.41 -57.89
N VAL E 192 -13.11 13.86 -56.75
CA VAL E 192 -12.42 12.74 -56.13
C VAL E 192 -13.43 11.70 -55.68
N ASP E 193 -13.02 10.42 -55.74
CA ASP E 193 -13.87 9.30 -55.37
C ASP E 193 -13.51 8.80 -53.99
N PRO E 194 -14.49 8.43 -53.17
CA PRO E 194 -14.17 8.01 -51.80
C PRO E 194 -13.45 6.68 -51.74
N THR E 195 -13.82 5.71 -52.58
CA THR E 195 -13.34 4.34 -52.42
C THR E 195 -11.83 4.23 -52.50
N ILE E 196 -11.16 5.18 -53.15
CA ILE E 196 -9.71 5.20 -53.13
C ILE E 196 -9.20 5.40 -51.71
N ILE E 197 -9.69 6.44 -51.04
CA ILE E 197 -9.29 6.70 -49.66
C ILE E 197 -9.76 5.58 -48.75
N ALA E 198 -10.93 5.03 -49.03
CA ALA E 198 -11.47 3.99 -48.18
C ALA E 198 -10.64 2.73 -48.25
N ARG E 199 -10.19 2.33 -49.44
CA ARG E 199 -9.32 1.17 -49.54
C ARG E 199 -7.90 1.50 -49.12
N GLY E 200 -7.55 2.77 -49.06
CA GLY E 200 -6.18 3.14 -48.75
C GLY E 200 -5.92 3.35 -47.27
N THR E 201 -6.93 3.15 -46.44
CA THR E 201 -6.82 3.38 -44.99
C THR E 201 -7.56 2.28 -44.25
N PRO E 202 -6.96 1.10 -44.11
CA PRO E 202 -7.58 0.06 -43.30
C PRO E 202 -7.31 0.29 -41.82
N GLY E 203 -8.36 0.15 -41.02
CA GLY E 203 -8.22 0.23 -39.58
C GLY E 203 -8.47 1.58 -38.95
N LEU E 204 -8.85 2.59 -39.73
CA LEU E 204 -9.17 3.89 -39.18
C LEU E 204 -10.65 3.94 -38.84
N SER E 205 -10.98 4.53 -37.70
CA SER E 205 -12.36 4.56 -37.25
C SER E 205 -13.07 5.81 -37.75
N GLY E 206 -14.34 5.97 -37.34
CA GLY E 206 -15.15 7.05 -37.86
C GLY E 206 -14.59 8.43 -37.54
N ALA E 207 -14.10 8.62 -36.32
CA ALA E 207 -13.55 9.93 -35.96
C ALA E 207 -12.35 10.29 -36.83
N GLU E 208 -11.42 9.35 -37.02
CA GLU E 208 -10.23 9.64 -37.79
C GLU E 208 -10.56 9.92 -39.25
N LEU E 209 -11.66 9.36 -39.75
CA LEU E 209 -12.12 9.74 -41.09
C LEU E 209 -12.66 11.15 -41.09
N ALA E 210 -13.45 11.50 -40.06
CA ALA E 210 -14.02 12.83 -40.00
C ALA E 210 -12.94 13.90 -39.93
N ASN E 211 -11.91 13.71 -39.12
CA ASN E 211 -10.87 14.74 -39.10
C ASN E 211 -9.90 14.58 -40.25
N LEU E 212 -9.91 13.42 -40.93
CA LEU E 212 -9.22 13.37 -42.23
C LEU E 212 -9.84 14.38 -43.18
N VAL E 213 -11.16 14.30 -43.36
CA VAL E 213 -11.84 15.22 -44.25
C VAL E 213 -11.65 16.66 -43.77
N ASN E 214 -11.84 16.91 -42.48
CA ASN E 214 -11.75 18.28 -42.00
C ASN E 214 -10.35 18.84 -42.16
N GLN E 215 -9.32 18.03 -41.87
CA GLN E 215 -7.96 18.50 -42.05
C GLN E 215 -7.64 18.74 -43.52
N ALA E 216 -8.25 18.00 -44.43
CA ALA E 216 -8.06 18.29 -45.84
C ALA E 216 -8.67 19.63 -46.21
N ALA E 217 -9.89 19.91 -45.72
CA ALA E 217 -10.51 21.19 -46.03
C ALA E 217 -9.71 22.36 -45.45
N VAL E 218 -9.29 22.23 -44.20
CA VAL E 218 -8.42 23.23 -43.58
C VAL E 218 -7.15 23.43 -44.40
N TYR E 219 -6.52 22.33 -44.79
CA TYR E 219 -5.27 22.42 -45.52
C TYR E 219 -5.45 23.07 -46.88
N ALA E 220 -6.61 22.86 -47.51
CA ALA E 220 -6.88 23.56 -48.77
C ALA E 220 -7.17 25.03 -48.52
N CYS E 221 -7.69 25.37 -47.35
CA CYS E 221 -7.87 26.79 -47.02
C CYS E 221 -6.55 27.48 -46.78
N GLN E 222 -5.58 26.80 -46.16
CA GLN E 222 -4.28 27.42 -45.92
C GLN E 222 -3.59 27.75 -47.24
N LYS E 223 -3.39 26.75 -48.08
CA LYS E 223 -2.72 26.96 -49.37
C LYS E 223 -3.53 27.82 -50.34
N ASN E 224 -4.78 28.14 -50.00
CA ASN E 224 -5.63 28.99 -50.84
C ASN E 224 -5.90 28.33 -52.18
N ALA E 225 -6.46 27.12 -52.14
CA ALA E 225 -6.85 26.44 -53.35
C ALA E 225 -8.29 26.81 -53.73
N VAL E 226 -8.79 26.13 -54.77
CA VAL E 226 -10.13 26.42 -55.27
C VAL E 226 -11.10 25.27 -54.96
N SER E 227 -10.61 24.04 -54.97
CA SER E 227 -11.43 22.87 -54.67
C SER E 227 -10.63 22.04 -53.66
N VAL E 228 -11.07 20.80 -53.45
CA VAL E 228 -10.38 19.86 -52.58
C VAL E 228 -10.11 18.60 -53.37
N ASP E 229 -8.87 18.47 -53.86
CA ASP E 229 -8.52 17.31 -54.68
C ASP E 229 -7.65 16.33 -53.91
N MET E 230 -7.30 15.21 -54.55
CA MET E 230 -6.65 14.10 -53.88
C MET E 230 -5.31 14.46 -53.25
N SER E 231 -4.67 15.54 -53.68
CA SER E 231 -3.41 15.94 -53.04
C SER E 231 -3.66 16.33 -51.58
N HIS E 232 -4.72 17.09 -51.33
CA HIS E 232 -5.08 17.43 -49.96
C HIS E 232 -5.37 16.18 -49.14
N PHE E 233 -6.22 15.30 -49.67
CA PHE E 233 -6.54 14.05 -48.97
C PHE E 233 -5.31 13.21 -48.72
N GLU E 234 -4.30 13.30 -49.58
CA GLU E 234 -3.07 12.56 -49.34
C GLU E 234 -2.23 13.19 -48.25
N TRP E 235 -2.17 14.52 -48.20
CA TRP E 235 -1.48 15.16 -47.09
C TRP E 235 -2.13 14.81 -45.77
N ALA E 236 -3.45 15.02 -45.68
CA ALA E 236 -4.14 14.73 -44.43
C ALA E 236 -4.07 13.26 -44.07
N LYS E 237 -4.13 12.37 -45.07
CA LYS E 237 -4.04 10.94 -44.78
C LYS E 237 -2.69 10.58 -44.20
N ASP E 238 -1.60 11.02 -44.83
CA ASP E 238 -0.28 10.76 -44.28
C ASP E 238 -0.11 11.38 -42.91
N LYS E 239 -0.73 12.54 -42.68
CA LYS E 239 -0.69 13.17 -41.36
C LYS E 239 -1.32 12.27 -40.31
N ILE E 240 -2.58 11.88 -40.51
CA ILE E 240 -3.29 11.10 -39.51
C ILE E 240 -2.68 9.72 -39.35
N LEU E 241 -2.04 9.21 -40.39
CA LEU E 241 -1.63 7.82 -40.39
C LEU E 241 -0.20 7.64 -39.91
N MET E 242 0.71 8.52 -40.33
CA MET E 242 2.12 8.41 -39.97
C MET E 242 2.52 9.34 -38.84
N GLY E 243 1.89 10.50 -38.73
CA GLY E 243 2.25 11.45 -37.70
C GLY E 243 2.37 12.85 -38.27
N ALA E 244 2.14 13.86 -37.44
CA ALA E 244 2.19 15.23 -37.92
C ALA E 244 3.61 15.64 -38.29
N GLU E 245 3.78 16.13 -39.50
CA GLU E 245 5.09 16.58 -39.93
C GLU E 245 5.58 17.73 -39.07
N ARG E 246 6.90 17.85 -38.95
CA ARG E 246 7.52 18.89 -38.13
C ARG E 246 8.50 19.67 -38.98
N LYS E 247 8.32 21.00 -38.96
CA LYS E 247 9.25 21.91 -39.64
C LYS E 247 10.67 21.65 -39.17
N THR E 248 11.51 21.16 -40.07
CA THR E 248 12.86 20.77 -39.70
C THR E 248 13.65 21.97 -39.19
N MET E 249 14.67 21.70 -38.38
CA MET E 249 15.52 22.75 -37.84
C MET E 249 16.92 22.71 -38.42
N VAL E 250 17.63 21.60 -38.25
CA VAL E 250 19.02 21.46 -38.66
C VAL E 250 19.27 20.00 -39.02
N LEU E 251 20.34 19.76 -39.78
CA LEU E 251 20.75 18.41 -40.09
C LEU E 251 22.12 18.49 -40.76
N THR E 252 23.06 17.69 -40.29
CA THR E 252 24.37 17.60 -40.91
C THR E 252 24.33 16.52 -41.99
N ASP E 253 25.50 16.14 -42.49
CA ASP E 253 25.54 15.01 -43.43
C ASP E 253 25.67 13.68 -42.71
N ALA E 254 26.33 13.65 -41.56
CA ALA E 254 26.41 12.41 -40.80
C ALA E 254 25.04 11.98 -40.31
N ALA E 255 24.21 12.94 -39.89
CA ALA E 255 22.87 12.62 -39.44
C ALA E 255 22.03 12.06 -40.57
N ARG E 256 21.99 12.78 -41.70
CA ARG E 256 21.21 12.33 -42.85
C ARG E 256 21.66 10.97 -43.32
N LYS E 257 22.98 10.74 -43.35
CA LYS E 257 23.47 9.42 -43.75
C LYS E 257 23.02 8.35 -42.76
N ALA E 258 23.14 8.63 -41.47
CA ALA E 258 22.77 7.65 -40.45
C ALA E 258 21.31 7.25 -40.56
N THR E 259 20.41 8.24 -40.55
CA THR E 259 18.99 7.90 -40.67
C THR E 259 18.70 7.23 -42.00
N ALA E 260 19.29 7.72 -43.09
CA ALA E 260 19.04 7.12 -44.38
C ALA E 260 19.44 5.65 -44.40
N PHE E 261 20.46 5.28 -43.64
CA PHE E 261 20.79 3.87 -43.54
C PHE E 261 19.84 3.13 -42.60
N HIS E 262 19.28 3.83 -41.61
CA HIS E 262 18.34 3.19 -40.70
C HIS E 262 17.05 2.83 -41.43
N GLU E 263 16.32 3.83 -41.93
CA GLU E 263 15.09 3.54 -42.68
C GLU E 263 15.40 2.81 -43.98
N ALA E 264 16.60 2.97 -44.52
CA ALA E 264 17.02 2.09 -45.59
C ALA E 264 17.00 0.64 -45.13
N GLY E 265 17.41 0.39 -43.88
CA GLY E 265 17.35 -0.96 -43.36
C GLY E 265 15.94 -1.47 -43.21
N HIS E 266 15.09 -0.70 -42.50
CA HIS E 266 13.71 -1.12 -42.28
C HIS E 266 13.01 -1.39 -43.61
N ALA E 267 13.19 -0.50 -44.58
CA ALA E 267 12.50 -0.67 -45.86
C ALA E 267 13.05 -1.84 -46.66
N ILE E 268 14.38 -1.96 -46.73
CA ILE E 268 14.97 -3.00 -47.55
C ILE E 268 14.64 -4.39 -47.01
N MET E 269 14.43 -4.51 -45.69
CA MET E 269 14.07 -5.84 -45.23
C MET E 269 12.58 -5.97 -44.96
N ALA E 270 11.81 -4.90 -45.15
CA ALA E 270 10.37 -5.04 -45.23
C ALA E 270 9.93 -5.37 -46.64
N LYS E 271 10.80 -5.16 -47.62
CA LYS E 271 10.50 -5.44 -49.01
C LYS E 271 10.71 -6.88 -49.41
N TYR E 272 11.81 -7.50 -49.00
CA TYR E 272 12.18 -8.83 -49.48
C TYR E 272 12.00 -9.91 -48.43
N THR E 273 11.15 -9.68 -47.44
CA THR E 273 10.92 -10.64 -46.38
C THR E 273 9.57 -11.31 -46.58
N ASN E 274 9.57 -12.64 -46.66
CA ASN E 274 8.33 -13.37 -46.90
C ASN E 274 7.38 -13.21 -45.72
N GLY E 275 6.15 -12.80 -46.02
CA GLY E 275 5.12 -12.68 -45.02
C GLY E 275 4.84 -11.28 -44.52
N ALA E 276 5.79 -10.36 -44.67
CA ALA E 276 5.63 -9.01 -44.17
C ALA E 276 4.44 -8.32 -44.85
N THR E 277 3.97 -7.23 -44.26
CA THR E 277 2.96 -6.43 -44.88
C THR E 277 3.61 -5.54 -45.95
N PRO E 278 2.84 -5.07 -46.93
CA PRO E 278 3.43 -4.22 -47.97
C PRO E 278 3.88 -2.88 -47.44
N LEU E 279 4.72 -2.17 -48.20
CA LEU E 279 5.25 -0.89 -47.82
C LEU E 279 4.30 0.22 -48.22
N TYR E 280 4.35 1.33 -47.49
CA TYR E 280 3.58 2.50 -47.85
C TYR E 280 4.44 3.69 -48.21
N LYS E 281 5.32 4.14 -47.31
CA LYS E 281 6.23 5.24 -47.58
C LYS E 281 7.45 5.07 -46.70
N ALA E 282 8.54 5.72 -47.09
CA ALA E 282 9.73 5.80 -46.26
C ALA E 282 10.19 7.24 -46.25
N THR E 283 10.77 7.69 -45.14
CA THR E 283 11.04 9.10 -44.94
C THR E 283 12.31 9.32 -44.14
N ILE E 284 13.07 10.34 -44.52
CA ILE E 284 14.16 10.86 -43.71
C ILE E 284 13.75 12.10 -42.93
N LEU E 285 12.81 12.88 -43.46
CA LEU E 285 12.36 14.06 -42.75
C LEU E 285 11.74 13.66 -41.42
N PRO E 286 11.91 14.45 -40.37
CA PRO E 286 11.34 14.09 -39.07
C PRO E 286 9.82 14.13 -39.12
N ARG E 287 9.22 12.95 -38.98
CA ARG E 287 7.77 12.78 -39.10
C ARG E 287 7.19 12.53 -37.72
N GLY E 288 6.57 13.56 -37.15
CA GLY E 288 5.80 13.33 -35.94
C GLY E 288 6.68 13.26 -34.71
N ARG E 289 6.86 12.05 -34.20
CA ARG E 289 7.57 11.85 -32.95
C ARG E 289 8.98 11.29 -33.12
N ALA E 290 9.26 10.61 -34.22
CA ALA E 290 10.55 9.98 -34.41
C ALA E 290 11.29 10.64 -35.56
N LEU E 291 12.48 10.11 -35.83
CA LEU E 291 13.34 10.63 -36.89
C LEU E 291 13.25 9.69 -38.08
N GLY E 292 12.31 9.94 -38.97
CA GLY E 292 12.11 9.08 -40.12
C GLY E 292 11.34 7.84 -39.77
N ILE E 293 10.39 7.44 -40.61
CA ILE E 293 9.54 6.29 -40.31
C ILE E 293 9.23 5.56 -41.61
N THR E 294 9.52 4.27 -41.64
CA THR E 294 9.15 3.40 -42.76
C THR E 294 7.81 2.77 -42.44
N PHE E 295 6.73 3.50 -42.71
CA PHE E 295 5.39 3.07 -42.39
C PHE E 295 4.92 2.10 -43.46
N GLN E 296 4.27 1.02 -43.05
CA GLN E 296 3.78 0.01 -43.97
C GLN E 296 2.38 -0.45 -43.58
N LEU E 297 1.45 -0.39 -44.54
CA LEU E 297 0.06 -0.75 -44.37
C LEU E 297 -0.19 -2.15 -44.88
N PRO E 298 -1.23 -2.83 -44.39
CA PRO E 298 -1.70 -4.04 -45.07
C PRO E 298 -2.62 -3.69 -46.22
N GLU E 299 -2.81 -4.65 -47.12
CA GLU E 299 -3.81 -4.47 -48.17
C GLU E 299 -5.19 -4.82 -47.66
N MET E 300 -5.31 -5.89 -46.88
CA MET E 300 -6.56 -6.35 -46.32
C MET E 300 -6.62 -6.01 -44.85
N ASP E 301 -7.83 -6.00 -44.30
CA ASP E 301 -8.04 -5.79 -42.87
C ASP E 301 -8.31 -7.14 -42.23
N LYS E 302 -7.26 -7.77 -41.71
CA LYS E 302 -7.36 -9.11 -41.14
C LYS E 302 -7.36 -9.01 -39.61
N VAL E 303 -7.98 -10.01 -38.97
CA VAL E 303 -8.23 -9.91 -37.55
C VAL E 303 -7.12 -10.57 -36.75
N ASP E 304 -6.66 -11.74 -37.16
CA ASP E 304 -5.63 -12.48 -36.45
C ASP E 304 -4.34 -12.48 -37.27
N ILE E 305 -3.35 -13.20 -36.78
CA ILE E 305 -2.01 -13.19 -37.35
C ILE E 305 -1.46 -14.60 -37.28
N THR E 306 -0.64 -14.96 -38.25
CA THR E 306 -0.05 -16.29 -38.26
C THR E 306 1.33 -16.25 -37.62
N LYS E 307 2.05 -17.37 -37.68
CA LYS E 307 3.39 -17.41 -37.13
C LYS E 307 4.40 -16.75 -38.06
N ARG E 308 4.26 -17.03 -39.35
CA ARG E 308 5.18 -16.46 -40.33
C ARG E 308 5.11 -14.95 -40.36
N GLU E 309 3.91 -14.39 -40.21
CA GLU E 309 3.80 -12.94 -40.19
C GLU E 309 4.48 -12.34 -38.97
N CYS E 310 4.36 -12.99 -37.81
CA CYS E 310 5.03 -12.48 -36.62
C CYS E 310 6.54 -12.52 -36.78
N GLN E 311 7.07 -13.66 -37.22
CA GLN E 311 8.50 -13.74 -37.46
C GLN E 311 8.98 -12.68 -38.43
N ALA E 312 8.21 -12.44 -39.51
CA ALA E 312 8.56 -11.35 -40.41
C ALA E 312 8.59 -10.01 -39.69
N ARG E 313 7.66 -9.79 -38.77
CA ARG E 313 7.65 -8.54 -38.03
C ARG E 313 8.90 -8.38 -37.17
N LEU E 314 9.37 -9.48 -36.56
CA LEU E 314 10.63 -9.43 -35.83
C LEU E 314 11.78 -9.04 -36.76
N ASP E 315 11.86 -9.66 -37.93
CA ASP E 315 12.93 -9.32 -38.87
C ASP E 315 12.91 -7.84 -39.22
N VAL E 316 11.73 -7.33 -39.57
CA VAL E 316 11.63 -5.91 -39.92
C VAL E 316 12.06 -5.04 -38.76
N CYS E 317 11.89 -5.51 -37.53
CA CYS E 317 12.35 -4.73 -36.38
C CYS E 317 13.85 -4.84 -36.12
N MET E 318 14.52 -5.87 -36.62
CA MET E 318 15.97 -5.93 -36.47
C MET E 318 16.71 -5.26 -37.63
N GLY E 319 15.99 -4.89 -38.70
CA GLY E 319 16.63 -4.30 -39.87
C GLY E 319 17.49 -3.09 -39.58
N GLY E 320 17.02 -2.19 -38.73
CA GLY E 320 17.76 -0.96 -38.51
C GLY E 320 19.11 -1.18 -37.86
N LYS E 321 19.11 -1.77 -36.67
CA LYS E 321 20.36 -2.01 -35.95
C LYS E 321 21.29 -2.90 -36.75
N ILE E 322 20.75 -3.86 -37.52
CA ILE E 322 21.67 -4.66 -38.33
C ILE E 322 22.23 -3.84 -39.48
N ALA E 323 21.48 -2.86 -39.99
CA ALA E 323 21.96 -2.04 -41.09
C ALA E 323 23.10 -1.14 -40.63
N GLU E 324 22.86 -0.30 -39.62
CA GLU E 324 23.94 0.52 -39.09
C GLU E 324 25.08 -0.32 -38.53
N GLU E 325 24.80 -1.55 -38.09
CA GLU E 325 25.88 -2.40 -37.61
C GLU E 325 26.74 -2.90 -38.78
N LEU E 326 26.14 -3.12 -39.95
CA LEU E 326 26.95 -3.50 -41.10
C LEU E 326 27.75 -2.33 -41.63
N ILE E 327 27.13 -1.16 -41.73
CA ILE E 327 27.81 -0.01 -42.32
C ILE E 327 28.82 0.58 -41.35
N TYR E 328 28.36 1.12 -40.24
CA TYR E 328 29.21 1.87 -39.33
C TYR E 328 29.96 0.99 -38.35
N GLY E 329 30.07 -0.31 -38.60
CA GLY E 329 30.79 -1.20 -37.73
C GLY E 329 30.08 -1.40 -36.40
N LYS E 330 30.61 -2.35 -35.63
CA LYS E 330 29.95 -2.74 -34.38
C LYS E 330 30.01 -1.62 -33.35
N ASP E 331 31.14 -0.93 -33.25
CA ASP E 331 31.36 0.04 -32.20
C ASP E 331 30.64 1.36 -32.42
N ASN E 332 29.85 1.50 -33.48
CA ASN E 332 29.17 2.75 -33.77
C ASN E 332 27.65 2.61 -33.76
N THR E 333 27.14 1.46 -33.32
CA THR E 333 25.71 1.28 -33.16
C THR E 333 25.18 2.32 -32.19
N THR E 334 24.21 3.11 -32.65
CA THR E 334 23.70 4.20 -31.84
C THR E 334 22.72 3.67 -30.81
N SER E 335 22.02 4.57 -30.13
CA SER E 335 21.04 4.19 -29.12
C SER E 335 19.63 4.56 -29.55
N GLY E 336 19.37 4.66 -30.84
CA GLY E 336 18.05 4.96 -31.32
C GLY E 336 17.23 3.70 -31.57
N CYS E 337 17.87 2.54 -31.40
CA CYS E 337 17.20 1.28 -31.66
C CYS E 337 16.37 0.81 -30.48
N GLY E 338 16.24 1.63 -29.43
CA GLY E 338 15.47 1.24 -28.27
C GLY E 338 14.02 0.96 -28.59
N SER E 339 13.42 1.76 -29.47
CA SER E 339 12.03 1.50 -29.86
C SER E 339 11.92 0.20 -30.64
N ASP E 340 12.86 -0.04 -31.55
CA ASP E 340 12.86 -1.27 -32.32
C ASP E 340 12.91 -2.48 -31.41
N LEU E 341 13.86 -2.49 -30.48
CA LEU E 341 13.97 -3.65 -29.60
C LEU E 341 12.80 -3.73 -28.62
N GLN E 342 12.19 -2.60 -28.30
CA GLN E 342 11.00 -2.60 -27.45
C GLN E 342 9.85 -3.33 -28.13
N SER E 343 9.49 -2.88 -29.34
CA SER E 343 8.38 -3.51 -30.05
C SER E 343 8.68 -4.96 -30.38
N ALA E 344 9.88 -5.26 -30.87
CA ALA E 344 10.23 -6.64 -31.19
C ALA E 344 10.12 -7.52 -29.96
N THR E 345 10.54 -7.01 -28.80
CA THR E 345 10.35 -7.75 -27.55
C THR E 345 8.88 -8.03 -27.31
N GLY E 346 8.02 -7.03 -27.48
CA GLY E 346 6.59 -7.26 -27.30
C GLY E 346 6.06 -8.36 -28.20
N THR E 347 6.47 -8.36 -29.46
CA THR E 347 6.02 -9.41 -30.36
C THR E 347 6.49 -10.79 -29.93
N ALA E 348 7.73 -10.90 -29.45
CA ALA E 348 8.20 -12.22 -29.05
C ALA E 348 7.47 -12.73 -27.81
N ARG E 349 7.23 -11.85 -26.83
CA ARG E 349 6.45 -12.26 -25.66
C ARG E 349 5.08 -12.75 -26.07
N ALA E 350 4.36 -11.97 -26.88
CA ALA E 350 3.02 -12.38 -27.28
C ALA E 350 3.03 -13.64 -28.14
N MET E 351 4.13 -13.93 -28.84
CA MET E 351 4.21 -15.19 -29.56
C MET E 351 4.36 -16.37 -28.60
N VAL E 352 5.29 -16.28 -27.67
CA VAL E 352 5.59 -17.44 -26.83
C VAL E 352 4.49 -17.70 -25.82
N THR E 353 4.06 -16.70 -25.07
CA THR E 353 3.14 -16.94 -23.97
C THR E 353 1.70 -17.03 -24.44
N GLN E 354 1.16 -15.95 -24.98
CA GLN E 354 -0.27 -15.92 -25.33
C GLN E 354 -0.58 -16.87 -26.49
N TYR E 355 0.00 -16.60 -27.66
CA TYR E 355 -0.48 -17.22 -28.88
C TYR E 355 -0.16 -18.71 -28.91
N GLY E 356 0.74 -19.18 -28.06
CA GLY E 356 1.09 -20.58 -28.04
C GLY E 356 1.91 -21.03 -29.22
N MET E 357 2.92 -20.27 -29.61
CA MET E 357 3.56 -20.49 -30.90
C MET E 357 4.74 -21.44 -30.79
N SER E 358 5.41 -21.45 -29.64
CA SER E 358 6.61 -22.26 -29.48
C SER E 358 6.25 -23.69 -29.09
N ASP E 359 7.02 -24.65 -29.59
CA ASP E 359 6.64 -26.04 -29.42
C ASP E 359 7.13 -26.60 -28.09
N ASP E 360 8.19 -26.02 -27.54
CA ASP E 360 8.82 -26.60 -26.35
C ASP E 360 8.01 -26.30 -25.09
N VAL E 361 7.70 -25.03 -24.84
CA VAL E 361 6.97 -24.70 -23.62
C VAL E 361 5.59 -25.35 -23.65
N GLY E 362 4.99 -25.46 -24.83
CA GLY E 362 3.75 -26.17 -24.99
C GLY E 362 2.60 -25.27 -25.37
N PRO E 363 1.39 -25.81 -25.38
CA PRO E 363 0.18 -25.02 -25.68
C PRO E 363 -0.40 -24.25 -24.50
N VAL E 364 0.36 -24.04 -23.42
CA VAL E 364 -0.19 -23.31 -22.28
C VAL E 364 -0.38 -21.85 -22.65
N ASN E 365 -1.12 -21.14 -21.80
CA ASN E 365 -1.27 -19.70 -21.85
C ASN E 365 -0.70 -19.11 -20.58
N LEU E 366 0.47 -18.51 -20.68
CA LEU E 366 1.24 -18.04 -19.54
C LEU E 366 1.07 -16.53 -19.33
N SER E 367 0.31 -15.87 -20.20
CA SER E 367 0.27 -14.42 -20.18
C SER E 367 -0.42 -13.88 -18.94
N GLU E 368 -1.71 -14.13 -18.77
CA GLU E 368 -2.37 -13.71 -17.55
C GLU E 368 -1.94 -14.62 -16.42
N GLU E 369 -2.02 -14.10 -15.21
CA GLU E 369 -1.55 -14.82 -14.03
C GLU E 369 -0.04 -15.07 -14.13
N TRP E 370 0.69 -14.07 -14.61
CA TRP E 370 2.12 -14.22 -14.83
C TRP E 370 2.87 -14.41 -13.52
N GLU E 371 2.29 -13.94 -12.41
CA GLU E 371 2.98 -14.08 -11.13
C GLU E 371 2.87 -15.49 -10.59
N SER E 372 1.74 -16.16 -10.83
CA SER E 372 1.49 -17.41 -10.13
C SER E 372 2.43 -18.51 -10.58
N TRP E 373 2.81 -18.51 -11.85
CA TRP E 373 3.63 -19.59 -12.38
C TRP E 373 4.99 -19.61 -11.71
N SER E 374 5.62 -20.78 -11.73
CA SER E 374 6.87 -20.97 -11.03
C SER E 374 8.02 -20.35 -11.81
N ASN E 375 9.24 -20.66 -11.35
CA ASN E 375 10.42 -20.05 -11.95
C ASN E 375 11.01 -20.91 -13.03
N LYS E 376 10.85 -22.23 -12.94
CA LYS E 376 11.35 -23.10 -14.00
C LYS E 376 10.68 -22.78 -15.33
N ILE E 377 9.36 -22.67 -15.31
CA ILE E 377 8.62 -22.37 -16.53
C ILE E 377 8.97 -21.00 -17.06
N ARG E 378 9.13 -20.01 -16.19
CA ARG E 378 9.58 -18.70 -16.66
C ARG E 378 10.96 -18.78 -17.28
N ASP E 379 11.85 -19.61 -16.73
CA ASP E 379 13.17 -19.77 -17.33
C ASP E 379 13.07 -20.30 -18.74
N ILE E 380 12.26 -21.34 -18.94
CA ILE E 380 12.10 -21.89 -20.28
C ILE E 380 11.51 -20.85 -21.22
N ALA E 381 10.45 -20.17 -20.78
CA ALA E 381 9.77 -19.23 -21.66
C ALA E 381 10.69 -18.09 -22.07
N ASP E 382 11.33 -17.43 -21.10
CA ASP E 382 12.22 -16.33 -21.44
C ASP E 382 13.41 -16.80 -22.27
N ASN E 383 13.86 -18.03 -22.03
CA ASN E 383 14.89 -18.61 -22.89
C ASN E 383 14.44 -18.63 -24.33
N GLU E 384 13.18 -18.99 -24.58
CA GLU E 384 12.74 -19.07 -25.97
C GLU E 384 12.44 -17.72 -26.57
N VAL E 385 11.98 -16.76 -25.76
CA VAL E 385 11.83 -15.41 -26.27
C VAL E 385 13.18 -14.89 -26.77
N ILE E 386 14.21 -15.03 -25.95
CA ILE E 386 15.51 -14.52 -26.38
C ILE E 386 16.08 -15.35 -27.52
N GLU E 387 15.78 -16.65 -27.59
CA GLU E 387 16.19 -17.41 -28.76
C GLU E 387 15.52 -16.91 -30.03
N LEU E 388 14.25 -16.52 -29.96
CA LEU E 388 13.58 -15.97 -31.13
C LEU E 388 14.23 -14.67 -31.57
N LEU E 389 14.51 -13.76 -30.64
CA LEU E 389 15.12 -12.50 -31.08
C LEU E 389 16.54 -12.70 -31.61
N LYS E 390 17.32 -13.60 -31.00
CA LYS E 390 18.64 -13.87 -31.55
C LYS E 390 18.56 -14.43 -32.97
N ASP E 391 17.69 -15.40 -33.21
CA ASP E 391 17.52 -15.88 -34.58
C ASP E 391 17.08 -14.76 -35.51
N SER E 392 16.22 -13.87 -35.04
CA SER E 392 15.75 -12.78 -35.88
C SER E 392 16.89 -11.89 -36.34
N GLU E 393 17.74 -11.42 -35.41
CA GLU E 393 18.89 -10.64 -35.84
C GLU E 393 19.84 -11.46 -36.70
N GLU E 394 19.87 -12.77 -36.53
CA GLU E 394 20.66 -13.61 -37.43
C GLU E 394 20.15 -13.51 -38.86
N ARG E 395 18.84 -13.63 -39.06
CA ARG E 395 18.29 -13.53 -40.40
C ARG E 395 18.46 -12.14 -40.99
N ALA E 396 18.34 -11.09 -40.18
CA ALA E 396 18.58 -9.75 -40.70
C ALA E 396 20.03 -9.59 -41.15
N ARG E 397 20.98 -10.13 -40.38
CA ARG E 397 22.37 -10.13 -40.83
C ARG E 397 22.52 -10.83 -42.16
N ARG E 398 22.03 -12.07 -42.25
CA ARG E 398 22.27 -12.84 -43.46
C ARG E 398 21.51 -12.27 -44.66
N LEU E 399 20.49 -11.45 -44.43
CA LEU E 399 19.83 -10.84 -45.56
C LEU E 399 20.54 -9.56 -46.00
N LEU E 400 20.76 -8.63 -45.08
CA LEU E 400 21.40 -7.39 -45.49
C LEU E 400 22.88 -7.57 -45.83
N THR E 401 23.47 -8.72 -45.55
CA THR E 401 24.78 -8.99 -46.14
C THR E 401 24.65 -9.12 -47.65
N LYS E 402 23.52 -9.64 -48.12
CA LYS E 402 23.10 -9.48 -49.50
C LYS E 402 22.49 -8.10 -49.69
N LYS E 403 22.22 -7.77 -50.94
CA LYS E 403 21.43 -6.58 -51.27
C LYS E 403 22.10 -5.31 -50.75
N ASN E 404 23.43 -5.34 -50.63
CA ASN E 404 24.14 -4.19 -50.11
C ASN E 404 24.08 -3.04 -51.10
N VAL E 405 24.27 -3.33 -52.39
CA VAL E 405 24.16 -2.30 -53.41
C VAL E 405 22.75 -1.72 -53.43
N GLU E 406 21.73 -2.57 -53.26
CA GLU E 406 20.37 -2.08 -53.17
C GLU E 406 20.17 -1.22 -51.94
N LEU E 407 20.80 -1.59 -50.83
CA LEU E 407 20.75 -0.77 -49.63
C LEU E 407 21.29 0.63 -49.90
N HIS E 408 22.50 0.72 -50.47
CA HIS E 408 23.07 2.03 -50.76
C HIS E 408 22.23 2.82 -51.75
N ARG E 409 21.67 2.15 -52.75
CA ARG E 409 20.81 2.82 -53.71
C ARG E 409 19.63 3.47 -53.00
N LEU E 410 18.93 2.70 -52.18
CA LEU E 410 17.76 3.24 -51.48
C LEU E 410 18.15 4.37 -50.55
N ALA E 411 19.21 4.17 -49.76
CA ALA E 411 19.61 5.20 -48.79
C ALA E 411 19.98 6.51 -49.49
N GLN E 412 20.74 6.42 -50.57
CA GLN E 412 21.02 7.63 -51.35
C GLN E 412 19.75 8.24 -51.90
N GLY E 413 18.80 7.40 -52.34
CA GLY E 413 17.51 7.93 -52.76
C GLY E 413 16.82 8.74 -51.69
N LEU E 414 16.86 8.25 -50.44
CA LEU E 414 16.28 9.02 -49.35
C LEU E 414 17.06 10.31 -49.11
N ILE E 415 18.38 10.28 -49.24
CA ILE E 415 19.16 11.50 -49.04
C ILE E 415 18.81 12.53 -50.11
N GLU E 416 18.40 12.07 -51.28
CA GLU E 416 18.14 12.98 -52.38
C GLU E 416 16.70 13.45 -52.46
N TYR E 417 15.75 12.68 -51.94
CA TYR E 417 14.34 12.98 -52.13
C TYR E 417 13.57 13.19 -50.83
N GLU E 418 14.00 12.56 -49.73
CA GLU E 418 13.48 12.73 -48.38
C GLU E 418 12.14 12.03 -48.19
N THR E 419 11.55 11.46 -49.23
CA THR E 419 10.25 10.81 -49.11
C THR E 419 10.07 9.89 -50.29
N LEU E 420 9.57 8.68 -50.03
CA LEU E 420 9.49 7.66 -51.06
C LEU E 420 8.18 6.90 -50.94
N ASP E 421 7.40 6.92 -52.01
CA ASP E 421 6.24 6.07 -52.14
C ASP E 421 6.68 4.64 -52.46
N ALA E 422 5.82 3.68 -52.12
CA ALA E 422 6.19 2.26 -52.21
C ALA E 422 6.60 1.86 -53.62
N HIS E 423 6.01 2.49 -54.64
CA HIS E 423 6.45 2.23 -56.00
C HIS E 423 7.80 2.88 -56.26
N GLU E 424 8.00 4.09 -55.73
CA GLU E 424 9.25 4.80 -55.96
C GLU E 424 10.43 4.03 -55.40
N ILE E 425 10.25 3.32 -54.29
CA ILE E 425 11.31 2.46 -53.78
C ILE E 425 11.59 1.34 -54.77
N GLU E 426 10.54 0.77 -55.38
CA GLU E 426 10.76 -0.29 -56.34
C GLU E 426 11.54 0.20 -57.54
N GLN E 427 11.30 1.44 -57.96
CA GLN E 427 12.13 2.01 -59.02
C GLN E 427 13.56 2.20 -58.54
N VAL E 428 13.73 2.84 -57.38
CA VAL E 428 15.06 3.24 -56.91
C VAL E 428 15.94 2.04 -56.67
N CYS E 429 15.35 0.90 -56.29
CA CYS E 429 16.15 -0.29 -56.04
C CYS E 429 16.81 -0.79 -57.31
N LYS E 430 16.25 -0.45 -58.47
CA LYS E 430 16.80 -0.92 -59.73
C LYS E 430 17.53 0.19 -60.47
N GLY E 431 17.91 1.25 -59.78
CA GLY E 431 18.68 2.33 -60.38
C GLY E 431 17.92 3.21 -61.35
N GLU E 432 16.66 2.89 -61.64
CA GLU E 432 15.88 3.66 -62.60
C GLU E 432 15.64 5.08 -62.06
N LYS E 433 15.64 6.04 -62.98
CA LYS E 433 15.43 7.43 -62.60
C LYS E 433 14.03 7.62 -62.03
N LEU E 434 13.87 8.65 -61.21
CA LEU E 434 12.67 8.75 -60.38
C LEU E 434 11.58 9.59 -61.06
N ALA E 435 11.97 10.59 -61.85
CA ALA E 435 11.05 11.47 -62.56
C ALA E 435 10.30 12.41 -61.64
N LYS E 436 10.95 12.94 -60.60
CA LYS E 436 10.39 13.99 -59.78
C LYS E 436 11.48 14.97 -59.39
N LEU E 437 11.13 15.89 -58.49
CA LEU E 437 11.98 17.02 -58.14
C LEU E 437 12.80 16.71 -56.91
N LYS E 438 14.12 16.76 -57.05
CA LYS E 438 15.00 16.66 -55.90
C LYS E 438 14.95 17.93 -55.07
N THR E 439 15.74 17.94 -53.99
CA THR E 439 15.81 19.11 -53.12
C THR E 439 16.85 18.89 -52.03
N LYS F 1 4.74 41.37 -30.88
CA LYS F 1 4.75 40.48 -32.03
C LYS F 1 5.65 39.27 -31.80
N PHE F 2 5.91 38.52 -32.87
CA PHE F 2 6.75 37.32 -32.81
C PHE F 2 8.24 37.63 -32.75
N ASP F 3 8.65 38.89 -32.83
CA ASP F 3 10.05 39.20 -32.61
C ASP F 3 10.40 39.17 -31.13
N ASP F 4 9.48 39.66 -30.27
CA ASP F 4 9.74 39.76 -28.84
C ASP F 4 9.78 38.42 -28.14
N VAL F 5 9.14 37.39 -28.69
CA VAL F 5 9.21 36.07 -28.09
C VAL F 5 10.56 35.46 -28.43
N CYS F 6 11.05 34.60 -27.55
CA CYS F 6 12.43 34.13 -27.59
C CYS F 6 12.45 32.61 -27.46
N GLY F 7 12.85 31.95 -28.54
CA GLY F 7 12.77 30.51 -28.58
C GLY F 7 11.36 30.04 -28.91
N CYS F 8 11.14 28.72 -28.77
CA CYS F 8 9.85 28.05 -28.93
C CYS F 8 9.26 28.27 -30.33
N ASP F 9 9.94 27.69 -31.31
CA ASP F 9 9.53 27.86 -32.70
C ASP F 9 8.38 26.97 -33.13
N GLU F 10 8.09 25.90 -32.39
CA GLU F 10 6.94 25.04 -32.70
C GLU F 10 5.64 25.80 -32.50
N ALA F 11 5.47 26.40 -31.32
CA ALA F 11 4.31 27.25 -31.06
C ALA F 11 4.30 28.48 -31.95
N ARG F 12 5.47 28.95 -32.38
CA ARG F 12 5.52 30.03 -33.36
C ARG F 12 4.87 29.58 -34.66
N ALA F 13 5.19 28.36 -35.11
CA ALA F 13 4.68 27.87 -36.38
C ALA F 13 3.17 27.62 -36.32
N GLU F 14 2.71 26.85 -35.33
CA GLU F 14 1.28 26.51 -35.32
C GLU F 14 0.43 27.71 -34.89
N LEU F 15 0.99 28.62 -34.10
CA LEU F 15 0.22 29.82 -33.81
C LEU F 15 0.20 30.78 -34.99
N GLU F 16 1.18 30.70 -35.92
CA GLU F 16 0.97 31.32 -37.22
C GLU F 16 -0.16 30.63 -37.98
N GLU F 17 -0.25 29.30 -37.83
CA GLU F 17 -1.29 28.55 -38.52
C GLU F 17 -2.69 28.92 -38.03
N ILE F 18 -2.82 29.36 -36.77
CA ILE F 18 -4.14 29.84 -36.36
C ILE F 18 -4.27 31.33 -36.57
N VAL F 19 -3.14 32.05 -36.66
CA VAL F 19 -3.25 33.50 -36.80
C VAL F 19 -3.68 33.84 -38.22
N ASP F 20 -3.50 32.91 -39.15
CA ASP F 20 -4.09 33.07 -40.48
C ASP F 20 -5.61 33.06 -40.41
N PHE F 21 -6.19 32.24 -39.54
CA PHE F 21 -7.62 32.33 -39.29
C PHE F 21 -7.97 33.61 -38.57
N LEU F 22 -7.02 34.15 -37.81
CA LEU F 22 -7.32 35.36 -37.05
C LEU F 22 -7.46 36.59 -37.96
N LYS F 23 -6.52 36.79 -38.89
CA LYS F 23 -6.61 38.05 -39.64
C LYS F 23 -7.53 37.93 -40.86
N ASP F 24 -7.99 36.72 -41.17
CA ASP F 24 -8.93 36.49 -42.27
C ASP F 24 -9.73 35.22 -42.02
N PRO F 25 -10.90 35.35 -41.40
CA PRO F 25 -11.65 34.14 -41.02
C PRO F 25 -12.55 33.60 -42.10
N THR F 26 -12.89 34.41 -43.11
CA THR F 26 -14.04 34.10 -43.96
C THR F 26 -13.74 32.97 -44.94
N LYS F 27 -12.48 32.82 -45.35
CA LYS F 27 -12.16 31.88 -46.41
C LYS F 27 -12.22 30.44 -45.91
N TYR F 28 -12.21 30.23 -44.59
CA TYR F 28 -12.24 28.87 -44.09
C TYR F 28 -13.64 28.30 -44.11
N GLU F 29 -14.66 29.17 -44.07
CA GLU F 29 -16.01 28.67 -44.27
C GLU F 29 -16.51 29.00 -45.67
N SER F 30 -15.68 29.66 -46.49
CA SER F 30 -15.97 29.68 -47.92
C SER F 30 -15.86 28.27 -48.50
N LEU F 31 -14.85 27.52 -48.06
CA LEU F 31 -14.78 26.12 -48.46
C LEU F 31 -15.61 25.25 -47.52
N GLY F 32 -15.50 25.50 -46.22
CA GLY F 32 -16.18 24.70 -45.23
C GLY F 32 -15.28 24.03 -44.22
N GLY F 33 -14.06 24.52 -44.01
CA GLY F 33 -13.20 23.99 -42.99
C GLY F 33 -13.53 24.56 -41.63
N LYS F 34 -13.33 23.74 -40.61
CA LYS F 34 -13.58 24.15 -39.23
C LYS F 34 -12.33 23.89 -38.41
N LEU F 35 -12.02 24.78 -37.57
CA LEU F 35 -10.87 24.69 -36.69
C LEU F 35 -11.31 24.89 -35.25
N PRO F 36 -10.59 24.35 -34.27
CA PRO F 36 -11.07 24.37 -32.88
C PRO F 36 -11.16 25.76 -32.29
N LYS F 37 -11.89 25.86 -31.18
CA LYS F 37 -12.30 27.12 -30.58
C LYS F 37 -11.37 27.57 -29.46
N GLY F 38 -10.79 26.65 -28.71
CA GLY F 38 -9.92 27.03 -27.63
C GLY F 38 -8.66 26.20 -27.61
N VAL F 39 -7.51 26.86 -27.70
CA VAL F 39 -6.23 26.19 -27.80
C VAL F 39 -5.64 26.09 -26.41
N LEU F 40 -5.23 24.89 -26.01
CA LEU F 40 -4.78 24.65 -24.64
C LEU F 40 -3.26 24.59 -24.64
N LEU F 41 -2.64 25.52 -23.90
CA LEU F 41 -1.18 25.59 -23.81
C LEU F 41 -0.70 24.90 -22.56
N THR F 42 0.24 23.97 -22.70
CA THR F 42 0.81 23.23 -21.60
C THR F 42 2.31 23.52 -21.50
N GLY F 43 2.99 22.75 -20.65
CA GLY F 43 4.42 22.85 -20.51
C GLY F 43 4.85 23.34 -19.15
N PRO F 44 6.13 23.22 -18.84
CA PRO F 44 6.65 23.66 -17.54
C PRO F 44 6.57 25.18 -17.41
N PRO F 45 6.53 25.70 -16.18
CA PRO F 45 6.33 27.14 -16.00
C PRO F 45 7.59 27.92 -16.35
N GLY F 46 7.40 29.24 -16.46
CA GLY F 46 8.52 30.11 -16.75
C GLY F 46 8.97 30.14 -18.18
N THR F 47 8.26 29.47 -19.09
CA THR F 47 8.60 29.52 -20.50
C THR F 47 7.87 30.62 -21.25
N GLY F 48 6.94 31.31 -20.61
CA GLY F 48 6.32 32.47 -21.20
C GLY F 48 5.24 32.17 -22.24
N LYS F 49 4.16 31.54 -21.80
CA LYS F 49 3.02 31.33 -22.68
C LYS F 49 2.21 32.62 -22.86
N THR F 50 2.23 33.48 -21.83
CA THR F 50 1.53 34.76 -21.88
C THR F 50 2.08 35.65 -22.98
N LEU F 51 3.40 35.61 -23.18
CA LEU F 51 4.01 36.41 -24.24
C LEU F 51 3.71 35.81 -25.62
N LEU F 52 3.49 34.49 -25.69
CA LEU F 52 3.05 33.89 -26.94
C LEU F 52 1.66 34.34 -27.34
N ALA F 53 0.72 34.36 -26.38
CA ALA F 53 -0.64 34.77 -26.71
C ALA F 53 -0.72 36.26 -26.99
N ARG F 54 0.05 37.07 -26.25
CA ARG F 54 0.17 38.49 -26.60
C ARG F 54 0.82 38.68 -27.96
N ALA F 55 1.71 37.77 -28.34
CA ALA F 55 2.40 37.89 -29.62
C ALA F 55 1.48 37.56 -30.79
N THR F 56 0.62 36.56 -30.64
CA THR F 56 -0.36 36.27 -31.69
C THR F 56 -1.40 37.36 -31.77
N ALA F 57 -1.82 37.89 -30.61
CA ALA F 57 -2.83 38.94 -30.60
C ALA F 57 -2.31 40.23 -31.23
N GLY F 58 -1.06 40.59 -30.92
CA GLY F 58 -0.45 41.74 -31.56
C GLY F 58 -0.02 41.48 -32.98
N GLU F 59 0.10 40.20 -33.37
CA GLU F 59 0.53 39.89 -34.73
C GLU F 59 -0.65 39.96 -35.69
N ALA F 60 -1.83 39.52 -35.25
CA ALA F 60 -3.03 39.58 -36.08
C ALA F 60 -3.57 40.98 -36.24
N GLY F 61 -3.17 41.91 -35.37
CA GLY F 61 -3.82 43.22 -35.37
C GLY F 61 -5.19 43.18 -34.74
N VAL F 62 -5.37 42.36 -33.71
CA VAL F 62 -6.64 42.21 -33.01
C VAL F 62 -6.45 42.65 -31.57
N ASP F 63 -7.56 42.94 -30.89
CA ASP F 63 -7.50 43.19 -29.45
C ASP F 63 -7.85 41.92 -28.69
N PHE F 64 -7.08 41.64 -27.64
CA PHE F 64 -7.30 40.44 -26.87
C PHE F 64 -7.85 40.80 -25.50
N PHE F 65 -8.27 39.78 -24.76
CA PHE F 65 -8.87 39.96 -23.45
C PHE F 65 -8.22 39.00 -22.47
N PHE F 66 -7.60 39.55 -21.43
CA PHE F 66 -6.85 38.78 -20.45
C PHE F 66 -7.56 38.80 -19.12
N MET F 67 -7.75 37.63 -18.54
CA MET F 67 -8.17 37.48 -17.15
C MET F 67 -7.72 36.11 -16.66
N SER F 68 -7.32 36.05 -15.39
CA SER F 68 -6.74 34.85 -14.83
C SER F 68 -7.81 33.98 -14.18
N GLY F 69 -7.48 32.70 -14.00
CA GLY F 69 -8.41 31.78 -13.39
C GLY F 69 -8.30 31.68 -11.88
N SER F 70 -7.15 32.06 -11.33
CA SER F 70 -6.94 32.03 -9.89
C SER F 70 -7.42 33.29 -9.20
N GLU F 71 -7.81 34.32 -9.96
CA GLU F 71 -8.22 35.57 -9.32
C GLU F 71 -9.73 35.63 -9.10
N PHE F 72 -10.43 34.52 -9.33
CA PHE F 72 -11.86 34.51 -9.05
C PHE F 72 -12.13 34.44 -7.57
N ASP F 73 -13.22 35.05 -7.15
CA ASP F 73 -13.57 35.21 -5.76
C ASP F 73 -14.47 34.05 -5.35
N GLU F 74 -14.01 33.24 -4.40
CA GLU F 74 -14.81 32.11 -3.96
C GLU F 74 -15.70 32.49 -2.78
N VAL F 75 -15.60 33.74 -2.32
CA VAL F 75 -16.47 34.21 -1.24
C VAL F 75 -17.87 34.42 -1.76
N TYR F 76 -18.00 35.02 -2.94
CA TYR F 76 -19.28 35.29 -3.57
C TYR F 76 -19.54 34.17 -4.58
N VAL F 77 -20.80 34.03 -4.99
CA VAL F 77 -21.19 32.82 -5.71
C VAL F 77 -21.35 33.08 -7.20
N GLY F 78 -21.66 34.30 -7.60
CA GLY F 78 -22.05 34.54 -8.98
C GLY F 78 -21.35 35.73 -9.62
N VAL F 79 -20.52 36.43 -8.85
CA VAL F 79 -19.86 37.63 -9.36
C VAL F 79 -18.82 37.26 -10.41
N GLY F 80 -18.14 36.11 -10.21
CA GLY F 80 -17.20 35.63 -11.21
C GLY F 80 -17.88 35.25 -12.51
N ALA F 81 -19.06 34.62 -12.42
CA ALA F 81 -19.82 34.28 -13.61
C ALA F 81 -20.34 35.52 -14.32
N LYS F 82 -20.70 36.55 -13.56
CA LYS F 82 -21.10 37.81 -14.18
C LYS F 82 -19.93 38.47 -14.88
N ARG F 83 -18.72 38.35 -14.33
CA ARG F 83 -17.56 38.89 -15.01
C ARG F 83 -17.24 38.09 -16.27
N ILE F 84 -17.52 36.78 -16.26
CA ILE F 84 -17.32 35.96 -17.45
C ILE F 84 -18.28 36.37 -18.56
N ARG F 85 -19.56 36.54 -18.24
CA ARG F 85 -20.52 36.89 -19.28
C ARG F 85 -20.35 38.34 -19.73
N ASP F 86 -19.80 39.18 -18.87
CA ASP F 86 -19.36 40.51 -19.31
C ASP F 86 -18.20 40.40 -20.29
N LEU F 87 -17.27 39.48 -20.02
CA LEU F 87 -16.09 39.34 -20.88
C LEU F 87 -16.47 38.81 -22.26
N PHE F 88 -17.22 37.72 -22.32
CA PHE F 88 -17.60 37.15 -23.61
C PHE F 88 -18.63 38.02 -24.31
N ALA F 89 -19.42 38.77 -23.56
CA ALA F 89 -20.36 39.70 -24.16
C ALA F 89 -19.62 40.83 -24.88
N GLN F 90 -18.59 41.38 -24.24
CA GLN F 90 -17.78 42.39 -24.90
C GLN F 90 -17.00 41.79 -26.07
N ALA F 91 -16.59 40.54 -25.93
CA ALA F 91 -15.82 39.90 -26.99
C ALA F 91 -16.71 39.45 -28.14
N ARG F 92 -18.03 39.49 -27.96
CA ARG F 92 -18.92 39.36 -29.11
C ARG F 92 -19.33 40.73 -29.62
N SER F 93 -19.16 41.77 -28.80
CA SER F 93 -19.40 43.12 -29.29
C SER F 93 -18.33 43.53 -30.31
N ARG F 94 -17.05 43.35 -29.96
CA ARG F 94 -16.01 43.70 -30.93
C ARG F 94 -15.83 42.59 -31.95
N ALA F 95 -15.36 41.44 -31.49
CA ALA F 95 -15.20 40.12 -32.11
C ALA F 95 -14.33 39.97 -33.36
N PRO F 96 -13.21 40.66 -33.50
CA PRO F 96 -11.94 39.93 -33.70
C PRO F 96 -11.25 39.84 -32.34
N ALA F 97 -10.92 38.64 -31.85
CA ALA F 97 -10.57 38.57 -30.45
C ALA F 97 -9.76 37.32 -30.14
N ILE F 98 -8.92 37.45 -29.13
CA ILE F 98 -8.27 36.33 -28.44
C ILE F 98 -8.65 36.46 -26.97
N ILE F 99 -9.07 35.37 -26.36
CA ILE F 99 -9.43 35.41 -24.95
C ILE F 99 -8.52 34.45 -24.21
N PHE F 100 -7.48 34.98 -23.60
CA PHE F 100 -6.47 34.19 -22.93
C PHE F 100 -6.82 34.05 -21.46
N ILE F 101 -6.74 32.83 -20.94
CA ILE F 101 -7.10 32.53 -19.56
C ILE F 101 -5.86 31.99 -18.87
N ASP F 102 -5.45 32.66 -17.80
CA ASP F 102 -4.24 32.28 -17.08
C ASP F 102 -4.59 31.44 -15.86
N GLN F 103 -3.84 30.35 -15.69
CA GLN F 103 -3.95 29.41 -14.58
C GLN F 103 -5.37 28.84 -14.51
N LEU F 104 -5.70 28.07 -15.55
CA LEU F 104 -7.05 27.59 -15.78
C LEU F 104 -7.54 26.60 -14.73
N ASP F 105 -6.64 25.95 -13.99
CA ASP F 105 -7.04 24.84 -13.13
C ASP F 105 -7.84 25.30 -11.91
N ALA F 106 -7.80 26.59 -11.60
CA ALA F 106 -8.49 27.08 -10.41
C ALA F 106 -10.00 27.09 -10.58
N ILE F 107 -10.49 27.13 -11.82
CA ILE F 107 -11.89 26.82 -12.06
C ILE F 107 -12.04 25.39 -12.56
N GLY F 108 -10.91 24.72 -12.76
CA GLY F 108 -10.92 23.36 -13.25
C GLY F 108 -10.96 22.31 -12.16
N GLY F 109 -11.43 22.68 -10.98
CA GLY F 109 -11.53 21.73 -9.89
C GLY F 109 -12.87 21.79 -9.19
N LYS F 110 -13.38 20.64 -8.76
CA LYS F 110 -14.64 20.54 -8.04
C LYS F 110 -14.43 19.85 -6.71
N ARG F 111 -13.42 20.30 -5.96
CA ARG F 111 -12.84 19.50 -4.89
C ARG F 111 -13.77 19.39 -3.69
N ASN F 112 -14.02 20.49 -3.01
CA ASN F 112 -14.85 20.45 -1.80
C ASN F 112 -16.31 20.47 -2.21
N PRO F 113 -17.10 19.45 -1.85
CA PRO F 113 -18.50 19.41 -2.30
C PRO F 113 -19.39 20.46 -1.67
N LYS F 114 -18.96 21.11 -0.58
CA LYS F 114 -19.73 22.24 -0.07
C LYS F 114 -19.42 23.50 -0.85
N ASP F 115 -18.33 23.51 -1.62
CA ASP F 115 -17.88 24.71 -2.33
C ASP F 115 -17.64 24.46 -3.81
N GLN F 116 -18.21 23.41 -4.39
CA GLN F 116 -18.18 23.25 -5.83
C GLN F 116 -19.56 23.36 -6.45
N ALA F 117 -20.58 23.71 -5.66
CA ALA F 117 -21.88 24.01 -6.24
C ALA F 117 -21.90 25.37 -6.93
N TYR F 118 -21.36 26.38 -6.26
CA TYR F 118 -21.28 27.70 -6.89
C TYR F 118 -20.05 27.81 -7.78
N ALA F 119 -18.97 27.11 -7.43
CA ALA F 119 -17.83 27.02 -8.33
C ALA F 119 -18.19 26.28 -9.61
N LYS F 120 -19.00 25.23 -9.48
CA LYS F 120 -19.60 24.63 -10.67
C LYS F 120 -20.59 25.57 -11.33
N GLN F 121 -21.21 26.47 -10.58
CA GLN F 121 -22.20 27.37 -11.17
C GLN F 121 -21.56 28.45 -12.02
N THR F 122 -20.34 28.87 -11.68
CA THR F 122 -19.60 29.73 -12.61
C THR F 122 -18.83 28.95 -13.66
N LEU F 123 -18.45 27.71 -13.35
CA LEU F 123 -17.75 26.87 -14.32
C LEU F 123 -18.66 26.51 -15.49
N ASN F 124 -19.90 26.10 -15.22
CA ASN F 124 -20.78 25.79 -16.33
C ASN F 124 -21.36 27.05 -16.95
N GLN F 125 -21.16 28.20 -16.32
CA GLN F 125 -21.38 29.46 -17.04
C GLN F 125 -20.33 29.64 -18.11
N LEU F 126 -19.07 29.35 -17.78
CA LEU F 126 -18.01 29.34 -18.79
C LEU F 126 -18.28 28.30 -19.87
N LEU F 127 -18.76 27.13 -19.47
CA LEU F 127 -19.04 26.06 -20.43
C LEU F 127 -20.22 26.40 -21.31
N VAL F 128 -21.25 27.04 -20.75
CA VAL F 128 -22.44 27.33 -21.54
C VAL F 128 -22.18 28.56 -22.41
N GLU F 129 -21.13 29.31 -22.13
CA GLU F 129 -20.88 30.49 -22.94
C GLU F 129 -19.67 30.28 -23.86
N LEU F 130 -19.08 29.08 -23.82
CA LEU F 130 -18.32 28.62 -24.98
C LEU F 130 -19.24 28.36 -26.16
N ASP F 131 -20.45 27.87 -25.86
CA ASP F 131 -21.33 27.37 -26.90
C ASP F 131 -22.06 28.50 -27.60
N GLY F 132 -21.95 29.73 -27.08
CA GLY F 132 -22.49 30.88 -27.78
C GLY F 132 -21.69 31.23 -29.01
N PHE F 133 -20.37 31.36 -28.87
CA PHE F 133 -19.54 31.66 -30.04
C PHE F 133 -19.09 30.38 -30.72
N SER F 134 -19.58 29.21 -30.27
CA SER F 134 -19.42 28.00 -31.06
C SER F 134 -20.11 28.12 -32.42
N GLN F 135 -21.17 28.93 -32.51
CA GLN F 135 -21.84 29.14 -33.77
C GLN F 135 -21.15 30.20 -34.63
N THR F 136 -20.63 31.25 -33.98
CA THR F 136 -20.11 32.40 -34.71
C THR F 136 -18.67 32.14 -35.17
N SER F 137 -18.10 33.13 -35.84
CA SER F 137 -16.75 32.98 -36.37
C SER F 137 -15.90 34.20 -36.02
N GLY F 138 -14.60 33.99 -35.98
CA GLY F 138 -13.64 35.07 -35.76
C GLY F 138 -13.18 35.18 -34.32
N ILE F 139 -13.59 34.22 -33.51
CA ILE F 139 -13.21 34.21 -32.09
C ILE F 139 -12.56 32.89 -31.73
N ILE F 140 -11.26 32.92 -31.43
CA ILE F 140 -10.56 31.75 -30.91
C ILE F 140 -10.00 32.14 -29.56
N ILE F 141 -10.22 31.30 -28.55
CA ILE F 141 -9.83 31.64 -27.20
C ILE F 141 -8.76 30.66 -26.75
N ILE F 142 -7.90 31.10 -25.82
CA ILE F 142 -6.70 30.37 -25.44
C ILE F 142 -6.79 30.07 -23.95
N GLY F 143 -6.49 28.82 -23.59
CA GLY F 143 -6.28 28.47 -22.21
C GLY F 143 -4.83 28.10 -21.99
N ALA F 144 -4.35 28.16 -20.75
CA ALA F 144 -2.95 27.83 -20.48
C ALA F 144 -2.82 27.39 -19.04
N THR F 145 -2.20 26.21 -18.83
CA THR F 145 -1.81 25.80 -17.49
C THR F 145 -0.63 24.83 -17.60
N ASN F 146 0.15 24.79 -16.52
CA ASN F 146 1.26 23.87 -16.41
C ASN F 146 0.85 22.47 -15.98
N PHE F 147 -0.39 22.31 -15.53
CA PHE F 147 -0.91 21.05 -15.02
C PHE F 147 -2.00 20.53 -15.94
N PRO F 148 -1.68 19.67 -16.91
CA PRO F 148 -2.74 19.11 -17.76
C PRO F 148 -3.65 18.14 -17.02
N GLU F 149 -3.22 17.64 -15.87
CA GLU F 149 -4.00 16.72 -15.07
C GLU F 149 -5.07 17.43 -14.25
N ALA F 150 -4.79 18.63 -13.75
CA ALA F 150 -5.68 19.29 -12.79
C ALA F 150 -6.90 19.91 -13.43
N LEU F 151 -6.99 19.95 -14.76
CA LEU F 151 -8.10 20.61 -15.40
C LEU F 151 -9.36 19.78 -15.30
N ASP F 152 -10.50 20.46 -15.32
CA ASP F 152 -11.79 19.80 -15.24
C ASP F 152 -12.06 19.02 -16.52
N LYS F 153 -12.73 17.88 -16.37
CA LYS F 153 -12.92 16.99 -17.50
C LYS F 153 -13.95 17.50 -18.49
N ALA F 154 -14.86 18.38 -18.07
CA ALA F 154 -15.83 18.94 -18.99
C ALA F 154 -15.18 19.92 -19.96
N LEU F 155 -14.13 20.61 -19.53
CA LEU F 155 -13.39 21.53 -20.39
C LEU F 155 -12.58 20.83 -21.47
N THR F 156 -12.46 19.50 -21.43
CA THR F 156 -11.59 18.79 -22.35
C THR F 156 -12.35 18.05 -23.45
N ARG F 157 -13.67 18.20 -23.52
CA ARG F 157 -14.48 17.44 -24.46
C ARG F 157 -14.31 18.00 -25.88
N PRO F 158 -14.71 17.24 -26.90
CA PRO F 158 -14.86 17.85 -28.23
C PRO F 158 -16.02 18.84 -28.21
N GLY F 159 -15.79 19.99 -28.84
CA GLY F 159 -16.62 21.15 -28.61
C GLY F 159 -16.14 22.01 -27.46
N ARG F 160 -15.06 21.61 -26.80
CA ARG F 160 -14.45 22.34 -25.70
C ARG F 160 -12.98 22.42 -26.12
N PHE F 161 -12.10 22.66 -25.16
CA PHE F 161 -10.65 22.73 -25.42
C PHE F 161 -10.16 21.38 -25.93
N ASP F 162 -9.88 21.31 -27.23
CA ASP F 162 -9.55 20.05 -27.88
C ASP F 162 -8.33 20.12 -28.80
N LYS F 163 -7.72 21.28 -28.98
CA LYS F 163 -6.46 21.39 -29.69
C LYS F 163 -5.38 21.76 -28.69
N VAL F 164 -4.40 20.87 -28.52
CA VAL F 164 -3.46 20.94 -27.41
C VAL F 164 -2.06 21.25 -27.95
N VAL F 165 -1.40 22.21 -27.33
CA VAL F 165 -0.07 22.65 -27.71
C VAL F 165 0.85 22.48 -26.49
N ASN F 166 2.01 21.87 -26.72
CA ASN F 166 3.05 21.78 -25.70
C ASN F 166 4.06 22.89 -25.93
N VAL F 167 4.36 23.64 -24.87
CA VAL F 167 5.41 24.65 -24.87
C VAL F 167 6.51 24.16 -23.95
N ASP F 168 7.56 23.58 -24.53
CA ASP F 168 8.55 22.86 -23.75
C ASP F 168 9.81 23.68 -23.55
N LEU F 169 10.81 23.04 -22.96
CA LEU F 169 12.08 23.71 -22.68
C LEU F 169 12.83 23.95 -23.99
N PRO F 170 13.48 25.09 -24.14
CA PRO F 170 14.09 25.42 -25.44
C PRO F 170 15.34 24.63 -25.79
N ASP F 171 15.94 24.96 -26.92
CA ASP F 171 17.12 24.28 -27.43
C ASP F 171 18.32 25.16 -27.13
N VAL F 172 19.50 24.74 -27.62
CA VAL F 172 20.73 25.51 -27.45
C VAL F 172 20.62 26.84 -28.17
N ARG F 173 20.23 26.81 -29.45
CA ARG F 173 19.91 28.03 -30.16
C ARG F 173 18.65 28.68 -29.59
N GLY F 174 17.81 27.88 -28.93
CA GLY F 174 16.65 28.43 -28.25
C GLY F 174 17.01 29.10 -26.94
N ARG F 175 18.22 28.90 -26.45
CA ARG F 175 18.67 29.66 -25.29
C ARG F 175 19.62 30.78 -25.69
N ALA F 176 20.20 30.69 -26.89
CA ALA F 176 21.02 31.76 -27.43
C ALA F 176 20.22 33.04 -27.61
N ASP F 177 18.99 32.92 -28.09
CA ASP F 177 18.21 34.13 -28.34
C ASP F 177 17.54 34.65 -27.07
N ILE F 178 17.27 33.77 -26.10
CA ILE F 178 16.78 34.25 -24.82
C ILE F 178 17.85 35.04 -24.10
N LEU F 179 19.05 34.46 -24.02
CA LEU F 179 20.18 35.13 -23.40
C LEU F 179 20.55 36.41 -24.12
N LYS F 180 20.53 36.41 -25.46
CA LYS F 180 20.84 37.64 -26.20
C LYS F 180 19.76 38.68 -25.99
N HIS F 181 18.48 38.25 -25.99
CA HIS F 181 17.37 39.18 -25.81
C HIS F 181 17.39 39.83 -24.43
N HIS F 182 17.91 39.13 -23.42
CA HIS F 182 18.11 39.81 -22.15
C HIS F 182 19.44 40.54 -22.07
N MET F 183 20.40 40.22 -22.92
CA MET F 183 21.61 41.02 -23.01
C MET F 183 21.40 42.35 -23.71
N LYS F 184 20.27 42.53 -24.40
CA LYS F 184 19.98 43.78 -25.10
C LYS F 184 19.58 44.94 -24.18
N LYS F 185 19.82 44.85 -22.87
CA LYS F 185 19.43 45.90 -21.95
C LYS F 185 20.57 46.35 -21.05
N ILE F 186 21.59 45.53 -20.84
CA ILE F 186 22.70 45.85 -19.96
C ILE F 186 23.94 46.20 -20.80
N THR F 187 24.96 46.68 -20.11
CA THR F 187 26.20 47.14 -20.75
C THR F 187 27.19 45.97 -20.85
N LEU F 188 27.43 45.50 -22.07
CA LEU F 188 28.23 44.32 -22.32
C LEU F 188 29.68 44.69 -22.64
N ALA F 189 30.55 43.68 -22.57
CA ALA F 189 31.94 43.81 -23.01
C ALA F 189 32.05 43.34 -24.46
N ASP F 190 33.28 43.13 -24.93
CA ASP F 190 33.53 42.69 -26.29
C ASP F 190 33.65 41.18 -26.42
N ASN F 191 34.11 40.50 -25.38
CA ASN F 191 34.33 39.07 -25.42
C ASN F 191 33.10 38.27 -24.97
N VAL F 192 31.91 38.88 -25.03
CA VAL F 192 30.71 38.19 -24.58
C VAL F 192 30.26 37.21 -25.65
N ASP F 193 30.05 35.96 -25.25
CA ASP F 193 29.55 34.92 -26.15
C ASP F 193 28.35 34.27 -25.48
N PRO F 194 27.14 34.47 -26.01
CA PRO F 194 25.98 33.80 -25.42
C PRO F 194 25.94 32.31 -25.68
N THR F 195 26.68 31.82 -26.67
CA THR F 195 26.55 30.43 -27.09
C THR F 195 27.16 29.47 -26.08
N ILE F 196 28.28 29.85 -25.46
CA ILE F 196 29.01 28.92 -24.61
C ILE F 196 28.28 28.69 -23.29
N ILE F 197 27.55 29.69 -22.79
CA ILE F 197 26.77 29.46 -21.59
C ILE F 197 25.36 29.03 -21.95
N ALA F 198 24.94 29.31 -23.19
CA ALA F 198 23.66 28.82 -23.68
C ALA F 198 23.66 27.30 -23.78
N ARG F 199 24.74 26.71 -24.31
CA ARG F 199 24.89 25.27 -24.19
C ARG F 199 25.49 24.91 -22.85
N GLY F 200 25.98 25.90 -22.11
CA GLY F 200 26.47 25.69 -20.75
C GLY F 200 25.40 25.40 -19.73
N THR F 201 24.15 25.74 -20.00
CA THR F 201 23.04 25.44 -19.10
C THR F 201 22.13 24.40 -19.74
N PRO F 202 22.33 23.11 -19.46
CA PRO F 202 21.48 22.09 -20.09
C PRO F 202 20.13 21.95 -19.41
N GLY F 203 19.09 22.28 -20.17
CA GLY F 203 17.73 22.07 -19.72
C GLY F 203 17.26 22.95 -18.59
N LEU F 204 17.22 24.27 -18.82
CA LEU F 204 16.67 25.20 -17.85
C LEU F 204 15.82 26.25 -18.58
N SER F 205 14.96 26.92 -17.82
CA SER F 205 13.87 27.72 -18.39
C SER F 205 14.39 29.08 -18.86
N GLY F 206 13.46 30.00 -19.15
CA GLY F 206 13.82 31.32 -19.64
C GLY F 206 13.86 32.37 -18.55
N ALA F 207 12.93 32.28 -17.60
CA ALA F 207 12.91 33.21 -16.48
C ALA F 207 14.13 33.06 -15.59
N GLU F 208 14.66 31.84 -15.48
CA GLU F 208 15.90 31.66 -14.75
C GLU F 208 17.07 32.25 -15.51
N LEU F 209 16.99 32.34 -16.84
CA LEU F 209 18.02 33.05 -17.60
C LEU F 209 17.90 34.54 -17.38
N ALA F 210 16.70 35.05 -17.15
CA ALA F 210 16.58 36.43 -16.71
C ALA F 210 17.18 36.65 -15.32
N ASN F 211 17.06 35.65 -14.43
CA ASN F 211 17.77 35.75 -13.17
C ASN F 211 19.28 35.62 -13.35
N LEU F 212 19.71 34.92 -14.39
CA LEU F 212 21.13 34.76 -14.64
C LEU F 212 21.76 36.08 -15.09
N VAL F 213 21.15 36.71 -16.09
CA VAL F 213 21.63 37.99 -16.58
C VAL F 213 21.50 39.07 -15.52
N ASN F 214 20.41 39.03 -14.75
CA ASN F 214 20.18 40.05 -13.74
C ASN F 214 21.17 39.95 -12.59
N GLN F 215 21.37 38.74 -12.05
CA GLN F 215 22.32 38.58 -10.94
C GLN F 215 23.76 38.78 -11.40
N ALA F 216 24.07 38.45 -12.65
CA ALA F 216 25.43 38.70 -13.14
C ALA F 216 25.70 40.18 -13.32
N ALA F 217 24.71 40.93 -13.83
CA ALA F 217 24.88 42.37 -13.98
C ALA F 217 24.99 43.07 -12.64
N VAL F 218 24.22 42.62 -11.65
CA VAL F 218 24.30 43.29 -10.35
C VAL F 218 25.60 42.90 -9.65
N TYR F 219 26.14 41.72 -9.94
CA TYR F 219 27.47 41.38 -9.42
C TYR F 219 28.55 42.23 -10.07
N ALA F 220 28.39 42.57 -11.35
CA ALA F 220 29.40 43.43 -11.98
C ALA F 220 29.34 44.85 -11.45
N CYS F 221 28.15 45.40 -11.25
CA CYS F 221 28.12 46.76 -10.71
C CYS F 221 28.29 46.78 -9.19
N GLN F 222 28.47 45.63 -8.54
CA GLN F 222 28.98 45.66 -7.17
C GLN F 222 30.49 45.61 -7.12
N LYS F 223 31.16 45.51 -8.28
CA LYS F 223 32.60 45.58 -8.29
C LYS F 223 33.14 46.92 -8.76
N ASN F 224 32.25 47.86 -9.11
CA ASN F 224 32.58 49.13 -9.77
C ASN F 224 33.40 48.90 -11.03
N ALA F 225 33.02 47.87 -11.79
CA ALA F 225 33.69 47.58 -13.05
C ALA F 225 33.02 48.33 -14.19
N VAL F 226 33.49 48.09 -15.41
CA VAL F 226 33.00 48.83 -16.55
C VAL F 226 31.77 48.18 -17.15
N SER F 227 31.87 46.90 -17.47
CA SER F 227 30.79 46.18 -18.15
C SER F 227 30.78 44.75 -17.61
N VAL F 228 29.94 43.91 -18.21
CA VAL F 228 29.89 42.48 -17.91
C VAL F 228 30.76 41.75 -18.93
N ASP F 229 31.75 41.02 -18.46
CA ASP F 229 32.50 40.12 -19.32
C ASP F 229 32.04 38.69 -19.06
N MET F 230 32.76 37.72 -19.59
CA MET F 230 32.39 36.32 -19.37
C MET F 230 32.69 35.85 -17.96
N SER F 231 33.49 36.60 -17.19
CA SER F 231 33.72 36.24 -15.79
C SER F 231 32.46 36.42 -14.95
N HIS F 232 31.65 37.42 -15.26
CA HIS F 232 30.45 37.65 -14.46
C HIS F 232 29.36 36.65 -14.79
N PHE F 233 29.13 36.41 -16.08
CA PHE F 233 28.17 35.41 -16.53
C PHE F 233 28.59 34.02 -16.07
N GLU F 234 29.90 33.76 -16.07
CA GLU F 234 30.40 32.47 -15.59
C GLU F 234 30.23 32.35 -14.08
N TRP F 235 30.40 33.46 -13.36
CA TRP F 235 30.21 33.46 -11.91
C TRP F 235 28.77 33.18 -11.54
N ALA F 236 27.83 33.90 -12.15
CA ALA F 236 26.42 33.68 -11.80
C ALA F 236 25.91 32.35 -12.32
N LYS F 237 26.49 31.85 -13.42
CA LYS F 237 26.10 30.53 -13.91
C LYS F 237 26.55 29.45 -12.94
N ASP F 238 27.78 29.56 -12.46
CA ASP F 238 28.26 28.59 -11.46
C ASP F 238 27.64 28.81 -10.10
N LYS F 239 26.99 29.96 -9.86
CA LYS F 239 26.14 30.07 -8.67
C LYS F 239 24.83 29.32 -8.85
N ILE F 240 24.15 29.53 -9.98
CA ILE F 240 22.80 28.99 -10.13
C ILE F 240 22.83 27.48 -10.36
N LEU F 241 23.87 26.93 -10.99
CA LEU F 241 23.93 25.47 -11.12
C LEU F 241 24.26 24.80 -9.78
N MET F 242 25.44 25.07 -9.23
CA MET F 242 25.95 24.28 -8.10
C MET F 242 25.71 24.96 -6.76
N GLY F 243 26.27 26.15 -6.55
CA GLY F 243 26.07 26.82 -5.28
C GLY F 243 27.09 27.91 -5.06
N ALA F 244 26.88 28.63 -3.97
CA ALA F 244 27.63 29.84 -3.67
C ALA F 244 29.06 29.52 -3.24
N GLU F 245 29.96 30.45 -3.53
CA GLU F 245 31.37 30.24 -3.23
C GLU F 245 31.62 30.49 -1.75
N ARG F 246 32.23 29.52 -1.08
CA ARG F 246 32.61 29.68 0.31
C ARG F 246 34.07 30.09 0.41
N LYS F 247 34.31 31.34 0.81
CA LYS F 247 35.64 31.87 0.96
C LYS F 247 36.20 31.67 2.37
N THR F 248 35.55 30.86 3.18
CA THR F 248 35.87 30.76 4.60
C THR F 248 36.49 29.43 4.99
N MET F 249 36.68 28.52 4.04
CA MET F 249 37.25 27.22 4.37
C MET F 249 38.76 27.32 4.59
N VAL F 250 39.23 26.75 5.70
CA VAL F 250 40.64 26.58 5.96
C VAL F 250 41.00 25.15 5.61
N LEU F 251 41.92 24.98 4.67
CA LEU F 251 42.21 23.69 4.07
C LEU F 251 43.54 23.17 4.58
N THR F 252 43.71 21.85 4.47
CA THR F 252 44.96 21.22 4.86
C THR F 252 45.86 21.21 3.62
N ASP F 253 46.95 20.45 3.62
CA ASP F 253 47.77 20.31 2.43
C ASP F 253 47.64 18.93 1.79
N ALA F 254 47.40 17.89 2.58
CA ALA F 254 47.07 16.59 2.00
C ALA F 254 45.69 16.62 1.36
N ALA F 255 44.80 17.49 1.83
CA ALA F 255 43.49 17.61 1.22
C ALA F 255 43.57 18.26 -0.16
N ARG F 256 44.32 19.37 -0.27
CA ARG F 256 44.53 19.99 -1.58
C ARG F 256 45.34 19.09 -2.50
N LYS F 257 46.24 18.28 -1.94
CA LYS F 257 47.01 17.36 -2.76
C LYS F 257 46.11 16.27 -3.35
N ALA F 258 45.29 15.64 -2.51
CA ALA F 258 44.45 14.54 -2.97
C ALA F 258 43.34 15.03 -3.87
N THR F 259 42.76 16.19 -3.56
CA THR F 259 41.72 16.76 -4.40
C THR F 259 42.27 17.19 -5.76
N ALA F 260 43.50 17.72 -5.77
CA ALA F 260 44.14 18.02 -7.04
C ALA F 260 44.43 16.76 -7.84
N PHE F 261 44.73 15.65 -7.17
CA PHE F 261 44.88 14.40 -7.92
C PHE F 261 43.55 13.87 -8.46
N HIS F 262 42.45 14.12 -7.74
CA HIS F 262 41.14 13.69 -8.22
C HIS F 262 40.75 14.44 -9.48
N GLU F 263 40.77 15.77 -9.42
CA GLU F 263 40.39 16.57 -10.58
C GLU F 263 41.40 16.46 -11.71
N ALA F 264 42.68 16.23 -11.39
CA ALA F 264 43.65 15.99 -12.44
C ALA F 264 43.41 14.65 -13.12
N GLY F 265 42.92 13.66 -12.38
CA GLY F 265 42.59 12.38 -13.01
C GLY F 265 41.41 12.49 -13.95
N HIS F 266 40.33 13.12 -13.49
CA HIS F 266 39.17 13.37 -14.38
C HIS F 266 39.55 14.22 -15.59
N ALA F 267 40.44 15.20 -15.40
CA ALA F 267 40.78 16.08 -16.51
C ALA F 267 41.64 15.38 -17.54
N ILE F 268 42.59 14.56 -17.10
CA ILE F 268 43.45 13.87 -18.07
C ILE F 268 42.66 12.80 -18.83
N MET F 269 42.02 11.86 -18.13
CA MET F 269 41.45 10.81 -18.95
C MET F 269 40.07 11.20 -19.45
N ALA F 270 39.60 12.39 -19.08
CA ALA F 270 38.57 13.05 -19.88
C ALA F 270 39.15 13.69 -21.12
N LYS F 271 40.43 14.04 -21.11
CA LYS F 271 41.05 14.73 -22.23
C LYS F 271 41.56 13.78 -23.31
N TYR F 272 42.16 12.66 -22.93
CA TYR F 272 42.88 11.85 -23.90
C TYR F 272 42.11 10.63 -24.41
N THR F 273 40.83 10.52 -24.14
CA THR F 273 40.14 9.25 -24.41
C THR F 273 39.46 9.30 -25.78
N ASN F 274 39.52 8.17 -26.49
CA ASN F 274 39.01 8.07 -27.87
C ASN F 274 37.50 8.24 -27.89
N GLY F 275 37.06 9.42 -28.32
CA GLY F 275 35.69 9.83 -28.10
C GLY F 275 35.57 10.38 -26.69
N ALA F 276 34.86 11.51 -26.57
CA ALA F 276 34.56 12.18 -25.31
C ALA F 276 33.63 13.35 -25.55
N THR F 277 33.17 13.96 -24.48
CA THR F 277 32.78 15.35 -24.51
C THR F 277 33.95 16.16 -24.03
N PRO F 278 34.53 17.02 -24.88
CA PRO F 278 35.83 17.64 -24.55
C PRO F 278 35.72 18.62 -23.40
N LEU F 279 36.75 18.65 -22.58
CA LEU F 279 36.68 19.33 -21.29
C LEU F 279 36.80 20.83 -21.47
N TYR F 280 36.07 21.57 -20.65
CA TYR F 280 36.05 23.02 -20.77
C TYR F 280 36.91 23.68 -19.71
N LYS F 281 36.61 23.46 -18.44
CA LYS F 281 37.40 24.04 -17.38
C LYS F 281 37.37 23.10 -16.18
N ALA F 282 38.17 23.43 -15.17
CA ALA F 282 38.31 22.60 -14.00
C ALA F 282 38.73 23.47 -12.82
N THR F 283 38.42 23.02 -11.62
CA THR F 283 38.70 23.80 -10.42
C THR F 283 38.85 22.85 -9.25
N ILE F 284 39.28 23.40 -8.10
CA ILE F 284 39.22 22.67 -6.84
C ILE F 284 38.57 23.56 -5.79
N LEU F 285 37.82 24.57 -6.22
CA LEU F 285 37.03 25.35 -5.29
C LEU F 285 35.92 24.51 -4.66
N PRO F 286 35.63 24.72 -3.38
CA PRO F 286 34.41 24.16 -2.81
C PRO F 286 33.20 24.88 -3.35
N ARG F 287 32.77 24.47 -4.54
CA ARG F 287 31.76 25.17 -5.33
C ARG F 287 30.40 24.87 -4.71
N GLY F 288 30.10 25.55 -3.60
CA GLY F 288 28.87 25.28 -2.88
C GLY F 288 28.86 23.96 -2.14
N ARG F 289 29.99 23.60 -1.52
CA ARG F 289 30.30 22.39 -0.74
C ARG F 289 30.41 21.14 -1.61
N ALA F 290 30.06 21.23 -2.89
CA ALA F 290 30.45 20.25 -3.88
C ALA F 290 31.76 20.69 -4.51
N LEU F 291 32.25 19.90 -5.46
CA LEU F 291 33.51 20.22 -6.12
C LEU F 291 33.54 19.49 -7.45
N GLY F 292 34.16 20.09 -8.46
CA GLY F 292 34.32 19.31 -9.68
C GLY F 292 34.63 19.98 -11.01
N ILE F 293 35.29 19.20 -11.87
CA ILE F 293 35.42 19.49 -13.29
C ILE F 293 34.05 19.62 -13.95
N THR F 294 33.94 20.54 -14.91
CA THR F 294 32.76 20.61 -15.77
C THR F 294 33.18 20.49 -17.24
N PHE F 295 32.32 19.85 -18.02
CA PHE F 295 32.49 19.66 -19.45
C PHE F 295 31.78 20.76 -20.21
N GLN F 296 31.74 20.61 -21.54
CA GLN F 296 30.93 21.47 -22.38
C GLN F 296 30.41 20.64 -23.55
N LEU F 297 29.11 20.37 -23.53
CA LEU F 297 28.51 19.44 -24.48
C LEU F 297 28.35 20.10 -25.84
N PRO F 298 28.62 19.40 -26.93
CA PRO F 298 28.28 19.94 -28.26
C PRO F 298 26.81 19.71 -28.58
N GLU F 299 26.40 20.04 -29.80
CA GLU F 299 25.00 19.89 -30.20
C GLU F 299 24.69 18.50 -30.75
N MET F 300 25.43 17.47 -30.35
CA MET F 300 25.10 16.10 -30.68
C MET F 300 24.07 15.57 -29.70
N ASP F 301 22.86 15.28 -30.21
CA ASP F 301 21.77 14.78 -29.39
C ASP F 301 22.12 13.41 -28.81
N LYS F 302 21.49 13.09 -27.67
CA LYS F 302 21.68 11.78 -27.05
C LYS F 302 21.08 10.64 -27.85
N VAL F 303 20.25 10.94 -28.86
CA VAL F 303 19.89 9.92 -29.84
C VAL F 303 21.12 9.49 -30.61
N ASP F 304 22.07 10.40 -30.79
CA ASP F 304 23.35 10.08 -31.39
C ASP F 304 24.41 9.75 -30.32
N ILE F 305 24.00 9.31 -29.14
CA ILE F 305 24.99 8.75 -28.23
C ILE F 305 25.31 7.34 -28.74
N THR F 306 26.51 6.87 -28.50
CA THR F 306 27.01 5.74 -29.24
C THR F 306 27.61 4.76 -28.25
N LYS F 307 28.14 3.63 -28.71
CA LYS F 307 28.86 2.76 -27.79
C LYS F 307 30.21 3.36 -27.42
N ARG F 308 30.81 4.13 -28.33
CA ARG F 308 32.10 4.75 -28.02
C ARG F 308 31.93 5.93 -27.07
N GLU F 309 30.86 6.71 -27.21
CA GLU F 309 30.61 7.76 -26.25
C GLU F 309 30.11 7.23 -24.92
N CYS F 310 29.51 6.04 -24.91
CA CYS F 310 29.10 5.47 -23.62
C CYS F 310 30.29 4.88 -22.88
N GLN F 311 31.21 4.23 -23.58
CA GLN F 311 32.41 3.75 -22.90
C GLN F 311 33.32 4.90 -22.50
N ALA F 312 33.29 6.00 -23.25
CA ALA F 312 34.06 7.18 -22.87
C ALA F 312 33.47 7.85 -21.64
N ARG F 313 32.14 8.05 -21.64
CA ARG F 313 31.40 8.55 -20.49
C ARG F 313 31.56 7.65 -19.28
N LEU F 314 31.81 6.38 -19.49
CA LEU F 314 32.09 5.42 -18.45
C LEU F 314 33.54 5.47 -17.97
N ASP F 315 34.47 5.95 -18.80
CA ASP F 315 35.87 6.04 -18.40
C ASP F 315 36.27 7.39 -17.83
N VAL F 316 35.45 8.43 -18.01
CA VAL F 316 35.70 9.66 -17.26
C VAL F 316 35.54 9.43 -15.76
N CYS F 317 34.63 8.54 -15.36
CA CYS F 317 34.30 8.40 -13.95
C CYS F 317 35.28 7.55 -13.16
N MET F 318 36.21 6.85 -13.80
CA MET F 318 37.20 6.07 -13.07
C MET F 318 38.51 6.81 -12.88
N GLY F 319 38.60 8.05 -13.35
CA GLY F 319 39.83 8.79 -13.24
C GLY F 319 40.18 9.17 -11.82
N GLY F 320 39.17 9.41 -11.00
CA GLY F 320 39.43 9.81 -9.63
C GLY F 320 39.89 8.67 -8.76
N LYS F 321 39.13 7.58 -8.81
CA LYS F 321 39.46 6.38 -8.05
C LYS F 321 40.79 5.79 -8.50
N ILE F 322 41.04 5.79 -9.81
CA ILE F 322 42.29 5.27 -10.32
C ILE F 322 43.47 6.19 -10.04
N ALA F 323 43.28 7.51 -10.09
CA ALA F 323 44.35 8.43 -9.74
C ALA F 323 44.76 8.28 -8.28
N GLU F 324 43.78 8.27 -7.39
CA GLU F 324 44.07 8.06 -5.98
C GLU F 324 44.60 6.67 -5.67
N GLU F 325 44.32 5.67 -6.51
CA GLU F 325 45.00 4.40 -6.34
C GLU F 325 46.47 4.51 -6.73
N LEU F 326 46.74 5.06 -7.90
CA LEU F 326 48.09 5.01 -8.45
C LEU F 326 49.06 5.93 -7.74
N ILE F 327 48.58 6.92 -7.00
CA ILE F 327 49.53 7.74 -6.25
C ILE F 327 49.73 7.21 -4.83
N TYR F 328 48.65 6.75 -4.19
CA TYR F 328 48.66 6.52 -2.75
C TYR F 328 48.60 5.06 -2.36
N GLY F 329 48.51 4.13 -3.30
CA GLY F 329 48.26 2.75 -2.97
C GLY F 329 46.77 2.49 -2.76
N LYS F 330 46.42 1.20 -2.72
CA LYS F 330 45.00 0.84 -2.65
C LYS F 330 44.41 1.11 -1.28
N ASP F 331 45.23 1.06 -0.23
CA ASP F 331 44.74 1.25 1.12
C ASP F 331 44.61 2.71 1.52
N ASN F 332 44.48 3.63 0.57
CA ASN F 332 44.27 5.02 0.91
C ASN F 332 43.22 5.67 0.02
N THR F 333 42.40 4.88 -0.66
CA THR F 333 41.34 5.44 -1.49
C THR F 333 40.21 5.98 -0.62
N THR F 334 39.73 7.16 -0.96
CA THR F 334 38.76 7.85 -0.12
C THR F 334 37.36 7.31 -0.37
N SER F 335 36.37 8.04 0.10
CA SER F 335 34.97 7.62 -0.01
C SER F 335 34.20 8.42 -1.05
N GLY F 336 34.55 9.69 -1.25
CA GLY F 336 33.80 10.53 -2.17
C GLY F 336 33.87 10.07 -3.61
N CYS F 337 34.93 9.35 -3.97
CA CYS F 337 35.04 8.73 -5.29
C CYS F 337 33.89 7.78 -5.58
N GLY F 338 33.35 7.15 -4.53
CA GLY F 338 32.20 6.28 -4.69
C GLY F 338 30.97 6.99 -5.24
N SER F 339 30.85 8.29 -4.97
CA SER F 339 29.77 9.08 -5.57
C SER F 339 29.85 9.05 -7.09
N ASP F 340 31.07 9.20 -7.63
CA ASP F 340 31.27 9.13 -9.08
C ASP F 340 30.83 7.78 -9.63
N LEU F 341 30.98 6.73 -8.82
CA LEU F 341 30.61 5.38 -9.22
C LEU F 341 29.16 5.26 -9.62
N GLN F 342 28.26 6.00 -8.97
CA GLN F 342 26.84 5.78 -9.27
C GLN F 342 26.52 6.28 -10.67
N SER F 343 27.20 7.35 -11.11
CA SER F 343 27.00 7.84 -12.47
C SER F 343 27.44 6.79 -13.47
N ALA F 344 28.58 6.15 -13.20
CA ALA F 344 29.09 5.11 -14.07
C ALA F 344 28.11 3.95 -14.14
N THR F 345 27.53 3.58 -13.00
CA THR F 345 26.65 2.43 -12.94
C THR F 345 25.40 2.68 -13.76
N GLY F 346 24.90 3.94 -13.73
CA GLY F 346 23.72 4.28 -14.50
C GLY F 346 23.95 4.05 -15.97
N THR F 347 25.08 4.55 -16.46
CA THR F 347 25.41 4.42 -17.87
C THR F 347 25.60 2.97 -18.24
N ALA F 348 26.17 2.19 -17.31
CA ALA F 348 26.47 0.80 -17.61
C ALA F 348 25.20 0.00 -17.80
N ARG F 349 24.15 0.33 -17.04
CA ARG F 349 22.93 -0.46 -17.19
C ARG F 349 22.23 -0.11 -18.49
N ALA F 350 22.36 1.14 -18.93
CA ALA F 350 21.78 1.48 -20.21
C ALA F 350 22.53 0.84 -21.35
N MET F 351 23.77 0.43 -21.14
CA MET F 351 24.45 -0.26 -22.21
C MET F 351 24.06 -1.71 -22.31
N VAL F 352 23.32 -2.26 -21.34
CA VAL F 352 22.97 -3.67 -21.35
C VAL F 352 21.46 -3.88 -21.42
N THR F 353 20.69 -3.12 -20.65
CA THR F 353 19.25 -3.30 -20.67
C THR F 353 18.60 -2.60 -21.86
N GLN F 354 18.69 -1.27 -21.92
CA GLN F 354 17.88 -0.55 -22.88
C GLN F 354 18.47 -0.58 -24.28
N TYR F 355 19.65 0.00 -24.47
CA TYR F 355 20.13 0.23 -25.82
C TYR F 355 20.64 -1.03 -26.50
N GLY F 356 20.77 -2.13 -25.77
CA GLY F 356 21.11 -3.40 -26.38
C GLY F 356 22.53 -3.49 -26.87
N MET F 357 23.43 -2.68 -26.34
CA MET F 357 24.82 -2.63 -26.81
C MET F 357 25.69 -3.64 -26.09
N SER F 358 25.25 -4.90 -26.00
CA SER F 358 26.02 -5.91 -25.30
C SER F 358 25.57 -7.29 -25.73
N ASP F 359 26.53 -8.17 -25.97
CA ASP F 359 26.26 -9.56 -26.26
C ASP F 359 26.08 -10.34 -24.96
N ASP F 360 25.77 -11.64 -25.11
CA ASP F 360 25.44 -12.65 -24.11
C ASP F 360 24.06 -12.44 -23.49
N VAL F 361 23.46 -11.28 -23.74
CA VAL F 361 22.04 -11.04 -23.63
C VAL F 361 21.65 -10.41 -24.96
N GLY F 362 20.59 -10.92 -25.58
CA GLY F 362 20.29 -10.56 -26.94
C GLY F 362 19.84 -9.13 -27.14
N PRO F 363 19.43 -8.79 -28.33
CA PRO F 363 18.94 -7.43 -28.58
C PRO F 363 17.57 -7.17 -27.99
N VAL F 364 17.49 -7.12 -26.66
CA VAL F 364 16.22 -7.16 -25.96
C VAL F 364 16.14 -5.99 -24.98
N ASN F 365 14.96 -5.41 -24.84
CA ASN F 365 14.72 -4.32 -23.90
C ASN F 365 14.32 -4.94 -22.57
N LEU F 366 15.24 -4.95 -21.62
CA LEU F 366 14.98 -5.46 -20.29
C LEU F 366 14.51 -4.39 -19.33
N SER F 367 14.17 -3.20 -19.80
CA SER F 367 13.96 -2.09 -18.88
C SER F 367 12.52 -1.97 -18.43
N GLU F 368 11.58 -1.93 -19.37
CA GLU F 368 10.22 -1.55 -19.02
C GLU F 368 9.44 -2.66 -18.32
N GLU F 369 9.97 -3.88 -18.30
CA GLU F 369 9.30 -4.99 -17.64
C GLU F 369 10.28 -5.77 -16.77
N TRP F 370 11.17 -5.04 -16.09
CA TRP F 370 12.31 -5.63 -15.40
C TRP F 370 11.89 -6.52 -14.24
N GLU F 371 10.76 -6.22 -13.60
CA GLU F 371 10.33 -7.04 -12.48
C GLU F 371 9.75 -8.37 -12.94
N SER F 372 9.40 -8.49 -14.23
CA SER F 372 8.68 -9.64 -14.73
C SER F 372 9.56 -10.62 -15.49
N TRP F 373 10.86 -10.41 -15.53
CA TRP F 373 11.74 -11.41 -16.11
C TRP F 373 12.13 -12.41 -15.03
N SER F 374 12.89 -13.41 -15.43
CA SER F 374 13.26 -14.46 -14.51
C SER F 374 14.63 -14.14 -13.91
N ASN F 375 15.27 -15.12 -13.29
CA ASN F 375 16.56 -14.87 -12.68
C ASN F 375 17.72 -15.25 -13.58
N LYS F 376 17.55 -16.23 -14.46
CA LYS F 376 18.64 -16.63 -15.34
C LYS F 376 18.96 -15.60 -16.40
N ILE F 377 18.12 -14.60 -16.61
CA ILE F 377 18.45 -13.50 -17.50
C ILE F 377 19.04 -12.33 -16.72
N ARG F 378 18.53 -12.07 -15.52
CA ARG F 378 19.07 -10.98 -14.72
C ARG F 378 20.48 -11.28 -14.21
N ASP F 379 20.82 -12.55 -14.05
CA ASP F 379 22.21 -12.90 -13.71
C ASP F 379 23.15 -12.55 -14.85
N ILE F 380 22.74 -12.78 -16.09
CA ILE F 380 23.59 -12.49 -17.22
C ILE F 380 23.64 -10.99 -17.47
N ALA F 381 22.53 -10.29 -17.27
CA ALA F 381 22.51 -8.84 -17.41
C ALA F 381 23.40 -8.17 -16.39
N ASP F 382 23.28 -8.56 -15.12
CA ASP F 382 24.10 -7.94 -14.09
C ASP F 382 25.56 -8.35 -14.20
N ASN F 383 25.82 -9.55 -14.70
CA ASN F 383 27.20 -9.96 -14.89
C ASN F 383 27.86 -9.18 -16.02
N GLU F 384 27.09 -8.83 -17.06
CA GLU F 384 27.66 -7.98 -18.09
C GLU F 384 27.86 -6.55 -17.61
N VAL F 385 26.99 -6.05 -16.72
CA VAL F 385 27.19 -4.69 -16.20
C VAL F 385 28.45 -4.63 -15.34
N ILE F 386 28.66 -5.63 -14.48
CA ILE F 386 29.83 -5.63 -13.62
C ILE F 386 31.11 -5.82 -14.42
N GLU F 387 31.07 -6.69 -15.45
CA GLU F 387 32.24 -6.86 -16.31
C GLU F 387 32.57 -5.59 -17.07
N LEU F 388 31.54 -4.83 -17.44
CA LEU F 388 31.73 -3.57 -18.14
C LEU F 388 32.40 -2.52 -17.25
N LEU F 389 32.00 -2.46 -15.97
CA LEU F 389 32.72 -1.56 -15.07
C LEU F 389 34.13 -2.03 -14.76
N LYS F 390 34.36 -3.35 -14.77
CA LYS F 390 35.72 -3.85 -14.49
C LYS F 390 36.70 -3.51 -15.61
N ASP F 391 36.33 -3.77 -16.88
CA ASP F 391 37.33 -3.45 -17.91
C ASP F 391 37.39 -1.95 -18.18
N SER F 392 36.32 -1.20 -17.85
CA SER F 392 36.46 0.25 -17.80
C SER F 392 37.52 0.68 -16.80
N GLU F 393 37.55 0.02 -15.63
CA GLU F 393 38.58 0.31 -14.64
C GLU F 393 39.96 -0.03 -15.15
N GLU F 394 40.09 -1.16 -15.85
CA GLU F 394 41.41 -1.59 -16.33
C GLU F 394 41.96 -0.65 -17.39
N ARG F 395 41.10 -0.18 -18.31
CA ARG F 395 41.53 0.82 -19.27
C ARG F 395 41.93 2.12 -18.59
N ALA F 396 41.22 2.49 -17.51
CA ALA F 396 41.59 3.69 -16.78
C ALA F 396 42.94 3.57 -16.09
N ARG F 397 43.28 2.41 -15.53
CA ARG F 397 44.56 2.32 -14.83
C ARG F 397 45.71 2.20 -15.81
N ARG F 398 45.47 1.70 -17.03
CA ARG F 398 46.59 1.69 -17.94
C ARG F 398 46.79 3.06 -18.60
N LEU F 399 45.72 3.80 -18.87
CA LEU F 399 45.94 5.09 -19.50
C LEU F 399 46.38 6.14 -18.48
N LEU F 400 46.13 5.91 -17.19
CA LEU F 400 46.80 6.78 -16.23
C LEU F 400 48.13 6.24 -15.74
N THR F 401 48.46 4.98 -16.04
CA THR F 401 49.84 4.57 -15.85
C THR F 401 50.72 5.22 -16.92
N LYS F 402 50.23 5.30 -18.15
CA LYS F 402 51.04 5.72 -19.28
C LYS F 402 51.20 7.24 -19.36
N LYS F 403 50.45 8.01 -18.58
CA LYS F 403 50.48 9.47 -18.65
C LYS F 403 50.75 10.09 -17.30
N ASN F 404 51.77 9.63 -16.58
CA ASN F 404 51.97 10.08 -15.21
C ASN F 404 52.52 11.50 -15.16
N VAL F 405 53.27 11.90 -16.19
CA VAL F 405 53.97 13.18 -16.16
C VAL F 405 52.98 14.34 -16.23
N GLU F 406 52.01 14.23 -17.13
CA GLU F 406 50.91 15.19 -17.20
C GLU F 406 50.07 15.19 -15.94
N LEU F 407 50.04 14.07 -15.21
CA LEU F 407 49.28 14.02 -13.96
C LEU F 407 49.96 14.85 -12.88
N HIS F 408 51.28 14.77 -12.80
CA HIS F 408 51.94 15.59 -11.78
C HIS F 408 52.01 17.05 -12.18
N ARG F 409 52.19 17.33 -13.49
CA ARG F 409 52.20 18.72 -13.94
C ARG F 409 50.84 19.38 -13.75
N LEU F 410 49.77 18.70 -14.18
CA LEU F 410 48.42 19.24 -14.03
C LEU F 410 48.00 19.32 -12.57
N ALA F 411 48.50 18.40 -11.74
CA ALA F 411 48.23 18.47 -10.31
C ALA F 411 48.85 19.70 -9.68
N GLN F 412 50.11 19.98 -10.00
CA GLN F 412 50.75 21.19 -9.48
C GLN F 412 50.12 22.44 -10.05
N GLY F 413 49.59 22.35 -11.27
CA GLY F 413 48.85 23.47 -11.84
C GLY F 413 47.58 23.79 -11.07
N LEU F 414 46.80 22.76 -10.72
CA LEU F 414 45.59 23.03 -9.96
C LEU F 414 45.89 23.42 -8.51
N ILE F 415 47.03 23.01 -7.97
CA ILE F 415 47.38 23.49 -6.64
C ILE F 415 47.77 24.96 -6.68
N GLU F 416 48.59 25.34 -7.66
CA GLU F 416 49.14 26.69 -7.69
C GLU F 416 48.15 27.73 -8.23
N TYR F 417 47.24 27.37 -9.13
CA TYR F 417 46.39 28.36 -9.77
C TYR F 417 44.91 28.27 -9.41
N GLU F 418 44.46 27.12 -8.88
CA GLU F 418 43.09 26.81 -8.41
C GLU F 418 41.99 27.17 -9.41
N THR F 419 42.30 27.21 -10.70
CA THR F 419 41.34 27.21 -11.80
C THR F 419 41.99 26.29 -12.84
N LEU F 420 41.51 26.34 -14.08
CA LEU F 420 42.23 26.18 -15.37
C LEU F 420 41.22 26.17 -16.52
N ASP F 421 41.68 26.45 -17.73
CA ASP F 421 40.89 26.32 -18.95
C ASP F 421 41.46 25.18 -19.77
N ALA F 422 40.80 24.85 -20.90
CA ALA F 422 41.16 23.69 -21.70
C ALA F 422 42.56 23.82 -22.30
N HIS F 423 42.80 24.88 -23.05
CA HIS F 423 44.14 25.10 -23.58
C HIS F 423 45.12 25.52 -22.49
N GLU F 424 44.62 26.04 -21.37
CA GLU F 424 45.50 26.25 -20.22
C GLU F 424 45.94 24.92 -19.63
N ILE F 425 45.04 23.93 -19.58
CA ILE F 425 45.43 22.57 -19.20
C ILE F 425 46.44 22.01 -20.20
N GLU F 426 46.25 22.34 -21.48
CA GLU F 426 47.24 21.96 -22.50
C GLU F 426 48.59 22.63 -22.25
N GLN F 427 48.60 23.87 -21.78
CA GLN F 427 49.88 24.52 -21.50
C GLN F 427 50.52 24.02 -20.21
N VAL F 428 49.71 23.61 -19.23
CA VAL F 428 50.28 23.03 -18.02
C VAL F 428 50.87 21.65 -18.32
N CYS F 429 50.22 20.87 -19.18
CA CYS F 429 50.73 19.54 -19.49
C CYS F 429 51.94 19.57 -20.43
N LYS F 430 52.32 20.73 -20.95
CA LYS F 430 53.50 20.84 -21.79
C LYS F 430 54.67 21.53 -21.10
N GLY F 431 54.56 21.82 -19.80
CA GLY F 431 55.63 22.47 -19.08
C GLY F 431 55.83 23.92 -19.46
N GLU F 432 54.76 24.64 -19.76
CA GLU F 432 54.84 26.03 -20.17
C GLU F 432 54.23 26.94 -19.12
N LYS F 433 54.82 28.12 -18.97
CA LYS F 433 54.31 29.07 -17.98
C LYS F 433 53.10 29.81 -18.58
N LEU F 434 52.20 30.23 -17.71
CA LEU F 434 50.86 30.63 -18.12
C LEU F 434 50.70 32.11 -18.39
N ALA F 435 51.57 32.95 -17.83
CA ALA F 435 51.42 34.41 -17.75
C ALA F 435 50.07 34.77 -17.12
N LYS F 436 49.90 34.28 -15.90
CA LYS F 436 48.69 34.48 -15.13
C LYS F 436 49.08 34.52 -13.65
N LEU F 437 48.40 35.35 -12.87
CA LEU F 437 48.79 35.55 -11.48
C LEU F 437 48.46 34.32 -10.64
N LYS F 438 49.46 33.82 -9.94
CA LYS F 438 49.35 32.62 -9.13
C LYS F 438 48.57 32.93 -7.86
N THR F 439 47.82 31.94 -7.37
CA THR F 439 47.05 32.11 -6.15
C THR F 439 47.38 31.05 -5.10
N UNK G 1 -10.67 8.64 1.63
CA UNK G 1 -10.22 9.28 2.86
C UNK G 1 -11.18 10.38 3.29
N UNK G 2 -11.81 10.18 4.46
CA UNK G 2 -12.76 11.14 5.01
C UNK G 2 -12.01 12.27 5.69
N UNK G 3 -12.59 13.47 5.65
CA UNK G 3 -11.96 14.67 6.17
C UNK G 3 -12.90 15.36 7.15
N UNK G 4 -12.42 15.61 8.36
CA UNK G 4 -13.13 16.50 9.27
C UNK G 4 -12.94 17.94 8.78
N UNK G 5 -14.03 18.70 8.75
CA UNK G 5 -14.05 19.92 7.96
C UNK G 5 -13.31 21.07 8.64
N UNK G 6 -13.76 21.48 9.83
CA UNK G 6 -13.31 22.72 10.45
C UNK G 6 -13.71 23.93 9.61
N UNK G 7 -15.01 24.15 9.48
CA UNK G 7 -15.52 25.20 8.61
C UNK G 7 -15.47 26.57 9.29
N UNK G 8 -14.97 27.56 8.56
CA UNK G 8 -14.92 28.93 9.03
C UNK G 8 -16.31 29.56 8.92
N UNK G 9 -16.69 30.30 9.95
CA UNK G 9 -18.01 30.91 10.04
C UNK G 9 -18.04 32.21 9.26
N UNK G 10 -18.73 32.21 8.12
CA UNK G 10 -18.90 33.41 7.31
C UNK G 10 -19.87 34.39 7.97
N LYS A 1 23.27 42.52 16.96
CA LYS A 1 24.04 43.07 15.84
C LYS A 1 24.57 41.97 14.94
N PHE A 2 24.97 42.34 13.72
CA PHE A 2 25.48 41.37 12.77
C PHE A 2 26.71 40.63 13.28
N ASP A 3 27.42 41.17 14.26
CA ASP A 3 28.51 40.44 14.89
C ASP A 3 28.01 39.38 15.85
N ASP A 4 26.74 39.40 16.21
CA ASP A 4 26.18 38.33 17.04
C ASP A 4 26.04 37.05 16.25
N VAL A 5 25.55 37.14 15.01
CA VAL A 5 25.46 35.96 14.17
C VAL A 5 26.86 35.52 13.77
N CYS A 6 27.33 34.43 14.36
CA CYS A 6 28.68 33.94 14.12
C CYS A 6 28.61 32.52 13.60
N GLY A 7 29.36 32.24 12.54
CA GLY A 7 29.35 30.95 11.92
C GLY A 7 28.59 30.86 10.62
N CYS A 8 27.86 31.91 10.25
CA CYS A 8 27.22 32.04 8.95
C CYS A 8 27.71 33.34 8.32
N ASP A 9 28.86 33.26 7.65
CA ASP A 9 29.47 34.47 7.12
C ASP A 9 28.78 34.92 5.83
N GLU A 10 28.45 33.97 4.96
CA GLU A 10 27.85 34.32 3.68
C GLU A 10 26.50 34.99 3.85
N ALA A 11 25.63 34.40 4.68
CA ALA A 11 24.33 35.00 4.95
C ALA A 11 24.47 36.41 5.51
N ARG A 12 25.43 36.61 6.42
CA ARG A 12 25.73 37.96 6.88
C ARG A 12 26.08 38.89 5.71
N ALA A 13 26.90 38.40 4.78
CA ALA A 13 27.23 39.16 3.59
C ALA A 13 25.99 39.55 2.82
N GLU A 14 25.08 38.61 2.61
CA GLU A 14 23.92 38.87 1.75
C GLU A 14 22.96 39.85 2.41
N LEU A 15 22.69 39.68 3.70
CA LEU A 15 21.77 40.62 4.33
C LEU A 15 22.39 41.99 4.50
N GLU A 16 23.71 42.08 4.66
CA GLU A 16 24.32 43.39 4.63
C GLU A 16 24.22 44.02 3.25
N GLU A 17 24.29 43.21 2.20
CA GLU A 17 24.03 43.73 0.86
C GLU A 17 22.56 44.07 0.64
N ILE A 18 21.67 43.55 1.47
CA ILE A 18 20.26 43.92 1.38
C ILE A 18 20.04 45.28 2.02
N VAL A 19 20.59 45.48 3.22
CA VAL A 19 20.54 46.82 3.81
C VAL A 19 21.26 47.81 2.91
N ASP A 20 22.34 47.38 2.24
CA ASP A 20 22.97 48.24 1.26
C ASP A 20 22.07 48.52 0.06
N PHE A 21 21.27 47.52 -0.37
CA PHE A 21 20.22 47.77 -1.35
C PHE A 21 19.34 48.93 -0.92
N LEU A 22 18.73 48.83 0.26
CA LEU A 22 17.79 49.85 0.68
C LEU A 22 18.45 51.20 0.94
N LYS A 23 19.72 51.23 1.32
CA LYS A 23 20.34 52.49 1.70
C LYS A 23 20.82 53.28 0.48
N ASP A 24 21.63 52.65 -0.37
CA ASP A 24 22.17 53.29 -1.58
C ASP A 24 21.61 52.57 -2.79
N PRO A 25 20.33 52.77 -3.10
CA PRO A 25 19.64 51.93 -4.10
C PRO A 25 20.24 52.03 -5.50
N THR A 26 20.30 53.23 -6.07
CA THR A 26 20.65 53.38 -7.48
C THR A 26 22.10 53.01 -7.75
N LYS A 27 22.93 52.95 -6.71
CA LYS A 27 24.36 52.71 -6.90
C LYS A 27 24.63 51.36 -7.55
N TYR A 28 23.67 50.43 -7.48
CA TYR A 28 23.82 49.11 -8.05
C TYR A 28 23.16 48.96 -9.42
N GLU A 29 22.68 50.05 -10.01
CA GLU A 29 22.11 50.00 -11.35
C GLU A 29 22.98 50.76 -12.35
N SER A 30 24.29 50.76 -12.13
CA SER A 30 25.20 51.38 -13.08
C SER A 30 25.50 50.48 -14.28
N LEU A 31 24.84 49.34 -14.39
CA LEU A 31 24.98 48.46 -15.52
C LEU A 31 23.63 48.04 -16.09
N GLY A 32 22.55 48.65 -15.64
CA GLY A 32 21.22 48.33 -16.12
C GLY A 32 20.51 47.25 -15.35
N GLY A 33 21.21 46.48 -14.52
CA GLY A 33 20.56 45.43 -13.78
C GLY A 33 19.62 45.94 -12.71
N LYS A 34 18.77 45.05 -12.23
CA LYS A 34 17.79 45.38 -11.20
C LYS A 34 17.89 44.37 -10.06
N LEU A 35 17.74 44.88 -8.84
CA LEU A 35 17.90 44.16 -7.59
C LEU A 35 16.59 43.53 -7.13
N PRO A 36 16.67 42.43 -6.39
CA PRO A 36 15.44 41.70 -6.02
C PRO A 36 14.70 42.39 -4.89
N LYS A 37 13.48 41.88 -4.63
CA LYS A 37 12.62 42.45 -3.62
C LYS A 37 12.37 41.53 -2.43
N GLY A 38 12.35 40.22 -2.67
CA GLY A 38 12.03 39.25 -1.63
C GLY A 38 13.21 38.35 -1.33
N VAL A 39 13.41 38.07 -0.04
CA VAL A 39 14.45 37.17 0.44
C VAL A 39 13.78 36.01 1.15
N LEU A 40 14.31 34.81 0.97
CA LEU A 40 13.73 33.60 1.53
C LEU A 40 14.80 32.84 2.29
N LEU A 41 14.78 32.93 3.61
CA LEU A 41 15.74 32.24 4.43
C LEU A 41 15.30 30.79 4.67
N THR A 42 16.22 29.86 4.46
CA THR A 42 15.95 28.44 4.64
C THR A 42 16.89 27.90 5.71
N GLY A 43 16.91 26.58 5.86
CA GLY A 43 17.84 25.95 6.76
C GLY A 43 17.18 25.21 7.91
N PRO A 44 17.89 24.22 8.44
CA PRO A 44 17.30 23.33 9.45
C PRO A 44 16.92 24.07 10.71
N PRO A 45 16.30 23.39 11.68
CA PRO A 45 15.83 24.08 12.88
C PRO A 45 16.98 24.61 13.71
N GLY A 46 16.83 25.82 14.23
CA GLY A 46 17.80 26.40 15.13
C GLY A 46 19.17 26.61 14.54
N THR A 47 19.28 27.40 13.47
CA THR A 47 20.57 27.71 12.87
C THR A 47 20.78 29.19 12.63
N GLY A 48 19.78 30.03 12.87
CA GLY A 48 19.99 31.46 12.82
C GLY A 48 19.05 32.24 11.94
N LYS A 49 17.92 31.65 11.55
CA LYS A 49 16.98 32.37 10.70
C LYS A 49 16.35 33.54 11.45
N THR A 50 15.62 33.26 12.53
CA THR A 50 15.03 34.35 13.30
C THR A 50 16.11 35.24 13.92
N LEU A 51 17.30 34.69 14.15
CA LEU A 51 18.38 35.52 14.67
C LEU A 51 18.86 36.51 13.62
N LEU A 52 19.09 36.04 12.39
CA LEU A 52 19.45 36.96 11.32
C LEU A 52 18.36 37.98 11.07
N ALA A 53 17.09 37.57 11.20
CA ALA A 53 16.00 38.52 11.06
C ALA A 53 16.09 39.61 12.14
N ARG A 54 16.31 39.22 13.39
CA ARG A 54 16.40 40.21 14.45
C ARG A 54 17.62 41.10 14.28
N ALA A 55 18.73 40.54 13.81
CA ALA A 55 19.91 41.34 13.53
C ALA A 55 19.64 42.36 12.43
N THR A 56 18.93 41.96 11.38
CA THR A 56 18.49 42.91 10.36
C THR A 56 17.59 43.98 10.97
N ALA A 57 16.79 43.61 11.96
CA ALA A 57 15.93 44.61 12.58
C ALA A 57 16.71 45.63 13.38
N GLY A 58 17.73 45.20 14.14
CA GLY A 58 18.40 46.10 15.04
C GLY A 58 19.39 47.05 14.38
N GLU A 59 20.11 46.55 13.37
CA GLU A 59 21.16 47.32 12.72
C GLU A 59 20.85 47.56 11.24
N ALA A 60 19.66 48.07 10.95
CA ALA A 60 19.31 48.49 9.61
C ALA A 60 18.90 49.96 9.53
N GLY A 61 18.51 50.56 10.64
CA GLY A 61 18.07 51.94 10.63
C GLY A 61 16.89 52.18 9.72
N VAL A 62 15.97 51.22 9.66
CA VAL A 62 14.83 51.26 8.76
C VAL A 62 13.61 50.75 9.52
N ASP A 63 12.44 51.24 9.13
CA ASP A 63 11.20 50.73 9.70
C ASP A 63 11.08 49.23 9.43
N PHE A 64 10.90 48.46 10.50
CA PHE A 64 10.88 47.02 10.42
C PHE A 64 9.55 46.50 10.92
N PHE A 65 8.80 45.85 10.03
CA PHE A 65 7.49 45.31 10.35
C PHE A 65 7.56 43.79 10.24
N PHE A 66 7.32 43.11 11.35
CA PHE A 66 7.40 41.65 11.40
C PHE A 66 6.05 41.09 11.78
N MET A 67 5.82 39.83 11.44
CA MET A 67 4.61 39.13 11.84
C MET A 67 4.72 37.66 11.46
N SER A 68 4.05 36.81 12.23
CA SER A 68 4.16 35.38 12.06
C SER A 68 3.27 34.91 10.91
N GLY A 69 3.46 33.64 10.53
CA GLY A 69 2.68 33.08 9.44
C GLY A 69 1.37 32.48 9.86
N SER A 70 1.13 32.34 11.17
CA SER A 70 -0.09 31.75 11.67
C SER A 70 -0.96 32.73 12.42
N GLU A 71 -0.61 34.02 12.41
CA GLU A 71 -1.40 35.04 13.09
C GLU A 71 -2.37 35.73 12.15
N PHE A 72 -2.78 35.07 11.08
CA PHE A 72 -3.64 35.66 10.06
C PHE A 72 -5.05 35.09 10.04
N ASP A 73 -5.19 33.77 9.93
CA ASP A 73 -6.50 33.15 9.79
C ASP A 73 -7.20 33.13 11.14
N GLU A 74 -8.50 33.40 11.13
CA GLU A 74 -9.26 33.44 12.36
C GLU A 74 -10.65 32.87 12.11
N VAL A 75 -11.51 32.83 13.13
CA VAL A 75 -12.79 32.16 13.04
C VAL A 75 -13.67 32.66 11.90
N TYR A 76 -13.52 33.91 11.48
CA TYR A 76 -14.33 34.46 10.40
C TYR A 76 -13.59 34.31 9.08
N VAL A 77 -14.23 34.77 8.01
CA VAL A 77 -13.72 34.56 6.65
C VAL A 77 -13.18 35.88 6.13
N GLY A 78 -12.18 35.79 5.26
CA GLY A 78 -11.57 36.98 4.69
C GLY A 78 -10.71 37.78 5.63
N VAL A 79 -10.37 37.24 6.80
CA VAL A 79 -9.58 37.98 7.76
C VAL A 79 -8.10 37.96 7.38
N GLY A 80 -7.64 36.87 6.79
CA GLY A 80 -6.24 36.77 6.42
C GLY A 80 -5.83 37.81 5.39
N ALA A 81 -6.47 37.80 4.22
CA ALA A 81 -6.18 38.81 3.20
C ALA A 81 -6.43 40.22 3.72
N LYS A 82 -7.40 40.37 4.62
CA LYS A 82 -7.59 41.65 5.30
C LYS A 82 -6.30 42.10 5.99
N ARG A 83 -5.80 41.29 6.92
CA ARG A 83 -4.64 41.67 7.69
C ARG A 83 -3.37 41.77 6.86
N ILE A 84 -3.30 41.05 5.72
CA ILE A 84 -2.16 41.25 4.82
C ILE A 84 -2.27 42.61 4.13
N ARG A 85 -3.47 42.94 3.64
CA ARG A 85 -3.69 44.27 3.07
C ARG A 85 -3.28 45.36 4.06
N ASP A 86 -3.69 45.23 5.31
CA ASP A 86 -3.35 46.24 6.30
C ASP A 86 -1.87 46.22 6.65
N LEU A 87 -1.23 45.04 6.58
CA LEU A 87 0.21 44.97 6.81
C LEU A 87 0.96 45.76 5.76
N PHE A 88 0.74 45.45 4.48
CA PHE A 88 1.39 46.22 3.42
C PHE A 88 0.95 47.67 3.39
N ALA A 89 -0.23 47.98 3.92
CA ALA A 89 -0.62 49.39 4.04
C ALA A 89 0.27 50.10 5.05
N GLN A 90 0.47 49.50 6.23
CA GLN A 90 1.42 50.06 7.18
C GLN A 90 2.82 50.15 6.60
N ALA A 91 3.18 49.21 5.72
CA ALA A 91 4.50 49.24 5.11
C ALA A 91 4.64 50.43 4.16
N ARG A 92 3.75 50.51 3.17
CA ARG A 92 3.87 51.57 2.17
C ARG A 92 3.60 52.94 2.77
N SER A 93 2.97 52.98 3.96
CA SER A 93 2.84 54.26 4.66
C SER A 93 4.19 54.91 4.88
N ARG A 94 5.06 54.25 5.64
CA ARG A 94 6.45 54.67 5.78
C ARG A 94 7.38 53.94 4.82
N ALA A 95 7.55 54.46 3.61
CA ALA A 95 8.00 53.75 2.41
C ALA A 95 9.24 52.90 2.64
N PRO A 96 10.40 53.49 2.97
CA PRO A 96 11.60 52.66 3.12
C PRO A 96 11.50 51.83 4.39
N ALA A 97 11.22 50.55 4.22
CA ALA A 97 10.95 49.68 5.35
C ALA A 97 10.92 48.24 4.86
N ILE A 98 11.14 47.31 5.79
CA ILE A 98 11.24 45.90 5.47
C ILE A 98 10.12 45.16 6.17
N ILE A 99 9.49 44.22 5.45
CA ILE A 99 8.48 43.33 5.99
C ILE A 99 9.17 42.02 6.31
N PHE A 100 8.61 41.27 7.25
CA PHE A 100 9.17 39.99 7.68
C PHE A 100 8.04 39.06 8.07
N ILE A 101 7.96 37.91 7.39
CA ILE A 101 7.02 36.86 7.74
C ILE A 101 7.80 35.70 8.33
N ASP A 102 7.45 35.34 9.55
CA ASP A 102 8.03 34.15 10.17
C ASP A 102 7.05 33.00 10.08
N GLN A 103 7.60 31.79 9.99
CA GLN A 103 6.79 30.57 9.85
C GLN A 103 5.97 30.64 8.56
N LEU A 104 6.70 30.74 7.45
CA LEU A 104 6.04 31.01 6.16
C LEU A 104 5.24 29.82 5.66
N ASP A 105 5.48 28.61 6.17
CA ASP A 105 4.68 27.47 5.73
C ASP A 105 3.22 27.59 6.15
N ALA A 106 2.91 28.41 7.15
CA ALA A 106 1.54 28.59 7.56
C ALA A 106 0.71 29.35 6.53
N ILE A 107 1.35 30.00 5.57
CA ILE A 107 0.66 30.76 4.53
C ILE A 107 0.67 30.01 3.20
N GLY A 108 1.84 29.78 2.64
CA GLY A 108 1.93 29.15 1.33
C GLY A 108 2.14 27.65 1.42
N GLY A 109 2.47 27.07 0.26
CA GLY A 109 2.83 25.67 0.20
C GLY A 109 1.89 24.78 -0.57
N LYS A 110 2.26 24.46 -1.82
CA LYS A 110 1.61 23.42 -2.63
C LYS A 110 0.10 23.61 -2.72
N ARG A 111 -0.30 24.58 -3.54
CA ARG A 111 -1.71 24.94 -3.69
C ARG A 111 -2.47 23.77 -4.30
N ASN A 112 -2.83 22.79 -3.48
CA ASN A 112 -3.50 21.59 -3.94
C ASN A 112 -5.01 21.72 -3.80
N PRO A 113 -5.77 21.28 -4.81
CA PRO A 113 -7.22 21.18 -4.66
C PRO A 113 -7.67 19.96 -3.88
N LYS A 114 -6.75 19.24 -3.25
CA LYS A 114 -7.09 18.01 -2.53
C LYS A 114 -8.12 18.25 -1.44
N ASP A 115 -7.90 19.23 -0.58
CA ASP A 115 -8.86 19.61 0.44
C ASP A 115 -9.09 21.11 0.50
N GLN A 116 -8.71 21.84 -0.53
CA GLN A 116 -8.84 23.29 -0.52
C GLN A 116 -10.30 23.72 -0.42
N ALA A 117 -10.61 24.53 0.58
CA ALA A 117 -11.89 25.20 0.68
C ALA A 117 -11.73 26.71 0.52
N TYR A 118 -10.95 27.33 1.39
CA TYR A 118 -10.51 28.72 1.27
C TYR A 118 -9.06 28.83 1.69
N ALA A 119 -8.29 27.77 1.47
CA ALA A 119 -6.90 27.72 1.90
C ALA A 119 -6.00 28.66 1.12
N LYS A 120 -6.50 29.28 0.06
CA LYS A 120 -5.71 30.20 -0.75
C LYS A 120 -6.35 31.56 -0.83
N GLN A 121 -7.42 31.80 -0.07
CA GLN A 121 -8.06 33.11 -0.09
C GLN A 121 -7.20 34.15 0.60
N THR A 122 -6.23 33.72 1.40
CA THR A 122 -5.25 34.60 2.01
C THR A 122 -3.95 34.67 1.23
N LEU A 123 -3.48 33.53 0.70
CA LEU A 123 -2.27 33.53 -0.11
C LEU A 123 -2.42 34.35 -1.38
N ASN A 124 -3.60 34.29 -2.01
CA ASN A 124 -3.81 35.06 -3.23
C ASN A 124 -3.67 36.55 -2.98
N GLN A 125 -4.13 37.03 -1.83
CA GLN A 125 -3.89 38.42 -1.48
C GLN A 125 -2.40 38.71 -1.37
N LEU A 126 -1.63 37.73 -0.89
CA LEU A 126 -0.19 37.94 -0.78
C LEU A 126 0.45 38.08 -2.15
N LEU A 127 0.27 37.08 -3.02
CA LEU A 127 0.90 37.13 -4.33
C LEU A 127 0.41 38.31 -5.15
N VAL A 128 -0.90 38.61 -5.07
CA VAL A 128 -1.44 39.80 -5.70
C VAL A 128 -0.79 41.05 -5.15
N GLU A 129 -0.37 41.01 -3.88
CA GLU A 129 0.30 42.16 -3.31
C GLU A 129 1.72 42.31 -3.81
N LEU A 130 2.51 41.23 -3.79
CA LEU A 130 3.88 41.27 -4.31
C LEU A 130 3.90 41.75 -5.76
N ASP A 131 3.15 41.07 -6.63
CA ASP A 131 3.07 41.53 -8.02
C ASP A 131 2.45 42.91 -8.10
N GLY A 132 1.63 43.27 -7.11
CA GLY A 132 1.01 44.58 -7.09
C GLY A 132 1.99 45.72 -6.95
N PHE A 133 2.65 45.83 -5.80
CA PHE A 133 3.54 46.97 -5.62
C PHE A 133 4.96 46.66 -6.10
N SER A 134 5.16 45.53 -6.77
CA SER A 134 6.45 45.23 -7.38
C SER A 134 6.73 46.10 -8.61
N GLN A 135 5.79 46.95 -8.99
CA GLN A 135 5.97 47.92 -10.07
C GLN A 135 6.83 49.10 -9.65
N THR A 136 7.13 49.24 -8.37
CA THR A 136 7.95 50.35 -7.89
C THR A 136 8.91 49.93 -6.79
N SER A 137 9.50 50.90 -6.11
CA SER A 137 10.51 50.67 -5.09
C SER A 137 10.00 51.16 -3.73
N GLY A 138 10.84 50.97 -2.71
CA GLY A 138 10.53 51.46 -1.38
C GLY A 138 10.56 50.39 -0.30
N ILE A 139 10.08 49.20 -0.62
CA ILE A 139 9.84 48.15 0.38
C ILE A 139 10.41 46.84 -0.12
N ILE A 140 10.93 46.02 0.80
CA ILE A 140 11.28 44.64 0.51
C ILE A 140 10.67 43.75 1.58
N ILE A 141 10.78 42.44 1.39
CA ILE A 141 10.10 41.48 2.26
C ILE A 141 11.01 40.26 2.47
N ILE A 142 11.14 39.85 3.72
CA ILE A 142 11.93 38.69 4.12
C ILE A 142 10.98 37.64 4.66
N GLY A 143 11.23 36.39 4.31
CA GLY A 143 10.38 35.29 4.76
C GLY A 143 11.20 34.11 5.20
N ALA A 144 10.94 33.64 6.41
CA ALA A 144 11.66 32.52 6.98
C ALA A 144 10.83 31.25 6.86
N THR A 145 11.49 30.10 6.79
CA THR A 145 10.79 28.83 6.63
C THR A 145 11.78 27.69 6.80
N ASN A 146 11.25 26.53 7.18
CA ASN A 146 12.04 25.31 7.30
C ASN A 146 11.92 24.40 6.09
N PHE A 147 10.84 24.48 5.34
CA PHE A 147 10.56 23.58 4.23
C PHE A 147 10.55 24.37 2.92
N PRO A 148 11.72 24.60 2.32
CA PRO A 148 11.73 25.22 0.99
C PRO A 148 11.05 24.35 -0.06
N GLU A 149 11.02 23.03 0.14
CA GLU A 149 10.35 22.12 -0.77
C GLU A 149 8.83 22.19 -0.65
N ALA A 150 8.31 22.38 0.56
CA ALA A 150 6.88 22.34 0.81
C ALA A 150 6.20 23.68 0.60
N LEU A 151 6.90 24.65 0.02
CA LEU A 151 6.27 25.92 -0.32
C LEU A 151 5.50 25.77 -1.63
N ASP A 152 4.89 26.85 -2.08
CA ASP A 152 4.24 26.89 -3.37
C ASP A 152 5.21 27.44 -4.41
N LYS A 153 5.15 26.88 -5.62
CA LYS A 153 6.07 27.29 -6.67
C LYS A 153 5.88 28.73 -7.10
N ALA A 154 4.69 29.30 -6.91
CA ALA A 154 4.46 30.69 -7.27
C ALA A 154 5.32 31.63 -6.45
N LEU A 155 5.75 31.20 -5.26
CA LEU A 155 6.63 32.02 -4.44
C LEU A 155 8.09 31.89 -4.85
N THR A 156 8.39 31.15 -5.91
CA THR A 156 9.76 30.99 -6.39
C THR A 156 9.96 31.59 -7.78
N ARG A 157 9.30 32.69 -8.09
CA ARG A 157 9.47 33.37 -9.37
C ARG A 157 9.97 34.79 -9.16
N PRO A 158 10.68 35.34 -10.14
CA PRO A 158 11.21 36.69 -10.01
C PRO A 158 10.09 37.72 -9.81
N GLY A 159 10.46 38.83 -9.18
CA GLY A 159 9.47 39.74 -8.62
C GLY A 159 8.83 39.22 -7.35
N ARG A 160 9.30 38.09 -6.83
CA ARG A 160 8.73 37.41 -5.68
C ARG A 160 9.89 36.87 -4.85
N PHE A 161 9.62 35.89 -4.00
CA PHE A 161 10.66 35.28 -3.16
C PHE A 161 11.61 34.51 -4.06
N ASP A 162 12.58 35.23 -4.61
CA ASP A 162 13.57 34.71 -5.54
C ASP A 162 14.95 34.58 -4.94
N LYS A 163 15.38 35.55 -4.13
CA LYS A 163 16.72 35.55 -3.55
C LYS A 163 16.72 34.58 -2.37
N VAL A 164 17.09 33.35 -2.64
CA VAL A 164 17.15 32.30 -1.62
C VAL A 164 18.46 32.45 -0.85
N VAL A 165 18.39 32.31 0.47
CA VAL A 165 19.55 32.47 1.34
C VAL A 165 19.67 31.23 2.22
N ASN A 166 20.57 30.33 1.86
CA ASN A 166 20.74 29.07 2.58
C ASN A 166 21.55 29.30 3.85
N VAL A 167 21.00 28.86 4.98
CA VAL A 167 21.70 28.85 6.26
C VAL A 167 21.98 27.40 6.62
N ASP A 168 23.21 27.12 7.07
CA ASP A 168 23.57 25.74 7.38
C ASP A 168 24.57 25.75 8.53
N LEU A 169 24.46 24.77 9.41
CA LEU A 169 25.05 24.70 10.74
C LEU A 169 26.50 24.22 10.90
N PRO A 170 26.90 23.09 10.28
CA PRO A 170 27.94 22.25 10.90
C PRO A 170 29.39 22.65 10.71
N ASP A 171 29.69 23.89 10.33
CA ASP A 171 31.09 24.24 10.10
C ASP A 171 31.85 24.25 11.41
N VAL A 172 32.90 23.43 11.50
CA VAL A 172 33.58 23.18 12.76
C VAL A 172 34.15 24.46 13.35
N ARG A 173 34.82 25.26 12.54
CA ARG A 173 35.27 26.56 13.03
C ARG A 173 34.09 27.50 13.26
N GLY A 174 32.96 27.23 12.61
CA GLY A 174 31.73 27.88 13.02
C GLY A 174 31.31 27.48 14.41
N ARG A 175 31.48 26.19 14.77
CA ARG A 175 31.15 25.76 16.12
C ARG A 175 32.05 26.43 17.14
N ALA A 176 33.36 26.45 16.89
CA ALA A 176 34.27 27.13 17.79
C ALA A 176 33.93 28.62 17.90
N ASP A 177 33.55 29.24 16.79
CA ASP A 177 33.18 30.65 16.82
C ASP A 177 31.94 30.89 17.66
N ILE A 178 30.91 30.07 17.47
CA ILE A 178 29.66 30.24 18.21
C ILE A 178 29.91 30.03 19.70
N LEU A 179 30.65 28.99 20.06
CA LEU A 179 31.05 28.79 21.45
C LEU A 179 31.77 30.00 21.99
N LYS A 180 32.62 30.64 21.19
CA LYS A 180 33.30 31.84 21.66
C LYS A 180 32.30 32.94 21.97
N HIS A 181 31.41 33.23 21.02
CA HIS A 181 30.45 34.32 21.21
C HIS A 181 29.57 34.09 22.43
N HIS A 182 29.12 32.87 22.66
CA HIS A 182 28.29 32.63 23.83
C HIS A 182 29.08 32.58 25.11
N MET A 183 30.35 32.16 25.07
CA MET A 183 31.23 32.30 26.21
C MET A 183 31.53 33.74 26.54
N LYS A 184 31.29 34.67 25.62
CA LYS A 184 31.48 36.08 25.91
C LYS A 184 30.61 36.59 27.04
N LYS A 185 29.48 35.95 27.33
CA LYS A 185 28.59 36.38 28.40
C LYS A 185 28.63 35.46 29.61
N ILE A 186 29.80 34.90 29.92
CA ILE A 186 29.99 33.96 31.01
C ILE A 186 31.39 34.15 31.58
N THR A 187 31.57 33.77 32.83
CA THR A 187 32.82 34.01 33.57
C THR A 187 33.76 32.83 33.35
N LEU A 188 34.51 32.85 32.25
CA LEU A 188 35.47 31.81 31.96
C LEU A 188 36.58 31.82 33.00
N ALA A 189 37.04 30.61 33.35
CA ALA A 189 37.97 30.45 34.46
C ALA A 189 39.41 30.30 33.99
N ASP A 190 39.66 29.30 33.14
CA ASP A 190 41.01 28.85 32.87
C ASP A 190 41.11 28.61 31.37
N ASN A 191 42.14 27.88 30.93
CA ASN A 191 42.39 27.70 29.52
C ASN A 191 41.35 26.78 28.90
N VAL A 192 40.11 27.25 28.81
CA VAL A 192 39.06 26.51 28.13
C VAL A 192 39.22 26.69 26.63
N ASP A 193 39.72 25.64 25.97
CA ASP A 193 39.95 25.67 24.53
C ASP A 193 38.70 25.25 23.79
N PRO A 194 37.96 26.19 23.18
CA PRO A 194 36.74 25.81 22.45
C PRO A 194 36.98 24.84 21.32
N THR A 195 38.20 24.77 20.79
CA THR A 195 38.47 23.91 19.65
C THR A 195 38.27 22.44 19.99
N ILE A 196 38.54 22.03 21.23
CA ILE A 196 38.37 20.63 21.58
C ILE A 196 36.92 20.29 21.83
N ILE A 197 36.15 21.26 22.35
CA ILE A 197 34.72 21.06 22.42
C ILE A 197 34.13 20.92 21.02
N ALA A 198 34.43 21.87 20.13
CA ALA A 198 33.89 21.83 18.78
C ALA A 198 34.34 20.57 18.05
N ARG A 199 35.58 20.16 18.26
CA ARG A 199 36.06 18.89 17.72
C ARG A 199 35.25 17.73 18.27
N GLY A 200 34.83 17.82 19.53
CA GLY A 200 34.22 16.67 20.17
C GLY A 200 32.75 16.50 19.84
N THR A 201 32.12 17.54 19.30
CA THR A 201 30.67 17.55 19.11
C THR A 201 30.31 17.63 17.63
N PRO A 202 30.51 16.58 16.85
CA PRO A 202 30.22 16.67 15.42
C PRO A 202 28.73 16.72 15.11
N GLY A 203 28.25 17.85 14.60
CA GLY A 203 26.93 17.92 14.03
C GLY A 203 25.88 18.74 14.77
N LEU A 204 26.26 19.50 15.79
CA LEU A 204 25.26 20.27 16.51
C LEU A 204 25.10 21.65 15.88
N SER A 205 24.12 22.39 16.40
CA SER A 205 23.73 23.68 15.86
C SER A 205 24.08 24.79 16.84
N GLY A 206 23.69 26.01 16.53
CA GLY A 206 24.00 27.14 17.39
C GLY A 206 23.23 27.10 18.69
N ALA A 207 21.92 26.82 18.60
CA ALA A 207 21.09 26.77 19.79
C ALA A 207 21.55 25.68 20.75
N GLU A 208 22.01 24.56 20.22
CA GLU A 208 22.54 23.51 21.08
C GLU A 208 23.84 23.92 21.76
N LEU A 209 24.66 24.72 21.08
CA LEU A 209 25.89 25.18 21.72
C LEU A 209 25.59 26.18 22.83
N ALA A 210 24.66 27.11 22.58
CA ALA A 210 24.23 28.01 23.65
C ALA A 210 23.65 27.24 24.82
N ASN A 211 22.86 26.20 24.53
CA ASN A 211 22.35 25.32 25.58
C ASN A 211 23.49 24.69 26.36
N LEU A 212 24.52 24.20 25.68
CA LEU A 212 25.64 23.57 26.36
C LEU A 212 26.33 24.54 27.31
N VAL A 213 26.61 25.76 26.83
CA VAL A 213 27.26 26.75 27.67
C VAL A 213 26.42 27.09 28.88
N ASN A 214 25.11 27.24 28.70
CA ASN A 214 24.26 27.57 29.83
C ASN A 214 24.21 26.43 30.85
N GLN A 215 24.09 25.19 30.36
CA GLN A 215 24.10 24.03 31.24
C GLN A 215 25.37 24.01 32.08
N ALA A 216 26.53 24.16 31.44
CA ALA A 216 27.79 24.12 32.20
C ALA A 216 27.91 25.31 33.14
N ALA A 217 27.30 26.44 32.80
CA ALA A 217 27.33 27.58 33.71
C ALA A 217 26.57 27.29 34.99
N VAL A 218 25.33 26.79 34.86
CA VAL A 218 24.54 26.50 36.05
C VAL A 218 25.18 25.39 36.86
N TYR A 219 25.68 24.35 36.19
CA TYR A 219 26.37 23.28 36.91
C TYR A 219 27.58 23.81 37.66
N ALA A 220 28.36 24.70 37.04
CA ALA A 220 29.50 25.25 37.73
C ALA A 220 29.07 26.07 38.94
N CYS A 221 27.97 26.80 38.83
CA CYS A 221 27.55 27.63 39.95
C CYS A 221 26.87 26.81 41.05
N GLN A 222 26.46 25.58 40.77
CA GLN A 222 25.93 24.74 41.84
C GLN A 222 27.01 24.41 42.87
N LYS A 223 28.19 24.00 42.42
CA LYS A 223 29.22 23.50 43.31
C LYS A 223 30.06 24.59 43.95
N ASN A 224 29.66 25.84 43.82
CA ASN A 224 30.36 26.95 44.47
C ASN A 224 31.76 27.13 43.90
N ALA A 225 31.97 26.73 42.65
CA ALA A 225 33.25 26.97 42.00
C ALA A 225 33.37 28.43 41.62
N VAL A 226 34.61 28.93 41.62
CA VAL A 226 34.82 30.35 41.38
C VAL A 226 34.63 30.74 39.93
N SER A 227 34.72 29.81 39.00
CA SER A 227 34.48 30.11 37.59
C SER A 227 34.41 28.80 36.82
N VAL A 228 34.24 28.89 35.51
CA VAL A 228 33.92 27.76 34.65
C VAL A 228 35.20 27.23 34.02
N ASP A 229 35.64 26.06 34.44
CA ASP A 229 36.82 25.44 33.87
C ASP A 229 36.42 24.54 32.71
N MET A 230 37.35 23.70 32.25
CA MET A 230 37.07 22.83 31.13
C MET A 230 36.25 21.61 31.52
N SER A 231 36.41 21.12 32.76
CA SER A 231 35.70 19.94 33.19
C SER A 231 34.19 20.18 33.23
N HIS A 232 33.78 21.42 33.50
CA HIS A 232 32.34 21.72 33.46
C HIS A 232 31.80 21.58 32.04
N PHE A 233 32.50 22.16 31.06
CA PHE A 233 32.06 22.06 29.67
C PHE A 233 32.03 20.60 29.21
N GLU A 234 33.03 19.81 29.59
CA GLU A 234 33.00 18.41 29.21
C GLU A 234 31.85 17.68 29.90
N TRP A 235 31.54 18.06 31.14
CA TRP A 235 30.36 17.53 31.81
C TRP A 235 29.11 17.79 31.00
N ALA A 236 28.81 19.07 30.75
CA ALA A 236 27.58 19.42 30.06
C ALA A 236 27.52 18.81 28.67
N LYS A 237 28.66 18.69 27.99
CA LYS A 237 28.65 18.07 26.67
C LYS A 237 28.26 16.60 26.76
N ASP A 238 28.95 15.85 27.64
CA ASP A 238 28.66 14.42 27.73
C ASP A 238 27.25 14.19 28.24
N LYS A 239 26.73 15.09 29.08
CA LYS A 239 25.35 14.97 29.53
C LYS A 239 24.37 15.20 28.40
N ILE A 240 24.54 16.28 27.65
CA ILE A 240 23.57 16.62 26.61
C ILE A 240 23.61 15.58 25.50
N LEU A 241 24.77 14.96 25.26
CA LEU A 241 24.83 13.92 24.24
C LEU A 241 24.32 12.58 24.77
N MET A 242 25.00 12.02 25.78
CA MET A 242 24.71 10.65 26.18
C MET A 242 23.52 10.58 27.12
N GLY A 243 23.51 11.38 28.16
CA GLY A 243 22.43 11.38 29.13
C GLY A 243 22.93 11.62 30.54
N ALA A 244 21.98 11.87 31.44
CA ALA A 244 22.33 12.17 32.82
C ALA A 244 22.96 10.95 33.50
N GLU A 245 23.83 11.23 34.47
CA GLU A 245 24.49 10.15 35.20
C GLU A 245 23.50 9.48 36.14
N ARG A 246 23.61 8.17 36.26
CA ARG A 246 22.67 7.39 37.06
C ARG A 246 23.32 7.07 38.39
N LYS A 247 23.22 8.03 39.32
CA LYS A 247 23.90 7.90 40.60
C LYS A 247 23.26 6.81 41.46
N THR A 248 21.94 6.64 41.37
CA THR A 248 21.23 5.82 42.34
C THR A 248 21.59 4.34 42.20
N MET A 249 21.64 3.83 40.97
CA MET A 249 21.77 2.39 40.77
C MET A 249 23.11 1.87 41.30
N VAL A 250 23.09 0.66 41.84
CA VAL A 250 24.26 0.03 42.42
C VAL A 250 24.80 -0.96 41.41
N LEU A 251 26.00 -1.46 41.66
CA LEU A 251 26.70 -2.35 40.74
C LEU A 251 27.37 -3.46 41.52
N THR A 252 27.05 -4.70 41.16
CA THR A 252 27.76 -5.84 41.73
C THR A 252 29.18 -5.88 41.19
N ASP A 253 30.12 -6.24 42.07
CA ASP A 253 31.53 -6.13 41.72
C ASP A 253 31.90 -7.06 40.57
N ALA A 254 31.19 -8.18 40.43
CA ALA A 254 31.45 -9.08 39.32
C ALA A 254 31.17 -8.41 37.98
N ALA A 255 29.94 -7.91 37.80
CA ALA A 255 29.59 -7.25 36.55
C ALA A 255 30.37 -5.96 36.34
N ARG A 256 30.72 -5.27 37.43
CA ARG A 256 31.58 -4.10 37.30
C ARG A 256 32.93 -4.47 36.73
N LYS A 257 33.50 -5.58 37.18
CA LYS A 257 34.74 -6.07 36.57
C LYS A 257 34.53 -6.45 35.11
N ALA A 258 33.37 -7.06 34.80
CA ALA A 258 33.10 -7.46 33.42
C ALA A 258 33.09 -6.24 32.48
N THR A 259 32.29 -5.23 32.83
CA THR A 259 32.25 -4.04 31.99
C THR A 259 33.60 -3.35 31.95
N ALA A 260 34.37 -3.47 33.04
CA ALA A 260 35.76 -3.01 33.01
C ALA A 260 36.53 -3.65 31.88
N PHE A 261 36.48 -4.99 31.79
CA PHE A 261 37.20 -5.68 30.71
C PHE A 261 36.69 -5.27 29.33
N HIS A 262 35.37 -5.10 29.20
CA HIS A 262 34.81 -4.68 27.92
C HIS A 262 35.39 -3.34 27.48
N GLU A 263 35.36 -2.35 28.38
CA GLU A 263 35.87 -1.04 28.02
C GLU A 263 37.37 -1.05 27.79
N ALA A 264 38.11 -1.87 28.54
CA ALA A 264 39.52 -2.05 28.26
C ALA A 264 39.75 -2.56 26.85
N GLY A 265 38.93 -3.51 26.40
CA GLY A 265 39.03 -3.98 25.03
C GLY A 265 38.83 -2.86 24.02
N HIS A 266 37.76 -2.08 24.19
CA HIS A 266 37.53 -0.98 23.25
C HIS A 266 38.69 0.01 23.25
N ALA A 267 39.15 0.42 24.44
CA ALA A 267 40.18 1.46 24.51
C ALA A 267 41.49 0.98 23.91
N ILE A 268 41.93 -0.23 24.26
CA ILE A 268 43.20 -0.71 23.73
C ILE A 268 43.11 -0.94 22.23
N MET A 269 42.00 -1.50 21.74
CA MET A 269 41.86 -1.67 20.30
C MET A 269 41.89 -0.33 19.57
N ALA A 270 41.27 0.70 20.15
CA ALA A 270 41.33 2.02 19.55
C ALA A 270 42.64 2.73 19.81
N LYS A 271 43.52 2.13 20.61
CA LYS A 271 44.78 2.77 20.97
C LYS A 271 45.94 2.26 20.12
N TYR A 272 46.08 0.95 19.98
CA TYR A 272 47.23 0.39 19.28
C TYR A 272 46.92 -0.02 17.85
N THR A 273 45.72 0.24 17.35
CA THR A 273 45.39 -0.07 15.97
C THR A 273 45.77 1.10 15.07
N ASN A 274 46.26 0.79 13.87
CA ASN A 274 46.76 1.81 12.96
C ASN A 274 45.61 2.36 12.13
N GLY A 275 45.23 3.61 12.37
CA GLY A 275 44.20 4.27 11.60
C GLY A 275 43.00 4.74 12.40
N ALA A 276 42.74 4.18 13.57
CA ALA A 276 41.59 4.56 14.35
C ALA A 276 41.69 6.02 14.79
N THR A 277 40.53 6.62 15.03
CA THR A 277 40.49 7.98 15.54
C THR A 277 41.11 8.04 16.93
N PRO A 278 41.85 9.09 17.24
CA PRO A 278 42.62 9.11 18.49
C PRO A 278 41.75 9.01 19.73
N LEU A 279 42.13 8.10 20.62
CA LEU A 279 41.41 7.87 21.87
C LEU A 279 41.33 9.16 22.68
N TYR A 280 40.17 9.40 23.30
CA TYR A 280 40.01 10.60 24.10
C TYR A 280 39.73 10.35 25.56
N LYS A 281 38.96 9.31 25.89
CA LYS A 281 38.61 9.06 27.28
C LYS A 281 37.89 7.73 27.39
N ALA A 282 38.06 7.08 28.54
CA ALA A 282 37.38 5.83 28.83
C ALA A 282 36.79 5.90 30.22
N THR A 283 35.49 5.63 30.34
CA THR A 283 34.81 5.75 31.62
C THR A 283 33.83 4.60 31.77
N ILE A 284 33.46 4.34 33.02
CA ILE A 284 32.44 3.34 33.31
C ILE A 284 31.32 3.90 34.19
N LEU A 285 31.31 5.20 34.37
CA LEU A 285 30.19 5.85 35.04
C LEU A 285 28.93 5.62 34.23
N PRO A 286 27.94 4.90 34.75
CA PRO A 286 26.72 4.61 33.98
C PRO A 286 26.00 5.89 33.59
N ARG A 287 25.56 5.96 32.34
CA ARG A 287 24.99 7.17 31.77
C ARG A 287 23.85 6.77 30.83
N GLY A 288 22.61 6.92 31.28
CA GLY A 288 21.50 6.64 30.41
C GLY A 288 21.33 5.16 30.13
N ARG A 289 21.68 4.72 28.93
CA ARG A 289 21.38 3.36 28.50
C ARG A 289 22.55 2.39 28.64
N ALA A 290 23.78 2.86 28.42
CA ALA A 290 24.95 1.98 28.41
C ALA A 290 25.71 2.09 29.72
N LEU A 291 26.34 0.99 30.12
CA LEU A 291 27.09 0.93 31.37
C LEU A 291 28.57 1.27 31.19
N GLY A 292 28.99 1.66 30.00
CA GLY A 292 30.37 1.99 29.76
C GLY A 292 30.56 2.71 28.45
N ILE A 293 31.38 3.76 28.43
CA ILE A 293 31.56 4.60 27.26
C ILE A 293 33.05 4.78 27.02
N THR A 294 33.46 4.60 25.77
CA THR A 294 34.84 4.82 25.35
C THR A 294 34.79 5.59 24.03
N PHE A 295 35.35 6.79 24.00
CA PHE A 295 35.14 7.62 22.83
C PHE A 295 36.37 8.45 22.46
N GLN A 296 36.39 8.82 21.19
CA GLN A 296 37.48 9.53 20.55
C GLN A 296 36.98 10.88 20.07
N LEU A 297 37.91 11.65 19.48
CA LEU A 297 37.57 12.90 18.85
C LEU A 297 38.40 13.06 17.58
N PRO A 298 37.77 13.21 16.42
CA PRO A 298 38.54 13.29 15.18
C PRO A 298 39.24 14.62 15.05
N GLU A 299 40.26 14.65 14.18
CA GLU A 299 41.01 15.88 13.94
C GLU A 299 40.16 16.89 13.20
N MET A 300 40.71 18.07 12.99
CA MET A 300 39.99 19.11 12.26
C MET A 300 40.23 18.97 10.77
N ASP A 301 39.17 19.21 10.00
CA ASP A 301 39.19 19.28 8.54
C ASP A 301 39.31 17.89 7.91
N LYS A 302 38.92 16.83 8.61
CA LYS A 302 39.11 15.49 8.09
C LYS A 302 37.81 14.88 7.59
N VAL A 303 36.97 15.68 6.93
CA VAL A 303 35.61 15.21 6.66
C VAL A 303 35.59 14.35 5.40
N ASP A 304 36.05 13.11 5.53
CA ASP A 304 35.88 12.03 4.57
C ASP A 304 36.62 10.82 5.14
N ILE A 305 36.32 9.62 4.66
CA ILE A 305 36.76 8.40 5.31
C ILE A 305 37.54 7.54 4.33
N THR A 306 38.75 7.15 4.72
CA THR A 306 39.57 6.27 3.93
C THR A 306 39.25 4.82 4.26
N LYS A 307 39.67 3.90 3.39
CA LYS A 307 39.49 2.48 3.67
C LYS A 307 40.13 2.07 4.99
N ARG A 308 41.30 2.62 5.29
CA ARG A 308 42.03 2.18 6.48
C ARG A 308 41.33 2.64 7.75
N GLU A 309 40.75 3.85 7.75
CA GLU A 309 39.90 4.24 8.87
C GLU A 309 38.71 3.32 9.00
N CYS A 310 38.17 2.82 7.89
CA CYS A 310 37.06 1.89 7.96
C CYS A 310 37.48 0.61 8.66
N GLN A 311 38.55 -0.03 8.18
CA GLN A 311 38.98 -1.26 8.80
C GLN A 311 39.39 -1.05 10.25
N ALA A 312 39.97 0.11 10.57
CA ALA A 312 40.25 0.41 11.97
C ALA A 312 38.97 0.48 12.78
N ARG A 313 37.92 1.05 12.22
CA ARG A 313 36.65 1.14 12.93
C ARG A 313 36.07 -0.24 13.18
N LEU A 314 36.09 -1.11 12.17
CA LEU A 314 35.64 -2.48 12.39
C LEU A 314 36.52 -3.20 13.39
N ASP A 315 37.79 -2.81 13.51
CA ASP A 315 38.66 -3.45 14.49
C ASP A 315 38.42 -2.91 15.88
N VAL A 316 37.83 -1.72 16.00
CA VAL A 316 37.48 -1.21 17.31
C VAL A 316 36.15 -1.78 17.78
N CYS A 317 35.23 -2.01 16.85
CA CYS A 317 33.92 -2.52 17.22
C CYS A 317 33.96 -3.94 17.79
N MET A 318 34.99 -4.72 17.46
CA MET A 318 35.12 -6.07 17.96
C MET A 318 35.88 -6.15 19.28
N GLY A 319 36.35 -5.02 19.80
CA GLY A 319 37.24 -5.04 20.94
C GLY A 319 36.61 -5.58 22.20
N GLY A 320 35.47 -5.02 22.61
CA GLY A 320 34.86 -5.47 23.85
C GLY A 320 34.44 -6.92 23.81
N LYS A 321 33.82 -7.33 22.70
CA LYS A 321 33.45 -8.73 22.52
C LYS A 321 34.65 -9.65 22.66
N ILE A 322 35.73 -9.36 21.95
CA ILE A 322 36.90 -10.24 22.03
C ILE A 322 37.56 -10.19 23.39
N ALA A 323 37.49 -9.07 24.11
CA ALA A 323 38.08 -9.03 25.44
C ALA A 323 37.31 -9.91 26.42
N GLU A 324 35.97 -9.75 26.45
CA GLU A 324 35.16 -10.61 27.31
C GLU A 324 35.30 -12.06 26.94
N GLU A 325 35.46 -12.37 25.65
CA GLU A 325 35.66 -13.76 25.25
C GLU A 325 37.00 -14.29 25.74
N LEU A 326 38.07 -13.51 25.57
CA LEU A 326 39.39 -13.99 25.96
C LEU A 326 39.49 -14.17 27.46
N ILE A 327 38.87 -13.28 28.23
CA ILE A 327 38.99 -13.38 29.67
C ILE A 327 38.02 -14.41 30.23
N TYR A 328 36.73 -14.21 30.03
CA TYR A 328 35.71 -15.04 30.66
C TYR A 328 35.40 -16.32 29.90
N GLY A 329 36.19 -16.69 28.91
CA GLY A 329 35.88 -17.83 28.07
C GLY A 329 34.70 -17.55 27.17
N LYS A 330 34.46 -18.47 26.24
CA LYS A 330 33.40 -18.25 25.27
C LYS A 330 32.03 -18.62 25.80
N ASP A 331 31.94 -19.55 26.74
CA ASP A 331 30.65 -19.94 27.27
C ASP A 331 29.98 -18.82 28.06
N ASN A 332 30.75 -17.82 28.50
CA ASN A 332 30.22 -16.73 29.30
C ASN A 332 30.11 -15.43 28.51
N THR A 333 30.05 -15.51 27.18
CA THR A 333 29.77 -14.35 26.36
C THR A 333 28.39 -13.80 26.72
N THR A 334 28.25 -12.47 26.70
CA THR A 334 26.98 -11.88 27.07
C THR A 334 26.26 -11.37 25.83
N SER A 335 25.08 -10.80 26.04
CA SER A 335 24.32 -10.16 24.98
C SER A 335 24.53 -8.66 24.93
N GLY A 336 25.41 -8.12 25.76
CA GLY A 336 25.69 -6.69 25.74
C GLY A 336 26.47 -6.24 24.54
N CYS A 337 26.99 -7.18 23.75
CA CYS A 337 27.75 -6.81 22.56
C CYS A 337 26.87 -6.74 21.32
N GLY A 338 25.60 -6.37 21.49
CA GLY A 338 24.71 -6.29 20.34
C GLY A 338 24.94 -5.05 19.51
N SER A 339 24.92 -3.89 20.14
CA SER A 339 25.02 -2.64 19.38
C SER A 339 26.37 -2.51 18.69
N ASP A 340 27.42 -3.05 19.31
CA ASP A 340 28.74 -3.05 18.68
C ASP A 340 28.68 -3.75 17.33
N LEU A 341 28.13 -4.97 17.32
CA LEU A 341 27.98 -5.69 16.07
C LEU A 341 27.03 -4.98 15.12
N GLN A 342 26.04 -4.25 15.66
CA GLN A 342 25.10 -3.54 14.79
C GLN A 342 25.80 -2.46 13.98
N SER A 343 26.50 -1.55 14.66
CA SER A 343 27.22 -0.52 13.92
C SER A 343 28.33 -1.12 13.07
N ALA A 344 28.98 -2.18 13.54
CA ALA A 344 30.02 -2.82 12.74
C ALA A 344 29.47 -3.29 11.40
N THR A 345 28.38 -4.07 11.42
CA THR A 345 27.80 -4.54 10.17
C THR A 345 27.29 -3.39 9.33
N GLY A 346 26.88 -2.30 9.98
CA GLY A 346 26.55 -1.09 9.23
C GLY A 346 27.72 -0.59 8.40
N THR A 347 28.90 -0.46 9.03
CA THR A 347 30.07 0.01 8.29
C THR A 347 30.47 -0.96 7.20
N ALA A 348 30.39 -2.26 7.46
CA ALA A 348 30.82 -3.22 6.45
C ALA A 348 29.90 -3.20 5.23
N ARG A 349 28.58 -3.18 5.47
CA ARG A 349 27.63 -2.95 4.38
C ARG A 349 27.96 -1.69 3.62
N ALA A 350 28.33 -0.63 4.35
CA ALA A 350 28.66 0.64 3.71
C ALA A 350 29.85 0.50 2.77
N MET A 351 30.94 -0.12 3.24
CA MET A 351 32.16 -0.09 2.44
C MET A 351 32.12 -1.12 1.32
N VAL A 352 31.27 -2.14 1.42
CA VAL A 352 31.28 -3.16 0.37
C VAL A 352 30.36 -2.78 -0.77
N THR A 353 29.30 -2.02 -0.49
CA THR A 353 28.32 -1.69 -1.52
C THR A 353 28.46 -0.27 -2.03
N GLN A 354 28.47 0.73 -1.15
CA GLN A 354 28.44 2.11 -1.61
C GLN A 354 29.81 2.59 -2.06
N TYR A 355 30.86 2.20 -1.37
CA TYR A 355 32.16 2.85 -1.52
C TYR A 355 33.06 2.15 -2.52
N GLY A 356 32.66 1.00 -3.05
CA GLY A 356 33.53 0.28 -3.97
C GLY A 356 34.82 -0.19 -3.34
N MET A 357 34.79 -0.52 -2.05
CA MET A 357 36.01 -0.98 -1.39
C MET A 357 36.38 -2.40 -1.81
N SER A 358 35.40 -3.19 -2.22
CA SER A 358 35.62 -4.62 -2.42
C SER A 358 36.08 -4.91 -3.85
N ASP A 359 37.06 -5.79 -3.98
CA ASP A 359 37.57 -6.16 -5.30
C ASP A 359 36.83 -7.38 -5.85
N ASP A 360 36.07 -8.07 -5.00
CA ASP A 360 35.37 -9.27 -5.45
C ASP A 360 34.03 -8.91 -6.07
N VAL A 361 33.42 -7.83 -5.61
CA VAL A 361 32.26 -7.29 -6.31
C VAL A 361 32.72 -6.49 -7.53
N GLY A 362 33.68 -5.59 -7.34
CA GLY A 362 34.11 -4.70 -8.39
C GLY A 362 33.66 -3.29 -8.10
N PRO A 363 34.06 -2.36 -8.96
CA PRO A 363 33.65 -0.96 -8.74
C PRO A 363 32.22 -0.74 -9.17
N VAL A 364 31.28 -0.70 -8.23
CA VAL A 364 29.87 -0.60 -8.56
C VAL A 364 29.10 -0.20 -7.30
N ASN A 365 28.05 0.59 -7.50
CA ASN A 365 27.24 1.12 -6.40
C ASN A 365 25.99 0.28 -6.27
N LEU A 366 26.04 -0.73 -5.39
CA LEU A 366 24.90 -1.58 -5.12
C LEU A 366 23.95 -0.97 -4.10
N SER A 367 24.20 0.27 -3.68
CA SER A 367 23.41 0.86 -2.59
C SER A 367 21.95 1.02 -2.95
N GLU A 368 21.64 1.88 -3.91
CA GLU A 368 20.26 2.18 -4.26
C GLU A 368 19.80 1.22 -5.36
N GLU A 369 18.51 0.98 -5.40
CA GLU A 369 17.96 -0.15 -6.15
C GLU A 369 18.62 -1.45 -5.71
N TRP A 370 18.73 -1.64 -4.40
CA TRP A 370 19.31 -2.88 -3.88
C TRP A 370 18.48 -4.08 -4.29
N GLU A 371 17.19 -3.88 -4.55
CA GLU A 371 16.34 -5.00 -4.90
C GLU A 371 16.41 -5.31 -6.39
N SER A 372 16.70 -4.30 -7.21
CA SER A 372 16.65 -4.50 -8.65
C SER A 372 17.74 -5.45 -9.12
N TRP A 373 18.84 -5.53 -8.39
CA TRP A 373 19.92 -6.44 -8.75
C TRP A 373 19.46 -7.88 -8.57
N SER A 374 20.25 -8.82 -9.06
CA SER A 374 19.86 -10.21 -8.99
C SER A 374 20.18 -10.80 -7.64
N ASN A 375 20.09 -12.13 -7.54
CA ASN A 375 20.51 -12.83 -6.34
C ASN A 375 21.97 -13.26 -6.44
N LYS A 376 22.42 -13.59 -7.65
CA LYS A 376 23.75 -14.16 -7.82
C LYS A 376 24.84 -13.18 -7.43
N ILE A 377 24.59 -11.88 -7.53
CA ILE A 377 25.59 -10.94 -7.05
C ILE A 377 25.36 -10.58 -5.59
N ARG A 378 24.12 -10.62 -5.10
CA ARG A 378 23.90 -10.38 -3.69
C ARG A 378 24.60 -11.41 -2.83
N ASP A 379 24.64 -12.66 -3.26
CA ASP A 379 25.40 -13.66 -2.49
C ASP A 379 26.87 -13.29 -2.39
N ILE A 380 27.44 -12.77 -3.48
CA ILE A 380 28.84 -12.35 -3.45
C ILE A 380 29.02 -11.15 -2.52
N ALA A 381 28.11 -10.19 -2.59
CA ALA A 381 28.23 -9.01 -1.74
C ALA A 381 28.17 -9.37 -0.27
N ASP A 382 27.11 -10.09 0.13
CA ASP A 382 26.97 -10.43 1.54
C ASP A 382 28.08 -11.35 2.02
N ASN A 383 28.53 -12.27 1.16
CA ASN A 383 29.70 -13.06 1.49
C ASN A 383 30.90 -12.19 1.80
N GLU A 384 31.16 -11.17 0.97
CA GLU A 384 32.29 -10.29 1.23
C GLU A 384 32.10 -9.53 2.53
N VAL A 385 30.88 -9.12 2.84
CA VAL A 385 30.62 -8.42 4.09
C VAL A 385 31.01 -9.31 5.28
N ILE A 386 30.47 -10.52 5.31
CA ILE A 386 30.76 -11.40 6.43
C ILE A 386 32.24 -11.74 6.51
N GLU A 387 32.92 -11.85 5.38
CA GLU A 387 34.36 -12.09 5.45
C GLU A 387 35.10 -10.90 6.02
N LEU A 388 34.65 -9.67 5.73
CA LEU A 388 35.25 -8.51 6.36
C LEU A 388 35.10 -8.55 7.87
N LEU A 389 33.89 -8.85 8.36
CA LEU A 389 33.70 -8.88 9.80
C LEU A 389 34.51 -9.98 10.47
N LYS A 390 34.53 -11.19 9.89
CA LYS A 390 35.32 -12.27 10.47
C LYS A 390 36.81 -11.90 10.53
N ASP A 391 37.33 -11.33 9.44
CA ASP A 391 38.72 -10.87 9.45
C ASP A 391 38.95 -9.86 10.56
N SER A 392 37.99 -8.95 10.75
CA SER A 392 38.13 -7.95 11.81
C SER A 392 38.23 -8.60 13.19
N GLU A 393 37.33 -9.53 13.51
CA GLU A 393 37.42 -10.14 14.83
C GLU A 393 38.70 -10.94 14.98
N GLU A 394 39.22 -11.46 13.87
CA GLU A 394 40.50 -12.15 13.98
C GLU A 394 41.62 -11.18 14.34
N ARG A 395 41.66 -10.01 13.72
CA ARG A 395 42.71 -9.05 14.06
C ARG A 395 42.57 -8.57 15.50
N ALA A 396 41.36 -8.27 15.94
CA ALA A 396 41.19 -7.88 17.34
C ALA A 396 41.60 -9.00 18.29
N ARG A 397 41.32 -10.24 17.93
CA ARG A 397 41.75 -11.37 18.75
C ARG A 397 43.27 -11.43 18.86
N ARG A 398 43.97 -11.24 17.74
CA ARG A 398 45.42 -11.26 17.78
C ARG A 398 45.96 -10.12 18.63
N LEU A 399 45.44 -8.90 18.44
CA LEU A 399 46.00 -7.76 19.13
C LEU A 399 45.69 -7.76 20.62
N LEU A 400 44.57 -8.36 21.03
CA LEU A 400 44.30 -8.46 22.46
C LEU A 400 44.97 -9.65 23.11
N THR A 401 45.19 -10.73 22.36
CA THR A 401 46.00 -11.80 22.90
C THR A 401 47.48 -11.48 22.85
N LYS A 402 47.85 -10.36 22.22
CA LYS A 402 49.22 -9.87 22.29
C LYS A 402 49.39 -8.82 23.38
N LYS A 403 48.36 -8.02 23.63
CA LYS A 403 48.40 -6.90 24.56
C LYS A 403 47.72 -7.23 25.88
N ASN A 404 47.90 -8.44 26.37
CA ASN A 404 47.16 -8.93 27.54
C ASN A 404 47.43 -8.06 28.77
N VAL A 405 48.71 -7.87 29.11
CA VAL A 405 49.05 -7.27 30.40
C VAL A 405 48.56 -5.82 30.47
N GLU A 406 48.66 -5.07 29.38
CA GLU A 406 48.03 -3.76 29.32
C GLU A 406 46.52 -3.85 29.45
N LEU A 407 45.92 -4.95 29.00
CA LEU A 407 44.48 -5.12 29.15
C LEU A 407 44.09 -5.25 30.60
N HIS A 408 44.77 -6.12 31.36
CA HIS A 408 44.50 -6.20 32.80
C HIS A 408 44.79 -4.89 33.50
N ARG A 409 45.90 -4.23 33.15
CA ARG A 409 46.26 -2.98 33.80
C ARG A 409 45.20 -1.92 33.59
N LEU A 410 44.77 -1.71 32.35
CA LEU A 410 43.74 -0.71 32.10
C LEU A 410 42.41 -1.10 32.73
N ALA A 411 42.12 -2.40 32.80
CA ALA A 411 40.89 -2.83 33.45
C ALA A 411 40.88 -2.44 34.93
N GLN A 412 41.91 -2.84 35.67
CA GLN A 412 41.98 -2.46 37.07
C GLN A 412 42.05 -0.95 37.24
N GLY A 413 42.68 -0.26 36.30
CA GLY A 413 42.66 1.19 36.32
C GLY A 413 41.25 1.75 36.25
N LEU A 414 40.40 1.15 35.44
CA LEU A 414 39.00 1.59 35.41
C LEU A 414 38.24 1.17 36.65
N ILE A 415 38.56 0.04 37.25
CA ILE A 415 37.83 -0.37 38.44
C ILE A 415 38.17 0.53 39.62
N GLU A 416 39.40 1.05 39.66
CA GLU A 416 39.76 1.95 40.75
C GLU A 416 39.36 3.38 40.43
N TYR A 417 39.58 3.82 39.20
CA TYR A 417 39.25 5.16 38.74
C TYR A 417 38.08 5.05 37.77
N GLU A 418 36.99 5.76 38.06
CA GLU A 418 35.81 5.65 37.20
C GLU A 418 36.09 6.14 35.79
N THR A 419 37.04 7.06 35.62
CA THR A 419 37.28 7.69 34.33
C THR A 419 38.77 7.83 34.11
N LEU A 420 39.19 7.83 32.85
CA LEU A 420 40.59 7.96 32.50
C LEU A 420 40.73 8.72 31.19
N ASP A 421 41.41 9.86 31.25
CA ASP A 421 41.81 10.60 30.07
C ASP A 421 42.88 9.81 29.31
N ALA A 422 43.18 10.25 28.09
CA ALA A 422 44.15 9.57 27.25
C ALA A 422 45.51 9.44 27.93
N HIS A 423 46.01 10.55 28.47
CA HIS A 423 47.30 10.51 29.17
C HIS A 423 47.25 9.56 30.35
N GLU A 424 46.26 9.74 31.24
CA GLU A 424 46.09 8.84 32.38
C GLU A 424 45.95 7.39 31.94
N ILE A 425 45.21 7.14 30.85
CA ILE A 425 45.14 5.79 30.30
C ILE A 425 46.52 5.28 29.96
N GLU A 426 47.32 6.10 29.29
CA GLU A 426 48.59 5.60 28.79
C GLU A 426 49.55 5.30 29.94
N GLN A 427 49.66 6.20 30.91
CA GLN A 427 50.61 5.92 31.99
C GLN A 427 50.07 4.85 32.93
N VAL A 428 48.75 4.69 33.02
CA VAL A 428 48.18 3.56 33.76
C VAL A 428 48.51 2.25 33.04
N CYS A 429 48.62 2.29 31.71
CA CYS A 429 48.97 1.08 30.99
C CYS A 429 50.45 0.73 31.18
N LYS A 430 51.31 1.72 31.39
CA LYS A 430 52.73 1.49 31.60
C LYS A 430 53.07 1.23 33.06
N GLY A 431 52.11 0.80 33.86
CA GLY A 431 52.38 0.41 35.22
C GLY A 431 52.86 1.52 36.13
N GLU A 432 52.63 2.77 35.75
CA GLU A 432 53.00 3.89 36.60
C GLU A 432 51.95 4.07 37.69
N LYS A 433 52.06 5.17 38.43
CA LYS A 433 51.13 5.48 39.51
C LYS A 433 50.54 6.86 39.28
N LEU A 434 49.22 6.92 39.19
CA LEU A 434 48.52 8.15 38.85
C LEU A 434 48.23 8.98 40.09
N ALA A 435 48.45 10.29 39.97
CA ALA A 435 48.30 11.22 41.10
C ALA A 435 46.94 11.90 41.01
N LYS A 436 45.91 11.17 41.40
CA LYS A 436 44.56 11.69 41.54
C LYS A 436 43.86 10.90 42.62
N LEU A 437 42.55 11.07 42.73
CA LEU A 437 41.80 10.48 43.82
C LEU A 437 41.09 9.20 43.37
N LYS A 438 41.00 8.25 44.30
CA LYS A 438 40.28 7.01 44.05
C LYS A 438 38.79 7.28 43.93
N THR A 439 38.03 6.22 43.67
CA THR A 439 36.59 6.34 43.44
C THR A 439 35.88 6.84 44.69
N LYS B 1 3.77 15.76 46.70
CA LYS B 1 5.07 16.40 46.75
C LYS B 1 6.18 15.45 46.33
N PHE B 2 7.39 15.98 46.16
CA PHE B 2 8.50 15.21 45.62
C PHE B 2 8.86 14.01 46.47
N ASP B 3 8.45 13.97 47.74
CA ASP B 3 8.67 12.77 48.53
C ASP B 3 7.71 11.66 48.14
N ASP B 4 6.57 12.00 47.54
CA ASP B 4 5.60 11.02 47.10
C ASP B 4 5.87 10.50 45.69
N VAL B 5 7.05 10.73 45.15
CA VAL B 5 7.41 10.13 43.87
C VAL B 5 8.58 9.17 44.11
N CYS B 6 8.26 7.92 44.41
CA CYS B 6 9.27 6.96 44.80
C CYS B 6 9.75 6.17 43.60
N GLY B 7 11.07 6.12 43.41
CA GLY B 7 11.63 5.65 42.18
C GLY B 7 11.93 6.81 41.24
N CYS B 8 12.67 6.49 40.18
CA CYS B 8 13.17 7.45 39.18
C CYS B 8 13.76 8.69 39.87
N ASP B 9 14.82 8.47 40.62
CA ASP B 9 15.41 9.56 41.40
C ASP B 9 16.15 10.55 40.52
N GLU B 10 16.92 10.08 39.54
CA GLU B 10 17.72 11.00 38.73
C GLU B 10 16.85 11.82 37.80
N ALA B 11 15.59 11.46 37.63
CA ALA B 11 14.65 12.28 36.86
C ALA B 11 13.83 13.20 37.74
N ARG B 12 14.00 13.12 39.06
CA ARG B 12 13.35 14.05 39.99
C ARG B 12 14.26 15.19 40.39
N ALA B 13 15.58 14.96 40.43
CA ALA B 13 16.50 16.05 40.68
C ALA B 13 16.43 17.10 39.57
N GLU B 14 16.13 16.67 38.34
CA GLU B 14 16.05 17.59 37.22
C GLU B 14 14.91 18.59 37.37
N LEU B 15 13.98 18.32 38.28
CA LEU B 15 12.89 19.24 38.59
C LEU B 15 13.06 19.91 39.95
N GLU B 16 13.69 19.22 40.91
CA GLU B 16 14.05 19.89 42.15
C GLU B 16 15.02 21.04 41.90
N GLU B 17 15.88 20.91 40.89
CA GLU B 17 16.76 22.03 40.57
C GLU B 17 16.00 23.20 39.96
N ILE B 18 14.88 22.95 39.30
CA ILE B 18 14.07 24.05 38.77
C ILE B 18 13.29 24.71 39.90
N VAL B 19 12.76 23.91 40.83
CA VAL B 19 12.06 24.49 41.97
C VAL B 19 13.00 25.34 42.81
N ASP B 20 14.15 24.77 43.20
CA ASP B 20 15.13 25.52 43.97
C ASP B 20 15.62 26.74 43.19
N PHE B 21 15.86 26.58 41.90
CA PHE B 21 16.33 27.70 41.10
C PHE B 21 15.25 28.76 40.93
N LEU B 22 14.00 28.42 41.23
CA LEU B 22 12.97 29.45 41.30
C LEU B 22 12.86 30.08 42.67
N LYS B 23 13.19 29.34 43.74
CA LYS B 23 13.13 29.91 45.07
C LYS B 23 14.10 31.08 45.23
N ASP B 24 15.40 30.81 45.14
CA ASP B 24 16.44 31.83 45.26
C ASP B 24 17.40 31.74 44.08
N PRO B 25 17.27 32.62 43.11
CA PRO B 25 18.12 32.58 41.91
C PRO B 25 19.47 33.25 42.13
N THR B 26 20.16 32.83 43.18
CA THR B 26 21.46 33.39 43.53
C THR B 26 22.53 32.31 43.64
N LYS B 27 22.15 31.09 44.02
CA LYS B 27 23.14 30.01 44.09
C LYS B 27 23.42 29.45 42.71
N TYR B 28 22.74 29.96 41.68
CA TYR B 28 22.91 29.42 40.34
C TYR B 28 23.29 30.50 39.35
N GLU B 29 22.68 31.68 39.47
CA GLU B 29 22.91 32.78 38.53
C GLU B 29 24.18 33.55 38.81
N SER B 30 25.03 33.11 39.74
CA SER B 30 26.20 33.91 40.11
C SER B 30 27.18 33.99 38.95
N LEU B 31 27.20 33.00 38.07
CA LEU B 31 28.13 32.96 36.96
C LEU B 31 27.47 33.23 35.62
N GLY B 32 26.19 33.59 35.61
CA GLY B 32 25.51 33.92 34.38
C GLY B 32 24.64 32.84 33.80
N GLY B 33 24.32 31.80 34.56
CA GLY B 33 23.35 30.82 34.10
C GLY B 33 21.94 31.38 34.19
N LYS B 34 21.00 30.71 33.50
CA LYS B 34 19.63 31.17 33.45
C LYS B 34 18.67 29.99 33.52
N LEU B 35 17.39 30.33 33.63
CA LEU B 35 16.34 29.32 33.64
C LEU B 35 16.40 28.48 32.37
N PRO B 36 15.97 27.22 32.42
CA PRO B 36 15.66 26.51 31.19
C PRO B 36 14.38 27.06 30.59
N LYS B 37 14.30 26.99 29.26
CA LYS B 37 13.07 27.40 28.62
C LYS B 37 12.06 26.27 28.52
N GLY B 38 12.40 25.09 29.01
CA GLY B 38 11.47 23.99 28.98
C GLY B 38 12.02 22.64 29.38
N VAL B 39 11.15 21.82 29.96
CA VAL B 39 11.43 20.43 30.29
C VAL B 39 10.49 19.57 29.44
N LEU B 40 10.95 18.38 29.07
CA LEU B 40 10.15 17.46 28.29
C LEU B 40 10.23 16.07 28.93
N LEU B 41 9.11 15.62 29.50
CA LEU B 41 9.07 14.36 30.24
C LEU B 41 8.61 13.26 29.30
N THR B 42 9.56 12.47 28.82
CA THR B 42 9.24 11.32 27.98
C THR B 42 9.24 10.04 28.81
N GLY B 43 8.75 8.96 28.20
CA GLY B 43 8.74 7.67 28.85
C GLY B 43 7.53 6.83 28.51
N PRO B 44 7.56 5.57 28.93
CA PRO B 44 6.46 4.65 28.61
C PRO B 44 5.19 5.02 29.35
N PRO B 45 4.13 4.23 29.19
CA PRO B 45 2.85 4.57 29.84
C PRO B 45 2.83 4.14 31.30
N GLY B 46 2.50 5.09 32.18
CA GLY B 46 2.28 4.78 33.57
C GLY B 46 3.48 4.89 34.47
N THR B 47 4.57 5.54 34.02
CA THR B 47 5.81 5.53 34.76
C THR B 47 5.91 6.65 35.79
N GLY B 48 5.03 7.65 35.75
CA GLY B 48 5.03 8.66 36.79
C GLY B 48 5.29 10.08 36.32
N LYS B 49 4.84 10.43 35.12
CA LYS B 49 5.11 11.76 34.58
C LYS B 49 4.18 12.81 35.15
N THR B 50 2.88 12.64 34.96
CA THR B 50 1.92 13.57 35.54
C THR B 50 2.00 13.61 37.05
N LEU B 51 2.50 12.54 37.68
CA LEU B 51 2.80 12.59 39.09
C LEU B 51 3.87 13.64 39.38
N LEU B 52 4.86 13.75 38.50
CA LEU B 52 5.86 14.79 38.64
C LEU B 52 5.29 16.17 38.31
N ALA B 53 4.33 16.23 37.40
CA ALA B 53 3.67 17.51 37.14
C ALA B 53 2.91 18.00 38.36
N ARG B 54 2.11 17.14 38.99
CA ARG B 54 1.44 17.54 40.22
C ARG B 54 2.45 17.82 41.32
N ALA B 55 3.52 17.06 41.39
CA ALA B 55 4.53 17.27 42.42
C ALA B 55 5.14 18.66 42.31
N THR B 56 5.61 19.03 41.11
CA THR B 56 6.16 20.37 40.94
C THR B 56 5.08 21.43 41.14
N ALA B 57 3.83 21.12 40.82
CA ALA B 57 2.75 22.05 41.12
C ALA B 57 2.62 22.28 42.62
N GLY B 58 2.98 21.28 43.43
CA GLY B 58 2.92 21.45 44.87
C GLY B 58 4.13 22.17 45.43
N GLU B 59 5.31 21.84 44.93
CA GLU B 59 6.54 22.43 45.45
C GLU B 59 6.83 23.81 44.90
N ALA B 60 6.26 24.18 43.75
CA ALA B 60 6.71 25.38 43.05
C ALA B 60 6.35 26.65 43.81
N GLY B 61 5.11 26.77 44.25
CA GLY B 61 4.69 28.00 44.89
C GLY B 61 4.63 29.17 43.95
N VAL B 62 4.28 28.92 42.68
CA VAL B 62 4.16 29.97 41.67
C VAL B 62 2.95 29.65 40.80
N ASP B 63 2.57 30.61 39.97
CA ASP B 63 1.39 30.43 39.14
C ASP B 63 1.61 29.30 38.14
N PHE B 64 0.85 28.23 38.30
CA PHE B 64 0.99 27.02 37.50
C PHE B 64 -0.24 26.87 36.62
N PHE B 65 -0.04 26.92 35.31
CA PHE B 65 -1.10 26.79 34.33
C PHE B 65 -0.99 25.43 33.67
N PHE B 66 -2.05 24.63 33.74
CA PHE B 66 -2.04 23.30 33.15
C PHE B 66 -3.15 23.19 32.12
N MET B 67 -2.87 22.48 31.04
CA MET B 67 -3.89 22.19 30.04
C MET B 67 -3.41 21.01 29.20
N SER B 68 -4.35 20.37 28.52
CA SER B 68 -4.04 19.21 27.71
C SER B 68 -3.69 19.64 26.29
N GLY B 69 -3.31 18.65 25.48
CA GLY B 69 -3.05 18.91 24.07
C GLY B 69 -4.25 18.75 23.18
N SER B 70 -5.29 18.06 23.65
CA SER B 70 -6.50 17.89 22.88
C SER B 70 -7.61 18.82 23.32
N GLU B 71 -7.27 19.99 23.85
CA GLU B 71 -8.24 20.99 24.26
C GLU B 71 -8.12 22.27 23.45
N PHE B 72 -7.25 22.29 22.45
CA PHE B 72 -7.01 23.48 21.65
C PHE B 72 -7.91 23.52 20.42
N ASP B 73 -7.75 22.53 19.54
CA ASP B 73 -8.49 22.50 18.29
C ASP B 73 -9.98 22.34 18.55
N GLU B 74 -10.79 22.97 17.72
CA GLU B 74 -12.23 22.80 17.84
C GLU B 74 -12.86 23.21 16.51
N VAL B 75 -14.18 23.43 16.52
CA VAL B 75 -14.98 23.40 15.29
C VAL B 75 -14.46 24.40 14.26
N TYR B 76 -14.01 25.55 14.70
CA TYR B 76 -13.71 26.66 13.81
C TYR B 76 -12.21 26.73 13.52
N VAL B 77 -11.86 27.52 12.52
CA VAL B 77 -10.49 27.60 12.02
C VAL B 77 -9.72 28.59 12.89
N GLY B 78 -8.46 28.25 13.19
CA GLY B 78 -7.64 29.12 13.99
C GLY B 78 -8.15 29.39 15.38
N VAL B 79 -8.77 28.40 16.01
CA VAL B 79 -9.22 28.58 17.39
C VAL B 79 -8.16 28.11 18.38
N GLY B 80 -7.52 26.98 18.09
CA GLY B 80 -6.40 26.56 18.91
C GLY B 80 -5.28 27.58 18.94
N ALA B 81 -5.07 28.27 17.83
CA ALA B 81 -4.06 29.31 17.78
C ALA B 81 -4.37 30.42 18.78
N LYS B 82 -5.58 30.99 18.73
CA LYS B 82 -5.91 32.07 19.64
C LYS B 82 -5.97 31.58 21.08
N ARG B 83 -6.29 30.30 21.30
CA ARG B 83 -6.25 29.80 22.66
C ARG B 83 -4.81 29.67 23.16
N ILE B 84 -3.86 29.42 22.27
CA ILE B 84 -2.46 29.44 22.69
C ILE B 84 -1.98 30.86 22.96
N ARG B 85 -2.32 31.80 22.06
CA ARG B 85 -1.97 33.20 22.30
C ARG B 85 -2.58 33.72 23.59
N ASP B 86 -3.78 33.26 23.94
CA ASP B 86 -4.38 33.64 25.21
C ASP B 86 -3.66 32.98 26.38
N LEU B 87 -3.29 31.71 26.25
CA LEU B 87 -2.59 31.01 27.33
C LEU B 87 -1.28 31.71 27.67
N PHE B 88 -0.40 31.88 26.68
CA PHE B 88 0.84 32.57 26.95
C PHE B 88 0.63 34.04 27.26
N ALA B 89 -0.48 34.62 26.80
CA ALA B 89 -0.77 36.00 27.16
C ALA B 89 -1.00 36.14 28.67
N GLN B 90 -1.85 35.29 29.23
CA GLN B 90 -2.09 35.33 30.67
C GLN B 90 -0.83 34.92 31.45
N ALA B 91 -0.12 33.91 30.95
CA ALA B 91 1.08 33.45 31.65
C ALA B 91 2.14 34.55 31.72
N ARG B 92 2.41 35.22 30.60
CA ARG B 92 3.33 36.35 30.65
C ARG B 92 2.79 37.45 31.56
N SER B 93 1.52 37.81 31.38
CA SER B 93 0.97 38.97 32.07
C SER B 93 1.00 38.80 33.58
N ARG B 94 0.87 37.58 34.09
CA ARG B 94 0.77 37.44 35.54
C ARG B 94 2.13 37.54 36.23
N ALA B 95 3.00 36.58 35.99
CA ALA B 95 4.24 36.50 36.75
C ALA B 95 5.16 35.51 36.08
N PRO B 96 6.38 35.32 36.60
CA PRO B 96 7.19 34.17 36.19
C PRO B 96 6.46 32.87 36.49
N ALA B 97 6.05 32.15 35.45
CA ALA B 97 5.08 31.08 35.62
C ALA B 97 5.59 29.78 35.00
N ILE B 98 4.75 28.76 35.13
CA ILE B 98 5.00 27.44 34.56
C ILE B 98 3.75 27.02 33.82
N ILE B 99 3.92 26.31 32.71
CA ILE B 99 2.82 25.84 31.88
C ILE B 99 3.06 24.38 31.56
N PHE B 100 2.07 23.54 31.84
CA PHE B 100 2.14 22.11 31.62
C PHE B 100 1.13 21.73 30.55
N ILE B 101 1.63 21.44 29.35
CA ILE B 101 0.81 21.00 28.24
C ILE B 101 0.92 19.48 28.16
N ASP B 102 -0.06 18.78 28.70
CA ASP B 102 0.01 17.32 28.75
C ASP B 102 -0.49 16.74 27.43
N GLN B 103 0.09 15.61 27.05
CA GLN B 103 -0.21 14.95 25.79
C GLN B 103 0.11 15.87 24.60
N LEU B 104 1.40 16.15 24.44
CA LEU B 104 1.84 16.96 23.30
C LEU B 104 1.57 16.31 21.95
N ASP B 105 1.26 15.02 21.90
CA ASP B 105 1.09 14.35 20.62
C ASP B 105 -0.08 14.95 19.83
N ALA B 106 -1.09 15.47 20.52
CA ALA B 106 -2.20 16.07 19.82
C ALA B 106 -1.78 17.37 19.13
N ILE B 107 -0.89 18.12 19.77
CA ILE B 107 -0.46 19.39 19.19
C ILE B 107 0.81 19.20 18.39
N GLY B 108 1.75 18.43 18.91
CA GLY B 108 2.98 18.13 18.21
C GLY B 108 2.74 17.24 17.01
N GLY B 109 3.74 16.46 16.68
CA GLY B 109 3.56 15.60 15.53
C GLY B 109 4.19 16.20 14.30
N LYS B 110 4.83 15.35 13.51
CA LYS B 110 5.68 15.83 12.42
C LYS B 110 4.87 16.54 11.36
N ARG B 111 5.37 17.69 10.91
CA ARG B 111 4.82 18.40 9.77
C ARG B 111 5.32 17.73 8.51
N ASN B 112 4.50 17.74 7.47
CA ASN B 112 4.90 17.19 6.19
C ASN B 112 3.90 17.56 5.11
N PRO B 113 4.17 17.22 3.85
CA PRO B 113 3.11 17.24 2.84
C PRO B 113 2.03 16.23 3.21
N LYS B 114 0.96 16.24 2.41
CA LYS B 114 -0.24 15.45 2.62
C LYS B 114 -1.13 16.02 3.71
N ASP B 115 -0.71 17.09 4.38
CA ASP B 115 -1.55 17.77 5.33
C ASP B 115 -2.45 18.77 4.61
N GLN B 116 -3.72 18.81 5.01
CA GLN B 116 -4.62 19.83 4.53
C GLN B 116 -4.14 21.17 5.05
N ALA B 117 -4.69 22.26 4.51
CA ALA B 117 -4.42 23.57 5.09
C ALA B 117 -5.01 23.62 6.50
N TYR B 118 -4.42 24.47 7.34
CA TYR B 118 -4.92 24.74 8.69
C TYR B 118 -4.60 23.62 9.67
N ALA B 119 -4.06 22.51 9.18
CA ALA B 119 -3.80 21.36 10.03
C ALA B 119 -2.71 21.62 11.07
N LYS B 120 -1.79 22.53 10.78
CA LYS B 120 -0.65 22.78 11.64
C LYS B 120 -0.53 24.25 12.00
N GLN B 121 -1.63 24.85 12.44
CA GLN B 121 -1.61 26.25 12.84
C GLN B 121 -1.40 26.42 14.34
N THR B 122 -1.90 25.50 15.16
CA THR B 122 -1.56 25.54 16.58
C THR B 122 -0.12 25.09 16.82
N LEU B 123 0.38 24.13 16.05
CA LEU B 123 1.78 23.75 16.14
C LEU B 123 2.69 24.94 15.82
N ASN B 124 2.42 25.63 14.71
CA ASN B 124 3.24 26.79 14.36
C ASN B 124 3.09 27.90 15.37
N GLN B 125 1.86 28.17 15.82
CA GLN B 125 1.69 29.22 16.82
C GLN B 125 2.42 28.90 18.12
N LEU B 126 2.55 27.62 18.45
CA LEU B 126 3.33 27.25 19.63
C LEU B 126 4.82 27.43 19.36
N LEU B 127 5.29 27.00 18.19
CA LEU B 127 6.70 27.19 17.83
C LEU B 127 7.08 28.66 17.88
N VAL B 128 6.13 29.55 17.58
CA VAL B 128 6.38 30.98 17.69
C VAL B 128 6.36 31.42 19.15
N GLU B 129 5.39 30.91 19.91
CA GLU B 129 5.26 31.38 21.30
C GLU B 129 6.43 30.96 22.17
N LEU B 130 7.10 29.86 21.86
CA LEU B 130 8.24 29.44 22.67
C LEU B 130 9.42 30.39 22.51
N ASP B 131 9.79 30.71 21.27
CA ASP B 131 10.77 31.77 21.00
C ASP B 131 10.55 32.31 19.57
N GLY B 132 9.91 33.45 19.48
CA GLY B 132 9.71 34.13 18.22
C GLY B 132 10.64 35.31 18.08
N PHE B 133 10.08 36.40 17.60
CA PHE B 133 10.81 37.66 17.47
C PHE B 133 10.86 38.44 18.77
N SER B 134 10.10 38.03 19.79
CA SER B 134 10.01 38.82 21.02
C SER B 134 11.13 38.48 22.00
N GLN B 135 11.24 37.21 22.38
CA GLN B 135 12.30 36.74 23.28
C GLN B 135 12.12 37.28 24.70
N THR B 136 10.90 37.29 25.18
CA THR B 136 10.61 37.68 26.56
C THR B 136 10.51 36.45 27.44
N SER B 137 11.39 36.36 28.42
CA SER B 137 11.55 35.18 29.25
C SER B 137 10.65 35.28 30.47
N GLY B 138 10.87 34.37 31.42
CA GLY B 138 10.07 34.29 32.62
C GLY B 138 9.05 33.19 32.61
N ILE B 139 9.05 32.31 31.61
CA ILE B 139 8.06 31.25 31.48
C ILE B 139 8.79 29.93 31.26
N ILE B 140 8.27 28.86 31.87
CA ILE B 140 8.81 27.52 31.74
C ILE B 140 7.66 26.59 31.41
N ILE B 141 7.66 26.06 30.19
CA ILE B 141 6.61 25.16 29.75
C ILE B 141 7.12 23.74 29.88
N ILE B 142 6.29 22.87 30.44
CA ILE B 142 6.61 21.46 30.61
C ILE B 142 5.74 20.67 29.66
N GLY B 143 6.27 19.54 29.15
CA GLY B 143 5.50 18.69 28.27
C GLY B 143 5.75 17.24 28.60
N ALA B 144 4.73 16.42 28.34
CA ALA B 144 4.77 14.99 28.60
C ALA B 144 4.35 14.26 27.34
N THR B 145 5.09 13.21 26.99
CA THR B 145 4.84 12.53 25.72
C THR B 145 5.22 11.07 25.85
N ASN B 146 4.30 10.20 25.42
CA ASN B 146 4.62 8.79 25.31
C ASN B 146 5.55 8.53 24.15
N PHE B 147 5.39 9.27 23.06
CA PHE B 147 6.11 9.06 21.81
C PHE B 147 7.05 10.22 21.56
N PRO B 148 8.29 10.17 22.04
CA PRO B 148 9.21 11.28 21.82
C PRO B 148 9.55 11.47 20.35
N GLU B 149 9.43 10.41 19.56
CA GLU B 149 9.84 10.44 18.17
C GLU B 149 8.78 11.01 17.24
N ALA B 150 7.51 10.92 17.61
CA ALA B 150 6.43 11.43 16.79
C ALA B 150 6.37 12.95 16.77
N LEU B 151 7.11 13.61 17.65
CA LEU B 151 7.15 15.06 17.68
C LEU B 151 8.05 15.59 16.56
N ASP B 152 7.63 16.70 15.96
CA ASP B 152 8.48 17.36 14.98
C ASP B 152 9.72 17.90 15.65
N LYS B 153 10.80 18.06 14.88
CA LYS B 153 12.05 18.52 15.45
C LYS B 153 12.16 20.03 15.50
N ALA B 154 11.05 20.75 15.43
CA ALA B 154 11.05 22.18 15.70
C ALA B 154 10.62 22.50 17.12
N LEU B 155 9.90 21.59 17.78
CA LEU B 155 9.59 21.76 19.20
C LEU B 155 10.68 21.20 20.09
N THR B 156 11.20 20.03 19.76
CA THR B 156 12.11 19.33 20.64
C THR B 156 13.54 19.82 20.55
N ARG B 157 13.81 20.91 19.82
CA ARG B 157 15.18 21.38 19.72
C ARG B 157 15.48 22.33 20.88
N PRO B 158 16.74 22.44 21.29
CA PRO B 158 17.08 23.28 22.45
C PRO B 158 16.73 24.73 22.19
N GLY B 159 16.45 25.45 23.27
CA GLY B 159 15.82 26.75 23.18
C GLY B 159 14.31 26.68 23.24
N ARG B 160 13.71 25.56 22.83
CA ARG B 160 12.31 25.28 23.07
C ARG B 160 12.15 24.37 24.28
N PHE B 161 12.81 23.22 24.29
CA PHE B 161 12.82 22.31 25.42
C PHE B 161 14.28 22.08 25.80
N ASP B 162 14.74 22.83 26.80
CA ASP B 162 16.14 22.78 27.16
C ASP B 162 16.52 21.42 27.74
N LYS B 163 15.64 20.80 28.51
CA LYS B 163 15.94 19.52 29.14
C LYS B 163 15.00 18.44 28.63
N VAL B 164 15.55 17.28 28.30
CA VAL B 164 14.78 16.11 27.92
C VAL B 164 14.97 15.05 29.00
N VAL B 165 13.96 14.87 29.83
CA VAL B 165 13.99 13.95 30.96
C VAL B 165 13.35 12.64 30.52
N ASN B 166 14.02 11.53 30.80
CA ASN B 166 13.59 10.20 30.39
C ASN B 166 13.11 9.45 31.61
N VAL B 167 11.79 9.48 31.85
CA VAL B 167 11.19 8.84 33.01
C VAL B 167 10.88 7.40 32.63
N ASP B 168 11.84 6.52 32.84
CA ASP B 168 11.79 5.15 32.35
C ASP B 168 11.28 4.21 33.45
N LEU B 169 10.99 2.97 33.05
CA LEU B 169 10.47 1.98 33.98
C LEU B 169 11.44 1.76 35.14
N PRO B 170 10.95 1.68 36.36
CA PRO B 170 11.85 1.56 37.51
C PRO B 170 12.51 0.20 37.57
N ASP B 171 13.69 0.17 38.17
CA ASP B 171 14.40 -1.08 38.42
C ASP B 171 13.97 -1.64 39.77
N VAL B 172 14.67 -2.69 40.21
CA VAL B 172 14.23 -3.48 41.35
C VAL B 172 14.11 -2.62 42.61
N ARG B 173 15.07 -1.72 42.83
CA ARG B 173 14.98 -0.86 43.99
C ARG B 173 13.87 0.18 43.81
N GLY B 174 13.61 0.57 42.57
CA GLY B 174 12.48 1.45 42.32
C GLY B 174 11.16 0.78 42.69
N ARG B 175 11.00 -0.48 42.28
CA ARG B 175 9.79 -1.20 42.67
C ARG B 175 9.73 -1.37 44.19
N ALA B 176 10.88 -1.57 44.83
CA ALA B 176 10.91 -1.65 46.28
C ALA B 176 10.38 -0.37 46.91
N ASP B 177 10.90 0.78 46.49
CA ASP B 177 10.48 2.04 47.09
C ASP B 177 9.04 2.37 46.77
N ILE B 178 8.57 2.03 45.57
CA ILE B 178 7.18 2.28 45.24
C ILE B 178 6.25 1.46 46.12
N LEU B 179 6.52 0.15 46.23
CA LEU B 179 5.69 -0.69 47.08
C LEU B 179 5.73 -0.23 48.53
N LYS B 180 6.92 0.12 49.04
CA LYS B 180 7.00 0.64 50.39
C LYS B 180 6.26 1.96 50.51
N HIS B 181 6.07 2.68 49.41
CA HIS B 181 5.35 3.95 49.48
C HIS B 181 3.85 3.75 49.49
N HIS B 182 3.33 2.81 48.70
CA HIS B 182 1.90 2.57 48.71
C HIS B 182 1.45 1.71 49.88
N MET B 183 2.36 0.97 50.50
CA MET B 183 2.02 0.20 51.68
C MET B 183 1.81 1.04 52.93
N LYS B 184 1.89 2.36 52.83
CA LYS B 184 1.70 3.22 53.98
C LYS B 184 0.27 3.73 54.13
N LYS B 185 -0.59 3.44 53.16
CA LYS B 185 -1.99 3.80 53.24
C LYS B 185 -2.86 2.67 53.74
N ILE B 186 -2.28 1.54 54.13
CA ILE B 186 -3.02 0.35 54.50
C ILE B 186 -2.45 -0.22 55.80
N THR B 187 -3.11 -1.27 56.29
CA THR B 187 -2.73 -1.92 57.54
C THR B 187 -1.94 -3.18 57.23
N LEU B 188 -0.62 -3.08 57.26
CA LEU B 188 0.26 -4.12 56.75
C LEU B 188 0.57 -5.15 57.82
N ALA B 189 0.92 -6.35 57.36
CA ALA B 189 1.35 -7.44 58.24
C ALA B 189 2.83 -7.26 58.58
N ASP B 190 3.45 -8.28 59.14
CA ASP B 190 4.82 -8.18 59.62
C ASP B 190 5.80 -9.08 58.88
N ASN B 191 5.32 -10.10 58.18
CA ASN B 191 6.19 -10.97 57.39
C ASN B 191 6.41 -10.44 55.98
N VAL B 192 6.22 -9.14 55.75
CA VAL B 192 6.25 -8.56 54.42
C VAL B 192 7.69 -8.23 54.05
N ASP B 193 8.10 -8.66 52.85
CA ASP B 193 9.43 -8.39 52.32
C ASP B 193 9.28 -7.79 50.94
N PRO B 194 9.19 -6.46 50.80
CA PRO B 194 9.06 -5.84 49.48
C PRO B 194 10.17 -6.21 48.51
N THR B 195 11.32 -6.67 49.00
CA THR B 195 12.33 -7.22 48.10
C THR B 195 11.82 -8.43 47.34
N ILE B 196 10.96 -9.23 47.98
CA ILE B 196 10.48 -10.45 47.33
C ILE B 196 9.48 -10.11 46.23
N ILE B 197 8.51 -9.26 46.55
CA ILE B 197 7.54 -8.85 45.54
C ILE B 197 8.22 -8.11 44.41
N ALA B 198 9.17 -7.24 44.76
CA ALA B 198 9.88 -6.47 43.74
C ALA B 198 10.70 -7.38 42.83
N ARG B 199 11.36 -8.38 43.40
CA ARG B 199 12.04 -9.37 42.55
C ARG B 199 11.04 -10.15 41.72
N GLY B 200 9.81 -10.31 42.21
CA GLY B 200 8.82 -11.09 41.49
C GLY B 200 7.97 -10.32 40.49
N THR B 201 8.23 -9.04 40.30
CA THR B 201 7.47 -8.21 39.36
C THR B 201 8.43 -7.61 38.35
N PRO B 202 8.99 -8.42 37.46
CA PRO B 202 9.93 -7.91 36.47
C PRO B 202 9.23 -7.11 35.38
N GLY B 203 9.39 -5.79 35.43
CA GLY B 203 8.94 -4.92 34.38
C GLY B 203 7.61 -4.24 34.58
N LEU B 204 7.29 -3.80 35.80
CA LEU B 204 6.04 -3.12 36.08
C LEU B 204 6.30 -1.68 36.49
N SER B 205 5.41 -0.79 36.07
CA SER B 205 5.53 0.63 36.36
C SER B 205 4.95 0.89 37.75
N GLY B 206 4.72 2.17 38.08
CA GLY B 206 4.10 2.49 39.35
C GLY B 206 2.63 2.14 39.40
N ALA B 207 1.92 2.34 38.29
CA ALA B 207 0.48 2.09 38.28
C ALA B 207 0.17 0.63 38.58
N GLU B 208 0.94 -0.29 38.01
CA GLU B 208 0.68 -1.71 38.25
C GLU B 208 0.95 -2.09 39.70
N LEU B 209 1.90 -1.43 40.34
CA LEU B 209 2.23 -1.77 41.72
C LEU B 209 1.20 -1.20 42.67
N ALA B 210 0.76 0.03 42.44
CA ALA B 210 -0.35 0.56 43.23
C ALA B 210 -1.59 -0.29 43.07
N ASN B 211 -1.87 -0.70 41.82
CA ASN B 211 -2.96 -1.64 41.58
C ASN B 211 -2.77 -2.90 42.39
N LEU B 212 -1.54 -3.43 42.44
CA LEU B 212 -1.29 -4.65 43.18
C LEU B 212 -1.62 -4.50 44.66
N VAL B 213 -1.15 -3.40 45.27
CA VAL B 213 -1.42 -3.17 46.69
C VAL B 213 -2.92 -3.06 46.95
N ASN B 214 -3.63 -2.29 46.11
CA ASN B 214 -5.07 -2.12 46.32
C ASN B 214 -5.80 -3.45 46.18
N GLN B 215 -5.47 -4.24 45.15
CA GLN B 215 -6.01 -5.59 45.01
C GLN B 215 -5.83 -6.38 46.29
N ALA B 216 -4.62 -6.34 46.86
CA ALA B 216 -4.34 -7.12 48.06
C ALA B 216 -5.18 -6.63 49.25
N ALA B 217 -5.35 -5.31 49.38
CA ALA B 217 -6.11 -4.80 50.51
C ALA B 217 -7.57 -5.21 50.43
N VAL B 218 -8.22 -4.97 49.29
CA VAL B 218 -9.63 -5.33 49.17
C VAL B 218 -9.82 -6.82 49.29
N TYR B 219 -8.89 -7.61 48.74
CA TYR B 219 -9.00 -9.06 48.88
C TYR B 219 -8.89 -9.49 50.33
N ALA B 220 -7.91 -8.95 51.06
CA ALA B 220 -7.79 -9.29 52.47
C ALA B 220 -9.06 -8.95 53.24
N CYS B 221 -9.62 -7.77 53.01
CA CYS B 221 -10.80 -7.40 53.78
C CYS B 221 -12.06 -8.11 53.33
N GLN B 222 -12.08 -8.71 52.15
CA GLN B 222 -13.20 -9.60 51.84
C GLN B 222 -13.24 -10.79 52.78
N LYS B 223 -12.08 -11.34 53.14
CA LYS B 223 -12.02 -12.43 54.10
C LYS B 223 -11.93 -11.94 55.53
N ASN B 224 -12.45 -10.73 55.79
CA ASN B 224 -12.56 -10.07 57.10
C ASN B 224 -11.39 -10.36 58.04
N ALA B 225 -10.18 -10.20 57.53
CA ALA B 225 -8.99 -10.36 58.36
C ALA B 225 -8.66 -9.04 59.06
N VAL B 226 -7.49 -9.00 59.67
CA VAL B 226 -7.02 -7.83 60.39
C VAL B 226 -5.83 -7.18 59.69
N SER B 227 -4.95 -7.97 59.10
CA SER B 227 -3.73 -7.48 58.47
C SER B 227 -3.74 -7.86 56.99
N VAL B 228 -2.62 -7.59 56.33
CA VAL B 228 -2.43 -7.93 54.93
C VAL B 228 -1.16 -8.77 54.86
N ASP B 229 -1.33 -10.10 54.81
CA ASP B 229 -0.19 -10.99 54.93
C ASP B 229 0.56 -11.08 53.62
N MET B 230 1.68 -11.81 53.66
CA MET B 230 2.44 -12.05 52.43
C MET B 230 1.65 -12.87 51.44
N SER B 231 0.86 -13.84 51.92
CA SER B 231 0.03 -14.65 51.05
C SER B 231 -0.95 -13.81 50.24
N HIS B 232 -1.44 -12.71 50.82
CA HIS B 232 -2.33 -11.83 50.07
C HIS B 232 -1.61 -11.16 48.93
N PHE B 233 -0.39 -10.69 49.17
CA PHE B 233 0.40 -10.08 48.11
C PHE B 233 0.73 -11.09 47.01
N GLU B 234 1.01 -12.34 47.39
CA GLU B 234 1.21 -13.35 46.38
C GLU B 234 -0.06 -13.59 45.57
N TRP B 235 -1.22 -13.59 46.24
CA TRP B 235 -2.48 -13.74 45.53
C TRP B 235 -2.68 -12.65 44.50
N ALA B 236 -2.63 -11.39 44.93
CA ALA B 236 -2.85 -10.28 44.02
C ALA B 236 -1.81 -10.25 42.91
N LYS B 237 -0.56 -10.59 43.22
CA LYS B 237 0.46 -10.64 42.17
C LYS B 237 0.11 -11.67 41.11
N ASP B 238 -0.19 -12.91 41.53
CA ASP B 238 -0.52 -13.94 40.58
C ASP B 238 -1.76 -13.59 39.75
N LYS B 239 -2.78 -13.01 40.40
CA LYS B 239 -3.96 -12.60 39.65
C LYS B 239 -3.62 -11.52 38.63
N ILE B 240 -2.76 -10.57 39.00
CA ILE B 240 -2.42 -9.49 38.10
C ILE B 240 -1.68 -10.01 36.88
N LEU B 241 -0.69 -10.87 37.08
CA LEU B 241 0.20 -11.18 35.97
C LEU B 241 -0.20 -12.46 35.24
N MET B 242 -1.20 -13.19 35.74
CA MET B 242 -1.66 -14.38 35.03
C MET B 242 -3.17 -14.59 35.09
N GLY B 243 -3.95 -13.54 35.26
CA GLY B 243 -5.39 -13.69 35.21
C GLY B 243 -5.95 -14.47 36.39
N ALA B 244 -7.27 -14.51 36.46
CA ALA B 244 -7.98 -15.05 37.61
C ALA B 244 -7.98 -16.56 37.56
N GLU B 245 -8.08 -17.18 38.73
CA GLU B 245 -8.21 -18.63 38.80
C GLU B 245 -9.63 -19.05 38.48
N ARG B 246 -9.77 -20.25 37.91
CA ARG B 246 -11.05 -20.76 37.47
C ARG B 246 -11.65 -21.64 38.55
N LYS B 247 -12.50 -21.05 39.40
CA LYS B 247 -13.20 -21.85 40.40
C LYS B 247 -14.15 -22.85 39.75
N THR B 248 -14.88 -22.41 38.73
CA THR B 248 -15.82 -23.26 38.01
C THR B 248 -15.07 -23.98 36.90
N MET B 249 -14.56 -25.17 37.21
CA MET B 249 -13.83 -25.98 36.24
C MET B 249 -13.93 -27.43 36.66
N VAL B 250 -14.17 -28.30 35.68
CA VAL B 250 -14.30 -29.73 35.91
C VAL B 250 -13.22 -30.42 35.11
N LEU B 251 -12.56 -31.40 35.74
CA LEU B 251 -11.45 -32.10 35.12
C LEU B 251 -11.52 -33.57 35.47
N THR B 252 -11.03 -34.40 34.56
CA THR B 252 -10.91 -35.83 34.82
C THR B 252 -9.68 -36.07 35.67
N ASP B 253 -9.26 -37.32 35.79
CA ASP B 253 -7.99 -37.63 36.44
C ASP B 253 -6.85 -37.85 35.45
N ALA B 254 -7.16 -38.32 34.24
CA ALA B 254 -6.14 -38.39 33.22
C ALA B 254 -5.63 -37.00 32.85
N ALA B 255 -6.53 -36.01 32.76
CA ALA B 255 -6.10 -34.66 32.46
C ALA B 255 -5.19 -34.10 33.54
N ARG B 256 -5.60 -34.20 34.81
CA ARG B 256 -4.75 -33.71 35.89
C ARG B 256 -3.43 -34.46 35.97
N LYS B 257 -3.43 -35.74 35.64
CA LYS B 257 -2.17 -36.47 35.65
C LYS B 257 -1.23 -35.95 34.55
N ALA B 258 -1.76 -35.77 33.34
CA ALA B 258 -0.94 -35.27 32.24
C ALA B 258 -0.40 -33.87 32.54
N THR B 259 -1.26 -32.98 33.04
CA THR B 259 -0.80 -31.65 33.41
C THR B 259 0.28 -31.73 34.48
N ALA B 260 0.11 -32.65 35.43
CA ALA B 260 1.13 -32.83 36.46
C ALA B 260 2.46 -33.22 35.85
N PHE B 261 2.46 -34.08 34.82
CA PHE B 261 3.73 -34.45 34.21
C PHE B 261 4.33 -33.33 33.37
N HIS B 262 3.51 -32.52 32.70
CA HIS B 262 4.03 -31.36 31.97
C HIS B 262 4.72 -30.39 32.93
N GLU B 263 4.00 -29.94 33.96
CA GLU B 263 4.57 -29.01 34.91
C GLU B 263 5.78 -29.61 35.62
N ALA B 264 5.75 -30.90 35.90
CA ALA B 264 6.92 -31.55 36.50
C ALA B 264 8.11 -31.51 35.56
N GLY B 265 7.86 -31.64 34.25
CA GLY B 265 8.95 -31.51 33.30
C GLY B 265 9.60 -30.14 33.36
N HIS B 266 8.78 -29.08 33.24
CA HIS B 266 9.34 -27.74 33.33
C HIS B 266 10.09 -27.53 34.64
N ALA B 267 9.53 -28.01 35.75
CA ALA B 267 10.13 -27.78 37.05
C ALA B 267 11.48 -28.47 37.18
N ILE B 268 11.56 -29.75 36.85
CA ILE B 268 12.83 -30.46 36.97
C ILE B 268 13.87 -29.86 36.05
N MET B 269 13.49 -29.54 34.81
CA MET B 269 14.44 -28.85 33.94
C MET B 269 14.86 -27.50 34.48
N ALA B 270 14.03 -26.87 35.32
CA ALA B 270 14.41 -25.57 35.88
C ALA B 270 15.31 -25.70 37.08
N LYS B 271 15.21 -26.80 37.83
CA LYS B 271 16.06 -26.92 39.01
C LYS B 271 17.39 -27.62 38.75
N TYR B 272 17.44 -28.57 37.82
CA TYR B 272 18.68 -29.33 37.65
C TYR B 272 19.56 -28.85 36.50
N THR B 273 19.13 -27.87 35.71
CA THR B 273 19.97 -27.40 34.62
C THR B 273 20.87 -26.26 35.10
N ASN B 274 22.10 -26.26 34.58
CA ASN B 274 23.09 -25.28 34.99
C ASN B 274 22.77 -23.92 34.38
N GLY B 275 22.73 -22.89 35.23
CA GLY B 275 22.48 -21.54 34.76
C GLY B 275 21.04 -21.13 34.71
N ALA B 276 20.10 -22.06 34.86
CA ALA B 276 18.69 -21.71 34.82
C ALA B 276 18.32 -20.81 35.98
N THR B 277 17.43 -19.86 35.72
CA THR B 277 16.94 -19.00 36.78
C THR B 277 16.29 -19.85 37.85
N PRO B 278 16.59 -19.59 39.13
CA PRO B 278 16.15 -20.51 40.19
C PRO B 278 14.64 -20.62 40.26
N LEU B 279 14.17 -21.84 40.54
CA LEU B 279 12.75 -22.14 40.54
C LEU B 279 12.05 -21.39 41.67
N TYR B 280 10.79 -21.03 41.46
CA TYR B 280 10.07 -20.31 42.49
C TYR B 280 8.91 -21.12 43.04
N LYS B 281 8.00 -21.58 42.18
CA LYS B 281 6.94 -22.46 42.64
C LYS B 281 6.20 -23.01 41.42
N ALA B 282 5.73 -24.25 41.57
CA ALA B 282 4.99 -24.93 40.51
C ALA B 282 3.55 -25.12 40.95
N THR B 283 2.65 -25.20 39.98
CA THR B 283 1.23 -25.26 40.25
C THR B 283 0.50 -25.87 39.08
N ILE B 284 -0.54 -26.65 39.38
CA ILE B 284 -1.45 -27.15 38.37
C ILE B 284 -2.87 -26.65 38.59
N LEU B 285 -3.05 -25.71 39.49
CA LEU B 285 -4.33 -25.04 39.64
C LEU B 285 -4.67 -24.31 38.34
N PRO B 286 -5.81 -24.59 37.72
CA PRO B 286 -6.13 -23.93 36.45
C PRO B 286 -6.27 -22.43 36.61
N ARG B 287 -5.31 -21.71 36.05
CA ARG B 287 -5.28 -20.25 36.06
C ARG B 287 -5.94 -19.77 34.77
N GLY B 288 -6.25 -18.48 34.71
CA GLY B 288 -6.89 -17.93 33.53
C GLY B 288 -6.08 -18.15 32.27
N ARG B 289 -6.65 -18.89 31.31
CA ARG B 289 -6.10 -19.23 30.01
C ARG B 289 -5.02 -20.32 30.07
N ALA B 290 -4.62 -20.78 31.25
CA ALA B 290 -3.54 -21.76 31.35
C ALA B 290 -3.90 -22.83 32.36
N LEU B 291 -3.55 -24.07 32.03
CA LEU B 291 -3.84 -25.19 32.93
C LEU B 291 -2.80 -25.28 34.03
N GLY B 292 -1.52 -25.32 33.68
CA GLY B 292 -0.48 -25.36 34.67
C GLY B 292 0.46 -24.19 34.50
N ILE B 293 1.25 -23.94 35.54
CA ILE B 293 2.20 -22.83 35.55
C ILE B 293 3.39 -23.22 36.41
N THR B 294 4.57 -22.78 35.98
CA THR B 294 5.78 -22.84 36.78
C THR B 294 6.39 -21.45 36.84
N PHE B 295 6.91 -21.07 38.01
CA PHE B 295 7.54 -19.78 38.19
C PHE B 295 9.04 -19.92 38.31
N GLN B 296 9.76 -18.92 37.83
CA GLN B 296 11.17 -18.76 38.08
C GLN B 296 11.40 -17.34 38.57
N LEU B 297 12.28 -17.20 39.56
CA LEU B 297 12.49 -15.91 40.20
C LEU B 297 13.88 -15.39 39.85
N PRO B 298 13.99 -14.40 38.97
CA PRO B 298 15.32 -13.88 38.61
C PRO B 298 15.99 -13.27 39.82
N GLU B 299 17.31 -13.47 39.90
CA GLU B 299 18.06 -12.95 41.02
C GLU B 299 18.14 -11.42 40.97
N MET B 300 18.20 -10.80 42.14
CA MET B 300 18.28 -9.35 42.20
C MET B 300 19.62 -8.85 41.69
N ASP B 301 19.59 -7.65 41.10
CA ASP B 301 20.75 -6.91 40.64
C ASP B 301 21.35 -7.56 39.40
N LYS B 302 20.54 -8.21 38.57
CA LYS B 302 21.10 -8.92 37.42
C LYS B 302 20.85 -8.12 36.14
N VAL B 303 21.73 -8.35 35.17
CA VAL B 303 21.77 -7.59 33.93
C VAL B 303 21.58 -8.57 32.77
N ASP B 304 21.76 -8.06 31.54
CA ASP B 304 21.62 -8.84 30.32
C ASP B 304 22.30 -10.20 30.37
N ILE B 305 21.71 -11.15 29.68
CA ILE B 305 21.99 -12.57 29.85
C ILE B 305 23.17 -13.01 29.00
N THR B 306 23.87 -14.04 29.48
CA THR B 306 25.00 -14.63 28.77
C THR B 306 24.48 -15.74 27.85
N LYS B 307 25.40 -16.56 27.33
CA LYS B 307 24.99 -17.65 26.47
C LYS B 307 24.42 -18.82 27.26
N ARG B 308 25.12 -19.22 28.32
CA ARG B 308 24.69 -20.37 29.12
C ARG B 308 23.30 -20.16 29.69
N GLU B 309 22.94 -18.92 30.03
CA GLU B 309 21.59 -18.65 30.50
C GLU B 309 20.57 -18.78 29.39
N CYS B 310 20.89 -18.32 28.18
CA CYS B 310 20.00 -18.53 27.04
C CYS B 310 19.74 -20.00 26.81
N GLN B 311 20.81 -20.79 26.60
CA GLN B 311 20.62 -22.21 26.36
C GLN B 311 19.91 -22.90 27.51
N ALA B 312 20.12 -22.45 28.75
CA ALA B 312 19.33 -22.96 29.84
C ALA B 312 17.85 -22.65 29.64
N ARG B 313 17.54 -21.46 29.11
CA ARG B 313 16.14 -21.12 28.87
C ARG B 313 15.52 -22.00 27.78
N LEU B 314 16.27 -22.26 26.70
CA LEU B 314 15.80 -23.21 25.70
C LEU B 314 15.56 -24.58 26.30
N ASP B 315 16.44 -25.05 27.17
CA ASP B 315 16.23 -26.37 27.76
C ASP B 315 15.01 -26.40 28.66
N VAL B 316 14.78 -25.32 29.42
CA VAL B 316 13.58 -25.27 30.26
C VAL B 316 12.32 -25.27 29.41
N CYS B 317 12.39 -24.72 28.19
CA CYS B 317 11.21 -24.70 27.34
C CYS B 317 10.99 -25.99 26.57
N MET B 318 11.56 -27.12 26.99
CA MET B 318 11.40 -28.38 26.28
C MET B 318 10.99 -29.54 27.18
N GLY B 319 11.10 -29.38 28.50
CA GLY B 319 10.71 -30.46 29.40
C GLY B 319 9.23 -30.78 29.33
N GLY B 320 8.42 -29.87 28.78
CA GLY B 320 7.02 -30.19 28.58
C GLY B 320 6.82 -31.34 27.63
N LYS B 321 7.14 -31.14 26.35
CA LYS B 321 6.91 -32.21 25.38
C LYS B 321 7.86 -33.37 25.60
N ILE B 322 9.03 -33.11 26.17
CA ILE B 322 9.91 -34.24 26.46
C ILE B 322 9.34 -35.10 27.57
N ALA B 323 8.73 -34.48 28.57
CA ALA B 323 8.08 -35.26 29.62
C ALA B 323 6.89 -36.04 29.08
N GLU B 324 6.04 -35.37 28.30
CA GLU B 324 4.90 -36.07 27.69
C GLU B 324 5.36 -37.21 26.80
N GLU B 325 6.48 -37.07 26.11
CA GLU B 325 6.98 -38.18 25.29
C GLU B 325 7.48 -39.32 26.16
N LEU B 326 8.31 -39.01 27.15
CA LEU B 326 8.92 -40.07 27.95
C LEU B 326 7.88 -40.84 28.75
N ILE B 327 6.76 -40.20 29.11
CA ILE B 327 5.76 -40.90 29.89
C ILE B 327 4.73 -41.57 28.97
N TYR B 328 4.17 -40.82 28.03
CA TYR B 328 3.01 -41.26 27.27
C TYR B 328 3.35 -41.67 25.83
N GLY B 329 4.62 -41.85 25.51
CA GLY B 329 4.99 -42.25 24.16
C GLY B 329 4.94 -41.09 23.17
N LYS B 330 5.62 -41.30 22.05
CA LYS B 330 5.81 -40.20 21.09
C LYS B 330 4.51 -39.79 20.41
N ASP B 331 3.56 -40.70 20.30
CA ASP B 331 2.33 -40.42 19.57
C ASP B 331 1.22 -39.85 20.44
N ASN B 332 1.54 -39.26 21.59
CA ASN B 332 0.55 -38.65 22.46
C ASN B 332 0.91 -37.24 22.89
N THR B 333 1.81 -36.58 22.16
CA THR B 333 2.17 -35.21 22.48
C THR B 333 1.07 -34.28 21.98
N THR B 334 0.40 -33.60 22.90
CA THR B 334 -0.74 -32.76 22.57
C THR B 334 -0.24 -31.47 21.92
N SER B 335 -1.17 -30.55 21.67
CA SER B 335 -0.82 -29.25 21.11
C SER B 335 -0.51 -28.20 22.17
N GLY B 336 -0.51 -28.59 23.44
CA GLY B 336 -0.21 -27.62 24.48
C GLY B 336 1.22 -27.14 24.45
N CYS B 337 2.10 -27.92 23.82
CA CYS B 337 3.51 -27.57 23.79
C CYS B 337 3.82 -26.46 22.81
N GLY B 338 2.90 -26.18 21.88
CA GLY B 338 3.13 -25.12 20.92
C GLY B 338 3.38 -23.77 21.55
N SER B 339 2.70 -23.49 22.67
CA SER B 339 3.00 -22.28 23.41
C SER B 339 4.44 -22.28 23.92
N ASP B 340 5.01 -23.46 24.13
CA ASP B 340 6.42 -23.54 24.49
C ASP B 340 7.30 -23.30 23.28
N LEU B 341 6.93 -23.88 22.13
CA LEU B 341 7.76 -23.74 20.94
C LEU B 341 7.80 -22.29 20.46
N GLN B 342 6.77 -21.51 20.76
CA GLN B 342 6.81 -20.07 20.51
C GLN B 342 8.04 -19.44 21.15
N SER B 343 8.12 -19.51 22.48
CA SER B 343 9.17 -18.81 23.19
C SER B 343 10.54 -19.43 22.93
N ALA B 344 10.60 -20.76 22.84
CA ALA B 344 11.88 -21.40 22.54
C ALA B 344 12.42 -20.94 21.20
N THR B 345 11.56 -20.93 20.17
CA THR B 345 12.00 -20.48 18.85
C THR B 345 12.43 -19.02 18.88
N GLY B 346 11.65 -18.17 19.56
CA GLY B 346 12.03 -16.78 19.65
C GLY B 346 13.38 -16.58 20.31
N THR B 347 13.64 -17.32 21.37
CA THR B 347 14.94 -17.24 22.04
C THR B 347 16.06 -17.65 21.10
N ALA B 348 15.90 -18.78 20.40
CA ALA B 348 16.98 -19.25 19.54
C ALA B 348 17.26 -18.27 18.41
N ARG B 349 16.23 -17.79 17.72
CA ARG B 349 16.46 -16.78 16.69
C ARG B 349 17.10 -15.53 17.26
N ALA B 350 16.72 -15.11 18.45
CA ALA B 350 17.40 -13.97 19.07
C ALA B 350 18.87 -14.25 19.29
N MET B 351 19.23 -15.47 19.72
CA MET B 351 20.62 -15.85 19.85
C MET B 351 21.37 -15.75 18.53
N VAL B 352 20.92 -16.43 17.49
CA VAL B 352 21.67 -16.56 16.25
C VAL B 352 21.81 -15.22 15.53
N THR B 353 20.72 -14.48 15.39
CA THR B 353 20.76 -13.28 14.56
C THR B 353 21.31 -12.08 15.33
N GLN B 354 20.63 -11.64 16.38
CA GLN B 354 20.98 -10.39 17.04
C GLN B 354 22.31 -10.50 17.79
N TYR B 355 22.37 -11.41 18.76
CA TYR B 355 23.43 -11.38 19.75
C TYR B 355 24.78 -11.82 19.20
N GLY B 356 24.83 -12.30 17.97
CA GLY B 356 26.08 -12.80 17.42
C GLY B 356 26.62 -13.99 18.16
N MET B 357 25.75 -14.83 18.71
CA MET B 357 26.15 -15.98 19.51
C MET B 357 26.20 -17.27 18.70
N SER B 358 26.89 -17.28 17.57
CA SER B 358 27.00 -18.50 16.77
C SER B 358 28.29 -18.46 15.99
N ASP B 359 28.81 -19.65 15.65
CA ASP B 359 30.13 -19.73 15.05
C ASP B 359 30.07 -19.78 13.53
N ASP B 360 29.03 -20.40 12.97
CA ASP B 360 28.96 -20.54 11.52
C ASP B 360 28.56 -19.24 10.85
N VAL B 361 27.77 -18.42 11.54
CA VAL B 361 27.54 -17.04 11.12
C VAL B 361 28.44 -16.15 11.95
N GLY B 362 29.26 -15.34 11.29
CA GLY B 362 30.23 -14.52 11.97
C GLY B 362 29.59 -13.49 12.87
N PRO B 363 30.40 -12.59 13.42
CA PRO B 363 29.84 -11.52 14.23
C PRO B 363 29.09 -10.54 13.36
N VAL B 364 27.78 -10.57 13.39
CA VAL B 364 27.00 -9.79 12.43
C VAL B 364 25.58 -9.68 12.94
N ASN B 365 24.95 -8.55 12.64
CA ASN B 365 23.59 -8.26 13.12
C ASN B 365 22.62 -8.53 12.00
N LEU B 366 22.21 -9.78 11.86
CA LEU B 366 21.24 -10.16 10.84
C LEU B 366 19.82 -9.74 11.19
N SER B 367 19.60 -9.14 12.36
CA SER B 367 18.24 -8.92 12.83
C SER B 367 17.54 -7.81 12.08
N GLU B 368 18.05 -6.58 12.21
CA GLU B 368 17.42 -5.46 11.54
C GLU B 368 17.69 -5.55 10.05
N GLU B 369 16.64 -5.35 9.25
CA GLU B 369 16.69 -5.58 7.81
C GLU B 369 16.91 -7.06 7.50
N TRP B 370 16.08 -7.89 8.14
CA TRP B 370 16.17 -9.32 7.93
C TRP B 370 15.81 -9.70 6.50
N GLU B 371 14.99 -8.91 5.83
CA GLU B 371 14.53 -9.22 4.48
C GLU B 371 15.36 -8.55 3.41
N SER B 372 16.53 -8.00 3.76
CA SER B 372 17.43 -7.43 2.78
C SER B 372 18.70 -8.25 2.59
N TRP B 373 18.91 -9.26 3.42
CA TRP B 373 20.03 -10.17 3.24
C TRP B 373 19.71 -11.17 2.15
N SER B 374 20.75 -11.83 1.64
CA SER B 374 20.58 -12.76 0.54
C SER B 374 19.91 -14.03 1.05
N ASN B 375 19.81 -15.04 0.18
CA ASN B 375 19.29 -16.34 0.59
C ASN B 375 20.37 -17.35 0.88
N LYS B 376 21.63 -17.02 0.61
CA LYS B 376 22.71 -17.94 0.93
C LYS B 376 23.07 -17.90 2.40
N ILE B 377 22.90 -16.74 3.04
CA ILE B 377 23.21 -16.60 4.46
C ILE B 377 22.01 -17.01 5.31
N ARG B 378 20.81 -16.61 4.88
CA ARG B 378 19.61 -16.90 5.65
C ARG B 378 19.38 -18.40 5.82
N ASP B 379 19.82 -19.20 4.86
CA ASP B 379 19.77 -20.65 5.03
C ASP B 379 20.68 -21.08 6.18
N ILE B 380 21.86 -20.49 6.27
CA ILE B 380 22.79 -20.86 7.33
C ILE B 380 22.23 -20.45 8.70
N ALA B 381 21.68 -19.24 8.79
CA ALA B 381 21.13 -18.80 10.07
C ALA B 381 19.97 -19.68 10.51
N ASP B 382 19.03 -19.96 9.61
CA ASP B 382 17.91 -20.80 10.01
C ASP B 382 18.35 -22.21 10.37
N ASN B 383 19.30 -22.78 9.62
CA ASN B 383 19.81 -24.09 9.98
C ASN B 383 20.44 -24.06 11.36
N GLU B 384 21.08 -22.95 11.72
CA GLU B 384 21.64 -22.84 13.07
C GLU B 384 20.56 -22.82 14.13
N VAL B 385 19.47 -22.10 13.87
CA VAL B 385 18.34 -22.08 14.81
C VAL B 385 17.85 -23.50 15.05
N ILE B 386 17.53 -24.21 13.96
CA ILE B 386 16.99 -25.56 14.13
C ILE B 386 17.98 -26.49 14.81
N GLU B 387 19.28 -26.29 14.58
CA GLU B 387 20.25 -27.14 15.29
C GLU B 387 20.27 -26.83 16.78
N LEU B 388 20.15 -25.56 17.16
CA LEU B 388 20.09 -25.23 18.58
C LEU B 388 18.87 -25.88 19.24
N LEU B 389 17.71 -25.81 18.58
CA LEU B 389 16.53 -26.43 19.17
C LEU B 389 16.65 -27.94 19.29
N LYS B 390 17.15 -28.61 18.24
CA LYS B 390 17.31 -30.05 18.30
C LYS B 390 18.25 -30.47 19.43
N ASP B 391 19.40 -29.80 19.56
CA ASP B 391 20.28 -30.09 20.69
C ASP B 391 19.59 -29.84 22.02
N SER B 392 18.73 -28.82 22.09
CA SER B 392 18.02 -28.56 23.34
C SER B 392 17.12 -29.72 23.73
N GLU B 393 16.29 -30.20 22.79
CA GLU B 393 15.42 -31.33 23.15
C GLU B 393 16.25 -32.56 23.46
N GLU B 394 17.43 -32.69 22.85
CA GLU B 394 18.27 -33.83 23.18
C GLU B 394 18.71 -33.78 24.63
N ARG B 395 19.23 -32.64 25.07
CA ARG B 395 19.64 -32.52 26.47
C ARG B 395 18.46 -32.76 27.41
N ALA B 396 17.28 -32.25 27.10
CA ALA B 396 16.13 -32.54 27.95
C ALA B 396 15.82 -34.03 27.98
N ARG B 397 16.04 -34.72 26.85
CA ARG B 397 15.85 -36.16 26.82
C ARG B 397 16.76 -36.87 27.80
N ARG B 398 18.07 -36.59 27.73
CA ARG B 398 18.98 -37.30 28.62
C ARG B 398 18.71 -36.95 30.08
N LEU B 399 18.52 -35.65 30.36
CA LEU B 399 18.31 -35.23 31.75
C LEU B 399 17.07 -35.87 32.34
N LEU B 400 15.92 -35.74 31.69
CA LEU B 400 14.73 -36.38 32.23
C LEU B 400 14.81 -37.90 32.21
N THR B 401 15.66 -38.47 31.36
CA THR B 401 15.81 -39.92 31.38
C THR B 401 16.60 -40.38 32.60
N LYS B 402 17.50 -39.55 33.12
CA LYS B 402 18.24 -39.97 34.31
C LYS B 402 17.63 -39.40 35.59
N LYS B 403 16.56 -38.63 35.48
CA LYS B 403 15.90 -38.10 36.67
C LYS B 403 14.45 -38.56 36.73
N ASN B 404 14.23 -39.83 36.44
CA ASN B 404 12.86 -40.33 36.30
C ASN B 404 12.15 -40.41 37.64
N VAL B 405 12.87 -40.85 38.68
CA VAL B 405 12.28 -41.05 40.01
C VAL B 405 11.70 -39.74 40.53
N GLU B 406 12.49 -38.68 40.51
CA GLU B 406 11.97 -37.37 40.91
C GLU B 406 10.84 -36.91 40.02
N LEU B 407 10.78 -37.35 38.76
CA LEU B 407 9.71 -36.92 37.88
C LEU B 407 8.38 -37.52 38.31
N HIS B 408 8.33 -38.83 38.53
CA HIS B 408 7.10 -39.41 39.04
C HIS B 408 6.76 -38.90 40.43
N ARG B 409 7.77 -38.78 41.29
CA ARG B 409 7.53 -38.36 42.67
C ARG B 409 6.95 -36.95 42.71
N LEU B 410 7.48 -36.06 41.88
CA LEU B 410 6.98 -34.68 41.85
C LEU B 410 5.66 -34.55 41.12
N ALA B 411 5.43 -35.35 40.08
CA ALA B 411 4.12 -35.36 39.45
C ALA B 411 3.04 -35.76 40.43
N GLN B 412 3.28 -36.84 41.20
CA GLN B 412 2.32 -37.22 42.23
C GLN B 412 2.18 -36.13 43.28
N GLY B 413 3.30 -35.53 43.69
CA GLY B 413 3.23 -34.42 44.63
C GLY B 413 2.35 -33.28 44.16
N LEU B 414 2.32 -33.04 42.84
CA LEU B 414 1.41 -32.03 42.34
C LEU B 414 -0.03 -32.54 42.24
N ILE B 415 -0.22 -33.84 42.02
CA ILE B 415 -1.57 -34.37 41.94
C ILE B 415 -2.26 -34.26 43.29
N GLU B 416 -1.54 -34.54 44.38
CA GLU B 416 -2.18 -34.58 45.69
C GLU B 416 -2.10 -33.21 46.38
N TYR B 417 -0.95 -32.55 46.30
CA TYR B 417 -0.84 -31.14 46.64
C TYR B 417 -0.83 -30.34 45.36
N GLU B 418 -1.82 -29.46 45.17
CA GLU B 418 -2.00 -28.86 43.86
C GLU B 418 -0.92 -27.84 43.54
N THR B 419 -0.19 -27.38 44.54
CA THR B 419 0.83 -26.37 44.31
C THR B 419 1.97 -26.55 45.31
N LEU B 420 3.15 -26.06 44.95
CA LEU B 420 4.33 -26.24 45.77
C LEU B 420 5.31 -25.12 45.47
N ASP B 421 6.18 -24.82 46.45
CA ASP B 421 7.27 -23.90 46.24
C ASP B 421 8.59 -24.66 46.17
N ALA B 422 9.68 -23.93 45.93
CA ALA B 422 10.99 -24.56 45.76
C ALA B 422 11.39 -25.39 46.98
N HIS B 423 11.02 -24.92 48.16
CA HIS B 423 11.33 -25.68 49.37
C HIS B 423 10.52 -26.97 49.42
N GLU B 424 9.19 -26.86 49.40
CA GLU B 424 8.33 -28.03 49.41
C GLU B 424 8.62 -28.95 48.23
N ILE B 425 8.94 -28.39 47.06
CA ILE B 425 9.40 -29.22 45.95
C ILE B 425 10.67 -29.95 46.35
N GLU B 426 11.54 -29.28 47.11
CA GLU B 426 12.78 -29.92 47.53
C GLU B 426 12.50 -31.14 48.41
N GLN B 427 11.63 -30.99 49.41
CA GLN B 427 11.26 -32.18 50.18
C GLN B 427 10.59 -33.24 49.33
N VAL B 428 9.61 -32.86 48.50
CA VAL B 428 8.84 -33.86 47.76
C VAL B 428 9.72 -34.64 46.80
N CYS B 429 10.79 -34.02 46.30
CA CYS B 429 11.63 -34.72 45.35
C CYS B 429 12.60 -35.69 46.01
N LYS B 430 12.96 -35.48 47.26
CA LYS B 430 13.91 -36.35 47.93
C LYS B 430 13.25 -37.53 48.62
N GLY B 431 11.92 -37.64 48.57
CA GLY B 431 11.24 -38.77 49.16
C GLY B 431 10.62 -38.51 50.51
N GLU B 432 10.80 -37.32 51.07
CA GLU B 432 10.21 -36.99 52.37
C GLU B 432 8.73 -36.68 52.21
N LYS B 433 8.02 -36.74 53.32
CA LYS B 433 6.61 -36.39 53.35
C LYS B 433 6.44 -35.06 54.07
N LEU B 434 6.07 -34.03 53.33
CA LEU B 434 5.83 -32.72 53.92
C LEU B 434 4.48 -32.75 54.62
N ALA B 435 4.51 -32.75 55.95
CA ALA B 435 3.27 -32.81 56.72
C ALA B 435 2.65 -31.44 56.93
N LYS B 436 3.39 -30.37 56.66
CA LYS B 436 2.90 -29.01 56.90
C LYS B 436 1.68 -28.68 56.06
N LEU B 437 1.62 -29.12 54.81
CA LEU B 437 0.43 -28.93 54.00
C LEU B 437 -0.50 -30.14 54.15
N LYS B 438 -1.79 -29.88 53.96
CA LYS B 438 -2.78 -30.94 53.84
C LYS B 438 -3.21 -31.07 52.39
N THR B 439 -3.48 -32.30 51.98
CA THR B 439 -3.82 -32.60 50.60
C THR B 439 -5.07 -31.88 50.13
N LYS C 1 -30.88 -8.46 35.92
CA LYS C 1 -30.38 -8.85 37.24
C LYS C 1 -29.33 -9.94 37.13
N PHE C 2 -28.40 -9.97 38.08
CA PHE C 2 -27.25 -10.86 38.04
C PHE C 2 -27.62 -12.34 38.03
N ASP C 3 -28.86 -12.71 38.28
CA ASP C 3 -29.26 -14.10 38.14
C ASP C 3 -29.61 -14.48 36.71
N ASP C 4 -29.69 -13.51 35.81
CA ASP C 4 -29.97 -13.77 34.42
C ASP C 4 -28.74 -14.17 33.61
N VAL C 5 -27.55 -14.00 34.17
CA VAL C 5 -26.31 -14.29 33.44
C VAL C 5 -25.83 -15.66 33.93
N CYS C 6 -26.27 -16.70 33.25
CA CYS C 6 -25.91 -18.06 33.60
C CYS C 6 -24.68 -18.49 32.80
N GLY C 7 -23.69 -19.01 33.50
CA GLY C 7 -22.41 -19.28 32.89
C GLY C 7 -21.51 -18.07 33.03
N CYS C 8 -20.21 -18.30 32.81
CA CYS C 8 -19.15 -17.31 33.04
C CYS C 8 -19.33 -16.60 34.37
N ASP C 9 -19.23 -17.38 35.45
CA ASP C 9 -19.45 -16.87 36.79
C ASP C 9 -18.29 -16.03 37.31
N GLU C 10 -17.18 -15.99 36.60
CA GLU C 10 -15.99 -15.26 37.06
C GLU C 10 -16.14 -13.75 36.85
N ALA C 11 -16.43 -13.34 35.62
CA ALA C 11 -16.78 -11.94 35.37
C ALA C 11 -17.95 -11.52 36.25
N ARG C 12 -18.98 -12.36 36.33
CA ARG C 12 -20.13 -12.12 37.19
C ARG C 12 -19.70 -11.85 38.62
N ALA C 13 -18.71 -12.59 39.12
CA ALA C 13 -18.21 -12.32 40.45
C ALA C 13 -17.49 -10.98 40.50
N GLU C 14 -16.62 -10.72 39.52
CA GLU C 14 -15.84 -9.48 39.51
C GLU C 14 -16.69 -8.23 39.38
N LEU C 15 -17.95 -8.35 38.96
CA LEU C 15 -18.86 -7.21 38.99
C LEU C 15 -19.78 -7.21 40.20
N GLU C 16 -20.23 -8.39 40.63
CA GLU C 16 -20.99 -8.48 41.86
C GLU C 16 -20.24 -7.88 43.03
N GLU C 17 -18.92 -8.04 43.08
CA GLU C 17 -18.19 -7.46 44.18
C GLU C 17 -18.03 -5.95 44.03
N ILE C 18 -18.11 -5.41 42.82
CA ILE C 18 -18.10 -3.96 42.67
C ILE C 18 -19.40 -3.36 43.18
N VAL C 19 -20.54 -3.91 42.73
CA VAL C 19 -21.82 -3.42 43.24
C VAL C 19 -21.91 -3.64 44.74
N ASP C 20 -21.35 -4.74 45.23
CA ASP C 20 -21.25 -4.97 46.66
C ASP C 20 -20.32 -3.97 47.33
N PHE C 21 -19.40 -3.37 46.58
CA PHE C 21 -18.61 -2.28 47.15
C PHE C 21 -19.47 -1.04 47.28
N LEU C 22 -20.29 -0.76 46.28
CA LEU C 22 -21.15 0.41 46.36
C LEU C 22 -22.28 0.24 47.38
N LYS C 23 -22.59 -0.99 47.77
CA LYS C 23 -23.61 -1.18 48.80
C LYS C 23 -23.07 -0.83 50.18
N ASP C 24 -22.05 -1.58 50.63
CA ASP C 24 -21.52 -1.41 51.99
C ASP C 24 -20.00 -1.27 51.90
N PRO C 25 -19.50 -0.03 51.81
CA PRO C 25 -18.05 0.14 51.71
C PRO C 25 -17.28 -0.38 52.91
N THR C 26 -17.87 -0.34 54.09
CA THR C 26 -17.14 -0.63 55.32
C THR C 26 -16.64 -2.07 55.40
N LYS C 27 -17.24 -2.99 54.65
CA LYS C 27 -16.70 -4.34 54.61
C LYS C 27 -15.42 -4.40 53.79
N TYR C 28 -15.13 -3.34 53.03
CA TYR C 28 -14.01 -3.32 52.10
C TYR C 28 -13.06 -2.15 52.33
N GLU C 29 -13.52 -1.02 52.86
CA GLU C 29 -12.66 0.12 53.17
C GLU C 29 -12.09 0.06 54.57
N SER C 30 -11.99 -1.14 55.15
CA SER C 30 -11.42 -1.27 56.48
C SER C 30 -9.90 -1.20 56.44
N LEU C 31 -9.28 -2.06 55.63
CA LEU C 31 -7.83 -2.10 55.51
C LEU C 31 -7.30 -1.05 54.54
N GLY C 32 -8.16 -0.19 54.02
CA GLY C 32 -7.72 0.93 53.21
C GLY C 32 -7.94 0.81 51.71
N GLY C 33 -8.43 -0.33 51.23
CA GLY C 33 -8.69 -0.47 49.81
C GLY C 33 -9.74 0.50 49.32
N LYS C 34 -9.65 0.85 48.05
CA LYS C 34 -10.61 1.73 47.40
C LYS C 34 -11.07 1.10 46.09
N LEU C 35 -12.08 1.68 45.47
CA LEU C 35 -12.75 1.02 44.36
C LEU C 35 -11.81 0.85 43.18
N PRO C 36 -12.11 -0.09 42.29
CA PRO C 36 -11.42 -0.12 41.00
C PRO C 36 -11.85 1.07 40.16
N LYS C 37 -10.90 1.62 39.42
CA LYS C 37 -11.19 2.76 38.56
C LYS C 37 -11.76 2.35 37.22
N GLY C 38 -11.78 1.07 36.89
CA GLY C 38 -12.26 0.65 35.59
C GLY C 38 -12.27 -0.85 35.40
N VAL C 39 -13.26 -1.34 34.65
CA VAL C 39 -13.39 -2.75 34.33
C VAL C 39 -13.59 -2.87 32.82
N LEU C 40 -12.69 -3.57 32.15
CA LEU C 40 -12.81 -3.86 30.73
C LEU C 40 -13.37 -5.26 30.56
N LEU C 41 -14.06 -5.50 29.45
CA LEU C 41 -14.75 -6.75 29.18
C LEU C 41 -14.39 -7.23 27.79
N THR C 42 -13.68 -8.34 27.69
CA THR C 42 -13.24 -8.83 26.38
C THR C 42 -13.74 -10.24 26.16
N GLY C 43 -14.03 -10.56 24.90
CA GLY C 43 -14.47 -11.87 24.52
C GLY C 43 -15.13 -11.91 23.16
N PRO C 44 -15.33 -13.11 22.61
CA PRO C 44 -15.88 -13.24 21.27
C PRO C 44 -17.30 -12.72 21.21
N PRO C 45 -17.88 -12.66 20.01
CA PRO C 45 -19.24 -12.12 19.89
C PRO C 45 -20.27 -13.05 20.50
N GLY C 46 -21.18 -12.48 21.27
CA GLY C 46 -22.34 -13.20 21.76
C GLY C 46 -22.17 -13.91 23.08
N THR C 47 -21.16 -13.56 23.86
CA THR C 47 -20.90 -14.30 25.10
C THR C 47 -21.40 -13.60 26.35
N GLY C 48 -22.09 -12.47 26.22
CA GLY C 48 -22.73 -11.86 27.37
C GLY C 48 -21.97 -10.72 28.00
N LYS C 49 -21.49 -9.78 27.18
CA LYS C 49 -20.79 -8.60 27.70
C LYS C 49 -21.74 -7.44 27.93
N THR C 50 -22.48 -7.04 26.88
CA THR C 50 -23.53 -6.05 27.06
C THR C 50 -24.58 -6.54 28.06
N LEU C 51 -24.74 -7.85 28.16
CA LEU C 51 -25.65 -8.42 29.15
C LEU C 51 -25.16 -8.16 30.57
N LEU C 52 -23.88 -8.43 30.84
CA LEU C 52 -23.35 -8.09 32.15
C LEU C 52 -23.41 -6.60 32.41
N ALA C 53 -23.26 -5.78 31.37
CA ALA C 53 -23.41 -4.34 31.57
C ALA C 53 -24.81 -3.98 32.01
N ARG C 54 -25.83 -4.57 31.36
CA ARG C 54 -27.21 -4.34 31.80
C ARG C 54 -27.42 -4.80 33.21
N ALA C 55 -26.88 -5.97 33.56
CA ALA C 55 -27.06 -6.51 34.90
C ALA C 55 -26.48 -5.58 35.94
N THR C 56 -25.28 -5.06 35.72
CA THR C 56 -24.71 -4.12 36.67
C THR C 56 -25.49 -2.82 36.71
N ALA C 57 -26.02 -2.37 35.57
CA ALA C 57 -26.79 -1.13 35.58
C ALA C 57 -28.07 -1.27 36.38
N GLY C 58 -28.77 -2.38 36.22
CA GLY C 58 -30.03 -2.57 36.90
C GLY C 58 -29.94 -2.97 38.35
N GLU C 59 -28.75 -3.04 38.92
CA GLU C 59 -28.59 -3.38 40.33
C GLU C 59 -27.66 -2.47 41.09
N ALA C 60 -26.78 -1.73 40.42
CA ALA C 60 -25.84 -0.87 41.13
C ALA C 60 -26.56 0.21 41.94
N GLY C 61 -27.77 0.58 41.53
CA GLY C 61 -28.55 1.55 42.26
C GLY C 61 -28.17 2.99 42.04
N VAL C 62 -27.01 3.26 41.43
CA VAL C 62 -26.58 4.64 41.21
C VAL C 62 -26.66 4.90 39.72
N ASP C 63 -26.38 6.14 39.31
CA ASP C 63 -26.51 6.53 37.91
C ASP C 63 -25.64 5.66 37.02
N PHE C 64 -25.98 5.63 35.73
CA PHE C 64 -25.31 4.77 34.78
C PHE C 64 -25.45 5.36 33.40
N PHE C 65 -24.40 6.00 32.90
CA PHE C 65 -24.40 6.69 31.62
C PHE C 65 -23.81 5.75 30.60
N PHE C 66 -24.55 5.49 29.52
CA PHE C 66 -24.08 4.56 28.50
C PHE C 66 -23.89 5.29 27.18
N MET C 67 -22.82 4.94 26.48
CA MET C 67 -22.48 5.49 25.18
C MET C 67 -21.98 4.34 24.31
N SER C 68 -21.76 4.65 23.03
CA SER C 68 -21.11 3.73 22.12
C SER C 68 -19.86 4.39 21.59
N GLY C 69 -18.95 3.58 21.04
CA GLY C 69 -17.73 4.13 20.48
C GLY C 69 -17.98 5.00 19.27
N SER C 70 -19.16 4.90 18.67
CA SER C 70 -19.46 5.60 17.44
C SER C 70 -20.30 6.85 17.64
N GLU C 71 -20.79 7.11 18.86
CA GLU C 71 -21.60 8.30 19.10
C GLU C 71 -20.77 9.55 19.33
N PHE C 72 -19.50 9.53 18.93
CA PHE C 72 -18.59 10.65 19.07
C PHE C 72 -18.27 11.20 17.68
N ASP C 73 -17.36 12.17 17.64
CA ASP C 73 -16.57 12.61 16.46
C ASP C 73 -17.38 12.66 15.16
N GLU C 74 -18.37 13.55 15.14
CA GLU C 74 -19.06 13.88 13.90
C GLU C 74 -18.23 14.82 13.05
N VAL C 75 -18.89 15.47 12.09
CA VAL C 75 -18.23 16.07 10.91
C VAL C 75 -17.07 16.97 11.30
N TYR C 76 -17.33 17.96 12.14
CA TYR C 76 -16.35 19.01 12.37
C TYR C 76 -15.24 18.54 13.31
N VAL C 77 -14.16 19.31 13.36
CA VAL C 77 -12.96 18.88 14.07
C VAL C 77 -13.09 19.24 15.54
N GLY C 78 -12.69 18.31 16.41
CA GLY C 78 -12.75 18.55 17.83
C GLY C 78 -14.12 18.47 18.45
N VAL C 79 -15.05 17.77 17.81
CA VAL C 79 -16.37 17.60 18.40
C VAL C 79 -16.41 16.39 19.30
N GLY C 80 -15.72 15.31 18.91
CA GLY C 80 -15.73 14.12 19.75
C GLY C 80 -15.08 14.36 21.10
N ALA C 81 -13.91 15.01 21.11
CA ALA C 81 -13.30 15.37 22.37
C ALA C 81 -14.21 16.23 23.23
N LYS C 82 -14.89 17.19 22.61
CA LYS C 82 -15.78 18.07 23.39
C LYS C 82 -16.91 17.28 24.00
N ARG C 83 -17.48 16.33 23.25
CA ARG C 83 -18.51 15.46 23.80
C ARG C 83 -17.97 14.62 24.95
N ILE C 84 -16.70 14.21 24.89
CA ILE C 84 -16.16 13.46 26.01
C ILE C 84 -16.01 14.35 27.24
N ARG C 85 -15.55 15.59 27.05
CA ARG C 85 -15.43 16.50 28.17
C ARG C 85 -16.79 16.76 28.82
N ASP C 86 -17.84 16.89 28.00
CA ASP C 86 -19.16 17.08 28.58
C ASP C 86 -19.69 15.81 29.24
N LEU C 87 -19.36 14.64 28.71
CA LEU C 87 -19.79 13.39 29.33
C LEU C 87 -19.19 13.24 30.71
N PHE C 88 -17.87 13.39 30.83
CA PHE C 88 -17.26 13.30 32.14
C PHE C 88 -17.61 14.48 33.03
N ALA C 89 -18.00 15.62 32.45
CA ALA C 89 -18.45 16.73 33.27
C ALA C 89 -19.80 16.43 33.91
N GLN C 90 -20.74 15.86 33.14
CA GLN C 90 -21.99 15.41 33.73
C GLN C 90 -21.76 14.29 34.73
N ALA C 91 -20.82 13.39 34.43
CA ALA C 91 -20.54 12.29 35.35
C ALA C 91 -20.04 12.82 36.68
N ARG C 92 -19.05 13.72 36.66
CA ARG C 92 -18.61 14.35 37.90
C ARG C 92 -19.74 15.11 38.57
N SER C 93 -20.59 15.78 37.78
CA SER C 93 -21.65 16.59 38.32
C SER C 93 -22.65 15.76 39.11
N ARG C 94 -23.06 14.61 38.58
CA ARG C 94 -24.18 13.90 39.18
C ARG C 94 -23.82 13.26 40.51
N ALA C 95 -22.97 12.25 40.48
CA ALA C 95 -22.79 11.44 41.68
C ALA C 95 -21.62 10.50 41.49
N PRO C 96 -21.30 9.66 42.47
CA PRO C 96 -20.46 8.51 42.17
C PRO C 96 -21.16 7.63 41.15
N ALA C 97 -20.69 7.62 39.90
CA ALA C 97 -21.48 7.10 38.79
C ALA C 97 -20.67 6.08 38.00
N ILE C 98 -21.32 5.51 37.00
CA ILE C 98 -20.72 4.52 36.12
C ILE C 98 -20.94 4.98 34.68
N ILE C 99 -20.00 4.63 33.80
CA ILE C 99 -20.00 5.09 32.42
C ILE C 99 -19.58 3.93 31.54
N PHE C 100 -20.50 3.44 30.72
CA PHE C 100 -20.26 2.25 29.90
C PHE C 100 -20.08 2.68 28.46
N ILE C 101 -18.85 2.60 27.97
CA ILE C 101 -18.56 2.90 26.57
C ILE C 101 -18.56 1.57 25.82
N ASP C 102 -19.69 1.22 25.23
CA ASP C 102 -19.83 0.00 24.47
C ASP C 102 -19.15 0.14 23.11
N GLN C 103 -18.63 -0.97 22.60
CA GLN C 103 -17.91 -0.99 21.33
C GLN C 103 -16.73 -0.01 21.38
N LEU C 104 -15.81 -0.32 22.27
CA LEU C 104 -14.65 0.54 22.51
C LEU C 104 -13.59 0.41 21.43
N ASP C 105 -13.84 -0.42 20.41
CA ASP C 105 -12.90 -0.52 19.30
C ASP C 105 -12.75 0.81 18.56
N ALA C 106 -13.83 1.59 18.49
CA ALA C 106 -13.81 2.79 17.65
C ALA C 106 -12.83 3.83 18.18
N ILE C 107 -13.04 4.35 19.38
CA ILE C 107 -12.20 5.40 19.92
C ILE C 107 -10.89 4.89 20.48
N GLY C 108 -10.74 3.59 20.66
CA GLY C 108 -9.46 3.03 21.08
C GLY C 108 -8.53 2.92 19.89
N GLY C 109 -7.73 1.87 19.83
CA GLY C 109 -6.90 1.65 18.66
C GLY C 109 -5.53 2.28 18.78
N LYS C 110 -4.50 1.50 18.44
CA LYS C 110 -3.12 1.91 18.66
C LYS C 110 -2.79 3.19 17.92
N ARG C 111 -1.92 4.00 18.50
CA ARG C 111 -1.44 5.20 17.84
C ARG C 111 -0.19 4.90 17.02
N ASN C 112 -0.01 5.64 15.94
CA ASN C 112 1.09 5.43 15.03
C ASN C 112 1.17 6.60 14.08
N PRO C 113 2.31 6.80 13.43
CA PRO C 113 2.51 8.02 12.61
C PRO C 113 1.56 8.13 11.42
N LYS C 114 0.90 7.05 11.02
CA LYS C 114 0.06 7.11 9.82
C LYS C 114 -1.26 7.82 10.08
N ASP C 115 -1.52 8.28 11.30
CA ASP C 115 -2.72 9.08 11.55
C ASP C 115 -2.52 10.49 11.03
N GLN C 116 -3.47 10.95 10.21
CA GLN C 116 -3.23 12.17 9.44
C GLN C 116 -3.10 13.41 10.33
N ALA C 117 -4.20 13.90 10.90
CA ALA C 117 -4.09 15.10 11.72
C ALA C 117 -4.88 15.01 13.02
N TYR C 118 -6.07 14.45 12.95
CA TYR C 118 -7.03 14.55 14.04
C TYR C 118 -7.65 13.21 14.39
N ALA C 119 -7.07 12.10 13.96
CA ALA C 119 -7.64 10.79 14.27
C ALA C 119 -7.63 10.54 15.77
N LYS C 120 -6.49 10.79 16.42
CA LYS C 120 -6.30 10.43 17.80
C LYS C 120 -6.50 11.60 18.75
N GLN C 121 -7.44 12.49 18.46
CA GLN C 121 -7.72 13.59 19.39
C GLN C 121 -8.78 13.20 20.40
N THR C 122 -9.83 12.52 19.95
CA THR C 122 -10.82 11.99 20.87
C THR C 122 -10.19 11.02 21.86
N LEU C 123 -9.32 10.14 21.37
CA LEU C 123 -8.64 9.21 22.27
C LEU C 123 -7.79 9.93 23.29
N ASN C 124 -6.99 10.92 22.85
CA ASN C 124 -6.18 11.67 23.80
C ASN C 124 -7.03 12.36 24.86
N GLN C 125 -8.18 12.91 24.47
CA GLN C 125 -9.06 13.50 25.47
C GLN C 125 -9.58 12.46 26.44
N LEU C 126 -9.92 11.27 25.94
CA LEU C 126 -10.33 10.21 26.84
C LEU C 126 -9.23 9.86 27.84
N LEU C 127 -7.98 9.84 27.38
CA LEU C 127 -6.88 9.57 28.29
C LEU C 127 -6.64 10.69 29.29
N VAL C 128 -6.95 11.94 28.93
CA VAL C 128 -6.75 13.04 29.87
C VAL C 128 -7.88 13.09 30.89
N GLU C 129 -9.08 12.64 30.53
CA GLU C 129 -10.15 12.63 31.52
C GLU C 129 -10.03 11.44 32.46
N LEU C 130 -9.52 10.32 31.97
CA LEU C 130 -9.23 9.17 32.81
C LEU C 130 -7.78 9.27 33.28
N ASP C 131 -7.58 9.60 34.55
CA ASP C 131 -6.23 9.66 35.12
C ASP C 131 -5.40 10.75 34.43
N GLY C 132 -5.89 11.98 34.56
CA GLY C 132 -5.19 13.14 34.03
C GLY C 132 -4.47 13.92 35.10
N PHE C 133 -4.54 15.26 35.05
CA PHE C 133 -3.88 16.08 36.05
C PHE C 133 -4.76 16.30 37.26
N SER C 134 -5.93 16.89 37.06
CA SER C 134 -6.89 17.11 38.13
C SER C 134 -7.60 15.80 38.41
N GLN C 135 -7.13 15.06 39.41
CA GLN C 135 -7.71 13.76 39.75
C GLN C 135 -8.87 13.93 40.72
N THR C 136 -9.89 13.12 40.52
CA THR C 136 -11.09 13.06 41.35
C THR C 136 -11.32 11.60 41.76
N SER C 137 -12.49 11.34 42.32
CA SER C 137 -12.88 9.98 42.64
C SER C 137 -14.40 9.87 42.64
N GLY C 138 -14.90 8.74 42.17
CA GLY C 138 -16.33 8.50 42.17
C GLY C 138 -16.87 8.04 40.83
N ILE C 139 -16.06 8.12 39.79
CA ILE C 139 -16.47 7.72 38.45
C ILE C 139 -15.83 6.38 38.12
N ILE C 140 -16.64 5.40 37.76
CA ILE C 140 -16.19 4.11 37.30
C ILE C 140 -16.54 3.97 35.83
N ILE C 141 -15.65 3.36 35.05
CA ILE C 141 -15.82 3.24 33.61
C ILE C 141 -15.76 1.76 33.24
N ILE C 142 -16.71 1.33 32.41
CA ILE C 142 -16.78 -0.03 31.92
C ILE C 142 -16.72 0.02 30.40
N GLY C 143 -15.98 -0.90 29.81
CA GLY C 143 -15.84 -0.95 28.36
C GLY C 143 -15.83 -2.38 27.86
N ALA C 144 -16.42 -2.58 26.69
CA ALA C 144 -16.52 -3.88 26.06
C ALA C 144 -15.87 -3.81 24.68
N THR C 145 -15.24 -4.89 24.27
CA THR C 145 -14.57 -4.93 22.98
C THR C 145 -14.16 -6.35 22.65
N ASN C 146 -14.22 -6.68 21.37
CA ASN C 146 -13.84 -8.01 20.90
C ASN C 146 -12.35 -8.14 20.67
N PHE C 147 -11.66 -7.02 20.47
CA PHE C 147 -10.31 -6.98 19.92
C PHE C 147 -9.41 -6.32 20.94
N PRO C 148 -9.08 -7.02 22.03
CA PRO C 148 -8.28 -6.37 23.10
C PRO C 148 -6.90 -5.96 22.64
N GLU C 149 -6.24 -6.76 21.81
CA GLU C 149 -4.91 -6.40 21.35
C GLU C 149 -4.92 -5.23 20.38
N ALA C 150 -6.07 -4.95 19.77
CA ALA C 150 -6.21 -3.83 18.86
C ALA C 150 -6.45 -2.51 19.56
N LEU C 151 -6.26 -2.46 20.88
CA LEU C 151 -6.44 -1.24 21.65
C LEU C 151 -5.09 -0.61 21.97
N ASP C 152 -5.11 0.70 22.14
CA ASP C 152 -3.91 1.40 22.55
C ASP C 152 -3.53 0.98 23.96
N LYS C 153 -2.24 1.06 24.26
CA LYS C 153 -1.73 0.55 25.52
C LYS C 153 -1.68 1.61 26.62
N ALA C 154 -2.34 2.74 26.42
CA ALA C 154 -2.54 3.70 27.49
C ALA C 154 -3.97 3.71 28.00
N LEU C 155 -4.90 3.06 27.30
CA LEU C 155 -6.21 2.79 27.88
C LEU C 155 -6.15 1.62 28.84
N THR C 156 -5.41 0.59 28.49
CA THR C 156 -5.40 -0.65 29.25
C THR C 156 -4.50 -0.61 30.47
N ARG C 157 -3.77 0.48 30.68
CA ARG C 157 -2.89 0.28 31.82
C ARG C 157 -3.60 0.65 33.12
N PRO C 158 -3.26 -0.03 34.21
CA PRO C 158 -3.95 0.21 35.48
C PRO C 158 -3.88 1.67 35.90
N GLY C 159 -4.85 2.07 36.70
CA GLY C 159 -5.21 3.47 36.84
C GLY C 159 -6.25 3.88 35.83
N ARG C 160 -6.28 3.22 34.68
CA ARG C 160 -7.33 3.33 33.68
C ARG C 160 -7.74 1.92 33.32
N PHE C 161 -8.95 1.52 33.66
CA PHE C 161 -9.33 0.13 33.48
C PHE C 161 -8.43 -0.80 34.30
N ASP C 162 -8.55 -0.71 35.63
CA ASP C 162 -7.81 -1.59 36.52
C ASP C 162 -7.98 -3.06 36.16
N LYS C 163 -9.23 -3.54 36.16
CA LYS C 163 -9.48 -4.96 35.96
C LYS C 163 -9.76 -5.25 34.49
N VAL C 164 -9.07 -6.27 33.96
CA VAL C 164 -9.34 -6.77 32.62
C VAL C 164 -10.07 -8.09 32.75
N VAL C 165 -11.36 -8.09 32.44
CA VAL C 165 -12.24 -9.22 32.66
C VAL C 165 -12.45 -9.94 31.33
N ASN C 166 -12.47 -11.26 31.38
CA ASN C 166 -12.44 -12.10 30.19
C ASN C 166 -13.70 -12.95 30.17
N VAL C 167 -14.68 -12.52 29.37
CA VAL C 167 -15.86 -13.32 29.08
C VAL C 167 -15.53 -14.25 27.93
N ASP C 168 -15.92 -15.51 28.03
CA ASP C 168 -15.52 -16.49 27.03
C ASP C 168 -16.62 -17.53 26.87
N LEU C 169 -16.54 -18.29 25.78
CA LEU C 169 -17.56 -19.27 25.45
C LEU C 169 -17.66 -20.31 26.57
N PRO C 170 -18.87 -20.70 26.96
CA PRO C 170 -19.02 -21.58 28.12
C PRO C 170 -18.54 -23.00 27.83
N ASP C 171 -18.61 -23.82 28.85
CA ASP C 171 -18.38 -25.25 28.80
C ASP C 171 -19.70 -25.97 29.04
N VAL C 172 -19.64 -27.29 29.22
CA VAL C 172 -20.85 -28.10 29.27
C VAL C 172 -21.81 -27.63 30.35
N ARG C 173 -21.30 -27.48 31.58
CA ARG C 173 -22.15 -27.05 32.68
C ARG C 173 -22.73 -25.66 32.43
N GLY C 174 -21.91 -24.76 31.89
CA GLY C 174 -22.40 -23.44 31.56
C GLY C 174 -23.52 -23.46 30.54
N ARG C 175 -23.38 -24.27 29.49
CA ARG C 175 -24.45 -24.38 28.51
C ARG C 175 -25.72 -24.94 29.15
N ALA C 176 -25.56 -25.90 30.07
CA ALA C 176 -26.72 -26.39 30.81
C ALA C 176 -27.41 -25.27 31.55
N ASP C 177 -26.65 -24.40 32.24
CA ASP C 177 -27.27 -23.32 32.99
C ASP C 177 -27.95 -22.31 32.07
N ILE C 178 -27.33 -22.00 30.93
CA ILE C 178 -27.94 -21.07 30.00
C ILE C 178 -29.26 -21.62 29.49
N LEU C 179 -29.27 -22.89 29.08
CA LEU C 179 -30.50 -23.49 28.56
C LEU C 179 -31.58 -23.53 29.63
N LYS C 180 -31.22 -23.92 30.87
CA LYS C 180 -32.19 -23.87 31.95
C LYS C 180 -32.76 -22.47 32.13
N HIS C 181 -31.92 -21.45 32.03
CA HIS C 181 -32.44 -20.09 32.21
C HIS C 181 -33.40 -19.70 31.10
N HIS C 182 -33.06 -20.02 29.85
CA HIS C 182 -33.91 -19.57 28.76
C HIS C 182 -35.17 -20.42 28.60
N MET C 183 -35.21 -21.62 29.17
CA MET C 183 -36.41 -22.44 29.07
C MET C 183 -37.47 -22.08 30.09
N LYS C 184 -37.29 -20.98 30.83
CA LYS C 184 -38.28 -20.61 31.83
C LYS C 184 -39.49 -19.89 31.24
N LYS C 185 -39.36 -19.32 30.05
CA LYS C 185 -40.48 -18.65 29.40
C LYS C 185 -41.22 -19.54 28.43
N ILE C 186 -40.95 -20.83 28.43
CA ILE C 186 -41.56 -21.76 27.48
C ILE C 186 -42.31 -22.83 28.26
N THR C 187 -43.46 -23.25 27.74
CA THR C 187 -44.20 -24.35 28.34
C THR C 187 -43.66 -25.67 27.84
N LEU C 188 -42.85 -26.33 28.67
CA LEU C 188 -42.14 -27.53 28.27
C LEU C 188 -42.92 -28.77 28.65
N ALA C 189 -42.65 -29.85 27.93
CA ALA C 189 -43.12 -31.17 28.34
C ALA C 189 -42.16 -31.75 29.36
N ASP C 190 -42.44 -32.99 29.77
CA ASP C 190 -41.59 -33.63 30.78
C ASP C 190 -40.49 -34.45 30.14
N ASN C 191 -40.32 -34.35 28.82
CA ASN C 191 -39.30 -35.14 28.14
C ASN C 191 -38.03 -34.33 27.94
N VAL C 192 -38.00 -33.08 28.42
CA VAL C 192 -36.83 -32.24 28.21
C VAL C 192 -35.77 -32.54 29.25
N ASP C 193 -34.51 -32.54 28.81
CA ASP C 193 -33.36 -32.64 29.68
C ASP C 193 -32.26 -31.76 29.12
N PRO C 194 -32.07 -30.57 29.67
CA PRO C 194 -31.13 -29.62 29.07
C PRO C 194 -29.69 -30.10 29.07
N THR C 195 -29.36 -31.02 29.98
CA THR C 195 -28.02 -31.60 29.98
C THR C 195 -27.73 -32.31 28.66
N ILE C 196 -28.75 -32.98 28.10
CA ILE C 196 -28.60 -33.65 26.82
C ILE C 196 -28.21 -32.66 25.74
N ILE C 197 -28.95 -31.56 25.64
CA ILE C 197 -28.69 -30.58 24.58
C ILE C 197 -27.33 -29.94 24.79
N ALA C 198 -27.03 -29.54 26.02
CA ALA C 198 -25.73 -28.94 26.32
C ALA C 198 -24.59 -29.87 25.94
N ARG C 199 -24.72 -31.16 26.20
CA ARG C 199 -23.70 -32.09 25.74
C ARG C 199 -23.75 -32.30 24.23
N GLY C 200 -24.84 -31.94 23.58
CA GLY C 200 -24.98 -32.09 22.15
C GLY C 200 -24.60 -30.90 21.31
N THR C 201 -24.26 -29.76 21.91
CA THR C 201 -24.03 -28.51 21.18
C THR C 201 -22.71 -27.88 21.61
N PRO C 202 -21.59 -28.54 21.33
CA PRO C 202 -20.29 -27.98 21.72
C PRO C 202 -19.88 -26.83 20.80
N GLY C 203 -19.30 -25.79 21.41
CA GLY C 203 -18.77 -24.67 20.68
C GLY C 203 -19.71 -23.51 20.45
N LEU C 204 -20.92 -23.56 20.98
CA LEU C 204 -21.90 -22.51 20.76
C LEU C 204 -21.88 -21.51 21.91
N SER C 205 -22.11 -20.25 21.57
CA SER C 205 -22.14 -19.18 22.56
C SER C 205 -23.49 -19.18 23.27
N GLY C 206 -23.79 -18.12 24.02
CA GLY C 206 -25.08 -18.04 24.66
C GLY C 206 -26.19 -17.57 23.75
N ALA C 207 -25.88 -16.65 22.83
CA ALA C 207 -26.90 -16.15 21.92
C ALA C 207 -27.41 -17.25 20.99
N GLU C 208 -26.53 -18.11 20.51
CA GLU C 208 -26.96 -19.19 19.64
C GLU C 208 -27.84 -20.20 20.37
N LEU C 209 -27.61 -20.40 21.67
CA LEU C 209 -28.45 -21.30 22.42
C LEU C 209 -29.81 -20.68 22.72
N ALA C 210 -29.83 -19.39 23.03
CA ALA C 210 -31.11 -18.70 23.17
C ALA C 210 -31.91 -18.77 21.87
N ASN C 211 -31.24 -18.58 20.74
CA ASN C 211 -31.93 -18.68 19.45
C ASN C 211 -32.42 -20.10 19.20
N LEU C 212 -31.62 -21.10 19.56
CA LEU C 212 -32.05 -22.49 19.43
C LEU C 212 -33.34 -22.71 20.19
N VAL C 213 -33.41 -22.24 21.44
CA VAL C 213 -34.62 -22.42 22.24
C VAL C 213 -35.80 -21.69 21.60
N ASN C 214 -35.58 -20.47 21.11
CA ASN C 214 -36.66 -19.70 20.51
C ASN C 214 -37.23 -20.43 19.29
N GLN C 215 -36.35 -20.82 18.36
CA GLN C 215 -36.84 -21.49 17.16
C GLN C 215 -37.50 -22.83 17.49
N ALA C 216 -37.01 -23.52 18.52
CA ALA C 216 -37.69 -24.74 18.93
C ALA C 216 -39.11 -24.46 19.42
N ALA C 217 -39.29 -23.38 20.18
CA ALA C 217 -40.63 -23.03 20.64
C ALA C 217 -41.54 -22.68 19.48
N VAL C 218 -41.08 -21.80 18.58
CA VAL C 218 -41.92 -21.39 17.45
C VAL C 218 -42.27 -22.58 16.57
N TYR C 219 -41.31 -23.49 16.38
CA TYR C 219 -41.60 -24.71 15.64
C TYR C 219 -42.61 -25.58 16.35
N ALA C 220 -42.55 -25.64 17.69
CA ALA C 220 -43.55 -26.40 18.43
C ALA C 220 -44.94 -25.84 18.19
N CYS C 221 -45.12 -24.54 18.39
CA CYS C 221 -46.43 -23.92 18.19
C CYS C 221 -46.80 -23.78 16.72
N GLN C 222 -45.92 -24.17 15.79
CA GLN C 222 -46.27 -24.13 14.38
C GLN C 222 -46.89 -25.44 13.91
N LYS C 223 -46.66 -26.53 14.63
CA LYS C 223 -47.23 -27.83 14.29
C LYS C 223 -48.46 -28.17 15.12
N ASN C 224 -49.10 -27.18 15.73
CA ASN C 224 -50.27 -27.40 16.57
C ASN C 224 -49.94 -28.33 17.74
N ALA C 225 -49.00 -27.90 18.58
CA ALA C 225 -48.60 -28.70 19.72
C ALA C 225 -49.04 -28.05 21.02
N VAL C 226 -48.85 -28.77 22.11
CA VAL C 226 -49.27 -28.29 23.43
C VAL C 226 -48.07 -27.87 24.27
N SER C 227 -46.93 -28.52 24.09
CA SER C 227 -45.74 -28.22 24.88
C SER C 227 -44.51 -28.57 24.08
N VAL C 228 -43.51 -27.69 24.17
CA VAL C 228 -42.22 -27.90 23.51
C VAL C 228 -41.56 -29.12 24.13
N ASP C 229 -41.23 -30.11 23.30
CA ASP C 229 -40.68 -31.36 23.79
C ASP C 229 -39.31 -31.63 23.16
N MET C 230 -38.74 -32.79 23.49
CA MET C 230 -37.34 -33.06 23.19
C MET C 230 -37.08 -33.15 21.69
N SER C 231 -38.00 -33.75 20.93
CA SER C 231 -37.82 -33.86 19.49
C SER C 231 -37.74 -32.51 18.82
N HIS C 232 -38.40 -31.49 19.37
CA HIS C 232 -38.33 -30.16 18.81
C HIS C 232 -36.94 -29.56 18.98
N PHE C 233 -36.37 -29.71 20.19
CA PHE C 233 -34.99 -29.30 20.41
C PHE C 233 -34.03 -30.03 19.48
N GLU C 234 -34.29 -31.32 19.25
CA GLU C 234 -33.49 -32.07 18.28
C GLU C 234 -33.58 -31.44 16.90
N TRP C 235 -34.79 -31.12 16.46
CA TRP C 235 -34.98 -30.50 15.16
C TRP C 235 -34.20 -29.19 15.05
N ALA C 236 -34.34 -28.32 16.05
CA ALA C 236 -33.69 -27.02 15.99
C ALA C 236 -32.17 -27.13 16.00
N LYS C 237 -31.61 -27.90 16.95
CA LYS C 237 -30.16 -28.01 16.97
C LYS C 237 -29.62 -28.69 15.72
N ASP C 238 -30.38 -29.62 15.13
CA ASP C 238 -29.96 -30.16 13.85
C ASP C 238 -29.99 -29.09 12.77
N LYS C 239 -30.98 -28.19 12.81
CA LYS C 239 -31.03 -27.09 11.86
C LYS C 239 -29.82 -26.19 11.98
N ILE C 240 -29.40 -25.88 13.21
CA ILE C 240 -28.28 -24.97 13.40
C ILE C 240 -26.95 -25.66 13.07
N LEU C 241 -26.80 -26.92 13.45
CA LEU C 241 -25.54 -27.61 13.24
C LEU C 241 -25.32 -27.98 11.79
N MET C 242 -26.39 -28.33 11.07
CA MET C 242 -26.28 -28.80 9.70
C MET C 242 -26.82 -27.83 8.67
N GLY C 243 -27.91 -27.14 8.96
CA GLY C 243 -28.55 -26.26 8.02
C GLY C 243 -29.98 -26.67 7.73
N ALA C 244 -30.72 -25.74 7.14
CA ALA C 244 -32.14 -25.96 6.88
C ALA C 244 -32.34 -27.06 5.86
N GLU C 245 -33.21 -28.02 6.20
CA GLU C 245 -33.45 -29.16 5.33
C GLU C 245 -34.17 -28.71 4.07
N ARG C 246 -33.69 -29.18 2.92
CA ARG C 246 -34.28 -28.83 1.63
C ARG C 246 -35.02 -30.04 1.09
N LYS C 247 -36.33 -29.90 0.94
CA LYS C 247 -37.20 -31.01 0.56
C LYS C 247 -37.49 -31.07 -0.95
N THR C 248 -37.69 -29.93 -1.59
CA THR C 248 -38.07 -29.91 -3.00
C THR C 248 -36.84 -29.92 -3.91
N MET C 249 -36.21 -31.08 -3.99
CA MET C 249 -35.08 -31.30 -4.89
C MET C 249 -35.25 -32.64 -5.58
N VAL C 250 -35.32 -32.62 -6.90
CA VAL C 250 -35.35 -33.83 -7.69
C VAL C 250 -33.94 -34.40 -7.76
N LEU C 251 -33.83 -35.71 -7.51
CA LEU C 251 -32.54 -36.36 -7.40
C LEU C 251 -32.53 -37.64 -8.21
N THR C 252 -31.71 -37.66 -9.25
CA THR C 252 -31.53 -38.90 -10.01
C THR C 252 -30.97 -39.98 -9.10
N ASP C 253 -31.40 -41.22 -9.33
CA ASP C 253 -30.97 -42.31 -8.47
C ASP C 253 -29.47 -42.55 -8.53
N ALA C 254 -28.83 -42.25 -9.67
CA ALA C 254 -27.38 -42.37 -9.74
C ALA C 254 -26.70 -41.37 -8.82
N ALA C 255 -27.19 -40.13 -8.80
CA ALA C 255 -26.64 -39.12 -7.90
C ALA C 255 -26.76 -39.55 -6.45
N ARG C 256 -27.93 -40.04 -6.05
CA ARG C 256 -28.12 -40.43 -4.66
C ARG C 256 -27.29 -41.68 -4.31
N LYS C 257 -27.08 -42.56 -5.27
CA LYS C 257 -26.16 -43.68 -5.02
C LYS C 257 -24.75 -43.17 -4.76
N ALA C 258 -24.25 -42.29 -5.64
CA ALA C 258 -22.90 -41.77 -5.46
C ALA C 258 -22.76 -41.05 -4.13
N THR C 259 -23.74 -40.23 -3.77
CA THR C 259 -23.69 -39.53 -2.50
C THR C 259 -23.68 -40.50 -1.32
N ALA C 260 -24.59 -41.48 -1.34
CA ALA C 260 -24.63 -42.45 -0.24
C ALA C 260 -23.33 -43.22 -0.12
N PHE C 261 -22.59 -43.40 -1.22
CA PHE C 261 -21.28 -44.00 -1.07
C PHE C 261 -20.22 -43.04 -0.55
N HIS C 262 -20.34 -41.75 -0.86
CA HIS C 262 -19.38 -40.78 -0.30
C HIS C 262 -19.54 -40.71 1.21
N GLU C 263 -20.72 -40.32 1.70
CA GLU C 263 -20.92 -40.31 3.14
C GLU C 263 -20.87 -41.70 3.76
N ALA C 264 -21.03 -42.75 2.96
CA ALA C 264 -20.74 -44.08 3.47
C ALA C 264 -19.27 -44.23 3.78
N GLY C 265 -18.41 -43.70 2.91
CA GLY C 265 -16.97 -43.78 3.17
C GLY C 265 -16.57 -42.99 4.40
N HIS C 266 -17.02 -41.73 4.48
CA HIS C 266 -16.76 -40.94 5.69
C HIS C 266 -17.28 -41.65 6.92
N ALA C 267 -18.50 -42.19 6.86
CA ALA C 267 -19.11 -42.82 8.02
C ALA C 267 -18.34 -44.06 8.45
N ILE C 268 -17.72 -44.77 7.49
CA ILE C 268 -16.98 -45.96 7.86
C ILE C 268 -15.64 -45.57 8.50
N MET C 269 -14.86 -44.72 7.83
CA MET C 269 -13.54 -44.44 8.39
C MET C 269 -13.59 -43.64 9.67
N ALA C 270 -14.72 -43.02 10.02
CA ALA C 270 -14.85 -42.37 11.30
C ALA C 270 -15.33 -43.31 12.38
N LYS C 271 -15.30 -44.62 12.14
CA LYS C 271 -15.86 -45.59 13.05
C LYS C 271 -14.89 -46.70 13.42
N TYR C 272 -14.03 -47.12 12.50
CA TYR C 272 -13.07 -48.19 12.77
C TYR C 272 -11.64 -47.69 12.85
N THR C 273 -11.41 -46.39 12.73
CA THR C 273 -10.07 -45.85 12.91
C THR C 273 -9.89 -45.47 14.38
N ASN C 274 -8.63 -45.47 14.83
CA ASN C 274 -8.35 -45.55 16.26
C ASN C 274 -8.89 -44.35 17.03
N GLY C 275 -8.37 -43.16 16.76
CA GLY C 275 -8.69 -42.04 17.61
C GLY C 275 -9.76 -41.11 17.13
N ALA C 276 -10.54 -41.51 16.12
CA ALA C 276 -11.52 -40.60 15.54
C ALA C 276 -12.59 -40.22 16.55
N THR C 277 -13.18 -39.05 16.36
CA THR C 277 -14.23 -38.58 17.24
C THR C 277 -15.46 -39.47 17.08
N PRO C 278 -16.15 -39.77 18.18
CA PRO C 278 -17.28 -40.70 18.11
C PRO C 278 -18.38 -40.20 17.17
N LEU C 279 -18.89 -41.12 16.36
CA LEU C 279 -19.77 -40.76 15.26
C LEU C 279 -21.14 -40.35 15.76
N TYR C 280 -21.89 -39.69 14.87
CA TYR C 280 -23.19 -39.14 15.16
C TYR C 280 -24.03 -39.31 13.89
N LYS C 281 -25.19 -38.65 13.87
CA LYS C 281 -26.13 -38.70 12.75
C LYS C 281 -25.45 -38.47 11.41
N ALA C 282 -25.48 -39.49 10.57
CA ALA C 282 -25.02 -39.40 9.19
C ALA C 282 -26.23 -39.47 8.28
N THR C 283 -26.30 -38.57 7.31
CA THR C 283 -27.49 -38.46 6.46
C THR C 283 -27.08 -38.05 5.06
N ILE C 284 -28.02 -38.17 4.13
CA ILE C 284 -27.80 -37.69 2.77
C ILE C 284 -28.95 -36.82 2.30
N LEU C 285 -29.69 -36.25 3.24
CA LEU C 285 -30.63 -35.21 2.88
C LEU C 285 -29.86 -33.96 2.45
N PRO C 286 -30.28 -33.29 1.42
CA PRO C 286 -29.55 -32.09 0.99
C PRO C 286 -29.72 -30.94 1.97
N ARG C 287 -28.97 -30.97 3.07
CA ARG C 287 -29.04 -29.92 4.08
C ARG C 287 -28.35 -28.68 3.56
N GLY C 288 -29.09 -27.58 3.49
CA GLY C 288 -28.48 -26.29 3.22
C GLY C 288 -27.78 -26.20 1.88
N ARG C 289 -26.46 -26.22 1.90
CA ARG C 289 -25.67 -26.09 0.67
C ARG C 289 -24.96 -27.37 0.27
N ALA C 290 -24.86 -28.35 1.16
CA ALA C 290 -24.17 -29.59 0.85
C ALA C 290 -25.18 -30.68 0.48
N LEU C 291 -24.70 -31.66 -0.29
CA LEU C 291 -25.54 -32.74 -0.78
C LEU C 291 -25.51 -33.97 0.12
N GLY C 292 -25.31 -33.78 1.42
CA GLY C 292 -25.19 -34.89 2.33
C GLY C 292 -24.07 -34.63 3.30
N ILE C 293 -24.28 -34.96 4.58
CA ILE C 293 -23.32 -34.61 5.61
C ILE C 293 -23.14 -35.79 6.54
N THR C 294 -21.96 -35.90 7.12
CA THR C 294 -21.68 -36.81 8.22
C THR C 294 -20.68 -36.11 9.14
N PHE C 295 -20.99 -36.09 10.43
CA PHE C 295 -20.17 -35.31 11.34
C PHE C 295 -20.18 -35.95 12.71
N GLN C 296 -19.06 -35.77 13.42
CA GLN C 296 -18.86 -36.36 14.73
C GLN C 296 -19.13 -35.32 15.80
N LEU C 297 -19.45 -35.79 17.00
CA LEU C 297 -19.47 -34.95 18.20
C LEU C 297 -18.66 -35.65 19.27
N PRO C 298 -17.67 -34.99 19.85
CA PRO C 298 -16.83 -35.63 20.87
C PRO C 298 -17.59 -35.78 22.18
N GLU C 299 -16.87 -36.28 23.18
CA GLU C 299 -17.41 -36.45 24.52
C GLU C 299 -16.83 -35.45 25.51
N MET C 300 -15.82 -34.69 25.10
CA MET C 300 -15.33 -33.55 25.85
C MET C 300 -14.40 -32.77 24.93
N ASP C 301 -14.14 -31.52 25.29
CA ASP C 301 -13.48 -30.60 24.37
C ASP C 301 -12.16 -30.11 24.95
N LYS C 302 -11.30 -31.04 25.37
CA LYS C 302 -10.42 -30.95 26.54
C LYS C 302 -9.75 -29.56 26.60
N VAL C 303 -8.72 -29.29 25.80
CA VAL C 303 -8.47 -27.97 25.25
C VAL C 303 -7.90 -28.17 23.85
N ASP C 304 -7.35 -29.36 23.61
CA ASP C 304 -6.33 -29.57 22.60
C ASP C 304 -6.42 -31.00 22.05
N ILE C 305 -5.65 -31.28 21.02
CA ILE C 305 -5.72 -32.54 20.29
C ILE C 305 -4.35 -33.19 20.28
N THR C 306 -4.32 -34.52 20.32
CA THR C 306 -3.07 -35.26 20.31
C THR C 306 -2.65 -35.52 18.86
N LYS C 307 -1.61 -36.33 18.68
CA LYS C 307 -1.15 -36.68 17.34
C LYS C 307 -1.98 -37.81 16.75
N ARG C 308 -2.38 -38.77 17.58
CA ARG C 308 -3.23 -39.85 17.12
C ARG C 308 -4.56 -39.33 16.61
N GLU C 309 -5.13 -38.34 17.29
CA GLU C 309 -6.40 -37.78 16.86
C GLU C 309 -6.23 -36.96 15.58
N CYS C 310 -5.12 -36.23 15.45
CA CYS C 310 -4.89 -35.46 14.23
C CYS C 310 -4.79 -36.38 13.02
N GLN C 311 -3.94 -37.40 13.11
CA GLN C 311 -3.89 -38.36 12.01
C GLN C 311 -5.24 -39.05 11.81
N ALA C 312 -6.00 -39.23 12.88
CA ALA C 312 -7.35 -39.77 12.74
C ALA C 312 -8.23 -38.89 11.88
N ARG C 313 -8.10 -37.56 12.01
CA ARG C 313 -8.92 -36.68 11.19
C ARG C 313 -8.41 -36.63 9.75
N LEU C 314 -7.08 -36.65 9.57
CA LEU C 314 -6.55 -36.74 8.21
C LEU C 314 -7.04 -37.99 7.51
N ASP C 315 -7.22 -39.08 8.25
CA ASP C 315 -7.73 -40.29 7.60
C ASP C 315 -9.24 -40.22 7.42
N VAL C 316 -9.95 -39.55 8.32
CA VAL C 316 -11.40 -39.45 8.19
C VAL C 316 -11.77 -38.59 7.00
N CYS C 317 -10.91 -37.65 6.62
CA CYS C 317 -11.24 -36.74 5.54
C CYS C 317 -11.00 -37.33 4.15
N MET C 318 -10.88 -38.66 4.02
CA MET C 318 -10.63 -39.26 2.72
C MET C 318 -11.45 -40.52 2.46
N GLY C 319 -12.38 -40.85 3.34
CA GLY C 319 -13.24 -41.99 3.09
C GLY C 319 -14.13 -41.80 1.87
N GLY C 320 -14.49 -40.56 1.55
CA GLY C 320 -15.33 -40.33 0.39
C GLY C 320 -14.57 -40.52 -0.90
N LYS C 321 -13.47 -39.77 -1.06
CA LYS C 321 -12.63 -39.91 -2.24
C LYS C 321 -12.17 -41.34 -2.44
N ILE C 322 -11.81 -42.02 -1.36
CA ILE C 322 -11.37 -43.40 -1.51
C ILE C 322 -12.53 -44.32 -1.81
N ALA C 323 -13.73 -44.01 -1.31
CA ALA C 323 -14.89 -44.82 -1.66
C ALA C 323 -15.17 -44.74 -3.15
N GLU C 324 -15.23 -43.53 -3.68
CA GLU C 324 -15.44 -43.36 -5.12
C GLU C 324 -14.33 -44.03 -5.91
N GLU C 325 -13.09 -43.98 -5.42
CA GLU C 325 -12.00 -44.63 -6.13
C GLU C 325 -12.16 -46.14 -6.15
N LEU C 326 -12.58 -46.73 -5.02
CA LEU C 326 -12.67 -48.18 -4.95
C LEU C 326 -13.84 -48.72 -5.76
N ILE C 327 -14.99 -48.04 -5.74
CA ILE C 327 -16.18 -48.61 -6.39
C ILE C 327 -16.42 -48.08 -7.79
N TYR C 328 -16.17 -46.81 -8.07
CA TYR C 328 -16.42 -46.24 -9.39
C TYR C 328 -15.16 -46.18 -10.24
N GLY C 329 -14.10 -46.89 -9.86
CA GLY C 329 -12.86 -46.81 -10.60
C GLY C 329 -12.17 -45.48 -10.41
N LYS C 330 -10.92 -45.36 -10.86
CA LYS C 330 -10.17 -44.14 -10.58
C LYS C 330 -10.59 -42.97 -11.46
N ASP C 331 -10.99 -43.24 -12.71
CA ASP C 331 -11.32 -42.15 -13.61
C ASP C 331 -12.61 -41.44 -13.25
N ASN C 332 -13.40 -41.97 -12.33
CA ASN C 332 -14.73 -41.43 -12.04
C ASN C 332 -14.77 -40.67 -10.71
N THR C 333 -13.63 -40.28 -10.17
CA THR C 333 -13.62 -39.47 -8.98
C THR C 333 -14.00 -38.04 -9.32
N THR C 334 -14.99 -37.50 -8.61
CA THR C 334 -15.56 -36.21 -8.94
C THR C 334 -14.72 -35.09 -8.32
N SER C 335 -15.16 -33.87 -8.59
CA SER C 335 -14.58 -32.68 -7.98
C SER C 335 -15.21 -32.37 -6.63
N GLY C 336 -16.18 -33.15 -6.19
CA GLY C 336 -16.78 -32.93 -4.89
C GLY C 336 -15.84 -33.13 -3.73
N CYS C 337 -14.81 -33.96 -3.92
CA CYS C 337 -13.86 -34.23 -2.85
C CYS C 337 -12.93 -33.06 -2.57
N GLY C 338 -12.92 -32.04 -3.43
CA GLY C 338 -12.04 -30.90 -3.19
C GLY C 338 -12.31 -30.22 -1.86
N SER C 339 -13.59 -30.01 -1.54
CA SER C 339 -13.96 -29.44 -0.25
C SER C 339 -13.55 -30.31 0.92
N ASP C 340 -13.28 -31.59 0.70
CA ASP C 340 -12.67 -32.39 1.76
C ASP C 340 -11.19 -32.08 1.88
N LEU C 341 -10.48 -32.05 0.74
CA LEU C 341 -9.02 -32.01 0.74
C LEU C 341 -8.49 -30.83 1.52
N GLN C 342 -9.02 -29.63 1.26
CA GLN C 342 -8.53 -28.44 1.93
C GLN C 342 -8.63 -28.58 3.44
N SER C 343 -9.75 -29.13 3.93
CA SER C 343 -9.89 -29.37 5.36
C SER C 343 -8.73 -30.20 5.87
N ALA C 344 -8.48 -31.36 5.23
CA ALA C 344 -7.36 -32.20 5.61
C ALA C 344 -6.07 -31.41 5.57
N THR C 345 -5.85 -30.65 4.50
CA THR C 345 -4.59 -29.91 4.37
C THR C 345 -4.39 -28.99 5.55
N GLY C 346 -5.47 -28.35 6.01
CA GLY C 346 -5.36 -27.48 7.17
C GLY C 346 -4.75 -28.20 8.34
N THR C 347 -5.35 -29.34 8.73
CA THR C 347 -4.84 -30.10 9.85
C THR C 347 -3.38 -30.49 9.62
N ALA C 348 -3.05 -30.86 8.38
CA ALA C 348 -1.69 -31.31 8.10
C ALA C 348 -0.69 -30.23 8.42
N ARG C 349 -0.99 -28.99 8.03
CA ARG C 349 -0.04 -27.92 8.31
C ARG C 349 0.08 -27.67 9.80
N ALA C 350 -1.04 -27.75 10.53
CA ALA C 350 -0.97 -27.58 11.96
C ALA C 350 -0.16 -28.68 12.62
N MET C 351 -0.04 -29.84 11.98
CA MET C 351 0.77 -30.90 12.55
C MET C 351 2.26 -30.64 12.39
N VAL C 352 2.66 -29.85 11.40
CA VAL C 352 4.05 -29.73 11.00
C VAL C 352 4.61 -28.36 11.33
N THR C 353 3.83 -27.31 11.11
CA THR C 353 4.34 -25.98 11.37
C THR C 353 4.27 -25.61 12.85
N GLN C 354 3.10 -25.62 13.46
CA GLN C 354 2.93 -25.00 14.77
C GLN C 354 2.81 -26.00 15.91
N TYR C 355 2.14 -27.15 15.72
CA TYR C 355 2.02 -28.07 16.85
C TYR C 355 3.32 -28.78 17.17
N GLY C 356 4.32 -28.71 16.30
CA GLY C 356 5.56 -29.41 16.57
C GLY C 356 5.42 -30.91 16.58
N MET C 357 5.14 -31.52 15.43
CA MET C 357 4.95 -32.96 15.34
C MET C 357 5.71 -33.58 14.17
N SER C 358 6.80 -32.98 13.73
CA SER C 358 7.56 -33.48 12.60
C SER C 358 8.90 -34.02 13.09
N ASP C 359 9.68 -34.62 12.18
CA ASP C 359 10.98 -35.16 12.56
C ASP C 359 12.10 -34.55 11.75
N ASP C 360 11.90 -34.37 10.45
CA ASP C 360 12.94 -33.72 9.65
C ASP C 360 13.05 -32.25 10.01
N VAL C 361 11.92 -31.61 10.31
CA VAL C 361 11.89 -30.29 10.93
C VAL C 361 11.54 -30.52 12.39
N GLY C 362 12.39 -30.05 13.29
CA GLY C 362 12.33 -30.46 14.66
C GLY C 362 11.22 -29.80 15.45
N PRO C 363 11.52 -29.43 16.70
CA PRO C 363 10.52 -28.79 17.56
C PRO C 363 10.36 -27.30 17.31
N VAL C 364 10.83 -26.82 16.17
CA VAL C 364 10.79 -25.40 15.89
C VAL C 364 9.38 -24.99 15.49
N ASN C 365 9.02 -23.75 15.77
CA ASN C 365 7.73 -23.19 15.40
C ASN C 365 7.89 -22.36 14.14
N LEU C 366 7.57 -22.96 13.00
CA LEU C 366 7.63 -22.29 11.71
C LEU C 366 6.37 -21.48 11.40
N SER C 367 5.44 -21.37 12.34
CA SER C 367 4.14 -20.82 12.01
C SER C 367 4.15 -19.30 11.95
N GLU C 368 4.45 -18.66 13.06
CA GLU C 368 4.50 -17.21 13.10
C GLU C 368 5.64 -16.70 12.21
N GLU C 369 5.33 -15.72 11.37
CA GLU C 369 6.26 -15.24 10.35
C GLU C 369 6.69 -16.37 9.42
N TRP C 370 5.70 -16.89 8.69
CA TRP C 370 5.99 -17.92 7.71
C TRP C 370 6.76 -17.37 6.52
N GLU C 371 6.62 -16.08 6.26
CA GLU C 371 7.24 -15.48 5.09
C GLU C 371 8.67 -15.03 5.35
N SER C 372 9.19 -15.23 6.56
CA SER C 372 10.53 -14.80 6.91
C SER C 372 11.55 -15.93 6.95
N TRP C 373 11.10 -17.17 7.06
CA TRP C 373 12.03 -18.27 7.02
C TRP C 373 12.57 -18.45 5.61
N SER C 374 13.62 -19.24 5.49
CA SER C 374 14.31 -19.42 4.21
C SER C 374 13.53 -20.39 3.34
N ASN C 375 14.15 -20.85 2.26
CA ASN C 375 13.53 -21.85 1.40
C ASN C 375 13.93 -23.26 1.75
N LYS C 376 15.16 -23.46 2.22
CA LYS C 376 15.62 -24.77 2.67
C LYS C 376 14.72 -25.36 3.74
N ILE C 377 14.08 -24.53 4.55
CA ILE C 377 13.23 -25.03 5.62
C ILE C 377 11.79 -25.23 5.13
N ARG C 378 11.27 -24.30 4.34
CA ARG C 378 9.90 -24.47 3.87
C ARG C 378 9.78 -25.64 2.91
N ASP C 379 10.84 -25.95 2.15
CA ASP C 379 10.78 -27.15 1.31
C ASP C 379 10.62 -28.40 2.16
N ILE C 380 11.40 -28.50 3.24
CA ILE C 380 11.31 -29.66 4.11
C ILE C 380 9.94 -29.73 4.75
N ALA C 381 9.39 -28.58 5.17
CA ALA C 381 8.07 -28.57 5.78
C ALA C 381 7.01 -29.08 4.82
N ASP C 382 6.96 -28.52 3.61
CA ASP C 382 5.92 -28.91 2.67
C ASP C 382 6.08 -30.36 2.23
N ASN C 383 7.31 -30.85 2.12
CA ASN C 383 7.49 -32.27 1.85
C ASN C 383 6.93 -33.10 3.00
N GLU C 384 7.11 -32.65 4.23
CA GLU C 384 6.52 -33.35 5.36
C GLU C 384 5.00 -33.38 5.28
N VAL C 385 4.37 -32.25 4.97
CA VAL C 385 2.91 -32.21 4.87
C VAL C 385 2.42 -33.16 3.79
N ILE C 386 3.02 -33.09 2.60
CA ILE C 386 2.60 -33.95 1.50
C ILE C 386 2.75 -35.42 1.89
N GLU C 387 3.81 -35.76 2.61
CA GLU C 387 3.95 -37.14 3.05
C GLU C 387 2.84 -37.53 4.03
N LEU C 388 2.49 -36.63 4.94
CA LEU C 388 1.38 -36.92 5.86
C LEU C 388 0.11 -37.22 5.09
N LEU C 389 -0.22 -36.41 4.10
CA LEU C 389 -1.46 -36.63 3.37
C LEU C 389 -1.43 -37.93 2.58
N LYS C 390 -0.32 -38.21 1.90
CA LYS C 390 -0.26 -39.44 1.10
C LYS C 390 -0.38 -40.68 1.98
N ASP C 391 0.37 -40.74 3.08
CA ASP C 391 0.22 -41.87 4.00
C ASP C 391 -1.21 -41.95 4.51
N SER C 392 -1.84 -40.80 4.76
CA SER C 392 -3.25 -40.79 5.16
C SER C 392 -4.11 -41.52 4.14
N GLU C 393 -4.01 -41.16 2.87
CA GLU C 393 -4.90 -41.80 1.92
C GLU C 393 -4.58 -43.27 1.71
N GLU C 394 -3.33 -43.70 1.86
CA GLU C 394 -3.07 -45.13 1.73
C GLU C 394 -3.66 -45.92 2.90
N ARG C 395 -3.54 -45.39 4.14
CA ARG C 395 -4.26 -46.01 5.25
C ARG C 395 -5.75 -46.09 4.96
N ALA C 396 -6.31 -45.01 4.40
CA ALA C 396 -7.74 -44.99 4.07
C ALA C 396 -8.09 -46.11 3.09
N ARG C 397 -7.31 -46.27 2.02
CA ARG C 397 -7.69 -47.23 1.01
C ARG C 397 -7.54 -48.66 1.52
N ARG C 398 -6.52 -48.96 2.31
CA ARG C 398 -6.44 -50.33 2.80
C ARG C 398 -7.52 -50.61 3.85
N LEU C 399 -7.85 -49.64 4.70
CA LEU C 399 -8.95 -49.85 5.64
C LEU C 399 -10.27 -50.10 4.92
N LEU C 400 -10.63 -49.23 3.98
CA LEU C 400 -11.85 -49.48 3.21
C LEU C 400 -11.77 -50.70 2.33
N THR C 401 -10.57 -51.25 2.09
CA THR C 401 -10.49 -52.55 1.45
C THR C 401 -10.87 -53.66 2.42
N LYS C 402 -10.39 -53.59 3.67
CA LYS C 402 -10.75 -54.64 4.63
C LYS C 402 -12.24 -54.61 4.96
N LYS C 403 -12.89 -53.47 4.86
CA LYS C 403 -14.27 -53.33 5.33
C LYS C 403 -15.23 -53.10 4.17
N ASN C 404 -15.03 -53.83 3.08
CA ASN C 404 -15.84 -53.60 1.89
C ASN C 404 -17.30 -53.95 2.10
N VAL C 405 -17.56 -55.08 2.77
CA VAL C 405 -18.92 -55.56 2.96
C VAL C 405 -19.74 -54.52 3.73
N GLU C 406 -19.20 -54.01 4.83
CA GLU C 406 -19.88 -52.96 5.58
C GLU C 406 -20.05 -51.69 4.76
N LEU C 407 -19.11 -51.40 3.86
CA LEU C 407 -19.24 -50.22 3.02
C LEU C 407 -20.47 -50.32 2.12
N HIS C 408 -20.63 -51.44 1.43
CA HIS C 408 -21.85 -51.61 0.63
C HIS C 408 -23.09 -51.61 1.52
N ARG C 409 -23.03 -52.34 2.63
CA ARG C 409 -24.19 -52.53 3.48
C ARG C 409 -24.71 -51.19 4.00
N LEU C 410 -23.80 -50.32 4.45
CA LEU C 410 -24.21 -48.98 4.86
C LEU C 410 -24.56 -48.12 3.66
N ALA C 411 -24.02 -48.43 2.48
CA ALA C 411 -24.40 -47.66 1.29
C ALA C 411 -25.88 -47.82 0.99
N GLN C 412 -26.34 -49.06 0.81
CA GLN C 412 -27.78 -49.26 0.67
C GLN C 412 -28.53 -48.87 1.92
N GLY C 413 -27.91 -48.99 3.09
CA GLY C 413 -28.56 -48.52 4.31
C GLY C 413 -28.90 -47.04 4.26
N LEU C 414 -28.08 -46.24 3.58
CA LEU C 414 -28.39 -44.83 3.40
C LEU C 414 -29.26 -44.56 2.18
N ILE C 415 -29.20 -45.42 1.17
CA ILE C 415 -30.05 -45.20 0.00
C ILE C 415 -31.50 -45.47 0.36
N GLU C 416 -31.74 -46.45 1.24
CA GLU C 416 -33.11 -46.80 1.62
C GLU C 416 -33.66 -45.88 2.69
N TYR C 417 -33.03 -45.89 3.87
CA TYR C 417 -33.41 -45.03 4.98
C TYR C 417 -32.71 -43.69 4.82
N GLU C 418 -33.21 -42.67 5.50
CA GLU C 418 -32.56 -41.37 5.50
C GLU C 418 -32.24 -40.92 6.92
N THR C 419 -31.15 -40.18 7.07
CA THR C 419 -30.73 -39.65 8.36
C THR C 419 -30.52 -40.78 9.35
N LEU C 420 -29.55 -41.62 9.02
CA LEU C 420 -29.27 -42.84 9.76
C LEU C 420 -28.44 -42.50 10.99
N ASP C 421 -29.04 -42.67 12.17
CA ASP C 421 -28.38 -42.36 13.43
C ASP C 421 -27.22 -43.33 13.69
N ALA C 422 -26.34 -42.94 14.63
CA ALA C 422 -25.12 -43.71 14.87
C ALA C 422 -25.42 -45.13 15.32
N HIS C 423 -26.25 -45.30 16.35
CA HIS C 423 -26.68 -46.62 16.76
C HIS C 423 -27.31 -47.37 15.58
N GLU C 424 -28.19 -46.69 14.86
CA GLU C 424 -28.78 -47.27 13.66
C GLU C 424 -27.72 -47.58 12.62
N ILE C 425 -26.64 -46.80 12.58
CA ILE C 425 -25.53 -47.11 11.69
C ILE C 425 -24.90 -48.44 12.06
N GLU C 426 -24.74 -48.69 13.36
CA GLU C 426 -24.22 -49.99 13.78
C GLU C 426 -25.16 -51.12 13.44
N GLN C 427 -26.46 -50.95 13.71
CA GLN C 427 -27.42 -51.98 13.34
C GLN C 427 -27.46 -52.24 11.84
N VAL C 428 -27.20 -51.22 11.02
CA VAL C 428 -27.19 -51.42 9.57
C VAL C 428 -25.90 -52.10 9.13
N CYS C 429 -24.79 -51.78 9.79
CA CYS C 429 -23.53 -52.43 9.43
C CYS C 429 -23.48 -53.89 9.89
N LYS C 430 -24.22 -54.25 10.94
CA LYS C 430 -24.25 -55.65 11.34
C LYS C 430 -25.16 -56.49 10.44
N GLY C 431 -26.29 -55.93 10.01
CA GLY C 431 -27.20 -56.66 9.14
C GLY C 431 -28.59 -56.75 9.71
N GLU C 432 -28.86 -56.02 10.79
CA GLU C 432 -30.18 -56.03 11.39
C GLU C 432 -31.14 -55.20 10.53
N LYS C 433 -32.40 -55.19 10.95
CA LYS C 433 -33.39 -54.30 10.35
C LYS C 433 -33.85 -53.29 11.39
N LEU C 434 -34.15 -52.08 10.93
CA LEU C 434 -34.44 -50.97 11.83
C LEU C 434 -35.92 -50.93 12.16
N ALA C 435 -36.21 -50.53 13.40
CA ALA C 435 -37.60 -50.42 13.87
C ALA C 435 -38.18 -49.05 13.49
N LYS C 436 -38.12 -48.77 12.19
CA LYS C 436 -38.71 -47.55 11.64
C LYS C 436 -39.05 -47.80 10.18
N LEU C 437 -40.02 -47.05 9.69
CA LEU C 437 -40.50 -47.23 8.33
C LEU C 437 -39.43 -46.82 7.34
N LYS C 438 -39.46 -47.46 6.17
CA LYS C 438 -38.58 -47.09 5.07
C LYS C 438 -39.22 -45.96 4.28
N THR C 439 -38.40 -44.99 3.89
CA THR C 439 -38.89 -43.79 3.23
C THR C 439 -39.61 -44.10 1.92
N LYS D 1 -46.81 -9.77 -4.15
CA LYS D 1 -47.45 -10.95 -3.57
C LYS D 1 -46.51 -12.14 -3.60
N PHE D 2 -46.60 -13.01 -2.60
CA PHE D 2 -45.67 -14.14 -2.52
C PHE D 2 -45.89 -15.14 -3.64
N ASP D 3 -47.05 -15.08 -4.30
CA ASP D 3 -47.28 -15.98 -5.42
C ASP D 3 -46.38 -15.64 -6.60
N ASP D 4 -45.84 -14.42 -6.66
CA ASP D 4 -44.99 -14.05 -7.79
C ASP D 4 -43.65 -14.74 -7.74
N VAL D 5 -43.21 -15.15 -6.55
CA VAL D 5 -41.88 -15.73 -6.41
C VAL D 5 -41.96 -17.23 -6.60
N CYS D 6 -41.96 -17.68 -7.85
CA CYS D 6 -42.08 -19.11 -8.14
C CYS D 6 -40.70 -19.71 -8.39
N GLY D 7 -40.42 -20.83 -7.74
CA GLY D 7 -39.04 -21.30 -7.69
C GLY D 7 -38.62 -21.63 -6.28
N CYS D 8 -37.72 -20.81 -5.72
CA CYS D 8 -37.29 -20.92 -4.33
C CYS D 8 -38.49 -21.05 -3.41
N ASP D 9 -38.59 -22.18 -2.71
CA ASP D 9 -39.74 -22.41 -1.83
C ASP D 9 -39.39 -22.20 -0.37
N GLU D 10 -38.23 -22.68 0.06
CA GLU D 10 -37.86 -22.57 1.46
C GLU D 10 -37.67 -21.11 1.86
N ALA D 11 -37.19 -20.28 0.94
CA ALA D 11 -37.05 -18.86 1.23
C ALA D 11 -38.40 -18.19 1.40
N ARG D 12 -39.34 -18.45 0.48
CA ARG D 12 -40.67 -17.90 0.62
C ARG D 12 -41.34 -18.36 1.90
N ALA D 13 -41.13 -19.62 2.27
CA ALA D 13 -41.63 -20.08 3.57
C ALA D 13 -41.04 -19.24 4.69
N GLU D 14 -39.71 -19.27 4.82
CA GLU D 14 -39.02 -18.65 5.93
C GLU D 14 -39.16 -17.13 5.98
N LEU D 15 -39.77 -16.50 4.98
CA LEU D 15 -40.31 -15.17 5.18
C LEU D 15 -41.81 -15.15 5.44
N GLU D 16 -42.54 -16.15 4.97
CA GLU D 16 -43.98 -16.18 5.23
C GLU D 16 -44.28 -16.42 6.70
N GLU D 17 -43.49 -17.25 7.39
CA GLU D 17 -43.73 -17.39 8.83
C GLU D 17 -43.51 -16.08 9.56
N ILE D 18 -42.63 -15.22 9.05
CA ILE D 18 -42.48 -13.90 9.64
C ILE D 18 -43.71 -13.05 9.37
N VAL D 19 -44.22 -13.08 8.13
CA VAL D 19 -45.38 -12.25 7.79
C VAL D 19 -46.59 -12.66 8.62
N ASP D 20 -46.98 -13.93 8.54
CA ASP D 20 -48.14 -14.38 9.30
C ASP D 20 -47.88 -14.41 10.80
N PHE D 21 -46.61 -14.40 11.23
CA PHE D 21 -46.34 -14.12 12.63
C PHE D 21 -46.77 -12.70 12.97
N LEU D 22 -46.54 -11.77 12.05
CA LEU D 22 -47.02 -10.41 12.28
C LEU D 22 -48.54 -10.32 12.23
N LYS D 23 -49.20 -11.13 11.39
CA LYS D 23 -50.64 -10.95 11.22
C LYS D 23 -51.42 -11.38 12.45
N ASP D 24 -51.20 -12.58 12.96
CA ASP D 24 -51.86 -13.06 14.17
C ASP D 24 -50.81 -13.64 15.12
N PRO D 25 -50.32 -12.84 16.07
CA PRO D 25 -49.23 -13.33 16.92
C PRO D 25 -49.61 -14.52 17.78
N THR D 26 -50.86 -14.61 18.25
CA THR D 26 -51.23 -15.67 19.18
C THR D 26 -51.21 -17.05 18.54
N LYS D 27 -51.24 -17.12 17.21
CA LYS D 27 -51.03 -18.40 16.54
C LYS D 27 -49.66 -18.99 16.87
N TYR D 28 -48.70 -18.11 17.17
CA TYR D 28 -47.33 -18.51 17.47
C TYR D 28 -46.83 -18.05 18.83
N GLU D 29 -47.26 -16.89 19.31
CA GLU D 29 -46.64 -16.34 20.51
C GLU D 29 -47.01 -17.14 21.75
N SER D 30 -48.05 -17.97 21.68
CA SER D 30 -48.26 -18.96 22.72
C SER D 30 -47.06 -19.89 22.75
N LEU D 31 -46.79 -20.46 23.93
CA LEU D 31 -45.64 -21.31 24.23
C LEU D 31 -44.36 -20.51 24.40
N GLY D 32 -44.40 -19.19 24.18
CA GLY D 32 -43.24 -18.38 24.45
C GLY D 32 -42.35 -18.11 23.27
N GLY D 33 -42.88 -18.16 22.06
CA GLY D 33 -42.07 -17.87 20.89
C GLY D 33 -42.09 -16.40 20.54
N LYS D 34 -40.99 -15.94 19.94
CA LYS D 34 -40.84 -14.55 19.56
C LYS D 34 -40.43 -14.46 18.11
N LEU D 35 -40.90 -13.42 17.42
CA LEU D 35 -40.50 -13.18 16.05
C LEU D 35 -38.99 -12.92 16.00
N PRO D 36 -38.32 -13.40 14.96
CA PRO D 36 -36.87 -13.20 14.88
C PRO D 36 -36.52 -11.74 14.75
N LYS D 37 -35.26 -11.44 15.05
CA LYS D 37 -34.77 -10.07 14.99
C LYS D 37 -34.20 -9.72 13.62
N GLY D 38 -33.94 -10.71 12.79
CA GLY D 38 -33.40 -10.43 11.47
C GLY D 38 -33.24 -11.63 10.57
N VAL D 39 -33.44 -11.41 9.28
CA VAL D 39 -33.23 -12.41 8.24
C VAL D 39 -32.17 -11.90 7.30
N LEU D 40 -31.15 -12.71 7.02
CA LEU D 40 -30.19 -12.40 5.98
C LEU D 40 -30.56 -13.19 4.73
N LEU D 41 -30.22 -12.63 3.57
CA LEU D 41 -30.50 -13.26 2.28
C LEU D 41 -29.21 -13.30 1.47
N THR D 42 -28.80 -14.49 1.06
CA THR D 42 -27.56 -14.64 0.32
C THR D 42 -27.83 -15.34 -1.00
N GLY D 43 -26.92 -15.16 -1.96
CA GLY D 43 -27.03 -15.85 -3.22
C GLY D 43 -26.53 -15.08 -4.42
N PRO D 44 -26.41 -15.78 -5.55
CA PRO D 44 -25.79 -15.20 -6.74
C PRO D 44 -26.61 -14.06 -7.32
N PRO D 45 -26.18 -13.45 -8.42
CA PRO D 45 -26.91 -12.32 -8.99
C PRO D 45 -28.19 -12.76 -9.69
N GLY D 46 -29.29 -12.09 -9.36
CA GLY D 46 -30.55 -12.32 -10.02
C GLY D 46 -31.18 -13.66 -9.73
N THR D 47 -31.62 -13.86 -8.49
CA THR D 47 -32.30 -15.09 -8.10
C THR D 47 -33.61 -14.85 -7.37
N GLY D 48 -33.83 -13.66 -6.82
CA GLY D 48 -35.09 -13.38 -6.16
C GLY D 48 -34.97 -12.71 -4.81
N LYS D 49 -33.76 -12.27 -4.46
CA LYS D 49 -33.54 -11.69 -3.14
C LYS D 49 -34.31 -10.38 -3.00
N THR D 50 -33.98 -9.39 -3.83
CA THR D 50 -34.73 -8.14 -3.82
C THR D 50 -36.20 -8.37 -4.14
N LEU D 51 -36.49 -9.36 -4.98
CA LEU D 51 -37.87 -9.72 -5.26
C LEU D 51 -38.58 -10.16 -3.99
N LEU D 52 -38.01 -11.13 -3.26
CA LEU D 52 -38.60 -11.57 -2.00
C LEU D 52 -38.80 -10.41 -1.02
N ALA D 53 -37.84 -9.49 -0.97
CA ALA D 53 -38.01 -8.35 -0.08
C ALA D 53 -39.20 -7.48 -0.50
N ARG D 54 -39.33 -7.22 -1.80
CA ARG D 54 -40.45 -6.41 -2.25
C ARG D 54 -41.78 -7.12 -2.04
N ALA D 55 -41.76 -8.46 -2.08
CA ALA D 55 -42.95 -9.24 -1.79
C ALA D 55 -43.33 -9.15 -0.32
N THR D 56 -42.34 -9.19 0.57
CA THR D 56 -42.63 -8.97 1.98
C THR D 56 -43.20 -7.58 2.21
N ALA D 57 -42.69 -6.58 1.47
CA ALA D 57 -43.28 -5.25 1.56
C ALA D 57 -44.73 -5.27 1.13
N GLY D 58 -45.05 -6.03 0.08
CA GLY D 58 -46.42 -6.06 -0.41
C GLY D 58 -47.39 -6.76 0.53
N GLU D 59 -46.94 -7.84 1.16
CA GLU D 59 -47.83 -8.69 1.95
C GLU D 59 -47.83 -8.39 3.44
N ALA D 60 -46.87 -7.62 3.95
CA ALA D 60 -46.70 -7.53 5.40
C ALA D 60 -47.75 -6.66 6.06
N GLY D 61 -48.01 -5.48 5.52
CA GLY D 61 -48.92 -4.55 6.13
C GLY D 61 -48.29 -3.62 7.15
N VAL D 62 -46.98 -3.69 7.35
CA VAL D 62 -46.28 -2.80 8.26
C VAL D 62 -45.37 -1.91 7.44
N ASP D 63 -44.67 -1.00 8.11
CA ASP D 63 -43.90 0.02 7.42
C ASP D 63 -42.53 -0.52 7.03
N PHE D 64 -42.24 -0.57 5.73
CA PHE D 64 -40.87 -0.76 5.28
C PHE D 64 -40.08 0.54 5.28
N PHE D 65 -38.84 0.45 5.71
CA PHE D 65 -37.83 1.48 5.49
C PHE D 65 -36.72 0.81 4.70
N PHE D 66 -36.63 1.12 3.41
CA PHE D 66 -35.61 0.51 2.57
C PHE D 66 -34.50 1.51 2.31
N MET D 67 -33.26 1.03 2.35
CA MET D 67 -32.10 1.83 2.01
C MET D 67 -31.06 0.94 1.37
N SER D 68 -30.32 1.50 0.42
CA SER D 68 -29.19 0.75 -0.09
C SER D 68 -28.09 0.71 0.94
N GLY D 69 -27.12 -0.16 0.72
CA GLY D 69 -25.98 -0.19 1.61
C GLY D 69 -24.99 0.93 1.40
N SER D 70 -25.26 1.86 0.49
CA SER D 70 -24.32 2.87 0.09
C SER D 70 -24.82 4.29 0.33
N GLU D 71 -26.01 4.46 0.91
CA GLU D 71 -26.57 5.77 1.15
C GLU D 71 -26.11 6.37 2.47
N PHE D 72 -25.01 5.86 3.03
CA PHE D 72 -24.58 6.22 4.37
C PHE D 72 -23.37 7.14 4.37
N ASP D 73 -22.27 6.74 3.75
CA ASP D 73 -21.03 7.46 3.87
C ASP D 73 -20.95 8.60 2.86
N GLU D 74 -20.64 9.80 3.34
CA GLU D 74 -20.24 10.88 2.46
C GLU D 74 -18.89 11.42 2.90
N VAL D 75 -18.46 12.53 2.31
CA VAL D 75 -17.07 12.96 2.37
C VAL D 75 -16.57 13.15 3.80
N TYR D 76 -17.46 13.52 4.71
CA TYR D 76 -17.08 13.86 6.08
C TYR D 76 -16.90 12.58 6.89
N VAL D 77 -16.81 12.73 8.21
CA VAL D 77 -16.34 11.61 9.02
C VAL D 77 -17.46 10.91 9.80
N GLY D 78 -18.44 11.64 10.31
CA GLY D 78 -19.44 11.01 11.16
C GLY D 78 -20.85 11.07 10.62
N VAL D 79 -20.99 10.94 9.30
CA VAL D 79 -22.30 11.01 8.68
C VAL D 79 -22.97 9.65 8.61
N GLY D 80 -22.20 8.58 8.37
CA GLY D 80 -22.80 7.26 8.34
C GLY D 80 -23.44 6.88 9.65
N ALA D 81 -22.71 7.03 10.76
CA ALA D 81 -23.27 6.71 12.06
C ALA D 81 -24.49 7.56 12.36
N LYS D 82 -24.45 8.84 11.99
CA LYS D 82 -25.59 9.70 12.23
C LYS D 82 -26.81 9.22 11.46
N ARG D 83 -26.61 8.79 10.21
CA ARG D 83 -27.74 8.35 9.42
C ARG D 83 -28.29 7.01 9.89
N ILE D 84 -27.46 6.14 10.46
CA ILE D 84 -28.03 4.94 11.07
C ILE D 84 -28.81 5.29 12.33
N ARG D 85 -28.27 6.21 13.15
CA ARG D 85 -29.00 6.63 14.34
C ARG D 85 -30.36 7.22 14.00
N ASP D 86 -30.44 8.04 12.95
CA ASP D 86 -31.74 8.59 12.58
C ASP D 86 -32.63 7.58 11.91
N LEU D 87 -32.07 6.69 11.09
CA LEU D 87 -32.87 5.63 10.47
C LEU D 87 -33.57 4.78 11.52
N PHE D 88 -32.80 4.16 12.41
CA PHE D 88 -33.43 3.36 13.47
C PHE D 88 -34.19 4.23 14.45
N ALA D 89 -33.91 5.52 14.52
CA ALA D 89 -34.73 6.39 15.36
C ALA D 89 -36.15 6.48 14.83
N GLN D 90 -36.29 6.78 13.54
CA GLN D 90 -37.61 6.73 12.91
C GLN D 90 -38.23 5.35 13.05
N ALA D 91 -37.42 4.31 12.84
CA ALA D 91 -37.93 2.94 12.89
C ALA D 91 -38.54 2.62 14.24
N ARG D 92 -37.87 3.00 15.32
CA ARG D 92 -38.47 2.81 16.65
C ARG D 92 -39.70 3.68 16.81
N SER D 93 -39.64 4.93 16.34
CA SER D 93 -40.70 5.89 16.64
C SER D 93 -42.02 5.47 16.02
N ARG D 94 -42.02 5.07 14.75
CA ARG D 94 -43.29 4.88 14.07
C ARG D 94 -44.05 3.67 14.60
N ALA D 95 -43.51 2.48 14.41
CA ALA D 95 -44.32 1.31 14.74
C ALA D 95 -43.49 0.03 14.74
N PRO D 96 -44.09 -1.13 15.03
CA PRO D 96 -43.42 -2.38 14.67
C PRO D 96 -43.21 -2.43 13.16
N ALA D 97 -41.96 -2.31 12.72
CA ALA D 97 -41.65 -2.04 11.33
C ALA D 97 -40.58 -3.02 10.85
N ILE D 98 -40.14 -2.80 9.61
CA ILE D 98 -39.12 -3.62 8.99
C ILE D 98 -38.17 -2.69 8.23
N ILE D 99 -36.89 -3.04 8.22
CA ILE D 99 -35.85 -2.20 7.65
C ILE D 99 -35.03 -3.04 6.69
N PHE D 100 -35.17 -2.79 5.41
CA PHE D 100 -34.49 -3.56 4.37
C PHE D 100 -33.27 -2.76 3.90
N ILE D 101 -32.08 -3.25 4.22
CA ILE D 101 -30.83 -2.66 3.77
C ILE D 101 -30.28 -3.55 2.67
N ASP D 102 -30.32 -3.06 1.44
CA ASP D 102 -29.90 -3.83 0.28
C ASP D 102 -28.43 -3.56 -0.02
N GLN D 103 -27.77 -4.56 -0.60
CA GLN D 103 -26.34 -4.50 -0.82
C GLN D 103 -25.59 -4.23 0.49
N LEU D 104 -25.73 -5.17 1.40
CA LEU D 104 -25.16 -5.04 2.73
C LEU D 104 -23.65 -5.19 2.74
N ASP D 105 -23.03 -5.45 1.58
CA ASP D 105 -21.57 -5.46 1.50
C ASP D 105 -20.99 -4.07 1.72
N ALA D 106 -21.71 -3.03 1.29
CA ALA D 106 -21.16 -1.69 1.33
C ALA D 106 -20.99 -1.17 2.75
N ILE D 107 -21.63 -1.79 3.74
CA ILE D 107 -21.39 -1.46 5.14
C ILE D 107 -21.10 -2.70 5.98
N GLY D 108 -21.00 -3.87 5.35
CA GLY D 108 -20.56 -5.05 6.05
C GLY D 108 -19.05 -5.04 6.09
N GLY D 109 -18.41 -6.15 5.72
CA GLY D 109 -16.97 -6.12 5.62
C GLY D 109 -16.33 -6.33 6.98
N LYS D 110 -15.35 -7.22 7.05
CA LYS D 110 -14.77 -7.59 8.33
C LYS D 110 -14.05 -6.40 8.95
N ARG D 111 -13.79 -6.50 10.25
CA ARG D 111 -13.06 -5.48 10.97
C ARG D 111 -11.65 -5.99 11.25
N ASN D 112 -10.73 -5.69 10.35
CA ASN D 112 -9.33 -6.04 10.56
C ASN D 112 -8.64 -4.92 11.33
N PRO D 113 -7.84 -5.25 12.34
CA PRO D 113 -7.24 -4.19 13.18
C PRO D 113 -6.26 -3.31 12.44
N LYS D 114 -5.87 -3.68 11.23
CA LYS D 114 -4.89 -2.88 10.50
C LYS D 114 -5.55 -1.71 9.78
N ASP D 115 -6.86 -1.77 9.61
CA ASP D 115 -7.58 -0.73 8.90
C ASP D 115 -7.52 0.59 9.67
N GLN D 116 -7.99 1.67 9.04
CA GLN D 116 -7.89 3.00 9.62
C GLN D 116 -8.95 3.24 10.69
N ALA D 117 -10.09 2.58 10.57
CA ALA D 117 -11.08 2.50 11.65
C ALA D 117 -11.88 3.78 11.86
N TYR D 118 -11.94 4.66 10.86
CA TYR D 118 -13.06 5.59 10.81
C TYR D 118 -14.06 5.15 9.75
N ALA D 119 -13.61 4.32 8.81
CA ALA D 119 -14.53 3.75 7.83
C ALA D 119 -15.47 2.73 8.47
N LYS D 120 -15.12 2.28 9.67
CA LYS D 120 -15.88 1.27 10.38
C LYS D 120 -16.83 1.83 11.41
N GLN D 121 -16.79 3.12 11.71
CA GLN D 121 -17.65 3.64 12.77
C GLN D 121 -19.12 3.60 12.37
N THR D 122 -19.40 3.54 11.06
CA THR D 122 -20.76 3.22 10.65
C THR D 122 -21.13 1.81 11.09
N LEU D 123 -20.30 0.82 10.71
CA LEU D 123 -20.57 -0.58 11.04
C LEU D 123 -20.81 -0.76 12.53
N ASN D 124 -19.85 -0.34 13.35
CA ASN D 124 -20.01 -0.45 14.81
C ASN D 124 -21.31 0.16 15.29
N GLN D 125 -21.72 1.30 14.71
CA GLN D 125 -22.98 1.90 15.12
C GLN D 125 -24.14 0.95 14.87
N LEU D 126 -24.19 0.36 13.67
CA LEU D 126 -25.22 -0.64 13.39
C LEU D 126 -25.13 -1.79 14.36
N LEU D 127 -23.92 -2.19 14.75
CA LEU D 127 -23.79 -3.28 15.70
C LEU D 127 -24.34 -2.90 17.07
N VAL D 128 -24.26 -1.62 17.43
CA VAL D 128 -24.81 -1.18 18.70
C VAL D 128 -26.31 -0.99 18.58
N GLU D 129 -26.80 -1.02 17.35
CA GLU D 129 -28.19 -0.67 17.10
C GLU D 129 -29.07 -1.90 16.99
N LEU D 130 -28.57 -2.96 16.39
CA LEU D 130 -29.34 -4.20 16.28
C LEU D 130 -29.51 -4.85 17.64
N ASP D 131 -28.44 -4.89 18.43
CA ASP D 131 -28.45 -5.50 19.76
C ASP D 131 -27.47 -4.71 20.63
N GLY D 132 -27.98 -3.73 21.34
CA GLY D 132 -27.17 -2.82 22.14
C GLY D 132 -27.57 -2.87 23.59
N PHE D 133 -27.36 -1.75 24.28
CA PHE D 133 -27.70 -1.69 25.70
C PHE D 133 -29.21 -1.58 25.89
N SER D 134 -29.87 -0.79 25.06
CA SER D 134 -31.31 -0.60 25.18
C SER D 134 -32.04 -1.58 24.28
N GLN D 135 -32.81 -2.47 24.88
CA GLN D 135 -33.58 -3.47 24.13
C GLN D 135 -34.95 -2.93 23.76
N THR D 136 -35.22 -2.92 22.47
CA THR D 136 -36.54 -2.61 21.93
C THR D 136 -37.14 -3.87 21.35
N SER D 137 -38.28 -3.72 20.69
CA SER D 137 -38.94 -4.84 20.04
C SER D 137 -39.79 -4.32 18.89
N GLY D 138 -40.27 -5.24 18.06
CA GLY D 138 -41.11 -4.88 16.95
C GLY D 138 -40.39 -4.47 15.70
N ILE D 139 -39.07 -4.36 15.73
CA ILE D 139 -38.29 -4.02 14.55
C ILE D 139 -37.67 -5.29 13.99
N ILE D 140 -37.65 -5.42 12.67
CA ILE D 140 -37.11 -6.58 11.99
C ILE D 140 -36.28 -6.05 10.83
N ILE D 141 -35.00 -6.39 10.81
CA ILE D 141 -34.12 -5.99 9.71
C ILE D 141 -33.99 -7.12 8.71
N ILE D 142 -33.89 -6.76 7.44
CA ILE D 142 -33.68 -7.71 6.35
C ILE D 142 -32.63 -7.12 5.43
N GLY D 143 -31.59 -7.89 5.15
CA GLY D 143 -30.49 -7.42 4.32
C GLY D 143 -30.04 -8.49 3.36
N ALA D 144 -29.72 -8.08 2.14
CA ALA D 144 -29.34 -8.99 1.08
C ALA D 144 -27.88 -8.74 0.70
N THR D 145 -27.26 -9.72 0.06
CA THR D 145 -25.85 -9.58 -0.31
C THR D 145 -25.44 -10.74 -1.20
N ASN D 146 -24.56 -10.44 -2.15
CA ASN D 146 -24.00 -11.49 -3.01
C ASN D 146 -22.87 -12.23 -2.33
N PHE D 147 -22.20 -11.61 -1.36
CA PHE D 147 -21.00 -12.17 -0.74
C PHE D 147 -21.25 -12.38 0.75
N PRO D 148 -21.65 -13.59 1.17
CA PRO D 148 -21.89 -13.80 2.60
C PRO D 148 -20.64 -13.77 3.44
N GLU D 149 -19.48 -14.15 2.88
CA GLU D 149 -18.28 -14.31 3.68
C GLU D 149 -17.53 -13.01 3.89
N ALA D 150 -17.76 -11.99 3.05
CA ALA D 150 -17.14 -10.70 3.32
C ALA D 150 -17.70 -10.06 4.57
N LEU D 151 -18.93 -10.39 4.93
CA LEU D 151 -19.55 -9.84 6.13
C LEU D 151 -18.83 -10.37 7.36
N ASP D 152 -18.55 -9.48 8.30
CA ASP D 152 -17.84 -9.89 9.51
C ASP D 152 -18.73 -10.83 10.33
N LYS D 153 -18.14 -11.37 11.40
CA LYS D 153 -18.84 -12.32 12.24
C LYS D 153 -19.56 -11.66 13.40
N ALA D 154 -19.74 -10.35 13.38
CA ALA D 154 -20.53 -9.68 14.40
C ALA D 154 -21.87 -9.18 13.88
N LEU D 155 -22.05 -9.12 12.57
CA LEU D 155 -23.36 -8.92 11.98
C LEU D 155 -24.14 -10.22 11.85
N THR D 156 -23.48 -11.29 11.43
CA THR D 156 -24.13 -12.56 11.17
C THR D 156 -24.36 -13.37 12.44
N ARG D 157 -24.32 -12.73 13.58
CA ARG D 157 -24.53 -13.38 14.86
C ARG D 157 -26.02 -13.48 15.16
N PRO D 158 -26.47 -14.57 15.78
CA PRO D 158 -27.83 -14.63 16.29
C PRO D 158 -28.09 -13.49 17.26
N GLY D 159 -29.34 -13.06 17.33
CA GLY D 159 -29.69 -11.86 18.06
C GLY D 159 -29.62 -10.61 17.23
N ARG D 160 -28.85 -10.60 16.15
CA ARG D 160 -28.84 -9.52 15.19
C ARG D 160 -29.44 -9.93 13.86
N PHE D 161 -28.93 -11.00 13.25
CA PHE D 161 -29.56 -11.66 12.11
C PHE D 161 -29.86 -13.09 12.53
N ASP D 162 -31.10 -13.35 12.93
CA ASP D 162 -31.44 -14.66 13.47
C ASP D 162 -31.33 -15.75 12.42
N LYS D 163 -31.84 -15.48 11.21
CA LYS D 163 -31.89 -16.50 10.17
C LYS D 163 -30.95 -16.14 9.03
N VAL D 164 -30.50 -17.16 8.32
CA VAL D 164 -29.67 -17.00 7.14
C VAL D 164 -30.32 -17.82 6.03
N VAL D 165 -30.91 -17.13 5.06
CA VAL D 165 -31.68 -17.76 3.99
C VAL D 165 -30.86 -17.74 2.72
N ASN D 166 -30.79 -18.88 2.04
CA ASN D 166 -29.94 -19.05 0.88
C ASN D 166 -30.83 -19.16 -0.35
N VAL D 167 -30.78 -18.15 -1.20
CA VAL D 167 -31.54 -18.10 -2.45
C VAL D 167 -30.54 -18.31 -3.57
N ASP D 168 -30.62 -19.47 -4.24
CA ASP D 168 -29.67 -19.79 -5.29
C ASP D 168 -30.38 -20.25 -6.57
N LEU D 169 -29.62 -20.76 -7.54
CA LEU D 169 -30.17 -21.04 -8.85
C LEU D 169 -31.18 -22.19 -8.78
N PRO D 170 -32.26 -22.11 -9.55
CA PRO D 170 -33.27 -23.16 -9.49
C PRO D 170 -32.88 -24.40 -10.29
N ASP D 171 -33.57 -25.49 -9.99
CA ASP D 171 -33.44 -26.74 -10.70
C ASP D 171 -34.51 -26.79 -11.81
N VAL D 172 -34.72 -27.97 -12.39
CA VAL D 172 -35.56 -28.06 -13.60
C VAL D 172 -37.00 -27.68 -13.29
N ARG D 173 -37.53 -28.12 -12.15
CA ARG D 173 -38.93 -27.84 -11.85
C ARG D 173 -39.15 -26.36 -11.57
N GLY D 174 -38.38 -25.79 -10.64
CA GLY D 174 -38.52 -24.38 -10.35
C GLY D 174 -38.23 -23.52 -11.56
N ARG D 175 -37.35 -23.99 -12.43
CA ARG D 175 -37.16 -23.33 -13.71
C ARG D 175 -38.45 -23.36 -14.53
N ALA D 176 -39.10 -24.53 -14.57
CA ALA D 176 -40.29 -24.71 -15.38
C ALA D 176 -41.44 -23.85 -14.91
N ASP D 177 -41.57 -23.64 -13.60
CA ASP D 177 -42.67 -22.79 -13.17
C ASP D 177 -42.28 -21.33 -13.02
N ILE D 178 -40.99 -20.99 -13.02
CA ILE D 178 -40.62 -19.61 -13.32
C ILE D 178 -41.11 -19.25 -14.71
N LEU D 179 -40.81 -20.11 -15.69
CA LEU D 179 -41.31 -19.87 -17.04
C LEU D 179 -42.83 -19.87 -17.08
N LYS D 180 -43.47 -20.80 -16.36
CA LYS D 180 -44.93 -20.79 -16.30
C LYS D 180 -45.46 -19.48 -15.74
N HIS D 181 -44.74 -18.86 -14.81
CA HIS D 181 -45.19 -17.59 -14.28
C HIS D 181 -45.00 -16.46 -15.29
N HIS D 182 -43.87 -16.46 -16.00
CA HIS D 182 -43.65 -15.38 -16.95
C HIS D 182 -44.30 -15.61 -18.31
N MET D 183 -44.66 -16.85 -18.64
CA MET D 183 -45.46 -17.08 -19.84
C MET D 183 -46.87 -16.55 -19.72
N LYS D 184 -47.32 -16.23 -18.51
CA LYS D 184 -48.55 -15.48 -18.36
C LYS D 184 -48.36 -14.09 -18.95
N LYS D 185 -49.47 -13.37 -19.06
CA LYS D 185 -49.58 -12.03 -19.63
C LYS D 185 -48.95 -11.89 -21.01
N ILE D 186 -48.71 -12.99 -21.72
CA ILE D 186 -48.33 -12.95 -23.13
C ILE D 186 -49.15 -14.01 -23.85
N THR D 187 -49.71 -13.64 -25.00
CA THR D 187 -50.66 -14.47 -25.72
C THR D 187 -49.89 -15.65 -26.31
N LEU D 188 -49.90 -16.76 -25.59
CA LEU D 188 -49.24 -17.98 -26.05
C LEU D 188 -50.08 -18.65 -27.14
N ALA D 189 -49.66 -19.84 -27.52
CA ALA D 189 -50.33 -20.60 -28.56
C ALA D 189 -50.65 -22.00 -28.06
N ASP D 190 -51.13 -22.85 -28.97
CA ASP D 190 -51.36 -24.26 -28.67
C ASP D 190 -50.13 -25.12 -28.90
N ASN D 191 -48.94 -24.52 -28.88
CA ASN D 191 -47.69 -25.22 -29.06
C ASN D 191 -46.79 -25.15 -27.83
N VAL D 192 -46.87 -24.08 -27.06
CA VAL D 192 -45.86 -23.79 -26.03
C VAL D 192 -45.97 -24.81 -24.91
N ASP D 193 -44.82 -25.35 -24.51
CA ASP D 193 -44.72 -26.25 -23.36
C ASP D 193 -43.52 -25.82 -22.54
N PRO D 194 -43.71 -25.20 -21.38
CA PRO D 194 -42.56 -24.68 -20.63
C PRO D 194 -41.64 -25.76 -20.09
N THR D 195 -42.11 -27.01 -19.97
CA THR D 195 -41.24 -28.07 -19.50
C THR D 195 -40.09 -28.33 -20.46
N ILE D 196 -40.32 -28.11 -21.76
CA ILE D 196 -39.25 -28.32 -22.74
C ILE D 196 -38.19 -27.25 -22.59
N ILE D 197 -38.60 -25.99 -22.54
CA ILE D 197 -37.65 -24.90 -22.36
C ILE D 197 -36.90 -25.07 -21.05
N ALA D 198 -37.58 -25.55 -20.01
CA ALA D 198 -36.92 -25.82 -18.75
C ALA D 198 -35.89 -26.94 -18.89
N ARG D 199 -36.20 -27.99 -19.65
CA ARG D 199 -35.21 -29.04 -19.85
C ARG D 199 -34.07 -28.59 -20.74
N GLY D 200 -34.24 -27.51 -21.50
CA GLY D 200 -33.21 -27.12 -22.43
C GLY D 200 -32.43 -25.88 -22.03
N THR D 201 -32.49 -25.49 -20.77
CA THR D 201 -31.79 -24.30 -20.27
C THR D 201 -31.12 -24.63 -18.94
N PRO D 202 -30.08 -25.47 -18.95
CA PRO D 202 -29.39 -25.77 -17.70
C PRO D 202 -28.57 -24.57 -17.23
N GLY D 203 -28.78 -24.17 -15.99
CA GLY D 203 -28.00 -23.10 -15.41
C GLY D 203 -28.44 -21.70 -15.78
N LEU D 204 -29.72 -21.40 -15.64
CA LEU D 204 -30.22 -20.05 -15.85
C LEU D 204 -30.92 -19.56 -14.59
N SER D 205 -30.82 -18.26 -14.36
CA SER D 205 -31.42 -17.64 -13.19
C SER D 205 -32.88 -17.29 -13.49
N GLY D 206 -33.50 -16.51 -12.61
CA GLY D 206 -34.84 -16.03 -12.89
C GLY D 206 -34.87 -14.87 -13.85
N ALA D 207 -33.88 -13.98 -13.76
CA ALA D 207 -33.83 -12.83 -14.65
C ALA D 207 -33.61 -13.26 -16.10
N GLU D 208 -32.79 -14.28 -16.32
CA GLU D 208 -32.51 -14.71 -17.69
C GLU D 208 -33.69 -15.43 -18.30
N LEU D 209 -34.41 -16.25 -17.53
CA LEU D 209 -35.65 -16.80 -18.04
C LEU D 209 -36.65 -15.68 -18.35
N ALA D 210 -36.71 -14.67 -17.48
CA ALA D 210 -37.66 -13.58 -17.66
C ALA D 210 -37.41 -12.82 -18.96
N ASN D 211 -36.17 -12.38 -19.19
CA ASN D 211 -36.00 -11.68 -20.46
C ASN D 211 -36.02 -12.64 -21.65
N LEU D 212 -35.77 -13.93 -21.42
CA LEU D 212 -36.07 -14.91 -22.46
C LEU D 212 -37.50 -14.74 -22.96
N VAL D 213 -38.46 -14.78 -22.03
CA VAL D 213 -39.85 -14.60 -22.41
C VAL D 213 -40.08 -13.22 -23.03
N ASN D 214 -39.48 -12.17 -22.46
CA ASN D 214 -39.72 -10.83 -22.98
C ASN D 214 -39.25 -10.67 -24.41
N GLN D 215 -37.97 -10.98 -24.68
CA GLN D 215 -37.46 -10.86 -26.04
C GLN D 215 -38.16 -11.80 -27.00
N ALA D 216 -38.65 -12.94 -26.50
CA ALA D 216 -39.52 -13.75 -27.34
C ALA D 216 -40.77 -13.00 -27.75
N ALA D 217 -41.42 -12.32 -26.81
CA ALA D 217 -42.62 -11.57 -27.15
C ALA D 217 -42.32 -10.46 -28.16
N VAL D 218 -41.29 -9.66 -27.90
CA VAL D 218 -40.99 -8.55 -28.80
C VAL D 218 -40.60 -9.06 -30.18
N TYR D 219 -39.83 -10.14 -30.23
CA TYR D 219 -39.49 -10.73 -31.53
C TYR D 219 -40.73 -11.25 -32.23
N ALA D 220 -41.71 -11.76 -31.48
CA ALA D 220 -42.97 -12.15 -32.10
C ALA D 220 -43.67 -10.94 -32.71
N CYS D 221 -43.73 -9.82 -31.99
CA CYS D 221 -44.41 -8.65 -32.52
C CYS D 221 -43.71 -8.10 -33.75
N GLN D 222 -42.38 -8.19 -33.80
CA GLN D 222 -41.68 -7.66 -34.97
C GLN D 222 -41.92 -8.48 -36.23
N LYS D 223 -42.18 -9.78 -36.09
CA LYS D 223 -42.55 -10.62 -37.22
C LYS D 223 -44.03 -10.51 -37.57
N ASN D 224 -44.76 -9.61 -36.92
CA ASN D 224 -46.16 -9.34 -37.25
C ASN D 224 -47.04 -10.54 -36.94
N ALA D 225 -46.58 -11.44 -36.09
CA ALA D 225 -47.32 -12.66 -35.80
C ALA D 225 -48.52 -12.36 -34.92
N VAL D 226 -49.23 -13.41 -34.52
CA VAL D 226 -50.42 -13.27 -33.71
C VAL D 226 -50.27 -13.90 -32.33
N SER D 227 -49.46 -14.94 -32.19
CA SER D 227 -49.19 -15.56 -30.90
C SER D 227 -47.73 -16.00 -30.88
N VAL D 228 -47.23 -16.25 -29.67
CA VAL D 228 -45.84 -16.65 -29.48
C VAL D 228 -45.78 -18.17 -29.48
N ASP D 229 -44.73 -18.72 -30.09
CA ASP D 229 -44.64 -20.16 -30.34
C ASP D 229 -43.19 -20.62 -30.16
N MET D 230 -43.00 -21.94 -30.18
CA MET D 230 -41.73 -22.54 -29.82
C MET D 230 -40.58 -22.11 -30.72
N SER D 231 -40.85 -21.65 -31.94
CA SER D 231 -39.77 -21.14 -32.76
C SER D 231 -39.21 -19.85 -32.16
N HIS D 232 -40.07 -19.03 -31.58
CA HIS D 232 -39.62 -17.78 -30.98
C HIS D 232 -38.85 -18.03 -29.70
N PHE D 233 -39.41 -18.83 -28.80
CA PHE D 233 -38.70 -19.21 -27.57
C PHE D 233 -37.37 -19.88 -27.89
N GLU D 234 -37.33 -20.68 -28.95
CA GLU D 234 -36.07 -21.29 -29.37
C GLU D 234 -35.10 -20.23 -29.87
N TRP D 235 -35.59 -19.25 -30.62
CA TRP D 235 -34.74 -18.17 -31.10
C TRP D 235 -34.12 -17.39 -29.95
N ALA D 236 -34.96 -16.88 -29.04
CA ALA D 236 -34.45 -16.10 -27.92
C ALA D 236 -33.56 -16.94 -27.02
N LYS D 237 -33.90 -18.22 -26.83
CA LYS D 237 -33.03 -19.09 -26.07
C LYS D 237 -31.64 -19.15 -26.69
N ASP D 238 -31.56 -19.25 -28.02
CA ASP D 238 -30.27 -19.18 -28.66
C ASP D 238 -29.61 -17.81 -28.48
N LYS D 239 -30.41 -16.75 -28.39
CA LYS D 239 -29.81 -15.44 -28.21
C LYS D 239 -29.30 -15.26 -26.79
N ILE D 240 -29.71 -16.12 -25.86
CA ILE D 240 -29.16 -16.05 -24.51
C ILE D 240 -27.97 -16.98 -24.37
N LEU D 241 -28.07 -18.19 -24.91
CA LEU D 241 -26.99 -19.15 -24.77
C LEU D 241 -25.84 -18.84 -25.73
N MET D 242 -26.17 -18.60 -27.00
CA MET D 242 -25.13 -18.42 -28.01
C MET D 242 -24.58 -17.00 -28.00
N GLY D 243 -25.43 -16.02 -28.27
CA GLY D 243 -25.02 -14.65 -28.43
C GLY D 243 -25.89 -13.98 -29.48
N ALA D 244 -25.57 -12.74 -29.79
CA ALA D 244 -26.35 -11.98 -30.77
C ALA D 244 -26.07 -12.52 -32.16
N GLU D 245 -26.64 -11.89 -33.19
CA GLU D 245 -26.48 -12.32 -34.57
C GLU D 245 -25.65 -11.31 -35.34
N ARG D 246 -25.18 -11.71 -36.51
CA ARG D 246 -24.42 -10.84 -37.41
C ARG D 246 -24.69 -11.30 -38.83
N LYS D 247 -25.60 -10.62 -39.53
CA LYS D 247 -25.97 -10.98 -40.90
C LYS D 247 -25.23 -10.12 -41.90
N THR D 248 -23.98 -9.80 -41.59
CA THR D 248 -23.12 -8.89 -42.35
C THR D 248 -21.69 -9.36 -42.20
N MET D 249 -20.72 -8.46 -42.37
CA MET D 249 -19.30 -8.82 -42.32
C MET D 249 -18.95 -9.78 -43.47
N VAL D 250 -19.05 -9.21 -44.68
CA VAL D 250 -18.67 -9.92 -45.89
C VAL D 250 -17.27 -10.51 -45.74
N LEU D 251 -17.18 -11.83 -45.89
CA LEU D 251 -15.94 -12.56 -45.65
C LEU D 251 -15.46 -13.21 -46.93
N THR D 252 -14.15 -13.12 -47.17
CA THR D 252 -13.55 -13.84 -48.28
C THR D 252 -13.71 -15.35 -48.07
N ASP D 253 -13.54 -16.10 -49.15
CA ASP D 253 -13.79 -17.53 -49.08
C ASP D 253 -12.73 -18.29 -48.30
N ALA D 254 -11.46 -17.91 -48.46
CA ALA D 254 -10.41 -18.61 -47.70
C ALA D 254 -10.59 -18.41 -46.20
N ALA D 255 -10.99 -17.20 -45.79
CA ALA D 255 -11.21 -16.95 -44.37
C ALA D 255 -12.35 -17.81 -43.83
N ARG D 256 -13.53 -17.76 -44.46
CA ARG D 256 -14.65 -18.51 -43.94
C ARG D 256 -14.44 -20.01 -44.04
N LYS D 257 -13.66 -20.50 -45.00
CA LYS D 257 -13.38 -21.93 -44.99
C LYS D 257 -12.40 -22.29 -43.88
N ALA D 258 -11.41 -21.44 -43.61
CA ALA D 258 -10.53 -21.69 -42.47
C ALA D 258 -11.32 -21.74 -41.17
N THR D 259 -12.24 -20.79 -40.98
CA THR D 259 -13.13 -20.84 -39.83
C THR D 259 -13.94 -22.12 -39.81
N ALA D 260 -14.41 -22.56 -40.98
CA ALA D 260 -15.15 -23.81 -41.06
C ALA D 260 -14.31 -24.98 -40.57
N PHE D 261 -13.01 -24.96 -40.85
CA PHE D 261 -12.16 -26.05 -40.36
C PHE D 261 -11.89 -25.93 -38.86
N HIS D 262 -11.80 -24.71 -38.33
CA HIS D 262 -11.65 -24.57 -36.88
C HIS D 262 -12.86 -25.14 -36.16
N GLU D 263 -14.05 -24.59 -36.46
CA GLU D 263 -15.27 -25.08 -35.84
C GLU D 263 -15.51 -26.56 -36.09
N ALA D 264 -15.24 -27.04 -37.31
CA ALA D 264 -15.34 -28.47 -37.56
C ALA D 264 -14.38 -29.24 -36.68
N GLY D 265 -13.24 -28.65 -36.35
CA GLY D 265 -12.31 -29.30 -35.45
C GLY D 265 -12.88 -29.45 -34.05
N HIS D 266 -13.41 -28.35 -33.49
CA HIS D 266 -14.05 -28.45 -32.18
C HIS D 266 -15.19 -29.46 -32.19
N ALA D 267 -16.02 -29.43 -33.23
CA ALA D 267 -17.18 -30.32 -33.27
C ALA D 267 -16.76 -31.78 -33.35
N ILE D 268 -15.89 -32.13 -34.29
CA ILE D 268 -15.46 -33.51 -34.44
C ILE D 268 -14.73 -33.99 -33.19
N MET D 269 -13.95 -33.11 -32.58
CA MET D 269 -13.24 -33.54 -31.37
C MET D 269 -14.22 -33.76 -30.22
N ALA D 270 -15.27 -32.94 -30.15
CA ALA D 270 -16.24 -33.05 -29.06
C ALA D 270 -17.29 -34.11 -29.30
N LYS D 271 -17.32 -34.70 -30.50
CA LYS D 271 -18.37 -35.65 -30.83
C LYS D 271 -17.92 -37.09 -30.68
N TYR D 272 -16.62 -37.35 -30.66
CA TYR D 272 -16.07 -38.70 -30.68
C TYR D 272 -15.17 -38.97 -29.48
N THR D 273 -15.51 -38.40 -28.32
CA THR D 273 -14.72 -38.59 -27.10
C THR D 273 -15.65 -38.97 -25.96
N ASN D 274 -15.27 -39.98 -25.19
CA ASN D 274 -16.08 -40.40 -24.05
C ASN D 274 -16.06 -39.32 -22.98
N GLY D 275 -17.23 -38.84 -22.59
CA GLY D 275 -17.34 -37.87 -21.52
C GLY D 275 -17.61 -36.46 -21.96
N ALA D 276 -17.53 -36.15 -23.24
CA ALA D 276 -17.77 -34.79 -23.70
C ALA D 276 -19.23 -34.40 -23.49
N THR D 277 -19.46 -33.12 -23.32
CA THR D 277 -20.83 -32.61 -23.23
C THR D 277 -21.50 -32.76 -24.57
N PRO D 278 -22.80 -33.06 -24.62
CA PRO D 278 -23.47 -33.23 -25.90
C PRO D 278 -23.52 -31.92 -26.68
N LEU D 279 -23.35 -32.04 -28.00
CA LEU D 279 -23.40 -30.88 -28.87
C LEU D 279 -24.78 -30.26 -28.87
N TYR D 280 -24.82 -28.95 -29.11
CA TYR D 280 -26.07 -28.24 -29.30
C TYR D 280 -26.17 -27.67 -30.70
N LYS D 281 -25.20 -26.86 -31.12
CA LYS D 281 -25.16 -26.32 -32.47
C LYS D 281 -23.73 -25.99 -32.82
N ALA D 282 -23.42 -26.10 -34.11
CA ALA D 282 -22.16 -25.62 -34.65
C ALA D 282 -22.47 -24.54 -35.67
N THR D 283 -21.76 -23.43 -35.60
CA THR D 283 -22.10 -22.25 -36.39
C THR D 283 -20.85 -21.64 -36.98
N ILE D 284 -20.86 -21.43 -38.30
CA ILE D 284 -19.85 -20.63 -38.97
C ILE D 284 -20.22 -19.16 -38.98
N LEU D 285 -21.50 -18.83 -38.80
CA LEU D 285 -21.93 -17.45 -38.76
C LEU D 285 -21.36 -16.77 -37.53
N PRO D 286 -20.94 -15.52 -37.63
CA PRO D 286 -20.34 -14.85 -36.48
C PRO D 286 -21.35 -14.35 -35.47
N ARG D 287 -21.35 -14.94 -34.28
CA ARG D 287 -22.19 -14.41 -33.21
C ARG D 287 -21.50 -13.22 -32.55
N GLY D 288 -22.03 -12.82 -31.40
CA GLY D 288 -21.50 -11.66 -30.70
C GLY D 288 -20.08 -11.85 -30.22
N ARG D 289 -19.13 -11.17 -30.86
CA ARG D 289 -17.72 -11.14 -30.47
C ARG D 289 -17.06 -12.51 -30.56
N ALA D 290 -17.65 -13.47 -31.25
CA ALA D 290 -17.12 -14.83 -31.29
C ALA D 290 -16.54 -15.20 -32.64
N LEU D 291 -17.15 -14.79 -33.74
CA LEU D 291 -16.66 -15.13 -35.07
C LEU D 291 -16.65 -16.65 -35.25
N GLY D 292 -17.84 -17.25 -35.23
CA GLY D 292 -17.95 -18.70 -35.33
C GLY D 292 -17.73 -19.36 -33.99
N ILE D 293 -18.64 -20.25 -33.59
CA ILE D 293 -18.57 -20.85 -32.28
C ILE D 293 -19.38 -22.14 -32.27
N THR D 294 -18.85 -23.16 -31.63
CA THR D 294 -19.56 -24.41 -31.41
C THR D 294 -19.95 -24.51 -29.93
N PHE D 295 -21.24 -24.74 -29.72
CA PHE D 295 -21.78 -24.68 -28.36
C PHE D 295 -22.43 -26.01 -28.03
N GLN D 296 -22.17 -26.48 -26.81
CA GLN D 296 -22.65 -27.78 -26.37
C GLN D 296 -23.25 -27.65 -24.98
N LEU D 297 -24.39 -28.31 -24.78
CA LEU D 297 -25.23 -28.07 -23.62
C LEU D 297 -25.54 -29.38 -22.91
N PRO D 298 -25.32 -29.46 -21.59
CA PRO D 298 -25.61 -30.71 -20.88
C PRO D 298 -27.09 -30.93 -20.72
N GLU D 299 -27.50 -32.20 -20.79
CA GLU D 299 -28.92 -32.52 -20.73
C GLU D 299 -29.50 -32.38 -19.34
N MET D 300 -28.75 -32.73 -18.30
CA MET D 300 -29.20 -32.56 -16.93
C MET D 300 -28.17 -31.75 -16.16
N ASP D 301 -28.64 -30.68 -15.54
CA ASP D 301 -27.74 -29.75 -14.86
C ASP D 301 -27.00 -30.45 -13.72
N LYS D 302 -25.68 -30.43 -13.80
CA LYS D 302 -24.82 -31.16 -12.88
C LYS D 302 -23.99 -30.18 -12.07
N VAL D 303 -23.62 -30.58 -10.86
CA VAL D 303 -22.87 -29.71 -9.97
C VAL D 303 -21.39 -30.05 -9.93
N ASP D 304 -21.03 -31.32 -10.07
CA ASP D 304 -19.64 -31.76 -10.06
C ASP D 304 -19.22 -32.21 -11.45
N ILE D 305 -17.94 -32.56 -11.57
CA ILE D 305 -17.40 -33.11 -12.81
C ILE D 305 -16.30 -34.11 -12.45
N THR D 306 -16.35 -35.27 -13.08
CA THR D 306 -15.36 -36.31 -12.78
C THR D 306 -14.06 -35.97 -13.49
N LYS D 307 -13.14 -36.92 -13.52
CA LYS D 307 -11.88 -36.68 -14.23
C LYS D 307 -12.03 -36.91 -15.73
N ARG D 308 -12.93 -37.81 -16.13
CA ARG D 308 -13.13 -38.13 -17.53
C ARG D 308 -13.78 -36.99 -18.28
N GLU D 309 -14.83 -36.38 -17.73
CA GLU D 309 -15.43 -35.22 -18.37
C GLU D 309 -14.44 -34.06 -18.43
N CYS D 310 -13.53 -33.98 -17.46
CA CYS D 310 -12.60 -32.87 -17.44
C CYS D 310 -11.51 -33.03 -18.49
N GLN D 311 -10.96 -34.25 -18.64
CA GLN D 311 -10.05 -34.47 -19.75
C GLN D 311 -10.74 -34.33 -21.09
N ALA D 312 -12.00 -34.78 -21.20
CA ALA D 312 -12.72 -34.63 -22.46
C ALA D 312 -12.88 -33.16 -22.82
N ARG D 313 -13.23 -32.32 -21.85
CA ARG D 313 -13.28 -30.88 -22.09
C ARG D 313 -11.92 -30.37 -22.51
N LEU D 314 -10.87 -30.84 -21.83
CA LEU D 314 -9.51 -30.40 -22.14
C LEU D 314 -9.10 -30.79 -23.56
N ASP D 315 -9.71 -31.83 -24.12
CA ASP D 315 -9.45 -32.21 -25.50
C ASP D 315 -10.33 -31.42 -26.47
N VAL D 316 -11.55 -31.08 -26.06
CA VAL D 316 -12.40 -30.26 -26.91
C VAL D 316 -11.79 -28.88 -27.12
N CYS D 317 -11.06 -28.37 -26.12
CA CYS D 317 -10.51 -27.03 -26.24
C CYS D 317 -9.25 -26.95 -27.12
N MET D 318 -8.93 -27.96 -27.92
CA MET D 318 -7.78 -27.87 -28.80
C MET D 318 -8.03 -28.39 -30.21
N GLY D 319 -9.23 -28.89 -30.51
CA GLY D 319 -9.50 -29.41 -31.83
C GLY D 319 -9.38 -28.38 -32.93
N GLY D 320 -9.50 -27.10 -32.61
CA GLY D 320 -9.34 -26.07 -33.61
C GLY D 320 -7.88 -25.87 -33.97
N LYS D 321 -7.05 -25.75 -32.94
CA LYS D 321 -5.61 -25.63 -33.16
C LYS D 321 -5.07 -26.85 -33.90
N ILE D 322 -5.43 -28.05 -33.46
CA ILE D 322 -4.89 -29.24 -34.12
C ILE D 322 -5.50 -29.41 -35.49
N ALA D 323 -6.77 -29.02 -35.67
CA ALA D 323 -7.39 -29.10 -36.99
C ALA D 323 -6.64 -28.22 -37.99
N GLU D 324 -6.58 -26.93 -37.72
CA GLU D 324 -5.95 -26.06 -38.70
C GLU D 324 -4.44 -26.19 -38.71
N GLU D 325 -3.84 -26.94 -37.78
CA GLU D 325 -2.42 -27.23 -37.96
C GLU D 325 -2.23 -28.55 -38.71
N LEU D 326 -3.28 -29.36 -38.85
CA LEU D 326 -3.19 -30.53 -39.70
C LEU D 326 -3.62 -30.26 -41.13
N ILE D 327 -4.41 -29.22 -41.38
CA ILE D 327 -4.76 -28.90 -42.75
C ILE D 327 -3.72 -27.98 -43.37
N TYR D 328 -3.56 -26.78 -42.81
CA TYR D 328 -2.76 -25.74 -43.41
C TYR D 328 -1.27 -25.85 -43.11
N GLY D 329 -0.81 -26.98 -42.58
CA GLY D 329 0.57 -27.08 -42.16
C GLY D 329 0.84 -26.28 -40.89
N LYS D 330 2.03 -26.50 -40.32
CA LYS D 330 2.29 -26.01 -38.98
C LYS D 330 2.64 -24.52 -38.93
N ASP D 331 3.33 -24.01 -39.95
CA ASP D 331 3.73 -22.61 -39.96
C ASP D 331 2.62 -21.66 -40.36
N ASN D 332 1.37 -22.10 -40.38
CA ASN D 332 0.25 -21.23 -40.73
C ASN D 332 -0.81 -21.19 -39.64
N THR D 333 -0.53 -21.75 -38.47
CA THR D 333 -1.44 -21.61 -37.34
C THR D 333 -1.56 -20.15 -36.96
N THR D 334 -2.80 -19.68 -36.85
CA THR D 334 -3.05 -18.28 -36.56
C THR D 334 -2.88 -18.03 -35.06
N SER D 335 -3.30 -16.87 -34.60
CA SER D 335 -3.15 -16.48 -33.21
C SER D 335 -4.46 -16.38 -32.46
N GLY D 336 -5.57 -16.15 -33.16
CA GLY D 336 -6.86 -16.07 -32.50
C GLY D 336 -7.22 -17.37 -31.79
N CYS D 337 -6.86 -18.51 -32.40
CA CYS D 337 -7.15 -19.81 -31.82
C CYS D 337 -6.65 -19.91 -30.39
N GLY D 338 -5.48 -19.34 -30.10
CA GLY D 338 -4.91 -19.36 -28.77
C GLY D 338 -5.86 -18.90 -27.67
N SER D 339 -6.81 -18.03 -27.99
CA SER D 339 -7.77 -17.58 -26.98
C SER D 339 -8.47 -18.75 -26.30
N ASP D 340 -8.87 -19.76 -27.10
CA ASP D 340 -9.58 -20.87 -26.48
C ASP D 340 -8.67 -21.68 -25.58
N LEU D 341 -7.39 -21.82 -25.94
CA LEU D 341 -6.50 -22.55 -25.04
C LEU D 341 -6.30 -21.79 -23.74
N GLN D 342 -6.58 -20.49 -23.73
CA GLN D 342 -6.77 -19.71 -22.51
C GLN D 342 -7.57 -20.51 -21.50
N SER D 343 -8.82 -20.82 -21.87
CA SER D 343 -9.69 -21.54 -20.96
C SER D 343 -9.10 -22.90 -20.60
N ALA D 344 -8.48 -23.57 -21.58
CA ALA D 344 -7.93 -24.90 -21.33
C ALA D 344 -6.96 -24.86 -20.17
N THR D 345 -6.13 -23.82 -20.11
CA THR D 345 -5.15 -23.72 -19.03
C THR D 345 -5.85 -23.75 -17.68
N GLY D 346 -6.89 -22.93 -17.52
CA GLY D 346 -7.62 -22.91 -16.27
C GLY D 346 -8.10 -24.29 -15.86
N THR D 347 -8.67 -25.03 -16.81
CA THR D 347 -9.17 -26.36 -16.52
C THR D 347 -8.06 -27.24 -15.96
N ALA D 348 -6.89 -27.23 -16.63
CA ALA D 348 -5.81 -28.08 -16.20
C ALA D 348 -5.38 -27.74 -14.79
N ARG D 349 -5.35 -26.45 -14.45
CA ARG D 349 -4.92 -26.09 -13.11
C ARG D 349 -5.89 -26.63 -12.06
N ALA D 350 -7.19 -26.55 -12.34
CA ALA D 350 -8.15 -27.09 -11.39
C ALA D 350 -7.99 -28.59 -11.22
N MET D 351 -7.46 -29.28 -12.22
CA MET D 351 -7.27 -30.71 -12.06
C MET D 351 -6.14 -31.03 -11.09
N VAL D 352 -5.17 -30.13 -10.95
CA VAL D 352 -3.98 -30.39 -10.16
C VAL D 352 -4.09 -29.77 -8.78
N THR D 353 -4.42 -28.49 -8.72
CA THR D 353 -4.40 -27.79 -7.43
C THR D 353 -5.67 -28.05 -6.63
N GLN D 354 -6.82 -27.64 -7.16
CA GLN D 354 -8.05 -27.70 -6.37
C GLN D 354 -8.57 -29.13 -6.23
N TYR D 355 -8.92 -29.74 -7.35
CA TYR D 355 -9.71 -30.97 -7.31
C TYR D 355 -8.88 -32.19 -6.93
N GLY D 356 -7.56 -32.13 -7.11
CA GLY D 356 -6.68 -33.20 -6.68
C GLY D 356 -6.70 -34.42 -7.58
N MET D 357 -6.35 -34.24 -8.85
CA MET D 357 -6.46 -35.31 -9.84
C MET D 357 -5.11 -35.68 -10.45
N SER D 358 -4.01 -35.45 -9.74
CA SER D 358 -2.69 -35.79 -10.23
C SER D 358 -1.98 -36.63 -9.19
N ASP D 359 -1.51 -37.81 -9.58
CA ASP D 359 -0.82 -38.70 -8.65
C ASP D 359 0.61 -38.24 -8.38
N ASP D 360 1.21 -37.47 -9.29
CA ASP D 360 2.56 -36.98 -9.06
C ASP D 360 2.59 -35.94 -7.95
N VAL D 361 1.57 -35.10 -7.86
CA VAL D 361 1.50 -34.06 -6.84
C VAL D 361 1.02 -34.66 -5.54
N GLY D 362 -0.20 -35.19 -5.54
CA GLY D 362 -0.80 -35.77 -4.37
C GLY D 362 -2.22 -35.28 -4.13
N PRO D 363 -2.84 -35.74 -3.06
CA PRO D 363 -4.20 -35.29 -2.72
C PRO D 363 -4.21 -34.06 -1.82
N VAL D 364 -3.54 -33.01 -2.27
CA VAL D 364 -3.36 -31.80 -1.48
C VAL D 364 -3.99 -30.64 -2.22
N ASN D 365 -4.42 -29.64 -1.46
CA ASN D 365 -5.04 -28.43 -2.04
C ASN D 365 -4.03 -27.30 -2.00
N LEU D 366 -3.42 -27.00 -3.15
CA LEU D 366 -2.53 -25.86 -3.29
C LEU D 366 -3.25 -24.60 -3.71
N SER D 367 -4.58 -24.62 -3.78
CA SER D 367 -5.30 -23.53 -4.42
C SER D 367 -5.22 -22.25 -3.60
N GLU D 368 -5.76 -22.27 -2.39
CA GLU D 368 -5.76 -21.07 -1.59
C GLU D 368 -4.42 -20.91 -0.88
N GLU D 369 -4.05 -19.66 -0.62
CA GLU D 369 -2.68 -19.27 -0.28
C GLU D 369 -1.68 -20.00 -1.17
N TRP D 370 -1.81 -19.74 -2.46
CA TRP D 370 -0.88 -20.24 -3.46
C TRP D 370 0.53 -19.70 -3.26
N GLU D 371 0.70 -18.66 -2.46
CA GLU D 371 2.01 -18.11 -2.16
C GLU D 371 2.65 -18.72 -0.93
N SER D 372 1.86 -19.29 0.00
CA SER D 372 2.43 -19.90 1.18
C SER D 372 3.36 -21.04 0.84
N TRP D 373 3.06 -21.77 -0.23
CA TRP D 373 3.86 -22.93 -0.58
C TRP D 373 5.22 -22.49 -1.10
N SER D 374 6.19 -23.41 -1.00
CA SER D 374 7.55 -23.13 -1.42
C SER D 374 7.64 -23.21 -2.93
N ASN D 375 8.85 -23.26 -3.46
CA ASN D 375 9.04 -23.28 -4.90
C ASN D 375 9.15 -24.69 -5.46
N LYS D 376 9.52 -25.67 -4.63
CA LYS D 376 9.68 -27.03 -5.14
C LYS D 376 8.34 -27.64 -5.52
N ILE D 377 7.43 -27.75 -4.56
CA ILE D 377 6.13 -28.35 -4.82
C ILE D 377 5.37 -27.56 -5.87
N ARG D 378 5.58 -26.25 -5.93
CA ARG D 378 4.92 -25.44 -6.94
C ARG D 378 5.52 -25.68 -8.32
N ASP D 379 6.82 -25.95 -8.40
CA ASP D 379 7.41 -26.39 -9.66
C ASP D 379 6.79 -27.70 -10.12
N ILE D 380 6.63 -28.66 -9.20
CA ILE D 380 6.05 -29.94 -9.59
C ILE D 380 4.62 -29.75 -10.07
N ALA D 381 3.86 -28.88 -9.40
CA ALA D 381 2.48 -28.63 -9.82
C ALA D 381 2.44 -28.08 -11.24
N ASP D 382 3.19 -27.00 -11.52
CA ASP D 382 3.13 -26.42 -12.86
C ASP D 382 3.61 -27.39 -13.93
N ASN D 383 4.66 -28.15 -13.65
CA ASN D 383 5.09 -29.17 -14.60
C ASN D 383 3.97 -30.18 -14.87
N GLU D 384 3.24 -30.58 -13.84
CA GLU D 384 2.13 -31.50 -14.05
C GLU D 384 1.07 -30.89 -14.96
N VAL D 385 0.77 -29.60 -14.76
CA VAL D 385 -0.19 -28.91 -15.62
C VAL D 385 0.24 -28.99 -17.08
N ILE D 386 1.48 -28.59 -17.36
CA ILE D 386 1.93 -28.58 -18.74
C ILE D 386 1.91 -29.98 -19.35
N GLU D 387 2.25 -30.99 -18.55
CA GLU D 387 2.13 -32.36 -19.05
C GLU D 387 0.70 -32.70 -19.42
N LEU D 388 -0.28 -32.27 -18.61
CA LEU D 388 -1.67 -32.52 -18.97
C LEU D 388 -2.00 -31.91 -20.32
N LEU D 389 -1.61 -30.65 -20.54
CA LEU D 389 -1.98 -30.02 -21.80
C LEU D 389 -1.32 -30.70 -23.00
N LYS D 390 -0.03 -31.02 -22.90
CA LYS D 390 0.65 -31.67 -24.02
C LYS D 390 0.02 -33.03 -24.34
N ASP D 391 -0.24 -33.84 -23.31
CA ASP D 391 -0.90 -35.12 -23.54
C ASP D 391 -2.25 -34.94 -24.21
N SER D 392 -3.01 -33.92 -23.78
CA SER D 392 -4.31 -33.67 -24.40
C SER D 392 -4.18 -33.36 -25.88
N GLU D 393 -3.19 -32.55 -26.26
CA GLU D 393 -3.07 -32.32 -27.69
C GLU D 393 -2.60 -33.55 -28.45
N GLU D 394 -1.81 -34.42 -27.82
CA GLU D 394 -1.45 -35.67 -28.49
C GLU D 394 -2.70 -36.49 -28.80
N ARG D 395 -3.55 -36.71 -27.79
CA ARG D 395 -4.80 -37.42 -28.04
C ARG D 395 -5.61 -36.75 -29.14
N ALA D 396 -5.68 -35.42 -29.12
CA ALA D 396 -6.48 -34.71 -30.11
C ALA D 396 -5.97 -34.97 -31.52
N ARG D 397 -4.65 -34.91 -31.74
CA ARG D 397 -4.19 -35.10 -33.09
C ARG D 397 -4.26 -36.55 -33.55
N ARG D 398 -4.11 -37.52 -32.64
CA ARG D 398 -4.40 -38.90 -33.02
C ARG D 398 -5.83 -39.03 -33.51
N LEU D 399 -6.80 -38.55 -32.74
CA LEU D 399 -8.19 -38.74 -33.13
C LEU D 399 -8.52 -37.98 -34.41
N LEU D 400 -8.01 -36.76 -34.58
CA LEU D 400 -8.29 -36.03 -35.81
C LEU D 400 -7.51 -36.55 -37.01
N THR D 401 -6.50 -37.40 -36.79
CA THR D 401 -5.93 -38.09 -37.94
C THR D 401 -6.70 -39.36 -38.27
N LYS D 402 -7.38 -39.96 -37.29
CA LYS D 402 -8.18 -41.13 -37.62
C LYS D 402 -9.55 -40.77 -38.20
N LYS D 403 -10.00 -39.52 -38.01
CA LYS D 403 -11.33 -39.11 -38.45
C LYS D 403 -11.27 -38.03 -39.51
N ASN D 404 -10.41 -38.18 -40.51
CA ASN D 404 -10.20 -37.11 -41.47
C ASN D 404 -11.42 -36.88 -42.35
N VAL D 405 -12.10 -37.96 -42.75
CA VAL D 405 -13.19 -37.84 -43.70
C VAL D 405 -14.36 -37.07 -43.10
N GLU D 406 -14.75 -37.40 -41.87
CA GLU D 406 -15.79 -36.63 -41.20
C GLU D 406 -15.37 -35.18 -41.04
N LEU D 407 -14.08 -34.92 -40.87
CA LEU D 407 -13.60 -33.55 -40.79
C LEU D 407 -13.88 -32.79 -42.07
N HIS D 408 -13.49 -33.35 -43.22
CA HIS D 408 -13.73 -32.64 -44.48
C HIS D 408 -15.21 -32.51 -44.78
N ARG D 409 -15.97 -33.58 -44.59
CA ARG D 409 -17.42 -33.52 -44.84
C ARG D 409 -18.07 -32.45 -43.99
N LEU D 410 -17.78 -32.45 -42.69
CA LEU D 410 -18.35 -31.45 -41.79
C LEU D 410 -17.90 -30.04 -42.17
N ALA D 411 -16.66 -29.90 -42.63
CA ALA D 411 -16.21 -28.59 -43.10
C ALA D 411 -17.05 -28.11 -44.27
N GLN D 412 -17.28 -28.97 -45.26
CA GLN D 412 -18.13 -28.58 -46.38
C GLN D 412 -19.55 -28.31 -45.92
N GLY D 413 -20.03 -29.03 -44.91
CA GLY D 413 -21.36 -28.76 -44.39
C GLY D 413 -21.47 -27.39 -43.75
N LEU D 414 -20.46 -26.99 -42.99
CA LEU D 414 -20.45 -25.65 -42.41
C LEU D 414 -20.14 -24.56 -43.42
N ILE D 415 -19.59 -24.91 -44.59
CA ILE D 415 -19.32 -23.90 -45.60
C ILE D 415 -20.49 -23.71 -46.56
N GLU D 416 -21.26 -24.75 -46.83
CA GLU D 416 -22.48 -24.63 -47.65
C GLU D 416 -23.62 -24.05 -46.82
N TYR D 417 -24.02 -24.77 -45.78
CA TYR D 417 -24.94 -24.24 -44.79
C TYR D 417 -24.16 -23.32 -43.84
N GLU D 418 -24.86 -22.38 -43.21
CA GLU D 418 -24.16 -21.50 -42.29
C GLU D 418 -24.15 -22.07 -40.88
N THR D 419 -25.19 -22.80 -40.50
CA THR D 419 -25.30 -23.37 -39.17
C THR D 419 -25.65 -24.85 -39.27
N LEU D 420 -25.61 -25.53 -38.13
CA LEU D 420 -25.95 -26.94 -38.09
C LEU D 420 -26.40 -27.31 -36.69
N ASP D 421 -27.57 -27.93 -36.59
CA ASP D 421 -28.07 -28.54 -35.38
C ASP D 421 -27.20 -29.74 -35.02
N ALA D 422 -27.40 -30.29 -33.83
CA ALA D 422 -26.66 -31.49 -33.43
C ALA D 422 -26.99 -32.66 -34.35
N HIS D 423 -28.28 -32.92 -34.56
CA HIS D 423 -28.68 -34.02 -35.43
C HIS D 423 -28.17 -33.81 -36.86
N GLU D 424 -28.31 -32.59 -37.37
CA GLU D 424 -27.80 -32.28 -38.70
C GLU D 424 -26.30 -32.52 -38.79
N ILE D 425 -25.56 -32.23 -37.72
CA ILE D 425 -24.15 -32.60 -37.68
C ILE D 425 -24.00 -34.10 -37.75
N GLU D 426 -24.92 -34.83 -37.12
CA GLU D 426 -24.81 -36.28 -37.12
C GLU D 426 -25.03 -36.84 -38.52
N GLN D 427 -25.85 -36.18 -39.33
CA GLN D 427 -26.09 -36.67 -40.69
C GLN D 427 -25.01 -36.20 -41.65
N VAL D 428 -24.59 -34.95 -41.55
CA VAL D 428 -23.62 -34.40 -42.51
C VAL D 428 -22.31 -35.17 -42.46
N CYS D 429 -21.98 -35.77 -41.32
CA CYS D 429 -20.80 -36.62 -41.24
C CYS D 429 -21.00 -37.98 -41.90
N LYS D 430 -22.18 -38.25 -42.44
CA LYS D 430 -22.44 -39.52 -43.10
C LYS D 430 -22.79 -39.39 -44.57
N GLY D 431 -23.42 -38.30 -44.98
CA GLY D 431 -23.58 -38.03 -46.40
C GLY D 431 -24.94 -37.54 -46.85
N GLU D 432 -26.00 -38.01 -46.19
CA GLU D 432 -27.35 -37.66 -46.62
C GLU D 432 -27.63 -36.17 -46.43
N LYS D 433 -27.94 -35.52 -47.55
CA LYS D 433 -28.18 -34.07 -47.54
C LYS D 433 -29.42 -33.75 -46.72
N LEU D 434 -29.41 -32.57 -46.12
CA LEU D 434 -30.46 -32.18 -45.19
C LEU D 434 -31.69 -31.66 -45.93
N ALA D 435 -32.81 -31.63 -45.20
CA ALA D 435 -34.05 -31.08 -45.73
C ALA D 435 -34.10 -29.57 -45.50
N LYS D 436 -33.09 -28.89 -46.04
CA LYS D 436 -32.97 -27.45 -45.91
C LYS D 436 -32.12 -26.91 -47.05
N LEU D 437 -32.41 -25.70 -47.48
CA LEU D 437 -31.74 -25.11 -48.62
C LEU D 437 -30.29 -24.77 -48.28
N LYS D 438 -29.49 -24.59 -49.34
CA LYS D 438 -28.10 -24.19 -49.18
C LYS D 438 -27.99 -22.67 -49.32
N THR D 439 -27.59 -22.01 -48.24
CA THR D 439 -27.46 -20.56 -48.25
C THR D 439 -26.42 -20.07 -49.25
N LYS E 1 -29.84 12.49 -35.85
CA LYS E 1 -30.65 11.61 -36.69
C LYS E 1 -29.89 10.36 -37.07
N PHE E 2 -30.61 9.25 -37.27
CA PHE E 2 -29.97 7.99 -37.63
C PHE E 2 -29.20 8.07 -38.94
N ASP E 3 -29.57 8.98 -39.83
CA ASP E 3 -28.78 9.18 -41.04
C ASP E 3 -27.36 9.63 -40.73
N ASP E 4 -27.16 10.35 -39.62
CA ASP E 4 -25.84 10.86 -39.29
C ASP E 4 -24.87 9.74 -38.94
N VAL E 5 -25.37 8.56 -38.59
CA VAL E 5 -24.52 7.41 -38.27
C VAL E 5 -24.40 6.57 -39.54
N CYS E 6 -23.38 6.84 -40.33
CA CYS E 6 -23.16 6.15 -41.59
C CYS E 6 -22.20 4.99 -41.39
N GLY E 7 -22.68 3.78 -41.69
CA GLY E 7 -22.00 2.57 -41.29
C GLY E 7 -22.75 1.90 -40.17
N CYS E 8 -22.32 0.67 -39.85
CA CYS E 8 -22.90 -0.18 -38.81
C CYS E 8 -24.44 -0.18 -38.88
N ASP E 9 -24.91 -0.75 -40.00
CA ASP E 9 -26.34 -0.68 -40.31
C ASP E 9 -27.18 -1.42 -39.27
N GLU E 10 -26.97 -2.73 -39.11
CA GLU E 10 -27.75 -3.48 -38.13
C GLU E 10 -27.46 -3.01 -36.72
N ALA E 11 -26.20 -2.66 -36.44
CA ALA E 11 -25.81 -2.09 -35.15
C ALA E 11 -26.67 -0.90 -34.76
N ARG E 12 -27.18 -0.14 -35.72
CA ARG E 12 -28.18 0.86 -35.40
C ARG E 12 -29.58 0.33 -35.63
N ALA E 13 -29.72 -0.85 -36.24
CA ALA E 13 -31.03 -1.44 -36.40
C ALA E 13 -31.62 -1.81 -35.06
N GLU E 14 -30.82 -2.41 -34.18
CA GLU E 14 -31.35 -2.73 -32.86
C GLU E 14 -31.42 -1.54 -31.92
N LEU E 15 -31.30 -0.32 -32.41
CA LEU E 15 -31.77 0.86 -31.70
C LEU E 15 -32.94 1.52 -32.40
N GLU E 16 -32.98 1.44 -33.73
CA GLU E 16 -34.16 1.84 -34.48
C GLU E 16 -35.39 1.09 -33.98
N GLU E 17 -35.23 -0.20 -33.67
CA GLU E 17 -36.35 -0.96 -33.11
C GLU E 17 -36.81 -0.40 -31.77
N ILE E 18 -35.90 0.10 -30.95
CA ILE E 18 -36.30 0.68 -29.66
C ILE E 18 -37.02 2.00 -29.86
N VAL E 19 -36.51 2.86 -30.75
CA VAL E 19 -37.23 4.11 -31.02
C VAL E 19 -38.61 3.82 -31.58
N ASP E 20 -38.73 2.79 -32.41
CA ASP E 20 -40.03 2.37 -32.90
C ASP E 20 -40.91 1.87 -31.77
N PHE E 21 -40.32 1.24 -30.75
CA PHE E 21 -41.10 0.86 -29.58
C PHE E 21 -41.63 2.09 -28.86
N LEU E 22 -40.78 3.10 -28.68
CA LEU E 22 -41.20 4.31 -27.98
C LEU E 22 -42.31 5.05 -28.70
N LYS E 23 -42.14 5.30 -30.00
CA LYS E 23 -43.09 6.14 -30.71
C LYS E 23 -44.34 5.40 -31.16
N ASP E 24 -44.51 4.14 -30.75
CA ASP E 24 -45.67 3.35 -31.15
C ASP E 24 -45.80 2.17 -30.20
N PRO E 25 -46.21 2.40 -28.95
CA PRO E 25 -46.18 1.32 -27.96
C PRO E 25 -47.10 0.17 -28.29
N THR E 26 -48.26 0.45 -28.90
CA THR E 26 -49.32 -0.55 -29.03
C THR E 26 -48.98 -1.69 -29.97
N LYS E 27 -48.26 -1.45 -31.06
CA LYS E 27 -47.95 -2.52 -31.99
C LYS E 27 -47.04 -3.58 -31.37
N TYR E 28 -46.16 -3.19 -30.45
CA TYR E 28 -45.25 -4.10 -29.78
C TYR E 28 -45.75 -4.58 -28.44
N GLU E 29 -46.63 -3.82 -27.78
CA GLU E 29 -47.20 -4.25 -26.52
C GLU E 29 -48.41 -5.14 -26.70
N SER E 30 -48.78 -5.51 -27.92
CA SER E 30 -50.00 -6.28 -28.13
C SER E 30 -49.85 -7.73 -27.74
N LEU E 31 -48.62 -8.25 -27.63
CA LEU E 31 -48.39 -9.64 -27.30
C LEU E 31 -47.80 -9.82 -25.90
N GLY E 32 -47.41 -8.74 -25.23
CA GLY E 32 -46.88 -8.83 -23.89
C GLY E 32 -45.43 -8.41 -23.72
N GLY E 33 -44.83 -7.80 -24.74
CA GLY E 33 -43.48 -7.31 -24.61
C GLY E 33 -43.43 -5.98 -23.90
N LYS E 34 -42.21 -5.47 -23.72
CA LYS E 34 -42.02 -4.17 -23.12
C LYS E 34 -40.58 -3.73 -23.32
N LEU E 35 -40.33 -2.46 -23.02
CA LEU E 35 -39.03 -1.85 -23.26
C LEU E 35 -37.92 -2.61 -22.55
N PRO E 36 -36.77 -2.80 -23.20
CA PRO E 36 -35.59 -3.27 -22.47
C PRO E 36 -35.07 -2.16 -21.59
N LYS E 37 -34.59 -2.53 -20.40
CA LYS E 37 -34.06 -1.53 -19.49
C LYS E 37 -32.65 -1.09 -19.87
N GLY E 38 -31.88 -1.96 -20.50
CA GLY E 38 -30.50 -1.61 -20.77
C GLY E 38 -29.93 -2.12 -22.08
N VAL E 39 -29.13 -1.28 -22.72
CA VAL E 39 -28.42 -1.61 -23.94
C VAL E 39 -26.94 -1.34 -23.71
N LEU E 40 -26.11 -2.35 -23.92
CA LEU E 40 -24.66 -2.25 -23.71
C LEU E 40 -23.99 -2.23 -25.07
N LEU E 41 -23.38 -1.09 -25.41
CA LEU E 41 -22.70 -0.90 -26.68
C LEU E 41 -21.24 -1.29 -26.52
N THR E 42 -20.77 -2.20 -27.36
CA THR E 42 -19.39 -2.65 -27.30
C THR E 42 -18.66 -2.29 -28.58
N GLY E 43 -17.37 -2.03 -28.47
CA GLY E 43 -16.55 -1.69 -29.60
C GLY E 43 -15.36 -0.84 -29.23
N PRO E 44 -14.39 -0.74 -30.14
CA PRO E 44 -13.16 0.01 -29.84
C PRO E 44 -13.45 1.49 -29.68
N PRO E 45 -12.45 2.27 -29.28
CA PRO E 45 -12.67 3.70 -29.04
C PRO E 45 -13.01 4.44 -30.32
N GLY E 46 -13.89 5.41 -30.20
CA GLY E 46 -14.23 6.27 -31.33
C GLY E 46 -14.78 5.54 -32.53
N THR E 47 -15.80 4.71 -32.36
CA THR E 47 -16.45 4.04 -33.48
C THR E 47 -17.90 4.45 -33.64
N GLY E 48 -18.29 5.57 -33.04
CA GLY E 48 -19.67 6.02 -33.15
C GLY E 48 -20.61 5.32 -32.21
N LYS E 49 -20.36 5.46 -30.91
CA LYS E 49 -21.22 4.93 -29.86
C LYS E 49 -22.05 6.01 -29.19
N THR E 50 -21.42 7.09 -28.74
CA THR E 50 -22.18 8.24 -28.27
C THR E 50 -23.04 8.82 -29.38
N LEU E 51 -22.56 8.75 -30.61
CA LEU E 51 -23.35 9.23 -31.74
C LEU E 51 -24.64 8.44 -31.88
N LEU E 52 -24.58 7.12 -31.69
CA LEU E 52 -25.80 6.31 -31.76
C LEU E 52 -26.76 6.67 -30.64
N ALA E 53 -26.25 6.83 -29.42
CA ALA E 53 -27.11 7.18 -28.30
C ALA E 53 -27.81 8.51 -28.53
N ARG E 54 -27.06 9.54 -28.94
CA ARG E 54 -27.71 10.79 -29.28
C ARG E 54 -28.62 10.67 -30.49
N ALA E 55 -28.40 9.65 -31.33
CA ALA E 55 -29.31 9.40 -32.43
C ALA E 55 -30.66 8.91 -31.93
N THR E 56 -30.67 7.93 -31.02
CA THR E 56 -31.92 7.47 -30.45
C THR E 56 -32.59 8.56 -29.63
N ALA E 57 -31.82 9.26 -28.80
CA ALA E 57 -32.40 10.32 -27.97
C ALA E 57 -32.83 11.51 -28.80
N GLY E 58 -32.35 11.62 -30.03
CA GLY E 58 -32.69 12.74 -30.88
C GLY E 58 -33.92 12.50 -31.72
N GLU E 59 -34.10 11.27 -32.20
CA GLU E 59 -35.23 10.93 -33.03
C GLU E 59 -36.40 10.36 -32.25
N ALA E 60 -36.50 10.64 -30.95
CA ALA E 60 -37.59 10.15 -30.13
C ALA E 60 -38.17 11.20 -29.20
N GLY E 61 -37.51 12.34 -29.06
CA GLY E 61 -38.06 13.40 -28.21
C GLY E 61 -38.05 13.08 -26.74
N VAL E 62 -36.93 12.54 -26.24
CA VAL E 62 -36.75 12.27 -24.82
C VAL E 62 -35.44 12.90 -24.38
N ASP E 63 -35.39 13.32 -23.13
CA ASP E 63 -34.21 14.03 -22.65
C ASP E 63 -33.03 13.08 -22.52
N PHE E 64 -31.87 13.55 -22.97
CA PHE E 64 -30.64 12.78 -22.98
C PHE E 64 -29.76 13.24 -21.83
N PHE E 65 -29.45 12.32 -20.92
CA PHE E 65 -28.62 12.62 -19.76
C PHE E 65 -27.28 11.93 -19.90
N PHE E 66 -26.22 12.72 -20.03
CA PHE E 66 -24.89 12.19 -20.28
C PHE E 66 -24.14 12.07 -18.97
N MET E 67 -23.58 10.91 -18.72
CA MET E 67 -22.67 10.70 -17.60
C MET E 67 -21.60 9.72 -18.04
N SER E 68 -20.37 10.01 -17.66
CA SER E 68 -19.21 9.25 -18.12
C SER E 68 -18.45 8.66 -16.95
N GLY E 69 -18.06 7.40 -17.10
CA GLY E 69 -16.99 6.88 -16.27
C GLY E 69 -15.70 7.61 -16.54
N SER E 70 -14.72 7.39 -15.67
CA SER E 70 -13.41 8.02 -15.75
C SER E 70 -13.44 9.51 -15.43
N GLU E 71 -14.62 10.08 -15.13
CA GLU E 71 -14.68 11.40 -14.52
C GLU E 71 -15.06 11.32 -13.04
N PHE E 72 -15.18 10.12 -12.50
CA PHE E 72 -15.36 9.93 -11.07
C PHE E 72 -14.00 9.96 -10.39
N ASP E 73 -13.67 11.12 -9.82
CA ASP E 73 -12.36 11.40 -9.22
C ASP E 73 -11.93 10.36 -8.21
N GLU E 74 -12.85 9.92 -7.34
CA GLU E 74 -12.54 8.93 -6.32
C GLU E 74 -11.44 9.45 -5.39
N VAL E 75 -11.52 10.74 -5.09
CA VAL E 75 -10.64 11.36 -4.10
C VAL E 75 -11.30 11.36 -2.73
N TYR E 76 -12.61 11.41 -2.69
CA TYR E 76 -13.38 11.40 -1.46
C TYR E 76 -14.02 10.04 -1.25
N VAL E 77 -14.83 9.93 -0.22
CA VAL E 77 -15.46 8.66 0.13
C VAL E 77 -16.89 8.60 -0.36
N GLY E 78 -17.60 9.72 -0.34
CA GLY E 78 -19.03 9.71 -0.58
C GLY E 78 -19.44 10.04 -1.99
N VAL E 79 -18.84 11.08 -2.58
CA VAL E 79 -19.24 11.49 -3.92
C VAL E 79 -18.95 10.37 -4.93
N GLY E 80 -19.57 10.49 -6.09
CA GLY E 80 -19.65 9.36 -6.98
C GLY E 80 -20.96 8.64 -6.79
N ALA E 81 -21.17 8.06 -5.60
CA ALA E 81 -22.48 7.54 -5.28
C ALA E 81 -23.52 8.65 -5.22
N LYS E 82 -23.13 9.81 -4.68
CA LYS E 82 -24.06 10.95 -4.66
C LYS E 82 -24.32 11.45 -6.07
N ARG E 83 -23.32 11.36 -6.95
CA ARG E 83 -23.53 11.67 -8.37
C ARG E 83 -24.62 10.79 -8.96
N ILE E 84 -24.58 9.50 -8.67
CA ILE E 84 -25.55 8.58 -9.26
C ILE E 84 -26.93 8.78 -8.65
N ARG E 85 -27.00 8.97 -7.33
CA ARG E 85 -28.30 9.23 -6.73
C ARG E 85 -28.92 10.51 -7.26
N ASP E 86 -28.11 11.54 -7.50
CA ASP E 86 -28.65 12.77 -8.05
C ASP E 86 -29.06 12.61 -9.51
N LEU E 87 -28.23 11.95 -10.32
CA LEU E 87 -28.53 11.79 -11.73
C LEU E 87 -29.78 10.95 -11.94
N PHE E 88 -29.83 9.76 -11.34
CA PHE E 88 -31.06 8.97 -11.38
C PHE E 88 -32.21 9.68 -10.67
N ALA E 89 -31.92 10.59 -9.75
CA ALA E 89 -32.98 11.34 -9.09
C ALA E 89 -33.63 12.33 -10.05
N GLN E 90 -32.82 12.98 -10.89
CA GLN E 90 -33.35 13.98 -11.81
C GLN E 90 -33.91 13.35 -13.07
N ALA E 91 -33.36 12.20 -13.47
CA ALA E 91 -33.86 11.51 -14.65
C ALA E 91 -35.27 10.96 -14.45
N ARG E 92 -35.73 10.80 -13.21
CA ARG E 92 -37.10 10.35 -13.00
C ARG E 92 -38.12 11.46 -13.14
N SER E 93 -37.71 12.73 -13.05
CA SER E 93 -38.64 13.81 -13.31
C SER E 93 -39.15 13.75 -14.74
N ARG E 94 -38.25 13.48 -15.68
CA ARG E 94 -38.62 13.22 -17.07
C ARG E 94 -38.92 11.75 -17.22
N ALA E 95 -40.18 11.42 -17.53
CA ALA E 95 -40.58 10.02 -17.56
C ALA E 95 -39.87 9.23 -18.65
N PRO E 96 -39.91 9.64 -19.91
CA PRO E 96 -39.32 8.82 -20.97
C PRO E 96 -37.84 9.05 -21.21
N ALA E 97 -37.14 9.64 -20.26
CA ALA E 97 -35.76 10.08 -20.46
C ALA E 97 -34.84 8.91 -20.80
N ILE E 98 -33.64 9.25 -21.28
CA ILE E 98 -32.59 8.30 -21.60
C ILE E 98 -31.35 8.69 -20.82
N ILE E 99 -30.64 7.69 -20.29
CA ILE E 99 -29.42 7.93 -19.52
C ILE E 99 -28.28 7.18 -20.21
N PHE E 100 -27.29 7.92 -20.69
CA PHE E 100 -26.13 7.33 -21.35
C PHE E 100 -24.94 7.35 -20.41
N ILE E 101 -24.38 6.18 -20.15
CA ILE E 101 -23.22 6.02 -19.28
C ILE E 101 -22.06 5.57 -20.15
N ASP E 102 -21.08 6.44 -20.30
CA ASP E 102 -19.92 6.15 -21.13
C ASP E 102 -18.75 5.66 -20.27
N GLN E 103 -18.02 4.68 -20.79
CA GLN E 103 -16.87 4.11 -20.11
C GLN E 103 -17.29 3.46 -18.79
N LEU E 104 -18.15 2.46 -18.92
CA LEU E 104 -18.52 1.63 -17.78
C LEU E 104 -17.34 0.92 -17.15
N ASP E 105 -16.31 0.58 -17.91
CA ASP E 105 -15.24 -0.24 -17.36
C ASP E 105 -14.31 0.56 -16.45
N ALA E 106 -14.64 1.83 -16.19
CA ALA E 106 -13.90 2.65 -15.24
C ALA E 106 -14.52 2.60 -13.85
N ILE E 107 -15.85 2.53 -13.77
CA ILE E 107 -16.52 2.48 -12.48
C ILE E 107 -17.00 1.07 -12.19
N GLY E 108 -17.25 0.28 -13.23
CA GLY E 108 -17.58 -1.11 -13.05
C GLY E 108 -16.34 -1.92 -12.72
N GLY E 109 -16.31 -3.18 -13.11
CA GLY E 109 -15.10 -3.96 -12.94
C GLY E 109 -15.19 -5.07 -11.91
N LYS E 110 -14.76 -6.28 -12.32
CA LYS E 110 -14.57 -7.39 -11.39
C LYS E 110 -13.73 -6.91 -10.23
N ARG E 111 -14.30 -6.89 -9.03
CA ARG E 111 -13.58 -6.41 -7.86
C ARG E 111 -13.89 -7.28 -6.65
N ASN E 112 -12.88 -7.47 -5.81
CA ASN E 112 -12.85 -8.60 -4.89
C ASN E 112 -13.67 -8.30 -3.65
N PRO E 113 -14.14 -9.32 -2.93
CA PRO E 113 -14.53 -9.11 -1.53
C PRO E 113 -13.33 -8.96 -0.60
N LYS E 114 -12.16 -9.46 -0.99
CA LYS E 114 -10.99 -9.40 -0.13
C LYS E 114 -10.50 -7.98 0.08
N ASP E 115 -10.65 -7.12 -0.92
CA ASP E 115 -10.35 -5.71 -0.77
C ASP E 115 -11.57 -4.90 -1.14
N GLN E 116 -12.72 -5.29 -0.61
CA GLN E 116 -14.01 -4.69 -0.95
C GLN E 116 -14.40 -3.57 0.00
N ALA E 117 -13.42 -2.83 0.53
CA ALA E 117 -13.76 -1.66 1.33
C ALA E 117 -14.49 -0.63 0.49
N TYR E 118 -13.82 -0.05 -0.50
CA TYR E 118 -14.40 0.98 -1.36
C TYR E 118 -14.33 0.65 -2.84
N ALA E 119 -14.05 -0.61 -3.21
CA ALA E 119 -14.19 -1.05 -4.60
C ALA E 119 -15.63 -1.35 -4.98
N LYS E 120 -16.59 -0.96 -4.12
CA LYS E 120 -17.99 -1.18 -4.39
C LYS E 120 -18.85 0.00 -3.95
N GLN E 121 -18.24 1.09 -3.48
CA GLN E 121 -19.03 2.20 -2.97
C GLN E 121 -19.81 2.90 -4.06
N THR E 122 -19.24 3.01 -5.26
CA THR E 122 -19.91 3.64 -6.39
C THR E 122 -20.43 2.63 -7.40
N LEU E 123 -20.19 1.35 -7.19
CA LEU E 123 -20.78 0.31 -8.02
C LEU E 123 -22.03 -0.27 -7.38
N ASN E 124 -22.05 -0.40 -6.06
CA ASN E 124 -23.27 -0.88 -5.40
C ASN E 124 -24.40 0.10 -5.56
N GLN E 125 -24.12 1.41 -5.45
CA GLN E 125 -25.16 2.39 -5.67
C GLN E 125 -25.71 2.31 -7.09
N LEU E 126 -24.84 2.08 -8.07
CA LEU E 126 -25.31 1.93 -9.44
C LEU E 126 -26.18 0.69 -9.59
N LEU E 127 -25.77 -0.42 -8.97
CA LEU E 127 -26.59 -1.63 -9.02
C LEU E 127 -27.96 -1.38 -8.42
N VAL E 128 -28.02 -0.69 -7.28
CA VAL E 128 -29.29 -0.46 -6.62
C VAL E 128 -30.12 0.56 -7.39
N GLU E 129 -29.49 1.37 -8.22
CA GLU E 129 -30.26 2.30 -9.04
C GLU E 129 -30.84 1.64 -10.28
N LEU E 130 -30.03 0.87 -11.01
CA LEU E 130 -30.51 0.24 -12.23
C LEU E 130 -31.64 -0.75 -11.95
N ASP E 131 -31.50 -1.56 -10.91
CA ASP E 131 -32.50 -2.58 -10.56
C ASP E 131 -32.49 -2.77 -9.05
N GLY E 132 -33.40 -2.09 -8.35
CA GLY E 132 -33.43 -2.17 -6.91
C GLY E 132 -34.80 -2.42 -6.34
N PHE E 133 -35.12 -1.76 -5.22
CA PHE E 133 -36.41 -1.98 -4.58
C PHE E 133 -37.52 -1.22 -5.29
N SER E 134 -37.41 0.11 -5.34
CA SER E 134 -38.36 0.92 -6.06
C SER E 134 -38.08 0.85 -7.56
N GLN E 135 -39.15 0.81 -8.35
CA GLN E 135 -39.05 0.59 -9.78
C GLN E 135 -39.08 1.91 -10.55
N THR E 136 -38.49 1.89 -11.74
CA THR E 136 -38.43 3.05 -12.62
C THR E 136 -39.47 2.89 -13.73
N SER E 137 -40.08 4.00 -14.12
CA SER E 137 -41.22 3.92 -15.04
C SER E 137 -40.75 3.81 -16.49
N GLY E 138 -40.06 4.83 -17.00
CA GLY E 138 -39.75 4.87 -18.41
C GLY E 138 -38.34 5.28 -18.75
N ILE E 139 -37.38 4.93 -17.91
CA ILE E 139 -35.98 5.27 -18.14
C ILE E 139 -35.31 4.10 -18.84
N ILE E 140 -34.37 4.40 -19.73
CA ILE E 140 -33.56 3.39 -20.39
C ILE E 140 -32.11 3.84 -20.34
N ILE E 141 -31.23 2.89 -20.02
CA ILE E 141 -29.81 3.16 -19.83
C ILE E 141 -29.05 2.57 -21.00
N ILE E 142 -28.10 3.34 -21.54
CA ILE E 142 -27.24 2.89 -22.63
C ILE E 142 -25.81 3.03 -22.14
N GLY E 143 -25.15 1.90 -21.90
CA GLY E 143 -23.79 1.95 -21.40
C GLY E 143 -22.78 1.55 -22.43
N ALA E 144 -21.88 2.45 -22.78
CA ALA E 144 -20.87 2.20 -23.80
C ALA E 144 -19.57 1.79 -23.12
N THR E 145 -19.05 0.63 -23.50
CA THR E 145 -17.83 0.11 -22.90
C THR E 145 -16.95 -0.49 -23.97
N ASN E 146 -15.64 -0.36 -23.77
CA ASN E 146 -14.64 -0.89 -24.70
C ASN E 146 -14.19 -2.29 -24.35
N PHE E 147 -14.35 -2.70 -23.09
CA PHE E 147 -13.81 -3.94 -22.55
C PHE E 147 -14.97 -4.76 -22.00
N PRO E 148 -15.81 -5.31 -22.87
CA PRO E 148 -17.02 -5.99 -22.39
C PRO E 148 -16.74 -7.22 -21.54
N GLU E 149 -15.65 -7.93 -21.83
CA GLU E 149 -15.36 -9.18 -21.14
C GLU E 149 -14.86 -8.97 -19.72
N ALA E 150 -14.73 -7.73 -19.26
CA ALA E 150 -14.19 -7.46 -17.93
C ALA E 150 -15.00 -6.41 -17.19
N LEU E 151 -16.32 -6.37 -17.38
CA LEU E 151 -17.11 -5.51 -16.52
C LEU E 151 -17.47 -6.18 -15.21
N ASP E 152 -18.36 -7.17 -15.25
CA ASP E 152 -18.84 -7.73 -13.99
C ASP E 152 -19.87 -8.80 -14.31
N LYS E 153 -20.14 -9.66 -13.33
CA LYS E 153 -21.26 -10.58 -13.43
C LYS E 153 -22.54 -9.95 -12.92
N ALA E 154 -22.44 -8.83 -12.19
CA ALA E 154 -23.62 -8.22 -11.59
C ALA E 154 -24.25 -7.18 -12.51
N LEU E 155 -23.45 -6.30 -13.10
CA LEU E 155 -23.99 -5.33 -14.05
C LEU E 155 -24.55 -6.01 -15.29
N THR E 156 -23.78 -6.93 -15.87
CA THR E 156 -24.07 -7.46 -17.17
C THR E 156 -25.11 -8.58 -17.15
N ARG E 157 -25.87 -8.71 -16.06
CA ARG E 157 -26.97 -9.65 -16.09
C ARG E 157 -28.18 -8.95 -16.70
N PRO E 158 -29.09 -9.72 -17.29
CA PRO E 158 -30.36 -9.13 -17.73
C PRO E 158 -31.12 -8.54 -16.56
N GLY E 159 -32.06 -7.66 -16.88
CA GLY E 159 -32.71 -6.85 -15.89
C GLY E 159 -32.04 -5.52 -15.65
N ARG E 160 -30.72 -5.45 -15.85
CA ARG E 160 -29.99 -4.19 -15.78
C ARG E 160 -29.55 -3.74 -17.15
N PHE E 161 -28.81 -4.59 -17.86
CA PHE E 161 -28.40 -4.37 -19.24
C PHE E 161 -28.93 -5.53 -20.05
N ASP E 162 -30.11 -5.33 -20.65
CA ASP E 162 -30.81 -6.42 -21.33
C ASP E 162 -30.05 -6.89 -22.55
N LYS E 163 -29.81 -6.02 -23.51
CA LYS E 163 -29.30 -6.44 -24.81
C LYS E 163 -27.94 -5.82 -25.06
N VAL E 164 -27.07 -6.58 -25.73
CA VAL E 164 -25.70 -6.19 -25.99
C VAL E 164 -25.54 -5.96 -27.49
N VAL E 165 -25.39 -4.70 -27.87
CA VAL E 165 -25.18 -4.31 -29.26
C VAL E 165 -23.68 -4.18 -29.49
N ASN E 166 -23.20 -4.75 -30.59
CA ASN E 166 -21.78 -4.76 -30.91
C ASN E 166 -21.54 -3.81 -32.08
N VAL E 167 -20.73 -2.78 -31.85
CA VAL E 167 -20.38 -1.80 -32.86
C VAL E 167 -18.88 -1.90 -33.07
N ASP E 168 -18.46 -2.60 -34.12
CA ASP E 168 -17.06 -2.83 -34.41
C ASP E 168 -16.57 -1.88 -35.50
N LEU E 169 -15.27 -1.93 -35.77
CA LEU E 169 -14.66 -1.00 -36.72
C LEU E 169 -15.24 -1.21 -38.12
N PRO E 170 -15.39 -0.15 -38.90
CA PRO E 170 -16.06 -0.27 -40.19
C PRO E 170 -15.23 -1.04 -41.20
N ASP E 171 -15.92 -1.68 -42.13
CA ASP E 171 -15.27 -2.33 -43.26
C ASP E 171 -14.99 -1.29 -44.33
N VAL E 172 -14.58 -1.73 -45.51
CA VAL E 172 -14.18 -0.78 -46.55
C VAL E 172 -15.39 -0.03 -47.11
N ARG E 173 -16.52 -0.72 -47.31
CA ARG E 173 -17.71 -0.02 -47.75
C ARG E 173 -18.23 0.91 -46.64
N GLY E 174 -18.08 0.51 -45.39
CA GLY E 174 -18.46 1.39 -44.30
C GLY E 174 -17.65 2.66 -44.28
N ARG E 175 -16.33 2.55 -44.37
CA ARG E 175 -15.48 3.73 -44.42
C ARG E 175 -15.82 4.59 -45.64
N ALA E 176 -16.10 3.96 -46.78
CA ALA E 176 -16.54 4.72 -47.94
C ALA E 176 -17.82 5.48 -47.62
N ASP E 177 -18.70 4.91 -46.81
CA ASP E 177 -19.93 5.62 -46.45
C ASP E 177 -19.66 6.77 -45.51
N ILE E 178 -18.75 6.59 -44.54
CA ILE E 178 -18.44 7.69 -43.63
C ILE E 178 -17.81 8.85 -44.39
N LEU E 179 -16.83 8.55 -45.25
CA LEU E 179 -16.23 9.61 -46.06
C LEU E 179 -17.26 10.26 -46.96
N LYS E 180 -18.09 9.46 -47.63
CA LYS E 180 -19.14 10.03 -48.47
C LYS E 180 -20.10 10.91 -47.67
N HIS E 181 -20.21 10.66 -46.36
CA HIS E 181 -21.06 11.49 -45.54
C HIS E 181 -20.38 12.80 -45.15
N HIS E 182 -19.17 12.74 -44.62
CA HIS E 182 -18.51 13.96 -44.17
C HIS E 182 -17.93 14.79 -45.30
N MET E 183 -17.96 14.30 -46.54
CA MET E 183 -17.54 15.09 -47.68
C MET E 183 -18.63 16.03 -48.18
N LYS E 184 -19.76 16.10 -47.49
CA LYS E 184 -20.88 16.92 -47.91
C LYS E 184 -20.78 18.36 -47.42
N LYS E 185 -19.60 18.80 -46.99
CA LYS E 185 -19.40 20.16 -46.51
C LYS E 185 -18.08 20.74 -46.98
N ILE E 186 -17.57 20.33 -48.14
CA ILE E 186 -16.18 20.57 -48.48
C ILE E 186 -15.99 21.21 -49.84
N THR E 187 -17.00 21.21 -50.71
CA THR E 187 -16.83 21.60 -52.12
C THR E 187 -15.79 20.69 -52.79
N LEU E 188 -16.17 19.42 -52.87
CA LEU E 188 -15.23 18.35 -53.18
C LEU E 188 -15.52 17.56 -54.44
N ALA E 189 -16.72 17.66 -55.01
CA ALA E 189 -17.18 16.70 -56.01
C ALA E 189 -16.55 16.90 -57.40
N ASP E 190 -15.45 17.66 -57.47
CA ASP E 190 -14.88 17.97 -58.78
C ASP E 190 -14.25 16.76 -59.44
N ASN E 191 -13.19 16.18 -58.86
CA ASN E 191 -12.50 15.06 -59.48
C ASN E 191 -11.99 14.07 -58.44
N VAL E 192 -12.82 13.73 -57.46
CA VAL E 192 -12.40 12.90 -56.33
C VAL E 192 -13.22 11.61 -56.30
N ASP E 193 -12.70 10.62 -55.59
CA ASP E 193 -13.31 9.30 -55.49
C ASP E 193 -13.14 8.76 -54.08
N PRO E 194 -14.24 8.57 -53.33
CA PRO E 194 -14.10 8.18 -51.93
C PRO E 194 -13.52 6.80 -51.74
N THR E 195 -13.91 5.82 -52.54
CA THR E 195 -13.39 4.47 -52.37
C THR E 195 -11.88 4.40 -52.55
N ILE E 196 -11.30 5.35 -53.30
CA ILE E 196 -9.85 5.42 -53.41
C ILE E 196 -9.22 5.63 -52.03
N ILE E 197 -9.80 6.53 -51.25
CA ILE E 197 -9.29 6.77 -49.90
C ILE E 197 -9.69 5.63 -48.98
N ALA E 198 -10.89 5.09 -49.17
CA ALA E 198 -11.39 4.05 -48.27
C ALA E 198 -10.59 2.77 -48.36
N ARG E 199 -10.12 2.40 -49.55
CA ARG E 199 -9.34 1.18 -49.69
C ARG E 199 -7.90 1.34 -49.19
N GLY E 200 -7.52 2.54 -48.78
CA GLY E 200 -6.18 2.80 -48.31
C GLY E 200 -6.05 3.17 -46.87
N THR E 201 -7.15 3.10 -46.09
CA THR E 201 -7.12 3.34 -44.65
C THR E 201 -7.70 2.10 -43.98
N PRO E 202 -6.95 1.00 -43.96
CA PRO E 202 -7.48 -0.25 -43.38
C PRO E 202 -7.33 -0.32 -41.86
N GLY E 203 -8.23 0.35 -41.15
CA GLY E 203 -8.21 0.30 -39.70
C GLY E 203 -8.54 1.60 -39.01
N LEU E 204 -8.76 2.67 -39.78
CA LEU E 204 -9.13 3.95 -39.20
C LEU E 204 -10.61 3.96 -38.86
N SER E 205 -10.96 4.60 -37.74
CA SER E 205 -12.33 4.61 -37.28
C SER E 205 -13.07 5.82 -37.82
N GLY E 206 -14.31 5.99 -37.37
CA GLY E 206 -15.14 7.07 -37.88
C GLY E 206 -14.58 8.45 -37.58
N ALA E 207 -14.09 8.64 -36.36
CA ALA E 207 -13.55 9.94 -35.98
C ALA E 207 -12.34 10.32 -36.84
N GLU E 208 -11.40 9.38 -37.02
CA GLU E 208 -10.21 9.65 -37.81
C GLU E 208 -10.56 9.94 -39.26
N LEU E 209 -11.65 9.39 -39.76
CA LEU E 209 -12.12 9.76 -41.09
C LEU E 209 -12.66 11.18 -41.10
N ALA E 210 -13.45 11.52 -40.07
CA ALA E 210 -14.02 12.86 -40.00
C ALA E 210 -12.93 13.93 -39.94
N ASN E 211 -11.93 13.76 -39.08
CA ASN E 211 -10.88 14.77 -39.05
C ASN E 211 -9.91 14.61 -40.22
N LEU E 212 -9.90 13.46 -40.89
CA LEU E 212 -9.22 13.39 -42.17
C LEU E 212 -9.83 14.39 -43.14
N VAL E 213 -11.15 14.33 -43.31
CA VAL E 213 -11.82 15.26 -44.22
C VAL E 213 -11.63 16.69 -43.75
N ASN E 214 -11.80 16.95 -42.45
CA ASN E 214 -11.70 18.32 -41.97
C ASN E 214 -10.28 18.86 -42.15
N GLN E 215 -9.27 18.03 -41.94
CA GLN E 215 -7.90 18.48 -42.15
C GLN E 215 -7.59 18.73 -43.62
N ALA E 216 -8.18 17.93 -44.51
CA ALA E 216 -8.05 18.25 -45.93
C ALA E 216 -8.65 19.59 -46.26
N ALA E 217 -9.84 19.89 -45.72
CA ALA E 217 -10.49 21.16 -46.01
C ALA E 217 -9.68 22.33 -45.46
N VAL E 218 -9.24 22.23 -44.20
CA VAL E 218 -8.44 23.28 -43.61
C VAL E 218 -7.14 23.49 -44.38
N TYR E 219 -6.51 22.39 -44.80
CA TYR E 219 -5.27 22.51 -45.56
C TYR E 219 -5.49 23.20 -46.89
N ALA E 220 -6.57 22.85 -47.60
CA ALA E 220 -6.88 23.55 -48.84
C ALA E 220 -7.18 25.02 -48.58
N CYS E 221 -7.74 25.35 -47.41
CA CYS E 221 -7.89 26.76 -47.06
C CYS E 221 -6.53 27.43 -46.87
N GLN E 222 -5.60 26.77 -46.20
CA GLN E 222 -4.28 27.37 -45.99
C GLN E 222 -3.56 27.62 -47.30
N LYS E 223 -3.52 26.62 -48.18
CA LYS E 223 -2.80 26.80 -49.44
C LYS E 223 -3.56 27.70 -50.40
N ASN E 224 -4.77 28.12 -50.04
CA ASN E 224 -5.60 29.02 -50.83
C ASN E 224 -6.04 28.41 -52.15
N ALA E 225 -6.26 27.10 -52.20
CA ALA E 225 -6.73 26.48 -53.43
C ALA E 225 -8.17 26.88 -53.72
N VAL E 226 -8.67 26.42 -54.86
CA VAL E 226 -10.04 26.72 -55.25
C VAL E 226 -10.98 25.59 -54.81
N SER E 227 -10.49 24.37 -54.84
CA SER E 227 -11.24 23.19 -54.45
C SER E 227 -10.45 22.43 -53.40
N VAL E 228 -10.88 21.20 -53.12
CA VAL E 228 -10.08 20.31 -52.29
C VAL E 228 -9.70 19.09 -53.12
N ASP E 229 -8.54 19.19 -53.78
CA ASP E 229 -8.08 18.12 -54.64
C ASP E 229 -7.55 16.96 -53.80
N MET E 230 -7.41 15.80 -54.43
CA MET E 230 -7.11 14.59 -53.67
C MET E 230 -5.67 14.60 -53.15
N SER E 231 -4.83 15.50 -53.68
CA SER E 231 -3.53 15.73 -53.06
C SER E 231 -3.68 16.20 -51.63
N HIS E 232 -4.70 17.02 -51.37
CA HIS E 232 -5.02 17.40 -50.00
C HIS E 232 -5.32 16.18 -49.15
N PHE E 233 -6.19 15.30 -49.62
CA PHE E 233 -6.50 14.08 -48.88
C PHE E 233 -5.28 13.20 -48.70
N GLU E 234 -4.31 13.28 -49.60
CA GLU E 234 -3.08 12.52 -49.39
C GLU E 234 -2.24 13.14 -48.29
N TRP E 235 -2.18 14.47 -48.23
CA TRP E 235 -1.47 15.11 -47.12
C TRP E 235 -2.11 14.77 -45.79
N ALA E 236 -3.43 14.99 -45.67
CA ALA E 236 -4.11 14.71 -44.42
C ALA E 236 -4.05 13.24 -44.06
N LYS E 237 -4.14 12.35 -45.05
CA LYS E 237 -4.06 10.93 -44.76
C LYS E 237 -2.70 10.55 -44.20
N ASP E 238 -1.62 11.03 -44.84
CA ASP E 238 -0.29 10.75 -44.31
C ASP E 238 -0.11 11.38 -42.93
N LYS E 239 -0.74 12.51 -42.69
CA LYS E 239 -0.68 13.14 -41.37
C LYS E 239 -1.30 12.25 -40.31
N ILE E 240 -2.56 11.87 -40.50
CA ILE E 240 -3.27 11.10 -39.49
C ILE E 240 -2.67 9.71 -39.35
N LEU E 241 -2.05 9.21 -40.41
CA LEU E 241 -1.64 7.81 -40.41
C LEU E 241 -0.20 7.63 -39.93
N MET E 242 0.69 8.53 -40.33
CA MET E 242 2.11 8.42 -39.96
C MET E 242 2.51 9.33 -38.81
N GLY E 243 2.04 10.56 -38.80
CA GLY E 243 2.39 11.50 -37.75
C GLY E 243 2.53 12.90 -38.31
N ALA E 244 2.37 13.88 -37.41
CA ALA E 244 2.44 15.27 -37.82
C ALA E 244 3.85 15.63 -38.27
N GLU E 245 3.96 16.32 -39.40
CA GLU E 245 5.27 16.74 -39.89
C GLU E 245 5.85 17.81 -38.99
N ARG E 246 7.16 18.02 -39.12
CA ARG E 246 7.92 18.92 -38.25
C ARG E 246 8.68 19.91 -39.09
N LYS E 247 9.57 20.67 -38.43
CA LYS E 247 10.42 21.61 -39.13
C LYS E 247 11.82 21.06 -39.35
N THR E 248 12.67 21.86 -39.98
CA THR E 248 13.98 21.36 -40.41
C THR E 248 15.12 22.03 -39.65
N MET E 249 14.99 22.13 -38.32
CA MET E 249 15.88 22.87 -37.40
C MET E 249 17.34 22.58 -37.76
N VAL E 250 17.77 21.32 -37.75
CA VAL E 250 19.19 20.98 -37.92
C VAL E 250 19.29 19.78 -38.83
N LEU E 251 20.37 19.72 -39.61
CA LEU E 251 20.65 18.61 -40.51
C LEU E 251 22.11 18.64 -40.91
N THR E 252 22.74 17.48 -40.91
CA THR E 252 24.13 17.33 -41.30
C THR E 252 24.25 16.11 -42.20
N ASP E 253 25.36 16.05 -42.95
CA ASP E 253 25.58 14.89 -43.82
C ASP E 253 25.72 13.61 -43.01
N ALA E 254 26.35 13.69 -41.83
CA ALA E 254 26.54 12.51 -41.02
C ALA E 254 25.22 12.01 -40.44
N ALA E 255 24.48 12.87 -39.76
CA ALA E 255 23.21 12.47 -39.18
C ALA E 255 22.22 12.04 -40.25
N ARG E 256 22.10 12.84 -41.32
CA ARG E 256 21.16 12.51 -42.38
C ARG E 256 21.53 11.19 -43.06
N LYS E 257 22.83 10.93 -43.23
CA LYS E 257 23.24 9.69 -43.87
C LYS E 257 22.96 8.49 -42.96
N ALA E 258 23.27 8.63 -41.67
CA ALA E 258 23.00 7.54 -40.73
C ALA E 258 21.51 7.22 -40.68
N THR E 259 20.67 8.25 -40.62
CA THR E 259 19.22 8.01 -40.68
C THR E 259 18.85 7.30 -41.97
N ALA E 260 19.34 7.79 -43.11
CA ALA E 260 19.02 7.16 -44.38
C ALA E 260 19.41 5.68 -44.40
N PHE E 261 20.48 5.32 -43.71
CA PHE E 261 20.81 3.89 -43.60
C PHE E 261 19.85 3.18 -42.66
N HIS E 262 19.33 3.88 -41.65
CA HIS E 262 18.40 3.24 -40.72
C HIS E 262 17.09 2.89 -41.42
N GLU E 263 16.37 3.90 -41.93
CA GLU E 263 15.13 3.61 -42.64
C GLU E 263 15.38 2.83 -43.92
N ALA E 264 16.56 2.97 -44.52
CA ALA E 264 16.92 2.07 -45.61
C ALA E 264 16.91 0.62 -45.14
N GLY E 265 17.39 0.39 -43.92
CA GLY E 265 17.36 -0.96 -43.37
C GLY E 265 15.95 -1.46 -43.16
N HIS E 266 15.10 -0.65 -42.51
CA HIS E 266 13.73 -1.07 -42.26
C HIS E 266 13.00 -1.37 -43.58
N ALA E 267 13.13 -0.48 -44.56
CA ALA E 267 12.42 -0.69 -45.82
C ALA E 267 12.95 -1.90 -46.58
N ILE E 268 14.27 -2.06 -46.64
CA ILE E 268 14.83 -3.12 -47.47
C ILE E 268 14.58 -4.49 -46.84
N MET E 269 14.48 -4.57 -45.52
CA MET E 269 14.03 -5.85 -44.95
C MET E 269 12.53 -6.00 -45.00
N ALA E 270 11.80 -4.90 -45.09
CA ALA E 270 10.35 -4.96 -45.20
C ALA E 270 9.88 -5.38 -46.57
N LYS E 271 10.74 -5.26 -47.58
CA LYS E 271 10.34 -5.49 -48.96
C LYS E 271 10.76 -6.85 -49.50
N TYR E 272 11.65 -7.55 -48.83
CA TYR E 272 12.19 -8.82 -49.34
C TYR E 272 11.98 -9.98 -48.37
N THR E 273 11.15 -9.80 -47.34
CA THR E 273 10.91 -10.86 -46.38
C THR E 273 9.51 -11.41 -46.58
N ASN E 274 9.41 -12.74 -46.56
CA ASN E 274 8.16 -13.42 -46.81
C ASN E 274 7.18 -13.16 -45.67
N GLY E 275 5.98 -12.73 -46.03
CA GLY E 275 4.92 -12.55 -45.07
C GLY E 275 4.77 -11.16 -44.50
N ALA E 276 5.73 -10.28 -44.74
CA ALA E 276 5.68 -8.93 -44.18
C ALA E 276 4.50 -8.15 -44.74
N THR E 277 4.06 -7.18 -43.97
CA THR E 277 3.07 -6.24 -44.48
C THR E 277 3.70 -5.42 -45.60
N PRO E 278 2.95 -5.05 -46.63
CA PRO E 278 3.52 -4.27 -47.73
C PRO E 278 3.96 -2.89 -47.27
N LEU E 279 4.76 -2.25 -48.12
CA LEU E 279 5.30 -0.93 -47.81
C LEU E 279 4.32 0.17 -48.19
N TYR E 280 4.40 1.29 -47.48
CA TYR E 280 3.64 2.48 -47.83
C TYR E 280 4.56 3.64 -48.17
N LYS E 281 5.50 3.98 -47.31
CA LYS E 281 6.46 5.04 -47.60
C LYS E 281 7.75 4.78 -46.85
N ALA E 282 8.68 5.73 -46.98
CA ALA E 282 9.89 5.77 -46.21
C ALA E 282 10.35 7.22 -46.23
N THR E 283 10.87 7.69 -45.10
CA THR E 283 11.09 9.12 -44.92
C THR E 283 12.33 9.35 -44.07
N ILE E 284 13.07 10.40 -44.41
CA ILE E 284 14.14 10.94 -43.58
C ILE E 284 13.69 12.16 -42.82
N LEU E 285 12.73 12.92 -43.34
CA LEU E 285 12.28 14.11 -42.69
C LEU E 285 11.58 13.77 -41.37
N PRO E 286 11.85 14.54 -40.31
CA PRO E 286 11.26 14.22 -38.99
C PRO E 286 9.75 14.36 -39.05
N ARG E 287 9.04 13.39 -38.48
CA ARG E 287 7.60 13.34 -38.56
C ARG E 287 7.00 12.94 -37.23
N GLY E 288 6.69 13.93 -36.39
CA GLY E 288 5.89 13.69 -35.20
C GLY E 288 6.49 12.75 -34.20
N ARG E 289 7.55 13.17 -33.52
CA ARG E 289 8.22 12.36 -32.51
C ARG E 289 8.89 11.15 -33.17
N ALA E 290 9.62 11.42 -34.25
CA ALA E 290 10.30 10.38 -35.00
C ALA E 290 11.41 11.02 -35.80
N LEU E 291 12.36 10.18 -36.22
CA LEU E 291 13.45 10.61 -37.11
C LEU E 291 13.44 9.81 -38.40
N GLY E 292 12.27 9.65 -39.01
CA GLY E 292 12.12 8.81 -40.17
C GLY E 292 11.29 7.59 -39.84
N ILE E 293 10.30 7.27 -40.66
CA ILE E 293 9.38 6.19 -40.34
C ILE E 293 9.04 5.43 -41.62
N THR E 294 9.54 4.21 -41.71
CA THR E 294 9.11 3.30 -42.77
C THR E 294 7.78 2.68 -42.39
N PHE E 295 6.71 3.25 -42.94
CA PHE E 295 5.37 2.88 -42.53
C PHE E 295 4.81 1.82 -43.46
N GLN E 296 4.35 0.72 -42.87
CA GLN E 296 3.69 -0.35 -43.59
C GLN E 296 2.18 -0.25 -43.37
N LEU E 297 1.41 -0.97 -44.18
CA LEU E 297 -0.01 -1.10 -43.94
C LEU E 297 -0.55 -2.17 -44.87
N PRO E 298 -1.43 -3.04 -44.39
CA PRO E 298 -1.89 -4.16 -45.19
C PRO E 298 -2.83 -3.72 -46.30
N GLU E 299 -3.06 -4.64 -47.25
CA GLU E 299 -4.08 -4.44 -48.25
C GLU E 299 -5.47 -4.80 -47.75
N MET E 300 -5.56 -5.65 -46.74
CA MET E 300 -6.83 -6.16 -46.24
C MET E 300 -6.87 -6.00 -44.73
N ASP E 301 -8.09 -6.05 -44.19
CA ASP E 301 -8.28 -6.04 -42.74
C ASP E 301 -8.35 -7.47 -42.25
N LYS E 302 -7.27 -7.95 -41.64
CA LYS E 302 -7.24 -9.28 -41.04
C LYS E 302 -7.16 -9.13 -39.53
N VAL E 303 -7.72 -10.11 -38.82
CA VAL E 303 -7.95 -10.00 -37.39
C VAL E 303 -6.84 -10.64 -36.57
N ASP E 304 -6.07 -11.55 -37.16
CA ASP E 304 -5.06 -12.28 -36.38
C ASP E 304 -3.92 -12.70 -37.29
N ILE E 305 -2.70 -12.43 -36.87
CA ILE E 305 -1.50 -12.76 -37.63
C ILE E 305 -1.10 -14.19 -37.33
N THR E 306 -0.60 -14.88 -38.35
CA THR E 306 -0.12 -16.24 -38.22
C THR E 306 1.28 -16.23 -37.61
N LYS E 307 1.95 -17.37 -37.66
CA LYS E 307 3.30 -17.45 -37.11
C LYS E 307 4.32 -16.81 -38.05
N ARG E 308 4.22 -17.09 -39.35
CA ARG E 308 5.19 -16.53 -40.28
C ARG E 308 5.10 -15.02 -40.35
N GLU E 309 3.92 -14.45 -40.14
CA GLU E 309 3.81 -13.00 -40.10
C GLU E 309 4.47 -12.43 -38.85
N CYS E 310 4.35 -13.12 -37.72
CA CYS E 310 5.05 -12.70 -36.52
C CYS E 310 6.56 -12.70 -36.74
N GLN E 311 7.09 -13.84 -37.20
CA GLN E 311 8.53 -13.93 -37.46
C GLN E 311 8.96 -12.87 -38.46
N ALA E 312 8.13 -12.58 -39.46
CA ALA E 312 8.46 -11.51 -40.39
C ALA E 312 8.51 -10.15 -39.70
N ARG E 313 7.62 -9.91 -38.75
CA ARG E 313 7.65 -8.63 -38.04
C ARG E 313 8.92 -8.50 -37.19
N LEU E 314 9.29 -9.58 -36.50
CA LEU E 314 10.55 -9.58 -35.77
C LEU E 314 11.72 -9.30 -36.70
N ASP E 315 11.73 -9.93 -37.88
CA ASP E 315 12.81 -9.67 -38.82
C ASP E 315 12.82 -8.22 -39.29
N VAL E 316 11.64 -7.62 -39.48
CA VAL E 316 11.61 -6.24 -39.95
C VAL E 316 12.14 -5.29 -38.87
N CYS E 317 11.91 -5.62 -37.60
CA CYS E 317 12.34 -4.71 -36.55
C CYS E 317 13.82 -4.82 -36.21
N MET E 318 14.57 -5.69 -36.89
CA MET E 318 16.01 -5.79 -36.69
C MET E 318 16.80 -5.18 -37.84
N GLY E 319 16.20 -4.27 -38.61
CA GLY E 319 16.89 -3.73 -39.77
C GLY E 319 17.80 -2.57 -39.43
N GLY E 320 17.36 -1.70 -38.53
CA GLY E 320 18.16 -0.54 -38.19
C GLY E 320 19.50 -0.91 -37.58
N LYS E 321 19.48 -1.70 -36.51
CA LYS E 321 20.71 -2.01 -35.79
C LYS E 321 21.67 -2.82 -36.68
N ILE E 322 21.14 -3.77 -37.45
CA ILE E 322 22.00 -4.59 -38.28
C ILE E 322 22.57 -3.78 -39.44
N ALA E 323 21.77 -2.90 -40.05
CA ALA E 323 22.30 -2.05 -41.10
C ALA E 323 23.38 -1.12 -40.57
N GLU E 324 23.14 -0.48 -39.43
CA GLU E 324 24.14 0.40 -38.86
C GLU E 324 25.30 -0.35 -38.23
N GLU E 325 25.28 -1.69 -38.19
CA GLU E 325 26.53 -2.36 -37.87
C GLU E 325 27.24 -2.84 -39.13
N LEU E 326 26.50 -3.15 -40.20
CA LEU E 326 27.17 -3.47 -41.45
C LEU E 326 27.89 -2.27 -42.03
N ILE E 327 27.31 -1.07 -41.87
CA ILE E 327 27.94 0.13 -42.42
C ILE E 327 28.93 0.72 -41.43
N TYR E 328 28.44 1.15 -40.28
CA TYR E 328 29.26 1.89 -39.32
C TYR E 328 30.01 0.99 -38.35
N GLY E 329 30.07 -0.30 -38.60
CA GLY E 329 30.78 -1.22 -37.73
C GLY E 329 30.08 -1.41 -36.40
N LYS E 330 30.59 -2.37 -35.63
CA LYS E 330 29.94 -2.75 -34.38
C LYS E 330 30.01 -1.64 -33.35
N ASP E 331 31.15 -0.95 -33.24
CA ASP E 331 31.38 0.03 -32.19
C ASP E 331 30.67 1.36 -32.43
N ASN E 332 29.83 1.47 -33.46
CA ASN E 332 29.16 2.72 -33.76
C ASN E 332 27.64 2.59 -33.74
N THR E 333 27.13 1.45 -33.31
CA THR E 333 25.69 1.26 -33.16
C THR E 333 25.15 2.29 -32.18
N THR E 334 24.22 3.12 -32.64
CA THR E 334 23.71 4.20 -31.82
C THR E 334 22.73 3.67 -30.79
N SER E 335 22.13 4.58 -30.04
CA SER E 335 21.12 4.23 -29.05
C SER E 335 19.71 4.57 -29.51
N GLY E 336 19.53 4.98 -30.76
CA GLY E 336 18.20 5.20 -31.28
C GLY E 336 17.46 3.93 -31.63
N CYS E 337 18.09 2.78 -31.43
CA CYS E 337 17.44 1.51 -31.74
C CYS E 337 16.78 0.89 -30.51
N GLY E 338 16.28 1.72 -29.59
CA GLY E 338 15.60 1.18 -28.42
C GLY E 338 14.15 0.84 -28.69
N SER E 339 13.47 1.69 -29.46
CA SER E 339 12.07 1.42 -29.80
C SER E 339 11.93 0.14 -30.61
N ASP E 340 12.89 -0.11 -31.50
CA ASP E 340 12.87 -1.33 -32.30
C ASP E 340 12.89 -2.56 -31.40
N LEU E 341 13.77 -2.55 -30.40
CA LEU E 341 13.87 -3.71 -29.52
C LEU E 341 12.71 -3.80 -28.55
N GLN E 342 12.13 -2.65 -28.19
CA GLN E 342 10.91 -2.66 -27.39
C GLN E 342 9.78 -3.36 -28.15
N SER E 343 9.52 -2.92 -29.37
CA SER E 343 8.46 -3.52 -30.18
C SER E 343 8.73 -5.00 -30.45
N ALA E 344 9.95 -5.33 -30.87
CA ALA E 344 10.28 -6.71 -31.17
C ALA E 344 10.12 -7.60 -29.94
N THR E 345 10.51 -7.10 -28.78
CA THR E 345 10.29 -7.84 -27.54
C THR E 345 8.81 -8.11 -27.32
N GLY E 346 7.99 -7.06 -27.45
CA GLY E 346 6.55 -7.23 -27.31
C GLY E 346 5.99 -8.29 -28.22
N THR E 347 6.46 -8.33 -29.47
CA THR E 347 5.99 -9.36 -30.39
C THR E 347 6.44 -10.74 -29.95
N ALA E 348 7.66 -10.87 -29.45
CA ALA E 348 8.16 -12.20 -29.09
C ALA E 348 7.38 -12.78 -27.91
N ARG E 349 7.27 -12.04 -26.81
CA ARG E 349 6.53 -12.60 -25.69
C ARG E 349 5.02 -12.62 -25.97
N ALA E 350 4.55 -11.86 -26.95
CA ALA E 350 3.18 -12.08 -27.41
C ALA E 350 3.09 -13.25 -28.37
N MET E 351 4.23 -13.87 -28.70
CA MET E 351 4.20 -15.13 -29.45
C MET E 351 4.31 -16.33 -28.52
N VAL E 352 4.99 -16.19 -27.40
CA VAL E 352 5.37 -17.34 -26.59
C VAL E 352 4.41 -17.60 -25.44
N THR E 353 3.99 -16.55 -24.72
CA THR E 353 3.34 -16.78 -23.42
C THR E 353 2.03 -17.57 -23.48
N GLN E 354 1.24 -17.57 -24.57
CA GLN E 354 0.60 -16.46 -25.30
C GLN E 354 -0.19 -17.23 -26.37
N TYR E 355 -0.34 -16.60 -27.54
CA TYR E 355 -0.84 -17.24 -28.76
C TYR E 355 -0.41 -18.71 -28.90
N GLY E 356 0.82 -19.05 -28.52
CA GLY E 356 1.19 -20.45 -28.39
C GLY E 356 2.09 -20.99 -29.47
N MET E 357 3.11 -20.24 -29.87
CA MET E 357 3.90 -20.64 -31.02
C MET E 357 4.99 -21.65 -30.65
N SER E 358 5.68 -21.41 -29.54
CA SER E 358 6.86 -22.18 -29.19
C SER E 358 6.47 -23.62 -28.88
N ASP E 359 7.13 -24.56 -29.57
CA ASP E 359 6.85 -25.98 -29.32
C ASP E 359 7.44 -26.43 -28.01
N ASP E 360 8.55 -25.83 -27.58
CA ASP E 360 9.22 -26.29 -26.38
C ASP E 360 8.40 -26.00 -25.14
N VAL E 361 7.77 -24.83 -25.06
CA VAL E 361 6.89 -24.54 -23.94
C VAL E 361 5.66 -25.44 -23.99
N GLY E 362 4.97 -25.48 -25.13
CA GLY E 362 3.76 -26.24 -25.27
C GLY E 362 2.55 -25.34 -25.36
N PRO E 363 1.38 -25.94 -25.55
CA PRO E 363 0.15 -25.12 -25.58
C PRO E 363 -0.28 -24.70 -24.19
N VAL E 364 0.02 -23.45 -23.82
CA VAL E 364 -0.28 -22.93 -22.50
C VAL E 364 -0.44 -21.44 -22.62
N ASN E 365 -1.32 -20.86 -21.81
CA ASN E 365 -1.45 -19.40 -21.73
C ASN E 365 -0.73 -18.96 -20.46
N LEU E 366 0.54 -18.64 -20.62
CA LEU E 366 1.37 -18.27 -19.47
C LEU E 366 1.21 -16.81 -19.10
N SER E 367 0.57 -16.01 -19.94
CA SER E 367 0.53 -14.58 -19.69
C SER E 367 -0.69 -14.18 -18.90
N GLU E 368 -1.55 -15.14 -18.57
CA GLU E 368 -2.80 -14.80 -17.88
C GLU E 368 -2.51 -14.29 -16.48
N GLU E 369 -1.86 -15.11 -15.65
CA GLU E 369 -1.36 -14.73 -14.33
C GLU E 369 0.13 -14.98 -14.33
N TRP E 370 0.90 -13.98 -14.75
CA TRP E 370 2.33 -14.19 -14.95
C TRP E 370 3.06 -14.39 -13.62
N GLU E 371 2.44 -13.98 -12.50
CA GLU E 371 3.12 -14.11 -11.23
C GLU E 371 2.85 -15.46 -10.58
N SER E 372 1.71 -16.07 -10.89
CA SER E 372 1.34 -17.31 -10.21
C SER E 372 2.28 -18.45 -10.61
N TRP E 373 2.71 -18.48 -11.86
CA TRP E 373 3.56 -19.55 -12.34
C TRP E 373 4.91 -19.50 -11.63
N SER E 374 5.59 -20.64 -11.61
CA SER E 374 6.86 -20.74 -10.91
C SER E 374 8.00 -20.25 -11.79
N ASN E 375 9.22 -20.55 -11.35
CA ASN E 375 10.40 -20.06 -12.05
C ASN E 375 10.93 -21.08 -13.03
N LYS E 376 10.67 -22.36 -12.78
CA LYS E 376 11.21 -23.44 -13.61
C LYS E 376 10.77 -23.29 -15.06
N ILE E 377 9.58 -22.74 -15.29
CA ILE E 377 9.10 -22.62 -16.66
C ILE E 377 9.23 -21.20 -17.16
N ARG E 378 9.29 -20.22 -16.26
CA ARG E 378 9.65 -18.88 -16.69
C ARG E 378 11.03 -18.87 -17.32
N ASP E 379 11.97 -19.62 -16.76
CA ASP E 379 13.29 -19.72 -17.37
C ASP E 379 13.20 -20.26 -18.79
N ILE E 380 12.39 -21.29 -18.99
CA ILE E 380 12.20 -21.83 -20.34
C ILE E 380 11.62 -20.77 -21.26
N ALA E 381 10.46 -20.22 -20.90
CA ALA E 381 9.76 -19.28 -21.77
C ALA E 381 10.65 -18.11 -22.16
N ASP E 382 11.34 -17.51 -21.18
CA ASP E 382 12.27 -16.44 -21.52
C ASP E 382 13.41 -16.96 -22.39
N ASN E 383 13.75 -18.23 -22.26
CA ASN E 383 14.79 -18.80 -23.12
C ASN E 383 14.32 -18.84 -24.57
N GLU E 384 13.05 -19.16 -24.82
CA GLU E 384 12.60 -19.15 -26.22
C GLU E 384 12.34 -17.74 -26.72
N VAL E 385 12.02 -16.80 -25.84
CA VAL E 385 11.90 -15.41 -26.28
C VAL E 385 13.24 -14.89 -26.77
N ILE E 386 14.28 -15.03 -25.93
CA ILE E 386 15.60 -14.59 -26.33
C ILE E 386 16.12 -15.38 -27.52
N GLU E 387 15.80 -16.67 -27.60
CA GLU E 387 16.21 -17.46 -28.75
C GLU E 387 15.59 -16.93 -30.04
N LEU E 388 14.30 -16.55 -29.97
CA LEU E 388 13.63 -16.00 -31.14
C LEU E 388 14.28 -14.70 -31.58
N LEU E 389 14.56 -13.79 -30.64
CA LEU E 389 15.13 -12.51 -31.06
C LEU E 389 16.56 -12.67 -31.60
N LYS E 390 17.37 -13.51 -30.95
CA LYS E 390 18.71 -13.75 -31.47
C LYS E 390 18.67 -14.33 -32.88
N ASP E 391 17.85 -15.36 -33.10
CA ASP E 391 17.73 -15.91 -34.44
C ASP E 391 17.21 -14.87 -35.43
N SER E 392 16.33 -13.98 -34.97
CA SER E 392 15.80 -12.94 -35.84
C SER E 392 16.90 -12.00 -36.33
N GLU E 393 17.73 -11.49 -35.42
CA GLU E 393 18.83 -10.64 -35.86
C GLU E 393 19.81 -11.42 -36.72
N GLU E 394 19.88 -12.74 -36.52
CA GLU E 394 20.68 -13.57 -37.41
C GLU E 394 20.16 -13.50 -38.84
N ARG E 395 18.85 -13.67 -39.03
CA ARG E 395 18.29 -13.60 -40.38
C ARG E 395 18.45 -12.20 -40.97
N ALA E 396 18.23 -11.16 -40.16
CA ALA E 396 18.38 -9.79 -40.67
C ALA E 396 19.80 -9.54 -41.16
N ARG E 397 20.81 -9.97 -40.39
CA ARG E 397 22.19 -9.84 -40.84
C ARG E 397 22.43 -10.61 -42.12
N ARG E 398 22.03 -11.89 -42.17
CA ARG E 398 22.34 -12.70 -43.33
C ARG E 398 21.65 -12.20 -44.59
N LEU E 399 20.51 -11.50 -44.44
CA LEU E 399 19.87 -10.97 -45.64
C LEU E 399 20.46 -9.63 -46.04
N LEU E 400 20.70 -8.74 -45.08
CA LEU E 400 21.30 -7.47 -45.47
C LEU E 400 22.75 -7.58 -45.90
N THR E 401 23.38 -8.75 -45.77
CA THR E 401 24.65 -8.95 -46.45
C THR E 401 24.48 -9.27 -47.92
N LYS E 402 23.29 -9.66 -48.36
CA LYS E 402 23.06 -9.99 -49.77
C LYS E 402 22.55 -8.82 -50.58
N LYS E 403 22.08 -7.75 -49.94
CA LYS E 403 21.43 -6.66 -50.66
C LYS E 403 22.10 -5.34 -50.31
N ASN E 404 23.43 -5.33 -50.36
CA ASN E 404 24.17 -4.15 -49.93
C ASN E 404 24.12 -3.04 -50.97
N VAL E 405 24.29 -3.40 -52.25
CA VAL E 405 24.23 -2.39 -53.30
C VAL E 405 22.85 -1.76 -53.36
N GLU E 406 21.81 -2.57 -53.22
CA GLU E 406 20.45 -2.04 -53.16
C GLU E 406 20.26 -1.19 -51.91
N LEU E 407 20.91 -1.57 -50.81
CA LEU E 407 20.88 -0.76 -49.60
C LEU E 407 21.40 0.65 -49.88
N HIS E 408 22.62 0.75 -50.44
CA HIS E 408 23.17 2.06 -50.73
C HIS E 408 22.33 2.82 -51.74
N ARG E 409 21.76 2.11 -52.73
CA ARG E 409 20.90 2.77 -53.71
C ARG E 409 19.72 3.44 -53.02
N LEU E 410 18.97 2.68 -52.22
CA LEU E 410 17.77 3.25 -51.60
C LEU E 410 18.14 4.32 -50.59
N ALA E 411 19.20 4.11 -49.82
CA ALA E 411 19.60 5.13 -48.84
C ALA E 411 19.98 6.44 -49.51
N GLN E 412 20.76 6.37 -50.59
CA GLN E 412 21.04 7.57 -51.35
C GLN E 412 19.77 8.20 -51.90
N GLY E 413 18.83 7.38 -52.34
CA GLY E 413 17.53 7.90 -52.76
C GLY E 413 16.85 8.69 -51.67
N LEU E 414 16.91 8.20 -50.43
CA LEU E 414 16.34 8.96 -49.32
C LEU E 414 17.11 10.26 -49.10
N ILE E 415 18.44 10.23 -49.20
CA ILE E 415 19.21 11.46 -49.00
C ILE E 415 18.87 12.49 -50.06
N GLU E 416 18.47 12.03 -51.24
CA GLU E 416 18.20 12.95 -52.33
C GLU E 416 16.76 13.40 -52.40
N TYR E 417 15.81 12.63 -51.85
CA TYR E 417 14.39 12.91 -52.02
C TYR E 417 13.62 13.10 -50.72
N GLU E 418 14.08 12.50 -49.61
CA GLU E 418 13.51 12.73 -48.29
C GLU E 418 12.15 12.11 -48.08
N THR E 419 11.62 11.41 -49.09
CA THR E 419 10.30 10.79 -48.98
C THR E 419 10.11 9.90 -50.19
N LEU E 420 9.48 8.74 -50.00
CA LEU E 420 9.29 7.80 -51.09
C LEU E 420 8.10 6.91 -50.81
N ASP E 421 7.22 6.76 -51.79
CA ASP E 421 6.17 5.74 -51.71
C ASP E 421 6.67 4.45 -52.34
N ALA E 422 5.96 3.36 -52.04
CA ALA E 422 6.47 2.01 -52.29
C ALA E 422 6.83 1.79 -53.75
N HIS E 423 6.08 2.40 -54.67
CA HIS E 423 6.44 2.29 -56.08
C HIS E 423 7.78 2.94 -56.36
N GLU E 424 7.99 4.15 -55.85
CA GLU E 424 9.26 4.84 -56.06
C GLU E 424 10.42 4.05 -55.47
N ILE E 425 10.22 3.40 -54.32
CA ILE E 425 11.25 2.51 -53.81
C ILE E 425 11.48 1.36 -54.77
N GLU E 426 10.41 0.82 -55.35
CA GLU E 426 10.55 -0.28 -56.30
C GLU E 426 11.39 0.12 -57.50
N GLN E 427 11.27 1.37 -57.93
CA GLN E 427 12.11 1.83 -59.03
C GLN E 427 13.54 2.11 -58.58
N VAL E 428 13.70 2.78 -57.43
CA VAL E 428 15.03 3.17 -56.97
C VAL E 428 15.89 1.94 -56.70
N CYS E 429 15.27 0.85 -56.26
CA CYS E 429 16.05 -0.36 -56.00
C CYS E 429 16.70 -0.92 -57.25
N LYS E 430 16.17 -0.61 -58.43
CA LYS E 430 16.75 -1.07 -59.68
C LYS E 430 17.51 0.02 -60.42
N GLY E 431 17.97 1.05 -59.71
CA GLY E 431 18.78 2.08 -60.32
C GLY E 431 18.08 2.90 -61.39
N GLU E 432 16.75 2.88 -61.42
CA GLU E 432 15.99 3.66 -62.37
C GLU E 432 15.74 5.07 -61.83
N LYS E 433 15.37 5.98 -62.72
CA LYS E 433 15.14 7.36 -62.36
C LYS E 433 13.68 7.59 -61.96
N LEU E 434 13.46 8.66 -61.22
CA LEU E 434 12.14 9.02 -60.73
C LEU E 434 11.70 10.34 -61.35
N ALA E 435 10.40 10.45 -61.61
CA ALA E 435 9.85 11.60 -62.32
C ALA E 435 9.44 12.70 -61.35
N LYS E 436 10.40 13.12 -60.52
CA LYS E 436 10.18 14.19 -59.57
C LYS E 436 11.49 14.94 -59.36
N LEU E 437 11.46 15.92 -58.46
CA LEU E 437 12.57 16.83 -58.25
C LEU E 437 13.35 16.47 -56.99
N LYS E 438 14.65 16.76 -57.01
CA LYS E 438 15.53 16.46 -55.90
C LYS E 438 15.35 17.52 -54.81
N THR E 439 16.25 17.51 -53.83
CA THR E 439 16.19 18.48 -52.74
C THR E 439 16.72 19.84 -53.19
N LYS F 1 4.67 41.00 -30.83
CA LYS F 1 4.92 40.24 -32.06
C LYS F 1 5.71 38.97 -31.78
N PHE F 2 5.96 38.19 -32.84
CA PHE F 2 6.80 37.00 -32.73
C PHE F 2 8.28 37.32 -32.64
N ASP F 3 8.67 38.58 -32.81
CA ASP F 3 10.08 38.94 -32.67
C ASP F 3 10.49 38.95 -31.20
N ASP F 4 9.58 39.37 -30.32
CA ASP F 4 9.87 39.44 -28.89
C ASP F 4 9.98 38.07 -28.25
N VAL F 5 9.36 37.06 -28.84
CA VAL F 5 9.46 35.69 -28.35
C VAL F 5 10.72 35.07 -28.93
N CYS F 6 11.59 34.60 -28.05
CA CYS F 6 12.82 33.93 -28.46
C CYS F 6 12.76 32.48 -28.00
N GLY F 7 13.14 31.58 -28.90
CA GLY F 7 12.88 30.17 -28.69
C GLY F 7 11.42 29.84 -28.97
N CYS F 8 11.09 28.56 -28.75
CA CYS F 8 9.73 28.01 -28.91
C CYS F 8 9.20 28.22 -30.33
N ASP F 9 9.86 27.56 -31.29
CA ASP F 9 9.55 27.78 -32.69
C ASP F 9 8.32 27.01 -33.17
N GLU F 10 8.08 25.82 -32.62
CA GLU F 10 6.93 25.02 -33.05
C GLU F 10 5.61 25.66 -32.61
N ALA F 11 5.58 26.18 -31.38
CA ALA F 11 4.42 26.92 -30.90
C ALA F 11 4.21 28.18 -31.70
N ARG F 12 5.30 28.85 -32.09
CA ARG F 12 5.21 30.00 -32.97
C ARG F 12 4.60 29.63 -34.30
N ALA F 13 4.99 28.47 -34.84
CA ALA F 13 4.54 28.06 -36.17
C ALA F 13 3.04 27.76 -36.20
N GLU F 14 2.59 26.87 -35.31
CA GLU F 14 1.17 26.53 -35.31
C GLU F 14 0.32 27.72 -34.85
N LEU F 15 0.88 28.59 -34.02
CA LEU F 15 0.14 29.80 -33.71
C LEU F 15 0.16 30.83 -34.83
N GLU F 16 1.06 30.74 -35.82
CA GLU F 16 0.85 31.65 -36.95
C GLU F 16 -0.08 31.07 -37.99
N GLU F 17 -0.28 29.74 -38.03
CA GLU F 17 -1.40 29.32 -38.88
C GLU F 17 -2.74 29.61 -38.19
N ILE F 18 -2.79 29.54 -36.86
CA ILE F 18 -3.99 29.98 -36.16
C ILE F 18 -4.19 31.49 -36.31
N VAL F 19 -3.10 32.26 -36.39
CA VAL F 19 -3.30 33.70 -36.60
C VAL F 19 -3.68 33.95 -38.05
N ASP F 20 -3.36 33.01 -38.95
CA ASP F 20 -3.89 33.10 -40.30
C ASP F 20 -5.39 32.88 -40.32
N PHE F 21 -5.90 32.02 -39.44
CA PHE F 21 -7.35 32.01 -39.24
C PHE F 21 -7.83 33.33 -38.65
N LEU F 22 -7.01 33.97 -37.83
CA LEU F 22 -7.48 35.16 -37.12
C LEU F 22 -7.62 36.39 -38.01
N LYS F 23 -6.68 36.67 -38.90
CA LYS F 23 -6.80 37.95 -39.60
C LYS F 23 -7.66 37.83 -40.85
N ASP F 24 -8.04 36.61 -41.23
CA ASP F 24 -8.88 36.37 -42.40
C ASP F 24 -9.77 35.17 -42.13
N PRO F 25 -10.90 35.35 -41.43
CA PRO F 25 -11.73 34.19 -41.10
C PRO F 25 -12.53 33.66 -42.27
N THR F 26 -13.19 34.56 -43.02
CA THR F 26 -14.30 34.21 -43.91
C THR F 26 -13.88 33.28 -45.03
N LYS F 27 -12.61 33.38 -45.48
CA LYS F 27 -12.10 32.55 -46.56
C LYS F 27 -12.07 31.08 -46.22
N TYR F 28 -12.20 30.69 -44.95
CA TYR F 28 -12.28 29.26 -44.70
C TYR F 28 -13.69 28.75 -44.95
N GLU F 29 -14.71 29.54 -44.63
CA GLU F 29 -16.07 29.01 -44.66
C GLU F 29 -16.63 28.97 -46.07
N SER F 30 -15.90 29.51 -47.05
CA SER F 30 -16.27 29.25 -48.43
C SER F 30 -15.96 27.81 -48.80
N LEU F 31 -14.96 27.20 -48.16
CA LEU F 31 -14.65 25.81 -48.43
C LEU F 31 -15.22 24.86 -47.39
N GLY F 32 -15.42 25.32 -46.16
CA GLY F 32 -16.03 24.49 -45.15
C GLY F 32 -15.10 23.95 -44.09
N GLY F 33 -14.04 24.69 -43.78
CA GLY F 33 -13.11 24.26 -42.75
C GLY F 33 -13.49 24.82 -41.39
N LYS F 34 -13.20 24.04 -40.35
CA LYS F 34 -13.51 24.43 -38.98
C LYS F 34 -12.29 24.26 -38.10
N LEU F 35 -12.07 25.22 -37.22
CA LEU F 35 -10.99 25.24 -36.25
C LEU F 35 -11.54 25.04 -34.84
N PRO F 36 -10.72 24.58 -33.89
CA PRO F 36 -11.18 24.49 -32.50
C PRO F 36 -11.48 25.86 -31.92
N LYS F 37 -12.32 25.84 -30.89
CA LYS F 37 -12.81 27.08 -30.32
C LYS F 37 -11.91 27.56 -29.19
N GLY F 38 -10.93 26.76 -28.81
CA GLY F 38 -9.95 27.20 -27.85
C GLY F 38 -8.78 26.26 -27.76
N VAL F 39 -7.57 26.79 -27.91
CA VAL F 39 -6.38 25.96 -27.88
C VAL F 39 -5.91 25.85 -26.44
N LEU F 40 -5.03 24.91 -26.15
CA LEU F 40 -4.58 24.69 -24.78
C LEU F 40 -3.06 24.67 -24.77
N LEU F 41 -2.47 25.59 -24.00
CA LEU F 41 -1.02 25.72 -23.88
C LEU F 41 -0.58 25.01 -22.61
N THR F 42 0.30 24.02 -22.75
CA THR F 42 0.84 23.27 -21.63
C THR F 42 2.35 23.45 -21.56
N GLY F 43 2.99 22.67 -20.69
CA GLY F 43 4.42 22.71 -20.54
C GLY F 43 4.85 23.24 -19.20
N PRO F 44 6.13 23.14 -18.89
CA PRO F 44 6.64 23.58 -17.58
C PRO F 44 6.56 25.08 -17.42
N PRO F 45 6.52 25.59 -16.19
CA PRO F 45 6.32 27.03 -16.00
C PRO F 45 7.56 27.84 -16.36
N GLY F 46 7.36 29.15 -16.47
CA GLY F 46 8.46 30.03 -16.77
C GLY F 46 8.94 29.99 -18.19
N THR F 47 8.10 29.56 -19.13
CA THR F 47 8.46 29.56 -20.54
C THR F 47 7.69 30.59 -21.35
N GLY F 48 6.85 31.39 -20.71
CA GLY F 48 6.21 32.50 -21.38
C GLY F 48 5.06 32.15 -22.29
N LYS F 49 3.98 31.64 -21.71
CA LYS F 49 2.74 31.43 -22.45
C LYS F 49 2.12 32.78 -22.81
N THR F 50 2.20 33.72 -21.87
CA THR F 50 1.51 35.00 -21.97
C THR F 50 2.10 35.84 -23.08
N LEU F 51 3.41 35.76 -23.28
CA LEU F 51 4.05 36.48 -24.36
C LEU F 51 3.73 35.88 -25.71
N LEU F 52 3.37 34.59 -25.75
CA LEU F 52 2.91 33.97 -26.99
C LEU F 52 1.50 34.41 -27.34
N ALA F 53 0.60 34.49 -26.35
CA ALA F 53 -0.75 34.94 -26.65
C ALA F 53 -0.78 36.43 -27.02
N ARG F 54 -0.01 37.25 -26.30
CA ARG F 54 0.15 38.64 -26.69
C ARG F 54 0.86 38.76 -28.04
N ALA F 55 1.71 37.79 -28.37
CA ALA F 55 2.43 37.80 -29.64
C ALA F 55 1.48 37.58 -30.81
N THR F 56 0.61 36.57 -30.72
CA THR F 56 -0.34 36.32 -31.79
C THR F 56 -1.38 37.42 -31.90
N ALA F 57 -1.82 37.95 -30.74
CA ALA F 57 -2.74 39.08 -30.76
C ALA F 57 -2.09 40.30 -31.38
N GLY F 58 -0.77 40.46 -31.23
CA GLY F 58 -0.08 41.51 -31.93
C GLY F 58 0.14 41.22 -33.40
N GLU F 59 0.18 39.93 -33.78
CA GLU F 59 0.38 39.60 -35.19
C GLU F 59 -0.87 39.85 -36.01
N ALA F 60 -2.04 39.52 -35.47
CA ALA F 60 -3.24 39.81 -36.25
C ALA F 60 -3.67 41.27 -36.17
N GLY F 61 -3.08 42.06 -35.28
CA GLY F 61 -3.44 43.45 -35.17
C GLY F 61 -4.77 43.71 -34.52
N VAL F 62 -5.14 42.92 -33.52
CA VAL F 62 -6.42 43.03 -32.83
C VAL F 62 -6.21 42.90 -31.32
N ASP F 63 -6.85 43.79 -30.57
CA ASP F 63 -6.71 43.77 -29.11
C ASP F 63 -7.62 42.72 -28.50
N PHE F 64 -7.18 42.18 -27.36
CA PHE F 64 -7.71 40.95 -26.82
C PHE F 64 -8.14 41.13 -25.36
N PHE F 65 -8.53 40.02 -24.74
CA PHE F 65 -9.05 40.04 -23.38
C PHE F 65 -8.33 39.00 -22.54
N PHE F 66 -7.55 39.48 -21.57
CA PHE F 66 -6.77 38.65 -20.67
C PHE F 66 -7.40 38.64 -19.29
N MET F 67 -7.59 37.44 -18.74
CA MET F 67 -7.88 37.33 -17.31
C MET F 67 -7.47 35.95 -16.79
N SER F 68 -6.93 35.96 -15.57
CA SER F 68 -6.44 34.78 -14.88
C SER F 68 -7.61 34.05 -14.24
N GLY F 69 -7.41 32.75 -13.97
CA GLY F 69 -8.46 31.96 -13.37
C GLY F 69 -8.31 31.83 -11.88
N SER F 70 -7.19 32.29 -11.33
CA SER F 70 -6.98 32.23 -9.89
C SER F 70 -7.50 33.46 -9.17
N GLU F 71 -7.96 34.47 -9.90
CA GLU F 71 -8.40 35.69 -9.26
C GLU F 71 -9.89 35.65 -8.93
N PHE F 72 -10.55 34.54 -9.27
CA PHE F 72 -11.97 34.42 -8.95
C PHE F 72 -12.17 34.09 -7.47
N ASP F 73 -13.10 34.79 -6.84
CA ASP F 73 -13.36 34.64 -5.41
C ASP F 73 -14.37 33.54 -5.20
N GLU F 74 -14.12 32.69 -4.19
CA GLU F 74 -15.12 31.75 -3.74
C GLU F 74 -16.03 32.39 -2.71
N VAL F 75 -15.58 33.49 -2.10
CA VAL F 75 -16.49 34.39 -1.41
C VAL F 75 -17.32 35.12 -2.44
N TYR F 76 -18.51 35.60 -2.02
CA TYR F 76 -19.47 36.33 -2.88
C TYR F 76 -19.91 35.46 -4.05
N VAL F 77 -20.68 34.42 -3.73
CA VAL F 77 -21.25 33.46 -4.67
C VAL F 77 -21.97 34.16 -5.82
N GLY F 78 -21.59 33.80 -7.05
CA GLY F 78 -22.28 34.25 -8.25
C GLY F 78 -21.65 35.42 -8.96
N VAL F 79 -20.66 36.08 -8.37
CA VAL F 79 -20.11 37.30 -8.96
C VAL F 79 -19.21 36.97 -10.14
N GLY F 80 -18.53 35.82 -10.09
CA GLY F 80 -17.60 35.48 -11.16
C GLY F 80 -18.27 35.19 -12.49
N ALA F 81 -19.46 34.58 -12.44
CA ALA F 81 -20.19 34.26 -13.66
C ALA F 81 -20.69 35.51 -14.35
N LYS F 82 -21.09 36.51 -13.57
CA LYS F 82 -21.50 37.80 -14.13
C LYS F 82 -20.33 38.50 -14.80
N ARG F 83 -19.11 38.30 -14.28
CA ARG F 83 -17.95 38.87 -14.91
C ARG F 83 -17.58 38.10 -16.18
N ILE F 84 -17.85 36.78 -16.20
CA ILE F 84 -17.56 35.99 -17.40
C ILE F 84 -18.49 36.38 -18.54
N ARG F 85 -19.78 36.52 -18.26
CA ARG F 85 -20.70 36.98 -19.31
C ARG F 85 -20.43 38.42 -19.69
N ASP F 86 -19.92 39.22 -18.73
CA ASP F 86 -19.48 40.58 -19.04
C ASP F 86 -18.22 40.57 -19.90
N LEU F 87 -17.48 39.46 -19.90
CA LEU F 87 -16.26 39.39 -20.68
C LEU F 87 -16.54 38.88 -22.11
N PHE F 88 -17.28 37.77 -22.22
CA PHE F 88 -17.56 37.21 -23.53
C PHE F 88 -18.52 38.06 -24.34
N ALA F 89 -19.49 38.70 -23.67
CA ALA F 89 -20.40 39.60 -24.38
C ALA F 89 -19.64 40.79 -24.94
N GLN F 90 -18.68 41.30 -24.17
CA GLN F 90 -17.80 42.35 -24.66
C GLN F 90 -16.92 41.85 -25.80
N ALA F 91 -16.53 40.57 -25.74
CA ALA F 91 -15.63 40.01 -26.74
C ALA F 91 -16.33 39.86 -28.09
N ARG F 92 -17.61 39.51 -28.07
CA ARG F 92 -18.35 39.40 -29.33
C ARG F 92 -18.92 40.75 -29.74
N SER F 93 -18.93 41.72 -28.82
CA SER F 93 -19.28 43.07 -29.24
C SER F 93 -18.11 43.75 -29.95
N ARG F 94 -16.92 43.72 -29.33
CA ARG F 94 -15.78 44.48 -29.82
C ARG F 94 -15.02 43.61 -30.83
N ALA F 95 -13.74 43.94 -31.08
CA ALA F 95 -12.84 43.30 -32.03
C ALA F 95 -12.83 41.78 -31.86
N PRO F 96 -12.68 41.05 -32.97
CA PRO F 96 -12.94 39.60 -32.95
C PRO F 96 -11.82 38.73 -32.38
N ALA F 97 -10.88 39.27 -31.61
CA ALA F 97 -9.55 38.68 -31.49
C ALA F 97 -9.39 37.31 -30.84
N ILE F 98 -9.24 37.27 -29.51
CA ILE F 98 -8.90 36.05 -28.77
C ILE F 98 -9.12 36.37 -27.30
N ILE F 99 -9.32 35.34 -26.49
CA ILE F 99 -9.46 35.51 -25.05
C ILE F 99 -8.46 34.59 -24.36
N PHE F 100 -7.55 35.18 -23.59
CA PHE F 100 -6.54 34.38 -22.90
C PHE F 100 -6.89 34.32 -21.42
N ILE F 101 -7.00 33.10 -20.91
CA ILE F 101 -7.38 32.84 -19.53
C ILE F 101 -6.21 32.14 -18.86
N ASP F 102 -5.62 32.78 -17.85
CA ASP F 102 -4.42 32.26 -17.21
C ASP F 102 -4.79 31.34 -16.05
N GLN F 103 -4.01 30.28 -15.89
CA GLN F 103 -4.09 29.32 -14.79
C GLN F 103 -5.49 28.72 -14.70
N LEU F 104 -5.79 27.90 -15.69
CA LEU F 104 -7.10 27.27 -15.82
C LEU F 104 -7.35 26.20 -14.77
N ASP F 105 -6.30 25.77 -14.05
CA ASP F 105 -6.44 24.80 -12.98
C ASP F 105 -7.32 25.31 -11.84
N ALA F 106 -7.35 26.64 -11.64
CA ALA F 106 -8.12 27.19 -10.53
C ALA F 106 -9.62 27.21 -10.82
N ILE F 107 -10.03 26.83 -12.02
CA ILE F 107 -11.44 26.66 -12.36
C ILE F 107 -11.70 25.16 -12.42
N GLY F 108 -10.63 24.38 -12.57
CA GLY F 108 -10.74 22.95 -12.51
C GLY F 108 -11.08 22.45 -11.12
N GLY F 109 -12.17 21.71 -11.03
CA GLY F 109 -12.73 21.34 -9.75
C GLY F 109 -12.31 19.96 -9.28
N LYS F 110 -13.32 19.22 -8.80
CA LYS F 110 -13.20 17.94 -8.12
C LYS F 110 -12.31 18.01 -6.88
N ARG F 111 -12.36 19.15 -6.18
CA ARG F 111 -11.89 19.28 -4.80
C ARG F 111 -12.88 20.09 -3.97
N ASN F 112 -13.14 19.62 -2.73
CA ASN F 112 -14.00 20.24 -1.72
C ASN F 112 -15.43 20.44 -2.22
N PRO F 113 -16.26 19.38 -2.25
CA PRO F 113 -17.61 19.53 -2.82
C PRO F 113 -18.58 20.35 -1.97
N LYS F 114 -18.12 20.91 -0.87
CA LYS F 114 -18.91 21.87 -0.10
C LYS F 114 -19.18 23.13 -0.91
N ASP F 115 -18.27 23.47 -1.82
CA ASP F 115 -18.27 24.74 -2.53
C ASP F 115 -18.43 24.58 -4.03
N GLN F 116 -18.68 23.37 -4.52
CA GLN F 116 -18.86 23.18 -5.96
C GLN F 116 -20.28 23.49 -6.38
N ALA F 117 -21.15 23.83 -5.43
CA ALA F 117 -22.47 24.33 -5.78
C ALA F 117 -22.38 25.66 -6.51
N TYR F 118 -21.35 26.46 -6.21
CA TYR F 118 -21.15 27.68 -6.96
C TYR F 118 -19.87 27.62 -7.81
N ALA F 119 -18.92 26.78 -7.41
CA ALA F 119 -17.74 26.59 -8.24
C ALA F 119 -18.10 25.93 -9.56
N LYS F 120 -19.01 24.95 -9.52
CA LYS F 120 -19.52 24.41 -10.77
C LYS F 120 -20.49 25.37 -11.44
N GLN F 121 -20.98 26.39 -10.73
CA GLN F 121 -21.85 27.37 -11.36
C GLN F 121 -21.05 28.36 -12.19
N THR F 122 -19.91 28.82 -11.68
CA THR F 122 -19.01 29.64 -12.47
C THR F 122 -18.39 28.84 -13.61
N LEU F 123 -18.01 27.59 -13.29
CA LEU F 123 -17.43 26.70 -14.28
C LEU F 123 -18.39 26.37 -15.41
N ASN F 124 -19.66 26.05 -15.12
CA ASN F 124 -20.52 25.75 -16.24
C ASN F 124 -21.08 27.01 -16.91
N GLN F 125 -20.92 28.18 -16.28
CA GLN F 125 -21.13 29.41 -17.01
C GLN F 125 -20.07 29.56 -18.10
N LEU F 126 -18.82 29.24 -17.76
CA LEU F 126 -17.77 29.17 -18.76
C LEU F 126 -18.08 28.11 -19.82
N LEU F 127 -18.65 26.98 -19.39
CA LEU F 127 -18.98 25.91 -20.33
C LEU F 127 -20.12 26.31 -21.27
N VAL F 128 -21.06 27.13 -20.78
CA VAL F 128 -22.10 27.64 -21.65
C VAL F 128 -21.51 28.62 -22.66
N GLU F 129 -20.68 29.54 -22.20
CA GLU F 129 -20.21 30.57 -23.11
C GLU F 129 -18.98 30.13 -23.91
N LEU F 130 -18.57 28.87 -23.77
CA LEU F 130 -17.77 28.27 -24.84
C LEU F 130 -18.66 27.86 -26.00
N ASP F 131 -19.83 27.32 -25.69
CA ASP F 131 -20.79 26.92 -26.70
C ASP F 131 -21.52 28.13 -27.26
N GLY F 132 -22.22 27.93 -28.37
CA GLY F 132 -22.94 29.00 -28.99
C GLY F 132 -22.08 30.03 -29.70
N PHE F 133 -21.11 29.60 -30.50
CA PHE F 133 -20.29 30.54 -31.23
C PHE F 133 -20.77 30.71 -32.66
N SER F 134 -20.39 31.84 -33.26
CA SER F 134 -20.61 32.05 -34.67
C SER F 134 -19.67 31.15 -35.47
N GLN F 135 -20.03 30.92 -36.74
CA GLN F 135 -19.15 30.21 -37.64
C GLN F 135 -17.92 31.03 -37.97
N THR F 136 -18.04 32.34 -37.88
CA THR F 136 -16.97 33.27 -38.16
C THR F 136 -16.60 33.99 -36.87
N SER F 137 -15.82 35.07 -37.03
CA SER F 137 -15.44 36.06 -36.03
C SER F 137 -14.42 35.53 -35.04
N GLY F 138 -13.97 34.29 -35.22
CA GLY F 138 -12.72 33.74 -34.69
C GLY F 138 -12.41 34.05 -33.23
N ILE F 139 -13.25 33.56 -32.33
CA ILE F 139 -13.29 34.05 -30.95
C ILE F 139 -12.52 33.05 -30.10
N ILE F 140 -11.48 32.45 -30.70
CA ILE F 140 -10.76 31.32 -30.13
C ILE F 140 -10.15 31.65 -28.79
N ILE F 141 -10.60 30.94 -27.75
CA ILE F 141 -10.10 31.11 -26.39
C ILE F 141 -8.80 30.32 -26.28
N ILE F 142 -7.74 30.98 -25.84
CA ILE F 142 -6.48 30.32 -25.54
C ILE F 142 -6.43 30.06 -24.05
N GLY F 143 -6.25 28.79 -23.68
CA GLY F 143 -6.09 28.40 -22.29
C GLY F 143 -4.65 28.09 -22.00
N ALA F 144 -4.29 28.08 -20.71
CA ALA F 144 -2.91 27.84 -20.32
C ALA F 144 -2.89 27.29 -18.90
N THR F 145 -2.21 26.17 -18.71
CA THR F 145 -1.95 25.65 -17.38
C THR F 145 -0.59 24.97 -17.38
N ASN F 146 0.02 24.88 -16.19
CA ASN F 146 1.38 24.40 -16.12
C ASN F 146 1.43 22.87 -16.16
N PHE F 147 0.31 22.23 -15.85
CA PHE F 147 0.20 20.79 -15.92
C PHE F 147 -1.26 20.43 -16.13
N PRO F 148 -1.58 19.68 -17.19
CA PRO F 148 -3.00 19.55 -17.59
C PRO F 148 -3.73 18.40 -16.91
N GLU F 149 -3.10 17.76 -15.91
CA GLU F 149 -3.77 16.63 -15.26
C GLU F 149 -4.90 17.10 -14.37
N ALA F 150 -4.77 18.27 -13.76
CA ALA F 150 -5.73 18.66 -12.73
C ALA F 150 -6.82 19.57 -13.29
N LEU F 151 -6.99 19.60 -14.61
CA LEU F 151 -8.03 20.44 -15.17
C LEU F 151 -9.38 19.75 -15.04
N ASP F 152 -10.43 20.51 -15.26
CA ASP F 152 -11.77 19.94 -15.35
C ASP F 152 -11.87 19.05 -16.57
N LYS F 153 -12.67 18.00 -16.47
CA LYS F 153 -12.83 17.10 -17.61
C LYS F 153 -13.78 17.68 -18.64
N ALA F 154 -14.78 18.45 -18.19
CA ALA F 154 -15.79 19.00 -19.09
C ALA F 154 -15.20 19.99 -20.08
N LEU F 155 -14.22 20.78 -19.65
CA LEU F 155 -13.48 21.65 -20.57
C LEU F 155 -12.73 20.85 -21.64
N THR F 156 -12.31 19.64 -21.32
CA THR F 156 -11.51 18.84 -22.24
C THR F 156 -12.33 18.06 -23.25
N ARG F 157 -13.67 18.18 -23.21
CA ARG F 157 -14.51 17.42 -24.11
C ARG F 157 -14.40 17.95 -25.54
N PRO F 158 -14.64 17.09 -26.54
CA PRO F 158 -14.74 17.58 -27.91
C PRO F 158 -15.97 18.45 -28.08
N GLY F 159 -15.83 19.49 -28.89
CA GLY F 159 -16.79 20.56 -28.91
C GLY F 159 -16.50 21.65 -27.92
N ARG F 160 -15.31 21.64 -27.33
CA ARG F 160 -14.78 22.54 -26.31
C ARG F 160 -13.28 22.58 -26.57
N PHE F 161 -12.44 22.82 -25.57
CA PHE F 161 -10.98 22.81 -25.76
C PHE F 161 -10.46 21.51 -26.38
N ASP F 162 -9.98 21.60 -27.62
CA ASP F 162 -9.73 20.42 -28.45
C ASP F 162 -8.26 20.11 -28.68
N LYS F 163 -7.48 21.02 -29.26
CA LYS F 163 -6.07 20.78 -29.54
C LYS F 163 -5.24 21.21 -28.35
N VAL F 164 -4.07 20.60 -28.19
CA VAL F 164 -3.18 20.90 -27.08
C VAL F 164 -1.82 21.28 -27.65
N VAL F 165 -1.17 22.25 -27.01
CA VAL F 165 0.12 22.76 -27.44
C VAL F 165 1.14 22.45 -26.34
N ASN F 166 2.32 22.01 -26.74
CA ASN F 166 3.42 21.82 -25.82
C ASN F 166 4.41 22.98 -25.97
N VAL F 167 4.69 23.64 -24.85
CA VAL F 167 5.67 24.73 -24.80
C VAL F 167 6.71 24.37 -23.76
N ASP F 168 7.95 24.11 -24.18
CA ASP F 168 8.95 23.58 -23.27
C ASP F 168 10.37 23.87 -23.71
N LEU F 169 11.20 24.28 -22.72
CA LEU F 169 12.62 23.97 -22.53
C LEU F 169 13.47 24.02 -23.81
N PRO F 170 13.83 25.21 -24.29
CA PRO F 170 14.47 25.33 -25.60
C PRO F 170 15.85 24.68 -25.67
N ASP F 171 16.33 24.49 -26.90
CA ASP F 171 17.68 23.99 -27.10
C ASP F 171 18.64 25.19 -27.20
N VAL F 172 19.89 24.92 -27.58
CA VAL F 172 20.99 25.85 -27.37
C VAL F 172 20.88 27.06 -28.29
N ARG F 173 20.19 26.92 -29.42
CA ARG F 173 19.92 28.09 -30.25
C ARG F 173 18.63 28.76 -29.85
N GLY F 174 17.89 28.17 -28.91
CA GLY F 174 16.82 28.90 -28.27
C GLY F 174 17.33 29.71 -27.10
N ARG F 175 18.23 29.14 -26.30
CA ARG F 175 18.81 29.89 -25.20
C ARG F 175 19.82 30.92 -25.71
N ALA F 176 20.25 30.80 -26.96
CA ALA F 176 21.07 31.82 -27.60
C ALA F 176 20.34 33.15 -27.68
N ASP F 177 19.16 33.17 -28.30
CA ASP F 177 18.48 34.45 -28.44
C ASP F 177 17.58 34.76 -27.25
N ILE F 178 17.32 33.80 -26.37
CA ILE F 178 16.75 34.16 -25.07
C ILE F 178 17.78 34.95 -24.27
N LEU F 179 19.00 34.41 -24.13
CA LEU F 179 20.05 35.10 -23.40
C LEU F 179 20.45 36.39 -24.07
N LYS F 180 20.47 36.45 -25.40
CA LYS F 180 20.80 37.70 -26.08
C LYS F 180 19.68 38.73 -25.91
N HIS F 181 18.43 38.28 -25.98
CA HIS F 181 17.30 39.18 -25.80
C HIS F 181 17.27 39.76 -24.39
N HIS F 182 17.76 39.03 -23.40
CA HIS F 182 17.94 39.68 -22.10
C HIS F 182 19.26 40.42 -21.97
N MET F 183 20.24 40.15 -22.84
CA MET F 183 21.46 40.96 -22.85
C MET F 183 21.26 42.34 -23.45
N LYS F 184 20.17 42.55 -24.19
CA LYS F 184 19.96 43.82 -24.88
C LYS F 184 19.56 44.99 -23.96
N LYS F 185 19.72 44.87 -22.64
CA LYS F 185 19.44 45.98 -21.74
C LYS F 185 20.62 46.38 -20.87
N ILE F 186 21.72 45.63 -20.90
CA ILE F 186 22.84 45.87 -20.00
C ILE F 186 24.08 46.26 -20.81
N THR F 187 25.09 46.76 -20.10
CA THR F 187 26.33 47.20 -20.70
C THR F 187 27.29 46.01 -20.79
N LEU F 188 27.53 45.53 -22.00
CA LEU F 188 28.33 44.34 -22.22
C LEU F 188 29.76 44.68 -22.60
N ALA F 189 30.63 43.68 -22.48
CA ALA F 189 32.02 43.78 -22.90
C ALA F 189 32.17 43.22 -24.30
N ASP F 190 33.41 43.06 -24.76
CA ASP F 190 33.65 42.52 -26.09
C ASP F 190 33.88 41.02 -26.10
N ASN F 191 34.17 40.42 -24.95
CA ASN F 191 34.39 38.98 -24.85
C ASN F 191 33.09 38.21 -24.62
N VAL F 192 31.94 38.86 -24.77
CA VAL F 192 30.67 38.24 -24.45
C VAL F 192 30.31 37.24 -25.53
N ASP F 193 30.03 36.02 -25.11
CA ASP F 193 29.62 34.95 -26.02
C ASP F 193 28.39 34.28 -25.42
N PRO F 194 27.21 34.45 -26.02
CA PRO F 194 26.01 33.82 -25.44
C PRO F 194 25.95 32.32 -25.61
N THR F 195 26.56 31.76 -26.66
CA THR F 195 26.40 30.33 -26.92
C THR F 195 27.26 29.48 -26.00
N ILE F 196 28.37 30.01 -25.50
CA ILE F 196 29.29 29.20 -24.71
C ILE F 196 28.73 28.98 -23.31
N ILE F 197 27.77 29.80 -22.88
CA ILE F 197 27.07 29.52 -21.64
C ILE F 197 25.65 29.06 -21.93
N ALA F 198 25.20 29.27 -23.18
CA ALA F 198 23.88 28.77 -23.55
C ALA F 198 23.90 27.26 -23.71
N ARG F 199 25.01 26.70 -24.18
CA ARG F 199 25.13 25.25 -24.16
C ARG F 199 25.71 24.77 -22.84
N GLY F 200 25.99 25.69 -21.92
CA GLY F 200 26.49 25.37 -20.60
C GLY F 200 25.44 25.13 -19.56
N THR F 201 24.17 25.47 -19.83
CA THR F 201 23.06 25.18 -18.94
C THR F 201 22.11 24.18 -19.61
N PRO F 202 22.31 22.88 -19.38
CA PRO F 202 21.46 21.87 -20.03
C PRO F 202 20.09 21.81 -19.40
N GLY F 203 19.07 22.13 -20.18
CA GLY F 203 17.69 21.94 -19.77
C GLY F 203 17.23 22.83 -18.64
N LEU F 204 17.09 24.13 -18.88
CA LEU F 204 16.67 25.06 -17.84
C LEU F 204 16.01 26.27 -18.50
N SER F 205 15.04 26.87 -17.80
CA SER F 205 13.99 27.67 -18.41
C SER F 205 14.47 29.07 -18.79
N GLY F 206 13.52 29.97 -19.12
CA GLY F 206 13.86 31.30 -19.58
C GLY F 206 13.90 32.37 -18.50
N ALA F 207 12.96 32.28 -17.55
CA ALA F 207 12.92 33.25 -16.46
C ALA F 207 14.12 33.11 -15.54
N GLU F 208 14.66 31.91 -15.41
CA GLU F 208 15.91 31.76 -14.68
C GLU F 208 17.07 32.36 -15.45
N LEU F 209 16.99 32.42 -16.78
CA LEU F 209 18.02 33.13 -17.54
C LEU F 209 17.90 34.63 -17.35
N ALA F 210 16.68 35.12 -17.11
CA ALA F 210 16.56 36.50 -16.66
C ALA F 210 17.17 36.70 -15.28
N ASN F 211 17.07 35.69 -14.41
CA ASN F 211 17.81 35.76 -13.16
C ASN F 211 19.31 35.66 -13.38
N LEU F 212 19.74 34.99 -14.44
CA LEU F 212 21.16 34.83 -14.70
C LEU F 212 21.78 36.15 -15.14
N VAL F 213 21.14 36.80 -16.11
CA VAL F 213 21.61 38.09 -16.58
C VAL F 213 21.48 39.16 -15.49
N ASN F 214 20.39 39.11 -14.72
CA ASN F 214 20.17 40.14 -13.72
C ASN F 214 21.14 40.01 -12.55
N GLN F 215 21.36 38.78 -12.07
CA GLN F 215 22.30 38.60 -10.97
C GLN F 215 23.74 38.81 -11.42
N ALA F 216 24.06 38.49 -12.68
CA ALA F 216 25.41 38.76 -13.16
C ALA F 216 25.66 40.26 -13.32
N ALA F 217 24.64 41.00 -13.75
CA ALA F 217 24.79 42.45 -13.88
C ALA F 217 24.91 43.13 -12.53
N VAL F 218 24.15 42.67 -11.53
CA VAL F 218 24.26 43.30 -10.22
C VAL F 218 25.56 42.89 -9.53
N TYR F 219 26.12 41.74 -9.91
CA TYR F 219 27.46 41.42 -9.44
C TYR F 219 28.52 42.26 -10.15
N ALA F 220 28.25 42.67 -11.39
CA ALA F 220 29.23 43.49 -12.09
C ALA F 220 29.26 44.91 -11.55
N CYS F 221 28.10 45.52 -11.36
CA CYS F 221 28.09 46.84 -10.74
C CYS F 221 28.23 46.78 -9.22
N GLN F 222 28.30 45.57 -8.66
CA GLN F 222 28.70 45.41 -7.27
C GLN F 222 30.13 45.89 -7.05
N LYS F 223 31.01 45.58 -8.00
CA LYS F 223 32.44 45.75 -7.82
C LYS F 223 32.98 47.03 -8.47
N ASN F 224 32.10 47.91 -8.93
CA ASN F 224 32.45 49.17 -9.62
C ASN F 224 33.32 48.93 -10.84
N ALA F 225 33.00 47.88 -11.59
CA ALA F 225 33.72 47.60 -12.82
C ALA F 225 33.11 48.39 -13.98
N VAL F 226 33.70 48.22 -15.15
CA VAL F 226 33.29 49.01 -16.32
C VAL F 226 32.04 48.43 -16.95
N SER F 227 32.11 47.16 -17.35
CA SER F 227 31.01 46.52 -18.04
C SER F 227 30.90 45.09 -17.52
N VAL F 228 30.14 44.26 -18.22
CA VAL F 228 29.88 42.89 -17.82
C VAL F 228 30.67 41.99 -18.76
N ASP F 229 31.71 41.35 -18.25
CA ASP F 229 32.57 40.52 -19.07
C ASP F 229 32.09 39.07 -19.04
N MET F 230 32.94 38.15 -19.48
CA MET F 230 32.61 36.74 -19.41
C MET F 230 32.63 36.21 -17.98
N SER F 231 33.48 36.78 -17.13
CA SER F 231 33.64 36.26 -15.78
C SER F 231 32.42 36.50 -14.91
N HIS F 232 31.61 37.51 -15.22
CA HIS F 232 30.40 37.75 -14.46
C HIS F 232 29.33 36.72 -14.81
N PHE F 233 29.11 36.48 -16.11
CA PHE F 233 28.18 35.47 -16.56
C PHE F 233 28.60 34.08 -16.11
N GLU F 234 29.91 33.82 -16.09
CA GLU F 234 30.41 32.54 -15.62
C GLU F 234 30.21 32.40 -14.11
N TRP F 235 30.38 33.50 -13.38
CA TRP F 235 30.18 33.49 -11.93
C TRP F 235 28.73 33.20 -11.57
N ALA F 236 27.80 33.96 -12.15
CA ALA F 236 26.39 33.76 -11.82
C ALA F 236 25.87 32.44 -12.37
N LYS F 237 26.47 31.93 -13.45
CA LYS F 237 26.11 30.61 -13.94
C LYS F 237 26.53 29.55 -12.93
N ASP F 238 27.74 29.68 -12.38
CA ASP F 238 28.17 28.72 -11.37
C ASP F 238 27.54 28.97 -10.01
N LYS F 239 26.80 30.06 -9.82
CA LYS F 239 25.97 30.18 -8.63
C LYS F 239 24.61 29.53 -8.81
N ILE F 240 23.89 29.88 -9.88
CA ILE F 240 22.53 29.38 -10.05
C ILE F 240 22.54 27.90 -10.41
N LEU F 241 23.59 27.43 -11.08
CA LEU F 241 23.64 26.03 -11.50
C LEU F 241 23.83 25.11 -10.31
N MET F 242 24.87 25.33 -9.51
CA MET F 242 25.24 24.42 -8.43
C MET F 242 25.08 25.02 -7.04
N GLY F 243 25.77 26.12 -6.74
CA GLY F 243 25.72 26.66 -5.40
C GLY F 243 26.65 27.83 -5.25
N ALA F 244 26.64 28.39 -4.05
CA ALA F 244 27.40 29.59 -3.76
C ALA F 244 28.89 29.30 -3.66
N GLU F 245 29.67 30.36 -3.47
CA GLU F 245 31.09 30.23 -3.27
C GLU F 245 31.43 30.40 -1.81
N ARG F 246 32.14 29.44 -1.25
CA ARG F 246 32.45 29.42 0.17
C ARG F 246 33.90 29.84 0.35
N LYS F 247 34.09 31.12 0.69
CA LYS F 247 35.42 31.72 0.83
C LYS F 247 36.01 31.59 2.23
N THR F 248 35.36 30.84 3.12
CA THR F 248 35.76 30.81 4.52
C THR F 248 36.29 29.44 4.95
N MET F 249 36.92 28.70 4.05
CA MET F 249 37.38 27.35 4.35
C MET F 249 38.90 27.33 4.52
N VAL F 250 39.34 26.70 5.61
CA VAL F 250 40.75 26.49 5.88
C VAL F 250 41.10 25.06 5.51
N LEU F 251 42.07 24.89 4.63
CA LEU F 251 42.39 23.60 4.03
C LEU F 251 43.77 23.13 4.45
N THR F 252 43.84 21.86 4.81
CA THR F 252 45.12 21.17 4.93
C THR F 252 45.67 20.96 3.52
N ASP F 253 46.98 21.14 3.37
CA ASP F 253 47.58 21.02 2.04
C ASP F 253 47.63 19.58 1.56
N ALA F 254 47.52 18.61 2.47
CA ALA F 254 47.36 17.23 2.04
C ALA F 254 45.99 17.01 1.38
N ALA F 255 44.97 17.73 1.84
CA ALA F 255 43.66 17.63 1.21
C ALA F 255 43.64 18.25 -0.16
N ARG F 256 44.28 19.42 -0.32
CA ARG F 256 44.42 20.02 -1.63
C ARG F 256 45.29 19.18 -2.55
N LYS F 257 46.24 18.44 -1.97
CA LYS F 257 46.97 17.46 -2.76
C LYS F 257 46.06 16.35 -3.26
N ALA F 258 45.16 15.86 -2.40
CA ALA F 258 44.32 14.73 -2.78
C ALA F 258 43.29 15.12 -3.82
N THR F 259 42.58 16.23 -3.61
CA THR F 259 41.59 16.66 -4.58
C THR F 259 42.24 17.14 -5.87
N ALA F 260 43.47 17.67 -5.79
CA ALA F 260 44.20 18.01 -7.01
C ALA F 260 44.54 16.76 -7.81
N PHE F 261 44.90 15.66 -7.15
CA PHE F 261 45.11 14.41 -7.88
C PHE F 261 43.81 13.85 -8.43
N HIS F 262 42.71 14.07 -7.72
CA HIS F 262 41.40 13.57 -8.17
C HIS F 262 40.99 14.23 -9.48
N GLU F 263 40.85 15.56 -9.47
CA GLU F 263 40.33 16.18 -10.68
C GLU F 263 41.42 16.40 -11.71
N ALA F 264 42.68 16.26 -11.30
CA ALA F 264 43.72 16.04 -12.29
C ALA F 264 43.51 14.74 -13.04
N GLY F 265 43.05 13.68 -12.35
CA GLY F 265 42.74 12.43 -13.05
C GLY F 265 41.54 12.54 -13.97
N HIS F 266 40.47 13.19 -13.49
CA HIS F 266 39.30 13.43 -14.33
C HIS F 266 39.64 14.27 -15.55
N ALA F 267 40.56 15.22 -15.42
CA ALA F 267 40.89 16.05 -16.58
C ALA F 267 41.83 15.33 -17.54
N ILE F 268 42.75 14.50 -17.03
CA ILE F 268 43.65 13.75 -17.90
C ILE F 268 42.86 12.78 -18.77
N MET F 269 42.05 11.90 -18.17
CA MET F 269 41.34 11.03 -19.10
C MET F 269 39.97 11.54 -19.47
N ALA F 270 39.64 12.77 -19.13
CA ALA F 270 38.61 13.43 -19.91
C ALA F 270 39.21 14.04 -21.17
N LYS F 271 40.52 14.23 -21.19
CA LYS F 271 41.17 14.87 -22.34
C LYS F 271 41.67 13.84 -23.34
N TYR F 272 42.39 12.82 -22.87
CA TYR F 272 43.07 11.91 -23.78
C TYR F 272 42.23 10.73 -24.24
N THR F 273 40.99 10.58 -23.76
CA THR F 273 40.27 9.35 -24.02
C THR F 273 39.74 9.33 -25.45
N ASN F 274 39.93 8.19 -26.12
CA ASN F 274 39.76 8.08 -27.57
C ASN F 274 38.29 7.85 -27.94
N GLY F 275 37.45 8.73 -27.42
CA GLY F 275 36.02 8.67 -27.63
C GLY F 275 35.47 10.05 -27.42
N ALA F 276 34.23 10.24 -27.84
CA ALA F 276 33.66 11.58 -27.90
C ALA F 276 33.39 12.14 -26.52
N THR F 277 34.24 13.07 -26.10
CA THR F 277 34.01 13.88 -24.90
C THR F 277 34.81 15.18 -25.05
N PRO F 278 34.23 16.28 -24.60
CA PRO F 278 34.98 17.55 -24.64
C PRO F 278 35.75 17.79 -23.35
N LEU F 279 36.35 18.96 -23.19
CA LEU F 279 36.95 19.37 -21.93
C LEU F 279 36.85 20.88 -21.78
N TYR F 280 36.61 21.32 -20.55
CA TYR F 280 36.35 22.73 -20.28
C TYR F 280 36.91 23.02 -18.89
N LYS F 281 36.45 24.11 -18.27
CA LYS F 281 36.99 24.66 -17.04
C LYS F 281 36.96 23.68 -15.88
N ALA F 282 38.15 23.27 -15.44
CA ALA F 282 38.34 22.42 -14.27
C ALA F 282 38.78 23.32 -13.12
N THR F 283 38.46 22.92 -11.90
CA THR F 283 38.79 23.74 -10.74
C THR F 283 38.95 22.90 -9.49
N ILE F 284 39.13 23.58 -8.35
CA ILE F 284 39.30 22.91 -7.07
C ILE F 284 38.52 23.59 -5.96
N LEU F 285 37.77 24.65 -6.29
CA LEU F 285 37.09 25.47 -5.29
C LEU F 285 35.96 24.71 -4.60
N PRO F 286 35.77 24.91 -3.30
CA PRO F 286 34.56 24.40 -2.64
C PRO F 286 33.33 25.23 -3.00
N ARG F 287 32.75 24.97 -4.16
CA ARG F 287 31.58 25.70 -4.63
C ARG F 287 30.36 25.12 -3.92
N GLY F 288 30.05 25.64 -2.74
CA GLY F 288 28.86 25.18 -2.04
C GLY F 288 28.92 23.75 -1.58
N ARG F 289 28.26 22.87 -2.34
CA ARG F 289 28.06 21.46 -2.04
C ARG F 289 29.36 20.68 -1.88
N ALA F 290 30.29 20.77 -2.84
CA ALA F 290 31.38 19.84 -2.94
C ALA F 290 32.71 20.54 -3.21
N LEU F 291 33.78 19.74 -3.16
CA LEU F 291 35.13 20.16 -3.52
C LEU F 291 35.33 19.81 -5.00
N GLY F 292 34.48 20.39 -5.85
CA GLY F 292 34.42 19.99 -7.24
C GLY F 292 35.50 20.60 -8.10
N ILE F 293 35.22 20.87 -9.37
CA ILE F 293 33.91 20.72 -9.98
C ILE F 293 33.98 19.83 -11.26
N THR F 294 35.19 19.69 -11.83
CA THR F 294 35.49 19.66 -13.28
C THR F 294 34.37 19.16 -14.19
N PHE F 295 34.07 19.95 -15.23
CA PHE F 295 32.90 19.72 -16.05
C PHE F 295 33.16 20.03 -17.51
N GLN F 296 32.57 19.21 -18.38
CA GLN F 296 32.70 19.25 -19.82
C GLN F 296 31.68 20.21 -20.44
N LEU F 297 31.52 20.14 -21.75
CA LEU F 297 30.55 20.97 -22.47
C LEU F 297 30.04 20.31 -23.76
N PRO F 298 29.18 19.25 -23.66
CA PRO F 298 28.25 18.97 -24.76
C PRO F 298 26.83 19.43 -24.44
N GLU F 299 25.95 19.46 -25.45
CA GLU F 299 24.50 19.32 -25.28
C GLU F 299 23.82 19.04 -26.61
N MET F 300 22.92 18.05 -26.60
CA MET F 300 21.98 17.81 -27.69
C MET F 300 20.62 17.54 -27.06
N ASP F 301 19.55 18.09 -27.66
CA ASP F 301 18.20 17.87 -27.13
C ASP F 301 17.73 16.44 -27.29
N LYS F 302 18.08 15.79 -28.40
CA LYS F 302 17.74 14.39 -28.64
C LYS F 302 19.07 13.69 -28.86
N VAL F 303 19.70 13.26 -27.77
CA VAL F 303 21.02 12.64 -27.85
C VAL F 303 20.91 11.27 -28.49
N ASP F 304 21.85 11.00 -29.39
CA ASP F 304 22.05 9.66 -29.93
C ASP F 304 23.51 9.37 -29.63
N ILE F 305 23.78 8.92 -28.41
CA ILE F 305 25.15 8.62 -28.03
C ILE F 305 25.54 7.27 -28.61
N THR F 306 26.75 7.18 -29.13
CA THR F 306 27.25 5.97 -29.73
C THR F 306 27.70 5.01 -28.63
N LYS F 307 28.44 3.97 -29.00
CA LYS F 307 29.02 3.13 -27.96
C LYS F 307 30.39 3.65 -27.52
N ARG F 308 31.12 4.33 -28.41
CA ARG F 308 32.40 4.90 -28.02
C ARG F 308 32.23 6.08 -27.09
N GLU F 309 31.19 6.88 -27.31
CA GLU F 309 30.93 7.99 -26.41
C GLU F 309 30.44 7.50 -25.06
N CYS F 310 29.73 6.38 -25.06
CA CYS F 310 29.16 5.84 -23.83
C CYS F 310 30.23 5.21 -22.96
N GLN F 311 31.08 4.37 -23.55
CA GLN F 311 32.28 3.92 -22.85
C GLN F 311 33.24 5.05 -22.52
N ALA F 312 33.21 6.15 -23.28
CA ALA F 312 34.07 7.28 -22.98
C ALA F 312 33.66 7.97 -21.69
N ARG F 313 32.35 8.21 -21.48
CA ARG F 313 31.94 8.79 -20.20
C ARG F 313 32.05 7.77 -19.08
N LEU F 314 31.95 6.49 -19.42
CA LEU F 314 32.19 5.44 -18.46
C LEU F 314 33.65 5.38 -18.01
N ASP F 315 34.58 5.90 -18.81
CA ASP F 315 35.96 6.02 -18.36
C ASP F 315 36.30 7.39 -17.79
N VAL F 316 35.53 8.43 -18.10
CA VAL F 316 35.66 9.67 -17.35
C VAL F 316 35.29 9.44 -15.90
N CYS F 317 34.32 8.57 -15.64
CA CYS F 317 33.95 8.34 -14.24
C CYS F 317 34.87 7.37 -13.49
N MET F 318 36.09 7.11 -13.92
CA MET F 318 37.02 6.29 -13.15
C MET F 318 38.36 6.95 -12.89
N GLY F 319 38.58 8.15 -13.43
CA GLY F 319 39.85 8.81 -13.28
C GLY F 319 40.15 9.28 -11.88
N GLY F 320 39.13 9.42 -11.05
CA GLY F 320 39.37 9.84 -9.69
C GLY F 320 39.86 8.71 -8.82
N LYS F 321 39.13 7.59 -8.88
CA LYS F 321 39.49 6.41 -8.11
C LYS F 321 40.82 5.84 -8.56
N ILE F 322 41.05 5.78 -9.87
CA ILE F 322 42.32 5.29 -10.36
C ILE F 322 43.43 6.32 -10.19
N ALA F 323 43.10 7.61 -10.22
CA ALA F 323 44.12 8.62 -9.96
C ALA F 323 44.54 8.65 -8.50
N GLU F 324 43.69 8.18 -7.59
CA GLU F 324 44.10 8.08 -6.21
C GLU F 324 44.69 6.73 -5.86
N GLU F 325 44.46 5.69 -6.66
CA GLU F 325 45.11 4.41 -6.38
C GLU F 325 46.58 4.46 -6.73
N LEU F 326 46.91 4.99 -7.91
CA LEU F 326 48.25 4.85 -8.46
C LEU F 326 49.30 5.68 -7.74
N ILE F 327 48.90 6.61 -6.89
CA ILE F 327 49.81 7.47 -6.17
C ILE F 327 49.88 7.10 -4.70
N TYR F 328 48.75 6.78 -4.10
CA TYR F 328 48.67 6.59 -2.66
C TYR F 328 48.58 5.12 -2.24
N GLY F 329 48.49 4.18 -3.18
CA GLY F 329 48.23 2.80 -2.85
C GLY F 329 46.75 2.55 -2.66
N LYS F 330 46.38 1.27 -2.74
CA LYS F 330 44.96 0.93 -2.69
C LYS F 330 44.39 1.09 -1.29
N ASP F 331 45.22 1.01 -0.26
CA ASP F 331 44.76 1.18 1.12
C ASP F 331 44.66 2.63 1.55
N ASN F 332 44.53 3.57 0.61
CA ASN F 332 44.34 4.97 0.96
C ASN F 332 43.30 5.63 0.08
N THR F 333 42.46 4.84 -0.59
CA THR F 333 41.40 5.41 -1.41
C THR F 333 40.30 5.98 -0.53
N THR F 334 39.75 7.11 -0.95
CA THR F 334 38.79 7.83 -0.14
C THR F 334 37.39 7.26 -0.35
N SER F 335 36.39 8.02 0.09
CA SER F 335 35.00 7.60 -0.03
C SER F 335 34.22 8.40 -1.05
N GLY F 336 34.57 9.68 -1.23
CA GLY F 336 33.81 10.53 -2.15
C GLY F 336 33.88 10.09 -3.59
N CYS F 337 34.94 9.36 -3.96
CA CYS F 337 35.05 8.76 -5.28
C CYS F 337 33.90 7.81 -5.57
N GLY F 338 33.37 7.17 -4.53
CA GLY F 338 32.21 6.30 -4.69
C GLY F 338 30.98 7.01 -5.22
N SER F 339 30.86 8.32 -4.94
CA SER F 339 29.77 9.12 -5.52
C SER F 339 29.83 9.10 -7.04
N ASP F 340 31.04 9.25 -7.60
CA ASP F 340 31.23 9.19 -9.05
C ASP F 340 30.76 7.86 -9.61
N LEU F 341 30.93 6.79 -8.81
CA LEU F 341 30.58 5.44 -9.25
C LEU F 341 29.12 5.31 -9.61
N GLN F 342 28.22 6.03 -8.93
CA GLN F 342 26.81 5.80 -9.18
C GLN F 342 26.43 6.27 -10.57
N SER F 343 27.08 7.36 -11.05
CA SER F 343 26.79 7.83 -12.39
C SER F 343 27.26 6.82 -13.40
N ALA F 344 28.44 6.23 -13.14
CA ALA F 344 28.98 5.20 -14.01
C ALA F 344 28.05 4.01 -14.08
N THR F 345 27.46 3.63 -12.94
CA THR F 345 26.61 2.45 -12.88
C THR F 345 25.37 2.67 -13.72
N GLY F 346 24.81 3.88 -13.66
CA GLY F 346 23.62 4.20 -14.44
C GLY F 346 23.88 4.05 -15.92
N THR F 347 25.03 4.56 -16.35
CA THR F 347 25.42 4.48 -17.75
C THR F 347 25.59 3.05 -18.18
N ALA F 348 26.17 2.22 -17.29
CA ALA F 348 26.45 0.84 -17.64
C ALA F 348 25.18 0.05 -17.83
N ARG F 349 24.12 0.38 -17.08
CA ARG F 349 22.91 -0.42 -17.23
C ARG F 349 22.22 -0.09 -18.54
N ALA F 350 22.38 1.15 -19.01
CA ALA F 350 21.81 1.50 -20.29
C ALA F 350 22.52 0.76 -21.41
N MET F 351 23.78 0.37 -21.20
CA MET F 351 24.45 -0.37 -22.24
C MET F 351 24.04 -1.83 -22.30
N VAL F 352 23.28 -2.33 -21.33
CA VAL F 352 22.94 -3.74 -21.29
C VAL F 352 21.43 -3.96 -21.36
N THR F 353 20.67 -3.19 -20.59
CA THR F 353 19.22 -3.38 -20.59
C THR F 353 18.58 -2.77 -21.83
N GLN F 354 18.68 -1.46 -21.99
CA GLN F 354 17.86 -0.80 -22.99
C GLN F 354 18.39 -0.96 -24.41
N TYR F 355 19.69 -1.04 -24.59
CA TYR F 355 20.26 -0.96 -25.92
C TYR F 355 20.69 -2.36 -26.32
N GLY F 356 21.38 -2.48 -27.44
CA GLY F 356 21.84 -3.80 -27.83
C GLY F 356 23.35 -3.91 -27.74
N MET F 357 23.95 -3.27 -26.75
CA MET F 357 25.39 -3.15 -26.69
C MET F 357 26.05 -4.26 -25.89
N SER F 358 25.43 -5.43 -25.79
CA SER F 358 26.02 -6.55 -25.09
C SER F 358 25.58 -7.84 -25.75
N ASP F 359 26.55 -8.67 -26.14
CA ASP F 359 26.31 -9.83 -26.97
C ASP F 359 25.95 -11.09 -26.18
N ASP F 360 25.97 -11.03 -24.85
CA ASP F 360 25.54 -12.18 -24.07
C ASP F 360 24.08 -12.10 -23.65
N VAL F 361 23.53 -10.90 -23.49
CA VAL F 361 22.11 -10.77 -23.21
C VAL F 361 21.31 -11.02 -24.48
N GLY F 362 21.50 -10.17 -25.48
CA GLY F 362 20.77 -10.26 -26.71
C GLY F 362 20.28 -8.90 -27.15
N PRO F 363 19.54 -8.85 -28.23
CA PRO F 363 18.99 -7.56 -28.70
C PRO F 363 17.61 -7.26 -28.09
N VAL F 364 17.55 -7.21 -26.77
CA VAL F 364 16.27 -7.17 -26.07
C VAL F 364 16.23 -5.93 -25.17
N ASN F 365 15.03 -5.52 -24.79
CA ASN F 365 14.79 -4.35 -23.95
C ASN F 365 14.33 -4.87 -22.60
N LEU F 366 15.24 -4.94 -21.64
CA LEU F 366 14.94 -5.43 -20.31
C LEU F 366 14.47 -4.36 -19.35
N SER F 367 14.12 -3.17 -19.82
CA SER F 367 14.00 -2.06 -18.88
C SER F 367 12.59 -1.64 -18.57
N GLU F 368 11.58 -2.11 -19.30
CA GLU F 368 10.25 -1.64 -18.97
C GLU F 368 9.44 -2.68 -18.23
N GLU F 369 9.92 -3.92 -18.19
CA GLU F 369 9.25 -4.99 -17.49
C GLU F 369 10.26 -5.79 -16.67
N TRP F 370 11.18 -5.05 -16.05
CA TRP F 370 12.35 -5.64 -15.40
C TRP F 370 11.97 -6.53 -14.22
N GLU F 371 10.84 -6.24 -13.59
CA GLU F 371 10.38 -7.08 -12.50
C GLU F 371 9.87 -8.44 -13.00
N SER F 372 9.35 -8.50 -14.22
CA SER F 372 8.65 -9.68 -14.71
C SER F 372 9.55 -10.64 -15.47
N TRP F 373 10.85 -10.42 -15.53
CA TRP F 373 11.73 -11.43 -16.10
C TRP F 373 12.13 -12.41 -15.01
N SER F 374 12.99 -13.36 -15.37
CA SER F 374 13.37 -14.39 -14.42
C SER F 374 14.80 -14.15 -13.96
N ASN F 375 15.28 -15.01 -13.08
CA ASN F 375 16.55 -14.76 -12.43
C ASN F 375 17.75 -15.08 -13.32
N LYS F 376 17.58 -15.93 -14.32
CA LYS F 376 18.71 -16.31 -15.16
C LYS F 376 19.12 -15.17 -16.08
N ILE F 377 18.14 -14.48 -16.67
CA ILE F 377 18.45 -13.35 -17.53
C ILE F 377 18.97 -12.17 -16.72
N ARG F 378 18.46 -12.00 -15.50
CA ARG F 378 19.02 -10.95 -14.66
C ARG F 378 20.42 -11.27 -14.17
N ASP F 379 20.77 -12.55 -14.04
CA ASP F 379 22.14 -12.92 -13.75
C ASP F 379 23.07 -12.59 -14.90
N ILE F 380 22.64 -12.89 -16.13
CA ILE F 380 23.49 -12.61 -17.28
C ILE F 380 23.61 -11.11 -17.51
N ALA F 381 22.51 -10.38 -17.31
CA ALA F 381 22.51 -8.93 -17.49
C ALA F 381 23.39 -8.25 -16.44
N ASP F 382 23.19 -8.56 -15.16
CA ASP F 382 23.96 -7.89 -14.12
C ASP F 382 25.41 -8.32 -14.11
N ASN F 383 25.69 -9.56 -14.49
CA ASN F 383 27.07 -9.98 -14.67
C ASN F 383 27.73 -9.18 -15.78
N GLU F 384 27.02 -8.96 -16.88
CA GLU F 384 27.60 -8.19 -17.98
C GLU F 384 27.85 -6.73 -17.60
N VAL F 385 26.96 -6.14 -16.79
CA VAL F 385 27.20 -4.80 -16.27
C VAL F 385 28.46 -4.75 -15.43
N ILE F 386 28.68 -5.77 -14.59
CA ILE F 386 29.84 -5.74 -13.71
C ILE F 386 31.15 -5.92 -14.48
N GLU F 387 31.17 -6.81 -15.49
CA GLU F 387 32.40 -6.87 -16.30
C GLU F 387 32.61 -5.63 -17.16
N LEU F 388 31.53 -4.91 -17.48
CA LEU F 388 31.68 -3.64 -18.17
C LEU F 388 32.36 -2.58 -17.30
N LEU F 389 31.99 -2.51 -16.02
CA LEU F 389 32.71 -1.57 -15.15
C LEU F 389 34.12 -2.04 -14.84
N LYS F 390 34.36 -3.36 -14.78
CA LYS F 390 35.72 -3.85 -14.49
C LYS F 390 36.69 -3.54 -15.62
N ASP F 391 36.34 -3.83 -16.88
CA ASP F 391 37.31 -3.50 -17.91
C ASP F 391 37.35 -2.00 -18.20
N SER F 392 36.28 -1.28 -17.82
CA SER F 392 36.38 0.17 -17.80
C SER F 392 37.49 0.67 -16.88
N GLU F 393 37.57 0.13 -15.65
CA GLU F 393 38.62 0.62 -14.77
C GLU F 393 39.98 0.04 -15.15
N GLU F 394 39.99 -1.05 -15.92
CA GLU F 394 41.29 -1.54 -16.39
C GLU F 394 41.87 -0.63 -17.47
N ARG F 395 41.03 -0.20 -18.42
CA ARG F 395 41.48 0.79 -19.41
C ARG F 395 41.90 2.09 -18.75
N ALA F 396 41.15 2.52 -17.73
CA ALA F 396 41.53 3.74 -17.01
C ALA F 396 42.83 3.55 -16.25
N ARG F 397 43.09 2.33 -15.78
CA ARG F 397 44.33 2.04 -15.08
C ARG F 397 45.54 2.14 -15.99
N ARG F 398 45.45 1.61 -17.20
CA ARG F 398 46.64 1.69 -18.04
C ARG F 398 46.81 3.09 -18.65
N LEU F 399 45.71 3.80 -18.91
CA LEU F 399 45.90 5.11 -19.53
C LEU F 399 46.30 6.16 -18.48
N LEU F 400 46.07 5.88 -17.20
CA LEU F 400 46.78 6.71 -16.23
C LEU F 400 48.12 6.14 -15.80
N THR F 401 48.46 4.91 -16.21
CA THR F 401 49.84 4.48 -16.04
C THR F 401 50.75 5.20 -17.02
N LYS F 402 50.41 5.18 -18.31
CA LYS F 402 51.32 5.69 -19.33
C LYS F 402 51.18 7.20 -19.58
N LYS F 403 50.55 7.94 -18.68
CA LYS F 403 50.46 9.39 -18.80
C LYS F 403 50.71 10.05 -17.45
N ASN F 404 51.72 9.60 -16.73
CA ASN F 404 51.90 10.05 -15.35
C ASN F 404 52.41 11.47 -15.28
N VAL F 405 53.17 11.89 -16.29
CA VAL F 405 53.88 13.17 -16.23
C VAL F 405 52.90 14.33 -16.33
N GLU F 406 51.97 14.25 -17.28
CA GLU F 406 50.91 15.24 -17.39
C GLU F 406 49.98 15.24 -16.17
N LEU F 407 49.85 14.10 -15.50
CA LEU F 407 49.10 14.03 -14.25
C LEU F 407 49.78 14.85 -13.16
N HIS F 408 51.10 14.73 -13.03
CA HIS F 408 51.79 15.51 -12.00
C HIS F 408 51.88 16.98 -12.36
N ARG F 409 52.07 17.31 -13.64
CA ARG F 409 52.14 18.72 -14.02
C ARG F 409 50.79 19.41 -13.84
N LEU F 410 49.72 18.77 -14.32
CA LEU F 410 48.36 19.29 -14.13
C LEU F 410 47.97 19.33 -12.68
N ALA F 411 48.51 18.42 -11.87
CA ALA F 411 48.24 18.45 -10.43
C ALA F 411 48.90 19.65 -9.77
N GLN F 412 50.19 19.85 -10.00
CA GLN F 412 50.90 20.95 -9.36
C GLN F 412 50.41 22.30 -9.86
N GLY F 413 50.07 22.39 -11.14
CA GLY F 413 49.46 23.60 -11.65
C GLY F 413 48.07 23.83 -11.10
N LEU F 414 47.37 22.75 -10.78
CA LEU F 414 46.05 22.85 -10.19
C LEU F 414 46.11 23.12 -8.68
N ILE F 415 47.29 23.01 -8.07
CA ILE F 415 47.46 23.51 -6.71
C ILE F 415 47.84 24.97 -6.73
N GLU F 416 48.76 25.34 -7.64
CA GLU F 416 49.25 26.72 -7.69
C GLU F 416 48.19 27.68 -8.21
N TYR F 417 47.31 27.21 -9.10
CA TYR F 417 46.17 27.98 -9.57
C TYR F 417 44.89 27.32 -9.08
N GLU F 418 43.81 28.07 -9.05
CA GLU F 418 42.52 27.46 -8.72
C GLU F 418 41.88 26.84 -9.96
N THR F 419 41.52 27.67 -10.93
CA THR F 419 40.79 27.22 -12.11
C THR F 419 41.73 27.14 -13.31
N LEU F 420 41.37 26.28 -14.26
CA LEU F 420 42.15 26.14 -15.49
C LEU F 420 41.21 25.96 -16.67
N ASP F 421 41.50 26.64 -17.77
CA ASP F 421 40.84 26.44 -19.05
C ASP F 421 41.48 25.24 -19.76
N ALA F 422 40.77 24.70 -20.76
CA ALA F 422 41.29 23.57 -21.53
C ALA F 422 42.53 23.96 -22.33
N HIS F 423 42.54 25.19 -22.85
CA HIS F 423 43.75 25.79 -23.40
C HIS F 423 44.84 25.87 -22.34
N GLU F 424 44.47 26.33 -21.13
CA GLU F 424 45.43 26.44 -20.05
C GLU F 424 45.85 25.09 -19.51
N ILE F 425 44.94 24.10 -19.52
CA ILE F 425 45.32 22.72 -19.17
C ILE F 425 46.34 22.19 -20.16
N GLU F 426 46.16 22.52 -21.45
CA GLU F 426 47.14 22.13 -22.45
C GLU F 426 48.48 22.83 -22.25
N GLN F 427 48.45 24.08 -21.77
CA GLN F 427 49.72 24.73 -21.48
C GLN F 427 50.37 24.21 -20.20
N VAL F 428 49.60 23.71 -19.24
CA VAL F 428 50.19 23.16 -18.03
C VAL F 428 50.78 21.79 -18.30
N CYS F 429 50.13 20.99 -19.14
CA CYS F 429 50.61 19.63 -19.39
C CYS F 429 51.83 19.59 -20.30
N LYS F 430 52.28 20.73 -20.83
CA LYS F 430 53.46 20.77 -21.68
C LYS F 430 54.63 21.49 -21.03
N GLY F 431 54.57 21.75 -19.72
CA GLY F 431 55.66 22.42 -19.04
C GLY F 431 55.85 23.86 -19.40
N GLU F 432 54.81 24.53 -19.88
CA GLU F 432 54.93 25.91 -20.33
C GLU F 432 54.44 26.87 -19.26
N LYS F 433 55.06 28.05 -19.23
CA LYS F 433 54.67 29.09 -18.29
C LYS F 433 53.36 29.73 -18.75
N LEU F 434 52.55 30.20 -17.80
CA LEU F 434 51.15 30.49 -18.08
C LEU F 434 50.85 31.97 -18.28
N ALA F 435 51.70 32.87 -17.76
CA ALA F 435 51.44 34.31 -17.68
C ALA F 435 50.11 34.59 -16.99
N LYS F 436 50.06 34.22 -15.72
CA LYS F 436 48.86 34.33 -14.89
C LYS F 436 49.29 34.39 -13.45
N LEU F 437 48.59 35.20 -12.65
CA LEU F 437 48.97 35.39 -11.25
C LEU F 437 48.54 34.17 -10.44
N LYS F 438 49.45 33.70 -9.59
CA LYS F 438 49.20 32.51 -8.79
C LYS F 438 48.23 32.81 -7.65
N THR F 439 47.84 31.75 -6.96
CA THR F 439 47.01 31.88 -5.75
C THR F 439 47.34 30.76 -4.77
N UNK G 1 -10.81 8.70 1.50
CA UNK G 1 -10.44 9.15 2.83
C UNK G 1 -11.33 10.31 3.29
N UNK G 2 -11.98 10.14 4.44
CA UNK G 2 -12.86 11.18 4.95
C UNK G 2 -12.06 12.26 5.66
N UNK G 3 -12.61 13.47 5.68
CA UNK G 3 -11.94 14.63 6.23
C UNK G 3 -12.87 15.36 7.19
N UNK G 4 -12.38 15.67 8.37
CA UNK G 4 -13.08 16.56 9.27
C UNK G 4 -12.94 18.00 8.76
N UNK G 5 -14.03 18.74 8.74
CA UNK G 5 -14.08 19.97 7.95
C UNK G 5 -13.36 21.13 8.63
N UNK G 6 -13.78 21.51 9.83
CA UNK G 6 -13.32 22.75 10.46
C UNK G 6 -13.68 23.97 9.60
N UNK G 7 -14.99 24.16 9.46
CA UNK G 7 -15.52 25.19 8.58
C UNK G 7 -15.48 26.56 9.25
N UNK G 8 -14.95 27.55 8.53
CA UNK G 8 -14.92 28.91 9.04
C UNK G 8 -16.30 29.54 8.94
N UNK G 9 -16.69 30.28 9.97
CA UNK G 9 -18.01 30.88 10.05
C UNK G 9 -18.04 32.19 9.27
N UNK G 10 -18.73 32.19 8.13
CA UNK G 10 -18.88 33.38 7.31
C UNK G 10 -19.84 34.38 7.97
N LYS A 1 23.26 43.18 16.48
CA LYS A 1 24.23 43.46 15.43
C LYS A 1 24.65 42.18 14.74
N PHE A 2 25.11 42.28 13.49
CA PHE A 2 25.51 41.10 12.72
C PHE A 2 26.68 40.38 13.36
N ASP A 3 27.43 41.05 14.24
CA ASP A 3 28.51 40.37 14.95
C ASP A 3 27.98 39.31 15.91
N ASP A 4 26.70 39.37 16.28
CA ASP A 4 26.10 38.32 17.08
C ASP A 4 25.86 37.05 16.28
N VAL A 5 25.70 37.15 14.97
CA VAL A 5 25.43 35.97 14.14
C VAL A 5 26.79 35.44 13.72
N CYS A 6 27.42 34.71 14.65
CA CYS A 6 28.75 34.16 14.40
C CYS A 6 28.61 32.82 13.71
N GLY A 7 29.56 32.52 12.83
CA GLY A 7 29.41 31.40 11.93
C GLY A 7 28.38 31.70 10.86
N CYS A 8 28.49 30.99 9.74
CA CYS A 8 27.67 31.28 8.57
C CYS A 8 27.87 32.72 8.11
N ASP A 9 29.09 32.98 7.66
CA ASP A 9 29.47 34.34 7.29
C ASP A 9 28.75 34.80 6.03
N GLU A 10 28.53 33.89 5.08
CA GLU A 10 27.95 34.28 3.80
C GLU A 10 26.56 34.86 3.95
N ALA A 11 25.75 34.34 4.87
CA ALA A 11 24.44 34.93 5.10
C ALA A 11 24.56 36.36 5.61
N ARG A 12 25.52 36.65 6.49
CA ARG A 12 25.78 38.04 6.85
C ARG A 12 26.14 38.86 5.61
N ALA A 13 26.91 38.27 4.69
CA ALA A 13 27.16 38.93 3.43
C ALA A 13 25.86 39.28 2.72
N GLU A 14 24.94 38.32 2.63
CA GLU A 14 23.73 38.53 1.84
C GLU A 14 22.85 39.60 2.46
N LEU A 15 22.60 39.52 3.76
CA LEU A 15 21.66 40.47 4.35
C LEU A 15 22.28 41.85 4.52
N GLU A 16 23.59 41.93 4.76
CA GLU A 16 24.20 43.26 4.79
C GLU A 16 24.18 43.88 3.40
N GLU A 17 24.34 43.05 2.37
CA GLU A 17 24.16 43.55 1.00
C GLU A 17 22.72 43.96 0.74
N ILE A 18 21.77 43.32 1.42
CA ILE A 18 20.37 43.69 1.25
C ILE A 18 20.10 45.06 1.87
N VAL A 19 20.62 45.28 3.08
CA VAL A 19 20.45 46.59 3.70
C VAL A 19 21.17 47.65 2.88
N ASP A 20 22.28 47.28 2.25
CA ASP A 20 22.95 48.23 1.35
C ASP A 20 22.07 48.55 0.14
N PHE A 21 21.46 47.53 -0.46
CA PHE A 21 20.47 47.75 -1.52
C PHE A 21 19.41 48.73 -1.09
N LEU A 22 18.80 48.51 0.08
CA LEU A 22 17.73 49.39 0.51
C LEU A 22 18.26 50.79 0.81
N LYS A 23 19.55 50.91 1.12
CA LYS A 23 20.12 52.22 1.44
C LYS A 23 20.46 53.01 0.18
N ASP A 24 21.38 52.49 -0.64
CA ASP A 24 21.89 53.20 -1.82
C ASP A 24 21.54 52.42 -3.08
N PRO A 25 20.26 52.45 -3.48
CA PRO A 25 19.83 51.56 -4.58
C PRO A 25 20.43 51.92 -5.93
N THR A 26 20.42 53.20 -6.29
CA THR A 26 20.82 53.59 -7.65
C THR A 26 22.30 53.33 -7.90
N LYS A 27 23.08 53.17 -6.84
CA LYS A 27 24.52 52.96 -6.99
C LYS A 27 24.82 51.55 -7.49
N TYR A 28 23.81 50.68 -7.52
CA TYR A 28 24.02 49.28 -7.90
C TYR A 28 23.27 48.92 -9.17
N GLU A 29 22.38 49.78 -9.64
CA GLU A 29 21.65 49.54 -10.89
C GLU A 29 22.24 50.27 -12.08
N SER A 30 23.54 50.57 -12.05
CA SER A 30 24.15 51.35 -13.11
C SER A 30 24.32 50.52 -14.39
N LEU A 31 24.77 49.28 -14.25
CA LEU A 31 24.98 48.47 -15.44
C LEU A 31 23.66 48.06 -16.07
N GLY A 32 22.56 48.23 -15.36
CA GLY A 32 21.25 47.99 -15.94
C GLY A 32 20.44 46.95 -15.19
N GLY A 33 21.05 46.31 -14.21
CA GLY A 33 20.36 45.29 -13.44
C GLY A 33 19.44 45.87 -12.39
N LYS A 34 18.51 45.04 -11.95
CA LYS A 34 17.50 45.45 -10.99
C LYS A 34 17.59 44.60 -9.72
N LEU A 35 16.83 45.00 -8.71
CA LEU A 35 17.10 44.40 -7.40
C LEU A 35 15.99 43.43 -7.01
N PRO A 36 16.33 42.42 -6.20
CA PRO A 36 15.33 41.45 -5.78
C PRO A 36 14.38 42.04 -4.76
N LYS A 37 13.08 41.87 -5.00
CA LYS A 37 12.08 42.42 -4.11
C LYS A 37 11.93 41.63 -2.83
N GLY A 38 12.31 40.35 -2.83
CA GLY A 38 12.12 39.52 -1.66
C GLY A 38 13.19 38.48 -1.43
N VAL A 39 13.47 38.17 -0.17
CA VAL A 39 14.47 37.18 0.18
C VAL A 39 13.80 36.09 1.02
N LEU A 40 14.30 34.87 0.87
CA LEU A 40 13.72 33.70 1.51
C LEU A 40 14.82 32.93 2.24
N LEU A 41 14.77 32.91 3.57
CA LEU A 41 15.77 32.23 4.37
C LEU A 41 15.33 30.80 4.63
N THR A 42 16.20 29.85 4.35
CA THR A 42 15.92 28.43 4.58
C THR A 42 16.87 27.92 5.66
N GLY A 43 16.86 26.62 5.87
CA GLY A 43 17.81 26.00 6.76
C GLY A 43 17.17 25.27 7.93
N PRO A 44 17.87 24.26 8.44
CA PRO A 44 17.30 23.36 9.44
C PRO A 44 16.92 24.09 10.71
N PRO A 45 16.31 23.40 11.68
CA PRO A 45 15.84 24.07 12.89
C PRO A 45 16.99 24.61 13.72
N GLY A 46 16.81 25.82 14.22
CA GLY A 46 17.78 26.40 15.13
C GLY A 46 19.15 26.62 14.55
N THR A 47 19.28 27.39 13.47
CA THR A 47 20.57 27.69 12.90
C THR A 47 20.78 29.17 12.63
N GLY A 48 19.78 30.00 12.85
CA GLY A 48 19.99 31.44 12.80
C GLY A 48 19.03 32.23 11.95
N LYS A 49 17.91 31.64 11.56
CA LYS A 49 16.97 32.36 10.72
C LYS A 49 16.35 33.54 11.46
N THR A 50 15.62 33.28 12.55
CA THR A 50 15.06 34.40 13.29
C THR A 50 16.13 35.29 13.87
N LEU A 51 17.29 34.72 14.19
CA LEU A 51 18.38 35.53 14.69
C LEU A 51 18.88 36.51 13.63
N LEU A 52 19.07 36.05 12.40
CA LEU A 52 19.39 36.97 11.32
C LEU A 52 18.26 37.96 11.09
N ALA A 53 17.03 37.56 11.35
CA ALA A 53 15.91 38.46 11.22
C ALA A 53 16.06 39.66 12.14
N ARG A 54 16.13 39.43 13.45
CA ARG A 54 16.18 40.59 14.34
C ARG A 54 17.57 41.22 14.34
N ALA A 55 18.59 40.51 13.86
CA ALA A 55 19.87 41.15 13.59
C ALA A 55 19.73 42.17 12.46
N THR A 56 18.91 41.85 11.46
CA THR A 56 18.55 42.85 10.46
C THR A 56 17.68 43.96 11.05
N ALA A 57 16.87 43.63 12.04
CA ALA A 57 16.03 44.65 12.64
C ALA A 57 16.86 45.70 13.36
N GLY A 58 17.85 45.26 14.12
CA GLY A 58 18.60 46.20 14.93
C GLY A 58 19.62 46.99 14.14
N GLU A 59 20.25 46.34 13.16
CA GLU A 59 21.39 46.90 12.43
C GLU A 59 20.96 47.45 11.08
N ALA A 60 19.79 48.07 11.04
CA ALA A 60 19.31 48.79 9.87
C ALA A 60 18.66 50.08 10.31
N GLY A 61 18.65 51.05 9.42
CA GLY A 61 18.05 52.33 9.73
C GLY A 61 16.72 52.50 9.04
N VAL A 62 15.92 51.44 9.04
CA VAL A 62 14.63 51.45 8.36
C VAL A 62 13.57 50.99 9.35
N ASP A 63 12.30 51.15 8.97
CA ASP A 63 11.23 50.59 9.78
C ASP A 63 11.12 49.10 9.54
N PHE A 64 10.92 48.35 10.62
CA PHE A 64 10.86 46.90 10.55
C PHE A 64 9.50 46.43 11.02
N PHE A 65 8.80 45.71 10.14
CA PHE A 65 7.44 45.26 10.37
C PHE A 65 7.41 43.74 10.28
N PHE A 66 7.08 43.08 11.38
CA PHE A 66 7.11 41.63 11.42
C PHE A 66 5.76 41.08 11.82
N MET A 67 5.44 39.89 11.32
CA MET A 67 4.22 39.16 11.64
C MET A 67 4.42 37.72 11.22
N SER A 68 4.10 36.78 12.10
CA SER A 68 4.34 35.38 11.87
C SER A 68 3.25 34.80 10.98
N GLY A 69 3.51 33.61 10.44
CA GLY A 69 2.64 33.05 9.43
C GLY A 69 1.34 32.50 9.93
N SER A 70 1.13 32.43 11.24
CA SER A 70 -0.09 31.89 11.80
C SER A 70 -0.93 32.93 12.51
N GLU A 71 -0.55 34.21 12.43
CA GLU A 71 -1.28 35.27 13.09
C GLU A 71 -2.52 35.69 12.32
N PHE A 72 -2.76 35.12 11.14
CA PHE A 72 -3.70 35.69 10.18
C PHE A 72 -5.09 35.07 10.22
N ASP A 73 -5.21 33.77 10.02
CA ASP A 73 -6.52 33.16 9.87
C ASP A 73 -7.22 33.08 11.22
N GLU A 74 -8.51 33.39 11.23
CA GLU A 74 -9.31 33.24 12.45
C GLU A 74 -10.73 32.81 12.11
N VAL A 75 -11.62 32.86 13.10
CA VAL A 75 -12.90 32.17 13.00
C VAL A 75 -13.78 32.67 11.88
N TYR A 76 -13.52 33.86 11.36
CA TYR A 76 -14.33 34.42 10.28
C TYR A 76 -13.59 34.29 8.96
N VAL A 77 -14.23 34.75 7.90
CA VAL A 77 -13.73 34.56 6.55
C VAL A 77 -13.14 35.87 6.05
N GLY A 78 -12.10 35.78 5.23
CA GLY A 78 -11.47 36.95 4.68
C GLY A 78 -10.67 37.77 5.67
N VAL A 79 -10.46 37.27 6.89
CA VAL A 79 -9.75 38.05 7.90
C VAL A 79 -8.27 38.07 7.60
N GLY A 80 -7.69 36.92 7.24
CA GLY A 80 -6.25 36.87 6.99
C GLY A 80 -5.82 37.75 5.84
N ALA A 81 -6.54 37.67 4.71
CA ALA A 81 -6.18 38.49 3.56
C ALA A 81 -6.26 39.97 3.88
N LYS A 82 -7.29 40.39 4.63
CA LYS A 82 -7.37 41.81 4.94
C LYS A 82 -6.26 42.22 5.90
N ARG A 83 -5.86 41.32 6.80
CA ARG A 83 -4.72 41.65 7.65
C ARG A 83 -3.43 41.74 6.85
N ILE A 84 -3.31 41.02 5.74
CA ILE A 84 -2.16 41.23 4.86
C ILE A 84 -2.26 42.59 4.19
N ARG A 85 -3.44 42.94 3.66
CA ARG A 85 -3.63 44.26 3.06
C ARG A 85 -3.26 45.36 4.04
N ASP A 86 -3.58 45.17 5.31
CA ASP A 86 -3.32 46.21 6.29
C ASP A 86 -1.87 46.19 6.76
N LEU A 87 -1.21 45.03 6.66
CA LEU A 87 0.23 44.98 6.89
C LEU A 87 0.96 45.82 5.84
N PHE A 88 0.74 45.51 4.57
CA PHE A 88 1.37 46.29 3.51
C PHE A 88 0.89 47.74 3.52
N ALA A 89 -0.33 47.98 4.02
CA ALA A 89 -0.78 49.35 4.18
C ALA A 89 0.05 50.07 5.21
N GLN A 90 0.38 49.40 6.32
CA GLN A 90 1.31 50.01 7.28
C GLN A 90 2.68 50.18 6.68
N ALA A 91 3.04 49.35 5.69
CA ALA A 91 4.37 49.43 5.12
C ALA A 91 4.52 50.60 4.18
N ARG A 92 3.62 50.73 3.20
CA ARG A 92 3.85 51.67 2.10
C ARG A 92 3.80 53.11 2.57
N SER A 93 3.26 53.37 3.76
CA SER A 93 3.35 54.71 4.31
C SER A 93 4.80 55.11 4.52
N ARG A 94 5.59 54.21 5.06
CA ARG A 94 7.02 54.45 5.28
C ARG A 94 7.80 53.89 4.11
N ALA A 95 8.40 54.79 3.32
CA ALA A 95 8.93 54.38 2.02
C ALA A 95 10.04 53.34 2.12
N PRO A 96 11.10 53.54 2.90
CA PRO A 96 12.02 52.42 3.16
C PRO A 96 11.56 51.64 4.38
N ALA A 97 11.35 50.34 4.22
CA ALA A 97 10.88 49.52 5.33
C ALA A 97 10.92 48.06 4.91
N ILE A 98 11.01 47.18 5.89
CA ILE A 98 11.16 45.75 5.63
C ILE A 98 10.01 45.01 6.30
N ILE A 99 9.51 43.97 5.63
CA ILE A 99 8.46 43.12 6.15
C ILE A 99 9.09 41.75 6.44
N PHE A 100 8.61 41.09 7.49
CA PHE A 100 9.17 39.81 7.91
C PHE A 100 8.05 38.86 8.27
N ILE A 101 7.97 37.76 7.54
CA ILE A 101 7.03 36.67 7.82
C ILE A 101 7.83 35.54 8.46
N ASP A 102 7.39 35.09 9.63
CA ASP A 102 8.23 34.21 10.43
C ASP A 102 8.04 32.75 10.05
N GLN A 103 6.84 32.23 10.21
CA GLN A 103 6.54 30.83 9.90
C GLN A 103 5.85 30.81 8.54
N LEU A 104 6.63 30.71 7.47
CA LEU A 104 6.06 30.91 6.14
C LEU A 104 5.33 29.67 5.65
N ASP A 105 5.56 28.52 6.27
CA ASP A 105 4.80 27.34 5.88
C ASP A 105 3.32 27.50 6.18
N ALA A 106 3.00 28.32 7.18
CA ALA A 106 1.61 28.51 7.54
C ALA A 106 0.83 29.16 6.42
N ILE A 107 1.34 30.28 5.89
CA ILE A 107 0.59 30.99 4.85
C ILE A 107 0.53 30.18 3.58
N GLY A 108 1.65 29.96 2.92
CA GLY A 108 1.60 29.30 1.63
C GLY A 108 2.43 28.04 1.52
N GLY A 109 1.77 26.91 1.45
CA GLY A 109 2.41 25.67 1.07
C GLY A 109 2.10 25.36 -0.37
N LYS A 110 2.28 24.10 -0.74
CA LYS A 110 1.86 23.68 -2.08
C LYS A 110 0.36 23.84 -2.22
N ARG A 111 -0.09 24.15 -3.44
CA ARG A 111 -1.52 24.26 -3.64
C ARG A 111 -2.13 22.88 -3.61
N ASN A 112 -2.40 22.40 -2.41
CA ASN A 112 -2.96 21.09 -2.21
C ASN A 112 -4.40 21.07 -2.72
N PRO A 113 -4.80 20.04 -3.46
CA PRO A 113 -6.22 19.73 -3.56
C PRO A 113 -6.67 19.10 -2.25
N LYS A 114 -7.91 18.62 -2.23
CA LYS A 114 -8.41 17.82 -1.13
C LYS A 114 -8.66 18.67 0.11
N ASP A 115 -8.94 19.95 -0.11
CA ASP A 115 -9.13 20.90 0.98
C ASP A 115 -9.85 22.15 0.49
N GLN A 116 -10.34 22.94 1.44
CA GLN A 116 -11.22 24.07 1.14
C GLN A 116 -10.54 25.07 0.21
N ALA A 117 -11.36 25.74 -0.60
CA ALA A 117 -10.85 26.81 -1.44
C ALA A 117 -10.43 28.02 -0.61
N TYR A 118 -11.10 28.26 0.51
CA TYR A 118 -10.77 29.41 1.35
C TYR A 118 -9.39 29.27 1.97
N ALA A 119 -8.78 28.09 1.85
CA ALA A 119 -7.40 27.90 2.27
C ALA A 119 -6.41 28.70 1.42
N LYS A 120 -6.85 29.31 0.32
CA LYS A 120 -5.94 30.12 -0.47
C LYS A 120 -6.51 31.49 -0.80
N GLN A 121 -7.43 32.00 0.01
CA GLN A 121 -7.88 33.36 -0.22
C GLN A 121 -7.05 34.36 0.59
N THR A 122 -6.08 33.86 1.37
CA THR A 122 -5.08 34.71 1.99
C THR A 122 -3.76 34.66 1.23
N LEU A 123 -3.40 33.49 0.71
CA LEU A 123 -2.18 33.35 -0.07
C LEU A 123 -2.19 34.21 -1.31
N ASN A 124 -3.21 34.04 -2.17
CA ASN A 124 -3.22 34.75 -3.44
C ASN A 124 -3.36 36.26 -3.23
N GLN A 125 -3.95 36.67 -2.11
CA GLN A 125 -3.85 38.08 -1.74
C GLN A 125 -2.40 38.48 -1.56
N LEU A 126 -1.60 37.60 -0.94
CA LEU A 126 -0.18 37.88 -0.80
C LEU A 126 0.49 38.01 -2.16
N LEU A 127 0.26 37.03 -3.05
CA LEU A 127 0.93 37.07 -4.34
C LEU A 127 0.52 38.28 -5.16
N VAL A 128 -0.75 38.65 -5.08
CA VAL A 128 -1.21 39.91 -5.66
C VAL A 128 -0.38 41.07 -5.11
N GLU A 129 -0.26 41.15 -3.79
CA GLU A 129 0.43 42.29 -3.21
C GLU A 129 1.91 42.31 -3.55
N LEU A 130 2.51 41.15 -3.75
CA LEU A 130 3.89 41.10 -4.25
C LEU A 130 3.99 41.58 -5.69
N ASP A 131 3.02 41.25 -6.54
CA ASP A 131 3.01 41.83 -7.88
C ASP A 131 2.64 43.30 -7.87
N GLY A 132 2.20 43.85 -6.75
CA GLY A 132 2.00 45.27 -6.63
C GLY A 132 3.28 46.05 -6.35
N PHE A 133 4.07 45.59 -5.37
CA PHE A 133 5.29 46.29 -4.99
C PHE A 133 6.35 46.32 -6.08
N SER A 134 6.29 45.41 -7.05
CA SER A 134 7.34 45.33 -8.05
C SER A 134 7.23 46.44 -9.09
N GLN A 135 6.44 47.48 -8.84
CA GLN A 135 6.24 48.54 -9.80
C GLN A 135 6.81 49.87 -9.35
N THR A 136 6.50 50.33 -8.14
CA THR A 136 6.70 51.73 -7.80
C THR A 136 7.77 51.96 -6.74
N SER A 137 7.57 51.49 -5.51
CA SER A 137 8.38 51.97 -4.40
C SER A 137 9.69 51.19 -4.25
N GLY A 138 9.59 49.91 -3.95
CA GLY A 138 10.78 49.11 -3.71
C GLY A 138 10.95 48.63 -2.29
N ILE A 139 9.86 48.55 -1.53
CA ILE A 139 9.89 47.95 -0.22
C ILE A 139 10.36 46.50 -0.35
N ILE A 140 11.34 46.13 0.47
CA ILE A 140 11.89 44.78 0.47
C ILE A 140 11.10 43.94 1.46
N ILE A 141 10.99 42.65 1.19
CA ILE A 141 10.28 41.71 2.05
C ILE A 141 11.15 40.48 2.29
N ILE A 142 11.30 40.12 3.56
CA ILE A 142 12.12 39.01 3.99
C ILE A 142 11.18 37.98 4.61
N GLY A 143 11.36 36.72 4.26
CA GLY A 143 10.52 35.64 4.77
C GLY A 143 11.36 34.40 5.04
N ALA A 144 11.27 33.91 6.26
CA ALA A 144 12.03 32.75 6.71
C ALA A 144 11.10 31.53 6.75
N THR A 145 11.64 30.40 6.33
CA THR A 145 10.86 29.18 6.34
C THR A 145 11.79 28.02 6.69
N ASN A 146 11.17 26.92 7.07
CA ASN A 146 11.90 25.72 7.47
C ASN A 146 11.76 24.61 6.44
N PHE A 147 10.67 24.58 5.69
CA PHE A 147 10.46 23.63 4.60
C PHE A 147 10.40 24.40 3.29
N PRO A 148 11.54 24.82 2.75
CA PRO A 148 11.52 25.47 1.43
C PRO A 148 11.11 24.54 0.31
N GLU A 149 11.12 23.22 0.54
CA GLU A 149 10.60 22.29 -0.45
C GLU A 149 9.08 22.35 -0.56
N ALA A 150 8.36 22.31 0.57
CA ALA A 150 6.92 22.20 0.59
C ALA A 150 6.23 23.56 0.54
N LEU A 151 6.89 24.57 -0.02
CA LEU A 151 6.22 25.83 -0.30
C LEU A 151 5.40 25.71 -1.57
N ASP A 152 4.96 26.84 -2.09
CA ASP A 152 4.32 26.89 -3.39
C ASP A 152 5.28 27.48 -4.42
N LYS A 153 5.21 26.95 -5.65
CA LYS A 153 6.08 27.42 -6.72
C LYS A 153 5.85 28.87 -7.11
N ALA A 154 4.64 29.40 -6.89
CA ALA A 154 4.37 30.80 -7.18
C ALA A 154 5.25 31.75 -6.37
N LEU A 155 5.81 31.27 -5.25
CA LEU A 155 6.70 32.06 -4.43
C LEU A 155 8.16 31.91 -4.84
N THR A 156 8.45 31.17 -5.90
CA THR A 156 9.82 31.00 -6.39
C THR A 156 10.01 31.60 -7.77
N ARG A 157 9.38 32.74 -8.02
CA ARG A 157 9.46 33.45 -9.29
C ARG A 157 9.96 34.87 -9.08
N PRO A 158 10.69 35.42 -10.06
CA PRO A 158 11.11 36.82 -9.95
C PRO A 158 9.93 37.75 -9.84
N GLY A 159 10.13 38.85 -9.10
CA GLY A 159 9.02 39.62 -8.60
C GLY A 159 8.35 39.02 -7.38
N ARG A 160 8.81 37.84 -6.96
CA ARG A 160 8.31 37.12 -5.80
C ARG A 160 9.53 36.80 -4.95
N PHE A 161 9.40 35.86 -4.02
CA PHE A 161 10.53 35.44 -3.21
C PHE A 161 11.51 34.70 -4.12
N ASP A 162 12.38 35.47 -4.76
CA ASP A 162 13.24 34.98 -5.83
C ASP A 162 14.57 34.43 -5.32
N LYS A 163 15.26 35.15 -4.43
CA LYS A 163 16.58 34.75 -3.98
C LYS A 163 16.49 34.07 -2.63
N VAL A 164 17.12 32.90 -2.51
CA VAL A 164 17.14 32.12 -1.29
C VAL A 164 18.45 32.38 -0.58
N VAL A 165 18.46 32.12 0.72
CA VAL A 165 19.65 32.25 1.55
C VAL A 165 19.76 31.00 2.41
N ASN A 166 20.69 30.13 2.06
CA ASN A 166 20.75 28.78 2.61
C ASN A 166 21.59 28.77 3.88
N VAL A 167 20.95 29.05 5.00
CA VAL A 167 21.60 28.96 6.31
C VAL A 167 21.79 27.48 6.65
N ASP A 168 23.03 27.02 6.67
CA ASP A 168 23.34 25.62 6.89
C ASP A 168 24.04 25.45 8.24
N LEU A 169 24.15 24.20 8.68
CA LEU A 169 24.74 23.92 9.97
C LEU A 169 26.23 24.29 9.98
N PRO A 170 26.70 24.93 11.03
CA PRO A 170 28.11 25.36 11.06
C PRO A 170 29.06 24.18 11.16
N ASP A 171 30.24 24.37 10.59
CA ASP A 171 31.32 23.42 10.67
C ASP A 171 32.22 23.76 11.86
N VAL A 172 33.36 23.07 11.97
CA VAL A 172 34.14 23.09 13.20
C VAL A 172 34.61 24.50 13.54
N ARG A 173 34.97 25.28 12.53
CA ARG A 173 35.32 26.67 12.79
C ARG A 173 34.08 27.47 13.17
N GLY A 174 32.94 27.11 12.58
CA GLY A 174 31.70 27.73 13.01
C GLY A 174 31.34 27.38 14.43
N ARG A 175 31.51 26.09 14.81
CA ARG A 175 31.18 25.70 16.17
C ARG A 175 32.08 26.39 17.17
N ALA A 176 33.39 26.41 16.91
CA ALA A 176 34.30 27.13 17.80
C ALA A 176 33.96 28.61 17.90
N ASP A 177 33.59 29.21 16.77
CA ASP A 177 33.23 30.63 16.78
C ASP A 177 31.99 30.88 17.63
N ILE A 178 30.94 30.08 17.43
CA ILE A 178 29.71 30.28 18.17
C ILE A 178 29.94 30.06 19.66
N LEU A 179 30.68 29.02 20.01
CA LEU A 179 31.07 28.80 21.40
C LEU A 179 31.79 30.01 21.97
N LYS A 180 32.66 30.66 21.18
CA LYS A 180 33.33 31.83 21.71
C LYS A 180 32.34 32.94 22.00
N HIS A 181 31.47 33.23 21.03
CA HIS A 181 30.52 34.31 21.21
C HIS A 181 29.60 34.10 22.41
N HIS A 182 29.20 32.86 22.67
CA HIS A 182 28.37 32.64 23.84
C HIS A 182 29.17 32.60 25.13
N MET A 183 30.41 32.10 25.09
CA MET A 183 31.29 32.17 26.25
C MET A 183 31.62 33.59 26.65
N LYS A 184 31.42 34.57 25.75
CA LYS A 184 31.64 35.96 26.10
C LYS A 184 30.55 36.54 27.01
N LYS A 185 29.63 35.70 27.51
CA LYS A 185 28.60 36.16 28.43
C LYS A 185 28.62 35.43 29.77
N ILE A 186 29.68 34.69 30.08
CA ILE A 186 29.80 33.97 31.34
C ILE A 186 31.22 34.10 31.86
N THR A 187 31.36 34.11 33.18
CA THR A 187 32.67 34.23 33.81
C THR A 187 33.45 32.93 33.68
N LEU A 188 34.28 32.84 32.65
CA LEU A 188 34.92 31.58 32.32
C LEU A 188 36.38 31.60 32.73
N ALA A 189 36.92 30.40 32.95
CA ALA A 189 38.29 30.26 33.44
C ALA A 189 39.29 30.41 32.31
N ASP A 190 40.53 30.01 32.60
CA ASP A 190 41.60 30.15 31.62
C ASP A 190 42.06 28.81 31.08
N ASN A 191 41.54 27.71 31.64
CA ASN A 191 41.87 26.40 31.13
C ASN A 191 41.11 26.10 29.85
N VAL A 192 40.02 26.84 29.62
CA VAL A 192 39.08 26.50 28.56
C VAL A 192 39.73 26.62 27.20
N ASP A 193 39.33 25.74 26.28
CA ASP A 193 39.83 25.72 24.91
C ASP A 193 38.69 25.29 24.00
N PRO A 194 38.02 26.21 23.33
CA PRO A 194 36.77 25.85 22.63
C PRO A 194 36.97 24.88 21.50
N THR A 195 38.15 24.82 20.88
CA THR A 195 38.33 23.89 19.77
C THR A 195 38.27 22.45 20.23
N ILE A 196 38.60 22.17 21.49
CA ILE A 196 38.50 20.80 21.96
C ILE A 196 37.04 20.41 22.13
N ILE A 197 36.16 21.37 22.39
CA ILE A 197 34.74 21.07 22.43
C ILE A 197 34.19 20.95 21.01
N ALA A 198 34.51 21.92 20.15
CA ALA A 198 34.00 21.92 18.79
C ALA A 198 34.43 20.70 18.01
N ARG A 199 35.58 20.11 18.35
CA ARG A 199 36.00 18.86 17.72
C ARG A 199 35.16 17.67 18.14
N GLY A 200 34.45 17.75 19.26
CA GLY A 200 33.70 16.63 19.78
C GLY A 200 32.19 16.78 19.73
N THR A 201 31.66 17.80 19.06
CA THR A 201 30.22 18.00 18.89
C THR A 201 29.90 18.01 17.40
N PRO A 202 30.11 16.90 16.72
CA PRO A 202 29.98 16.89 15.26
C PRO A 202 28.54 16.80 14.77
N GLY A 203 27.89 17.95 14.68
CA GLY A 203 26.57 18.00 14.10
C GLY A 203 25.60 18.88 14.84
N LEU A 204 26.05 19.56 15.87
CA LEU A 204 25.18 20.43 16.64
C LEU A 204 25.06 21.78 15.96
N SER A 205 24.09 22.57 16.41
CA SER A 205 23.84 23.87 15.84
C SER A 205 23.95 24.94 16.92
N GLY A 206 23.70 26.19 16.55
CA GLY A 206 23.93 27.29 17.46
C GLY A 206 23.10 27.21 18.73
N ALA A 207 21.84 26.82 18.60
CA ALA A 207 20.99 26.68 19.77
C ALA A 207 21.52 25.63 20.73
N GLU A 208 22.00 24.51 20.18
CA GLU A 208 22.55 23.46 21.04
C GLU A 208 23.81 23.94 21.75
N LEU A 209 24.63 24.73 21.07
CA LEU A 209 25.86 25.19 21.73
C LEU A 209 25.54 26.19 22.83
N ALA A 210 24.62 27.12 22.55
CA ALA A 210 24.17 28.04 23.59
C ALA A 210 23.62 27.30 24.79
N ASN A 211 22.82 26.28 24.55
CA ASN A 211 22.38 25.37 25.61
C ASN A 211 23.53 24.75 26.37
N LEU A 212 24.54 24.23 25.67
CA LEU A 212 25.68 23.60 26.34
C LEU A 212 26.36 24.56 27.30
N VAL A 213 26.67 25.77 26.82
CA VAL A 213 27.32 26.77 27.66
C VAL A 213 26.45 27.12 28.85
N ASN A 214 25.14 27.24 28.63
CA ASN A 214 24.27 27.64 29.73
C ASN A 214 24.22 26.56 30.81
N GLN A 215 24.01 25.31 30.41
CA GLN A 215 23.92 24.26 31.41
C GLN A 215 25.24 24.06 32.13
N ALA A 216 26.37 24.21 31.45
CA ALA A 216 27.64 24.12 32.15
C ALA A 216 27.84 25.29 33.11
N ALA A 217 27.31 26.46 32.76
CA ALA A 217 27.40 27.58 33.68
C ALA A 217 26.61 27.32 34.95
N VAL A 218 25.39 26.81 34.82
CA VAL A 218 24.59 26.55 36.01
C VAL A 218 25.21 25.43 36.83
N TYR A 219 25.74 24.39 36.18
CA TYR A 219 26.42 23.35 36.93
C TYR A 219 27.62 23.88 37.68
N ALA A 220 28.41 24.75 37.06
CA ALA A 220 29.54 25.33 37.77
C ALA A 220 29.08 26.15 38.96
N CYS A 221 28.10 27.04 38.77
CA CYS A 221 27.64 27.87 39.86
C CYS A 221 26.97 27.06 40.96
N GLN A 222 26.55 25.84 40.66
CA GLN A 222 25.94 25.01 41.70
C GLN A 222 26.97 24.42 42.64
N LYS A 223 28.17 24.14 42.16
CA LYS A 223 29.19 23.49 42.96
C LYS A 223 30.01 24.46 43.78
N ASN A 224 29.61 25.73 43.84
CA ASN A 224 30.36 26.74 44.58
C ASN A 224 31.75 26.95 44.03
N ALA A 225 31.94 26.68 42.74
CA ALA A 225 33.19 27.01 42.10
C ALA A 225 33.21 28.49 41.73
N VAL A 226 34.41 29.02 41.47
CA VAL A 226 34.57 30.44 41.21
C VAL A 226 34.61 30.78 39.73
N SER A 227 34.70 29.78 38.86
CA SER A 227 34.72 30.02 37.43
C SER A 227 34.45 28.71 36.71
N VAL A 228 34.55 28.75 35.39
CA VAL A 228 34.16 27.63 34.54
C VAL A 228 35.37 27.02 33.84
N ASP A 229 35.79 25.84 34.28
CA ASP A 229 36.91 25.17 33.64
C ASP A 229 36.40 24.11 32.68
N MET A 230 37.31 23.43 31.98
CA MET A 230 36.91 22.46 30.97
C MET A 230 36.20 21.25 31.55
N SER A 231 36.35 20.97 32.84
CA SER A 231 35.60 19.85 33.41
C SER A 231 34.11 20.14 33.39
N HIS A 232 33.72 21.40 33.53
CA HIS A 232 32.29 21.73 33.47
C HIS A 232 31.77 21.57 32.05
N PHE A 233 32.48 22.11 31.07
CA PHE A 233 32.02 22.00 29.69
C PHE A 233 31.99 20.56 29.22
N GLU A 234 32.97 19.76 29.64
CA GLU A 234 32.94 18.35 29.25
C GLU A 234 31.83 17.60 29.97
N TRP A 235 31.55 17.99 31.22
CA TRP A 235 30.36 17.47 31.89
C TRP A 235 29.11 17.74 31.06
N ALA A 236 28.80 19.00 30.83
CA ALA A 236 27.60 19.37 30.11
C ALA A 236 27.54 18.75 28.73
N LYS A 237 28.68 18.61 28.06
CA LYS A 237 28.66 18.00 26.74
C LYS A 237 28.29 16.53 26.83
N ASP A 238 28.92 15.78 27.73
CA ASP A 238 28.59 14.37 27.84
C ASP A 238 27.17 14.17 28.35
N LYS A 239 26.64 15.14 29.10
CA LYS A 239 25.25 15.04 29.53
C LYS A 239 24.28 15.29 28.38
N ILE A 240 24.57 16.31 27.57
CA ILE A 240 23.70 16.62 26.43
C ILE A 240 23.70 15.48 25.45
N LEU A 241 24.85 14.89 25.17
CA LEU A 241 24.91 13.84 24.16
C LEU A 241 24.35 12.53 24.70
N MET A 242 25.01 11.96 25.70
CA MET A 242 24.70 10.60 26.15
C MET A 242 23.52 10.55 27.11
N GLY A 243 23.45 11.45 28.07
CA GLY A 243 22.37 11.48 29.04
C GLY A 243 22.87 11.68 30.44
N ALA A 244 21.93 11.96 31.33
CA ALA A 244 22.27 12.24 32.72
C ALA A 244 22.84 11.00 33.37
N GLU A 245 23.73 11.21 34.33
CA GLU A 245 24.39 10.11 35.01
C GLU A 245 23.46 9.47 36.02
N ARG A 246 23.55 8.16 36.14
CA ARG A 246 22.63 7.37 36.95
C ARG A 246 23.34 7.00 38.25
N LYS A 247 23.22 7.86 39.25
CA LYS A 247 23.97 7.65 40.49
C LYS A 247 23.27 6.65 41.42
N THR A 248 21.95 6.63 41.43
CA THR A 248 21.22 5.69 42.26
C THR A 248 21.49 4.24 41.90
N MET A 249 21.89 3.98 40.66
CA MET A 249 22.15 2.62 40.21
C MET A 249 23.27 2.00 41.05
N VAL A 250 23.04 0.79 41.53
CA VAL A 250 24.03 0.05 42.30
C VAL A 250 24.61 -1.04 41.40
N LEU A 251 25.89 -1.34 41.59
CA LEU A 251 26.60 -2.27 40.74
C LEU A 251 27.26 -3.34 41.60
N THR A 252 27.13 -4.60 41.19
CA THR A 252 27.81 -5.67 41.86
C THR A 252 29.23 -5.81 41.32
N ASP A 253 30.14 -6.25 42.18
CA ASP A 253 31.55 -6.22 41.83
C ASP A 253 31.90 -7.13 40.66
N ALA A 254 31.17 -8.24 40.49
CA ALA A 254 31.44 -9.13 39.36
C ALA A 254 31.17 -8.44 38.04
N ALA A 255 29.95 -7.92 37.86
CA ALA A 255 29.60 -7.25 36.62
C ALA A 255 30.36 -5.95 36.43
N ARG A 256 30.70 -5.25 37.51
CA ARG A 256 31.56 -4.08 37.36
C ARG A 256 32.92 -4.48 36.80
N LYS A 257 33.47 -5.60 37.27
CA LYS A 257 34.69 -6.12 36.67
C LYS A 257 34.51 -6.43 35.20
N ALA A 258 33.44 -7.15 34.84
CA ALA A 258 33.24 -7.53 33.44
C ALA A 258 33.11 -6.30 32.54
N THR A 259 32.32 -5.33 32.96
CA THR A 259 32.22 -4.08 32.21
C THR A 259 33.59 -3.43 32.05
N ALA A 260 34.41 -3.49 33.11
CA ALA A 260 35.77 -2.99 33.02
C ALA A 260 36.53 -3.66 31.88
N PHE A 261 36.46 -5.00 31.79
CA PHE A 261 37.18 -5.68 30.73
C PHE A 261 36.66 -5.29 29.36
N HIS A 262 35.34 -5.13 29.21
CA HIS A 262 34.78 -4.70 27.93
C HIS A 262 35.38 -3.37 27.50
N GLU A 263 35.36 -2.39 28.39
CA GLU A 263 35.92 -1.09 28.03
C GLU A 263 37.41 -1.13 27.79
N ALA A 264 38.16 -1.92 28.55
CA ALA A 264 39.58 -2.08 28.26
C ALA A 264 39.79 -2.60 26.85
N GLY A 265 38.97 -3.55 26.42
CA GLY A 265 39.04 -4.02 25.04
C GLY A 265 38.83 -2.90 24.03
N HIS A 266 37.78 -2.10 24.21
CA HIS A 266 37.56 -1.00 23.27
C HIS A 266 38.74 -0.04 23.25
N ALA A 267 39.19 0.40 24.42
CA ALA A 267 40.23 1.44 24.47
C ALA A 267 41.54 0.96 23.90
N ILE A 268 41.96 -0.26 24.25
CA ILE A 268 43.23 -0.74 23.73
C ILE A 268 43.15 -0.98 22.23
N MET A 269 42.05 -1.57 21.75
CA MET A 269 41.90 -1.71 20.31
C MET A 269 41.95 -0.39 19.58
N ALA A 270 41.39 0.67 20.17
CA ALA A 270 41.45 1.97 19.54
C ALA A 270 42.79 2.66 19.77
N LYS A 271 43.64 2.12 20.62
CA LYS A 271 44.91 2.76 20.90
C LYS A 271 46.04 2.18 20.06
N TYR A 272 45.96 0.89 19.72
CA TYR A 272 47.11 0.27 19.07
C TYR A 272 46.84 -0.07 17.61
N THR A 273 45.76 0.42 17.02
CA THR A 273 45.58 0.27 15.58
C THR A 273 46.00 1.54 14.88
N ASN A 274 46.08 1.46 13.55
CA ASN A 274 46.60 2.58 12.77
C ASN A 274 45.49 3.55 12.39
N GLY A 275 44.39 3.05 11.86
CA GLY A 275 43.41 3.95 11.28
C GLY A 275 42.59 4.69 12.31
N ALA A 276 42.48 4.14 13.51
CA ALA A 276 41.51 4.60 14.48
C ALA A 276 41.75 6.06 14.86
N THR A 277 40.66 6.80 15.04
CA THR A 277 40.77 8.17 15.50
C THR A 277 41.30 8.20 16.92
N PRO A 278 41.93 9.29 17.32
CA PRO A 278 42.72 9.30 18.56
C PRO A 278 41.86 9.04 19.79
N LEU A 279 42.40 8.21 20.68
CA LEU A 279 41.72 7.90 21.93
C LEU A 279 41.65 9.14 22.81
N TYR A 280 40.48 9.35 23.42
CA TYR A 280 40.25 10.55 24.21
C TYR A 280 39.84 10.30 25.64
N LYS A 281 39.03 9.28 25.91
CA LYS A 281 38.61 9.01 27.28
C LYS A 281 37.87 7.69 27.39
N ALA A 282 38.07 6.96 28.49
CA ALA A 282 37.32 5.76 28.80
C ALA A 282 36.63 5.95 30.14
N THR A 283 35.39 5.49 30.23
CA THR A 283 34.59 5.75 31.42
C THR A 283 33.82 4.51 31.83
N ILE A 284 33.71 4.28 33.13
CA ILE A 284 32.78 3.31 33.68
C ILE A 284 31.83 4.03 34.61
N LEU A 285 30.74 4.51 34.07
CA LEU A 285 29.66 5.12 34.83
C LEU A 285 28.36 4.80 34.15
N PRO A 286 27.35 4.49 34.90
CA PRO A 286 26.01 4.43 34.31
C PRO A 286 25.59 5.81 33.87
N ARG A 287 25.57 6.03 32.56
CA ARG A 287 25.23 7.34 32.00
C ARG A 287 24.19 7.10 30.91
N GLY A 288 22.93 7.04 31.31
CA GLY A 288 21.84 6.92 30.33
C GLY A 288 21.45 5.46 30.11
N ARG A 289 21.95 4.88 29.03
CA ARG A 289 21.55 3.54 28.63
C ARG A 289 22.66 2.50 28.69
N ALA A 290 23.91 2.90 28.50
CA ALA A 290 25.01 1.95 28.42
C ALA A 290 25.82 1.99 29.71
N LEU A 291 26.49 0.89 30.01
CA LEU A 291 27.28 0.79 31.23
C LEU A 291 28.67 1.34 30.99
N GLY A 292 28.75 2.65 30.75
CA GLY A 292 30.02 3.30 30.45
C GLY A 292 30.46 3.04 29.03
N ILE A 293 31.05 4.04 28.38
CA ILE A 293 31.40 3.96 26.97
C ILE A 293 32.58 4.86 26.68
N THR A 294 33.28 4.54 25.60
CA THR A 294 34.59 5.12 25.29
C THR A 294 34.44 6.27 24.31
N PHE A 295 35.27 7.30 24.49
CA PHE A 295 35.20 8.53 23.72
C PHE A 295 36.38 8.61 22.78
N GLN A 296 36.19 9.28 21.63
CA GLN A 296 37.23 9.46 20.63
C GLN A 296 36.91 10.70 19.82
N LEU A 297 37.80 11.66 19.83
CA LEU A 297 37.51 12.86 19.07
C LEU A 297 38.34 12.88 17.79
N PRO A 298 37.70 13.06 16.65
CA PRO A 298 38.42 12.98 15.38
C PRO A 298 39.33 14.19 15.19
N GLU A 299 40.52 13.92 14.66
CA GLU A 299 41.48 14.99 14.41
C GLU A 299 40.94 16.03 13.44
N MET A 300 40.76 15.66 12.17
CA MET A 300 39.97 16.46 11.26
C MET A 300 39.75 15.72 9.94
N ASP A 301 38.51 15.67 9.47
CA ASP A 301 38.15 15.05 8.20
C ASP A 301 38.77 15.88 7.07
N LYS A 302 38.30 17.10 6.85
CA LYS A 302 38.71 18.05 5.79
C LYS A 302 38.28 17.53 4.43
N VAL A 303 38.37 16.22 4.15
CA VAL A 303 37.36 15.38 3.51
C VAL A 303 38.01 14.00 3.45
N ASP A 304 37.38 12.99 4.07
CA ASP A 304 37.78 11.60 3.87
C ASP A 304 36.99 10.61 4.71
N ILE A 305 36.93 9.36 4.26
CA ILE A 305 37.05 8.18 5.11
C ILE A 305 37.77 7.13 4.28
N THR A 306 39.06 6.96 4.53
CA THR A 306 39.84 6.05 3.70
C THR A 306 39.46 4.63 4.08
N LYS A 307 39.92 3.68 3.29
CA LYS A 307 39.70 2.28 3.65
C LYS A 307 40.38 1.95 4.96
N ARG A 308 41.52 2.59 5.23
CA ARG A 308 42.26 2.32 6.45
C ARG A 308 41.43 2.69 7.69
N GLU A 309 40.77 3.85 7.69
CA GLU A 309 39.94 4.19 8.83
C GLU A 309 38.74 3.27 8.95
N CYS A 310 38.22 2.77 7.83
CA CYS A 310 37.11 1.83 7.91
C CYS A 310 37.54 0.55 8.61
N GLN A 311 38.62 -0.06 8.14
CA GLN A 311 39.08 -1.29 8.79
C GLN A 311 39.45 -1.05 10.23
N ALA A 312 40.02 0.11 10.55
CA ALA A 312 40.26 0.43 11.95
C ALA A 312 38.98 0.48 12.75
N ARG A 313 37.92 1.03 12.18
CA ARG A 313 36.66 1.12 12.89
C ARG A 313 36.06 -0.25 13.14
N LEU A 314 36.09 -1.12 12.14
CA LEU A 314 35.64 -2.49 12.36
C LEU A 314 36.53 -3.20 13.38
N ASP A 315 37.79 -2.81 13.49
CA ASP A 315 38.66 -3.44 14.48
C ASP A 315 38.40 -2.90 15.87
N VAL A 316 37.84 -1.70 15.99
CA VAL A 316 37.49 -1.19 17.30
C VAL A 316 36.16 -1.77 17.76
N CYS A 317 35.24 -1.99 16.84
CA CYS A 317 33.92 -2.50 17.20
C CYS A 317 33.96 -3.90 17.76
N MET A 318 35.00 -4.68 17.47
CA MET A 318 35.11 -6.04 17.98
C MET A 318 35.86 -6.10 19.30
N GLY A 319 36.33 -4.96 19.82
CA GLY A 319 37.21 -4.98 20.96
C GLY A 319 36.57 -5.53 22.21
N GLY A 320 35.41 -5.01 22.60
CA GLY A 320 34.79 -5.47 23.83
C GLY A 320 34.41 -6.93 23.76
N LYS A 321 33.83 -7.34 22.64
CA LYS A 321 33.46 -8.74 22.46
C LYS A 321 34.65 -9.67 22.64
N ILE A 322 35.73 -9.45 21.89
CA ILE A 322 36.89 -10.33 22.03
C ILE A 322 37.56 -10.21 23.39
N ALA A 323 37.48 -9.07 24.06
CA ALA A 323 38.05 -8.97 25.40
C ALA A 323 37.30 -9.88 26.37
N GLU A 324 35.98 -9.73 26.44
CA GLU A 324 35.19 -10.59 27.31
C GLU A 324 35.33 -12.05 26.95
N GLU A 325 35.48 -12.36 25.66
CA GLU A 325 35.67 -13.75 25.27
C GLU A 325 37.02 -14.28 25.75
N LEU A 326 38.08 -13.51 25.57
CA LEU A 326 39.40 -13.99 25.97
C LEU A 326 39.49 -14.16 27.47
N ILE A 327 38.89 -13.25 28.23
CA ILE A 327 39.01 -13.35 29.67
C ILE A 327 38.06 -14.41 30.22
N TYR A 328 36.76 -14.22 30.02
CA TYR A 328 35.75 -15.04 30.66
C TYR A 328 35.44 -16.32 29.90
N GLY A 329 36.32 -16.78 29.04
CA GLY A 329 36.01 -17.92 28.19
C GLY A 329 34.99 -17.51 27.15
N LYS A 330 34.50 -18.49 26.41
CA LYS A 330 33.52 -18.16 25.39
C LYS A 330 32.08 -18.29 25.85
N ASP A 331 31.74 -19.35 26.56
CA ASP A 331 30.35 -19.58 26.93
C ASP A 331 29.86 -18.66 28.05
N ASN A 332 30.67 -17.70 28.48
CA ASN A 332 30.21 -16.62 29.33
C ASN A 332 30.09 -15.32 28.55
N THR A 333 30.06 -15.40 27.22
CA THR A 333 29.76 -14.25 26.39
C THR A 333 28.38 -13.71 26.74
N THR A 334 28.22 -12.40 26.73
CA THR A 334 26.93 -11.83 27.09
C THR A 334 26.22 -11.35 25.83
N SER A 335 25.03 -10.80 26.04
CA SER A 335 24.29 -10.15 24.97
C SER A 335 24.55 -8.65 24.92
N GLY A 336 25.42 -8.14 25.78
CA GLY A 336 25.71 -6.72 25.78
C GLY A 336 26.47 -6.27 24.56
N CYS A 337 27.04 -7.20 23.80
CA CYS A 337 27.78 -6.88 22.59
C CYS A 337 26.90 -6.82 21.36
N GLY A 338 25.62 -6.51 21.51
CA GLY A 338 24.75 -6.40 20.34
C GLY A 338 24.96 -5.11 19.58
N SER A 339 24.89 -3.97 20.28
CA SER A 339 24.99 -2.68 19.62
C SER A 339 26.35 -2.46 18.99
N ASP A 340 27.39 -3.16 19.44
CA ASP A 340 28.68 -3.08 18.78
C ASP A 340 28.59 -3.73 17.41
N LEU A 341 28.06 -4.95 17.37
CA LEU A 341 27.95 -5.68 16.10
C LEU A 341 27.02 -4.98 15.14
N GLN A 342 26.00 -4.29 15.65
CA GLN A 342 25.08 -3.57 14.78
C GLN A 342 25.80 -2.51 13.97
N SER A 343 26.47 -1.59 14.65
CA SER A 343 27.23 -0.55 13.98
C SER A 343 28.32 -1.15 13.10
N ALA A 344 28.97 -2.22 13.56
CA ALA A 344 29.99 -2.86 12.74
C ALA A 344 29.42 -3.32 11.40
N THR A 345 28.29 -4.02 11.43
CA THR A 345 27.67 -4.45 10.18
C THR A 345 27.31 -3.26 9.31
N GLY A 346 26.84 -2.17 9.92
CA GLY A 346 26.57 -0.97 9.15
C GLY A 346 27.78 -0.49 8.37
N THR A 347 28.92 -0.36 9.04
CA THR A 347 30.12 0.10 8.35
C THR A 347 30.56 -0.88 7.29
N ALA A 348 30.37 -2.17 7.52
CA ALA A 348 30.86 -3.14 6.54
C ALA A 348 30.04 -3.09 5.26
N ARG A 349 28.71 -3.09 5.36
CA ARG A 349 27.92 -2.95 4.14
C ARG A 349 28.17 -1.60 3.47
N ALA A 350 28.39 -0.55 4.25
CA ALA A 350 28.80 0.72 3.66
C ALA A 350 30.07 0.56 2.85
N MET A 351 31.08 -0.12 3.39
CA MET A 351 32.30 -0.38 2.65
C MET A 351 32.06 -1.11 1.34
N VAL A 352 31.29 -2.19 1.34
CA VAL A 352 31.22 -3.10 0.20
C VAL A 352 30.24 -2.63 -0.86
N THR A 353 29.09 -2.11 -0.46
CA THR A 353 28.05 -1.85 -1.43
C THR A 353 28.02 -0.42 -1.94
N GLN A 354 28.64 0.54 -1.26
CA GLN A 354 28.57 1.93 -1.69
C GLN A 354 29.92 2.49 -2.09
N TYR A 355 30.93 2.38 -1.24
CA TYR A 355 32.19 3.06 -1.53
C TYR A 355 33.06 2.29 -2.50
N GLY A 356 32.59 1.17 -3.02
CA GLY A 356 33.38 0.41 -3.97
C GLY A 356 34.70 -0.07 -3.44
N MET A 357 34.76 -0.46 -2.17
CA MET A 357 36.00 -0.90 -1.57
C MET A 357 36.14 -2.42 -1.54
N SER A 358 35.56 -3.13 -2.49
CA SER A 358 35.66 -4.58 -2.54
C SER A 358 36.05 -5.01 -3.94
N ASP A 359 37.12 -5.81 -4.04
CA ASP A 359 37.60 -6.25 -5.33
C ASP A 359 36.84 -7.44 -5.87
N ASP A 360 36.07 -8.12 -5.03
CA ASP A 360 35.32 -9.30 -5.45
C ASP A 360 33.97 -8.94 -6.03
N VAL A 361 33.33 -7.89 -5.54
CA VAL A 361 32.20 -7.31 -6.26
C VAL A 361 32.68 -6.57 -7.49
N GLY A 362 33.50 -5.55 -7.30
CA GLY A 362 33.93 -4.71 -8.38
C GLY A 362 33.71 -3.26 -8.05
N PRO A 363 33.93 -2.40 -9.02
CA PRO A 363 33.77 -0.95 -8.79
C PRO A 363 32.34 -0.48 -9.05
N VAL A 364 31.39 -1.12 -8.41
CA VAL A 364 29.98 -0.89 -8.70
C VAL A 364 29.27 -0.41 -7.44
N ASN A 365 28.24 0.41 -7.63
CA ASN A 365 27.40 0.90 -6.53
C ASN A 365 26.17 0.02 -6.44
N LEU A 366 26.04 -0.71 -5.34
CA LEU A 366 24.87 -1.55 -5.12
C LEU A 366 23.90 -0.93 -4.14
N SER A 367 24.07 0.34 -3.78
CA SER A 367 23.31 0.91 -2.68
C SER A 367 21.84 1.07 -3.06
N GLU A 368 21.56 1.94 -4.01
CA GLU A 368 20.16 2.26 -4.30
C GLU A 368 19.57 1.22 -5.24
N GLU A 369 18.26 1.03 -5.13
CA GLU A 369 17.57 -0.16 -5.64
C GLU A 369 18.39 -1.42 -5.39
N TRP A 370 18.63 -1.67 -4.10
CA TRP A 370 19.32 -2.88 -3.68
C TRP A 370 18.63 -4.13 -4.18
N GLU A 371 17.30 -4.11 -4.25
CA GLU A 371 16.56 -5.30 -4.61
C GLU A 371 16.44 -5.52 -6.11
N SER A 372 16.70 -4.51 -6.93
CA SER A 372 16.56 -4.70 -8.36
C SER A 372 17.68 -5.53 -8.97
N TRP A 373 18.74 -5.79 -8.22
CA TRP A 373 19.83 -6.61 -8.72
C TRP A 373 19.39 -8.07 -8.69
N SER A 374 20.31 -8.98 -8.97
CA SER A 374 19.97 -10.39 -9.06
C SER A 374 20.12 -11.05 -7.70
N ASN A 375 20.10 -12.37 -7.67
CA ASN A 375 20.42 -13.12 -6.46
C ASN A 375 21.81 -13.73 -6.49
N LYS A 376 22.62 -13.40 -7.50
CA LYS A 376 23.95 -13.99 -7.60
C LYS A 376 25.00 -13.01 -7.10
N ILE A 377 25.01 -11.81 -7.67
CA ILE A 377 25.94 -10.81 -7.17
C ILE A 377 25.59 -10.41 -5.76
N ARG A 378 24.32 -10.57 -5.37
CA ARG A 378 23.96 -10.26 -3.99
C ARG A 378 24.57 -11.27 -3.02
N ASP A 379 24.56 -12.55 -3.38
CA ASP A 379 25.29 -13.53 -2.60
C ASP A 379 26.76 -13.20 -2.52
N ILE A 380 27.36 -12.77 -3.63
CA ILE A 380 28.77 -12.38 -3.59
C ILE A 380 28.99 -11.21 -2.65
N ALA A 381 28.10 -10.23 -2.70
CA ALA A 381 28.27 -9.04 -1.87
C ALA A 381 28.18 -9.38 -0.39
N ASP A 382 27.07 -9.99 0.03
CA ASP A 382 26.90 -10.30 1.44
C ASP A 382 27.95 -11.28 1.95
N ASN A 383 28.39 -12.19 1.09
CA ASN A 383 29.55 -13.00 1.45
C ASN A 383 30.76 -12.14 1.77
N GLU A 384 31.05 -11.15 0.92
CA GLU A 384 32.21 -10.31 1.19
C GLU A 384 32.04 -9.54 2.49
N VAL A 385 30.82 -9.12 2.80
CA VAL A 385 30.57 -8.44 4.07
C VAL A 385 30.93 -9.36 5.23
N ILE A 386 30.42 -10.59 5.22
CA ILE A 386 30.70 -11.51 6.31
C ILE A 386 32.19 -11.76 6.44
N GLU A 387 32.91 -11.85 5.32
CA GLU A 387 34.34 -12.07 5.43
C GLU A 387 35.06 -10.85 6.00
N LEU A 388 34.60 -9.64 5.69
CA LEU A 388 35.20 -8.46 6.32
C LEU A 388 35.06 -8.52 7.83
N LEU A 389 33.86 -8.81 8.33
CA LEU A 389 33.69 -8.84 9.77
C LEU A 389 34.49 -9.94 10.44
N LYS A 390 34.50 -11.16 9.86
CA LYS A 390 35.28 -12.24 10.45
C LYS A 390 36.76 -11.89 10.50
N ASP A 391 37.29 -11.33 9.42
CA ASP A 391 38.69 -10.90 9.44
C ASP A 391 38.92 -9.88 10.53
N SER A 392 37.99 -8.94 10.70
CA SER A 392 38.16 -7.93 11.75
C SER A 392 38.24 -8.56 13.13
N GLU A 393 37.33 -9.46 13.48
CA GLU A 393 37.39 -10.03 14.82
C GLU A 393 38.66 -10.86 14.98
N GLU A 394 39.16 -11.42 13.89
CA GLU A 394 40.42 -12.14 14.00
C GLU A 394 41.56 -11.19 14.36
N ARG A 395 41.60 -10.02 13.73
CA ARG A 395 42.67 -9.08 14.06
C ARG A 395 42.55 -8.58 15.50
N ALA A 396 41.34 -8.28 15.95
CA ALA A 396 41.20 -7.87 17.35
C ALA A 396 41.61 -8.99 18.29
N ARG A 397 41.32 -10.24 17.93
CA ARG A 397 41.76 -11.38 18.74
C ARG A 397 43.27 -11.43 18.85
N ARG A 398 43.97 -11.25 17.73
CA ARG A 398 45.42 -11.27 17.78
C ARG A 398 45.97 -10.13 18.61
N LEU A 399 45.41 -8.93 18.45
CA LEU A 399 46.00 -7.78 19.13
C LEU A 399 45.71 -7.79 20.61
N LEU A 400 44.59 -8.38 21.04
CA LEU A 400 44.34 -8.46 22.47
C LEU A 400 45.02 -9.65 23.11
N THR A 401 45.21 -10.74 22.37
CA THR A 401 46.05 -11.81 22.91
C THR A 401 47.52 -11.48 22.85
N LYS A 402 47.89 -10.39 22.17
CA LYS A 402 49.25 -9.88 22.22
C LYS A 402 49.42 -8.80 23.28
N LYS A 403 48.35 -8.11 23.64
CA LYS A 403 48.42 -7.00 24.57
C LYS A 403 47.71 -7.31 25.87
N ASN A 404 47.92 -8.51 26.39
CA ASN A 404 47.17 -8.98 27.55
C ASN A 404 47.43 -8.12 28.77
N VAL A 405 48.70 -7.93 29.13
CA VAL A 405 49.05 -7.34 30.42
C VAL A 405 48.52 -5.91 30.52
N GLU A 406 48.61 -5.16 29.42
CA GLU A 406 48.03 -3.83 29.43
C GLU A 406 46.52 -3.88 29.47
N LEU A 407 45.92 -4.98 29.02
CA LEU A 407 44.48 -5.14 29.15
C LEU A 407 44.08 -5.26 30.60
N HIS A 408 44.75 -6.14 31.35
CA HIS A 408 44.46 -6.22 32.79
C HIS A 408 44.76 -4.90 33.48
N ARG A 409 45.88 -4.26 33.14
CA ARG A 409 46.24 -3.00 33.80
C ARG A 409 45.18 -1.94 33.57
N LEU A 410 44.75 -1.74 32.33
CA LEU A 410 43.73 -0.73 32.08
C LEU A 410 42.40 -1.10 32.70
N ALA A 411 42.11 -2.39 32.79
CA ALA A 411 40.87 -2.81 33.46
C ALA A 411 40.87 -2.40 34.92
N GLN A 412 41.88 -2.84 35.67
CA GLN A 412 41.96 -2.46 37.08
C GLN A 412 42.05 -0.95 37.24
N GLY A 413 42.69 -0.27 36.29
CA GLY A 413 42.68 1.17 36.31
C GLY A 413 41.28 1.75 36.26
N LEU A 414 40.42 1.16 35.43
CA LEU A 414 39.03 1.61 35.42
C LEU A 414 38.28 1.21 36.67
N ILE A 415 38.59 0.08 37.29
CA ILE A 415 37.83 -0.29 38.48
C ILE A 415 38.19 0.62 39.65
N GLU A 416 39.44 1.03 39.75
CA GLU A 416 39.82 1.94 40.83
C GLU A 416 39.44 3.37 40.50
N TYR A 417 39.87 3.87 39.36
CA TYR A 417 39.50 5.19 38.86
C TYR A 417 38.38 4.99 37.85
N GLU A 418 37.23 5.58 38.10
CA GLU A 418 36.09 5.28 37.23
C GLU A 418 36.16 6.02 35.90
N THR A 419 37.23 6.76 35.65
CA THR A 419 37.37 7.54 34.43
C THR A 419 38.84 7.79 34.15
N LEU A 420 39.19 7.86 32.87
CA LEU A 420 40.58 8.04 32.49
C LEU A 420 40.65 8.76 31.16
N ASP A 421 41.38 9.87 31.10
CA ASP A 421 41.61 10.52 29.83
C ASP A 421 42.76 9.82 29.11
N ALA A 422 43.24 10.39 28.02
CA ALA A 422 44.26 9.73 27.20
C ALA A 422 45.56 9.55 27.98
N HIS A 423 46.08 10.62 28.57
CA HIS A 423 47.35 10.55 29.27
C HIS A 423 47.28 9.59 30.44
N GLU A 424 46.29 9.75 31.31
CA GLU A 424 46.10 8.83 32.42
C GLU A 424 45.96 7.39 31.96
N ILE A 425 45.23 7.16 30.85
CA ILE A 425 45.16 5.81 30.30
C ILE A 425 46.56 5.31 29.97
N GLU A 426 47.36 6.15 29.33
CA GLU A 426 48.62 5.65 28.81
C GLU A 426 49.57 5.31 29.94
N GLN A 427 49.67 6.18 30.94
CA GLN A 427 50.60 5.87 32.01
C GLN A 427 50.06 4.80 32.95
N VAL A 428 48.73 4.67 33.04
CA VAL A 428 48.16 3.53 33.76
C VAL A 428 48.50 2.24 33.06
N CYS A 429 48.58 2.27 31.73
CA CYS A 429 48.97 1.07 31.00
C CYS A 429 50.44 0.74 31.21
N LYS A 430 51.30 1.74 31.39
CA LYS A 430 52.71 1.50 31.60
C LYS A 430 53.06 1.28 33.06
N GLY A 431 52.10 0.86 33.88
CA GLY A 431 52.41 0.50 35.25
C GLY A 431 52.87 1.64 36.10
N GLU A 432 52.54 2.87 35.75
CA GLU A 432 52.91 4.03 36.53
C GLU A 432 51.97 4.15 37.72
N LYS A 433 52.03 5.27 38.42
CA LYS A 433 51.10 5.56 39.51
C LYS A 433 50.53 6.95 39.29
N LEU A 434 49.22 7.07 39.42
CA LEU A 434 48.56 8.30 39.00
C LEU A 434 48.31 9.25 40.17
N ALA A 435 48.46 10.54 39.88
CA ALA A 435 48.35 11.59 40.89
C ALA A 435 46.94 12.17 40.92
N LYS A 436 46.01 11.34 41.34
CA LYS A 436 44.62 11.75 41.58
C LYS A 436 44.04 10.79 42.60
N LEU A 437 42.83 11.07 43.03
CA LEU A 437 42.25 10.27 44.09
C LEU A 437 41.52 9.06 43.53
N LYS A 438 41.27 8.09 44.39
CA LYS A 438 40.51 6.91 44.05
C LYS A 438 39.04 7.29 43.89
N THR A 439 38.20 6.29 43.67
CA THR A 439 36.77 6.51 43.42
C THR A 439 36.04 7.06 44.63
N LYS B 1 3.75 15.73 46.73
CA LYS B 1 5.05 16.38 46.77
C LYS B 1 6.17 15.42 46.37
N PHE B 2 7.37 15.98 46.17
CA PHE B 2 8.48 15.21 45.63
C PHE B 2 8.86 14.00 46.46
N ASP B 3 8.49 13.96 47.73
CA ASP B 3 8.69 12.74 48.49
C ASP B 3 7.73 11.65 48.05
N ASP B 4 6.61 12.03 47.46
CA ASP B 4 5.58 11.08 47.03
C ASP B 4 5.89 10.49 45.66
N VAL B 5 7.04 10.79 45.08
CA VAL B 5 7.40 10.19 43.80
C VAL B 5 8.55 9.23 44.05
N CYS B 6 8.22 7.99 44.40
CA CYS B 6 9.22 7.03 44.83
C CYS B 6 9.70 6.21 43.65
N GLY B 7 11.01 6.14 43.49
CA GLY B 7 11.58 5.64 42.27
C GLY B 7 11.85 6.78 41.30
N CYS B 8 12.62 6.47 40.26
CA CYS B 8 13.13 7.43 39.28
C CYS B 8 13.62 8.71 39.94
N ASP B 9 14.62 8.57 40.82
CA ASP B 9 15.20 9.72 41.47
C ASP B 9 15.99 10.59 40.51
N GLU B 10 16.61 9.97 39.50
CA GLU B 10 17.41 10.67 38.52
C GLU B 10 16.63 11.78 37.84
N ALA B 11 15.35 11.56 37.59
CA ALA B 11 14.52 12.55 36.93
C ALA B 11 13.85 13.50 37.91
N ARG B 12 13.65 13.08 39.16
CA ARG B 12 13.14 14.02 40.16
C ARG B 12 14.19 15.07 40.49
N ALA B 13 15.46 14.73 40.29
CA ALA B 13 16.52 15.69 40.57
C ALA B 13 16.39 16.94 39.70
N GLU B 14 16.04 16.79 38.42
CA GLU B 14 15.92 17.96 37.55
C GLU B 14 14.83 18.89 38.03
N LEU B 15 13.66 18.36 38.37
CA LEU B 15 12.55 19.23 38.70
C LEU B 15 12.74 19.84 40.09
N GLU B 16 13.39 19.12 41.00
CA GLU B 16 13.83 19.76 42.24
C GLU B 16 14.81 20.89 41.92
N GLU B 17 15.62 20.69 40.89
CA GLU B 17 16.58 21.70 40.48
C GLU B 17 15.89 22.96 39.99
N ILE B 18 14.81 22.80 39.22
CA ILE B 18 14.09 23.96 38.72
C ILE B 18 13.34 24.66 39.84
N VAL B 19 12.76 23.89 40.76
CA VAL B 19 12.08 24.50 41.89
C VAL B 19 13.05 25.31 42.74
N ASP B 20 14.22 24.74 43.04
CA ASP B 20 15.21 25.47 43.80
C ASP B 20 15.68 26.71 43.04
N PHE B 21 15.86 26.59 41.73
CA PHE B 21 16.27 27.75 40.96
C PHE B 21 15.23 28.85 41.05
N LEU B 22 13.96 28.48 41.20
CA LEU B 22 12.92 29.49 41.33
C LEU B 22 12.87 30.07 42.73
N LYS B 23 13.29 29.31 43.75
CA LYS B 23 13.28 29.86 45.10
C LYS B 23 14.35 30.94 45.28
N ASP B 24 15.62 30.57 45.15
CA ASP B 24 16.74 31.49 45.37
C ASP B 24 17.57 31.62 44.11
N PRO B 25 17.28 32.61 43.27
CA PRO B 25 18.03 32.74 42.02
C PRO B 25 19.44 33.27 42.23
N THR B 26 19.80 33.68 43.45
CA THR B 26 21.13 34.21 43.67
C THR B 26 22.15 33.09 43.77
N LYS B 27 21.70 31.87 44.09
CA LYS B 27 22.63 30.77 44.30
C LYS B 27 23.06 30.15 42.97
N TYR B 28 22.23 30.31 41.94
CA TYR B 28 22.58 29.74 40.64
C TYR B 28 22.89 30.82 39.63
N GLU B 29 22.15 31.93 39.68
CA GLU B 29 22.19 32.91 38.61
C GLU B 29 23.53 33.63 38.56
N SER B 30 24.24 33.68 39.67
CA SER B 30 25.59 34.22 39.66
C SER B 30 26.45 33.41 38.69
N LEU B 31 27.49 34.05 38.18
CA LEU B 31 28.37 33.45 37.18
C LEU B 31 27.63 33.32 35.86
N GLY B 32 26.48 33.98 35.74
CA GLY B 32 25.80 34.11 34.45
C GLY B 32 25.12 32.87 33.93
N GLY B 33 24.25 32.27 34.72
CA GLY B 33 23.45 31.14 34.29
C GLY B 33 21.97 31.51 34.35
N LYS B 34 21.17 30.83 33.55
CA LYS B 34 19.75 31.12 33.45
C LYS B 34 18.95 29.84 33.47
N LEU B 35 17.74 29.90 34.01
CA LEU B 35 16.88 28.74 34.05
C LEU B 35 16.51 28.31 32.64
N PRO B 36 16.07 27.06 32.48
CA PRO B 36 15.77 26.57 31.14
C PRO B 36 14.53 27.23 30.58
N LYS B 37 14.21 26.87 29.34
CA LYS B 37 13.00 27.34 28.68
C LYS B 37 11.99 26.23 28.48
N GLY B 38 12.01 25.23 29.33
CA GLY B 38 11.05 24.15 29.25
C GLY B 38 11.70 22.82 29.52
N VAL B 39 10.86 21.83 29.83
CA VAL B 39 11.27 20.48 30.15
C VAL B 39 10.36 19.53 29.39
N LEU B 40 10.90 18.42 28.93
CA LEU B 40 10.13 17.44 28.18
C LEU B 40 10.24 16.08 28.87
N LEU B 41 9.13 15.63 29.45
CA LEU B 41 9.07 14.38 30.19
C LEU B 41 8.62 13.28 29.24
N THR B 42 9.54 12.43 28.84
CA THR B 42 9.24 11.30 27.97
C THR B 42 9.27 10.00 28.78
N GLY B 43 8.69 8.95 28.21
CA GLY B 43 8.72 7.65 28.84
C GLY B 43 7.51 6.81 28.53
N PRO B 44 7.54 5.54 28.91
CA PRO B 44 6.44 4.62 28.61
C PRO B 44 5.17 4.99 29.36
N PRO B 45 4.11 4.21 29.22
CA PRO B 45 2.85 4.55 29.87
C PRO B 45 2.82 4.10 31.33
N GLY B 46 2.49 5.03 32.21
CA GLY B 46 2.28 4.73 33.61
C GLY B 46 3.50 4.88 34.49
N THR B 47 4.57 5.48 34.01
CA THR B 47 5.83 5.50 34.75
C THR B 47 5.92 6.63 35.77
N GLY B 48 5.04 7.63 35.69
CA GLY B 48 5.03 8.65 36.72
C GLY B 48 5.28 10.07 36.26
N LYS B 49 4.86 10.43 35.06
CA LYS B 49 5.13 11.77 34.55
C LYS B 49 4.19 12.82 35.12
N THR B 50 2.88 12.64 34.92
CA THR B 50 1.92 13.58 35.50
C THR B 50 1.95 13.57 37.01
N LEU B 51 2.52 12.53 37.62
CA LEU B 51 2.80 12.58 39.04
C LEU B 51 3.87 13.63 39.33
N LEU B 52 4.84 13.78 38.43
CA LEU B 52 5.85 14.82 38.60
C LEU B 52 5.29 16.20 38.30
N ALA B 53 4.38 16.30 37.33
CA ALA B 53 3.71 17.57 37.13
C ALA B 53 2.89 17.95 38.35
N ARG B 54 2.10 17.01 38.87
CA ARG B 54 1.33 17.25 40.09
C ARG B 54 2.24 17.56 41.27
N ALA B 55 3.46 17.03 41.26
CA ALA B 55 4.39 17.28 42.37
C ALA B 55 4.97 18.69 42.30
N THR B 56 5.51 19.07 41.14
CA THR B 56 6.05 20.41 41.00
C THR B 56 4.98 21.46 41.15
N ALA B 57 3.72 21.14 40.85
CA ALA B 57 2.66 22.09 41.16
C ALA B 57 2.55 22.37 42.64
N GLY B 58 2.98 21.45 43.49
CA GLY B 58 2.91 21.65 44.92
C GLY B 58 4.17 22.26 45.47
N GLU B 59 5.32 21.88 44.94
CA GLU B 59 6.57 22.42 45.44
C GLU B 59 6.84 23.82 44.94
N ALA B 60 6.29 24.19 43.77
CA ALA B 60 6.75 25.38 43.08
C ALA B 60 6.36 26.65 43.82
N GLY B 61 5.11 26.75 44.27
CA GLY B 61 4.67 27.98 44.88
C GLY B 61 4.63 29.16 43.93
N VAL B 62 4.30 28.92 42.66
CA VAL B 62 4.19 29.95 41.65
C VAL B 62 2.99 29.64 40.78
N ASP B 63 2.60 30.61 39.94
CA ASP B 63 1.42 30.43 39.13
C ASP B 63 1.61 29.32 38.12
N PHE B 64 0.88 28.23 38.30
CA PHE B 64 1.02 27.02 37.50
C PHE B 64 -0.20 26.89 36.61
N PHE B 65 0.00 26.89 35.30
CA PHE B 65 -1.07 26.78 34.33
C PHE B 65 -0.99 25.43 33.65
N PHE B 66 -2.06 24.64 33.73
CA PHE B 66 -2.06 23.33 33.13
C PHE B 66 -3.17 23.22 32.10
N MET B 67 -2.86 22.60 30.97
CA MET B 67 -3.85 22.29 29.97
C MET B 67 -3.32 21.10 29.17
N SER B 68 -4.20 20.44 28.45
CA SER B 68 -3.82 19.26 27.70
C SER B 68 -3.67 19.61 26.22
N GLY B 69 -3.25 18.63 25.43
CA GLY B 69 -3.03 18.87 24.02
C GLY B 69 -4.28 18.73 23.16
N SER B 70 -5.30 18.06 23.66
CA SER B 70 -6.52 17.88 22.92
C SER B 70 -7.62 18.84 23.33
N GLU B 71 -7.28 20.00 23.88
CA GLU B 71 -8.26 21.00 24.27
C GLU B 71 -8.14 22.27 23.46
N PHE B 72 -7.25 22.29 22.46
CA PHE B 72 -7.02 23.47 21.66
C PHE B 72 -7.93 23.49 20.43
N ASP B 73 -7.78 22.51 19.56
CA ASP B 73 -8.51 22.50 18.30
C ASP B 73 -10.00 22.37 18.55
N GLU B 74 -10.80 22.99 17.71
CA GLU B 74 -12.24 22.82 17.82
C GLU B 74 -12.86 23.25 16.50
N VAL B 75 -14.18 23.47 16.49
CA VAL B 75 -14.97 23.46 15.26
C VAL B 75 -14.44 24.43 14.23
N TYR B 76 -14.01 25.60 14.67
CA TYR B 76 -13.71 26.70 13.76
C TYR B 76 -12.22 26.75 13.47
N VAL B 77 -11.86 27.56 12.49
CA VAL B 77 -10.49 27.62 11.99
C VAL B 77 -9.68 28.57 12.85
N GLY B 78 -8.45 28.20 13.14
CA GLY B 78 -7.59 29.05 13.95
C GLY B 78 -8.12 29.34 15.33
N VAL B 79 -8.69 28.35 16.00
CA VAL B 79 -9.12 28.54 17.37
C VAL B 79 -8.09 28.01 18.35
N GLY B 80 -7.44 26.89 18.05
CA GLY B 80 -6.33 26.46 18.88
C GLY B 80 -5.21 27.48 18.91
N ALA B 81 -4.99 28.17 17.78
CA ALA B 81 -4.00 29.23 17.75
C ALA B 81 -4.31 30.32 18.78
N LYS B 82 -5.50 30.92 18.69
CA LYS B 82 -5.78 32.05 19.57
C LYS B 82 -5.96 31.60 21.01
N ARG B 83 -6.31 30.33 21.22
CA ARG B 83 -6.28 29.82 22.59
C ARG B 83 -4.87 29.70 23.12
N ILE B 84 -3.89 29.42 22.24
CA ILE B 84 -2.50 29.46 22.70
C ILE B 84 -2.06 30.90 22.97
N ARG B 85 -2.37 31.82 22.06
CA ARG B 85 -2.02 33.22 22.28
C ARG B 85 -2.64 33.76 23.57
N ASP B 86 -3.85 33.32 23.89
CA ASP B 86 -4.43 33.72 25.17
C ASP B 86 -3.74 33.05 26.35
N LEU B 87 -3.40 31.77 26.23
CA LEU B 87 -2.73 31.07 27.32
C LEU B 87 -1.43 31.78 27.69
N PHE B 88 -0.52 31.91 26.73
CA PHE B 88 0.73 32.59 26.97
C PHE B 88 0.54 34.06 27.30
N ALA B 89 -0.53 34.69 26.81
CA ALA B 89 -0.80 36.07 27.21
C ALA B 89 -1.06 36.16 28.71
N GLN B 90 -1.91 35.28 29.25
CA GLN B 90 -2.16 35.30 30.67
C GLN B 90 -0.91 34.90 31.46
N ALA B 91 -0.17 33.91 30.95
CA ALA B 91 1.02 33.47 31.67
C ALA B 91 2.06 34.57 31.76
N ARG B 92 2.36 35.25 30.66
CA ARG B 92 3.27 36.39 30.73
C ARG B 92 2.74 37.47 31.63
N SER B 93 1.48 37.88 31.42
CA SER B 93 0.95 39.03 32.13
C SER B 93 0.94 38.81 33.63
N ARG B 94 0.68 37.59 34.09
CA ARG B 94 0.59 37.38 35.53
C ARG B 94 1.96 37.38 36.19
N ALA B 95 2.83 36.46 35.82
CA ALA B 95 4.05 36.34 36.59
C ALA B 95 5.09 35.48 35.89
N PRO B 96 6.28 35.28 36.48
CA PRO B 96 7.13 34.18 36.02
C PRO B 96 6.50 32.85 36.40
N ALA B 97 6.05 32.08 35.41
CA ALA B 97 5.11 31.01 35.68
C ALA B 97 5.52 29.71 35.02
N ILE B 98 4.73 28.67 35.32
CA ILE B 98 4.92 27.38 34.70
C ILE B 98 3.70 27.07 33.84
N ILE B 99 3.90 26.31 32.77
CA ILE B 99 2.82 25.92 31.88
C ILE B 99 3.02 24.48 31.49
N PHE B 100 2.29 23.58 32.12
CA PHE B 100 2.30 22.16 31.80
C PHE B 100 1.19 21.88 30.81
N ILE B 101 1.54 21.42 29.62
CA ILE B 101 0.53 20.92 28.69
C ILE B 101 0.78 19.43 28.51
N ASP B 102 -0.25 18.63 28.74
CA ASP B 102 -0.08 17.19 28.75
C ASP B 102 -0.54 16.60 27.44
N GLN B 103 0.08 15.48 27.06
CA GLN B 103 -0.20 14.83 25.79
C GLN B 103 0.12 15.77 24.63
N LEU B 104 1.40 16.08 24.46
CA LEU B 104 1.82 16.92 23.34
C LEU B 104 1.53 16.31 21.97
N ASP B 105 1.25 15.01 21.91
CA ASP B 105 1.09 14.36 20.61
C ASP B 105 -0.08 14.95 19.83
N ALA B 106 -1.09 15.46 20.53
CA ALA B 106 -2.22 16.06 19.83
C ALA B 106 -1.81 17.37 19.16
N ILE B 107 -0.84 18.07 19.74
CA ILE B 107 -0.43 19.35 19.17
C ILE B 107 0.87 19.18 18.38
N GLY B 108 1.80 18.39 18.89
CA GLY B 108 3.04 18.16 18.19
C GLY B 108 2.83 17.26 17.00
N GLY B 109 3.76 16.37 16.74
CA GLY B 109 3.58 15.47 15.61
C GLY B 109 4.14 16.08 14.35
N LYS B 110 4.77 15.25 13.53
CA LYS B 110 5.57 15.77 12.43
C LYS B 110 4.72 16.45 11.37
N ARG B 111 5.39 17.22 10.53
CA ARG B 111 4.76 17.93 9.42
C ARG B 111 4.95 17.13 8.14
N ASN B 112 3.95 16.35 7.76
CA ASN B 112 4.02 15.70 6.47
C ASN B 112 3.45 16.62 5.39
N PRO B 113 3.96 16.55 4.17
CA PRO B 113 3.40 17.37 3.08
C PRO B 113 2.08 16.84 2.53
N LYS B 114 1.46 15.85 3.18
CA LYS B 114 0.18 15.29 2.75
C LYS B 114 -0.96 15.72 3.66
N ASP B 115 -0.74 16.75 4.46
CA ASP B 115 -1.77 17.24 5.36
C ASP B 115 -2.46 18.45 4.75
N GLN B 116 -3.55 18.87 5.37
CA GLN B 116 -4.39 19.93 4.83
C GLN B 116 -3.68 21.26 5.01
N ALA B 117 -4.39 22.34 4.75
CA ALA B 117 -3.80 23.66 4.97
C ALA B 117 -3.76 24.01 6.45
N TYR B 118 -4.90 23.96 7.11
CA TYR B 118 -5.05 24.43 8.48
C TYR B 118 -4.64 23.39 9.50
N ALA B 119 -4.05 22.27 9.05
CA ALA B 119 -3.75 21.18 9.97
C ALA B 119 -2.73 21.59 11.03
N LYS B 120 -1.77 22.44 10.66
CA LYS B 120 -0.68 22.79 11.56
C LYS B 120 -0.62 24.28 11.84
N GLN B 121 -1.76 24.89 12.11
CA GLN B 121 -1.77 26.28 12.54
C GLN B 121 -1.68 26.43 14.04
N THR B 122 -1.89 25.35 14.79
CA THR B 122 -1.65 25.40 16.21
C THR B 122 -0.19 25.13 16.52
N LEU B 123 0.34 24.02 16.00
CA LEU B 123 1.76 23.69 16.13
C LEU B 123 2.66 24.88 15.82
N ASN B 124 2.56 25.40 14.60
CA ASN B 124 3.31 26.61 14.23
C ASN B 124 3.13 27.72 15.23
N GLN B 125 1.88 27.98 15.66
CA GLN B 125 1.67 29.03 16.63
C GLN B 125 2.44 28.79 17.90
N LEU B 126 2.47 27.54 18.39
CA LEU B 126 3.25 27.24 19.57
C LEU B 126 4.72 27.53 19.35
N LEU B 127 5.23 27.21 18.16
CA LEU B 127 6.63 27.44 17.89
C LEU B 127 6.96 28.93 17.93
N VAL B 128 5.97 29.79 17.72
CA VAL B 128 6.23 31.22 17.69
C VAL B 128 6.20 31.79 19.11
N GLU B 129 5.73 30.98 20.06
CA GLU B 129 5.56 31.50 21.41
C GLU B 129 6.72 31.09 22.29
N LEU B 130 7.40 30.00 21.94
CA LEU B 130 8.51 29.53 22.76
C LEU B 130 9.81 30.20 22.36
N ASP B 131 10.05 30.34 21.07
CA ASP B 131 11.32 30.83 20.56
C ASP B 131 11.05 31.80 19.40
N GLY B 132 10.15 32.75 19.63
CA GLY B 132 9.73 33.67 18.60
C GLY B 132 10.64 34.85 18.43
N PHE B 133 10.06 35.92 17.87
CA PHE B 133 10.82 37.13 17.60
C PHE B 133 10.91 38.01 18.82
N SER B 134 10.11 37.75 19.85
CA SER B 134 10.03 38.64 20.99
C SER B 134 11.12 38.35 22.02
N GLN B 135 11.28 37.10 22.41
CA GLN B 135 12.35 36.68 23.30
C GLN B 135 12.16 37.21 24.72
N THR B 136 10.91 37.40 25.12
CA THR B 136 10.63 37.79 26.50
C THR B 136 10.47 36.55 27.37
N SER B 137 11.38 36.40 28.32
CA SER B 137 11.49 35.20 29.13
C SER B 137 10.64 35.31 30.38
N GLY B 138 10.87 34.38 31.31
CA GLY B 138 10.15 34.35 32.55
C GLY B 138 9.13 33.22 32.59
N ILE B 139 9.10 32.38 31.57
CA ILE B 139 8.13 31.31 31.46
C ILE B 139 8.84 29.99 31.25
N ILE B 140 8.33 28.94 31.88
CA ILE B 140 8.86 27.59 31.76
C ILE B 140 7.71 26.67 31.39
N ILE B 141 7.80 26.05 30.23
CA ILE B 141 6.77 25.14 29.75
C ILE B 141 7.24 23.72 29.98
N ILE B 142 6.33 22.85 30.39
CA ILE B 142 6.60 21.44 30.63
C ILE B 142 5.69 20.64 29.73
N GLY B 143 6.25 19.65 29.06
CA GLY B 143 5.44 18.77 28.23
C GLY B 143 5.63 17.33 28.63
N ALA B 144 4.72 16.45 28.22
CA ALA B 144 4.81 15.04 28.56
C ALA B 144 4.39 14.23 27.35
N THR B 145 5.17 13.21 27.01
CA THR B 145 4.91 12.51 25.76
C THR B 145 5.24 11.04 25.91
N ASN B 146 4.33 10.20 25.44
CA ASN B 146 4.63 8.78 25.33
C ASN B 146 5.57 8.52 24.17
N PHE B 147 5.43 9.27 23.09
CA PHE B 147 6.15 9.06 21.84
C PHE B 147 7.11 10.20 21.62
N PRO B 148 8.33 10.13 22.16
CA PRO B 148 9.25 11.28 22.02
C PRO B 148 9.60 11.56 20.58
N GLU B 149 9.74 10.53 19.77
CA GLU B 149 10.19 10.67 18.40
C GLU B 149 9.10 11.17 17.45
N ALA B 150 7.84 10.93 17.77
CA ALA B 150 6.76 11.35 16.88
C ALA B 150 6.57 12.86 16.85
N LEU B 151 7.22 13.60 17.73
CA LEU B 151 7.17 15.05 17.69
C LEU B 151 8.04 15.57 16.56
N ASP B 152 7.62 16.68 15.97
CA ASP B 152 8.46 17.33 14.98
C ASP B 152 9.72 17.87 15.64
N LYS B 153 10.79 17.99 14.86
CA LYS B 153 12.04 18.44 15.43
C LYS B 153 12.17 19.95 15.48
N ALA B 154 11.07 20.68 15.38
CA ALA B 154 11.10 22.10 15.63
C ALA B 154 10.63 22.46 17.03
N LEU B 155 9.82 21.61 17.65
CA LEU B 155 9.48 21.80 19.06
C LEU B 155 10.58 21.32 19.97
N THR B 156 11.11 20.12 19.74
CA THR B 156 12.00 19.49 20.68
C THR B 156 13.45 19.92 20.51
N ARG B 157 13.70 21.03 19.86
CA ARG B 157 15.11 21.39 19.80
C ARG B 157 15.48 22.22 21.03
N PRO B 158 16.76 22.30 21.35
CA PRO B 158 17.18 23.11 22.48
C PRO B 158 16.85 24.56 22.24
N GLY B 159 16.63 25.29 23.32
CA GLY B 159 16.08 26.62 23.21
C GLY B 159 14.58 26.67 23.25
N ARG B 160 13.92 25.55 22.99
CA ARG B 160 12.49 25.40 23.22
C ARG B 160 12.21 24.40 24.33
N PHE B 161 12.86 23.24 24.28
CA PHE B 161 12.85 22.31 25.40
C PHE B 161 14.28 22.00 25.79
N ASP B 162 14.78 22.75 26.76
CA ASP B 162 16.17 22.70 27.15
C ASP B 162 16.58 21.39 27.79
N LYS B 163 15.66 20.64 28.38
CA LYS B 163 15.97 19.37 29.03
C LYS B 163 15.01 18.29 28.55
N VAL B 164 15.57 17.16 28.17
CA VAL B 164 14.79 15.97 27.83
C VAL B 164 14.96 14.95 28.94
N VAL B 165 13.95 14.81 29.78
CA VAL B 165 13.98 13.94 30.94
C VAL B 165 13.33 12.62 30.55
N ASN B 166 14.07 11.52 30.72
CA ASN B 166 13.62 10.20 30.33
C ASN B 166 13.12 9.47 31.57
N VAL B 167 11.81 9.46 31.77
CA VAL B 167 11.20 8.87 32.96
C VAL B 167 10.87 7.42 32.64
N ASP B 168 11.83 6.53 32.85
CA ASP B 168 11.78 5.16 32.36
C ASP B 168 11.29 4.22 33.47
N LEU B 169 11.00 2.97 33.08
CA LEU B 169 10.49 1.98 34.02
C LEU B 169 11.48 1.77 35.16
N PRO B 170 10.99 1.66 36.39
CA PRO B 170 11.89 1.57 37.54
C PRO B 170 12.61 0.24 37.59
N ASP B 171 13.76 0.25 38.26
CA ASP B 171 14.51 -0.97 38.51
C ASP B 171 14.13 -1.50 39.89
N VAL B 172 14.80 -2.59 40.31
CA VAL B 172 14.32 -3.40 41.43
C VAL B 172 14.20 -2.57 42.70
N ARG B 173 15.18 -1.71 42.97
CA ARG B 173 15.05 -0.88 44.16
C ARG B 173 14.00 0.19 43.97
N GLY B 174 13.74 0.59 42.73
CA GLY B 174 12.62 1.47 42.47
C GLY B 174 11.31 0.82 42.81
N ARG B 175 11.12 -0.43 42.38
CA ARG B 175 9.90 -1.14 42.74
C ARG B 175 9.81 -1.33 44.24
N ALA B 176 10.95 -1.56 44.91
CA ALA B 176 10.98 -1.61 46.35
C ALA B 176 10.42 -0.34 46.96
N ASP B 177 10.92 0.81 46.51
CA ASP B 177 10.50 2.07 47.11
C ASP B 177 9.04 2.38 46.79
N ILE B 178 8.58 2.02 45.60
CA ILE B 178 7.18 2.27 45.26
C ILE B 178 6.27 1.43 46.13
N LEU B 179 6.53 0.13 46.22
CA LEU B 179 5.69 -0.73 47.06
C LEU B 179 5.73 -0.29 48.52
N LYS B 180 6.91 0.04 49.04
CA LYS B 180 7.00 0.57 50.38
C LYS B 180 6.27 1.89 50.50
N HIS B 181 6.07 2.60 49.39
CA HIS B 181 5.38 3.87 49.47
C HIS B 181 3.88 3.72 49.48
N HIS B 182 3.34 2.79 48.70
CA HIS B 182 1.90 2.58 48.73
C HIS B 182 1.46 1.72 49.90
N MET B 183 2.37 0.98 50.52
CA MET B 183 2.05 0.21 51.71
C MET B 183 1.89 1.06 52.95
N LYS B 184 1.85 2.38 52.83
CA LYS B 184 1.67 3.23 53.99
C LYS B 184 0.26 3.74 54.13
N LYS B 185 -0.61 3.46 53.17
CA LYS B 185 -2.01 3.81 53.25
C LYS B 185 -2.88 2.68 53.76
N ILE B 186 -2.28 1.56 54.13
CA ILE B 186 -3.02 0.36 54.50
C ILE B 186 -2.45 -0.21 55.79
N THR B 187 -3.10 -1.25 56.29
CA THR B 187 -2.75 -1.91 57.54
C THR B 187 -1.95 -3.17 57.25
N LEU B 188 -0.63 -3.05 57.25
CA LEU B 188 0.24 -4.08 56.73
C LEU B 188 0.53 -5.14 57.79
N ALA B 189 0.92 -6.34 57.32
CA ALA B 189 1.33 -7.42 58.21
C ALA B 189 2.80 -7.28 58.56
N ASP B 190 3.37 -8.34 59.14
CA ASP B 190 4.71 -8.24 59.68
C ASP B 190 5.71 -9.06 58.86
N ASN B 191 5.24 -10.10 58.18
CA ASN B 191 6.13 -10.93 57.34
C ASN B 191 6.14 -10.43 55.90
N VAL B 192 6.37 -9.13 55.75
CA VAL B 192 6.32 -8.46 54.45
C VAL B 192 7.74 -8.11 54.01
N ASP B 193 8.15 -8.68 52.89
CA ASP B 193 9.47 -8.43 52.32
C ASP B 193 9.29 -7.76 50.98
N PRO B 194 9.15 -6.43 50.93
CA PRO B 194 8.89 -5.77 49.64
C PRO B 194 9.90 -6.06 48.56
N THR B 195 11.12 -6.48 48.93
CA THR B 195 12.12 -6.75 47.91
C THR B 195 11.86 -8.08 47.21
N ILE B 196 11.05 -8.95 47.80
CA ILE B 196 10.77 -10.22 47.14
C ILE B 196 9.59 -10.06 46.18
N ILE B 197 8.61 -9.23 46.55
CA ILE B 197 7.58 -8.85 45.58
C ILE B 197 8.24 -8.08 44.45
N ALA B 198 9.19 -7.22 44.78
CA ALA B 198 9.91 -6.47 43.74
C ALA B 198 10.70 -7.40 42.84
N ARG B 199 11.36 -8.41 43.40
CA ARG B 199 12.05 -9.39 42.57
C ARG B 199 11.06 -10.16 41.72
N GLY B 200 9.84 -10.36 42.22
CA GLY B 200 8.86 -11.14 41.48
C GLY B 200 8.04 -10.29 40.52
N THR B 201 8.40 -9.02 40.38
CA THR B 201 7.65 -8.13 39.52
C THR B 201 8.56 -7.57 38.46
N PRO B 202 9.00 -8.38 37.48
CA PRO B 202 9.90 -7.85 36.45
C PRO B 202 9.18 -7.04 35.38
N GLY B 203 9.34 -5.72 35.43
CA GLY B 203 8.86 -4.86 34.36
C GLY B 203 7.53 -4.19 34.60
N LEU B 204 7.22 -3.80 35.82
CA LEU B 204 5.97 -3.11 36.12
C LEU B 204 6.25 -1.68 36.53
N SER B 205 5.39 -0.79 36.06
CA SER B 205 5.51 0.63 36.34
C SER B 205 4.95 0.93 37.72
N GLY B 206 4.71 2.22 38.02
CA GLY B 206 4.09 2.55 39.28
C GLY B 206 2.64 2.18 39.35
N ALA B 207 1.90 2.38 38.26
CA ALA B 207 0.46 2.10 38.26
C ALA B 207 0.18 0.64 38.58
N GLU B 208 0.94 -0.29 38.00
CA GLU B 208 0.68 -1.70 38.26
C GLU B 208 0.95 -2.06 39.71
N LEU B 209 1.94 -1.45 40.34
CA LEU B 209 2.23 -1.78 41.73
C LEU B 209 1.20 -1.18 42.66
N ALA B 210 0.73 0.03 42.38
CA ALA B 210 -0.37 0.58 43.14
C ALA B 210 -1.60 -0.31 43.01
N ASN B 211 -1.90 -0.76 41.79
CA ASN B 211 -2.98 -1.70 41.58
C ASN B 211 -2.79 -2.96 42.42
N LEU B 212 -1.57 -3.46 42.49
CA LEU B 212 -1.29 -4.68 43.23
C LEU B 212 -1.60 -4.51 44.71
N VAL B 213 -1.11 -3.42 45.31
CA VAL B 213 -1.36 -3.18 46.72
C VAL B 213 -2.85 -3.02 46.99
N ASN B 214 -3.53 -2.26 46.15
CA ASN B 214 -4.95 -2.01 46.38
C ASN B 214 -5.75 -3.31 46.33
N GLN B 215 -5.56 -4.11 45.29
CA GLN B 215 -6.28 -5.37 45.21
C GLN B 215 -5.91 -6.29 46.36
N ALA B 216 -4.68 -6.22 46.87
CA ALA B 216 -4.36 -7.00 48.05
C ALA B 216 -5.17 -6.55 49.26
N ALA B 217 -5.35 -5.24 49.43
CA ALA B 217 -6.13 -4.77 50.57
C ALA B 217 -7.59 -5.19 50.50
N VAL B 218 -8.24 -4.94 49.35
CA VAL B 218 -9.65 -5.31 49.23
C VAL B 218 -9.82 -6.82 49.32
N TYR B 219 -8.89 -7.58 48.76
CA TYR B 219 -8.99 -9.03 48.89
C TYR B 219 -8.85 -9.48 50.33
N ALA B 220 -7.89 -8.93 51.07
CA ALA B 220 -7.78 -9.29 52.48
C ALA B 220 -9.06 -8.98 53.23
N CYS B 221 -9.66 -7.81 53.00
CA CYS B 221 -10.83 -7.46 53.80
C CYS B 221 -12.11 -8.16 53.34
N GLN B 222 -12.13 -8.75 52.14
CA GLN B 222 -13.24 -9.65 51.84
C GLN B 222 -13.26 -10.84 52.79
N LYS B 223 -12.08 -11.36 53.14
CA LYS B 223 -12.00 -12.45 54.08
C LYS B 223 -11.90 -11.96 55.52
N ASN B 224 -12.42 -10.74 55.77
CA ASN B 224 -12.53 -10.09 57.09
C ASN B 224 -11.37 -10.38 58.03
N ALA B 225 -10.15 -10.23 57.53
CA ALA B 225 -8.97 -10.39 58.37
C ALA B 225 -8.64 -9.06 59.04
N VAL B 226 -7.46 -9.01 59.66
CA VAL B 226 -7.00 -7.82 60.37
C VAL B 226 -5.80 -7.18 59.67
N SER B 227 -4.93 -7.98 59.09
CA SER B 227 -3.72 -7.49 58.46
C SER B 227 -3.73 -7.87 56.98
N VAL B 228 -2.60 -7.63 56.32
CA VAL B 228 -2.40 -7.99 54.93
C VAL B 228 -1.18 -8.90 54.85
N ASP B 229 -1.42 -10.20 54.89
CA ASP B 229 -0.36 -11.19 54.93
C ASP B 229 0.44 -11.15 53.63
N MET B 230 1.65 -11.72 53.68
CA MET B 230 2.40 -11.96 52.46
C MET B 230 1.63 -12.82 51.48
N SER B 231 0.85 -13.77 51.99
CA SER B 231 0.04 -14.62 51.11
C SER B 231 -0.93 -13.80 50.28
N HIS B 232 -1.44 -12.71 50.85
CA HIS B 232 -2.34 -11.85 50.10
C HIS B 232 -1.62 -11.19 48.94
N PHE B 233 -0.41 -10.70 49.19
CA PHE B 233 0.38 -10.09 48.12
C PHE B 233 0.70 -11.11 47.04
N GLU B 234 1.00 -12.34 47.43
CA GLU B 234 1.21 -13.36 46.40
C GLU B 234 -0.06 -13.60 45.60
N TRP B 235 -1.21 -13.57 46.26
CA TRP B 235 -2.48 -13.73 45.56
C TRP B 235 -2.66 -12.65 44.51
N ALA B 236 -2.62 -11.39 44.94
CA ALA B 236 -2.85 -10.29 44.01
C ALA B 236 -1.80 -10.26 42.90
N LYS B 237 -0.56 -10.59 43.22
CA LYS B 237 0.47 -10.65 42.17
C LYS B 237 0.13 -11.70 41.13
N ASP B 238 -0.16 -12.92 41.57
CA ASP B 238 -0.51 -13.97 40.62
C ASP B 238 -1.73 -13.62 39.79
N LYS B 239 -2.74 -12.99 40.41
CA LYS B 239 -3.90 -12.59 39.64
C LYS B 239 -3.56 -11.53 38.61
N ILE B 240 -2.65 -10.61 38.96
CA ILE B 240 -2.28 -9.57 38.02
C ILE B 240 -1.55 -10.14 36.82
N LEU B 241 -0.56 -11.01 37.06
CA LEU B 241 0.32 -11.37 35.95
C LEU B 241 0.04 -12.76 35.40
N MET B 242 -1.07 -13.38 35.80
CA MET B 242 -1.49 -14.64 35.19
C MET B 242 -2.99 -14.74 34.95
N GLY B 243 -3.79 -13.86 35.54
CA GLY B 243 -5.23 -13.94 35.37
C GLY B 243 -5.88 -14.75 36.47
N ALA B 244 -7.17 -14.51 36.65
CA ALA B 244 -7.89 -15.15 37.73
C ALA B 244 -7.96 -16.66 37.51
N GLU B 245 -8.02 -17.40 38.61
CA GLU B 245 -8.12 -18.84 38.56
C GLU B 245 -9.59 -19.21 38.50
N ARG B 246 -9.94 -20.09 37.58
CA ARG B 246 -11.33 -20.43 37.37
C ARG B 246 -11.79 -21.47 38.39
N LYS B 247 -12.57 -21.02 39.35
CA LYS B 247 -13.05 -21.93 40.38
C LYS B 247 -14.03 -22.95 39.79
N THR B 248 -14.71 -22.57 38.72
CA THR B 248 -15.71 -23.43 38.08
C THR B 248 -15.06 -24.11 36.90
N MET B 249 -14.50 -25.30 37.12
CA MET B 249 -14.00 -26.12 36.03
C MET B 249 -13.75 -27.52 36.55
N VAL B 250 -14.41 -28.48 35.91
CA VAL B 250 -14.32 -29.89 36.27
C VAL B 250 -13.28 -30.54 35.36
N LEU B 251 -12.51 -31.46 35.92
CA LEU B 251 -11.45 -32.14 35.20
C LEU B 251 -11.52 -33.62 35.49
N THR B 252 -11.03 -34.43 34.56
CA THR B 252 -10.91 -35.86 34.80
C THR B 252 -9.68 -36.10 35.67
N ASP B 253 -9.26 -37.36 35.78
CA ASP B 253 -8.00 -37.65 36.43
C ASP B 253 -6.87 -37.89 35.42
N ALA B 254 -7.19 -38.33 34.21
CA ALA B 254 -6.17 -38.39 33.18
C ALA B 254 -5.68 -36.99 32.82
N ALA B 255 -6.57 -36.01 32.77
CA ALA B 255 -6.16 -34.64 32.48
C ALA B 255 -5.23 -34.11 33.56
N ARG B 256 -5.63 -34.21 34.83
CA ARG B 256 -4.78 -33.73 35.91
C ARG B 256 -3.46 -34.49 35.97
N LYS B 257 -3.47 -35.77 35.63
CA LYS B 257 -2.22 -36.51 35.64
C LYS B 257 -1.27 -35.99 34.55
N ALA B 258 -1.80 -35.80 33.33
CA ALA B 258 -0.97 -35.30 32.24
C ALA B 258 -0.44 -33.91 32.55
N THR B 259 -1.30 -33.01 33.03
CA THR B 259 -0.85 -31.68 33.38
C THR B 259 0.22 -31.73 34.46
N ALA B 260 0.07 -32.64 35.42
CA ALA B 260 1.10 -32.82 36.44
C ALA B 260 2.43 -33.20 35.81
N PHE B 261 2.41 -34.07 34.80
CA PHE B 261 3.68 -34.44 34.20
C PHE B 261 4.29 -33.31 33.36
N HIS B 262 3.47 -32.52 32.66
CA HIS B 262 3.99 -31.36 31.94
C HIS B 262 4.69 -30.39 32.89
N GLU B 263 3.97 -29.96 33.93
CA GLU B 263 4.56 -29.03 34.89
C GLU B 263 5.77 -29.63 35.59
N ALA B 264 5.75 -30.93 35.86
CA ALA B 264 6.92 -31.56 36.45
C ALA B 264 8.11 -31.53 35.50
N GLY B 265 7.85 -31.63 34.20
CA GLY B 265 8.95 -31.49 33.26
C GLY B 265 9.59 -30.12 33.33
N HIS B 266 8.76 -29.06 33.20
CA HIS B 266 9.32 -27.71 33.29
C HIS B 266 10.06 -27.52 34.61
N ALA B 267 9.50 -28.02 35.71
CA ALA B 267 10.09 -27.77 37.02
C ALA B 267 11.43 -28.46 37.18
N ILE B 268 11.54 -29.74 36.81
CA ILE B 268 12.81 -30.42 36.95
C ILE B 268 13.86 -29.79 36.03
N MET B 269 13.48 -29.46 34.79
CA MET B 269 14.45 -28.80 33.94
C MET B 269 14.89 -27.45 34.50
N ALA B 270 14.02 -26.74 35.20
CA ALA B 270 14.40 -25.50 35.86
C ALA B 270 15.05 -25.74 37.21
N LYS B 271 15.21 -26.98 37.61
CA LYS B 271 15.83 -27.32 38.88
C LYS B 271 17.27 -27.79 38.70
N TYR B 272 17.52 -28.68 37.75
CA TYR B 272 18.84 -29.29 37.66
C TYR B 272 19.66 -28.86 36.45
N THR B 273 19.48 -27.63 35.94
CA THR B 273 20.33 -27.19 34.84
C THR B 273 21.10 -25.94 35.23
N ASN B 274 22.30 -25.79 34.67
CA ASN B 274 23.14 -24.66 35.00
C ASN B 274 22.50 -23.35 34.55
N GLY B 275 22.79 -22.28 35.27
CA GLY B 275 22.07 -21.04 35.04
C GLY B 275 20.64 -21.24 35.50
N ALA B 276 19.72 -21.26 34.55
CA ALA B 276 18.35 -21.73 34.70
C ALA B 276 17.44 -20.78 35.47
N THR B 277 17.93 -19.71 36.09
CA THR B 277 17.04 -18.77 36.79
C THR B 277 16.20 -19.48 37.83
N PRO B 278 16.73 -19.69 39.03
CA PRO B 278 16.19 -20.69 39.97
C PRO B 278 14.69 -20.67 40.16
N LEU B 279 14.17 -21.85 40.51
CA LEU B 279 12.74 -22.13 40.51
C LEU B 279 12.07 -21.37 41.64
N TYR B 280 10.80 -21.01 41.44
CA TYR B 280 10.08 -20.29 42.49
C TYR B 280 8.92 -21.10 43.04
N LYS B 281 8.02 -21.55 42.17
CA LYS B 281 6.95 -22.43 42.63
C LYS B 281 6.22 -23.00 41.43
N ALA B 282 5.82 -24.26 41.56
CA ALA B 282 5.08 -24.99 40.53
C ALA B 282 3.63 -25.07 40.96
N THR B 283 2.72 -25.10 39.98
CA THR B 283 1.28 -25.04 40.22
C THR B 283 0.57 -25.86 39.17
N ILE B 284 -0.47 -26.58 39.59
CA ILE B 284 -1.33 -27.25 38.63
C ILE B 284 -2.73 -26.65 38.69
N LEU B 285 -2.94 -25.69 39.59
CA LEU B 285 -4.19 -24.95 39.64
C LEU B 285 -4.37 -24.14 38.37
N PRO B 286 -5.39 -24.44 37.57
CA PRO B 286 -5.55 -23.72 36.29
C PRO B 286 -5.87 -22.25 36.50
N ARG B 287 -5.02 -21.40 35.93
CA ARG B 287 -5.20 -19.95 35.98
C ARG B 287 -6.11 -19.54 34.85
N GLY B 288 -6.12 -18.24 34.55
CA GLY B 288 -6.98 -17.67 33.53
C GLY B 288 -6.96 -18.31 32.16
N ARG B 289 -5.78 -18.69 31.67
CA ARG B 289 -5.68 -19.23 30.32
C ARG B 289 -4.99 -20.59 30.24
N ALA B 290 -3.99 -20.84 31.08
CA ALA B 290 -3.20 -22.05 31.02
C ALA B 290 -3.64 -23.01 32.12
N LEU B 291 -3.34 -24.30 31.90
CA LEU B 291 -3.66 -25.36 32.85
C LEU B 291 -2.39 -25.65 33.65
N GLY B 292 -2.19 -24.86 34.70
CA GLY B 292 -1.01 -25.02 35.51
C GLY B 292 0.20 -24.45 34.83
N ILE B 293 1.12 -23.87 35.59
CA ILE B 293 2.27 -23.16 35.06
C ILE B 293 3.30 -23.01 36.15
N THR B 294 4.57 -23.05 35.77
CA THR B 294 5.68 -22.94 36.70
C THR B 294 6.20 -21.52 36.74
N PHE B 295 6.79 -21.14 37.86
CA PHE B 295 7.41 -19.84 38.02
C PHE B 295 8.90 -20.00 38.24
N GLN B 296 9.67 -19.09 37.67
CA GLN B 296 11.07 -18.93 38.01
C GLN B 296 11.25 -17.53 38.57
N LEU B 297 12.14 -17.42 39.56
CA LEU B 297 12.37 -16.13 40.21
C LEU B 297 13.76 -15.63 39.82
N PRO B 298 13.86 -14.68 38.90
CA PRO B 298 15.17 -14.17 38.52
C PRO B 298 15.87 -13.53 39.69
N GLU B 299 17.09 -14.00 39.95
CA GLU B 299 17.94 -13.28 40.88
C GLU B 299 18.10 -11.85 40.38
N MET B 300 18.07 -10.91 41.32
CA MET B 300 17.95 -9.51 40.94
C MET B 300 19.17 -9.04 40.17
N ASP B 301 19.04 -7.85 39.57
CA ASP B 301 20.05 -7.09 38.84
C ASP B 301 21.03 -7.93 38.03
N LYS B 302 20.50 -8.73 37.09
CA LYS B 302 21.29 -9.38 36.05
C LYS B 302 20.73 -8.92 34.71
N VAL B 303 21.24 -7.78 34.22
CA VAL B 303 20.59 -7.13 33.09
C VAL B 303 20.90 -7.85 31.78
N ASP B 304 22.18 -8.16 31.56
CA ASP B 304 22.63 -8.82 30.33
C ASP B 304 22.81 -10.29 30.60
N ILE B 305 22.14 -11.12 29.81
CA ILE B 305 22.16 -12.56 29.96
C ILE B 305 23.22 -13.15 29.06
N THR B 306 23.98 -14.10 29.58
CA THR B 306 25.05 -14.69 28.80
C THR B 306 24.50 -15.74 27.85
N LYS B 307 25.39 -16.52 27.26
CA LYS B 307 24.96 -17.61 26.40
C LYS B 307 24.42 -18.77 27.20
N ARG B 308 25.11 -19.13 28.29
CA ARG B 308 24.70 -20.28 29.09
C ARG B 308 23.30 -20.08 29.65
N GLU B 309 22.96 -18.85 30.02
CA GLU B 309 21.61 -18.60 30.51
C GLU B 309 20.58 -18.77 29.40
N CYS B 310 20.92 -18.34 28.18
CA CYS B 310 20.02 -18.53 27.06
C CYS B 310 19.77 -20.01 26.81
N GLN B 311 20.83 -20.79 26.62
CA GLN B 311 20.63 -22.20 26.35
C GLN B 311 19.92 -22.91 27.49
N ALA B 312 20.16 -22.50 28.73
CA ALA B 312 19.36 -23.03 29.82
C ALA B 312 17.88 -22.68 29.63
N ARG B 313 17.60 -21.50 29.09
CA ARG B 313 16.21 -21.12 28.85
C ARG B 313 15.57 -21.99 27.78
N LEU B 314 16.30 -22.27 26.70
CA LEU B 314 15.80 -23.21 25.71
C LEU B 314 15.53 -24.58 26.32
N ASP B 315 16.41 -25.05 27.21
CA ASP B 315 16.16 -26.38 27.77
C ASP B 315 14.95 -26.38 28.67
N VAL B 316 14.75 -25.32 29.46
CA VAL B 316 13.57 -25.25 30.29
C VAL B 316 12.30 -25.22 29.45
N CYS B 317 12.38 -24.65 28.25
CA CYS B 317 11.18 -24.56 27.43
C CYS B 317 10.79 -25.86 26.74
N MET B 318 11.37 -27.00 27.11
CA MET B 318 10.99 -28.26 26.48
C MET B 318 10.90 -29.42 27.45
N GLY B 319 11.02 -29.17 28.75
CA GLY B 319 10.80 -30.22 29.71
C GLY B 319 9.39 -30.75 29.69
N GLY B 320 8.42 -29.91 29.32
CA GLY B 320 7.05 -30.39 29.21
C GLY B 320 6.86 -31.33 28.04
N LYS B 321 7.33 -30.92 26.86
CA LYS B 321 7.21 -31.76 25.69
C LYS B 321 7.96 -33.07 25.86
N ILE B 322 9.20 -33.02 26.35
CA ILE B 322 9.94 -34.25 26.53
C ILE B 322 9.36 -35.08 27.65
N ALA B 323 8.71 -34.44 28.63
CA ALA B 323 8.08 -35.19 29.71
C ALA B 323 6.90 -36.00 29.19
N GLU B 324 5.95 -35.33 28.55
CA GLU B 324 4.84 -36.05 27.91
C GLU B 324 5.35 -37.12 26.97
N GLU B 325 6.41 -36.84 26.21
CA GLU B 325 6.90 -37.81 25.26
C GLU B 325 7.47 -39.04 25.95
N LEU B 326 8.18 -38.85 27.07
CA LEU B 326 8.79 -39.99 27.74
C LEU B 326 7.75 -40.83 28.48
N ILE B 327 6.77 -40.18 29.10
CA ILE B 327 5.79 -40.94 29.87
C ILE B 327 4.78 -41.61 28.95
N TYR B 328 4.18 -40.84 28.04
CA TYR B 328 3.03 -41.29 27.28
C TYR B 328 3.34 -41.68 25.85
N GLY B 329 4.62 -41.90 25.52
CA GLY B 329 4.99 -42.25 24.16
C GLY B 329 4.85 -41.09 23.21
N LYS B 330 5.53 -41.21 22.07
CA LYS B 330 5.62 -40.10 21.14
C LYS B 330 4.30 -39.76 20.48
N ASP B 331 3.41 -40.74 20.34
CA ASP B 331 2.15 -40.52 19.64
C ASP B 331 1.10 -39.84 20.50
N ASN B 332 1.46 -39.25 21.63
CA ASN B 332 0.49 -38.62 22.52
C ASN B 332 0.91 -37.23 22.94
N THR B 333 1.77 -36.58 22.18
CA THR B 333 2.16 -35.21 22.49
C THR B 333 1.09 -34.27 21.99
N THR B 334 0.40 -33.59 22.91
CA THR B 334 -0.73 -32.76 22.56
C THR B 334 -0.26 -31.48 21.90
N SER B 335 -1.18 -30.56 21.64
CA SER B 335 -0.84 -29.25 21.10
C SER B 335 -0.52 -28.23 22.17
N GLY B 336 -0.51 -28.62 23.45
CA GLY B 336 -0.22 -27.66 24.49
C GLY B 336 1.21 -27.17 24.44
N CYS B 337 2.09 -27.96 23.83
CA CYS B 337 3.51 -27.59 23.80
C CYS B 337 3.79 -26.46 22.83
N GLY B 338 2.89 -26.21 21.88
CA GLY B 338 3.11 -25.14 20.91
C GLY B 338 3.37 -23.80 21.56
N SER B 339 2.68 -23.52 22.67
CA SER B 339 2.98 -22.31 23.43
C SER B 339 4.42 -22.30 23.91
N ASP B 340 4.99 -23.49 24.13
CA ASP B 340 6.41 -23.55 24.48
C ASP B 340 7.29 -23.31 23.27
N LEU B 341 6.92 -23.89 22.12
CA LEU B 341 7.75 -23.74 20.94
C LEU B 341 7.80 -22.30 20.46
N GLN B 342 6.77 -21.51 20.78
CA GLN B 342 6.80 -20.08 20.52
C GLN B 342 8.04 -19.45 21.14
N SER B 343 8.13 -19.51 22.47
CA SER B 343 9.18 -18.79 23.16
C SER B 343 10.54 -19.43 22.92
N ALA B 344 10.60 -20.76 22.86
CA ALA B 344 11.88 -21.39 22.56
C ALA B 344 12.41 -20.95 21.21
N THR B 345 11.55 -20.93 20.19
CA THR B 345 12.00 -20.48 18.88
C THR B 345 12.44 -19.02 18.91
N GLY B 346 11.66 -18.16 19.57
CA GLY B 346 12.06 -16.76 19.65
C GLY B 346 13.42 -16.58 20.28
N THR B 347 13.67 -17.30 21.37
CA THR B 347 14.97 -17.23 22.02
C THR B 347 16.08 -17.65 21.09
N ALA B 348 15.90 -18.78 20.39
CA ALA B 348 16.99 -19.26 19.55
C ALA B 348 17.29 -18.31 18.40
N ARG B 349 16.27 -17.79 17.73
CA ARG B 349 16.52 -16.79 16.69
C ARG B 349 17.22 -15.57 17.25
N ALA B 350 16.81 -15.11 18.43
CA ALA B 350 17.48 -13.96 19.03
C ALA B 350 18.95 -14.26 19.27
N MET B 351 19.26 -15.48 19.70
CA MET B 351 20.66 -15.87 19.84
C MET B 351 21.41 -15.80 18.53
N VAL B 352 20.88 -16.41 17.47
CA VAL B 352 21.67 -16.56 16.24
C VAL B 352 21.80 -15.25 15.50
N THR B 353 20.75 -14.43 15.47
CA THR B 353 20.78 -13.23 14.65
C THR B 353 21.25 -12.00 15.41
N GLN B 354 20.54 -11.58 16.45
CA GLN B 354 20.87 -10.29 17.07
C GLN B 354 22.18 -10.36 17.85
N TYR B 355 22.34 -11.33 18.73
CA TYR B 355 23.40 -11.29 19.72
C TYR B 355 24.75 -11.70 19.16
N GLY B 356 24.77 -12.59 18.18
CA GLY B 356 26.02 -13.01 17.59
C GLY B 356 26.65 -14.14 18.38
N MET B 357 25.88 -15.18 18.66
CA MET B 357 26.35 -16.30 19.46
C MET B 357 26.58 -17.55 18.66
N SER B 358 26.49 -17.49 17.34
CA SER B 358 26.67 -18.66 16.50
C SER B 358 27.98 -18.55 15.73
N ASP B 359 28.71 -19.66 15.68
CA ASP B 359 30.03 -19.68 15.08
C ASP B 359 30.02 -19.74 13.56
N ASP B 360 28.93 -20.21 12.96
CA ASP B 360 28.88 -20.35 11.50
C ASP B 360 28.38 -19.09 10.81
N VAL B 361 27.47 -18.34 11.42
CA VAL B 361 27.07 -17.06 10.83
C VAL B 361 28.17 -16.02 11.01
N GLY B 362 28.68 -15.90 12.22
CA GLY B 362 29.77 -14.99 12.49
C GLY B 362 29.37 -13.87 13.42
N PRO B 363 30.22 -12.86 13.53
CA PRO B 363 29.92 -11.70 14.38
C PRO B 363 29.16 -10.62 13.61
N VAL B 364 27.92 -10.90 13.24
CA VAL B 364 27.17 -10.01 12.36
C VAL B 364 25.75 -9.87 12.89
N ASN B 365 25.16 -8.71 12.64
CA ASN B 365 23.80 -8.42 13.07
C ASN B 365 22.83 -8.66 11.93
N LEU B 366 22.30 -9.87 11.84
CA LEU B 366 21.33 -10.21 10.82
C LEU B 366 19.92 -9.77 11.17
N SER B 367 19.72 -9.11 12.31
CA SER B 367 18.37 -8.94 12.81
C SER B 367 17.63 -7.86 12.04
N GLU B 368 18.09 -6.62 12.12
CA GLU B 368 17.41 -5.52 11.48
C GLU B 368 17.63 -5.58 9.97
N GLU B 369 16.57 -5.32 9.21
CA GLU B 369 16.58 -5.58 7.78
C GLU B 369 16.83 -7.06 7.50
N TRP B 370 16.03 -7.90 8.16
CA TRP B 370 16.12 -9.33 7.94
C TRP B 370 15.77 -9.70 6.51
N GLU B 371 14.96 -8.90 5.85
CA GLU B 371 14.49 -9.21 4.51
C GLU B 371 15.32 -8.55 3.42
N SER B 372 16.49 -8.00 3.77
CA SER B 372 17.39 -7.44 2.79
C SER B 372 18.66 -8.24 2.61
N TRP B 373 18.88 -9.26 3.43
CA TRP B 373 20.01 -10.14 3.27
C TRP B 373 19.74 -11.13 2.15
N SER B 374 20.77 -11.86 1.76
CA SER B 374 20.68 -12.77 0.62
C SER B 374 19.90 -14.00 1.03
N ASN B 375 19.95 -15.05 0.20
CA ASN B 375 19.32 -16.31 0.55
C ASN B 375 20.29 -17.41 0.87
N LYS B 376 21.58 -17.11 0.97
CA LYS B 376 22.54 -18.10 1.43
C LYS B 376 22.84 -17.90 2.90
N ILE B 377 23.17 -16.67 3.28
CA ILE B 377 23.43 -16.36 4.67
C ILE B 377 22.19 -16.63 5.51
N ARG B 378 21.03 -16.18 5.05
CA ARG B 378 19.78 -16.45 5.75
C ARG B 378 19.53 -17.94 5.94
N ASP B 379 19.86 -18.73 4.93
CA ASP B 379 19.65 -20.16 5.04
C ASP B 379 20.59 -20.78 6.07
N ILE B 380 21.83 -20.29 6.12
CA ILE B 380 22.75 -20.76 7.15
C ILE B 380 22.21 -20.42 8.54
N ALA B 381 21.72 -19.19 8.72
CA ALA B 381 21.22 -18.79 10.03
C ALA B 381 20.05 -19.64 10.47
N ASP B 382 19.09 -19.90 9.57
CA ASP B 382 17.97 -20.74 9.96
C ASP B 382 18.42 -22.16 10.30
N ASN B 383 19.35 -22.72 9.54
CA ASN B 383 19.84 -24.04 9.90
C ASN B 383 20.46 -24.02 11.29
N GLU B 384 21.12 -22.92 11.66
CA GLU B 384 21.67 -22.83 13.00
C GLU B 384 20.59 -22.80 14.05
N VAL B 385 19.50 -22.07 13.81
CA VAL B 385 18.38 -22.06 14.75
C VAL B 385 17.87 -23.46 15.00
N ILE B 386 17.56 -24.18 13.92
CA ILE B 386 17.01 -25.52 14.08
C ILE B 386 17.99 -26.45 14.77
N GLU B 387 19.29 -26.25 14.55
CA GLU B 387 20.24 -27.11 15.26
C GLU B 387 20.28 -26.81 16.75
N LEU B 388 20.16 -25.53 17.13
CA LEU B 388 20.10 -25.22 18.55
C LEU B 388 18.89 -25.87 19.20
N LEU B 389 17.72 -25.81 18.55
CA LEU B 389 16.55 -26.41 19.16
C LEU B 389 16.67 -27.93 19.27
N LYS B 390 17.14 -28.59 18.21
CA LYS B 390 17.31 -30.04 18.29
C LYS B 390 18.25 -30.44 19.42
N ASP B 391 19.38 -29.75 19.56
CA ASP B 391 20.26 -30.05 20.67
C ASP B 391 19.59 -29.82 22.02
N SER B 392 18.75 -28.79 22.13
CA SER B 392 18.08 -28.55 23.41
C SER B 392 17.15 -29.70 23.77
N GLU B 393 16.33 -30.15 22.83
CA GLU B 393 15.45 -31.27 23.16
C GLU B 393 16.27 -32.51 23.46
N GLU B 394 17.44 -32.65 22.86
CA GLU B 394 18.27 -33.80 23.18
C GLU B 394 18.71 -33.77 24.63
N ARG B 395 19.23 -32.62 25.09
CA ARG B 395 19.64 -32.52 26.48
C ARG B 395 18.48 -32.78 27.43
N ALA B 396 17.29 -32.25 27.12
CA ALA B 396 16.15 -32.56 27.99
C ALA B 396 15.83 -34.05 27.99
N ARG B 397 16.03 -34.74 26.86
CA ARG B 397 15.85 -36.18 26.83
C ARG B 397 16.76 -36.87 27.82
N ARG B 398 18.07 -36.61 27.74
CA ARG B 398 18.98 -37.32 28.62
C ARG B 398 18.71 -36.97 30.08
N LEU B 399 18.52 -35.68 30.37
CA LEU B 399 18.31 -35.25 31.74
C LEU B 399 17.08 -35.90 32.36
N LEU B 400 15.93 -35.79 31.70
CA LEU B 400 14.75 -36.42 32.28
C LEU B 400 14.84 -37.94 32.25
N THR B 401 15.64 -38.52 31.37
CA THR B 401 15.79 -39.97 31.41
C THR B 401 16.58 -40.41 32.63
N LYS B 402 17.49 -39.57 33.14
CA LYS B 402 18.20 -40.00 34.35
C LYS B 402 17.60 -39.40 35.62
N LYS B 403 16.54 -38.60 35.50
CA LYS B 403 15.87 -38.07 36.68
C LYS B 403 14.44 -38.57 36.75
N ASN B 404 14.24 -39.85 36.46
CA ASN B 404 12.88 -40.36 36.32
C ASN B 404 12.18 -40.43 37.67
N VAL B 405 12.89 -40.87 38.70
CA VAL B 405 12.31 -41.06 40.03
C VAL B 405 11.72 -39.76 40.54
N GLU B 406 12.51 -38.69 40.52
CA GLU B 406 11.98 -37.39 40.92
C GLU B 406 10.83 -36.94 40.04
N LEU B 407 10.79 -37.37 38.78
CA LEU B 407 9.72 -36.95 37.90
C LEU B 407 8.39 -37.53 38.33
N HIS B 408 8.34 -38.85 38.55
CA HIS B 408 7.10 -39.43 39.06
C HIS B 408 6.78 -38.91 40.45
N ARG B 409 7.80 -38.78 41.30
CA ARG B 409 7.58 -38.36 42.68
C ARG B 409 6.98 -36.95 42.72
N LEU B 410 7.45 -36.08 41.85
CA LEU B 410 6.98 -34.70 41.84
C LEU B 410 5.65 -34.55 41.11
N ALA B 411 5.41 -35.32 40.05
CA ALA B 411 4.09 -35.31 39.45
C ALA B 411 3.03 -35.73 40.45
N GLN B 412 3.29 -36.81 41.18
CA GLN B 412 2.37 -37.22 42.24
C GLN B 412 2.24 -36.14 43.30
N GLY B 413 3.35 -35.51 43.68
CA GLY B 413 3.29 -34.41 44.62
C GLY B 413 2.38 -33.28 44.16
N LEU B 414 2.32 -33.03 42.86
CA LEU B 414 1.40 -32.02 42.38
C LEU B 414 -0.03 -32.53 42.31
N ILE B 415 -0.25 -33.81 42.07
CA ILE B 415 -1.62 -34.31 42.08
C ILE B 415 -2.21 -34.22 43.48
N GLU B 416 -1.41 -34.55 44.50
CA GLU B 416 -1.91 -34.57 45.87
C GLU B 416 -2.00 -33.16 46.45
N TYR B 417 -0.86 -32.48 46.52
CA TYR B 417 -0.83 -31.07 46.87
C TYR B 417 -0.91 -30.27 45.58
N GLU B 418 -1.88 -29.36 45.49
CA GLU B 418 -2.17 -28.75 44.21
C GLU B 418 -1.07 -27.81 43.76
N THR B 419 -0.23 -27.35 44.68
CA THR B 419 0.82 -26.38 44.35
C THR B 419 1.97 -26.54 45.32
N LEU B 420 3.13 -26.03 44.93
CA LEU B 420 4.33 -26.19 45.74
C LEU B 420 5.30 -25.07 45.47
N ASP B 421 6.13 -24.76 46.45
CA ASP B 421 7.21 -23.81 46.28
C ASP B 421 8.54 -24.56 46.18
N ALA B 422 9.64 -23.80 46.06
CA ALA B 422 10.94 -24.42 45.87
C ALA B 422 11.33 -25.32 47.03
N HIS B 423 11.04 -24.90 48.26
CA HIS B 423 11.38 -25.73 49.39
C HIS B 423 10.56 -27.02 49.40
N GLU B 424 9.24 -26.89 49.34
CA GLU B 424 8.37 -28.05 49.34
C GLU B 424 8.65 -28.96 48.15
N ILE B 425 8.96 -28.39 46.99
CA ILE B 425 9.40 -29.20 45.86
C ILE B 425 10.67 -29.95 46.23
N GLU B 426 11.58 -29.29 46.94
CA GLU B 426 12.81 -29.93 47.35
C GLU B 426 12.54 -31.14 48.23
N GLN B 427 11.67 -30.99 49.22
CA GLN B 427 11.34 -32.14 50.05
C GLN B 427 10.63 -33.22 49.28
N VAL B 428 9.65 -32.87 48.43
CA VAL B 428 8.88 -33.88 47.73
C VAL B 428 9.75 -34.67 46.78
N CYS B 429 10.79 -34.04 46.24
CA CYS B 429 11.64 -34.76 45.29
C CYS B 429 12.59 -35.73 45.98
N LYS B 430 12.90 -35.55 47.26
CA LYS B 430 13.83 -36.40 47.96
C LYS B 430 13.16 -37.58 48.65
N GLY B 431 11.83 -37.63 48.65
CA GLY B 431 11.14 -38.74 49.27
C GLY B 431 10.62 -38.48 50.66
N GLU B 432 10.70 -37.24 51.13
CA GLU B 432 10.19 -36.88 52.45
C GLU B 432 8.74 -36.43 52.33
N LYS B 433 7.93 -36.88 53.26
CA LYS B 433 6.52 -36.48 53.30
C LYS B 433 6.39 -35.17 54.04
N LEU B 434 6.11 -34.10 53.30
CA LEU B 434 5.90 -32.79 53.93
C LEU B 434 4.55 -32.83 54.63
N ALA B 435 4.56 -32.70 55.95
CA ALA B 435 3.32 -32.76 56.72
C ALA B 435 2.69 -31.39 56.90
N LYS B 436 3.43 -30.32 56.67
CA LYS B 436 2.93 -28.97 56.93
C LYS B 436 1.72 -28.61 56.09
N LEU B 437 1.67 -29.05 54.84
CA LEU B 437 0.48 -28.85 54.03
C LEU B 437 -0.47 -30.04 54.21
N LYS B 438 -1.75 -29.78 53.99
CA LYS B 438 -2.73 -30.84 53.88
C LYS B 438 -3.18 -30.99 52.44
N THR B 439 -3.45 -32.22 52.03
CA THR B 439 -3.79 -32.53 50.66
C THR B 439 -5.03 -31.79 50.16
N LYS C 1 -30.93 -8.51 35.84
CA LYS C 1 -30.19 -8.61 37.08
C LYS C 1 -29.33 -9.86 37.11
N PHE C 2 -28.33 -9.87 38.00
CA PHE C 2 -27.22 -10.82 37.92
C PHE C 2 -27.63 -12.28 37.95
N ASP C 3 -28.88 -12.61 38.26
CA ASP C 3 -29.27 -14.00 38.19
C ASP C 3 -29.56 -14.44 36.77
N ASP C 4 -29.67 -13.49 35.84
CA ASP C 4 -29.97 -13.77 34.45
C ASP C 4 -28.74 -14.13 33.62
N VAL C 5 -27.55 -14.10 34.21
CA VAL C 5 -26.31 -14.32 33.46
C VAL C 5 -25.76 -15.67 33.91
N CYS C 6 -26.17 -16.71 33.21
CA CYS C 6 -25.80 -18.08 33.57
C CYS C 6 -24.57 -18.49 32.79
N GLY C 7 -23.54 -18.92 33.50
CA GLY C 7 -22.24 -19.13 32.90
C GLY C 7 -21.37 -17.90 33.11
N CYS C 8 -20.07 -18.07 32.85
CA CYS C 8 -19.04 -17.06 33.11
C CYS C 8 -19.23 -16.42 34.48
N ASP C 9 -19.03 -17.25 35.51
CA ASP C 9 -19.25 -16.83 36.88
C ASP C 9 -18.14 -15.94 37.42
N GLU C 10 -16.96 -15.91 36.78
CA GLU C 10 -15.91 -15.02 37.23
C GLU C 10 -16.27 -13.56 36.99
N ALA C 11 -16.68 -13.23 35.77
CA ALA C 11 -17.09 -11.87 35.48
C ALA C 11 -18.20 -11.41 36.41
N ARG C 12 -19.16 -12.29 36.67
CA ARG C 12 -20.16 -12.00 37.70
C ARG C 12 -19.51 -11.79 39.06
N ALA C 13 -18.43 -12.50 39.35
CA ALA C 13 -17.75 -12.25 40.62
C ALA C 13 -17.21 -10.84 40.67
N GLU C 14 -16.60 -10.38 39.58
CA GLU C 14 -16.00 -9.05 39.56
C GLU C 14 -17.08 -7.98 39.70
N LEU C 15 -18.11 -8.03 38.87
CA LEU C 15 -19.10 -6.97 38.91
C LEU C 15 -19.97 -7.05 40.14
N GLU C 16 -20.36 -8.27 40.55
CA GLU C 16 -21.07 -8.42 41.81
C GLU C 16 -20.29 -7.83 42.97
N GLU C 17 -18.97 -8.01 43.00
CA GLU C 17 -18.25 -7.45 44.12
C GLU C 17 -18.05 -5.95 43.98
N ILE C 18 -18.09 -5.41 42.76
CA ILE C 18 -18.06 -3.95 42.62
C ILE C 18 -19.34 -3.35 43.19
N VAL C 19 -20.49 -3.85 42.75
CA VAL C 19 -21.75 -3.33 43.28
C VAL C 19 -21.84 -3.60 44.78
N ASP C 20 -21.28 -4.71 45.23
CA ASP C 20 -21.20 -4.96 46.66
C ASP C 20 -20.28 -3.95 47.34
N PHE C 21 -19.35 -3.35 46.60
CA PHE C 21 -18.58 -2.25 47.17
C PHE C 21 -19.46 -1.02 47.28
N LEU C 22 -20.30 -0.78 46.29
CA LEU C 22 -21.16 0.41 46.36
C LEU C 22 -22.28 0.24 47.36
N LYS C 23 -22.55 -0.97 47.83
CA LYS C 23 -23.56 -1.12 48.87
C LYS C 23 -23.02 -0.79 50.25
N ASP C 24 -22.04 -1.56 50.72
CA ASP C 24 -21.49 -1.42 52.07
C ASP C 24 -19.98 -1.26 51.96
N PRO C 25 -19.48 -0.03 51.84
CA PRO C 25 -18.02 0.15 51.71
C PRO C 25 -17.24 -0.37 52.89
N THR C 26 -17.82 -0.30 54.10
CA THR C 26 -17.05 -0.60 55.30
C THR C 26 -16.62 -2.05 55.37
N LYS C 27 -17.29 -2.95 54.64
CA LYS C 27 -16.80 -4.32 54.55
C LYS C 27 -15.49 -4.38 53.79
N TYR C 28 -15.18 -3.33 53.02
CA TYR C 28 -14.01 -3.33 52.14
C TYR C 28 -13.04 -2.18 52.41
N GLU C 29 -13.52 -1.04 52.88
CA GLU C 29 -12.66 0.09 53.19
C GLU C 29 -12.10 0.03 54.60
N SER C 30 -12.02 -1.17 55.18
CA SER C 30 -11.43 -1.30 56.51
C SER C 30 -9.91 -1.21 56.45
N LEU C 31 -9.28 -2.06 55.64
CA LEU C 31 -7.84 -2.09 55.52
C LEU C 31 -7.31 -1.06 54.51
N GLY C 32 -8.18 -0.18 54.02
CA GLY C 32 -7.74 0.93 53.21
C GLY C 32 -7.95 0.79 51.71
N GLY C 33 -8.46 -0.35 51.23
CA GLY C 33 -8.70 -0.49 49.82
C GLY C 33 -9.74 0.50 49.32
N LYS C 34 -9.62 0.85 48.04
CA LYS C 34 -10.57 1.74 47.40
C LYS C 34 -11.03 1.11 46.08
N LEU C 35 -12.09 1.67 45.50
CA LEU C 35 -12.76 1.00 44.40
C LEU C 35 -11.81 0.84 43.21
N PRO C 36 -12.11 -0.09 42.31
CA PRO C 36 -11.43 -0.11 41.02
C PRO C 36 -11.86 1.07 40.20
N LYS C 37 -10.93 1.60 39.42
CA LYS C 37 -11.23 2.74 38.57
C LYS C 37 -11.80 2.35 37.23
N GLY C 38 -11.82 1.07 36.90
CA GLY C 38 -12.27 0.64 35.60
C GLY C 38 -12.28 -0.85 35.39
N VAL C 39 -13.26 -1.33 34.64
CA VAL C 39 -13.40 -2.74 34.31
C VAL C 39 -13.59 -2.86 32.82
N LEU C 40 -12.66 -3.54 32.14
CA LEU C 40 -12.79 -3.84 30.73
C LEU C 40 -13.31 -5.25 30.55
N LEU C 41 -14.04 -5.49 29.45
CA LEU C 41 -14.73 -6.75 29.22
C LEU C 41 -14.38 -7.25 27.82
N THR C 42 -13.65 -8.35 27.72
CA THR C 42 -13.25 -8.82 26.40
C THR C 42 -13.74 -10.23 26.16
N GLY C 43 -14.06 -10.53 24.90
CA GLY C 43 -14.48 -11.85 24.53
C GLY C 43 -15.16 -11.89 23.18
N PRO C 44 -15.33 -13.08 22.62
CA PRO C 44 -15.86 -13.22 21.26
C PRO C 44 -17.28 -12.69 21.14
N PRO C 45 -17.84 -12.66 19.94
CA PRO C 45 -19.18 -12.09 19.77
C PRO C 45 -20.24 -12.95 20.42
N GLY C 46 -21.07 -12.31 21.21
CA GLY C 46 -22.23 -12.96 21.78
C GLY C 46 -21.97 -13.86 22.96
N THR C 47 -21.26 -13.41 23.97
CA THR C 47 -21.03 -14.22 25.16
C THR C 47 -21.46 -13.53 26.45
N GLY C 48 -22.17 -12.42 26.38
CA GLY C 48 -22.72 -11.83 27.58
C GLY C 48 -21.93 -10.66 28.11
N LYS C 49 -21.49 -9.76 27.24
CA LYS C 49 -20.75 -8.57 27.62
C LYS C 49 -21.67 -7.38 27.83
N THR C 50 -22.43 -7.01 26.81
CA THR C 50 -23.48 -6.02 26.99
C THR C 50 -24.52 -6.51 27.99
N LEU C 51 -24.63 -7.83 28.15
CA LEU C 51 -25.56 -8.37 29.13
C LEU C 51 -25.06 -8.15 30.55
N LEU C 52 -23.80 -8.46 30.82
CA LEU C 52 -23.24 -8.16 32.13
C LEU C 52 -23.29 -6.67 32.41
N ALA C 53 -23.06 -5.84 31.40
CA ALA C 53 -23.19 -4.41 31.62
C ALA C 53 -24.62 -4.01 31.94
N ARG C 54 -25.60 -4.65 31.30
CA ARG C 54 -26.99 -4.30 31.55
C ARG C 54 -27.43 -4.75 32.94
N ALA C 55 -26.95 -5.91 33.39
CA ALA C 55 -27.23 -6.36 34.75
C ALA C 55 -26.60 -5.43 35.76
N THR C 56 -25.32 -5.09 35.56
CA THR C 56 -24.64 -4.16 36.46
C THR C 56 -25.38 -2.84 36.55
N ALA C 57 -25.89 -2.34 35.44
CA ALA C 57 -26.67 -1.12 35.50
C ALA C 57 -27.97 -1.32 36.26
N GLY C 58 -28.67 -2.41 36.00
CA GLY C 58 -29.96 -2.62 36.63
C GLY C 58 -29.89 -2.79 38.13
N GLU C 59 -28.80 -3.36 38.64
CA GLU C 59 -28.74 -3.70 40.05
C GLU C 59 -27.79 -2.85 40.87
N ALA C 60 -27.05 -1.93 40.24
CA ALA C 60 -26.09 -1.12 40.99
C ALA C 60 -26.78 -0.05 41.80
N GLY C 61 -28.01 0.31 41.46
CA GLY C 61 -28.71 1.36 42.17
C GLY C 61 -28.02 2.70 42.12
N VAL C 62 -27.45 3.05 40.97
CA VAL C 62 -26.64 4.25 40.80
C VAL C 62 -26.78 4.72 39.37
N ASP C 63 -26.58 6.02 39.15
CA ASP C 63 -26.58 6.57 37.80
C ASP C 63 -25.66 5.77 36.89
N PHE C 64 -26.03 5.69 35.62
CA PHE C 64 -25.34 4.81 34.68
C PHE C 64 -25.44 5.41 33.29
N PHE C 65 -24.40 6.12 32.88
CA PHE C 65 -24.33 6.76 31.58
C PHE C 65 -23.76 5.77 30.59
N PHE C 66 -24.48 5.53 29.49
CA PHE C 66 -24.01 4.61 28.47
C PHE C 66 -23.92 5.34 27.14
N MET C 67 -22.84 5.09 26.41
CA MET C 67 -22.67 5.56 25.05
C MET C 67 -21.89 4.53 24.28
N SER C 68 -22.15 4.45 22.99
CA SER C 68 -21.39 3.59 22.11
C SER C 68 -20.12 4.29 21.69
N GLY C 69 -19.18 3.51 21.18
CA GLY C 69 -17.93 4.10 20.73
C GLY C 69 -18.06 4.97 19.51
N SER C 70 -19.22 4.93 18.84
CA SER C 70 -19.42 5.64 17.59
C SER C 70 -20.25 6.90 17.76
N GLU C 71 -20.80 7.16 18.94
CA GLU C 71 -21.61 8.35 19.15
C GLU C 71 -20.78 9.60 19.34
N PHE C 72 -19.48 9.51 19.12
CA PHE C 72 -18.56 10.63 19.08
C PHE C 72 -18.30 10.97 17.61
N ASP C 73 -17.33 11.84 17.35
CA ASP C 73 -16.73 11.98 16.02
C ASP C 73 -17.77 12.34 14.95
N GLU C 74 -18.34 13.51 15.06
CA GLU C 74 -19.20 13.97 13.99
C GLU C 74 -18.37 14.86 13.06
N VAL C 75 -19.02 15.65 12.21
CA VAL C 75 -18.38 16.14 10.98
C VAL C 75 -17.17 17.02 11.28
N TYR C 76 -17.30 17.94 12.22
CA TYR C 76 -16.31 18.99 12.40
C TYR C 76 -15.20 18.54 13.33
N VAL C 77 -14.13 19.34 13.38
CA VAL C 77 -12.93 18.97 14.12
C VAL C 77 -13.09 19.28 15.59
N GLY C 78 -12.71 18.33 16.44
CA GLY C 78 -12.76 18.55 17.86
C GLY C 78 -14.14 18.47 18.46
N VAL C 79 -15.08 17.79 17.80
CA VAL C 79 -16.40 17.62 18.38
C VAL C 79 -16.43 16.39 19.27
N GLY C 80 -15.73 15.33 18.87
CA GLY C 80 -15.72 14.13 19.68
C GLY C 80 -15.08 14.35 21.04
N ALA C 81 -13.92 14.99 21.06
CA ALA C 81 -13.31 15.34 22.33
C ALA C 81 -14.24 16.18 23.18
N LYS C 82 -14.92 17.14 22.57
CA LYS C 82 -15.78 18.03 23.35
C LYS C 82 -16.93 17.26 23.97
N ARG C 83 -17.51 16.33 23.21
CA ARG C 83 -18.55 15.48 23.77
C ARG C 83 -18.00 14.62 24.91
N ILE C 84 -16.73 14.23 24.85
CA ILE C 84 -16.18 13.47 25.97
C ILE C 84 -16.04 14.35 27.20
N ARG C 85 -15.56 15.58 27.03
CA ARG C 85 -15.45 16.49 28.16
C ARG C 85 -16.80 16.75 28.81
N ASP C 86 -17.85 16.90 27.99
CA ASP C 86 -19.17 17.11 28.57
C ASP C 86 -19.70 15.84 29.23
N LEU C 87 -19.40 14.68 28.67
CA LEU C 87 -19.84 13.43 29.29
C LEU C 87 -19.25 13.29 30.69
N PHE C 88 -17.96 13.55 30.84
CA PHE C 88 -17.38 13.45 32.17
C PHE C 88 -17.72 14.64 33.05
N ALA C 89 -18.12 15.77 32.48
CA ALA C 89 -18.60 16.86 33.30
C ALA C 89 -19.95 16.52 33.92
N GLN C 90 -20.86 15.95 33.14
CA GLN C 90 -22.09 15.44 33.72
C GLN C 90 -21.82 14.32 34.70
N ALA C 91 -20.87 13.45 34.39
CA ALA C 91 -20.56 12.34 35.28
C ALA C 91 -20.07 12.83 36.62
N ARG C 92 -19.08 13.73 36.64
CA ARG C 92 -18.65 14.33 37.89
C ARG C 92 -19.78 15.08 38.57
N SER C 93 -20.61 15.76 37.78
CA SER C 93 -21.68 16.58 38.34
C SER C 93 -22.67 15.75 39.12
N ARG C 94 -23.06 14.59 38.59
CA ARG C 94 -24.17 13.86 39.17
C ARG C 94 -23.80 13.23 40.51
N ALA C 95 -22.90 12.28 40.50
CA ALA C 95 -22.74 11.48 41.70
C ALA C 95 -21.53 10.57 41.58
N PRO C 96 -21.29 9.71 42.55
CA PRO C 96 -20.57 8.47 42.22
C PRO C 96 -21.37 7.73 41.17
N ALA C 97 -20.77 7.53 40.01
CA ALA C 97 -21.52 7.09 38.84
C ALA C 97 -20.70 6.11 38.03
N ILE C 98 -21.36 5.48 37.06
CA ILE C 98 -20.75 4.50 36.19
C ILE C 98 -20.95 4.96 34.75
N ILE C 99 -20.03 4.59 33.88
CA ILE C 99 -20.03 5.02 32.49
C ILE C 99 -19.63 3.84 31.63
N PHE C 100 -20.44 3.51 30.64
CA PHE C 100 -20.24 2.32 29.84
C PHE C 100 -20.06 2.70 28.38
N ILE C 101 -18.83 2.66 27.91
CA ILE C 101 -18.52 2.92 26.51
C ILE C 101 -18.49 1.57 25.82
N ASP C 102 -19.64 1.14 25.33
CA ASP C 102 -19.78 -0.07 24.53
C ASP C 102 -19.10 0.13 23.19
N GLN C 103 -18.62 -0.97 22.62
CA GLN C 103 -17.94 -0.93 21.32
C GLN C 103 -16.73 0.01 21.37
N LEU C 104 -15.81 -0.34 22.26
CA LEU C 104 -14.66 0.51 22.51
C LEU C 104 -13.60 0.38 21.43
N ASP C 105 -13.85 -0.42 20.41
CA ASP C 105 -12.90 -0.53 19.30
C ASP C 105 -12.75 0.79 18.57
N ALA C 106 -13.82 1.58 18.49
CA ALA C 106 -13.81 2.77 17.65
C ALA C 106 -12.83 3.82 18.18
N ILE C 107 -13.08 4.35 19.37
CA ILE C 107 -12.22 5.42 19.87
C ILE C 107 -10.90 4.93 20.43
N GLY C 108 -10.77 3.64 20.70
CA GLY C 108 -9.50 3.07 21.10
C GLY C 108 -8.59 2.93 19.91
N GLY C 109 -7.76 1.92 19.96
CA GLY C 109 -6.98 1.68 18.76
C GLY C 109 -5.65 2.41 18.80
N LYS C 110 -4.63 1.78 18.22
CA LYS C 110 -3.25 2.20 18.39
C LYS C 110 -3.03 3.64 17.95
N ARG C 111 -1.96 4.22 18.46
CA ARG C 111 -1.45 5.49 17.93
C ARG C 111 -0.14 5.19 17.24
N ASN C 112 -0.10 5.44 15.93
CA ASN C 112 1.10 5.18 15.16
C ASN C 112 1.23 6.30 14.14
N PRO C 113 2.45 6.62 13.73
CA PRO C 113 2.61 7.39 12.49
C PRO C 113 1.96 6.62 11.34
N LYS C 114 1.72 7.34 10.24
CA LYS C 114 0.80 6.99 9.16
C LYS C 114 -0.64 7.40 9.53
N ASP C 115 -0.88 7.85 10.75
CA ASP C 115 -2.17 8.45 11.04
C ASP C 115 -2.20 9.88 10.54
N GLN C 116 -3.39 10.35 10.23
CA GLN C 116 -3.59 11.69 9.73
C GLN C 116 -3.83 12.64 10.90
N ALA C 117 -3.72 13.94 10.63
CA ALA C 117 -3.96 14.93 11.66
C ALA C 117 -5.40 14.87 12.13
N TYR C 118 -5.63 15.32 13.37
CA TYR C 118 -6.96 15.40 13.97
C TYR C 118 -7.58 14.04 14.25
N ALA C 119 -6.86 12.95 14.00
CA ALA C 119 -7.45 11.62 14.09
C ALA C 119 -7.58 11.14 15.53
N LYS C 120 -6.49 11.15 16.28
CA LYS C 120 -6.44 10.62 17.63
C LYS C 120 -6.64 11.71 18.68
N GLN C 121 -7.51 12.66 18.40
CA GLN C 121 -7.79 13.72 19.39
C GLN C 121 -8.82 13.29 20.40
N THR C 122 -9.85 12.57 19.95
CA THR C 122 -10.82 12.01 20.87
C THR C 122 -10.17 11.06 21.86
N LEU C 123 -9.32 10.15 21.37
CA LEU C 123 -8.64 9.22 22.26
C LEU C 123 -7.78 9.94 23.27
N ASN C 124 -6.99 10.92 22.83
CA ASN C 124 -6.17 11.67 23.77
C ASN C 124 -7.02 12.37 24.83
N GLN C 125 -8.18 12.89 24.45
CA GLN C 125 -9.04 13.49 25.46
C GLN C 125 -9.53 12.45 26.46
N LEU C 126 -9.85 11.25 25.97
CA LEU C 126 -10.29 10.20 26.89
C LEU C 126 -9.20 9.86 27.89
N LEU C 127 -7.95 9.73 27.41
CA LEU C 127 -6.86 9.44 28.33
C LEU C 127 -6.66 10.55 29.34
N VAL C 128 -6.70 11.80 28.89
CA VAL C 128 -6.50 12.93 29.79
C VAL C 128 -7.65 13.10 30.77
N GLU C 129 -8.82 12.52 30.49
CA GLU C 129 -9.94 12.60 31.41
C GLU C 129 -10.00 11.45 32.39
N LEU C 130 -9.67 10.23 31.97
CA LEU C 130 -9.71 9.10 32.89
C LEU C 130 -8.65 9.23 33.99
N ASP C 131 -7.44 9.65 33.62
CA ASP C 131 -6.36 9.82 34.59
C ASP C 131 -5.44 10.94 34.08
N GLY C 132 -5.72 12.16 34.51
CA GLY C 132 -5.01 13.34 34.03
C GLY C 132 -4.39 14.10 35.17
N PHE C 133 -4.50 15.42 35.11
CA PHE C 133 -3.90 16.26 36.13
C PHE C 133 -4.84 16.56 37.28
N SER C 134 -6.14 16.72 36.98
CA SER C 134 -7.12 17.01 38.01
C SER C 134 -7.73 15.69 38.48
N GLN C 135 -7.25 15.20 39.61
CA GLN C 135 -7.73 13.93 40.14
C GLN C 135 -9.13 14.09 40.72
N THR C 136 -9.80 12.96 40.90
CA THR C 136 -11.10 12.94 41.52
C THR C 136 -11.38 11.50 41.95
N SER C 137 -12.64 11.24 42.30
CA SER C 137 -13.03 9.87 42.63
C SER C 137 -14.53 9.79 42.60
N GLY C 138 -15.04 8.61 42.24
CA GLY C 138 -16.47 8.38 42.16
C GLY C 138 -16.96 8.02 40.78
N ILE C 139 -16.13 8.08 39.75
CA ILE C 139 -16.53 7.70 38.40
C ILE C 139 -15.88 6.37 38.08
N ILE C 140 -16.69 5.38 37.72
CA ILE C 140 -16.21 4.08 37.28
C ILE C 140 -16.57 3.94 35.81
N ILE C 141 -15.66 3.40 35.03
CA ILE C 141 -15.84 3.26 33.59
C ILE C 141 -15.77 1.80 33.21
N ILE C 142 -16.73 1.34 32.42
CA ILE C 142 -16.78 -0.03 31.94
C ILE C 142 -16.70 0.00 30.42
N GLY C 143 -15.97 -0.92 29.84
CA GLY C 143 -15.81 -0.97 28.39
C GLY C 143 -15.81 -2.39 27.88
N ALA C 144 -16.39 -2.57 26.70
CA ALA C 144 -16.52 -3.88 26.06
C ALA C 144 -15.88 -3.81 24.69
N THR C 145 -15.21 -4.89 24.29
CA THR C 145 -14.56 -4.93 22.99
C THR C 145 -14.16 -6.35 22.67
N ASN C 146 -14.22 -6.68 21.38
CA ASN C 146 -13.83 -8.01 20.93
C ASN C 146 -12.34 -8.13 20.69
N PHE C 147 -11.65 -7.02 20.48
CA PHE C 147 -10.31 -6.97 19.91
C PHE C 147 -9.39 -6.32 20.92
N PRO C 148 -9.07 -7.00 22.02
CA PRO C 148 -8.28 -6.35 23.07
C PRO C 148 -6.90 -5.93 22.63
N GLU C 149 -6.23 -6.72 21.80
CA GLU C 149 -4.90 -6.32 21.34
C GLU C 149 -4.97 -5.17 20.35
N ALA C 150 -6.12 -4.91 19.77
CA ALA C 150 -6.25 -3.78 18.86
C ALA C 150 -6.44 -2.46 19.60
N LEU C 151 -6.28 -2.45 20.91
CA LEU C 151 -6.43 -1.23 21.69
C LEU C 151 -5.07 -0.62 22.01
N ASP C 152 -5.10 0.68 22.25
CA ASP C 152 -3.89 1.38 22.60
C ASP C 152 -3.40 0.93 23.96
N LYS C 153 -2.10 1.13 24.21
CA LYS C 153 -1.50 0.66 25.45
C LYS C 153 -1.80 1.57 26.64
N ALA C 154 -2.29 2.78 26.41
CA ALA C 154 -2.59 3.68 27.51
C ALA C 154 -4.04 3.63 27.95
N LEU C 155 -4.93 3.04 27.17
CA LEU C 155 -6.26 2.75 27.71
C LEU C 155 -6.22 1.56 28.65
N THR C 156 -5.58 0.48 28.23
CA THR C 156 -5.59 -0.75 29.02
C THR C 156 -4.73 -0.65 30.26
N ARG C 157 -4.04 0.46 30.46
CA ARG C 157 -3.15 0.59 31.60
C ARG C 157 -3.93 0.65 32.91
N PRO C 158 -3.47 -0.04 33.95
CA PRO C 158 -4.02 0.19 35.28
C PRO C 158 -3.90 1.63 35.68
N GLY C 159 -4.86 2.11 36.45
CA GLY C 159 -5.03 3.53 36.65
C GLY C 159 -6.19 4.04 35.82
N ARG C 160 -6.26 3.60 34.56
CA ARG C 160 -7.43 3.82 33.73
C ARG C 160 -8.43 2.68 33.87
N PHE C 161 -8.01 1.47 33.50
CA PHE C 161 -8.81 0.25 33.47
C PHE C 161 -8.13 -0.77 34.36
N ASP C 162 -8.49 -0.79 35.64
CA ASP C 162 -7.82 -1.68 36.58
C ASP C 162 -8.00 -3.14 36.20
N LYS C 163 -9.24 -3.60 36.12
CA LYS C 163 -9.51 -5.02 35.93
C LYS C 163 -9.79 -5.32 34.47
N VAL C 164 -9.14 -6.36 33.95
CA VAL C 164 -9.41 -6.85 32.60
C VAL C 164 -10.15 -8.18 32.74
N VAL C 165 -11.46 -8.13 32.62
CA VAL C 165 -12.34 -9.28 32.80
C VAL C 165 -12.56 -9.92 31.44
N ASN C 166 -12.55 -11.25 31.42
CA ASN C 166 -12.46 -12.03 30.20
C ASN C 166 -13.68 -12.94 30.11
N VAL C 167 -14.70 -12.50 29.39
CA VAL C 167 -15.86 -13.32 29.09
C VAL C 167 -15.51 -14.27 27.96
N ASP C 168 -15.95 -15.51 28.05
CA ASP C 168 -15.55 -16.48 27.04
C ASP C 168 -16.64 -17.54 26.89
N LEU C 169 -16.55 -18.29 25.80
CA LEU C 169 -17.56 -19.27 25.47
C LEU C 169 -17.66 -20.32 26.57
N PRO C 170 -18.87 -20.71 26.96
CA PRO C 170 -19.04 -21.58 28.12
C PRO C 170 -18.55 -22.98 27.82
N ASP C 171 -18.57 -23.82 28.84
CA ASP C 171 -18.36 -25.25 28.76
C ASP C 171 -19.68 -25.96 29.08
N VAL C 172 -19.62 -27.28 29.23
CA VAL C 172 -20.83 -28.10 29.27
C VAL C 172 -21.78 -27.63 30.36
N ARG C 173 -21.28 -27.49 31.58
CA ARG C 173 -22.14 -27.07 32.69
C ARG C 173 -22.72 -25.68 32.44
N GLY C 174 -21.90 -24.78 31.92
CA GLY C 174 -22.39 -23.46 31.59
C GLY C 174 -23.51 -23.49 30.57
N ARG C 175 -23.36 -24.29 29.51
CA ARG C 175 -24.44 -24.39 28.54
C ARG C 175 -25.70 -24.96 29.17
N ALA C 176 -25.55 -25.92 30.09
CA ALA C 176 -26.72 -26.40 30.81
C ALA C 176 -27.41 -25.27 31.56
N ASP C 177 -26.64 -24.41 32.23
CA ASP C 177 -27.27 -23.32 32.99
C ASP C 177 -27.93 -22.31 32.07
N ILE C 178 -27.32 -22.00 30.93
CA ILE C 178 -27.94 -21.06 30.00
C ILE C 178 -29.25 -21.61 29.49
N LEU C 179 -29.25 -22.88 29.09
CA LEU C 179 -30.49 -23.47 28.57
C LEU C 179 -31.57 -23.50 29.63
N LYS C 180 -31.22 -23.91 30.86
CA LYS C 180 -32.20 -23.87 31.94
C LYS C 180 -32.76 -22.48 32.14
N HIS C 181 -31.93 -21.45 32.04
CA HIS C 181 -32.45 -20.10 32.21
C HIS C 181 -33.42 -19.74 31.11
N HIS C 182 -33.05 -20.00 29.85
CA HIS C 182 -33.91 -19.53 28.77
C HIS C 182 -35.17 -20.36 28.62
N MET C 183 -35.22 -21.58 29.15
CA MET C 183 -36.41 -22.39 29.04
C MET C 183 -37.48 -22.01 30.05
N LYS C 184 -37.25 -20.98 30.87
CA LYS C 184 -38.25 -20.64 31.88
C LYS C 184 -39.46 -19.93 31.28
N LYS C 185 -39.36 -19.43 30.05
CA LYS C 185 -40.47 -18.76 29.41
C LYS C 185 -41.21 -19.66 28.42
N ILE C 186 -40.95 -20.96 28.44
CA ILE C 186 -41.49 -21.86 27.45
C ILE C 186 -42.23 -23.00 28.14
N THR C 187 -43.50 -23.18 27.80
CA THR C 187 -44.29 -24.28 28.33
C THR C 187 -43.69 -25.59 27.83
N LEU C 188 -43.08 -26.33 28.73
CA LEU C 188 -42.26 -27.49 28.39
C LEU C 188 -43.03 -28.78 28.55
N ALA C 189 -42.52 -29.82 27.91
CA ALA C 189 -42.98 -31.19 28.14
C ALA C 189 -42.24 -31.74 29.36
N ASP C 190 -42.32 -33.05 29.57
CA ASP C 190 -41.72 -33.64 30.75
C ASP C 190 -40.47 -34.47 30.46
N ASN C 191 -40.17 -34.72 29.19
CA ASN C 191 -38.96 -35.45 28.82
C ASN C 191 -37.82 -34.52 28.43
N VAL C 192 -37.94 -33.22 28.68
CA VAL C 192 -36.90 -32.26 28.33
C VAL C 192 -35.79 -32.32 29.36
N ASP C 193 -34.60 -32.70 28.92
CA ASP C 193 -33.41 -32.72 29.78
C ASP C 193 -32.35 -31.81 29.17
N PRO C 194 -32.12 -30.62 29.71
CA PRO C 194 -31.21 -29.68 29.05
C PRO C 194 -29.77 -30.16 28.99
N THR C 195 -29.32 -30.99 29.93
CA THR C 195 -27.93 -31.44 29.88
C THR C 195 -27.66 -32.28 28.65
N ILE C 196 -28.70 -32.97 28.15
CA ILE C 196 -28.58 -33.67 26.87
C ILE C 196 -28.20 -32.69 25.78
N ILE C 197 -28.93 -31.58 25.68
CA ILE C 197 -28.69 -30.62 24.61
C ILE C 197 -27.33 -29.98 24.78
N ALA C 198 -27.02 -29.55 26.00
CA ALA C 198 -25.71 -28.95 26.27
C ALA C 198 -24.58 -29.88 25.89
N ARG C 199 -24.71 -31.18 26.17
CA ARG C 199 -23.71 -32.11 25.68
C ARG C 199 -23.77 -32.27 24.18
N GLY C 200 -24.90 -31.95 23.56
CA GLY C 200 -25.02 -32.09 22.14
C GLY C 200 -24.65 -30.88 21.31
N THR C 201 -24.27 -29.76 21.93
CA THR C 201 -24.03 -28.51 21.22
C THR C 201 -22.70 -27.89 21.63
N PRO C 202 -21.59 -28.53 21.31
CA PRO C 202 -20.30 -27.98 21.71
C PRO C 202 -19.88 -26.84 20.79
N GLY C 203 -19.31 -25.80 21.39
CA GLY C 203 -18.78 -24.68 20.66
C GLY C 203 -19.71 -23.51 20.45
N LEU C 204 -20.94 -23.57 20.95
CA LEU C 204 -21.91 -22.51 20.75
C LEU C 204 -21.88 -21.51 21.89
N SER C 205 -22.10 -20.25 21.55
CA SER C 205 -22.11 -19.18 22.52
C SER C 205 -23.44 -19.18 23.26
N GLY C 206 -23.73 -18.12 24.01
CA GLY C 206 -25.02 -18.02 24.67
C GLY C 206 -26.13 -17.56 23.75
N ALA C 207 -25.84 -16.65 22.84
CA ALA C 207 -26.87 -16.15 21.95
C ALA C 207 -27.38 -17.23 21.02
N GLU C 208 -26.52 -18.11 20.53
CA GLU C 208 -26.96 -19.18 19.67
C GLU C 208 -27.84 -20.18 20.40
N LEU C 209 -27.58 -20.41 21.68
CA LEU C 209 -28.43 -21.31 22.44
C LEU C 209 -29.78 -20.68 22.73
N ALA C 210 -29.79 -19.38 23.05
CA ALA C 210 -31.06 -18.69 23.19
C ALA C 210 -31.87 -18.76 21.91
N ASN C 211 -31.22 -18.60 20.77
CA ASN C 211 -31.93 -18.69 19.50
C ASN C 211 -32.44 -20.10 19.24
N LEU C 212 -31.62 -21.11 19.55
CA LEU C 212 -32.06 -22.49 19.42
C LEU C 212 -33.35 -22.72 20.19
N VAL C 213 -33.39 -22.28 21.45
CA VAL C 213 -34.58 -22.45 22.25
C VAL C 213 -35.76 -21.70 21.65
N ASN C 214 -35.53 -20.48 21.18
CA ASN C 214 -36.60 -19.68 20.61
C ASN C 214 -37.23 -20.37 19.41
N GLN C 215 -36.45 -20.63 18.36
CA GLN C 215 -37.06 -21.18 17.17
C GLN C 215 -37.50 -22.62 17.36
N ALA C 216 -36.97 -23.33 18.37
CA ALA C 216 -37.57 -24.60 18.73
C ALA C 216 -38.99 -24.42 19.26
N ALA C 217 -39.19 -23.40 20.10
CA ALA C 217 -40.53 -23.12 20.58
C ALA C 217 -41.46 -22.73 19.44
N VAL C 218 -41.01 -21.86 18.55
CA VAL C 218 -41.86 -21.43 17.44
C VAL C 218 -42.22 -22.62 16.55
N TYR C 219 -41.25 -23.51 16.31
CA TYR C 219 -41.55 -24.72 15.57
C TYR C 219 -42.57 -25.59 16.30
N ALA C 220 -42.49 -25.66 17.62
CA ALA C 220 -43.50 -26.40 18.37
C ALA C 220 -44.89 -25.85 18.13
N CYS C 221 -45.07 -24.55 18.33
CA CYS C 221 -46.38 -23.93 18.16
C CYS C 221 -46.80 -23.88 16.70
N GLN C 222 -45.91 -24.17 15.76
CA GLN C 222 -46.29 -24.18 14.36
C GLN C 222 -46.91 -25.51 13.97
N LYS C 223 -46.71 -26.55 14.78
CA LYS C 223 -47.28 -27.87 14.52
C LYS C 223 -48.53 -28.14 15.34
N ASN C 224 -49.22 -27.10 15.81
CA ASN C 224 -50.46 -27.26 16.57
C ASN C 224 -50.24 -28.06 17.86
N ALA C 225 -49.02 -28.01 18.40
CA ALA C 225 -48.74 -28.74 19.62
C ALA C 225 -49.05 -27.87 20.84
N VAL C 226 -48.87 -28.44 22.02
CA VAL C 226 -49.12 -27.73 23.27
C VAL C 226 -47.96 -27.77 24.23
N SER C 227 -47.00 -28.67 24.07
CA SER C 227 -45.83 -28.72 24.92
C SER C 227 -44.61 -28.98 24.05
N VAL C 228 -43.49 -28.39 24.44
CA VAL C 228 -42.26 -28.44 23.66
C VAL C 228 -41.43 -29.63 24.14
N ASP C 229 -41.28 -30.63 23.29
CA ASP C 229 -40.62 -31.87 23.67
C ASP C 229 -39.21 -31.95 23.09
N MET C 230 -38.48 -33.01 23.44
CA MET C 230 -37.11 -33.18 22.98
C MET C 230 -36.99 -33.29 21.47
N SER C 231 -38.01 -33.76 20.78
CA SER C 231 -37.93 -33.84 19.33
C SER C 231 -37.83 -32.47 18.70
N HIS C 232 -38.38 -31.44 19.33
CA HIS C 232 -38.33 -30.11 18.79
C HIS C 232 -36.95 -29.49 18.96
N PHE C 233 -36.40 -29.58 20.16
CA PHE C 233 -35.02 -29.16 20.40
C PHE C 233 -34.07 -29.90 19.46
N GLU C 234 -34.29 -31.20 19.26
CA GLU C 234 -33.47 -31.95 18.33
C GLU C 234 -33.58 -31.39 16.92
N TRP C 235 -34.80 -31.09 16.48
CA TRP C 235 -35.00 -30.50 15.17
C TRP C 235 -34.22 -29.21 15.01
N ALA C 236 -34.38 -28.29 15.96
CA ALA C 236 -33.73 -26.98 15.85
C ALA C 236 -32.21 -27.09 15.90
N LYS C 237 -31.66 -27.82 16.87
CA LYS C 237 -30.21 -27.94 16.91
C LYS C 237 -29.66 -28.65 15.68
N ASP C 238 -30.41 -29.58 15.09
CA ASP C 238 -29.97 -30.13 13.81
C ASP C 238 -30.01 -29.06 12.73
N LYS C 239 -31.00 -28.18 12.78
CA LYS C 239 -31.07 -27.08 11.83
C LYS C 239 -29.84 -26.19 11.92
N ILE C 240 -29.37 -25.90 13.14
CA ILE C 240 -28.23 -25.02 13.31
C ILE C 240 -26.92 -25.74 12.98
N LEU C 241 -26.72 -26.91 13.55
CA LEU C 241 -25.46 -27.62 13.35
C LEU C 241 -25.26 -28.09 11.92
N MET C 242 -26.33 -28.40 11.20
CA MET C 242 -26.20 -29.01 9.89
C MET C 242 -26.68 -28.13 8.75
N GLY C 243 -27.64 -27.25 8.98
CA GLY C 243 -28.21 -26.45 7.92
C GLY C 243 -29.66 -26.82 7.67
N ALA C 244 -30.41 -25.85 7.14
CA ALA C 244 -31.84 -26.04 6.96
C ALA C 244 -32.12 -27.09 5.90
N GLU C 245 -32.99 -28.03 6.24
CA GLU C 245 -33.34 -29.11 5.34
C GLU C 245 -34.03 -28.56 4.09
N ARG C 246 -33.75 -29.17 2.95
CA ARG C 246 -34.30 -28.73 1.67
C ARG C 246 -35.11 -29.86 1.06
N LYS C 247 -36.43 -29.79 1.24
CA LYS C 247 -37.29 -30.91 0.86
C LYS C 247 -37.37 -31.07 -0.64
N THR C 248 -37.85 -30.06 -1.35
CA THR C 248 -38.02 -30.12 -2.79
C THR C 248 -36.66 -30.31 -3.45
N MET C 249 -36.44 -31.48 -4.02
CA MET C 249 -35.16 -31.86 -4.58
C MET C 249 -35.37 -32.95 -5.63
N VAL C 250 -35.31 -32.56 -6.89
CA VAL C 250 -35.32 -33.50 -8.00
C VAL C 250 -33.89 -34.01 -8.16
N LEU C 251 -33.66 -35.25 -7.75
CA LEU C 251 -32.30 -35.78 -7.75
C LEU C 251 -32.33 -37.22 -8.26
N THR C 252 -31.54 -37.45 -9.29
CA THR C 252 -31.54 -38.72 -10.00
C THR C 252 -31.13 -39.86 -9.09
N ASP C 253 -31.45 -41.08 -9.50
CA ASP C 253 -31.03 -42.26 -8.74
C ASP C 253 -29.52 -42.37 -8.67
N ALA C 254 -28.83 -42.11 -9.79
CA ALA C 254 -27.38 -42.24 -9.81
C ALA C 254 -26.73 -41.26 -8.84
N ALA C 255 -27.27 -40.04 -8.77
CA ALA C 255 -26.74 -39.05 -7.84
C ALA C 255 -26.84 -39.53 -6.41
N ARG C 256 -27.98 -40.08 -6.02
CA ARG C 256 -28.15 -40.52 -4.64
C ARG C 256 -27.30 -41.74 -4.34
N LYS C 257 -27.09 -42.61 -5.33
CA LYS C 257 -26.15 -43.71 -5.10
C LYS C 257 -24.75 -43.18 -4.84
N ALA C 258 -24.27 -42.29 -5.70
CA ALA C 258 -22.92 -41.75 -5.52
C ALA C 258 -22.79 -41.06 -4.17
N THR C 259 -23.77 -40.24 -3.81
CA THR C 259 -23.70 -39.53 -2.53
C THR C 259 -23.66 -40.50 -1.36
N ALA C 260 -24.58 -41.48 -1.36
CA ALA C 260 -24.58 -42.44 -0.27
C ALA C 260 -23.29 -43.23 -0.18
N PHE C 261 -22.57 -43.40 -1.29
CA PHE C 261 -21.25 -44.00 -1.15
C PHE C 261 -20.21 -43.04 -0.59
N HIS C 262 -20.31 -41.74 -0.90
CA HIS C 262 -19.37 -40.79 -0.32
C HIS C 262 -19.51 -40.74 1.20
N GLU C 263 -20.69 -40.36 1.69
CA GLU C 263 -20.89 -40.37 3.13
C GLU C 263 -20.83 -41.77 3.74
N ALA C 264 -20.99 -42.81 2.93
CA ALA C 264 -20.68 -44.14 3.44
C ALA C 264 -19.20 -44.25 3.76
N GLY C 265 -18.34 -43.72 2.90
CA GLY C 265 -16.92 -43.77 3.18
C GLY C 265 -16.55 -42.99 4.42
N HIS C 266 -17.02 -41.74 4.51
CA HIS C 266 -16.77 -40.97 5.74
C HIS C 266 -17.29 -41.71 6.96
N ALA C 267 -18.51 -42.24 6.89
CA ALA C 267 -19.11 -42.88 8.06
C ALA C 267 -18.34 -44.12 8.47
N ILE C 268 -17.71 -44.80 7.52
CA ILE C 268 -16.93 -45.98 7.89
C ILE C 268 -15.63 -45.56 8.55
N MET C 269 -14.82 -44.75 7.87
CA MET C 269 -13.52 -44.45 8.43
C MET C 269 -13.56 -43.62 9.70
N ALA C 270 -14.70 -43.03 10.03
CA ALA C 270 -14.86 -42.37 11.31
C ALA C 270 -15.29 -43.32 12.41
N LYS C 271 -15.21 -44.62 12.17
CA LYS C 271 -15.79 -45.59 13.08
C LYS C 271 -14.83 -46.70 13.46
N TYR C 272 -13.98 -47.12 12.53
CA TYR C 272 -13.00 -48.15 12.77
C TYR C 272 -11.58 -47.61 12.86
N THR C 273 -11.45 -46.29 12.92
CA THR C 273 -10.15 -45.64 12.98
C THR C 273 -9.85 -45.25 14.42
N ASN C 274 -8.67 -45.64 14.88
CA ASN C 274 -8.29 -45.39 16.27
C ASN C 274 -8.18 -43.90 16.53
N GLY C 275 -8.92 -43.42 17.52
CA GLY C 275 -8.81 -42.04 17.94
C GLY C 275 -9.83 -41.10 17.34
N ALA C 276 -10.51 -41.49 16.28
CA ALA C 276 -11.48 -40.61 15.66
C ALA C 276 -12.61 -40.29 16.63
N THR C 277 -13.14 -39.07 16.52
CA THR C 277 -14.18 -38.65 17.43
C THR C 277 -15.44 -39.48 17.21
N PRO C 278 -16.16 -39.80 18.28
CA PRO C 278 -17.29 -40.72 18.17
C PRO C 278 -18.36 -40.20 17.22
N LEU C 279 -18.91 -41.11 16.43
CA LEU C 279 -19.76 -40.74 15.31
C LEU C 279 -21.15 -40.33 15.80
N TYR C 280 -21.79 -39.50 14.99
CA TYR C 280 -23.14 -39.01 15.21
C TYR C 280 -23.90 -39.32 13.93
N LYS C 281 -25.12 -38.77 13.80
CA LYS C 281 -25.98 -39.17 12.69
C LYS C 281 -25.37 -38.75 11.35
N ALA C 282 -25.26 -39.72 10.45
CA ALA C 282 -24.89 -39.48 9.07
C ALA C 282 -26.16 -39.46 8.24
N THR C 283 -26.19 -38.62 7.20
CA THR C 283 -27.41 -38.48 6.43
C THR C 283 -27.07 -38.05 5.01
N ILE C 284 -28.06 -38.15 4.12
CA ILE C 284 -27.90 -37.66 2.76
C ILE C 284 -29.06 -36.78 2.33
N LEU C 285 -29.80 -36.22 3.26
CA LEU C 285 -30.71 -35.14 2.89
C LEU C 285 -29.89 -33.93 2.46
N PRO C 286 -30.26 -33.27 1.41
CA PRO C 286 -29.51 -32.09 0.99
C PRO C 286 -29.69 -30.92 1.95
N ARG C 287 -28.97 -30.94 3.07
CA ARG C 287 -29.02 -29.88 4.05
C ARG C 287 -28.32 -28.64 3.51
N GLY C 288 -29.02 -27.52 3.46
CA GLY C 288 -28.37 -26.24 3.18
C GLY C 288 -27.65 -26.16 1.85
N ARG C 289 -26.31 -26.15 1.88
CA ARG C 289 -25.53 -26.10 0.66
C ARG C 289 -24.87 -27.41 0.28
N ALA C 290 -24.80 -28.38 1.18
CA ALA C 290 -24.13 -29.64 0.93
C ALA C 290 -25.13 -30.71 0.54
N LEU C 291 -24.65 -31.73 -0.19
CA LEU C 291 -25.49 -32.80 -0.69
C LEU C 291 -25.47 -34.02 0.22
N GLY C 292 -25.30 -33.82 1.52
CA GLY C 292 -25.19 -34.92 2.45
C GLY C 292 -24.00 -34.67 3.36
N ILE C 293 -24.12 -35.02 4.64
CA ILE C 293 -23.09 -34.69 5.62
C ILE C 293 -22.91 -35.87 6.56
N THR C 294 -21.66 -36.14 6.90
CA THR C 294 -21.33 -37.11 7.94
C THR C 294 -20.85 -36.31 9.14
N PHE C 295 -21.69 -36.21 10.16
CA PHE C 295 -21.52 -35.23 11.22
C PHE C 295 -20.98 -35.94 12.46
N GLN C 296 -20.13 -35.26 13.21
CA GLN C 296 -19.48 -35.83 14.39
C GLN C 296 -19.62 -34.92 15.60
N LEU C 297 -19.56 -35.53 16.79
CA LEU C 297 -19.50 -34.75 18.02
C LEU C 297 -18.65 -35.50 19.03
N PRO C 298 -17.68 -34.84 19.65
CA PRO C 298 -16.87 -35.49 20.68
C PRO C 298 -17.63 -35.69 21.98
N GLU C 299 -16.94 -36.17 23.02
CA GLU C 299 -17.56 -36.46 24.29
C GLU C 299 -17.10 -35.55 25.42
N MET C 300 -16.07 -34.75 25.20
CA MET C 300 -15.64 -33.78 26.19
C MET C 300 -15.12 -32.55 25.47
N ASP C 301 -14.84 -31.50 26.25
CA ASP C 301 -14.38 -30.25 25.66
C ASP C 301 -13.04 -30.44 24.96
N LYS C 302 -12.00 -30.82 25.68
CA LYS C 302 -10.76 -31.31 25.10
C LYS C 302 -10.11 -30.28 24.18
N VAL C 303 -9.63 -29.19 24.80
CA VAL C 303 -8.98 -28.14 24.03
C VAL C 303 -7.74 -28.66 23.32
N ASP C 304 -7.01 -29.60 23.94
CA ASP C 304 -5.84 -30.17 23.30
C ASP C 304 -6.25 -31.16 22.23
N ILE C 305 -5.26 -31.60 21.45
CA ILE C 305 -5.47 -32.59 20.42
C ILE C 305 -4.16 -33.38 20.25
N THR C 306 -4.23 -34.68 20.46
CA THR C 306 -3.01 -35.47 20.40
C THR C 306 -2.59 -35.65 18.94
N LYS C 307 -1.58 -36.50 18.73
CA LYS C 307 -1.15 -36.79 17.38
C LYS C 307 -1.99 -37.87 16.76
N ARG C 308 -2.42 -38.85 17.55
CA ARG C 308 -3.30 -39.88 17.05
C ARG C 308 -4.63 -39.31 16.59
N GLU C 309 -5.16 -38.34 17.29
CA GLU C 309 -6.43 -37.76 16.87
C GLU C 309 -6.27 -36.93 15.62
N CYS C 310 -5.15 -36.21 15.48
CA CYS C 310 -4.91 -35.45 14.26
C CYS C 310 -4.83 -36.36 13.06
N GLN C 311 -3.99 -37.39 13.12
CA GLN C 311 -3.97 -38.34 12.02
C GLN C 311 -5.31 -39.00 11.81
N ALA C 312 -6.10 -39.14 12.87
CA ALA C 312 -7.45 -39.64 12.72
C ALA C 312 -8.29 -38.72 11.85
N ARG C 313 -8.17 -37.40 12.05
CA ARG C 313 -8.87 -36.47 11.18
C ARG C 313 -8.39 -36.58 9.73
N LEU C 314 -7.07 -36.62 9.53
CA LEU C 314 -6.55 -36.73 8.18
C LEU C 314 -7.04 -37.98 7.47
N ASP C 315 -7.30 -39.05 8.23
CA ASP C 315 -7.80 -40.25 7.57
C ASP C 315 -9.31 -40.18 7.38
N VAL C 316 -10.01 -39.51 8.29
CA VAL C 316 -11.47 -39.41 8.17
C VAL C 316 -11.84 -38.53 6.98
N CYS C 317 -10.96 -37.62 6.59
CA CYS C 317 -11.28 -36.73 5.48
C CYS C 317 -11.00 -37.35 4.12
N MET C 318 -10.88 -38.67 4.02
CA MET C 318 -10.59 -39.30 2.73
C MET C 318 -11.41 -40.56 2.49
N GLY C 319 -12.35 -40.89 3.37
CA GLY C 319 -13.25 -41.98 3.08
C GLY C 319 -14.12 -41.74 1.88
N GLY C 320 -14.40 -40.48 1.57
CA GLY C 320 -15.23 -40.20 0.41
C GLY C 320 -14.50 -40.44 -0.88
N LYS C 321 -13.38 -39.72 -1.05
CA LYS C 321 -12.56 -39.87 -2.24
C LYS C 321 -12.13 -41.30 -2.43
N ILE C 322 -11.78 -42.00 -1.36
CA ILE C 322 -11.37 -43.39 -1.53
C ILE C 322 -12.56 -44.30 -1.77
N ALA C 323 -13.74 -43.95 -1.27
CA ALA C 323 -14.91 -44.75 -1.61
C ALA C 323 -15.21 -44.67 -3.10
N GLU C 324 -15.25 -43.45 -3.64
CA GLU C 324 -15.46 -43.30 -5.07
C GLU C 324 -14.36 -43.97 -5.87
N GLU C 325 -13.12 -43.94 -5.39
CA GLU C 325 -12.06 -44.61 -6.12
C GLU C 325 -12.23 -46.13 -6.10
N LEU C 326 -12.68 -46.68 -4.98
CA LEU C 326 -12.79 -48.13 -4.91
C LEU C 326 -14.02 -48.64 -5.65
N ILE C 327 -15.08 -47.85 -5.74
CA ILE C 327 -16.30 -48.31 -6.40
C ILE C 327 -16.32 -47.96 -7.87
N TYR C 328 -16.22 -46.68 -8.18
CA TYR C 328 -16.42 -46.19 -9.54
C TYR C 328 -15.13 -46.13 -10.34
N GLY C 329 -14.12 -46.87 -9.95
CA GLY C 329 -12.84 -46.81 -10.63
C GLY C 329 -12.18 -45.45 -10.44
N LYS C 330 -10.93 -45.36 -10.91
CA LYS C 330 -10.18 -44.14 -10.63
C LYS C 330 -10.57 -42.99 -11.55
N ASP C 331 -10.95 -43.26 -12.80
CA ASP C 331 -11.30 -42.18 -13.70
C ASP C 331 -12.56 -41.44 -13.30
N ASN C 332 -13.37 -42.03 -12.43
CA ASN C 332 -14.65 -41.43 -12.04
C ASN C 332 -14.56 -40.69 -10.71
N THR C 333 -13.39 -40.16 -10.38
CA THR C 333 -13.25 -39.31 -9.22
C THR C 333 -14.02 -38.01 -9.45
N THR C 334 -14.76 -37.58 -8.45
CA THR C 334 -15.54 -36.37 -8.60
C THR C 334 -14.75 -35.17 -8.12
N SER C 335 -15.13 -33.99 -8.61
CA SER C 335 -14.55 -32.75 -8.11
C SER C 335 -15.26 -32.25 -6.86
N GLY C 336 -16.04 -33.09 -6.18
CA GLY C 336 -16.60 -32.70 -4.90
C GLY C 336 -15.63 -32.90 -3.76
N CYS C 337 -14.78 -33.92 -3.87
CA CYS C 337 -13.81 -34.23 -2.84
C CYS C 337 -12.86 -33.07 -2.56
N GLY C 338 -12.75 -32.09 -3.45
CA GLY C 338 -11.95 -30.92 -3.15
C GLY C 338 -12.38 -30.22 -1.87
N SER C 339 -13.69 -30.15 -1.62
CA SER C 339 -14.16 -29.55 -0.38
C SER C 339 -13.73 -30.35 0.84
N ASP C 340 -13.37 -31.61 0.68
CA ASP C 340 -12.74 -32.36 1.76
C ASP C 340 -11.28 -31.99 1.91
N LEU C 341 -10.55 -31.91 0.78
CA LEU C 341 -9.11 -31.82 0.83
C LEU C 341 -8.64 -30.60 1.60
N GLN C 342 -9.32 -29.45 1.41
CA GLN C 342 -9.04 -28.25 2.19
C GLN C 342 -8.89 -28.57 3.67
N SER C 343 -9.95 -29.13 4.25
CA SER C 343 -9.93 -29.47 5.67
C SER C 343 -8.71 -30.31 6.00
N ALA C 344 -8.47 -31.37 5.22
CA ALA C 344 -7.34 -32.23 5.49
C ALA C 344 -6.05 -31.43 5.49
N THR C 345 -5.82 -30.65 4.44
CA THR C 345 -4.58 -29.89 4.35
C THR C 345 -4.40 -28.99 5.54
N GLY C 346 -5.50 -28.39 6.01
CA GLY C 346 -5.41 -27.53 7.19
C GLY C 346 -4.78 -28.25 8.35
N THR C 347 -5.35 -29.39 8.72
CA THR C 347 -4.83 -30.15 9.85
C THR C 347 -3.38 -30.52 9.63
N ALA C 348 -3.03 -30.87 8.38
CA ALA C 348 -1.67 -31.32 8.12
C ALA C 348 -0.68 -30.22 8.44
N ARG C 349 -0.98 -28.99 8.06
CA ARG C 349 -0.04 -27.91 8.34
C ARG C 349 0.06 -27.65 9.82
N ALA C 350 -1.05 -27.75 10.54
CA ALA C 350 -0.98 -27.56 11.98
C ALA C 350 -0.20 -28.67 12.65
N MET C 351 -0.05 -29.81 12.00
CA MET C 351 0.75 -30.87 12.58
C MET C 351 2.23 -30.62 12.43
N VAL C 352 2.62 -29.74 11.51
CA VAL C 352 4.01 -29.60 11.12
C VAL C 352 4.53 -28.21 11.42
N THR C 353 3.91 -27.19 10.84
CA THR C 353 4.40 -25.85 11.07
C THR C 353 4.17 -25.37 12.49
N GLN C 354 3.16 -25.88 13.18
CA GLN C 354 2.69 -25.21 14.38
C GLN C 354 2.74 -26.07 15.63
N TYR C 355 2.19 -27.28 15.61
CA TYR C 355 2.13 -28.09 16.82
C TYR C 355 3.43 -28.78 17.15
N GLY C 356 4.41 -28.75 16.26
CA GLY C 356 5.64 -29.47 16.50
C GLY C 356 5.42 -30.96 16.55
N MET C 357 5.11 -31.57 15.41
CA MET C 357 4.83 -33.00 15.37
C MET C 357 5.53 -33.69 14.21
N SER C 358 6.71 -33.22 13.82
CA SER C 358 7.44 -33.85 12.73
C SER C 358 8.87 -34.08 13.15
N ASP C 359 9.56 -34.94 12.39
CA ASP C 359 10.92 -35.34 12.72
C ASP C 359 11.98 -34.62 11.90
N ASP C 360 11.69 -34.31 10.64
CA ASP C 360 12.68 -33.61 9.84
C ASP C 360 12.62 -32.10 10.06
N VAL C 361 11.42 -31.55 10.21
CA VAL C 361 11.29 -30.13 10.53
C VAL C 361 11.95 -29.84 11.86
N GLY C 362 11.46 -30.47 12.92
CA GLY C 362 12.04 -30.31 14.23
C GLY C 362 11.04 -29.88 15.26
N PRO C 363 11.51 -29.58 16.47
CA PRO C 363 10.65 -29.04 17.53
C PRO C 363 10.55 -27.52 17.48
N VAL C 364 10.37 -26.97 16.28
CA VAL C 364 10.47 -25.53 16.07
C VAL C 364 9.13 -25.03 15.56
N ASN C 365 8.81 -23.78 15.89
CA ASN C 365 7.57 -23.16 15.45
C ASN C 365 7.84 -22.34 14.20
N LEU C 366 7.50 -22.91 13.04
CA LEU C 366 7.60 -22.24 11.76
C LEU C 366 6.36 -21.44 11.42
N SER C 367 5.41 -21.30 12.35
CA SER C 367 4.11 -20.76 11.99
C SER C 367 4.12 -19.25 11.94
N GLU C 368 4.41 -18.61 13.06
CA GLU C 368 4.47 -17.16 13.11
C GLU C 368 5.61 -16.65 12.23
N GLU C 369 5.29 -15.70 11.36
CA GLU C 369 6.22 -15.22 10.34
C GLU C 369 6.65 -16.37 9.43
N TRP C 370 5.68 -16.89 8.69
CA TRP C 370 5.97 -17.93 7.71
C TRP C 370 6.75 -17.39 6.53
N GLU C 371 6.62 -16.11 6.24
CA GLU C 371 7.26 -15.52 5.07
C GLU C 371 8.69 -15.07 5.33
N SER C 372 9.21 -15.33 6.52
CA SER C 372 10.54 -14.86 6.89
C SER C 372 11.58 -15.96 6.98
N TRP C 373 11.16 -17.22 7.06
CA TRP C 373 12.14 -18.29 7.10
C TRP C 373 12.78 -18.45 5.72
N SER C 374 13.70 -19.38 5.60
CA SER C 374 14.45 -19.53 4.35
C SER C 374 13.59 -20.23 3.31
N ASN C 375 14.23 -20.67 2.23
CA ASN C 375 13.56 -21.51 1.26
C ASN C 375 13.88 -22.98 1.43
N LYS C 376 14.82 -23.32 2.29
CA LYS C 376 15.18 -24.73 2.46
C LYS C 376 14.26 -25.41 3.46
N ILE C 377 14.10 -24.82 4.64
CA ILE C 377 13.21 -25.40 5.62
C ILE C 377 11.75 -25.37 5.20
N ARG C 378 11.34 -24.41 4.35
CA ARG C 378 9.97 -24.50 3.86
C ARG C 378 9.82 -25.63 2.86
N ASP C 379 10.85 -25.93 2.08
CA ASP C 379 10.80 -27.13 1.26
C ASP C 379 10.67 -28.37 2.12
N ILE C 380 11.46 -28.45 3.19
CA ILE C 380 11.38 -29.61 4.08
C ILE C 380 10.01 -29.72 4.70
N ALA C 381 9.44 -28.60 5.13
CA ALA C 381 8.12 -28.63 5.75
C ALA C 381 7.07 -29.11 4.77
N ASP C 382 7.02 -28.55 3.56
CA ASP C 382 5.98 -28.95 2.64
C ASP C 382 6.15 -30.39 2.19
N ASN C 383 7.37 -30.87 2.07
CA ASN C 383 7.55 -32.30 1.80
C ASN C 383 6.98 -33.12 2.95
N GLU C 384 7.16 -32.66 4.19
CA GLU C 384 6.59 -33.37 5.32
C GLU C 384 5.07 -33.41 5.25
N VAL C 385 4.44 -32.27 4.97
CA VAL C 385 2.98 -32.24 4.88
C VAL C 385 2.48 -33.18 3.79
N ILE C 386 3.06 -33.08 2.60
CA ILE C 386 2.62 -33.92 1.49
C ILE C 386 2.75 -35.40 1.84
N GLU C 387 3.83 -35.76 2.54
CA GLU C 387 3.92 -37.15 2.98
C GLU C 387 2.84 -37.52 3.99
N LEU C 388 2.50 -36.61 4.92
CA LEU C 388 1.41 -36.90 5.84
C LEU C 388 0.13 -37.20 5.08
N LEU C 389 -0.22 -36.37 4.11
CA LEU C 389 -1.46 -36.61 3.39
C LEU C 389 -1.42 -37.90 2.58
N LYS C 390 -0.32 -38.19 1.89
CA LYS C 390 -0.28 -39.42 1.09
C LYS C 390 -0.41 -40.66 1.96
N ASP C 391 0.37 -40.73 3.05
CA ASP C 391 0.22 -41.85 3.96
C ASP C 391 -1.21 -41.95 4.49
N SER C 392 -1.82 -40.80 4.76
CA SER C 392 -3.23 -40.79 5.17
C SER C 392 -4.10 -41.51 4.15
N GLU C 393 -4.02 -41.13 2.89
CA GLU C 393 -4.94 -41.74 1.95
C GLU C 393 -4.65 -43.22 1.72
N GLU C 394 -3.40 -43.65 1.83
CA GLU C 394 -3.18 -45.08 1.63
C GLU C 394 -3.72 -45.89 2.81
N ARG C 395 -3.52 -45.41 4.05
CA ARG C 395 -4.22 -46.02 5.19
C ARG C 395 -5.71 -46.11 4.94
N ALA C 396 -6.30 -45.03 4.44
CA ALA C 396 -7.72 -45.02 4.11
C ALA C 396 -8.07 -46.12 3.12
N ARG C 397 -7.22 -46.31 2.10
CA ARG C 397 -7.63 -47.25 1.05
C ARG C 397 -7.56 -48.69 1.54
N ARG C 398 -6.54 -49.08 2.30
CA ARG C 398 -6.65 -50.46 2.76
C ARG C 398 -7.68 -50.64 3.85
N LEU C 399 -7.94 -49.63 4.68
CA LEU C 399 -9.02 -49.77 5.65
C LEU C 399 -10.35 -50.01 4.95
N LEU C 400 -10.69 -49.19 3.95
CA LEU C 400 -11.92 -49.47 3.20
C LEU C 400 -11.81 -50.71 2.32
N THR C 401 -10.62 -51.26 2.13
CA THR C 401 -10.55 -52.56 1.48
C THR C 401 -10.96 -53.68 2.43
N LYS C 402 -10.47 -53.66 3.67
CA LYS C 402 -10.86 -54.70 4.61
C LYS C 402 -12.35 -54.67 4.93
N LYS C 403 -12.94 -53.49 4.99
CA LYS C 403 -14.32 -53.31 5.44
C LYS C 403 -15.25 -53.10 4.25
N ASN C 404 -15.02 -53.83 3.16
CA ASN C 404 -15.79 -53.63 1.94
C ASN C 404 -17.25 -54.00 2.14
N VAL C 405 -17.50 -55.13 2.81
CA VAL C 405 -18.87 -55.61 2.99
C VAL C 405 -19.71 -54.59 3.74
N GLU C 406 -19.18 -54.06 4.84
CA GLU C 406 -19.88 -53.01 5.57
C GLU C 406 -20.04 -51.76 4.74
N LEU C 407 -19.10 -51.47 3.84
CA LEU C 407 -19.25 -50.29 3.00
C LEU C 407 -20.45 -50.40 2.08
N HIS C 408 -20.60 -51.54 1.39
CA HIS C 408 -21.80 -51.70 0.58
C HIS C 408 -23.05 -51.76 1.45
N ARG C 409 -22.95 -52.35 2.63
CA ARG C 409 -24.11 -52.53 3.48
C ARG C 409 -24.65 -51.19 3.96
N LEU C 410 -23.78 -50.34 4.49
CA LEU C 410 -24.19 -49.01 4.91
C LEU C 410 -24.52 -48.11 3.72
N ALA C 411 -23.91 -48.35 2.56
CA ALA C 411 -24.30 -47.58 1.39
C ALA C 411 -25.75 -47.85 1.02
N GLN C 412 -26.12 -49.13 0.96
CA GLN C 412 -27.49 -49.47 0.60
C GLN C 412 -28.47 -49.02 1.69
N GLY C 413 -28.20 -49.41 2.94
CA GLY C 413 -29.02 -48.96 4.05
C GLY C 413 -29.14 -47.47 4.18
N LEU C 414 -28.17 -46.73 3.65
CA LEU C 414 -28.23 -45.28 3.63
C LEU C 414 -28.98 -44.75 2.42
N ILE C 415 -29.09 -45.54 1.35
CA ILE C 415 -29.91 -45.13 0.21
C ILE C 415 -31.38 -45.38 0.51
N GLU C 416 -31.67 -46.36 1.36
CA GLU C 416 -33.05 -46.67 1.67
C GLU C 416 -33.64 -45.67 2.66
N TYR C 417 -33.00 -45.50 3.80
CA TYR C 417 -33.34 -44.46 4.76
C TYR C 417 -32.55 -43.18 4.51
N GLU C 418 -33.19 -42.02 4.55
CA GLU C 418 -32.49 -40.75 4.28
C GLU C 418 -31.45 -40.54 5.38
N THR C 419 -31.70 -40.94 6.61
CA THR C 419 -30.82 -40.58 7.70
C THR C 419 -30.60 -41.75 8.65
N LEU C 420 -29.40 -41.85 9.20
CA LEU C 420 -29.08 -42.87 10.19
C LEU C 420 -28.60 -42.20 11.46
N ASP C 421 -29.05 -42.70 12.60
CA ASP C 421 -28.50 -42.26 13.87
C ASP C 421 -27.21 -43.02 14.15
N ALA C 422 -26.51 -42.60 15.20
CA ALA C 422 -25.20 -43.20 15.50
C ALA C 422 -25.32 -44.67 15.84
N HIS C 423 -26.44 -45.08 16.43
CA HIS C 423 -26.62 -46.49 16.75
C HIS C 423 -27.19 -47.26 15.57
N GLU C 424 -28.12 -46.65 14.85
CA GLU C 424 -28.74 -47.30 13.70
C GLU C 424 -27.70 -47.66 12.65
N ILE C 425 -26.63 -46.86 12.57
CA ILE C 425 -25.53 -47.19 11.67
C ILE C 425 -24.90 -48.52 12.07
N GLU C 426 -24.82 -48.78 13.37
CA GLU C 426 -24.25 -50.05 13.80
C GLU C 426 -25.24 -51.19 13.62
N GLN C 427 -26.54 -50.89 13.74
CA GLN C 427 -27.51 -51.93 13.40
C GLN C 427 -27.49 -52.24 11.91
N VAL C 428 -27.08 -51.30 11.07
CA VAL C 428 -27.06 -51.54 9.64
C VAL C 428 -25.77 -52.22 9.21
N CYS C 429 -24.66 -51.91 9.88
CA CYS C 429 -23.38 -52.49 9.47
C CYS C 429 -23.21 -53.93 9.91
N LYS C 430 -24.19 -54.51 10.59
CA LYS C 430 -24.14 -55.94 10.90
C LYS C 430 -25.17 -56.74 10.12
N GLY C 431 -26.24 -56.11 9.65
CA GLY C 431 -27.28 -56.81 8.95
C GLY C 431 -28.63 -56.83 9.64
N GLU C 432 -28.74 -56.23 10.82
CA GLU C 432 -30.03 -56.14 11.47
C GLU C 432 -30.98 -55.31 10.64
N LYS C 433 -32.27 -55.48 10.88
CA LYS C 433 -33.26 -54.58 10.31
C LYS C 433 -33.75 -53.64 11.41
N LEU C 434 -33.74 -52.35 11.11
CA LEU C 434 -34.04 -51.34 12.09
C LEU C 434 -35.51 -50.96 12.01
N ALA C 435 -36.12 -50.83 13.18
CA ALA C 435 -37.58 -50.69 13.31
C ALA C 435 -37.95 -49.22 13.14
N LYS C 436 -38.19 -48.83 11.89
CA LYS C 436 -38.79 -47.55 11.59
C LYS C 436 -39.26 -47.58 10.14
N LEU C 437 -40.03 -46.57 9.76
CA LEU C 437 -40.52 -46.44 8.40
C LEU C 437 -39.37 -46.36 7.42
N LYS C 438 -39.49 -47.12 6.32
CA LYS C 438 -38.50 -47.08 5.25
C LYS C 438 -39.00 -46.13 4.17
N THR C 439 -38.32 -45.01 4.02
CA THR C 439 -38.63 -44.04 2.98
C THR C 439 -38.56 -44.67 1.59
N LYS D 1 -46.80 -9.72 -4.22
CA LYS D 1 -47.46 -10.87 -3.63
C LYS D 1 -46.55 -12.09 -3.63
N PHE D 2 -46.64 -12.92 -2.59
CA PHE D 2 -45.74 -14.05 -2.49
C PHE D 2 -45.94 -15.09 -3.57
N ASP D 3 -47.05 -15.04 -4.31
CA ASP D 3 -47.22 -15.97 -5.41
C ASP D 3 -46.31 -15.63 -6.59
N ASP D 4 -45.79 -14.41 -6.63
CA ASP D 4 -44.93 -13.99 -7.73
C ASP D 4 -43.51 -14.53 -7.62
N VAL D 5 -43.20 -15.27 -6.57
CA VAL D 5 -41.85 -15.80 -6.38
C VAL D 5 -41.96 -17.31 -6.54
N CYS D 6 -41.85 -17.78 -7.78
CA CYS D 6 -42.05 -19.18 -8.13
C CYS D 6 -40.72 -19.90 -8.24
N GLY D 7 -40.58 -20.96 -7.47
CA GLY D 7 -39.26 -21.50 -7.15
C GLY D 7 -38.78 -20.84 -5.88
N CYS D 8 -37.77 -21.46 -5.27
CA CYS D 8 -37.29 -21.01 -3.97
C CYS D 8 -38.40 -21.09 -2.93
N ASP D 9 -38.89 -22.31 -2.71
CA ASP D 9 -40.00 -22.49 -1.78
C ASP D 9 -39.58 -22.23 -0.34
N GLU D 10 -38.38 -22.64 0.05
CA GLU D 10 -37.97 -22.50 1.44
C GLU D 10 -37.77 -21.05 1.84
N ALA D 11 -37.13 -20.26 0.98
CA ALA D 11 -36.85 -18.87 1.31
C ALA D 11 -38.15 -18.09 1.54
N ARG D 12 -39.11 -18.23 0.63
CA ARG D 12 -40.40 -17.59 0.86
C ARG D 12 -41.20 -18.29 1.95
N ALA D 13 -40.80 -19.49 2.35
CA ALA D 13 -41.45 -20.11 3.50
C ALA D 13 -40.98 -19.46 4.79
N GLU D 14 -39.73 -19.01 4.84
CA GLU D 14 -39.28 -18.33 6.05
C GLU D 14 -39.74 -16.88 6.09
N LEU D 15 -39.54 -16.14 5.00
CA LEU D 15 -40.11 -14.79 4.97
C LEU D 15 -41.63 -14.82 5.14
N GLU D 16 -42.29 -15.81 4.58
CA GLU D 16 -43.73 -15.90 4.71
C GLU D 16 -44.14 -16.25 6.13
N GLU D 17 -43.37 -17.14 6.78
CA GLU D 17 -43.61 -17.42 8.19
C GLU D 17 -43.47 -16.18 9.06
N ILE D 18 -42.54 -15.29 8.73
CA ILE D 18 -42.45 -14.05 9.47
C ILE D 18 -43.68 -13.19 9.22
N VAL D 19 -44.03 -13.01 7.95
CA VAL D 19 -45.08 -12.04 7.63
C VAL D 19 -46.43 -12.49 8.14
N ASP D 20 -46.63 -13.80 8.32
CA ASP D 20 -47.85 -14.24 8.97
C ASP D 20 -47.67 -14.49 10.46
N PHE D 21 -46.46 -14.35 10.97
CA PHE D 21 -46.28 -14.15 12.40
C PHE D 21 -46.75 -12.77 12.82
N LEU D 22 -46.52 -11.77 11.99
CA LEU D 22 -46.93 -10.42 12.36
C LEU D 22 -48.44 -10.27 12.41
N LYS D 23 -49.18 -11.16 11.74
CA LYS D 23 -50.60 -10.88 11.52
C LYS D 23 -51.47 -11.41 12.66
N ASP D 24 -51.34 -12.69 13.01
CA ASP D 24 -52.02 -13.27 14.16
C ASP D 24 -50.97 -13.80 15.13
N PRO D 25 -50.44 -12.93 16.00
CA PRO D 25 -49.30 -13.32 16.83
C PRO D 25 -49.54 -14.54 17.70
N THR D 26 -50.72 -14.66 18.33
CA THR D 26 -50.93 -15.71 19.32
C THR D 26 -50.82 -17.10 18.70
N LYS D 27 -51.13 -17.20 17.40
CA LYS D 27 -51.05 -18.46 16.68
C LYS D 27 -49.68 -19.12 16.78
N TYR D 28 -48.63 -18.32 16.98
CA TYR D 28 -47.27 -18.80 17.16
C TYR D 28 -46.71 -18.53 18.55
N GLU D 29 -47.01 -17.36 19.11
CA GLU D 29 -46.50 -16.98 20.42
C GLU D 29 -47.31 -17.57 21.56
N SER D 30 -48.15 -18.56 21.30
CA SER D 30 -48.80 -19.27 22.40
C SER D 30 -47.77 -19.87 23.34
N LEU D 31 -46.87 -20.71 22.83
CA LEU D 31 -45.95 -21.46 23.66
C LEU D 31 -44.73 -20.67 24.09
N GLY D 32 -44.70 -19.37 23.81
CA GLY D 32 -43.60 -18.54 24.26
C GLY D 32 -42.64 -18.09 23.20
N GLY D 33 -42.85 -18.48 21.95
CA GLY D 33 -42.02 -17.99 20.89
C GLY D 33 -42.20 -16.51 20.66
N LYS D 34 -41.25 -15.91 19.93
CA LYS D 34 -41.29 -14.48 19.68
C LYS D 34 -40.61 -14.20 18.34
N LEU D 35 -40.77 -12.97 17.86
CA LEU D 35 -40.33 -12.60 16.54
C LEU D 35 -38.82 -12.81 16.39
N PRO D 36 -38.35 -13.20 15.21
CA PRO D 36 -36.91 -13.19 14.96
C PRO D 36 -36.41 -11.77 14.77
N LYS D 37 -35.16 -11.55 15.14
CA LYS D 37 -34.58 -10.21 15.08
C LYS D 37 -34.23 -9.82 13.66
N GLY D 38 -33.94 -10.77 12.79
CA GLY D 38 -33.56 -10.43 11.44
C GLY D 38 -33.32 -11.65 10.58
N VAL D 39 -33.50 -11.44 9.28
CA VAL D 39 -33.25 -12.44 8.25
C VAL D 39 -32.16 -11.90 7.34
N LEU D 40 -31.18 -12.73 7.02
CA LEU D 40 -30.20 -12.41 5.99
C LEU D 40 -30.54 -13.19 4.73
N LEU D 41 -30.23 -12.62 3.57
CA LEU D 41 -30.50 -13.24 2.28
C LEU D 41 -29.22 -13.25 1.47
N THR D 42 -28.77 -14.43 1.07
CA THR D 42 -27.51 -14.55 0.35
C THR D 42 -27.71 -15.33 -0.93
N GLY D 43 -26.91 -15.04 -1.94
CA GLY D 43 -26.97 -15.78 -3.18
C GLY D 43 -26.52 -15.02 -4.41
N PRO D 44 -26.41 -15.75 -5.52
CA PRO D 44 -25.79 -15.19 -6.73
C PRO D 44 -26.60 -14.05 -7.32
N PRO D 45 -26.16 -13.48 -8.44
CA PRO D 45 -26.87 -12.36 -9.03
C PRO D 45 -28.15 -12.79 -9.72
N GLY D 46 -29.24 -12.10 -9.40
CA GLY D 46 -30.50 -12.35 -10.06
C GLY D 46 -31.16 -13.67 -9.74
N THR D 47 -31.61 -13.87 -8.51
CA THR D 47 -32.29 -15.09 -8.13
C THR D 47 -33.60 -14.84 -7.39
N GLY D 48 -33.81 -13.66 -6.81
CA GLY D 48 -35.06 -13.38 -6.16
C GLY D 48 -34.93 -12.71 -4.82
N LYS D 49 -33.72 -12.27 -4.47
CA LYS D 49 -33.51 -11.67 -3.15
C LYS D 49 -34.28 -10.37 -3.01
N THR D 50 -33.96 -9.38 -3.82
CA THR D 50 -34.71 -8.13 -3.81
C THR D 50 -36.17 -8.36 -4.13
N LEU D 51 -36.46 -9.37 -4.95
CA LEU D 51 -37.85 -9.71 -5.22
C LEU D 51 -38.57 -10.15 -3.95
N LEU D 52 -38.01 -11.14 -3.25
CA LEU D 52 -38.59 -11.60 -1.98
C LEU D 52 -38.79 -10.45 -1.01
N ALA D 53 -37.83 -9.53 -0.95
CA ALA D 53 -38.01 -8.40 -0.04
C ALA D 53 -39.15 -7.50 -0.49
N ARG D 54 -39.30 -7.26 -1.79
CA ARG D 54 -40.41 -6.44 -2.24
C ARG D 54 -41.74 -7.13 -2.00
N ALA D 55 -41.76 -8.48 -2.03
CA ALA D 55 -42.97 -9.22 -1.73
C ALA D 55 -43.32 -9.14 -0.25
N THR D 56 -42.32 -9.24 0.62
CA THR D 56 -42.58 -9.04 2.04
C THR D 56 -43.13 -7.65 2.31
N ALA D 57 -42.57 -6.64 1.67
CA ALA D 57 -43.09 -5.30 1.87
C ALA D 57 -44.48 -5.14 1.27
N GLY D 58 -44.85 -5.99 0.31
CA GLY D 58 -46.18 -5.90 -0.25
C GLY D 58 -47.24 -6.64 0.53
N GLU D 59 -46.86 -7.70 1.24
CA GLU D 59 -47.81 -8.59 1.87
C GLU D 59 -47.86 -8.44 3.39
N ALA D 60 -47.17 -7.45 3.96
CA ALA D 60 -46.98 -7.43 5.41
C ALA D 60 -47.95 -6.51 6.11
N GLY D 61 -48.38 -5.44 5.45
CA GLY D 61 -49.20 -4.46 6.10
C GLY D 61 -48.54 -3.72 7.23
N VAL D 62 -47.25 -3.41 7.08
CA VAL D 62 -46.42 -2.84 8.14
C VAL D 62 -45.44 -1.87 7.51
N ASP D 63 -45.13 -0.80 8.24
CA ASP D 63 -44.22 0.22 7.74
C ASP D 63 -42.88 -0.38 7.36
N PHE D 64 -42.44 -0.10 6.14
CA PHE D 64 -41.29 -0.75 5.54
C PHE D 64 -40.30 0.34 5.15
N PHE D 65 -39.06 0.21 5.63
CA PHE D 65 -37.99 1.14 5.32
C PHE D 65 -36.95 0.44 4.47
N PHE D 66 -36.59 1.04 3.35
CA PHE D 66 -35.54 0.49 2.51
C PHE D 66 -34.43 1.50 2.32
N MET D 67 -33.20 1.02 2.38
CA MET D 67 -32.00 1.80 2.19
C MET D 67 -31.03 0.97 1.39
N SER D 68 -30.33 1.58 0.45
CA SER D 68 -29.24 0.83 -0.12
C SER D 68 -28.12 0.72 0.91
N GLY D 69 -27.19 -0.18 0.66
CA GLY D 69 -26.08 -0.24 1.55
C GLY D 69 -25.07 0.86 1.38
N SER D 70 -25.32 1.81 0.48
CA SER D 70 -24.34 2.82 0.13
C SER D 70 -24.83 4.23 0.35
N GLU D 71 -26.00 4.41 0.95
CA GLU D 71 -26.55 5.74 1.15
C GLU D 71 -26.08 6.37 2.45
N PHE D 72 -24.98 5.90 3.00
CA PHE D 72 -24.58 6.29 4.35
C PHE D 72 -23.32 7.15 4.36
N ASP D 73 -22.22 6.67 3.79
CA ASP D 73 -20.96 7.38 3.87
C ASP D 73 -20.93 8.52 2.86
N GLU D 74 -20.69 9.73 3.34
CA GLU D 74 -20.31 10.84 2.48
C GLU D 74 -18.96 11.36 2.94
N VAL D 75 -18.57 12.52 2.42
CA VAL D 75 -17.18 12.95 2.47
C VAL D 75 -16.65 13.05 3.89
N TYR D 76 -17.46 13.51 4.84
CA TYR D 76 -16.96 13.80 6.18
C TYR D 76 -16.95 12.52 7.01
N VAL D 77 -16.82 12.65 8.34
CA VAL D 77 -16.51 11.48 9.17
C VAL D 77 -17.74 10.85 9.82
N GLY D 78 -18.49 11.62 10.58
CA GLY D 78 -19.56 11.02 11.35
C GLY D 78 -20.92 11.09 10.70
N VAL D 79 -20.98 10.91 9.39
CA VAL D 79 -22.26 10.97 8.69
C VAL D 79 -22.93 9.60 8.61
N GLY D 80 -22.14 8.54 8.38
CA GLY D 80 -22.74 7.22 8.36
C GLY D 80 -23.40 6.88 9.68
N ALA D 81 -22.68 7.03 10.78
CA ALA D 81 -23.24 6.73 12.08
C ALA D 81 -24.45 7.59 12.36
N LYS D 82 -24.42 8.85 11.95
CA LYS D 82 -25.56 9.72 12.18
C LYS D 82 -26.78 9.23 11.42
N ARG D 83 -26.59 8.78 10.19
CA ARG D 83 -27.72 8.33 9.41
C ARG D 83 -28.26 7.00 9.89
N ILE D 84 -27.43 6.15 10.50
CA ILE D 84 -28.00 4.96 11.10
C ILE D 84 -28.77 5.32 12.37
N ARG D 85 -28.23 6.23 13.18
CA ARG D 85 -28.95 6.66 14.37
C ARG D 85 -30.32 7.24 14.02
N ASP D 86 -30.40 8.05 12.96
CA ASP D 86 -31.70 8.60 12.59
C ASP D 86 -32.59 7.56 11.91
N LEU D 87 -32.00 6.66 11.12
CA LEU D 87 -32.80 5.59 10.51
C LEU D 87 -33.51 4.77 11.56
N PHE D 88 -32.77 4.20 12.51
CA PHE D 88 -33.45 3.43 13.54
C PHE D 88 -34.21 4.32 14.51
N ALA D 89 -33.91 5.61 14.56
CA ALA D 89 -34.74 6.51 15.35
C ALA D 89 -36.16 6.55 14.80
N GLN D 90 -36.29 6.83 13.49
CA GLN D 90 -37.61 6.75 12.86
C GLN D 90 -38.21 5.36 13.00
N ALA D 91 -37.39 4.33 12.80
CA ALA D 91 -37.89 2.96 12.82
C ALA D 91 -38.52 2.63 14.15
N ARG D 92 -37.84 2.91 15.25
CA ARG D 92 -38.47 2.73 16.56
C ARG D 92 -39.67 3.63 16.71
N SER D 93 -39.58 4.85 16.15
CA SER D 93 -40.62 5.85 16.38
C SER D 93 -41.97 5.38 15.86
N ARG D 94 -42.01 4.81 14.67
CA ARG D 94 -43.32 4.49 14.11
C ARG D 94 -44.02 3.37 14.85
N ALA D 95 -43.50 2.15 14.79
CA ALA D 95 -44.31 0.99 15.13
C ALA D 95 -43.45 -0.26 15.06
N PRO D 96 -44.00 -1.44 15.34
CA PRO D 96 -43.37 -2.65 14.82
C PRO D 96 -43.21 -2.55 13.32
N ALA D 97 -41.98 -2.47 12.85
CA ALA D 97 -41.69 -2.13 11.47
C ALA D 97 -40.66 -3.09 10.92
N ILE D 98 -40.27 -2.85 9.67
CA ILE D 98 -39.30 -3.68 8.97
C ILE D 98 -38.34 -2.77 8.24
N ILE D 99 -37.06 -3.14 8.21
CA ILE D 99 -36.00 -2.34 7.63
C ILE D 99 -35.22 -3.21 6.68
N PHE D 100 -35.10 -2.78 5.43
CA PHE D 100 -34.44 -3.56 4.40
C PHE D 100 -33.24 -2.79 3.88
N ILE D 101 -32.05 -3.22 4.28
CA ILE D 101 -30.81 -2.63 3.81
C ILE D 101 -30.28 -3.53 2.71
N ASP D 102 -30.29 -3.04 1.48
CA ASP D 102 -29.88 -3.81 0.33
C ASP D 102 -28.41 -3.55 0.04
N GLN D 103 -27.74 -4.54 -0.53
CA GLN D 103 -26.30 -4.48 -0.76
C GLN D 103 -25.56 -4.23 0.55
N LEU D 104 -25.70 -5.20 1.44
CA LEU D 104 -25.13 -5.08 2.77
C LEU D 104 -23.62 -5.25 2.78
N ASP D 105 -23.01 -5.46 1.61
CA ASP D 105 -21.56 -5.47 1.52
C ASP D 105 -20.99 -4.08 1.71
N ALA D 106 -21.71 -3.05 1.28
CA ALA D 106 -21.17 -1.70 1.31
C ALA D 106 -21.00 -1.19 2.72
N ILE D 107 -21.61 -1.83 3.71
CA ILE D 107 -21.34 -1.48 5.10
C ILE D 107 -21.00 -2.67 5.97
N GLY D 108 -21.16 -3.90 5.50
CA GLY D 108 -20.61 -5.04 6.20
C GLY D 108 -19.11 -5.09 6.07
N GLY D 109 -18.57 -6.29 6.12
CA GLY D 109 -17.17 -6.44 5.82
C GLY D 109 -16.31 -6.61 7.06
N LYS D 110 -15.33 -7.52 6.98
CA LYS D 110 -14.46 -7.79 8.10
C LYS D 110 -13.80 -6.51 8.58
N ARG D 111 -13.96 -6.23 9.86
CA ARG D 111 -13.25 -5.14 10.49
C ARG D 111 -12.02 -5.72 11.18
N ASN D 112 -10.87 -5.40 10.68
CA ASN D 112 -9.64 -5.97 11.18
C ASN D 112 -8.78 -4.91 11.85
N PRO D 113 -7.98 -5.29 12.85
CA PRO D 113 -7.21 -4.28 13.59
C PRO D 113 -6.23 -3.51 12.74
N LYS D 114 -5.82 -4.06 11.60
CA LYS D 114 -4.84 -3.37 10.76
C LYS D 114 -5.48 -2.21 10.01
N ASP D 115 -6.79 -2.24 9.83
CA ASP D 115 -7.46 -1.27 8.97
C ASP D 115 -7.30 0.15 9.50
N GLN D 116 -7.47 1.11 8.60
CA GLN D 116 -7.51 2.51 8.98
C GLN D 116 -8.66 2.77 9.94
N ALA D 117 -8.52 3.81 10.75
CA ALA D 117 -9.61 4.22 11.62
C ALA D 117 -10.72 4.86 10.80
N TYR D 118 -11.71 5.39 11.51
CA TYR D 118 -12.82 6.21 10.97
C TYR D 118 -13.60 5.54 9.83
N ALA D 119 -13.32 4.28 9.54
CA ALA D 119 -13.96 3.64 8.39
C ALA D 119 -15.04 2.67 8.84
N LYS D 120 -14.80 2.01 9.97
CA LYS D 120 -15.75 1.09 10.56
C LYS D 120 -16.55 1.74 11.67
N GLN D 121 -16.83 3.03 11.55
CA GLN D 121 -17.68 3.71 12.54
C GLN D 121 -19.15 3.46 12.25
N THR D 122 -19.53 3.48 10.97
CA THR D 122 -20.90 3.13 10.61
C THR D 122 -21.23 1.70 11.02
N LEU D 123 -20.33 0.77 10.72
CA LEU D 123 -20.59 -0.63 11.06
C LEU D 123 -20.76 -0.81 12.56
N ASN D 124 -19.87 -0.23 13.36
CA ASN D 124 -20.03 -0.34 14.81
C ASN D 124 -21.32 0.30 15.27
N GLN D 125 -21.75 1.39 14.64
CA GLN D 125 -23.01 1.99 15.04
C GLN D 125 -24.18 1.04 14.77
N LEU D 126 -24.20 0.41 13.59
CA LEU D 126 -25.24 -0.57 13.29
C LEU D 126 -25.20 -1.72 14.26
N LEU D 127 -24.01 -2.21 14.60
CA LEU D 127 -23.91 -3.31 15.55
C LEU D 127 -24.48 -2.95 16.91
N VAL D 128 -24.25 -1.72 17.36
CA VAL D 128 -24.79 -1.34 18.67
C VAL D 128 -26.24 -0.95 18.55
N GLU D 129 -26.75 -0.82 17.32
CA GLU D 129 -28.16 -0.51 17.16
C GLU D 129 -29.01 -1.76 17.09
N LEU D 130 -28.47 -2.84 16.52
CA LEU D 130 -29.24 -4.07 16.44
C LEU D 130 -29.39 -4.72 17.81
N ASP D 131 -28.32 -4.75 18.60
CA ASP D 131 -28.28 -5.50 19.85
C ASP D 131 -27.54 -4.69 20.93
N GLY D 132 -27.93 -3.44 21.10
CA GLY D 132 -27.22 -2.57 22.01
C GLY D 132 -27.59 -2.72 23.46
N PHE D 133 -27.35 -1.65 24.22
CA PHE D 133 -27.73 -1.63 25.63
C PHE D 133 -29.23 -1.44 25.79
N SER D 134 -29.77 -0.40 25.18
CA SER D 134 -31.21 -0.17 25.24
C SER D 134 -31.92 -1.23 24.43
N GLN D 135 -32.64 -2.10 25.11
CA GLN D 135 -33.16 -3.31 24.49
C GLN D 135 -34.60 -3.06 24.08
N THR D 136 -34.82 -2.86 22.79
CA THR D 136 -36.13 -2.57 22.25
C THR D 136 -36.74 -3.83 21.65
N SER D 137 -37.87 -3.67 20.97
CA SER D 137 -38.48 -4.78 20.25
C SER D 137 -39.46 -4.22 19.24
N GLY D 138 -39.92 -5.09 18.35
CA GLY D 138 -40.86 -4.73 17.33
C GLY D 138 -40.24 -4.45 15.98
N ILE D 139 -38.92 -4.27 15.92
CA ILE D 139 -38.24 -3.98 14.66
C ILE D 139 -37.63 -5.25 14.11
N ILE D 140 -37.89 -5.51 12.82
CA ILE D 140 -37.26 -6.59 12.08
C ILE D 140 -36.38 -5.96 11.02
N ILE D 141 -35.26 -6.62 10.70
CA ILE D 141 -34.33 -6.10 9.73
C ILE D 141 -34.00 -7.20 8.73
N ILE D 142 -34.01 -6.85 7.45
CA ILE D 142 -33.75 -7.79 6.36
C ILE D 142 -32.65 -7.20 5.50
N GLY D 143 -31.64 -7.99 5.21
CA GLY D 143 -30.50 -7.51 4.43
C GLY D 143 -30.06 -8.57 3.44
N ALA D 144 -29.72 -8.12 2.23
CA ALA D 144 -29.35 -9.00 1.14
C ALA D 144 -27.92 -8.76 0.72
N THR D 145 -27.30 -9.74 0.08
CA THR D 145 -25.92 -9.60 -0.33
C THR D 145 -25.49 -10.76 -1.21
N ASN D 146 -24.62 -10.46 -2.19
CA ASN D 146 -24.04 -11.50 -3.02
C ASN D 146 -22.90 -12.23 -2.33
N PHE D 147 -22.38 -11.69 -1.23
CA PHE D 147 -21.11 -12.09 -0.65
C PHE D 147 -21.31 -12.38 0.83
N PRO D 148 -21.70 -13.60 1.20
CA PRO D 148 -21.92 -13.87 2.63
C PRO D 148 -20.66 -13.85 3.45
N GLU D 149 -19.53 -14.26 2.88
CA GLU D 149 -18.32 -14.42 3.68
C GLU D 149 -17.57 -13.12 3.90
N ALA D 150 -17.77 -12.12 3.05
CA ALA D 150 -17.15 -10.83 3.30
C ALA D 150 -17.70 -10.15 4.52
N LEU D 151 -18.92 -10.50 4.94
CA LEU D 151 -19.56 -9.80 6.02
C LEU D 151 -18.85 -10.09 7.33
N ASP D 152 -18.95 -9.12 8.24
CA ASP D 152 -18.36 -9.25 9.56
C ASP D 152 -18.97 -10.46 10.27
N LYS D 153 -18.29 -10.92 11.31
CA LYS D 153 -18.85 -12.02 12.08
C LYS D 153 -19.61 -11.54 13.31
N ALA D 154 -19.68 -10.22 13.50
CA ALA D 154 -20.56 -9.68 14.53
C ALA D 154 -21.87 -9.19 13.95
N LEU D 155 -22.03 -9.15 12.62
CA LEU D 155 -23.34 -8.95 12.03
C LEU D 155 -24.10 -10.25 11.91
N THR D 156 -23.44 -11.30 11.46
CA THR D 156 -24.11 -12.56 11.15
C THR D 156 -24.36 -13.40 12.38
N ARG D 157 -24.38 -12.80 13.56
CA ARG D 157 -24.60 -13.39 14.86
C ARG D 157 -26.07 -13.43 15.19
N PRO D 158 -26.53 -14.51 15.80
CA PRO D 158 -27.90 -14.56 16.32
C PRO D 158 -28.13 -13.43 17.31
N GLY D 159 -29.25 -12.76 17.16
CA GLY D 159 -29.48 -11.56 17.94
C GLY D 159 -29.49 -10.35 17.04
N ARG D 160 -28.55 -10.32 16.10
CA ARG D 160 -28.62 -9.37 15.00
C ARG D 160 -29.41 -9.94 13.84
N PHE D 161 -28.94 -11.04 13.28
CA PHE D 161 -29.56 -11.72 12.14
C PHE D 161 -29.86 -13.15 12.55
N ASP D 162 -31.10 -13.40 12.95
CA ASP D 162 -31.46 -14.71 13.48
C ASP D 162 -31.39 -15.79 12.42
N LYS D 163 -31.82 -15.50 11.19
CA LYS D 163 -31.87 -16.51 10.15
C LYS D 163 -30.94 -16.16 9.00
N VAL D 164 -30.48 -17.18 8.30
CA VAL D 164 -29.68 -17.03 7.10
C VAL D 164 -30.33 -17.84 6.00
N VAL D 165 -30.86 -17.17 5.00
CA VAL D 165 -31.62 -17.79 3.93
C VAL D 165 -30.80 -17.66 2.66
N ASN D 166 -30.51 -18.78 2.01
CA ASN D 166 -29.76 -18.78 0.77
C ASN D 166 -30.68 -19.06 -0.41
N VAL D 167 -30.63 -18.17 -1.39
CA VAL D 167 -31.46 -18.25 -2.58
C VAL D 167 -30.56 -18.59 -3.74
N ASP D 168 -30.71 -19.80 -4.28
CA ASP D 168 -29.80 -20.34 -5.29
C ASP D 168 -30.45 -20.33 -6.67
N LEU D 169 -29.71 -20.88 -7.62
CA LEU D 169 -30.26 -21.07 -8.96
C LEU D 169 -31.23 -22.24 -8.94
N PRO D 170 -32.35 -22.13 -9.63
CA PRO D 170 -33.35 -23.18 -9.58
C PRO D 170 -32.92 -24.42 -10.35
N ASP D 171 -33.57 -25.52 -10.02
CA ASP D 171 -33.46 -26.77 -10.75
C ASP D 171 -34.59 -26.84 -11.79
N VAL D 172 -34.79 -28.01 -12.39
CA VAL D 172 -35.64 -28.10 -13.59
C VAL D 172 -37.07 -27.71 -13.27
N ARG D 173 -37.69 -28.37 -12.30
CA ARG D 173 -39.05 -28.02 -11.92
C ARG D 173 -39.15 -26.57 -11.49
N GLY D 174 -38.10 -26.04 -10.88
CA GLY D 174 -38.11 -24.65 -10.48
C GLY D 174 -38.25 -23.71 -11.66
N ARG D 175 -37.28 -23.74 -12.58
CA ARG D 175 -37.35 -22.80 -13.68
C ARG D 175 -38.50 -23.10 -14.61
N ALA D 176 -39.00 -24.34 -14.63
CA ALA D 176 -40.28 -24.59 -15.28
C ALA D 176 -41.39 -23.79 -14.62
N ASP D 177 -41.38 -23.69 -13.29
CA ASP D 177 -42.34 -22.84 -12.62
C ASP D 177 -42.15 -21.37 -12.96
N ILE D 178 -40.90 -20.91 -13.02
CA ILE D 178 -40.65 -19.51 -13.33
C ILE D 178 -41.17 -19.18 -14.72
N LEU D 179 -40.88 -20.05 -15.70
CA LEU D 179 -41.39 -19.82 -17.04
C LEU D 179 -42.91 -19.86 -17.07
N LYS D 180 -43.53 -20.79 -16.36
CA LYS D 180 -44.99 -20.79 -16.29
C LYS D 180 -45.51 -19.48 -15.72
N HIS D 181 -44.76 -18.84 -14.83
CA HIS D 181 -45.21 -17.57 -14.29
C HIS D 181 -45.03 -16.44 -15.30
N HIS D 182 -43.92 -16.43 -16.02
CA HIS D 182 -43.71 -15.34 -16.97
C HIS D 182 -44.37 -15.60 -18.32
N MET D 183 -44.74 -16.83 -18.63
CA MET D 183 -45.56 -17.07 -19.81
C MET D 183 -46.99 -16.58 -19.64
N LYS D 184 -47.39 -16.23 -18.43
CA LYS D 184 -48.56 -15.37 -18.27
C LYS D 184 -48.27 -14.03 -18.93
N LYS D 185 -49.32 -13.23 -19.11
CA LYS D 185 -49.22 -11.88 -19.64
C LYS D 185 -48.86 -11.83 -21.12
N ILE D 186 -48.56 -12.95 -21.75
CA ILE D 186 -48.24 -12.97 -23.17
C ILE D 186 -49.08 -14.05 -23.83
N THR D 187 -49.69 -13.69 -24.95
CA THR D 187 -50.65 -14.55 -25.63
C THR D 187 -49.90 -15.72 -26.25
N LEU D 188 -49.91 -16.86 -25.56
CA LEU D 188 -49.25 -18.05 -26.04
C LEU D 188 -50.07 -18.71 -27.15
N ALA D 189 -49.67 -19.92 -27.50
CA ALA D 189 -50.34 -20.66 -28.54
C ALA D 189 -50.67 -22.07 -28.06
N ASP D 190 -51.13 -22.92 -28.97
CA ASP D 190 -51.36 -24.33 -28.70
C ASP D 190 -50.13 -25.18 -28.93
N ASN D 191 -48.95 -24.56 -28.90
CA ASN D 191 -47.68 -25.25 -29.07
C ASN D 191 -46.81 -25.20 -27.83
N VAL D 192 -46.89 -24.12 -27.06
CA VAL D 192 -45.89 -23.83 -26.04
C VAL D 192 -45.99 -24.84 -24.91
N ASP D 193 -44.84 -25.37 -24.51
CA ASP D 193 -44.73 -26.26 -23.35
C ASP D 193 -43.52 -25.83 -22.55
N PRO D 194 -43.71 -25.20 -21.40
CA PRO D 194 -42.54 -24.68 -20.65
C PRO D 194 -41.63 -25.76 -20.11
N THR D 195 -42.11 -27.00 -19.97
CA THR D 195 -41.25 -28.07 -19.49
C THR D 195 -40.10 -28.32 -20.47
N ILE D 196 -40.31 -28.08 -21.76
CA ILE D 196 -39.26 -28.31 -22.73
C ILE D 196 -38.18 -27.25 -22.59
N ILE D 197 -38.59 -25.98 -22.53
CA ILE D 197 -37.62 -24.90 -22.36
C ILE D 197 -36.87 -25.08 -21.06
N ALA D 198 -37.56 -25.55 -20.02
CA ALA D 198 -36.88 -25.84 -18.76
C ALA D 198 -35.88 -26.96 -18.91
N ARG D 199 -36.19 -27.99 -19.71
CA ARG D 199 -35.21 -29.03 -19.94
C ARG D 199 -34.02 -28.54 -20.73
N GLY D 200 -34.19 -27.52 -21.55
CA GLY D 200 -33.14 -27.09 -22.43
C GLY D 200 -32.37 -25.86 -22.00
N THR D 201 -32.47 -25.45 -20.74
CA THR D 201 -31.79 -24.26 -20.23
C THR D 201 -31.16 -24.58 -18.88
N PRO D 202 -30.14 -25.43 -18.84
CA PRO D 202 -29.51 -25.73 -17.55
C PRO D 202 -28.53 -24.62 -17.17
N GLY D 203 -28.75 -24.04 -16.00
CA GLY D 203 -27.87 -23.02 -15.49
C GLY D 203 -28.35 -21.61 -15.78
N LEU D 204 -29.65 -21.37 -15.69
CA LEU D 204 -30.19 -20.04 -15.88
C LEU D 204 -30.90 -19.58 -14.61
N SER D 205 -30.82 -18.28 -14.36
CA SER D 205 -31.41 -17.67 -13.18
C SER D 205 -32.88 -17.36 -13.46
N GLY D 206 -33.50 -16.57 -12.56
CA GLY D 206 -34.84 -16.10 -12.84
C GLY D 206 -34.85 -14.92 -13.78
N ALA D 207 -33.85 -14.04 -13.68
CA ALA D 207 -33.80 -12.88 -14.55
C ALA D 207 -33.58 -13.28 -16.00
N GLU D 208 -32.74 -14.28 -16.25
CA GLU D 208 -32.46 -14.70 -17.61
C GLU D 208 -33.65 -15.41 -18.24
N LEU D 209 -34.35 -16.27 -17.49
CA LEU D 209 -35.59 -16.82 -18.01
C LEU D 209 -36.59 -15.72 -18.30
N ALA D 210 -36.68 -14.73 -17.42
CA ALA D 210 -37.66 -13.66 -17.59
C ALA D 210 -37.41 -12.86 -18.87
N ASN D 211 -36.18 -12.42 -19.11
CA ASN D 211 -36.06 -11.70 -20.38
C ASN D 211 -36.06 -12.63 -21.58
N LEU D 212 -35.75 -13.91 -21.38
CA LEU D 212 -36.04 -14.89 -22.42
C LEU D 212 -37.48 -14.74 -22.91
N VAL D 213 -38.42 -14.84 -21.99
CA VAL D 213 -39.83 -14.68 -22.36
C VAL D 213 -40.09 -13.30 -22.95
N ASN D 214 -39.51 -12.25 -22.36
CA ASN D 214 -39.80 -10.89 -22.81
C ASN D 214 -39.37 -10.68 -24.26
N GLN D 215 -38.07 -10.84 -24.54
CA GLN D 215 -37.60 -10.58 -25.90
C GLN D 215 -38.10 -11.63 -26.89
N ALA D 216 -38.52 -12.80 -26.43
CA ALA D 216 -39.27 -13.67 -27.31
C ALA D 216 -40.59 -13.03 -27.72
N ALA D 217 -41.28 -12.40 -26.77
CA ALA D 217 -42.53 -11.72 -27.12
C ALA D 217 -42.28 -10.58 -28.10
N VAL D 218 -41.27 -9.75 -27.83
CA VAL D 218 -41.01 -8.63 -28.72
C VAL D 218 -40.62 -9.12 -30.11
N TYR D 219 -39.82 -10.19 -30.19
CA TYR D 219 -39.51 -10.75 -31.49
C TYR D 219 -40.75 -11.30 -32.17
N ALA D 220 -41.69 -11.84 -31.41
CA ALA D 220 -42.94 -12.28 -32.01
C ALA D 220 -43.69 -11.12 -32.64
N CYS D 221 -43.96 -10.06 -31.86
CA CYS D 221 -44.66 -8.91 -32.40
C CYS D 221 -43.92 -8.27 -33.58
N GLN D 222 -42.61 -8.40 -33.62
CA GLN D 222 -41.89 -7.73 -34.69
C GLN D 222 -41.96 -8.49 -36.00
N LYS D 223 -42.24 -9.78 -35.96
CA LYS D 223 -42.55 -10.55 -37.15
C LYS D 223 -44.01 -10.44 -37.56
N ASN D 224 -44.77 -9.56 -36.91
CA ASN D 224 -46.16 -9.30 -37.25
C ASN D 224 -47.05 -10.50 -36.94
N ALA D 225 -46.57 -11.42 -36.10
CA ALA D 225 -47.30 -12.63 -35.81
C ALA D 225 -48.50 -12.34 -34.92
N VAL D 226 -49.20 -13.41 -34.52
CA VAL D 226 -50.41 -13.27 -33.72
C VAL D 226 -50.27 -13.92 -32.34
N SER D 227 -49.45 -14.95 -32.20
CA SER D 227 -49.20 -15.57 -30.90
C SER D 227 -47.75 -16.01 -30.89
N VAL D 228 -47.23 -16.25 -29.68
CA VAL D 228 -45.85 -16.64 -29.48
C VAL D 228 -45.78 -18.16 -29.46
N ASP D 229 -44.74 -18.71 -30.09
CA ASP D 229 -44.63 -20.14 -30.33
C ASP D 229 -43.19 -20.60 -30.17
N MET D 230 -43.00 -21.92 -30.20
CA MET D 230 -41.73 -22.52 -29.83
C MET D 230 -40.58 -22.10 -30.74
N SER D 231 -40.86 -21.66 -31.97
CA SER D 231 -39.77 -21.14 -32.78
C SER D 231 -39.21 -19.86 -32.19
N HIS D 232 -40.08 -19.03 -31.61
CA HIS D 232 -39.62 -17.78 -31.02
C HIS D 232 -38.85 -18.04 -29.74
N PHE D 233 -39.41 -18.83 -28.83
CA PHE D 233 -38.70 -19.18 -27.61
C PHE D 233 -37.39 -19.87 -27.90
N GLU D 234 -37.35 -20.68 -28.96
CA GLU D 234 -36.10 -21.27 -29.37
C GLU D 234 -35.12 -20.21 -29.88
N TRP D 235 -35.62 -19.24 -30.63
CA TRP D 235 -34.76 -18.16 -31.11
C TRP D 235 -34.14 -17.38 -29.95
N ALA D 236 -34.97 -16.87 -29.06
CA ALA D 236 -34.46 -16.09 -27.93
C ALA D 236 -33.58 -16.93 -27.03
N LYS D 237 -33.92 -18.19 -26.83
CA LYS D 237 -33.05 -19.08 -26.07
C LYS D 237 -31.66 -19.14 -26.69
N ASP D 238 -31.59 -19.22 -28.02
CA ASP D 238 -30.28 -19.16 -28.65
C ASP D 238 -29.64 -17.79 -28.48
N LYS D 239 -30.44 -16.72 -28.40
CA LYS D 239 -29.82 -15.41 -28.22
C LYS D 239 -29.30 -15.24 -26.80
N ILE D 240 -29.71 -16.10 -25.88
CA ILE D 240 -29.17 -16.02 -24.52
C ILE D 240 -28.00 -16.98 -24.35
N LEU D 241 -28.10 -18.17 -24.94
CA LEU D 241 -27.08 -19.17 -24.69
C LEU D 241 -25.81 -18.93 -25.48
N MET D 242 -25.91 -18.45 -26.72
CA MET D 242 -24.72 -18.29 -27.56
C MET D 242 -24.35 -16.83 -27.77
N GLY D 243 -25.26 -16.00 -28.24
CA GLY D 243 -24.97 -14.59 -28.42
C GLY D 243 -25.82 -13.98 -29.49
N ALA D 244 -25.74 -12.66 -29.60
CA ALA D 244 -26.56 -11.95 -30.55
C ALA D 244 -26.16 -12.32 -31.97
N GLU D 245 -27.13 -12.79 -32.75
CA GLU D 245 -26.89 -13.12 -34.14
C GLU D 245 -26.39 -11.90 -34.90
N ARG D 246 -25.34 -12.10 -35.71
CA ARG D 246 -24.63 -11.00 -36.34
C ARG D 246 -24.45 -11.29 -37.83
N LYS D 247 -25.47 -10.95 -38.60
CA LYS D 247 -25.47 -11.08 -40.04
C LYS D 247 -24.70 -9.92 -40.67
N THR D 248 -24.46 -10.01 -41.98
CA THR D 248 -24.01 -8.94 -42.85
C THR D 248 -22.48 -8.76 -42.80
N MET D 249 -21.77 -9.51 -41.97
CA MET D 249 -20.31 -9.45 -42.06
C MET D 249 -19.85 -10.20 -43.31
N VAL D 250 -19.18 -9.47 -44.19
CA VAL D 250 -18.71 -10.01 -45.47
C VAL D 250 -17.36 -10.66 -45.23
N LEU D 251 -17.15 -11.84 -45.79
CA LEU D 251 -15.94 -12.61 -45.57
C LEU D 251 -15.45 -13.22 -46.87
N THR D 252 -14.15 -13.12 -47.11
CA THR D 252 -13.56 -13.79 -48.25
C THR D 252 -13.68 -15.31 -48.08
N ASP D 253 -13.58 -16.04 -49.18
CA ASP D 253 -13.84 -17.47 -49.11
C ASP D 253 -12.74 -18.22 -48.37
N ALA D 254 -11.48 -17.80 -48.48
CA ALA D 254 -10.44 -18.48 -47.74
C ALA D 254 -10.64 -18.32 -46.24
N ALA D 255 -11.08 -17.14 -45.80
CA ALA D 255 -11.31 -16.90 -44.38
C ALA D 255 -12.41 -17.80 -43.84
N ARG D 256 -13.61 -17.72 -44.43
CA ARG D 256 -14.70 -18.53 -43.93
C ARG D 256 -14.44 -20.01 -44.11
N LYS D 257 -13.61 -20.40 -45.08
CA LYS D 257 -13.22 -21.80 -45.17
C LYS D 257 -12.37 -22.20 -43.97
N ALA D 258 -11.34 -21.41 -43.65
CA ALA D 258 -10.50 -21.73 -42.50
C ALA D 258 -11.32 -21.77 -41.21
N THR D 259 -12.24 -20.82 -41.04
CA THR D 259 -13.13 -20.84 -39.89
C THR D 259 -13.94 -22.14 -39.84
N ALA D 260 -14.51 -22.52 -40.98
CA ALA D 260 -15.23 -23.79 -41.08
C ALA D 260 -14.38 -24.95 -40.61
N PHE D 261 -13.08 -24.95 -40.93
CA PHE D 261 -12.24 -26.02 -40.40
C PHE D 261 -12.00 -25.92 -38.91
N HIS D 262 -11.90 -24.71 -38.36
CA HIS D 262 -11.72 -24.58 -36.91
C HIS D 262 -12.91 -25.18 -36.17
N GLU D 263 -14.11 -24.63 -36.39
CA GLU D 263 -15.29 -25.16 -35.73
C GLU D 263 -15.55 -26.60 -36.10
N ALA D 264 -15.18 -27.01 -37.31
CA ALA D 264 -15.26 -28.42 -37.63
C ALA D 264 -14.39 -29.24 -36.70
N GLY D 265 -13.21 -28.71 -36.33
CA GLY D 265 -12.34 -29.43 -35.43
C GLY D 265 -12.93 -29.54 -34.05
N HIS D 266 -13.44 -28.43 -33.51
CA HIS D 266 -14.11 -28.51 -32.21
C HIS D 266 -15.26 -29.50 -32.24
N ALA D 267 -16.06 -29.48 -33.30
CA ALA D 267 -17.24 -30.35 -33.35
C ALA D 267 -16.84 -31.82 -33.38
N ILE D 268 -15.93 -32.18 -34.27
CA ILE D 268 -15.52 -33.58 -34.39
C ILE D 268 -14.89 -34.05 -33.08
N MET D 269 -13.93 -33.28 -32.57
CA MET D 269 -13.27 -33.66 -31.33
C MET D 269 -14.24 -33.77 -30.17
N ALA D 270 -15.25 -32.91 -30.13
CA ALA D 270 -16.25 -32.97 -29.06
C ALA D 270 -17.25 -34.09 -29.28
N LYS D 271 -17.35 -34.61 -30.49
CA LYS D 271 -18.36 -35.61 -30.76
C LYS D 271 -17.82 -37.03 -30.69
N TYR D 272 -16.50 -37.23 -30.79
CA TYR D 272 -15.95 -38.58 -30.78
C TYR D 272 -15.11 -38.90 -29.55
N THR D 273 -15.20 -38.12 -28.48
CA THR D 273 -14.48 -38.43 -27.26
C THR D 273 -15.43 -38.85 -26.15
N ASN D 274 -15.01 -39.86 -25.39
CA ASN D 274 -15.84 -40.39 -24.32
C ASN D 274 -15.84 -39.41 -23.16
N GLY D 275 -17.03 -38.96 -22.77
CA GLY D 275 -17.17 -38.05 -21.65
C GLY D 275 -17.49 -36.62 -21.99
N ALA D 276 -17.43 -36.24 -23.26
CA ALA D 276 -17.71 -34.87 -23.63
C ALA D 276 -19.16 -34.53 -23.36
N THR D 277 -19.47 -33.24 -23.43
CA THR D 277 -20.84 -32.81 -23.25
C THR D 277 -21.59 -32.93 -24.56
N PRO D 278 -22.87 -33.32 -24.53
CA PRO D 278 -23.65 -33.36 -25.78
C PRO D 278 -23.69 -31.99 -26.42
N LEU D 279 -23.43 -31.95 -27.73
CA LEU D 279 -23.21 -30.67 -28.37
C LEU D 279 -24.48 -30.13 -29.02
N TYR D 280 -24.71 -28.85 -28.78
CA TYR D 280 -25.82 -28.07 -29.31
C TYR D 280 -25.35 -27.54 -30.66
N LYS D 281 -26.00 -26.50 -31.19
CA LYS D 281 -25.63 -25.94 -32.50
C LYS D 281 -24.15 -25.64 -32.60
N ALA D 282 -23.66 -25.58 -33.84
CA ALA D 282 -22.27 -25.28 -34.15
C ALA D 282 -22.22 -24.45 -35.44
N THR D 283 -22.22 -23.12 -35.28
CA THR D 283 -22.40 -22.26 -36.44
C THR D 283 -21.09 -21.72 -36.97
N ILE D 284 -21.14 -21.18 -38.19
CA ILE D 284 -20.00 -20.49 -38.79
C ILE D 284 -20.21 -18.98 -38.77
N LEU D 285 -21.36 -18.51 -38.30
CA LEU D 285 -21.65 -17.09 -38.30
C LEU D 285 -20.88 -16.42 -37.15
N PRO D 286 -20.96 -15.09 -37.05
CA PRO D 286 -20.29 -14.42 -35.93
C PRO D 286 -20.84 -14.80 -34.56
N ARG D 287 -22.14 -14.63 -34.32
CA ARG D 287 -22.75 -14.95 -33.02
C ARG D 287 -22.11 -14.14 -31.89
N GLY D 288 -22.32 -12.82 -31.95
CA GLY D 288 -21.84 -11.97 -30.89
C GLY D 288 -20.51 -11.32 -31.20
N ARG D 289 -19.46 -11.73 -30.51
CA ARG D 289 -18.11 -11.30 -30.84
C ARG D 289 -17.11 -12.45 -30.77
N ALA D 290 -17.50 -13.63 -31.25
CA ALA D 290 -16.60 -14.77 -31.32
C ALA D 290 -16.39 -15.30 -32.73
N LEU D 291 -17.20 -14.86 -33.69
CA LEU D 291 -17.08 -15.24 -35.10
C LEU D 291 -17.02 -16.75 -35.28
N GLY D 292 -18.13 -17.40 -34.92
CA GLY D 292 -18.22 -18.83 -35.04
C GLY D 292 -17.91 -19.53 -33.73
N ILE D 293 -18.84 -20.34 -33.26
CA ILE D 293 -18.67 -21.07 -32.02
C ILE D 293 -19.38 -22.40 -32.11
N THR D 294 -18.98 -23.32 -31.24
CA THR D 294 -19.54 -24.67 -31.18
C THR D 294 -20.01 -24.86 -29.76
N PHE D 295 -21.30 -24.65 -29.55
CA PHE D 295 -21.87 -24.62 -28.21
C PHE D 295 -22.24 -26.02 -27.79
N GLN D 296 -22.07 -26.31 -26.51
CA GLN D 296 -22.42 -27.60 -25.93
C GLN D 296 -23.40 -27.36 -24.80
N LEU D 297 -24.31 -28.30 -24.59
CA LEU D 297 -25.36 -28.10 -23.60
C LEU D 297 -25.66 -29.40 -22.88
N PRO D 298 -25.39 -29.50 -21.58
CA PRO D 298 -25.69 -30.73 -20.85
C PRO D 298 -27.17 -30.89 -20.59
N GLU D 299 -27.58 -32.02 -20.04
CA GLU D 299 -29.00 -32.23 -19.80
C GLU D 299 -29.28 -32.51 -18.32
N MET D 300 -28.41 -33.27 -17.67
CA MET D 300 -28.70 -33.67 -16.29
C MET D 300 -28.45 -32.53 -15.32
N ASP D 301 -27.77 -31.47 -15.77
CA ASP D 301 -27.56 -30.30 -14.95
C ASP D 301 -26.71 -30.60 -13.71
N LYS D 302 -25.51 -31.13 -13.94
CA LYS D 302 -24.66 -31.55 -12.83
C LYS D 302 -24.05 -30.36 -12.12
N VAL D 303 -23.53 -30.62 -10.91
CA VAL D 303 -22.93 -29.57 -10.11
C VAL D 303 -21.43 -29.77 -10.00
N ASP D 304 -20.96 -30.99 -10.23
CA ASP D 304 -19.55 -31.32 -10.13
C ASP D 304 -19.16 -32.34 -11.20
N ILE D 305 -17.93 -32.24 -11.67
CA ILE D 305 -17.47 -32.96 -12.84
C ILE D 305 -16.42 -33.97 -12.43
N THR D 306 -16.45 -35.15 -13.05
CA THR D 306 -15.46 -36.16 -12.75
C THR D 306 -14.15 -35.83 -13.46
N LYS D 307 -13.24 -36.81 -13.51
CA LYS D 307 -11.96 -36.59 -14.16
C LYS D 307 -12.07 -36.76 -15.67
N ARG D 308 -12.88 -37.72 -16.12
CA ARG D 308 -13.03 -37.96 -17.54
C ARG D 308 -13.68 -36.80 -18.26
N GLU D 309 -14.64 -36.12 -17.63
CA GLU D 309 -15.19 -34.93 -18.25
C GLU D 309 -14.16 -33.82 -18.34
N CYS D 310 -13.23 -33.76 -17.38
CA CYS D 310 -12.18 -32.76 -17.45
C CYS D 310 -11.27 -33.02 -18.63
N GLN D 311 -10.78 -34.25 -18.76
CA GLN D 311 -9.90 -34.56 -19.89
C GLN D 311 -10.62 -34.38 -21.22
N ALA D 312 -11.88 -34.79 -21.30
CA ALA D 312 -12.63 -34.58 -22.52
C ALA D 312 -12.76 -33.10 -22.83
N ARG D 313 -12.90 -32.25 -21.81
CA ARG D 313 -12.99 -30.82 -22.06
C ARG D 313 -11.67 -30.26 -22.57
N LEU D 314 -10.55 -30.70 -22.00
CA LEU D 314 -9.26 -30.31 -22.56
C LEU D 314 -9.13 -30.76 -24.01
N ASP D 315 -9.65 -31.93 -24.35
CA ASP D 315 -9.56 -32.36 -25.73
C ASP D 315 -10.45 -31.52 -26.65
N VAL D 316 -11.59 -31.05 -26.16
CA VAL D 316 -12.43 -30.20 -26.98
C VAL D 316 -11.78 -28.85 -27.20
N CYS D 317 -11.04 -28.35 -26.22
CA CYS D 317 -10.47 -27.01 -26.35
C CYS D 317 -9.20 -26.96 -27.20
N MET D 318 -8.90 -27.97 -28.02
CA MET D 318 -7.73 -27.89 -28.88
C MET D 318 -7.98 -28.39 -30.29
N GLY D 319 -9.17 -28.89 -30.59
CA GLY D 319 -9.45 -29.39 -31.91
C GLY D 319 -9.35 -28.33 -32.99
N GLY D 320 -9.49 -27.07 -32.63
CA GLY D 320 -9.31 -26.03 -33.62
C GLY D 320 -7.85 -25.83 -33.93
N LYS D 321 -7.04 -25.74 -32.88
CA LYS D 321 -5.61 -25.56 -33.06
C LYS D 321 -5.01 -26.68 -33.88
N ILE D 322 -5.18 -27.94 -33.44
CA ILE D 322 -4.55 -29.00 -34.23
C ILE D 322 -5.36 -29.37 -35.45
N ALA D 323 -6.61 -28.94 -35.55
CA ALA D 323 -7.33 -29.12 -36.80
C ALA D 323 -6.68 -28.29 -37.90
N GLU D 324 -6.65 -26.97 -37.74
CA GLU D 324 -6.03 -26.17 -38.78
C GLU D 324 -4.53 -26.40 -38.85
N GLU D 325 -3.91 -26.92 -37.79
CA GLU D 325 -2.51 -27.31 -37.89
C GLU D 325 -2.34 -28.59 -38.69
N LEU D 326 -3.38 -29.42 -38.80
CA LEU D 326 -3.26 -30.58 -39.67
C LEU D 326 -3.70 -30.30 -41.09
N ILE D 327 -4.43 -29.21 -41.33
CA ILE D 327 -4.75 -28.88 -42.71
C ILE D 327 -3.67 -27.96 -43.29
N TYR D 328 -3.53 -26.78 -42.71
CA TYR D 328 -2.73 -25.73 -43.34
C TYR D 328 -1.24 -25.84 -43.03
N GLY D 329 -0.77 -26.96 -42.49
CA GLY D 329 0.61 -27.07 -42.08
C GLY D 329 0.90 -26.23 -40.85
N LYS D 330 2.05 -26.52 -40.23
CA LYS D 330 2.32 -25.99 -38.90
C LYS D 330 2.63 -24.50 -38.90
N ASP D 331 3.33 -24.00 -39.91
CA ASP D 331 3.73 -22.60 -39.94
C ASP D 331 2.61 -21.65 -40.34
N ASN D 332 1.35 -22.10 -40.33
CA ASN D 332 0.23 -21.24 -40.68
C ASN D 332 -0.83 -21.21 -39.60
N THR D 333 -0.54 -21.76 -38.43
CA THR D 333 -1.44 -21.62 -37.30
C THR D 333 -1.55 -20.16 -36.91
N THR D 334 -2.77 -19.65 -36.83
CA THR D 334 -2.99 -18.26 -36.53
C THR D 334 -2.86 -18.02 -35.03
N SER D 335 -3.30 -16.86 -34.57
CA SER D 335 -3.26 -16.52 -33.17
C SER D 335 -4.62 -16.51 -32.51
N GLY D 336 -5.69 -16.75 -33.27
CA GLY D 336 -7.01 -16.82 -32.67
C GLY D 336 -7.13 -17.98 -31.69
N CYS D 337 -6.46 -19.10 -32.01
CA CYS D 337 -6.53 -20.29 -31.17
C CYS D 337 -6.23 -19.98 -29.72
N GLY D 338 -5.26 -19.07 -29.49
CA GLY D 338 -4.87 -18.71 -28.14
C GLY D 338 -6.04 -18.42 -27.22
N SER D 339 -7.08 -17.78 -27.75
CA SER D 339 -8.26 -17.48 -26.94
C SER D 339 -8.84 -18.74 -26.30
N ASP D 340 -9.23 -19.72 -27.10
CA ASP D 340 -9.79 -20.91 -26.48
C ASP D 340 -8.70 -21.71 -25.79
N LEU D 341 -7.46 -21.55 -26.24
CA LEU D 341 -6.32 -22.13 -25.52
C LEU D 341 -6.30 -21.64 -24.10
N GLN D 342 -6.60 -20.34 -23.92
CA GLN D 342 -6.89 -19.73 -22.64
C GLN D 342 -7.65 -20.66 -21.72
N SER D 343 -8.86 -21.04 -22.14
CA SER D 343 -9.74 -21.80 -21.27
C SER D 343 -9.11 -23.10 -20.84
N ALA D 344 -8.41 -23.78 -21.76
CA ALA D 344 -7.84 -25.08 -21.42
C ALA D 344 -6.93 -24.98 -20.21
N THR D 345 -6.13 -23.92 -20.15
CA THR D 345 -5.19 -23.77 -19.04
C THR D 345 -5.92 -23.79 -17.72
N GLY D 346 -7.01 -23.01 -17.61
CA GLY D 346 -7.75 -22.97 -16.36
C GLY D 346 -8.16 -24.34 -15.90
N THR D 347 -8.71 -25.14 -16.81
CA THR D 347 -9.18 -26.48 -16.45
C THR D 347 -8.04 -27.29 -15.90
N ALA D 348 -6.89 -27.26 -16.57
CA ALA D 348 -5.78 -28.09 -16.15
C ALA D 348 -5.33 -27.72 -14.75
N ARG D 349 -5.32 -26.43 -14.43
CA ARG D 349 -4.90 -26.05 -13.08
C ARG D 349 -5.86 -26.59 -12.04
N ALA D 350 -7.16 -26.51 -12.29
CA ALA D 350 -8.08 -27.05 -11.32
C ALA D 350 -7.96 -28.56 -11.19
N MET D 351 -7.46 -29.23 -12.22
CA MET D 351 -7.31 -30.67 -12.09
C MET D 351 -6.14 -31.04 -11.22
N VAL D 352 -5.23 -30.12 -10.95
CA VAL D 352 -4.03 -30.41 -10.18
C VAL D 352 -4.11 -29.79 -8.80
N THR D 353 -4.40 -28.49 -8.73
CA THR D 353 -4.38 -27.81 -7.45
C THR D 353 -5.65 -28.10 -6.66
N GLN D 354 -6.80 -27.67 -7.15
CA GLN D 354 -8.03 -27.76 -6.38
C GLN D 354 -8.51 -29.20 -6.25
N TYR D 355 -8.91 -29.80 -7.36
CA TYR D 355 -9.74 -31.00 -7.30
C TYR D 355 -8.92 -32.23 -6.94
N GLY D 356 -7.62 -32.18 -7.10
CA GLY D 356 -6.75 -33.25 -6.65
C GLY D 356 -6.59 -34.41 -7.59
N MET D 357 -6.65 -34.17 -8.90
CA MET D 357 -6.63 -35.24 -9.89
C MET D 357 -5.23 -35.49 -10.44
N SER D 358 -4.21 -35.64 -9.59
CA SER D 358 -2.87 -35.85 -10.11
C SER D 358 -2.07 -36.64 -9.08
N ASP D 359 -1.62 -37.83 -9.46
CA ASP D 359 -0.92 -38.71 -8.54
C ASP D 359 0.51 -38.30 -8.28
N ASP D 360 1.05 -37.37 -9.06
CA ASP D 360 2.44 -36.97 -8.85
C ASP D 360 2.57 -36.03 -7.67
N VAL D 361 1.49 -35.39 -7.25
CA VAL D 361 1.54 -34.49 -6.10
C VAL D 361 0.47 -34.79 -5.07
N GLY D 362 -0.04 -36.03 -5.03
CA GLY D 362 -0.92 -36.47 -3.98
C GLY D 362 -2.20 -35.69 -3.86
N PRO D 363 -3.02 -36.04 -2.89
CA PRO D 363 -4.22 -35.26 -2.60
C PRO D 363 -3.90 -34.08 -1.71
N VAL D 364 -3.95 -32.87 -2.23
CA VAL D 364 -3.55 -31.71 -1.45
C VAL D 364 -4.11 -30.50 -2.15
N ASN D 365 -4.41 -29.45 -1.41
CA ASN D 365 -5.01 -28.27 -1.99
C ASN D 365 -4.00 -27.13 -1.99
N LEU D 366 -3.26 -27.01 -3.09
CA LEU D 366 -2.32 -25.93 -3.29
C LEU D 366 -3.00 -24.65 -3.73
N SER D 367 -4.32 -24.59 -3.68
CA SER D 367 -5.03 -23.50 -4.34
C SER D 367 -5.40 -22.36 -3.42
N GLU D 368 -5.70 -22.60 -2.15
CA GLU D 368 -6.31 -21.54 -1.37
C GLU D 368 -5.37 -20.38 -1.13
N GLU D 369 -4.06 -20.59 -1.11
CA GLU D 369 -3.12 -19.50 -0.95
C GLU D 369 -2.14 -19.42 -2.13
N TRP D 370 -1.47 -20.51 -2.47
CA TRP D 370 -0.56 -20.58 -3.60
C TRP D 370 0.69 -19.74 -3.35
N GLU D 371 0.80 -19.15 -2.17
CA GLU D 371 1.98 -18.39 -1.80
C GLU D 371 2.66 -18.91 -0.56
N SER D 372 1.90 -19.47 0.39
CA SER D 372 2.57 -20.05 1.55
C SER D 372 3.41 -21.24 1.13
N TRP D 373 3.08 -21.90 0.02
CA TRP D 373 3.87 -23.02 -0.43
C TRP D 373 5.22 -22.53 -0.94
N SER D 374 6.20 -23.41 -0.90
CA SER D 374 7.54 -23.08 -1.33
C SER D 374 7.61 -23.10 -2.84
N ASN D 375 8.83 -23.09 -3.37
CA ASN D 375 9.01 -23.06 -4.82
C ASN D 375 9.38 -24.41 -5.38
N LYS D 376 9.26 -25.49 -4.61
CA LYS D 376 9.58 -26.80 -5.14
C LYS D 376 8.32 -27.51 -5.63
N ILE D 377 7.35 -27.69 -4.76
CA ILE D 377 6.11 -28.32 -5.17
C ILE D 377 5.30 -27.44 -6.10
N ARG D 378 5.57 -26.14 -6.17
CA ARG D 378 4.99 -25.37 -7.26
C ARG D 378 5.66 -25.69 -8.59
N ASP D 379 6.93 -26.03 -8.57
CA ASP D 379 7.56 -26.52 -9.79
C ASP D 379 6.94 -27.84 -10.22
N ILE D 380 6.72 -28.74 -9.26
CA ILE D 380 6.11 -30.02 -9.63
C ILE D 380 4.68 -29.82 -10.11
N ALA D 381 3.93 -28.94 -9.46
CA ALA D 381 2.55 -28.69 -9.86
C ALA D 381 2.49 -28.13 -11.27
N ASP D 382 3.21 -27.04 -11.53
CA ASP D 382 3.14 -26.44 -12.86
C ASP D 382 3.66 -27.38 -13.94
N ASN D 383 4.70 -28.15 -13.64
CA ASN D 383 5.11 -29.17 -14.60
C ASN D 383 4.00 -30.16 -14.89
N GLU D 384 3.24 -30.55 -13.86
CA GLU D 384 2.12 -31.46 -14.09
C GLU D 384 1.08 -30.83 -15.00
N VAL D 385 0.75 -29.55 -14.77
CA VAL D 385 -0.22 -28.85 -15.62
C VAL D 385 0.21 -28.90 -17.07
N ILE D 386 1.44 -28.48 -17.34
CA ILE D 386 1.89 -28.45 -18.73
C ILE D 386 1.92 -29.84 -19.34
N GLU D 387 2.19 -30.86 -18.52
CA GLU D 387 2.09 -32.22 -19.01
C GLU D 387 0.68 -32.55 -19.47
N LEU D 388 -0.32 -32.20 -18.67
CA LEU D 388 -1.71 -32.47 -19.06
C LEU D 388 -2.05 -31.78 -20.36
N LEU D 389 -1.60 -30.55 -20.55
CA LEU D 389 -1.94 -29.90 -21.80
C LEU D 389 -1.26 -30.55 -23.00
N LYS D 390 0.01 -30.93 -22.85
CA LYS D 390 0.71 -31.56 -23.98
C LYS D 390 0.06 -32.88 -24.38
N ASP D 391 -0.09 -33.81 -23.43
CA ASP D 391 -0.65 -35.09 -23.86
C ASP D 391 -2.13 -34.98 -24.22
N SER D 392 -2.84 -33.97 -23.72
CA SER D 392 -4.15 -33.67 -24.29
C SER D 392 -4.05 -33.36 -25.77
N GLU D 393 -3.12 -32.48 -26.14
CA GLU D 393 -2.93 -32.18 -27.55
C GLU D 393 -2.57 -33.42 -28.34
N GLU D 394 -1.82 -34.35 -27.75
CA GLU D 394 -1.48 -35.55 -28.49
C GLU D 394 -2.70 -36.41 -28.77
N ARG D 395 -3.51 -36.66 -27.73
CA ARG D 395 -4.74 -37.44 -27.90
C ARG D 395 -5.61 -36.86 -29.00
N ALA D 396 -5.86 -35.55 -28.92
CA ALA D 396 -6.66 -34.92 -29.98
C ALA D 396 -5.99 -35.09 -31.33
N ARG D 397 -4.66 -35.06 -31.35
CA ARG D 397 -3.93 -35.17 -32.62
C ARG D 397 -4.23 -36.48 -33.32
N ARG D 398 -3.98 -37.60 -32.64
CA ARG D 398 -4.23 -38.86 -33.32
C ARG D 398 -5.71 -39.06 -33.59
N LEU D 399 -6.59 -38.51 -32.75
CA LEU D 399 -8.01 -38.64 -33.06
C LEU D 399 -8.39 -37.95 -34.36
N LEU D 400 -8.01 -36.68 -34.51
CA LEU D 400 -8.33 -35.99 -35.76
C LEU D 400 -7.57 -36.54 -36.95
N THR D 401 -6.48 -37.28 -36.73
CA THR D 401 -5.89 -37.98 -37.86
C THR D 401 -6.65 -39.26 -38.21
N LYS D 402 -7.33 -39.86 -37.24
CA LYS D 402 -8.14 -41.03 -37.52
C LYS D 402 -9.46 -40.68 -38.19
N LYS D 403 -9.95 -39.47 -38.00
CA LYS D 403 -11.28 -39.12 -38.48
C LYS D 403 -11.23 -38.03 -39.54
N ASN D 404 -10.30 -38.17 -40.50
CA ASN D 404 -10.08 -37.09 -41.45
C ASN D 404 -11.28 -36.89 -42.36
N VAL D 405 -11.96 -37.98 -42.73
CA VAL D 405 -12.99 -37.92 -43.76
C VAL D 405 -14.15 -37.04 -43.32
N GLU D 406 -14.79 -37.38 -42.21
CA GLU D 406 -15.89 -36.53 -41.77
C GLU D 406 -15.41 -35.20 -41.22
N LEU D 407 -14.11 -35.02 -40.99
CA LEU D 407 -13.60 -33.68 -40.80
C LEU D 407 -13.83 -32.85 -42.05
N HIS D 408 -13.39 -33.34 -43.21
CA HIS D 408 -13.62 -32.59 -44.44
C HIS D 408 -15.10 -32.48 -44.76
N ARG D 409 -15.85 -33.57 -44.61
CA ARG D 409 -17.26 -33.56 -44.96
C ARG D 409 -18.02 -32.56 -44.11
N LEU D 410 -17.72 -32.54 -42.80
CA LEU D 410 -18.36 -31.57 -41.93
C LEU D 410 -17.90 -30.15 -42.25
N ALA D 411 -16.64 -29.98 -42.66
CA ALA D 411 -16.18 -28.67 -43.07
C ALA D 411 -17.01 -28.13 -44.23
N GLN D 412 -17.19 -28.95 -45.28
CA GLN D 412 -18.04 -28.53 -46.38
C GLN D 412 -19.47 -28.31 -45.93
N GLY D 413 -19.95 -29.11 -44.99
CA GLY D 413 -21.28 -28.90 -44.46
C GLY D 413 -21.45 -27.53 -43.82
N LEU D 414 -20.44 -27.06 -43.09
CA LEU D 414 -20.54 -25.72 -42.52
C LEU D 414 -20.29 -24.65 -43.55
N ILE D 415 -19.56 -24.95 -44.63
CA ILE D 415 -19.32 -23.91 -45.61
C ILE D 415 -20.52 -23.72 -46.54
N GLU D 416 -21.34 -24.76 -46.75
CA GLU D 416 -22.56 -24.64 -47.54
C GLU D 416 -23.72 -24.17 -46.68
N TYR D 417 -24.10 -24.98 -45.71
CA TYR D 417 -25.01 -24.58 -44.64
C TYR D 417 -24.19 -23.86 -43.59
N GLU D 418 -24.58 -22.63 -43.26
CA GLU D 418 -23.77 -21.87 -42.30
C GLU D 418 -24.04 -22.27 -40.85
N THR D 419 -24.94 -23.21 -40.62
CA THR D 419 -25.32 -23.65 -39.28
C THR D 419 -25.68 -25.12 -39.37
N LEU D 420 -25.60 -25.82 -38.24
CA LEU D 420 -26.05 -27.19 -38.17
C LEU D 420 -26.62 -27.48 -36.79
N ASP D 421 -27.67 -28.28 -36.77
CA ASP D 421 -28.27 -28.74 -35.53
C ASP D 421 -27.39 -29.84 -34.95
N ALA D 422 -27.87 -30.58 -33.97
CA ALA D 422 -27.10 -31.71 -33.46
C ALA D 422 -27.15 -32.87 -34.45
N HIS D 423 -28.35 -33.39 -34.70
CA HIS D 423 -28.45 -34.51 -35.63
C HIS D 423 -28.13 -34.10 -37.05
N GLU D 424 -28.27 -32.82 -37.39
CA GLU D 424 -27.79 -32.36 -38.69
C GLU D 424 -26.28 -32.56 -38.80
N ILE D 425 -25.55 -32.28 -37.71
CA ILE D 425 -24.14 -32.61 -37.67
C ILE D 425 -23.96 -34.11 -37.77
N GLU D 426 -24.88 -34.88 -37.19
CA GLU D 426 -24.74 -36.33 -37.26
C GLU D 426 -24.90 -36.85 -38.68
N GLN D 427 -25.72 -36.18 -39.49
CA GLN D 427 -25.98 -36.67 -40.83
C GLN D 427 -25.04 -36.09 -41.87
N VAL D 428 -24.52 -34.87 -41.66
CA VAL D 428 -23.55 -34.34 -42.59
C VAL D 428 -22.30 -35.20 -42.60
N CYS D 429 -22.00 -35.89 -41.51
CA CYS D 429 -20.89 -36.83 -41.51
C CYS D 429 -21.17 -38.06 -42.35
N LYS D 430 -22.38 -38.59 -42.31
CA LYS D 430 -22.73 -39.75 -43.12
C LYS D 430 -22.94 -39.39 -44.58
N GLY D 431 -23.65 -38.31 -44.86
CA GLY D 431 -23.79 -37.80 -46.22
C GLY D 431 -25.18 -37.45 -46.64
N GLU D 432 -26.21 -37.69 -45.83
CA GLU D 432 -27.57 -37.37 -46.23
C GLU D 432 -27.76 -35.87 -46.34
N LYS D 433 -28.23 -35.43 -47.51
CA LYS D 433 -28.50 -34.02 -47.72
C LYS D 433 -29.69 -33.60 -46.87
N LEU D 434 -29.59 -32.45 -46.23
CA LEU D 434 -30.60 -32.00 -45.28
C LEU D 434 -31.65 -31.15 -45.98
N ALA D 435 -32.89 -31.32 -45.55
CA ALA D 435 -34.01 -30.56 -46.10
C ALA D 435 -33.96 -29.13 -45.56
N LYS D 436 -33.21 -28.30 -46.28
CA LYS D 436 -33.10 -26.89 -45.93
C LYS D 436 -32.35 -26.19 -47.06
N LEU D 437 -32.15 -24.88 -46.89
CA LEU D 437 -31.64 -24.02 -47.94
C LEU D 437 -30.13 -23.88 -47.82
N LYS D 438 -29.42 -24.16 -48.92
CA LYS D 438 -28.00 -23.87 -49.02
C LYS D 438 -27.83 -22.36 -49.19
N THR D 439 -27.47 -21.67 -48.11
CA THR D 439 -27.33 -20.23 -48.15
C THR D 439 -26.21 -19.81 -49.10
N LYS E 1 -29.82 12.53 -35.85
CA LYS E 1 -30.64 11.67 -36.69
C LYS E 1 -29.89 10.40 -37.08
N PHE E 2 -30.63 9.30 -37.24
CA PHE E 2 -30.02 8.01 -37.61
C PHE E 2 -29.27 8.07 -38.92
N ASP E 3 -29.59 9.01 -39.81
CA ASP E 3 -28.79 9.16 -41.02
C ASP E 3 -27.37 9.59 -40.71
N ASP E 4 -27.16 10.30 -39.61
CA ASP E 4 -25.84 10.82 -39.29
C ASP E 4 -24.86 9.72 -38.93
N VAL E 5 -25.36 8.52 -38.60
CA VAL E 5 -24.50 7.39 -38.28
C VAL E 5 -24.36 6.54 -39.53
N CYS E 6 -23.33 6.82 -40.32
CA CYS E 6 -23.11 6.14 -41.59
C CYS E 6 -22.17 4.96 -41.39
N GLY E 7 -22.66 3.78 -41.73
CA GLY E 7 -22.06 2.55 -41.27
C GLY E 7 -22.85 2.04 -40.09
N CYS E 8 -22.52 0.82 -39.65
CA CYS E 8 -23.22 0.21 -38.54
C CYS E 8 -24.72 0.07 -38.85
N ASP E 9 -25.01 -0.76 -39.86
CA ASP E 9 -26.40 -0.92 -40.27
C ASP E 9 -27.20 -1.78 -39.29
N GLU E 10 -26.64 -2.89 -38.82
CA GLU E 10 -27.34 -3.66 -37.80
C GLU E 10 -27.25 -3.00 -36.45
N ALA E 11 -26.05 -2.56 -36.07
CA ALA E 11 -25.85 -1.85 -34.81
C ALA E 11 -26.75 -0.63 -34.68
N ARG E 12 -27.14 -0.03 -35.80
CA ARG E 12 -28.15 1.02 -35.76
C ARG E 12 -29.55 0.44 -35.88
N ALA E 13 -29.65 -0.75 -36.46
CA ALA E 13 -30.96 -1.37 -36.61
C ALA E 13 -31.60 -1.66 -35.26
N GLU E 14 -30.84 -2.25 -34.35
CA GLU E 14 -31.47 -2.58 -33.08
C GLU E 14 -31.41 -1.45 -32.07
N LEU E 15 -31.26 -0.21 -32.54
CA LEU E 15 -31.73 0.94 -31.79
C LEU E 15 -32.89 1.63 -32.49
N GLU E 16 -32.91 1.58 -33.81
CA GLU E 16 -34.11 1.97 -34.55
C GLU E 16 -35.33 1.20 -34.04
N GLU E 17 -35.14 -0.07 -33.72
CA GLU E 17 -36.24 -0.86 -33.17
C GLU E 17 -36.76 -0.28 -31.85
N ILE E 18 -35.86 0.13 -30.95
CA ILE E 18 -36.31 0.71 -29.69
C ILE E 18 -37.02 2.03 -29.91
N VAL E 19 -36.49 2.87 -30.80
CA VAL E 19 -37.19 4.12 -31.08
C VAL E 19 -38.57 3.85 -31.64
N ASP E 20 -38.70 2.80 -32.45
CA ASP E 20 -40.02 2.38 -32.90
C ASP E 20 -40.90 1.93 -31.75
N PHE E 21 -40.34 1.28 -30.75
CA PHE E 21 -41.12 0.89 -29.58
C PHE E 21 -41.64 2.14 -28.86
N LEU E 22 -40.79 3.14 -28.68
CA LEU E 22 -41.21 4.36 -27.99
C LEU E 22 -42.29 5.09 -28.78
N LYS E 23 -42.10 5.24 -30.09
CA LYS E 23 -42.99 6.07 -30.88
C LYS E 23 -44.35 5.42 -31.13
N ASP E 24 -44.52 4.15 -30.76
CA ASP E 24 -45.74 3.42 -31.10
C ASP E 24 -45.84 2.21 -30.17
N PRO E 25 -46.24 2.42 -28.93
CA PRO E 25 -46.19 1.31 -27.97
C PRO E 25 -47.11 0.16 -28.31
N THR E 26 -48.30 0.45 -28.85
CA THR E 26 -49.34 -0.56 -28.95
C THR E 26 -49.04 -1.63 -29.98
N LYS E 27 -48.15 -1.35 -30.93
CA LYS E 27 -47.75 -2.39 -31.87
C LYS E 27 -47.07 -3.54 -31.15
N TYR E 28 -46.02 -3.24 -30.40
CA TYR E 28 -45.23 -4.26 -29.70
C TYR E 28 -45.90 -4.73 -28.42
N GLU E 29 -46.68 -3.89 -27.77
CA GLU E 29 -47.34 -4.24 -26.52
C GLU E 29 -48.64 -4.99 -26.73
N SER E 30 -48.81 -5.65 -27.88
CA SER E 30 -50.06 -6.36 -28.12
C SER E 30 -49.97 -7.83 -27.70
N LEU E 31 -48.77 -8.40 -27.70
CA LEU E 31 -48.57 -9.77 -27.26
C LEU E 31 -47.87 -9.84 -25.91
N GLY E 32 -47.72 -8.72 -25.24
CA GLY E 32 -46.85 -8.62 -24.09
C GLY E 32 -45.66 -7.75 -24.40
N GLY E 33 -44.52 -8.10 -23.81
CA GLY E 33 -43.28 -7.45 -24.15
C GLY E 33 -43.19 -6.03 -23.66
N LYS E 34 -41.98 -5.58 -23.38
CA LYS E 34 -41.75 -4.25 -22.82
C LYS E 34 -40.41 -3.72 -23.29
N LEU E 35 -40.20 -2.43 -23.04
CA LEU E 35 -38.92 -1.81 -23.32
C LEU E 35 -37.80 -2.55 -22.60
N PRO E 36 -36.68 -2.78 -23.27
CA PRO E 36 -35.49 -3.24 -22.55
C PRO E 36 -35.01 -2.14 -21.63
N LYS E 37 -34.66 -2.52 -20.41
CA LYS E 37 -34.18 -1.53 -19.46
C LYS E 37 -32.82 -0.97 -19.86
N GLY E 38 -31.96 -1.79 -20.45
CA GLY E 38 -30.62 -1.34 -20.72
C GLY E 38 -30.00 -2.02 -21.92
N VAL E 39 -29.11 -1.31 -22.59
CA VAL E 39 -28.32 -1.85 -23.68
C VAL E 39 -26.86 -1.52 -23.43
N LEU E 40 -25.99 -2.36 -23.95
CA LEU E 40 -24.55 -2.26 -23.74
C LEU E 40 -23.88 -2.23 -25.11
N LEU E 41 -23.27 -1.10 -25.45
CA LEU E 41 -22.63 -0.90 -26.74
C LEU E 41 -21.17 -1.24 -26.62
N THR E 42 -20.74 -2.32 -27.26
CA THR E 42 -19.35 -2.73 -27.19
C THR E 42 -18.65 -2.38 -28.50
N GLY E 43 -17.36 -2.05 -28.40
CA GLY E 43 -16.58 -1.71 -29.56
C GLY E 43 -15.40 -0.83 -29.21
N PRO E 44 -14.41 -0.78 -30.09
CA PRO E 44 -13.19 -0.02 -29.81
C PRO E 44 -13.46 1.46 -29.72
N PRO E 45 -12.47 2.25 -29.31
CA PRO E 45 -12.70 3.68 -29.08
C PRO E 45 -13.03 4.41 -30.36
N GLY E 46 -13.88 5.43 -30.24
CA GLY E 46 -14.18 6.29 -31.37
C GLY E 46 -14.75 5.59 -32.57
N THR E 47 -15.70 4.67 -32.36
CA THR E 47 -16.42 4.05 -33.47
C THR E 47 -17.84 4.57 -33.57
N GLY E 48 -18.16 5.66 -32.88
CA GLY E 48 -19.49 6.21 -32.94
C GLY E 48 -20.49 5.47 -32.08
N LYS E 49 -20.30 5.49 -30.77
CA LYS E 49 -21.26 4.94 -29.83
C LYS E 49 -22.13 6.02 -29.20
N THR E 50 -21.51 7.10 -28.71
CA THR E 50 -22.31 8.22 -28.24
C THR E 50 -23.10 8.84 -29.37
N LEU E 51 -22.58 8.76 -30.59
CA LEU E 51 -23.35 9.20 -31.74
C LEU E 51 -24.62 8.38 -31.89
N LEU E 52 -24.53 7.06 -31.70
CA LEU E 52 -25.72 6.22 -31.78
C LEU E 52 -26.72 6.59 -30.70
N ALA E 53 -26.28 6.72 -29.46
CA ALA E 53 -27.20 7.04 -28.38
C ALA E 53 -27.87 8.39 -28.61
N ARG E 54 -27.08 9.43 -28.87
CA ARG E 54 -27.65 10.74 -29.09
C ARG E 54 -28.51 10.79 -30.34
N ALA E 55 -28.28 9.89 -31.29
CA ALA E 55 -29.21 9.73 -32.39
C ALA E 55 -30.51 9.09 -31.94
N THR E 56 -30.44 8.17 -30.98
CA THR E 56 -31.66 7.64 -30.38
C THR E 56 -32.47 8.74 -29.72
N ALA E 57 -31.81 9.57 -28.91
CA ALA E 57 -32.53 10.64 -28.24
C ALA E 57 -33.09 11.65 -29.22
N GLY E 58 -32.30 12.04 -30.23
CA GLY E 58 -32.80 12.97 -31.23
C GLY E 58 -33.93 12.41 -32.05
N GLU E 59 -33.94 11.10 -32.30
CA GLU E 59 -35.02 10.49 -33.07
C GLU E 59 -36.28 10.28 -32.27
N ALA E 60 -36.15 10.05 -30.96
CA ALA E 60 -37.32 9.69 -30.17
C ALA E 60 -38.00 10.92 -29.58
N GLY E 61 -37.24 11.86 -29.05
CA GLY E 61 -37.83 13.03 -28.43
C GLY E 61 -37.90 12.91 -26.92
N VAL E 62 -36.82 12.42 -26.32
CA VAL E 62 -36.71 12.25 -24.87
C VAL E 62 -35.40 12.90 -24.43
N ASP E 63 -35.33 13.23 -23.14
CA ASP E 63 -34.17 13.94 -22.65
C ASP E 63 -32.97 13.02 -22.55
N PHE E 64 -31.81 13.55 -22.90
CA PHE E 64 -30.56 12.81 -22.93
C PHE E 64 -29.68 13.27 -21.78
N PHE E 65 -29.24 12.32 -20.97
CA PHE E 65 -28.43 12.59 -19.79
C PHE E 65 -27.09 11.91 -19.92
N PHE E 66 -26.02 12.69 -19.97
CA PHE E 66 -24.69 12.18 -20.22
C PHE E 66 -23.93 12.08 -18.91
N MET E 67 -23.10 11.05 -18.79
CA MET E 67 -22.26 10.88 -17.62
C MET E 67 -21.14 9.91 -17.97
N SER E 68 -19.92 10.27 -17.63
CA SER E 68 -18.75 9.49 -18.01
C SER E 68 -18.25 8.66 -16.83
N GLY E 69 -17.72 7.48 -17.13
CA GLY E 69 -17.17 6.63 -16.10
C GLY E 69 -15.79 7.03 -15.64
N SER E 70 -14.95 7.53 -16.55
CA SER E 70 -13.63 8.02 -16.22
C SER E 70 -13.64 9.44 -15.69
N GLU E 71 -14.81 9.94 -15.28
CA GLU E 71 -14.94 11.26 -14.70
C GLU E 71 -15.02 11.22 -13.18
N PHE E 72 -15.31 10.06 -12.60
CA PHE E 72 -15.43 9.91 -11.15
C PHE E 72 -14.05 9.96 -10.52
N ASP E 73 -13.79 11.06 -9.81
CA ASP E 73 -12.46 11.34 -9.27
C ASP E 73 -11.98 10.27 -8.31
N GLU E 74 -12.85 9.81 -7.41
CA GLU E 74 -12.51 8.79 -6.41
C GLU E 74 -11.45 9.34 -5.46
N VAL E 75 -11.49 10.64 -5.22
CA VAL E 75 -10.60 11.28 -4.26
C VAL E 75 -11.14 11.18 -2.85
N TYR E 76 -12.46 11.17 -2.71
CA TYR E 76 -13.08 11.04 -1.40
C TYR E 76 -14.18 9.99 -1.40
N VAL E 77 -14.66 9.67 -0.20
CA VAL E 77 -15.41 8.45 0.03
C VAL E 77 -16.85 8.56 -0.44
N GLY E 78 -17.46 9.72 -0.27
CA GLY E 78 -18.89 9.82 -0.45
C GLY E 78 -19.34 10.02 -1.86
N VAL E 79 -18.79 11.04 -2.54
CA VAL E 79 -19.26 11.39 -3.87
C VAL E 79 -18.98 10.24 -4.83
N GLY E 80 -19.60 10.32 -6.00
CA GLY E 80 -19.69 9.19 -6.89
C GLY E 80 -21.02 8.51 -6.74
N ALA E 81 -21.28 7.89 -5.59
CA ALA E 81 -22.64 7.41 -5.35
C ALA E 81 -23.61 8.57 -5.20
N LYS E 82 -23.12 9.71 -4.71
CA LYS E 82 -24.00 10.84 -4.52
C LYS E 82 -24.48 11.43 -5.84
N ARG E 83 -23.60 11.52 -6.84
CA ARG E 83 -24.05 12.07 -8.12
C ARG E 83 -24.76 11.03 -8.97
N ILE E 84 -24.69 9.75 -8.60
CA ILE E 84 -25.56 8.77 -9.23
C ILE E 84 -26.96 8.86 -8.64
N ARG E 85 -27.05 8.97 -7.32
CA ARG E 85 -28.36 9.20 -6.72
C ARG E 85 -28.99 10.48 -7.25
N ASP E 86 -28.20 11.55 -7.37
CA ASP E 86 -28.74 12.78 -7.94
C ASP E 86 -29.09 12.60 -9.40
N LEU E 87 -28.23 11.91 -10.14
CA LEU E 87 -28.45 11.75 -11.58
C LEU E 87 -29.76 11.02 -11.86
N PHE E 88 -29.95 9.84 -11.28
CA PHE E 88 -31.21 9.17 -11.51
C PHE E 88 -32.37 9.89 -10.85
N ALA E 89 -32.12 10.59 -9.75
CA ALA E 89 -33.16 11.38 -9.11
C ALA E 89 -33.71 12.43 -10.06
N GLN E 90 -32.83 13.05 -10.85
CA GLN E 90 -33.31 14.05 -11.81
C GLN E 90 -33.85 13.40 -13.07
N ALA E 91 -33.34 12.23 -13.43
CA ALA E 91 -33.88 11.53 -14.59
C ALA E 91 -35.31 11.08 -14.36
N ARG E 92 -35.67 10.68 -13.13
CA ARG E 92 -37.04 10.23 -12.91
C ARG E 92 -38.05 11.37 -13.03
N SER E 93 -37.61 12.62 -12.91
CA SER E 93 -38.55 13.72 -13.09
C SER E 93 -39.13 13.71 -14.49
N ARG E 94 -38.29 13.57 -15.50
CA ARG E 94 -38.74 13.36 -16.88
C ARG E 94 -39.17 11.90 -17.01
N ALA E 95 -40.43 11.67 -17.38
CA ALA E 95 -40.91 10.29 -17.43
C ALA E 95 -40.17 9.47 -18.47
N PRO E 96 -40.19 9.80 -19.76
CA PRO E 96 -39.32 9.08 -20.69
C PRO E 96 -37.97 9.76 -20.76
N ALA E 97 -36.87 9.01 -20.61
CA ALA E 97 -35.56 9.64 -20.64
C ALA E 97 -34.53 8.58 -21.02
N ILE E 98 -33.38 9.07 -21.47
CA ILE E 98 -32.26 8.21 -21.84
C ILE E 98 -31.05 8.65 -21.04
N ILE E 99 -30.47 7.72 -20.29
CA ILE E 99 -29.27 7.97 -19.51
C ILE E 99 -28.12 7.22 -20.15
N PHE E 100 -27.20 7.95 -20.76
CA PHE E 100 -26.07 7.34 -21.43
C PHE E 100 -24.88 7.34 -20.48
N ILE E 101 -24.32 6.16 -20.23
CA ILE E 101 -23.17 6.00 -19.34
C ILE E 101 -22.00 5.55 -20.18
N ASP E 102 -21.01 6.41 -20.34
CA ASP E 102 -19.87 6.14 -21.20
C ASP E 102 -18.69 5.62 -20.38
N GLN E 103 -18.04 4.59 -20.90
CA GLN E 103 -16.88 3.99 -20.24
C GLN E 103 -17.27 3.43 -18.87
N LEU E 104 -18.14 2.42 -18.91
CA LEU E 104 -18.48 1.67 -17.72
C LEU E 104 -17.26 1.05 -17.06
N ASP E 105 -16.29 0.61 -17.85
CA ASP E 105 -15.22 -0.20 -17.29
C ASP E 105 -14.26 0.60 -16.41
N ALA E 106 -14.56 1.89 -16.19
CA ALA E 106 -13.78 2.70 -15.25
C ALA E 106 -14.37 2.66 -13.85
N ILE E 107 -15.68 2.42 -13.74
CA ILE E 107 -16.34 2.30 -12.45
C ILE E 107 -17.03 0.97 -12.26
N GLY E 108 -17.05 0.12 -13.29
CA GLY E 108 -17.69 -1.17 -13.21
C GLY E 108 -16.77 -2.36 -13.11
N GLY E 109 -15.61 -2.21 -12.48
CA GLY E 109 -14.72 -3.35 -12.34
C GLY E 109 -15.32 -4.42 -11.43
N LYS E 110 -14.67 -5.57 -11.39
CA LYS E 110 -15.17 -6.69 -10.59
C LYS E 110 -15.07 -6.38 -9.11
N ARG E 111 -16.12 -6.74 -8.36
CA ARG E 111 -16.05 -6.63 -6.91
C ARG E 111 -15.07 -7.64 -6.35
N ASN E 112 -13.89 -7.16 -5.96
CA ASN E 112 -12.93 -7.98 -5.25
C ASN E 112 -13.27 -7.93 -3.76
N PRO E 113 -13.74 -9.03 -3.16
CA PRO E 113 -14.14 -8.96 -1.74
C PRO E 113 -13.00 -8.60 -0.80
N LYS E 114 -11.75 -8.89 -1.18
CA LYS E 114 -10.62 -8.55 -0.30
C LYS E 114 -10.19 -7.10 -0.46
N ASP E 115 -10.66 -6.42 -1.50
CA ASP E 115 -10.44 -4.99 -1.67
C ASP E 115 -11.75 -4.32 -2.05
N GLN E 116 -12.80 -4.58 -1.27
CA GLN E 116 -14.12 -4.02 -1.57
C GLN E 116 -14.60 -3.02 -0.52
N ALA E 117 -13.69 -2.38 0.21
CA ALA E 117 -14.12 -1.47 1.28
C ALA E 117 -14.79 -0.23 0.71
N TYR E 118 -14.01 0.63 0.03
CA TYR E 118 -14.51 1.88 -0.52
C TYR E 118 -14.45 1.98 -2.03
N ALA E 119 -13.68 1.13 -2.71
CA ALA E 119 -13.60 1.20 -4.16
C ALA E 119 -14.94 0.86 -4.79
N LYS E 120 -15.77 0.11 -4.09
CA LYS E 120 -17.03 -0.37 -4.62
C LYS E 120 -18.22 0.22 -3.91
N GLN E 121 -18.16 1.49 -3.51
CA GLN E 121 -19.35 2.15 -3.02
C GLN E 121 -20.10 2.85 -4.14
N THR E 122 -19.45 3.01 -5.31
CA THR E 122 -20.16 3.58 -6.45
C THR E 122 -20.80 2.47 -7.28
N LEU E 123 -20.12 1.34 -7.43
CA LEU E 123 -20.70 0.25 -8.18
C LEU E 123 -21.95 -0.31 -7.50
N ASN E 124 -21.95 -0.38 -6.17
CA ASN E 124 -23.13 -0.87 -5.48
C ASN E 124 -24.28 0.10 -5.59
N GLN E 125 -24.03 1.40 -5.44
CA GLN E 125 -25.09 2.37 -5.66
C GLN E 125 -25.63 2.29 -7.07
N LEU E 126 -24.76 2.06 -8.05
CA LEU E 126 -25.24 1.91 -9.42
C LEU E 126 -26.12 0.68 -9.56
N LEU E 127 -25.71 -0.44 -8.97
CA LEU E 127 -26.53 -1.65 -9.03
C LEU E 127 -27.91 -1.40 -8.43
N VAL E 128 -27.95 -0.75 -7.26
CA VAL E 128 -29.22 -0.51 -6.59
C VAL E 128 -30.05 0.51 -7.36
N GLU E 129 -29.42 1.30 -8.21
CA GLU E 129 -30.19 2.25 -9.00
C GLU E 129 -30.78 1.62 -10.25
N LEU E 130 -30.00 0.83 -10.99
CA LEU E 130 -30.49 0.22 -12.22
C LEU E 130 -31.62 -0.76 -11.93
N ASP E 131 -31.48 -1.57 -10.88
CA ASP E 131 -32.47 -2.61 -10.57
C ASP E 131 -32.50 -2.80 -9.06
N GLY E 132 -33.45 -2.16 -8.40
CA GLY E 132 -33.51 -2.22 -6.96
C GLY E 132 -34.91 -2.37 -6.42
N PHE E 133 -35.14 -1.83 -5.22
CA PHE E 133 -36.44 -2.01 -4.59
C PHE E 133 -37.52 -1.20 -5.30
N SER E 134 -37.39 0.12 -5.32
CA SER E 134 -38.33 0.96 -6.03
C SER E 134 -38.06 0.87 -7.53
N GLN E 135 -39.14 0.89 -8.31
CA GLN E 135 -39.04 0.67 -9.74
C GLN E 135 -39.01 1.98 -10.51
N THR E 136 -38.54 1.91 -11.75
CA THR E 136 -38.42 3.06 -12.64
C THR E 136 -39.47 2.98 -13.73
N SER E 137 -40.02 4.12 -14.12
CA SER E 137 -41.16 4.13 -15.03
C SER E 137 -40.73 3.92 -16.48
N GLY E 138 -39.99 4.88 -17.03
CA GLY E 138 -39.71 4.85 -18.45
C GLY E 138 -38.30 5.23 -18.83
N ILE E 139 -37.33 4.91 -17.98
CA ILE E 139 -35.94 5.26 -18.21
C ILE E 139 -35.29 4.14 -19.02
N ILE E 140 -34.42 4.51 -19.94
CA ILE E 140 -33.63 3.55 -20.72
C ILE E 140 -32.16 3.89 -20.53
N ILE E 141 -31.39 2.93 -20.04
CA ILE E 141 -29.98 3.13 -19.75
C ILE E 141 -29.16 2.56 -20.89
N ILE E 142 -28.27 3.36 -21.45
CA ILE E 142 -27.36 2.93 -22.50
C ILE E 142 -25.95 3.08 -21.97
N GLY E 143 -25.19 1.99 -21.93
CA GLY E 143 -23.85 2.01 -21.40
C GLY E 143 -22.85 1.53 -22.44
N ALA E 144 -21.93 2.40 -22.79
CA ALA E 144 -20.93 2.14 -23.82
C ALA E 144 -19.62 1.75 -23.16
N THR E 145 -19.09 0.59 -23.50
CA THR E 145 -17.86 0.12 -22.91
C THR E 145 -16.97 -0.50 -23.98
N ASN E 146 -15.66 -0.42 -23.75
CA ASN E 146 -14.69 -0.94 -24.68
C ASN E 146 -14.22 -2.34 -24.32
N PHE E 147 -14.43 -2.77 -23.08
CA PHE E 147 -13.81 -3.96 -22.51
C PHE E 147 -14.91 -4.78 -21.85
N PRO E 148 -15.76 -5.44 -22.64
CA PRO E 148 -16.88 -6.18 -22.05
C PRO E 148 -16.44 -7.32 -21.16
N GLU E 149 -15.25 -7.86 -21.37
CA GLU E 149 -14.77 -8.97 -20.54
C GLU E 149 -14.30 -8.52 -19.18
N ALA E 150 -14.19 -7.21 -18.96
CA ALA E 150 -13.67 -6.67 -17.71
C ALA E 150 -14.75 -6.00 -16.88
N LEU E 151 -16.02 -6.18 -17.22
CA LEU E 151 -17.07 -5.68 -16.36
C LEU E 151 -17.45 -6.74 -15.33
N ASP E 152 -18.36 -6.37 -14.45
CA ASP E 152 -18.79 -7.22 -13.36
C ASP E 152 -19.70 -8.32 -13.88
N LYS E 153 -19.97 -9.31 -13.02
CA LYS E 153 -20.94 -10.34 -13.39
C LYS E 153 -22.34 -9.97 -12.94
N ALA E 154 -22.46 -9.01 -12.01
CA ALA E 154 -23.76 -8.57 -11.56
C ALA E 154 -24.20 -7.28 -12.21
N LEU E 155 -23.29 -6.56 -12.84
CA LEU E 155 -23.65 -5.32 -13.51
C LEU E 155 -24.17 -5.59 -14.91
N THR E 156 -23.75 -6.70 -15.52
CA THR E 156 -24.23 -7.10 -16.84
C THR E 156 -25.30 -8.16 -16.75
N ARG E 157 -26.12 -8.10 -15.73
CA ARG E 157 -27.16 -9.10 -15.51
C ARG E 157 -28.38 -8.79 -16.38
N PRO E 158 -28.96 -9.78 -17.03
CA PRO E 158 -30.21 -9.54 -17.76
C PRO E 158 -31.29 -9.06 -16.81
N GLY E 159 -31.66 -7.79 -16.97
CA GLY E 159 -32.48 -7.07 -16.04
C GLY E 159 -31.95 -5.69 -15.72
N ARG E 160 -30.62 -5.53 -15.75
CA ARG E 160 -30.00 -4.22 -15.70
C ARG E 160 -29.60 -3.76 -17.08
N PHE E 161 -28.81 -4.57 -17.78
CA PHE E 161 -28.42 -4.34 -19.16
C PHE E 161 -28.96 -5.50 -19.99
N ASP E 162 -30.16 -5.30 -20.53
CA ASP E 162 -30.86 -6.36 -21.23
C ASP E 162 -30.12 -6.79 -22.49
N LYS E 163 -29.86 -5.86 -23.39
CA LYS E 163 -29.46 -6.21 -24.74
C LYS E 163 -28.06 -5.68 -25.04
N VAL E 164 -27.26 -6.49 -25.73
CA VAL E 164 -25.87 -6.16 -26.02
C VAL E 164 -25.74 -5.92 -27.51
N VAL E 165 -25.34 -4.70 -27.87
CA VAL E 165 -25.13 -4.33 -29.26
C VAL E 165 -23.64 -4.18 -29.51
N ASN E 166 -23.18 -4.65 -30.65
CA ASN E 166 -21.76 -4.68 -30.98
C ASN E 166 -21.51 -3.79 -32.18
N VAL E 167 -20.65 -2.79 -32.00
CA VAL E 167 -20.25 -1.88 -33.06
C VAL E 167 -18.76 -2.05 -33.32
N ASP E 168 -18.43 -2.56 -34.51
CA ASP E 168 -17.04 -2.79 -34.89
C ASP E 168 -16.58 -1.72 -35.85
N LEU E 169 -15.28 -1.72 -36.12
CA LEU E 169 -14.70 -0.75 -37.03
C LEU E 169 -15.26 -0.95 -38.42
N PRO E 170 -15.42 0.12 -39.21
CA PRO E 170 -15.99 -0.03 -40.55
C PRO E 170 -15.10 -0.91 -41.42
N ASP E 171 -15.71 -1.66 -42.33
CA ASP E 171 -14.93 -2.65 -43.06
C ASP E 171 -14.21 -2.03 -44.27
N VAL E 172 -14.94 -1.77 -45.36
CA VAL E 172 -14.44 -0.93 -46.44
C VAL E 172 -15.56 0.01 -46.87
N ARG E 173 -16.69 -0.59 -47.26
CA ARG E 173 -17.81 0.21 -47.73
C ARG E 173 -18.37 1.07 -46.60
N GLY E 174 -18.19 0.62 -45.37
CA GLY E 174 -18.49 1.49 -44.24
C GLY E 174 -17.69 2.76 -44.28
N ARG E 175 -16.36 2.64 -44.41
CA ARG E 175 -15.51 3.82 -44.44
C ARG E 175 -15.84 4.68 -45.65
N ALA E 176 -16.15 4.06 -46.79
CA ALA E 176 -16.62 4.82 -47.94
C ALA E 176 -17.89 5.57 -47.62
N ASP E 177 -18.75 5.01 -46.77
CA ASP E 177 -19.98 5.71 -46.42
C ASP E 177 -19.71 6.88 -45.47
N ILE E 178 -18.79 6.71 -44.53
CA ILE E 178 -18.45 7.82 -43.64
C ILE E 178 -17.82 8.95 -44.44
N LEU E 179 -16.85 8.63 -45.29
CA LEU E 179 -16.21 9.66 -46.10
C LEU E 179 -17.22 10.32 -47.03
N LYS E 180 -18.09 9.54 -47.66
CA LYS E 180 -19.13 10.14 -48.48
C LYS E 180 -20.01 11.07 -47.65
N HIS E 181 -20.21 10.74 -46.39
CA HIS E 181 -21.07 11.57 -45.54
C HIS E 181 -20.39 12.90 -45.21
N HIS E 182 -19.22 12.85 -44.57
CA HIS E 182 -18.58 14.08 -44.16
C HIS E 182 -18.10 14.92 -45.34
N MET E 183 -17.69 14.30 -46.45
CA MET E 183 -17.48 15.07 -47.66
C MET E 183 -18.77 15.71 -48.12
N LYS E 184 -19.87 14.97 -48.06
CA LYS E 184 -21.17 15.51 -48.43
C LYS E 184 -21.53 16.72 -47.58
N LYS E 185 -21.01 16.78 -46.36
CA LYS E 185 -21.27 17.93 -45.51
C LYS E 185 -20.72 19.22 -46.14
N ILE E 186 -19.40 19.32 -46.27
CA ILE E 186 -18.81 20.50 -46.90
C ILE E 186 -17.63 20.11 -47.79
N THR E 187 -17.22 21.05 -48.65
CA THR E 187 -16.36 20.95 -49.82
C THR E 187 -17.10 20.39 -51.02
N LEU E 188 -18.19 19.67 -50.79
CA LEU E 188 -19.33 19.40 -51.69
C LEU E 188 -18.91 18.59 -52.91
N ALA E 189 -17.63 18.61 -53.35
CA ALA E 189 -17.08 17.76 -54.41
C ALA E 189 -15.68 18.20 -54.81
N ASP E 190 -14.91 17.30 -55.43
CA ASP E 190 -14.24 17.56 -56.71
C ASP E 190 -13.53 16.29 -57.16
N ASN E 191 -13.96 15.79 -58.33
CA ASN E 191 -13.26 14.81 -59.19
C ASN E 191 -12.42 13.78 -58.41
N VAL E 192 -13.01 13.24 -57.34
CA VAL E 192 -12.33 12.29 -56.45
C VAL E 192 -13.34 11.29 -55.95
N ASP E 193 -12.98 10.01 -55.99
CA ASP E 193 -13.86 8.95 -55.51
C ASP E 193 -13.49 8.57 -54.09
N PRO E 194 -14.47 8.40 -53.19
CA PRO E 194 -14.13 8.02 -51.82
C PRO E 194 -13.50 6.65 -51.72
N THR E 195 -13.88 5.71 -52.58
CA THR E 195 -13.44 4.32 -52.42
C THR E 195 -11.93 4.17 -52.51
N ILE E 196 -11.25 5.07 -53.20
CA ILE E 196 -9.79 5.01 -53.24
C ILE E 196 -9.22 5.30 -51.86
N ILE E 197 -9.79 6.29 -51.16
CA ILE E 197 -9.33 6.58 -49.81
C ILE E 197 -9.76 5.48 -48.86
N ALA E 198 -10.97 4.95 -49.05
CA ALA E 198 -11.45 3.91 -48.14
C ALA E 198 -10.61 2.66 -48.24
N ARG E 199 -10.22 2.25 -49.44
CA ARG E 199 -9.30 1.14 -49.56
C ARG E 199 -7.89 1.52 -49.14
N GLY E 200 -7.56 2.81 -49.15
CA GLY E 200 -6.22 3.22 -48.84
C GLY E 200 -5.92 3.36 -47.36
N THR E 201 -6.93 3.22 -46.50
CA THR E 201 -6.79 3.41 -45.06
C THR E 201 -7.51 2.30 -44.32
N PRO E 202 -6.92 1.12 -44.23
CA PRO E 202 -7.52 0.07 -43.41
C PRO E 202 -7.24 0.32 -41.94
N GLY E 203 -8.22 0.04 -41.10
CA GLY E 203 -8.03 0.11 -39.68
C GLY E 203 -8.49 1.38 -39.01
N LEU E 204 -8.63 2.48 -39.75
CA LEU E 204 -9.07 3.71 -39.13
C LEU E 204 -10.54 3.60 -38.73
N SER E 205 -10.99 4.54 -37.91
CA SER E 205 -12.37 4.55 -37.43
C SER E 205 -13.06 5.83 -37.87
N GLY E 206 -14.34 5.95 -37.49
CA GLY E 206 -15.15 7.05 -37.98
C GLY E 206 -14.62 8.40 -37.54
N ALA E 207 -14.23 8.52 -36.29
CA ALA E 207 -13.70 9.78 -35.80
C ALA E 207 -12.46 10.19 -36.57
N GLU E 208 -11.53 9.27 -36.78
CA GLU E 208 -10.32 9.60 -37.52
C GLU E 208 -10.63 9.94 -38.97
N LEU E 209 -11.68 9.37 -39.54
CA LEU E 209 -12.06 9.73 -40.91
C LEU E 209 -12.58 11.16 -40.98
N ALA E 210 -13.51 11.52 -40.09
CA ALA E 210 -13.96 12.90 -40.07
C ALA E 210 -12.81 13.85 -39.81
N ASN E 211 -11.85 13.44 -38.99
CA ASN E 211 -10.62 14.22 -38.84
C ASN E 211 -9.90 14.36 -40.17
N LEU E 212 -9.84 13.29 -40.96
CA LEU E 212 -9.19 13.35 -42.27
C LEU E 212 -9.84 14.40 -43.15
N VAL E 213 -11.16 14.33 -43.29
CA VAL E 213 -11.86 15.25 -44.18
C VAL E 213 -11.68 16.69 -43.70
N ASN E 214 -11.85 16.93 -42.40
CA ASN E 214 -11.74 18.31 -41.93
C ASN E 214 -10.32 18.83 -42.10
N GLN E 215 -9.31 17.98 -41.89
CA GLN E 215 -7.94 18.44 -42.06
C GLN E 215 -7.64 18.75 -43.52
N ALA E 216 -8.23 17.99 -44.46
CA ALA E 216 -8.03 18.34 -45.85
C ALA E 216 -8.72 19.65 -46.21
N ALA E 217 -9.89 19.91 -45.64
CA ALA E 217 -10.56 21.17 -45.92
C ALA E 217 -9.75 22.34 -45.38
N VAL E 218 -9.31 22.24 -44.13
CA VAL E 218 -8.49 23.30 -43.53
C VAL E 218 -7.20 23.47 -44.33
N TYR E 219 -6.61 22.38 -44.79
CA TYR E 219 -5.36 22.47 -45.52
C TYR E 219 -5.56 23.16 -46.86
N ALA E 220 -6.65 22.85 -47.56
CA ALA E 220 -6.92 23.54 -48.82
C ALA E 220 -7.23 25.01 -48.60
N CYS E 221 -7.90 25.35 -47.48
CA CYS E 221 -8.04 26.76 -47.13
C CYS E 221 -6.69 27.40 -46.85
N GLN E 222 -5.74 26.63 -46.33
CA GLN E 222 -4.46 27.20 -45.94
C GLN E 222 -3.62 27.61 -47.14
N LYS E 223 -3.50 26.73 -48.14
CA LYS E 223 -2.73 27.02 -49.34
C LYS E 223 -3.45 27.94 -50.30
N ASN E 224 -4.60 28.50 -49.90
CA ASN E 224 -5.39 29.34 -50.80
C ASN E 224 -5.81 28.56 -52.04
N ALA E 225 -6.11 27.28 -51.85
CA ALA E 225 -6.52 26.44 -52.97
C ALA E 225 -7.89 26.88 -53.50
N VAL E 226 -8.22 26.39 -54.68
CA VAL E 226 -9.52 26.69 -55.28
C VAL E 226 -10.52 25.59 -55.00
N SER E 227 -10.05 24.43 -54.53
CA SER E 227 -10.89 23.26 -54.37
C SER E 227 -10.38 22.36 -53.26
N VAL E 228 -10.78 21.09 -53.28
CA VAL E 228 -10.21 20.06 -52.43
C VAL E 228 -10.07 18.79 -53.25
N ASP E 229 -8.86 18.51 -53.72
CA ASP E 229 -8.60 17.34 -54.54
C ASP E 229 -7.66 16.38 -53.81
N MET E 230 -7.31 15.28 -54.49
CA MET E 230 -6.64 14.16 -53.84
C MET E 230 -5.31 14.52 -53.22
N SER E 231 -4.67 15.60 -53.64
CA SER E 231 -3.42 16.00 -52.99
C SER E 231 -3.65 16.37 -51.54
N HIS E 232 -4.73 17.11 -51.27
CA HIS E 232 -5.09 17.43 -49.90
C HIS E 232 -5.36 16.16 -49.10
N PHE E 233 -6.19 15.27 -49.63
CA PHE E 233 -6.51 14.04 -48.93
C PHE E 233 -5.28 13.19 -48.69
N GLU E 234 -4.28 13.26 -49.57
CA GLU E 234 -3.05 12.53 -49.32
C GLU E 234 -2.24 13.18 -48.21
N TRP E 235 -2.23 14.51 -48.16
CA TRP E 235 -1.58 15.19 -47.05
C TRP E 235 -2.20 14.76 -45.72
N ALA E 236 -3.50 15.02 -45.56
CA ALA E 236 -4.16 14.72 -44.30
C ALA E 236 -4.11 13.24 -43.97
N LYS E 237 -4.20 12.38 -44.98
CA LYS E 237 -4.07 10.94 -44.72
C LYS E 237 -2.71 10.61 -44.16
N ASP E 238 -1.65 11.19 -44.71
CA ASP E 238 -0.32 10.89 -44.19
C ASP E 238 -0.15 11.43 -42.77
N LYS E 239 -0.66 12.63 -42.49
CA LYS E 239 -0.48 13.13 -41.12
C LYS E 239 -1.28 12.35 -40.10
N ILE E 240 -2.49 11.90 -40.45
CA ILE E 240 -3.26 11.10 -39.52
C ILE E 240 -2.67 9.70 -39.38
N LEU E 241 -2.00 9.21 -40.41
CA LEU E 241 -1.55 7.82 -40.39
C LEU E 241 -0.08 7.67 -40.03
N MET E 242 0.74 8.71 -40.26
CA MET E 242 2.16 8.64 -39.90
C MET E 242 2.58 9.72 -38.93
N GLY E 243 1.65 10.35 -38.21
CA GLY E 243 2.00 11.34 -37.22
C GLY E 243 2.15 12.73 -37.81
N ALA E 244 2.19 13.71 -36.91
CA ALA E 244 2.37 15.10 -37.32
C ALA E 244 3.70 15.27 -38.04
N GLU E 245 3.68 16.04 -39.11
CA GLU E 245 4.85 16.23 -39.97
C GLU E 245 5.34 17.67 -39.96
N ARG E 246 4.78 18.52 -39.11
CA ARG E 246 5.11 19.95 -39.17
C ARG E 246 6.52 20.20 -38.67
N LYS E 247 7.15 19.18 -38.07
CA LYS E 247 8.51 19.30 -37.58
C LYS E 247 9.44 19.79 -38.68
N THR E 248 9.97 20.99 -38.48
CA THR E 248 10.79 21.67 -39.47
C THR E 248 12.23 21.80 -38.99
N MET E 249 12.79 20.72 -38.46
CA MET E 249 14.10 20.76 -37.84
C MET E 249 15.21 20.96 -38.87
N VAL E 250 16.42 21.13 -38.37
CA VAL E 250 17.62 21.25 -39.19
C VAL E 250 18.35 19.92 -39.10
N LEU E 251 19.38 19.74 -39.92
CA LEU E 251 20.17 18.53 -39.89
C LEU E 251 21.64 18.80 -40.15
N THR E 252 22.46 17.80 -39.84
CA THR E 252 23.83 17.74 -40.29
C THR E 252 23.99 16.55 -41.23
N ASP E 253 24.97 16.65 -42.13
CA ASP E 253 25.12 15.66 -43.19
C ASP E 253 25.30 14.24 -42.66
N ALA E 254 26.15 14.05 -41.64
CA ALA E 254 26.30 12.73 -41.06
C ALA E 254 24.99 12.22 -40.48
N ALA E 255 24.18 13.12 -39.91
CA ALA E 255 22.86 12.73 -39.43
C ALA E 255 22.01 12.17 -40.56
N ARG E 256 21.92 12.88 -41.69
CA ARG E 256 21.16 12.38 -42.82
C ARG E 256 21.68 11.04 -43.31
N LYS E 257 23.00 10.85 -43.28
CA LYS E 257 23.53 9.56 -43.72
C LYS E 257 23.07 8.44 -42.80
N ALA E 258 23.30 8.61 -41.49
CA ALA E 258 22.94 7.55 -40.54
C ALA E 258 21.44 7.25 -40.57
N THR E 259 20.62 8.29 -40.57
CA THR E 259 19.18 8.07 -40.67
C THR E 259 18.82 7.34 -41.95
N ALA E 260 19.31 7.82 -43.09
CA ALA E 260 18.98 7.18 -44.36
C ALA E 260 19.39 5.72 -44.38
N PHE E 261 20.45 5.35 -43.66
CA PHE E 261 20.80 3.94 -43.58
C PHE E 261 19.84 3.19 -42.66
N HIS E 262 19.36 3.83 -41.58
CA HIS E 262 18.41 3.18 -40.69
C HIS E 262 17.11 2.86 -41.43
N GLU E 263 16.42 3.88 -41.92
CA GLU E 263 15.18 3.64 -42.67
C GLU E 263 15.42 2.86 -43.95
N ALA E 264 16.62 2.95 -44.51
CA ALA E 264 16.95 2.05 -45.61
C ALA E 264 16.90 0.61 -45.14
N GLY E 265 17.37 0.34 -43.93
CA GLY E 265 17.31 -1.03 -43.41
C GLY E 265 15.89 -1.50 -43.18
N HIS E 266 15.09 -0.70 -42.46
CA HIS E 266 13.70 -1.06 -42.23
C HIS E 266 12.97 -1.29 -43.55
N ALA E 267 13.16 -0.39 -44.52
CA ALA E 267 12.42 -0.48 -45.77
C ALA E 267 12.86 -1.71 -46.58
N ILE E 268 14.14 -2.00 -46.62
CA ILE E 268 14.59 -3.13 -47.43
C ILE E 268 14.15 -4.44 -46.84
N MET E 269 14.36 -4.65 -45.53
CA MET E 269 13.90 -5.92 -44.96
C MET E 269 12.39 -6.02 -44.98
N ALA E 270 11.69 -4.90 -44.91
CA ALA E 270 10.25 -4.91 -45.11
C ALA E 270 9.89 -5.32 -46.53
N LYS E 271 10.78 -5.02 -47.48
CA LYS E 271 10.45 -5.21 -48.88
C LYS E 271 10.68 -6.64 -49.32
N TYR E 272 11.76 -7.27 -48.87
CA TYR E 272 12.15 -8.58 -49.38
C TYR E 272 11.93 -9.70 -48.40
N THR E 273 11.11 -9.52 -47.38
CA THR E 273 10.88 -10.57 -46.39
C THR E 273 9.54 -11.24 -46.65
N ASN E 274 9.52 -12.57 -46.54
CA ASN E 274 8.31 -13.30 -46.83
C ASN E 274 7.28 -13.13 -45.72
N GLY E 275 6.05 -12.82 -46.10
CA GLY E 275 4.96 -12.68 -45.16
C GLY E 275 4.77 -11.31 -44.59
N ALA E 276 5.71 -10.39 -44.78
CA ALA E 276 5.61 -9.07 -44.19
C ALA E 276 4.41 -8.31 -44.74
N THR E 277 3.97 -7.32 -43.98
CA THR E 277 2.99 -6.39 -44.49
C THR E 277 3.57 -5.67 -45.70
N PRO E 278 2.73 -5.31 -46.69
CA PRO E 278 3.24 -4.54 -47.82
C PRO E 278 3.77 -3.19 -47.36
N LEU E 279 4.75 -2.68 -48.10
CA LEU E 279 5.43 -1.45 -47.76
C LEU E 279 4.64 -0.26 -48.28
N TYR E 280 4.68 0.86 -47.54
CA TYR E 280 3.88 2.01 -47.94
C TYR E 280 4.76 3.20 -48.30
N LYS E 281 5.67 3.59 -47.42
CA LYS E 281 6.39 4.83 -47.61
C LYS E 281 7.52 4.91 -46.59
N ALA E 282 8.64 5.49 -47.02
CA ALA E 282 9.79 5.70 -46.17
C ALA E 282 10.09 7.19 -46.13
N THR E 283 10.87 7.61 -45.14
CA THR E 283 11.13 9.04 -44.92
C THR E 283 12.34 9.19 -44.02
N ILE E 284 13.17 10.20 -44.30
CA ILE E 284 14.21 10.59 -43.36
C ILE E 284 13.82 11.88 -42.66
N LEU E 285 12.84 12.58 -43.20
CA LEU E 285 12.41 13.84 -42.61
C LEU E 285 11.72 13.56 -41.28
N PRO E 286 11.94 14.39 -40.26
CA PRO E 286 11.35 14.11 -38.95
C PRO E 286 9.84 14.30 -39.00
N ARG E 287 9.12 13.36 -38.42
CA ARG E 287 7.66 13.35 -38.52
C ARG E 287 7.06 12.98 -37.17
N GLY E 288 6.79 14.00 -36.34
CA GLY E 288 5.99 13.80 -35.15
C GLY E 288 6.53 12.81 -34.15
N ARG E 289 7.61 13.17 -33.45
CA ARG E 289 8.26 12.29 -32.48
C ARG E 289 8.90 11.10 -33.18
N ALA E 290 9.63 11.38 -34.24
CA ALA E 290 10.29 10.35 -35.02
C ALA E 290 11.44 10.98 -35.78
N LEU E 291 12.38 10.14 -36.18
CA LEU E 291 13.48 10.60 -37.01
C LEU E 291 13.48 9.82 -38.31
N GLY E 292 12.31 9.70 -38.92
CA GLY E 292 12.16 8.89 -40.11
C GLY E 292 11.34 7.67 -39.81
N ILE E 293 10.38 7.34 -40.66
CA ILE E 293 9.45 6.27 -40.36
C ILE E 293 9.11 5.52 -41.63
N THR E 294 9.57 4.29 -41.72
CA THR E 294 9.09 3.38 -42.74
C THR E 294 7.74 2.82 -42.30
N PHE E 295 6.72 3.10 -43.08
CA PHE E 295 5.37 2.77 -42.66
C PHE E 295 4.81 1.68 -43.56
N GLN E 296 4.35 0.59 -42.95
CA GLN E 296 3.68 -0.48 -43.66
C GLN E 296 2.20 -0.37 -43.39
N LEU E 297 1.39 -1.02 -44.22
CA LEU E 297 -0.02 -1.12 -43.91
C LEU E 297 -0.62 -2.12 -44.88
N PRO E 298 -1.46 -3.03 -44.41
CA PRO E 298 -1.90 -4.14 -45.24
C PRO E 298 -2.85 -3.68 -46.34
N GLU E 299 -3.10 -4.60 -47.27
CA GLU E 299 -4.16 -4.38 -48.25
C GLU E 299 -5.52 -4.73 -47.66
N MET E 300 -5.56 -5.72 -46.78
CA MET E 300 -6.79 -6.23 -46.21
C MET E 300 -6.82 -5.96 -44.72
N ASP E 301 -7.97 -6.23 -44.10
CA ASP E 301 -8.08 -6.21 -42.65
C ASP E 301 -8.01 -7.64 -42.15
N LYS E 302 -7.11 -7.89 -41.20
CA LYS E 302 -6.91 -9.22 -40.67
C LYS E 302 -7.15 -9.21 -39.16
N VAL E 303 -8.11 -10.02 -38.72
CA VAL E 303 -8.43 -10.05 -37.30
C VAL E 303 -7.29 -10.69 -36.52
N ASP E 304 -6.69 -11.74 -37.04
CA ASP E 304 -5.63 -12.47 -36.36
C ASP E 304 -4.35 -12.43 -37.19
N ILE E 305 -3.37 -13.21 -36.77
CA ILE E 305 -2.04 -13.19 -37.35
C ILE E 305 -1.47 -14.60 -37.28
N THR E 306 -0.64 -14.95 -38.25
CA THR E 306 -0.05 -16.27 -38.24
C THR E 306 1.33 -16.24 -37.61
N LYS E 307 1.97 -17.40 -37.54
CA LYS E 307 3.32 -17.48 -37.03
C LYS E 307 4.32 -16.85 -37.99
N ARG E 308 4.13 -17.09 -39.28
CA ARG E 308 5.07 -16.58 -40.27
C ARG E 308 5.04 -15.06 -40.33
N GLU E 309 3.86 -14.46 -40.17
CA GLU E 309 3.79 -13.01 -40.16
C GLU E 309 4.45 -12.41 -38.94
N CYS E 310 4.31 -13.06 -37.79
CA CYS E 310 4.98 -12.57 -36.58
C CYS E 310 6.49 -12.64 -36.74
N GLN E 311 7.01 -13.80 -37.15
CA GLN E 311 8.44 -13.89 -37.43
C GLN E 311 8.90 -12.85 -38.43
N ALA E 312 8.08 -12.57 -39.44
CA ALA E 312 8.44 -11.52 -40.39
C ALA E 312 8.51 -10.16 -39.71
N ARG E 313 7.64 -9.91 -38.74
CA ARG E 313 7.67 -8.62 -38.05
C ARG E 313 8.93 -8.50 -37.19
N LEU E 314 9.29 -9.57 -36.49
CA LEU E 314 10.57 -9.58 -35.78
C LEU E 314 11.73 -9.32 -36.72
N ASP E 315 11.73 -9.95 -37.89
CA ASP E 315 12.81 -9.70 -38.84
C ASP E 315 12.82 -8.26 -39.31
N VAL E 316 11.65 -7.65 -39.48
CA VAL E 316 11.64 -6.27 -39.95
C VAL E 316 12.20 -5.33 -38.90
N CYS E 317 12.02 -5.64 -37.61
CA CYS E 317 12.47 -4.70 -36.59
C CYS E 317 13.96 -4.82 -36.24
N MET E 318 14.76 -5.49 -37.06
CA MET E 318 16.20 -5.58 -36.82
C MET E 318 17.01 -4.88 -37.90
N GLY E 319 16.35 -4.35 -38.92
CA GLY E 319 17.08 -3.72 -40.01
C GLY E 319 17.83 -2.48 -39.59
N GLY E 320 17.33 -1.77 -38.59
CA GLY E 320 18.05 -0.60 -38.13
C GLY E 320 19.41 -0.96 -37.56
N LYS E 321 19.41 -1.71 -36.46
CA LYS E 321 20.66 -2.05 -35.78
C LYS E 321 21.58 -2.86 -36.69
N ILE E 322 21.03 -3.81 -37.44
CA ILE E 322 21.90 -4.62 -38.30
C ILE E 322 22.48 -3.80 -39.45
N ALA E 323 21.68 -2.90 -40.04
CA ALA E 323 22.21 -2.05 -41.10
C ALA E 323 23.32 -1.15 -40.57
N GLU E 324 23.08 -0.48 -39.45
CA GLU E 324 24.12 0.37 -38.90
C GLU E 324 25.34 -0.40 -38.45
N GLU E 325 25.24 -1.70 -38.14
CA GLU E 325 26.48 -2.40 -37.83
C GLU E 325 27.18 -2.86 -39.09
N LEU E 326 26.43 -3.16 -40.15
CA LEU E 326 27.10 -3.49 -41.40
C LEU E 326 27.85 -2.29 -41.96
N ILE E 327 27.27 -1.10 -41.84
CA ILE E 327 27.91 0.09 -42.39
C ILE E 327 28.90 0.67 -41.41
N TYR E 328 28.41 1.16 -40.27
CA TYR E 328 29.23 1.90 -39.34
C TYR E 328 29.96 1.02 -38.35
N GLY E 329 30.07 -0.27 -38.61
CA GLY E 329 30.80 -1.17 -37.73
C GLY E 329 30.07 -1.38 -36.41
N LYS E 330 30.59 -2.34 -35.65
CA LYS E 330 29.95 -2.73 -34.40
C LYS E 330 29.98 -1.60 -33.37
N ASP E 331 31.13 -0.93 -33.24
CA ASP E 331 31.36 0.06 -32.19
C ASP E 331 30.64 1.37 -32.43
N ASN E 332 29.80 1.49 -33.45
CA ASN E 332 29.13 2.74 -33.74
C ASN E 332 27.62 2.61 -33.73
N THR E 333 27.10 1.45 -33.32
CA THR E 333 25.67 1.27 -33.15
C THR E 333 25.13 2.29 -32.18
N THR E 334 24.19 3.11 -32.62
CA THR E 334 23.70 4.19 -31.80
C THR E 334 22.71 3.67 -30.77
N SER E 335 22.14 4.59 -30.01
CA SER E 335 21.13 4.23 -29.02
C SER E 335 19.73 4.57 -29.48
N GLY E 336 19.55 5.00 -30.73
CA GLY E 336 18.23 5.22 -31.27
C GLY E 336 17.49 3.95 -31.62
N CYS E 337 18.12 2.79 -31.45
CA CYS E 337 17.47 1.52 -31.74
C CYS E 337 16.80 0.93 -30.52
N GLY E 338 16.31 1.76 -29.61
CA GLY E 338 15.64 1.23 -28.43
C GLY E 338 14.19 0.89 -28.70
N SER E 339 13.51 1.72 -29.49
CA SER E 339 12.11 1.46 -29.81
C SER E 339 11.97 0.18 -30.62
N ASP E 340 12.91 -0.08 -31.53
CA ASP E 340 12.87 -1.30 -32.32
C ASP E 340 12.90 -2.52 -31.42
N LEU E 341 13.76 -2.49 -30.39
CA LEU E 341 13.88 -3.65 -29.52
C LEU E 341 12.73 -3.73 -28.54
N GLN E 342 12.14 -2.58 -28.18
CA GLN E 342 10.93 -2.58 -27.38
C GLN E 342 9.80 -3.29 -28.12
N SER E 343 9.52 -2.86 -29.34
CA SER E 343 8.46 -3.47 -30.14
C SER E 343 8.74 -4.95 -30.42
N ALA E 344 9.94 -5.26 -30.91
CA ALA E 344 10.26 -6.64 -31.22
C ALA E 344 10.16 -7.54 -29.99
N THR E 345 10.56 -7.02 -28.84
CA THR E 345 10.37 -7.75 -27.60
C THR E 345 8.90 -8.05 -27.36
N GLY E 346 8.04 -7.03 -27.51
CA GLY E 346 6.62 -7.26 -27.33
C GLY E 346 6.08 -8.34 -28.25
N THR E 347 6.49 -8.33 -29.51
CA THR E 347 6.01 -9.35 -30.43
C THR E 347 6.46 -10.75 -30.03
N ALA E 348 7.73 -10.90 -29.67
CA ALA E 348 8.21 -12.26 -29.36
C ALA E 348 7.52 -12.79 -28.11
N ARG E 349 7.40 -11.96 -27.08
CA ARG E 349 6.75 -12.43 -25.88
C ARG E 349 5.28 -12.74 -26.09
N ALA E 350 4.58 -11.98 -26.94
CA ALA E 350 3.21 -12.35 -27.26
C ALA E 350 3.13 -13.63 -28.10
N MET E 351 4.16 -13.93 -28.88
CA MET E 351 4.20 -15.21 -29.58
C MET E 351 4.36 -16.38 -28.63
N VAL E 352 5.30 -16.33 -27.71
CA VAL E 352 5.63 -17.46 -26.86
C VAL E 352 4.53 -17.75 -25.84
N THR E 353 4.11 -16.74 -25.08
CA THR E 353 3.22 -17.00 -23.97
C THR E 353 1.76 -17.11 -24.41
N GLN E 354 1.20 -16.03 -24.94
CA GLN E 354 -0.23 -16.01 -25.25
C GLN E 354 -0.57 -16.91 -26.44
N TYR E 355 -0.06 -16.56 -27.61
CA TYR E 355 -0.48 -17.19 -28.85
C TYR E 355 -0.17 -18.67 -28.91
N GLY E 356 0.77 -19.15 -28.10
CA GLY E 356 1.07 -20.56 -28.02
C GLY E 356 1.80 -21.10 -29.22
N MET E 357 2.83 -20.39 -29.67
CA MET E 357 3.51 -20.69 -30.92
C MET E 357 4.91 -21.25 -30.70
N SER E 358 5.12 -21.96 -29.60
CA SER E 358 6.40 -22.61 -29.37
C SER E 358 6.18 -23.98 -28.76
N ASP E 359 7.11 -24.88 -29.05
CA ASP E 359 6.99 -26.27 -28.66
C ASP E 359 7.65 -26.61 -27.34
N ASP E 360 8.76 -25.97 -27.00
CA ASP E 360 9.49 -26.37 -25.80
C ASP E 360 8.77 -25.90 -24.53
N VAL E 361 7.95 -24.86 -24.61
CA VAL E 361 7.09 -24.51 -23.49
C VAL E 361 5.75 -25.22 -23.55
N GLY E 362 5.24 -25.51 -24.75
CA GLY E 362 4.01 -26.24 -24.88
C GLY E 362 2.83 -25.37 -25.28
N PRO E 363 1.69 -25.99 -25.46
CA PRO E 363 0.44 -25.30 -25.81
C PRO E 363 -0.33 -24.80 -24.59
N VAL E 364 0.21 -23.78 -23.93
CA VAL E 364 -0.35 -23.26 -22.69
C VAL E 364 -0.32 -21.75 -22.74
N ASN E 365 -1.20 -21.13 -21.99
CA ASN E 365 -1.29 -19.67 -21.90
C ASN E 365 -0.65 -19.22 -20.59
N LEU E 366 0.60 -18.80 -20.67
CA LEU E 366 1.39 -18.38 -19.52
C LEU E 366 1.20 -16.92 -19.18
N SER E 367 0.31 -16.20 -19.86
CA SER E 367 0.27 -14.76 -19.77
C SER E 367 -0.78 -14.23 -18.82
N GLU E 368 -1.82 -15.00 -18.52
CA GLU E 368 -2.92 -14.46 -17.74
C GLU E 368 -2.49 -14.12 -16.33
N GLU E 369 -1.66 -14.96 -15.73
CA GLU E 369 -1.27 -14.87 -14.34
C GLU E 369 0.23 -15.02 -14.21
N TRP E 370 0.96 -14.20 -14.98
CA TRP E 370 2.39 -14.34 -15.16
C TRP E 370 3.16 -14.45 -13.85
N GLU E 371 2.64 -13.87 -12.78
CA GLU E 371 3.33 -13.96 -11.50
C GLU E 371 2.98 -15.22 -10.73
N SER E 372 1.89 -15.88 -11.07
CA SER E 372 1.47 -17.03 -10.30
C SER E 372 2.20 -18.31 -10.66
N TRP E 373 2.93 -18.32 -11.77
CA TRP E 373 3.64 -19.52 -12.18
C TRP E 373 4.93 -19.67 -11.37
N SER E 374 5.70 -20.69 -11.69
CA SER E 374 6.92 -20.98 -10.97
C SER E 374 8.09 -20.29 -11.66
N ASN E 375 9.30 -20.67 -11.29
CA ASN E 375 10.50 -20.09 -11.86
C ASN E 375 11.19 -21.00 -12.85
N LYS E 376 10.67 -22.22 -13.04
CA LYS E 376 11.21 -23.09 -14.08
C LYS E 376 10.51 -22.82 -15.41
N ILE E 377 9.19 -22.69 -15.36
CA ILE E 377 8.45 -22.36 -16.57
C ILE E 377 8.81 -20.97 -17.05
N ARG E 378 9.05 -20.03 -16.13
CA ARG E 378 9.42 -18.70 -16.56
C ARG E 378 10.75 -18.69 -17.28
N ASP E 379 11.75 -19.43 -16.81
CA ASP E 379 13.06 -19.31 -17.43
C ASP E 379 13.14 -20.15 -18.70
N ILE E 380 12.29 -21.17 -18.82
CA ILE E 380 12.14 -21.80 -20.13
C ILE E 380 11.56 -20.82 -21.12
N ALA E 381 10.43 -20.19 -20.75
CA ALA E 381 9.77 -19.27 -21.66
C ALA E 381 10.70 -18.14 -22.07
N ASP E 382 11.30 -17.45 -21.10
CA ASP E 382 12.21 -16.36 -21.43
C ASP E 382 13.42 -16.84 -22.19
N ASN E 383 13.86 -18.06 -21.92
CA ASN E 383 14.95 -18.65 -22.68
C ASN E 383 14.62 -18.66 -24.16
N GLU E 384 13.42 -19.10 -24.53
CA GLU E 384 13.18 -19.23 -25.96
C GLU E 384 12.66 -17.95 -26.58
N VAL E 385 12.14 -17.02 -25.77
CA VAL E 385 11.92 -15.67 -26.28
C VAL E 385 13.23 -15.05 -26.74
N ILE E 386 14.23 -15.06 -25.85
CA ILE E 386 15.51 -14.47 -26.22
C ILE E 386 16.17 -15.26 -27.34
N GLU E 387 16.03 -16.59 -27.34
CA GLU E 387 16.56 -17.36 -28.45
C GLU E 387 15.90 -16.95 -29.76
N LEU E 388 14.61 -16.66 -29.71
CA LEU E 388 13.88 -16.29 -30.92
C LEU E 388 14.34 -14.94 -31.45
N LEU E 389 14.56 -13.96 -30.57
CA LEU E 389 15.07 -12.68 -31.04
C LEU E 389 16.50 -12.79 -31.60
N LYS E 390 17.37 -13.55 -30.92
CA LYS E 390 18.70 -13.75 -31.46
C LYS E 390 18.67 -14.33 -32.85
N ASP E 391 17.87 -15.38 -33.05
CA ASP E 391 17.71 -15.92 -34.40
C ASP E 391 17.20 -14.88 -35.38
N SER E 392 16.30 -14.00 -34.93
CA SER E 392 15.80 -12.95 -35.81
C SER E 392 16.91 -12.02 -36.30
N GLU E 393 17.78 -11.56 -35.39
CA GLU E 393 18.89 -10.72 -35.85
C GLU E 393 19.80 -11.50 -36.76
N GLU E 394 19.87 -12.82 -36.58
CA GLU E 394 20.66 -13.62 -37.50
C GLU E 394 20.13 -13.52 -38.92
N ARG E 395 18.82 -13.71 -39.10
CA ARG E 395 18.25 -13.61 -40.44
C ARG E 395 18.43 -12.22 -41.02
N ALA E 396 18.19 -11.18 -40.22
CA ALA E 396 18.34 -9.81 -40.71
C ALA E 396 19.78 -9.55 -41.17
N ARG E 397 20.77 -10.00 -40.40
CA ARG E 397 22.16 -9.84 -40.78
C ARG E 397 22.45 -10.52 -42.10
N ARG E 398 22.01 -11.77 -42.26
CA ARG E 398 22.31 -12.49 -43.49
C ARG E 398 21.70 -11.80 -44.70
N LEU E 399 20.41 -11.48 -44.64
CA LEU E 399 19.77 -10.89 -45.81
C LEU E 399 20.35 -9.51 -46.12
N LEU E 400 20.60 -8.70 -45.10
CA LEU E 400 21.20 -7.40 -45.43
C LEU E 400 22.66 -7.52 -45.86
N THR E 401 23.28 -8.69 -45.69
CA THR E 401 24.54 -8.88 -46.41
C THR E 401 24.30 -9.28 -47.85
N LYS E 402 23.22 -10.00 -48.15
CA LYS E 402 23.00 -10.39 -49.54
C LYS E 402 22.66 -9.22 -50.45
N LYS E 403 22.25 -8.09 -49.92
CA LYS E 403 21.72 -7.02 -50.76
C LYS E 403 22.30 -5.65 -50.37
N ASN E 404 23.63 -5.58 -50.28
CA ASN E 404 24.26 -4.35 -49.82
C ASN E 404 24.14 -3.25 -50.86
N VAL E 405 24.29 -3.59 -52.15
CA VAL E 405 24.26 -2.57 -53.19
C VAL E 405 22.90 -1.91 -53.27
N GLU E 406 21.83 -2.71 -53.16
CA GLU E 406 20.49 -2.15 -53.10
C GLU E 406 20.28 -1.32 -51.85
N LEU E 407 20.92 -1.70 -50.75
CA LEU E 407 20.89 -0.88 -49.54
C LEU E 407 21.42 0.51 -49.81
N HIS E 408 22.68 0.61 -50.28
CA HIS E 408 23.25 1.92 -50.56
C HIS E 408 22.45 2.68 -51.59
N ARG E 409 21.91 1.97 -52.58
CA ARG E 409 21.13 2.60 -53.63
C ARG E 409 19.90 3.30 -53.05
N LEU E 410 19.10 2.56 -52.28
CA LEU E 410 17.90 3.15 -51.71
C LEU E 410 18.23 4.24 -50.70
N ALA E 411 19.26 4.03 -49.88
CA ALA E 411 19.62 5.03 -48.88
C ALA E 411 20.02 6.34 -49.53
N GLN E 412 20.82 6.27 -50.59
CA GLN E 412 21.11 7.48 -51.34
C GLN E 412 19.83 8.09 -51.93
N GLY E 413 18.89 7.24 -52.36
CA GLY E 413 17.60 7.74 -52.77
C GLY E 413 16.94 8.58 -51.70
N LEU E 414 16.94 8.10 -50.46
CA LEU E 414 16.40 8.88 -49.36
C LEU E 414 17.15 10.18 -49.14
N ILE E 415 18.48 10.17 -49.22
CA ILE E 415 19.22 11.42 -49.03
C ILE E 415 18.90 12.40 -50.14
N GLU E 416 18.49 11.90 -51.31
CA GLU E 416 18.27 12.80 -52.44
C GLU E 416 16.81 13.25 -52.53
N TYR E 417 15.89 12.54 -51.89
CA TYR E 417 14.47 12.82 -52.08
C TYR E 417 13.67 13.00 -50.80
N GLU E 418 14.09 12.39 -49.69
CA GLU E 418 13.49 12.63 -48.37
C GLU E 418 12.12 11.99 -48.20
N THR E 419 11.59 11.37 -49.23
CA THR E 419 10.25 10.81 -49.15
C THR E 419 9.97 9.93 -50.37
N LEU E 420 9.37 8.77 -50.11
CA LEU E 420 9.23 7.78 -51.17
C LEU E 420 8.06 6.84 -50.90
N ASP E 421 7.12 6.74 -51.85
CA ASP E 421 6.09 5.72 -51.76
C ASP E 421 6.61 4.43 -52.39
N ALA E 422 5.90 3.34 -52.10
CA ALA E 422 6.43 1.99 -52.34
C ALA E 422 6.82 1.79 -53.81
N HIS E 423 6.05 2.36 -54.73
CA HIS E 423 6.42 2.25 -56.13
C HIS E 423 7.75 2.93 -56.41
N GLU E 424 7.95 4.13 -55.88
CA GLU E 424 9.22 4.82 -56.09
C GLU E 424 10.38 4.04 -55.50
N ILE E 425 10.19 3.39 -54.36
CA ILE E 425 11.24 2.52 -53.83
C ILE E 425 11.50 1.36 -54.77
N GLU E 426 10.43 0.80 -55.36
CA GLU E 426 10.63 -0.29 -56.31
C GLU E 426 11.45 0.16 -57.51
N GLN E 427 11.24 1.39 -57.97
CA GLN E 427 12.09 1.91 -59.03
C GLN E 427 13.51 2.12 -58.56
N VAL E 428 13.71 2.78 -57.42
CA VAL E 428 15.04 3.15 -56.96
C VAL E 428 15.89 1.91 -56.72
N CYS E 429 15.28 0.82 -56.25
CA CYS E 429 16.05 -0.38 -55.99
C CYS E 429 16.66 -0.97 -57.25
N LYS E 430 16.09 -0.71 -58.42
CA LYS E 430 16.62 -1.19 -59.68
C LYS E 430 17.43 -0.14 -60.42
N GLY E 431 17.87 0.91 -59.74
CA GLY E 431 18.70 1.93 -60.36
C GLY E 431 17.99 2.84 -61.33
N GLU E 432 16.72 2.60 -61.61
CA GLU E 432 15.94 3.48 -62.47
C GLU E 432 15.79 4.85 -61.80
N LYS E 433 15.38 5.83 -62.58
CA LYS E 433 15.34 7.22 -62.13
C LYS E 433 13.90 7.66 -61.95
N LEU E 434 13.64 8.37 -60.84
CA LEU E 434 12.27 8.64 -60.44
C LEU E 434 11.63 9.76 -61.22
N ALA E 435 12.41 10.71 -61.73
CA ALA E 435 11.90 11.82 -62.53
C ALA E 435 10.91 12.68 -61.72
N LYS E 436 11.47 13.31 -60.70
CA LYS E 436 10.79 14.39 -59.99
C LYS E 436 11.85 15.28 -59.34
N LEU E 437 11.40 16.19 -58.49
CA LEU E 437 12.28 17.22 -57.96
C LEU E 437 13.14 16.69 -56.82
N LYS E 438 14.42 17.06 -56.83
CA LYS E 438 15.35 16.65 -55.79
C LYS E 438 15.14 17.50 -54.53
N THR E 439 16.07 17.38 -53.59
CA THR E 439 16.03 18.15 -52.36
C THR E 439 16.30 19.62 -52.61
N LYS F 1 4.68 41.05 -31.00
CA LYS F 1 4.97 40.26 -32.20
C LYS F 1 5.76 39.00 -31.86
N PHE F 2 6.05 38.19 -32.90
CA PHE F 2 6.86 37.00 -32.74
C PHE F 2 8.36 37.30 -32.64
N ASP F 3 8.77 38.57 -32.77
CA ASP F 3 10.18 38.89 -32.69
C ASP F 3 10.67 38.89 -31.24
N ASP F 4 9.77 39.19 -30.30
CA ASP F 4 10.16 39.35 -28.91
C ASP F 4 10.41 38.03 -28.21
N VAL F 5 9.98 36.91 -28.80
CA VAL F 5 10.03 35.61 -28.14
C VAL F 5 10.83 34.64 -29.00
N CYS F 6 11.82 34.00 -28.41
CA CYS F 6 12.47 32.83 -29.01
C CYS F 6 12.24 31.62 -28.14
N GLY F 7 12.65 30.46 -28.65
CA GLY F 7 12.39 29.20 -27.99
C GLY F 7 11.02 28.65 -28.33
N CYS F 8 11.01 27.34 -28.61
CA CYS F 8 9.83 26.55 -28.97
C CYS F 8 9.16 27.12 -30.23
N ASP F 9 9.88 26.97 -31.34
CA ASP F 9 9.40 27.45 -32.63
C ASP F 9 8.22 26.65 -33.16
N GLU F 10 7.98 25.45 -32.61
CA GLU F 10 6.77 24.68 -32.89
C GLU F 10 5.53 25.49 -32.55
N ALA F 11 5.50 26.03 -31.32
CA ALA F 11 4.37 26.82 -30.86
C ALA F 11 4.21 28.09 -31.68
N ARG F 12 5.31 28.72 -32.07
CA ARG F 12 5.24 29.88 -32.95
C ARG F 12 4.62 29.50 -34.29
N ALA F 13 5.01 28.34 -34.84
CA ALA F 13 4.57 27.92 -36.17
C ALA F 13 3.06 27.64 -36.20
N GLU F 14 2.58 26.83 -35.26
CA GLU F 14 1.15 26.54 -35.26
C GLU F 14 0.34 27.76 -34.82
N LEU F 15 0.95 28.66 -34.06
CA LEU F 15 0.21 29.85 -33.65
C LEU F 15 0.09 30.87 -34.77
N GLU F 16 1.08 30.98 -35.67
CA GLU F 16 0.81 31.81 -36.85
C GLU F 16 -0.15 31.08 -37.79
N GLU F 17 -0.18 29.75 -37.72
CA GLU F 17 -1.17 28.99 -38.47
C GLU F 17 -2.59 29.32 -38.00
N ILE F 18 -2.79 29.61 -36.72
CA ILE F 18 -4.14 30.04 -36.33
C ILE F 18 -4.29 31.55 -36.50
N VAL F 19 -3.19 32.29 -36.58
CA VAL F 19 -3.26 33.71 -36.92
C VAL F 19 -3.85 33.88 -38.33
N ASP F 20 -3.54 32.94 -39.22
CA ASP F 20 -4.16 32.95 -40.55
C ASP F 20 -5.68 32.80 -40.49
N PHE F 21 -6.18 32.07 -39.49
CA PHE F 21 -7.61 32.11 -39.22
C PHE F 21 -8.02 33.47 -38.67
N LEU F 22 -7.14 34.12 -37.93
CA LEU F 22 -7.56 35.32 -37.21
C LEU F 22 -7.73 36.52 -38.14
N LYS F 23 -6.76 36.81 -39.01
CA LYS F 23 -6.84 38.07 -39.73
C LYS F 23 -7.72 37.98 -40.96
N ASP F 24 -8.12 36.76 -41.36
CA ASP F 24 -9.06 36.58 -42.45
C ASP F 24 -9.86 35.31 -42.21
N PRO F 25 -10.96 35.38 -41.45
CA PRO F 25 -11.71 34.16 -41.13
C PRO F 25 -12.52 33.62 -42.30
N THR F 26 -13.11 34.56 -43.07
CA THR F 26 -14.24 34.26 -43.95
C THR F 26 -13.88 33.27 -45.04
N LYS F 27 -12.62 33.24 -45.47
CA LYS F 27 -12.19 32.34 -46.53
C LYS F 27 -12.28 30.88 -46.15
N TYR F 28 -12.43 30.56 -44.87
CA TYR F 28 -12.63 29.16 -44.55
C TYR F 28 -14.07 28.73 -44.78
N GLU F 29 -15.02 29.62 -44.53
CA GLU F 29 -16.43 29.22 -44.61
C GLU F 29 -16.90 29.10 -46.05
N SER F 30 -16.12 29.61 -47.00
CA SER F 30 -16.42 29.34 -48.40
C SER F 30 -16.04 27.92 -48.80
N LEU F 31 -15.23 27.22 -48.01
CA LEU F 31 -14.90 25.84 -48.32
C LEU F 31 -15.49 24.83 -47.35
N GLY F 32 -15.77 25.24 -46.11
CA GLY F 32 -16.33 24.34 -45.13
C GLY F 32 -15.37 23.83 -44.09
N GLY F 33 -14.12 24.29 -44.11
CA GLY F 33 -13.20 23.89 -43.08
C GLY F 33 -13.40 24.69 -41.80
N LYS F 34 -13.39 23.99 -40.68
CA LYS F 34 -13.61 24.61 -39.38
C LYS F 34 -12.40 24.37 -38.48
N LEU F 35 -12.03 25.41 -37.74
CA LEU F 35 -10.93 25.43 -36.80
C LEU F 35 -11.50 25.41 -35.39
N PRO F 36 -10.85 24.72 -34.44
CA PRO F 36 -11.41 24.62 -33.09
C PRO F 36 -11.44 25.94 -32.34
N LYS F 37 -12.11 25.93 -31.18
CA LYS F 37 -12.49 27.17 -30.53
C LYS F 37 -11.47 27.56 -29.46
N GLY F 38 -10.95 26.58 -28.73
CA GLY F 38 -10.00 26.86 -27.68
C GLY F 38 -8.72 26.07 -27.88
N VAL F 39 -7.61 26.74 -27.64
CA VAL F 39 -6.28 26.14 -27.76
C VAL F 39 -5.73 25.99 -26.36
N LEU F 40 -5.17 24.82 -26.05
CA LEU F 40 -4.69 24.55 -24.71
C LEU F 40 -3.17 24.59 -24.70
N LEU F 41 -2.61 25.61 -24.05
CA LEU F 41 -1.17 25.76 -23.90
C LEU F 41 -0.71 25.03 -22.65
N THR F 42 0.19 24.07 -22.81
CA THR F 42 0.75 23.32 -21.69
C THR F 42 2.25 23.56 -21.60
N GLY F 43 2.90 22.84 -20.70
CA GLY F 43 4.35 22.89 -20.57
C GLY F 43 4.82 23.26 -19.19
N PRO F 44 6.14 23.30 -19.01
CA PRO F 44 6.72 23.66 -17.70
C PRO F 44 6.49 25.12 -17.37
N PRO F 45 6.56 25.50 -16.10
CA PRO F 45 6.32 26.90 -15.74
C PRO F 45 7.47 27.81 -16.14
N GLY F 46 7.12 29.06 -16.39
CA GLY F 46 8.13 30.07 -16.69
C GLY F 46 8.77 29.94 -18.05
N THR F 47 8.02 29.53 -19.06
CA THR F 47 8.52 29.48 -20.43
C THR F 47 7.87 30.52 -21.33
N GLY F 48 7.03 31.40 -20.77
CA GLY F 48 6.50 32.50 -21.53
C GLY F 48 5.32 32.15 -22.42
N LYS F 49 4.26 31.64 -21.83
CA LYS F 49 3.03 31.39 -22.58
C LYS F 49 2.28 32.69 -22.86
N THR F 50 2.32 33.61 -21.89
CA THR F 50 1.58 34.86 -21.98
C THR F 50 2.11 35.73 -23.11
N LEU F 51 3.42 35.74 -23.31
CA LEU F 51 4.01 36.47 -24.42
C LEU F 51 3.73 35.82 -25.76
N LEU F 52 3.45 34.51 -25.78
CA LEU F 52 3.05 33.88 -27.03
C LEU F 52 1.63 34.26 -27.41
N ALA F 53 0.71 34.27 -26.43
CA ALA F 53 -0.67 34.66 -26.75
C ALA F 53 -0.77 36.15 -27.08
N ARG F 54 -0.04 36.99 -26.35
CA ARG F 54 0.05 38.40 -26.70
C ARG F 54 0.74 38.59 -28.05
N ALA F 55 1.67 37.69 -28.38
CA ALA F 55 2.39 37.80 -29.65
C ALA F 55 1.49 37.47 -30.84
N THR F 56 0.59 36.50 -30.67
CA THR F 56 -0.38 36.24 -31.72
C THR F 56 -1.44 37.34 -31.80
N ALA F 57 -1.79 37.91 -30.64
CA ALA F 57 -2.76 39.00 -30.62
C ALA F 57 -2.24 40.22 -31.37
N GLY F 58 -1.03 40.67 -31.04
CA GLY F 58 -0.42 41.75 -31.80
C GLY F 58 0.02 41.35 -33.19
N GLU F 59 0.14 40.05 -33.45
CA GLU F 59 0.52 39.60 -34.79
C GLU F 59 -0.63 39.72 -35.77
N ALA F 60 -1.82 39.30 -35.35
CA ALA F 60 -2.96 39.37 -36.25
C ALA F 60 -3.62 40.74 -36.30
N GLY F 61 -3.14 41.71 -35.53
CA GLY F 61 -3.75 43.01 -35.50
C GLY F 61 -4.95 43.14 -34.57
N VAL F 62 -5.36 42.06 -33.93
CA VAL F 62 -6.49 42.06 -33.01
C VAL F 62 -6.02 42.52 -31.63
N ASP F 63 -6.96 42.79 -30.73
CA ASP F 63 -6.63 43.09 -29.34
C ASP F 63 -7.36 42.13 -28.42
N PHE F 64 -6.58 41.38 -27.65
CA PHE F 64 -7.05 40.23 -26.88
C PHE F 64 -7.76 40.70 -25.61
N PHE F 65 -8.39 39.74 -24.92
CA PHE F 65 -8.99 39.97 -23.63
C PHE F 65 -8.40 39.01 -22.61
N PHE F 66 -7.84 39.56 -21.54
CA PHE F 66 -7.09 38.78 -20.56
C PHE F 66 -7.94 38.52 -19.33
N MET F 67 -7.87 37.30 -18.80
CA MET F 67 -8.32 37.02 -17.44
C MET F 67 -7.52 35.88 -16.86
N SER F 68 -7.62 35.73 -15.55
CA SER F 68 -6.93 34.67 -14.82
C SER F 68 -7.92 33.91 -13.94
N GLY F 69 -7.42 32.85 -13.31
CA GLY F 69 -8.23 32.04 -12.41
C GLY F 69 -8.20 32.57 -10.99
N SER F 70 -7.01 32.97 -10.54
CA SER F 70 -6.84 33.58 -9.22
C SER F 70 -7.58 34.89 -9.06
N GLU F 71 -7.94 35.54 -10.18
CA GLU F 71 -8.78 36.74 -10.16
C GLU F 71 -10.19 36.45 -9.63
N PHE F 72 -10.57 35.17 -9.52
CA PHE F 72 -11.81 34.79 -8.87
C PHE F 72 -11.62 34.48 -7.39
N ASP F 73 -10.61 35.09 -6.77
CA ASP F 73 -10.44 35.10 -5.31
C ASP F 73 -11.61 35.76 -4.57
N GLU F 74 -12.44 36.54 -5.26
CA GLU F 74 -13.72 37.02 -4.74
C GLU F 74 -14.86 36.06 -5.06
N VAL F 75 -14.57 34.76 -5.12
CA VAL F 75 -15.54 33.74 -5.53
C VAL F 75 -16.53 33.38 -4.42
N TYR F 76 -16.53 34.13 -3.30
CA TYR F 76 -17.32 33.83 -2.10
C TYR F 76 -18.84 33.85 -2.33
N VAL F 77 -19.33 34.32 -3.46
CA VAL F 77 -20.73 34.20 -3.84
C VAL F 77 -20.90 33.46 -5.15
N GLY F 78 -20.19 33.90 -6.18
CA GLY F 78 -20.47 33.49 -7.54
C GLY F 78 -20.64 34.69 -8.44
N VAL F 79 -20.12 35.82 -7.98
CA VAL F 79 -20.17 37.08 -8.71
C VAL F 79 -19.31 37.03 -9.96
N GLY F 80 -18.16 36.35 -9.88
CA GLY F 80 -17.18 36.34 -10.96
C GLY F 80 -17.67 35.71 -12.25
N ALA F 81 -18.64 34.79 -12.13
CA ALA F 81 -19.33 34.23 -13.30
C ALA F 81 -19.95 35.32 -14.15
N LYS F 82 -20.60 36.30 -13.50
CA LYS F 82 -21.11 37.48 -14.18
C LYS F 82 -20.00 38.20 -14.94
N ARG F 83 -18.82 38.33 -14.31
CA ARG F 83 -17.68 38.96 -14.97
C ARG F 83 -17.30 38.22 -16.24
N ILE F 84 -17.41 36.88 -16.21
CA ILE F 84 -17.14 36.05 -17.37
C ILE F 84 -18.02 36.47 -18.53
N ARG F 85 -19.34 36.51 -18.31
CA ARG F 85 -20.22 36.86 -19.42
C ARG F 85 -20.10 38.33 -19.75
N ASP F 86 -19.71 39.14 -18.75
CA ASP F 86 -19.43 40.56 -18.99
C ASP F 86 -18.28 40.69 -19.98
N LEU F 87 -17.24 39.87 -19.79
CA LEU F 87 -16.10 39.95 -20.69
C LEU F 87 -16.48 39.46 -22.08
N PHE F 88 -17.38 38.48 -22.17
CA PHE F 88 -17.70 38.02 -23.51
C PHE F 88 -18.71 38.93 -24.17
N ALA F 89 -19.33 39.84 -23.40
CA ALA F 89 -20.08 40.93 -24.01
C ALA F 89 -19.17 41.77 -24.89
N GLN F 90 -17.92 41.98 -24.44
CA GLN F 90 -16.97 42.69 -25.28
C GLN F 90 -16.56 41.86 -26.49
N ALA F 91 -16.67 40.52 -26.38
CA ALA F 91 -16.46 39.68 -27.54
C ALA F 91 -17.56 39.84 -28.58
N ARG F 92 -18.74 40.34 -28.17
CA ARG F 92 -19.74 40.73 -29.14
C ARG F 92 -19.38 42.05 -29.79
N SER F 93 -18.65 42.92 -29.08
CA SER F 93 -18.30 44.22 -29.62
C SER F 93 -17.07 44.12 -30.52
N ARG F 94 -15.94 43.73 -29.95
CA ARG F 94 -14.71 43.52 -30.69
C ARG F 94 -14.71 42.09 -31.21
N ALA F 95 -15.02 41.94 -32.51
CA ALA F 95 -15.33 40.64 -33.09
C ALA F 95 -14.14 39.75 -33.45
N PRO F 96 -12.99 40.22 -34.02
CA PRO F 96 -11.95 39.23 -34.36
C PRO F 96 -11.02 38.86 -33.22
N ALA F 97 -11.32 39.30 -32.00
CA ALA F 97 -10.36 39.21 -30.89
C ALA F 97 -10.22 37.78 -30.37
N ILE F 98 -9.16 37.56 -29.59
CA ILE F 98 -8.95 36.29 -28.91
C ILE F 98 -9.00 36.53 -27.41
N ILE F 99 -9.29 35.48 -26.66
CA ILE F 99 -9.60 35.59 -25.24
C ILE F 99 -8.67 34.65 -24.49
N PHE F 100 -7.69 35.20 -23.77
CA PHE F 100 -6.70 34.41 -23.06
C PHE F 100 -7.08 34.26 -21.60
N ILE F 101 -7.10 33.02 -21.13
CA ILE F 101 -7.45 32.67 -19.77
C ILE F 101 -6.26 31.95 -19.14
N ASP F 102 -5.73 32.53 -18.07
CA ASP F 102 -4.57 32.01 -17.37
C ASP F 102 -5.02 31.17 -16.19
N GLN F 103 -4.34 30.04 -16.00
CA GLN F 103 -4.41 29.19 -14.81
C GLN F 103 -5.84 28.69 -14.57
N LEU F 104 -6.26 27.80 -15.47
CA LEU F 104 -7.57 27.16 -15.37
C LEU F 104 -7.71 26.21 -14.18
N ASP F 105 -6.62 25.91 -13.46
CA ASP F 105 -6.70 25.05 -12.28
C ASP F 105 -7.56 25.69 -11.19
N ALA F 106 -7.55 27.02 -11.09
CA ALA F 106 -8.47 27.70 -10.21
C ALA F 106 -9.91 27.64 -10.71
N ILE F 107 -10.10 27.55 -12.02
CA ILE F 107 -11.40 27.30 -12.62
C ILE F 107 -11.84 25.86 -12.50
N GLY F 108 -11.06 24.92 -12.99
CA GLY F 108 -11.42 23.53 -12.91
C GLY F 108 -10.93 22.87 -11.64
N GLY F 109 -11.22 23.50 -10.50
CA GLY F 109 -10.82 22.90 -9.23
C GLY F 109 -11.70 21.75 -8.82
N LYS F 110 -13.03 21.95 -8.90
CA LYS F 110 -14.11 20.97 -8.60
C LYS F 110 -13.92 20.21 -7.28
N ARG F 111 -13.23 20.84 -6.33
CA ARG F 111 -12.62 20.07 -5.24
C ARG F 111 -13.59 19.84 -4.08
N ASN F 112 -13.96 20.88 -3.35
CA ASN F 112 -14.68 20.72 -2.09
C ASN F 112 -16.18 20.77 -2.32
N PRO F 113 -16.92 19.71 -2.01
CA PRO F 113 -18.34 19.64 -2.43
C PRO F 113 -19.28 20.58 -1.70
N LYS F 114 -18.85 21.23 -0.61
CA LYS F 114 -19.64 22.33 -0.07
C LYS F 114 -19.54 23.55 -0.98
N ASP F 115 -18.40 23.72 -1.65
CA ASP F 115 -18.14 24.90 -2.46
C ASP F 115 -18.38 24.68 -3.94
N GLN F 116 -18.32 23.42 -4.40
CA GLN F 116 -18.61 23.05 -5.78
C GLN F 116 -19.96 23.56 -6.26
N ALA F 117 -20.95 23.61 -5.35
CA ALA F 117 -22.28 24.09 -5.68
C ALA F 117 -22.28 25.53 -6.18
N TYR F 118 -21.34 26.37 -5.74
CA TYR F 118 -21.22 27.66 -6.41
C TYR F 118 -20.03 27.68 -7.37
N ALA F 119 -19.11 26.72 -7.24
CA ALA F 119 -17.93 26.71 -8.10
C ALA F 119 -18.31 26.36 -9.53
N LYS F 120 -19.18 25.37 -9.71
CA LYS F 120 -19.80 25.13 -11.01
C LYS F 120 -20.58 26.34 -11.49
N GLN F 121 -21.12 27.15 -10.55
CA GLN F 121 -21.83 28.37 -10.92
C GLN F 121 -20.91 29.35 -11.65
N THR F 122 -19.61 29.31 -11.41
CA THR F 122 -18.73 29.94 -12.38
C THR F 122 -18.51 29.04 -13.58
N LEU F 123 -18.07 27.80 -13.32
CA LEU F 123 -17.51 26.91 -14.33
C LEU F 123 -18.50 26.60 -15.45
N ASN F 124 -19.71 26.14 -15.09
CA ASN F 124 -20.65 25.78 -16.15
C ASN F 124 -21.14 27.01 -16.88
N GLN F 125 -21.12 28.17 -16.22
CA GLN F 125 -21.39 29.44 -16.89
C GLN F 125 -20.41 29.65 -18.02
N LEU F 126 -19.11 29.46 -17.73
CA LEU F 126 -18.06 29.46 -18.75
C LEU F 126 -18.36 28.44 -19.82
N LEU F 127 -18.82 27.26 -19.40
CA LEU F 127 -19.17 26.19 -20.33
C LEU F 127 -20.31 26.60 -21.24
N VAL F 128 -21.32 27.29 -20.68
CA VAL F 128 -22.42 27.78 -21.51
C VAL F 128 -21.91 28.80 -22.51
N GLU F 129 -20.95 29.62 -22.07
CA GLU F 129 -20.39 30.62 -22.96
C GLU F 129 -19.51 29.97 -24.02
N LEU F 130 -18.98 28.77 -23.73
CA LEU F 130 -18.22 28.06 -24.75
C LEU F 130 -19.11 27.55 -25.86
N ASP F 131 -20.41 27.42 -25.58
CA ASP F 131 -21.35 27.07 -26.63
C ASP F 131 -22.11 28.31 -27.10
N GLY F 132 -21.74 29.48 -26.59
CA GLY F 132 -22.51 30.67 -26.85
C GLY F 132 -22.09 31.49 -28.05
N PHE F 133 -21.50 30.84 -29.06
CA PHE F 133 -21.03 31.52 -30.26
C PHE F 133 -20.86 30.51 -31.39
N SER F 134 -20.28 30.97 -32.49
CA SER F 134 -19.91 30.12 -33.61
C SER F 134 -18.59 30.62 -34.19
N GLN F 135 -18.06 29.88 -35.17
CA GLN F 135 -16.80 30.28 -35.80
C GLN F 135 -17.00 31.39 -36.83
N THR F 136 -18.24 31.78 -37.08
CA THR F 136 -18.49 32.93 -37.95
C THR F 136 -18.01 34.21 -37.27
N SER F 137 -18.15 34.29 -35.95
CA SER F 137 -17.71 35.47 -35.21
C SER F 137 -16.20 35.58 -35.17
N GLY F 138 -15.51 34.44 -35.17
CA GLY F 138 -14.05 34.46 -35.22
C GLY F 138 -13.38 34.85 -33.93
N ILE F 139 -13.87 34.38 -32.79
CA ILE F 139 -13.19 34.53 -31.52
C ILE F 139 -12.63 33.18 -31.13
N ILE F 140 -11.44 33.19 -30.54
CA ILE F 140 -10.77 31.97 -30.11
C ILE F 140 -10.33 32.12 -28.68
N ILE F 141 -10.74 31.16 -27.85
CA ILE F 141 -10.37 31.11 -26.43
C ILE F 141 -9.09 30.30 -26.32
N ILE F 142 -8.06 30.91 -25.74
CA ILE F 142 -6.79 30.26 -25.48
C ILE F 142 -6.66 30.10 -23.98
N GLY F 143 -6.48 28.87 -23.52
CA GLY F 143 -6.31 28.57 -22.12
C GLY F 143 -4.88 28.18 -21.82
N ALA F 144 -4.41 28.49 -20.63
CA ALA F 144 -3.03 28.19 -20.27
C ALA F 144 -2.95 27.64 -18.85
N THR F 145 -2.30 26.49 -18.70
CA THR F 145 -2.01 25.94 -17.39
C THR F 145 -0.76 25.08 -17.46
N ASN F 146 -0.15 24.88 -16.30
CA ASN F 146 1.02 24.01 -16.19
C ASN F 146 0.65 22.58 -15.87
N PHE F 147 -0.57 22.35 -15.38
CA PHE F 147 -1.04 21.06 -14.92
C PHE F 147 -2.15 20.57 -15.82
N PRO F 148 -1.87 19.75 -16.84
CA PRO F 148 -2.95 19.20 -17.66
C PRO F 148 -3.80 18.20 -16.92
N GLU F 149 -3.28 17.60 -15.84
CA GLU F 149 -4.04 16.65 -15.06
C GLU F 149 -5.13 17.30 -14.23
N ALA F 150 -4.87 18.50 -13.70
CA ALA F 150 -5.76 19.09 -12.70
C ALA F 150 -6.97 19.80 -13.31
N LEU F 151 -7.14 19.77 -14.62
CA LEU F 151 -8.23 20.50 -15.23
C LEU F 151 -9.54 19.73 -15.10
N ASP F 152 -10.64 20.47 -15.03
CA ASP F 152 -11.96 19.86 -15.09
C ASP F 152 -12.18 19.24 -16.47
N LYS F 153 -12.82 18.08 -16.48
CA LYS F 153 -12.88 17.33 -17.72
C LYS F 153 -13.96 17.84 -18.67
N ALA F 154 -14.96 18.55 -18.16
CA ALA F 154 -16.00 19.11 -19.02
C ALA F 154 -15.46 20.17 -19.96
N LEU F 155 -14.41 20.89 -19.55
CA LEU F 155 -13.69 21.76 -20.48
C LEU F 155 -13.00 20.95 -21.57
N THR F 156 -12.45 19.79 -21.22
CA THR F 156 -11.65 19.03 -22.16
C THR F 156 -12.45 17.98 -22.93
N ARG F 157 -13.76 18.12 -23.01
CA ARG F 157 -14.54 17.23 -23.85
C ARG F 157 -14.29 17.56 -25.32
N PRO F 158 -14.40 16.57 -26.21
CA PRO F 158 -14.17 16.84 -27.64
C PRO F 158 -15.25 17.76 -28.20
N GLY F 159 -14.79 18.88 -28.75
CA GLY F 159 -15.66 19.93 -29.23
C GLY F 159 -15.66 21.17 -28.38
N ARG F 160 -14.96 21.16 -27.24
CA ARG F 160 -14.95 22.28 -26.32
C ARG F 160 -13.56 22.88 -26.17
N PHE F 161 -12.56 22.09 -25.74
CA PHE F 161 -11.14 22.41 -25.89
C PHE F 161 -10.53 21.26 -26.69
N ASP F 162 -10.17 21.54 -27.95
CA ASP F 162 -9.82 20.45 -28.84
C ASP F 162 -8.31 20.28 -29.01
N LYS F 163 -7.61 21.32 -29.46
CA LYS F 163 -6.20 21.18 -29.74
C LYS F 163 -5.36 21.52 -28.51
N VAL F 164 -4.33 20.71 -28.30
CA VAL F 164 -3.44 20.83 -27.17
C VAL F 164 -2.03 21.01 -27.71
N VAL F 165 -1.42 22.14 -27.41
CA VAL F 165 -0.08 22.45 -27.84
C VAL F 165 0.82 22.54 -26.61
N ASN F 166 2.03 22.01 -26.73
CA ASN F 166 3.00 21.97 -25.66
C ASN F 166 4.03 23.06 -25.89
N VAL F 167 4.33 23.82 -24.86
CA VAL F 167 5.40 24.81 -24.87
C VAL F 167 6.54 24.22 -24.05
N ASP F 168 7.51 23.64 -24.74
CA ASP F 168 8.53 22.81 -24.11
C ASP F 168 9.73 23.68 -23.73
N LEU F 169 10.62 23.10 -22.92
CA LEU F 169 11.87 23.77 -22.57
C LEU F 169 12.75 23.90 -23.81
N PRO F 170 13.39 25.06 -23.99
CA PRO F 170 14.07 25.31 -25.27
C PRO F 170 15.37 24.53 -25.42
N ASP F 171 15.96 24.65 -26.60
CA ASP F 171 17.21 24.00 -26.93
C ASP F 171 18.37 25.00 -26.88
N VAL F 172 19.51 24.60 -27.44
CA VAL F 172 20.76 25.37 -27.33
C VAL F 172 20.65 26.73 -28.03
N ARG F 173 20.20 26.76 -29.29
CA ARG F 173 20.02 28.04 -29.97
C ARG F 173 18.85 28.82 -29.39
N GLY F 174 17.87 28.10 -28.83
CA GLY F 174 16.79 28.77 -28.14
C GLY F 174 17.27 29.54 -26.92
N ARG F 175 18.07 28.90 -26.07
CA ARG F 175 18.65 29.59 -24.92
C ARG F 175 19.68 30.63 -25.36
N ALA F 176 20.30 30.43 -26.52
CA ALA F 176 21.22 31.44 -27.04
C ALA F 176 20.48 32.73 -27.39
N ASP F 177 19.30 32.61 -27.99
CA ASP F 177 18.61 33.83 -28.37
C ASP F 177 17.74 34.37 -27.23
N ILE F 178 17.41 33.55 -26.25
CA ILE F 178 16.78 34.08 -25.03
C ILE F 178 17.78 34.91 -24.24
N LEU F 179 19.00 34.38 -24.07
CA LEU F 179 20.05 35.14 -23.40
C LEU F 179 20.43 36.39 -24.19
N LYS F 180 20.53 36.27 -25.52
CA LYS F 180 20.84 37.44 -26.33
C LYS F 180 19.69 38.46 -26.31
N HIS F 181 18.45 37.99 -26.14
CA HIS F 181 17.35 38.94 -25.98
C HIS F 181 17.42 39.66 -24.65
N HIS F 182 17.84 38.97 -23.59
CA HIS F 182 17.92 39.64 -22.29
C HIS F 182 19.20 40.44 -22.09
N MET F 183 20.19 40.29 -22.97
CA MET F 183 21.40 41.10 -22.83
C MET F 183 21.23 42.52 -23.32
N LYS F 184 20.10 42.86 -23.94
CA LYS F 184 19.93 44.14 -24.61
C LYS F 184 19.51 45.27 -23.67
N LYS F 185 19.76 45.14 -22.38
CA LYS F 185 19.50 46.20 -21.43
C LYS F 185 20.69 46.51 -20.55
N ILE F 186 21.80 45.79 -20.69
CA ILE F 186 22.95 45.96 -19.82
C ILE F 186 24.16 46.35 -20.65
N THR F 187 25.18 46.86 -19.97
CA THR F 187 26.42 47.30 -20.62
C THR F 187 27.37 46.10 -20.73
N LEU F 188 27.53 45.58 -21.93
CA LEU F 188 28.31 44.38 -22.17
C LEU F 188 29.75 44.71 -22.52
N ALA F 189 30.60 43.69 -22.44
CA ALA F 189 31.99 43.80 -22.85
C ALA F 189 32.12 43.39 -24.32
N ASP F 190 33.35 43.15 -24.77
CA ASP F 190 33.59 42.75 -26.15
C ASP F 190 33.62 41.24 -26.34
N ASN F 191 34.09 40.50 -25.32
CA ASN F 191 34.22 39.06 -25.42
C ASN F 191 32.99 38.31 -24.90
N VAL F 192 31.81 38.94 -24.95
CA VAL F 192 30.60 38.29 -24.49
C VAL F 192 30.16 37.27 -25.52
N ASP F 193 29.99 36.02 -25.08
CA ASP F 193 29.58 34.94 -25.97
C ASP F 193 28.37 34.25 -25.37
N PRO F 194 27.18 34.42 -25.94
CA PRO F 194 26.01 33.71 -25.42
C PRO F 194 26.00 32.23 -25.73
N THR F 195 26.77 31.78 -26.72
CA THR F 195 26.69 30.39 -27.16
C THR F 195 27.37 29.46 -26.17
N ILE F 196 28.41 29.96 -25.49
CA ILE F 196 29.15 29.08 -24.59
C ILE F 196 28.40 28.90 -23.26
N ILE F 197 27.76 29.95 -22.75
CA ILE F 197 27.01 29.78 -21.51
C ILE F 197 25.62 29.23 -21.78
N ALA F 198 25.07 29.48 -22.97
CA ALA F 198 23.81 28.83 -23.32
C ALA F 198 24.02 27.35 -23.58
N ARG F 199 25.16 26.98 -24.17
CA ARG F 199 25.49 25.57 -24.34
C ARG F 199 25.89 24.95 -23.01
N GLY F 200 26.35 25.77 -22.07
CA GLY F 200 26.78 25.29 -20.77
C GLY F 200 25.68 25.00 -19.77
N THR F 201 24.42 25.36 -20.05
CA THR F 201 23.30 25.03 -19.17
C THR F 201 22.38 24.01 -19.84
N PRO F 202 22.43 22.75 -19.39
CA PRO F 202 21.53 21.73 -19.96
C PRO F 202 20.15 21.82 -19.35
N GLY F 203 19.17 22.23 -20.15
CA GLY F 203 17.77 22.11 -19.78
C GLY F 203 17.30 22.97 -18.64
N LEU F 204 17.22 24.28 -18.85
CA LEU F 204 16.62 25.20 -17.90
C LEU F 204 15.75 26.21 -18.64
N SER F 205 14.90 26.90 -17.89
CA SER F 205 13.83 27.72 -18.45
C SER F 205 14.37 29.09 -18.90
N GLY F 206 13.45 30.02 -19.17
CA GLY F 206 13.84 31.35 -19.61
C GLY F 206 13.91 32.37 -18.50
N ALA F 207 13.00 32.24 -17.52
CA ALA F 207 13.00 33.16 -16.38
C ALA F 207 14.25 32.99 -15.53
N GLU F 208 14.78 31.78 -15.44
CA GLU F 208 16.03 31.60 -14.71
C GLU F 208 17.20 32.19 -15.49
N LEU F 209 17.09 32.27 -16.82
CA LEU F 209 18.10 32.98 -17.60
C LEU F 209 18.01 34.47 -17.37
N ALA F 210 16.80 34.98 -17.13
CA ALA F 210 16.67 36.36 -16.69
C ALA F 210 17.26 36.58 -15.31
N ASN F 211 17.20 35.55 -14.45
CA ASN F 211 17.93 35.64 -13.18
C ASN F 211 19.44 35.55 -13.38
N LEU F 212 19.88 34.87 -14.43
CA LEU F 212 21.31 34.74 -14.67
C LEU F 212 21.90 36.06 -15.15
N VAL F 213 21.26 36.68 -16.14
CA VAL F 213 21.70 37.97 -16.63
C VAL F 213 21.52 39.04 -15.56
N ASN F 214 20.42 38.96 -14.82
CA ASN F 214 20.11 40.02 -13.84
C ASN F 214 21.06 39.96 -12.66
N GLN F 215 21.26 38.77 -12.08
CA GLN F 215 22.20 38.64 -10.96
C GLN F 215 23.65 38.84 -11.41
N ALA F 216 23.95 38.53 -12.66
CA ALA F 216 25.30 38.80 -13.16
C ALA F 216 25.54 40.30 -13.32
N ALA F 217 24.51 41.06 -13.67
CA ALA F 217 24.66 42.51 -13.73
C ALA F 217 24.72 43.12 -12.35
N VAL F 218 24.03 42.52 -11.38
CA VAL F 218 24.13 42.99 -9.99
C VAL F 218 25.54 42.77 -9.46
N TYR F 219 26.12 41.59 -9.72
CA TYR F 219 27.49 41.33 -9.31
C TYR F 219 28.48 42.18 -10.08
N ALA F 220 28.15 42.52 -11.34
CA ALA F 220 29.02 43.38 -12.13
C ALA F 220 29.08 44.79 -11.56
N CYS F 221 27.92 45.40 -11.35
CA CYS F 221 27.86 46.74 -10.78
C CYS F 221 28.22 46.78 -9.31
N GLN F 222 28.27 45.62 -8.65
CA GLN F 222 28.67 45.56 -7.25
C GLN F 222 30.13 45.89 -7.05
N LYS F 223 30.99 45.50 -7.99
CA LYS F 223 32.42 45.65 -7.84
C LYS F 223 32.98 46.93 -8.45
N ASN F 224 32.09 47.83 -8.92
CA ASN F 224 32.45 49.08 -9.61
C ASN F 224 33.34 48.83 -10.81
N ALA F 225 32.98 47.84 -11.62
CA ALA F 225 33.71 47.55 -12.84
C ALA F 225 33.15 48.36 -14.00
N VAL F 226 33.76 48.20 -15.17
CA VAL F 226 33.38 49.01 -16.33
C VAL F 226 32.11 48.46 -16.96
N SER F 227 32.14 47.22 -17.41
CA SER F 227 31.01 46.60 -18.10
C SER F 227 30.85 45.19 -17.56
N VAL F 228 29.98 44.41 -18.20
CA VAL F 228 29.71 43.03 -17.82
C VAL F 228 30.53 42.14 -18.74
N ASP F 229 31.52 41.46 -18.17
CA ASP F 229 32.43 40.64 -18.97
C ASP F 229 32.05 39.17 -18.86
N MET F 230 32.95 38.30 -19.34
CA MET F 230 32.70 36.87 -19.36
C MET F 230 32.69 36.26 -17.96
N SER F 231 33.52 36.78 -17.05
CA SER F 231 33.63 36.20 -15.72
C SER F 231 32.40 36.44 -14.87
N HIS F 232 31.59 37.44 -15.22
CA HIS F 232 30.39 37.74 -14.46
C HIS F 232 29.26 36.78 -14.81
N PHE F 233 29.05 36.56 -16.11
CA PHE F 233 28.12 35.55 -16.58
C PHE F 233 28.56 34.16 -16.12
N GLU F 234 29.86 33.92 -16.12
CA GLU F 234 30.37 32.62 -15.67
C GLU F 234 30.17 32.45 -14.16
N TRP F 235 30.29 33.54 -13.41
CA TRP F 235 30.10 33.48 -11.97
C TRP F 235 28.65 33.21 -11.61
N ALA F 236 27.72 33.99 -12.18
CA ALA F 236 26.31 33.82 -11.84
C ALA F 236 25.77 32.50 -12.39
N LYS F 237 26.31 32.03 -13.52
CA LYS F 237 25.94 30.70 -14.00
C LYS F 237 26.42 29.64 -13.03
N ASP F 238 27.64 29.78 -12.53
CA ASP F 238 28.15 28.79 -11.59
C ASP F 238 27.65 28.98 -10.17
N LYS F 239 26.80 29.97 -9.89
CA LYS F 239 26.15 29.96 -8.59
C LYS F 239 24.68 29.58 -8.71
N ILE F 240 24.07 29.76 -9.88
CA ILE F 240 22.70 29.28 -10.03
C ILE F 240 22.69 27.79 -10.33
N LEU F 241 23.72 27.30 -11.04
CA LEU F 241 23.75 25.90 -11.41
C LEU F 241 24.05 25.00 -10.21
N MET F 242 25.12 25.28 -9.47
CA MET F 242 25.54 24.41 -8.38
C MET F 242 25.42 25.05 -7.01
N GLY F 243 26.07 26.18 -6.77
CA GLY F 243 26.02 26.78 -5.45
C GLY F 243 26.97 27.94 -5.25
N ALA F 244 26.67 28.79 -4.27
CA ALA F 244 27.41 30.02 -4.04
C ALA F 244 28.80 29.72 -3.48
N GLU F 245 29.74 30.60 -3.80
CA GLU F 245 31.14 30.39 -3.48
C GLU F 245 31.38 30.52 -1.97
N ARG F 246 32.04 29.53 -1.40
CA ARG F 246 32.31 29.49 0.03
C ARG F 246 33.78 29.79 0.25
N LYS F 247 34.07 31.00 0.72
CA LYS F 247 35.41 31.56 0.80
C LYS F 247 35.98 31.55 2.21
N THR F 248 35.33 30.87 3.15
CA THR F 248 35.75 30.87 4.55
C THR F 248 36.27 29.51 4.99
N MET F 249 37.00 28.81 4.13
CA MET F 249 37.43 27.45 4.40
C MET F 249 38.94 27.38 4.58
N VAL F 250 39.37 26.68 5.62
CA VAL F 250 40.79 26.45 5.90
C VAL F 250 41.11 25.01 5.50
N LEU F 251 42.07 24.84 4.60
CA LEU F 251 42.34 23.57 3.96
C LEU F 251 43.66 22.98 4.45
N THR F 252 43.62 21.71 4.84
CA THR F 252 44.83 20.95 5.07
C THR F 252 45.48 20.65 3.72
N ASP F 253 46.82 20.67 3.69
CA ASP F 253 47.55 20.54 2.44
C ASP F 253 47.47 19.14 1.85
N ALA F 254 47.36 18.11 2.68
CA ALA F 254 47.21 16.76 2.16
C ALA F 254 45.85 16.57 1.49
N ALA F 255 44.80 17.15 2.07
CA ALA F 255 43.49 17.09 1.44
C ALA F 255 43.44 17.91 0.17
N ARG F 256 44.13 19.05 0.15
CA ARG F 256 44.10 19.92 -1.03
C ARG F 256 44.89 19.30 -2.17
N LYS F 257 45.98 18.60 -1.87
CA LYS F 257 46.65 17.89 -2.96
C LYS F 257 45.90 16.62 -3.34
N ALA F 258 45.10 16.07 -2.42
CA ALA F 258 44.30 14.89 -2.76
C ALA F 258 43.21 15.24 -3.75
N THR F 259 42.47 16.33 -3.49
CA THR F 259 41.47 16.76 -4.46
C THR F 259 42.12 17.30 -5.73
N ALA F 260 43.35 17.80 -5.63
CA ALA F 260 44.11 18.16 -6.83
C ALA F 260 44.36 16.94 -7.71
N PHE F 261 44.71 15.80 -7.10
CA PHE F 261 44.88 14.60 -7.91
C PHE F 261 43.57 13.99 -8.38
N HIS F 262 42.46 14.22 -7.67
CA HIS F 262 41.18 13.72 -8.17
C HIS F 262 40.75 14.48 -9.41
N GLU F 263 40.77 15.82 -9.34
CA GLU F 263 40.37 16.62 -10.50
C GLU F 263 41.38 16.49 -11.64
N ALA F 264 42.65 16.32 -11.31
CA ALA F 264 43.65 16.05 -12.34
C ALA F 264 43.43 14.69 -13.00
N GLY F 265 42.93 13.71 -12.25
CA GLY F 265 42.60 12.43 -12.85
C GLY F 265 41.45 12.53 -13.83
N HIS F 266 40.36 13.21 -13.42
CA HIS F 266 39.23 13.41 -14.32
C HIS F 266 39.60 14.26 -15.53
N ALA F 267 40.52 15.20 -15.39
CA ALA F 267 40.86 16.06 -16.52
C ALA F 267 41.78 15.35 -17.50
N ILE F 268 42.77 14.60 -16.99
CA ILE F 268 43.66 13.85 -17.85
C ILE F 268 42.91 12.77 -18.62
N MET F 269 42.06 12.01 -17.92
CA MET F 269 41.37 10.94 -18.62
C MET F 269 40.22 11.48 -19.47
N ALA F 270 39.61 12.59 -19.06
CA ALA F 270 38.64 13.23 -19.92
C ALA F 270 39.29 13.87 -21.14
N LYS F 271 40.60 14.07 -21.13
CA LYS F 271 41.27 14.74 -22.23
C LYS F 271 41.70 13.78 -23.32
N TYR F 272 42.23 12.62 -22.96
CA TYR F 272 42.97 11.81 -23.90
C TYR F 272 42.23 10.60 -24.44
N THR F 273 40.99 10.33 -24.00
CA THR F 273 40.51 8.95 -24.15
C THR F 273 39.98 8.67 -25.54
N ASN F 274 38.78 9.18 -25.86
CA ASN F 274 38.03 9.00 -27.11
C ASN F 274 36.68 9.68 -27.05
N GLY F 275 35.97 9.65 -28.17
CA GLY F 275 34.53 9.70 -28.17
C GLY F 275 33.92 11.03 -27.82
N ALA F 276 34.00 11.39 -26.53
CA ALA F 276 33.37 12.62 -26.09
C ALA F 276 34.26 13.83 -26.33
N THR F 277 35.39 13.88 -25.61
CA THR F 277 36.38 14.96 -25.43
C THR F 277 35.90 16.42 -25.45
N PRO F 278 34.97 16.87 -24.57
CA PRO F 278 34.97 18.29 -24.24
C PRO F 278 35.72 18.56 -22.94
N LEU F 279 36.45 19.66 -22.87
CA LEU F 279 37.04 20.10 -21.62
C LEU F 279 36.82 21.59 -21.47
N TYR F 280 36.52 22.02 -20.25
CA TYR F 280 36.20 23.41 -19.98
C TYR F 280 36.28 23.59 -18.47
N LYS F 281 37.17 24.46 -18.01
CA LYS F 281 37.15 25.04 -16.66
C LYS F 281 37.20 23.98 -15.54
N ALA F 282 38.32 23.29 -15.42
CA ALA F 282 38.52 22.43 -14.27
C ALA F 282 38.93 23.28 -13.06
N THR F 283 38.53 22.85 -11.87
CA THR F 283 38.81 23.63 -10.67
C THR F 283 38.81 22.72 -9.45
N ILE F 284 39.26 23.28 -8.32
CA ILE F 284 39.16 22.63 -7.03
C ILE F 284 38.49 23.51 -5.99
N LEU F 285 37.88 24.61 -6.41
CA LEU F 285 37.25 25.54 -5.49
C LEU F 285 35.95 24.95 -4.92
N PRO F 286 35.82 24.95 -3.59
CA PRO F 286 34.54 24.53 -2.99
C PRO F 286 33.46 25.59 -3.15
N ARG F 287 32.29 25.19 -3.65
CA ARG F 287 31.24 26.16 -3.94
C ARG F 287 29.94 25.83 -3.24
N GLY F 288 30.00 25.55 -1.93
CA GLY F 288 28.81 25.14 -1.19
C GLY F 288 28.30 23.77 -1.55
N ARG F 289 29.13 22.97 -2.23
CA ARG F 289 28.82 21.70 -2.85
C ARG F 289 30.09 20.86 -2.80
N ALA F 290 30.23 19.93 -3.75
CA ALA F 290 31.45 19.15 -3.97
C ALA F 290 32.72 19.99 -3.99
N LEU F 291 33.84 19.38 -3.62
CA LEU F 291 35.09 20.10 -3.34
C LEU F 291 35.97 20.19 -4.57
N GLY F 292 35.38 20.22 -5.76
CA GLY F 292 36.13 20.35 -6.98
C GLY F 292 35.34 19.77 -8.14
N ILE F 293 35.31 20.47 -9.27
CA ILE F 293 34.42 20.12 -10.37
C ILE F 293 35.22 20.15 -11.67
N THR F 294 34.95 19.21 -12.57
CA THR F 294 35.29 19.34 -13.97
C THR F 294 34.01 19.58 -14.77
N PHE F 295 34.02 20.61 -15.61
CA PHE F 295 32.88 20.91 -16.47
C PHE F 295 33.14 20.31 -17.86
N GLN F 296 32.05 20.08 -18.58
CA GLN F 296 32.11 19.54 -19.94
C GLN F 296 31.31 20.47 -20.84
N LEU F 297 31.22 20.10 -22.12
CA LEU F 297 30.48 20.88 -23.11
C LEU F 297 29.76 19.98 -24.11
N PRO F 298 28.57 19.48 -23.77
CA PRO F 298 27.80 18.70 -24.74
C PRO F 298 27.04 19.62 -25.69
N GLU F 299 26.77 19.10 -26.89
CA GLU F 299 26.04 19.89 -27.89
C GLU F 299 24.99 19.15 -28.69
N MET F 300 24.95 17.82 -28.70
CA MET F 300 24.09 17.07 -29.61
C MET F 300 22.94 16.41 -28.84
N ASP F 301 22.13 15.65 -29.59
CA ASP F 301 21.04 14.88 -29.02
C ASP F 301 21.57 13.53 -28.54
N LYS F 302 20.84 12.94 -27.59
CA LYS F 302 21.17 11.60 -27.12
C LYS F 302 20.56 10.50 -27.96
N VAL F 303 20.27 10.76 -29.24
CA VAL F 303 20.19 9.69 -30.22
C VAL F 303 21.57 9.47 -30.79
N ASP F 304 22.39 10.51 -30.79
CA ASP F 304 23.75 10.46 -31.29
C ASP F 304 24.74 9.93 -30.25
N ILE F 305 24.29 9.49 -29.08
CA ILE F 305 25.21 8.87 -28.13
C ILE F 305 25.52 7.45 -28.61
N THR F 306 26.75 7.24 -29.04
CA THR F 306 27.13 6.01 -29.70
C THR F 306 27.61 5.06 -28.60
N LYS F 307 28.36 4.02 -28.95
CA LYS F 307 28.94 3.18 -27.91
C LYS F 307 30.23 3.79 -27.37
N ARG F 308 30.96 4.51 -28.22
CA ARG F 308 32.23 5.10 -27.78
C ARG F 308 32.03 6.25 -26.80
N GLU F 309 30.95 7.01 -26.94
CA GLU F 309 30.66 8.02 -25.93
C GLU F 309 30.22 7.40 -24.61
N CYS F 310 29.60 6.24 -24.64
CA CYS F 310 29.23 5.57 -23.40
C CYS F 310 30.47 5.06 -22.66
N GLN F 311 31.36 4.37 -23.36
CA GLN F 311 32.59 3.92 -22.72
C GLN F 311 33.50 5.08 -22.33
N ALA F 312 33.40 6.20 -23.06
CA ALA F 312 34.08 7.42 -22.63
C ALA F 312 33.50 7.95 -21.33
N ARG F 313 32.17 7.88 -21.15
CA ARG F 313 31.56 8.29 -19.89
C ARG F 313 32.00 7.42 -18.74
N LEU F 314 32.16 6.11 -18.98
CA LEU F 314 32.62 5.22 -17.92
C LEU F 314 34.06 5.52 -17.53
N ASP F 315 34.94 5.77 -18.51
CA ASP F 315 36.34 6.04 -18.18
C ASP F 315 36.50 7.38 -17.46
N VAL F 316 35.76 8.40 -17.91
CA VAL F 316 35.72 9.69 -17.19
C VAL F 316 35.21 9.52 -15.77
N CYS F 317 34.31 8.55 -15.54
CA CYS F 317 33.93 8.31 -14.15
C CYS F 317 34.99 7.53 -13.36
N MET F 318 35.82 6.71 -14.00
CA MET F 318 36.81 5.95 -13.23
C MET F 318 38.14 6.66 -13.02
N GLY F 319 38.34 7.82 -13.66
CA GLY F 319 39.63 8.49 -13.63
C GLY F 319 40.06 8.94 -12.23
N GLY F 320 39.11 9.33 -11.40
CA GLY F 320 39.48 9.85 -10.09
C GLY F 320 39.91 8.77 -9.12
N LYS F 321 39.14 7.68 -9.06
CA LYS F 321 39.48 6.55 -8.21
C LYS F 321 40.78 5.90 -8.64
N ILE F 322 40.98 5.76 -9.95
CA ILE F 322 42.24 5.21 -10.44
C ILE F 322 43.42 6.15 -10.17
N ALA F 323 43.21 7.47 -10.28
CA ALA F 323 44.29 8.42 -10.02
C ALA F 323 44.72 8.39 -8.57
N GLU F 324 43.76 8.42 -7.64
CA GLU F 324 44.10 8.39 -6.22
C GLU F 324 44.72 7.07 -5.81
N GLU F 325 44.30 5.94 -6.40
CA GLU F 325 44.90 4.69 -5.95
C GLU F 325 46.23 4.43 -6.63
N LEU F 326 46.50 5.12 -7.73
CA LEU F 326 47.83 5.00 -8.32
C LEU F 326 48.85 5.89 -7.62
N ILE F 327 48.45 7.05 -7.12
CA ILE F 327 49.41 7.86 -6.39
C ILE F 327 49.60 7.34 -4.98
N TYR F 328 48.50 7.04 -4.29
CA TYR F 328 48.54 6.82 -2.85
C TYR F 328 48.49 5.36 -2.43
N GLY F 329 48.39 4.43 -3.37
CA GLY F 329 48.21 3.03 -3.03
C GLY F 329 46.75 2.69 -2.78
N LYS F 330 46.46 1.38 -2.76
CA LYS F 330 45.07 0.95 -2.69
C LYS F 330 44.47 1.18 -1.31
N ASP F 331 45.28 1.11 -0.25
CA ASP F 331 44.78 1.29 1.10
C ASP F 331 44.65 2.75 1.51
N ASN F 332 44.53 3.67 0.57
CA ASN F 332 44.30 5.07 0.90
C ASN F 332 43.23 5.69 0.00
N THR F 333 42.40 4.88 -0.64
CA THR F 333 41.31 5.41 -1.44
C THR F 333 40.23 6.01 -0.55
N THR F 334 39.72 7.16 -0.95
CA THR F 334 38.75 7.88 -0.14
C THR F 334 37.36 7.32 -0.37
N SER F 335 36.35 8.06 0.09
CA SER F 335 34.96 7.64 -0.02
C SER F 335 34.17 8.42 -1.06
N GLY F 336 34.49 9.70 -1.25
CA GLY F 336 33.73 10.54 -2.16
C GLY F 336 33.82 10.10 -3.60
N CYS F 337 34.90 9.40 -3.97
CA CYS F 337 35.04 8.80 -5.29
C CYS F 337 33.90 7.82 -5.58
N GLY F 338 33.38 7.17 -4.54
CA GLY F 338 32.24 6.28 -4.71
C GLY F 338 31.00 6.96 -5.25
N SER F 339 30.85 8.27 -4.98
CA SER F 339 29.77 9.03 -5.57
C SER F 339 29.84 9.02 -7.09
N ASP F 340 31.06 9.18 -7.63
CA ASP F 340 31.27 9.12 -9.07
C ASP F 340 30.84 7.77 -9.64
N LEU F 341 31.00 6.71 -8.82
CA LEU F 341 30.64 5.35 -9.23
C LEU F 341 29.19 5.23 -9.63
N GLN F 342 28.28 5.98 -8.97
CA GLN F 342 26.87 5.74 -9.27
C GLN F 342 26.53 6.24 -10.67
N SER F 343 27.22 7.31 -11.12
CA SER F 343 27.00 7.79 -12.47
C SER F 343 27.43 6.75 -13.48
N ALA F 344 28.59 6.11 -13.20
CA ALA F 344 29.08 5.06 -14.07
C ALA F 344 28.10 3.91 -14.15
N THR F 345 27.52 3.55 -12.99
CA THR F 345 26.63 2.40 -12.93
C THR F 345 25.38 2.66 -13.75
N GLY F 346 24.90 3.91 -13.71
CA GLY F 346 23.71 4.27 -14.48
C GLY F 346 23.94 4.06 -15.95
N THR F 347 25.08 4.55 -16.45
CA THR F 347 25.40 4.44 -17.86
C THR F 347 25.58 2.98 -18.24
N ALA F 348 26.17 2.20 -17.32
CA ALA F 348 26.44 0.80 -17.60
C ALA F 348 25.16 0.02 -17.77
N ARG F 349 24.13 0.35 -16.96
CA ARG F 349 22.90 -0.41 -17.09
C ARG F 349 22.18 -0.04 -18.36
N ALA F 350 22.33 1.21 -18.81
CA ALA F 350 21.72 1.59 -20.07
C ALA F 350 22.42 0.95 -21.24
N MET F 351 23.65 0.48 -21.07
CA MET F 351 24.27 -0.24 -22.16
C MET F 351 23.75 -1.67 -22.24
N VAL F 352 23.29 -2.23 -21.13
CA VAL F 352 22.96 -3.65 -21.18
C VAL F 352 21.46 -3.88 -21.29
N THR F 353 20.67 -3.14 -20.52
CA THR F 353 19.23 -3.36 -20.53
C THR F 353 18.59 -2.76 -21.76
N GLN F 354 18.68 -1.44 -21.94
CA GLN F 354 17.87 -0.79 -22.95
C GLN F 354 18.42 -0.95 -24.36
N TYR F 355 19.72 -0.78 -24.54
CA TYR F 355 20.29 -0.69 -25.87
C TYR F 355 20.71 -2.09 -26.31
N GLY F 356 21.50 -2.18 -27.35
CA GLY F 356 21.97 -3.48 -27.77
C GLY F 356 23.47 -3.65 -27.64
N MET F 357 24.06 -3.01 -26.63
CA MET F 357 25.51 -2.97 -26.53
C MET F 357 26.10 -4.29 -26.04
N SER F 358 25.29 -5.18 -25.48
CA SER F 358 25.84 -6.40 -24.91
C SER F 358 25.51 -7.61 -25.77
N ASP F 359 26.55 -8.38 -26.08
CA ASP F 359 26.45 -9.48 -27.02
C ASP F 359 26.04 -10.81 -26.42
N ASP F 360 25.84 -10.89 -25.10
CA ASP F 360 25.42 -12.14 -24.51
C ASP F 360 24.02 -12.06 -23.90
N VAL F 361 23.53 -10.86 -23.61
CA VAL F 361 22.12 -10.72 -23.30
C VAL F 361 21.28 -10.88 -24.55
N GLY F 362 21.49 -10.00 -25.53
CA GLY F 362 20.80 -10.09 -26.79
C GLY F 362 20.29 -8.73 -27.24
N PRO F 363 19.38 -8.73 -28.21
CA PRO F 363 18.79 -7.47 -28.66
C PRO F 363 17.63 -6.96 -27.81
N VAL F 364 17.52 -7.40 -26.58
CA VAL F 364 16.27 -7.28 -25.82
C VAL F 364 16.27 -6.02 -24.97
N ASN F 365 15.14 -5.32 -24.98
CA ASN F 365 14.86 -4.25 -24.02
C ASN F 365 14.41 -4.89 -22.72
N LEU F 366 15.28 -4.90 -21.72
CA LEU F 366 14.97 -5.44 -20.40
C LEU F 366 14.51 -4.37 -19.43
N SER F 367 14.12 -3.19 -19.90
CA SER F 367 13.91 -2.09 -18.96
C SER F 367 12.45 -1.95 -18.56
N GLU F 368 11.54 -2.04 -19.53
CA GLU F 368 10.15 -1.69 -19.25
C GLU F 368 9.41 -2.75 -18.45
N GLU F 369 9.94 -3.95 -18.33
CA GLU F 369 9.26 -5.02 -17.61
C GLU F 369 10.24 -5.79 -16.73
N TRP F 370 11.11 -5.05 -16.01
CA TRP F 370 12.25 -5.64 -15.31
C TRP F 370 11.84 -6.59 -14.19
N GLU F 371 10.69 -6.35 -13.56
CA GLU F 371 10.24 -7.28 -12.53
C GLU F 371 9.76 -8.60 -13.11
N SER F 372 9.22 -8.56 -14.34
CA SER F 372 8.55 -9.74 -14.86
C SER F 372 9.50 -10.75 -15.46
N TRP F 373 10.77 -10.42 -15.65
CA TRP F 373 11.69 -11.43 -16.16
C TRP F 373 12.10 -12.36 -15.03
N SER F 374 12.92 -13.35 -15.37
CA SER F 374 13.33 -14.33 -14.39
C SER F 374 14.81 -14.18 -14.09
N ASN F 375 15.29 -14.95 -13.12
CA ASN F 375 16.63 -14.73 -12.59
C ASN F 375 17.73 -15.21 -13.51
N LYS F 376 17.45 -16.18 -14.38
CA LYS F 376 18.51 -16.80 -15.16
C LYS F 376 19.07 -15.88 -16.22
N ILE F 377 18.34 -14.84 -16.61
CA ILE F 377 18.92 -13.84 -17.49
C ILE F 377 19.27 -12.54 -16.76
N ARG F 378 18.71 -12.31 -15.58
CA ARG F 378 19.18 -11.17 -14.79
C ARG F 378 20.57 -11.40 -14.23
N ASP F 379 20.96 -12.66 -14.00
CA ASP F 379 22.35 -12.96 -13.68
C ASP F 379 23.27 -12.60 -14.83
N ILE F 380 22.81 -12.80 -16.06
CA ILE F 380 23.62 -12.51 -17.23
C ILE F 380 23.71 -11.00 -17.45
N ALA F 381 22.57 -10.30 -17.30
CA ALA F 381 22.53 -8.86 -17.48
C ALA F 381 23.39 -8.16 -16.43
N ASP F 382 23.16 -8.47 -15.16
CA ASP F 382 23.92 -7.83 -14.09
C ASP F 382 25.38 -8.27 -14.12
N ASN F 383 25.64 -9.50 -14.55
CA ASN F 383 27.01 -9.97 -14.67
C ASN F 383 27.78 -9.17 -15.71
N GLU F 384 27.15 -8.85 -16.84
CA GLU F 384 27.91 -8.06 -17.80
C GLU F 384 27.92 -6.57 -17.49
N VAL F 385 27.01 -6.07 -16.65
CA VAL F 385 27.21 -4.73 -16.12
C VAL F 385 28.46 -4.68 -15.26
N ILE F 386 28.65 -5.71 -14.42
CA ILE F 386 29.84 -5.80 -13.58
C ILE F 386 31.11 -5.91 -14.41
N GLU F 387 31.09 -6.76 -15.44
CA GLU F 387 32.29 -6.91 -16.28
C GLU F 387 32.58 -5.65 -17.08
N LEU F 388 31.54 -4.90 -17.44
CA LEU F 388 31.73 -3.64 -18.15
C LEU F 388 32.40 -2.59 -17.25
N LEU F 389 32.02 -2.52 -15.98
CA LEU F 389 32.74 -1.61 -15.10
C LEU F 389 34.16 -2.07 -14.80
N LYS F 390 34.39 -3.39 -14.75
CA LYS F 390 35.74 -3.89 -14.47
C LYS F 390 36.72 -3.58 -15.59
N ASP F 391 36.36 -3.88 -16.85
CA ASP F 391 37.33 -3.55 -17.89
C ASP F 391 37.37 -2.05 -18.16
N SER F 392 36.31 -1.32 -17.79
CA SER F 392 36.41 0.14 -17.78
C SER F 392 37.51 0.64 -16.85
N GLU F 393 37.59 0.09 -15.63
CA GLU F 393 38.65 0.57 -14.75
C GLU F 393 40.00 -0.02 -15.14
N GLU F 394 40.02 -1.10 -15.92
CA GLU F 394 41.30 -1.60 -16.40
C GLU F 394 41.89 -0.67 -17.46
N ARG F 395 41.05 -0.23 -18.41
CA ARG F 395 41.50 0.75 -19.40
C ARG F 395 41.90 2.06 -18.73
N ALA F 396 41.15 2.46 -17.71
CA ALA F 396 41.52 3.65 -16.93
C ALA F 396 42.86 3.48 -16.23
N ARG F 397 43.13 2.26 -15.75
CA ARG F 397 44.38 1.98 -15.06
C ARG F 397 45.58 2.11 -15.97
N ARG F 398 45.48 1.57 -17.18
CA ARG F 398 46.65 1.65 -18.05
C ARG F 398 46.82 3.04 -18.67
N LEU F 399 45.72 3.75 -18.91
CA LEU F 399 45.90 5.07 -19.52
C LEU F 399 46.33 6.10 -18.49
N LEU F 400 46.07 5.87 -17.20
CA LEU F 400 46.79 6.70 -16.24
C LEU F 400 48.14 6.13 -15.83
N THR F 401 48.47 4.90 -16.24
CA THR F 401 49.83 4.45 -16.06
C THR F 401 50.76 5.14 -17.04
N LYS F 402 50.40 5.15 -18.32
CA LYS F 402 51.30 5.67 -19.35
C LYS F 402 51.19 7.17 -19.59
N LYS F 403 50.55 7.91 -18.69
CA LYS F 403 50.44 9.36 -18.81
C LYS F 403 50.69 10.03 -17.46
N ASN F 404 51.70 9.59 -16.73
CA ASN F 404 51.87 10.03 -15.35
C ASN F 404 52.41 11.45 -15.28
N VAL F 405 53.17 11.87 -16.30
CA VAL F 405 53.90 13.13 -16.25
C VAL F 405 52.92 14.31 -16.34
N GLU F 406 51.97 14.22 -17.27
CA GLU F 406 50.92 15.24 -17.36
C GLU F 406 50.01 15.22 -16.14
N LEU F 407 49.88 14.07 -15.47
CA LEU F 407 49.13 14.02 -14.23
C LEU F 407 49.81 14.81 -13.13
N HIS F 408 51.13 14.71 -13.02
CA HIS F 408 51.82 15.47 -11.99
C HIS F 408 51.92 16.95 -12.34
N ARG F 409 52.13 17.27 -13.62
CA ARG F 409 52.22 18.67 -14.03
C ARG F 409 50.88 19.37 -13.85
N LEU F 410 49.79 18.69 -14.24
CA LEU F 410 48.45 19.25 -14.01
C LEU F 410 48.11 19.27 -12.52
N ALA F 411 48.68 18.36 -11.75
CA ALA F 411 48.43 18.33 -10.31
C ALA F 411 49.04 19.56 -9.63
N GLN F 412 50.29 19.90 -9.98
CA GLN F 412 50.90 21.11 -9.43
C GLN F 412 50.23 22.36 -9.99
N GLY F 413 49.95 22.35 -11.30
CA GLY F 413 49.33 23.52 -11.91
C GLY F 413 47.88 23.70 -11.55
N LEU F 414 47.33 22.75 -10.79
CA LEU F 414 46.00 22.94 -10.20
C LEU F 414 46.12 23.22 -8.71
N ILE F 415 47.21 22.79 -8.09
CA ILE F 415 47.38 23.05 -6.65
C ILE F 415 47.77 24.51 -6.43
N GLU F 416 48.30 25.18 -7.46
CA GLU F 416 48.24 26.63 -7.52
C GLU F 416 47.35 27.04 -8.68
N TYR F 417 46.83 28.28 -8.61
CA TYR F 417 46.09 29.02 -9.64
C TYR F 417 44.65 28.53 -9.83
N GLU F 418 44.33 27.34 -9.31
CA GLU F 418 43.01 26.84 -8.90
C GLU F 418 41.96 26.70 -10.00
N THR F 419 42.18 27.18 -11.22
CA THR F 419 41.23 27.08 -12.32
C THR F 419 42.01 27.00 -13.61
N LEU F 420 41.56 26.15 -14.52
CA LEU F 420 42.23 26.08 -15.81
C LEU F 420 41.22 25.80 -16.90
N ASP F 421 41.26 26.61 -17.96
CA ASP F 421 40.58 26.35 -19.21
C ASP F 421 41.35 25.24 -19.94
N ALA F 422 40.70 24.62 -20.94
CA ALA F 422 41.30 23.50 -21.66
C ALA F 422 42.55 23.92 -22.43
N HIS F 423 42.56 25.16 -22.91
CA HIS F 423 43.78 25.77 -23.42
C HIS F 423 44.87 25.78 -22.36
N GLU F 424 44.53 26.24 -21.15
CA GLU F 424 45.48 26.24 -20.04
C GLU F 424 45.77 24.85 -19.52
N ILE F 425 44.85 23.89 -19.69
CA ILE F 425 45.18 22.49 -19.43
C ILE F 425 46.30 22.04 -20.36
N GLU F 426 46.21 22.39 -21.64
CA GLU F 426 47.26 22.05 -22.59
C GLU F 426 48.56 22.80 -22.30
N GLN F 427 48.46 24.02 -21.77
CA GLN F 427 49.65 24.77 -21.40
C GLN F 427 50.36 24.14 -20.21
N VAL F 428 49.60 23.76 -19.18
CA VAL F 428 50.22 23.22 -17.97
C VAL F 428 50.69 21.78 -18.18
N CYS F 429 50.00 21.01 -19.00
CA CYS F 429 50.43 19.63 -19.24
C CYS F 429 51.65 19.51 -20.14
N LYS F 430 52.19 20.61 -20.64
CA LYS F 430 53.37 20.58 -21.50
C LYS F 430 54.53 21.38 -20.93
N GLY F 431 54.43 21.85 -19.68
CA GLY F 431 55.47 22.66 -19.09
C GLY F 431 55.62 24.02 -19.73
N GLU F 432 54.55 24.57 -20.30
CA GLU F 432 54.67 25.77 -21.10
C GLU F 432 54.47 27.05 -20.31
N LYS F 433 53.86 26.94 -19.11
CA LYS F 433 53.74 27.99 -18.07
C LYS F 433 53.28 29.34 -18.66
N LEU F 434 52.03 29.32 -19.14
CA LEU F 434 51.52 30.37 -20.03
C LEU F 434 51.46 31.73 -19.34
N ALA F 435 50.68 31.83 -18.26
CA ALA F 435 50.62 33.05 -17.48
C ALA F 435 51.30 32.82 -16.14
N LYS F 436 51.41 33.88 -15.35
CA LYS F 436 52.00 33.79 -14.02
C LYS F 436 51.00 33.14 -13.07
N LEU F 437 51.42 32.04 -12.47
CA LEU F 437 50.53 31.26 -11.60
C LEU F 437 50.35 31.98 -10.28
N LYS F 438 49.28 32.77 -10.21
CA LYS F 438 48.99 33.63 -9.07
C LYS F 438 48.05 32.91 -8.12
N THR F 439 48.28 33.08 -6.82
CA THR F 439 47.40 32.55 -5.80
C THR F 439 47.49 33.41 -4.54
N UNK G 1 -10.85 8.66 1.86
CA UNK G 1 -10.51 8.99 3.24
C UNK G 1 -11.26 10.22 3.69
N UNK G 2 -12.16 10.04 4.66
CA UNK G 2 -12.98 11.15 5.13
C UNK G 2 -12.13 12.25 5.74
N UNK G 3 -12.68 13.46 5.78
CA UNK G 3 -11.97 14.64 6.27
C UNK G 3 -12.88 15.40 7.22
N UNK G 4 -12.43 15.58 8.45
CA UNK G 4 -13.10 16.52 9.33
C UNK G 4 -12.90 17.93 8.81
N UNK G 5 -13.98 18.71 8.80
CA UNK G 5 -14.00 19.93 7.99
C UNK G 5 -13.27 21.09 8.66
N UNK G 6 -13.72 21.51 9.84
CA UNK G 6 -13.29 22.75 10.47
C UNK G 6 -13.66 23.96 9.60
N UNK G 7 -14.97 24.17 9.49
CA UNK G 7 -15.53 25.20 8.63
C UNK G 7 -15.46 26.57 9.29
N UNK G 8 -14.93 27.55 8.56
CA UNK G 8 -14.91 28.93 9.03
C UNK G 8 -16.30 29.55 8.92
N UNK G 9 -16.67 30.31 9.94
CA UNK G 9 -18.01 30.90 10.02
C UNK G 9 -18.04 32.22 9.25
N UNK G 10 -18.74 32.22 8.12
CA UNK G 10 -18.90 33.42 7.31
C UNK G 10 -19.88 34.40 7.97
#